data_7KZQ
#
_entry.id   7KZQ
#
_cell.length_a   1.00
_cell.length_b   1.00
_cell.length_c   1.00
_cell.angle_alpha   90.00
_cell.angle_beta   90.00
_cell.angle_gamma   90.00
#
_symmetry.space_group_name_H-M   'P 1'
#
loop_
_entity.id
_entity.type
_entity.pdbx_description
1 polymer 'Fanconi anemia group A protein'
2 polymer 'Fanconi anemia group B protein'
3 polymer 'Fanconi anemia group C protein'
4 polymer 'Fanconi anemia group E protein'
5 polymer 'Fanconi anemia group F protein'
6 polymer 'Fanconi anemia group G protein'
7 polymer 'E3 ubiquitin-protein ligase FANCL'
8 polymer 'Fanconi anemia core complex-associated protein 100'
9 polymer 'Fanconi anemia core complex-associated protein 20'
10 polymer 'Fanconi anemia, complementation group I'
11 polymer 'Fanconi anemia group D2 protein'
12 non-polymer 'ZINC ION'
#
loop_
_entity_poly.entity_id
_entity_poly.type
_entity_poly.pdbx_seq_one_letter_code
_entity_poly.pdbx_strand_id
1 'polypeptide(L)'
;MSDSWVPNSASGQDPGGRRRAWAELLAGRVKREKYNPERAQKLKESAVRLLRSHQDLNALLLEVEGPLCKKLSLSKVIDC
DSSEAYANHSSSFIGSALQDQASRLGVPVGILSAGMVASSVGQICTAPAETSHPVLLTVEQRKKLSSLLEFAQYLLAHSM
FSRLSFCQELWKIQSSLLLEAVWHLHVQGIVSLQELLESHPDMHAVGSWLFRNLCCLCEQMEASCQHADVARAMLSDFVQ
MFVLRGFQKNSDLRRTVEPEKMPQVTVDVLQRMLIFALDALAAGVQEESSTHKIVRCWFGVFSGHTLGSVISTDPLKRFF
SHTLTQILTHSPVLKASDAVQMQREWSFARTHPLLTSLYRRLFVMLSAEELVGHLQEVLETQEVHWQRVLSFVSALVVCF
PEAQQLLEDWVARLMAQAFESCQLDSMVTAFLVVRQAALEGPSAFLSYADWFKASFGSTRGYHGCSKKALVFLFTFLSEL
VPFESPRYLQVHILHPPLVPGKYRSLLTDYISLAKTRLADLKVSIENMGLYEDLSSAGDITEPHSQALQDVEKAIMVFEH
TGNIPVTVMEASIFRRPYYVSHFLPALLTPRVLPKVPDSRVAFIESLKRADKIPPSLYSTYCQACSAAEEKPEDAALGVR
AEPNSAEEPLGQLTAALGELRASMTDPSQRDVISAQVAVISERLRAVLGHNEDDSSVEISKIQLSINTPRLEPREHMAVD
LLLTSFCQNLMAASSVAPPERQGPWAALFVRTMCGRVLPAVLTRLCQLLRHQGPSLSAPHVLGLAALAVHLGESRSALPE
VDVGPPAPGAGLPVPALFDSLLTCRTRDSLFFCLKFCTAAISYSLCKFSSQSRDTLCSCLSPGLIKKFQFLMFRLFSEAR
QPLSEEDVASLSWRPLHLPSADWQRAALSLWTHRTFREVLKEEDVHLTYQDWLHLELEIQPEADALSDTERQDFHQWAIH
EHFLPESSASGGCDGDLQAACTILVNALMDFHQSSRSYDHSENSDLVFGGRTGNEDIISRLQEMVADLELQQDLIVPLGH
TPSQEHFLFEIFRRRLQALTSGWSVAASLQRQRELLMYKRILLRLPSSVLCGSSFQAEQPITARCEQFFHLVNSEMRNFC
SHGGALTQDITAHFFRGLLNACLRSRDPSLMVDFILAKCQTKCPLILTSALVWWPSLEPVLLCRWRRHCQSPLPRELQKL
QEGRQFASDFLSPEAASPAPNPDWLSAAALHFAIQQVREENIRKQLKKLDCEREELLVFLFFFSLMGLLSSHLTSNSTTD
LPKAFHVCAAILECLEKRKISWLALFQLTESDLRLGRLLLRVAPDQHTRLLPFAFYSLLSYFHEDAAIREEAFLHVAVDM
YLKLVQLFVAGDTSTVSPPAGRSLELKGQGNPVELITKARLFLLQLIPRCPKKSFSHVAELLADRGDCDPEVSAALQSRQ
QAAPDADLSQEPHLFAAAKLVDEDLYFQSDYKDDDDK
;
A,S
2 'polypeptide(L)'
;MDYKDDDDKENLYFQGGGRKLGTGSMTSKQAMSSNEQERLLCYNGEVLVFQLSKGNFADKEPTKTPILHVRRMVFDRGTK
VFVQKSTGFFTIKEENSHLKIMCCNCVSDFRTGINLPYIVIEKNKKNNVFEYFLLILHSTNKFEMRLSFKLGYEMKDGLR
VLNGPLILWRHVKAFFFISSQTGKVVSVSGNFSSIQWAGEIENLGMVLLGLKECCLSEEECTQEPSKSDYAIWNTKFCVY
SLESQEVLSDIYIIPPAYSSVVTYVHICATEIIKNQLRISLIALTRKNQLISFQNGTPKNVCQLPFGDPCAVQLMDSGGG
NLFFVVSFISNNACAVWKESFQVAAKWEKLSLVLIDDFIGSGTEQVLLLFKDSLNSDCLTSFKITDLGKINYSSEPSDCN
EDDLFEDKQENRYLVVPPLETGLKVCFSSFRELRQHLLLKEKIISKSYKALINLVQGKDDNTSSAEEKECLVPLCGEEEN
SVHILDEKLSDNFQDSEQLVEKIWYRVIDDSLVVGVKTTSSLKLSLNDVTLSLLMDQAHDSRFRLLKCQNRVIKLSTNPF
PAPYLMPCEIGLEAKRVTLTPDSKKEESFVCEHPSKKECVQIITAVTSLSPLLTFSKFCCTVLLQIMERESGNCPKDRYV
VCGRVFLSLEDLSTGKYLLTFPKKKPIEHMEDLFALLAAFHKSCFQITSPGYALNSMKVWLLEHMKCEIIKEFPEVYFCE
RPGSFYGTLFTWKQRTPFEGILIIYSRNQTVMFQCLHNLIRILPINCFLKNLKSGSENFLIDNMAFTLEKELVTLSSLSS
AIAKHESNFMQRCEVSKGKSSVVAAALSDRRENIHPYRKELQREKKKMLQTNLKVSGALYREITLKVAEVQLKSDFAAQK
LSNL
;
B,O
3 'polypeptide(L)'
;MDYKDDDDKENLYFQGGGRKLGTGSMAQDSVDLSCDYQFWMQKLSVWDQASTLETQQDTCLHVAQFQEFLRKMYEALKEM
DSNTVIERFPTIGQLLAKACWNPFILAYDESQKILIWCLCCLINKEPQNSGQSKLNSWIQGVLSHILSALRFDKEVALFT
QGLGYAPIDYYPGLLKNMVLSLASELRENHLNGFNTQRRMAPERVASLSRVCVPLITLTDVDPLVEALLICHGREPQEIL
QPEFFEAVNEAILLKKISLPMSAVVCLWLRHLPSLEKAMLHLFEKLISSERNCLRRIECFIKDSSLPQAACHPAIFRVVD
EMFRCALLETDGALEIIATIQVFTQCFVEALEKASKQLRFALKTYFPYTSPSLAMVLLQDPQDIPRGHWLQTLKHISELL
REAVEDQTHGSCGGPFESWFLFIHFGGWAEMVAEQLLMSAAEPPTALLWLLAFYYGPRDGRQQRAQTMVQVKAVLGHLLA
MSRSSSLSAQDLQTVAGQGTDTDLRAPAQQLIRHLLLNFLLWAPGGHTIAWDVITLMAHTAEITHEIIGFLDQTLYRWNR
LGIESPRSEKLARELLKELRTQV
;
C
4 'polypeptide(L)'
;MDYKDDDDKENLYFQGGGRMATPDAGLPGAEGVEPAPWAQLEAPARLLLQALQAGPEGARRGLGVLRALGSRGWEPFDWG
RLLEALCREEPVVQGPDGRLELKPLLLRLPRICQRNLMSLLMAVRPSLPESGLLSVLQIAQQDLAPDPDAWLRALGELLR
RDLGVGTSMEGASPLSERCQRQLQSLCRGLGLGGRRLKSPQAPDPEEEENRDSQQPGKRRKDSEEEAASPEGKRVPKRLR
CWEEEEDHEKERPEHKSLESLADGGSASPIKDQPVMAVKTGEDGSNLDDAKGLAESLELPKAIQDQLPRLQQLLKTLEEG
LEGLEDAPPVELQLLHECSPSQMDLLCAQLQLPQLSDLGLLRLCTWLLALSPDLSLSNATVLTRSLFLGRILSLTSSASR
LLTTALTSFCAKYTYPVCSALLDPVLQAPGTGPAQTELLCCLVKMESLEPDAQVLMLGQILELPWKEETFLVLQSLLERQ
VEMTPEKFSVLMEKLCKKGLAATTSMAYAKLMLTVMTKYQANITETQRLGLAMALEPNTTFLRKSLKAALKHLGP
;
E
5 'polypeptide(L)'
;MDYKDDDDKENLYFQGGGRKLGTGSMESLLQHLDRFSELLAVSSTTYVSTWDPATVRRALQWARYLRHIHRRFGRHGPIR
TALERRLHNQWRQEGGFGRGPVPGLANFQALGHCDVLLSLRLLENRALGDAARYHLVQQLFPGPGVRDADEETLQESLAR
LARRRSAVHMLRFNGYRENPNLQEDSLMKTQAELLLERLQEVGKAEAERPARFLSSLWERLPQNNFLKVIAVALLQPPLS
RRPQEELEPGIHKSPGEGSQVLVHWLLGNSEVFAAFCRALPAGLLTLVTSRHPALSPVYLGLLTDWGQRLHYDLQKGIWV
GTESQDVPWEELHNRFQSLCQAPPPLKDKVLTALETCKAQDGDFEVPGLSIWTDLLLALRSGAFRKRQVLGLSAGLSSV
;
F
6 'polypeptide(L)'
;MDYKDDDDKENLYFQGGGRMSRQTTSVGSSCLDLWREKNDRLVRQAKVAQNSGLTLRRQQLAQDALEGLRGLLHSLQGLP
AAVPVLPLELTVTCNFIILRASLAQGFTEDQAQDIQRSLERVLETQEQQGPRLEQGLRELWDSVLRASCLLPELLSALHR
LVGLQAALWLSADRLGDLALLLETLNGSQSGASKDLLLLLKTWSPPAEELDAPLTLQDAQGLKDVLLTAFAYRQGLQELI
TGNPDKALSSLHEAASGLCPRPVLVQVYTALGSCHRKMGNPQRALLYLVAALKEGSAWGPPLLEASRLYQQLGDTTAELE
SLELLVEALNVPCSSKAPQFLIEVELLLPPPDLASPLHCGTQSQTKHILASRCLQTGRAGDAAEHYLDLLALLLDSSEPR
FSPPPSPPGPCMPEVFLEAAVALIQAGRAQDALTLCEELLSRTSSLLPKMSRLWEDARKGTKELPYCPLWVSATHLLQGQ
AWVQLGAQKVAISEFSRCLELLFRATPEEKEQGAAFNCEQGCKSDAALQQLRAAALISRGLEWVASGQDTKALQDFLLSV
QMCPGNRDTYFHLLQTLKRLDRRDEATALWWRLEAQTKGSHEDALWSLPLYLESYLSWIRPSDRDAFLEEFRTSLPKSCD
L
;
G,H
7 'polypeptide(L)'
;MDYKDDDDKENLYFQGGGRMAVTEASLLRQCPLLLPQNRSKTVYEGFISAQGRDFHLRIVLPEDLQLKNARLLCSWQLRT
ILSGYHRIVQQRMQHSPDLMSFMMELKMLLEVALKNRQELYALPPPPQFYSSLIEEIGTLGWDKLVYADTCFSTIKLKAE
DASGREHLITLKLKAKYPAESPDYFVDFPVPFCASWTPQSSLISIYSQFLAAIESLKAFWDVMDEIDEKTWVLEPEKPPR
SATARRIALGNNVSINIEVDPRHPTMLPECFFLGADHVVKPLGIKLSRNIHLWDPENSVLQNLKDVLEIDFPARAILEKS
DFTMDCGICYAYQLDGTIPDQVCDNSQCGQPFHQICLYEWLRGLLTSRQSFNIIFGECPYCSKPITLKMSGRKH
;
L,M
8 'polypeptide(L)'
;MDYKDHDGDYKDHDIDYKDDDDKGSMAGAAPRVRYLAGFCCPLGGLAAGKPRVLCHEAEVFLSTGSELVYVYDQEGGLLT
AAFRFPDQVWHLELLAPRRLLYALCARRGLYCLSLDHPGRSRSTSQDDRDSEDGDQPSPVIPVDPDACILPDAALCAFTL
LDSVLVTLVQGPARWKMQLFEQPCPGEDPRPGGQIGEVELSSYTPPAGVPGKPAAPHFLPVLCSVSPSGSRVPHDLLGGS
GGFTLEDALFGLLFGADATLLQSPVVLCGLPDGQLCCVILKALVTSRSAPGDPNALVKILHHLEEPVIFIGALKTEPQAA
EAAENFLPDEDVHCDCLVAFGHHGRMLAIKASWDESGKLVPELREYCLPGPVLCAACGGGGRVYHSTPSDLCVVDLSRGS
TPLGPEQPEEGPGGLPPMLCPASLNICSVVSLSASPRTHEGGTKLLALSAKGRLMTCSLDLDSEMPGPARMTTESAGQKI
KELLSGIGNISERVSFLKKAVDQRNKALTSLNEAMNVSCALLSSGTGPRPISCTTSTTWSRLQTQDVLMATCVLENSSSF
SLDQGWTLCIQVLTSSCALDLDSACSAITYTIPVDQLGPGARREVTLPLGPGENGGLDLPVTVSCTLFYSLREVVGGALA
PSDSEDPFLDECPSDVLPEQEGVCLPLSRHTVDMLQCLRFPGLAPPHTRAPSPLGPTRDPVATFLETCREPGSQPAGPAS
LRAEYLPPSVASIKVSAELLRAALKDGHSGVPLCCATLQWLLAENAAVDVVRARALSSIQGVAPDGANVHLIVREVAMTD
LCPAGPIQAVEIQVESSSLADICRAHHAVVGRMQTMVTEQATQGSSAPDLRVQYLRQIHANHETLLREVQTLRDRLCTED
EASSCATAQRLLQVYRQLRHPSLILL
;
P,Q
9 'polypeptide(L)'
;(UNK)(UNK)(UNK)(UNK)(UNK)(UNK)(UNK)(UNK)(UNK)EPTEVFTVGPKTFSWTPFPPDLW(UNK)(UNK)
(UNK)(UNK)(UNK)(UNK)(UNK)
;
W
10 'polypeptide(L)'
;MDQKILSLAAEKTADKLQEFLQTLREGDLTNLLQNQAVKGKVAGALLRAIFKGSPCSEEAGTLRRRKIYTCCIQLVESGD
LQKEIVSEIIGLLMLEAHHFPGPLLVELANEFISAVREGSLVNGKSLELLPIILTALATKKENLAYGKGVLSGEECKKQL
INTLCSGRWDQQYVIQLTSMFKDVPLTAEEVEFVVEKALSMFSKMNLQEIPPLVYQLLVLSSKGSRKSVLEGIIAFFSAL
DKQHNEEQSGDELLDVVTVPSGELRHVEGTIILHIVFAIKLDYELGRELVKHLKVGQQGDSNNNLSPFSIALLLSVTRIQ
RFQDQVLDLLKTSVVKSFKDLQLLQGSKFLQNLVPHRSYVSTMILEVVKNSVHSWDHVTQGLVELGFILMDSYGPKKVLD
GKTIETSPSLSRMPNQHACKLGANILLETFKIHEMIRQEILEQVLNRVVTRASSPISHFLDLLSNIVMYAPLVLQSCSSK
VTEAFDYLSFLPLQTVQRLLKAVQPLLKVSMSMRDCLILVLRKAMFANQLDARKSAVAGFLLLLKNFKVLGSLSSSQCSQ
SLSVSQVHVDVHSHYNSVANETFCLEIMDSLRRCLSQQADVRLMLYEGFYDVLRRNSQLANSVMQTLLSQLKQFYEPKPD
LLPPLKLEACILTQGDKISLQEPLDYLLCCIQHCLAWYKNTVIPLQQGEEEEEEEEAFYEDLDDILESITNRMIKSELED
FELDKSADFSQSTSIGIKNNISAFLVMGVCEVLIEYNFSISSFSKNRFEDILSLFMCYKKLSDILNEKAGKAKTKMANKT
SDSLLSMKFVSSLLTALFRDSIQSHQESLSVLRSSNEFMRYAVNVALQKVQQLKETGHVSGPDGQNPEKIFQNLCDLTRV
LLWRYTSIPTSVEESGKKEKGKSISLLCLEGLQKIFSAVQQFYQPKIQQFLRALDVTDKEGEEREDADVSVTQRTAFQIR
QFQRSLLNLLSSQEEDFNSKEALLLVTVLTSLSKLLEPSSPQFVQMLSWTSKICKENSREDALFCKSLMNLLFSLHVSYK
SPVILLRDLSQDIHGHLGDIDQDVEVEKTNHFAIVNLRTAAPTVCLLVLSQAEKVLEEVDWLITKLKGQVSQETLSEEAS
SQATLPNQPVEKAIIMQLGTLLTFFHELVQTALPSGSCVDTLLKDLCKMYTTLTALVRYYLQVCQSSGGIPKNMEKLVKL
SGSHLTPLCYSFISYVQNKSKSLNYTGEKKEKPAVVATAMARVLRETKPIPNLIFAIEQYEKFLIHLSKKSKVSLMQHMK
LSTSRDFKIKGNILDMVLREDGEDENEEGTASEHGGQNKEPAKKKRKK
;
U
11 'polypeptide(L)'
;MVSKRRLSKSEDKESLTEDASKTRKQPLSKKTKKSHIANEVEENDSIFVKLLKISGIILKTGESQNQLAVDQIAFQKKLF
QTLRRHPSYPKIIEEFVSGLESYIEDEDSFRNCLLSCERLQDEEASMGASYSKSLIKLLLGIDILQPAIIKTLFEKLPEY
FFENKNSDEINIPRLIVSQLKWLDRVVDGKDLTTKIMQLISIAPENLQHDIITSLPEILGDSQHADVGKELSDLLIENTS
LTVPILDVLSSLRLDPNFLLKVRQLVMDKLSSIRLEDLPVIIKFILHSVTAMDTLEVISELREKLDLQHCVLPSRLQASQ
VKLKSKGRASSSGNQESSGQSCIILLFDVIKSAIRYEKTISEAWIKAIENTASVSEHKVFDLVMLFIIYSTNTQTKKYID
RVLRNKIRSGCIQEQLLQSTFSVHYLVLKDMCSSILSLAQSLLHSLDQSIISFGSLLYKYAFKFFDTYCQQEVVGALVTH
ICSGNEAEVDTALDVLLELVVLNPSAMMMNAVFVKGILDYLDNISPQQIRKLFYVLSTLAFSKQNEASSHIQDDMHLVIR
KQLSSTVFKYKLIGIIGAVTMAGIMAADRSESPSLTQERANLSDEQCTQVTSLLQLVHSCSEQSPQASALYYDEFANLIQ
HEKLDPKALEWVGHTICNDFQDAFVVDSCVVPEGDFPFPVKALYGLEEYDTQDGIAINLLPLLFSQDFAKDGGPVTSQES
GQKLVSPLCLAPYFRLLRLCVERQHNGNLEEIDGLLDCPIFLTDLEPGEKLESMSAKERSFMCSLIFLTLNWFREIVNAF
CQETSPEMKGKVLTRLKHIVELQIILEKYLAVTPDYVPPLGNFDVETLDITPHTVTAISAKIRKKGKIERKQKTDGSKTS
SSDTLSEEKNSECDPTPSHRGQLNKEFTGKEEKTSLLLHNSHAFFRELDIEVFSILHCGLVTKFILDTEMHTEATEVVQL
GPPELLFLLEDLSQKLESMLTPPIARRVPFLKNKGSRNIGFSHLQQRSAQEIVHCVFQLLTPMCNHLENIHNYFQCLAAE
NHGVVDGPGVKVQEYHIMSSCYQRLLQIFHGLFAWSGFSQPENQNLLYSALHVLSSRLKQGEHSQPLEELLSQSVHYLQN
FHQSIPSFQCALYLIRLLMVILEKSTASAQNKEKIASLARQFLCRVWPSGDKEKSNISNDQLHALLCIYLEHTESILKAI
EEIAGVGVPELINSPKDASSSTFPTLTRHTFVVFFRVMMAELEKTVKKIEPGTAADSQQIHEEKLLYWNMAVRDFSILIN
LIKVFDSHPVLHVCLKYGRLFVEAFLKQCMPLLDFSFRKHREDVLSLLETFQLDTRLLHHLCGHSKIHQDTRLTQHVPLL
KKTLELLVCRVKAMLTLNNCREAFWLGNLKNRDLQGEEIKSQNSQESTADESEDDMSSQASKSKATEDGEEDEVSAGEKE
QDSDESYDDSD
;
V
#
# COMPACT_ATOMS: atom_id res chain seq x y z
N ARG A 19 -15.31 49.02 -25.86
CA ARG A 19 -15.36 47.70 -26.55
C ARG A 19 -13.94 47.12 -26.67
N ARG A 20 -12.98 47.97 -27.03
CA ARG A 20 -11.56 47.62 -26.85
C ARG A 20 -11.31 47.40 -25.36
N ALA A 21 -11.94 48.23 -24.53
CA ALA A 21 -11.95 48.08 -23.08
C ALA A 21 -12.47 46.71 -22.69
N TRP A 22 -13.59 46.28 -23.28
CA TRP A 22 -14.17 44.94 -23.06
C TRP A 22 -13.14 43.85 -23.32
N ALA A 23 -12.62 43.76 -24.54
CA ALA A 23 -11.69 42.69 -24.91
C ALA A 23 -10.56 42.55 -23.88
N GLU A 24 -10.05 43.68 -23.38
CA GLU A 24 -9.03 43.64 -22.31
C GLU A 24 -9.66 43.14 -21.01
N LEU A 25 -10.87 43.60 -20.69
CA LEU A 25 -11.60 43.17 -19.49
C LEU A 25 -11.93 41.67 -19.54
N LEU A 26 -12.14 41.15 -20.75
CA LEU A 26 -12.57 39.74 -20.98
C LEU A 26 -11.54 38.75 -20.42
N ALA A 27 -11.97 37.90 -19.49
CA ALA A 27 -11.15 36.83 -18.88
C ALA A 27 -11.85 35.50 -19.11
N GLY A 28 -11.18 34.52 -19.73
CA GLY A 28 -11.84 33.42 -20.48
C GLY A 28 -12.16 32.20 -19.64
N ARG A 29 -11.70 32.15 -18.39
CA ARG A 29 -11.90 30.96 -17.50
C ARG A 29 -13.15 31.15 -16.63
N VAL A 30 -13.86 32.27 -16.81
CA VAL A 30 -15.08 32.65 -16.05
C VAL A 30 -16.04 31.45 -15.88
N LYS A 31 -16.54 30.90 -16.99
CA LYS A 31 -17.54 29.81 -16.93
C LYS A 31 -16.79 28.52 -16.61
N ARG A 32 -17.25 27.84 -15.56
CA ARG A 32 -16.63 26.58 -15.13
C ARG A 32 -17.66 25.48 -14.99
N GLU A 33 -17.15 24.26 -14.84
CA GLU A 33 -17.95 23.05 -14.59
C GLU A 33 -17.65 22.51 -13.19
N LYS A 34 -18.64 21.84 -12.62
CA LYS A 34 -18.55 21.24 -11.28
C LYS A 34 -17.35 20.31 -11.19
N TYR A 35 -16.53 20.49 -10.17
CA TYR A 35 -15.43 19.56 -9.91
C TYR A 35 -15.98 18.15 -9.69
N ASN A 36 -15.28 17.20 -10.27
CA ASN A 36 -15.48 15.77 -9.99
C ASN A 36 -15.21 15.52 -8.50
N PRO A 37 -15.98 14.61 -7.87
CA PRO A 37 -16.08 14.61 -6.40
C PRO A 37 -14.83 14.13 -5.69
N GLU A 38 -13.84 13.58 -6.41
CA GLU A 38 -12.56 13.29 -5.76
C GLU A 38 -11.81 14.60 -5.55
N ARG A 39 -12.03 15.58 -6.43
CA ARG A 39 -11.48 16.92 -6.22
C ARG A 39 -12.12 17.54 -4.98
N ALA A 40 -13.41 17.25 -4.75
CA ALA A 40 -14.12 17.71 -3.55
C ALA A 40 -13.45 17.15 -2.30
N GLN A 41 -13.17 15.85 -2.33
CA GLN A 41 -12.49 15.23 -1.19
C GLN A 41 -11.08 15.81 -1.02
N LYS A 42 -10.37 16.03 -2.12
CA LYS A 42 -9.01 16.57 -2.06
C LYS A 42 -9.01 17.95 -1.43
N LEU A 43 -9.95 18.77 -1.87
CA LEU A 43 -10.21 20.08 -1.28
C LEU A 43 -10.49 19.97 0.21
N LYS A 44 -11.40 19.07 0.59
CA LYS A 44 -11.79 18.97 2.00
C LYS A 44 -10.60 18.48 2.83
N GLU A 45 -9.84 17.54 2.29
CA GLU A 45 -8.61 17.07 2.96
C GLU A 45 -7.65 18.25 3.15
N SER A 46 -7.50 19.10 2.14
CA SER A 46 -6.59 20.25 2.22
C SER A 46 -7.15 21.26 3.22
N ALA A 47 -8.47 21.37 3.30
CA ALA A 47 -9.13 22.20 4.30
C ALA A 47 -8.76 21.75 5.70
N VAL A 48 -8.87 20.45 5.97
CA VAL A 48 -8.58 19.97 7.32
C VAL A 48 -7.08 20.10 7.58
N ARG A 49 -6.25 19.77 6.59
CA ARG A 49 -4.80 20.01 6.66
C ARG A 49 -4.51 21.43 7.11
N LEU A 50 -5.16 22.39 6.46
CA LEU A 50 -5.00 23.81 6.78
C LEU A 50 -5.44 24.11 8.22
N LEU A 51 -6.66 23.70 8.59
CA LEU A 51 -7.16 24.05 9.93
C LEU A 51 -6.34 23.35 11.00
N ARG A 52 -5.58 22.33 10.65
CA ARG A 52 -4.71 21.72 11.66
C ARG A 52 -3.34 22.37 11.67
N SER A 53 -2.79 22.73 10.51
CA SER A 53 -1.45 23.31 10.48
C SER A 53 -1.38 24.52 11.40
N HIS A 54 -2.49 25.27 11.50
CA HIS A 54 -2.58 26.45 12.36
C HIS A 54 -3.02 26.10 13.78
N GLN A 55 -3.00 24.84 14.15
CA GLN A 55 -3.50 24.42 15.46
C GLN A 55 -2.31 24.43 16.41
N ASP A 56 -2.58 24.71 17.66
CA ASP A 56 -1.54 24.57 18.69
C ASP A 56 -2.13 23.87 19.89
N LEU A 57 -1.28 23.14 20.58
CA LEU A 57 -1.72 22.31 21.71
C LEU A 57 -1.47 23.03 23.02
N ASN A 58 -0.36 23.75 23.12
CA ASN A 58 -0.09 24.53 24.33
C ASN A 58 -1.24 25.49 24.59
N ALA A 59 -1.60 26.25 23.56
CA ALA A 59 -2.73 27.18 23.60
C ALA A 59 -4.03 26.47 23.96
N LEU A 60 -4.20 25.25 23.46
CA LEU A 60 -5.36 24.44 23.83
C LEU A 60 -5.33 24.07 25.31
N LEU A 61 -4.15 23.77 25.84
CA LEU A 61 -4.04 23.46 27.28
C LEU A 61 -4.24 24.73 28.08
N LEU A 62 -4.12 25.88 27.45
CA LEU A 62 -4.50 27.14 28.08
C LEU A 62 -6.00 27.38 27.92
N GLU A 63 -6.60 26.92 26.83
CA GLU A 63 -8.00 27.27 26.55
C GLU A 63 -8.99 26.36 27.29
N VAL A 64 -8.99 25.07 26.99
CA VAL A 64 -9.98 24.17 27.63
C VAL A 64 -9.69 24.02 29.12
N GLU A 65 -8.55 23.44 29.46
CA GLU A 65 -8.12 23.31 30.85
C GLU A 65 -7.46 24.61 31.28
N GLY A 66 -7.62 24.94 32.57
CA GLY A 66 -7.14 26.21 33.09
C GLY A 66 -5.65 26.14 33.36
N PRO A 67 -4.95 27.31 33.31
CA PRO A 67 -3.54 27.37 33.68
C PRO A 67 -3.29 27.13 35.16
N VAL A 77 4.29 22.88 27.27
CA VAL A 77 3.79 21.51 27.51
C VAL A 77 4.96 20.54 27.43
N ILE A 78 5.04 19.65 28.42
CA ILE A 78 6.12 18.64 28.51
C ILE A 78 5.49 17.32 28.96
N ASP A 79 6.23 16.23 28.73
CA ASP A 79 5.91 14.91 29.31
C ASP A 79 5.63 15.01 30.80
N CYS A 80 6.33 15.90 31.51
CA CYS A 80 6.06 16.16 32.93
C CYS A 80 4.58 16.52 33.15
N ASP A 81 3.95 17.25 32.23
CA ASP A 81 2.52 17.60 32.38
C ASP A 81 1.66 16.34 32.35
N SER A 82 1.79 15.54 31.30
CA SER A 82 0.96 14.33 31.14
C SER A 82 1.26 13.33 32.26
N SER A 83 2.54 13.07 32.53
CA SER A 83 2.95 12.08 33.56
C SER A 83 2.75 12.62 34.98
N GLU A 84 2.46 13.91 35.13
CA GLU A 84 2.11 14.50 36.44
C GLU A 84 3.28 14.38 37.42
N ALA A 85 4.36 15.13 37.16
CA ALA A 85 5.43 15.47 38.13
C ALA A 85 6.28 14.27 38.55
N TYR A 86 6.88 13.59 37.57
CA TYR A 86 7.98 12.63 37.78
C TYR A 86 7.59 11.41 38.65
N ALA A 87 6.37 10.90 38.52
CA ALA A 87 5.95 9.69 39.24
C ALA A 87 6.87 8.51 38.91
N ASN A 88 6.93 8.12 37.64
CA ASN A 88 7.71 6.97 37.15
C ASN A 88 8.12 7.24 35.70
N HIS A 89 8.71 6.23 35.05
CA HIS A 89 9.21 6.32 33.66
C HIS A 89 8.75 5.14 32.81
N SER A 90 7.82 4.35 33.33
CA SER A 90 7.38 3.12 32.66
C SER A 90 6.52 3.49 31.45
N SER A 91 6.68 2.72 30.37
CA SER A 91 6.00 2.93 29.08
C SER A 91 4.47 2.96 29.20
N SER A 92 3.88 1.92 29.79
CA SER A 92 2.41 1.81 29.88
C SER A 92 1.80 2.94 30.69
N PHE A 93 2.49 3.38 31.73
CA PHE A 93 2.02 4.52 32.53
C PHE A 93 1.90 5.77 31.64
N ILE A 94 2.96 6.10 30.91
CA ILE A 94 2.96 7.31 30.07
C ILE A 94 1.95 7.14 28.93
N GLY A 95 1.81 5.93 28.38
CA GLY A 95 0.83 5.72 27.30
C GLY A 95 -0.59 5.96 27.78
N SER A 96 -0.91 5.49 28.99
CA SER A 96 -2.22 5.76 29.60
C SER A 96 -2.38 7.26 29.86
N ALA A 97 -1.29 7.94 30.23
CA ALA A 97 -1.35 9.39 30.39
C ALA A 97 -1.79 10.03 29.08
N LEU A 98 -1.12 9.69 27.98
CA LEU A 98 -1.45 10.26 26.66
C LEU A 98 -2.92 10.03 26.35
N GLN A 99 -3.39 8.80 26.50
CA GLN A 99 -4.79 8.48 26.24
C GLN A 99 -5.71 9.37 27.07
N ASP A 100 -5.40 9.54 28.35
CA ASP A 100 -6.27 10.31 29.25
C ASP A 100 -6.27 11.78 28.82
N GLN A 101 -5.10 12.33 28.55
CA GLN A 101 -5.00 13.72 28.06
C GLN A 101 -5.84 13.89 26.79
N ALA A 102 -5.77 12.93 25.86
CA ALA A 102 -6.52 13.08 24.61
C ALA A 102 -8.02 12.95 24.88
N SER A 103 -8.39 12.15 25.88
CA SER A 103 -9.79 12.07 26.33
C SER A 103 -10.27 13.44 26.79
N ARG A 104 -9.45 14.13 27.58
CA ARG A 104 -9.84 15.43 28.15
C ARG A 104 -10.06 16.45 27.05
N LEU A 105 -9.16 16.51 26.08
CA LEU A 105 -9.21 17.57 25.07
C LEU A 105 -10.21 17.24 23.96
N GLY A 106 -10.60 15.98 23.84
CA GLY A 106 -11.41 15.56 22.70
C GLY A 106 -10.60 15.65 21.43
N VAL A 107 -9.28 15.67 21.57
CA VAL A 107 -8.33 15.54 20.46
C VAL A 107 -7.95 14.07 20.34
N PRO A 108 -7.66 13.57 19.12
CA PRO A 108 -7.06 12.24 19.02
C PRO A 108 -5.62 12.17 19.57
N VAL A 109 -5.25 10.94 19.93
CA VAL A 109 -4.04 10.70 20.73
C VAL A 109 -2.79 10.89 19.87
N GLY A 110 -2.82 10.44 18.61
CA GLY A 110 -1.64 10.51 17.73
C GLY A 110 -1.06 11.90 17.59
N ILE A 111 -1.91 12.90 17.58
CA ILE A 111 -1.40 14.25 17.39
C ILE A 111 -0.74 14.71 18.69
N LEU A 112 -1.39 14.48 19.84
CA LEU A 112 -0.78 14.82 21.14
C LEU A 112 0.62 14.25 21.17
N SER A 113 0.69 12.94 20.98
CA SER A 113 1.94 12.20 21.15
C SER A 113 3.01 12.80 20.24
N ALA A 114 2.66 13.10 18.99
CA ALA A 114 3.61 13.70 18.04
C ALA A 114 4.08 15.06 18.55
N GLY A 115 3.15 15.94 18.89
CA GLY A 115 3.53 17.26 19.39
C GLY A 115 4.40 17.20 20.63
N MET A 116 4.14 16.22 21.49
CA MET A 116 4.94 16.04 22.71
C MET A 116 6.33 15.54 22.38
N VAL A 117 6.43 14.50 21.57
CA VAL A 117 7.76 13.99 21.19
C VAL A 117 8.55 15.11 20.51
N ALA A 118 7.88 15.93 19.70
CA ALA A 118 8.57 17.04 19.02
C ALA A 118 9.00 18.08 20.04
N SER A 119 8.18 18.36 21.05
CA SER A 119 8.56 19.31 22.10
C SER A 119 9.81 18.83 22.85
N SER A 120 9.83 17.56 23.22
CA SER A 120 10.99 17.01 23.94
C SER A 120 12.23 16.94 23.03
N VAL A 121 12.03 16.71 21.73
CA VAL A 121 13.14 16.78 20.77
C VAL A 121 13.66 18.21 20.71
N GLY A 122 12.77 19.19 20.66
CA GLY A 122 13.15 20.60 20.72
C GLY A 122 14.01 20.87 21.94
N GLN A 123 13.58 20.39 23.11
CA GLN A 123 14.37 20.54 24.35
C GLN A 123 15.78 19.99 24.16
N ILE A 124 15.90 18.73 23.73
CA ILE A 124 17.21 18.07 23.65
C ILE A 124 18.12 18.80 22.68
N CYS A 125 17.64 19.05 21.47
CA CYS A 125 18.46 19.61 20.40
C CYS A 125 18.73 21.10 20.64
N THR A 126 17.98 21.74 21.55
CA THR A 126 18.30 23.13 21.94
C THR A 126 19.49 23.16 22.89
N ALA A 127 19.41 22.39 23.98
CA ALA A 127 20.35 22.43 25.10
C ALA A 127 21.79 22.21 24.61
N PRO A 128 22.63 23.27 24.57
CA PRO A 128 24.02 23.18 24.10
C PRO A 128 25.03 22.93 25.23
N PRO A 134 28.62 23.05 14.63
CA PRO A 134 27.75 22.72 15.74
C PRO A 134 26.60 21.82 15.31
N VAL A 135 26.82 21.05 14.25
CA VAL A 135 25.84 20.04 13.82
C VAL A 135 25.82 18.83 14.76
N LEU A 136 26.97 18.19 15.00
CA LEU A 136 27.01 16.92 15.76
C LEU A 136 26.92 17.21 17.25
N LEU A 137 25.96 16.57 17.91
CA LEU A 137 25.80 16.68 19.37
C LEU A 137 26.63 15.59 20.05
N THR A 138 26.31 15.26 21.29
CA THR A 138 27.06 14.23 22.00
C THR A 138 26.16 13.42 22.95
N VAL A 139 26.82 12.77 23.89
CA VAL A 139 26.48 11.43 24.39
C VAL A 139 25.31 11.39 25.38
N GLU A 140 25.36 12.15 26.47
CA GLU A 140 24.19 12.26 27.35
C GLU A 140 22.97 12.76 26.60
N GLN A 141 23.16 13.62 25.59
CA GLN A 141 22.04 13.99 24.73
C GLN A 141 21.59 12.78 23.95
N ARG A 142 22.54 12.03 23.41
CA ARG A 142 22.24 10.77 22.71
C ARG A 142 21.54 9.76 23.63
N LYS A 143 21.90 9.73 24.91
CA LYS A 143 21.26 8.80 25.87
C LYS A 143 19.80 9.20 26.13
N LYS A 144 19.56 10.49 26.34
CA LYS A 144 18.18 11.00 26.51
C LYS A 144 17.38 10.72 25.24
N LEU A 145 17.98 10.97 24.08
CA LEU A 145 17.29 10.83 22.80
C LEU A 145 16.91 9.37 22.58
N SER A 146 17.85 8.45 22.81
CA SER A 146 17.55 7.02 22.62
C SER A 146 16.51 6.53 23.61
N SER A 147 16.44 7.12 24.80
CA SER A 147 15.37 6.76 25.76
C SER A 147 14.02 7.27 25.28
N LEU A 148 13.99 8.49 24.76
CA LEU A 148 12.76 9.02 24.13
C LEU A 148 12.38 8.19 22.91
N LEU A 149 13.36 7.76 22.13
CA LEU A 149 13.10 7.07 20.86
C LEU A 149 12.54 5.68 21.09
N GLU A 150 13.00 4.97 22.11
CA GLU A 150 12.40 3.65 22.41
C GLU A 150 10.95 3.83 22.87
N PHE A 151 10.62 5.00 23.40
CA PHE A 151 9.21 5.24 23.76
C PHE A 151 8.41 5.62 22.52
N ALA A 152 9.03 6.36 21.61
CA ALA A 152 8.37 6.69 20.35
C ALA A 152 8.06 5.42 19.57
N GLN A 153 8.98 4.46 19.61
CA GLN A 153 8.75 3.15 18.97
C GLN A 153 7.60 2.41 19.65
N TYR A 154 7.48 2.53 20.97
CA TYR A 154 6.33 1.95 21.69
C TYR A 154 5.03 2.61 21.24
N LEU A 155 5.06 3.93 21.10
CA LEU A 155 3.87 4.65 20.63
C LEU A 155 3.48 4.19 19.23
N LEU A 156 4.46 4.04 18.34
CA LEU A 156 4.16 3.52 17.00
C LEU A 156 3.55 2.13 17.10
N ALA A 157 4.11 1.28 17.95
CA ALA A 157 3.64 -0.10 18.00
C ALA A 157 2.17 -0.17 18.49
N HIS A 158 1.81 0.71 19.43
CA HIS A 158 0.41 0.70 19.91
C HIS A 158 -0.50 1.54 19.00
N SER A 159 0.01 2.09 17.89
CA SER A 159 -0.82 2.77 16.87
C SER A 159 -1.39 4.07 17.43
N MET A 160 -0.55 4.92 18.02
CA MET A 160 -0.97 6.18 18.64
C MET A 160 0.02 7.28 18.27
N PHE A 161 0.34 7.38 16.97
CA PHE A 161 1.38 8.32 16.51
C PHE A 161 1.33 8.64 15.04
N SER A 162 0.71 9.76 14.71
CA SER A 162 0.68 10.21 13.32
C SER A 162 2.09 10.66 12.95
N ARG A 163 2.66 10.01 11.94
CA ARG A 163 3.99 10.40 11.45
C ARG A 163 3.99 11.79 10.83
N LEU A 164 3.03 12.07 9.95
CA LEU A 164 3.03 13.36 9.23
C LEU A 164 2.86 14.51 10.19
N SER A 165 1.94 14.40 11.15
CA SER A 165 1.82 15.45 12.17
C SER A 165 3.17 15.71 12.83
N PHE A 166 3.89 14.65 13.17
CA PHE A 166 5.21 14.79 13.80
C PHE A 166 6.17 15.54 12.90
N CYS A 167 6.33 15.09 11.65
CA CYS A 167 7.25 15.76 10.71
C CYS A 167 6.91 17.25 10.56
N GLN A 168 5.63 17.58 10.48
CA GLN A 168 5.20 18.97 10.38
C GLN A 168 5.64 19.73 11.61
N GLU A 169 5.37 19.20 12.80
CA GLU A 169 5.75 19.93 14.02
C GLU A 169 7.27 19.96 14.19
N LEU A 170 7.99 19.16 13.40
CA LEU A 170 9.47 19.29 13.34
C LEU A 170 9.86 20.48 12.47
N TRP A 171 9.35 20.55 11.25
CA TRP A 171 9.69 21.68 10.37
C TRP A 171 9.21 23.01 10.95
N LYS A 172 8.21 23.01 11.81
CA LYS A 172 7.93 24.22 12.59
C LYS A 172 9.14 24.64 13.41
N ILE A 173 9.88 23.70 13.97
CA ILE A 173 11.02 24.05 14.84
C ILE A 173 12.22 24.47 13.98
N GLN A 174 12.81 23.53 13.24
CA GLN A 174 13.68 23.81 12.08
C GLN A 174 15.01 24.45 12.45
N SER A 175 15.14 25.02 13.65
CA SER A 175 16.38 25.70 14.02
C SER A 175 17.08 24.94 15.13
N SER A 176 16.33 24.60 16.17
CA SER A 176 16.75 23.71 17.24
C SER A 176 17.34 22.40 16.70
N LEU A 177 16.80 21.89 15.60
CA LEU A 177 17.12 20.53 15.14
C LEU A 177 18.58 20.43 14.71
N LEU A 178 19.13 19.23 14.86
CA LEU A 178 20.47 18.89 14.38
C LEU A 178 20.40 17.76 13.38
N LEU A 179 21.37 17.72 12.46
CA LEU A 179 21.36 16.69 11.43
C LEU A 179 21.55 15.28 12.01
N GLU A 180 22.28 15.17 13.11
CA GLU A 180 22.42 13.87 13.78
C GLU A 180 21.07 13.40 14.35
N ALA A 181 20.26 14.31 14.89
CA ALA A 181 18.94 13.93 15.40
C ALA A 181 18.13 13.28 14.29
N VAL A 182 18.02 13.95 13.14
CA VAL A 182 17.15 13.46 12.05
C VAL A 182 17.72 12.18 11.47
N TRP A 183 19.05 12.05 11.45
CA TRP A 183 19.64 10.78 10.96
C TRP A 183 19.30 9.63 11.91
N HIS A 184 19.26 9.90 13.22
CA HIS A 184 18.86 8.86 14.19
C HIS A 184 17.39 8.54 14.05
N LEU A 185 16.54 9.55 13.90
CA LEU A 185 15.12 9.33 13.57
C LEU A 185 15.01 8.40 12.36
N HIS A 186 15.74 8.71 11.30
CA HIS A 186 15.69 7.90 10.06
C HIS A 186 16.03 6.45 10.40
N VAL A 187 17.17 6.23 11.06
CA VAL A 187 17.71 4.88 11.21
C VAL A 187 16.84 4.11 12.22
N GLN A 188 16.28 4.82 13.20
CA GLN A 188 15.39 4.22 14.18
C GLN A 188 13.96 4.19 13.63
N GLY A 189 13.75 4.71 12.43
CA GLY A 189 12.57 4.41 11.63
C GLY A 189 11.36 5.24 11.98
N ILE A 190 11.42 6.02 13.06
CA ILE A 190 10.29 6.84 13.52
C ILE A 190 9.74 7.65 12.35
N VAL A 191 10.64 8.26 11.59
CA VAL A 191 10.30 8.81 10.28
C VAL A 191 11.34 8.31 9.31
N SER A 192 11.29 8.79 8.07
CA SER A 192 12.45 8.67 7.19
C SER A 192 12.78 10.02 6.56
N LEU A 193 14.07 10.19 6.31
CA LEU A 193 14.63 11.33 5.56
C LEU A 193 13.75 11.68 4.35
N GLN A 194 13.32 10.69 3.60
CA GLN A 194 12.42 10.91 2.46
C GLN A 194 11.08 11.49 2.91
N GLU A 195 10.53 10.99 4.03
CA GLU A 195 9.26 11.54 4.56
C GLU A 195 9.46 12.94 5.14
N LEU A 196 10.63 13.28 5.68
CA LEU A 196 10.85 14.64 6.17
C LEU A 196 10.91 15.62 5.02
N LEU A 197 11.92 15.49 4.17
CA LEU A 197 12.18 16.50 3.15
C LEU A 197 10.96 16.74 2.25
N GLU A 198 10.12 15.71 2.06
CA GLU A 198 8.89 15.84 1.26
C GLU A 198 7.68 16.29 2.09
N SER A 199 7.88 16.89 3.25
CA SER A 199 6.77 17.36 4.09
C SER A 199 7.04 18.72 4.72
N HIS A 200 7.88 19.51 4.05
CA HIS A 200 8.19 20.91 4.37
C HIS A 200 7.59 21.79 3.28
N PRO A 201 6.97 22.91 3.67
CA PRO A 201 6.37 23.78 2.66
C PRO A 201 7.38 24.38 1.68
N ASP A 202 8.39 25.11 2.18
CA ASP A 202 9.33 25.81 1.29
C ASP A 202 10.46 24.87 0.88
N MET A 203 10.40 24.35 -0.34
CA MET A 203 11.41 23.38 -0.80
C MET A 203 12.78 24.04 -0.90
N HIS A 204 12.80 25.33 -1.23
CA HIS A 204 14.05 26.10 -1.32
C HIS A 204 14.73 26.16 0.05
N ALA A 205 13.94 26.40 1.11
CA ALA A 205 14.45 26.48 2.48
C ALA A 205 15.16 25.19 2.85
N VAL A 206 14.61 24.05 2.44
CA VAL A 206 15.21 22.75 2.74
C VAL A 206 16.54 22.64 2.00
N GLY A 207 16.53 22.96 0.70
CA GLY A 207 17.76 22.96 -0.08
C GLY A 207 18.87 23.74 0.60
N SER A 208 18.59 24.99 0.97
CA SER A 208 19.59 25.86 1.64
C SER A 208 19.99 25.26 2.98
N TRP A 209 19.02 24.75 3.72
CA TRP A 209 19.28 24.18 5.05
C TRP A 209 20.23 22.99 4.92
N LEU A 210 19.95 22.10 3.97
CA LEU A 210 20.83 20.95 3.70
C LEU A 210 22.23 21.46 3.37
N PHE A 211 22.32 22.34 2.38
CA PHE A 211 23.62 22.84 1.92
C PHE A 211 24.45 23.29 3.13
N ARG A 212 23.82 24.07 4.03
CA ARG A 212 24.48 24.55 5.25
C ARG A 212 24.89 23.41 6.17
N ASN A 213 24.01 22.44 6.41
CA ASN A 213 24.32 21.38 7.38
C ASN A 213 25.44 20.48 6.86
N LEU A 214 25.37 20.11 5.59
CA LEU A 214 26.40 19.29 4.95
C LEU A 214 27.73 20.04 4.95
N CYS A 215 27.69 21.36 4.76
CA CYS A 215 28.91 22.17 4.78
C CYS A 215 29.53 22.15 6.18
N CYS A 216 28.71 22.35 7.21
CA CYS A 216 29.22 22.29 8.60
C CYS A 216 29.67 20.88 8.97
N LEU A 217 29.07 19.84 8.38
CA LEU A 217 29.49 18.45 8.66
C LEU A 217 30.84 18.14 8.06
N CYS A 218 31.06 18.46 6.78
CA CYS A 218 32.37 18.19 6.18
C CYS A 218 33.48 19.01 6.87
N GLU A 219 33.13 20.15 7.46
CA GLU A 219 34.00 20.85 8.42
C GLU A 219 34.26 20.03 9.69
N GLN A 220 33.21 19.46 10.29
CA GLN A 220 33.37 18.64 11.50
C GLN A 220 34.02 17.26 11.24
N MET A 221 34.10 16.80 10.00
CA MET A 221 34.53 15.40 9.77
C MET A 221 36.06 15.25 9.65
N GLU A 222 36.83 16.16 10.24
CA GLU A 222 38.27 15.96 10.51
C GLU A 222 38.65 16.33 11.94
N ALA A 223 37.69 16.72 12.78
CA ALA A 223 37.98 17.05 14.19
C ALA A 223 38.36 15.80 14.99
N SER A 224 37.81 14.66 14.65
CA SER A 224 38.23 13.40 15.28
C SER A 224 37.82 12.23 14.40
N CYS A 225 38.56 11.13 14.51
CA CYS A 225 38.22 9.85 13.86
C CYS A 225 37.02 9.18 14.54
N GLN A 226 36.68 9.57 15.77
CA GLN A 226 35.52 9.01 16.47
C GLN A 226 34.23 9.64 15.92
N HIS A 227 34.18 10.96 15.93
CA HIS A 227 33.04 11.70 15.36
C HIS A 227 32.97 11.46 13.85
N ALA A 228 34.13 11.25 13.20
CA ALA A 228 34.18 10.98 11.75
C ALA A 228 33.43 9.71 11.40
N ASP A 229 33.40 8.73 12.28
CA ASP A 229 32.63 7.50 12.00
C ASP A 229 31.15 7.81 11.84
N VAL A 230 30.56 8.49 12.81
CA VAL A 230 29.13 8.82 12.78
C VAL A 230 28.84 9.77 11.61
N ALA A 231 29.69 10.77 11.42
CA ALA A 231 29.46 11.77 10.37
C ALA A 231 29.59 11.16 8.97
N ARG A 232 30.52 10.22 8.79
CA ARG A 232 30.67 9.55 7.48
C ARG A 232 29.53 8.57 7.26
N ALA A 233 29.05 7.94 8.33
CA ALA A 233 27.90 7.04 8.24
C ALA A 233 26.68 7.82 7.77
N MET A 234 26.37 8.93 8.44
CA MET A 234 25.18 9.72 8.10
C MET A 234 25.33 10.41 6.74
N LEU A 235 26.54 10.80 6.33
CA LEU A 235 26.65 11.49 5.03
C LEU A 235 26.52 10.46 3.90
N SER A 236 27.04 9.25 4.09
CA SER A 236 26.82 8.17 3.13
C SER A 236 25.33 7.82 3.10
N ASP A 237 24.67 7.81 4.26
CA ASP A 237 23.22 7.56 4.35
C ASP A 237 22.45 8.57 3.49
N PHE A 238 22.70 9.85 3.72
CA PHE A 238 22.02 10.93 2.99
C PHE A 238 22.23 10.76 1.50
N VAL A 239 23.48 10.57 1.08
CA VAL A 239 23.76 10.52 -0.36
C VAL A 239 23.12 9.27 -0.96
N GLN A 240 23.10 8.17 -0.21
CA GLN A 240 22.41 6.95 -0.64
C GLN A 240 20.96 7.28 -0.97
N MET A 241 20.25 7.84 -0.01
CA MET A 241 18.81 8.09 -0.19
C MET A 241 18.58 9.05 -1.37
N PHE A 242 19.38 10.10 -1.47
CA PHE A 242 19.26 11.05 -2.59
C PHE A 242 19.46 10.35 -3.92
N VAL A 243 20.61 9.69 -4.11
CA VAL A 243 20.94 9.14 -5.43
C VAL A 243 19.96 8.01 -5.76
N LEU A 244 19.47 7.30 -4.75
CA LEU A 244 18.46 6.26 -4.96
C LEU A 244 17.19 6.89 -5.54
N ARG A 245 16.67 7.90 -4.84
CA ARG A 245 15.36 8.49 -5.12
C ARG A 245 15.35 9.22 -6.46
N GLY A 246 16.28 10.15 -6.64
CA GLY A 246 16.17 11.09 -7.77
C GLY A 246 16.45 10.49 -9.12
N PHE A 247 16.57 9.16 -9.23
CA PHE A 247 16.88 8.50 -10.51
C PHE A 247 16.05 7.26 -10.78
N GLN A 248 15.53 6.59 -9.77
CA GLN A 248 14.80 5.32 -9.97
C GLN A 248 13.32 5.62 -10.21
N MET A 262 10.08 16.23 -4.18
CA MET A 262 10.10 15.41 -5.41
C MET A 262 11.56 15.24 -5.84
N PRO A 263 11.84 14.39 -6.84
CA PRO A 263 13.22 14.30 -7.36
C PRO A 263 13.82 15.62 -7.84
N GLN A 264 13.01 16.67 -8.03
CA GLN A 264 13.56 18.02 -8.25
C GLN A 264 14.30 18.50 -7.01
N VAL A 265 13.83 18.16 -5.81
CA VAL A 265 14.57 18.47 -4.56
C VAL A 265 15.97 17.87 -4.65
N THR A 266 16.02 16.57 -4.91
CA THR A 266 17.29 15.83 -4.94
C THR A 266 18.23 16.45 -5.95
N VAL A 267 17.78 16.52 -7.20
CA VAL A 267 18.64 17.05 -8.27
C VAL A 267 19.08 18.49 -7.97
N ASP A 268 18.21 19.33 -7.41
CA ASP A 268 18.61 20.71 -7.11
C ASP A 268 19.66 20.75 -5.99
N VAL A 269 19.53 19.88 -5.00
CA VAL A 269 20.53 19.88 -3.92
C VAL A 269 21.89 19.42 -4.46
N LEU A 270 21.90 18.38 -5.28
CA LEU A 270 23.17 17.86 -5.82
C LEU A 270 23.79 18.86 -6.79
N GLN A 271 22.97 19.48 -7.64
CA GLN A 271 23.47 20.53 -8.54
C GLN A 271 24.02 21.71 -7.75
N ARG A 272 23.38 22.08 -6.65
CA ARG A 272 23.87 23.21 -5.83
C ARG A 272 25.24 22.88 -5.25
N MET A 273 25.39 21.68 -4.72
CA MET A 273 26.70 21.24 -4.20
C MET A 273 27.74 21.20 -5.32
N LEU A 274 27.38 20.62 -6.47
CA LEU A 274 28.31 20.53 -7.60
C LEU A 274 28.75 21.92 -8.06
N ILE A 275 27.80 22.82 -8.28
CA ILE A 275 28.11 24.15 -8.84
C ILE A 275 28.94 24.95 -7.85
N PHE A 276 28.59 24.87 -6.57
CA PHE A 276 29.40 25.51 -5.52
C PHE A 276 30.84 25.02 -5.58
N ALA A 277 31.03 23.71 -5.68
CA ALA A 277 32.39 23.14 -5.66
C ALA A 277 33.15 23.51 -6.94
N LEU A 278 32.48 23.49 -8.09
CA LEU A 278 33.14 23.85 -9.34
C LEU A 278 33.54 25.32 -9.37
N ASP A 279 32.65 26.20 -8.96
CA ASP A 279 33.00 27.63 -8.90
C ASP A 279 34.06 27.90 -7.85
N ALA A 280 34.09 27.11 -6.77
CA ALA A 280 35.12 27.27 -5.73
C ALA A 280 36.49 26.88 -6.26
N LEU A 281 36.55 25.77 -7.00
CA LEU A 281 37.84 25.17 -7.39
C LEU A 281 38.34 25.75 -8.72
N ALA A 282 37.59 25.53 -9.81
CA ALA A 282 38.07 25.96 -11.13
C ALA A 282 38.29 27.47 -11.16
N ALA A 283 37.26 28.23 -10.82
CA ALA A 283 37.31 29.69 -10.90
C ALA A 283 37.62 30.22 -9.51
N GLY A 284 38.88 30.11 -9.10
CA GLY A 284 39.31 30.91 -7.95
C GLY A 284 40.01 30.17 -6.83
N VAL A 285 40.14 30.88 -5.71
CA VAL A 285 40.94 30.52 -4.52
C VAL A 285 40.67 29.07 -4.10
N GLN A 286 41.68 28.43 -3.51
CA GLN A 286 41.45 27.19 -2.75
C GLN A 286 42.02 27.38 -1.35
N GLU A 287 43.15 28.08 -1.19
CA GLU A 287 43.84 28.29 0.12
C GLU A 287 43.49 27.17 1.10
N GLU A 288 44.05 26.01 0.83
CA GLU A 288 43.63 24.80 1.55
C GLU A 288 43.73 24.96 3.06
N SER A 289 42.64 25.48 3.63
CA SER A 289 42.50 25.80 5.06
C SER A 289 41.07 25.46 5.45
N SER A 290 40.13 26.04 4.70
CA SER A 290 38.67 25.86 4.79
C SER A 290 38.09 25.86 3.37
N THR A 291 36.96 25.17 3.21
CA THR A 291 36.22 25.07 1.94
C THR A 291 36.92 24.09 0.99
N HIS A 292 38.23 23.93 1.11
CA HIS A 292 38.92 22.86 0.36
C HIS A 292 38.61 21.50 0.97
N LYS A 293 38.58 21.42 2.30
CA LYS A 293 38.11 20.20 2.99
C LYS A 293 36.70 19.84 2.52
N ILE A 294 35.88 20.84 2.22
CA ILE A 294 34.50 20.59 1.76
C ILE A 294 34.52 19.86 0.41
N VAL A 295 35.17 20.44 -0.59
CA VAL A 295 35.24 19.81 -1.91
C VAL A 295 35.96 18.46 -1.82
N ARG A 296 36.97 18.39 -0.95
CA ARG A 296 37.72 17.14 -0.71
C ARG A 296 36.75 16.03 -0.29
N CYS A 297 36.01 16.28 0.78
CA CYS A 297 35.10 15.26 1.33
C CYS A 297 33.95 14.98 0.36
N TRP A 298 33.56 15.99 -0.42
CA TRP A 298 32.53 15.78 -1.44
C TRP A 298 33.01 14.81 -2.52
N PHE A 299 34.22 15.01 -3.03
CA PHE A 299 34.80 14.05 -3.98
C PHE A 299 35.05 12.70 -3.30
N GLY A 300 35.33 12.71 -1.99
CA GLY A 300 35.57 11.48 -1.25
C GLY A 300 34.33 10.60 -1.18
N VAL A 301 33.18 11.20 -0.88
CA VAL A 301 31.91 10.45 -0.88
C VAL A 301 31.53 10.11 -2.32
N PHE A 302 31.74 11.04 -3.24
CA PHE A 302 31.46 10.81 -4.65
C PHE A 302 32.15 9.54 -5.16
N SER A 303 33.35 9.26 -4.65
CA SER A 303 34.04 7.98 -4.90
C SER A 303 33.15 6.82 -4.45
N GLY A 304 32.68 6.02 -5.40
CA GLY A 304 31.54 5.13 -5.23
C GLY A 304 31.95 3.73 -4.81
N HIS A 305 32.74 3.60 -3.75
CA HIS A 305 32.98 2.29 -3.12
C HIS A 305 32.03 2.06 -1.96
N THR A 306 31.86 3.07 -1.11
CA THR A 306 30.87 2.98 -0.04
C THR A 306 29.46 2.97 -0.66
N LEU A 307 29.28 3.65 -1.79
CA LEU A 307 27.96 3.89 -2.38
C LEU A 307 27.62 2.82 -3.42
N GLY A 308 28.49 2.65 -4.43
CA GLY A 308 28.21 1.75 -5.54
C GLY A 308 28.00 0.32 -5.10
N SER A 309 28.52 -0.03 -3.92
CA SER A 309 28.25 -1.33 -3.28
C SER A 309 26.75 -1.59 -3.09
N VAL A 310 26.01 -0.68 -2.46
CA VAL A 310 24.60 -0.95 -2.16
C VAL A 310 23.73 -0.71 -3.38
N ILE A 311 23.91 0.42 -4.06
CA ILE A 311 22.96 0.86 -5.10
C ILE A 311 23.32 0.14 -6.39
N SER A 312 22.32 -0.50 -7.01
CA SER A 312 22.52 -1.06 -8.35
C SER A 312 22.97 0.05 -9.31
N THR A 313 24.05 -0.22 -10.04
CA THR A 313 24.66 0.76 -10.96
C THR A 313 24.09 0.63 -12.36
N ASP A 314 22.76 0.60 -12.48
CA ASP A 314 22.12 1.15 -13.68
C ASP A 314 21.81 2.63 -13.46
N PRO A 315 20.96 3.01 -12.48
CA PRO A 315 20.65 4.43 -12.30
C PRO A 315 21.80 5.24 -11.72
N LEU A 316 22.68 4.61 -10.95
CA LEU A 316 23.88 5.29 -10.46
C LEU A 316 24.78 5.70 -11.63
N LYS A 317 24.82 4.88 -12.69
CA LYS A 317 25.53 5.27 -13.92
C LYS A 317 24.90 6.50 -14.56
N ARG A 318 23.58 6.54 -14.67
CA ARG A 318 22.92 7.72 -15.24
C ARG A 318 23.21 8.94 -14.37
N PHE A 319 23.27 8.73 -13.05
CA PHE A 319 23.64 9.82 -12.13
C PHE A 319 25.01 10.35 -12.49
N PHE A 320 26.00 9.48 -12.66
CA PHE A 320 27.35 9.93 -12.99
C PHE A 320 27.40 10.58 -14.36
N SER A 321 26.62 10.06 -15.31
CA SER A 321 26.62 10.61 -16.68
C SER A 321 26.05 12.04 -16.66
N HIS A 322 24.91 12.24 -16.01
CA HIS A 322 24.33 13.59 -15.86
C HIS A 322 25.28 14.47 -15.05
N THR A 323 26.02 13.88 -14.11
CA THR A 323 27.00 14.66 -13.33
C THR A 323 28.11 15.17 -14.26
N LEU A 324 28.61 14.29 -15.14
CA LEU A 324 29.61 14.68 -16.15
C LEU A 324 29.06 15.81 -17.01
N THR A 325 27.85 15.63 -17.53
CA THR A 325 27.22 16.63 -18.41
C THR A 325 27.06 17.96 -17.69
N GLN A 326 26.67 17.93 -16.41
CA GLN A 326 26.45 19.16 -15.64
C GLN A 326 27.80 19.82 -15.32
N ILE A 327 28.86 19.04 -15.17
CA ILE A 327 30.20 19.62 -15.00
C ILE A 327 30.65 20.29 -16.30
N LEU A 328 30.41 19.62 -17.43
CA LEU A 328 30.75 20.21 -18.73
C LEU A 328 30.01 21.53 -18.94
N THR A 329 28.69 21.47 -18.95
CA THR A 329 27.86 22.54 -19.52
C THR A 329 27.99 23.82 -18.71
N HIS A 330 27.95 23.70 -17.38
CA HIS A 330 27.70 24.82 -16.47
C HIS A 330 28.82 25.87 -16.54
N SER A 331 28.42 27.13 -16.57
CA SER A 331 29.30 28.32 -16.55
C SER A 331 30.25 28.30 -17.74
N PRO A 332 29.73 28.48 -18.97
CA PRO A 332 30.56 28.56 -20.17
C PRO A 332 31.16 29.95 -20.41
N VAL A 333 32.03 30.35 -19.49
CA VAL A 333 32.84 31.57 -19.65
C VAL A 333 34.16 31.14 -20.28
N LEU A 334 34.90 32.10 -20.82
CA LEU A 334 36.08 31.80 -21.66
C LEU A 334 35.66 30.90 -22.82
N LYS A 335 34.53 31.22 -23.45
CA LYS A 335 34.11 30.57 -24.70
C LYS A 335 34.97 31.03 -25.87
N ALA A 336 35.87 31.99 -25.64
CA ALA A 336 36.84 32.47 -26.63
C ALA A 336 37.42 31.30 -27.41
N SER A 337 37.07 31.23 -28.70
CA SER A 337 37.61 30.23 -29.63
C SER A 337 39.14 30.37 -29.64
N ASP A 338 39.61 31.60 -29.45
CA ASP A 338 41.00 31.86 -29.05
C ASP A 338 41.15 31.51 -27.57
N ALA A 339 41.21 30.20 -27.31
CA ALA A 339 41.55 29.60 -26.02
C ALA A 339 42.71 28.62 -26.23
N VAL A 340 43.76 29.09 -26.91
CA VAL A 340 44.82 28.21 -27.37
C VAL A 340 45.92 28.11 -26.31
N GLN A 341 46.50 29.24 -25.91
CA GLN A 341 47.60 29.22 -24.93
C GLN A 341 47.16 28.66 -23.59
N MET A 342 45.87 28.75 -23.27
CA MET A 342 45.37 28.19 -22.00
C MET A 342 45.41 26.65 -21.99
N GLN A 343 45.60 25.99 -23.14
CA GLN A 343 45.84 24.53 -23.13
C GLN A 343 47.11 24.23 -22.34
N ARG A 344 48.13 25.09 -22.48
CA ARG A 344 49.36 24.96 -21.71
C ARG A 344 49.09 25.05 -20.21
N GLU A 345 48.18 25.94 -19.81
CA GLU A 345 47.81 26.11 -18.39
C GLU A 345 46.77 25.07 -17.95
N TRP A 346 45.96 24.54 -18.86
CA TRP A 346 45.08 23.39 -18.60
C TRP A 346 45.84 22.06 -18.72
N SER A 347 47.16 22.11 -18.91
CA SER A 347 48.00 20.91 -18.81
C SER A 347 47.66 20.12 -17.55
N PHE A 348 47.79 18.80 -17.66
CA PHE A 348 47.32 17.88 -16.63
C PHE A 348 47.92 18.20 -15.27
N ALA A 349 49.23 18.42 -15.22
CA ALA A 349 49.95 18.68 -13.97
C ALA A 349 49.53 20.00 -13.34
N ARG A 350 49.09 20.96 -14.16
CA ARG A 350 48.69 22.29 -13.66
C ARG A 350 47.24 22.25 -13.20
N THR A 351 46.41 21.47 -13.87
CA THR A 351 45.02 21.28 -13.45
C THR A 351 44.97 20.65 -12.07
N HIS A 352 44.08 21.18 -11.24
CA HIS A 352 44.07 20.88 -9.81
C HIS A 352 43.93 19.37 -9.59
N PRO A 353 44.60 18.84 -8.56
CA PRO A 353 44.56 17.39 -8.32
C PRO A 353 43.19 16.85 -7.91
N LEU A 354 42.28 17.69 -7.41
CA LEU A 354 40.94 17.20 -7.04
C LEU A 354 40.07 17.06 -8.28
N LEU A 355 40.20 17.97 -9.23
CA LEU A 355 39.59 17.78 -10.56
C LEU A 355 40.11 16.48 -11.16
N THR A 356 41.43 16.30 -11.17
CA THR A 356 42.05 15.06 -11.65
C THR A 356 41.46 13.84 -10.96
N SER A 357 41.35 13.86 -9.63
CA SER A 357 40.89 12.70 -8.87
C SER A 357 39.43 12.39 -9.21
N LEU A 358 38.60 13.41 -9.35
CA LEU A 358 37.19 13.20 -9.66
C LEU A 358 37.04 12.63 -11.07
N TYR A 359 37.79 13.17 -12.03
CA TYR A 359 37.80 12.60 -13.39
C TYR A 359 38.21 11.13 -13.34
N ARG A 360 39.31 10.84 -12.66
CA ARG A 360 39.79 9.47 -12.48
C ARG A 360 38.65 8.58 -11.95
N ARG A 361 37.90 9.08 -10.98
CA ARG A 361 36.88 8.24 -10.33
C ARG A 361 35.71 8.03 -11.28
N LEU A 362 35.34 9.06 -12.03
CA LEU A 362 34.30 8.91 -13.06
C LEU A 362 34.75 7.97 -14.16
N PHE A 363 36.03 7.85 -14.40
CA PHE A 363 36.52 6.84 -15.36
C PHE A 363 36.43 5.44 -14.77
N VAL A 364 36.67 5.30 -13.46
CA VAL A 364 36.59 3.98 -12.80
C VAL A 364 35.17 3.40 -12.94
N MET A 365 34.19 4.15 -12.45
CA MET A 365 32.81 3.65 -12.29
C MET A 365 32.08 3.61 -13.63
N LEU A 366 32.66 4.17 -14.68
CA LEU A 366 32.10 4.12 -16.03
C LEU A 366 33.06 3.37 -16.95
N SER A 367 32.67 3.23 -18.22
CA SER A 367 33.50 2.56 -19.23
C SER A 367 34.07 3.59 -20.18
N ALA A 368 35.07 3.17 -20.97
CA ALA A 368 35.86 4.07 -21.80
C ALA A 368 35.06 4.47 -23.04
N GLU A 369 34.68 3.48 -23.85
CA GLU A 369 34.09 3.75 -25.16
C GLU A 369 32.75 4.47 -25.01
N GLU A 370 31.95 4.12 -24.00
CA GLU A 370 30.69 4.84 -23.76
C GLU A 370 30.98 6.30 -23.38
N LEU A 371 32.00 6.53 -22.56
CA LEU A 371 32.36 7.91 -22.19
C LEU A 371 32.77 8.71 -23.43
N VAL A 372 33.62 8.14 -24.28
CA VAL A 372 34.12 8.86 -25.46
C VAL A 372 32.96 9.14 -26.42
N GLY A 373 32.10 8.15 -26.66
CA GLY A 373 30.93 8.37 -27.51
C GLY A 373 30.02 9.45 -26.94
N HIS A 374 29.75 9.39 -25.63
CA HIS A 374 28.92 10.42 -24.98
C HIS A 374 29.55 11.79 -25.13
N LEU A 375 30.87 11.87 -25.02
CA LEU A 375 31.58 13.15 -25.17
C LEU A 375 31.47 13.65 -26.60
N GLN A 376 31.67 12.77 -27.58
CA GLN A 376 31.45 13.11 -28.99
C GLN A 376 30.08 13.75 -29.17
N GLU A 377 29.04 13.10 -28.63
CA GLU A 377 27.66 13.58 -28.80
C GLU A 377 27.47 14.92 -28.09
N VAL A 378 27.96 15.04 -26.87
CA VAL A 378 27.76 16.27 -26.07
C VAL A 378 28.47 17.44 -26.75
N LEU A 379 29.76 17.28 -27.06
CA LEU A 379 30.55 18.37 -27.65
C LEU A 379 30.09 18.67 -29.08
N GLU A 380 29.39 17.73 -29.72
CA GLU A 380 28.71 18.06 -30.98
C GLU A 380 27.47 18.92 -30.69
N THR A 381 26.73 18.58 -29.64
CA THR A 381 25.37 19.11 -29.43
C THR A 381 25.40 20.56 -28.93
N GLN A 382 26.09 20.80 -27.81
CA GLN A 382 25.87 22.00 -27.01
C GLN A 382 27.21 22.66 -26.66
N GLU A 383 27.10 23.92 -26.26
CA GLU A 383 28.24 24.75 -25.86
C GLU A 383 29.02 24.14 -24.69
N VAL A 384 30.19 24.69 -24.44
CA VAL A 384 31.23 24.04 -23.64
C VAL A 384 31.83 25.07 -22.69
N HIS A 385 32.29 24.61 -21.51
CA HIS A 385 33.32 25.32 -20.74
C HIS A 385 34.65 24.65 -21.05
N TRP A 386 35.50 25.38 -21.75
CA TRP A 386 36.70 24.81 -22.40
C TRP A 386 37.76 24.38 -21.40
N GLN A 387 37.93 25.08 -20.27
CA GLN A 387 39.00 24.73 -19.33
C GLN A 387 38.82 23.28 -18.87
N ARG A 388 37.61 22.98 -18.40
CA ARG A 388 37.30 21.64 -17.87
C ARG A 388 37.38 20.59 -18.98
N VAL A 389 36.74 20.83 -20.13
CA VAL A 389 36.72 19.83 -21.20
C VAL A 389 38.13 19.54 -21.72
N LEU A 390 38.97 20.56 -21.79
CA LEU A 390 40.31 20.38 -22.38
C LEU A 390 41.23 19.67 -21.41
N SER A 391 41.26 20.10 -20.15
CA SER A 391 41.99 19.34 -19.12
C SER A 391 41.42 17.94 -18.99
N PHE A 392 40.10 17.79 -19.22
CA PHE A 392 39.41 16.52 -19.08
C PHE A 392 39.91 15.54 -20.15
N VAL A 393 39.98 15.98 -21.40
CA VAL A 393 40.55 15.15 -22.48
C VAL A 393 42.02 14.89 -22.18
N SER A 394 42.75 15.91 -21.69
CA SER A 394 44.16 15.77 -21.31
C SER A 394 44.32 14.61 -20.31
N ALA A 395 43.37 14.48 -19.38
CA ALA A 395 43.34 13.37 -18.43
C ALA A 395 42.86 12.10 -19.13
N LEU A 396 41.91 12.24 -20.05
CA LEU A 396 41.27 11.10 -20.72
C LEU A 396 42.33 10.23 -21.39
N VAL A 397 43.14 10.85 -22.22
CA VAL A 397 43.97 10.08 -23.17
C VAL A 397 44.97 9.23 -22.39
N VAL A 398 45.54 9.78 -21.32
CA VAL A 398 46.55 9.06 -20.52
C VAL A 398 45.85 8.14 -19.52
N CYS A 399 44.66 8.50 -19.06
CA CYS A 399 43.96 7.70 -18.03
C CYS A 399 43.53 6.35 -18.60
N PHE A 400 42.79 6.35 -19.70
CA PHE A 400 42.19 5.10 -20.17
C PHE A 400 43.21 4.31 -20.97
N PRO A 401 43.09 2.98 -20.95
CA PRO A 401 44.13 2.13 -21.52
C PRO A 401 44.00 2.14 -23.04
N GLU A 402 44.89 2.89 -23.70
CA GLU A 402 45.03 2.91 -25.16
C GLU A 402 43.68 3.27 -25.78
N ALA A 403 43.24 4.50 -25.54
CA ALA A 403 42.08 5.06 -26.25
C ALA A 403 42.46 6.28 -27.07
N GLN A 404 43.74 6.41 -27.44
CA GLN A 404 44.18 7.47 -28.38
C GLN A 404 43.57 7.24 -29.76
N GLN A 405 43.57 6.00 -30.23
CA GLN A 405 43.02 5.68 -31.56
C GLN A 405 41.52 5.95 -31.64
N LEU A 406 40.76 5.64 -30.59
CA LEU A 406 39.29 5.81 -30.65
C LEU A 406 38.90 7.29 -30.47
N LEU A 407 39.75 8.09 -29.84
CA LEU A 407 39.55 9.55 -29.83
C LEU A 407 39.88 10.12 -31.21
N GLU A 408 41.03 9.74 -31.76
CA GLU A 408 41.40 10.16 -33.12
C GLU A 408 40.34 9.73 -34.13
N ASP A 409 39.62 8.64 -33.87
CA ASP A 409 38.59 8.17 -34.81
C ASP A 409 37.48 9.21 -34.94
N TRP A 410 36.87 9.61 -33.83
CA TRP A 410 35.79 10.60 -33.88
C TRP A 410 36.33 11.99 -34.20
N VAL A 411 37.59 12.25 -33.87
CA VAL A 411 38.23 13.51 -34.31
C VAL A 411 38.27 13.54 -35.84
N ALA A 412 38.67 12.42 -36.46
CA ALA A 412 38.72 12.31 -37.93
C ALA A 412 37.32 12.42 -38.53
N ARG A 413 36.33 11.81 -37.88
CA ARG A 413 34.93 11.92 -38.34
C ARG A 413 34.47 13.38 -38.29
N LEU A 414 34.79 14.06 -37.19
CA LEU A 414 34.41 15.47 -37.01
C LEU A 414 35.12 16.31 -38.06
N MET A 415 36.39 16.02 -38.31
CA MET A 415 37.17 16.74 -39.33
C MET A 415 36.58 16.50 -40.72
N ALA A 416 36.17 15.26 -41.00
CA ALA A 416 35.53 14.95 -42.28
C ALA A 416 34.26 15.78 -42.47
N GLN A 417 33.35 15.74 -41.50
CA GLN A 417 32.11 16.54 -41.60
C GLN A 417 32.42 18.03 -41.71
N ALA A 418 33.43 18.50 -40.97
CA ALA A 418 33.77 19.93 -40.93
C ALA A 418 34.31 20.41 -42.28
N PHE A 419 35.21 19.62 -42.87
CA PHE A 419 35.82 20.00 -44.15
C PHE A 419 34.84 19.80 -45.30
N GLU A 420 33.90 18.88 -45.13
CA GLU A 420 32.82 18.69 -46.12
C GLU A 420 31.86 19.88 -46.11
N SER A 421 31.43 20.31 -44.92
CA SER A 421 30.37 21.31 -44.78
C SER A 421 30.90 22.75 -44.79
N CYS A 422 32.21 22.92 -44.61
CA CYS A 422 32.85 24.25 -44.61
C CYS A 422 32.35 25.08 -43.43
N GLN A 423 32.61 24.55 -42.23
CA GLN A 423 32.25 25.19 -40.95
C GLN A 423 33.52 25.19 -40.10
N LEU A 424 33.89 26.35 -39.59
CA LEU A 424 35.21 26.48 -38.94
C LEU A 424 35.14 26.11 -37.46
N ASP A 425 33.99 26.31 -36.83
CA ASP A 425 33.87 26.17 -35.37
C ASP A 425 34.08 24.72 -34.95
N SER A 426 33.51 23.77 -35.69
CA SER A 426 33.75 22.33 -35.45
C SER A 426 35.21 21.99 -35.69
N MET A 427 35.86 22.64 -36.65
CA MET A 427 37.30 22.44 -36.89
C MET A 427 38.12 22.88 -35.68
N VAL A 428 37.79 24.02 -35.09
CA VAL A 428 38.56 24.53 -33.94
C VAL A 428 38.52 23.50 -32.82
N THR A 429 37.36 22.90 -32.55
CA THR A 429 37.25 21.89 -31.49
C THR A 429 38.18 20.70 -31.74
N ALA A 430 38.08 20.08 -32.91
CA ALA A 430 38.95 18.95 -33.29
C ALA A 430 40.42 19.34 -33.19
N PHE A 431 40.75 20.54 -33.65
CA PHE A 431 42.14 21.03 -33.66
C PHE A 431 42.66 21.13 -32.23
N LEU A 432 41.92 21.82 -31.35
CA LEU A 432 42.33 21.96 -29.94
C LEU A 432 42.40 20.59 -29.28
N VAL A 433 41.55 19.66 -29.71
CA VAL A 433 41.57 18.29 -29.16
C VAL A 433 42.89 17.62 -29.52
N VAL A 434 43.26 17.65 -30.80
CA VAL A 434 44.53 17.03 -31.25
C VAL A 434 45.71 17.74 -30.60
N ARG A 435 45.58 19.04 -30.34
CA ARG A 435 46.65 19.82 -29.70
C ARG A 435 46.87 19.33 -28.27
N GLN A 436 45.79 19.16 -27.51
CA GLN A 436 45.89 18.62 -26.13
C GLN A 436 46.30 17.14 -26.17
N ALA A 437 45.95 16.45 -27.25
CA ALA A 437 46.39 15.06 -27.48
C ALA A 437 47.91 14.97 -27.58
N ALA A 438 48.54 15.95 -28.23
CA ALA A 438 50.02 15.94 -28.33
C ALA A 438 50.64 16.09 -26.95
N LEU A 439 50.28 17.17 -26.24
CA LEU A 439 50.85 17.42 -24.90
C LEU A 439 50.44 16.28 -23.94
N LEU A 446 55.05 14.77 -30.96
CA LEU A 446 54.72 15.41 -32.26
C LEU A 446 53.49 14.75 -32.88
N SER A 447 52.46 14.49 -32.06
CA SER A 447 51.23 13.86 -32.54
C SER A 447 50.43 14.85 -33.38
N TYR A 448 50.59 16.14 -33.13
CA TYR A 448 50.03 17.18 -34.01
C TYR A 448 50.59 17.03 -35.43
N ALA A 449 51.90 16.89 -35.55
CA ALA A 449 52.54 16.75 -36.87
C ALA A 449 52.16 15.41 -37.49
N ASP A 450 51.99 14.37 -36.67
CA ASP A 450 51.54 13.07 -37.18
C ASP A 450 50.14 13.17 -37.78
N TRP A 451 49.20 13.76 -37.03
CA TRP A 451 47.84 13.99 -37.55
C TRP A 451 47.88 14.92 -38.78
N PHE A 452 48.80 15.88 -38.81
CA PHE A 452 48.87 16.85 -39.90
C PHE A 452 49.36 16.19 -41.19
N LYS A 453 50.36 15.30 -41.07
CA LYS A 453 50.81 14.52 -42.23
C LYS A 453 49.75 13.51 -42.64
N ALA A 454 48.96 13.01 -41.68
CA ALA A 454 47.80 12.19 -42.00
C ALA A 454 46.77 13.00 -42.79
N SER A 455 46.60 14.28 -42.46
CA SER A 455 45.75 15.19 -43.24
C SER A 455 46.28 15.30 -44.66
N PHE A 456 47.56 15.59 -44.83
CA PHE A 456 48.16 15.74 -46.18
C PHE A 456 47.96 14.48 -47.02
N GLY A 457 47.77 13.33 -46.38
CA GLY A 457 47.40 12.11 -47.09
C GLY A 457 45.90 11.92 -47.20
N SER A 458 45.32 12.36 -48.32
CA SER A 458 43.94 12.09 -48.74
C SER A 458 42.91 12.80 -47.85
N THR A 459 43.34 13.81 -47.09
CA THR A 459 42.43 14.74 -46.43
C THR A 459 42.76 16.14 -46.94
N ARG A 460 44.04 16.52 -46.86
CA ARG A 460 44.48 17.88 -47.21
C ARG A 460 44.65 18.04 -48.71
N GLY A 461 44.85 16.95 -49.46
CA GLY A 461 44.83 17.02 -50.92
C GLY A 461 43.51 17.55 -51.46
N TYR A 462 42.40 17.06 -50.90
CA TYR A 462 41.03 17.55 -51.14
C TYR A 462 40.29 17.54 -49.80
N HIS A 463 40.31 18.68 -49.12
CA HIS A 463 39.44 18.88 -47.94
C HIS A 463 37.97 18.91 -48.34
N GLY A 464 37.60 19.88 -49.19
CA GLY A 464 36.28 19.96 -49.81
C GLY A 464 36.36 19.81 -51.32
N CYS A 465 35.25 19.44 -51.96
CA CYS A 465 35.22 19.39 -53.43
C CYS A 465 35.53 20.76 -54.02
N SER A 466 35.07 21.83 -53.39
CA SER A 466 35.53 23.18 -53.75
C SER A 466 36.84 23.44 -53.02
N LYS A 467 37.82 24.02 -53.70
CA LYS A 467 39.11 24.27 -53.03
C LYS A 467 39.06 25.53 -52.18
N LYS A 468 37.91 26.21 -52.11
CA LYS A 468 37.75 27.33 -51.18
C LYS A 468 37.58 26.80 -49.75
N ALA A 469 37.34 25.50 -49.62
CA ALA A 469 37.41 24.84 -48.31
C ALA A 469 38.81 25.05 -47.75
N LEU A 470 39.82 25.01 -48.63
CA LEU A 470 41.22 25.23 -48.22
C LEU A 470 41.37 26.69 -47.78
N VAL A 471 40.62 27.57 -48.42
CA VAL A 471 40.65 28.99 -48.06
C VAL A 471 40.14 29.16 -46.64
N PHE A 472 39.09 28.43 -46.27
CA PHE A 472 38.59 28.53 -44.89
C PHE A 472 39.58 27.94 -43.89
N LEU A 473 40.33 26.91 -44.28
CA LEU A 473 41.36 26.36 -43.35
C LEU A 473 42.42 27.42 -43.05
N PHE A 474 42.98 28.03 -44.08
CA PHE A 474 44.08 28.99 -43.87
C PHE A 474 43.53 30.35 -43.44
N THR A 475 42.27 30.63 -43.76
CA THR A 475 41.56 31.72 -43.08
C THR A 475 41.55 31.42 -41.59
N PHE A 476 41.19 30.19 -41.25
CA PHE A 476 41.20 29.75 -39.85
C PHE A 476 42.63 29.84 -39.33
N LEU A 477 43.60 29.48 -40.15
CA LEU A 477 45.00 29.57 -39.71
C LEU A 477 45.43 31.03 -39.62
N SER A 478 44.87 31.91 -40.46
CA SER A 478 45.05 33.35 -40.28
C SER A 478 44.28 33.83 -39.04
N GLU A 479 43.23 33.11 -38.65
CA GLU A 479 42.50 33.36 -37.40
C GLU A 479 43.11 32.64 -36.19
N LEU A 480 44.18 31.87 -36.39
CA LEU A 480 44.89 31.21 -35.28
C LEU A 480 46.21 31.90 -34.95
N VAL A 481 47.10 31.98 -35.93
CA VAL A 481 48.54 32.19 -35.71
C VAL A 481 48.81 33.58 -35.12
N PRO A 482 48.13 34.67 -35.51
CA PRO A 482 48.27 35.90 -34.73
C PRO A 482 47.73 35.80 -33.30
N PHE A 483 46.87 34.84 -33.00
CA PHE A 483 46.12 34.80 -31.73
C PHE A 483 46.60 33.63 -30.88
N GLU A 484 47.56 33.92 -30.00
CA GLU A 484 48.00 33.06 -28.89
C GLU A 484 48.95 31.99 -29.41
N SER A 485 48.89 31.65 -30.71
CA SER A 485 50.06 31.27 -31.51
C SER A 485 50.98 30.30 -30.78
N PRO A 486 50.61 29.03 -30.62
CA PRO A 486 51.44 28.14 -29.80
C PRO A 486 52.76 27.82 -30.49
N ARG A 487 53.84 27.94 -29.73
CA ARG A 487 55.20 28.09 -30.28
C ARG A 487 55.53 26.97 -31.26
N TYR A 488 55.36 25.72 -30.82
CA TYR A 488 55.70 24.52 -31.60
C TYR A 488 54.77 24.36 -32.82
N LEU A 489 53.49 24.67 -32.65
CA LEU A 489 52.49 24.42 -33.71
C LEU A 489 52.62 25.43 -34.84
N GLN A 490 53.23 26.58 -34.56
CA GLN A 490 53.59 27.55 -35.62
C GLN A 490 54.41 26.86 -36.70
N VAL A 491 55.51 26.23 -36.32
CA VAL A 491 56.41 25.56 -37.30
C VAL A 491 55.74 24.31 -37.85
N HIS A 492 54.82 23.70 -37.11
CA HIS A 492 54.08 22.52 -37.59
C HIS A 492 53.14 22.88 -38.74
N ILE A 493 52.53 24.07 -38.69
CA ILE A 493 51.73 24.56 -39.83
C ILE A 493 52.67 24.89 -40.99
N LEU A 494 53.82 25.50 -40.70
CA LEU A 494 54.73 26.03 -41.74
C LEU A 494 55.39 24.89 -42.51
N HIS A 495 55.73 23.80 -41.83
CA HIS A 495 56.70 22.82 -42.35
C HIS A 495 56.15 22.09 -43.57
N PRO A 496 54.99 21.42 -43.54
CA PRO A 496 54.33 21.07 -44.78
C PRO A 496 53.32 22.12 -45.19
N PRO A 497 53.23 22.39 -46.51
CA PRO A 497 52.39 23.44 -47.09
C PRO A 497 50.90 23.10 -47.11
N TYR A 503 44.53 26.02 -55.37
CA TYR A 503 45.63 25.94 -56.35
C TYR A 503 46.93 26.47 -55.78
N ARG A 504 47.97 26.48 -56.62
CA ARG A 504 49.32 26.86 -56.22
C ARG A 504 49.37 28.33 -55.79
N SER A 505 48.63 29.20 -56.49
CA SER A 505 48.52 30.61 -56.09
C SER A 505 48.00 30.74 -54.66
N LEU A 506 46.94 30.01 -54.33
CA LEU A 506 46.34 30.15 -52.99
C LEU A 506 47.30 29.62 -51.93
N LEU A 507 47.92 28.47 -52.19
CA LEU A 507 48.85 27.86 -51.22
C LEU A 507 50.06 28.78 -51.01
N THR A 508 50.58 29.36 -52.07
CA THR A 508 51.69 30.32 -51.95
C THR A 508 51.27 31.56 -51.17
N ASP A 509 50.05 32.06 -51.39
CA ASP A 509 49.56 33.20 -50.59
C ASP A 509 49.50 32.82 -49.11
N TYR A 510 49.00 31.63 -48.80
CA TYR A 510 48.88 31.15 -47.41
C TYR A 510 50.24 30.97 -46.76
N ILE A 511 51.21 30.44 -47.48
CA ILE A 511 52.58 30.29 -46.97
C ILE A 511 53.15 31.68 -46.65
N SER A 512 53.01 32.62 -47.59
CA SER A 512 53.52 34.00 -47.39
C SER A 512 52.89 34.61 -46.14
N LEU A 513 51.57 34.46 -45.99
CA LEU A 513 50.88 34.99 -44.82
C LEU A 513 51.39 34.31 -43.55
N ALA A 514 51.64 33.00 -43.61
CA ALA A 514 52.19 32.25 -42.47
C ALA A 514 53.55 32.81 -42.08
N LYS A 515 54.41 33.10 -43.06
CA LYS A 515 55.75 33.64 -42.74
C LYS A 515 55.64 35.06 -42.18
N THR A 516 54.67 35.85 -42.65
CA THR A 516 54.47 37.21 -42.11
C THR A 516 54.05 37.12 -40.65
N ARG A 517 53.12 36.21 -40.36
CA ARG A 517 52.71 35.98 -38.96
C ARG A 517 53.90 35.48 -38.15
N LEU A 518 54.78 34.69 -38.77
CA LEU A 518 55.99 34.17 -38.08
C LEU A 518 56.91 35.34 -37.73
N ALA A 519 57.04 36.30 -38.63
CA ALA A 519 57.85 37.50 -38.37
C ALA A 519 57.28 38.26 -37.18
N ASP A 520 55.96 38.47 -37.18
CA ASP A 520 55.30 39.21 -36.08
C ASP A 520 55.45 38.44 -34.77
N LEU A 521 55.39 37.12 -34.82
CA LEU A 521 55.58 36.31 -33.61
C LEU A 521 57.00 36.35 -33.08
N LYS A 522 58.01 36.24 -33.94
CA LYS A 522 59.40 36.32 -33.48
C LYS A 522 59.69 37.70 -32.91
N VAL A 523 59.07 38.74 -33.48
CA VAL A 523 59.11 40.07 -32.85
C VAL A 523 58.43 40.00 -31.49
N SER A 524 57.27 39.35 -31.42
CA SER A 524 56.51 39.18 -30.18
C SER A 524 57.23 38.20 -29.25
N GLU A 648 62.96 54.74 -5.69
CA GLU A 648 63.52 54.42 -7.03
C GLU A 648 63.18 55.52 -8.04
N PRO A 649 61.89 55.82 -8.31
CA PRO A 649 61.59 56.84 -9.31
C PRO A 649 62.17 58.21 -8.97
N LEU A 650 62.21 58.57 -7.68
CA LEU A 650 62.76 59.87 -7.25
C LEU A 650 64.28 59.87 -7.35
N GLY A 651 64.92 58.79 -6.89
CA GLY A 651 66.37 58.64 -7.05
C GLY A 651 66.78 58.59 -8.51
N GLN A 652 65.96 57.99 -9.38
CA GLN A 652 66.26 58.01 -10.81
C GLN A 652 66.00 59.39 -11.40
N LEU A 653 64.96 60.09 -10.96
CA LEU A 653 64.70 61.45 -11.48
C LEU A 653 65.83 62.38 -11.10
N THR A 654 66.42 62.19 -9.92
CA THR A 654 67.62 62.95 -9.56
C THR A 654 68.75 62.66 -10.54
N ALA A 655 68.78 61.46 -11.12
CA ALA A 655 69.95 61.05 -11.92
C ALA A 655 70.04 61.95 -13.14
N ALA A 656 69.02 61.89 -14.00
CA ALA A 656 69.00 62.67 -15.24
C ALA A 656 68.77 64.15 -14.95
N LEU A 657 68.21 64.50 -13.78
CA LEU A 657 68.23 65.91 -13.34
C LEU A 657 69.67 66.41 -13.18
N GLY A 658 70.49 65.65 -12.46
CA GLY A 658 71.91 65.96 -12.34
C GLY A 658 72.60 65.96 -13.68
N GLU A 659 72.21 65.04 -14.56
CA GLU A 659 72.79 64.98 -15.91
C GLU A 659 72.41 66.23 -16.72
N LEU A 660 71.22 66.78 -16.53
CA LEU A 660 70.87 68.03 -17.25
C LEU A 660 71.64 69.20 -16.65
N ARG A 661 71.83 69.22 -15.34
CA ARG A 661 72.70 70.22 -14.71
C ARG A 661 74.12 70.15 -15.31
N ALA A 662 74.62 68.93 -15.52
CA ALA A 662 75.94 68.74 -16.15
C ALA A 662 75.92 69.20 -17.60
N SER A 663 74.86 68.89 -18.35
CA SER A 663 74.79 69.27 -19.77
C SER A 663 74.63 70.77 -19.95
N MET A 664 74.11 71.48 -18.95
CA MET A 664 73.84 72.92 -19.08
C MET A 664 75.10 73.77 -19.12
N THR A 665 76.29 73.18 -18.96
CA THR A 665 77.56 73.89 -19.21
C THR A 665 77.54 74.58 -20.57
N ASP A 666 77.00 73.91 -21.58
CA ASP A 666 76.92 74.46 -22.94
C ASP A 666 75.52 74.23 -23.49
N PRO A 667 74.61 75.20 -23.36
CA PRO A 667 73.26 75.06 -23.91
C PRO A 667 73.17 75.29 -25.42
N SER A 668 74.29 75.49 -26.11
CA SER A 668 74.31 75.75 -27.57
C SER A 668 74.26 74.46 -28.37
N GLN A 669 74.40 73.31 -27.71
CA GLN A 669 74.44 72.00 -28.40
C GLN A 669 73.07 71.69 -28.96
N ARG A 670 72.05 71.67 -28.08
CA ARG A 670 70.65 71.33 -28.39
C ARG A 670 70.47 69.84 -28.68
N ASP A 671 71.54 69.15 -29.09
CA ASP A 671 71.42 67.76 -29.54
C ASP A 671 71.40 66.82 -28.33
N VAL A 672 72.23 67.11 -27.34
CA VAL A 672 72.27 66.32 -26.09
C VAL A 672 71.11 66.76 -25.19
N ILE A 673 70.69 68.02 -25.29
CA ILE A 673 69.65 68.55 -24.41
C ILE A 673 68.29 68.00 -24.83
N SER A 674 68.03 67.92 -26.13
CA SER A 674 66.80 67.27 -26.63
C SER A 674 66.70 65.83 -26.12
N ALA A 675 67.80 65.09 -26.18
CA ALA A 675 67.81 63.69 -25.72
C ALA A 675 67.57 63.63 -24.21
N GLN A 676 68.28 64.45 -23.44
CA GLN A 676 68.14 64.42 -21.97
C GLN A 676 66.72 64.84 -21.56
N VAL A 677 66.16 65.83 -22.24
CA VAL A 677 64.82 66.33 -21.89
C VAL A 677 63.78 65.25 -22.22
N ALA A 678 63.88 64.62 -23.39
CA ALA A 678 62.97 63.52 -23.74
C ALA A 678 63.10 62.38 -22.73
N VAL A 679 64.32 62.07 -22.30
CA VAL A 679 64.55 61.05 -21.24
C VAL A 679 63.80 61.46 -19.97
N ILE A 680 64.00 62.69 -19.53
CA ILE A 680 63.36 63.19 -18.29
C ILE A 680 61.84 63.10 -18.43
N SER A 681 61.29 63.51 -19.57
CA SER A 681 59.84 63.47 -19.78
C SER A 681 59.33 62.03 -19.68
N GLU A 682 59.96 61.11 -20.41
CA GLU A 682 59.50 59.71 -20.45
C GLU A 682 59.71 59.03 -19.10
N ARG A 683 60.57 59.59 -18.24
CA ARG A 683 60.69 59.11 -16.86
C ARG A 683 59.64 59.75 -15.95
N LEU A 684 59.25 61.01 -16.24
CA LEU A 684 58.14 61.66 -15.51
C LEU A 684 56.85 60.86 -15.65
N ARG A 685 56.65 60.21 -16.79
CA ARG A 685 55.48 59.35 -17.00
C ARG A 685 55.38 58.29 -15.90
N ALA A 686 56.52 57.77 -15.45
CA ALA A 686 56.58 56.70 -14.45
C ALA A 686 56.01 57.15 -13.09
N VAL A 687 56.38 58.34 -12.62
CA VAL A 687 55.93 58.81 -11.28
C VAL A 687 54.43 59.12 -11.27
N LEU A 688 53.85 59.67 -12.34
CA LEU A 688 52.39 59.88 -12.29
C LEU A 688 51.66 58.54 -12.29
N GLY A 689 52.22 57.52 -12.93
CA GLY A 689 51.54 56.23 -13.05
C GLY A 689 50.73 56.04 -14.32
N HIS A 690 51.29 55.33 -15.30
CA HIS A 690 50.69 55.02 -16.62
C HIS A 690 51.77 54.57 -17.59
N GLU A 712 48.59 67.34 -1.88
CA GLU A 712 49.03 65.95 -1.66
C GLU A 712 50.54 66.00 -1.37
N PRO A 713 51.07 65.06 -0.57
CA PRO A 713 52.51 65.09 -0.24
C PRO A 713 53.42 64.67 -1.39
N ARG A 714 53.08 63.58 -2.08
CA ARG A 714 53.93 63.06 -3.18
C ARG A 714 53.96 64.05 -4.35
N GLU A 715 52.81 64.55 -4.78
CA GLU A 715 52.78 65.55 -5.87
C GLU A 715 53.50 66.84 -5.45
N HIS A 716 53.39 67.21 -4.17
CA HIS A 716 54.16 68.37 -3.65
C HIS A 716 55.66 68.11 -3.78
N MET A 717 56.11 66.92 -3.40
CA MET A 717 57.55 66.57 -3.51
C MET A 717 58.00 66.60 -4.97
N ALA A 718 57.20 66.04 -5.88
CA ALA A 718 57.55 65.96 -7.32
C ALA A 718 57.63 67.37 -7.91
N VAL A 719 56.64 68.21 -7.61
CA VAL A 719 56.64 69.59 -8.16
C VAL A 719 57.81 70.38 -7.57
N ASP A 720 58.09 70.20 -6.27
CA ASP A 720 59.24 70.89 -5.65
C ASP A 720 60.54 70.47 -6.33
N LEU A 721 60.73 69.17 -6.61
CA LEU A 721 61.94 68.72 -7.32
C LEU A 721 62.00 69.40 -8.69
N LEU A 722 60.91 69.38 -9.44
CA LEU A 722 60.87 70.00 -10.78
C LEU A 722 61.26 71.48 -10.69
N LEU A 723 60.62 72.22 -9.78
CA LEU A 723 60.85 73.67 -9.66
C LEU A 723 62.29 73.97 -9.25
N THR A 724 62.79 73.31 -8.21
CA THR A 724 64.16 73.57 -7.72
C THR A 724 65.18 73.21 -8.81
N SER A 725 64.97 72.10 -9.51
CA SER A 725 65.82 71.72 -10.65
C SER A 725 65.81 72.80 -11.72
N PHE A 726 64.66 73.40 -12.00
CA PHE A 726 64.60 74.48 -13.00
C PHE A 726 65.29 75.74 -12.46
N CYS A 727 65.21 75.99 -11.16
CA CYS A 727 65.92 77.13 -10.57
C CYS A 727 67.42 76.95 -10.74
N GLN A 728 67.93 75.73 -10.55
CA GLN A 728 69.37 75.49 -10.72
C GLN A 728 69.76 75.48 -12.20
N ASN A 729 68.88 75.00 -13.08
CA ASN A 729 69.10 75.14 -14.54
C ASN A 729 69.25 76.60 -14.92
N LEU A 730 68.36 77.46 -14.42
CA LEU A 730 68.43 78.89 -14.78
C LEU A 730 69.64 79.55 -14.10
N MET A 731 69.99 79.09 -12.90
CA MET A 731 71.21 79.58 -12.21
C MET A 731 72.45 79.28 -13.04
N ALA A 732 72.59 78.05 -13.52
CA ALA A 732 73.70 77.70 -14.42
C ALA A 732 73.65 78.52 -15.72
N ALA A 733 72.47 78.79 -16.27
CA ALA A 733 72.40 79.57 -17.51
C ALA A 733 72.85 81.03 -17.29
N SER A 734 72.39 81.66 -16.20
CA SER A 734 72.84 83.00 -15.82
C SER A 734 74.32 83.00 -15.39
N SER A 735 74.77 81.90 -14.80
CA SER A 735 76.19 81.66 -14.48
C SER A 735 77.08 81.63 -15.73
N VAL A 736 76.58 81.23 -16.89
CA VAL A 736 77.46 81.19 -18.07
C VAL A 736 77.16 82.30 -19.07
N ALA A 737 75.94 82.40 -19.63
CA ALA A 737 76.07 83.12 -20.91
C ALA A 737 74.86 83.79 -21.56
N PRO A 738 75.13 84.56 -22.63
CA PRO A 738 74.08 85.26 -23.40
C PRO A 738 72.84 84.41 -23.65
N PRO A 739 71.72 84.73 -23.00
CA PRO A 739 70.55 83.85 -22.97
C PRO A 739 69.71 83.94 -24.23
N GLU A 740 69.81 85.04 -24.98
CA GLU A 740 69.17 85.14 -26.30
C GLU A 740 69.83 84.13 -27.25
N ARG A 741 71.11 83.82 -26.99
CA ARG A 741 71.93 82.91 -27.80
C ARG A 741 71.96 81.51 -27.17
N GLN A 742 71.53 81.39 -25.91
CA GLN A 742 71.46 80.14 -25.14
C GLN A 742 70.66 79.06 -25.88
N GLY A 743 69.39 79.33 -26.15
CA GLY A 743 68.54 78.40 -26.88
C GLY A 743 67.31 77.94 -26.11
N PRO A 744 66.45 77.13 -26.76
CA PRO A 744 65.17 76.73 -26.17
C PRO A 744 65.19 75.53 -25.23
N TRP A 745 66.17 75.46 -24.33
CA TRP A 745 66.22 74.37 -23.33
C TRP A 745 65.01 74.48 -22.40
N ALA A 746 64.61 75.70 -22.06
CA ALA A 746 63.42 75.95 -21.23
C ALA A 746 62.15 75.56 -21.97
N ALA A 747 62.09 75.79 -23.28
CA ALA A 747 60.92 75.36 -24.07
C ALA A 747 60.79 73.83 -24.04
N LEU A 748 61.89 73.12 -24.23
CA LEU A 748 61.83 71.65 -24.16
C LEU A 748 61.50 71.20 -22.73
N PHE A 749 61.95 71.95 -21.72
CA PHE A 749 61.58 71.65 -20.33
C PHE A 749 60.08 71.81 -20.10
N VAL A 750 59.48 72.91 -20.57
CA VAL A 750 58.02 73.09 -20.41
C VAL A 750 57.28 72.00 -21.18
N ARG A 751 57.87 71.51 -22.28
CA ARG A 751 57.31 70.35 -22.99
C ARG A 751 57.34 69.08 -22.12
N THR A 752 58.05 69.10 -21.00
CA THR A 752 57.96 68.06 -19.96
C THR A 752 56.80 68.32 -18.99
N MET A 753 56.44 69.58 -18.76
CA MET A 753 55.35 69.94 -17.84
C MET A 753 53.95 69.81 -18.43
N CYS A 754 53.82 69.49 -19.72
CA CYS A 754 52.54 69.54 -20.46
C CYS A 754 51.40 68.78 -19.77
N GLY A 755 50.26 68.69 -20.47
CA GLY A 755 48.99 68.18 -19.98
C GLY A 755 49.03 67.17 -18.84
N ARG A 756 48.22 67.45 -17.82
CA ARG A 756 48.00 66.56 -16.66
C ARG A 756 49.25 66.51 -15.78
N VAL A 757 50.20 67.40 -16.02
CA VAL A 757 51.19 67.72 -14.97
C VAL A 757 51.06 69.21 -14.62
N LEU A 758 50.73 70.02 -15.61
CA LEU A 758 50.45 71.47 -15.56
C LEU A 758 49.65 71.88 -14.31
N PRO A 759 48.43 71.35 -14.07
CA PRO A 759 47.58 71.92 -13.01
C PRO A 759 48.12 71.76 -11.59
N ALA A 760 48.77 70.64 -11.27
CA ALA A 760 49.38 70.48 -9.95
C ALA A 760 50.55 71.45 -9.78
N VAL A 761 51.28 71.71 -10.86
CA VAL A 761 52.33 72.73 -10.86
C VAL A 761 51.72 74.11 -10.58
N LEU A 762 50.59 74.41 -11.22
CA LEU A 762 49.91 75.70 -10.99
C LEU A 762 49.46 75.81 -9.53
N THR A 763 48.90 74.74 -8.96
CA THR A 763 48.48 74.75 -7.54
C THR A 763 49.67 75.03 -6.63
N ARG A 764 50.81 74.39 -6.90
CA ARG A 764 51.99 74.60 -6.05
C ARG A 764 52.53 76.02 -6.23
N LEU A 765 52.57 76.52 -7.47
CA LEU A 765 53.12 77.86 -7.73
C LEU A 765 52.22 78.94 -7.10
N CYS A 766 50.90 78.73 -7.12
CA CYS A 766 49.97 79.59 -6.37
C CYS A 766 50.26 79.53 -4.88
N GLN A 767 50.37 78.33 -4.31
CA GLN A 767 50.70 78.16 -2.89
C GLN A 767 52.03 78.87 -2.57
N LEU A 768 52.95 78.89 -3.54
CA LEU A 768 54.27 79.51 -3.36
C LEU A 768 54.16 81.03 -3.39
N LEU A 769 53.66 81.58 -4.49
CA LEU A 769 53.77 83.02 -4.76
C LEU A 769 52.73 83.85 -3.99
N ARG A 770 51.56 83.31 -3.68
CA ARG A 770 50.63 84.08 -2.83
C ARG A 770 50.74 83.81 -1.32
N HIS A 771 50.48 82.58 -0.89
CA HIS A 771 50.59 82.23 0.54
C HIS A 771 52.03 82.29 1.06
N GLN A 772 53.03 82.28 0.18
CA GLN A 772 54.44 82.35 0.60
C GLN A 772 55.26 83.25 -0.34
N GLY A 773 54.72 84.41 -0.71
CA GLY A 773 55.39 85.33 -1.64
C GLY A 773 56.72 85.86 -1.14
N PRO A 774 56.73 86.70 -0.09
CA PRO A 774 57.90 87.55 0.16
C PRO A 774 59.17 86.77 0.52
N SER A 775 59.01 85.59 1.10
CA SER A 775 60.15 84.74 1.49
C SER A 775 60.98 84.34 0.28
N LEU A 776 60.35 84.14 -0.88
CA LEU A 776 61.01 83.62 -2.08
C LEU A 776 62.14 84.58 -2.49
N SER A 777 63.37 84.10 -2.39
CA SER A 777 64.58 84.92 -2.55
C SER A 777 64.94 85.06 -4.03
N ALA A 778 65.87 85.97 -4.30
CA ALA A 778 66.16 86.47 -5.65
C ALA A 778 66.28 85.36 -6.68
N PRO A 779 67.13 84.33 -6.51
CA PRO A 779 67.27 83.32 -7.58
C PRO A 779 66.03 82.44 -7.73
N HIS A 780 65.37 82.09 -6.62
CA HIS A 780 64.06 81.42 -6.68
C HIS A 780 63.08 82.27 -7.49
N VAL A 781 63.07 83.58 -7.25
CA VAL A 781 62.12 84.50 -7.91
C VAL A 781 62.39 84.53 -9.42
N LEU A 782 63.65 84.73 -9.82
CA LEU A 782 63.97 84.73 -11.25
C LEU A 782 63.64 83.37 -11.88
N GLY A 783 63.82 82.27 -11.16
CA GLY A 783 63.45 80.97 -11.73
C GLY A 783 61.95 80.84 -11.98
N LEU A 784 61.13 81.20 -10.99
CA LEU A 784 59.66 81.14 -11.17
C LEU A 784 59.21 82.11 -12.28
N ALA A 785 59.83 83.28 -12.37
CA ALA A 785 59.46 84.27 -13.39
C ALA A 785 59.77 83.74 -14.80
N ALA A 786 61.00 83.29 -15.02
CA ALA A 786 61.39 82.76 -16.35
C ALA A 786 60.54 81.54 -16.70
N LEU A 787 60.25 80.68 -15.73
CA LEU A 787 59.29 79.58 -15.94
C LEU A 787 57.96 80.13 -16.44
N ALA A 788 57.36 81.05 -15.67
CA ALA A 788 56.02 81.57 -15.99
C ALA A 788 55.97 82.24 -17.36
N VAL A 789 57.02 82.98 -17.77
CA VAL A 789 57.04 83.59 -19.11
C VAL A 789 57.10 82.49 -20.18
N HIS A 790 57.93 81.46 -19.97
CA HIS A 790 58.01 80.36 -20.95
C HIS A 790 56.66 79.65 -21.03
N LEU A 791 55.96 79.54 -19.90
CA LEU A 791 54.62 78.94 -19.83
C LEU A 791 53.62 79.79 -20.60
N GLY A 792 53.65 81.10 -20.40
CA GLY A 792 52.77 82.02 -21.14
C GLY A 792 53.04 82.02 -22.62
N GLU A 793 54.26 81.66 -23.04
CA GLU A 793 54.59 81.56 -24.47
C GLU A 793 53.84 80.41 -25.14
N SER A 794 54.00 79.20 -24.62
CA SER A 794 53.40 77.98 -25.20
C SER A 794 51.96 77.77 -24.72
N ARG A 795 51.38 78.79 -24.08
CA ARG A 795 49.96 78.83 -23.70
C ARG A 795 49.03 78.25 -24.78
N SER A 796 49.28 78.57 -26.06
CA SER A 796 48.33 78.33 -27.17
C SER A 796 47.80 76.89 -27.16
N ALA A 797 48.66 75.91 -26.85
CA ALA A 797 48.20 74.50 -26.81
C ALA A 797 47.63 74.11 -25.44
N LEU A 798 47.84 74.94 -24.42
CA LEU A 798 47.42 74.61 -23.06
C LEU A 798 45.93 74.87 -22.89
N PRO A 799 45.28 74.25 -21.90
CA PRO A 799 43.87 74.54 -21.63
C PRO A 799 43.70 75.84 -20.84
N GLU A 800 42.55 76.47 -21.05
CA GLU A 800 42.13 77.64 -20.24
C GLU A 800 41.82 77.16 -18.83
N VAL A 801 42.35 77.90 -17.85
CA VAL A 801 42.21 77.54 -16.42
C VAL A 801 41.70 78.78 -15.68
N ASP A 802 40.84 78.55 -14.70
CA ASP A 802 40.22 79.64 -13.92
C ASP A 802 40.24 79.27 -12.45
N VAL A 803 39.73 80.18 -11.63
CA VAL A 803 39.66 79.98 -10.18
C VAL A 803 38.30 79.38 -9.82
N PRO A 813 44.59 82.25 -19.30
CA PRO A 813 45.13 81.24 -18.39
C PRO A 813 46.24 81.80 -17.51
N VAL A 814 47.33 82.22 -18.16
CA VAL A 814 48.45 82.89 -17.49
C VAL A 814 48.05 84.31 -17.09
N PRO A 815 47.30 85.07 -17.91
CA PRO A 815 46.68 86.31 -17.40
C PRO A 815 45.91 86.15 -16.09
N ALA A 816 45.02 85.17 -16.00
CA ALA A 816 44.27 84.91 -14.75
C ALA A 816 45.24 84.42 -13.67
N LEU A 817 46.26 83.67 -14.05
CA LEU A 817 47.24 83.13 -13.09
C LEU A 817 47.93 84.30 -12.39
N PHE A 818 48.44 85.25 -13.15
CA PHE A 818 49.24 86.35 -12.59
C PHE A 818 48.35 87.35 -11.88
N ASP A 819 47.16 87.62 -12.41
CA ASP A 819 46.27 88.60 -11.77
C ASP A 819 45.73 88.07 -10.44
N SER A 820 45.51 86.76 -10.34
CA SER A 820 45.26 86.12 -9.04
C SER A 820 46.48 86.24 -8.12
N LEU A 821 47.66 85.84 -8.59
CA LEU A 821 48.88 85.82 -7.76
C LEU A 821 49.16 87.15 -7.03
N LEU A 822 48.85 88.28 -7.68
CA LEU A 822 49.36 89.56 -7.17
C LEU A 822 48.46 90.10 -6.06
N THR A 823 49.04 90.21 -4.87
CA THR A 823 48.36 90.75 -3.69
C THR A 823 48.45 92.28 -3.68
N CYS A 824 47.58 92.88 -2.88
CA CYS A 824 47.23 94.31 -2.86
C CYS A 824 48.12 95.16 -1.94
N ARG A 825 48.21 94.80 -0.66
CA ARG A 825 48.42 95.77 0.44
C ARG A 825 49.89 95.91 0.83
N THR A 826 50.48 94.82 1.34
CA THR A 826 51.74 94.90 2.10
C THR A 826 52.90 95.33 1.19
N ARG A 827 53.88 95.98 1.81
CA ARG A 827 55.03 96.58 1.12
C ARG A 827 56.12 95.56 0.80
N ASP A 828 56.32 94.55 1.64
CA ASP A 828 57.18 93.43 1.22
C ASP A 828 56.63 92.84 -0.09
N SER A 829 55.31 92.76 -0.21
CA SER A 829 54.69 92.30 -1.47
C SER A 829 54.82 93.36 -2.56
N LEU A 830 54.84 94.65 -2.20
CA LEU A 830 55.13 95.69 -3.19
C LEU A 830 56.52 95.47 -3.80
N PHE A 831 57.53 95.33 -2.96
CA PHE A 831 58.90 95.03 -3.42
C PHE A 831 58.88 93.75 -4.26
N PHE A 832 58.12 92.77 -3.80
CA PHE A 832 58.01 91.49 -4.52
C PHE A 832 57.44 91.71 -5.92
N CYS A 833 56.32 92.41 -6.02
CA CYS A 833 55.72 92.70 -7.33
C CYS A 833 56.68 93.47 -8.22
N LEU A 834 57.46 94.40 -7.63
CA LEU A 834 58.41 95.16 -8.45
C LEU A 834 59.47 94.22 -9.02
N LYS A 835 60.15 93.48 -8.15
CA LYS A 835 61.24 92.59 -8.60
C LYS A 835 60.70 91.57 -9.60
N PHE A 836 59.50 91.04 -9.31
CA PHE A 836 58.91 89.99 -10.14
C PHE A 836 58.59 90.53 -11.54
N CYS A 837 57.88 91.66 -11.62
CA CYS A 837 57.54 92.26 -12.92
C CYS A 837 58.80 92.65 -13.68
N THR A 838 59.80 93.24 -13.00
CA THR A 838 61.01 93.69 -13.70
C THR A 838 61.74 92.47 -14.29
N ALA A 839 61.99 91.44 -13.48
CA ALA A 839 62.70 90.25 -13.96
C ALA A 839 61.92 89.62 -15.12
N ALA A 840 60.61 89.43 -14.96
CA ALA A 840 59.77 88.83 -16.00
C ALA A 840 59.88 89.62 -17.30
N ILE A 841 59.65 90.94 -17.24
CA ILE A 841 59.64 91.78 -18.45
C ILE A 841 61.02 91.78 -19.08
N SER A 842 62.07 91.99 -18.29
CA SER A 842 63.44 92.09 -18.84
C SER A 842 63.84 90.77 -19.51
N TYR A 843 63.47 89.63 -18.93
CA TYR A 843 63.81 88.35 -19.55
C TYR A 843 62.99 88.14 -20.83
N SER A 844 61.71 88.53 -20.82
CA SER A 844 60.88 88.50 -22.04
C SER A 844 61.53 89.36 -23.13
N LEU A 845 61.99 90.56 -22.76
CA LEU A 845 62.66 91.48 -23.70
C LEU A 845 63.91 90.81 -24.26
N CYS A 846 64.69 90.13 -23.41
CA CYS A 846 65.87 89.39 -23.88
C CYS A 846 65.45 88.30 -24.87
N LYS A 847 64.42 87.53 -24.54
CA LYS A 847 63.94 86.43 -25.37
C LYS A 847 63.44 86.93 -26.73
N PHE A 848 62.64 87.99 -26.73
CA PHE A 848 61.97 88.49 -27.94
C PHE A 848 62.71 89.68 -28.57
N SER A 849 63.94 89.96 -28.14
CA SER A 849 64.84 90.85 -28.90
C SER A 849 65.29 90.20 -30.21
N SER A 850 65.30 88.87 -30.27
CA SER A 850 65.58 88.15 -31.53
C SER A 850 64.43 88.32 -32.51
N GLN A 851 63.19 88.29 -32.02
CA GLN A 851 62.00 88.36 -32.88
C GLN A 851 61.52 89.81 -32.98
N SER A 852 61.48 90.33 -34.21
CA SER A 852 60.96 91.68 -34.50
C SER A 852 59.47 91.81 -34.18
N ARG A 853 58.75 90.70 -34.01
CA ARG A 853 57.32 90.77 -33.68
C ARG A 853 57.13 91.49 -32.35
N ASP A 854 56.07 92.29 -32.23
CA ASP A 854 55.59 92.81 -30.94
C ASP A 854 54.61 91.81 -30.34
N THR A 855 55.12 90.60 -30.09
CA THR A 855 54.40 89.52 -29.41
C THR A 855 54.55 89.64 -27.89
N LEU A 856 55.34 90.60 -27.40
CA LEU A 856 55.54 90.79 -25.95
C LEU A 856 54.20 91.04 -25.25
N CYS A 857 53.37 91.94 -25.78
CA CYS A 857 52.07 92.24 -25.18
C CYS A 857 51.16 91.01 -25.15
N SER A 858 51.34 90.06 -26.07
CA SER A 858 50.55 88.83 -26.10
C SER A 858 51.10 87.79 -25.13
N CYS A 859 52.38 87.43 -25.25
CA CYS A 859 52.99 86.41 -24.37
C CYS A 859 52.82 86.81 -22.90
N LEU A 860 53.37 87.96 -22.53
CA LEU A 860 53.10 88.52 -21.19
C LEU A 860 51.67 89.04 -21.14
N SER A 861 51.17 89.21 -19.92
CA SER A 861 49.88 89.89 -19.79
C SER A 861 50.08 91.41 -19.86
N PRO A 862 49.00 92.17 -20.07
CA PRO A 862 49.07 93.63 -19.86
C PRO A 862 49.12 94.02 -18.39
N GLY A 863 48.36 93.35 -17.53
CA GLY A 863 48.18 93.81 -16.14
C GLY A 863 49.49 93.88 -15.37
N LEU A 864 50.38 92.92 -15.57
CA LEU A 864 51.72 92.99 -14.97
C LEU A 864 52.42 94.30 -15.38
N ILE A 865 52.35 94.65 -16.66
CA ILE A 865 53.06 95.84 -17.17
C ILE A 865 52.39 97.09 -16.61
N LYS A 866 51.07 97.06 -16.47
CA LYS A 866 50.33 98.21 -15.93
C LYS A 866 50.68 98.40 -14.46
N LYS A 867 50.81 97.31 -13.72
CA LYS A 867 51.21 97.37 -12.31
C LYS A 867 52.64 97.88 -12.19
N PHE A 868 53.51 97.48 -13.11
CA PHE A 868 54.90 97.96 -13.13
C PHE A 868 54.91 99.47 -13.36
N GLN A 869 54.20 99.93 -14.39
CA GLN A 869 54.06 101.37 -14.67
C GLN A 869 53.54 102.09 -13.43
N PHE A 870 52.52 101.52 -12.78
CA PHE A 870 51.87 102.10 -11.60
C PHE A 870 52.88 102.27 -10.46
N LEU A 871 53.69 101.24 -10.21
CA LEU A 871 54.65 101.31 -9.10
C LEU A 871 55.81 102.23 -9.46
N MET A 872 56.20 102.27 -10.73
CA MET A 872 57.21 103.24 -11.18
C MET A 872 56.73 104.66 -10.89
N PHE A 873 55.47 104.96 -11.23
CA PHE A 873 54.91 106.29 -10.96
C PHE A 873 54.81 106.54 -9.45
N ARG A 874 54.42 105.53 -8.68
CA ARG A 874 54.18 105.76 -7.25
C ARG A 874 55.50 106.04 -6.53
N LEU A 875 56.53 105.25 -6.82
CA LEU A 875 57.78 105.27 -6.04
C LEU A 875 58.79 106.22 -6.69
N PHE A 876 59.01 106.10 -7.99
CA PHE A 876 60.11 106.78 -8.69
C PHE A 876 59.60 108.09 -9.27
N SER A 877 60.07 109.20 -8.71
CA SER A 877 59.81 110.55 -9.28
C SER A 877 60.44 110.63 -10.68
N GLU A 878 61.62 110.04 -10.86
CA GLU A 878 62.27 110.01 -12.19
C GLU A 878 61.48 109.13 -13.16
N ALA A 879 60.36 108.56 -12.73
CA ALA A 879 59.42 107.89 -13.64
C ALA A 879 58.21 108.76 -13.94
N ARG A 880 57.79 109.61 -12.99
CA ARG A 880 56.69 110.55 -13.26
C ARG A 880 57.12 111.69 -14.17
N GLN A 881 58.41 111.89 -14.39
CA GLN A 881 58.90 113.07 -15.13
C GLN A 881 59.66 112.58 -16.36
N PRO A 882 59.03 111.83 -17.28
CA PRO A 882 59.79 111.21 -18.36
C PRO A 882 60.13 112.22 -19.46
N LEU A 883 60.88 111.77 -20.46
CA LEU A 883 61.43 112.60 -21.54
C LEU A 883 62.01 113.91 -20.98
N HIS A 897 67.00 106.41 -1.88
CA HIS A 897 65.84 106.42 -0.98
C HIS A 897 65.47 104.99 -0.57
N LEU A 898 64.98 104.21 -1.53
CA LEU A 898 64.25 102.97 -1.23
C LEU A 898 65.25 101.82 -1.14
N PRO A 899 64.81 100.58 -0.77
CA PRO A 899 65.74 99.44 -0.71
C PRO A 899 66.47 99.17 -2.01
N SER A 900 67.39 98.21 -1.97
CA SER A 900 68.67 98.17 -2.72
C SER A 900 68.62 98.93 -4.05
N ALA A 901 69.61 99.82 -4.23
CA ALA A 901 69.84 100.63 -5.43
C ALA A 901 69.94 99.74 -6.67
N ASP A 902 70.26 98.46 -6.49
CA ASP A 902 70.32 97.50 -7.60
C ASP A 902 68.94 97.32 -8.24
N TRP A 903 67.90 97.13 -7.44
CA TRP A 903 66.54 97.02 -8.00
C TRP A 903 66.15 98.31 -8.71
N GLN A 904 66.52 99.45 -8.13
CA GLN A 904 66.23 100.76 -8.74
C GLN A 904 66.91 100.87 -10.10
N ARG A 905 68.20 100.55 -10.18
CA ARG A 905 68.95 100.61 -11.45
C ARG A 905 68.38 99.61 -12.46
N ALA A 906 67.93 98.44 -12.00
CA ALA A 906 67.27 97.48 -12.90
C ALA A 906 66.00 98.10 -13.50
N ALA A 907 65.18 98.72 -12.64
CA ALA A 907 63.93 99.38 -13.08
C ALA A 907 64.24 100.51 -14.07
N LEU A 908 65.24 101.32 -13.76
CA LEU A 908 65.61 102.44 -14.65
C LEU A 908 66.12 101.91 -15.99
N SER A 909 66.99 100.88 -15.97
CA SER A 909 67.52 100.29 -17.20
C SER A 909 66.39 99.79 -18.07
N LEU A 910 65.41 99.10 -17.47
CA LEU A 910 64.26 98.61 -18.23
C LEU A 910 63.42 99.78 -18.74
N TRP A 911 63.23 100.81 -17.91
CA TRP A 911 62.39 101.97 -18.25
C TRP A 911 62.96 102.71 -19.47
N THR A 912 64.25 102.99 -19.47
CA THR A 912 64.89 103.78 -20.54
C THR A 912 65.02 102.98 -21.84
N HIS A 913 65.19 101.66 -21.74
CA HIS A 913 65.46 100.77 -22.88
C HIS A 913 64.42 100.98 -23.98
N ARG A 914 64.86 100.92 -25.23
CA ARG A 914 64.05 101.35 -26.39
C ARG A 914 62.82 100.47 -26.54
N THR A 915 63.02 99.17 -26.72
CA THR A 915 61.90 98.26 -27.08
C THR A 915 60.79 98.36 -26.03
N PHE A 916 61.14 98.66 -24.78
CA PHE A 916 60.15 99.01 -23.75
C PHE A 916 59.27 100.18 -24.25
N ARG A 917 59.91 101.24 -24.75
CA ARG A 917 59.20 102.44 -25.18
C ARG A 917 58.33 102.13 -26.41
N GLU A 918 58.89 101.42 -27.39
CA GLU A 918 58.12 101.07 -28.59
C GLU A 918 56.96 100.12 -28.25
N VAL A 919 57.10 99.29 -27.22
CA VAL A 919 55.98 98.43 -26.80
C VAL A 919 54.89 99.32 -26.17
N LEU A 920 55.31 100.33 -25.41
CA LEU A 920 54.43 101.20 -24.61
C LEU A 920 53.39 101.92 -25.47
N LYS A 921 53.57 101.93 -26.80
CA LYS A 921 52.86 102.82 -27.73
C LYS A 921 51.49 102.27 -28.11
N GLU A 922 51.39 100.99 -28.48
CA GLU A 922 50.13 100.44 -29.01
C GLU A 922 49.34 100.16 -27.75
N GLU A 923 48.01 100.17 -27.81
CA GLU A 923 47.26 100.60 -26.62
C GLU A 923 46.20 99.60 -26.15
N ASP A 924 46.62 98.70 -25.29
CA ASP A 924 45.78 98.23 -24.17
C ASP A 924 46.60 98.24 -22.89
N VAL A 925 47.93 98.15 -23.02
CA VAL A 925 48.87 98.24 -21.89
C VAL A 925 48.91 99.63 -21.26
N HIS A 926 48.26 100.64 -21.84
CA HIS A 926 48.45 102.05 -21.48
C HIS A 926 47.73 102.47 -20.19
N LEU A 927 47.39 101.55 -19.29
CA LEU A 927 46.94 101.95 -17.94
C LEU A 927 45.74 102.87 -18.03
N THR A 928 44.58 102.33 -18.34
CA THR A 928 43.35 103.13 -18.30
C THR A 928 43.19 103.72 -16.90
N TYR A 929 42.60 104.91 -16.85
CA TYR A 929 42.32 105.63 -15.59
C TYR A 929 41.62 104.70 -14.59
N GLN A 930 40.66 103.92 -15.04
CA GLN A 930 39.97 102.97 -14.15
C GLN A 930 40.93 101.92 -13.62
N ASP A 931 41.88 101.44 -14.42
CA ASP A 931 42.81 100.39 -13.94
C ASP A 931 43.74 100.96 -12.88
N TRP A 932 44.32 102.13 -13.16
CA TRP A 932 45.05 102.88 -12.14
C TRP A 932 44.23 102.98 -10.86
N LEU A 933 42.95 103.33 -10.99
CA LEU A 933 42.10 103.50 -9.81
C LEU A 933 41.98 102.17 -9.06
N HIS A 934 41.69 101.10 -9.79
CA HIS A 934 41.59 99.74 -9.21
C HIS A 934 42.83 99.38 -8.42
N LEU A 935 44.01 99.71 -8.93
CA LEU A 935 45.26 99.31 -8.26
C LEU A 935 45.53 100.19 -7.05
N GLU A 936 45.34 101.49 -7.18
CA GLU A 936 45.56 102.41 -6.04
C GLU A 936 44.53 102.15 -4.95
N LEU A 937 43.36 101.60 -5.30
CA LEU A 937 42.36 101.20 -4.31
C LEU A 937 42.74 99.87 -3.67
N GLU A 938 43.35 98.98 -4.44
CA GLU A 938 43.79 97.68 -3.89
C GLU A 938 44.74 97.86 -2.72
N ILE A 939 45.66 98.82 -2.80
CA ILE A 939 46.59 99.09 -1.68
C ILE A 939 45.85 99.74 -0.50
N GLN A 940 46.52 99.78 0.63
CA GLN A 940 45.94 99.97 1.98
C GLN A 940 46.43 101.27 2.59
N PRO A 941 45.85 101.70 3.73
CA PRO A 941 46.49 102.74 4.54
C PRO A 941 47.49 102.22 5.57
N GLU A 942 47.85 100.94 5.51
CA GLU A 942 48.59 100.31 6.63
C GLU A 942 50.04 100.13 6.22
N ALA A 943 50.28 99.34 5.16
CA ALA A 943 51.60 99.26 4.54
C ALA A 943 51.65 100.30 3.41
N ASP A 944 52.32 101.42 3.67
CA ASP A 944 52.31 102.55 2.74
C ASP A 944 53.73 102.77 2.23
N ALA A 945 53.97 102.46 0.95
CA ALA A 945 55.31 102.55 0.38
C ALA A 945 55.78 104.00 0.39
N LEU A 946 54.85 104.93 0.39
CA LEU A 946 55.11 106.37 0.41
C LEU A 946 54.87 106.79 1.86
N SER A 947 55.53 107.84 2.32
CA SER A 947 55.04 108.38 3.60
C SER A 947 53.63 108.99 3.53
N ASP A 948 53.54 110.27 3.20
CA ASP A 948 52.22 110.90 3.12
C ASP A 948 52.22 112.01 2.06
N THR A 949 53.30 112.78 2.04
CA THR A 949 53.50 113.85 1.06
C THR A 949 53.61 113.24 -0.34
N GLU A 950 54.39 112.17 -0.42
CA GLU A 950 54.56 111.42 -1.67
C GLU A 950 53.23 110.85 -2.14
N ARG A 951 52.38 110.42 -1.21
CA ARG A 951 51.06 109.86 -1.57
C ARG A 951 50.21 110.93 -2.26
N GLN A 952 50.12 112.11 -1.65
CA GLN A 952 49.33 113.21 -2.22
C GLN A 952 49.96 113.68 -3.54
N ASP A 953 51.29 113.71 -3.62
CA ASP A 953 51.97 114.11 -4.86
C ASP A 953 51.65 113.11 -5.98
N PHE A 954 51.70 111.83 -5.67
CA PHE A 954 51.37 110.78 -6.63
C PHE A 954 49.93 110.94 -7.10
N HIS A 955 49.01 111.08 -6.15
CA HIS A 955 47.59 111.29 -6.43
C HIS A 955 47.40 112.47 -7.39
N GLN A 956 47.97 113.62 -7.06
CA GLN A 956 47.80 114.82 -7.89
C GLN A 956 48.47 114.63 -9.25
N TRP A 957 49.60 113.94 -9.29
CA TRP A 957 50.26 113.68 -10.59
C TRP A 957 49.35 112.82 -11.46
N ALA A 958 48.83 111.73 -10.91
CA ALA A 958 48.00 110.82 -11.70
C ALA A 958 46.74 111.54 -12.18
N ILE A 959 46.06 112.26 -11.29
CA ILE A 959 44.79 112.94 -11.65
C ILE A 959 45.06 114.03 -12.68
N HIS A 960 46.11 114.82 -12.50
CA HIS A 960 46.43 115.95 -13.39
C HIS A 960 47.29 115.52 -14.58
N GLU A 961 47.58 114.22 -14.69
CA GLU A 961 48.12 113.62 -15.92
C GLU A 961 47.06 112.85 -16.69
N HIS A 962 45.97 112.44 -16.04
CA HIS A 962 44.85 111.77 -16.73
C HIS A 962 43.83 112.75 -17.29
N PHE A 963 43.68 113.92 -16.67
CA PHE A 963 42.87 115.02 -17.24
C PHE A 963 43.30 115.36 -18.66
N LEU A 964 44.61 115.46 -18.88
CA LEU A 964 45.13 116.07 -20.12
C LEU A 964 44.83 115.21 -21.35
N PRO A 965 45.22 113.93 -21.43
CA PRO A 965 45.00 113.17 -22.66
C PRO A 965 43.51 112.98 -22.91
N GLU A 966 43.16 112.82 -24.17
CA GLU A 966 41.76 112.62 -24.59
C GLU A 966 41.23 111.31 -24.00
N SER A 967 39.93 111.07 -24.17
CA SER A 967 39.32 109.80 -23.75
C SER A 967 39.64 108.67 -24.72
N SER A 968 40.20 108.97 -25.89
CA SER A 968 40.38 107.95 -26.94
C SER A 968 41.73 107.26 -26.78
N ALA A 969 42.82 108.04 -26.84
CA ALA A 969 44.19 107.50 -26.76
C ALA A 969 44.37 106.72 -25.47
N SER A 970 44.27 107.38 -24.32
CA SER A 970 44.06 106.70 -23.03
C SER A 970 42.61 106.86 -22.57
N GLY A 971 42.13 105.85 -21.86
CA GLY A 971 40.80 105.77 -21.24
C GLY A 971 40.43 106.91 -20.31
N GLY A 972 41.40 107.36 -19.52
CA GLY A 972 41.40 108.64 -18.84
C GLY A 972 40.55 109.80 -19.31
N CYS A 973 39.74 110.24 -18.35
CA CYS A 973 38.83 111.38 -18.43
C CYS A 973 39.52 112.65 -18.93
N ASP A 974 38.82 113.39 -19.77
CA ASP A 974 39.30 114.65 -20.33
C ASP A 974 39.19 115.73 -19.26
N GLY A 975 39.32 117.00 -19.63
CA GLY A 975 39.25 118.07 -18.63
C GLY A 975 37.95 118.08 -17.85
N ASP A 976 36.93 117.37 -18.33
CA ASP A 976 35.65 117.27 -17.62
C ASP A 976 35.87 116.65 -16.24
N LEU A 977 35.62 117.44 -15.20
CA LEU A 977 35.55 116.92 -13.83
C LEU A 977 34.40 115.92 -13.67
N GLN A 978 33.33 116.07 -14.46
CA GLN A 978 32.21 115.12 -14.42
C GLN A 978 32.71 113.70 -14.72
N ALA A 979 33.49 113.54 -15.78
CA ALA A 979 33.96 112.21 -16.19
C ALA A 979 34.91 111.63 -15.14
N ALA A 980 35.79 112.46 -14.59
CA ALA A 980 36.72 112.02 -13.54
C ALA A 980 35.93 111.52 -12.33
N CYS A 981 35.03 112.33 -11.79
CA CYS A 981 34.25 111.93 -10.60
C CYS A 981 33.39 110.70 -10.90
N THR A 982 32.86 110.62 -12.12
CA THR A 982 32.11 109.44 -12.57
C THR A 982 32.97 108.19 -12.44
N ILE A 983 34.11 108.17 -13.13
CA ILE A 983 34.96 106.97 -13.15
C ILE A 983 35.44 106.67 -11.72
N LEU A 984 35.70 107.70 -10.93
CA LEU A 984 36.18 107.51 -9.55
C LEU A 984 35.13 106.77 -8.73
N VAL A 985 33.89 107.26 -8.73
CA VAL A 985 32.83 106.59 -7.96
C VAL A 985 32.59 105.20 -8.53
N ASN A 986 32.64 105.04 -9.85
CA ASN A 986 32.43 103.71 -10.46
C ASN A 986 33.46 102.69 -9.99
N ALA A 987 34.74 103.09 -9.94
CA ALA A 987 35.80 102.17 -9.51
C ALA A 987 35.72 101.94 -8.00
N LEU A 988 35.25 102.94 -7.25
CA LEU A 988 34.98 102.75 -5.82
C LEU A 988 33.89 101.70 -5.64
N MET A 989 32.83 101.80 -6.44
CA MET A 989 31.71 100.85 -6.35
C MET A 989 32.22 99.43 -6.64
N ASP A 990 32.91 99.26 -7.77
CA ASP A 990 33.36 97.93 -8.20
C ASP A 990 34.31 97.33 -7.17
N PHE A 991 35.23 98.13 -6.64
CA PHE A 991 36.18 97.63 -5.63
C PHE A 991 35.42 97.23 -4.36
N HIS A 992 34.51 98.08 -3.89
CA HIS A 992 33.86 97.84 -2.60
C HIS A 992 32.92 96.64 -2.71
N GLN A 993 32.15 96.57 -3.79
CA GLN A 993 31.22 95.46 -4.05
C GLN A 993 31.84 94.37 -4.91
N SER A 994 33.16 94.16 -4.83
CA SER A 994 33.78 92.97 -5.44
C SER A 994 34.59 92.18 -4.41
N SER A 995 35.39 92.87 -3.60
CA SER A 995 36.36 92.17 -2.74
C SER A 995 35.82 92.02 -1.31
N ARG A 996 36.64 91.45 -0.44
CA ARG A 996 36.33 91.19 0.99
C ARG A 996 35.29 90.09 1.11
N THR A 1012 39.52 98.89 4.70
CA THR A 1012 39.55 100.36 4.51
C THR A 1012 40.10 100.72 3.14
N GLY A 1013 41.42 100.74 3.03
CA GLY A 1013 42.12 101.11 1.80
C GLY A 1013 42.31 102.60 1.59
N ASN A 1014 41.28 103.30 1.10
CA ASN A 1014 41.51 104.63 0.48
C ASN A 1014 40.83 105.73 1.29
N GLU A 1015 41.47 106.09 2.40
CA GLU A 1015 41.25 107.37 3.07
C GLU A 1015 42.02 108.50 2.38
N ASP A 1016 42.56 108.24 1.19
CA ASP A 1016 43.07 109.30 0.29
C ASP A 1016 42.12 109.54 -0.89
N ILE A 1017 41.57 108.49 -1.49
CA ILE A 1017 40.68 108.70 -2.65
C ILE A 1017 39.43 109.47 -2.24
N ILE A 1018 38.93 109.23 -1.03
CA ILE A 1018 37.78 110.01 -0.55
C ILE A 1018 38.20 111.47 -0.40
N SER A 1019 39.45 111.70 -0.02
CA SER A 1019 39.97 113.07 0.05
C SER A 1019 40.05 113.68 -1.35
N ARG A 1020 40.39 112.88 -2.36
CA ARG A 1020 40.41 113.35 -3.75
C ARG A 1020 38.99 113.74 -4.18
N LEU A 1021 38.01 112.99 -3.69
CA LEU A 1021 36.59 113.32 -3.94
C LEU A 1021 36.27 114.68 -3.34
N GLN A 1022 36.66 114.92 -2.08
CA GLN A 1022 36.41 116.22 -1.44
C GLN A 1022 36.95 117.35 -2.34
N GLU A 1023 38.17 117.15 -2.83
CA GLU A 1023 38.82 118.11 -3.73
C GLU A 1023 37.94 118.38 -4.94
N MET A 1024 37.56 117.32 -5.65
CA MET A 1024 36.84 117.49 -6.91
C MET A 1024 35.44 118.06 -6.67
N VAL A 1025 34.81 117.74 -5.55
CA VAL A 1025 33.45 118.23 -5.27
C VAL A 1025 33.50 119.72 -4.94
N ALA A 1026 34.44 120.14 -4.10
CA ALA A 1026 34.58 121.58 -3.82
C ALA A 1026 34.94 122.34 -5.11
N ASP A 1027 35.74 121.74 -5.99
CA ASP A 1027 36.05 122.36 -7.29
C ASP A 1027 34.77 122.56 -8.11
N LEU A 1028 33.96 121.52 -8.23
CA LEU A 1028 32.72 121.64 -9.01
C LEU A 1028 31.71 122.57 -8.34
N GLU A 1029 31.75 122.65 -7.01
CA GLU A 1029 30.84 123.54 -6.24
C GLU A 1029 31.05 124.98 -6.72
N LEU A 1030 32.30 125.45 -6.70
CA LEU A 1030 32.65 126.83 -7.15
C LEU A 1030 32.29 126.98 -8.63
N GLN A 1031 32.56 125.95 -9.45
CA GLN A 1031 32.25 125.99 -10.90
C GLN A 1031 30.74 126.13 -11.08
N GLN A 1032 29.95 125.36 -10.32
CA GLN A 1032 28.46 125.42 -10.43
C GLN A 1032 27.98 126.82 -10.00
N ASP A 1033 28.60 127.39 -8.96
CA ASP A 1033 28.25 128.76 -8.47
C ASP A 1033 28.50 129.78 -9.59
N LEU A 1034 29.61 129.63 -10.32
CA LEU A 1034 29.94 130.52 -11.46
C LEU A 1034 28.78 130.53 -12.48
N SER A 1043 20.95 126.34 -9.99
CA SER A 1043 19.81 126.00 -10.89
C SER A 1043 19.87 124.55 -11.42
N GLN A 1044 21.03 124.18 -11.95
CA GLN A 1044 21.20 122.85 -12.55
C GLN A 1044 21.35 121.79 -11.46
N GLU A 1045 21.09 120.55 -11.84
CA GLU A 1045 21.14 119.41 -10.94
C GLU A 1045 22.51 118.75 -10.98
N HIS A 1046 22.84 118.03 -9.91
CA HIS A 1046 24.15 117.41 -9.75
C HIS A 1046 24.19 116.07 -10.48
N PHE A 1047 25.34 115.74 -11.07
CA PHE A 1047 25.49 114.51 -11.86
C PHE A 1047 25.52 113.29 -10.96
N LEU A 1048 25.92 113.45 -9.70
CA LEU A 1048 26.09 112.31 -8.79
C LEU A 1048 24.77 111.54 -8.67
N PHE A 1049 23.66 112.24 -8.46
CA PHE A 1049 22.38 111.56 -8.28
C PHE A 1049 21.98 110.81 -9.54
N GLU A 1050 22.39 111.31 -10.70
CA GLU A 1050 22.16 110.60 -11.97
C GLU A 1050 22.99 109.33 -12.01
N ILE A 1051 24.25 109.40 -11.56
CA ILE A 1051 25.09 108.20 -11.47
C ILE A 1051 24.42 107.18 -10.55
N PHE A 1052 23.92 107.65 -9.41
CA PHE A 1052 23.27 106.77 -8.43
C PHE A 1052 22.06 106.09 -9.06
N ARG A 1053 21.27 106.89 -9.78
CA ARG A 1053 20.11 106.38 -10.53
C ARG A 1053 20.55 105.32 -11.53
N ARG A 1054 21.64 105.58 -12.26
CA ARG A 1054 22.11 104.68 -13.33
C ARG A 1054 22.51 103.34 -12.72
N ARG A 1055 23.24 103.37 -11.61
CA ARG A 1055 23.69 102.13 -10.97
C ARG A 1055 22.51 101.38 -10.37
N LEU A 1056 21.54 102.10 -9.81
CA LEU A 1056 20.34 101.44 -9.26
C LEU A 1056 19.51 100.80 -10.37
N GLN A 1057 19.47 101.42 -11.56
CA GLN A 1057 18.79 100.81 -12.70
C GLN A 1057 19.55 99.56 -13.15
N ALA A 1058 20.86 99.68 -13.32
CA ALA A 1058 21.70 98.58 -13.81
C ALA A 1058 21.88 97.48 -12.77
N LEU A 1059 21.38 97.66 -11.54
CA LEU A 1059 21.24 96.49 -10.67
C LEU A 1059 20.23 95.52 -11.28
N THR A 1060 20.30 94.26 -10.87
CA THR A 1060 19.27 93.26 -11.17
C THR A 1060 17.92 93.72 -10.61
N SER A 1061 16.90 93.68 -11.45
CA SER A 1061 15.53 94.06 -11.05
C SER A 1061 14.89 92.99 -10.18
N GLY A 1062 15.49 91.81 -10.06
CA GLY A 1062 14.89 90.67 -9.37
C GLY A 1062 14.56 90.91 -7.91
N TRP A 1063 13.67 90.07 -7.36
CA TRP A 1063 13.30 90.14 -5.94
C TRP A 1063 14.10 89.17 -5.07
N SER A 1064 15.00 88.38 -5.65
CA SER A 1064 15.85 87.46 -4.88
C SER A 1064 16.52 88.20 -3.73
N VAL A 1065 16.61 87.55 -2.57
CA VAL A 1065 17.17 88.18 -1.36
C VAL A 1065 18.61 88.61 -1.64
N ALA A 1066 19.29 87.90 -2.54
CA ALA A 1066 20.61 88.33 -3.06
C ALA A 1066 20.52 89.75 -3.61
N ALA A 1067 19.51 90.02 -4.44
CA ALA A 1067 19.33 91.35 -5.03
C ALA A 1067 18.99 92.38 -3.95
N SER A 1068 18.11 92.04 -3.02
CA SER A 1068 17.73 92.98 -1.94
C SER A 1068 18.95 93.34 -1.09
N LEU A 1069 19.76 92.34 -0.73
CA LEU A 1069 20.98 92.62 0.07
C LEU A 1069 21.98 93.44 -0.75
N GLN A 1070 22.15 93.13 -2.04
CA GLN A 1070 23.08 93.88 -2.90
C GLN A 1070 22.64 95.34 -2.98
N ARG A 1071 21.33 95.57 -3.16
CA ARG A 1071 20.78 96.93 -3.19
C ARG A 1071 21.01 97.64 -1.85
N GLN A 1072 20.82 96.91 -0.74
CA GLN A 1072 21.04 97.49 0.60
C GLN A 1072 22.50 97.89 0.77
N ARG A 1073 23.42 96.99 0.43
CA ARG A 1073 24.87 97.27 0.46
C ARG A 1073 25.17 98.52 -0.37
N GLU A 1074 24.56 98.63 -1.55
CA GLU A 1074 24.86 99.76 -2.44
C GLU A 1074 24.29 101.07 -1.89
N LEU A 1075 23.16 101.00 -1.19
CA LEU A 1075 22.57 102.23 -0.65
C LEU A 1075 23.25 102.69 0.62
N LEU A 1076 23.75 101.76 1.45
CA LEU A 1076 24.57 102.21 2.60
C LEU A 1076 25.89 102.80 2.10
N MET A 1077 26.46 102.28 1.01
CA MET A 1077 27.65 102.91 0.42
C MET A 1077 27.34 104.32 -0.10
N TYR A 1078 26.16 104.50 -0.71
CA TYR A 1078 25.76 105.84 -1.17
C TYR A 1078 25.59 106.77 0.02
N LYS A 1079 24.97 106.29 1.09
CA LYS A 1079 24.85 107.08 2.32
C LYS A 1079 26.23 107.49 2.83
N ARG A 1080 27.16 106.56 2.85
CA ARG A 1080 28.52 106.83 3.37
C ARG A 1080 29.19 107.92 2.53
N ILE A 1081 29.15 107.77 1.21
CA ILE A 1081 29.77 108.76 0.30
C ILE A 1081 29.11 110.13 0.45
N LEU A 1082 27.78 110.18 0.57
CA LEU A 1082 27.11 111.49 0.69
C LEU A 1082 27.47 112.14 2.02
N LEU A 1083 27.65 111.34 3.07
CA LEU A 1083 28.00 111.89 4.39
C LEU A 1083 29.45 112.37 4.37
N ARG A 1084 30.29 111.78 3.52
CA ARG A 1084 31.66 112.27 3.39
C ARG A 1084 31.68 113.63 2.68
N LEU A 1085 31.11 113.75 1.49
CA LEU A 1085 31.07 115.06 0.84
C LEU A 1085 30.23 116.04 1.65
N PRO A 1086 30.42 117.35 1.43
CA PRO A 1086 29.71 118.36 2.22
C PRO A 1086 28.21 118.32 1.96
N SER A 1087 27.49 118.96 2.87
CA SER A 1087 26.03 119.05 2.82
C SER A 1087 25.55 120.05 1.79
N SER A 1088 26.45 120.76 1.12
CA SER A 1088 26.09 121.68 0.02
C SER A 1088 25.68 120.93 -1.24
N VAL A 1089 26.04 119.65 -1.36
CA VAL A 1089 25.73 118.89 -2.58
C VAL A 1089 24.24 118.55 -2.61
N LEU A 1090 23.65 118.34 -1.42
CA LEU A 1090 22.24 117.98 -1.33
C LEU A 1090 21.35 119.19 -1.65
N CYS A 1091 21.40 120.21 -0.81
CA CYS A 1091 20.46 121.33 -0.89
C CYS A 1091 20.92 122.40 -1.88
N GLY A 1092 22.06 122.21 -2.53
CA GLY A 1092 22.73 123.32 -3.19
C GLY A 1092 23.20 124.34 -2.17
N SER A 1093 23.31 125.58 -2.64
CA SER A 1093 23.61 126.74 -1.77
C SER A 1093 22.98 127.96 -2.39
N SER A 1094 22.50 128.88 -1.56
CA SER A 1094 22.03 130.20 -2.00
C SER A 1094 20.84 130.10 -2.96
N PHE A 1095 19.67 129.72 -2.44
CA PHE A 1095 18.41 129.82 -3.20
C PHE A 1095 18.15 131.30 -3.43
N GLN A 1096 18.30 131.74 -4.68
CA GLN A 1096 18.39 133.18 -4.99
C GLN A 1096 17.03 133.83 -4.81
N ALA A 1097 16.04 133.37 -5.55
CA ALA A 1097 14.69 133.94 -5.56
C ALA A 1097 13.67 132.82 -5.44
N GLU A 1098 12.40 133.19 -5.42
CA GLU A 1098 11.32 132.23 -5.12
C GLU A 1098 11.07 131.30 -6.30
N GLN A 1099 11.17 131.80 -7.51
CA GLN A 1099 10.94 131.00 -8.73
C GLN A 1099 12.08 130.00 -8.88
N PRO A 1100 13.38 130.43 -8.95
CA PRO A 1100 14.45 129.44 -8.91
C PRO A 1100 14.65 128.87 -7.50
N ILE A 1101 13.80 127.92 -7.14
CA ILE A 1101 13.86 127.22 -5.84
C ILE A 1101 13.72 125.73 -6.10
N THR A 1102 14.22 124.93 -5.16
CA THR A 1102 14.05 123.47 -5.18
C THR A 1102 14.75 122.88 -6.41
N ALA A 1103 16.02 123.21 -6.56
CA ALA A 1103 16.88 122.64 -7.62
C ALA A 1103 17.86 121.69 -6.95
N ARG A 1104 17.92 120.44 -7.42
CA ARG A 1104 18.67 119.33 -6.81
C ARG A 1104 17.97 118.78 -5.58
N CYS A 1105 17.12 119.58 -4.94
CA CYS A 1105 16.33 119.12 -3.78
C CYS A 1105 15.33 118.04 -4.21
N GLU A 1106 14.62 118.28 -5.31
CA GLU A 1106 13.67 117.29 -5.87
C GLU A 1106 14.39 116.02 -6.29
N GLN A 1107 15.61 116.15 -6.82
CA GLN A 1107 16.45 114.98 -7.12
C GLN A 1107 16.71 114.16 -5.86
N PHE A 1108 17.10 114.85 -4.79
CA PHE A 1108 17.36 114.17 -3.52
C PHE A 1108 16.07 113.53 -2.99
N PHE A 1109 14.96 114.25 -3.07
CA PHE A 1109 13.70 113.72 -2.51
C PHE A 1109 13.28 112.48 -3.27
N HIS A 1110 13.45 112.51 -4.60
CA HIS A 1110 13.19 111.34 -5.46
C HIS A 1110 14.03 110.16 -4.99
N LEU A 1111 15.31 110.42 -4.69
CA LEU A 1111 16.22 109.34 -4.26
C LEU A 1111 15.80 108.82 -2.88
N VAL A 1112 15.44 109.72 -1.97
CA VAL A 1112 15.00 109.35 -0.60
C VAL A 1112 13.71 108.53 -0.67
N ASN A 1113 12.84 108.85 -1.61
CA ASN A 1113 11.53 108.18 -1.71
C ASN A 1113 11.72 106.82 -2.37
N SER A 1114 12.38 106.78 -3.51
CA SER A 1114 12.50 105.53 -4.29
C SER A 1114 13.27 104.49 -3.48
N GLU A 1115 14.34 104.90 -2.80
CA GLU A 1115 15.40 103.96 -2.39
C GLU A 1115 15.64 103.96 -0.87
N MET A 1116 15.89 105.12 -0.26
CA MET A 1116 16.38 105.14 1.13
C MET A 1116 15.32 104.63 2.12
N ARG A 1117 14.04 104.83 1.81
CA ARG A 1117 12.98 104.36 2.73
C ARG A 1117 12.99 102.85 2.85
N ASN A 1118 13.42 102.15 1.81
CA ASN A 1118 13.50 100.68 1.85
C ASN A 1118 14.58 100.25 2.84
N PHE A 1119 15.81 100.68 2.62
CA PHE A 1119 16.99 100.11 3.26
C PHE A 1119 17.56 100.99 4.36
N CYS A 1120 17.90 102.24 4.04
CA CYS A 1120 18.47 103.20 5.02
C CYS A 1120 17.38 103.83 5.88
N SER A 1121 16.63 103.00 6.59
CA SER A 1121 15.47 103.41 7.39
C SER A 1121 15.31 102.43 8.55
N HIS A 1122 14.64 102.87 9.60
CA HIS A 1122 14.23 101.99 10.71
C HIS A 1122 13.13 102.69 11.50
N GLY A 1123 11.98 102.05 11.64
CA GLY A 1123 10.85 102.63 12.36
C GLY A 1123 10.14 103.65 11.52
N GLY A 1124 10.14 103.47 10.20
CA GLY A 1124 9.60 104.48 9.27
C GLY A 1124 10.29 105.82 9.45
N ALA A 1125 11.59 105.81 9.72
CA ALA A 1125 12.39 107.03 9.88
C ALA A 1125 13.78 106.80 9.31
N LEU A 1126 14.46 107.88 8.95
CA LEU A 1126 15.80 107.80 8.34
C LEU A 1126 16.85 107.65 9.44
N THR A 1127 18.10 107.71 9.03
CA THR A 1127 19.23 107.64 9.97
C THR A 1127 19.67 109.04 10.38
N GLN A 1128 20.10 109.14 11.63
CA GLN A 1128 20.56 110.41 12.23
C GLN A 1128 21.57 111.10 11.31
N ASP A 1129 22.43 110.30 10.68
CA ASP A 1129 23.52 110.82 9.84
C ASP A 1129 22.97 111.75 8.76
N ILE A 1130 22.21 111.20 7.82
CA ILE A 1130 21.81 111.96 6.62
C ILE A 1130 20.79 113.02 7.02
N THR A 1131 20.00 112.77 8.05
CA THR A 1131 19.07 113.78 8.55
C THR A 1131 19.84 115.04 8.95
N ALA A 1132 20.86 114.88 9.79
CA ALA A 1132 21.62 116.05 10.25
C ALA A 1132 22.37 116.69 9.08
N HIS A 1133 22.99 115.86 8.23
CA HIS A 1133 23.68 116.37 7.03
C HIS A 1133 22.73 117.24 6.20
N PHE A 1134 21.52 116.74 5.97
CA PHE A 1134 20.49 117.44 5.21
C PHE A 1134 20.15 118.77 5.90
N PHE A 1135 19.63 118.70 7.13
CA PHE A 1135 19.16 119.91 7.83
C PHE A 1135 20.27 120.95 7.95
N ARG A 1136 21.52 120.50 8.04
CA ARG A 1136 22.66 121.42 8.10
C ARG A 1136 22.85 122.13 6.75
N GLY A 1137 22.81 121.40 5.64
CA GLY A 1137 22.85 122.04 4.33
C GLY A 1137 21.67 122.98 4.10
N LEU A 1138 20.52 122.65 4.68
CA LEU A 1138 19.34 123.52 4.56
C LEU A 1138 19.57 124.84 5.30
N LEU A 1139 19.91 124.75 6.58
CA LEU A 1139 20.12 125.96 7.38
C LEU A 1139 21.25 126.79 6.78
N ASN A 1140 22.27 126.11 6.23
CA ASN A 1140 23.41 126.78 5.60
C ASN A 1140 22.94 127.61 4.41
N ALA A 1141 22.23 126.96 3.48
CA ALA A 1141 21.80 127.65 2.26
C ALA A 1141 20.80 128.76 2.61
N CYS A 1142 19.89 128.50 3.56
CA CYS A 1142 18.83 129.47 3.88
C CYS A 1142 19.44 130.72 4.51
N LEU A 1143 20.32 130.58 5.50
CA LEU A 1143 20.97 131.78 6.08
C LEU A 1143 21.88 132.44 5.04
N ARG A 1144 22.45 131.66 4.13
CA ARG A 1144 23.24 132.25 3.03
C ARG A 1144 22.31 133.03 2.10
N SER A 1145 21.07 132.58 1.98
CA SER A 1145 20.07 133.27 1.15
C SER A 1145 19.34 134.33 1.99
N ARG A 1146 18.64 135.20 1.27
CA ARG A 1146 17.83 136.27 1.88
C ARG A 1146 16.44 135.75 2.21
N ASP A 1147 15.75 136.43 3.12
CA ASP A 1147 14.43 136.02 3.62
C ASP A 1147 14.49 134.59 4.14
N PRO A 1148 15.41 134.29 5.08
CA PRO A 1148 15.71 132.88 5.41
C PRO A 1148 14.58 132.15 6.13
N SER A 1149 13.94 132.80 7.10
CA SER A 1149 12.83 132.17 7.85
C SER A 1149 11.68 131.76 6.93
N LEU A 1150 11.32 132.62 5.97
CA LEU A 1150 10.18 132.32 5.09
C LEU A 1150 10.55 131.20 4.11
N MET A 1151 11.79 131.18 3.64
CA MET A 1151 12.24 130.14 2.69
C MET A 1151 12.35 128.79 3.40
N VAL A 1152 12.87 128.77 4.62
CA VAL A 1152 12.85 127.54 5.44
C VAL A 1152 11.42 127.02 5.52
N ASP A 1153 10.48 127.87 5.94
CA ASP A 1153 9.08 127.45 6.08
C ASP A 1153 8.55 126.94 4.74
N PHE A 1154 8.97 127.56 3.64
CA PHE A 1154 8.54 127.15 2.30
C PHE A 1154 9.04 125.74 1.98
N ILE A 1155 10.34 125.51 2.18
CA ILE A 1155 10.94 124.21 1.83
C ILE A 1155 10.37 123.12 2.73
N LEU A 1156 10.20 123.40 4.02
CA LEU A 1156 9.65 122.40 4.94
C LEU A 1156 8.14 122.23 4.80
N ALA A 1157 7.45 123.15 4.11
CA ALA A 1157 6.06 122.90 3.72
C ALA A 1157 6.02 122.00 2.49
N LYS A 1158 6.92 122.23 1.53
CA LYS A 1158 6.95 121.39 0.32
C LYS A 1158 7.43 119.98 0.65
N CYS A 1159 8.22 119.82 1.70
CA CYS A 1159 8.66 118.48 2.14
C CYS A 1159 7.46 117.64 2.57
N GLN A 1160 6.38 118.28 3.03
CA GLN A 1160 5.15 117.54 3.36
C GLN A 1160 4.57 116.86 2.13
N THR A 1161 4.90 117.37 0.94
CA THR A 1161 4.30 116.96 -0.33
C THR A 1161 5.26 116.12 -1.16
N LYS A 1162 6.56 116.34 -1.03
CA LYS A 1162 7.57 115.69 -1.90
C LYS A 1162 8.36 114.64 -1.15
N CYS A 1163 8.70 114.86 0.12
CA CYS A 1163 9.54 113.94 0.91
C CYS A 1163 9.19 114.09 2.38
N PRO A 1164 8.09 113.45 2.83
CA PRO A 1164 7.66 113.60 4.22
C PRO A 1164 8.52 112.82 5.22
N LEU A 1165 9.27 111.85 4.74
CA LEU A 1165 10.12 111.01 5.59
C LEU A 1165 11.11 111.88 6.35
N ILE A 1166 11.59 112.93 5.69
CA ILE A 1166 12.50 113.89 6.33
C ILE A 1166 11.83 114.45 7.58
N LEU A 1167 10.61 114.92 7.47
CA LEU A 1167 9.95 115.48 8.66
C LEU A 1167 9.79 114.38 9.71
N THR A 1168 9.42 113.17 9.29
CA THR A 1168 9.28 112.06 10.25
C THR A 1168 10.62 111.76 10.88
N SER A 1169 11.70 111.98 10.12
CA SER A 1169 13.05 111.76 10.63
C SER A 1169 13.40 112.88 11.58
N ALA A 1170 13.11 114.11 11.19
CA ALA A 1170 13.32 115.24 12.09
C ALA A 1170 12.43 115.08 13.32
N LEU A 1171 11.36 114.30 13.22
CA LEU A 1171 10.61 113.97 14.45
C LEU A 1171 11.43 113.10 15.39
N VAL A 1172 12.16 112.12 14.85
CA VAL A 1172 12.92 111.19 15.70
C VAL A 1172 14.18 111.87 16.24
N TRP A 1173 14.95 112.51 15.36
CA TRP A 1173 16.28 113.04 15.66
C TRP A 1173 16.22 114.48 16.15
N TRP A 1174 15.14 114.86 16.82
CA TRP A 1174 14.96 116.27 17.21
C TRP A 1174 15.85 116.62 18.40
N PRO A 1175 15.89 115.84 19.50
CA PRO A 1175 16.79 116.19 20.61
C PRO A 1175 18.27 116.15 20.21
N SER A 1176 18.58 115.48 19.11
CA SER A 1176 19.88 115.57 18.44
C SER A 1176 20.08 116.92 17.74
N LEU A 1177 19.16 117.29 16.85
CA LEU A 1177 19.44 118.40 15.92
C LEU A 1177 19.30 119.75 16.61
N GLU A 1178 18.32 119.90 17.49
CA GLU A 1178 17.94 121.24 17.97
C GLU A 1178 19.11 122.02 18.57
N PRO A 1179 20.01 121.44 19.40
CA PRO A 1179 21.21 122.19 19.79
C PRO A 1179 22.07 122.69 18.63
N VAL A 1180 22.29 121.86 17.61
CA VAL A 1180 23.10 122.26 16.44
C VAL A 1180 22.43 123.43 15.71
N LEU A 1181 21.13 123.30 15.46
CA LEU A 1181 20.43 124.28 14.62
C LEU A 1181 20.24 125.60 15.36
N LEU A 1182 19.92 125.57 16.66
CA LEU A 1182 19.81 126.83 17.43
C LEU A 1182 21.11 127.61 17.40
N CYS A 1183 22.25 126.95 17.64
CA CYS A 1183 23.54 127.67 17.67
C CYS A 1183 23.89 128.18 16.27
N ARG A 1184 23.77 127.31 15.26
CA ARG A 1184 24.06 127.72 13.87
C ARG A 1184 23.16 128.87 13.44
N TRP A 1185 21.94 128.95 13.99
CA TRP A 1185 20.99 130.03 13.71
C TRP A 1185 21.44 131.32 14.40
N ARG A 1186 21.44 131.33 15.73
CA ARG A 1186 21.65 132.56 16.52
C ARG A 1186 22.94 133.26 16.12
N ARG A 1187 23.92 132.50 15.63
CA ARG A 1187 25.19 133.10 15.16
C ARG A 1187 24.92 134.13 14.05
N HIS A 1188 24.47 133.67 12.89
CA HIS A 1188 24.37 134.56 11.71
C HIS A 1188 23.19 135.51 11.86
N CYS A 1189 22.06 135.01 12.36
CA CYS A 1189 20.83 135.82 12.47
C CYS A 1189 20.23 135.67 13.86
N GLN A 1190 19.94 136.80 14.50
CA GLN A 1190 19.44 136.84 15.88
C GLN A 1190 17.95 136.54 15.94
N SER A 1191 17.30 136.40 14.78
CA SER A 1191 15.85 136.17 14.67
C SER A 1191 15.47 134.92 15.46
N PRO A 1192 14.19 134.74 15.80
CA PRO A 1192 13.74 133.47 16.36
C PRO A 1192 13.68 132.39 15.30
N LEU A 1193 13.47 131.16 15.76
CA LEU A 1193 13.39 130.01 14.85
C LEU A 1193 12.21 130.17 13.89
N PRO A 1194 12.40 129.79 12.61
CA PRO A 1194 11.27 129.72 11.67
C PRO A 1194 10.14 128.81 12.14
N ARG A 1195 8.97 129.03 11.55
CA ARG A 1195 7.70 128.51 12.06
C ARG A 1195 7.57 126.99 11.89
N GLU A 1196 8.15 126.41 10.83
CA GLU A 1196 8.02 124.96 10.59
C GLU A 1196 8.71 124.13 11.67
N LEU A 1197 9.89 124.54 12.12
CA LEU A 1197 10.58 123.81 13.20
C LEU A 1197 9.90 124.06 14.53
N GLN A 1198 9.31 125.25 14.72
CA GLN A 1198 8.45 125.49 15.88
C GLN A 1198 7.26 124.54 15.87
N LYS A 1199 6.70 124.22 14.70
CA LYS A 1199 5.57 123.27 14.64
C LYS A 1199 6.04 121.88 15.06
N LEU A 1200 7.26 121.49 14.67
CA LEU A 1200 7.84 120.21 15.10
C LEU A 1200 8.00 120.19 16.61
N GLN A 1201 8.56 121.26 17.19
CA GLN A 1201 8.65 121.37 18.66
C GLN A 1201 7.25 121.31 19.28
N GLU A 1202 6.25 121.89 18.65
CA GLU A 1202 4.89 121.89 19.21
C GLU A 1202 4.32 120.47 19.21
N GLY A 1203 4.53 119.75 18.11
CA GLY A 1203 4.16 118.33 18.05
C GLY A 1203 4.86 117.53 19.13
N ARG A 1204 6.14 117.81 19.38
CA ARG A 1204 6.90 117.12 20.44
C ARG A 1204 6.28 117.42 21.81
N GLN A 1205 5.97 118.69 22.07
CA GLN A 1205 5.33 119.07 23.34
C GLN A 1205 3.97 118.40 23.48
N PHE A 1206 3.22 118.30 22.38
CA PHE A 1206 1.89 117.66 22.42
C PHE A 1206 2.04 116.18 22.75
N ALA A 1207 2.97 115.50 22.08
CA ALA A 1207 3.28 114.09 22.37
C ALA A 1207 3.60 113.92 23.84
N SER A 1208 4.48 114.75 24.38
CA SER A 1208 4.90 114.65 25.78
C SER A 1208 3.74 114.96 26.73
N ASP A 1209 2.80 115.81 26.30
CA ASP A 1209 1.65 116.20 27.15
C ASP A 1209 0.60 115.09 27.16
N PHE A 1210 0.49 114.35 26.05
CA PHE A 1210 -0.34 113.14 26.03
C PHE A 1210 0.11 112.15 27.12
N LEU A 1211 1.42 111.85 27.18
CA LEU A 1211 1.96 110.84 28.10
C LEU A 1211 2.29 111.50 29.45
N SER A 1212 1.27 112.09 30.04
CA SER A 1212 1.37 112.85 31.30
C SER A 1212 -0.02 112.98 31.90
N PRO A 1213 -0.15 113.39 33.16
CA PRO A 1213 -1.47 113.77 33.68
C PRO A 1213 -2.12 114.82 32.78
N GLU A 1214 -3.40 114.60 32.48
CA GLU A 1214 -4.15 115.38 31.47
C GLU A 1214 -4.39 116.79 32.03
N ALA A 1215 -3.33 117.59 32.08
CA ALA A 1215 -3.44 119.00 32.49
C ALA A 1215 -4.04 119.85 31.36
N ALA A 1216 -3.58 119.65 30.12
CA ALA A 1216 -4.16 120.27 28.93
C ALA A 1216 -4.23 119.26 27.79
N SER A 1217 -4.92 119.63 26.71
CA SER A 1217 -5.15 118.77 25.54
C SER A 1217 -5.22 119.63 24.29
N PRO A 1218 -4.09 120.24 23.88
CA PRO A 1218 -4.12 121.16 22.73
C PRO A 1218 -4.19 120.37 21.42
N ALA A 1219 -4.98 120.86 20.48
CA ALA A 1219 -4.98 120.16 19.20
C ALA A 1219 -3.90 120.76 18.32
N PRO A 1220 -2.87 119.97 17.95
CA PRO A 1220 -1.89 120.45 16.99
C PRO A 1220 -2.22 120.13 15.54
N ASN A 1221 -1.60 120.91 14.66
CA ASN A 1221 -1.88 121.12 13.24
C ASN A 1221 -1.25 119.92 12.54
N PRO A 1222 -0.96 119.89 11.22
CA PRO A 1222 -1.17 118.69 10.40
C PRO A 1222 -1.00 117.37 11.16
N ASP A 1223 -2.08 116.60 11.11
CA ASP A 1223 -2.35 115.46 11.99
C ASP A 1223 -1.35 114.33 11.78
N TRP A 1224 -1.06 113.93 10.54
CA TRP A 1224 -0.16 112.79 10.35
C TRP A 1224 1.23 113.05 10.94
N LEU A 1225 1.70 114.32 10.96
CA LEU A 1225 3.05 114.55 11.53
C LEU A 1225 3.01 114.40 13.04
N SER A 1226 2.06 115.09 13.69
CA SER A 1226 1.88 114.99 15.15
C SER A 1226 1.47 113.57 15.56
N ALA A 1227 0.89 112.81 14.63
CA ALA A 1227 0.59 111.39 14.88
C ALA A 1227 1.87 110.58 14.89
N ALA A 1228 2.71 110.73 13.86
CA ALA A 1228 4.04 110.10 13.85
C ALA A 1228 4.76 110.41 15.16
N ALA A 1229 4.71 111.68 15.58
CA ALA A 1229 5.32 112.10 16.86
C ALA A 1229 4.72 111.35 18.04
N LEU A 1230 3.40 111.19 18.07
CA LEU A 1230 2.77 110.49 19.21
C LEU A 1230 3.13 109.01 19.17
N HIS A 1231 3.32 108.47 17.96
CA HIS A 1231 3.77 107.09 17.78
C HIS A 1231 5.17 106.92 18.36
N PHE A 1232 6.07 107.85 18.02
CA PHE A 1232 7.46 107.79 18.49
C PHE A 1232 7.52 108.01 20.00
N ALA A 1233 6.55 108.72 20.57
CA ALA A 1233 6.49 108.92 22.02
C ALA A 1233 5.95 107.66 22.71
N ILE A 1234 4.96 107.01 22.10
CA ILE A 1234 4.39 105.73 22.56
C ILE A 1234 5.43 104.61 22.48
N GLN A 1235 6.39 104.71 21.58
CA GLN A 1235 7.43 103.67 21.46
C GLN A 1235 8.27 103.52 22.74
N GLN A 1236 8.12 104.38 23.75
CA GLN A 1236 8.94 104.25 24.97
C GLN A 1236 8.09 104.21 26.24
N VAL A 1237 7.08 103.35 26.26
CA VAL A 1237 6.17 103.24 27.42
C VAL A 1237 6.11 101.77 27.84
N ARG A 1238 5.85 101.55 29.11
CA ARG A 1238 5.68 100.21 29.69
C ARG A 1238 4.30 99.62 29.36
N GLU A 1239 4.23 98.29 29.36
CA GLU A 1239 2.95 97.59 29.13
C GLU A 1239 1.92 97.93 30.20
N GLU A 1240 2.37 98.32 31.39
CA GLU A 1240 1.44 98.70 32.46
C GLU A 1240 0.63 99.93 32.07
N ASN A 1241 1.30 101.02 31.70
CA ASN A 1241 0.67 102.35 31.72
C ASN A 1241 -0.02 102.64 30.38
N ILE A 1242 0.06 101.71 29.43
CA ILE A 1242 -0.51 101.94 28.09
C ILE A 1242 -2.03 102.07 28.23
N ARG A 1243 -2.68 101.18 28.97
CA ARG A 1243 -4.13 101.27 29.18
C ARG A 1243 -4.47 102.58 29.91
N LYS A 1244 -3.72 102.88 30.96
CA LYS A 1244 -3.99 104.08 31.76
C LYS A 1244 -3.92 105.33 30.89
N GLN A 1245 -3.00 105.35 29.93
CA GLN A 1245 -2.83 106.51 29.04
C GLN A 1245 -3.90 106.50 27.94
N LEU A 1246 -3.91 105.46 27.12
CA LEU A 1246 -4.72 105.43 25.89
C LEU A 1246 -6.19 105.09 26.14
N LYS A 1247 -6.62 104.97 27.41
CA LYS A 1247 -8.05 105.20 27.72
C LYS A 1247 -8.42 106.66 27.64
N LYS A 1248 -7.45 107.57 27.64
CA LYS A 1248 -7.67 109.01 27.44
C LYS A 1248 -7.56 109.41 25.96
N LEU A 1249 -7.56 108.46 25.03
CA LEU A 1249 -7.49 108.74 23.59
C LEU A 1249 -8.88 108.70 22.93
N ASP A 1250 -9.94 108.46 23.70
CA ASP A 1250 -11.31 108.33 23.16
C ASP A 1250 -11.90 109.71 22.86
N CYS A 1251 -11.17 110.79 23.13
CA CYS A 1251 -11.64 112.17 22.89
C CYS A 1251 -10.74 112.88 21.90
N GLU A 1252 -10.22 112.14 20.91
CA GLU A 1252 -9.35 112.70 19.86
C GLU A 1252 -10.00 112.45 18.50
N ARG A 1253 -9.41 113.03 17.47
CA ARG A 1253 -10.09 113.21 16.17
C ARG A 1253 -9.63 112.19 15.15
N GLU A 1254 -10.33 112.16 14.03
CA GLU A 1254 -10.40 110.97 13.18
C GLU A 1254 -9.09 110.78 12.43
N GLU A 1255 -8.66 111.81 11.69
CA GLU A 1255 -7.45 111.70 10.84
C GLU A 1255 -6.24 111.39 11.73
N LEU A 1256 -6.13 112.09 12.86
CA LEU A 1256 -5.11 111.78 13.87
C LEU A 1256 -5.12 110.28 14.18
N LEU A 1257 -6.27 109.77 14.60
CA LEU A 1257 -6.41 108.36 15.04
C LEU A 1257 -5.99 107.41 13.93
N VAL A 1258 -6.38 107.68 12.68
CA VAL A 1258 -6.12 106.73 11.60
C VAL A 1258 -4.63 106.72 11.28
N PHE A 1259 -3.98 107.89 11.27
CA PHE A 1259 -2.53 107.94 11.03
C PHE A 1259 -1.77 107.25 12.16
N LEU A 1260 -2.17 107.50 13.42
CA LEU A 1260 -1.49 106.86 14.55
C LEU A 1260 -1.68 105.34 14.48
N PHE A 1261 -2.84 104.89 14.04
CA PHE A 1261 -3.11 103.45 13.87
C PHE A 1261 -2.18 102.88 12.80
N PHE A 1262 -2.03 103.60 11.68
CA PHE A 1262 -1.14 103.12 10.60
C PHE A 1262 0.29 103.04 11.09
N PHE A 1263 0.72 104.04 11.84
CA PHE A 1263 2.11 104.06 12.33
C PHE A 1263 2.34 102.97 13.36
N SER A 1264 1.36 102.69 14.22
CA SER A 1264 1.50 101.60 15.19
C SER A 1264 1.55 100.25 14.49
N LEU A 1265 0.77 100.07 13.43
CA LEU A 1265 0.85 98.82 12.64
C LEU A 1265 2.19 98.75 11.90
N MET A 1266 2.78 99.90 11.62
CA MET A 1266 4.13 99.91 11.03
C MET A 1266 5.18 99.55 12.08
N GLY A 1267 5.02 100.05 13.31
CA GLY A 1267 6.00 99.71 14.35
C GLY A 1267 5.88 98.23 14.71
N LEU A 1268 4.65 97.74 14.76
CA LEU A 1268 4.38 96.30 14.94
C LEU A 1268 5.09 95.48 13.88
N LEU A 1269 4.90 95.81 12.61
CA LEU A 1269 5.43 94.96 11.53
C LEU A 1269 6.95 95.17 11.39
N SER A 1270 7.48 96.28 11.88
CA SER A 1270 8.94 96.46 11.96
C SER A 1270 9.51 95.58 13.08
N SER A 1271 8.84 95.58 14.23
CA SER A 1271 9.27 94.80 15.41
C SER A 1271 9.25 93.30 15.11
N HIS A 1272 8.16 92.81 14.53
CA HIS A 1272 8.06 91.39 14.15
C HIS A 1272 9.13 91.03 13.12
N LEU A 1273 9.59 92.01 12.34
CA LEU A 1273 10.48 91.74 11.20
C LEU A 1273 11.93 91.82 11.64
N THR A 1274 12.26 92.81 12.48
CA THR A 1274 13.63 92.98 12.97
C THR A 1274 14.01 91.87 13.95
N SER A 1275 15.25 91.95 14.44
CA SER A 1275 15.75 91.13 15.56
C SER A 1275 14.84 91.26 16.78
N ASN A 1276 14.31 90.13 17.24
CA ASN A 1276 13.49 90.06 18.46
C ASN A 1276 14.35 90.24 19.73
N SER A 1277 15.65 90.49 19.57
CA SER A 1277 16.52 90.83 20.71
C SER A 1277 16.00 92.08 21.44
N THR A 1278 15.34 92.97 20.71
CA THR A 1278 14.67 94.13 21.32
C THR A 1278 13.53 93.68 22.23
N THR A 1279 12.72 92.72 21.78
CA THR A 1279 11.53 92.25 22.51
C THR A 1279 10.61 93.44 22.81
N ASP A 1280 10.16 94.08 21.74
CA ASP A 1280 9.10 95.10 21.77
C ASP A 1280 7.80 94.56 21.18
N LEU A 1281 7.74 93.26 20.88
CA LEU A 1281 6.58 92.69 20.19
C LEU A 1281 5.34 92.65 21.08
N PRO A 1282 5.42 92.23 22.36
CA PRO A 1282 4.29 92.48 23.26
C PRO A 1282 3.80 93.92 23.24
N LYS A 1283 4.70 94.90 23.26
CA LYS A 1283 4.26 96.31 23.25
C LYS A 1283 3.55 96.64 21.95
N ALA A 1284 4.14 96.28 20.81
CA ALA A 1284 3.55 96.57 19.51
C ALA A 1284 2.15 95.93 19.37
N PHE A 1285 2.02 94.65 19.67
CA PHE A 1285 0.71 93.99 19.56
C PHE A 1285 -0.30 94.60 20.53
N HIS A 1286 0.13 94.87 21.76
CA HIS A 1286 -0.75 95.48 22.76
C HIS A 1286 -1.27 96.84 22.27
N VAL A 1287 -0.39 97.67 21.73
CA VAL A 1287 -0.77 99.04 21.31
C VAL A 1287 -1.70 98.96 20.10
N CYS A 1288 -1.33 98.18 19.08
CA CYS A 1288 -2.17 98.03 17.89
C CYS A 1288 -3.57 97.55 18.28
N ALA A 1289 -3.65 96.55 19.16
CA ALA A 1289 -4.95 96.04 19.65
C ALA A 1289 -5.75 97.15 20.32
N ALA A 1290 -5.15 97.86 21.27
CA ALA A 1290 -5.85 98.92 22.01
C ALA A 1290 -6.27 100.06 21.08
N ILE A 1291 -5.52 100.31 20.00
CA ILE A 1291 -5.92 101.34 19.04
C ILE A 1291 -7.16 100.86 18.29
N LEU A 1292 -7.16 99.61 17.83
CA LEU A 1292 -8.35 99.14 17.11
C LEU A 1292 -9.55 99.20 18.06
N GLU A 1293 -9.34 98.78 19.31
CA GLU A 1293 -10.39 98.77 20.35
C GLU A 1293 -11.02 100.16 20.48
N CYS A 1294 -10.19 101.21 20.49
CA CYS A 1294 -10.69 102.59 20.62
C CYS A 1294 -11.30 103.07 19.30
N LEU A 1295 -10.73 102.64 18.19
CA LEU A 1295 -11.31 102.80 16.85
C LEU A 1295 -12.71 102.21 16.77
N GLU A 1296 -13.06 101.27 17.65
CA GLU A 1296 -14.40 100.65 17.61
C GLU A 1296 -15.41 101.42 18.47
N LYS A 1297 -15.04 101.87 19.67
CA LYS A 1297 -15.97 102.68 20.48
C LYS A 1297 -16.51 103.87 19.69
N ARG A 1298 -15.66 104.54 18.92
CA ARG A 1298 -16.09 105.58 17.97
C ARG A 1298 -15.87 105.10 16.54
N LYS A 1299 -16.96 104.75 15.87
CA LYS A 1299 -16.90 104.00 14.60
C LYS A 1299 -16.16 104.82 13.55
N ILE A 1300 -14.95 104.37 13.19
CA ILE A 1300 -14.11 105.09 12.23
C ILE A 1300 -13.61 104.09 11.19
N SER A 1301 -13.53 104.53 9.94
CA SER A 1301 -13.18 103.65 8.82
C SER A 1301 -11.65 103.52 8.77
N TRP A 1302 -11.15 102.41 9.30
CA TRP A 1302 -9.72 102.08 9.21
C TRP A 1302 -9.43 101.19 8.01
N LEU A 1303 -10.35 101.06 7.06
CA LEU A 1303 -10.17 100.09 5.97
C LEU A 1303 -9.49 100.73 4.77
N ALA A 1304 -9.50 102.06 4.69
CA ALA A 1304 -8.82 102.78 3.60
C ALA A 1304 -7.33 102.48 3.60
N LEU A 1305 -6.77 102.29 4.79
CA LEU A 1305 -5.34 102.07 5.00
C LEU A 1305 -4.95 100.60 4.89
N PHE A 1306 -5.80 99.75 4.32
CA PHE A 1306 -5.34 98.52 3.66
C PHE A 1306 -5.48 98.58 2.14
N GLN A 1307 -6.43 99.35 1.64
CA GLN A 1307 -6.65 99.60 0.20
C GLN A 1307 -5.87 100.84 -0.26
N LEU A 1308 -4.55 100.77 -0.17
CA LEU A 1308 -3.68 101.89 -0.56
C LEU A 1308 -3.31 101.77 -2.04
N THR A 1309 -3.43 102.89 -2.74
CA THR A 1309 -2.94 103.09 -4.11
C THR A 1309 -1.93 104.23 -4.12
N GLU A 1310 -1.07 104.24 -5.14
CA GLU A 1310 0.02 105.23 -5.28
C GLU A 1310 -0.48 106.68 -5.40
N SER A 1311 -1.77 106.92 -5.69
CA SER A 1311 -2.26 108.28 -5.97
C SER A 1311 -3.56 108.61 -5.21
N ASP A 1312 -3.78 107.98 -4.06
CA ASP A 1312 -4.80 108.42 -3.09
C ASP A 1312 -4.24 109.58 -2.27
N LEU A 1313 -4.55 110.82 -2.69
CA LEU A 1313 -3.91 112.02 -2.11
C LEU A 1313 -4.20 112.17 -0.62
N ARG A 1314 -5.22 111.50 -0.09
CA ARG A 1314 -5.47 111.51 1.36
C ARG A 1314 -4.36 110.76 2.09
N LEU A 1315 -4.18 109.48 1.76
CA LEU A 1315 -3.20 108.59 2.44
C LEU A 1315 -2.18 108.08 1.44
N GLY A 1316 -2.65 107.52 0.33
CA GLY A 1316 -1.79 106.77 -0.59
C GLY A 1316 -0.66 107.60 -1.19
N ARG A 1317 -0.76 108.92 -1.16
CA ARG A 1317 0.37 109.74 -1.61
C ARG A 1317 1.42 109.80 -0.51
N LEU A 1318 0.96 109.92 0.73
CA LEU A 1318 1.85 109.98 1.90
C LEU A 1318 2.35 108.56 2.23
N LEU A 1319 1.42 107.64 2.45
CA LEU A 1319 1.72 106.42 3.21
C LEU A 1319 2.47 105.39 2.36
N LEU A 1320 2.30 105.41 1.03
CA LEU A 1320 3.11 104.55 0.16
C LEU A 1320 4.47 105.20 -0.12
N ARG A 1321 4.70 106.42 0.34
CA ARG A 1321 6.06 106.97 0.31
C ARG A 1321 6.75 106.93 1.67
N VAL A 1322 6.01 106.83 2.78
CA VAL A 1322 6.66 106.64 4.10
C VAL A 1322 7.11 105.18 4.22
N ALA A 1323 6.16 104.28 4.35
CA ALA A 1323 6.48 102.92 4.80
C ALA A 1323 7.18 102.18 3.68
N PRO A 1324 8.18 101.34 3.99
CA PRO A 1324 8.94 100.65 2.95
C PRO A 1324 8.15 99.52 2.29
N ASP A 1325 8.74 98.95 1.23
CA ASP A 1325 8.06 97.90 0.44
C ASP A 1325 7.93 96.63 1.28
N GLN A 1326 8.97 96.27 2.04
CA GLN A 1326 8.95 95.05 2.84
C GLN A 1326 8.05 95.24 4.06
N HIS A 1327 7.33 96.35 4.13
CA HIS A 1327 6.29 96.57 5.16
C HIS A 1327 4.92 96.84 4.54
N THR A 1328 4.86 97.30 3.29
CA THR A 1328 3.60 97.32 2.54
C THR A 1328 3.21 95.91 2.10
N ARG A 1329 4.18 95.03 1.91
CA ARG A 1329 3.91 93.69 1.38
C ARG A 1329 3.24 92.81 2.44
N LEU A 1330 3.76 92.84 3.67
CA LEU A 1330 3.34 91.95 4.76
C LEU A 1330 2.14 92.49 5.54
N LEU A 1331 1.41 93.48 5.03
CA LEU A 1331 0.24 94.06 5.71
C LEU A 1331 -0.79 93.00 6.08
N PRO A 1332 -1.17 92.06 5.16
CA PRO A 1332 -2.15 91.03 5.51
C PRO A 1332 -1.92 90.39 6.88
N PHE A 1333 -0.67 90.08 7.18
CA PHE A 1333 -0.32 89.54 8.50
C PHE A 1333 -0.92 90.41 9.60
N ALA A 1334 -0.72 91.73 9.52
CA ALA A 1334 -1.27 92.63 10.54
C ALA A 1334 -2.79 92.61 10.49
N PHE A 1335 -3.35 92.74 9.29
CA PHE A 1335 -4.82 92.78 9.13
C PHE A 1335 -5.44 91.62 9.90
N TYR A 1336 -5.05 90.40 9.54
CA TYR A 1336 -5.72 89.22 10.08
C TYR A 1336 -5.34 88.99 11.53
N SER A 1337 -4.05 89.02 11.84
CA SER A 1337 -3.60 88.82 13.23
C SER A 1337 -4.32 89.75 14.20
N LEU A 1338 -4.74 90.93 13.75
CA LEU A 1338 -5.51 91.82 14.64
C LEU A 1338 -7.01 91.54 14.52
N LEU A 1339 -7.60 91.75 13.34
CA LEU A 1339 -9.06 91.90 13.25
C LEU A 1339 -9.77 90.59 13.59
N SER A 1340 -9.21 89.48 13.12
CA SER A 1340 -9.76 88.14 13.38
C SER A 1340 -9.70 87.80 14.87
N TYR A 1341 -9.07 88.67 15.66
CA TYR A 1341 -9.12 88.56 17.13
C TYR A 1341 -10.16 89.52 17.67
N PHE A 1342 -9.97 90.81 17.43
CA PHE A 1342 -10.66 91.90 18.14
C PHE A 1342 -11.57 92.61 17.14
N HIS A 1343 -12.88 92.47 17.30
CA HIS A 1343 -13.82 93.11 16.38
C HIS A 1343 -15.24 93.05 16.93
N GLU A 1344 -16.00 94.11 16.64
CA GLU A 1344 -17.42 94.26 16.99
C GLU A 1344 -18.27 93.97 15.75
N ASP A 1345 -19.01 92.86 15.79
CA ASP A 1345 -19.70 92.28 14.63
C ASP A 1345 -20.83 93.19 14.14
N ALA A 1346 -21.03 93.22 12.82
CA ALA A 1346 -22.22 93.82 12.19
C ALA A 1346 -22.19 95.35 12.27
N ALA A 1347 -21.25 95.92 13.01
CA ALA A 1347 -21.09 97.38 13.14
C ALA A 1347 -20.09 97.91 12.12
N ILE A 1348 -19.16 97.08 11.64
CA ILE A 1348 -18.06 97.55 10.77
C ILE A 1348 -18.10 96.85 9.41
N ARG A 1349 -18.64 95.62 9.34
CA ARG A 1349 -18.58 94.82 8.11
C ARG A 1349 -19.49 95.38 7.02
N GLU A 1350 -18.98 96.38 6.28
CA GLU A 1350 -19.75 97.20 5.32
C GLU A 1350 -18.92 97.35 4.06
N GLU A 1351 -19.45 98.13 3.12
CA GLU A 1351 -19.35 97.88 1.67
C GLU A 1351 -18.01 97.28 1.23
N ALA A 1352 -16.89 97.85 1.64
CA ALA A 1352 -15.59 97.37 1.13
C ALA A 1352 -14.95 96.36 2.08
N PHE A 1353 -15.61 96.04 3.20
CA PHE A 1353 -15.03 95.10 4.17
C PHE A 1353 -14.66 93.78 3.50
N LEU A 1354 -15.65 93.15 2.87
CA LEU A 1354 -15.49 91.78 2.36
C LEU A 1354 -14.51 91.78 1.17
N HIS A 1355 -14.52 92.84 0.37
CA HIS A 1355 -13.57 92.98 -0.74
C HIS A 1355 -12.17 92.99 -0.16
N VAL A 1356 -12.00 93.74 0.92
CA VAL A 1356 -10.71 93.82 1.60
C VAL A 1356 -10.32 92.44 2.11
N ALA A 1357 -11.12 91.88 3.02
CA ALA A 1357 -10.82 90.59 3.65
C ALA A 1357 -10.49 89.51 2.62
N VAL A 1358 -11.20 89.47 1.49
CA VAL A 1358 -10.96 88.41 0.49
C VAL A 1358 -9.64 88.67 -0.23
N ASP A 1359 -9.40 89.91 -0.67
CA ASP A 1359 -8.12 90.24 -1.30
C ASP A 1359 -6.97 89.95 -0.34
N MET A 1360 -7.22 90.14 0.96
CA MET A 1360 -6.19 89.92 1.98
C MET A 1360 -5.94 88.44 2.18
N TYR A 1361 -6.98 87.62 2.26
CA TYR A 1361 -6.81 86.17 2.31
C TYR A 1361 -5.95 85.69 1.15
N LEU A 1362 -6.35 86.03 -0.07
CA LEU A 1362 -5.67 85.48 -1.25
C LEU A 1362 -4.24 86.01 -1.35
N LYS A 1363 -4.02 87.28 -1.03
CA LYS A 1363 -2.67 87.87 -1.08
C LYS A 1363 -1.78 87.23 -0.03
N LEU A 1364 -2.32 87.03 1.17
CA LEU A 1364 -1.61 86.35 2.26
C LEU A 1364 -1.25 84.91 1.87
N VAL A 1365 -2.17 84.22 1.21
CA VAL A 1365 -1.90 82.85 0.74
C VAL A 1365 -0.76 82.87 -0.28
N GLN A 1366 -0.78 83.81 -1.21
CA GLN A 1366 0.32 83.90 -2.18
C GLN A 1366 1.62 84.32 -1.50
N LEU A 1367 1.51 85.08 -0.40
CA LEU A 1367 2.69 85.44 0.40
C LEU A 1367 3.32 84.17 0.97
N PHE A 1368 2.51 83.36 1.64
CA PHE A 1368 2.99 82.07 2.19
C PHE A 1368 3.64 81.23 1.10
N VAL A 1369 2.92 81.02 -0.01
CA VAL A 1369 3.41 80.08 -1.05
C VAL A 1369 4.72 80.61 -1.61
N ALA A 1370 4.85 81.93 -1.72
CA ALA A 1370 6.02 82.53 -2.38
C ALA A 1370 7.17 82.62 -1.39
N GLY A 1371 6.88 82.86 -0.11
CA GLY A 1371 7.91 82.84 0.92
C GLY A 1371 8.00 84.08 1.79
N ASP A 1372 7.80 83.89 3.09
CA ASP A 1372 8.18 84.86 4.13
C ASP A 1372 8.89 84.07 5.24
N THR A 1373 10.17 83.80 5.05
CA THR A 1373 10.99 83.24 6.14
C THR A 1373 11.35 84.35 7.13
N SER A 1374 11.62 85.55 6.63
CA SER A 1374 12.02 86.72 7.44
C SER A 1374 11.07 86.97 8.61
N THR A 1375 9.76 86.80 8.40
CA THR A 1375 8.77 87.17 9.43
C THR A 1375 8.83 86.21 10.60
N VAL A 1376 8.55 84.94 10.34
CA VAL A 1376 8.32 83.94 11.41
C VAL A 1376 9.59 83.85 12.27
N SER A 1377 9.47 84.20 13.55
CA SER A 1377 10.60 84.15 14.48
C SER A 1377 10.12 84.12 15.93
N PRO A 1378 9.55 83.00 16.41
CA PRO A 1378 9.31 82.83 17.84
C PRO A 1378 10.56 82.35 18.60
N ASN A 1391 2.93 79.79 13.10
CA ASN A 1391 2.07 80.98 13.06
C ASN A 1391 1.37 81.13 11.70
N PRO A 1392 2.11 81.33 10.59
CA PRO A 1392 1.44 81.68 9.33
C PRO A 1392 0.39 80.67 8.86
N VAL A 1393 0.55 79.39 9.19
CA VAL A 1393 -0.47 78.38 8.86
C VAL A 1393 -1.68 78.52 9.78
N GLU A 1394 -1.47 78.76 11.08
CA GLU A 1394 -2.58 79.07 11.99
C GLU A 1394 -3.40 80.25 11.47
N LEU A 1395 -2.73 81.29 10.99
CA LEU A 1395 -3.46 82.49 10.54
C LEU A 1395 -4.19 82.19 9.23
N ILE A 1396 -3.53 81.52 8.27
CA ILE A 1396 -4.23 81.11 7.03
C ILE A 1396 -5.52 80.38 7.41
N THR A 1397 -5.43 79.39 8.30
CA THR A 1397 -6.58 78.59 8.73
C THR A 1397 -7.67 79.48 9.33
N LYS A 1398 -7.32 80.29 10.33
CA LYS A 1398 -8.29 81.16 11.01
C LYS A 1398 -8.96 82.10 10.01
N ALA A 1399 -8.19 82.61 9.06
CA ALA A 1399 -8.70 83.52 8.03
C ALA A 1399 -9.75 82.78 7.21
N ARG A 1400 -9.40 81.60 6.74
CA ARG A 1400 -10.32 80.74 5.97
C ARG A 1400 -11.62 80.56 6.75
N LEU A 1401 -11.52 80.16 8.01
CA LEU A 1401 -12.73 79.88 8.83
C LEU A 1401 -13.61 81.13 8.91
N PHE A 1402 -13.01 82.26 9.28
CA PHE A 1402 -13.75 83.54 9.37
C PHE A 1402 -14.43 83.85 8.03
N LEU A 1403 -13.69 83.64 6.94
CA LEU A 1403 -14.15 83.99 5.58
C LEU A 1403 -15.36 83.15 5.19
N LEU A 1404 -15.32 81.84 5.48
CA LEU A 1404 -16.43 80.96 5.13
C LEU A 1404 -17.60 81.15 6.09
N GLN A 1405 -17.35 81.68 7.29
CA GLN A 1405 -18.43 82.13 8.18
C GLN A 1405 -19.14 83.34 7.58
N LEU A 1406 -18.40 84.29 7.02
CA LEU A 1406 -19.00 85.54 6.52
C LEU A 1406 -19.91 85.30 5.32
N ILE A 1407 -19.36 84.77 4.21
CA ILE A 1407 -20.00 84.89 2.88
C ILE A 1407 -21.50 84.65 2.88
N PRO A 1408 -22.06 83.67 3.61
CA PRO A 1408 -23.51 83.60 3.77
C PRO A 1408 -24.16 84.87 4.34
N ARG A 1409 -23.56 85.50 5.34
CA ARG A 1409 -24.20 86.68 5.97
C ARG A 1409 -24.31 87.84 4.99
N CYS A 1410 -23.35 88.00 4.08
CA CYS A 1410 -23.17 89.26 3.35
C CYS A 1410 -24.41 89.58 2.50
N PRO A 1411 -24.86 90.84 2.49
CA PRO A 1411 -25.83 91.29 1.49
C PRO A 1411 -25.27 91.34 0.07
N LYS A 1412 -26.17 91.57 -0.88
CA LYS A 1412 -25.83 91.48 -2.32
C LYS A 1412 -24.92 92.62 -2.76
N LYS A 1413 -24.81 93.68 -1.98
CA LYS A 1413 -24.06 94.86 -2.42
C LYS A 1413 -22.57 94.55 -2.58
N SER A 1414 -21.96 93.91 -1.58
CA SER A 1414 -20.50 93.84 -1.44
C SER A 1414 -19.95 92.66 -2.25
N PHE A 1415 -20.34 92.57 -3.51
CA PHE A 1415 -19.88 91.48 -4.38
C PHE A 1415 -19.49 92.00 -5.76
N SER A 1416 -19.75 93.28 -6.02
CA SER A 1416 -19.73 93.82 -7.39
C SER A 1416 -18.43 93.48 -8.12
N HIS A 1417 -17.28 93.76 -7.50
CA HIS A 1417 -16.00 93.50 -8.16
C HIS A 1417 -15.30 92.23 -7.67
N VAL A 1418 -15.96 91.38 -6.89
CA VAL A 1418 -15.30 90.19 -6.35
C VAL A 1418 -14.98 89.23 -7.50
N ALA A 1419 -15.88 89.14 -8.48
CA ALA A 1419 -15.63 88.34 -9.69
C ALA A 1419 -14.34 88.80 -10.37
N GLU A 1420 -14.07 90.11 -10.38
CA GLU A 1420 -12.83 90.59 -10.99
C GLU A 1420 -11.64 90.09 -10.17
N LEU A 1421 -11.69 90.26 -8.84
CA LEU A 1421 -10.65 89.73 -7.95
C LEU A 1421 -10.35 88.28 -8.34
N LEU A 1422 -11.37 87.43 -8.28
CA LEU A 1422 -11.18 85.99 -8.43
C LEU A 1422 -10.78 85.67 -9.86
N ALA A 1423 -11.24 86.49 -10.82
CA ALA A 1423 -10.86 86.31 -12.23
C ALA A 1423 -9.37 86.60 -12.42
N ASP A 1424 -8.80 87.55 -11.68
CA ASP A 1424 -7.37 87.86 -11.87
C ASP A 1424 -6.49 86.73 -11.35
N ARG A 1425 -6.44 86.56 -10.03
CA ARG A 1425 -5.40 85.75 -9.37
C ARG A 1425 -5.95 84.50 -8.71
N GLY A 1426 -7.25 84.25 -8.87
CA GLY A 1426 -7.97 83.25 -8.09
C GLY A 1426 -7.67 81.82 -8.46
N ASP A 1427 -8.59 80.92 -8.07
CA ASP A 1427 -8.46 79.47 -8.28
C ASP A 1427 -7.24 78.92 -7.55
N CYS A 1428 -6.91 79.54 -6.42
CA CYS A 1428 -5.97 79.01 -5.43
C CYS A 1428 -6.72 78.40 -4.24
N ASP A 1429 -7.84 79.00 -3.84
CA ASP A 1429 -8.74 78.45 -2.82
C ASP A 1429 -10.12 78.30 -3.43
N PRO A 1430 -10.44 77.16 -4.05
CA PRO A 1430 -11.68 77.05 -4.83
C PRO A 1430 -12.94 76.81 -3.99
N GLU A 1431 -12.81 76.43 -2.71
CA GLU A 1431 -14.01 76.47 -1.83
C GLU A 1431 -14.47 77.91 -1.66
N VAL A 1432 -13.53 78.80 -1.37
CA VAL A 1432 -13.85 80.23 -1.24
C VAL A 1432 -14.41 80.73 -2.57
N SER A 1433 -13.66 80.48 -3.64
CA SER A 1433 -14.02 80.90 -5.01
C SER A 1433 -15.45 80.47 -5.33
N ALA A 1434 -15.78 79.21 -5.07
CA ALA A 1434 -17.11 78.68 -5.36
C ALA A 1434 -18.17 79.30 -4.44
N ALA A 1435 -17.85 79.54 -3.17
CA ALA A 1435 -18.84 80.14 -2.26
C ALA A 1435 -19.16 81.57 -2.69
N LEU A 1436 -18.15 82.31 -3.15
CA LEU A 1436 -18.38 83.69 -3.60
C LEU A 1436 -19.12 83.71 -4.94
N GLN A 1437 -18.74 82.83 -5.87
CA GLN A 1437 -19.50 82.70 -7.13
C GLN A 1437 -20.95 82.35 -6.85
N SER A 1438 -21.20 81.42 -5.92
CA SER A 1438 -22.56 80.99 -5.57
C SER A 1438 -23.37 82.16 -5.00
N ARG A 1439 -22.82 82.86 -4.02
CA ARG A 1439 -23.50 84.02 -3.43
C ARG A 1439 -23.66 85.15 -4.45
N GLN A 1440 -22.76 85.24 -5.44
CA GLN A 1440 -22.89 86.24 -6.52
C GLN A 1440 -24.04 85.88 -7.48
N GLN A 1441 -24.21 84.58 -7.77
CA GLN A 1441 -25.35 84.12 -8.58
C GLN A 1441 -26.64 84.33 -7.80
N ALA A 1442 -26.61 84.17 -6.48
CA ALA A 1442 -27.74 84.57 -5.64
C ALA A 1442 -27.98 86.07 -5.74
N ALA A 1443 -26.91 86.84 -5.94
CA ALA A 1443 -26.99 88.29 -6.18
C ALA A 1443 -27.32 88.55 -7.64
N MET B 32 -35.64 -47.49 89.69
CA MET B 32 -36.96 -47.51 90.35
C MET B 32 -37.14 -46.29 91.23
N SER B 33 -38.39 -45.94 91.46
CA SER B 33 -38.79 -44.72 92.18
C SER B 33 -39.95 -45.10 93.09
N SER B 34 -39.64 -45.40 94.34
CA SER B 34 -40.67 -45.67 95.35
C SER B 34 -40.04 -45.51 96.73
N ASN B 35 -40.88 -45.59 97.75
CA ASN B 35 -40.48 -45.57 99.17
C ASN B 35 -39.49 -46.71 99.40
N GLU B 36 -39.98 -47.95 99.37
CA GLU B 36 -39.12 -49.12 99.64
C GLU B 36 -37.97 -49.12 98.64
N GLN B 37 -38.18 -48.62 97.43
CA GLN B 37 -37.26 -48.91 96.33
C GLN B 37 -36.21 -47.81 96.18
N GLU B 38 -35.10 -48.22 95.58
CA GLU B 38 -33.79 -47.57 95.72
C GLU B 38 -33.53 -46.71 94.50
N ARG B 39 -32.38 -46.08 94.53
CA ARG B 39 -31.72 -45.67 93.30
C ARG B 39 -30.22 -45.64 93.56
N LEU B 40 -29.47 -45.85 92.51
CA LEU B 40 -28.02 -46.00 92.65
C LEU B 40 -27.28 -44.88 91.97
N LEU B 41 -25.98 -44.83 92.18
CA LEU B 41 -25.20 -43.72 91.67
C LEU B 41 -23.76 -44.05 91.80
N CYS B 42 -22.96 -43.51 90.92
CA CYS B 42 -21.52 -43.70 91.05
C CYS B 42 -20.78 -42.39 91.25
N TYR B 43 -20.02 -42.29 92.36
CA TYR B 43 -19.28 -41.09 92.82
C TYR B 43 -17.86 -41.47 93.16
N ASN B 44 -16.94 -41.18 92.25
CA ASN B 44 -15.50 -41.30 92.58
C ASN B 44 -15.09 -42.75 92.99
N GLY B 45 -15.28 -43.61 92.03
CA GLY B 45 -14.84 -44.96 92.21
C GLY B 45 -15.57 -45.65 93.34
N GLU B 46 -16.84 -45.34 93.56
CA GLU B 46 -17.63 -46.07 94.52
C GLU B 46 -19.10 -45.85 94.26
N VAL B 47 -19.93 -46.54 94.96
CA VAL B 47 -21.31 -46.69 94.54
C VAL B 47 -22.17 -46.37 95.70
N LEU B 48 -23.05 -45.42 95.47
CA LEU B 48 -24.00 -44.98 96.50
C LEU B 48 -25.39 -45.54 96.29
N VAL B 49 -25.98 -45.99 97.37
CA VAL B 49 -27.30 -46.61 97.33
C VAL B 49 -28.17 -45.77 98.22
N PHE B 50 -29.07 -45.04 97.58
CA PHE B 50 -30.05 -44.22 98.27
C PHE B 50 -31.36 -44.99 98.36
N GLN B 51 -31.87 -45.11 99.58
CA GLN B 51 -33.13 -45.78 99.84
C GLN B 51 -33.92 -44.99 100.86
N LEU B 52 -35.17 -44.66 100.50
CA LEU B 52 -36.17 -44.17 101.45
C LEU B 52 -36.73 -45.29 102.32
N SER B 53 -36.02 -45.66 103.39
CA SER B 53 -36.52 -46.74 104.24
C SER B 53 -37.62 -46.16 105.13
N LYS B 54 -38.87 -46.55 104.89
CA LYS B 54 -39.98 -46.20 105.81
C LYS B 54 -39.67 -46.78 107.19
N GLY B 55 -39.24 -45.93 108.11
CA GLY B 55 -38.77 -46.39 109.41
C GLY B 55 -39.80 -46.15 110.49
N ASN B 56 -40.02 -47.13 111.36
CA ASN B 56 -40.95 -46.98 112.48
C ASN B 56 -40.40 -45.93 113.45
N THR B 63 -42.58 -44.09 114.95
CA THR B 63 -42.00 -42.81 115.44
C THR B 63 -41.63 -41.89 114.29
N LYS B 64 -41.19 -42.44 113.17
CA LYS B 64 -40.51 -41.66 112.12
C LYS B 64 -41.17 -41.88 110.77
N THR B 65 -40.94 -40.91 109.89
CA THR B 65 -41.30 -40.97 108.48
C THR B 65 -40.15 -41.67 107.78
N PRO B 66 -40.31 -42.05 106.51
CA PRO B 66 -39.19 -42.68 105.82
C PRO B 66 -37.93 -41.81 105.91
N ILE B 67 -36.79 -42.48 106.03
CA ILE B 67 -35.49 -41.82 106.19
C ILE B 67 -34.75 -42.04 104.89
N LEU B 68 -34.05 -41.01 104.44
CA LEU B 68 -33.12 -41.22 103.33
C LEU B 68 -31.88 -41.91 103.85
N HIS B 69 -31.53 -43.04 103.25
CA HIS B 69 -30.33 -43.80 103.59
C HIS B 69 -29.36 -43.80 102.43
N VAL B 70 -28.12 -43.55 102.77
CA VAL B 70 -27.00 -43.76 101.87
C VAL B 70 -26.27 -44.95 102.42
N ARG B 71 -26.09 -45.93 101.58
CA ARG B 71 -24.99 -46.85 101.73
C ARG B 71 -23.90 -46.34 100.81
N ARG B 72 -22.66 -46.49 101.21
CA ARG B 72 -21.55 -46.24 100.31
C ARG B 72 -20.66 -47.48 100.16
N MET B 73 -20.57 -48.03 98.95
CA MET B 73 -20.12 -49.42 98.75
C MET B 73 -18.95 -49.43 97.81
N VAL B 74 -17.99 -50.30 98.07
CA VAL B 74 -16.74 -50.35 97.31
C VAL B 74 -16.30 -51.79 97.06
N PHE B 75 -15.57 -51.98 95.97
CA PHE B 75 -15.20 -53.29 95.40
C PHE B 75 -13.85 -53.76 95.89
N ASP B 76 -13.85 -54.94 96.49
CA ASP B 76 -12.73 -55.42 97.32
C ASP B 76 -11.52 -55.85 96.48
N ARG B 77 -11.74 -56.54 95.37
CA ARG B 77 -10.68 -57.05 94.48
C ARG B 77 -10.11 -58.34 94.98
N GLY B 78 -10.22 -58.59 96.28
CA GLY B 78 -9.94 -59.89 96.86
C GLY B 78 -11.16 -60.80 96.77
N THR B 79 -12.28 -60.33 97.33
CA THR B 79 -13.48 -61.16 97.56
C THR B 79 -14.44 -61.05 96.40
N LYS B 80 -14.20 -60.14 95.45
CA LYS B 80 -15.08 -59.97 94.29
C LYS B 80 -16.52 -59.77 94.75
N VAL B 81 -16.70 -58.86 95.70
CA VAL B 81 -18.03 -58.36 96.07
C VAL B 81 -17.93 -56.88 96.33
N PHE B 82 -19.08 -56.28 96.61
CA PHE B 82 -19.16 -54.91 97.10
C PHE B 82 -19.41 -54.97 98.59
N VAL B 83 -18.56 -54.26 99.33
CA VAL B 83 -18.64 -54.22 100.78
C VAL B 83 -18.94 -52.80 101.23
N GLN B 84 -19.70 -52.69 102.31
CA GLN B 84 -20.11 -51.39 102.83
C GLN B 84 -18.90 -50.74 103.53
N LYS B 85 -18.59 -49.50 103.14
CA LYS B 85 -17.42 -48.78 103.62
C LYS B 85 -17.88 -47.64 104.50
N SER B 86 -19.08 -47.13 104.26
CA SER B 86 -19.66 -46.12 105.16
C SER B 86 -21.16 -46.03 105.01
N THR B 87 -21.83 -45.40 105.96
CA THR B 87 -23.27 -45.19 105.89
C THR B 87 -23.59 -43.75 106.24
N GLY B 88 -24.81 -43.35 105.89
CA GLY B 88 -25.28 -42.01 106.20
C GLY B 88 -26.77 -42.01 106.13
N PHE B 89 -27.37 -41.14 106.91
CA PHE B 89 -28.83 -41.06 106.93
C PHE B 89 -29.21 -39.59 106.99
N PHE B 90 -30.45 -39.34 106.62
CA PHE B 90 -31.01 -37.98 106.67
C PHE B 90 -32.52 -38.07 106.87
N THR B 91 -32.98 -37.47 107.95
CA THR B 91 -34.40 -37.48 108.30
C THR B 91 -35.07 -36.34 107.57
N ILE B 92 -36.13 -36.63 106.83
CA ILE B 92 -36.91 -35.51 106.32
C ILE B 92 -37.99 -35.19 107.32
N LYS B 93 -38.24 -33.90 107.46
CA LYS B 93 -39.02 -33.38 108.58
C LYS B 93 -40.49 -33.30 108.18
N GLU B 94 -41.23 -34.41 108.29
CA GLU B 94 -42.69 -34.51 108.57
C GLU B 94 -43.16 -35.95 108.42
N GLU B 95 -44.23 -36.33 109.12
CA GLU B 95 -44.84 -37.66 109.01
C GLU B 95 -45.85 -37.66 107.86
N ASN B 96 -45.37 -37.27 106.68
CA ASN B 96 -46.15 -37.15 105.45
C ASN B 96 -45.63 -38.16 104.45
N SER B 97 -46.56 -38.89 103.84
CA SER B 97 -46.22 -39.91 102.84
C SER B 97 -45.75 -39.26 101.54
N HIS B 98 -45.61 -40.11 100.52
CA HIS B 98 -45.28 -39.73 99.14
C HIS B 98 -44.00 -38.92 99.11
N LEU B 99 -42.98 -39.56 99.68
CA LEU B 99 -41.58 -39.27 99.42
C LEU B 99 -41.16 -40.14 98.24
N LYS B 100 -40.23 -39.63 97.45
CA LYS B 100 -39.89 -40.32 96.20
C LYS B 100 -38.52 -39.84 95.72
N ILE B 101 -37.65 -40.79 95.43
CA ILE B 101 -36.36 -40.53 94.80
C ILE B 101 -36.57 -40.46 93.30
N MET B 102 -35.78 -39.63 92.66
CA MET B 102 -35.81 -39.44 91.21
C MET B 102 -34.62 -38.55 90.94
N CYS B 103 -33.97 -38.67 89.78
CA CYS B 103 -32.94 -37.68 89.48
C CYS B 103 -31.77 -37.70 90.47
N CYS B 104 -30.67 -38.34 90.09
CA CYS B 104 -29.50 -38.32 90.97
C CYS B 104 -28.28 -38.75 90.20
N ASN B 105 -27.26 -37.90 90.31
CA ASN B 105 -25.96 -37.93 89.64
C ASN B 105 -25.05 -37.02 90.42
N CYS B 106 -23.91 -36.72 89.85
CA CYS B 106 -22.94 -35.74 90.39
C CYS B 106 -22.88 -34.49 89.54
N VAL B 107 -22.63 -33.37 90.18
CA VAL B 107 -23.07 -32.10 89.57
C VAL B 107 -21.97 -31.05 89.43
N SER B 108 -21.16 -30.83 90.49
CA SER B 108 -20.27 -29.65 90.69
C SER B 108 -21.06 -28.42 91.23
N ASP B 109 -21.20 -28.31 92.55
CA ASP B 109 -21.52 -27.07 93.31
C ASP B 109 -20.61 -25.88 92.93
N PHE B 110 -21.18 -24.70 92.81
CA PHE B 110 -20.55 -23.52 92.16
C PHE B 110 -19.80 -22.65 93.15
N ARG B 111 -20.14 -22.87 94.42
CA ARG B 111 -19.48 -22.20 95.54
C ARG B 111 -18.06 -22.72 95.49
N THR B 112 -17.91 -24.02 95.70
CA THR B 112 -16.57 -24.56 95.84
C THR B 112 -15.97 -24.82 94.47
N GLY B 113 -16.58 -25.70 93.74
CA GLY B 113 -15.91 -26.37 92.65
C GLY B 113 -15.75 -27.83 92.94
N ILE B 114 -16.49 -28.33 93.91
CA ILE B 114 -16.49 -29.73 94.29
C ILE B 114 -17.73 -30.43 93.68
N ASN B 115 -17.46 -31.51 93.00
CA ASN B 115 -18.51 -32.42 92.59
C ASN B 115 -19.07 -33.01 93.86
N LEU B 116 -20.36 -33.15 93.92
CA LEU B 116 -20.83 -33.99 94.96
C LEU B 116 -22.09 -34.69 94.51
N PRO B 117 -22.42 -35.82 95.16
CA PRO B 117 -23.70 -36.42 94.92
C PRO B 117 -24.82 -35.48 95.33
N TYR B 118 -25.83 -35.43 94.46
CA TYR B 118 -27.12 -34.84 94.74
C TYR B 118 -28.19 -35.88 94.68
N ILE B 119 -29.37 -35.49 95.14
CA ILE B 119 -30.57 -36.34 95.26
C ILE B 119 -31.81 -35.45 95.33
N VAL B 120 -32.78 -35.78 94.50
CA VAL B 120 -33.97 -34.94 94.47
C VAL B 120 -35.08 -35.76 95.07
N ILE B 121 -35.62 -35.25 96.16
CA ILE B 121 -36.76 -35.91 96.78
C ILE B 121 -37.96 -35.26 96.13
N GLU B 122 -39.05 -35.97 95.99
CA GLU B 122 -40.34 -35.29 95.84
C GLU B 122 -41.15 -35.58 97.07
N LYS B 123 -41.85 -34.55 97.53
CA LYS B 123 -42.64 -34.61 98.75
C LYS B 123 -44.06 -34.24 98.37
N ASN B 124 -44.99 -35.15 98.59
CA ASN B 124 -46.39 -34.92 98.28
C ASN B 124 -47.18 -35.11 99.57
N LYS B 125 -47.94 -34.09 99.96
CA LYS B 125 -48.84 -34.25 101.10
C LYS B 125 -50.24 -34.68 100.65
N LYS B 126 -50.40 -35.06 99.38
CA LYS B 126 -51.68 -35.37 98.73
C LYS B 126 -52.59 -34.14 98.73
N ASN B 127 -51.98 -32.96 98.74
CA ASN B 127 -52.70 -31.69 98.81
C ASN B 127 -52.85 -31.07 97.42
N ASN B 128 -52.43 -31.77 96.36
CA ASN B 128 -52.09 -31.17 95.06
C ASN B 128 -51.06 -30.06 95.24
N VAL B 129 -50.07 -30.34 96.09
CA VAL B 129 -48.90 -29.48 96.31
C VAL B 129 -47.72 -30.43 96.44
N PHE B 130 -46.65 -30.13 95.73
CA PHE B 130 -45.48 -30.98 95.73
C PHE B 130 -44.24 -30.14 96.05
N GLU B 131 -43.44 -30.63 96.99
CA GLU B 131 -42.36 -29.81 97.56
C GLU B 131 -41.15 -29.78 96.62
N TYR B 132 -40.53 -30.94 96.37
CA TYR B 132 -39.29 -31.05 95.59
C TYR B 132 -38.10 -30.47 96.33
N PHE B 133 -37.59 -31.21 97.30
CA PHE B 133 -36.26 -30.96 97.87
C PHE B 133 -35.13 -31.29 96.90
N LEU B 134 -34.02 -30.59 97.04
CA LEU B 134 -32.72 -31.08 96.56
C LEU B 134 -31.76 -31.15 97.75
N LEU B 135 -31.20 -32.36 97.95
CA LEU B 135 -30.17 -32.64 98.95
C LEU B 135 -28.87 -32.88 98.24
N ILE B 136 -27.83 -32.41 98.85
CA ILE B 136 -26.46 -32.58 98.39
C ILE B 136 -25.68 -33.20 99.53
N LEU B 137 -25.00 -34.29 99.27
CA LEU B 137 -24.38 -35.01 100.37
C LEU B 137 -22.91 -34.81 100.31
N HIS B 138 -22.30 -34.62 101.48
CA HIS B 138 -20.90 -34.17 101.61
C HIS B 138 -19.94 -35.31 101.98
N SER B 139 -18.63 -35.07 101.84
CA SER B 139 -17.55 -36.02 102.20
C SER B 139 -17.75 -36.60 103.59
N THR B 140 -18.41 -35.84 104.43
CA THR B 140 -18.60 -36.22 105.81
C THR B 140 -19.76 -37.18 105.97
N ASN B 141 -20.42 -37.55 104.88
CA ASN B 141 -21.67 -38.29 104.98
C ASN B 141 -22.72 -37.50 105.73
N LYS B 142 -22.80 -36.23 105.38
CA LYS B 142 -23.87 -35.35 105.85
C LYS B 142 -24.53 -34.71 104.65
N PHE B 143 -25.79 -34.34 104.80
CA PHE B 143 -26.57 -33.75 103.70
C PHE B 143 -26.74 -32.26 103.88
N GLU B 144 -27.00 -31.58 102.79
CA GLU B 144 -27.10 -30.13 102.76
C GLU B 144 -28.21 -29.82 101.77
N MET B 145 -29.38 -29.45 102.29
CA MET B 145 -30.45 -28.99 101.40
C MET B 145 -30.00 -27.73 100.66
N ARG B 146 -30.54 -27.54 99.48
CA ARG B 146 -30.32 -26.27 98.80
C ARG B 146 -31.64 -25.70 98.33
N LEU B 147 -32.54 -26.49 97.76
CA LEU B 147 -33.77 -25.92 97.18
C LEU B 147 -34.99 -26.62 97.72
N SER B 148 -36.04 -25.85 98.07
CA SER B 148 -37.34 -26.40 98.50
C SER B 148 -38.36 -26.33 97.36
N PHE B 149 -38.61 -25.16 96.78
CA PHE B 149 -39.06 -24.99 95.39
C PHE B 149 -40.56 -25.25 95.17
N LYS B 150 -41.20 -26.07 96.02
CA LYS B 150 -42.66 -26.07 96.29
C LYS B 150 -43.56 -25.72 95.09
N LEU B 151 -43.69 -26.61 94.13
CA LEU B 151 -44.62 -26.41 93.00
C LEU B 151 -45.97 -27.01 93.32
N GLY B 152 -46.90 -26.85 92.39
CA GLY B 152 -48.24 -27.36 92.57
C GLY B 152 -48.52 -28.62 91.78
N TYR B 153 -47.95 -28.78 90.60
CA TYR B 153 -48.31 -29.95 89.77
C TYR B 153 -47.11 -30.89 89.71
N GLU B 154 -47.36 -32.19 89.69
CA GLU B 154 -46.25 -33.17 89.75
C GLU B 154 -45.53 -33.09 88.42
N MET B 155 -44.23 -33.30 88.40
CA MET B 155 -43.56 -33.11 87.11
C MET B 155 -43.24 -34.45 86.47
N LYS B 156 -43.21 -34.42 85.16
CA LYS B 156 -43.29 -35.63 84.32
C LYS B 156 -42.64 -35.27 83.01
N ASP B 157 -41.31 -35.21 82.96
CA ASP B 157 -40.59 -34.84 81.74
C ASP B 157 -39.10 -34.84 82.00
N GLY B 158 -38.30 -34.60 80.97
CA GLY B 158 -36.86 -34.61 81.13
C GLY B 158 -36.35 -33.61 82.15
N LEU B 159 -36.54 -33.99 83.42
CA LEU B 159 -35.89 -33.39 84.59
C LEU B 159 -34.39 -33.55 84.42
N ARG B 160 -33.63 -32.48 84.53
CA ARG B 160 -32.21 -32.59 84.21
C ARG B 160 -31.38 -31.58 84.96
N VAL B 161 -30.65 -32.07 85.96
CA VAL B 161 -29.68 -31.33 86.79
C VAL B 161 -28.43 -31.01 86.01
N LEU B 162 -27.92 -29.82 86.19
CA LEU B 162 -26.77 -29.32 85.45
C LEU B 162 -25.89 -28.55 86.43
N ASN B 163 -24.72 -28.14 85.97
CA ASN B 163 -23.58 -27.85 86.83
C ASN B 163 -23.96 -27.00 88.02
N GLY B 164 -24.11 -25.69 87.85
CA GLY B 164 -24.25 -24.84 89.01
C GLY B 164 -25.62 -25.07 89.66
N PRO B 165 -25.72 -25.91 90.73
CA PRO B 165 -26.79 -26.91 90.88
C PRO B 165 -28.16 -26.45 90.43
N LEU B 166 -28.55 -26.86 89.25
CA LEU B 166 -29.48 -26.09 88.41
C LEU B 166 -30.55 -27.05 87.94
N ILE B 167 -31.68 -27.09 88.60
CA ILE B 167 -32.76 -27.95 88.12
C ILE B 167 -33.39 -27.29 86.91
N LEU B 168 -33.93 -28.12 86.04
CA LEU B 168 -34.38 -27.67 84.72
C LEU B 168 -35.33 -28.71 84.12
N TRP B 169 -36.56 -28.33 83.86
CA TRP B 169 -37.60 -29.30 83.51
C TRP B 169 -38.56 -28.61 82.55
N ARG B 170 -39.67 -29.28 82.25
CA ARG B 170 -40.73 -28.64 81.44
C ARG B 170 -42.08 -29.33 81.70
N HIS B 171 -43.15 -28.57 81.49
CA HIS B 171 -44.38 -29.13 80.96
C HIS B 171 -44.65 -28.37 79.67
N VAL B 172 -45.89 -28.41 79.21
CA VAL B 172 -46.19 -28.36 77.78
C VAL B 172 -45.29 -27.37 77.04
N LYS B 173 -44.29 -27.90 76.33
CA LYS B 173 -43.25 -27.13 75.62
C LYS B 173 -42.91 -25.79 76.30
N ALA B 174 -43.00 -25.73 77.62
CA ALA B 174 -42.42 -24.60 78.37
C ALA B 174 -41.34 -25.11 79.30
N PHE B 175 -40.15 -24.56 79.12
CA PHE B 175 -39.00 -24.88 79.95
C PHE B 175 -38.89 -23.94 81.14
N PHE B 176 -38.58 -24.51 82.28
CA PHE B 176 -38.33 -23.76 83.51
C PHE B 176 -37.05 -24.25 84.15
N PHE B 177 -36.37 -23.38 84.89
CA PHE B 177 -35.18 -23.79 85.66
C PHE B 177 -35.04 -22.94 86.90
N ILE B 178 -34.48 -23.52 87.93
CA ILE B 178 -34.33 -22.88 89.24
C ILE B 178 -32.89 -23.11 89.68
N SER B 179 -32.02 -22.13 89.49
CA SER B 179 -30.67 -22.19 90.06
C SER B 179 -30.73 -22.15 91.57
N SER B 180 -29.59 -22.47 92.17
CA SER B 180 -29.43 -22.49 93.61
C SER B 180 -28.73 -21.23 94.06
N GLN B 181 -27.96 -20.67 93.13
CA GLN B 181 -27.35 -19.34 93.23
C GLN B 181 -28.46 -18.29 93.39
N THR B 182 -29.30 -18.16 92.36
CA THR B 182 -30.46 -17.24 92.36
C THR B 182 -31.41 -17.59 93.51
N GLY B 183 -32.00 -18.78 93.45
CA GLY B 183 -33.06 -19.21 94.35
C GLY B 183 -34.46 -19.07 93.79
N LYS B 184 -34.63 -18.40 92.66
CA LYS B 184 -35.98 -18.02 92.22
C LYS B 184 -36.32 -18.78 90.94
N VAL B 185 -37.60 -19.08 90.76
CA VAL B 185 -38.06 -19.81 89.56
C VAL B 185 -37.92 -18.87 88.37
N VAL B 186 -37.62 -19.45 87.22
CA VAL B 186 -37.47 -18.71 85.95
C VAL B 186 -38.22 -19.49 84.89
N SER B 187 -38.74 -18.79 83.90
CA SER B 187 -39.23 -19.44 82.70
C SER B 187 -38.27 -19.14 81.55
N VAL B 188 -38.25 -20.02 80.59
CA VAL B 188 -37.38 -19.79 79.44
C VAL B 188 -38.14 -18.97 78.43
N SER B 189 -37.58 -17.82 78.05
CA SER B 189 -38.28 -16.90 77.12
C SER B 189 -38.52 -17.60 75.79
N GLY B 190 -37.47 -18.16 75.21
CA GLY B 190 -37.63 -18.90 73.96
C GLY B 190 -38.65 -20.00 74.11
N ASN B 191 -39.03 -20.60 72.99
CA ASN B 191 -40.06 -21.66 72.97
C ASN B 191 -39.51 -22.88 72.26
N PHE B 192 -39.41 -23.98 72.99
CA PHE B 192 -38.77 -25.21 72.51
C PHE B 192 -39.69 -26.39 72.82
N SER B 193 -39.56 -27.41 71.99
CA SER B 193 -40.26 -28.69 72.09
C SER B 193 -39.53 -29.64 73.05
N SER B 194 -38.28 -30.00 72.74
CA SER B 194 -37.43 -30.90 73.53
C SER B 194 -36.13 -30.19 73.89
N ILE B 195 -35.31 -30.79 74.71
CA ILE B 195 -34.17 -30.07 75.31
C ILE B 195 -32.90 -30.87 75.08
N GLN B 196 -32.75 -31.39 73.88
CA GLN B 196 -31.79 -32.46 73.55
C GLN B 196 -30.46 -32.52 74.31
N TRP B 197 -29.76 -31.42 74.47
CA TRP B 197 -28.50 -31.42 75.23
C TRP B 197 -28.51 -30.34 76.27
N ALA B 198 -27.88 -30.53 77.43
CA ALA B 198 -27.83 -29.42 78.37
C ALA B 198 -26.52 -29.43 79.12
N GLY B 199 -25.82 -28.32 79.12
CA GLY B 199 -24.60 -28.25 79.91
C GLY B 199 -23.71 -27.07 79.60
N GLU B 200 -22.65 -26.90 80.36
CA GLU B 200 -21.79 -25.71 80.28
C GLU B 200 -20.94 -25.79 79.01
N ILE B 201 -21.35 -25.14 77.93
CA ILE B 201 -20.40 -25.00 76.82
C ILE B 201 -19.46 -23.86 77.19
N GLU B 202 -18.23 -23.92 76.71
CA GLU B 202 -17.25 -22.93 77.17
C GLU B 202 -17.60 -21.51 76.71
N ASN B 203 -17.47 -20.58 77.65
CA ASN B 203 -17.58 -19.12 77.49
C ASN B 203 -19.05 -18.71 77.38
N LEU B 204 -19.95 -19.68 77.22
CA LEU B 204 -21.38 -19.39 77.13
C LEU B 204 -22.11 -19.81 78.41
N GLY B 205 -21.40 -20.02 79.51
CA GLY B 205 -22.10 -20.22 80.77
C GLY B 205 -22.91 -21.50 80.68
N MET B 206 -24.20 -21.40 80.92
CA MET B 206 -25.13 -22.51 80.68
C MET B 206 -25.88 -22.31 79.36
N VAL B 207 -26.38 -23.39 78.81
CA VAL B 207 -26.75 -23.46 77.39
C VAL B 207 -27.80 -24.55 77.29
N LEU B 208 -28.62 -24.52 76.24
CA LEU B 208 -29.49 -25.63 75.89
C LEU B 208 -29.48 -25.83 74.39
N LEU B 209 -29.50 -27.08 73.97
CA LEU B 209 -29.85 -27.43 72.59
C LEU B 209 -31.18 -28.16 72.58
N GLY B 210 -32.24 -27.48 72.13
CA GLY B 210 -33.58 -28.07 72.05
C GLY B 210 -34.13 -28.20 70.64
N LEU B 211 -33.88 -27.18 69.82
CA LEU B 211 -33.98 -27.28 68.35
C LEU B 211 -32.56 -27.01 67.84
N LYS B 212 -32.11 -27.79 66.87
CA LYS B 212 -30.65 -27.95 66.66
C LYS B 212 -30.07 -26.69 66.05
N GLU B 213 -30.90 -25.87 65.44
CA GLU B 213 -30.50 -24.49 65.22
C GLU B 213 -30.24 -23.92 66.61
N CYS B 214 -31.32 -23.72 67.35
CA CYS B 214 -31.36 -22.83 68.53
C CYS B 214 -30.40 -23.37 69.61
N CYS B 215 -29.66 -22.45 70.22
CA CYS B 215 -28.65 -22.73 71.27
C CYS B 215 -28.70 -21.63 72.32
N LEU B 216 -29.58 -21.77 73.30
CA LEU B 216 -29.90 -20.68 74.24
C LEU B 216 -28.68 -20.30 75.08
N SER B 217 -28.80 -19.20 75.83
CA SER B 217 -28.17 -19.03 77.15
C SER B 217 -29.27 -19.09 78.22
N GLU B 218 -28.87 -19.39 79.44
CA GLU B 218 -29.77 -19.39 80.60
C GLU B 218 -29.32 -18.32 81.57
N GLU B 219 -28.76 -17.27 80.98
CA GLU B 219 -28.69 -15.95 81.60
C GLU B 219 -29.49 -14.96 80.71
N GLU B 220 -29.07 -14.76 79.46
CA GLU B 220 -29.71 -13.83 78.49
C GLU B 220 -30.39 -14.65 77.40
N CYS B 221 -31.60 -15.13 77.67
CA CYS B 221 -32.23 -16.19 76.85
C CYS B 221 -32.10 -15.88 75.35
N THR B 222 -31.57 -16.86 74.61
CA THR B 222 -31.08 -16.74 73.23
C THR B 222 -29.83 -15.86 73.19
N SER B 249 -24.61 -18.82 68.08
CA SER B 249 -24.36 -19.31 66.72
C SER B 249 -25.00 -20.69 66.52
N ASP B 250 -25.83 -20.81 65.47
CA ASP B 250 -26.49 -22.06 65.07
C ASP B 250 -25.96 -22.61 63.74
N ILE B 251 -24.84 -22.08 63.23
CA ILE B 251 -24.40 -22.28 61.83
C ILE B 251 -23.80 -23.68 61.64
N TYR B 252 -22.96 -24.13 62.56
CA TYR B 252 -22.24 -25.41 62.39
C TYR B 252 -22.63 -26.39 63.51
N ILE B 253 -23.92 -26.44 63.80
CA ILE B 253 -24.55 -27.48 64.63
C ILE B 253 -25.17 -28.43 63.62
N ILE B 254 -25.69 -29.54 64.07
CA ILE B 254 -26.10 -30.60 63.13
C ILE B 254 -27.24 -30.13 62.26
N PRO B 255 -27.46 -30.72 61.08
CA PRO B 255 -28.36 -30.14 60.10
C PRO B 255 -29.81 -30.27 60.55
N PRO B 256 -30.69 -29.31 60.17
CA PRO B 256 -32.14 -29.53 60.33
C PRO B 256 -32.64 -30.72 59.51
N ALA B 257 -31.84 -31.21 58.55
CA ALA B 257 -32.13 -32.47 57.85
C ALA B 257 -32.20 -33.61 58.87
N TYR B 258 -31.17 -33.73 59.69
CA TYR B 258 -31.12 -34.77 60.73
C TYR B 258 -32.03 -34.42 61.90
N SER B 259 -32.41 -33.16 62.03
CA SER B 259 -33.20 -32.69 63.16
C SER B 259 -34.48 -33.50 63.31
N SER B 260 -34.91 -34.12 62.23
CA SER B 260 -36.17 -34.88 62.25
C SER B 260 -36.04 -36.21 63.00
N VAL B 261 -34.85 -36.73 63.15
CA VAL B 261 -34.65 -38.11 63.64
C VAL B 261 -33.84 -38.12 64.94
N VAL B 262 -33.02 -37.08 65.14
CA VAL B 262 -32.16 -36.94 66.35
C VAL B 262 -33.00 -37.00 67.61
N THR B 263 -32.58 -37.84 68.53
CA THR B 263 -33.30 -38.03 69.78
C THR B 263 -32.41 -37.67 70.96
N TYR B 264 -31.08 -37.87 70.85
CA TYR B 264 -30.12 -37.65 71.93
C TYR B 264 -28.76 -37.23 71.39
N VAL B 265 -28.11 -36.30 72.06
CA VAL B 265 -26.88 -35.68 71.58
C VAL B 265 -25.90 -35.72 72.71
N HIS B 266 -24.64 -35.50 72.45
CA HIS B 266 -23.66 -35.44 73.54
C HIS B 266 -22.39 -34.78 73.07
N ILE B 267 -22.16 -33.55 73.48
CA ILE B 267 -21.05 -32.80 72.85
C ILE B 267 -19.77 -33.29 73.42
N CYS B 268 -18.73 -33.08 72.66
CA CYS B 268 -17.48 -33.67 73.02
C CYS B 268 -16.42 -32.60 73.19
N ALA B 269 -16.34 -31.60 72.32
CA ALA B 269 -15.18 -30.69 72.35
C ALA B 269 -15.55 -29.43 71.59
N THR B 270 -14.80 -28.36 71.85
CA THR B 270 -15.18 -27.04 71.33
C THR B 270 -13.94 -26.22 70.96
N GLU B 271 -13.97 -25.62 69.76
CA GLU B 271 -12.95 -24.67 69.26
C GLU B 271 -13.62 -23.50 68.55
N ILE B 272 -12.82 -22.49 68.23
CA ILE B 272 -13.32 -21.35 67.43
C ILE B 272 -12.28 -21.07 66.35
N LEU B 277 -18.25 -20.47 66.63
CA LEU B 277 -17.51 -21.59 67.22
C LEU B 277 -17.67 -22.87 66.38
N ARG B 278 -17.06 -23.96 66.85
CA ARG B 278 -17.12 -25.25 66.15
C ARG B 278 -17.09 -26.32 67.23
N ILE B 279 -18.17 -27.09 67.30
CA ILE B 279 -18.22 -28.22 68.23
C ILE B 279 -18.20 -29.52 67.44
N SER B 280 -17.45 -30.49 67.94
CA SER B 280 -17.55 -31.88 67.49
C SER B 280 -18.42 -32.65 68.48
N LEU B 281 -19.27 -33.53 67.97
CA LEU B 281 -20.46 -33.92 68.69
C LEU B 281 -20.94 -35.26 68.24
N ILE B 282 -21.24 -36.15 69.16
CA ILE B 282 -21.96 -37.34 68.75
C ILE B 282 -23.43 -37.15 68.98
N ALA B 283 -24.20 -38.03 68.35
CA ALA B 283 -25.64 -38.09 68.47
C ALA B 283 -26.05 -39.52 68.36
N LEU B 284 -27.30 -39.74 68.60
CA LEU B 284 -27.94 -40.93 68.05
C LEU B 284 -29.44 -40.70 67.97
N THR B 285 -30.08 -41.53 67.15
CA THR B 285 -31.31 -41.18 66.40
C THR B 285 -32.41 -42.22 66.66
N ARG B 286 -33.53 -42.07 65.99
CA ARG B 286 -34.68 -42.98 66.18
C ARG B 286 -34.48 -44.25 65.36
N LYS B 287 -33.70 -44.18 64.28
CA LYS B 287 -33.45 -45.38 63.48
C LYS B 287 -32.40 -46.26 64.11
N ASN B 288 -32.08 -46.03 65.38
CA ASN B 288 -31.13 -46.86 66.11
C ASN B 288 -29.79 -46.77 65.38
N GLN B 289 -29.37 -45.54 65.08
CA GLN B 289 -28.07 -45.30 64.46
C GLN B 289 -27.15 -44.74 65.51
N LEU B 290 -25.91 -44.45 65.15
CA LEU B 290 -25.10 -43.64 66.05
C LEU B 290 -24.04 -42.89 65.25
N ILE B 291 -24.10 -41.57 65.35
CA ILE B 291 -23.40 -40.73 64.39
C ILE B 291 -22.50 -39.73 65.07
N SER B 292 -21.39 -39.45 64.43
CA SER B 292 -20.51 -38.35 64.76
C SER B 292 -20.75 -37.10 63.92
N PHE B 293 -20.18 -35.99 64.35
CA PHE B 293 -20.13 -34.73 63.59
C PHE B 293 -18.91 -33.91 64.00
N GLN B 294 -18.21 -33.41 62.99
CA GLN B 294 -17.09 -32.49 63.21
C GLN B 294 -17.36 -31.25 62.39
N ASN B 295 -18.04 -30.29 63.02
CA ASN B 295 -18.42 -29.02 62.38
C ASN B 295 -19.47 -29.28 61.31
N GLY B 296 -20.51 -30.06 61.66
CA GLY B 296 -21.63 -30.32 60.75
C GLY B 296 -21.27 -31.29 59.62
N THR B 297 -20.47 -32.30 59.92
CA THR B 297 -19.91 -33.22 58.92
C THR B 297 -20.20 -34.63 59.40
N PRO B 298 -21.37 -35.20 59.10
CA PRO B 298 -21.72 -36.53 59.61
C PRO B 298 -20.74 -37.61 59.17
N LYS B 299 -19.61 -37.67 59.87
CA LYS B 299 -18.63 -38.73 59.66
C LYS B 299 -19.12 -39.99 60.38
N ASN B 300 -18.65 -41.14 59.92
CA ASN B 300 -18.56 -42.37 60.73
C ASN B 300 -19.88 -42.65 61.46
N VAL B 301 -20.92 -42.87 60.70
CA VAL B 301 -22.17 -43.42 61.23
C VAL B 301 -21.93 -44.86 61.62
N CYS B 302 -22.73 -45.30 62.58
CA CYS B 302 -22.77 -46.71 62.94
C CYS B 302 -24.20 -47.19 62.89
N GLN B 303 -24.41 -48.38 63.38
CA GLN B 303 -25.75 -48.93 63.51
C GLN B 303 -25.84 -49.84 64.69
N LEU B 304 -26.96 -49.90 65.26
CA LEU B 304 -27.15 -50.56 66.53
C LEU B 304 -28.12 -51.69 66.39
N PRO B 305 -27.88 -52.75 67.15
CA PRO B 305 -28.73 -53.92 67.02
C PRO B 305 -30.11 -53.64 67.56
N PHE B 306 -30.15 -53.18 68.81
CA PHE B 306 -31.41 -53.06 69.55
C PHE B 306 -32.10 -51.75 69.22
N GLY B 307 -33.29 -51.58 69.78
CA GLY B 307 -34.11 -50.42 69.46
C GLY B 307 -34.37 -49.55 70.67
N ASP B 308 -34.93 -48.36 70.40
CA ASP B 308 -35.37 -47.36 71.39
C ASP B 308 -34.24 -46.90 72.29
N PRO B 309 -33.21 -46.24 71.76
CA PRO B 309 -32.11 -45.77 72.60
C PRO B 309 -32.48 -44.61 73.49
N CYS B 310 -32.02 -44.63 74.73
CA CYS B 310 -32.28 -43.54 75.71
C CYS B 310 -31.14 -42.50 75.62
N ALA B 311 -29.93 -42.94 75.95
CA ALA B 311 -28.81 -42.11 76.37
C ALA B 311 -27.50 -42.69 75.84
N VAL B 312 -26.46 -41.88 75.80
CA VAL B 312 -25.08 -42.40 75.67
C VAL B 312 -24.23 -41.81 76.79
N GLN B 313 -23.32 -42.66 77.28
CA GLN B 313 -22.19 -42.25 78.11
C GLN B 313 -20.93 -42.50 77.32
N LEU B 314 -19.83 -42.00 77.88
CA LEU B 314 -18.54 -42.31 77.28
C LEU B 314 -17.70 -43.11 78.27
N MET B 315 -16.82 -43.96 77.79
CA MET B 315 -15.95 -44.71 78.67
C MET B 315 -14.54 -44.71 78.11
N ASP B 316 -13.51 -44.69 78.97
CA ASP B 316 -12.13 -44.48 78.48
C ASP B 316 -11.24 -45.70 78.60
N SER B 317 -11.22 -46.41 79.71
CA SER B 317 -10.76 -47.80 79.71
C SER B 317 -9.27 -47.98 79.54
N GLY B 318 -8.58 -47.03 78.93
CA GLY B 318 -7.16 -47.20 78.76
C GLY B 318 -6.49 -46.28 77.77
N GLY B 319 -5.33 -46.74 77.38
CA GLY B 319 -4.51 -46.08 76.40
C GLY B 319 -5.19 -46.14 75.07
N GLY B 320 -5.83 -45.04 74.66
CA GLY B 320 -6.34 -44.79 73.30
C GLY B 320 -7.74 -45.39 73.04
N ASN B 321 -8.14 -46.42 73.80
CA ASN B 321 -9.44 -47.09 73.56
C ASN B 321 -10.53 -46.14 74.05
N LEU B 322 -11.50 -45.93 73.21
CA LEU B 322 -12.67 -45.22 73.70
C LEU B 322 -13.84 -46.08 73.46
N PHE B 323 -14.69 -46.22 74.42
CA PHE B 323 -15.97 -46.81 74.09
C PHE B 323 -17.09 -45.81 74.23
N PHE B 324 -18.23 -46.14 73.62
CA PHE B 324 -19.50 -45.49 73.93
C PHE B 324 -20.38 -46.56 74.45
N VAL B 325 -20.82 -46.33 75.65
CA VAL B 325 -21.81 -47.21 76.23
C VAL B 325 -23.15 -46.55 75.97
N VAL B 326 -24.01 -47.29 75.27
CA VAL B 326 -25.33 -46.82 74.81
C VAL B 326 -26.39 -47.66 75.48
N SER B 327 -27.34 -46.97 76.08
CA SER B 327 -28.38 -47.63 76.84
C SER B 327 -29.71 -47.62 76.09
N PHE B 328 -30.56 -48.62 76.32
CA PHE B 328 -31.81 -48.71 75.57
C PHE B 328 -32.97 -48.86 76.54
N ILE B 329 -34.14 -48.56 76.01
CA ILE B 329 -35.42 -48.56 76.77
C ILE B 329 -35.74 -49.98 77.17
N SER B 330 -35.32 -50.92 76.35
CA SER B 330 -35.76 -52.31 76.50
C SER B 330 -34.94 -53.07 77.56
N ASN B 331 -34.23 -52.34 78.42
CA ASN B 331 -33.37 -52.97 79.42
C ASN B 331 -32.31 -53.81 78.71
N ASN B 332 -31.53 -53.14 77.88
CA ASN B 332 -30.35 -53.72 77.24
C ASN B 332 -29.39 -52.58 76.87
N ALA B 333 -28.16 -52.89 76.55
CA ALA B 333 -27.20 -51.85 76.23
C ALA B 333 -26.02 -52.40 75.48
N CYS B 334 -25.35 -51.51 74.79
CA CYS B 334 -24.28 -51.91 73.87
C CYS B 334 -23.06 -51.04 74.08
N ALA B 335 -21.93 -51.49 73.57
CA ALA B 335 -20.70 -50.69 73.60
C ALA B 335 -20.10 -50.78 72.20
N VAL B 336 -19.78 -49.60 71.72
CA VAL B 336 -19.15 -49.43 70.40
C VAL B 336 -17.76 -48.81 70.60
N TRP B 337 -16.86 -49.31 69.82
CA TRP B 337 -15.46 -48.99 69.96
C TRP B 337 -15.22 -47.92 68.94
N LYS B 338 -15.18 -46.71 69.40
CA LYS B 338 -14.59 -45.66 68.60
C LYS B 338 -13.32 -46.13 67.87
N GLU B 339 -13.01 -45.47 66.78
CA GLU B 339 -12.02 -45.84 65.77
C GLU B 339 -12.55 -46.85 64.80
N SER B 340 -13.60 -47.59 65.16
CA SER B 340 -14.35 -48.44 64.18
C SER B 340 -15.76 -48.61 64.64
N PHE B 341 -16.62 -47.67 64.27
CA PHE B 341 -17.99 -47.60 64.78
C PHE B 341 -18.68 -48.94 64.50
N GLN B 342 -18.53 -49.87 65.43
CA GLN B 342 -18.93 -51.24 65.26
C GLN B 342 -19.55 -51.64 66.54
N VAL B 343 -19.69 -52.90 66.79
CA VAL B 343 -20.16 -53.26 68.12
C VAL B 343 -19.15 -54.23 68.74
N ALA B 344 -18.60 -53.86 69.88
CA ALA B 344 -17.74 -54.82 70.55
C ALA B 344 -18.52 -55.67 71.53
N ALA B 345 -19.59 -55.15 72.13
CA ALA B 345 -20.40 -56.03 72.98
C ALA B 345 -21.81 -55.55 73.11
N LYS B 346 -22.69 -56.47 73.42
CA LYS B 346 -24.12 -56.21 73.61
C LYS B 346 -24.51 -57.02 74.83
N TRP B 347 -25.42 -56.49 75.61
CA TRP B 347 -25.90 -57.20 76.80
C TRP B 347 -27.40 -57.09 76.84
N GLU B 348 -28.02 -57.94 77.64
CA GLU B 348 -29.47 -58.02 77.81
C GLU B 348 -29.59 -58.16 79.29
N LYS B 349 -30.50 -57.45 79.93
CA LYS B 349 -30.92 -57.69 81.32
C LYS B 349 -31.03 -56.32 81.98
N LEU B 350 -30.40 -56.20 83.14
CA LEU B 350 -29.79 -54.91 83.48
C LEU B 350 -30.76 -53.98 84.20
N SER B 351 -30.88 -54.24 85.49
CA SER B 351 -31.35 -53.23 86.44
C SER B 351 -30.72 -51.85 86.19
N LEU B 352 -29.39 -51.81 86.13
CA LEU B 352 -28.65 -50.54 86.01
C LEU B 352 -27.38 -50.69 85.22
N VAL B 353 -26.92 -49.56 84.70
CA VAL B 353 -25.54 -49.44 84.20
C VAL B 353 -24.82 -48.30 84.88
N LEU B 354 -23.56 -48.47 85.27
CA LEU B 354 -22.79 -47.37 85.82
C LEU B 354 -21.46 -47.34 85.17
N ILE B 355 -20.88 -46.16 84.98
CA ILE B 355 -19.52 -46.05 84.39
C ILE B 355 -18.61 -45.29 85.28
N ASP B 356 -17.56 -45.91 85.75
CA ASP B 356 -16.56 -45.26 86.61
C ASP B 356 -15.38 -46.17 86.74
N ASP B 357 -14.30 -45.71 87.33
CA ASP B 357 -13.23 -46.62 87.73
C ASP B 357 -13.56 -47.32 89.06
N PHE B 358 -14.12 -48.51 88.99
CA PHE B 358 -14.51 -49.27 90.19
C PHE B 358 -13.39 -50.06 90.79
N ILE B 359 -12.37 -50.35 89.98
CA ILE B 359 -11.40 -51.41 90.29
C ILE B 359 -10.35 -50.85 91.21
N GLY B 360 -9.79 -49.71 90.75
CA GLY B 360 -8.70 -48.99 91.36
C GLY B 360 -7.53 -49.05 90.41
N SER B 361 -7.78 -49.34 89.13
CA SER B 361 -6.72 -49.61 88.14
C SER B 361 -6.26 -48.41 87.38
N GLY B 362 -7.02 -47.33 87.46
CA GLY B 362 -6.70 -46.05 86.86
C GLY B 362 -7.09 -46.00 85.44
N THR B 363 -8.14 -46.67 85.18
CA THR B 363 -8.81 -46.59 83.95
C THR B 363 -10.27 -46.91 84.25
N GLU B 364 -11.16 -46.35 83.49
CA GLU B 364 -12.56 -46.62 83.77
C GLU B 364 -12.88 -48.09 83.38
N GLN B 365 -13.95 -48.56 83.99
CA GLN B 365 -14.61 -49.82 83.73
C GLN B 365 -16.07 -49.54 83.56
N VAL B 366 -16.86 -50.57 83.36
CA VAL B 366 -18.32 -50.47 83.37
C VAL B 366 -18.86 -51.57 84.24
N LEU B 367 -19.78 -51.15 85.05
CA LEU B 367 -20.45 -52.02 85.99
C LEU B 367 -21.91 -52.27 85.53
N LEU B 368 -22.33 -53.51 85.40
CA LEU B 368 -23.65 -53.83 84.92
C LEU B 368 -24.31 -54.59 86.01
N LEU B 369 -25.50 -54.16 86.36
CA LEU B 369 -26.32 -54.82 87.39
C LEU B 369 -27.38 -55.69 86.68
N PHE B 370 -27.53 -56.93 87.11
CA PHE B 370 -28.47 -57.82 86.45
C PHE B 370 -29.70 -57.96 87.32
N LYS B 371 -30.76 -58.38 86.64
CA LYS B 371 -32.15 -58.11 87.02
C LYS B 371 -32.46 -58.61 88.42
N ASP B 372 -33.47 -58.01 89.03
CA ASP B 372 -33.90 -58.32 90.40
C ASP B 372 -34.65 -59.64 90.47
N SER B 373 -34.77 -60.35 89.36
CA SER B 373 -35.25 -61.73 89.36
C SER B 373 -34.36 -62.61 90.25
N LEU B 374 -33.05 -62.36 90.26
CA LEU B 374 -32.13 -63.23 91.01
C LEU B 374 -32.42 -63.21 92.50
N ASN B 375 -32.21 -62.07 93.15
CA ASN B 375 -32.38 -62.01 94.60
C ASN B 375 -33.17 -60.77 94.97
N SER B 376 -33.71 -60.79 96.19
CA SER B 376 -34.26 -59.56 96.76
C SER B 376 -33.17 -58.77 97.45
N ASP B 377 -32.07 -58.48 96.76
CA ASP B 377 -31.00 -57.67 97.38
C ASP B 377 -30.29 -56.99 96.23
N CYS B 378 -29.83 -55.77 96.47
CA CYS B 378 -29.27 -54.96 95.38
C CYS B 378 -27.77 -55.10 95.37
N LEU B 379 -27.15 -54.53 94.34
CA LEU B 379 -25.73 -54.71 94.04
C LEU B 379 -25.21 -56.15 94.13
N THR B 380 -26.08 -57.15 94.11
CA THR B 380 -25.66 -58.52 93.83
C THR B 380 -25.90 -58.78 92.34
N SER B 381 -25.26 -59.81 91.78
CA SER B 381 -25.50 -60.16 90.37
C SER B 381 -24.99 -59.04 89.48
N PHE B 382 -23.73 -58.75 89.67
CA PHE B 382 -23.06 -57.69 88.90
C PHE B 382 -22.02 -58.26 87.94
N LYS B 383 -21.49 -57.36 87.14
CA LYS B 383 -20.39 -57.71 86.30
C LYS B 383 -19.62 -56.43 85.98
N ILE B 384 -18.30 -56.50 86.05
CA ILE B 384 -17.37 -55.37 85.85
C ILE B 384 -16.34 -55.62 84.78
N THR B 385 -16.32 -54.80 83.78
CA THR B 385 -15.61 -55.19 82.57
C THR B 385 -15.11 -54.03 81.75
N ASP B 386 -13.83 -53.99 81.65
CA ASP B 386 -13.22 -53.00 80.78
C ASP B 386 -13.59 -53.29 79.37
N LEU B 387 -13.89 -54.53 79.07
CA LEU B 387 -13.72 -55.06 77.72
C LEU B 387 -12.23 -55.03 77.33
N GLY B 388 -11.39 -55.47 78.25
CA GLY B 388 -9.98 -55.76 78.05
C GLY B 388 -9.47 -56.65 79.17
N LYS B 389 -8.33 -56.30 79.68
CA LYS B 389 -7.68 -57.20 80.62
C LYS B 389 -8.54 -57.42 81.84
N ILE B 390 -9.32 -56.43 82.19
CA ILE B 390 -10.02 -56.46 83.47
C ILE B 390 -11.38 -57.03 83.24
N ASN B 391 -11.65 -58.14 83.88
CA ASN B 391 -12.97 -58.75 83.78
C ASN B 391 -13.25 -59.52 85.06
N TYR B 392 -14.29 -59.15 85.79
CA TYR B 392 -14.68 -59.88 87.02
C TYR B 392 -16.17 -60.12 86.88
N SER B 393 -16.68 -60.95 87.74
CA SER B 393 -18.10 -61.31 87.66
C SER B 393 -18.51 -61.99 88.98
N SER B 394 -19.77 -62.47 89.03
CA SER B 394 -20.26 -63.24 90.18
C SER B 394 -20.20 -64.73 89.83
N GLU B 410 -7.22 -81.68 87.70
CA GLU B 410 -7.69 -80.58 88.55
C GLU B 410 -6.51 -79.79 89.12
N ASN B 411 -5.32 -79.92 88.54
CA ASN B 411 -4.15 -79.18 89.03
C ASN B 411 -4.21 -77.76 88.49
N ARG B 412 -4.03 -77.59 87.17
CA ARG B 412 -4.31 -76.35 86.41
C ARG B 412 -3.38 -75.17 86.67
N TYR B 413 -2.57 -75.20 87.71
CA TYR B 413 -1.86 -73.96 88.07
C TYR B 413 -0.66 -73.73 87.17
N LEU B 414 -0.06 -74.75 86.58
CA LEU B 414 1.14 -74.51 85.76
C LEU B 414 0.80 -73.82 84.47
N VAL B 415 -0.39 -73.99 83.93
CA VAL B 415 -0.73 -73.37 82.64
C VAL B 415 -0.89 -71.86 82.80
N VAL B 416 -1.28 -71.37 83.97
CA VAL B 416 -1.79 -69.99 84.15
C VAL B 416 -0.74 -68.96 83.76
N PRO B 417 0.41 -68.89 84.41
CA PRO B 417 1.38 -67.85 84.08
C PRO B 417 1.75 -67.82 82.62
N PRO B 418 1.79 -68.94 81.88
CA PRO B 418 1.81 -68.82 80.43
C PRO B 418 0.66 -68.00 79.89
N LEU B 419 -0.57 -68.16 80.36
CA LEU B 419 -1.69 -67.33 79.88
C LEU B 419 -1.52 -65.87 80.28
N GLU B 420 -1.12 -65.63 81.50
CA GLU B 420 -0.94 -64.26 81.97
C GLU B 420 0.11 -63.54 81.12
N THR B 421 1.18 -64.19 80.78
CA THR B 421 2.15 -63.63 79.85
C THR B 421 1.54 -63.55 78.47
N GLY B 422 0.64 -64.45 78.10
CA GLY B 422 0.03 -64.36 76.78
C GLY B 422 -0.86 -63.13 76.63
N LEU B 423 -1.50 -62.73 77.73
CA LEU B 423 -2.30 -61.49 77.75
C LEU B 423 -1.43 -60.28 77.52
N LYS B 424 -0.31 -60.19 78.22
CA LYS B 424 0.57 -59.03 78.17
C LYS B 424 1.32 -58.94 76.86
N VAL B 425 1.57 -60.04 76.18
CA VAL B 425 2.22 -59.94 74.88
C VAL B 425 1.19 -59.41 73.91
N CYS B 426 -0.03 -59.90 74.03
CA CYS B 426 -1.08 -59.47 73.12
C CYS B 426 -1.31 -57.98 73.21
N PHE B 427 -1.38 -57.48 74.43
CA PHE B 427 -1.64 -56.05 74.68
C PHE B 427 -0.53 -55.21 74.07
N SER B 428 0.70 -55.60 74.32
CA SER B 428 1.85 -54.88 73.78
C SER B 428 1.81 -54.94 72.28
N SER B 429 1.44 -56.08 71.72
CA SER B 429 1.41 -56.15 70.27
C SER B 429 0.37 -55.15 69.76
N PHE B 430 -0.72 -54.93 70.50
CA PHE B 430 -1.80 -53.99 70.12
C PHE B 430 -1.19 -52.62 69.99
N ARG B 431 -0.55 -52.21 71.07
CA ARG B 431 0.01 -50.85 71.18
C ARG B 431 1.06 -50.62 70.10
N GLU B 432 1.68 -51.68 69.63
CA GLU B 432 2.74 -51.48 68.68
C GLU B 432 2.12 -51.37 67.36
N LEU B 433 1.05 -52.12 67.12
CA LEU B 433 0.38 -51.97 65.83
C LEU B 433 -0.15 -50.56 65.67
N ARG B 434 -0.75 -50.02 66.74
CA ARG B 434 -1.32 -48.68 66.57
C ARG B 434 -0.24 -47.71 66.17
N GLN B 435 0.91 -47.81 66.81
CA GLN B 435 1.96 -46.82 66.54
C GLN B 435 2.42 -47.05 65.14
N HIS B 436 2.52 -48.29 64.76
CA HIS B 436 2.99 -48.64 63.43
C HIS B 436 2.08 -48.02 62.39
N LEU B 437 0.80 -48.10 62.64
CA LEU B 437 -0.20 -47.54 61.71
C LEU B 437 -0.07 -46.01 61.53
N LEU B 438 0.09 -45.34 62.64
CA LEU B 438 0.39 -43.91 62.55
C LEU B 438 1.59 -43.69 61.69
N LEU B 439 2.59 -44.53 61.80
CA LEU B 439 3.78 -44.26 61.06
C LEU B 439 3.44 -44.40 59.61
N LYS B 440 2.53 -45.31 59.27
CA LYS B 440 2.26 -45.52 57.82
C LYS B 440 1.57 -44.31 57.28
N GLU B 441 0.67 -43.74 58.05
CA GLU B 441 -0.02 -42.53 57.56
C GLU B 441 0.94 -41.34 57.37
N LYS B 442 1.83 -41.17 58.32
CA LYS B 442 2.83 -40.12 58.21
C LYS B 442 3.66 -40.31 56.96
N ILE B 443 4.02 -41.54 56.61
CA ILE B 443 4.78 -41.72 55.38
C ILE B 443 3.94 -41.46 54.15
N ILE B 444 2.65 -41.79 54.14
CA ILE B 444 1.82 -41.55 52.94
C ILE B 444 1.70 -40.06 52.70
N SER B 445 1.46 -39.32 53.76
CA SER B 445 1.38 -37.83 53.67
C SER B 445 2.67 -37.29 53.12
N LYS B 446 3.76 -37.64 53.75
CA LYS B 446 5.07 -37.24 53.31
C LYS B 446 5.22 -37.47 51.84
N SER B 447 4.80 -38.62 51.35
CA SER B 447 5.03 -38.89 49.94
C SER B 447 4.00 -38.16 49.06
N TYR B 448 2.80 -37.81 49.54
CA TYR B 448 1.92 -36.91 48.73
C TYR B 448 2.66 -35.63 48.50
N LYS B 449 3.10 -35.02 49.60
CA LYS B 449 3.76 -33.72 49.51
C LYS B 449 5.01 -33.85 48.66
N ALA B 450 5.66 -34.98 48.70
CA ALA B 450 6.82 -35.16 47.85
C ALA B 450 6.43 -35.23 46.41
N LEU B 451 5.37 -35.97 46.06
CA LEU B 451 4.84 -35.97 44.69
C LEU B 451 4.56 -34.53 44.26
N ILE B 452 3.85 -33.79 45.10
CA ILE B 452 3.42 -32.45 44.69
C ILE B 452 4.63 -31.59 44.43
N ASN B 453 5.56 -31.55 45.36
CA ASN B 453 6.76 -30.72 45.20
C ASN B 453 7.66 -31.21 44.08
N LEU B 454 7.56 -32.46 43.66
CA LEU B 454 8.49 -32.93 42.64
C LEU B 454 8.20 -32.30 41.30
N VAL B 455 6.95 -32.25 40.92
CA VAL B 455 6.59 -31.56 39.66
C VAL B 455 6.97 -30.06 39.69
N GLN B 456 6.77 -29.40 40.83
CA GLN B 456 6.93 -27.94 40.91
C GLN B 456 8.30 -27.62 41.52
N SER B 496 3.30 -20.00 43.93
CA SER B 496 3.49 -19.26 45.20
C SER B 496 2.63 -18.00 45.21
N GLU B 497 2.71 -17.23 44.14
CA GLU B 497 1.89 -16.02 43.94
C GLU B 497 0.47 -16.44 43.56
N GLN B 498 -0.52 -15.94 44.29
CA GLN B 498 -1.91 -16.32 44.01
C GLN B 498 -2.26 -15.89 42.58
N LEU B 499 -2.31 -16.85 41.68
CA LEU B 499 -2.74 -16.64 40.29
C LEU B 499 -4.25 -16.55 40.15
N VAL B 500 -4.99 -16.77 41.23
CA VAL B 500 -6.46 -16.89 41.17
C VAL B 500 -7.06 -16.49 42.48
N GLU B 501 -8.05 -15.63 42.44
CA GLU B 501 -8.69 -15.26 43.69
C GLU B 501 -9.45 -16.46 44.23
N LYS B 502 -10.56 -16.83 43.64
CA LYS B 502 -11.56 -17.59 44.40
C LYS B 502 -12.65 -18.07 43.48
N ILE B 503 -13.37 -19.06 43.94
CA ILE B 503 -14.24 -19.88 43.11
C ILE B 503 -15.69 -19.63 43.45
N TRP B 504 -16.55 -19.76 42.46
CA TRP B 504 -17.97 -19.64 42.74
C TRP B 504 -18.74 -20.42 41.72
N TYR B 505 -19.92 -20.85 42.13
CA TYR B 505 -20.75 -21.64 41.25
C TYR B 505 -22.20 -21.30 41.38
N ARG B 506 -22.89 -21.28 40.23
CA ARG B 506 -24.33 -21.21 40.25
C ARG B 506 -25.06 -22.17 39.33
N VAL B 507 -26.30 -22.45 39.67
CA VAL B 507 -27.17 -23.25 38.84
C VAL B 507 -28.17 -22.33 38.22
N ILE B 508 -28.36 -22.40 36.90
CA ILE B 508 -29.23 -21.42 36.25
C ILE B 508 -30.61 -22.02 36.09
N ASP B 509 -30.76 -23.01 35.22
CA ASP B 509 -31.99 -23.80 35.20
C ASP B 509 -31.62 -25.27 35.27
N ASP B 510 -31.13 -25.78 34.15
CA ASP B 510 -30.55 -27.12 34.05
C ASP B 510 -29.11 -27.03 33.62
N SER B 511 -28.40 -25.98 33.98
CA SER B 511 -26.99 -25.85 33.64
C SER B 511 -26.22 -25.55 34.93
N LEU B 512 -24.99 -25.99 35.01
CA LEU B 512 -24.12 -25.55 36.11
C LEU B 512 -23.02 -24.68 35.53
N VAL B 513 -22.79 -23.56 36.18
CA VAL B 513 -21.81 -22.61 35.69
C VAL B 513 -20.87 -22.38 36.80
N VAL B 514 -19.62 -22.45 36.48
CA VAL B 514 -18.63 -22.26 37.51
C VAL B 514 -17.67 -21.23 37.03
N GLY B 515 -17.29 -20.33 37.93
CA GLY B 515 -16.44 -19.22 37.52
C GLY B 515 -15.50 -18.79 38.58
N VAL B 516 -14.42 -18.22 38.09
CA VAL B 516 -13.27 -17.90 38.91
C VAL B 516 -12.65 -16.57 38.56
N LYS B 517 -12.37 -15.76 39.56
CA LYS B 517 -11.95 -14.39 39.35
C LYS B 517 -10.45 -14.28 39.53
N THR B 518 -9.76 -13.72 38.55
CA THR B 518 -8.31 -13.79 38.48
C THR B 518 -7.65 -12.66 39.26
N THR B 519 -6.33 -12.54 39.10
CA THR B 519 -5.54 -11.47 39.68
C THR B 519 -4.59 -10.90 38.64
N SER B 520 -3.98 -9.77 38.98
CA SER B 520 -3.08 -9.03 38.09
C SER B 520 -2.06 -9.93 37.40
N SER B 521 -1.56 -10.95 38.09
CA SER B 521 -0.40 -11.69 37.57
C SER B 521 -0.77 -12.41 36.29
N LEU B 522 -2.02 -12.78 36.12
CA LEU B 522 -2.40 -13.59 34.97
C LEU B 522 -2.94 -12.67 33.88
N LYS B 523 -2.21 -12.59 32.79
CA LYS B 523 -2.45 -11.61 31.72
C LYS B 523 -2.99 -12.34 30.49
N LEU B 524 -4.30 -12.18 30.26
CA LEU B 524 -4.99 -12.95 29.23
C LEU B 524 -4.56 -12.49 27.85
N SER B 525 -3.84 -11.37 27.78
CA SER B 525 -3.17 -11.00 26.53
C SER B 525 -2.17 -12.07 26.16
N LEU B 526 -1.45 -12.59 27.15
CA LEU B 526 -0.31 -13.46 26.82
C LEU B 526 -0.65 -14.93 26.97
N ASN B 527 -1.69 -15.23 27.72
CA ASN B 527 -1.96 -16.63 28.06
C ASN B 527 -3.42 -16.92 27.79
N ASP B 528 -3.67 -17.79 26.83
CA ASP B 528 -4.95 -18.50 26.75
C ASP B 528 -5.15 -19.33 27.98
N VAL B 529 -6.29 -19.17 28.63
CA VAL B 529 -6.56 -20.04 29.76
C VAL B 529 -7.86 -20.75 29.50
N THR B 530 -7.95 -21.92 30.10
CA THR B 530 -9.13 -22.76 30.05
C THR B 530 -9.48 -23.19 31.47
N LEU B 531 -10.54 -23.93 31.62
CA LEU B 531 -10.93 -24.46 32.93
C LEU B 531 -11.55 -25.82 32.68
N SER B 532 -11.63 -26.74 33.62
CA SER B 532 -12.32 -28.01 33.41
C SER B 532 -12.97 -28.45 34.65
N LEU B 533 -13.99 -29.24 34.57
CA LEU B 533 -14.50 -29.85 35.80
C LEU B 533 -14.25 -31.33 35.83
N LEU B 534 -13.85 -31.94 36.96
CA LEU B 534 -13.43 -33.37 37.02
C LEU B 534 -14.21 -34.11 38.09
N MET B 535 -14.95 -35.15 37.75
CA MET B 535 -15.83 -35.74 38.75
C MET B 535 -14.97 -36.69 39.55
N ASP B 536 -15.25 -36.81 40.84
CA ASP B 536 -14.71 -37.91 41.67
C ASP B 536 -15.22 -39.29 41.22
N GLN B 537 -14.30 -40.13 40.77
CA GLN B 537 -14.59 -41.45 40.20
C GLN B 537 -15.13 -42.41 41.25
N ALA B 538 -14.92 -42.07 42.52
CA ALA B 538 -15.48 -42.79 43.68
C ALA B 538 -17.00 -42.93 43.58
N HIS B 539 -17.67 -41.86 43.17
CA HIS B 539 -19.12 -41.85 42.92
C HIS B 539 -19.41 -42.51 41.57
N ASP B 540 -18.70 -42.06 40.54
CA ASP B 540 -18.96 -42.46 39.14
C ASP B 540 -18.34 -43.84 38.98
N SER B 541 -19.15 -44.86 39.24
CA SER B 541 -18.75 -46.26 38.99
C SER B 541 -18.61 -46.52 37.49
N ARG B 542 -19.10 -45.59 36.67
CA ARG B 542 -19.22 -45.74 35.22
C ARG B 542 -18.53 -44.52 34.61
N PHE B 543 -18.26 -44.54 33.32
CA PHE B 543 -17.60 -43.35 32.77
C PHE B 543 -18.31 -42.88 31.51
N ARG B 544 -19.05 -41.81 31.68
CA ARG B 544 -19.38 -40.92 30.57
C ARG B 544 -18.22 -39.95 30.47
N LEU B 545 -18.08 -39.30 29.34
CA LEU B 545 -17.43 -38.00 29.24
C LEU B 545 -18.17 -36.96 30.06
N LEU B 546 -17.63 -35.75 30.13
CA LEU B 546 -18.28 -34.56 30.74
C LEU B 546 -17.68 -33.31 30.10
N LYS B 547 -18.53 -32.42 29.61
CA LYS B 547 -18.10 -31.38 28.68
C LYS B 547 -18.26 -30.02 29.31
N CYS B 548 -17.36 -29.12 28.98
CA CYS B 548 -17.41 -27.75 29.51
C CYS B 548 -16.97 -26.69 28.48
N GLN B 549 -17.77 -25.62 28.33
CA GLN B 549 -17.48 -24.48 27.42
C GLN B 549 -17.00 -23.29 28.27
N ASN B 550 -15.98 -22.62 27.76
CA ASN B 550 -15.28 -21.61 28.53
C ASN B 550 -15.36 -20.24 27.94
N ARG B 551 -15.91 -19.31 28.72
CA ARG B 551 -15.92 -17.91 28.32
C ARG B 551 -14.98 -17.07 29.15
N VAL B 552 -14.41 -16.06 28.54
CA VAL B 552 -13.80 -15.01 29.32
C VAL B 552 -14.71 -13.82 29.30
N ILE B 553 -14.77 -13.12 30.39
CA ILE B 553 -15.67 -11.99 30.62
C ILE B 553 -14.80 -10.86 31.16
N LYS B 554 -14.65 -9.80 30.39
CA LYS B 554 -14.03 -8.57 30.87
C LYS B 554 -15.14 -7.57 31.14
N LEU B 555 -15.14 -6.99 32.32
CA LEU B 555 -15.98 -5.83 32.63
C LEU B 555 -15.14 -4.73 33.25
N SER B 556 -15.27 -3.52 32.70
CA SER B 556 -14.61 -2.33 33.26
C SER B 556 -15.39 -1.76 34.44
N THR B 557 -14.69 -1.35 35.49
CA THR B 557 -15.32 -0.99 36.76
C THR B 557 -15.21 0.52 36.92
N ASN B 558 -16.34 1.21 36.72
CA ASN B 558 -16.44 2.67 36.81
C ASN B 558 -15.39 3.35 35.92
N PRO B 559 -15.42 3.13 34.59
CA PRO B 559 -14.56 3.90 33.69
C PRO B 559 -15.07 5.32 33.55
N PHE B 560 -16.31 5.54 33.97
CA PHE B 560 -16.96 6.85 33.87
C PHE B 560 -16.69 7.64 35.15
N LYS B 596 -4.69 1.93 38.37
CA LYS B 596 -5.71 2.74 37.68
C LYS B 596 -7.12 2.23 38.03
N LYS B 597 -8.08 2.56 37.18
CA LYS B 597 -9.41 1.96 37.22
C LYS B 597 -9.35 0.47 36.89
N GLU B 598 -9.93 -0.32 37.77
CA GLU B 598 -9.90 -1.80 37.74
C GLU B 598 -10.77 -2.34 36.61
N CYS B 599 -10.16 -3.10 35.70
CA CYS B 599 -10.89 -4.09 34.89
C CYS B 599 -11.20 -5.29 35.78
N VAL B 600 -12.08 -6.16 35.35
CA VAL B 600 -12.30 -7.45 36.03
C VAL B 600 -12.38 -8.55 34.96
N GLN B 601 -11.35 -9.40 34.86
CA GLN B 601 -11.37 -10.62 34.00
C GLN B 601 -11.80 -11.73 34.91
N ILE B 602 -12.85 -12.42 34.53
CA ILE B 602 -13.16 -13.70 35.16
C ILE B 602 -13.35 -14.75 34.09
N ILE B 603 -13.32 -16.02 34.47
CA ILE B 603 -13.15 -17.13 33.53
C ILE B 603 -14.10 -18.17 34.00
N THR B 604 -14.81 -18.71 33.08
CA THR B 604 -16.04 -19.37 33.47
C THR B 604 -16.27 -20.59 32.56
N ALA B 605 -17.02 -21.56 33.06
CA ALA B 605 -17.30 -22.80 32.34
C ALA B 605 -18.76 -23.17 32.59
N VAL B 606 -19.34 -23.84 31.63
CA VAL B 606 -20.74 -24.15 31.73
C VAL B 606 -20.88 -25.59 31.31
N THR B 607 -21.80 -26.27 31.95
CA THR B 607 -21.99 -27.70 31.70
C THR B 607 -23.40 -28.09 32.04
N SER B 608 -23.82 -29.29 31.64
CA SER B 608 -25.12 -29.83 32.04
C SER B 608 -25.06 -30.34 33.47
N LEU B 609 -26.17 -30.15 34.17
CA LEU B 609 -26.30 -30.72 35.48
C LEU B 609 -26.77 -32.14 35.39
N SER B 610 -27.88 -32.42 34.75
CA SER B 610 -28.61 -33.68 35.01
C SER B 610 -27.79 -34.95 34.84
N PRO B 611 -26.78 -34.98 33.95
CA PRO B 611 -25.81 -36.09 33.93
C PRO B 611 -25.02 -36.29 35.22
N LEU B 612 -25.00 -35.33 36.13
CA LEU B 612 -24.10 -35.38 37.30
C LEU B 612 -24.88 -35.52 38.57
N LEU B 613 -26.20 -35.41 38.53
CA LEU B 613 -27.06 -35.67 39.68
C LEU B 613 -27.63 -37.07 39.64
N THR B 614 -26.81 -38.00 39.20
CA THR B 614 -27.17 -39.41 39.29
C THR B 614 -27.19 -39.81 40.75
N PHE B 615 -26.14 -39.44 41.48
CA PHE B 615 -26.01 -39.97 42.84
C PHE B 615 -26.44 -38.98 43.89
N SER B 616 -27.41 -38.13 43.57
CA SER B 616 -28.01 -37.19 44.53
C SER B 616 -26.99 -36.13 44.95
N LYS B 617 -25.76 -36.24 44.44
CA LYS B 617 -24.61 -35.61 45.07
C LYS B 617 -23.41 -35.78 44.18
N PHE B 618 -22.47 -34.86 44.29
CA PHE B 618 -21.20 -35.00 43.60
C PHE B 618 -20.24 -33.93 44.03
N CYS B 619 -18.99 -34.16 43.70
CA CYS B 619 -17.86 -33.36 44.17
C CYS B 619 -16.91 -33.29 42.99
N CYS B 620 -17.05 -32.26 42.22
CA CYS B 620 -16.08 -31.98 41.18
C CYS B 620 -14.87 -31.26 41.73
N THR B 621 -13.87 -31.18 40.92
CA THR B 621 -12.65 -30.46 41.21
C THR B 621 -12.39 -29.55 40.06
N VAL B 622 -11.76 -28.43 40.28
CA VAL B 622 -11.70 -27.40 39.26
C VAL B 622 -10.27 -27.18 38.93
N LEU B 623 -9.99 -27.26 37.69
CA LEU B 623 -8.65 -27.21 37.22
C LEU B 623 -8.52 -26.08 36.21
N LEU B 624 -7.68 -25.12 36.51
CA LEU B 624 -7.45 -23.99 35.62
C LEU B 624 -6.21 -24.31 34.83
N GLN B 625 -6.36 -24.49 33.56
CA GLN B 625 -5.18 -24.76 32.80
C GLN B 625 -4.71 -23.51 32.06
N ILE B 626 -3.42 -23.45 31.77
CA ILE B 626 -2.78 -22.28 31.13
C ILE B 626 -1.79 -22.69 30.06
N MET B 627 -1.91 -22.15 28.86
CA MET B 627 -0.91 -22.41 27.83
C MET B 627 -0.44 -21.09 27.23
N GLU B 628 0.87 -20.90 27.22
CA GLU B 628 1.53 -19.77 26.58
C GLU B 628 1.60 -20.00 25.09
N ARG B 629 1.73 -18.94 24.31
CA ARG B 629 1.62 -19.04 22.86
C ARG B 629 2.91 -18.60 22.15
N GLU B 630 3.60 -17.57 22.66
CA GLU B 630 4.79 -17.02 21.99
C GLU B 630 5.88 -18.09 21.89
N SER B 631 6.23 -18.69 23.03
CA SER B 631 7.31 -19.68 23.11
C SER B 631 6.81 -20.97 22.50
N GLY B 632 7.44 -21.38 21.40
CA GLY B 632 7.09 -22.60 20.67
C GLY B 632 7.74 -23.83 21.27
N ASN B 633 8.36 -23.68 22.45
CA ASN B 633 8.87 -24.81 23.22
C ASN B 633 7.74 -25.58 23.93
N CYS B 634 6.50 -25.07 23.93
CA CYS B 634 5.40 -25.55 24.80
C CYS B 634 5.78 -25.56 26.28
N PRO B 635 6.45 -24.52 26.79
CA PRO B 635 7.15 -24.62 28.07
C PRO B 635 6.31 -24.59 29.35
N LYS B 636 5.44 -23.59 29.48
CA LYS B 636 4.93 -23.16 30.79
C LYS B 636 3.44 -23.46 31.00
N ASP B 637 3.14 -24.69 31.39
CA ASP B 637 1.75 -25.03 31.68
C ASP B 637 1.55 -25.09 33.18
N ARG B 638 1.29 -23.96 33.81
CA ARG B 638 1.06 -23.86 35.25
C ARG B 638 -0.34 -24.30 35.64
N TYR B 639 -0.56 -25.59 35.73
CA TYR B 639 -1.86 -26.02 36.19
C TYR B 639 -2.11 -25.44 37.55
N VAL B 640 -3.35 -25.34 37.96
CA VAL B 640 -3.68 -24.84 39.30
C VAL B 640 -5.00 -25.41 39.70
N VAL B 641 -5.09 -26.01 40.89
CA VAL B 641 -6.37 -26.58 41.34
C VAL B 641 -7.05 -25.61 42.29
N CYS B 642 -8.07 -24.95 41.77
CA CYS B 642 -8.68 -23.86 42.51
C CYS B 642 -9.95 -24.39 43.14
N GLY B 643 -9.83 -24.76 44.40
CA GLY B 643 -11.03 -25.27 45.05
C GLY B 643 -11.62 -26.52 44.44
N ARG B 644 -12.88 -26.75 44.69
CA ARG B 644 -13.48 -28.09 44.80
C ARG B 644 -14.95 -27.86 45.03
N VAL B 645 -15.80 -28.34 44.17
CA VAL B 645 -17.20 -27.94 44.31
C VAL B 645 -18.08 -29.10 44.67
N PHE B 646 -18.83 -28.95 45.75
CA PHE B 646 -19.81 -29.96 46.14
C PHE B 646 -21.20 -29.46 45.81
N LEU B 647 -22.00 -30.31 45.22
CA LEU B 647 -23.45 -30.10 45.27
C LEU B 647 -24.20 -31.34 45.66
N SER B 648 -25.44 -31.12 46.04
CA SER B 648 -26.37 -32.18 46.41
C SER B 648 -27.77 -31.68 46.11
N LEU B 649 -28.71 -32.59 45.95
CA LEU B 649 -30.11 -32.21 45.81
C LEU B 649 -30.68 -31.60 47.09
N GLU B 650 -30.21 -32.01 48.25
CA GLU B 650 -30.68 -31.41 49.51
C GLU B 650 -30.37 -29.92 49.50
N ASP B 651 -29.28 -29.50 48.86
CA ASP B 651 -28.95 -28.08 48.87
C ASP B 651 -29.88 -27.30 47.97
N LEU B 652 -30.00 -27.73 46.71
CA LEU B 652 -30.86 -27.02 45.76
C LEU B 652 -32.29 -26.96 46.28
N SER B 653 -32.77 -28.00 46.96
CA SER B 653 -34.18 -28.03 47.41
C SER B 653 -34.46 -26.87 48.37
N THR B 654 -33.42 -26.31 48.97
CA THR B 654 -33.52 -25.15 49.89
C THR B 654 -33.02 -23.89 49.18
N GLY B 655 -33.00 -23.92 47.85
CA GLY B 655 -32.37 -22.87 47.04
C GLY B 655 -30.88 -22.73 47.25
N LYS B 656 -30.45 -21.55 47.69
CA LYS B 656 -29.10 -21.33 48.27
C LYS B 656 -28.03 -21.22 47.19
N TYR B 657 -28.22 -21.85 46.04
CA TYR B 657 -27.30 -21.71 44.92
C TYR B 657 -28.00 -21.37 43.64
N LEU B 658 -29.31 -21.54 43.60
CA LEU B 658 -30.08 -21.27 42.40
C LEU B 658 -30.03 -19.80 42.08
N LEU B 659 -30.28 -19.54 40.80
CA LEU B 659 -30.68 -18.23 40.29
C LEU B 659 -32.03 -18.47 39.66
N THR B 660 -33.03 -17.84 40.22
CA THR B 660 -34.41 -17.99 39.80
C THR B 660 -34.97 -16.62 39.51
N PHE B 661 -35.66 -16.50 38.39
CA PHE B 661 -36.19 -15.24 37.88
C PHE B 661 -37.58 -15.03 38.46
N PRO B 662 -38.34 -14.05 37.98
CA PRO B 662 -38.56 -12.82 38.75
C PRO B 662 -39.00 -12.88 40.21
N LYS B 663 -38.99 -11.65 40.74
CA LYS B 663 -38.82 -11.19 42.10
C LYS B 663 -37.34 -11.23 42.51
N LYS B 664 -36.61 -12.30 42.22
CA LYS B 664 -35.14 -12.27 42.44
C LYS B 664 -34.51 -11.38 41.37
N LYS B 665 -34.96 -10.14 41.36
CA LYS B 665 -34.38 -9.04 40.59
C LYS B 665 -33.13 -8.47 41.25
N PRO B 666 -33.20 -7.97 42.49
CA PRO B 666 -32.13 -7.05 42.92
C PRO B 666 -30.83 -7.79 43.23
N ILE B 667 -30.01 -7.88 42.19
CA ILE B 667 -28.82 -8.74 42.15
C ILE B 667 -27.77 -8.03 43.01
N GLU B 668 -27.46 -8.59 44.17
CA GLU B 668 -26.55 -7.98 45.15
C GLU B 668 -25.39 -8.90 45.48
N HIS B 669 -25.39 -10.12 44.97
CA HIS B 669 -24.14 -10.88 44.83
C HIS B 669 -23.75 -10.83 43.37
N MET B 670 -22.62 -10.18 43.11
CA MET B 670 -22.19 -9.96 41.73
C MET B 670 -21.87 -11.27 41.00
N GLU B 671 -21.61 -12.35 41.73
CA GLU B 671 -21.47 -13.65 41.08
C GLU B 671 -22.73 -13.95 40.26
N ASP B 672 -23.89 -13.60 40.79
CA ASP B 672 -25.13 -13.96 40.11
C ASP B 672 -25.19 -13.28 38.76
N LEU B 673 -24.63 -12.10 38.69
CA LEU B 673 -24.54 -11.38 37.43
C LEU B 673 -23.51 -12.03 36.57
N PHE B 674 -22.39 -12.46 37.12
CA PHE B 674 -21.43 -13.10 36.22
C PHE B 674 -21.91 -14.47 35.72
N ALA B 675 -22.83 -15.11 36.42
CA ALA B 675 -23.45 -16.32 35.91
C ALA B 675 -24.31 -16.11 34.66
N LEU B 676 -25.13 -15.11 34.63
CA LEU B 676 -25.92 -14.87 33.44
C LEU B 676 -25.01 -14.43 32.36
N LEU B 677 -23.92 -13.71 32.59
CA LEU B 677 -23.02 -13.47 31.45
C LEU B 677 -22.23 -14.67 31.06
N ALA B 678 -22.27 -15.75 31.82
CA ALA B 678 -21.57 -16.96 31.40
C ALA B 678 -22.50 -18.00 30.77
N ALA B 679 -23.62 -18.29 31.42
CA ALA B 679 -24.61 -19.25 30.91
C ALA B 679 -25.29 -18.80 29.58
N PHE B 680 -25.55 -17.52 29.33
CA PHE B 680 -26.50 -17.10 28.29
C PHE B 680 -25.83 -16.92 26.96
N HIS B 681 -26.60 -17.01 25.89
CA HIS B 681 -26.04 -17.09 24.55
C HIS B 681 -25.69 -15.67 24.12
N LYS B 682 -24.47 -15.44 23.66
CA LYS B 682 -24.00 -14.10 23.32
C LYS B 682 -23.73 -13.85 21.84
N SER B 683 -24.27 -12.71 21.39
CA SER B 683 -24.18 -12.12 20.03
C SER B 683 -23.91 -10.61 20.02
N CYS B 684 -23.00 -10.16 19.16
CA CYS B 684 -22.46 -8.79 19.13
C CYS B 684 -22.64 -8.17 17.75
N PHE B 685 -23.36 -7.07 17.77
CA PHE B 685 -23.79 -6.35 16.57
C PHE B 685 -23.15 -4.98 16.50
N GLN B 686 -22.68 -4.62 15.32
CA GLN B 686 -22.20 -3.27 15.03
C GLN B 686 -23.34 -2.57 14.31
N ILE B 687 -23.63 -1.35 14.73
CA ILE B 687 -24.71 -0.52 14.13
C ILE B 687 -24.06 0.68 13.45
N THR B 688 -24.40 0.94 12.20
CA THR B 688 -23.81 2.08 11.50
C THR B 688 -24.94 2.79 10.82
N SER B 689 -25.22 4.01 11.28
CA SER B 689 -26.12 4.97 10.62
C SER B 689 -25.32 5.87 9.69
N PRO B 690 -25.55 5.82 8.40
CA PRO B 690 -24.78 6.65 7.52
C PRO B 690 -25.40 8.03 7.41
N GLY B 691 -26.60 8.22 7.93
CA GLY B 691 -27.29 9.46 7.62
C GLY B 691 -28.07 10.07 8.75
N TYR B 692 -27.91 9.60 9.97
CA TYR B 692 -28.43 10.35 11.13
C TYR B 692 -27.39 10.34 12.21
N ALA B 693 -27.78 10.66 13.42
CA ALA B 693 -26.90 10.42 14.55
C ALA B 693 -27.58 9.41 15.41
N LEU B 694 -26.91 9.01 16.47
CA LEU B 694 -27.39 7.83 17.18
C LEU B 694 -27.50 8.05 18.65
N ASN B 695 -28.60 8.60 19.05
CA ASN B 695 -28.81 8.85 20.47
C ASN B 695 -30.07 8.15 20.92
N SER B 696 -30.67 7.41 20.00
CA SER B 696 -31.92 6.69 20.24
C SER B 696 -31.67 5.46 21.10
N MET B 697 -30.42 5.07 21.23
CA MET B 697 -30.11 3.73 21.72
C MET B 697 -30.41 3.68 23.19
N LYS B 698 -29.96 4.68 23.92
CA LYS B 698 -30.21 4.68 25.36
C LYS B 698 -31.67 4.85 25.63
N VAL B 699 -32.38 5.50 24.73
CA VAL B 699 -33.82 5.67 24.95
C VAL B 699 -34.53 4.35 24.73
N TRP B 700 -34.26 3.70 23.60
CA TRP B 700 -34.77 2.34 23.37
C TRP B 700 -34.51 1.47 24.60
N LEU B 701 -33.28 1.55 25.11
CA LEU B 701 -32.83 0.66 26.19
C LEU B 701 -33.54 0.98 27.50
N LEU B 702 -33.72 2.25 27.79
CA LEU B 702 -34.20 2.64 29.10
C LEU B 702 -35.73 2.75 29.13
N GLU B 703 -36.37 3.12 28.03
CA GLU B 703 -37.82 3.38 28.04
C GLU B 703 -38.57 2.19 27.46
N HIS B 704 -38.20 1.80 26.25
CA HIS B 704 -38.84 0.66 25.57
C HIS B 704 -38.47 -0.65 26.24
N MET B 705 -37.21 -0.82 26.60
CA MET B 705 -36.76 -2.03 27.30
C MET B 705 -36.68 -1.86 28.81
N LYS B 706 -36.77 -0.65 29.32
CA LYS B 706 -36.84 -0.41 30.77
C LYS B 706 -35.69 -1.13 31.46
N CYS B 707 -34.50 -0.65 31.16
CA CYS B 707 -33.27 -1.24 31.71
C CYS B 707 -32.79 -0.48 32.93
N GLU B 708 -32.28 -1.23 33.89
CA GLU B 708 -31.56 -0.68 35.05
C GLU B 708 -30.07 -0.80 34.75
N ILE B 709 -29.36 0.30 34.83
CA ILE B 709 -27.89 0.19 34.77
C ILE B 709 -27.43 -0.40 36.08
N ILE B 710 -26.32 -1.12 36.04
CA ILE B 710 -25.68 -1.63 37.26
C ILE B 710 -24.68 -0.62 37.76
N LYS B 711 -24.65 -0.41 39.08
CA LYS B 711 -23.86 0.71 39.63
C LYS B 711 -22.39 0.34 39.62
N GLU B 712 -22.08 -0.89 40.03
CA GLU B 712 -20.70 -1.38 40.09
C GLU B 712 -20.18 -1.65 38.68
N PHE B 713 -21.08 -1.69 37.71
CA PHE B 713 -20.75 -1.99 36.31
C PHE B 713 -21.66 -1.17 35.41
N PRO B 714 -21.31 0.08 35.09
CA PRO B 714 -22.22 0.91 34.31
C PRO B 714 -22.16 0.72 32.80
N GLU B 715 -21.40 -0.24 32.32
CA GLU B 715 -21.41 -0.61 30.90
C GLU B 715 -22.52 -1.64 30.62
N VAL B 716 -23.35 -1.95 31.60
CA VAL B 716 -24.22 -3.13 31.57
C VAL B 716 -25.63 -2.72 31.91
N TYR B 717 -26.59 -3.07 31.06
CA TYR B 717 -27.98 -2.71 31.29
C TYR B 717 -28.76 -4.01 31.47
N PHE B 718 -29.69 -4.02 32.39
CA PHE B 718 -30.46 -5.23 32.65
C PHE B 718 -31.92 -4.93 32.37
N CYS B 719 -32.53 -5.76 31.55
CA CYS B 719 -33.91 -5.55 31.13
C CYS B 719 -34.86 -5.93 32.26
N GLU B 720 -35.77 -5.03 32.59
CA GLU B 720 -36.81 -5.29 33.58
C GLU B 720 -38.20 -5.23 32.98
N ARG B 721 -38.32 -5.48 31.69
CA ARG B 721 -39.63 -5.53 31.02
C ARG B 721 -40.27 -6.90 31.21
N PRO B 722 -41.41 -6.98 31.89
CA PRO B 722 -41.75 -8.20 32.64
C PRO B 722 -42.15 -9.36 31.76
N GLY B 723 -42.29 -9.17 30.45
CA GLY B 723 -42.61 -10.28 29.55
C GLY B 723 -41.44 -11.19 29.22
N SER B 724 -41.17 -11.34 27.94
CA SER B 724 -40.30 -12.39 27.42
C SER B 724 -38.85 -11.96 27.44
N PHE B 725 -38.56 -10.67 27.32
CA PHE B 725 -37.15 -10.22 27.31
C PHE B 725 -36.57 -10.24 28.70
N TYR B 726 -37.41 -10.55 29.67
CA TYR B 726 -36.93 -10.45 31.05
C TYR B 726 -35.77 -11.40 31.20
N GLY B 727 -34.75 -10.83 31.80
CA GLY B 727 -33.50 -11.53 32.09
C GLY B 727 -32.39 -11.08 31.20
N THR B 728 -32.72 -10.45 30.11
CA THR B 728 -31.73 -10.21 29.07
C THR B 728 -30.80 -9.11 29.43
N LEU B 729 -29.56 -9.23 28.98
CA LEU B 729 -28.52 -8.31 29.39
C LEU B 729 -27.92 -7.72 28.15
N PHE B 730 -27.79 -6.40 28.15
CA PHE B 730 -27.20 -5.69 27.03
C PHE B 730 -25.97 -4.96 27.47
N THR B 731 -25.10 -4.70 26.54
CA THR B 731 -24.18 -3.58 26.72
C THR B 731 -24.21 -2.71 25.50
N TRP B 732 -24.02 -1.40 25.65
CA TRP B 732 -23.97 -0.54 24.49
C TRP B 732 -22.76 0.33 24.55
N LYS B 733 -21.87 0.20 23.58
CA LYS B 733 -20.64 0.99 23.51
C LYS B 733 -20.67 1.91 22.30
N GLN B 734 -20.76 3.21 22.53
CA GLN B 734 -20.80 4.16 21.41
C GLN B 734 -19.37 4.60 21.06
N ARG B 735 -19.19 4.96 19.81
CA ARG B 735 -17.89 5.36 19.27
C ARG B 735 -18.19 6.12 17.99
N THR B 736 -17.82 7.39 17.90
CA THR B 736 -18.10 8.20 16.69
C THR B 736 -19.60 8.17 16.39
N PRO B 737 -20.37 9.11 16.95
CA PRO B 737 -21.80 8.88 17.21
C PRO B 737 -22.65 8.47 16.00
N PHE B 738 -22.08 8.29 14.81
CA PHE B 738 -22.73 7.36 13.89
C PHE B 738 -22.64 5.91 14.38
N GLU B 739 -21.44 5.35 14.35
CA GLU B 739 -21.18 3.93 14.66
C GLU B 739 -21.43 3.63 16.13
N GLY B 740 -21.68 2.38 16.42
CA GLY B 740 -21.65 1.91 17.80
C GLY B 740 -21.79 0.40 17.85
N ILE B 741 -21.66 -0.20 19.04
CA ILE B 741 -21.70 -1.67 19.16
C ILE B 741 -22.57 -2.12 20.30
N LEU B 742 -23.39 -3.11 20.03
CA LEU B 742 -24.39 -3.59 20.96
C LEU B 742 -24.14 -5.02 21.23
N ILE B 743 -24.21 -5.45 22.47
CA ILE B 743 -24.07 -6.87 22.72
C ILE B 743 -25.28 -7.31 23.48
N ILE B 744 -25.73 -8.50 23.10
CA ILE B 744 -26.88 -9.14 23.74
C ILE B 744 -26.47 -10.50 24.31
N TYR B 745 -26.84 -10.67 25.54
CA TYR B 745 -26.81 -11.91 26.25
C TYR B 745 -28.27 -12.29 26.46
N SER B 746 -28.69 -13.37 25.84
CA SER B 746 -30.06 -13.84 26.00
C SER B 746 -30.12 -15.23 26.56
N ARG B 747 -31.29 -15.58 27.07
CA ARG B 747 -31.41 -16.94 27.59
C ARG B 747 -31.70 -17.96 26.52
N ASN B 748 -32.26 -17.56 25.41
CA ASN B 748 -32.27 -18.49 24.28
C ASN B 748 -31.97 -17.69 23.03
N GLN B 749 -32.03 -18.31 21.87
CA GLN B 749 -31.76 -17.55 20.67
C GLN B 749 -33.01 -16.98 20.02
N THR B 750 -34.18 -17.35 20.49
CA THR B 750 -35.40 -16.71 19.99
C THR B 750 -35.60 -15.37 20.64
N VAL B 751 -35.12 -15.21 21.85
CA VAL B 751 -35.25 -13.88 22.45
C VAL B 751 -34.32 -12.90 21.73
N MET B 752 -33.29 -13.42 21.11
CA MET B 752 -32.40 -12.50 20.46
C MET B 752 -33.06 -12.01 19.19
N PHE B 753 -33.85 -12.87 18.59
CA PHE B 753 -34.52 -12.44 17.38
C PHE B 753 -35.64 -11.52 17.80
N GLN B 754 -36.40 -11.81 18.85
CA GLN B 754 -37.49 -10.90 19.21
C GLN B 754 -36.98 -9.53 19.52
N CYS B 755 -35.81 -9.49 20.11
CA CYS B 755 -35.18 -8.22 20.43
C CYS B 755 -34.71 -7.48 19.21
N LEU B 756 -34.14 -8.13 18.25
CA LEU B 756 -33.67 -7.32 17.13
C LEU B 756 -34.81 -6.89 16.22
N HIS B 757 -35.93 -7.58 16.24
CA HIS B 757 -37.10 -7.04 15.53
C HIS B 757 -37.50 -5.75 16.20
N ASN B 758 -37.66 -5.79 17.52
CA ASN B 758 -38.17 -4.61 18.20
C ASN B 758 -37.17 -3.46 18.01
N LEU B 759 -35.89 -3.73 18.07
CA LEU B 759 -34.92 -2.66 17.87
C LEU B 759 -35.04 -2.14 16.46
N ILE B 760 -35.14 -3.01 15.48
CA ILE B 760 -34.97 -2.52 14.12
C ILE B 760 -36.18 -1.67 13.75
N ARG B 761 -37.29 -1.92 14.46
CA ARG B 761 -38.53 -1.13 14.41
C ARG B 761 -38.32 0.30 14.91
N ILE B 762 -37.31 0.55 15.74
CA ILE B 762 -37.12 1.87 16.36
C ILE B 762 -36.08 2.73 15.68
N LEU B 763 -35.08 2.17 15.07
CA LEU B 763 -33.99 3.04 14.66
C LEU B 763 -34.36 3.93 13.50
N PRO B 764 -33.44 4.78 13.07
CA PRO B 764 -33.56 5.44 11.77
C PRO B 764 -33.48 4.52 10.59
N ILE B 765 -33.60 5.07 9.40
CA ILE B 765 -34.09 4.32 8.25
C ILE B 765 -32.96 3.63 7.54
N ASN B 766 -31.81 4.25 7.50
CA ASN B 766 -30.76 3.65 6.68
C ASN B 766 -29.79 2.82 7.51
N CYS B 767 -30.18 2.40 8.71
CA CYS B 767 -29.21 1.91 9.69
C CYS B 767 -28.86 0.44 9.35
N PHE B 768 -27.60 0.25 9.06
CA PHE B 768 -27.08 -1.00 8.53
C PHE B 768 -26.61 -1.78 9.73
N LEU B 769 -27.43 -2.67 10.28
CA LEU B 769 -26.91 -3.64 11.26
C LEU B 769 -26.01 -4.66 10.60
N LYS B 770 -25.14 -5.27 11.37
CA LYS B 770 -24.19 -6.26 10.87
C LYS B 770 -23.66 -7.03 12.06
N ASN B 771 -23.85 -8.34 12.10
CA ASN B 771 -23.37 -9.13 13.25
C ASN B 771 -21.88 -9.37 13.19
N LEU B 772 -21.22 -9.02 14.30
CA LEU B 772 -19.77 -9.15 14.44
C LEU B 772 -19.40 -10.45 15.14
N LYS B 773 -18.67 -11.31 14.42
CA LYS B 773 -18.13 -12.57 14.93
C LYS B 773 -16.92 -12.32 15.81
N SER B 774 -15.95 -11.58 15.26
CA SER B 774 -14.56 -11.55 15.74
C SER B 774 -14.08 -10.11 15.92
N GLY B 775 -14.83 -9.29 16.65
CA GLY B 775 -14.39 -7.92 16.96
C GLY B 775 -14.77 -6.90 15.91
N SER B 776 -14.64 -5.62 16.25
CA SER B 776 -15.02 -4.53 15.32
C SER B 776 -14.02 -4.42 14.19
N GLU B 777 -14.54 -4.07 13.02
CA GLU B 777 -13.69 -3.93 11.84
C GLU B 777 -12.58 -2.93 12.08
N ASN B 778 -12.87 -1.93 12.89
CA ASN B 778 -11.88 -0.92 13.23
C ASN B 778 -10.64 -1.55 13.87
N PHE B 779 -10.88 -2.48 14.78
CA PHE B 779 -9.78 -3.13 15.48
C PHE B 779 -9.01 -4.07 14.56
N LEU B 780 -9.73 -4.82 13.76
CA LEU B 780 -9.07 -5.83 12.96
C LEU B 780 -8.31 -5.23 11.81
N ILE B 781 -8.72 -4.06 11.33
CA ILE B 781 -7.95 -3.39 10.27
C ILE B 781 -6.62 -2.91 10.83
N ASP B 782 -6.65 -2.45 12.08
CA ASP B 782 -5.41 -2.09 12.77
C ASP B 782 -4.54 -3.32 12.94
N ASN B 783 -5.11 -4.40 13.41
CA ASN B 783 -4.30 -5.57 13.69
C ASN B 783 -3.73 -6.14 12.40
N MET B 784 -4.34 -5.83 11.27
CA MET B 784 -3.85 -6.36 10.00
C MET B 784 -2.81 -5.44 9.41
N ALA B 785 -2.95 -4.18 9.71
CA ALA B 785 -1.99 -3.28 9.12
C ALA B 785 -0.71 -3.38 9.97
N PHE B 786 -0.89 -3.63 11.26
CA PHE B 786 0.23 -3.89 12.17
C PHE B 786 1.04 -5.07 11.70
N THR B 787 0.34 -6.15 11.47
CA THR B 787 1.01 -7.35 11.01
C THR B 787 1.59 -7.17 9.62
N LEU B 788 1.16 -6.17 8.88
CA LEU B 788 1.87 -5.95 7.63
C LEU B 788 3.06 -5.04 7.79
N GLU B 789 3.04 -4.12 8.74
CA GLU B 789 4.22 -3.25 8.84
C GLU B 789 5.25 -3.94 9.72
N LYS B 790 4.86 -5.05 10.30
CA LYS B 790 5.86 -5.92 10.92
C LYS B 790 6.47 -6.81 9.88
N GLU B 791 5.66 -7.28 8.95
CA GLU B 791 6.22 -8.21 7.96
C GLU B 791 7.16 -7.41 7.09
N LEU B 792 6.80 -6.18 6.79
CA LEU B 792 7.63 -5.42 5.86
C LEU B 792 8.80 -4.80 6.59
N VAL B 793 8.73 -4.60 7.91
CA VAL B 793 9.95 -4.25 8.66
C VAL B 793 10.92 -5.42 8.57
N THR B 794 10.42 -6.64 8.74
CA THR B 794 11.32 -7.78 8.70
C THR B 794 11.95 -7.92 7.32
N LEU B 795 11.19 -7.76 6.25
CA LEU B 795 11.85 -7.83 4.92
C LEU B 795 12.82 -6.69 4.70
N SER B 796 12.60 -5.55 5.36
CA SER B 796 13.62 -4.50 5.24
C SER B 796 14.89 -4.94 5.96
N SER B 797 14.79 -5.23 7.25
CA SER B 797 15.95 -5.76 8.00
C SER B 797 16.69 -6.82 7.20
N LEU B 798 15.94 -7.67 6.49
CA LEU B 798 16.51 -8.63 5.55
C LEU B 798 17.46 -7.94 4.59
N SER B 799 16.94 -7.04 3.79
CA SER B 799 17.75 -6.44 2.72
C SER B 799 18.87 -5.57 3.29
N SER B 800 18.64 -4.87 4.38
CA SER B 800 19.67 -4.01 4.99
C SER B 800 20.85 -4.85 5.50
N ALA B 801 20.59 -5.87 6.32
CA ALA B 801 21.66 -6.72 6.85
C ALA B 801 22.33 -7.50 5.73
N ILE B 802 21.58 -7.88 4.70
CA ILE B 802 22.18 -8.47 3.50
C ILE B 802 23.17 -7.47 2.89
N ALA B 803 22.66 -6.30 2.50
CA ALA B 803 23.47 -5.24 1.86
C ALA B 803 24.71 -4.90 2.68
N LYS B 804 24.66 -5.02 4.01
CA LYS B 804 25.88 -4.90 4.84
C LYS B 804 26.81 -6.10 4.64
N HIS B 805 26.27 -7.31 4.47
CA HIS B 805 27.10 -8.49 4.17
C HIS B 805 27.64 -8.47 2.73
N GLU B 806 26.81 -8.07 1.76
CA GLU B 806 27.23 -7.85 0.35
C GLU B 806 28.42 -6.88 0.28
N SER B 807 28.41 -5.82 1.08
CA SER B 807 29.52 -4.85 1.17
C SER B 807 30.80 -5.51 1.69
N ASN B 808 30.69 -6.35 2.72
CA ASN B 808 31.85 -7.07 3.27
C ASN B 808 32.33 -8.16 2.30
N PRO B 836 50.38 5.77 -17.03
CA PRO B 836 50.49 4.39 -16.53
C PRO B 836 50.05 4.26 -15.08
N TYR B 837 50.36 5.27 -14.27
CA TYR B 837 49.91 5.31 -12.87
C TYR B 837 48.39 5.41 -12.85
N ARG B 838 47.84 6.22 -13.75
CA ARG B 838 46.40 6.45 -13.84
C ARG B 838 45.67 5.20 -14.35
N LYS B 839 46.26 4.51 -15.31
CA LYS B 839 45.74 3.21 -15.77
C LYS B 839 45.68 2.25 -14.60
N GLU B 840 46.76 2.19 -13.82
CA GLU B 840 46.88 1.31 -12.66
C GLU B 840 45.82 1.62 -11.61
N LEU B 841 45.62 2.90 -11.28
CA LEU B 841 44.59 3.31 -10.31
C LEU B 841 43.22 2.94 -10.84
N GLN B 842 42.99 3.07 -12.15
CA GLN B 842 41.68 2.71 -12.72
C GLN B 842 41.39 1.22 -12.54
N ARG B 843 42.34 0.34 -12.82
CA ARG B 843 42.10 -1.10 -12.63
C ARG B 843 42.00 -1.43 -11.14
N GLU B 844 42.80 -0.78 -10.29
CA GLU B 844 42.74 -1.02 -8.82
C GLU B 844 41.36 -0.69 -8.28
N LYS B 845 40.81 0.47 -8.66
CA LYS B 845 39.48 0.91 -8.18
C LYS B 845 38.35 0.15 -8.90
N LYS B 846 38.58 -0.29 -10.14
CA LYS B 846 37.68 -1.25 -10.81
C LYS B 846 37.64 -2.55 -10.03
N LYS B 847 38.80 -3.05 -9.62
CA LYS B 847 38.92 -4.28 -8.81
C LYS B 847 38.21 -4.12 -7.47
N MET B 848 38.26 -2.94 -6.86
CA MET B 848 37.45 -2.66 -5.67
C MET B 848 35.97 -2.81 -6.01
N LEU B 849 35.49 -2.14 -7.08
CA LEU B 849 34.06 -2.16 -7.45
C LEU B 849 33.73 -3.34 -8.37
N GLN B 850 34.62 -4.32 -8.50
CA GLN B 850 34.24 -5.57 -9.16
C GLN B 850 33.13 -6.14 -8.30
N THR B 851 31.92 -6.20 -8.87
CA THR B 851 30.69 -6.35 -8.09
C THR B 851 30.74 -7.61 -7.24
N ASN B 852 30.31 -7.47 -5.99
CA ASN B 852 30.21 -8.56 -5.00
C ASN B 852 28.87 -9.24 -5.25
N LEU B 853 28.88 -10.31 -6.05
CA LEU B 853 27.65 -10.99 -6.46
C LEU B 853 27.08 -11.91 -5.38
N LYS B 854 27.75 -12.10 -4.24
CA LYS B 854 27.35 -13.21 -3.39
C LYS B 854 27.11 -12.79 -1.95
N VAL B 855 26.31 -13.60 -1.27
CA VAL B 855 25.67 -13.29 0.02
C VAL B 855 25.65 -14.57 0.86
N SER B 856 25.91 -14.45 2.15
CA SER B 856 26.01 -15.64 3.00
C SER B 856 24.64 -16.29 3.16
N GLY B 857 24.54 -17.55 2.72
CA GLY B 857 23.27 -18.26 2.71
C GLY B 857 22.69 -18.49 4.09
N ALA B 858 23.54 -18.72 5.10
CA ALA B 858 23.04 -19.08 6.43
C ALA B 858 22.37 -17.86 7.09
N LEU B 859 22.91 -16.67 6.83
CA LEU B 859 22.26 -15.45 7.31
C LEU B 859 20.89 -15.32 6.67
N TYR B 860 20.85 -15.32 5.35
CA TYR B 860 19.60 -15.36 4.57
C TYR B 860 18.57 -16.32 5.17
N ARG B 861 19.00 -17.53 5.50
CA ARG B 861 18.10 -18.54 6.10
C ARG B 861 17.58 -18.06 7.45
N GLU B 862 18.47 -17.52 8.29
CA GLU B 862 18.06 -17.05 9.62
C GLU B 862 17.00 -15.97 9.49
N ILE B 863 17.19 -15.07 8.54
CA ILE B 863 16.23 -13.98 8.33
C ILE B 863 14.91 -14.54 7.80
N THR B 864 14.96 -15.44 6.82
CA THR B 864 13.75 -16.05 6.26
C THR B 864 12.98 -16.86 7.31
N LEU B 865 13.59 -17.26 8.42
CA LEU B 865 12.75 -17.87 9.48
C LEU B 865 12.09 -16.79 10.33
N LYS B 866 12.82 -15.75 10.67
CA LYS B 866 12.22 -14.61 11.36
C LYS B 866 11.00 -14.17 10.56
N VAL B 867 11.17 -14.17 9.25
CA VAL B 867 10.13 -13.68 8.34
C VAL B 867 8.99 -14.68 8.34
N ALA B 868 9.31 -15.95 8.34
CA ALA B 868 8.23 -16.92 8.26
C ALA B 868 7.33 -16.75 9.49
N GLU B 869 7.93 -16.51 10.65
CA GLU B 869 7.13 -16.35 11.88
C GLU B 869 6.27 -15.09 11.83
N VAL B 870 6.74 -14.07 11.13
CA VAL B 870 5.86 -12.89 11.07
C VAL B 870 4.79 -13.13 10.02
N GLN B 871 5.15 -13.79 8.92
CA GLN B 871 4.17 -14.16 7.91
C GLN B 871 3.05 -14.96 8.57
N LEU B 872 3.39 -15.80 9.55
CA LEU B 872 2.38 -16.62 10.20
C LEU B 872 1.42 -15.67 10.89
N LYS B 873 1.96 -14.66 11.57
CA LYS B 873 1.05 -13.79 12.32
C LYS B 873 0.16 -13.03 11.37
N SER B 874 0.67 -12.71 10.19
CA SER B 874 -0.09 -11.84 9.29
C SER B 874 -1.20 -12.62 8.63
N ASP B 875 -0.94 -13.87 8.38
CA ASP B 875 -1.93 -14.70 7.67
C ASP B 875 -3.05 -15.09 8.61
N PHE B 876 -2.75 -15.36 9.87
CA PHE B 876 -3.81 -15.41 10.88
C PHE B 876 -4.62 -14.15 10.88
N ALA B 877 -3.99 -12.99 11.02
CA ALA B 877 -4.78 -11.75 11.07
C ALA B 877 -5.60 -11.53 9.78
N ALA B 878 -5.11 -12.00 8.65
CA ALA B 878 -5.86 -11.80 7.39
C ALA B 878 -7.07 -12.74 7.32
N GLN B 879 -7.00 -13.92 7.91
CA GLN B 879 -8.20 -14.77 7.83
C GLN B 879 -9.24 -14.13 8.72
N LYS B 880 -8.80 -13.61 9.85
CA LYS B 880 -9.70 -13.10 10.87
C LYS B 880 -10.44 -11.93 10.28
N LEU B 881 -9.83 -11.27 9.30
CA LEU B 881 -10.41 -10.01 8.83
C LEU B 881 -11.11 -10.19 7.49
N SER B 882 -10.61 -11.06 6.63
CA SER B 882 -11.29 -11.36 5.37
C SER B 882 -12.51 -12.25 5.59
N ASN B 883 -12.67 -12.82 6.78
CA ASN B 883 -13.93 -13.50 7.10
C ASN B 883 -15.03 -12.47 7.24
N LEU B 884 -14.89 -11.55 8.19
CA LEU B 884 -15.75 -10.37 8.20
C LEU B 884 -15.63 -9.66 6.86
N MET C 26 61.52 -101.79 14.95
CA MET C 26 61.99 -101.06 13.75
C MET C 26 60.82 -100.40 13.01
N ALA C 27 59.97 -99.66 13.73
CA ALA C 27 58.77 -99.09 13.12
C ALA C 27 58.83 -97.56 13.10
N GLN C 28 58.75 -96.90 14.26
CA GLN C 28 58.58 -95.44 14.25
C GLN C 28 59.94 -94.72 14.21
N ASP C 29 60.64 -94.73 15.35
CA ASP C 29 62.03 -94.29 15.58
C ASP C 29 62.16 -92.76 15.62
N SER C 30 61.15 -92.03 15.12
CA SER C 30 61.15 -90.57 15.09
C SER C 30 59.77 -89.95 15.35
N VAL C 31 58.69 -90.54 14.83
CA VAL C 31 57.46 -89.78 14.54
C VAL C 31 56.77 -89.38 15.83
N ASP C 32 56.46 -90.34 16.70
CA ASP C 32 55.76 -90.02 17.95
C ASP C 32 56.63 -89.07 18.76
N LEU C 33 57.93 -89.34 18.75
CA LEU C 33 58.94 -88.54 19.47
C LEU C 33 59.10 -87.16 18.88
N SER C 34 59.08 -87.01 17.55
CA SER C 34 59.23 -85.68 16.93
C SER C 34 58.01 -84.81 17.23
N CYS C 35 56.85 -85.42 17.48
CA CYS C 35 55.65 -84.70 17.93
C CYS C 35 55.77 -84.31 19.40
N ASP C 36 56.09 -85.29 20.24
CA ASP C 36 56.27 -85.04 21.68
C ASP C 36 57.30 -83.95 21.90
N TYR C 37 58.37 -83.95 21.10
CA TYR C 37 59.41 -82.91 21.16
C TYR C 37 58.77 -81.54 21.06
N GLN C 38 57.99 -81.30 20.01
CA GLN C 38 57.38 -79.98 19.80
C GLN C 38 56.40 -79.67 20.92
N PHE C 39 55.63 -80.67 21.36
CA PHE C 39 54.69 -80.48 22.47
C PHE C 39 55.44 -79.97 23.70
N TRP C 40 56.49 -80.68 24.10
CA TRP C 40 57.22 -80.40 25.34
C TRP C 40 57.95 -79.08 25.20
N MET C 41 58.57 -78.84 24.05
CA MET C 41 59.34 -77.60 23.87
C MET C 41 58.44 -76.37 23.94
N GLN C 42 57.26 -76.43 23.34
CA GLN C 42 56.32 -75.30 23.43
C GLN C 42 55.74 -75.21 24.84
N LYS C 43 55.77 -76.31 25.59
CA LYS C 43 55.27 -76.27 26.97
C LYS C 43 56.33 -75.70 27.91
N LEU C 44 57.58 -76.09 27.71
CA LEU C 44 58.67 -75.55 28.52
C LEU C 44 58.75 -74.05 28.31
N SER C 45 58.61 -73.63 27.07
CA SER C 45 58.58 -72.21 26.75
C SER C 45 57.45 -71.52 27.51
N VAL C 46 56.27 -72.16 27.61
CA VAL C 46 55.14 -71.56 28.35
C VAL C 46 55.48 -71.44 29.83
N TRP C 47 56.04 -72.50 30.40
CA TRP C 47 56.35 -72.64 31.83
C TRP C 47 57.38 -71.65 32.35
N ASP C 48 58.59 -71.79 31.83
CA ASP C 48 59.88 -71.71 32.53
C ASP C 48 59.88 -70.96 33.87
N GLN C 49 60.49 -71.64 34.84
CA GLN C 49 60.87 -71.28 36.23
C GLN C 49 59.70 -71.17 37.22
N ALA C 50 58.45 -71.26 36.77
CA ALA C 50 57.34 -71.49 37.69
C ALA C 50 57.40 -70.50 38.83
N SER C 51 57.40 -69.22 38.50
CA SER C 51 57.47 -68.17 39.49
C SER C 51 56.08 -67.72 39.89
N THR C 52 55.05 -68.41 39.43
CA THR C 52 53.67 -68.00 39.64
C THR C 52 52.93 -69.17 40.23
N LEU C 53 51.63 -69.03 40.35
CA LEU C 53 50.80 -70.15 40.79
C LEU C 53 50.58 -71.13 39.64
N GLU C 54 50.22 -70.65 38.46
CA GLU C 54 49.66 -71.50 37.42
C GLU C 54 50.73 -72.33 36.76
N THR C 55 51.91 -71.77 36.53
CA THR C 55 53.05 -72.56 36.06
C THR C 55 53.38 -73.68 37.04
N GLN C 56 53.31 -73.42 38.37
CA GLN C 56 53.59 -74.44 39.41
C GLN C 56 52.59 -75.60 39.34
N GLN C 57 51.32 -75.33 39.50
CA GLN C 57 50.36 -76.42 39.47
C GLN C 57 50.57 -77.24 38.22
N ASP C 58 50.77 -76.59 37.06
CA ASP C 58 50.87 -77.24 35.73
C ASP C 58 52.12 -78.12 35.62
N THR C 59 53.25 -77.63 36.09
CA THR C 59 54.44 -78.45 36.11
C THR C 59 54.24 -79.73 36.93
N CYS C 60 53.83 -79.60 38.20
CA CYS C 60 53.60 -80.73 39.12
C CYS C 60 52.71 -81.81 38.51
N LEU C 61 51.74 -81.43 37.69
CA LEU C 61 50.91 -82.40 36.95
C LEU C 61 51.71 -83.15 35.89
N HIS C 62 52.33 -82.44 34.98
CA HIS C 62 52.75 -83.04 33.71
C HIS C 62 54.12 -83.69 33.86
N VAL C 63 54.74 -83.51 35.01
CA VAL C 63 56.16 -83.75 35.17
C VAL C 63 56.45 -85.21 34.93
N ALA C 64 55.55 -86.08 35.38
CA ALA C 64 55.84 -87.50 35.31
C ALA C 64 56.07 -87.93 33.87
N GLN C 65 55.21 -87.49 32.96
CA GLN C 65 55.38 -87.82 31.54
C GLN C 65 56.67 -87.24 31.00
N PHE C 66 56.98 -86.01 31.42
CA PHE C 66 58.22 -85.36 31.01
C PHE C 66 59.39 -86.27 31.32
N GLN C 67 59.36 -86.87 32.48
CA GLN C 67 60.46 -87.78 32.86
C GLN C 67 60.60 -88.90 31.82
N GLU C 68 59.48 -89.51 31.45
CA GLU C 68 59.55 -90.62 30.51
C GLU C 68 60.05 -90.16 29.18
N PHE C 69 59.57 -89.00 28.78
CA PHE C 69 60.03 -88.39 27.53
C PHE C 69 61.54 -88.23 27.54
N LEU C 70 62.10 -87.87 28.68
CA LEU C 70 63.54 -87.67 28.73
C LEU C 70 64.26 -89.00 28.72
N ARG C 71 63.66 -90.04 29.30
CA ARG C 71 64.29 -91.36 29.21
C ARG C 71 64.37 -91.81 27.76
N LYS C 72 63.28 -91.64 27.02
CA LYS C 72 63.26 -92.05 25.62
C LYS C 72 64.28 -91.22 24.84
N MET C 73 64.31 -89.92 25.12
CA MET C 73 65.28 -89.02 24.48
C MET C 73 66.70 -89.45 24.82
N TYR C 74 66.91 -89.92 26.04
CA TYR C 74 68.24 -90.36 26.44
C TYR C 74 68.65 -91.57 25.62
N GLU C 75 67.76 -92.55 25.53
CA GLU C 75 68.03 -93.75 24.75
C GLU C 75 68.39 -93.34 23.32
N ALA C 76 67.64 -92.39 22.78
CA ALA C 76 67.85 -91.95 21.39
C ALA C 76 69.22 -91.31 21.22
N LEU C 77 69.58 -90.37 22.09
CA LEU C 77 70.88 -89.69 21.93
C LEU C 77 72.06 -90.57 22.35
N LYS C 78 71.85 -91.54 23.22
CA LYS C 78 72.95 -92.39 23.69
C LYS C 78 73.43 -93.27 22.55
N GLU C 79 72.50 -93.97 21.91
CA GLU C 79 72.83 -94.94 20.85
C GLU C 79 73.63 -94.26 19.73
N MET C 80 73.37 -92.98 19.47
CA MET C 80 74.10 -92.27 18.42
C MET C 80 75.12 -91.35 19.07
N ASP C 81 75.76 -90.52 18.24
CA ASP C 81 76.84 -89.67 18.74
C ASP C 81 76.61 -88.20 18.41
N SER C 82 77.46 -87.37 19.01
CA SER C 82 77.31 -85.91 19.01
C SER C 82 78.11 -85.28 17.86
N ASN C 83 77.69 -84.08 17.47
CA ASN C 83 78.47 -83.13 16.67
C ASN C 83 78.57 -83.59 15.22
N THR C 84 78.18 -84.83 14.95
CA THR C 84 78.18 -85.37 13.59
C THR C 84 76.77 -85.26 13.02
N VAL C 85 75.76 -85.55 13.85
CA VAL C 85 74.38 -85.72 13.37
C VAL C 85 73.55 -84.51 13.80
N ILE C 86 72.51 -84.22 13.04
CA ILE C 86 71.74 -82.98 13.22
C ILE C 86 70.23 -83.26 13.29
N GLU C 87 69.84 -84.47 13.67
CA GLU C 87 68.42 -84.90 13.61
C GLU C 87 67.50 -83.96 14.40
N ARG C 88 67.71 -83.83 15.70
CA ARG C 88 66.90 -82.95 16.56
C ARG C 88 67.80 -81.94 17.27
N PHE C 89 69.07 -81.93 16.90
CA PHE C 89 70.10 -80.99 17.35
C PHE C 89 69.65 -79.56 17.10
N PRO C 90 68.73 -79.29 16.13
CA PRO C 90 68.04 -78.00 16.06
C PRO C 90 67.73 -77.30 17.39
N THR C 91 66.99 -77.92 18.31
CA THR C 91 66.55 -77.20 19.51
C THR C 91 66.78 -77.99 20.80
N ILE C 92 67.58 -79.04 20.75
CA ILE C 92 67.86 -79.82 21.97
C ILE C 92 68.40 -78.90 23.06
N GLY C 93 69.27 -77.97 22.68
CA GLY C 93 69.83 -77.00 23.62
C GLY C 93 68.75 -76.25 24.38
N GLN C 94 67.88 -75.56 23.65
CA GLN C 94 66.83 -74.75 24.28
C GLN C 94 65.99 -75.61 25.19
N LEU C 95 65.73 -76.85 24.79
CA LEU C 95 64.90 -77.75 25.59
C LEU C 95 65.58 -78.02 26.93
N LEU C 96 66.86 -78.38 26.88
CA LEU C 96 67.55 -78.77 28.12
C LEU C 96 67.74 -77.56 29.03
N ALA C 97 67.94 -76.38 28.44
CA ALA C 97 68.05 -75.16 29.24
C ALA C 97 66.73 -74.88 29.95
N LYS C 98 65.65 -74.77 29.18
CA LYS C 98 64.33 -74.47 29.75
C LYS C 98 64.06 -75.45 30.88
N ALA C 99 64.36 -76.71 30.66
CA ALA C 99 64.19 -77.74 31.69
C ALA C 99 64.94 -77.35 32.95
N CYS C 100 66.23 -77.04 32.79
CA CYS C 100 67.15 -76.86 33.94
C CYS C 100 66.77 -75.65 34.81
N TRP C 101 66.36 -74.54 34.19
CA TRP C 101 65.98 -73.35 34.99
C TRP C 101 64.61 -73.49 35.64
N ASN C 102 63.85 -74.51 35.27
CA ASN C 102 62.64 -74.79 36.02
C ASN C 102 63.00 -75.72 37.14
N PRO C 103 62.82 -75.32 38.40
CA PRO C 103 63.20 -76.14 39.54
C PRO C 103 62.17 -77.18 40.02
N PHE C 104 60.93 -77.06 39.60
CA PHE C 104 60.00 -78.17 39.82
C PHE C 104 60.30 -79.32 38.90
N ILE C 105 60.98 -79.15 37.77
CA ILE C 105 61.49 -80.30 37.00
C ILE C 105 62.75 -80.87 37.60
N LEU C 106 63.68 -80.01 37.99
CA LEU C 106 65.02 -80.46 38.35
C LEU C 106 65.07 -81.03 39.74
N ALA C 107 63.94 -81.05 40.40
CA ALA C 107 63.85 -81.67 41.70
C ALA C 107 63.03 -82.92 41.72
N TYR C 108 62.46 -83.32 40.60
CA TYR C 108 61.70 -84.57 40.57
C TYR C 108 62.63 -85.77 40.48
N ASP C 109 62.09 -86.91 40.83
CA ASP C 109 62.83 -88.17 41.09
C ASP C 109 64.15 -88.37 40.32
N GLU C 110 64.13 -88.48 39.00
CA GLU C 110 65.41 -88.74 38.33
C GLU C 110 65.68 -87.74 37.22
N SER C 111 64.86 -86.72 37.10
CA SER C 111 64.95 -85.82 35.95
C SER C 111 66.34 -85.25 35.76
N GLN C 112 66.94 -84.80 36.86
CA GLN C 112 68.23 -84.13 36.84
C GLN C 112 69.33 -85.06 36.38
N LYS C 113 69.27 -86.29 36.83
CA LYS C 113 70.30 -87.25 36.47
C LYS C 113 70.25 -87.53 34.97
N ILE C 114 69.07 -87.54 34.41
CA ILE C 114 68.91 -87.82 32.98
C ILE C 114 69.34 -86.61 32.19
N LEU C 115 68.93 -85.43 32.65
CA LEU C 115 69.34 -84.16 32.01
C LEU C 115 70.85 -84.01 31.99
N ILE C 116 71.52 -84.50 33.01
CA ILE C 116 72.97 -84.48 32.97
C ILE C 116 73.43 -85.34 31.82
N TRP C 117 72.87 -86.54 31.76
CA TRP C 117 73.26 -87.53 30.75
C TRP C 117 73.12 -86.96 29.35
N CYS C 118 72.01 -86.27 29.08
CA CYS C 118 71.76 -85.76 27.73
C CYS C 118 72.83 -84.75 27.35
N LEU C 119 73.23 -83.92 28.29
CA LEU C 119 74.30 -82.97 28.00
C LEU C 119 75.66 -83.64 27.91
N CYS C 120 75.87 -84.74 28.65
CA CYS C 120 77.14 -85.49 28.50
C CYS C 120 77.27 -86.12 27.13
N CYS C 121 76.16 -86.51 26.52
CA CYS C 121 76.19 -87.09 25.17
C CYS C 121 76.54 -86.02 24.13
N LEU C 122 75.93 -84.84 24.26
CA LEU C 122 76.17 -83.72 23.32
C LEU C 122 77.58 -83.15 23.42
N ILE C 123 78.37 -83.51 24.43
CA ILE C 123 79.72 -82.95 24.56
C ILE C 123 80.60 -83.54 23.46
N ASN C 124 81.76 -82.94 23.25
CA ASN C 124 82.75 -83.55 22.35
C ASN C 124 84.15 -83.43 22.91
N LYS C 125 84.91 -84.52 22.77
CA LYS C 125 86.28 -84.61 23.26
C LYS C 125 87.20 -83.68 22.46
N GLU C 126 87.08 -83.71 21.13
CA GLU C 126 88.02 -83.03 20.22
C GLU C 126 87.24 -82.10 19.31
N PRO C 127 86.94 -80.86 19.76
CA PRO C 127 86.18 -79.93 18.92
C PRO C 127 87.02 -79.44 17.74
N GLN C 128 86.34 -79.26 16.61
CA GLN C 128 87.00 -78.87 15.35
C GLN C 128 86.47 -77.51 14.91
N ASN C 129 85.16 -77.45 14.69
CA ASN C 129 84.48 -76.18 14.41
C ASN C 129 84.16 -75.48 15.72
N SER C 130 84.11 -74.15 15.68
CA SER C 130 83.88 -73.33 16.88
C SER C 130 82.54 -73.67 17.53
N GLY C 131 81.56 -74.11 16.74
CA GLY C 131 80.28 -74.51 17.28
C GLY C 131 80.42 -75.60 18.33
N GLN C 132 81.32 -76.56 18.12
CA GLN C 132 81.47 -77.65 19.11
C GLN C 132 82.06 -77.10 20.40
N SER C 133 83.02 -76.18 20.31
CA SER C 133 83.61 -75.56 21.50
C SER C 133 82.59 -74.73 22.25
N LYS C 134 81.83 -73.90 21.53
CA LYS C 134 80.75 -73.10 22.13
C LYS C 134 79.74 -74.01 22.81
N LEU C 135 79.39 -75.11 22.15
CA LEU C 135 78.46 -76.05 22.76
C LEU C 135 79.04 -76.56 24.07
N ASN C 136 80.28 -77.04 24.05
CA ASN C 136 80.90 -77.62 25.27
C ASN C 136 80.93 -76.60 26.39
N SER C 137 81.29 -75.35 26.07
CA SER C 137 81.30 -74.25 27.05
C SER C 137 79.90 -74.05 27.62
N TRP C 138 78.90 -73.98 26.75
CA TRP C 138 77.51 -73.78 27.18
C TRP C 138 77.09 -74.92 28.10
N ILE C 139 77.56 -76.13 27.79
CA ILE C 139 77.24 -77.30 28.60
C ILE C 139 77.86 -77.15 29.98
N GLN C 140 79.12 -76.74 30.03
CA GLN C 140 79.76 -76.49 31.33
C GLN C 140 78.98 -75.43 32.10
N GLY C 141 78.50 -74.40 31.41
CA GLY C 141 77.75 -73.33 32.04
C GLY C 141 76.47 -73.83 32.68
N VAL C 142 75.70 -74.60 31.92
CA VAL C 142 74.39 -75.07 32.42
C VAL C 142 74.58 -76.12 33.50
N LEU C 143 75.54 -77.03 33.32
CA LEU C 143 75.89 -77.98 34.39
C LEU C 143 76.24 -77.24 35.68
N SER C 144 77.08 -76.22 35.56
CA SER C 144 77.49 -75.41 36.71
C SER C 144 76.27 -74.74 37.33
N HIS C 145 75.32 -74.30 36.51
CA HIS C 145 74.09 -73.72 37.05
C HIS C 145 73.32 -74.76 37.86
N ILE C 146 73.30 -75.99 37.38
CA ILE C 146 72.57 -77.07 38.08
C ILE C 146 73.23 -77.28 39.43
N LEU C 147 74.51 -77.60 39.39
CA LEU C 147 75.30 -78.05 40.56
C LEU C 147 75.59 -76.89 41.49
N SER C 148 76.20 -75.82 40.95
CA SER C 148 77.07 -74.88 41.67
C SER C 148 76.82 -73.42 41.33
N ALA C 149 75.59 -72.92 41.43
CA ALA C 149 75.35 -71.49 41.23
C ALA C 149 74.74 -70.86 42.49
N LEU C 150 75.14 -69.62 42.75
CA LEU C 150 74.88 -68.90 44.01
C LEU C 150 73.67 -68.00 43.82
N ARG C 151 72.54 -68.61 43.43
CA ARG C 151 71.27 -67.89 43.31
C ARG C 151 70.60 -67.72 44.67
N PHE C 152 71.37 -67.85 45.75
CA PHE C 152 70.81 -67.77 47.09
C PHE C 152 70.98 -66.36 47.63
N ASP C 153 70.48 -66.12 48.85
CA ASP C 153 70.55 -64.81 49.53
C ASP C 153 71.99 -64.32 49.65
N LYS C 154 72.19 -63.01 49.62
CA LYS C 154 73.55 -62.47 49.41
C LYS C 154 74.37 -62.58 50.68
N GLU C 155 73.83 -62.06 51.78
CA GLU C 155 74.61 -61.91 53.02
C GLU C 155 75.05 -63.29 53.53
N VAL C 156 74.21 -64.32 53.31
CA VAL C 156 74.52 -65.67 53.80
C VAL C 156 75.65 -66.26 52.97
N ALA C 157 75.67 -65.97 51.68
CA ALA C 157 76.81 -66.33 50.84
C ALA C 157 78.06 -65.64 51.37
N LEU C 158 77.98 -64.34 51.64
CA LEU C 158 79.15 -63.60 52.09
C LEU C 158 79.67 -64.17 53.40
N PHE C 159 78.79 -64.56 54.31
CA PHE C 159 79.20 -64.97 55.65
C PHE C 159 80.08 -66.22 55.59
N THR C 160 79.67 -67.19 54.78
CA THR C 160 80.36 -68.48 54.70
C THR C 160 81.78 -68.38 54.13
N GLN C 161 82.01 -67.64 53.06
CA GLN C 161 83.35 -67.61 52.47
C GLN C 161 84.37 -67.19 53.49
N GLY C 162 84.01 -66.23 54.34
CA GLY C 162 84.88 -65.85 55.44
C GLY C 162 85.21 -67.03 56.33
N LEU C 163 84.21 -67.80 56.77
CA LEU C 163 84.49 -68.95 57.65
C LEU C 163 85.12 -70.11 56.88
N GLY C 164 85.24 -70.04 55.55
CA GLY C 164 85.90 -71.09 54.78
C GLY C 164 85.05 -72.32 54.64
N TYR C 165 83.81 -72.16 54.21
CA TYR C 165 82.85 -73.25 54.00
C TYR C 165 82.46 -73.26 52.53
N ALA C 166 82.44 -74.45 51.93
CA ALA C 166 81.93 -74.59 50.55
C ALA C 166 80.43 -74.89 50.62
N PRO C 167 79.65 -74.63 49.55
CA PRO C 167 78.20 -74.88 49.61
C PRO C 167 77.77 -76.25 50.10
N ILE C 168 78.49 -77.26 49.67
CA ILE C 168 78.11 -78.64 49.96
C ILE C 168 78.08 -78.96 51.44
N ASP C 169 78.93 -78.35 52.24
CA ASP C 169 79.10 -78.85 53.62
C ASP C 169 78.31 -78.05 54.61
N TYR C 170 77.45 -77.20 54.11
CA TYR C 170 76.38 -76.63 54.89
C TYR C 170 75.04 -76.84 54.21
N TYR C 171 75.01 -77.14 52.89
CA TYR C 171 73.65 -77.20 52.30
C TYR C 171 72.71 -78.08 53.07
N PRO C 172 73.15 -79.28 53.46
CA PRO C 172 72.29 -80.18 54.21
C PRO C 172 71.76 -79.62 55.52
N GLY C 173 72.62 -79.11 56.41
CA GLY C 173 72.07 -78.59 57.65
C GLY C 173 71.06 -77.48 57.43
N LEU C 174 71.33 -76.64 56.44
CA LEU C 174 70.51 -75.46 56.24
C LEU C 174 69.14 -75.93 55.88
N LEU C 175 69.08 -76.89 54.97
CA LEU C 175 67.79 -77.49 54.56
C LEU C 175 67.10 -78.05 55.75
N LYS C 176 67.81 -78.89 56.46
CA LYS C 176 67.27 -79.51 57.65
C LYS C 176 66.72 -78.42 58.54
N ASN C 177 67.50 -77.37 58.76
CA ASN C 177 67.08 -76.34 59.73
C ASN C 177 66.00 -75.50 59.17
N MET C 178 65.97 -75.38 57.83
CA MET C 178 64.86 -74.71 57.11
C MET C 178 63.56 -75.51 57.27
N VAL C 179 63.66 -76.81 57.09
CA VAL C 179 62.46 -77.62 57.20
C VAL C 179 61.89 -77.57 58.60
N LEU C 180 62.72 -77.75 59.60
CA LEU C 180 62.14 -77.82 60.93
C LEU C 180 61.39 -76.54 61.25
N SER C 181 61.95 -75.41 60.79
CA SER C 181 61.34 -74.11 61.07
C SER C 181 59.94 -74.19 60.54
N LEU C 182 59.85 -74.55 59.28
CA LEU C 182 58.52 -74.53 58.68
C LEU C 182 57.60 -75.45 59.40
N ALA C 183 58.11 -76.56 59.87
CA ALA C 183 57.20 -77.49 60.49
C ALA C 183 56.68 -76.92 61.75
N SER C 184 57.51 -76.24 62.46
CA SER C 184 56.99 -75.64 63.69
C SER C 184 55.93 -74.61 63.42
N GLU C 185 56.15 -73.79 62.43
CA GLU C 185 55.15 -72.78 62.22
C GLU C 185 53.81 -73.49 62.03
N LEU C 186 53.77 -74.55 61.23
CA LEU C 186 52.49 -75.26 60.98
C LEU C 186 51.94 -75.84 62.25
N ARG C 187 52.80 -76.46 63.02
CA ARG C 187 52.41 -76.93 64.33
C ARG C 187 51.78 -75.81 65.17
N GLU C 188 52.31 -74.62 65.08
CA GLU C 188 51.79 -73.55 65.93
C GLU C 188 50.50 -73.01 65.38
N ASN C 189 50.39 -72.97 64.08
CA ASN C 189 49.12 -72.57 63.48
C ASN C 189 48.05 -73.55 63.88
N HIS C 190 48.34 -74.82 64.09
CA HIS C 190 47.27 -75.73 64.46
C HIS C 190 46.79 -75.40 65.85
N LEU C 191 47.69 -75.16 66.79
CA LEU C 191 47.22 -74.90 68.16
C LEU C 191 46.56 -73.56 68.28
N ASN C 192 46.92 -72.59 67.46
CA ASN C 192 46.21 -71.33 67.53
C ASN C 192 44.86 -71.41 66.81
N GLY C 193 44.02 -72.37 67.16
CA GLY C 193 42.72 -72.45 66.52
C GLY C 193 41.82 -71.49 67.26
N PHE C 194 41.34 -70.42 66.63
CA PHE C 194 40.44 -69.49 67.36
C PHE C 194 41.24 -68.76 68.44
N ASN C 195 42.28 -68.09 67.99
CA ASN C 195 43.15 -67.32 68.88
C ASN C 195 43.52 -66.03 68.19
N THR C 196 43.59 -64.96 68.98
CA THR C 196 43.71 -63.58 68.48
C THR C 196 45.03 -63.29 67.76
N GLN C 197 45.99 -64.20 67.76
CA GLN C 197 47.26 -63.84 67.14
C GLN C 197 47.30 -64.27 65.69
N ARG C 198 48.29 -63.71 65.00
CA ARG C 198 49.24 -64.38 64.09
C ARG C 198 48.67 -65.58 63.34
N ARG C 199 47.83 -65.38 62.35
CA ARG C 199 47.35 -66.54 61.60
C ARG C 199 48.28 -66.75 60.42
N MET C 200 48.87 -67.93 60.34
CA MET C 200 49.68 -68.30 59.19
C MET C 200 48.85 -68.14 57.93
N ALA C 201 49.32 -67.28 57.02
CA ALA C 201 48.47 -66.95 55.87
C ALA C 201 48.26 -68.20 55.04
N PRO C 202 47.00 -68.56 54.82
CA PRO C 202 46.70 -69.80 54.11
C PRO C 202 47.29 -69.90 52.71
N GLU C 203 47.69 -68.80 52.12
CA GLU C 203 48.40 -68.89 50.85
C GLU C 203 49.71 -69.63 50.97
N ARG C 204 50.47 -69.37 52.02
CA ARG C 204 51.77 -70.03 52.21
C ARG C 204 51.60 -71.51 52.49
N VAL C 205 50.52 -71.95 53.15
CA VAL C 205 50.36 -73.39 53.42
C VAL C 205 50.14 -74.12 52.11
N ALA C 206 49.37 -73.52 51.24
CA ALA C 206 49.16 -74.15 49.93
C ALA C 206 50.45 -74.12 49.14
N SER C 207 51.18 -73.06 49.27
CA SER C 207 52.45 -73.00 48.56
C SER C 207 53.34 -74.15 49.03
N LEU C 208 53.48 -74.36 50.33
CA LEU C 208 54.38 -75.40 50.79
C LEU C 208 53.88 -76.71 50.28
N SER C 209 52.57 -76.86 50.19
CA SER C 209 52.03 -78.16 49.81
C SER C 209 52.37 -78.45 48.37
N ARG C 210 52.45 -77.42 47.57
CA ARG C 210 52.84 -77.61 46.19
C ARG C 210 54.33 -77.84 46.11
N VAL C 211 55.12 -77.27 47.01
CA VAL C 211 56.57 -77.39 46.86
C VAL C 211 57.04 -78.69 47.34
N CYS C 212 56.37 -79.31 48.30
CA CYS C 212 56.83 -80.65 48.78
C CYS C 212 56.65 -81.81 47.76
N VAL C 213 55.85 -81.59 46.72
CA VAL C 213 55.33 -82.63 45.84
C VAL C 213 56.36 -83.12 44.88
N PRO C 214 57.13 -82.32 44.25
CA PRO C 214 58.12 -82.84 43.38
C PRO C 214 59.24 -83.49 44.12
N LEU C 215 59.44 -83.16 45.38
CA LEU C 215 60.58 -83.73 46.09
C LEU C 215 60.10 -84.53 47.29
N ILE C 216 59.19 -85.46 47.09
CA ILE C 216 58.71 -86.33 48.20
C ILE C 216 59.62 -87.48 48.48
N THR C 217 60.29 -87.95 47.46
CA THR C 217 61.35 -88.94 47.64
C THR C 217 62.70 -88.33 48.06
N LEU C 218 62.73 -87.05 48.43
CA LEU C 218 63.90 -86.50 49.12
C LEU C 218 63.74 -86.67 50.62
N THR C 219 64.61 -87.44 51.23
CA THR C 219 64.44 -87.81 52.64
C THR C 219 64.40 -86.61 53.56
N ASP C 220 64.97 -85.50 53.12
CA ASP C 220 65.22 -84.33 53.96
C ASP C 220 63.97 -83.50 54.22
N VAL C 221 62.81 -83.95 53.77
CA VAL C 221 61.62 -83.10 53.75
C VAL C 221 60.51 -83.82 54.41
N ASP C 222 60.77 -85.03 54.63
CA ASP C 222 59.77 -85.89 55.21
C ASP C 222 59.19 -85.26 56.48
N PRO C 223 60.00 -84.64 57.32
CA PRO C 223 59.45 -83.95 58.48
C PRO C 223 58.41 -82.92 58.22
N LEU C 224 58.51 -82.30 57.09
CA LEU C 224 57.53 -81.31 56.70
C LEU C 224 56.18 -81.94 56.33
N VAL C 225 56.19 -83.04 55.61
CA VAL C 225 54.96 -83.73 55.18
C VAL C 225 54.16 -84.09 56.38
N GLU C 226 54.77 -84.84 57.28
CA GLU C 226 54.02 -85.34 58.42
C GLU C 226 53.39 -84.20 59.17
N ALA C 227 54.02 -83.06 59.20
CA ALA C 227 53.42 -81.95 59.90
C ALA C 227 52.27 -81.38 59.09
N LEU C 228 52.42 -81.28 57.78
CA LEU C 228 51.32 -80.70 56.99
C LEU C 228 50.05 -81.54 57.10
N LEU C 229 50.17 -82.88 57.23
CA LEU C 229 49.01 -83.77 57.22
C LEU C 229 48.41 -83.83 58.55
N ILE C 230 49.16 -83.81 59.61
CA ILE C 230 48.58 -83.74 60.94
C ILE C 230 48.02 -82.35 61.30
N CYS C 231 48.54 -81.30 60.70
CA CYS C 231 48.10 -79.93 61.06
C CYS C 231 47.04 -79.40 60.11
N HIS C 232 45.85 -79.94 60.31
CA HIS C 232 44.77 -79.77 59.32
C HIS C 232 44.33 -78.33 59.33
N GLY C 233 44.21 -77.78 60.49
CA GLY C 233 43.73 -76.39 60.57
C GLY C 233 42.25 -76.32 60.79
N ARG C 234 41.74 -75.11 60.90
CA ARG C 234 40.33 -74.87 61.22
C ARG C 234 39.62 -74.34 60.00
N GLU C 235 40.34 -74.12 58.93
CA GLU C 235 39.71 -73.53 57.73
C GLU C 235 38.71 -74.53 57.20
N PRO C 236 37.43 -74.24 56.93
CA PRO C 236 36.48 -75.19 56.41
C PRO C 236 36.73 -75.63 54.98
N GLN C 237 37.28 -74.80 54.13
CA GLN C 237 37.69 -75.23 52.77
C GLN C 237 38.99 -76.05 52.83
N GLU C 238 39.22 -76.90 51.86
CA GLU C 238 40.51 -77.63 51.78
C GLU C 238 41.63 -76.68 51.37
N ILE C 239 42.60 -76.49 52.21
CA ILE C 239 43.63 -75.49 51.89
C ILE C 239 44.71 -76.13 51.06
N LEU C 240 44.93 -77.43 51.22
CA LEU C 240 45.85 -78.14 50.33
C LEU C 240 45.14 -78.47 49.04
N GLN C 241 45.93 -78.61 47.98
CA GLN C 241 45.31 -78.91 46.69
C GLN C 241 45.54 -80.34 46.30
N PRO C 242 44.54 -80.97 45.70
CA PRO C 242 44.59 -82.39 45.44
C PRO C 242 45.73 -82.91 44.60
N GLU C 243 46.53 -82.07 43.98
CA GLU C 243 47.77 -82.65 43.47
C GLU C 243 48.64 -83.17 44.62
N PHE C 244 48.56 -82.53 45.79
CA PHE C 244 49.36 -82.95 46.95
C PHE C 244 48.86 -84.26 47.56
N PHE C 245 47.56 -84.49 47.66
CA PHE C 245 47.14 -85.68 48.35
C PHE C 245 47.51 -86.87 47.51
N GLU C 246 47.30 -86.78 46.23
CA GLU C 246 47.60 -87.91 45.38
C GLU C 246 49.09 -88.27 45.45
N ALA C 247 49.97 -87.32 45.46
CA ALA C 247 51.38 -87.67 45.42
C ALA C 247 51.79 -88.45 46.66
N VAL C 248 51.34 -87.98 47.83
CA VAL C 248 51.65 -88.62 49.12
C VAL C 248 51.05 -90.01 49.04
N ASN C 249 49.84 -90.12 48.55
CA ASN C 249 49.11 -91.40 48.64
C ASN C 249 49.83 -92.46 47.83
N GLU C 250 50.09 -92.13 46.57
CA GLU C 250 50.86 -92.96 45.66
C GLU C 250 52.13 -93.39 46.36
N ALA C 251 52.88 -92.41 46.85
CA ALA C 251 54.19 -92.65 47.44
C ALA C 251 54.14 -93.51 48.72
N ILE C 252 53.07 -93.46 49.53
CA ILE C 252 52.91 -94.41 50.65
C ILE C 252 52.80 -95.85 50.15
N LEU C 253 52.15 -96.03 49.03
CA LEU C 253 51.83 -97.37 48.58
C LEU C 253 53.01 -97.99 47.87
N LEU C 254 53.91 -97.22 47.32
CA LEU C 254 55.05 -97.89 46.70
C LEU C 254 56.17 -97.99 47.71
N LYS C 255 55.97 -97.47 48.92
CA LYS C 255 56.98 -97.54 49.99
C LYS C 255 58.22 -96.71 49.60
N LYS C 256 57.98 -95.46 49.21
CA LYS C 256 59.04 -94.54 48.82
C LYS C 256 59.04 -93.40 49.76
N ILE C 257 58.17 -93.41 50.77
CA ILE C 257 58.21 -92.29 51.73
C ILE C 257 58.22 -92.69 53.18
N SER C 258 57.51 -93.76 53.53
CA SER C 258 57.55 -94.21 54.92
C SER C 258 57.16 -93.03 55.85
N LEU C 259 55.89 -92.75 55.89
CA LEU C 259 55.39 -91.87 56.94
C LEU C 259 55.02 -92.68 58.12
N PRO C 260 54.68 -92.02 59.23
CA PRO C 260 54.01 -92.71 60.33
C PRO C 260 52.52 -92.79 60.18
N MET C 261 51.94 -93.74 60.90
CA MET C 261 50.54 -94.20 60.72
C MET C 261 49.60 -93.01 60.96
N SER C 262 49.83 -92.18 61.98
CA SER C 262 48.81 -91.15 62.23
C SER C 262 48.66 -90.29 60.96
N ALA C 263 49.78 -89.93 60.31
CA ALA C 263 49.74 -89.11 59.07
C ALA C 263 48.89 -89.81 57.99
N VAL C 264 49.15 -91.07 57.70
CA VAL C 264 48.38 -91.71 56.61
C VAL C 264 46.95 -91.78 57.07
N VAL C 265 46.61 -91.99 58.33
CA VAL C 265 45.17 -92.12 58.69
C VAL C 265 44.50 -90.81 58.49
N CYS C 266 45.18 -89.73 58.79
CA CYS C 266 44.57 -88.41 58.56
C CYS C 266 44.50 -88.06 57.07
N LEU C 267 45.46 -88.45 56.26
CA LEU C 267 45.32 -88.27 54.80
C LEU C 267 44.08 -88.96 54.24
N TRP C 268 43.81 -90.20 54.64
CA TRP C 268 42.64 -91.06 54.25
C TRP C 268 41.42 -90.32 54.71
N LEU C 269 41.37 -89.91 55.94
CA LEU C 269 40.20 -89.23 56.50
C LEU C 269 39.96 -87.84 55.93
N ARG C 270 40.91 -87.18 55.32
CA ARG C 270 40.56 -85.86 54.70
C ARG C 270 40.40 -85.94 53.17
N HIS C 271 40.68 -87.05 52.50
CA HIS C 271 40.60 -87.04 51.02
C HIS C 271 40.02 -88.27 50.33
N LEU C 272 38.79 -88.63 50.63
CA LEU C 272 38.25 -89.94 50.26
C LEU C 272 38.65 -90.45 48.89
N PRO C 273 38.82 -89.65 47.87
CA PRO C 273 39.27 -90.22 46.61
C PRO C 273 40.67 -90.78 46.63
N SER C 274 41.43 -90.39 47.64
CA SER C 274 42.73 -91.01 47.84
C SER C 274 42.59 -92.40 48.50
N LEU C 275 41.56 -92.66 49.30
CA LEU C 275 41.29 -93.97 49.90
C LEU C 275 40.70 -94.92 48.92
N GLU C 276 39.96 -94.39 48.00
CA GLU C 276 39.58 -95.23 46.87
C GLU C 276 40.83 -95.61 46.07
N LYS C 277 41.76 -94.68 45.82
CA LYS C 277 42.82 -95.08 44.92
C LYS C 277 43.76 -95.98 45.63
N ALA C 278 43.72 -95.97 46.95
CA ALA C 278 44.52 -96.91 47.72
C ALA C 278 43.89 -98.29 47.84
N MET C 279 42.59 -98.37 47.97
CA MET C 279 41.96 -99.67 48.11
C MET C 279 41.88 -100.33 46.70
N LEU C 280 41.86 -99.57 45.62
CA LEU C 280 42.02 -100.17 44.27
C LEU C 280 43.41 -100.76 44.09
N HIS C 281 44.39 -100.09 44.63
CA HIS C 281 45.72 -100.65 44.55
C HIS C 281 45.81 -101.93 45.37
N LEU C 282 44.83 -102.27 46.21
CA LEU C 282 44.78 -103.61 46.84
C LEU C 282 44.08 -104.59 45.93
N PHE C 283 43.15 -104.10 45.15
CA PHE C 283 42.44 -105.05 44.32
C PHE C 283 43.38 -105.46 43.18
N GLU C 284 44.25 -104.57 42.68
CA GLU C 284 45.21 -105.02 41.65
C GLU C 284 46.16 -106.03 42.25
N LYS C 285 46.44 -105.92 43.54
CA LYS C 285 47.30 -106.88 44.22
C LYS C 285 46.66 -108.26 44.30
N LEU C 286 45.35 -108.34 44.42
CA LEU C 286 44.73 -109.67 44.51
C LEU C 286 44.25 -110.17 43.15
N ILE C 287 44.15 -109.32 42.14
CA ILE C 287 43.73 -109.76 40.79
C ILE C 287 44.92 -110.07 39.90
N SER C 288 45.89 -109.18 39.80
CA SER C 288 46.95 -109.31 38.79
C SER C 288 48.16 -110.02 39.39
N SER C 289 48.84 -109.37 40.34
CA SER C 289 50.23 -109.73 40.68
C SER C 289 50.26 -111.03 41.46
N GLU C 290 49.56 -111.07 42.59
CA GLU C 290 49.71 -112.11 43.61
C GLU C 290 48.42 -112.90 43.81
N ARG C 291 47.80 -113.33 42.71
CA ARG C 291 46.62 -114.19 42.80
C ARG C 291 46.87 -115.44 43.64
N ASN C 292 46.12 -115.57 44.74
CA ASN C 292 46.03 -116.80 45.53
C ASN C 292 47.41 -117.16 46.07
N CYS C 293 48.10 -116.15 46.57
CA CYS C 293 49.21 -116.31 47.51
C CYS C 293 48.90 -115.51 48.75
N LEU C 294 48.06 -116.07 49.61
CA LEU C 294 47.53 -115.30 50.74
C LEU C 294 48.60 -114.89 51.73
N ARG C 295 49.76 -115.55 51.78
CA ARG C 295 50.84 -115.01 52.61
C ARG C 295 51.32 -113.63 52.12
N ARG C 296 51.42 -113.41 50.81
CA ARG C 296 51.90 -112.10 50.33
C ARG C 296 50.81 -111.08 50.48
N ILE C 297 49.55 -111.50 50.48
CA ILE C 297 48.46 -110.57 50.73
C ILE C 297 48.42 -110.19 52.19
N GLU C 298 48.51 -111.17 53.08
CA GLU C 298 48.54 -110.87 54.51
C GLU C 298 49.69 -109.91 54.81
N CYS C 299 50.87 -110.20 54.26
CA CYS C 299 52.05 -109.35 54.48
C CYS C 299 51.76 -107.92 53.99
N PHE C 300 51.20 -107.81 52.79
CA PHE C 300 50.87 -106.50 52.24
C PHE C 300 49.88 -105.75 53.12
N ILE C 301 48.81 -106.41 53.56
CA ILE C 301 47.74 -105.73 54.34
C ILE C 301 48.30 -105.30 55.67
N LYS C 302 49.01 -106.16 56.38
CA LYS C 302 49.51 -105.72 57.68
C LYS C 302 50.49 -104.59 57.50
N ASP C 303 51.36 -104.67 56.50
CA ASP C 303 52.36 -103.61 56.27
C ASP C 303 51.74 -102.29 55.83
N SER C 304 50.88 -102.31 54.81
CA SER C 304 49.95 -101.19 54.51
C SER C 304 49.25 -100.81 55.83
N SER C 305 48.51 -99.72 55.90
CA SER C 305 47.96 -99.40 57.21
C SER C 305 46.48 -99.63 57.29
N LEU C 306 45.92 -100.23 56.29
CA LEU C 306 44.48 -100.22 56.21
C LEU C 306 43.87 -100.79 57.45
N PRO C 307 44.37 -101.88 57.98
CA PRO C 307 43.76 -102.39 59.20
C PRO C 307 43.83 -101.39 60.32
N GLN C 308 44.96 -100.71 60.44
CA GLN C 308 45.07 -99.74 61.56
C GLN C 308 44.12 -98.57 61.30
N ALA C 309 43.96 -98.19 60.03
CA ALA C 309 43.13 -97.06 59.66
C ALA C 309 41.67 -97.42 59.72
N ALA C 310 41.38 -98.67 59.58
CA ALA C 310 40.00 -99.10 59.56
C ALA C 310 39.45 -99.28 60.92
N CYS C 311 40.17 -98.92 61.93
CA CYS C 311 39.53 -98.85 63.21
C CYS C 311 38.59 -97.66 63.32
N HIS C 312 38.70 -96.75 62.40
CA HIS C 312 37.83 -95.59 62.31
C HIS C 312 36.55 -95.90 61.54
N PRO C 313 35.33 -95.73 62.08
CA PRO C 313 34.14 -96.24 61.43
C PRO C 313 33.82 -95.63 60.09
N ALA C 314 34.09 -94.39 59.99
CA ALA C 314 34.08 -93.80 58.69
C ALA C 314 34.88 -94.58 57.65
N ILE C 315 36.13 -95.01 57.91
CA ILE C 315 36.93 -95.69 56.84
C ILE C 315 36.48 -97.13 56.73
N PHE C 316 35.96 -97.73 57.75
CA PHE C 316 35.52 -99.08 57.50
C PHE C 316 34.22 -99.03 56.77
N ARG C 317 33.44 -97.96 56.78
CA ARG C 317 32.21 -98.09 55.98
C ARG C 317 32.54 -97.92 54.52
N VAL C 318 33.54 -97.14 54.19
CA VAL C 318 33.90 -96.96 52.79
C VAL C 318 34.80 -98.03 52.26
N VAL C 319 35.64 -98.60 53.05
CA VAL C 319 36.42 -99.73 52.56
C VAL C 319 35.46 -100.86 52.38
N ASP C 320 34.55 -101.12 53.32
CA ASP C 320 33.56 -102.19 53.13
C ASP C 320 32.66 -101.97 51.91
N GLU C 321 32.31 -100.75 51.58
CA GLU C 321 31.51 -100.52 50.39
C GLU C 321 32.25 -100.83 49.11
N MET C 322 33.54 -100.72 49.04
CA MET C 322 34.23 -101.14 47.83
C MET C 322 34.35 -102.62 47.75
N PHE C 323 34.63 -103.31 48.82
CA PHE C 323 34.43 -104.76 48.79
C PHE C 323 33.03 -105.23 48.35
N ARG C 324 31.95 -104.57 48.74
CA ARG C 324 30.61 -105.03 48.33
C ARG C 324 30.47 -104.88 46.83
N CYS C 325 30.86 -103.73 46.29
CA CYS C 325 30.80 -103.46 44.84
C CYS C 325 31.53 -104.59 44.10
N ALA C 326 32.69 -105.02 44.57
CA ALA C 326 33.43 -106.14 43.96
C ALA C 326 32.72 -107.47 44.18
N LEU C 327 32.14 -107.68 45.34
CA LEU C 327 31.36 -108.91 45.59
C LEU C 327 30.17 -109.05 44.66
N LEU C 328 29.62 -107.96 44.13
CA LEU C 328 28.41 -107.99 43.29
C LEU C 328 28.83 -108.09 41.84
N GLU C 329 29.90 -107.41 41.44
CA GLU C 329 30.36 -107.44 40.03
C GLU C 329 30.68 -108.85 39.57
N THR C 330 31.51 -109.57 40.31
CA THR C 330 31.53 -111.02 40.22
C THR C 330 30.32 -111.49 41.02
N ASP C 331 29.79 -112.66 40.72
CA ASP C 331 28.64 -113.20 41.48
C ASP C 331 29.23 -114.21 42.47
N GLY C 332 30.06 -113.68 43.35
CA GLY C 332 30.60 -114.41 44.49
C GLY C 332 31.92 -115.09 44.19
N ALA C 333 32.89 -114.39 43.60
CA ALA C 333 34.19 -114.96 43.27
C ALA C 333 34.93 -115.38 44.53
N LEU C 334 35.46 -116.59 44.55
CA LEU C 334 36.17 -117.10 45.73
C LEU C 334 37.41 -116.28 46.05
N GLU C 335 38.01 -115.61 45.06
CA GLU C 335 39.26 -114.84 45.30
C GLU C 335 39.00 -113.59 46.14
N ILE C 336 37.96 -112.86 45.82
CA ILE C 336 37.48 -111.76 46.65
C ILE C 336 37.14 -112.21 48.06
N ILE C 337 36.44 -113.29 48.21
CA ILE C 337 36.04 -113.77 49.54
C ILE C 337 37.29 -113.93 50.41
N ALA C 338 38.34 -114.51 49.89
CA ALA C 338 39.52 -114.81 50.70
C ALA C 338 40.19 -113.53 51.13
N THR C 339 40.34 -112.61 50.21
CA THR C 339 40.87 -111.32 50.57
C THR C 339 40.05 -110.69 51.69
N ILE C 340 38.74 -110.71 51.57
CA ILE C 340 37.92 -110.15 52.65
C ILE C 340 38.20 -110.88 53.96
N GLN C 341 38.39 -112.18 53.90
CA GLN C 341 38.60 -112.91 55.17
C GLN C 341 39.90 -112.43 55.78
N VAL C 342 40.91 -112.23 54.96
CA VAL C 342 42.22 -111.86 55.50
C VAL C 342 42.10 -110.49 56.11
N PHE C 343 41.54 -109.60 55.34
CA PHE C 343 41.36 -108.26 55.85
C PHE C 343 40.63 -108.26 57.18
N THR C 344 39.58 -109.03 57.29
CA THR C 344 38.80 -108.95 58.51
C THR C 344 39.61 -109.51 59.67
N GLN C 345 40.42 -110.54 59.45
CA GLN C 345 41.23 -111.08 60.53
C GLN C 345 42.27 -110.09 60.99
N CYS C 346 42.93 -109.40 60.07
CA CYS C 346 43.83 -108.29 60.47
C CYS C 346 43.13 -107.18 61.23
N PHE C 347 42.02 -106.72 60.70
CA PHE C 347 41.19 -105.68 61.33
C PHE C 347 40.76 -106.04 62.75
N VAL C 348 40.38 -107.29 62.97
CA VAL C 348 39.89 -107.65 64.29
C VAL C 348 40.95 -107.42 65.34
N GLU C 349 42.16 -107.90 65.13
CA GLU C 349 43.15 -107.86 66.21
C GLU C 349 43.77 -106.49 66.28
N ALA C 350 43.33 -105.59 65.42
CA ALA C 350 43.71 -104.20 65.60
C ALA C 350 42.59 -103.39 66.21
N LEU C 351 41.33 -103.67 65.90
CA LEU C 351 40.28 -103.08 66.73
C LEU C 351 40.46 -103.47 68.19
N GLU C 352 40.73 -104.74 68.41
CA GLU C 352 41.02 -105.25 69.75
C GLU C 352 42.24 -104.58 70.35
N LYS C 353 43.37 -104.68 69.63
CA LYS C 353 44.66 -104.24 70.15
C LYS C 353 44.59 -102.83 70.69
N ALA C 354 43.95 -101.90 69.98
CA ALA C 354 44.22 -100.52 70.35
C ALA C 354 42.95 -99.71 70.60
N SER C 355 42.07 -100.23 71.43
CA SER C 355 40.95 -99.46 71.94
C SER C 355 40.56 -100.05 73.27
N LYS C 356 41.18 -99.58 74.33
CA LYS C 356 40.84 -100.25 75.59
C LYS C 356 39.46 -99.88 76.14
N GLN C 357 39.32 -98.63 76.61
CA GLN C 357 38.02 -98.08 77.05
C GLN C 357 37.44 -97.21 75.93
N LEU C 358 36.12 -97.27 75.75
CA LEU C 358 35.46 -96.48 74.69
C LEU C 358 36.00 -96.82 73.32
N ARG C 359 35.42 -97.89 72.83
CA ARG C 359 35.54 -98.41 71.47
C ARG C 359 34.12 -98.33 70.91
N PHE C 360 34.04 -98.41 69.58
CA PHE C 360 32.75 -98.30 68.91
C PHE C 360 32.03 -99.64 68.96
N ALA C 361 30.70 -99.61 69.04
CA ALA C 361 29.90 -100.84 69.20
C ALA C 361 29.67 -101.56 67.85
N LEU C 362 29.71 -102.90 67.81
CA LEU C 362 29.81 -103.59 66.49
C LEU C 362 28.68 -103.29 65.52
N LYS C 363 27.52 -102.87 66.02
CA LYS C 363 26.47 -102.41 65.11
C LYS C 363 26.88 -101.15 64.36
N THR C 364 28.07 -100.61 64.63
CA THR C 364 28.59 -99.44 63.96
C THR C 364 29.53 -99.75 62.84
N TYR C 365 30.17 -100.88 62.88
CA TYR C 365 30.89 -101.36 61.71
C TYR C 365 30.01 -102.24 60.80
N PHE C 366 29.14 -103.06 61.38
CA PHE C 366 28.32 -104.03 60.67
C PHE C 366 26.88 -103.69 60.97
N PRO C 367 26.36 -102.59 60.44
CA PRO C 367 25.15 -101.99 61.01
C PRO C 367 23.82 -102.60 60.62
N TYR C 368 23.85 -103.57 59.70
CA TYR C 368 22.62 -104.11 59.09
C TYR C 368 22.08 -105.37 59.82
N THR C 369 22.97 -106.26 60.22
CA THR C 369 22.63 -107.53 60.84
C THR C 369 22.30 -107.35 62.30
N SER C 370 21.80 -108.44 62.89
CA SER C 370 21.59 -108.46 64.34
C SER C 370 22.98 -108.47 64.96
N PRO C 371 23.21 -107.68 66.00
CA PRO C 371 24.56 -107.64 66.55
C PRO C 371 24.91 -108.99 67.14
N SER C 372 23.89 -109.66 67.69
CA SER C 372 24.01 -111.00 68.27
C SER C 372 24.93 -111.85 67.38
N LEU C 373 24.58 -111.92 66.10
CA LEU C 373 25.19 -112.85 65.13
C LEU C 373 26.68 -112.56 65.02
N ALA C 374 27.01 -111.31 64.76
CA ALA C 374 28.41 -110.88 64.71
C ALA C 374 29.13 -111.30 66.00
N MET C 375 28.63 -110.86 67.16
CA MET C 375 29.20 -111.25 68.47
C MET C 375 29.53 -112.74 68.53
N VAL C 376 28.76 -113.59 67.83
CA VAL C 376 29.09 -115.02 67.77
C VAL C 376 30.26 -115.24 66.84
N LEU C 377 30.19 -114.65 65.67
CA LEU C 377 31.14 -114.97 64.61
C LEU C 377 32.50 -114.34 64.87
N LEU C 378 32.59 -113.39 65.79
CA LEU C 378 33.88 -112.81 66.17
C LEU C 378 34.76 -113.78 66.95
N GLN C 379 34.15 -114.73 67.65
CA GLN C 379 34.87 -115.65 68.54
C GLN C 379 35.80 -116.51 67.70
N ASP C 380 37.10 -116.38 67.91
CA ASP C 380 38.06 -117.07 67.01
C ASP C 380 38.02 -118.56 67.27
N PRO C 381 38.25 -119.42 66.24
CA PRO C 381 38.30 -120.86 66.50
C PRO C 381 39.61 -121.37 67.04
N GLN C 382 40.66 -120.56 67.06
CA GLN C 382 41.83 -120.90 67.86
C GLN C 382 41.42 -121.15 69.30
N ASP C 383 40.52 -120.32 69.81
CA ASP C 383 40.10 -120.37 71.22
C ASP C 383 39.30 -121.62 71.53
N ILE C 384 38.69 -122.25 70.55
CA ILE C 384 37.75 -123.37 70.80
C ILE C 384 38.48 -124.69 70.57
N PRO C 385 38.17 -125.75 71.33
CA PRO C 385 38.67 -127.08 70.98
C PRO C 385 38.15 -127.53 69.63
N ARG C 386 38.98 -128.30 68.93
CA ARG C 386 38.63 -128.81 67.60
C ARG C 386 37.31 -129.60 67.64
N GLY C 387 37.01 -130.24 68.77
CA GLY C 387 35.80 -131.05 68.90
C GLY C 387 34.54 -130.24 69.10
N HIS C 388 34.64 -129.04 69.66
CA HIS C 388 33.46 -128.21 69.94
C HIS C 388 33.11 -127.27 68.80
N TRP C 389 33.78 -127.40 67.66
CA TRP C 389 33.46 -126.56 66.50
C TRP C 389 32.08 -126.91 65.96
N LEU C 390 31.75 -128.20 66.02
CA LEU C 390 30.46 -128.65 65.51
C LEU C 390 29.33 -127.95 66.25
N GLN C 391 29.41 -127.85 67.58
CA GLN C 391 28.33 -127.27 68.38
C GLN C 391 28.15 -125.81 68.00
N THR C 392 29.25 -125.09 67.86
CA THR C 392 29.20 -123.66 67.58
C THR C 392 28.59 -123.43 66.20
N LEU C 393 29.07 -124.15 65.20
CA LEU C 393 28.47 -124.05 63.87
C LEU C 393 26.98 -124.35 63.94
N LYS C 394 26.61 -125.45 64.58
CA LYS C 394 25.19 -125.85 64.68
C LYS C 394 24.35 -124.74 65.31
N HIS C 395 24.92 -123.98 66.23
CA HIS C 395 24.21 -122.83 66.83
C HIS C 395 24.13 -121.66 65.84
N ILE C 396 25.23 -121.36 65.18
CA ILE C 396 25.26 -120.23 64.22
C ILE C 396 24.24 -120.47 63.14
N SER C 397 24.20 -121.70 62.65
CA SER C 397 23.27 -122.09 61.59
C SER C 397 21.87 -121.73 62.04
N GLU C 398 21.53 -122.10 63.27
CA GLU C 398 20.18 -121.85 63.80
C GLU C 398 19.86 -120.36 63.75
N LEU C 399 20.79 -119.52 64.21
CA LEU C 399 20.55 -118.06 64.27
C LEU C 399 20.54 -117.43 62.88
N LEU C 400 21.36 -117.93 61.96
CA LEU C 400 21.34 -117.48 60.55
C LEU C 400 20.02 -117.86 59.89
N ARG C 401 19.57 -119.12 60.03
CA ARG C 401 18.27 -119.55 59.50
C ARG C 401 17.17 -118.59 59.99
N GLU C 402 17.17 -118.29 61.29
CA GLU C 402 16.20 -117.33 61.85
C GLU C 402 16.30 -116.00 61.12
N ALA C 403 17.51 -115.51 60.92
CA ALA C 403 17.67 -114.17 60.38
C ALA C 403 17.29 -114.07 58.92
N VAL C 404 17.45 -115.14 58.14
CA VAL C 404 17.14 -115.06 56.71
C VAL C 404 15.67 -115.41 56.47
N GLU C 405 15.29 -116.65 56.78
CA GLU C 405 13.97 -117.23 56.41
C GLU C 405 12.83 -116.57 57.17
N ASP C 406 13.00 -116.36 58.47
CA ASP C 406 12.01 -115.67 59.33
C ASP C 406 12.27 -114.17 59.28
N GLN C 407 12.26 -113.63 58.06
CA GLN C 407 12.56 -112.21 57.78
C GLN C 407 11.37 -111.37 58.22
N THR C 408 11.37 -111.04 59.50
CA THR C 408 10.39 -110.16 60.13
C THR C 408 11.06 -108.84 60.49
N HIS C 409 10.25 -107.87 60.90
CA HIS C 409 10.76 -106.54 61.28
C HIS C 409 11.67 -106.65 62.51
N GLY C 410 12.72 -105.84 62.52
CA GLY C 410 13.73 -105.90 63.57
C GLY C 410 14.72 -107.01 63.26
N SER C 411 15.27 -106.97 62.05
CA SER C 411 16.20 -107.99 61.57
C SER C 411 17.00 -107.39 60.42
N CYS C 412 17.72 -108.26 59.72
CA CYS C 412 18.48 -107.91 58.52
C CYS C 412 17.59 -107.20 57.48
N GLY C 413 18.22 -106.57 56.50
CA GLY C 413 17.54 -106.10 55.29
C GLY C 413 17.14 -107.24 54.35
N GLY C 414 17.74 -108.42 54.50
CA GLY C 414 17.51 -109.52 53.57
C GLY C 414 18.50 -110.65 53.76
N PRO C 415 18.46 -111.62 52.85
CA PRO C 415 19.39 -112.74 52.90
C PRO C 415 20.80 -112.36 52.48
N PHE C 416 20.92 -111.53 51.46
CA PHE C 416 22.25 -111.10 51.00
C PHE C 416 23.08 -110.43 52.09
N GLU C 417 22.44 -109.65 52.94
CA GLU C 417 23.18 -108.91 53.96
C GLU C 417 23.70 -109.87 55.02
N SER C 418 22.87 -110.77 55.51
CA SER C 418 23.32 -111.77 56.48
C SER C 418 24.37 -112.63 55.87
N TRP C 419 24.30 -112.86 54.57
CA TRP C 419 25.36 -113.57 53.86
C TRP C 419 26.66 -112.78 53.90
N PHE C 420 26.59 -111.53 53.43
CA PHE C 420 27.77 -110.68 53.32
C PHE C 420 28.48 -110.54 54.65
N LEU C 421 27.71 -110.59 55.75
CA LEU C 421 28.36 -110.67 57.06
C LEU C 421 29.13 -111.96 57.15
N PHE C 422 28.41 -113.06 57.09
CA PHE C 422 28.97 -114.38 57.36
C PHE C 422 30.27 -114.55 56.57
N ILE C 423 30.36 -113.95 55.39
CA ILE C 423 31.54 -114.05 54.49
C ILE C 423 32.78 -113.42 55.08
N HIS C 424 32.58 -112.38 55.86
CA HIS C 424 33.72 -111.66 56.45
C HIS C 424 34.54 -112.55 57.36
N PHE C 425 33.97 -113.58 57.97
CA PHE C 425 34.72 -114.36 58.98
C PHE C 425 35.11 -115.69 58.39
N GLY C 426 36.33 -115.74 57.86
CA GLY C 426 36.98 -117.01 57.62
C GLY C 426 37.14 -117.82 58.90
N GLY C 427 37.73 -118.99 58.77
CA GLY C 427 37.68 -119.97 59.85
C GLY C 427 36.34 -120.66 59.82
N TRP C 428 35.27 -119.95 60.12
CA TRP C 428 33.95 -120.59 60.26
C TRP C 428 33.44 -121.09 58.93
N ALA C 429 33.39 -120.23 57.93
CA ALA C 429 32.79 -120.62 56.64
C ALA C 429 33.47 -121.81 55.97
N GLU C 430 34.76 -122.04 56.16
CA GLU C 430 35.48 -123.12 55.45
C GLU C 430 35.49 -124.42 56.23
N MET C 431 35.39 -124.38 57.55
CA MET C 431 35.47 -125.62 58.34
C MET C 431 34.22 -126.46 58.15
N VAL C 432 33.23 -125.98 57.40
CA VAL C 432 31.87 -126.55 57.42
C VAL C 432 31.90 -127.93 56.76
N ALA C 433 32.37 -127.97 55.52
CA ALA C 433 32.42 -129.23 54.77
C ALA C 433 33.26 -130.25 55.55
N GLU C 434 34.41 -129.80 56.05
CA GLU C 434 35.33 -130.71 56.77
C GLU C 434 34.67 -131.24 58.04
N GLN C 435 33.74 -130.48 58.63
CA GLN C 435 33.01 -131.03 59.79
C GLN C 435 31.88 -131.95 59.34
N LEU C 436 31.30 -131.69 58.17
CA LEU C 436 30.32 -132.64 57.64
C LEU C 436 30.99 -133.98 57.38
N LEU C 437 32.21 -133.95 56.85
CA LEU C 437 32.95 -135.18 56.59
C LEU C 437 33.33 -135.85 57.90
N MET C 438 33.69 -135.10 58.92
CA MET C 438 34.00 -135.67 60.23
C MET C 438 32.77 -136.31 60.87
N SER C 439 31.57 -135.82 60.52
CA SER C 439 30.27 -136.33 60.98
C SER C 439 29.45 -136.83 59.79
N ALA C 440 30.15 -137.39 58.80
CA ALA C 440 29.56 -137.87 57.54
C ALA C 440 28.47 -138.92 57.78
N ALA C 441 28.64 -139.78 58.77
CA ALA C 441 27.53 -140.64 59.20
C ALA C 441 26.40 -139.80 59.81
N GLU C 442 25.23 -139.80 59.14
CA GLU C 442 24.06 -139.02 59.56
C GLU C 442 24.44 -137.54 59.65
N PRO C 443 24.54 -136.82 58.53
CA PRO C 443 24.84 -135.40 58.59
C PRO C 443 23.70 -134.61 59.20
N PRO C 444 24.01 -133.66 60.10
CA PRO C 444 22.99 -132.75 60.62
C PRO C 444 22.46 -131.77 59.56
N THR C 445 21.14 -131.71 59.44
CA THR C 445 20.47 -130.89 58.41
C THR C 445 20.81 -129.40 58.59
N ALA C 446 20.96 -128.91 59.82
CA ALA C 446 21.27 -127.50 60.04
C ALA C 446 22.63 -127.15 59.43
N LEU C 447 23.60 -128.07 59.51
CA LEU C 447 24.90 -127.83 58.87
C LEU C 447 24.73 -127.89 57.37
N LEU C 448 23.94 -128.85 56.88
CA LEU C 448 23.63 -128.92 55.44
C LEU C 448 23.04 -127.59 55.02
N TRP C 449 22.17 -127.02 55.87
CA TRP C 449 21.53 -125.73 55.57
C TRP C 449 22.58 -124.63 55.46
N LEU C 450 23.49 -124.60 56.42
CA LEU C 450 24.51 -123.57 56.44
C LEU C 450 25.34 -123.67 55.16
N LEU C 451 25.73 -124.88 54.81
CA LEU C 451 26.60 -125.06 53.65
C LEU C 451 25.88 -124.64 52.38
N ALA C 452 24.65 -125.11 52.19
CA ALA C 452 23.85 -124.75 51.03
C ALA C 452 23.64 -123.25 50.97
N PHE C 453 23.47 -122.64 52.14
CA PHE C 453 23.29 -121.19 52.23
C PHE C 453 24.52 -120.44 51.76
N TYR C 454 25.69 -120.97 52.13
CA TYR C 454 26.97 -120.38 51.74
C TYR C 454 27.01 -120.25 50.22
N TYR C 455 26.86 -121.36 49.52
CA TYR C 455 27.14 -121.33 48.07
C TYR C 455 26.01 -120.71 47.28
N GLY C 456 24.85 -120.53 47.89
CA GLY C 456 23.80 -119.77 47.24
C GLY C 456 22.78 -119.31 48.26
N PRO C 457 22.71 -118.01 48.55
CA PRO C 457 21.49 -117.43 49.10
C PRO C 457 20.58 -116.88 48.01
N ARG C 458 19.42 -116.37 48.42
CA ARG C 458 18.39 -115.86 47.49
C ARG C 458 17.98 -116.91 46.48
N ASP C 459 17.55 -118.06 46.98
CA ASP C 459 17.22 -119.24 46.17
C ASP C 459 15.76 -119.66 46.40
N GLY C 460 15.30 -119.58 47.63
CA GLY C 460 13.98 -120.06 48.01
C GLY C 460 14.03 -121.50 48.46
N ARG C 461 13.13 -121.86 49.36
CA ARG C 461 13.22 -123.16 50.05
C ARG C 461 13.18 -124.32 49.09
N GLN C 462 12.42 -124.25 48.01
CA GLN C 462 12.39 -125.37 47.05
C GLN C 462 13.80 -125.66 46.52
N GLN C 463 14.54 -124.60 46.16
CA GLN C 463 15.91 -124.80 45.66
C GLN C 463 16.80 -125.29 46.79
N ARG C 464 16.69 -124.67 47.95
CA ARG C 464 17.64 -124.97 49.02
C ARG C 464 17.45 -126.42 49.48
N ALA C 465 16.19 -126.83 49.54
CA ALA C 465 15.84 -128.22 49.90
C ALA C 465 16.37 -129.20 48.84
N GLN C 466 16.10 -128.94 47.56
CA GLN C 466 16.58 -129.83 46.47
C GLN C 466 18.11 -129.97 46.54
N THR C 467 18.79 -128.85 46.71
CA THR C 467 20.26 -128.85 46.83
C THR C 467 20.66 -129.68 48.04
N MET C 468 20.01 -129.46 49.17
CA MET C 468 20.37 -130.17 50.42
C MET C 468 20.18 -131.68 50.25
N VAL C 469 19.09 -132.11 49.64
CA VAL C 469 18.86 -133.55 49.51
C VAL C 469 19.85 -134.16 48.52
N GLN C 470 20.18 -133.44 47.44
CA GLN C 470 21.25 -133.89 46.53
C GLN C 470 22.54 -134.05 47.32
N VAL C 471 22.89 -133.02 48.09
CA VAL C 471 24.15 -133.05 48.88
C VAL C 471 24.13 -134.23 49.85
N LYS C 472 22.99 -134.50 50.47
CA LYS C 472 22.95 -135.59 51.43
C LYS C 472 23.18 -136.91 50.72
N ALA C 473 22.54 -137.11 49.57
CA ALA C 473 22.80 -138.30 48.75
C ALA C 473 24.27 -138.38 48.37
N VAL C 474 24.87 -137.25 47.98
CA VAL C 474 26.28 -137.22 47.60
C VAL C 474 27.14 -137.63 48.80
N LEU C 475 26.79 -137.15 49.98
CA LEU C 475 27.53 -137.51 51.21
C LEU C 475 27.36 -139.00 51.49
N GLY C 476 26.17 -139.55 51.23
CA GLY C 476 25.97 -140.99 51.33
C GLY C 476 26.94 -141.74 50.43
N HIS C 477 27.08 -141.28 49.19
CA HIS C 477 28.02 -141.86 48.22
C HIS C 477 29.45 -141.75 48.73
N LEU C 478 29.81 -140.59 49.25
CA LEU C 478 31.20 -140.32 49.64
C LEU C 478 31.60 -141.11 50.89
N LEU C 479 30.73 -141.24 51.89
CA LEU C 479 31.10 -142.06 53.06
C LEU C 479 31.33 -143.50 52.64
N ALA C 480 30.42 -144.05 51.82
CA ALA C 480 30.58 -145.40 51.27
C ALA C 480 31.92 -145.52 50.52
N MET C 481 32.25 -144.52 49.70
CA MET C 481 33.46 -144.56 48.87
C MET C 481 34.72 -144.43 49.72
N SER C 482 34.65 -143.65 50.79
CA SER C 482 35.80 -143.44 51.69
C SER C 482 36.06 -144.71 52.50
N ARG C 483 35.01 -145.32 53.04
CA ARG C 483 35.14 -146.57 53.79
C ARG C 483 35.46 -147.73 52.86
N SER C 484 35.22 -147.57 51.56
CA SER C 484 35.77 -148.49 50.56
C SER C 484 37.28 -148.24 50.38
N SER C 485 37.87 -149.02 49.48
CA SER C 485 39.29 -148.90 49.13
C SER C 485 39.55 -147.61 48.33
N SER C 486 40.78 -147.48 47.87
CA SER C 486 41.18 -146.38 46.98
C SER C 486 40.63 -146.65 45.58
N LEU C 487 39.60 -145.92 45.18
CA LEU C 487 38.87 -146.21 43.95
C LEU C 487 39.20 -145.18 42.87
N SER C 488 38.55 -145.33 41.72
CA SER C 488 38.85 -144.58 40.50
C SER C 488 38.41 -143.13 40.64
N ALA C 489 38.48 -142.40 39.53
CA ALA C 489 37.95 -141.03 39.45
C ALA C 489 36.62 -140.97 38.69
N GLN C 490 36.32 -141.98 37.88
CA GLN C 490 35.10 -142.00 37.05
C GLN C 490 33.87 -142.26 37.91
N ASP C 491 34.00 -143.15 38.89
CA ASP C 491 32.99 -143.37 39.92
C ASP C 491 32.60 -142.04 40.58
N LEU C 492 33.54 -141.10 40.65
CA LEU C 492 33.24 -139.76 41.17
C LEU C 492 32.56 -138.89 40.12
N GLN C 493 32.93 -139.01 38.84
CA GLN C 493 32.24 -138.23 37.80
C GLN C 493 30.79 -138.67 37.62
N THR C 494 30.45 -139.91 37.97
CA THR C 494 29.05 -140.36 37.91
C THR C 494 28.15 -139.51 38.81
N VAL C 495 28.43 -139.50 40.12
CA VAL C 495 27.67 -138.67 41.07
C VAL C 495 27.84 -137.16 40.79
N ALA C 496 29.01 -136.75 40.29
CA ALA C 496 29.23 -135.34 39.89
C ALA C 496 28.31 -134.97 38.72
N GLY C 497 28.01 -135.92 37.83
CA GLY C 497 27.20 -135.66 36.64
C GLY C 497 25.73 -135.46 36.94
N ALA C 506 25.35 -127.46 35.37
CA ALA C 506 24.45 -127.51 36.53
C ALA C 506 24.63 -126.27 37.40
N PRO C 507 23.62 -125.91 38.20
CA PRO C 507 23.80 -124.80 39.13
C PRO C 507 24.48 -125.22 40.43
N ALA C 508 24.37 -126.50 40.80
CA ALA C 508 25.08 -127.03 41.97
C ALA C 508 26.20 -127.95 41.47
N GLN C 509 27.31 -127.32 41.09
CA GLN C 509 28.56 -127.97 40.68
C GLN C 509 29.72 -127.53 41.56
N GLN C 510 29.83 -126.24 41.79
CA GLN C 510 30.95 -125.68 42.56
C GLN C 510 30.88 -126.17 44.00
N LEU C 511 29.67 -126.28 44.55
CA LEU C 511 29.50 -126.88 45.89
C LEU C 511 30.01 -128.31 45.89
N ILE C 512 29.62 -129.09 44.89
CA ILE C 512 29.96 -130.52 44.89
C ILE C 512 31.45 -130.66 44.59
N ARG C 513 31.94 -129.87 43.64
CA ARG C 513 33.38 -129.83 43.33
C ARG C 513 34.17 -129.59 44.62
N HIS C 514 33.85 -128.51 45.33
CA HIS C 514 34.63 -128.10 46.52
C HIS C 514 34.51 -129.15 47.62
N LEU C 515 33.32 -129.69 47.81
CA LEU C 515 33.15 -130.77 48.80
C LEU C 515 34.02 -131.95 48.43
N LEU C 516 34.13 -132.26 47.15
CA LEU C 516 34.92 -133.43 46.69
C LEU C 516 36.40 -133.17 46.89
N LEU C 517 36.85 -131.94 46.62
CA LEU C 517 38.22 -131.57 46.92
C LEU C 517 38.53 -131.69 48.41
N ASN C 518 37.66 -131.16 49.26
CA ASN C 518 37.80 -131.32 50.72
C ASN C 518 37.83 -132.81 51.08
N PHE C 519 37.05 -133.62 50.39
CA PHE C 519 37.08 -135.08 50.60
C PHE C 519 38.47 -135.63 50.25
N LEU C 520 39.02 -135.23 49.09
CA LEU C 520 40.34 -135.72 48.66
C LEU C 520 41.40 -135.38 49.71
N LEU C 521 41.40 -134.13 50.16
CA LEU C 521 42.42 -133.72 51.13
C LEU C 521 42.20 -134.43 52.46
N TRP C 522 40.94 -134.70 52.79
CA TRP C 522 40.60 -135.23 54.13
C TRP C 522 40.89 -136.72 54.18
N ALA C 523 40.26 -137.47 53.28
CA ALA C 523 40.28 -138.93 53.33
C ALA C 523 41.71 -139.41 53.07
N PRO C 524 42.14 -140.48 53.77
CA PRO C 524 43.45 -141.06 53.48
C PRO C 524 43.47 -141.82 52.16
N GLY C 525 42.29 -142.12 51.59
CA GLY C 525 42.22 -142.64 50.23
C GLY C 525 42.77 -141.65 49.20
N GLY C 526 42.86 -140.38 49.55
CA GLY C 526 43.53 -139.40 48.70
C GLY C 526 45.02 -139.66 48.55
N HIS C 527 45.74 -138.66 48.04
CA HIS C 527 47.19 -138.70 47.74
C HIS C 527 47.55 -139.85 46.80
N THR C 528 46.56 -140.47 46.16
CA THR C 528 46.77 -141.58 45.24
C THR C 528 46.02 -141.28 43.94
N ILE C 529 44.83 -140.70 44.06
CA ILE C 529 43.91 -140.52 42.93
C ILE C 529 43.45 -139.07 42.82
N ALA C 530 44.16 -138.15 43.46
CA ALA C 530 43.78 -136.74 43.42
C ALA C 530 43.93 -136.21 42.00
N TRP C 531 45.08 -136.47 41.38
CA TRP C 531 45.36 -136.07 40.00
C TRP C 531 44.26 -136.50 39.05
N ASP C 532 43.79 -137.73 39.23
CA ASP C 532 42.82 -138.31 38.30
C ASP C 532 41.55 -137.47 38.28
N VAL C 533 41.21 -136.86 39.41
CA VAL C 533 40.00 -136.02 39.50
C VAL C 533 40.33 -134.60 39.09
N ILE C 534 41.49 -134.11 39.51
CA ILE C 534 41.89 -132.72 39.24
C ILE C 534 41.97 -132.49 37.74
N THR C 535 42.64 -133.37 37.02
CA THR C 535 42.79 -133.20 35.57
C THR C 535 41.43 -133.12 34.89
N LEU C 536 40.50 -133.98 35.29
CA LEU C 536 39.15 -134.02 34.69
C LEU C 536 38.34 -132.80 35.09
N MET C 537 38.48 -132.35 36.33
CA MET C 537 37.71 -131.21 36.84
C MET C 537 38.24 -129.92 36.22
N ALA C 538 39.56 -129.81 36.03
CA ALA C 538 40.20 -128.62 35.45
C ALA C 538 39.96 -128.64 33.94
N HIS C 539 38.70 -128.43 33.56
CA HIS C 539 38.30 -128.24 32.15
C HIS C 539 38.99 -127.00 31.58
N THR C 540 38.66 -125.85 32.16
CA THR C 540 39.08 -124.52 31.69
C THR C 540 40.28 -124.06 32.51
N ALA C 541 40.68 -122.81 32.34
CA ALA C 541 41.67 -122.19 33.23
C ALA C 541 41.00 -121.58 34.45
N GLU C 542 39.73 -121.18 34.33
CA GLU C 542 39.01 -120.56 35.45
C GLU C 542 38.80 -121.54 36.59
N ILE C 543 38.46 -122.78 36.26
CA ILE C 543 38.27 -123.79 37.31
C ILE C 543 39.61 -124.12 37.95
N THR C 544 40.68 -124.12 37.16
CA THR C 544 42.01 -124.42 37.69
C THR C 544 42.43 -123.33 38.69
N HIS C 545 42.38 -122.08 38.25
CA HIS C 545 42.68 -120.93 39.11
C HIS C 545 41.84 -120.98 40.38
N GLU C 546 40.56 -121.32 40.22
CA GLU C 546 39.64 -121.40 41.35
C GLU C 546 40.11 -122.45 42.34
N ILE C 547 40.53 -123.60 41.84
CA ILE C 547 40.97 -124.70 42.70
C ILE C 547 42.28 -124.36 43.37
N ILE C 548 43.17 -123.69 42.63
CA ILE C 548 44.42 -123.20 43.22
C ILE C 548 44.08 -122.32 44.40
N GLY C 549 43.26 -121.28 44.15
CA GLY C 549 42.80 -120.37 45.19
C GLY C 549 42.26 -121.12 46.38
N PHE C 550 41.41 -122.10 46.10
CA PHE C 550 40.80 -122.93 47.13
C PHE C 550 41.87 -123.56 48.01
N LEU C 551 42.89 -124.12 47.37
CA LEU C 551 43.86 -124.90 48.13
C LEU C 551 44.74 -123.97 48.93
N ASP C 552 45.05 -122.81 48.36
CA ASP C 552 45.83 -121.81 49.08
C ASP C 552 45.06 -121.37 50.32
N GLN C 553 43.81 -120.99 50.12
CA GLN C 553 42.95 -120.59 51.23
C GLN C 553 42.96 -121.66 52.31
N THR C 554 42.89 -122.91 51.89
CA THR C 554 42.82 -124.00 52.86
C THR C 554 44.12 -124.13 53.64
N LEU C 555 45.25 -123.98 52.98
CA LEU C 555 46.51 -124.16 53.71
C LEU C 555 46.79 -122.99 54.61
N TYR C 556 46.51 -121.79 54.13
CA TYR C 556 46.52 -120.60 54.98
C TYR C 556 45.68 -120.83 56.23
N ARG C 557 44.43 -121.28 56.04
CA ARG C 557 43.49 -121.48 57.14
C ARG C 557 44.06 -122.49 58.13
N TRP C 558 44.59 -123.60 57.62
CA TRP C 558 45.11 -124.65 58.50
C TRP C 558 46.29 -124.13 59.30
N ASN C 559 47.26 -123.57 58.61
CA ASN C 559 48.49 -123.08 59.26
C ASN C 559 48.15 -122.01 60.29
N ARG C 560 47.12 -121.23 60.02
CA ARG C 560 46.66 -120.20 60.98
C ARG C 560 46.04 -120.87 62.20
N LEU C 561 45.04 -121.72 61.99
CA LEU C 561 44.33 -122.39 63.11
C LEU C 561 45.20 -123.44 63.78
N GLY C 562 46.36 -123.78 63.21
CA GLY C 562 47.23 -124.81 63.78
C GLY C 562 46.64 -126.21 63.73
N ILE C 563 45.67 -126.42 62.85
CA ILE C 563 45.07 -127.75 62.62
C ILE C 563 45.71 -128.30 61.36
N GLU C 564 46.27 -129.51 61.45
CA GLU C 564 47.04 -130.10 60.35
C GLU C 564 47.09 -131.63 60.47
N SER C 565 46.90 -132.30 59.33
CA SER C 565 47.34 -133.69 59.08
C SER C 565 48.41 -133.66 58.00
N PRO C 566 49.67 -134.04 58.28
CA PRO C 566 50.78 -133.77 57.34
C PRO C 566 50.62 -134.41 55.96
N ARG C 567 49.83 -135.48 55.87
CA ARG C 567 49.43 -136.06 54.57
C ARG C 567 48.82 -134.99 53.68
N SER C 568 47.77 -134.34 54.18
CA SER C 568 47.06 -133.33 53.40
C SER C 568 47.97 -132.14 53.12
N GLU C 569 48.80 -131.74 54.08
CA GLU C 569 49.72 -130.60 53.87
C GLU C 569 50.65 -130.89 52.70
N LYS C 570 51.37 -132.01 52.76
CA LYS C 570 52.33 -132.34 51.69
C LYS C 570 51.59 -132.56 50.36
N LEU C 571 50.44 -133.25 50.40
CA LEU C 571 49.63 -133.53 49.20
C LEU C 571 49.25 -132.22 48.53
N ALA C 572 48.62 -131.31 49.28
CA ALA C 572 48.13 -130.05 48.74
C ALA C 572 49.30 -129.21 48.21
N ARG C 573 50.42 -129.25 48.91
CA ARG C 573 51.59 -128.46 48.46
C ARG C 573 52.08 -128.97 47.10
N GLU C 574 52.19 -130.29 46.94
CA GLU C 574 52.66 -130.85 45.66
C GLU C 574 51.67 -130.55 44.54
N LEU C 575 50.37 -130.75 44.80
CA LEU C 575 49.34 -130.45 43.79
C LEU C 575 49.38 -128.98 43.41
N LEU C 576 49.44 -128.10 44.42
CA LEU C 576 49.50 -126.67 44.16
C LEU C 576 50.72 -126.36 43.31
N LYS C 577 51.87 -126.96 43.62
CA LYS C 577 53.10 -126.75 42.85
C LYS C 577 52.87 -127.06 41.38
N GLU C 578 52.28 -128.22 41.11
CA GLU C 578 52.14 -128.63 39.70
C GLU C 578 51.03 -127.84 39.02
N LEU C 579 49.97 -127.45 39.73
CA LEU C 579 48.86 -126.71 39.11
C LEU C 579 49.24 -125.26 38.85
N ARG C 580 50.19 -124.73 39.60
CA ARG C 580 50.70 -123.37 39.37
C ARG C 580 51.41 -123.29 38.02
N THR C 581 51.81 -124.44 37.47
CA THR C 581 52.45 -124.55 36.15
C THR C 581 51.42 -124.44 35.02
N GLN C 582 50.28 -125.13 35.14
CA GLN C 582 49.25 -125.07 34.08
C GLN C 582 48.70 -123.64 33.93
N VAL C 583 48.39 -122.99 35.05
CA VAL C 583 47.80 -121.65 35.06
C VAL C 583 46.45 -121.65 34.33
N GLU D 31 40.92 -57.31 62.81
CA GLU D 31 41.01 -57.69 61.38
C GLU D 31 40.85 -59.21 61.19
N GLY D 32 41.85 -60.02 61.53
CA GLY D 32 41.75 -61.44 61.25
C GLY D 32 41.43 -62.30 62.46
N VAL D 33 40.89 -61.74 63.56
CA VAL D 33 40.36 -62.59 64.65
C VAL D 33 39.01 -63.14 64.24
N GLU D 34 38.84 -64.45 64.35
CA GLU D 34 37.58 -65.11 64.03
C GLU D 34 37.11 -65.81 65.28
N PRO D 35 35.87 -65.63 65.74
CA PRO D 35 35.44 -66.37 66.92
C PRO D 35 35.05 -67.77 66.50
N ALA D 36 35.06 -68.69 67.44
CA ALA D 36 34.71 -70.05 67.03
C ALA D 36 33.23 -70.15 66.77
N PRO D 37 32.81 -70.73 65.65
CA PRO D 37 31.41 -70.67 65.27
C PRO D 37 30.48 -71.44 66.16
N TRP D 38 31.01 -72.20 67.07
CA TRP D 38 30.16 -72.86 68.05
C TRP D 38 30.04 -72.07 69.31
N ALA D 39 30.32 -70.78 69.26
CA ALA D 39 30.56 -70.00 70.48
C ALA D 39 29.27 -69.91 71.26
N GLN D 40 28.19 -69.79 70.55
CA GLN D 40 26.97 -69.31 71.18
C GLN D 40 26.10 -70.47 71.64
N LEU D 41 26.60 -71.71 71.65
CA LEU D 41 25.74 -72.86 71.97
C LEU D 41 25.87 -73.24 73.41
N GLU D 42 24.83 -73.91 73.90
CA GLU D 42 24.86 -74.55 75.21
C GLU D 42 26.24 -75.25 75.34
N ALA D 43 26.91 -74.97 76.44
CA ALA D 43 28.29 -75.39 76.75
C ALA D 43 28.53 -76.85 76.43
N PRO D 44 27.63 -77.78 76.79
CA PRO D 44 27.91 -79.17 76.45
C PRO D 44 28.16 -79.40 74.97
N ALA D 45 27.28 -78.90 74.14
CA ALA D 45 27.55 -79.02 72.70
C ALA D 45 28.91 -78.39 72.37
N ARG D 46 29.30 -77.30 73.04
CA ARG D 46 30.54 -76.60 72.70
C ARG D 46 31.66 -77.51 73.01
N LEU D 47 31.51 -78.29 74.04
CA LEU D 47 32.61 -79.15 74.45
C LEU D 47 32.76 -80.32 73.51
N LEU D 48 31.63 -80.88 73.11
CA LEU D 48 31.60 -81.97 72.11
C LEU D 48 32.25 -81.60 70.81
N LEU D 49 31.79 -80.48 70.27
CA LEU D 49 32.35 -80.02 69.03
C LEU D 49 33.82 -79.63 69.24
N GLN D 50 34.23 -79.22 70.46
CA GLN D 50 35.64 -78.82 70.67
C GLN D 50 36.43 -80.08 70.60
N ALA D 51 35.85 -81.16 71.14
CA ALA D 51 36.54 -82.44 71.29
C ALA D 51 36.72 -83.00 69.92
N LEU D 52 35.70 -82.98 69.07
CA LEU D 52 35.83 -83.67 67.80
C LEU D 52 36.87 -83.07 66.93
N GLN D 53 37.24 -81.84 67.18
CA GLN D 53 38.23 -81.15 66.37
C GLN D 53 39.58 -81.84 66.29
N ALA D 54 39.87 -82.73 67.18
CA ALA D 54 41.27 -83.07 67.39
C ALA D 54 41.64 -84.29 66.55
N GLY D 55 41.49 -84.13 65.26
CA GLY D 55 42.03 -85.09 64.32
C GLY D 55 41.25 -86.39 64.26
N PRO D 56 41.82 -87.41 63.64
CA PRO D 56 41.13 -88.67 63.53
C PRO D 56 40.82 -89.35 64.84
N GLU D 57 41.56 -89.15 65.89
CA GLU D 57 41.09 -89.76 67.14
C GLU D 57 40.04 -88.86 67.75
N GLY D 58 39.62 -87.93 66.95
CA GLY D 58 38.51 -87.08 67.28
C GLY D 58 37.20 -87.82 67.48
N ALA D 59 36.91 -88.83 66.70
CA ALA D 59 35.63 -89.46 66.86
C ALA D 59 35.49 -90.20 68.17
N ARG D 60 36.46 -91.06 68.47
CA ARG D 60 36.47 -91.84 69.72
C ARG D 60 36.11 -90.93 70.90
N ARG D 61 36.75 -89.76 70.96
CA ARG D 61 36.69 -88.82 72.06
C ARG D 61 35.27 -88.41 72.29
N GLY D 62 34.55 -88.27 71.22
CA GLY D 62 33.17 -87.95 71.35
C GLY D 62 32.41 -88.88 72.22
N LEU D 63 32.68 -90.17 72.13
CA LEU D 63 31.89 -91.09 72.94
C LEU D 63 32.23 -90.89 74.40
N GLY D 64 33.51 -90.61 74.66
CA GLY D 64 33.93 -90.37 76.04
C GLY D 64 33.25 -89.12 76.57
N VAL D 65 33.05 -88.18 75.67
CA VAL D 65 32.35 -86.97 76.06
C VAL D 65 30.92 -87.29 76.35
N LEU D 66 30.30 -88.14 75.57
CA LEU D 66 28.90 -88.36 75.89
C LEU D 66 28.74 -89.13 77.18
N ARG D 67 29.62 -90.10 77.45
CA ARG D 67 29.57 -90.78 78.74
C ARG D 67 29.95 -89.83 79.87
N ALA D 68 30.87 -88.89 79.63
CA ALA D 68 31.27 -87.91 80.64
C ALA D 68 30.26 -86.78 80.74
N LEU D 69 29.09 -86.92 80.15
CA LEU D 69 27.99 -85.99 80.44
C LEU D 69 26.76 -86.75 80.91
N GLY D 70 26.65 -88.02 80.54
CA GLY D 70 25.82 -88.94 81.31
C GLY D 70 26.24 -88.95 82.77
N SER D 71 27.53 -88.76 83.05
CA SER D 71 28.06 -88.81 84.42
C SER D 71 27.64 -87.59 85.22
N ARG D 72 27.55 -86.43 84.56
CA ARG D 72 27.33 -85.16 85.26
C ARG D 72 25.83 -84.97 85.48
N GLY D 73 25.45 -83.87 86.11
CA GLY D 73 24.06 -83.57 86.50
C GLY D 73 22.99 -83.75 85.43
N TRP D 74 23.30 -83.50 84.15
CA TRP D 74 22.34 -83.62 83.03
C TRP D 74 22.61 -84.91 82.28
N GLU D 75 22.11 -85.97 82.91
CA GLU D 75 22.34 -87.35 82.45
C GLU D 75 21.85 -87.55 81.01
N PRO D 76 20.69 -87.02 80.57
CA PRO D 76 20.34 -87.12 79.17
C PRO D 76 20.99 -85.97 78.41
N PHE D 77 21.24 -86.21 77.13
CA PHE D 77 21.88 -85.17 76.32
C PHE D 77 20.94 -84.75 75.19
N ASP D 78 20.66 -83.46 75.09
CA ASP D 78 19.50 -82.94 74.34
C ASP D 78 19.88 -82.77 72.87
N TRP D 79 20.01 -83.89 72.18
CA TRP D 79 20.42 -83.94 70.77
C TRP D 79 19.58 -83.04 69.89
N GLY D 80 18.28 -82.92 70.19
CA GLY D 80 17.34 -82.20 69.32
C GLY D 80 17.70 -80.75 69.15
N ARG D 81 18.30 -80.22 70.17
CA ARG D 81 18.75 -78.82 70.11
C ARG D 81 20.03 -78.74 69.33
N LEU D 82 20.93 -79.70 69.46
CA LEU D 82 22.14 -79.59 68.65
C LEU D 82 21.77 -79.82 67.21
N LEU D 83 20.83 -80.69 66.96
CA LEU D 83 20.49 -80.92 65.55
C LEU D 83 19.64 -79.79 64.97
N GLU D 84 19.00 -78.98 65.79
CA GLU D 84 18.43 -77.74 65.25
C GLU D 84 19.55 -76.74 64.94
N ALA D 85 20.41 -76.51 65.91
CA ALA D 85 21.45 -75.49 65.85
C ALA D 85 22.39 -75.79 64.72
N LEU D 86 22.53 -77.03 64.30
CA LEU D 86 23.46 -77.36 63.21
C LEU D 86 22.98 -76.92 61.87
N CYS D 87 21.69 -76.73 61.73
CA CYS D 87 21.17 -76.23 60.46
C CYS D 87 21.10 -74.68 60.44
N ARG D 88 21.09 -73.98 61.58
CA ARG D 88 20.89 -72.52 61.57
C ARG D 88 21.95 -71.83 60.72
N GLU D 89 21.53 -70.79 60.02
CA GLU D 89 22.34 -70.18 58.99
C GLU D 89 22.89 -68.86 59.45
N GLU D 90 24.03 -68.49 58.92
CA GLU D 90 24.60 -67.18 59.13
C GLU D 90 25.21 -66.77 57.83
N PRO D 91 25.71 -65.57 57.69
CA PRO D 91 26.23 -65.13 56.42
C PRO D 91 27.73 -65.25 56.29
N VAL D 92 28.14 -65.48 55.06
CA VAL D 92 29.55 -65.52 54.67
C VAL D 92 29.71 -64.87 53.31
N VAL D 93 30.95 -64.53 52.97
CA VAL D 93 31.28 -63.79 51.72
C VAL D 93 32.35 -64.54 50.95
N GLN D 94 31.92 -65.38 50.03
CA GLN D 94 32.80 -66.29 49.30
C GLN D 94 32.47 -66.28 47.83
N GLY D 95 33.37 -66.89 47.04
CA GLY D 95 33.30 -66.96 45.58
C GLY D 95 34.25 -66.01 44.85
N PRO D 96 33.78 -64.89 44.27
CA PRO D 96 34.74 -63.88 43.81
C PRO D 96 35.45 -63.09 44.92
N ASP D 97 34.80 -62.04 45.45
CA ASP D 97 35.24 -61.27 46.63
C ASP D 97 33.98 -60.97 47.44
N GLY D 98 33.04 -60.35 46.73
CA GLY D 98 31.72 -60.01 47.22
C GLY D 98 30.74 -60.98 46.62
N ARG D 99 30.20 -61.83 47.47
CA ARG D 99 28.95 -62.55 47.22
C ARG D 99 28.43 -63.00 48.55
N LEU D 100 27.24 -62.55 48.89
CA LEU D 100 26.64 -62.94 50.16
C LEU D 100 25.99 -64.30 49.97
N GLU D 101 26.31 -65.22 50.87
CA GLU D 101 25.73 -66.56 50.88
C GLU D 101 25.42 -66.94 52.31
N LEU D 102 24.48 -67.86 52.43
CA LEU D 102 24.01 -68.33 53.73
C LEU D 102 24.39 -69.79 53.88
N LYS D 103 25.22 -70.11 54.87
CA LYS D 103 25.74 -71.46 55.08
C LYS D 103 25.13 -71.86 56.37
N PRO D 104 24.68 -73.08 56.49
CA PRO D 104 24.28 -73.58 57.79
C PRO D 104 25.52 -73.86 58.62
N LEU D 105 25.36 -74.33 59.85
CA LEU D 105 26.52 -74.45 60.74
C LEU D 105 27.37 -75.58 60.24
N LEU D 106 26.75 -76.71 60.05
CA LEU D 106 27.45 -77.92 59.59
C LEU D 106 28.46 -77.72 58.46
N LEU D 107 28.38 -76.70 57.64
CA LEU D 107 29.37 -76.49 56.58
C LEU D 107 30.40 -75.46 56.98
N ARG D 108 30.27 -74.86 58.15
CA ARG D 108 31.00 -73.63 58.49
C ARG D 108 32.07 -73.90 59.51
N LEU D 109 31.97 -75.03 60.24
CA LEU D 109 32.89 -75.48 61.30
C LEU D 109 33.91 -76.43 60.74
N PRO D 110 35.01 -76.57 61.40
CA PRO D 110 36.18 -77.05 60.73
C PRO D 110 36.09 -78.42 60.12
N ARG D 111 36.73 -78.59 58.97
CA ARG D 111 36.47 -79.74 58.16
C ARG D 111 36.78 -81.05 58.83
N ILE D 112 37.62 -81.14 59.86
CA ILE D 112 37.71 -82.44 60.53
C ILE D 112 36.64 -82.63 61.55
N CYS D 113 36.14 -81.55 62.12
CA CYS D 113 34.93 -81.65 62.93
C CYS D 113 33.72 -82.11 62.14
N GLN D 114 33.54 -81.70 60.91
CA GLN D 114 32.41 -82.19 60.14
C GLN D 114 32.48 -83.68 60.03
N ARG D 115 33.61 -84.22 59.59
CA ARG D 115 33.68 -85.66 59.26
C ARG D 115 33.70 -86.53 60.47
N ASN D 116 34.12 -85.98 61.58
CA ASN D 116 33.96 -86.70 62.83
C ASN D 116 32.65 -86.41 63.52
N LEU D 117 31.96 -85.29 63.31
CA LEU D 117 30.55 -85.30 63.69
C LEU D 117 29.83 -86.40 62.98
N MET D 118 29.76 -86.35 61.67
CA MET D 118 28.86 -87.30 61.00
C MET D 118 29.22 -88.74 61.39
N SER D 119 30.50 -89.02 61.61
CA SER D 119 30.90 -90.30 62.18
C SER D 119 30.30 -90.55 63.51
N LEU D 120 30.31 -89.62 64.39
CA LEU D 120 29.68 -89.97 65.65
C LEU D 120 28.17 -90.05 65.56
N LEU D 121 27.51 -89.42 64.60
CA LEU D 121 26.06 -89.67 64.40
C LEU D 121 25.82 -91.04 63.79
N MET D 122 26.68 -91.47 62.91
CA MET D 122 26.59 -92.84 62.45
C MET D 122 26.68 -93.80 63.58
N ALA D 123 27.47 -93.48 64.57
CA ALA D 123 27.66 -94.38 65.70
C ALA D 123 26.50 -94.39 66.65
N VAL D 124 25.77 -93.29 66.77
CA VAL D 124 24.67 -93.22 67.74
C VAL D 124 23.34 -92.86 67.09
N ARG D 125 23.14 -93.23 65.83
CA ARG D 125 21.88 -93.03 65.11
C ARG D 125 20.64 -93.39 65.90
N PRO D 126 20.55 -94.57 66.56
CA PRO D 126 19.25 -95.00 67.07
C PRO D 126 18.59 -94.02 68.04
N SER D 127 19.35 -93.28 68.81
CA SER D 127 18.77 -92.40 69.83
C SER D 127 18.68 -90.97 69.34
N LEU D 128 18.34 -90.78 68.08
CA LEU D 128 18.23 -89.43 67.51
C LEU D 128 16.84 -89.23 66.91
N PRO D 129 16.24 -88.04 67.06
CA PRO D 129 15.01 -87.75 66.34
C PRO D 129 15.26 -87.61 64.82
N GLU D 130 14.43 -88.28 64.03
CA GLU D 130 14.62 -88.39 62.57
C GLU D 130 14.41 -87.06 61.83
N SER D 131 13.49 -86.22 62.27
CA SER D 131 13.21 -84.95 61.57
C SER D 131 14.46 -84.06 61.51
N GLY D 132 15.14 -83.97 62.64
CA GLY D 132 16.40 -83.26 62.69
C GLY D 132 17.42 -83.97 61.84
N LEU D 133 17.60 -85.27 62.05
CA LEU D 133 18.62 -85.98 61.29
C LEU D 133 18.42 -85.70 59.80
N LEU D 134 17.18 -85.72 59.35
CA LEU D 134 16.93 -85.61 57.92
C LEU D 134 17.30 -84.23 57.43
N SER D 135 17.02 -83.21 58.23
CA SER D 135 17.41 -81.83 57.85
C SER D 135 18.91 -81.72 57.65
N VAL D 136 19.66 -82.43 58.47
CA VAL D 136 21.12 -82.43 58.38
C VAL D 136 21.55 -83.14 57.10
N LEU D 137 20.94 -84.28 56.84
CA LEU D 137 21.34 -85.01 55.63
C LEU D 137 20.96 -84.18 54.44
N GLN D 138 19.88 -83.42 54.59
CA GLN D 138 19.43 -82.56 53.51
C GLN D 138 20.53 -81.56 53.20
N ILE D 139 21.24 -81.13 54.24
CA ILE D 139 22.35 -80.18 54.03
C ILE D 139 23.51 -80.89 53.37
N ALA D 140 23.83 -82.04 53.93
CA ALA D 140 24.95 -82.87 53.51
C ALA D 140 24.90 -83.24 52.05
N GLN D 141 23.72 -83.54 51.54
CA GLN D 141 23.64 -83.96 50.16
C GLN D 141 24.26 -82.93 49.24
N GLN D 142 24.22 -81.64 49.57
CA GLN D 142 24.96 -80.60 48.82
C GLN D 142 24.56 -80.56 47.33
N ASP D 143 23.28 -80.77 47.05
CA ASP D 143 22.77 -80.71 45.68
C ASP D 143 23.18 -79.42 44.99
N LEU D 144 23.70 -79.55 43.77
CA LEU D 144 24.12 -78.42 42.92
C LEU D 144 25.15 -77.53 43.62
N ALA D 145 25.77 -78.01 44.67
CA ALA D 145 26.94 -77.21 45.01
C ALA D 145 28.06 -77.58 44.05
N PRO D 146 28.87 -76.62 43.58
CA PRO D 146 30.13 -76.97 42.95
C PRO D 146 31.21 -77.12 44.01
N ASP D 147 32.22 -77.94 43.70
CA ASP D 147 33.33 -78.24 44.62
C ASP D 147 32.72 -78.75 45.93
N PRO D 148 32.05 -79.90 45.91
CA PRO D 148 31.48 -80.45 47.13
C PRO D 148 32.55 -81.10 47.99
N ASP D 149 32.15 -81.44 49.20
CA ASP D 149 33.02 -82.14 50.15
C ASP D 149 32.69 -83.61 50.04
N ALA D 150 33.53 -84.37 49.36
CA ALA D 150 33.18 -85.75 49.02
C ALA D 150 32.88 -86.59 50.25
N TRP D 151 33.52 -86.26 51.34
CA TRP D 151 33.33 -87.07 52.52
C TRP D 151 32.01 -86.72 53.14
N LEU D 152 31.59 -85.47 53.06
CA LEU D 152 30.29 -85.17 53.65
C LEU D 152 29.23 -85.85 52.84
N ARG D 153 29.35 -85.84 51.53
CA ARG D 153 28.36 -86.51 50.67
C ARG D 153 28.33 -88.00 50.95
N ALA D 154 29.48 -88.61 51.07
CA ALA D 154 29.51 -90.05 51.29
C ALA D 154 29.00 -90.39 52.67
N LEU D 155 29.26 -89.58 53.67
CA LEU D 155 28.65 -89.89 54.96
C LEU D 155 27.16 -89.57 54.96
N GLY D 156 26.73 -88.61 54.17
CA GLY D 156 25.30 -88.47 53.93
C GLY D 156 24.70 -89.75 53.43
N GLU D 157 25.19 -90.23 52.31
CA GLU D 157 24.63 -91.43 51.71
C GLU D 157 24.70 -92.64 52.63
N LEU D 158 25.78 -92.83 53.37
CA LEU D 158 25.84 -93.98 54.27
C LEU D 158 24.96 -93.78 55.47
N LEU D 159 24.62 -92.56 55.80
CA LEU D 159 23.66 -92.39 56.89
C LEU D 159 22.24 -92.65 56.40
N ARG D 160 21.93 -92.17 55.21
CA ARG D 160 20.62 -92.45 54.59
C ARG D 160 20.41 -93.94 54.57
N ARG D 161 21.36 -94.66 54.02
CA ARG D 161 21.27 -96.13 53.93
C ARG D 161 20.99 -96.74 55.30
N ASP D 162 21.40 -96.09 56.37
CA ASP D 162 21.25 -96.70 57.69
C ASP D 162 19.89 -96.38 58.28
N LEU D 163 19.28 -95.28 57.88
CA LEU D 163 17.85 -95.08 58.18
C LEU D 163 17.03 -96.08 57.36
N GLY D 164 17.28 -96.14 56.05
CA GLY D 164 16.52 -96.96 55.11
C GLY D 164 15.53 -96.09 54.37
N VAL D 165 15.21 -94.93 54.93
CA VAL D 165 14.34 -93.95 54.25
C VAL D 165 15.14 -93.20 53.20
N GLY D 166 16.37 -93.63 52.91
CA GLY D 166 17.26 -92.97 51.97
C GLY D 166 17.86 -93.99 51.03
N THR D 167 17.10 -95.05 50.79
CA THR D 167 17.22 -95.89 49.60
C THR D 167 17.38 -94.96 48.40
N SER D 168 16.50 -93.96 48.30
CA SER D 168 16.66 -92.79 47.43
C SER D 168 16.36 -93.11 45.96
N MET D 169 16.23 -94.41 45.59
CA MET D 169 15.94 -94.86 44.21
C MET D 169 16.93 -94.28 43.18
N GLU D 170 18.20 -94.16 43.58
CA GLU D 170 19.22 -93.45 42.80
C GLU D 170 20.38 -94.40 42.46
N GLY D 171 21.36 -93.86 41.74
CA GLY D 171 22.72 -94.38 41.69
C GLY D 171 23.55 -93.70 42.76
N ALA D 172 22.92 -93.46 43.90
CA ALA D 172 23.49 -92.73 45.06
C ALA D 172 24.35 -93.70 45.86
N SER D 173 25.62 -93.80 45.50
CA SER D 173 26.53 -94.70 46.20
C SER D 173 27.54 -93.86 46.95
N PRO D 174 28.08 -94.39 48.04
CA PRO D 174 29.17 -93.71 48.74
C PRO D 174 30.37 -93.35 47.90
N LEU D 175 30.59 -94.11 46.85
CA LEU D 175 31.84 -93.95 46.13
C LEU D 175 31.67 -92.88 45.06
N SER D 176 32.76 -92.59 44.38
CA SER D 176 32.72 -91.74 43.20
C SER D 176 32.31 -92.59 42.00
N GLU D 177 31.84 -91.94 40.93
CA GLU D 177 31.59 -92.68 39.70
C GLU D 177 32.91 -93.18 39.11
N ARG D 178 33.95 -92.38 39.24
CA ARG D 178 35.27 -92.73 38.71
C ARG D 178 35.82 -94.01 39.31
N CYS D 179 35.84 -94.16 40.63
CA CYS D 179 36.36 -95.40 41.23
C CYS D 179 35.46 -96.60 40.87
N GLN D 180 34.15 -96.40 40.79
CA GLN D 180 33.26 -97.53 40.54
C GLN D 180 33.48 -98.02 39.13
N ARG D 181 33.81 -97.11 38.21
CA ARG D 181 34.03 -97.51 36.81
C ARG D 181 35.34 -98.30 36.71
N GLN D 182 36.42 -97.79 37.28
CA GLN D 182 37.69 -98.53 37.24
C GLN D 182 37.59 -99.82 38.06
N LEU D 183 36.61 -99.94 38.96
CA LEU D 183 36.46 -101.18 39.73
C LEU D 183 35.64 -102.22 38.98
N GLN D 184 34.64 -101.76 38.25
CA GLN D 184 34.02 -102.63 37.23
C GLN D 184 35.11 -103.07 36.26
N SER D 185 35.95 -102.14 35.80
CA SER D 185 37.02 -102.38 34.82
C SER D 185 37.95 -103.48 35.33
N LEU D 186 38.13 -103.58 36.64
CA LEU D 186 39.03 -104.57 37.22
C LEU D 186 38.34 -105.89 37.47
N CYS D 187 37.13 -105.91 38.03
CA CYS D 187 36.43 -107.18 38.35
C CYS D 187 36.18 -108.01 37.10
N ARG D 188 36.04 -107.37 35.93
CA ARG D 188 35.91 -108.03 34.62
C ARG D 188 37.08 -108.99 34.32
N GLY D 189 38.26 -108.74 34.84
CA GLY D 189 39.38 -109.66 34.64
C GLY D 189 39.42 -110.77 35.65
N LEU D 190 38.26 -111.31 36.02
CA LEU D 190 38.15 -112.37 37.05
C LEU D 190 36.90 -113.23 36.74
N GLY D 191 37.03 -114.53 36.99
CA GLY D 191 35.99 -115.48 36.66
C GLY D 191 34.78 -115.34 37.57
N LEU D 192 33.70 -114.82 37.01
CA LEU D 192 32.43 -114.64 37.73
C LEU D 192 31.93 -115.96 38.32
N GLY D 193 31.37 -115.90 39.52
CA GLY D 193 31.03 -117.07 40.32
C GLY D 193 29.61 -117.61 40.18
N GLY D 194 29.48 -118.88 40.51
CA GLY D 194 28.24 -119.65 40.31
C GLY D 194 27.15 -119.25 41.29
N ARG D 195 27.53 -118.47 42.29
CA ARG D 195 26.59 -117.90 43.27
C ARG D 195 25.61 -116.97 42.56
N ARG D 196 24.50 -116.69 43.24
CA ARG D 196 23.44 -115.82 42.72
C ARG D 196 23.08 -114.88 43.87
N LEU D 197 23.52 -113.64 43.71
CA LEU D 197 23.40 -112.62 44.74
C LEU D 197 22.47 -111.52 44.27
N LYS D 198 22.72 -110.99 43.07
CA LYS D 198 21.77 -110.10 42.43
C LYS D 198 20.52 -110.84 41.99
N SER D 199 19.37 -110.23 42.25
CA SER D 199 18.07 -110.88 42.12
C SER D 199 17.26 -110.12 41.09
N PRO D 200 16.60 -110.81 40.13
CA PRO D 200 15.73 -110.16 39.17
C PRO D 200 14.43 -109.63 39.80
N ALA D 294 -30.09 -53.93 -43.88
CA ALA D 294 -30.00 -54.71 -42.64
C ALA D 294 -31.23 -54.55 -41.77
N GLU D 295 -31.85 -53.36 -41.80
CA GLU D 295 -33.06 -53.07 -41.01
C GLU D 295 -34.29 -53.72 -41.64
N SER D 296 -34.17 -54.24 -42.87
CA SER D 296 -35.25 -54.98 -43.54
C SER D 296 -36.49 -54.08 -43.68
N LEU D 297 -36.26 -52.80 -43.88
CA LEU D 297 -37.37 -51.88 -44.17
C LEU D 297 -37.82 -52.07 -45.61
N GLU D 298 -39.11 -51.94 -45.83
CA GLU D 298 -39.73 -52.03 -47.16
C GLU D 298 -40.14 -50.63 -47.62
N LEU D 299 -39.85 -50.30 -48.87
CA LEU D 299 -40.38 -49.05 -49.42
C LEU D 299 -41.87 -49.23 -49.63
N PRO D 300 -42.66 -48.16 -49.64
CA PRO D 300 -44.09 -48.32 -49.93
C PRO D 300 -44.28 -48.99 -51.29
N LYS D 301 -45.35 -49.79 -51.38
CA LYS D 301 -45.70 -50.51 -52.61
C LYS D 301 -45.58 -49.57 -53.81
N ALA D 302 -46.26 -48.43 -53.75
CA ALA D 302 -46.25 -47.45 -54.83
C ALA D 302 -44.82 -46.96 -55.09
N ILE D 303 -44.00 -46.87 -54.05
CA ILE D 303 -42.62 -46.36 -54.23
C ILE D 303 -41.77 -47.41 -54.92
N GLN D 304 -41.84 -48.66 -54.48
CA GLN D 304 -41.07 -49.72 -55.13
C GLN D 304 -41.45 -49.78 -56.60
N ASP D 305 -42.76 -49.73 -56.87
CA ASP D 305 -43.28 -49.74 -58.25
C ASP D 305 -42.85 -48.54 -59.07
N GLN D 306 -42.85 -47.35 -58.48
CA GLN D 306 -42.56 -46.12 -59.23
C GLN D 306 -41.09 -45.73 -59.18
N LEU D 307 -40.24 -46.57 -58.60
CA LEU D 307 -38.82 -46.21 -58.43
C LEU D 307 -38.11 -45.99 -59.76
N PRO D 308 -38.27 -46.84 -60.79
CA PRO D 308 -37.62 -46.56 -62.07
C PRO D 308 -38.17 -45.31 -62.74
N ARG D 309 -39.47 -45.06 -62.58
CA ARG D 309 -40.07 -43.81 -63.06
C ARG D 309 -39.38 -42.60 -62.44
N LEU D 310 -39.17 -42.61 -61.13
CA LEU D 310 -38.45 -41.49 -60.50
C LEU D 310 -37.02 -41.40 -61.04
N GLN D 311 -36.33 -42.53 -61.14
CA GLN D 311 -34.93 -42.54 -61.61
C GLN D 311 -34.78 -42.03 -63.04
N GLN D 312 -35.71 -42.35 -63.94
CA GLN D 312 -35.57 -41.84 -65.31
C GLN D 312 -35.56 -40.31 -65.34
N LEU D 313 -36.61 -39.68 -64.81
CA LEU D 313 -36.70 -38.22 -64.79
C LEU D 313 -35.49 -37.60 -64.09
N LEU D 314 -35.03 -38.18 -62.99
CA LEU D 314 -33.86 -37.58 -62.31
C LEU D 314 -32.64 -37.63 -63.24
N LYS D 315 -32.45 -38.73 -63.95
CA LYS D 315 -31.32 -38.81 -64.89
C LYS D 315 -31.46 -37.70 -65.92
N THR D 316 -32.68 -37.53 -66.45
CA THR D 316 -32.99 -36.50 -67.46
C THR D 316 -32.62 -35.11 -66.93
N LEU D 317 -32.85 -34.86 -65.65
CA LEU D 317 -32.56 -33.57 -65.00
C LEU D 317 -31.11 -33.13 -65.12
N GLU D 318 -30.14 -34.03 -65.22
CA GLU D 318 -28.77 -33.52 -65.34
C GLU D 318 -28.43 -33.06 -66.76
N GLU D 319 -29.17 -33.47 -67.79
CA GLU D 319 -28.84 -33.03 -69.16
C GLU D 319 -29.24 -31.56 -69.35
N ALA D 327 -41.82 -26.86 -64.16
CA ALA D 327 -43.02 -27.49 -63.58
C ALA D 327 -42.69 -28.89 -63.09
N PRO D 328 -42.93 -29.18 -61.81
CA PRO D 328 -42.53 -30.46 -61.25
C PRO D 328 -43.40 -31.58 -61.78
N PRO D 329 -42.83 -32.76 -61.99
CA PRO D 329 -43.61 -33.92 -62.41
C PRO D 329 -44.48 -34.47 -61.27
N VAL D 330 -45.50 -35.23 -61.67
CA VAL D 330 -46.41 -35.86 -60.70
C VAL D 330 -45.65 -36.83 -59.81
N GLU D 331 -44.53 -37.36 -60.29
CA GLU D 331 -43.73 -38.33 -59.53
C GLU D 331 -43.29 -37.77 -58.18
N LEU D 332 -42.95 -36.49 -58.14
CA LEU D 332 -42.43 -35.90 -56.90
C LEU D 332 -43.51 -35.87 -55.84
N GLN D 333 -44.77 -35.81 -56.23
CA GLN D 333 -45.84 -35.80 -55.23
C GLN D 333 -45.84 -37.08 -54.42
N LEU D 334 -45.32 -38.18 -54.97
CA LEU D 334 -45.26 -39.41 -54.17
C LEU D 334 -44.36 -39.26 -52.94
N LEU D 335 -43.45 -38.29 -52.89
CA LEU D 335 -42.62 -38.09 -51.70
C LEU D 335 -43.43 -37.95 -50.41
N HIS D 336 -44.61 -37.36 -50.48
CA HIS D 336 -45.47 -37.25 -49.29
C HIS D 336 -45.95 -38.60 -48.76
N GLU D 337 -45.89 -39.66 -49.57
CA GLU D 337 -46.26 -41.02 -49.15
C GLU D 337 -45.28 -41.64 -48.14
N CYS D 338 -44.04 -41.17 -48.08
CA CYS D 338 -43.00 -41.85 -47.30
C CYS D 338 -43.00 -41.43 -45.83
N SER D 339 -42.84 -42.40 -44.94
CA SER D 339 -42.39 -42.13 -43.57
C SER D 339 -40.93 -41.69 -43.62
N PRO D 340 -40.40 -41.08 -42.55
CA PRO D 340 -38.98 -40.72 -42.57
C PRO D 340 -38.05 -41.90 -42.81
N SER D 341 -38.35 -43.05 -42.20
CA SER D 341 -37.54 -44.27 -42.42
C SER D 341 -37.59 -44.68 -43.88
N GLN D 342 -38.80 -44.63 -44.45
CA GLN D 342 -39.00 -44.93 -45.86
C GLN D 342 -38.29 -43.90 -46.74
N MET D 343 -38.33 -42.64 -46.35
CA MET D 343 -37.60 -41.61 -47.08
C MET D 343 -36.11 -41.95 -47.08
N ASP D 344 -35.59 -42.39 -45.93
CA ASP D 344 -34.17 -42.72 -45.83
C ASP D 344 -33.81 -43.82 -46.81
N LEU D 345 -34.62 -44.88 -46.82
CA LEU D 345 -34.34 -45.98 -47.74
C LEU D 345 -34.44 -45.52 -49.20
N LEU D 346 -35.51 -44.79 -49.54
CA LEU D 346 -35.72 -44.30 -50.92
C LEU D 346 -34.59 -43.42 -51.43
N CYS D 347 -34.18 -42.42 -50.66
CA CYS D 347 -33.12 -41.50 -51.11
C CYS D 347 -31.84 -42.25 -51.46
N ALA D 348 -31.47 -43.24 -50.64
CA ALA D 348 -30.28 -44.05 -50.91
C ALA D 348 -30.41 -44.80 -52.24
N GLN D 349 -31.57 -45.41 -52.48
CA GLN D 349 -31.78 -46.17 -53.72
C GLN D 349 -31.83 -45.24 -54.92
N LEU D 350 -32.21 -43.98 -54.71
CA LEU D 350 -32.20 -43.00 -55.80
C LEU D 350 -30.81 -42.45 -56.07
N GLN D 351 -29.88 -42.62 -55.13
CA GLN D 351 -28.51 -42.11 -55.29
C GLN D 351 -28.53 -40.59 -55.40
N LEU D 352 -29.37 -39.95 -54.61
CA LEU D 352 -29.46 -38.48 -54.58
C LEU D 352 -28.10 -37.85 -54.32
N PRO D 353 -27.26 -38.39 -53.43
CA PRO D 353 -25.92 -37.82 -53.25
C PRO D 353 -25.04 -37.83 -54.50
N GLN D 354 -25.37 -38.60 -55.54
CA GLN D 354 -24.52 -38.66 -56.74
C GLN D 354 -24.96 -37.73 -57.86
N LEU D 355 -26.00 -36.92 -57.67
CA LEU D 355 -26.39 -35.96 -58.71
C LEU D 355 -25.26 -34.93 -58.91
N SER D 356 -25.16 -34.40 -60.12
CA SER D 356 -24.26 -33.27 -60.33
C SER D 356 -24.84 -32.03 -59.64
N ASP D 357 -24.01 -31.02 -59.47
CA ASP D 357 -24.44 -29.75 -58.84
C ASP D 357 -25.61 -29.14 -59.60
N LEU D 358 -25.58 -29.22 -60.93
CA LEU D 358 -26.66 -28.63 -61.74
C LEU D 358 -27.94 -29.41 -61.49
N GLY D 359 -27.84 -30.73 -61.53
CA GLY D 359 -28.99 -31.59 -61.23
C GLY D 359 -29.50 -31.29 -59.84
N LEU D 360 -28.60 -31.07 -58.90
CA LEU D 360 -28.98 -30.74 -57.52
C LEU D 360 -29.81 -29.47 -57.49
N LEU D 361 -29.34 -28.43 -58.17
CA LEU D 361 -30.09 -27.17 -58.17
C LEU D 361 -31.45 -27.35 -58.79
N ARG D 362 -31.51 -28.03 -59.94
CA ARG D 362 -32.81 -28.26 -60.59
C ARG D 362 -33.74 -29.02 -59.66
N LEU D 363 -33.24 -30.06 -59.01
CA LEU D 363 -34.07 -30.84 -58.08
C LEU D 363 -34.55 -29.95 -56.93
N CYS D 364 -33.68 -29.11 -56.40
CA CYS D 364 -34.07 -28.20 -55.32
C CYS D 364 -35.16 -27.24 -55.82
N THR D 365 -34.99 -26.76 -57.05
CA THR D 365 -35.97 -25.89 -57.71
C THR D 365 -37.32 -26.58 -57.75
N TRP D 366 -37.33 -27.84 -58.19
CA TRP D 366 -38.54 -28.66 -58.20
C TRP D 366 -39.14 -28.79 -56.80
N LEU D 367 -38.30 -29.09 -55.82
CA LEU D 367 -38.83 -29.28 -54.46
C LEU D 367 -39.48 -28.00 -53.96
N LEU D 368 -38.92 -26.85 -54.30
CA LEU D 368 -39.51 -25.59 -53.82
C LEU D 368 -40.87 -25.36 -54.47
N ALA D 369 -41.08 -25.94 -55.65
CA ALA D 369 -42.36 -25.78 -56.36
C ALA D 369 -43.38 -26.82 -55.93
N LEU D 370 -42.95 -27.86 -55.24
CA LEU D 370 -43.83 -28.95 -54.78
C LEU D 370 -45.00 -28.45 -53.94
N SER D 371 -46.19 -28.96 -54.25
CA SER D 371 -47.41 -28.67 -53.50
C SER D 371 -47.24 -29.37 -52.15
N PRO D 372 -48.21 -29.28 -51.22
CA PRO D 372 -47.96 -28.63 -49.93
C PRO D 372 -46.56 -28.89 -49.35
N ASP D 373 -46.19 -28.18 -48.30
CA ASP D 373 -44.83 -28.36 -47.81
C ASP D 373 -44.56 -29.78 -47.30
N LEU D 374 -43.32 -30.18 -47.45
CA LEU D 374 -42.79 -31.41 -46.88
C LEU D 374 -42.84 -31.33 -45.36
N SER D 375 -43.15 -32.43 -44.70
CA SER D 375 -43.03 -32.45 -43.24
C SER D 375 -41.56 -32.25 -42.87
N LEU D 376 -41.34 -31.77 -41.65
CA LEU D 376 -39.99 -31.53 -41.12
C LEU D 376 -39.07 -32.73 -41.32
N SER D 377 -39.51 -33.90 -40.88
CA SER D 377 -38.64 -35.09 -40.85
C SER D 377 -38.23 -35.59 -42.24
N ASN D 378 -39.14 -35.61 -43.20
CA ASN D 378 -38.77 -36.04 -44.56
C ASN D 378 -37.79 -35.04 -45.19
N ALA D 379 -38.05 -33.76 -45.00
CA ALA D 379 -37.15 -32.71 -45.49
C ALA D 379 -35.77 -32.86 -44.87
N THR D 380 -35.68 -33.26 -43.61
CA THR D 380 -34.38 -33.44 -42.96
C THR D 380 -33.58 -34.52 -43.68
N VAL D 381 -34.23 -35.64 -43.95
CA VAL D 381 -33.58 -36.75 -44.66
C VAL D 381 -33.09 -36.29 -46.02
N LEU D 382 -33.96 -35.59 -46.74
CA LEU D 382 -33.55 -35.14 -48.07
C LEU D 382 -32.34 -34.20 -47.97
N THR D 383 -32.39 -33.25 -47.04
CA THR D 383 -31.28 -32.30 -46.86
C THR D 383 -29.97 -33.01 -46.62
N ARG D 384 -29.94 -33.93 -45.64
CA ARG D 384 -28.69 -34.62 -45.32
C ARG D 384 -28.17 -35.38 -46.52
N SER D 385 -29.03 -36.10 -47.23
CA SER D 385 -28.60 -36.90 -48.39
C SER D 385 -28.05 -36.00 -49.48
N LEU D 386 -28.69 -34.87 -49.71
CA LEU D 386 -28.28 -33.96 -50.80
C LEU D 386 -26.95 -33.27 -50.54
N PHE D 387 -26.73 -32.74 -49.34
CA PHE D 387 -25.61 -31.81 -49.18
C PHE D 387 -24.50 -32.30 -48.26
N LEU D 388 -24.77 -33.19 -47.31
CA LEU D 388 -23.75 -33.46 -46.29
C LEU D 388 -22.47 -33.97 -46.94
N GLY D 389 -22.57 -35.03 -47.73
CA GLY D 389 -21.41 -35.58 -48.42
C GLY D 389 -20.71 -34.56 -49.30
N ARG D 390 -21.48 -33.78 -50.06
CA ARG D 390 -20.92 -32.73 -50.92
C ARG D 390 -20.17 -31.70 -50.11
N ILE D 391 -20.75 -31.27 -48.99
CA ILE D 391 -20.11 -30.23 -48.18
C ILE D 391 -18.81 -30.78 -47.60
N LEU D 392 -18.88 -31.98 -47.04
CA LEU D 392 -17.68 -32.58 -46.43
C LEU D 392 -16.57 -32.79 -47.44
N SER D 393 -16.91 -33.03 -48.70
CA SER D 393 -15.91 -33.25 -49.75
C SER D 393 -15.27 -31.94 -50.20
N LEU D 394 -15.83 -30.79 -49.85
CA LEU D 394 -15.32 -29.50 -50.32
C LEU D 394 -13.90 -29.31 -49.83
N THR D 395 -13.03 -28.87 -50.73
CA THR D 395 -11.67 -28.46 -50.39
C THR D 395 -11.52 -26.97 -50.70
N SER D 396 -11.74 -26.59 -51.96
CA SER D 396 -11.80 -25.18 -52.34
C SER D 396 -13.18 -24.66 -52.01
N SER D 397 -13.32 -23.33 -52.02
CA SER D 397 -14.63 -22.69 -51.80
C SER D 397 -15.71 -23.36 -52.64
N ALA D 398 -16.91 -23.42 -52.09
CA ALA D 398 -18.05 -23.99 -52.83
C ALA D 398 -18.27 -23.20 -54.10
N SER D 399 -18.61 -23.90 -55.17
CA SER D 399 -18.86 -23.24 -56.46
C SER D 399 -20.04 -22.30 -56.31
N ARG D 400 -20.14 -21.39 -57.26
CA ARG D 400 -21.24 -20.43 -57.35
C ARG D 400 -22.56 -21.18 -57.38
N LEU D 401 -22.60 -22.25 -58.17
CA LEU D 401 -23.84 -23.02 -58.31
C LEU D 401 -24.20 -23.70 -56.99
N LEU D 402 -23.19 -24.20 -56.28
CA LEU D 402 -23.44 -24.87 -55.00
C LEU D 402 -23.99 -23.90 -53.96
N THR D 403 -23.33 -22.74 -53.81
CA THR D 403 -23.74 -21.72 -52.85
C THR D 403 -25.16 -21.27 -53.17
N THR D 404 -25.43 -21.04 -54.45
CA THR D 404 -26.76 -20.59 -54.86
C THR D 404 -27.80 -21.65 -54.53
N ALA D 405 -27.53 -22.89 -54.88
CA ALA D 405 -28.47 -23.98 -54.60
C ALA D 405 -28.77 -24.06 -53.12
N LEU D 406 -27.73 -24.12 -52.30
CA LEU D 406 -27.94 -24.26 -50.86
C LEU D 406 -28.75 -23.10 -50.31
N THR D 407 -28.39 -21.89 -50.68
CA THR D 407 -29.04 -20.70 -50.09
C THR D 407 -30.47 -20.60 -50.57
N SER D 408 -30.70 -20.94 -51.83
CA SER D 408 -32.06 -20.88 -52.38
C SER D 408 -32.95 -21.92 -51.71
N PHE D 409 -32.42 -23.10 -51.44
CA PHE D 409 -33.21 -24.12 -50.75
C PHE D 409 -33.49 -23.69 -49.32
N CYS D 410 -32.48 -23.15 -48.64
CA CYS D 410 -32.60 -22.80 -47.21
C CYS D 410 -33.81 -21.91 -46.96
N ALA D 411 -34.05 -20.96 -47.87
CA ALA D 411 -35.00 -19.88 -47.65
C ALA D 411 -36.40 -20.36 -47.26
N LYS D 412 -36.87 -21.43 -47.89
CA LYS D 412 -38.17 -22.02 -47.54
C LYS D 412 -38.05 -22.95 -46.34
N TYR D 413 -37.19 -23.96 -46.42
CA TYR D 413 -37.07 -24.96 -45.35
C TYR D 413 -35.95 -24.58 -44.40
N THR D 414 -36.09 -23.47 -43.71
CA THR D 414 -34.96 -22.88 -42.97
C THR D 414 -34.57 -23.77 -41.79
N TYR D 415 -35.51 -24.09 -40.94
CA TYR D 415 -35.20 -24.91 -39.77
C TYR D 415 -34.72 -26.33 -40.11
N PRO D 416 -35.39 -27.07 -41.00
CA PRO D 416 -34.90 -28.41 -41.30
C PRO D 416 -33.49 -28.47 -41.86
N VAL D 417 -33.16 -27.56 -42.79
CA VAL D 417 -31.84 -27.53 -43.42
C VAL D 417 -30.78 -27.19 -42.40
N CYS D 418 -30.98 -26.08 -41.67
CA CYS D 418 -30.03 -25.64 -40.66
C CYS D 418 -29.79 -26.77 -39.66
N SER D 419 -30.85 -27.36 -39.11
CA SER D 419 -30.64 -28.39 -38.08
C SER D 419 -29.99 -29.65 -38.66
N ALA D 420 -30.30 -30.00 -39.89
CA ALA D 420 -29.67 -31.19 -40.44
C ALA D 420 -28.20 -30.97 -40.78
N LEU D 421 -27.81 -29.83 -41.37
CA LEU D 421 -26.43 -29.71 -41.88
C LEU D 421 -25.51 -28.94 -40.94
N LEU D 422 -26.05 -28.03 -40.14
CA LEU D 422 -25.20 -27.15 -39.32
C LEU D 422 -24.30 -27.94 -38.36
N ASP D 423 -24.90 -28.80 -37.54
CA ASP D 423 -24.21 -29.60 -36.52
C ASP D 423 -23.14 -30.53 -37.08
N PRO D 424 -23.46 -31.48 -37.99
CA PRO D 424 -22.44 -32.45 -38.41
C PRO D 424 -21.26 -31.84 -39.15
N VAL D 425 -21.46 -30.78 -39.93
CA VAL D 425 -20.33 -30.15 -40.64
C VAL D 425 -19.38 -29.51 -39.65
N LEU D 426 -19.91 -28.70 -38.72
CA LEU D 426 -19.05 -28.04 -37.73
C LEU D 426 -18.42 -29.06 -36.79
N GLN D 427 -19.13 -30.14 -36.49
CA GLN D 427 -18.61 -31.17 -35.58
C GLN D 427 -17.72 -32.16 -36.31
N ALA D 428 -17.75 -32.15 -37.64
CA ALA D 428 -16.85 -32.99 -38.41
C ALA D 428 -15.42 -32.54 -38.15
N PRO D 429 -14.48 -33.49 -38.06
CA PRO D 429 -13.09 -33.15 -37.83
C PRO D 429 -12.47 -32.55 -39.09
N GLY D 430 -11.48 -31.69 -38.87
CA GLY D 430 -10.77 -31.03 -39.98
C GLY D 430 -11.66 -30.13 -40.82
N THR D 431 -12.67 -29.52 -40.21
CA THR D 431 -13.56 -28.56 -40.89
C THR D 431 -12.75 -27.31 -41.17
N GLY D 432 -12.84 -26.77 -42.38
CA GLY D 432 -12.06 -25.61 -42.76
C GLY D 432 -12.84 -24.46 -43.38
N PRO D 433 -12.11 -23.47 -43.88
CA PRO D 433 -12.71 -22.30 -44.54
C PRO D 433 -13.74 -22.64 -45.60
N ALA D 434 -13.48 -23.71 -46.36
CA ALA D 434 -14.37 -24.13 -47.45
C ALA D 434 -15.77 -24.46 -46.89
N GLN D 435 -15.83 -24.97 -45.67
CA GLN D 435 -17.12 -25.28 -45.01
C GLN D 435 -17.71 -24.02 -44.37
N THR D 436 -16.90 -23.27 -43.65
CA THR D 436 -17.38 -22.13 -42.87
C THR D 436 -17.93 -21.02 -43.79
N GLU D 437 -17.37 -20.87 -44.99
CA GLU D 437 -17.87 -19.84 -45.92
C GLU D 437 -19.34 -20.05 -46.24
N LEU D 438 -19.76 -21.31 -46.40
CA LEU D 438 -21.16 -21.60 -46.72
C LEU D 438 -22.04 -21.30 -45.52
N LEU D 439 -21.57 -21.62 -44.33
CA LEU D 439 -22.39 -21.35 -43.14
C LEU D 439 -22.54 -19.86 -42.95
N CYS D 440 -21.48 -19.11 -43.18
CA CYS D 440 -21.55 -17.65 -43.11
C CYS D 440 -22.56 -17.15 -44.14
N CYS D 441 -22.51 -17.70 -45.35
CA CYS D 441 -23.47 -17.27 -46.37
C CYS D 441 -24.89 -17.59 -45.93
N LEU D 442 -25.13 -18.78 -45.38
CA LEU D 442 -26.47 -19.15 -44.88
C LEU D 442 -26.99 -18.15 -43.87
N VAL D 443 -26.19 -17.83 -42.87
CA VAL D 443 -26.66 -16.93 -41.80
C VAL D 443 -26.82 -15.51 -42.30
N LYS D 444 -26.24 -15.18 -43.44
CA LYS D 444 -26.38 -13.85 -44.05
C LYS D 444 -27.59 -13.70 -44.97
N MET D 445 -28.31 -14.78 -45.30
CA MET D 445 -29.44 -14.67 -46.23
C MET D 445 -30.50 -13.70 -45.72
N GLU D 446 -30.89 -12.74 -46.56
CA GLU D 446 -31.98 -11.82 -46.24
C GLU D 446 -33.24 -12.61 -45.88
N SER D 447 -33.40 -13.74 -46.54
CA SER D 447 -34.56 -14.62 -46.36
C SER D 447 -34.50 -15.36 -45.05
N LEU D 448 -33.38 -15.29 -44.33
CA LEU D 448 -33.33 -15.91 -43.00
C LEU D 448 -34.04 -14.92 -42.09
N GLU D 449 -35.31 -15.21 -41.84
CA GLU D 449 -36.18 -14.34 -41.05
C GLU D 449 -35.65 -14.26 -39.61
N PRO D 450 -35.93 -13.15 -38.91
CA PRO D 450 -35.47 -13.01 -37.53
C PRO D 450 -35.69 -14.23 -36.63
N ASP D 451 -36.91 -14.80 -36.63
CA ASP D 451 -37.18 -16.00 -35.81
C ASP D 451 -36.33 -17.18 -36.28
N ALA D 452 -36.15 -17.34 -37.58
CA ALA D 452 -35.28 -18.41 -38.09
C ALA D 452 -33.84 -18.16 -37.63
N GLN D 453 -33.44 -16.89 -37.57
CA GLN D 453 -32.11 -16.53 -37.07
C GLN D 453 -31.98 -16.92 -35.60
N VAL D 454 -33.06 -16.71 -34.84
CA VAL D 454 -33.11 -17.11 -33.43
C VAL D 454 -32.93 -18.61 -33.31
N LEU D 455 -33.66 -19.36 -34.12
CA LEU D 455 -33.53 -20.83 -34.10
C LEU D 455 -32.09 -21.23 -34.41
N MET D 456 -31.50 -20.64 -35.44
CA MET D 456 -30.10 -20.95 -35.78
C MET D 456 -29.20 -20.66 -34.59
N LEU D 457 -29.42 -19.54 -33.90
CA LEU D 457 -28.64 -19.21 -32.70
C LEU D 457 -28.77 -20.31 -31.66
N GLY D 458 -30.00 -20.73 -31.38
CA GLY D 458 -30.23 -21.83 -30.45
C GLY D 458 -29.47 -23.07 -30.83
N GLN D 459 -29.45 -23.38 -32.12
CA GLN D 459 -28.76 -24.59 -32.57
C GLN D 459 -27.24 -24.46 -32.42
N ILE D 460 -26.67 -23.31 -32.78
CA ILE D 460 -25.22 -23.07 -32.66
C ILE D 460 -24.77 -23.20 -31.20
N LEU D 461 -25.56 -22.68 -30.27
CA LEU D 461 -25.22 -22.73 -28.83
C LEU D 461 -25.00 -24.15 -28.34
N GLU D 462 -25.50 -25.18 -29.03
CA GLU D 462 -25.37 -26.55 -28.48
C GLU D 462 -24.09 -27.21 -28.96
N LEU D 463 -23.42 -26.63 -29.94
CA LEU D 463 -22.17 -27.17 -30.48
C LEU D 463 -20.99 -26.90 -29.54
N PRO D 464 -19.95 -27.72 -29.59
CA PRO D 464 -18.70 -27.38 -28.90
C PRO D 464 -18.08 -26.17 -29.57
N TRP D 465 -17.55 -25.28 -28.76
CA TRP D 465 -17.04 -24.00 -29.27
C TRP D 465 -15.56 -24.06 -29.63
N LYS D 466 -15.31 -23.80 -30.91
CA LYS D 466 -13.96 -23.71 -31.48
C LYS D 466 -13.97 -22.52 -32.44
N GLU D 467 -12.83 -22.25 -33.08
CA GLU D 467 -12.71 -21.06 -33.95
C GLU D 467 -13.80 -21.03 -35.03
N GLU D 468 -14.15 -22.19 -35.58
CA GLU D 468 -15.15 -22.22 -36.65
C GLU D 468 -16.50 -21.78 -36.09
N THR D 469 -16.82 -22.19 -34.87
CA THR D 469 -18.08 -21.76 -34.26
C THR D 469 -18.08 -20.25 -34.05
N PHE D 470 -16.96 -19.71 -33.58
CA PHE D 470 -16.84 -18.26 -33.37
C PHE D 470 -17.11 -17.50 -34.66
N LEU D 471 -16.56 -17.97 -35.79
CA LEU D 471 -16.77 -17.25 -37.06
C LEU D 471 -18.24 -17.22 -37.43
N VAL D 472 -18.91 -18.36 -37.35
CA VAL D 472 -20.33 -18.44 -37.76
C VAL D 472 -21.20 -17.66 -36.79
N LEU D 473 -20.88 -17.73 -35.51
CA LEU D 473 -21.67 -17.02 -34.51
C LEU D 473 -21.52 -15.52 -34.73
N GLN D 474 -20.30 -15.05 -34.99
CA GLN D 474 -20.06 -13.62 -35.25
C GLN D 474 -20.86 -13.17 -36.47
N SER D 475 -20.86 -14.00 -37.51
CA SER D 475 -21.58 -13.68 -38.75
C SER D 475 -23.07 -13.54 -38.47
N LEU D 476 -23.63 -14.46 -37.67
CA LEU D 476 -25.05 -14.40 -37.36
C LEU D 476 -25.36 -13.22 -36.44
N LEU D 477 -24.53 -12.98 -35.44
CA LEU D 477 -24.70 -11.85 -34.50
C LEU D 477 -24.58 -10.50 -35.21
N GLU D 478 -23.89 -10.47 -36.33
CA GLU D 478 -23.77 -9.24 -37.12
C GLU D 478 -25.13 -8.70 -37.60
N ARG D 479 -26.17 -9.53 -37.74
CA ARG D 479 -27.47 -9.05 -38.22
C ARG D 479 -28.29 -8.36 -37.13
N GLN D 480 -27.77 -8.26 -35.91
CA GLN D 480 -28.46 -7.58 -34.82
C GLN D 480 -29.76 -8.33 -34.48
N VAL D 481 -29.63 -9.60 -34.30
CA VAL D 481 -30.79 -10.47 -34.00
C VAL D 481 -31.18 -10.27 -32.55
N GLU D 482 -32.47 -10.13 -32.29
CA GLU D 482 -32.93 -9.97 -30.91
C GLU D 482 -32.72 -11.27 -30.13
N MET D 483 -32.56 -11.16 -28.81
CA MET D 483 -32.39 -12.34 -27.95
C MET D 483 -33.13 -12.10 -26.64
N THR D 484 -33.82 -13.12 -26.15
CA THR D 484 -34.36 -13.05 -24.79
C THR D 484 -33.21 -12.97 -23.80
N PRO D 485 -33.42 -12.38 -22.62
CA PRO D 485 -32.36 -12.38 -21.62
C PRO D 485 -31.85 -13.78 -21.25
N GLU D 486 -32.72 -14.80 -21.30
CA GLU D 486 -32.30 -16.17 -20.97
C GLU D 486 -31.33 -16.68 -22.03
N LYS D 487 -31.69 -16.51 -23.29
CA LYS D 487 -30.81 -16.95 -24.38
C LYS D 487 -29.54 -16.11 -24.37
N PHE D 488 -29.69 -14.82 -24.13
CA PHE D 488 -28.53 -13.93 -24.06
C PHE D 488 -27.62 -14.39 -22.93
N SER D 489 -28.21 -14.83 -21.83
CA SER D 489 -27.45 -15.34 -20.67
C SER D 489 -26.66 -16.58 -21.07
N VAL D 490 -27.29 -17.47 -21.82
CA VAL D 490 -26.62 -18.69 -22.28
C VAL D 490 -25.43 -18.31 -23.18
N LEU D 491 -25.69 -17.41 -24.12
CA LEU D 491 -24.65 -16.93 -25.03
C LEU D 491 -23.47 -16.39 -24.21
N MET D 492 -23.76 -15.53 -23.25
CA MET D 492 -22.71 -14.89 -22.45
C MET D 492 -21.96 -15.92 -21.62
N GLU D 493 -22.68 -16.87 -21.05
CA GLU D 493 -22.06 -17.93 -20.24
C GLU D 493 -21.04 -18.70 -21.08
N LYS D 494 -21.46 -19.17 -22.26
CA LYS D 494 -20.52 -19.90 -23.13
C LYS D 494 -19.38 -18.96 -23.54
N LEU D 495 -19.72 -17.71 -23.83
CA LEU D 495 -18.76 -16.68 -24.24
C LEU D 495 -17.68 -16.48 -23.19
N CYS D 496 -18.06 -16.35 -21.92
CA CYS D 496 -17.12 -16.04 -20.84
C CYS D 496 -16.13 -17.17 -20.54
N LYS D 497 -16.35 -18.38 -21.05
CA LYS D 497 -15.42 -19.48 -20.78
C LYS D 497 -14.49 -19.75 -21.97
N THR D 503 -9.68 -18.63 -26.19
CA THR D 503 -9.50 -17.25 -25.72
C THR D 503 -8.33 -16.54 -26.43
N THR D 504 -7.31 -17.31 -26.80
CA THR D 504 -6.10 -16.80 -27.45
C THR D 504 -6.32 -16.31 -28.88
N SER D 505 -7.49 -16.53 -29.49
CA SER D 505 -7.65 -16.21 -30.92
C SER D 505 -8.30 -14.84 -31.15
N MET D 506 -7.97 -14.24 -32.28
CA MET D 506 -8.56 -12.98 -32.77
C MET D 506 -10.05 -13.14 -33.05
N ALA D 507 -10.45 -14.31 -33.54
CA ALA D 507 -11.87 -14.58 -33.86
C ALA D 507 -12.72 -14.47 -32.60
N TYR D 508 -12.22 -15.03 -31.52
CA TYR D 508 -12.95 -14.93 -30.24
C TYR D 508 -13.04 -13.47 -29.84
N ALA D 509 -11.96 -12.73 -30.00
CA ALA D 509 -11.93 -11.29 -29.70
C ALA D 509 -12.99 -10.54 -30.49
N LYS D 510 -13.05 -10.79 -31.80
CA LYS D 510 -14.05 -10.10 -32.64
C LYS D 510 -15.46 -10.44 -32.18
N LEU D 511 -15.70 -11.71 -31.88
CA LEU D 511 -17.03 -12.12 -31.39
C LEU D 511 -17.40 -11.35 -30.13
N MET D 512 -16.51 -11.42 -29.16
CA MET D 512 -16.66 -10.73 -27.88
C MET D 512 -16.91 -9.24 -28.09
N LEU D 513 -16.14 -8.62 -28.99
CA LEU D 513 -16.33 -7.18 -29.23
C LEU D 513 -17.71 -6.90 -29.81
N THR D 514 -18.16 -7.73 -30.74
CA THR D 514 -19.47 -7.52 -31.35
C THR D 514 -20.56 -7.60 -30.29
N VAL D 515 -20.51 -8.62 -29.44
CA VAL D 515 -21.55 -8.76 -28.39
C VAL D 515 -21.48 -7.54 -27.46
N MET D 516 -20.28 -7.17 -27.05
CA MET D 516 -20.06 -6.04 -26.13
C MET D 516 -20.54 -4.73 -26.74
N THR D 517 -20.60 -4.62 -28.06
CA THR D 517 -20.95 -3.33 -28.68
C THR D 517 -22.40 -3.24 -29.14
N LYS D 518 -22.93 -4.23 -29.83
CA LYS D 518 -24.31 -4.16 -30.33
C LYS D 518 -25.37 -4.53 -29.28
N TYR D 519 -25.05 -5.30 -28.24
CA TYR D 519 -26.05 -5.74 -27.26
C TYR D 519 -25.76 -5.17 -25.89
N GLN D 520 -25.09 -4.03 -25.87
CA GLN D 520 -24.70 -3.36 -24.63
C GLN D 520 -25.89 -3.19 -23.69
N ALA D 521 -27.07 -2.90 -24.22
CA ALA D 521 -28.24 -2.68 -23.37
C ALA D 521 -28.62 -3.90 -22.53
N ASN D 522 -28.23 -5.09 -22.96
CA ASN D 522 -28.62 -6.33 -22.27
C ASN D 522 -27.56 -6.80 -21.28
N ILE D 523 -26.38 -6.20 -21.28
CA ILE D 523 -25.22 -6.74 -20.55
C ILE D 523 -25.29 -6.35 -19.07
N THR D 524 -25.36 -7.36 -18.20
CA THR D 524 -25.39 -7.17 -16.74
C THR D 524 -23.97 -6.99 -16.22
N GLU D 525 -23.85 -6.65 -14.94
CA GLU D 525 -22.52 -6.47 -14.34
C GLU D 525 -21.75 -7.80 -14.31
N THR D 526 -22.43 -8.90 -13.98
CA THR D 526 -21.76 -10.21 -13.95
C THR D 526 -21.23 -10.56 -15.32
N GLN D 527 -22.00 -10.25 -16.36
CA GLN D 527 -21.59 -10.58 -17.73
C GLN D 527 -20.38 -9.73 -18.10
N ARG D 528 -20.40 -8.46 -17.72
CA ARG D 528 -19.26 -7.57 -17.98
C ARG D 528 -17.98 -8.14 -17.36
N LEU D 529 -18.06 -8.56 -16.10
CA LEU D 529 -16.89 -9.14 -15.43
C LEU D 529 -16.48 -10.45 -16.11
N GLY D 530 -17.45 -11.23 -16.56
CA GLY D 530 -17.17 -12.49 -17.23
C GLY D 530 -16.39 -12.23 -18.50
N LEU D 531 -16.81 -11.20 -19.24
CA LEU D 531 -16.11 -10.80 -20.46
C LEU D 531 -14.68 -10.37 -20.11
N ALA D 532 -14.56 -9.55 -19.06
CA ALA D 532 -13.26 -9.04 -18.60
C ALA D 532 -12.28 -10.19 -18.33
N MET D 533 -12.76 -11.24 -17.65
CA MET D 533 -11.92 -12.39 -17.29
C MET D 533 -11.49 -13.20 -18.52
N ALA D 534 -12.41 -13.40 -19.46
CA ALA D 534 -12.09 -14.18 -20.67
C ALA D 534 -11.10 -13.44 -21.57
N LEU D 535 -10.97 -12.13 -21.40
CA LEU D 535 -10.10 -11.26 -22.22
C LEU D 535 -8.76 -11.01 -21.57
N GLU D 536 -8.64 -11.27 -20.28
CA GLU D 536 -7.45 -10.98 -19.47
C GLU D 536 -6.14 -11.21 -20.20
N PRO D 537 -5.82 -12.40 -20.76
CA PRO D 537 -4.52 -12.58 -21.40
C PRO D 537 -4.26 -11.62 -22.57
N ASN D 538 -2.98 -11.29 -22.75
CA ASN D 538 -2.51 -10.32 -23.74
C ASN D 538 -2.17 -10.94 -25.10
N THR D 539 -2.39 -12.24 -25.31
CA THR D 539 -2.06 -12.86 -26.61
C THR D 539 -3.15 -12.52 -27.60
N THR D 540 -4.37 -12.37 -27.09
CA THR D 540 -5.57 -12.05 -27.84
C THR D 540 -5.25 -10.78 -28.67
N PHE D 541 -5.83 -10.66 -29.84
CA PHE D 541 -5.67 -9.44 -30.64
C PHE D 541 -6.64 -8.37 -30.15
N LEU D 542 -6.31 -7.12 -30.46
CA LEU D 542 -7.15 -5.96 -30.19
C LEU D 542 -7.49 -5.85 -28.70
N ARG D 543 -6.56 -6.25 -27.85
CA ARG D 543 -6.78 -6.22 -26.39
C ARG D 543 -7.29 -4.84 -25.96
N LYS D 544 -6.63 -3.77 -26.42
CA LYS D 544 -6.91 -2.38 -26.02
C LYS D 544 -8.33 -1.97 -26.39
N SER D 545 -8.77 -2.27 -27.60
CA SER D 545 -10.14 -1.94 -28.00
C SER D 545 -11.13 -2.68 -27.11
N LEU D 546 -10.85 -3.94 -26.82
CA LEU D 546 -11.71 -4.72 -25.93
C LEU D 546 -11.75 -4.05 -24.57
N LYS D 547 -10.59 -3.63 -24.09
CA LYS D 547 -10.50 -2.92 -22.81
C LYS D 547 -11.37 -1.67 -22.85
N ALA D 548 -11.32 -0.93 -23.96
CA ALA D 548 -12.11 0.31 -24.09
C ALA D 548 -13.61 0.01 -24.06
N ALA D 549 -14.05 -0.96 -24.85
CA ALA D 549 -15.46 -1.37 -24.86
C ALA D 549 -15.91 -1.80 -23.46
N LEU D 550 -15.08 -2.57 -22.78
CA LEU D 550 -15.40 -3.05 -21.42
C LEU D 550 -15.59 -1.86 -20.49
N LYS D 551 -14.60 -0.96 -20.48
CA LYS D 551 -14.69 0.25 -19.66
C LYS D 551 -15.94 1.06 -20.01
N HIS D 552 -16.30 1.11 -21.29
CA HIS D 552 -17.52 1.80 -21.70
C HIS D 552 -18.77 1.14 -21.12
N LEU D 553 -18.72 -0.17 -20.87
CA LEU D 553 -19.90 -0.86 -20.32
C LEU D 553 -20.05 -0.57 -18.83
N GLY D 554 -18.96 -0.14 -18.18
CA GLY D 554 -18.98 0.17 -16.75
C GLY D 554 -19.63 1.52 -16.47
N MET E 26 99.44 -94.35 59.94
CA MET E 26 99.39 -92.97 60.48
C MET E 26 100.31 -92.04 59.69
N GLU E 27 101.61 -92.34 59.65
CA GLU E 27 102.53 -91.51 58.85
C GLU E 27 102.26 -91.71 57.37
N SER E 28 101.77 -92.88 56.96
CA SER E 28 101.47 -93.14 55.55
C SER E 28 100.45 -92.12 55.04
N LEU E 29 99.58 -91.64 55.93
CA LEU E 29 98.44 -90.80 55.55
C LEU E 29 98.83 -89.33 55.43
N LEU E 30 99.93 -88.91 56.07
CA LEU E 30 100.33 -87.49 56.01
C LEU E 30 100.63 -87.10 54.56
N GLN E 31 101.56 -87.81 53.92
CA GLN E 31 101.97 -87.46 52.55
C GLN E 31 100.79 -87.63 51.59
N HIS E 32 99.86 -88.54 51.89
CA HIS E 32 98.64 -88.68 51.09
C HIS E 32 97.80 -87.40 51.21
N LEU E 33 97.49 -87.02 52.45
CA LEU E 33 96.48 -85.98 52.74
C LEU E 33 96.99 -84.61 52.30
N ASP E 34 98.24 -84.29 52.61
CA ASP E 34 98.79 -82.98 52.23
C ASP E 34 98.85 -82.88 50.71
N ARG E 35 99.25 -83.96 50.06
CA ARG E 35 99.34 -83.99 48.59
C ARG E 35 97.97 -83.75 48.00
N PHE E 36 96.96 -84.44 48.52
CA PHE E 36 95.58 -84.24 48.07
C PHE E 36 95.15 -82.80 48.28
N SER E 37 95.49 -82.20 49.43
CA SER E 37 95.06 -80.83 49.72
C SER E 37 95.70 -79.87 48.73
N GLU E 38 96.98 -80.08 48.39
CA GLU E 38 97.66 -79.24 47.39
C GLU E 38 97.04 -79.39 46.02
N LEU E 39 96.82 -80.62 45.59
CA LEU E 39 96.17 -80.86 44.29
C LEU E 39 94.79 -80.21 44.27
N LEU E 40 94.04 -80.36 45.35
CA LEU E 40 92.70 -79.77 45.43
C LEU E 40 92.79 -78.27 45.34
N ALA E 41 93.69 -77.67 46.11
CA ALA E 41 93.77 -76.21 46.16
C ALA E 41 94.13 -75.67 44.78
N VAL E 42 95.06 -76.32 44.07
CA VAL E 42 95.44 -75.81 42.73
C VAL E 42 94.38 -76.14 41.71
N SER E 43 93.52 -77.13 41.99
CA SER E 43 92.41 -77.51 41.12
C SER E 43 91.56 -76.29 40.74
N SER E 44 91.20 -75.49 41.74
CA SER E 44 90.28 -74.35 41.54
C SER E 44 90.97 -73.23 40.76
N THR E 45 92.26 -73.36 40.52
CA THR E 45 93.07 -72.25 40.00
C THR E 45 93.21 -72.42 38.49
N THR E 46 93.38 -71.30 37.80
CA THR E 46 93.16 -71.24 36.35
C THR E 46 94.45 -71.56 35.58
N TYR E 47 95.36 -72.30 36.20
CA TYR E 47 96.60 -72.77 35.55
C TYR E 47 96.38 -74.09 34.83
N VAL E 48 95.16 -74.64 34.87
CA VAL E 48 94.89 -75.98 34.34
C VAL E 48 95.10 -75.97 32.83
N SER E 49 96.28 -76.39 32.41
CA SER E 49 96.57 -76.67 31.00
C SER E 49 97.15 -78.07 30.88
N THR E 50 98.08 -78.41 31.77
CA THR E 50 98.82 -79.68 31.69
C THR E 50 97.97 -80.86 32.12
N TRP E 51 96.80 -80.62 32.73
CA TRP E 51 96.00 -81.72 33.28
C TRP E 51 95.60 -82.69 32.18
N ASP E 52 95.37 -83.95 32.56
CA ASP E 52 94.88 -84.96 31.61
C ASP E 52 94.06 -86.02 32.33
N PRO E 53 93.37 -86.92 31.59
CA PRO E 53 92.76 -88.11 32.20
C PRO E 53 93.65 -88.83 33.21
N ALA E 54 94.96 -88.90 32.96
CA ALA E 54 95.88 -89.51 33.94
C ALA E 54 95.82 -88.77 35.28
N THR E 55 96.01 -87.44 35.27
CA THR E 55 95.94 -86.63 36.50
C THR E 55 94.59 -86.82 37.19
N VAL E 56 93.49 -86.78 36.43
CA VAL E 56 92.15 -86.81 37.04
C VAL E 56 91.90 -88.16 37.65
N ARG E 57 92.27 -89.24 36.95
CA ARG E 57 92.14 -90.59 37.49
C ARG E 57 92.90 -90.70 38.81
N ARG E 58 94.14 -90.21 38.83
CA ARG E 58 94.98 -90.29 40.02
C ARG E 58 94.31 -89.52 41.16
N ALA E 59 93.78 -88.34 40.82
CA ALA E 59 93.02 -87.53 41.78
C ALA E 59 91.89 -88.35 42.39
N LEU E 60 91.06 -88.93 41.54
CA LEU E 60 89.82 -89.56 42.01
C LEU E 60 90.12 -90.85 42.75
N GLN E 61 91.17 -91.58 42.37
CA GLN E 61 91.55 -92.76 43.14
C GLN E 61 92.04 -92.36 44.53
N TRP E 62 92.82 -91.28 44.64
CA TRP E 62 93.23 -90.77 45.96
C TRP E 62 92.00 -90.41 46.79
N ALA E 63 91.07 -89.71 46.15
CA ALA E 63 89.82 -89.28 46.78
C ALA E 63 89.00 -90.48 47.24
N ARG E 64 88.99 -91.54 46.44
CA ARG E 64 88.35 -92.78 46.87
C ARG E 64 88.99 -93.32 48.14
N TYR E 65 90.32 -93.25 48.23
CA TYR E 65 91.04 -93.76 49.41
C TYR E 65 90.63 -92.96 50.64
N LEU E 66 90.57 -91.64 50.50
CA LEU E 66 90.19 -90.77 51.62
C LEU E 66 88.75 -91.00 52.04
N ARG E 67 87.87 -91.09 51.06
CA ARG E 67 86.46 -91.34 51.34
C ARG E 67 86.31 -92.68 52.05
N HIS E 68 87.17 -93.64 51.71
CA HIS E 68 87.14 -94.95 52.37
C HIS E 68 87.63 -94.81 53.81
N ILE E 69 88.72 -94.06 53.99
CA ILE E 69 89.30 -93.86 55.34
C ILE E 69 88.25 -93.26 56.27
N HIS E 70 87.66 -92.14 55.87
CA HIS E 70 86.62 -91.50 56.68
C HIS E 70 85.57 -92.51 57.13
N ARG E 71 85.25 -93.45 56.27
CA ARG E 71 84.24 -94.48 56.56
C ARG E 71 84.78 -95.50 57.57
N ARG E 72 86.02 -95.96 57.35
CA ARG E 72 86.53 -97.15 58.04
C ARG E 72 86.82 -96.84 59.52
N PHE E 73 87.78 -95.95 59.76
CA PHE E 73 88.27 -95.68 61.11
C PHE E 73 88.29 -94.18 61.33
N GLY E 74 87.16 -93.55 61.02
CA GLY E 74 86.98 -92.13 61.18
C GLY E 74 86.47 -91.68 62.53
N ARG E 75 85.95 -92.58 63.37
CA ARG E 75 85.40 -92.15 64.67
C ARG E 75 86.22 -92.75 65.80
N HIS E 76 86.47 -91.93 66.81
CA HIS E 76 86.91 -92.36 68.15
C HIS E 76 88.27 -93.06 68.07
N GLY E 77 89.30 -92.28 67.79
CA GLY E 77 90.65 -92.78 67.84
C GLY E 77 91.66 -91.65 67.75
N PRO E 78 92.94 -91.98 67.90
CA PRO E 78 94.00 -90.98 67.71
C PRO E 78 94.12 -90.55 66.25
N ILE E 79 93.64 -91.36 65.32
CA ILE E 79 93.80 -91.07 63.88
C ILE E 79 92.95 -89.85 63.53
N ARG E 80 91.68 -89.85 63.99
CA ARG E 80 90.76 -88.74 63.73
C ARG E 80 91.35 -87.42 64.24
N THR E 81 91.84 -87.44 65.48
CA THR E 81 92.37 -86.23 66.10
C THR E 81 93.69 -85.81 65.43
N ALA E 82 94.52 -86.78 65.04
CA ALA E 82 95.77 -86.48 64.32
C ALA E 82 95.47 -85.76 63.01
N LEU E 83 94.49 -86.28 62.27
CA LEU E 83 94.11 -85.66 60.99
C LEU E 83 93.56 -84.26 61.23
N GLU E 84 92.74 -84.10 62.27
CA GLU E 84 92.19 -82.77 62.60
C GLU E 84 93.33 -81.81 62.87
N ARG E 85 94.30 -82.21 63.69
CA ARG E 85 95.49 -81.42 63.95
C ARG E 85 96.16 -81.00 62.63
N ARG E 86 96.37 -81.95 61.73
CA ARG E 86 97.04 -81.65 60.45
C ARG E 86 96.23 -80.64 59.65
N LEU E 87 94.93 -80.86 59.56
CA LEU E 87 94.01 -80.02 58.79
C LEU E 87 94.01 -78.60 59.37
N HIS E 88 93.80 -78.47 60.68
CA HIS E 88 93.62 -77.13 61.30
C HIS E 88 94.94 -76.38 61.24
N ASN E 89 96.06 -77.08 61.43
CA ASN E 89 97.37 -76.45 61.23
C ASN E 89 97.49 -75.95 59.80
N GLN E 90 97.04 -76.75 58.84
CA GLN E 90 97.01 -76.31 57.43
C GLN E 90 96.17 -75.03 57.30
N TRP E 91 94.98 -75.02 57.88
CA TRP E 91 94.02 -73.91 57.71
C TRP E 91 94.47 -72.66 58.46
N ARG E 92 95.39 -72.78 59.42
CA ARG E 92 95.89 -71.61 60.14
C ARG E 92 97.25 -71.12 59.63
N GLN E 93 98.08 -72.00 59.07
CA GLN E 93 99.30 -71.51 58.41
C GLN E 93 98.91 -70.72 57.15
N GLU E 94 97.88 -71.18 56.44
CA GLU E 94 97.25 -70.37 55.39
C GLU E 94 96.46 -69.22 56.00
N GLY E 95 95.66 -69.50 57.03
CA GLY E 95 94.86 -68.49 57.71
C GLY E 95 93.62 -68.09 56.91
N GLY E 96 93.80 -67.71 55.64
CA GLY E 96 92.73 -67.21 54.78
C GLY E 96 92.84 -65.72 54.50
N PHE E 97 94.07 -65.21 54.36
CA PHE E 97 94.40 -63.78 54.18
C PHE E 97 95.42 -63.60 53.05
N GLY E 98 95.04 -62.83 52.03
CA GLY E 98 96.00 -62.34 51.05
C GLY E 98 96.16 -63.32 49.90
N ARG E 99 97.18 -64.17 49.97
CA ARG E 99 97.68 -64.95 48.81
C ARG E 99 96.57 -65.82 48.22
N GLY E 100 95.71 -66.37 49.05
CA GLY E 100 94.53 -67.10 48.58
C GLY E 100 93.58 -67.38 49.72
N PRO E 101 92.29 -66.98 49.57
CA PRO E 101 91.29 -67.44 50.53
C PRO E 101 90.69 -68.78 50.06
N VAL E 102 91.55 -69.76 49.83
CA VAL E 102 91.09 -71.09 49.35
C VAL E 102 90.35 -71.77 50.50
N PRO E 103 89.14 -72.31 50.28
CA PRO E 103 88.50 -73.09 51.35
C PRO E 103 89.41 -74.26 51.75
N GLY E 104 89.69 -75.17 50.82
CA GLY E 104 90.23 -76.48 51.19
C GLY E 104 89.12 -77.30 51.79
N LEU E 105 89.34 -78.58 52.06
CA LEU E 105 88.32 -79.33 52.76
C LEU E 105 88.31 -78.88 54.23
N ALA E 106 87.15 -78.38 54.66
CA ALA E 106 87.06 -77.46 55.80
C ALA E 106 87.26 -78.18 57.12
N ASN E 107 87.06 -79.47 57.16
CA ASN E 107 86.91 -80.18 58.42
C ASN E 107 86.84 -81.68 58.15
N PHE E 108 86.95 -82.46 59.20
CA PHE E 108 87.04 -83.92 59.08
C PHE E 108 85.83 -84.52 58.36
N GLN E 109 84.66 -83.92 58.54
CA GLN E 109 83.47 -84.46 57.86
C GLN E 109 83.56 -84.30 56.36
N ALA E 110 84.18 -83.23 55.89
CA ALA E 110 84.31 -83.03 54.44
C ALA E 110 85.24 -84.05 53.78
N LEU E 111 86.01 -84.82 54.54
CA LEU E 111 86.74 -85.94 53.94
C LEU E 111 85.74 -86.89 53.31
N GLY E 112 84.62 -87.12 53.98
CA GLY E 112 83.61 -88.02 53.45
C GLY E 112 83.00 -87.56 52.14
N HIS E 113 83.26 -86.32 51.69
CA HIS E 113 82.79 -85.92 50.37
C HIS E 113 83.82 -85.03 49.68
N CYS E 114 85.09 -85.35 49.88
CA CYS E 114 86.15 -84.57 49.22
C CYS E 114 86.07 -84.69 47.70
N ASP E 115 85.86 -85.91 47.23
CA ASP E 115 85.78 -86.20 45.79
C ASP E 115 84.73 -85.33 45.09
N VAL E 116 83.65 -85.03 45.76
CA VAL E 116 82.62 -84.20 45.11
C VAL E 116 83.18 -82.79 44.93
N LEU E 117 83.81 -82.27 45.98
CA LEU E 117 84.35 -80.89 45.92
C LEU E 117 85.28 -80.76 44.73
N LEU E 118 86.25 -81.66 44.63
CA LEU E 118 87.24 -81.59 43.56
C LEU E 118 86.53 -81.52 42.23
N SER E 119 85.58 -82.43 42.03
CA SER E 119 84.83 -82.50 40.78
C SER E 119 84.12 -81.18 40.49
N LEU E 120 83.44 -80.64 41.50
CA LEU E 120 82.75 -79.36 41.29
C LEU E 120 83.74 -78.28 40.86
N ARG E 121 84.92 -78.28 41.46
CA ARG E 121 85.93 -77.26 41.14
C ARG E 121 86.37 -77.44 39.69
N LEU E 122 86.59 -78.68 39.26
CA LEU E 122 87.04 -78.91 37.87
C LEU E 122 85.97 -78.52 36.87
N LEU E 123 84.71 -78.65 37.24
CA LEU E 123 83.63 -78.20 36.34
C LEU E 123 83.59 -76.68 36.28
N GLU E 124 84.06 -76.01 37.34
CA GLU E 124 84.11 -74.54 37.34
C GLU E 124 85.35 -74.02 36.58
N ASN E 125 86.46 -74.77 36.58
CA ASN E 125 87.66 -74.33 35.85
C ASN E 125 87.40 -74.32 34.35
N ARG E 126 87.18 -73.13 33.78
CA ARG E 126 87.07 -73.02 32.32
C ARG E 126 88.32 -73.49 31.61
N ALA E 127 89.50 -73.32 32.21
CA ALA E 127 90.77 -73.59 31.53
C ALA E 127 91.03 -75.09 31.37
N LEU E 128 90.13 -75.94 31.87
CA LEU E 128 90.29 -77.39 31.72
C LEU E 128 90.29 -77.77 30.23
N GLY E 129 91.19 -78.66 29.86
CA GLY E 129 91.26 -79.16 28.50
C GLY E 129 90.12 -80.10 28.18
N ASP E 130 89.82 -80.22 26.90
CA ASP E 130 88.60 -80.89 26.44
C ASP E 130 88.64 -82.38 26.75
N ALA E 131 89.74 -83.05 26.43
CA ALA E 131 89.84 -84.50 26.63
C ALA E 131 89.81 -84.84 28.11
N ALA E 132 90.45 -84.02 28.94
CA ALA E 132 90.36 -84.17 30.39
C ALA E 132 88.90 -84.07 30.84
N ARG E 133 88.24 -82.99 30.44
CA ARG E 133 86.83 -82.75 30.82
C ARG E 133 85.97 -83.95 30.43
N TYR E 134 86.16 -84.46 29.21
CA TYR E 134 85.37 -85.59 28.71
C TYR E 134 85.62 -86.82 29.57
N HIS E 135 86.87 -87.15 29.84
CA HIS E 135 87.16 -88.34 30.65
C HIS E 135 86.55 -88.16 32.03
N LEU E 136 86.67 -86.96 32.57
CA LEU E 136 86.11 -86.62 33.88
C LEU E 136 84.62 -86.93 33.84
N VAL E 137 83.90 -86.23 32.97
CA VAL E 137 82.42 -86.28 32.96
C VAL E 137 81.99 -87.73 32.70
N GLN E 138 82.79 -88.47 31.93
CA GLN E 138 82.52 -89.89 31.67
C GLN E 138 82.69 -90.72 32.94
N GLN E 139 83.60 -90.30 33.83
CA GLN E 139 83.81 -91.04 35.09
C GLN E 139 82.78 -90.66 36.14
N LEU E 140 82.29 -89.43 36.10
CA LEU E 140 81.17 -89.06 36.98
C LEU E 140 79.87 -89.67 36.46
N PHE E 141 79.63 -89.54 35.14
CA PHE E 141 78.33 -89.88 34.54
C PHE E 141 78.44 -90.96 33.46
N PRO E 142 78.70 -92.20 33.88
CA PRO E 142 78.78 -93.29 32.91
C PRO E 142 77.43 -93.59 32.30
N GLY E 143 76.36 -93.31 33.05
CA GLY E 143 74.99 -93.59 32.65
C GLY E 143 74.34 -94.52 33.66
N PRO E 144 73.16 -95.06 33.35
CA PRO E 144 72.56 -96.10 34.19
C PRO E 144 73.06 -97.52 33.93
N GLY E 145 74.18 -97.65 33.22
CA GLY E 145 74.86 -98.94 33.09
C GLY E 145 75.29 -99.54 34.42
N VAL E 146 75.54 -98.72 35.43
CA VAL E 146 76.04 -99.19 36.74
C VAL E 146 75.03 -98.81 37.82
N ARG E 147 73.73 -98.94 37.50
CA ARG E 147 72.66 -98.64 38.47
C ARG E 147 72.82 -99.47 39.74
N ASP E 148 73.37 -100.68 39.63
CA ASP E 148 73.58 -101.55 40.81
C ASP E 148 75.02 -101.37 41.27
N ALA E 149 75.16 -100.73 42.43
CA ALA E 149 76.45 -100.48 43.06
C ALA E 149 76.32 -100.58 44.58
N ASP E 150 77.33 -101.19 45.21
CA ASP E 150 77.32 -101.41 46.66
C ASP E 150 77.58 -100.09 47.39
N GLU E 151 78.61 -99.35 46.98
CA GLU E 151 78.94 -98.06 47.61
C GLU E 151 78.18 -96.96 46.89
N GLU E 152 77.61 -96.04 47.66
CA GLU E 152 76.88 -94.90 47.08
C GLU E 152 77.88 -94.12 46.25
N THR E 153 77.78 -94.28 44.94
CA THR E 153 78.81 -93.83 43.99
C THR E 153 78.65 -92.33 43.72
N LEU E 154 79.50 -91.86 42.83
CA LEU E 154 79.68 -90.43 42.63
C LEU E 154 78.51 -89.83 41.88
N GLN E 155 77.98 -90.54 40.89
CA GLN E 155 76.83 -90.02 40.13
C GLN E 155 75.62 -89.79 41.02
N GLU E 156 75.30 -90.77 41.88
CA GLU E 156 74.21 -90.58 42.84
C GLU E 156 74.48 -89.37 43.76
N SER E 157 75.71 -89.23 44.22
CA SER E 157 76.02 -88.12 45.12
C SER E 157 75.73 -86.80 44.44
N LEU E 158 76.10 -86.66 43.17
CA LEU E 158 75.88 -85.39 42.49
C LEU E 158 74.45 -85.13 42.13
N ALA E 159 73.71 -86.15 41.76
CA ALA E 159 72.27 -85.98 41.62
C ALA E 159 71.60 -85.54 42.93
N ARG E 160 71.93 -86.21 44.02
CA ARG E 160 71.36 -85.89 45.33
C ARG E 160 71.75 -84.49 45.75
N LEU E 161 72.93 -84.02 45.35
CA LEU E 161 73.29 -82.62 45.59
C LEU E 161 72.40 -81.67 44.82
N ALA E 162 72.16 -81.93 43.55
CA ALA E 162 71.30 -81.03 42.77
C ALA E 162 69.89 -80.99 43.36
N ARG E 163 69.41 -82.14 43.77
CA ARG E 163 68.12 -82.17 44.47
C ARG E 163 68.10 -81.23 45.68
N ARG E 164 69.05 -81.35 46.56
CA ARG E 164 68.98 -80.54 47.76
C ARG E 164 68.99 -79.09 47.32
N ARG E 165 69.86 -78.73 46.37
CA ARG E 165 70.02 -77.31 46.01
C ARG E 165 68.68 -76.79 45.52
N SER E 166 68.00 -77.54 44.70
CA SER E 166 66.73 -77.03 44.22
C SER E 166 65.68 -76.89 45.30
N ALA E 167 65.63 -77.85 46.20
CA ALA E 167 64.81 -77.81 47.41
C ALA E 167 65.05 -76.61 48.28
N VAL E 168 66.28 -76.22 48.41
CA VAL E 168 66.56 -75.04 49.22
C VAL E 168 66.05 -73.78 48.53
N HIS E 169 66.32 -73.65 47.23
CA HIS E 169 65.81 -72.51 46.48
C HIS E 169 64.29 -72.46 46.60
N MET E 170 63.59 -73.59 46.51
CA MET E 170 62.12 -73.53 46.41
C MET E 170 61.56 -73.16 47.75
N LEU E 171 62.17 -73.64 48.82
CA LEU E 171 61.62 -73.23 50.08
C LEU E 171 61.83 -71.73 50.25
N ARG E 172 63.02 -71.24 49.92
CA ARG E 172 63.26 -69.80 50.14
C ARG E 172 62.20 -68.94 49.43
N PHE E 173 61.85 -69.31 48.23
CA PHE E 173 61.00 -68.44 47.41
C PHE E 173 59.56 -68.88 47.38
N ASN E 174 59.11 -69.79 48.24
CA ASN E 174 57.67 -70.12 48.21
C ASN E 174 57.09 -70.37 49.59
N GLY E 175 57.92 -70.49 50.60
CA GLY E 175 57.43 -70.85 51.93
C GLY E 175 58.05 -70.05 53.03
N TYR E 176 59.31 -69.73 52.81
CA TYR E 176 60.15 -69.14 53.83
C TYR E 176 59.72 -67.71 54.07
N ARG E 177 59.81 -67.32 55.32
CA ARG E 177 59.52 -65.97 55.75
C ARG E 177 60.57 -65.57 56.75
N GLU E 178 61.02 -64.33 56.67
CA GLU E 178 61.99 -63.79 57.62
C GLU E 178 61.30 -63.61 58.96
N ASN E 179 61.55 -64.55 59.87
CA ASN E 179 61.04 -64.45 61.23
C ASN E 179 61.59 -63.18 61.90
N PRO E 180 60.77 -62.51 62.74
CA PRO E 180 61.29 -61.33 63.45
C PRO E 180 62.16 -61.67 64.67
N ASN E 181 61.81 -62.74 65.36
CA ASN E 181 62.55 -63.21 66.55
C ASN E 181 63.78 -63.97 66.09
N LEU E 182 64.77 -63.24 65.63
CA LEU E 182 65.88 -63.79 64.82
C LEU E 182 66.38 -65.14 65.31
N GLN E 183 66.35 -65.33 66.62
CA GLN E 183 66.82 -66.58 67.21
C GLN E 183 66.11 -67.80 66.63
N GLU E 184 64.86 -67.63 66.25
CA GLU E 184 64.02 -68.74 65.74
C GLU E 184 63.98 -68.81 64.20
N ASP E 185 64.60 -67.85 63.54
CA ASP E 185 64.68 -67.90 62.09
C ASP E 185 65.59 -69.02 61.68
N SER E 186 65.62 -69.27 60.40
CA SER E 186 66.27 -70.46 59.87
C SER E 186 67.53 -70.21 59.07
N LEU E 187 67.71 -69.09 58.45
CA LEU E 187 69.02 -68.86 57.87
C LEU E 187 70.07 -68.59 58.94
N MET E 188 69.76 -67.63 59.79
CA MET E 188 70.65 -67.14 60.86
C MET E 188 71.02 -68.29 61.76
N LYS E 189 70.07 -69.13 62.07
CA LYS E 189 70.40 -70.24 62.92
C LYS E 189 71.32 -71.21 62.23
N THR E 190 71.44 -71.30 60.93
CA THR E 190 72.51 -72.14 60.36
C THR E 190 73.88 -71.47 60.40
N GLN E 191 73.93 -70.19 60.11
CA GLN E 191 75.18 -69.41 60.23
C GLN E 191 75.72 -69.51 61.64
N ALA E 192 74.83 -69.44 62.59
CA ALA E 192 75.25 -69.43 63.96
C ALA E 192 75.94 -70.71 64.24
N GLU E 193 75.33 -71.80 63.92
CA GLU E 193 75.97 -73.06 64.24
C GLU E 193 77.26 -73.26 63.47
N LEU E 194 77.42 -72.65 62.31
CA LEU E 194 78.74 -72.73 61.64
C LEU E 194 79.80 -71.99 62.46
N LEU E 195 79.53 -70.75 62.81
CA LEU E 195 80.42 -69.97 63.68
C LEU E 195 80.74 -70.78 64.94
N LEU E 196 79.74 -71.37 65.59
CA LEU E 196 79.99 -72.12 66.83
C LEU E 196 80.91 -73.29 66.57
N GLU E 197 80.76 -73.96 65.43
CA GLU E 197 81.68 -75.06 65.16
C GLU E 197 83.09 -74.52 64.97
N ARG E 198 83.20 -73.37 64.33
CA ARG E 198 84.51 -72.76 64.10
C ARG E 198 85.17 -72.29 65.39
N LEU E 199 84.39 -71.96 66.42
CA LEU E 199 84.99 -71.62 67.72
C LEU E 199 85.42 -72.89 68.44
N GLN E 200 84.57 -73.90 68.47
CA GLN E 200 84.95 -75.14 69.12
C GLN E 200 86.21 -75.71 68.51
N GLU E 201 86.35 -75.69 67.19
CA GLU E 201 87.55 -76.26 66.56
C GLU E 201 88.80 -75.47 66.97
N VAL E 202 88.70 -74.14 67.02
CA VAL E 202 89.86 -73.33 67.44
C VAL E 202 90.19 -73.59 68.92
N GLY E 203 89.18 -73.73 69.79
CA GLY E 203 89.41 -74.03 71.21
C GLY E 203 90.17 -75.34 71.40
N LYS E 204 89.75 -76.40 70.72
CA LYS E 204 90.47 -77.69 70.79
C LYS E 204 91.83 -77.59 70.14
N ALA E 205 91.97 -76.81 69.07
CA ALA E 205 93.27 -76.59 68.44
C ALA E 205 94.22 -75.90 69.42
N GLU E 206 93.76 -74.80 70.03
CA GLU E 206 94.49 -73.99 71.03
C GLU E 206 95.73 -73.32 70.44
N ALA E 207 95.88 -73.27 69.11
CA ALA E 207 97.08 -72.68 68.50
C ALA E 207 97.07 -71.16 68.70
N GLU E 208 96.07 -70.50 68.13
CA GLU E 208 95.83 -69.07 68.35
C GLU E 208 94.50 -68.88 69.06
N ARG E 209 94.39 -67.79 69.81
CA ARG E 209 93.26 -67.47 70.68
C ARG E 209 92.03 -67.06 69.87
N PRO E 210 90.82 -67.34 70.38
CA PRO E 210 89.61 -66.97 69.65
C PRO E 210 89.54 -65.48 69.33
N ALA E 211 90.03 -64.64 70.23
CA ALA E 211 89.95 -63.18 70.01
C ALA E 211 90.54 -62.82 68.66
N ARG E 212 91.61 -63.52 68.26
CA ARG E 212 92.29 -63.20 67.00
C ARG E 212 91.38 -63.56 65.83
N PHE E 213 90.83 -64.76 65.89
CA PHE E 213 89.89 -65.25 64.89
C PHE E 213 88.74 -64.25 64.75
N LEU E 214 88.16 -63.82 65.87
CA LEU E 214 86.98 -62.94 65.82
C LEU E 214 87.35 -61.60 65.25
N SER E 215 88.52 -61.11 65.60
CA SER E 215 88.98 -59.82 65.10
C SER E 215 89.17 -59.89 63.59
N SER E 216 89.78 -60.95 63.11
CA SER E 216 90.02 -61.09 61.68
C SER E 216 88.69 -61.17 60.93
N LEU E 217 87.76 -61.97 61.45
CA LEU E 217 86.41 -62.09 60.87
C LEU E 217 85.79 -60.70 60.71
N TRP E 218 85.84 -59.92 61.78
CA TRP E 218 85.17 -58.62 61.90
C TRP E 218 85.60 -57.64 60.79
N GLU E 219 86.87 -57.63 60.41
CA GLU E 219 87.39 -56.80 59.31
C GLU E 219 86.96 -57.29 57.93
N ARG E 220 86.94 -58.59 57.72
CA ARG E 220 86.83 -59.11 56.35
C ARG E 220 85.42 -58.86 55.83
N LEU E 221 84.43 -59.36 56.55
CA LEU E 221 83.09 -59.60 55.99
C LEU E 221 82.10 -58.54 56.46
N PRO E 222 80.89 -58.44 55.88
CA PRO E 222 79.96 -57.39 56.30
C PRO E 222 79.50 -57.47 57.74
N GLN E 223 79.68 -56.31 58.40
CA GLN E 223 79.70 -56.22 59.86
C GLN E 223 78.28 -56.35 60.40
N ASN E 224 77.34 -55.61 59.84
CA ASN E 224 75.98 -55.67 60.39
C ASN E 224 75.46 -57.09 60.31
N ASN E 225 75.66 -57.76 59.17
CA ASN E 225 75.31 -59.18 59.07
C ASN E 225 75.99 -59.98 60.18
N PHE E 226 77.29 -59.79 60.33
CA PHE E 226 78.04 -60.57 61.33
C PHE E 226 77.42 -60.40 62.71
N LEU E 227 77.01 -59.18 63.01
CA LEU E 227 76.53 -58.83 64.35
C LEU E 227 75.20 -59.55 64.57
N LYS E 228 74.28 -59.46 63.60
CA LYS E 228 73.02 -60.19 63.71
C LYS E 228 73.29 -61.62 64.05
N VAL E 229 74.28 -62.16 63.36
CA VAL E 229 74.61 -63.58 63.52
C VAL E 229 75.07 -63.86 64.94
N ILE E 230 75.93 -62.99 65.42
CA ILE E 230 76.51 -63.17 66.76
C ILE E 230 75.37 -63.28 67.77
N ALA E 231 74.44 -62.33 67.69
CA ALA E 231 73.31 -62.30 68.63
C ALA E 231 72.69 -63.68 68.72
N VAL E 232 72.43 -64.28 67.58
CA VAL E 232 71.75 -65.57 67.59
C VAL E 232 72.66 -66.69 68.04
N ALA E 233 73.95 -66.60 67.73
CA ALA E 233 74.90 -67.63 68.19
C ALA E 233 75.05 -67.62 69.71
N LEU E 234 74.95 -66.44 70.28
CA LEU E 234 74.92 -66.28 71.73
C LEU E 234 73.78 -67.02 72.41
N LEU E 235 72.80 -67.53 71.69
CA LEU E 235 71.64 -68.17 72.33
C LEU E 235 71.49 -69.63 72.05
N GLN E 236 72.26 -70.20 71.12
CA GLN E 236 72.09 -71.61 70.78
C GLN E 236 72.60 -72.50 71.91
N PRO E 237 71.83 -73.51 72.33
CA PRO E 237 72.28 -74.38 73.41
C PRO E 237 73.46 -75.21 72.96
N PRO E 238 74.29 -75.72 73.88
CA PRO E 238 75.51 -76.46 73.49
C PRO E 238 75.21 -77.74 72.71
N LEU E 239 76.22 -78.15 71.91
CA LEU E 239 76.14 -79.31 70.99
C LEU E 239 77.33 -80.28 71.18
N SER E 240 77.82 -80.39 72.42
CA SER E 240 79.01 -81.18 72.73
C SER E 240 78.66 -82.66 72.92
N GLY E 256 78.87 -74.53 77.88
CA GLY E 256 78.58 -73.46 76.91
C GLY E 256 79.80 -72.67 76.52
N GLU E 257 80.85 -73.37 76.09
CA GLU E 257 82.14 -72.74 75.76
C GLU E 257 82.01 -71.77 74.58
N GLY E 258 81.17 -72.07 73.58
CA GLY E 258 80.95 -71.15 72.46
C GLY E 258 80.53 -69.76 72.91
N SER E 259 79.40 -69.64 73.60
CA SER E 259 78.91 -68.37 74.14
C SER E 259 79.90 -67.76 75.13
N GLN E 260 80.49 -68.61 75.95
CA GLN E 260 81.44 -68.15 76.97
C GLN E 260 82.63 -67.44 76.32
N VAL E 261 83.02 -67.83 75.11
CA VAL E 261 84.16 -67.17 74.47
C VAL E 261 83.70 -65.83 73.92
N LEU E 262 82.53 -65.82 73.29
CA LEU E 262 82.07 -64.60 72.63
C LEU E 262 81.78 -63.48 73.65
N VAL E 263 81.25 -63.82 74.83
CA VAL E 263 81.00 -62.76 75.82
C VAL E 263 82.31 -62.06 76.15
N HIS E 264 83.37 -62.83 76.35
CA HIS E 264 84.69 -62.28 76.66
C HIS E 264 85.20 -61.43 75.50
N TRP E 265 85.05 -61.93 74.27
CA TRP E 265 85.52 -61.15 73.12
C TRP E 265 84.80 -59.82 73.05
N LEU E 266 83.50 -59.85 73.27
CA LEU E 266 82.72 -58.62 73.16
C LEU E 266 83.06 -57.63 74.27
N LEU E 267 83.16 -58.08 75.51
CA LEU E 267 83.49 -57.16 76.62
C LEU E 267 84.90 -56.62 76.42
N GLY E 268 85.77 -57.37 75.75
CA GLY E 268 87.06 -56.82 75.38
C GLY E 268 86.93 -55.69 74.38
N ASN E 269 86.10 -55.84 73.35
CA ASN E 269 86.03 -54.86 72.24
C ASN E 269 84.75 -54.04 72.37
N SER E 270 84.88 -52.81 72.85
CA SER E 270 83.74 -51.91 73.13
C SER E 270 83.09 -51.38 71.86
N GLU E 271 83.87 -50.99 70.86
CA GLU E 271 83.36 -50.34 69.63
C GLU E 271 82.27 -51.21 68.98
N VAL E 272 82.51 -52.52 68.91
CA VAL E 272 81.53 -53.41 68.28
C VAL E 272 80.30 -53.42 69.15
N PHE E 273 80.50 -53.47 70.46
CA PHE E 273 79.36 -53.55 71.35
C PHE E 273 78.60 -52.25 71.32
N ALA E 274 79.31 -51.22 70.91
CA ALA E 274 78.71 -49.90 70.65
C ALA E 274 77.77 -50.00 69.47
N ALA E 275 78.20 -50.71 68.43
CA ALA E 275 77.36 -50.86 67.22
C ALA E 275 76.38 -52.04 67.36
N PHE E 276 76.73 -53.02 68.20
CA PHE E 276 75.88 -54.19 68.55
C PHE E 276 74.54 -53.78 69.16
N CYS E 277 74.59 -53.13 70.31
CA CYS E 277 73.42 -52.69 71.08
C CYS E 277 72.73 -51.59 70.31
N ARG E 278 73.39 -51.03 69.32
CA ARG E 278 72.80 -49.98 68.50
C ARG E 278 72.03 -50.59 67.35
N ALA E 279 72.48 -51.70 66.78
CA ALA E 279 71.88 -52.27 65.56
C ALA E 279 70.69 -53.23 65.81
N LEU E 280 70.75 -54.10 66.79
CA LEU E 280 69.73 -55.13 66.93
C LEU E 280 68.44 -54.56 67.46
N PRO E 281 67.37 -55.35 67.37
CA PRO E 281 66.11 -54.97 68.03
C PRO E 281 66.18 -55.23 69.53
N ALA E 282 65.05 -54.89 70.13
CA ALA E 282 64.95 -54.76 71.58
C ALA E 282 64.87 -56.13 72.22
N GLY E 283 63.86 -56.89 71.81
CA GLY E 283 63.54 -58.17 72.47
C GLY E 283 64.71 -59.12 72.37
N LEU E 284 65.47 -59.03 71.28
CA LEU E 284 66.61 -59.91 71.15
C LEU E 284 67.60 -59.59 72.24
N LEU E 285 67.95 -58.31 72.38
CA LEU E 285 68.89 -57.93 73.43
C LEU E 285 68.36 -58.21 74.80
N THR E 286 67.05 -58.09 74.99
CA THR E 286 66.47 -58.49 76.26
C THR E 286 66.74 -59.98 76.57
N LEU E 287 66.48 -60.88 75.62
CA LEU E 287 66.74 -62.30 75.84
C LEU E 287 68.21 -62.57 76.03
N VAL E 288 69.07 -61.90 75.27
CA VAL E 288 70.53 -61.97 75.45
C VAL E 288 70.93 -61.68 76.89
N THR E 289 70.46 -60.57 77.39
CA THR E 289 70.91 -60.12 78.70
C THR E 289 70.41 -60.98 79.83
N SER E 290 69.20 -61.47 79.74
CA SER E 290 68.69 -62.36 80.77
C SER E 290 69.51 -63.67 80.76
N ARG E 291 69.93 -64.08 79.57
CA ARG E 291 70.77 -65.27 79.43
C ARG E 291 72.13 -65.04 80.03
N HIS E 292 72.75 -63.92 79.70
CA HIS E 292 74.13 -63.67 80.15
C HIS E 292 74.16 -62.48 81.10
N PRO E 293 74.14 -62.66 82.43
CA PRO E 293 74.18 -61.50 83.33
C PRO E 293 75.43 -60.63 83.17
N ALA E 294 76.48 -61.22 82.60
CA ALA E 294 77.75 -60.51 82.37
C ALA E 294 77.54 -59.38 81.38
N LEU E 295 76.50 -59.47 80.55
CA LEU E 295 76.22 -58.41 79.58
C LEU E 295 75.31 -57.34 80.17
N SER E 296 74.68 -57.58 81.31
CA SER E 296 73.70 -56.60 81.78
C SER E 296 74.29 -55.23 82.11
N PRO E 297 75.28 -55.12 83.01
CA PRO E 297 75.63 -53.80 83.51
C PRO E 297 76.23 -52.91 82.44
N VAL E 298 77.00 -53.47 81.53
CA VAL E 298 77.64 -52.62 80.52
C VAL E 298 76.56 -52.09 79.60
N TYR E 299 75.59 -52.93 79.25
CA TYR E 299 74.57 -52.52 78.29
C TYR E 299 73.80 -51.35 78.90
N LEU E 300 73.43 -51.47 80.17
CA LEU E 300 72.78 -50.35 80.85
C LEU E 300 73.64 -49.11 80.81
N GLY E 301 74.96 -49.23 81.01
CA GLY E 301 75.83 -48.06 80.89
C GLY E 301 75.73 -47.41 79.54
N LEU E 302 75.64 -48.25 78.51
CA LEU E 302 75.47 -47.78 77.13
C LEU E 302 74.17 -47.02 77.00
N LEU E 303 73.10 -47.57 77.53
CA LEU E 303 71.83 -46.86 77.42
C LEU E 303 71.86 -45.62 78.26
N THR E 304 72.36 -45.74 79.48
CA THR E 304 72.37 -44.57 80.35
C THR E 304 73.13 -43.44 79.67
N ASP E 305 74.19 -43.75 78.94
CA ASP E 305 75.01 -42.70 78.32
C ASP E 305 74.24 -42.06 77.21
N TRP E 306 73.36 -42.79 76.56
CA TRP E 306 72.63 -42.17 75.46
C TRP E 306 71.56 -41.27 76.03
N GLY E 307 70.94 -41.65 77.15
CA GLY E 307 70.01 -40.74 77.81
C GLY E 307 70.69 -39.41 78.14
N GLN E 308 71.81 -39.46 78.84
CA GLN E 308 72.44 -38.25 79.36
C GLN E 308 72.86 -37.30 78.22
N ARG E 309 72.96 -37.77 76.98
CA ARG E 309 73.31 -36.86 75.87
C ARG E 309 72.09 -36.54 75.01
N LEU E 310 70.92 -36.47 75.62
CA LEU E 310 69.76 -35.78 75.01
C LEU E 310 69.48 -34.46 75.71
N HIS E 311 68.69 -33.62 75.06
CA HIS E 311 68.24 -32.34 75.61
C HIS E 311 66.76 -32.17 75.27
N TYR E 312 65.98 -31.57 76.15
CA TYR E 312 64.55 -31.41 75.90
C TYR E 312 64.33 -30.07 75.23
N ASP E 313 63.50 -30.01 74.21
CA ASP E 313 63.07 -28.72 73.67
C ASP E 313 61.61 -28.53 74.00
N LEU E 314 61.25 -27.30 74.34
CA LEU E 314 59.94 -27.05 74.93
C LEU E 314 58.92 -26.92 73.82
N GLN E 315 59.33 -26.66 72.61
CA GLN E 315 58.35 -26.27 71.61
C GLN E 315 57.67 -27.50 71.02
N LYS E 316 58.44 -28.53 70.76
CA LYS E 316 57.92 -29.86 70.42
C LYS E 316 58.11 -30.79 71.62
N GLY E 317 57.07 -31.47 72.07
CA GLY E 317 57.12 -32.04 73.42
C GLY E 317 57.92 -33.29 73.56
N ILE E 318 59.12 -33.30 73.05
CA ILE E 318 59.82 -34.54 72.73
C ILE E 318 61.25 -34.37 73.07
N TRP E 319 61.84 -35.36 73.73
CA TRP E 319 63.29 -35.26 73.89
C TRP E 319 63.93 -35.47 72.54
N VAL E 320 65.02 -34.76 72.30
CA VAL E 320 65.77 -34.93 71.05
C VAL E 320 67.23 -34.84 71.38
N GLY E 321 68.03 -35.32 70.45
CA GLY E 321 69.47 -35.20 70.54
C GLY E 321 69.88 -34.02 69.71
N THR E 322 71.09 -33.56 69.96
CA THR E 322 71.64 -32.49 69.14
C THR E 322 72.10 -33.17 67.87
N GLU E 323 73.03 -34.11 67.99
CA GLU E 323 73.54 -34.80 66.81
C GLU E 323 72.50 -35.83 66.33
N SER E 324 72.56 -36.11 65.03
CA SER E 324 71.64 -37.04 64.34
C SER E 324 71.83 -38.52 64.72
N GLN E 325 73.07 -38.92 65.03
CA GLN E 325 73.35 -40.33 65.28
C GLN E 325 73.14 -40.64 66.77
N ASP E 326 72.52 -39.75 67.51
CA ASP E 326 72.21 -39.99 68.92
C ASP E 326 70.84 -40.59 68.94
N VAL E 327 70.69 -41.67 69.69
CA VAL E 327 69.50 -42.51 69.54
C VAL E 327 68.33 -41.61 69.88
N PRO E 328 67.30 -41.61 69.05
CA PRO E 328 66.09 -40.88 69.37
C PRO E 328 65.30 -41.43 70.53
N TRP E 329 64.37 -40.60 70.97
CA TRP E 329 63.55 -40.92 72.11
C TRP E 329 62.88 -42.24 71.87
N GLU E 330 62.37 -42.46 70.67
CA GLU E 330 61.52 -43.62 70.52
C GLU E 330 62.34 -44.88 70.74
N GLU E 331 63.50 -44.98 70.12
CA GLU E 331 64.34 -46.20 70.21
C GLU E 331 64.77 -46.47 71.65
N LEU E 332 65.13 -45.41 72.35
CA LEU E 332 65.56 -45.59 73.72
C LEU E 332 64.38 -46.03 74.59
N HIS E 333 63.21 -45.41 74.42
CA HIS E 333 62.01 -45.93 75.09
C HIS E 333 61.81 -47.41 74.77
N ASN E 334 61.96 -47.80 73.52
CA ASN E 334 61.74 -49.19 73.13
C ASN E 334 62.65 -50.11 73.91
N ARG E 335 63.91 -49.74 73.94
CA ARG E 335 64.83 -50.68 74.53
C ARG E 335 64.50 -50.82 75.98
N PHE E 336 64.20 -49.72 76.67
CA PHE E 336 63.96 -49.83 78.11
C PHE E 336 62.67 -50.57 78.36
N GLN E 337 61.70 -50.40 77.48
CA GLN E 337 60.45 -51.11 77.72
C GLN E 337 60.70 -52.60 77.59
N SER E 338 61.49 -52.99 76.59
CA SER E 338 61.82 -54.42 76.43
C SER E 338 62.57 -54.92 77.66
N LEU E 339 63.55 -54.16 78.14
CA LEU E 339 64.32 -54.57 79.30
C LEU E 339 63.45 -54.72 80.53
N CYS E 340 62.47 -53.86 80.71
CA CYS E 340 61.64 -53.91 81.92
C CYS E 340 60.65 -55.05 81.86
N GLN E 341 60.16 -55.39 80.67
CA GLN E 341 59.27 -56.56 80.43
C GLN E 341 60.10 -57.81 80.24
N ALA E 342 60.66 -58.31 81.33
CA ALA E 342 61.67 -59.37 81.30
C ALA E 342 61.53 -60.20 82.59
N PRO E 343 62.33 -61.26 82.76
CA PRO E 343 62.37 -61.91 84.08
C PRO E 343 62.80 -60.97 85.20
N PRO E 344 62.38 -61.24 86.45
CA PRO E 344 62.72 -60.38 87.60
C PRO E 344 64.20 -60.21 87.91
N PRO E 345 65.09 -61.21 87.70
CA PRO E 345 66.52 -60.95 87.88
C PRO E 345 67.10 -59.72 87.16
N LEU E 346 66.49 -59.31 86.05
CA LEU E 346 66.89 -58.11 85.27
C LEU E 346 66.00 -56.91 85.56
N LYS E 347 64.73 -57.14 85.89
CA LYS E 347 63.78 -56.05 86.09
C LYS E 347 64.23 -55.16 87.24
N ASP E 348 64.56 -55.76 88.39
CA ASP E 348 65.07 -54.97 89.52
C ASP E 348 66.39 -54.27 89.16
N LYS E 349 67.25 -54.93 88.38
CA LYS E 349 68.57 -54.34 88.05
C LYS E 349 68.41 -53.09 87.19
N VAL E 350 67.67 -53.19 86.08
CA VAL E 350 67.47 -52.03 85.20
C VAL E 350 66.69 -50.94 85.94
N LEU E 351 65.68 -51.32 86.72
CA LEU E 351 64.83 -50.33 87.41
C LEU E 351 65.68 -49.53 88.41
N THR E 352 66.51 -50.22 89.17
CA THR E 352 67.42 -49.55 90.11
C THR E 352 68.46 -48.72 89.37
N ALA E 353 69.00 -49.20 88.25
CA ALA E 353 69.98 -48.41 87.48
C ALA E 353 69.36 -47.12 86.97
N LEU E 354 68.05 -47.13 86.70
CA LEU E 354 67.35 -45.93 86.24
C LEU E 354 67.07 -44.95 87.38
N GLU E 355 66.56 -45.44 88.51
CA GLU E 355 66.24 -44.58 89.67
C GLU E 355 67.49 -43.84 90.18
N THR E 356 68.63 -44.54 90.23
CA THR E 356 69.91 -43.96 90.68
C THR E 356 70.37 -42.88 89.71
N CYS E 357 69.99 -42.97 88.44
CA CYS E 357 70.38 -41.94 87.48
C CYS E 357 69.37 -40.80 87.49
N LYS E 358 68.16 -41.08 87.93
CA LYS E 358 67.20 -39.99 88.14
C LYS E 358 67.64 -39.13 89.31
N ALA E 359 67.78 -39.75 90.49
CA ALA E 359 68.18 -39.02 91.71
C ALA E 359 69.52 -38.30 91.51
N GLN E 360 70.39 -38.85 90.67
CA GLN E 360 71.69 -38.23 90.34
C GLN E 360 71.53 -36.86 89.68
N ASP E 361 70.46 -36.67 88.91
CA ASP E 361 70.25 -35.45 88.11
C ASP E 361 69.14 -34.55 88.70
N GLY E 362 69.03 -34.46 90.01
CA GLY E 362 67.95 -33.73 90.64
C GLY E 362 66.65 -34.52 90.67
N ASP E 363 66.03 -34.64 91.87
CA ASP E 363 64.84 -35.50 92.05
C ASP E 363 63.57 -34.72 91.74
N PHE E 364 63.44 -34.36 90.48
CA PHE E 364 62.25 -33.68 89.97
C PHE E 364 61.13 -34.69 89.80
N GLU E 365 59.89 -34.20 89.73
CA GLU E 365 58.75 -35.12 89.59
C GLU E 365 57.76 -34.69 88.51
N VAL E 366 58.31 -34.11 87.45
CA VAL E 366 57.56 -33.36 86.45
C VAL E 366 58.37 -33.34 85.18
N PRO E 367 57.74 -33.47 84.03
CA PRO E 367 58.50 -33.61 82.81
C PRO E 367 59.01 -32.31 82.20
N GLY E 368 60.12 -32.46 81.47
CA GLY E 368 60.88 -31.36 80.86
C GLY E 368 62.25 -31.06 81.47
N LEU E 369 62.64 -31.86 82.46
CA LEU E 369 63.81 -31.54 83.26
C LEU E 369 64.76 -32.73 83.21
N SER E 370 64.24 -33.97 83.28
CA SER E 370 65.09 -35.16 83.43
C SER E 370 64.58 -36.27 82.53
N ILE E 371 65.42 -36.68 81.60
CA ILE E 371 65.12 -37.81 80.71
C ILE E 371 64.69 -38.97 81.60
N TRP E 372 65.27 -39.09 82.79
CA TRP E 372 65.02 -40.27 83.59
C TRP E 372 63.67 -40.18 84.22
N THR E 373 63.22 -39.00 84.55
CA THR E 373 61.82 -38.88 84.93
C THR E 373 60.87 -39.26 83.79
N ASP E 374 61.17 -38.85 82.58
CA ASP E 374 60.24 -39.13 81.50
C ASP E 374 60.24 -40.60 81.21
N LEU E 375 61.35 -41.28 81.34
CA LEU E 375 61.28 -42.73 81.18
C LEU E 375 60.45 -43.36 82.26
N LEU E 376 60.77 -43.15 83.53
CA LEU E 376 59.99 -43.79 84.59
C LEU E 376 58.51 -43.49 84.49
N LEU E 377 58.13 -42.32 84.00
CA LEU E 377 56.70 -42.06 83.75
C LEU E 377 56.15 -42.84 82.54
N ALA E 378 56.90 -42.89 81.46
CA ALA E 378 56.38 -43.54 80.26
C ALA E 378 56.42 -45.05 80.46
N LEU E 379 56.64 -45.52 81.69
CA LEU E 379 56.53 -46.95 82.01
C LEU E 379 55.24 -47.28 82.74
N ARG E 380 54.67 -46.33 83.48
CA ARG E 380 53.38 -46.57 84.16
C ARG E 380 52.26 -45.86 83.40
N CYS F 31 -25.99 11.75 81.26
CA CYS F 31 -25.07 10.59 81.08
C CYS F 31 -23.62 11.06 81.18
N LEU F 32 -23.27 12.10 80.42
CA LEU F 32 -21.90 12.64 80.44
C LEU F 32 -21.57 13.26 81.80
N ASP F 33 -22.58 13.77 82.51
CA ASP F 33 -22.40 14.20 83.91
C ASP F 33 -21.89 13.03 84.76
N LEU F 34 -22.51 11.86 84.62
CA LEU F 34 -22.09 10.69 85.41
C LEU F 34 -20.67 10.27 85.03
N TRP F 35 -20.38 10.14 83.74
CA TRP F 35 -19.03 9.76 83.30
C TRP F 35 -18.00 10.79 83.79
N ARG F 36 -18.35 12.07 83.76
CA ARG F 36 -17.43 13.13 84.16
C ARG F 36 -17.23 13.14 85.67
N GLU F 37 -18.32 12.93 86.42
CA GLU F 37 -18.23 12.75 87.89
C GLU F 37 -17.34 11.54 88.18
N LYS F 38 -17.43 10.49 87.37
CA LYS F 38 -16.63 9.26 87.57
C LYS F 38 -15.16 9.57 87.29
N ASN F 39 -14.88 10.28 86.21
CA ASN F 39 -13.52 10.71 85.86
C ASN F 39 -12.95 11.55 87.01
N ASP F 40 -13.73 12.50 87.52
CA ASP F 40 -13.31 13.34 88.65
C ASP F 40 -13.05 12.48 89.89
N ARG F 41 -13.89 11.46 90.12
CA ARG F 41 -13.71 10.57 91.29
C ARG F 41 -12.40 9.79 91.18
N LEU F 42 -12.12 9.20 90.02
CA LEU F 42 -10.90 8.41 89.85
C LEU F 42 -9.66 9.30 89.85
N VAL F 43 -9.75 10.53 89.35
CA VAL F 43 -8.61 11.46 89.42
C VAL F 43 -8.35 11.84 90.88
N ARG F 44 -9.40 12.16 91.63
CA ARG F 44 -9.27 12.44 93.07
C ARG F 44 -8.68 11.24 93.80
N GLN F 45 -9.10 10.03 93.43
CA GLN F 45 -8.62 8.79 94.05
C GLN F 45 -7.11 8.63 93.77
N ALA F 46 -6.71 8.82 92.51
CA ALA F 46 -5.30 8.72 92.10
C ALA F 46 -4.45 9.76 92.85
N LYS F 47 -4.98 10.97 93.03
CA LYS F 47 -4.19 12.00 93.70
C LYS F 47 -4.10 11.75 95.21
N VAL F 48 -5.17 11.25 95.84
CA VAL F 48 -5.11 10.83 97.25
C VAL F 48 -4.06 9.75 97.41
N ALA F 49 -4.06 8.79 96.49
CA ALA F 49 -3.08 7.70 96.50
C ALA F 49 -1.66 8.24 96.38
N GLN F 50 -1.45 9.17 95.45
CA GLN F 50 -0.13 9.77 95.26
C GLN F 50 0.36 10.46 96.52
N ASN F 51 -0.47 11.30 97.12
CA ASN F 51 0.02 12.12 98.25
C ASN F 51 0.29 11.28 99.50
N SER F 52 -0.57 10.33 99.82
CA SER F 52 -0.57 9.63 101.12
C SER F 52 -0.23 8.15 100.91
N GLY F 53 -0.42 7.37 101.97
CA GLY F 53 -0.43 5.91 101.86
C GLY F 53 0.95 5.31 102.03
N LEU F 54 0.97 3.98 102.07
CA LEU F 54 2.19 3.18 102.06
C LEU F 54 2.33 2.44 100.73
N THR F 55 3.43 1.70 100.60
CA THR F 55 3.84 1.12 99.31
C THR F 55 2.75 0.22 98.70
N LEU F 56 1.99 -0.50 99.53
CA LEU F 56 0.88 -1.33 99.03
C LEU F 56 -0.34 -0.48 98.75
N ARG F 57 -0.92 0.11 99.79
CA ARG F 57 -2.24 0.74 99.68
C ARG F 57 -2.24 1.78 98.56
N ARG F 58 -1.12 2.47 98.37
CA ARG F 58 -0.92 3.37 97.22
C ARG F 58 -1.20 2.61 95.93
N GLN F 59 -0.48 1.52 95.67
CA GLN F 59 -0.61 0.79 94.41
C GLN F 59 -1.97 0.11 94.30
N GLN F 60 -2.56 -0.30 95.42
CA GLN F 60 -3.90 -0.88 95.39
C GLN F 60 -4.92 0.17 94.87
N LEU F 61 -4.98 1.34 95.50
CA LEU F 61 -5.91 2.38 95.03
C LEU F 61 -5.54 2.83 93.61
N ALA F 62 -4.25 2.85 93.27
CA ALA F 62 -3.83 3.29 91.94
C ALA F 62 -4.32 2.33 90.87
N GLN F 63 -4.17 1.03 91.11
CA GLN F 63 -4.66 0.05 90.14
C GLN F 63 -6.17 0.04 90.10
N ASP F 64 -6.84 0.31 91.23
CA ASP F 64 -8.31 0.45 91.22
C ASP F 64 -8.73 1.61 90.31
N ALA F 65 -8.09 2.76 90.48
CA ALA F 65 -8.35 3.91 89.60
C ALA F 65 -8.00 3.57 88.16
N LEU F 66 -6.94 2.79 87.93
CA LEU F 66 -6.55 2.45 86.56
C LEU F 66 -7.61 1.59 85.89
N GLU F 67 -8.14 0.61 86.59
CA GLU F 67 -9.25 -0.20 86.08
C GLU F 67 -10.47 0.69 85.83
N GLY F 68 -10.73 1.63 86.73
CA GLY F 68 -11.82 2.60 86.53
C GLY F 68 -11.69 3.35 85.23
N LEU F 69 -10.52 3.97 84.98
CA LEU F 69 -10.34 4.78 83.76
C LEU F 69 -10.32 3.88 82.52
N ARG F 70 -9.86 2.65 82.63
CA ARG F 70 -9.94 1.72 81.49
C ARG F 70 -11.41 1.44 81.13
N GLY F 71 -12.20 1.03 82.12
CA GLY F 71 -13.62 0.75 81.89
C GLY F 71 -14.38 1.97 81.40
N LEU F 72 -14.00 3.15 81.89
CA LEU F 72 -14.64 4.40 81.48
C LEU F 72 -14.23 4.75 80.05
N LEU F 73 -12.98 4.51 79.67
CA LEU F 73 -12.56 4.71 78.28
C LEU F 73 -13.36 3.79 77.36
N HIS F 74 -13.53 2.52 77.73
CA HIS F 74 -14.37 1.62 76.91
C HIS F 74 -15.81 2.14 76.79
N SER F 75 -16.37 2.62 77.90
CA SER F 75 -17.73 3.16 77.94
C SER F 75 -17.83 4.39 77.02
N LEU F 76 -16.84 5.27 77.07
CA LEU F 76 -16.83 6.50 76.27
C LEU F 76 -16.62 6.18 74.79
N GLN F 77 -15.84 5.13 74.48
CA GLN F 77 -15.58 4.67 73.12
C GLN F 77 -16.78 3.90 72.57
N GLY F 78 -17.71 3.53 73.45
CA GLY F 78 -19.01 2.92 73.15
C GLY F 78 -19.87 3.79 72.25
N LEU F 79 -19.64 5.11 72.27
CA LEU F 79 -20.30 6.18 71.52
C LEU F 79 -19.56 6.35 70.19
N PRO F 80 -20.14 7.04 69.20
CA PRO F 80 -19.37 7.40 68.00
C PRO F 80 -18.50 8.64 68.07
N ALA F 81 -18.12 9.12 69.26
CA ALA F 81 -17.41 10.41 69.42
C ALA F 81 -18.04 11.64 68.76
N ALA F 82 -19.01 12.26 69.39
CA ALA F 82 -19.58 13.50 68.88
C ALA F 82 -18.83 14.66 69.54
N VAL F 83 -19.30 15.89 69.39
CA VAL F 83 -18.59 17.04 69.99
C VAL F 83 -18.48 16.97 71.51
N PRO F 84 -19.57 16.82 72.29
CA PRO F 84 -19.46 16.93 73.76
C PRO F 84 -18.79 15.74 74.47
N VAL F 85 -18.75 14.56 73.85
CA VAL F 85 -17.98 13.42 74.39
C VAL F 85 -16.48 13.58 74.11
N LEU F 86 -16.09 14.35 73.11
CA LEU F 86 -14.66 14.37 72.72
C LEU F 86 -13.77 14.88 73.85
N PRO F 87 -13.96 16.10 74.41
CA PRO F 87 -12.99 16.59 75.40
C PRO F 87 -13.06 15.80 76.70
N LEU F 88 -14.13 15.05 76.91
CA LEU F 88 -14.19 14.09 78.03
C LEU F 88 -13.38 12.84 77.69
N GLU F 89 -13.58 12.29 76.49
CA GLU F 89 -12.80 11.12 76.05
C GLU F 89 -11.30 11.44 76.14
N LEU F 90 -10.92 12.65 75.76
CA LEU F 90 -9.50 13.02 75.78
C LEU F 90 -9.03 13.25 77.20
N THR F 91 -9.84 13.87 78.07
CA THR F 91 -9.44 13.98 79.48
C THR F 91 -9.19 12.59 80.07
N VAL F 92 -10.07 11.63 79.78
CA VAL F 92 -9.89 10.25 80.24
C VAL F 92 -8.62 9.67 79.64
N THR F 93 -8.40 9.84 78.34
CA THR F 93 -7.25 9.26 77.64
C THR F 93 -5.96 9.80 78.22
N CYS F 94 -5.93 11.10 78.49
CA CYS F 94 -4.76 11.72 79.10
C CYS F 94 -4.53 11.15 80.50
N ASN F 95 -5.57 11.13 81.34
CA ASN F 95 -5.37 10.59 82.71
C ASN F 95 -4.98 9.13 82.66
N PHE F 96 -5.35 8.41 81.59
CA PHE F 96 -5.05 6.98 81.48
C PHE F 96 -3.61 6.74 81.07
N ILE F 97 -3.15 7.40 80.01
CA ILE F 97 -1.75 7.21 79.61
C ILE F 97 -0.82 7.72 80.71
N ILE F 98 -1.19 8.82 81.35
CA ILE F 98 -0.39 9.35 82.47
C ILE F 98 -0.23 8.30 83.56
N LEU F 99 -1.35 7.82 84.10
CA LEU F 99 -1.31 6.88 85.23
C LEU F 99 -0.79 5.50 84.77
N ARG F 100 -0.94 5.19 83.49
CA ARG F 100 -0.35 3.97 82.93
C ARG F 100 1.16 4.05 82.99
N ALA F 101 1.75 5.11 82.46
CA ALA F 101 3.21 5.16 82.37
C ALA F 101 3.82 5.42 83.74
N SER F 102 3.10 6.12 84.60
CA SER F 102 3.58 6.35 85.98
C SER F 102 3.60 5.04 86.75
N LEU F 103 2.70 4.09 86.44
CA LEU F 103 2.65 2.79 87.16
C LEU F 103 3.60 1.80 86.50
N ALA F 104 3.49 1.66 85.18
CA ALA F 104 4.40 0.82 84.39
C ALA F 104 5.85 1.32 84.49
N GLN F 105 6.04 2.60 84.81
CA GLN F 105 7.37 3.19 85.02
C GLN F 105 8.17 3.17 83.71
N GLY F 106 7.54 3.70 82.67
CA GLY F 106 8.14 3.80 81.34
C GLY F 106 7.09 3.93 80.27
N PHE F 107 7.35 4.74 79.26
CA PHE F 107 6.44 4.80 78.12
C PHE F 107 6.61 3.58 77.22
N THR F 108 5.56 3.28 76.48
CA THR F 108 5.64 2.28 75.40
C THR F 108 4.65 2.66 74.29
N GLU F 109 4.26 1.68 73.49
CA GLU F 109 3.53 1.88 72.24
C GLU F 109 2.03 1.68 72.43
N ASP F 110 1.60 1.00 73.50
CA ASP F 110 0.16 0.88 73.82
C ASP F 110 -0.45 2.26 74.05
N GLN F 111 0.29 3.13 74.74
CA GLN F 111 -0.18 4.50 74.94
C GLN F 111 -0.27 5.22 73.59
N ALA F 112 0.70 5.02 72.70
CA ALA F 112 0.68 5.66 71.36
C ALA F 112 -0.53 5.19 70.56
N GLN F 113 -0.86 3.91 70.62
CA GLN F 113 -2.04 3.39 69.91
C GLN F 113 -3.35 3.90 70.54
N ASP F 114 -3.37 4.13 71.86
CA ASP F 114 -4.56 4.76 72.48
C ASP F 114 -4.66 6.23 72.04
N ILE F 115 -3.54 6.88 71.85
CA ILE F 115 -3.53 8.23 71.25
C ILE F 115 -4.08 8.16 69.84
N GLN F 116 -3.66 7.18 69.06
CA GLN F 116 -4.14 6.99 67.69
C GLN F 116 -5.66 6.80 67.70
N ARG F 117 -6.16 6.01 68.65
CA ARG F 117 -7.61 5.79 68.83
C ARG F 117 -8.32 7.12 69.06
N SER F 118 -7.85 7.90 70.03
CA SER F 118 -8.44 9.21 70.33
C SER F 118 -8.33 10.12 69.12
N LEU F 119 -7.27 9.98 68.32
CA LEU F 119 -7.06 10.83 67.14
C LEU F 119 -8.03 10.46 66.03
N GLU F 120 -8.25 9.17 65.80
CA GLU F 120 -9.30 8.74 64.86
C GLU F 120 -10.67 9.19 65.36
N ARG F 121 -10.85 9.25 66.67
CA ARG F 121 -12.12 9.76 67.24
C ARG F 121 -12.30 11.25 66.95
N VAL F 122 -11.21 12.00 66.96
CA VAL F 122 -11.27 13.42 66.57
C VAL F 122 -11.52 13.51 65.08
N LEU F 123 -10.88 12.66 64.29
CA LEU F 123 -10.92 12.81 62.83
C LEU F 123 -12.27 12.40 62.26
N GLU F 124 -12.86 11.32 62.76
CA GLU F 124 -14.12 10.82 62.16
C GLU F 124 -15.32 11.60 62.66
N THR F 125 -15.18 12.43 63.70
CA THR F 125 -16.27 13.30 64.14
C THR F 125 -16.49 14.41 63.12
N GLN F 126 -15.48 15.24 62.88
CA GLN F 126 -15.63 16.41 62.02
C GLN F 126 -15.30 16.05 60.57
N GLU F 127 -14.04 15.71 60.31
CA GLU F 127 -13.50 15.68 58.92
C GLU F 127 -13.28 14.24 58.47
N GLU F 134 -5.10 7.60 59.36
CA GLU F 134 -5.06 6.21 58.88
C GLU F 134 -3.62 5.73 58.63
N GLN F 135 -2.84 6.49 57.86
CA GLN F 135 -1.50 6.04 57.42
C GLN F 135 -0.42 6.06 58.51
N GLY F 136 -0.20 7.18 59.18
CA GLY F 136 0.92 7.29 60.11
C GLY F 136 0.79 8.51 61.00
N LEU F 137 1.61 8.56 62.05
CA LEU F 137 1.35 9.50 63.16
C LEU F 137 1.60 10.93 62.71
N ARG F 138 2.60 11.14 61.84
CA ARG F 138 3.00 12.49 61.42
C ARG F 138 1.88 13.18 60.64
N GLU F 139 1.43 12.55 59.56
CA GLU F 139 0.34 13.10 58.74
C GLU F 139 -0.98 13.10 59.52
N LEU F 140 -1.18 12.11 60.39
CA LEU F 140 -2.37 12.10 61.26
C LEU F 140 -2.37 13.33 62.13
N TRP F 141 -1.23 13.61 62.76
CA TRP F 141 -1.11 14.79 63.61
C TRP F 141 -1.30 16.07 62.80
N ASP F 142 -0.75 16.12 61.59
CA ASP F 142 -0.91 17.31 60.75
C ASP F 142 -2.39 17.54 60.45
N SER F 143 -3.14 16.48 60.17
CA SER F 143 -4.58 16.63 59.87
C SER F 143 -5.38 16.95 61.14
N VAL F 144 -5.03 16.38 62.28
CA VAL F 144 -5.75 16.69 63.53
C VAL F 144 -5.44 18.12 63.97
N LEU F 145 -4.20 18.57 63.76
CA LEU F 145 -3.82 19.96 64.09
C LEU F 145 -4.45 20.92 63.08
N ARG F 146 -4.64 20.48 61.83
CA ARG F 146 -5.44 21.23 60.85
C ARG F 146 -6.87 21.39 61.35
N ALA F 147 -7.47 20.32 61.87
CA ALA F 147 -8.82 20.39 62.44
C ALA F 147 -8.85 21.29 63.68
N SER F 148 -7.79 21.29 64.49
CA SER F 148 -7.71 22.20 65.64
C SER F 148 -7.51 23.64 65.18
N CYS F 149 -6.90 23.85 64.02
CA CYS F 149 -6.78 25.18 63.41
C CYS F 149 -8.16 25.70 62.99
N LEU F 150 -9.16 24.81 62.91
CA LEU F 150 -10.57 25.23 62.81
C LEU F 150 -11.11 25.69 64.16
N LEU F 151 -10.36 25.46 65.25
CA LEU F 151 -10.64 25.92 66.62
C LEU F 151 -11.96 25.34 67.15
N PRO F 152 -12.01 24.05 67.45
CA PRO F 152 -13.00 23.55 68.40
C PRO F 152 -12.43 23.74 69.82
N GLU F 153 -13.29 24.12 70.77
CA GLU F 153 -12.81 24.46 72.13
C GLU F 153 -12.48 23.16 72.88
N LEU F 154 -11.42 22.51 72.42
CA LEU F 154 -10.77 21.42 73.15
C LEU F 154 -9.26 21.47 72.96
N LEU F 155 -8.71 22.62 72.54
CA LEU F 155 -7.28 22.77 72.28
C LEU F 155 -6.45 22.61 73.56
N SER F 156 -7.02 22.92 74.72
CA SER F 156 -6.32 22.68 76.00
C SER F 156 -6.00 21.20 76.20
N ALA F 157 -6.93 20.34 75.81
CA ALA F 157 -6.71 18.89 75.90
C ALA F 157 -5.89 18.37 74.72
N LEU F 158 -6.03 18.97 73.53
CA LEU F 158 -5.21 18.55 72.39
C LEU F 158 -3.73 18.84 72.64
N HIS F 159 -3.38 20.03 73.14
CA HIS F 159 -1.97 20.34 73.40
C HIS F 159 -1.40 19.44 74.50
N ARG F 160 -2.21 19.08 75.50
CA ARG F 160 -1.78 18.13 76.55
C ARG F 160 -1.53 16.76 75.96
N LEU F 161 -2.43 16.31 75.10
CA LEU F 161 -2.24 15.04 74.38
C LEU F 161 -0.97 15.09 73.55
N VAL F 162 -0.69 16.24 72.93
CA VAL F 162 0.56 16.39 72.15
C VAL F 162 1.74 16.32 73.10
N GLY F 163 1.63 16.94 74.27
CA GLY F 163 2.66 16.85 75.30
C GLY F 163 2.99 15.41 75.67
N LEU F 164 1.96 14.62 75.94
CA LEU F 164 2.19 13.21 76.30
C LEU F 164 2.82 12.44 75.14
N GLN F 165 2.34 12.61 73.91
CA GLN F 165 2.92 11.82 72.82
C GLN F 165 4.30 12.35 72.43
N ALA F 166 4.57 13.63 72.67
CA ALA F 166 5.92 14.18 72.53
C ALA F 166 6.86 13.56 73.57
N ALA F 167 6.38 13.42 74.80
CA ALA F 167 7.13 12.71 75.86
C ALA F 167 7.44 11.30 75.39
N LEU F 168 6.47 10.65 74.76
CA LEU F 168 6.65 9.27 74.30
C LEU F 168 7.74 9.22 73.24
N TRP F 169 7.64 10.07 72.22
CA TRP F 169 8.67 10.07 71.16
C TRP F 169 10.03 10.41 71.74
N LEU F 170 10.08 11.28 72.76
CA LEU F 170 11.35 11.68 73.38
C LEU F 170 11.99 10.51 74.13
N SER F 171 11.24 9.83 75.00
CA SER F 171 11.76 8.67 75.76
C SER F 171 12.06 7.49 74.83
N ALA F 172 11.37 7.41 73.69
CA ALA F 172 11.64 6.40 72.67
C ALA F 172 12.76 6.85 71.74
N ASP F 173 13.19 8.10 71.86
CA ASP F 173 14.27 8.69 71.04
C ASP F 173 13.84 8.73 69.58
N ARG F 174 12.76 9.47 69.34
CA ARG F 174 12.22 9.67 67.99
C ARG F 174 12.24 11.17 67.70
N LEU F 175 13.44 11.75 67.85
CA LEU F 175 13.59 13.20 68.00
C LEU F 175 13.25 13.95 66.71
N GLY F 176 13.51 13.35 65.55
CA GLY F 176 13.41 14.09 64.30
C GLY F 176 11.97 14.48 63.99
N ASP F 177 11.07 13.50 63.93
CA ASP F 177 9.69 13.80 63.51
C ASP F 177 8.95 14.55 64.63
N LEU F 178 9.40 14.42 65.89
CA LEU F 178 8.86 15.25 66.98
C LEU F 178 9.05 16.74 66.67
N ALA F 179 10.23 17.09 66.13
CA ALA F 179 10.48 18.48 65.71
C ALA F 179 9.48 18.88 64.63
N LEU F 180 9.20 17.96 63.71
CA LEU F 180 8.22 18.22 62.64
C LEU F 180 6.84 18.46 63.23
N LEU F 181 6.40 17.65 64.19
CA LEU F 181 5.08 17.83 64.81
C LEU F 181 5.01 19.20 65.49
N LEU F 182 5.97 19.50 66.35
CA LEU F 182 5.88 20.79 67.08
C LEU F 182 6.08 21.98 66.14
N GLU F 183 6.83 21.80 65.06
CA GLU F 183 7.00 22.83 64.03
C GLU F 183 5.67 23.06 63.30
N THR F 184 4.89 22.01 63.10
CA THR F 184 3.55 22.16 62.53
C THR F 184 2.62 22.82 63.55
N LEU F 185 2.76 22.48 64.84
CA LEU F 185 1.95 23.11 65.90
C LEU F 185 2.22 24.60 65.96
N ASN F 186 3.50 24.99 66.11
CA ASN F 186 3.84 26.42 66.07
C ASN F 186 3.80 26.83 64.60
N GLY F 187 4.20 28.05 64.29
CA GLY F 187 4.26 28.47 62.90
C GLY F 187 5.18 27.59 62.08
N SER F 188 4.85 27.47 60.78
CA SER F 188 5.59 26.61 59.84
C SER F 188 6.87 27.29 59.37
N GLN F 189 6.84 28.62 59.25
CA GLN F 189 7.98 29.43 58.80
C GLN F 189 9.12 29.46 59.80
N SER F 190 8.93 28.95 61.01
CA SER F 190 10.05 28.71 61.93
C SER F 190 10.62 27.30 61.69
N GLY F 191 10.47 26.78 60.47
CA GLY F 191 10.96 25.45 60.15
C GLY F 191 12.46 25.33 59.99
N ALA F 192 13.16 26.43 59.74
CA ALA F 192 14.62 26.37 59.64
C ALA F 192 15.24 26.03 61.00
N SER F 193 14.52 26.34 62.08
CA SER F 193 14.95 26.00 63.45
C SER F 193 14.83 24.50 63.67
N LYS F 194 15.87 23.75 63.30
CA LYS F 194 15.89 22.29 63.46
C LYS F 194 16.20 21.88 64.90
N ASP F 195 16.90 22.71 65.65
CA ASP F 195 17.24 22.39 67.05
C ASP F 195 15.96 22.31 67.86
N LEU F 196 15.86 21.25 68.68
CA LEU F 196 14.63 20.94 69.41
C LEU F 196 14.41 21.90 70.58
N LEU F 197 15.46 22.48 71.15
CA LEU F 197 15.31 23.18 72.45
C LEU F 197 14.51 24.46 72.23
N LEU F 198 14.87 25.21 71.20
CA LEU F 198 14.13 26.41 70.84
C LEU F 198 12.70 26.02 70.46
N LEU F 199 12.52 24.85 69.83
CA LEU F 199 11.16 24.42 69.41
C LEU F 199 10.28 24.17 70.63
N LEU F 200 10.83 23.54 71.67
CA LEU F 200 10.06 23.35 72.92
C LEU F 200 9.87 24.69 73.64
N LYS F 201 10.82 25.61 73.52
CA LYS F 201 10.63 26.93 74.13
C LYS F 201 9.51 27.71 73.46
N THR F 202 9.43 27.68 72.13
CA THR F 202 8.39 28.40 71.40
C THR F 202 7.03 27.74 71.60
N TRP F 203 7.01 26.41 71.68
CA TRP F 203 5.75 25.68 71.91
C TRP F 203 5.09 26.18 73.19
N SER F 204 4.01 26.91 73.04
CA SER F 204 3.30 27.38 74.23
C SER F 204 2.30 26.32 74.67
N PRO F 205 1.87 26.36 75.94
CA PRO F 205 0.62 25.72 76.32
C PRO F 205 -0.53 26.57 75.80
N PRO F 206 -1.65 25.95 75.40
CA PRO F 206 -2.65 26.68 74.64
C PRO F 206 -3.51 27.59 75.49
N ALA F 207 -3.88 27.17 76.70
CA ALA F 207 -4.90 27.88 77.47
C ALA F 207 -4.53 27.82 78.95
N GLU F 208 -5.27 28.59 79.74
CA GLU F 208 -5.22 28.52 81.21
C GLU F 208 -5.98 27.31 81.74
N GLU F 209 -6.56 26.49 80.85
CA GLU F 209 -7.21 25.24 81.23
C GLU F 209 -8.41 25.57 82.11
N LEU F 210 -9.45 26.13 81.50
CA LEU F 210 -10.67 26.56 82.21
C LEU F 210 -11.45 25.35 82.74
N ASP F 211 -12.60 25.64 83.34
CA ASP F 211 -13.39 24.60 84.00
C ASP F 211 -13.89 23.58 82.99
N ALA F 212 -13.01 22.65 82.65
CA ALA F 212 -13.28 21.44 81.87
C ALA F 212 -13.38 20.28 82.87
N PRO F 213 -13.71 19.05 82.43
CA PRO F 213 -13.59 17.90 83.33
C PRO F 213 -12.18 17.80 83.91
N LEU F 214 -12.10 17.49 85.20
CA LEU F 214 -10.84 17.62 85.94
C LEU F 214 -9.78 16.66 85.41
N THR F 215 -8.54 17.04 85.60
CA THR F 215 -7.36 16.37 85.05
C THR F 215 -6.32 16.25 86.16
N LEU F 216 -5.43 15.28 85.99
CA LEU F 216 -4.36 15.03 86.98
C LEU F 216 -3.23 16.05 86.85
N GLN F 217 -2.89 16.46 85.62
CA GLN F 217 -1.77 17.37 85.40
C GLN F 217 -2.02 18.24 84.16
N ASP F 218 -1.54 19.47 84.25
CA ASP F 218 -1.68 20.52 83.22
C ASP F 218 -0.51 20.53 82.24
N ALA F 219 -0.76 21.13 81.07
CA ALA F 219 0.19 21.15 79.95
C ALA F 219 1.41 21.99 80.27
N GLN F 220 1.30 22.91 81.22
CA GLN F 220 2.46 23.67 81.71
C GLN F 220 3.40 22.77 82.50
N GLY F 221 2.84 21.94 83.39
CA GLY F 221 3.63 20.94 84.11
C GLY F 221 4.32 19.97 83.17
N LEU F 222 3.72 19.70 82.00
CA LEU F 222 4.41 18.92 80.98
C LEU F 222 5.46 19.76 80.26
N LYS F 223 5.19 21.04 80.03
CA LYS F 223 6.12 21.89 79.28
C LYS F 223 7.45 21.95 80.02
N ASP F 224 7.40 22.28 81.31
CA ASP F 224 8.60 22.42 82.13
C ASP F 224 9.38 21.10 82.15
N VAL F 225 8.66 20.01 82.32
CA VAL F 225 9.26 18.66 82.32
C VAL F 225 9.97 18.38 80.98
N LEU F 226 9.28 18.57 79.86
CA LEU F 226 9.85 18.27 78.53
C LEU F 226 11.09 19.11 78.27
N LEU F 227 11.11 20.34 78.76
CA LEU F 227 12.27 21.19 78.50
C LEU F 227 13.49 20.61 79.20
N THR F 228 13.43 20.54 80.54
CA THR F 228 14.57 20.07 81.35
C THR F 228 14.99 18.68 80.91
N ALA F 229 14.04 17.82 80.61
CA ALA F 229 14.36 16.43 80.32
C ALA F 229 15.10 16.32 78.99
N PHE F 230 14.63 17.03 77.96
CA PHE F 230 15.34 16.96 76.68
C PHE F 230 16.70 17.64 76.79
N ALA F 231 16.76 18.75 77.50
CA ALA F 231 18.04 19.46 77.67
C ALA F 231 19.06 18.55 78.33
N TYR F 232 18.68 17.92 79.43
CA TYR F 232 19.52 16.89 80.07
C TYR F 232 19.99 15.86 79.05
N ARG F 233 19.05 15.21 78.38
CA ARG F 233 19.39 14.10 77.48
C ARG F 233 20.37 14.55 76.40
N GLN F 234 20.08 15.71 75.82
CA GLN F 234 20.90 16.28 74.75
C GLN F 234 22.30 16.61 75.27
N GLY F 235 22.37 17.22 76.45
CA GLY F 235 23.65 17.54 77.08
C GLY F 235 24.50 16.31 77.24
N LEU F 236 23.94 15.26 77.83
CA LEU F 236 24.69 14.00 78.03
C LEU F 236 25.12 13.40 76.70
N GLN F 237 24.22 13.36 75.71
CA GLN F 237 24.56 12.81 74.40
C GLN F 237 25.74 13.59 73.78
N GLU F 238 25.72 14.92 73.88
CA GLU F 238 26.81 15.75 73.34
C GLU F 238 28.08 15.54 74.17
N LEU F 239 27.92 15.26 75.47
CA LEU F 239 29.04 14.99 76.39
C LEU F 239 29.80 13.76 75.91
N ILE F 240 29.07 12.68 75.65
CA ILE F 240 29.71 11.40 75.29
C ILE F 240 30.50 11.56 74.00
N THR F 241 30.00 12.39 73.09
CA THR F 241 30.62 12.61 71.77
C THR F 241 31.64 13.77 71.78
N GLY F 242 32.25 14.07 72.94
CA GLY F 242 33.40 14.98 73.03
C GLY F 242 33.12 16.43 72.68
N ASN F 243 31.99 16.97 73.15
CA ASN F 243 31.73 18.42 73.17
C ASN F 243 31.39 18.84 74.60
N PRO F 244 32.33 18.67 75.55
CA PRO F 244 32.07 19.07 76.94
C PRO F 244 32.13 20.57 77.16
N ASP F 245 32.09 21.36 76.08
CA ASP F 245 31.93 22.81 76.17
C ASP F 245 30.49 23.14 75.80
N LYS F 246 30.01 22.62 74.67
CA LYS F 246 28.62 22.83 74.26
C LYS F 246 27.67 22.26 75.31
N ALA F 247 28.11 21.20 75.98
CA ALA F 247 27.26 20.54 76.96
C ALA F 247 26.91 21.49 78.10
N LEU F 248 27.84 22.38 78.47
CA LEU F 248 27.66 23.24 79.64
C LEU F 248 26.40 24.08 79.49
N SER F 249 26.24 24.65 78.30
CA SER F 249 25.09 25.51 78.01
C SER F 249 23.80 24.75 78.24
N SER F 250 23.66 23.61 77.56
CA SER F 250 22.44 22.79 77.66
C SER F 250 22.16 22.42 79.09
N LEU F 251 23.19 22.13 79.86
CA LEU F 251 22.97 21.69 81.25
C LEU F 251 22.57 22.87 82.13
N HIS F 252 23.18 24.05 81.93
CA HIS F 252 22.71 25.22 82.68
C HIS F 252 21.23 25.45 82.35
N GLU F 253 20.83 25.26 81.08
CA GLU F 253 19.42 25.42 80.72
C GLU F 253 18.57 24.41 81.46
N ALA F 254 19.07 23.19 81.53
CA ALA F 254 18.36 22.12 82.25
C ALA F 254 18.33 22.41 83.75
N ALA F 255 19.39 23.04 84.27
CA ALA F 255 19.43 23.41 85.69
C ALA F 255 18.40 24.50 85.99
N SER F 256 18.41 25.56 85.20
CA SER F 256 17.49 26.69 85.39
C SER F 256 16.10 26.21 85.01
N GLY F 257 15.22 26.12 86.00
CA GLY F 257 13.81 25.79 85.77
C GLY F 257 13.36 24.65 86.65
N LEU F 258 12.34 23.95 86.17
CA LEU F 258 11.90 22.72 86.85
C LEU F 258 13.02 21.67 86.77
N CYS F 259 13.63 21.40 87.90
CA CYS F 259 14.72 20.44 88.01
C CYS F 259 14.61 19.73 89.36
N PRO F 260 14.06 18.51 89.43
CA PRO F 260 14.05 17.77 90.68
C PRO F 260 15.47 17.46 91.18
N ARG F 261 15.65 17.72 92.46
CA ARG F 261 16.95 17.56 93.14
C ARG F 261 17.76 16.35 92.66
N PRO F 262 17.22 15.11 92.60
CA PRO F 262 18.01 13.99 92.05
C PRO F 262 18.68 14.26 90.70
N VAL F 263 17.99 14.95 89.81
CA VAL F 263 18.59 15.22 88.50
C VAL F 263 19.52 16.42 88.62
N LEU F 264 19.22 17.33 89.54
CA LEU F 264 20.12 18.46 89.73
C LEU F 264 21.48 17.93 90.17
N VAL F 265 21.45 16.92 91.03
CA VAL F 265 22.66 16.22 91.41
C VAL F 265 23.33 15.62 90.18
N GLN F 266 22.58 14.92 89.35
CA GLN F 266 23.24 14.23 88.21
C GLN F 266 23.78 15.28 87.25
N VAL F 267 23.07 16.38 87.10
CA VAL F 267 23.54 17.49 86.26
C VAL F 267 24.85 18.02 86.78
N TYR F 268 24.89 18.41 88.04
CA TYR F 268 26.12 18.95 88.62
C TYR F 268 27.27 17.98 88.38
N THR F 269 27.03 16.71 88.61
CA THR F 269 28.09 15.72 88.37
C THR F 269 28.50 15.74 86.91
N ALA F 270 27.55 15.92 86.00
CA ALA F 270 27.88 16.01 84.57
C ALA F 270 28.67 17.27 84.29
N LEU F 271 28.40 18.32 85.03
CA LEU F 271 29.16 19.57 84.88
C LEU F 271 30.58 19.36 85.38
N GLY F 272 30.73 18.65 86.48
CA GLY F 272 32.04 18.23 86.96
C GLY F 272 32.77 17.43 85.92
N SER F 273 32.04 16.59 85.19
CA SER F 273 32.65 15.79 84.12
C SER F 273 33.10 16.68 82.96
N CYS F 274 32.29 17.68 82.64
CA CYS F 274 32.60 18.57 81.52
C CYS F 274 33.84 19.40 81.84
N HIS F 275 33.87 19.92 83.03
CA HIS F 275 35.03 20.66 83.52
C HIS F 275 36.28 19.78 83.54
N ARG F 276 36.17 18.56 84.05
CA ARG F 276 37.32 17.66 84.06
C ARG F 276 37.84 17.41 82.66
N LYS F 277 36.95 17.38 81.67
CA LYS F 277 37.41 17.10 80.30
C LYS F 277 38.09 18.31 79.70
N MET F 278 37.49 19.50 79.86
CA MET F 278 38.09 20.75 79.36
C MET F 278 39.49 20.97 79.96
N GLY F 279 39.61 20.81 81.28
CA GLY F 279 40.89 21.04 81.96
C GLY F 279 40.74 21.75 83.30
N ASN F 280 39.72 22.59 83.42
CA ASN F 280 39.51 23.51 84.56
C ASN F 280 39.28 22.72 85.83
N PRO F 281 40.29 22.59 86.70
CA PRO F 281 40.13 21.74 87.87
C PRO F 281 39.28 22.38 88.94
N GLN F 282 39.38 23.69 89.09
CA GLN F 282 38.85 24.28 90.32
C GLN F 282 37.34 24.46 90.21
N ARG F 283 36.85 24.86 89.03
CA ARG F 283 35.39 24.87 88.79
C ARG F 283 34.85 23.46 88.93
N ALA F 284 35.60 22.49 88.43
CA ALA F 284 35.17 21.09 88.52
C ALA F 284 34.94 20.75 89.97
N LEU F 285 35.96 20.94 90.79
CA LEU F 285 35.83 20.65 92.22
C LEU F 285 34.64 21.41 92.80
N LEU F 286 34.45 22.65 92.39
CA LEU F 286 33.35 23.45 92.95
C LEU F 286 32.02 22.77 92.64
N TYR F 287 31.80 22.38 91.39
CA TYR F 287 30.56 21.68 91.04
C TYR F 287 30.41 20.41 91.86
N LEU F 288 31.49 19.66 91.99
CA LEU F 288 31.39 18.40 92.72
C LEU F 288 31.00 18.64 94.18
N VAL F 289 31.59 19.64 94.82
CA VAL F 289 31.24 19.92 96.24
C VAL F 289 29.78 20.30 96.33
N ALA F 290 29.33 21.15 95.42
CA ALA F 290 27.92 21.56 95.44
C ALA F 290 27.03 20.33 95.32
N ALA F 291 27.40 19.43 94.41
CA ALA F 291 26.63 18.21 94.19
C ALA F 291 26.58 17.36 95.45
N LEU F 292 27.71 17.24 96.14
CA LEU F 292 27.73 16.47 97.38
C LEU F 292 26.75 17.09 98.37
N LYS F 293 26.85 18.40 98.57
CA LYS F 293 26.00 19.08 99.56
C LYS F 293 24.55 18.85 99.23
N GLU F 294 24.12 19.20 98.02
CA GLU F 294 22.69 19.09 97.69
C GLU F 294 22.24 17.63 97.71
N GLY F 295 23.14 16.70 97.44
CA GLY F 295 22.72 15.33 97.16
C GLY F 295 22.53 14.50 98.42
N SER F 296 21.55 13.59 98.38
CA SER F 296 21.51 12.43 99.27
C SER F 296 22.09 11.17 98.62
N ALA F 297 22.56 11.27 97.37
CA ALA F 297 23.07 10.13 96.59
C ALA F 297 24.32 10.62 95.85
N TRP F 298 25.44 10.50 96.56
CA TRP F 298 26.68 11.14 96.16
C TRP F 298 27.71 10.08 95.84
N GLY F 299 27.34 9.15 94.99
CA GLY F 299 28.35 8.27 94.42
C GLY F 299 29.08 8.89 93.23
N PRO F 300 28.37 9.06 92.11
CA PRO F 300 28.97 9.58 90.86
C PRO F 300 29.76 10.88 91.03
N PRO F 301 29.37 11.77 91.97
CA PRO F 301 30.30 12.86 92.33
C PRO F 301 31.67 12.40 92.78
N LEU F 302 31.73 11.44 93.69
CA LEU F 302 33.03 11.04 94.21
C LEU F 302 33.79 10.24 93.17
N LEU F 303 33.11 9.58 92.26
CA LEU F 303 33.82 8.92 91.17
C LEU F 303 34.44 9.95 90.24
N GLU F 304 33.71 11.00 89.96
CA GLU F 304 34.31 12.00 89.11
C GLU F 304 35.49 12.66 89.85
N ALA F 305 35.31 12.95 91.12
CA ALA F 305 36.41 13.46 91.95
C ALA F 305 37.66 12.62 91.78
N SER F 306 37.48 11.32 91.91
CA SER F 306 38.62 10.41 91.76
C SER F 306 39.23 10.48 90.36
N ARG F 307 38.39 10.57 89.33
CA ARG F 307 38.94 10.65 87.98
C ARG F 307 39.64 11.97 87.75
N LEU F 308 39.28 12.97 88.56
CA LEU F 308 39.95 14.29 88.47
C LEU F 308 41.32 14.20 89.11
N TYR F 309 41.32 13.81 90.37
CA TYR F 309 42.59 13.69 91.10
C TYR F 309 43.54 12.78 90.31
N GLN F 310 42.98 11.85 89.54
CA GLN F 310 43.80 11.02 88.63
C GLN F 310 44.39 11.86 87.53
N GLN F 311 43.60 12.79 87.00
CA GLN F 311 44.16 13.69 85.99
C GLN F 311 45.27 14.56 86.59
N LEU F 312 45.04 15.10 87.78
CA LEU F 312 46.05 15.96 88.45
C LEU F 312 47.25 15.13 88.91
N GLY F 313 47.07 13.83 89.14
CA GLY F 313 48.17 13.00 89.65
C GLY F 313 48.29 13.00 91.18
N ASP F 314 47.30 13.54 91.89
CA ASP F 314 47.27 13.55 93.37
C ASP F 314 46.83 12.17 93.81
N THR F 315 47.74 11.23 93.70
CA THR F 315 47.36 9.83 93.88
C THR F 315 46.77 9.61 95.27
N THR F 316 47.37 10.22 96.29
CA THR F 316 46.90 9.97 97.66
C THR F 316 45.45 10.45 97.82
N ALA F 317 45.14 11.63 97.29
CA ALA F 317 43.77 12.16 97.35
C ALA F 317 42.83 11.30 96.50
N GLU F 318 43.30 10.84 95.35
CA GLU F 318 42.50 9.94 94.50
C GLU F 318 42.04 8.74 95.32
N LEU F 319 43.02 8.12 95.93
CA LEU F 319 42.72 6.93 96.69
C LEU F 319 41.81 7.31 97.83
N GLU F 320 41.99 8.49 98.39
CA GLU F 320 41.15 8.85 99.53
C GLU F 320 39.72 9.07 99.09
N SER F 321 39.52 9.63 97.91
CA SER F 321 38.15 9.78 97.35
C SER F 321 37.48 8.41 97.22
N LEU F 322 38.21 7.47 96.65
CA LEU F 322 37.59 6.17 96.46
C LEU F 322 37.37 5.50 97.81
N GLU F 323 38.35 5.57 98.68
CA GLU F 323 38.23 5.05 100.04
C GLU F 323 36.94 5.57 100.65
N LEU F 324 36.65 6.86 100.48
CA LEU F 324 35.43 7.46 101.06
C LEU F 324 34.20 6.89 100.39
N LEU F 325 34.26 6.81 99.07
CA LEU F 325 33.14 6.33 98.25
C LEU F 325 32.65 4.95 98.66
N VAL F 326 33.58 4.07 98.96
CA VAL F 326 33.18 2.73 99.43
C VAL F 326 32.31 2.88 100.67
N GLU F 327 32.78 3.58 101.71
CA GLU F 327 31.97 3.73 102.94
C GLU F 327 30.65 4.39 102.59
N ALA F 328 30.66 5.29 101.61
CA ALA F 328 29.45 6.00 101.15
C ALA F 328 28.42 5.06 100.58
N LEU F 329 28.82 4.25 99.60
CA LEU F 329 27.89 3.32 98.96
C LEU F 329 27.43 2.21 99.89
N ASN F 330 28.03 2.07 101.08
CA ASN F 330 27.50 1.08 102.02
C ASN F 330 26.03 1.31 102.27
N VAL F 331 25.60 2.56 102.42
CA VAL F 331 24.16 2.82 102.61
C VAL F 331 23.46 2.54 101.28
N PRO F 332 22.30 1.86 101.29
CA PRO F 332 21.42 1.82 100.09
C PRO F 332 20.82 3.20 99.74
N ALA F 337 9.53 8.54 96.47
CA ALA F 337 8.37 7.66 96.23
C ALA F 337 7.82 7.83 94.81
N PRO F 338 7.29 6.73 94.21
CA PRO F 338 6.75 6.80 92.85
C PRO F 338 5.38 7.47 92.80
N GLN F 339 5.38 8.75 92.45
CA GLN F 339 4.14 9.53 92.40
C GLN F 339 3.37 9.18 91.12
N PHE F 340 2.04 9.25 91.21
CA PHE F 340 1.12 8.97 90.09
C PHE F 340 0.93 10.22 89.28
N LEU F 341 1.93 10.51 88.44
CA LEU F 341 2.15 11.78 87.74
C LEU F 341 3.33 11.56 86.81
N ILE F 342 3.49 12.38 85.78
CA ILE F 342 4.64 12.21 84.88
C ILE F 342 5.75 13.16 85.31
N GLU F 343 6.80 12.58 85.85
CA GLU F 343 8.02 13.29 86.26
C GLU F 343 9.16 12.99 85.29
N VAL F 344 10.33 13.52 85.63
CA VAL F 344 11.51 13.52 84.76
C VAL F 344 12.16 12.15 84.75
N GLU F 345 12.35 11.56 85.94
CA GLU F 345 13.03 10.26 86.08
C GLU F 345 12.47 9.24 85.08
N LEU F 346 11.14 9.24 84.89
CA LEU F 346 10.47 8.33 83.93
C LEU F 346 11.00 8.58 82.52
N LEU F 347 11.39 9.81 82.23
CA LEU F 347 11.85 10.20 80.89
C LEU F 347 13.35 10.07 80.74
N LEU F 348 14.10 10.20 81.83
CA LEU F 348 15.55 10.12 81.72
C LEU F 348 15.95 8.71 81.35
N PRO F 349 16.99 8.56 80.53
CA PRO F 349 17.41 7.23 80.08
C PRO F 349 18.23 6.54 81.16
N PRO F 350 18.28 5.20 81.16
CA PRO F 350 19.23 4.50 82.01
C PRO F 350 20.64 4.79 81.50
N PRO F 351 21.59 5.03 82.38
CA PRO F 351 22.88 5.52 81.92
C PRO F 351 23.74 4.41 81.33
N ASP F 352 24.69 4.87 80.55
CA ASP F 352 25.65 4.02 79.82
C ASP F 352 26.95 3.92 80.60
N LEU F 353 27.97 3.35 79.97
CA LEU F 353 29.31 3.20 80.55
C LEU F 353 30.20 4.43 80.32
N ALA F 354 29.98 5.16 79.24
CA ALA F 354 30.75 6.38 78.97
C ALA F 354 30.34 7.51 79.92
N SER F 355 29.12 7.46 80.45
CA SER F 355 28.59 8.52 81.32
C SER F 355 29.47 8.68 82.54
N PRO F 356 29.53 9.88 83.09
CA PRO F 356 30.07 10.05 84.42
C PRO F 356 29.12 9.61 85.50
N LEU F 357 27.91 9.22 85.15
CA LEU F 357 26.92 8.86 86.14
C LEU F 357 26.81 7.36 86.29
N HIS F 358 27.57 6.61 85.50
CA HIS F 358 27.77 5.16 85.74
C HIS F 358 28.56 4.97 87.02
N CYS F 359 27.91 4.47 88.06
CA CYS F 359 28.61 4.12 89.31
C CYS F 359 28.16 2.72 89.68
N GLY F 360 29.08 1.77 89.64
CA GLY F 360 28.66 0.44 90.01
C GLY F 360 28.41 0.35 91.49
N THR F 361 28.27 -0.88 91.92
CA THR F 361 27.97 -1.20 93.32
C THR F 361 29.25 -1.24 94.16
N GLN F 362 29.02 -1.21 95.45
CA GLN F 362 30.06 -1.33 96.45
C GLN F 362 31.16 -2.28 96.03
N SER F 363 30.79 -3.42 95.55
CA SER F 363 31.78 -4.39 95.17
C SER F 363 32.50 -4.05 93.90
N GLN F 364 31.84 -3.49 92.91
CA GLN F 364 32.61 -3.17 91.70
C GLN F 364 33.59 -2.00 91.94
N THR F 365 33.39 -1.26 93.02
CA THR F 365 34.24 -0.08 93.29
C THR F 365 35.31 -0.45 94.30
N LYS F 366 35.01 -1.30 95.25
CA LYS F 366 36.07 -1.77 96.12
C LYS F 366 37.06 -2.43 95.21
N HIS F 367 36.62 -3.00 94.09
CA HIS F 367 37.55 -3.55 93.10
C HIS F 367 38.23 -2.44 92.33
N ILE F 368 37.58 -1.30 92.13
CA ILE F 368 38.32 -0.19 91.48
C ILE F 368 39.46 0.34 92.36
N LEU F 369 39.15 0.53 93.62
CA LEU F 369 40.11 0.95 94.61
C LEU F 369 41.29 -0.01 94.65
N ALA F 370 41.02 -1.27 94.79
CA ALA F 370 42.11 -2.23 94.91
C ALA F 370 42.88 -2.31 93.62
N SER F 371 42.23 -2.12 92.50
CA SER F 371 42.99 -2.15 91.26
C SER F 371 43.93 -0.96 91.21
N ARG F 372 43.49 0.20 91.64
CA ARG F 372 44.32 1.41 91.50
C ARG F 372 45.43 1.38 92.57
N CYS F 373 45.13 0.73 93.69
CA CYS F 373 46.09 0.57 94.77
C CYS F 373 47.21 -0.36 94.30
N LEU F 374 46.87 -1.34 93.48
CA LEU F 374 47.90 -2.28 93.02
C LEU F 374 48.66 -1.64 91.88
N GLN F 375 47.95 -0.88 91.06
CA GLN F 375 48.58 -0.15 89.95
C GLN F 375 49.63 0.84 90.48
N THR F 376 49.47 1.32 91.71
CA THR F 376 50.32 2.42 92.20
C THR F 376 51.59 1.92 92.88
N GLY F 377 51.52 0.77 93.55
CA GLY F 377 52.64 0.30 94.36
C GLY F 377 52.45 0.61 95.84
N ARG F 378 51.31 0.21 96.40
CA ARG F 378 51.00 0.29 97.84
C ARG F 378 50.53 -1.09 98.25
N ALA F 379 51.34 -2.06 97.93
CA ALA F 379 50.85 -3.42 97.82
C ALA F 379 50.42 -3.94 99.18
N GLY F 380 51.07 -3.50 100.25
CA GLY F 380 50.56 -3.94 101.55
C GLY F 380 49.07 -3.65 101.66
N ASP F 381 48.68 -2.40 101.41
CA ASP F 381 47.27 -1.94 101.43
C ASP F 381 46.42 -2.68 100.39
N ALA F 382 47.00 -2.89 99.22
CA ALA F 382 46.29 -3.56 98.14
C ALA F 382 45.94 -4.96 98.59
N ALA F 383 46.78 -5.55 99.40
CA ALA F 383 46.50 -6.89 99.87
C ALA F 383 45.31 -6.84 100.79
N GLU F 384 45.28 -5.89 101.71
CA GLU F 384 44.11 -5.81 102.59
C GLU F 384 42.83 -5.65 101.73
N HIS F 385 42.84 -4.78 100.73
CA HIS F 385 41.61 -4.52 99.97
C HIS F 385 41.21 -5.76 99.24
N TYR F 386 42.13 -6.42 98.63
CA TYR F 386 41.72 -7.60 97.91
C TYR F 386 41.20 -8.67 98.84
N LEU F 387 41.74 -8.79 100.03
CA LEU F 387 41.13 -9.76 100.93
C LEU F 387 39.78 -9.29 101.39
N ASP F 388 39.54 -7.99 101.51
CA ASP F 388 38.16 -7.52 101.76
C ASP F 388 37.18 -7.75 100.59
N LEU F 389 37.66 -7.62 99.35
CA LEU F 389 36.87 -7.92 98.14
C LEU F 389 36.49 -9.39 98.16
N LEU F 390 37.48 -10.28 98.26
CA LEU F 390 37.13 -11.70 98.21
C LEU F 390 36.30 -12.06 99.41
N ALA F 391 36.50 -11.42 100.53
CA ALA F 391 35.58 -11.65 101.64
C ALA F 391 34.18 -11.28 101.28
N LEU F 392 33.97 -10.19 100.58
CA LEU F 392 32.59 -9.83 100.18
C LEU F 392 31.98 -10.85 99.27
N LEU F 393 32.75 -11.27 98.26
CA LEU F 393 32.18 -12.10 97.21
C LEU F 393 31.96 -13.54 97.67
N LEU F 394 32.79 -14.08 98.54
CA LEU F 394 32.66 -15.48 98.91
C LEU F 394 32.06 -15.67 100.28
N ASP F 395 31.97 -14.64 101.09
CA ASP F 395 31.22 -14.72 102.34
C ASP F 395 29.82 -14.23 102.12
N SER F 396 29.37 -14.28 100.87
CA SER F 396 28.04 -13.88 100.44
C SER F 396 27.15 -15.11 100.38
N SER F 397 26.42 -15.30 101.46
CA SER F 397 25.29 -16.24 101.50
C SER F 397 24.08 -15.50 102.06
N GLU F 398 24.20 -14.96 103.26
CA GLU F 398 23.04 -14.37 103.98
C GLU F 398 22.62 -13.01 103.41
N PRO F 399 23.48 -11.96 103.43
CA PRO F 399 22.97 -10.60 103.20
C PRO F 399 22.59 -10.33 101.73
N ARG F 400 22.27 -9.07 101.43
CA ARG F 400 22.03 -8.66 100.04
C ARG F 400 23.28 -8.91 99.21
N PHE F 401 23.08 -9.35 97.98
CA PHE F 401 24.20 -9.82 97.15
C PHE F 401 25.05 -8.62 96.73
N SER F 402 26.42 -8.98 96.68
CA SER F 402 27.50 -8.10 96.24
C SER F 402 28.10 -8.72 95.02
N PRO F 403 28.02 -8.10 93.87
CA PRO F 403 28.33 -8.81 92.64
C PRO F 403 29.77 -8.80 92.32
N PRO F 404 30.23 -9.69 91.49
CA PRO F 404 31.60 -9.56 91.04
C PRO F 404 31.74 -8.44 90.07
N PRO F 405 32.97 -8.01 89.78
CA PRO F 405 33.20 -7.02 88.76
C PRO F 405 32.45 -7.33 87.47
N SER F 406 32.02 -6.26 86.78
CA SER F 406 31.32 -6.36 85.50
C SER F 406 32.15 -7.13 84.47
N PRO F 407 31.54 -7.60 83.41
CA PRO F 407 32.23 -8.36 82.38
C PRO F 407 33.38 -7.63 81.71
N PRO F 408 33.27 -6.34 81.31
CA PRO F 408 34.44 -5.64 80.77
C PRO F 408 35.68 -5.62 81.65
N GLY F 409 35.45 -5.70 82.96
CA GLY F 409 36.54 -5.95 83.88
C GLY F 409 37.04 -7.39 83.88
N PRO F 410 37.54 -7.77 85.04
CA PRO F 410 38.10 -9.11 85.16
C PRO F 410 36.99 -10.11 85.50
N CYS F 411 37.17 -11.33 85.01
CA CYS F 411 36.42 -12.53 85.49
C CYS F 411 36.89 -12.94 86.88
N MET F 412 36.22 -13.92 87.48
CA MET F 412 36.48 -14.15 88.89
C MET F 412 37.80 -14.85 89.20
N PRO F 413 38.31 -15.73 88.39
CA PRO F 413 39.68 -16.18 88.57
C PRO F 413 40.77 -15.11 88.41
N GLU F 414 40.58 -14.12 87.55
CA GLU F 414 41.56 -13.03 87.52
C GLU F 414 41.52 -12.18 88.79
N VAL F 415 40.36 -12.07 89.45
CA VAL F 415 40.33 -11.46 90.78
C VAL F 415 41.09 -12.27 91.80
N PHE F 416 40.99 -13.54 91.84
CA PHE F 416 41.86 -14.26 92.77
C PHE F 416 43.32 -14.10 92.42
N LEU F 417 43.68 -14.10 91.14
CA LEU F 417 45.11 -13.96 90.80
C LEU F 417 45.66 -12.58 91.17
N GLU F 418 44.94 -11.52 90.78
CA GLU F 418 45.43 -10.22 91.22
C GLU F 418 45.54 -10.27 92.72
N ALA F 419 44.64 -10.91 93.46
CA ALA F 419 44.78 -10.96 94.92
C ALA F 419 46.11 -11.61 95.25
N ALA F 420 46.47 -12.67 94.57
CA ALA F 420 47.71 -13.35 94.96
C ALA F 420 48.90 -12.48 94.66
N VAL F 421 48.89 -11.85 93.47
CA VAL F 421 50.01 -10.97 93.12
C VAL F 421 50.20 -9.91 94.19
N ALA F 422 49.14 -9.27 94.61
CA ALA F 422 49.23 -8.24 95.64
C ALA F 422 49.83 -8.80 96.92
N LEU F 423 49.32 -9.90 97.41
CA LEU F 423 49.91 -10.40 98.66
C LEU F 423 51.38 -10.80 98.45
N ILE F 424 51.78 -11.25 97.26
CA ILE F 424 53.22 -11.55 97.01
C ILE F 424 54.03 -10.28 97.18
N GLN F 425 53.65 -9.19 96.53
CA GLN F 425 54.49 -8.01 96.63
C GLN F 425 54.51 -7.50 98.06
N ALA F 426 53.46 -7.76 98.86
CA ALA F 426 53.42 -7.33 100.28
C ALA F 426 54.40 -8.10 101.17
N GLY F 427 55.07 -9.12 100.61
CA GLY F 427 55.86 -10.05 101.41
C GLY F 427 55.03 -11.04 102.22
N ARG F 428 53.91 -11.51 101.70
CA ARG F 428 53.02 -12.41 102.46
C ARG F 428 52.82 -13.70 101.67
N ALA F 429 53.91 -14.22 101.09
CA ALA F 429 53.85 -15.32 100.11
C ALA F 429 53.14 -16.55 100.71
N GLN F 430 53.26 -16.79 102.02
CA GLN F 430 52.57 -17.96 102.62
C GLN F 430 51.05 -17.83 102.57
N ASP F 431 50.52 -16.65 102.30
CA ASP F 431 49.08 -16.50 102.07
C ASP F 431 48.76 -16.63 100.59
N ALA F 432 49.62 -16.16 99.68
CA ALA F 432 49.35 -16.34 98.26
C ALA F 432 49.45 -17.79 97.84
N LEU F 433 49.92 -18.65 98.69
CA LEU F 433 49.76 -20.05 98.36
C LEU F 433 48.41 -20.55 98.83
N THR F 434 47.87 -20.07 99.93
CA THR F 434 46.58 -20.63 100.34
C THR F 434 45.49 -20.08 99.44
N LEU F 435 45.71 -18.91 98.89
CA LEU F 435 44.84 -18.39 97.82
C LEU F 435 44.85 -19.28 96.59
N CYS F 436 45.98 -19.41 95.92
CA CYS F 436 46.04 -20.22 94.69
C CYS F 436 45.54 -21.62 94.95
N GLU F 437 45.92 -22.27 96.03
CA GLU F 437 45.39 -23.61 96.30
C GLU F 437 43.88 -23.59 96.46
N GLU F 438 43.29 -22.59 97.06
CA GLU F 438 41.83 -22.60 97.15
C GLU F 438 41.17 -22.40 95.79
N LEU F 439 41.81 -21.65 94.91
CA LEU F 439 41.28 -21.46 93.55
C LEU F 439 41.35 -22.79 92.83
N LEU F 440 42.43 -23.53 92.90
CA LEU F 440 42.46 -24.81 92.21
C LEU F 440 41.62 -25.85 92.92
N SER F 441 41.41 -25.76 94.22
CA SER F 441 40.44 -26.67 94.85
C SER F 441 39.03 -26.48 94.28
N ARG F 442 38.50 -25.24 94.27
CA ARG F 442 37.08 -25.05 93.90
C ARG F 442 36.85 -25.36 92.44
N THR F 443 37.85 -25.27 91.58
CA THR F 443 37.63 -25.52 90.16
C THR F 443 38.29 -26.77 89.64
N SER F 444 38.56 -27.71 90.52
CA SER F 444 39.24 -28.97 90.17
C SER F 444 38.55 -29.60 89.00
N SER F 445 37.25 -29.77 89.18
CA SER F 445 36.31 -30.42 88.27
C SER F 445 36.35 -29.79 86.88
N LEU F 446 36.78 -28.56 86.78
CA LEU F 446 36.87 -27.89 85.48
C LEU F 446 38.18 -28.25 84.83
N LEU F 447 39.24 -28.32 85.65
CA LEU F 447 40.62 -28.50 85.20
C LEU F 447 40.71 -29.77 84.38
N PRO F 448 41.64 -29.82 83.42
CA PRO F 448 41.80 -31.06 82.65
C PRO F 448 42.51 -32.13 83.46
N LYS F 449 42.25 -33.40 83.11
CA LYS F 449 42.73 -34.56 83.89
C LYS F 449 44.20 -34.89 83.62
N MET F 450 44.87 -34.16 82.73
CA MET F 450 46.31 -34.33 82.46
C MET F 450 46.69 -35.80 82.17
N SER F 451 45.88 -36.48 81.36
CA SER F 451 46.19 -37.77 80.70
C SER F 451 46.86 -37.51 79.35
N ARG F 452 46.63 -36.33 78.78
CA ARG F 452 47.43 -35.80 77.66
C ARG F 452 48.91 -35.73 78.05
N LEU F 453 49.17 -35.53 79.34
CA LEU F 453 50.52 -35.61 79.93
C LEU F 453 51.23 -36.88 79.47
N TRP F 454 50.53 -38.00 79.40
CA TRP F 454 51.20 -39.23 78.94
C TRP F 454 51.36 -39.21 77.42
N GLU F 455 50.34 -38.75 76.69
CA GLU F 455 50.25 -38.90 75.23
C GLU F 455 51.28 -38.04 74.49
N ASP F 456 51.89 -37.07 75.16
CA ASP F 456 52.86 -36.16 74.53
C ASP F 456 54.09 -36.95 74.02
N GLU F 463 48.51 -28.08 72.35
CA GLU F 463 48.08 -27.59 71.03
C GLU F 463 46.61 -27.98 70.78
N LEU F 464 46.28 -29.27 70.92
CA LEU F 464 44.87 -29.69 70.75
C LEU F 464 44.08 -29.41 72.03
N PRO F 465 44.41 -30.00 73.20
CA PRO F 465 43.50 -29.89 74.33
C PRO F 465 43.39 -28.47 74.86
N TYR F 466 42.49 -28.29 75.80
CA TYR F 466 42.04 -26.95 76.24
C TYR F 466 42.37 -26.76 77.72
N CYS F 467 42.88 -25.57 78.01
CA CYS F 467 43.04 -25.14 79.39
C CYS F 467 42.99 -23.63 79.37
N PRO F 468 42.12 -22.99 80.15
CA PRO F 468 42.13 -21.52 80.18
C PRO F 468 43.36 -20.91 80.85
N LEU F 469 43.72 -19.72 80.45
CA LEU F 469 44.96 -19.14 80.91
C LEU F 469 44.98 -19.09 82.41
N TRP F 470 43.85 -18.97 83.08
CA TRP F 470 43.99 -18.63 84.49
C TRP F 470 44.53 -19.80 85.26
N VAL F 471 44.43 -20.98 84.69
CA VAL F 471 45.00 -22.15 85.36
C VAL F 471 46.53 -22.16 85.25
N SER F 472 47.05 -21.95 84.06
CA SER F 472 48.50 -21.83 83.88
C SER F 472 49.04 -20.76 84.77
N ALA F 473 48.44 -19.60 84.70
CA ALA F 473 48.87 -18.51 85.51
C ALA F 473 48.87 -18.88 86.99
N THR F 474 47.94 -19.65 87.47
CA THR F 474 48.04 -19.98 88.88
C THR F 474 49.30 -20.75 89.16
N HIS F 475 49.72 -21.72 88.33
CA HIS F 475 50.99 -22.44 88.62
C HIS F 475 52.19 -21.48 88.55
N LEU F 476 52.12 -20.50 87.67
CA LEU F 476 53.20 -19.53 87.55
C LEU F 476 53.33 -18.78 88.85
N LEU F 477 52.23 -18.26 89.37
CA LEU F 477 52.33 -17.53 90.63
C LEU F 477 52.63 -18.44 91.79
N GLN F 478 52.03 -19.59 91.84
CA GLN F 478 52.35 -20.55 92.90
C GLN F 478 53.83 -20.88 92.86
N GLY F 479 54.50 -20.75 91.72
CA GLY F 479 55.96 -20.87 91.63
C GLY F 479 56.68 -19.70 92.25
N GLN F 480 56.40 -18.55 91.71
CA GLN F 480 57.09 -17.39 92.19
C GLN F 480 56.90 -17.28 93.67
N ALA F 481 55.79 -17.73 94.22
CA ALA F 481 55.62 -17.77 95.68
C ALA F 481 56.68 -18.64 96.35
N TRP F 482 56.94 -19.83 95.85
CA TRP F 482 57.99 -20.66 96.44
C TRP F 482 59.36 -20.02 96.32
N VAL F 483 59.63 -19.26 95.25
CA VAL F 483 60.94 -18.59 95.09
C VAL F 483 61.20 -17.68 96.26
N GLN F 484 60.26 -16.80 96.56
CA GLN F 484 60.38 -15.85 97.67
C GLN F 484 60.53 -16.57 99.00
N LEU F 485 59.97 -17.77 99.18
CA LEU F 485 60.27 -18.55 100.40
C LEU F 485 61.55 -19.39 100.29
N GLY F 486 62.24 -19.38 99.15
CA GLY F 486 63.53 -20.04 99.05
C GLY F 486 63.42 -21.56 99.01
N ALA F 487 62.95 -22.06 97.90
CA ALA F 487 62.86 -23.51 97.66
C ALA F 487 63.10 -23.76 96.17
N GLN F 488 64.36 -23.87 95.77
CA GLN F 488 64.73 -23.91 94.34
C GLN F 488 64.01 -25.03 93.64
N LYS F 489 63.98 -26.21 94.26
CA LYS F 489 63.51 -27.41 93.56
C LYS F 489 62.04 -27.24 93.16
N VAL F 490 61.17 -27.05 94.17
CA VAL F 490 59.72 -26.95 93.89
C VAL F 490 59.38 -25.73 93.05
N ALA F 491 60.20 -24.69 93.15
CA ALA F 491 60.04 -23.56 92.23
C ALA F 491 60.23 -24.00 90.77
N ILE F 492 61.30 -24.71 90.47
CA ILE F 492 61.55 -25.00 89.06
C ILE F 492 60.53 -25.99 88.63
N SER F 493 60.15 -26.87 89.53
CA SER F 493 59.00 -27.75 89.30
C SER F 493 57.75 -26.98 88.85
N GLU F 494 57.30 -26.03 89.66
CA GLU F 494 56.05 -25.29 89.36
C GLU F 494 56.15 -24.47 88.08
N PHE F 495 57.27 -23.83 87.86
CA PHE F 495 57.46 -23.10 86.59
C PHE F 495 57.33 -24.05 85.40
N SER F 496 57.85 -25.24 85.57
CA SER F 496 57.88 -26.16 84.46
C SER F 496 56.46 -26.59 84.19
N ARG F 497 55.68 -26.75 85.25
CA ARG F 497 54.31 -27.20 85.03
C ARG F 497 53.49 -26.16 84.30
N CYS F 498 53.66 -24.91 84.69
CA CYS F 498 53.06 -23.80 83.95
C CYS F 498 53.51 -23.86 82.49
N LEU F 499 54.79 -24.06 82.22
CA LEU F 499 55.28 -24.01 80.84
C LEU F 499 54.66 -25.08 80.03
N GLU F 500 54.61 -26.28 80.58
CA GLU F 500 53.86 -27.36 79.93
C GLU F 500 52.45 -26.93 79.59
N LEU F 501 51.68 -26.42 80.54
CA LEU F 501 50.29 -26.11 80.17
C LEU F 501 50.20 -25.07 79.07
N LEU F 502 51.20 -24.23 78.90
CA LEU F 502 51.03 -23.17 77.91
C LEU F 502 51.32 -23.69 76.53
N PHE F 503 52.16 -24.68 76.40
CA PHE F 503 52.47 -25.18 75.08
C PHE F 503 51.73 -26.46 74.71
N ARG F 504 51.43 -27.35 75.65
CA ARG F 504 50.71 -28.61 75.31
C ARG F 504 49.23 -28.46 75.59
N ALA F 505 48.75 -27.23 75.44
CA ALA F 505 47.31 -26.95 75.39
C ALA F 505 47.03 -25.55 74.89
N THR F 506 45.85 -25.36 74.33
CA THR F 506 45.39 -24.07 73.82
C THR F 506 44.31 -23.62 74.76
N PRO F 507 44.38 -22.38 75.20
CA PRO F 507 43.23 -21.77 75.83
C PRO F 507 42.13 -21.27 74.92
N GLU F 508 42.44 -20.72 73.76
CA GLU F 508 41.37 -20.23 72.88
C GLU F 508 40.76 -21.41 72.13
N GLU F 509 40.07 -22.27 72.87
CA GLU F 509 39.21 -23.26 72.22
C GLU F 509 37.78 -22.82 72.45
N LYS F 510 37.32 -21.85 71.67
CA LYS F 510 35.90 -21.43 71.61
C LYS F 510 35.23 -22.14 70.44
N GLU F 511 35.40 -23.45 70.42
CA GLU F 511 34.73 -24.35 69.49
C GLU F 511 33.35 -24.72 70.05
N GLN F 512 33.30 -25.10 71.32
CA GLN F 512 32.07 -25.53 71.99
C GLN F 512 31.81 -24.52 73.12
N GLY F 513 30.74 -23.75 72.99
CA GLY F 513 30.30 -22.80 74.02
C GLY F 513 29.55 -23.47 75.16
N ALA F 514 30.29 -23.84 76.22
CA ALA F 514 29.82 -24.72 77.30
C ALA F 514 29.32 -23.94 78.50
N ALA F 515 29.59 -22.63 78.57
CA ALA F 515 29.30 -21.89 79.80
C ALA F 515 29.20 -20.38 79.56
N PHE F 516 29.38 -19.64 80.65
CA PHE F 516 29.96 -18.30 80.72
C PHE F 516 31.50 -18.32 80.67
N ASN F 517 32.04 -18.64 79.50
CA ASN F 517 33.51 -18.71 79.40
C ASN F 517 34.08 -17.32 79.60
N CYS F 518 35.37 -17.21 79.84
CA CYS F 518 36.00 -15.89 79.85
C CYS F 518 36.17 -15.36 78.45
N GLU F 519 35.51 -14.26 78.13
CA GLU F 519 35.54 -13.71 76.78
C GLU F 519 36.91 -13.13 76.43
N GLN F 520 37.48 -12.33 77.30
CA GLN F 520 38.51 -11.37 76.87
C GLN F 520 39.82 -11.50 77.62
N GLY F 521 39.77 -11.51 78.95
CA GLY F 521 40.99 -11.47 79.75
C GLY F 521 41.84 -12.70 79.52
N CYS F 522 41.22 -13.86 79.59
CA CYS F 522 41.88 -15.15 79.42
C CYS F 522 41.75 -15.69 77.99
N LYS F 523 41.83 -14.83 76.99
CA LYS F 523 41.93 -15.27 75.59
C LYS F 523 43.01 -14.55 74.82
N SER F 524 43.29 -13.29 75.16
CA SER F 524 44.21 -12.39 74.44
C SER F 524 45.52 -13.11 74.11
N ASP F 525 45.86 -13.19 72.82
CA ASP F 525 47.16 -13.71 72.38
C ASP F 525 48.31 -12.91 72.94
N ALA F 526 48.14 -11.60 73.13
CA ALA F 526 49.22 -10.82 73.74
C ALA F 526 49.47 -11.33 75.15
N ALA F 527 48.39 -11.66 75.88
CA ALA F 527 48.51 -12.25 77.24
C ALA F 527 49.21 -13.60 77.21
N LEU F 528 48.88 -14.41 76.24
CA LEU F 528 49.54 -15.71 76.10
C LEU F 528 51.04 -15.55 75.85
N GLN F 529 51.44 -14.71 74.91
CA GLN F 529 52.86 -14.62 74.56
C GLN F 529 53.64 -13.95 75.65
N GLN F 530 53.09 -12.90 76.24
CA GLN F 530 53.77 -12.28 77.39
C GLN F 530 53.87 -13.22 78.59
N LEU F 531 52.88 -14.09 78.80
CA LEU F 531 52.90 -14.99 79.96
C LEU F 531 53.92 -16.11 79.74
N ARG F 532 53.93 -16.67 78.54
CA ARG F 532 54.97 -17.61 78.10
C ARG F 532 56.33 -17.00 78.42
N ALA F 533 56.58 -15.83 77.91
CA ALA F 533 57.90 -15.25 78.12
C ALA F 533 58.13 -15.10 79.61
N ALA F 534 57.13 -14.65 80.36
CA ALA F 534 57.25 -14.44 81.83
C ALA F 534 57.69 -15.71 82.53
N ALA F 535 57.02 -16.80 82.26
CA ALA F 535 57.32 -18.05 82.99
C ALA F 535 58.66 -18.61 82.56
N LEU F 536 59.04 -18.46 81.28
CA LEU F 536 60.40 -18.84 80.87
C LEU F 536 61.42 -18.03 81.64
N ILE F 537 61.23 -16.73 81.78
CA ILE F 537 62.24 -15.94 82.49
C ILE F 537 62.24 -16.41 83.92
N SER F 538 61.05 -16.55 84.52
CA SER F 538 60.92 -16.88 85.96
C SER F 538 61.60 -18.20 86.25
N ARG F 539 61.63 -19.05 85.25
CA ARG F 539 62.34 -20.30 85.41
C ARG F 539 63.83 -20.03 85.24
N GLY F 540 64.25 -19.32 84.20
CA GLY F 540 65.68 -19.21 83.86
C GLY F 540 66.49 -18.70 84.99
N LEU F 541 65.94 -17.75 85.72
CA LEU F 541 66.62 -17.20 86.90
C LEU F 541 66.79 -18.24 88.00
N GLU F 542 65.92 -19.24 88.07
CA GLU F 542 66.10 -20.29 89.08
C GLU F 542 67.18 -21.24 88.72
N TRP F 543 67.41 -21.48 87.43
CA TRP F 543 68.62 -22.24 87.09
C TRP F 543 69.87 -21.45 87.52
N VAL F 544 69.87 -20.14 87.28
CA VAL F 544 70.98 -19.26 87.70
C VAL F 544 71.15 -19.31 89.23
N ALA F 545 70.08 -19.15 90.00
CA ALA F 545 70.18 -19.19 91.47
C ALA F 545 70.75 -20.51 91.98
N SER F 546 70.43 -21.62 91.33
CA SER F 546 70.91 -22.95 91.71
C SER F 546 72.29 -23.23 91.10
N GLY F 547 72.70 -22.48 90.08
CA GLY F 547 73.98 -22.67 89.40
C GLY F 547 73.90 -23.72 88.29
N GLN F 548 72.98 -23.51 87.36
CA GLN F 548 72.77 -24.39 86.19
C GLN F 548 72.59 -23.52 84.95
N ASP F 549 73.56 -22.64 84.73
CA ASP F 549 73.45 -21.53 83.77
C ASP F 549 73.17 -21.96 82.33
N THR F 550 73.55 -23.16 81.95
CA THR F 550 73.23 -23.64 80.59
C THR F 550 71.72 -23.83 80.43
N LYS F 551 71.07 -24.45 81.42
CA LYS F 551 69.61 -24.64 81.40
C LYS F 551 68.91 -23.28 81.41
N ALA F 552 69.41 -22.37 82.24
CA ALA F 552 68.91 -20.99 82.30
C ALA F 552 68.97 -20.36 80.91
N LEU F 553 70.11 -20.54 80.25
CA LEU F 553 70.35 -19.98 78.91
C LEU F 553 69.29 -20.49 77.93
N GLN F 554 69.01 -21.78 78.02
CA GLN F 554 68.01 -22.37 77.11
C GLN F 554 66.66 -21.67 77.30
N ASP F 555 66.25 -21.42 78.55
CA ASP F 555 64.93 -20.83 78.85
C ASP F 555 64.89 -19.38 78.38
N PHE F 556 65.96 -18.63 78.60
CA PHE F 556 65.99 -17.23 78.15
C PHE F 556 65.98 -17.18 76.63
N LEU F 557 66.71 -18.08 75.95
CA LEU F 557 66.66 -18.14 74.48
C LEU F 557 65.24 -18.35 74.00
N LEU F 558 64.53 -19.28 74.62
CA LEU F 558 63.17 -19.56 74.16
C LEU F 558 62.31 -18.33 74.37
N SER F 559 62.51 -17.63 75.48
CA SER F 559 61.71 -16.44 75.79
C SER F 559 61.97 -15.36 74.75
N VAL F 560 63.23 -15.23 74.32
CA VAL F 560 63.60 -14.28 73.24
C VAL F 560 62.88 -14.67 71.95
N GLN F 561 62.85 -15.96 71.66
CA GLN F 561 62.14 -16.44 70.45
C GLN F 561 60.66 -16.07 70.52
N MET F 562 60.10 -16.01 71.72
CA MET F 562 58.65 -15.83 71.88
C MET F 562 58.26 -14.35 71.86
N CYS F 563 58.91 -13.51 72.64
CA CYS F 563 58.54 -12.09 72.72
C CYS F 563 59.77 -11.20 72.53
N PRO F 564 60.16 -10.88 71.28
CA PRO F 564 61.41 -10.15 71.03
C PRO F 564 61.29 -8.64 71.27
N GLY F 565 60.10 -8.20 71.67
CA GLY F 565 59.85 -6.78 71.90
C GLY F 565 59.47 -6.53 73.33
N ASN F 566 60.09 -7.27 74.25
CA ASN F 566 59.80 -7.10 75.67
C ASN F 566 60.99 -6.51 76.39
N ARG F 567 62.18 -6.92 76.00
CA ARG F 567 63.44 -6.31 76.47
C ARG F 567 63.79 -6.77 77.88
N ASP F 568 62.82 -7.26 78.65
CA ASP F 568 63.16 -7.91 79.92
C ASP F 568 63.98 -9.19 79.62
N THR F 569 63.57 -9.87 78.58
CA THR F 569 64.23 -11.05 78.04
C THR F 569 65.69 -10.72 77.76
N TYR F 570 65.91 -9.68 76.98
CA TYR F 570 67.24 -9.31 76.48
C TYR F 570 68.18 -8.98 77.63
N PHE F 571 67.71 -8.24 78.62
CA PHE F 571 68.56 -7.93 79.76
C PHE F 571 69.16 -9.20 80.33
N HIS F 572 68.31 -10.20 80.58
CA HIS F 572 68.75 -11.46 81.18
C HIS F 572 69.65 -12.24 80.22
N LEU F 573 69.27 -12.31 78.95
CA LEU F 573 70.08 -13.00 77.94
C LEU F 573 71.47 -12.37 77.83
N LEU F 574 71.54 -11.05 77.68
CA LEU F 574 72.82 -10.36 77.46
C LEU F 574 73.66 -10.41 78.73
N GLN F 575 73.02 -10.41 79.90
CA GLN F 575 73.75 -10.59 81.15
C GLN F 575 74.41 -11.96 81.20
N THR F 576 73.72 -12.98 80.72
CA THR F 576 74.31 -14.33 80.70
C THR F 576 75.43 -14.42 79.69
N LEU F 577 75.22 -13.90 78.49
CA LEU F 577 76.27 -14.01 77.46
C LEU F 577 77.48 -13.16 77.84
N LYS F 578 77.25 -12.01 78.44
CA LYS F 578 78.35 -11.17 78.94
C LYS F 578 79.10 -11.87 80.06
N ARG F 579 78.41 -12.69 80.85
CA ARG F 579 79.11 -13.50 81.86
C ARG F 579 79.95 -14.60 81.19
N LEU F 580 79.41 -15.31 80.20
CA LEU F 580 80.06 -16.52 79.69
C LEU F 580 80.81 -16.16 78.41
N ASP F 581 80.13 -15.77 77.34
CA ASP F 581 80.78 -15.52 76.03
C ASP F 581 80.24 -14.23 75.43
N ARG F 582 80.91 -13.13 75.76
CA ARG F 582 80.35 -11.77 75.67
C ARG F 582 80.12 -11.39 74.22
N ARG F 583 81.22 -11.30 73.46
CA ARG F 583 81.38 -10.29 72.41
C ARG F 583 80.35 -10.47 71.29
N ASP F 584 80.50 -11.53 70.51
CA ASP F 584 79.84 -11.61 69.20
C ASP F 584 78.33 -11.67 69.40
N GLU F 585 77.90 -12.53 70.30
CA GLU F 585 76.47 -12.78 70.48
C GLU F 585 75.84 -11.52 71.10
N ALA F 586 76.53 -10.91 72.06
CA ALA F 586 76.04 -9.67 72.69
C ALA F 586 75.77 -8.63 71.60
N THR F 587 76.75 -8.33 70.75
CA THR F 587 76.57 -7.31 69.70
C THR F 587 75.47 -7.75 68.74
N ALA F 588 75.43 -9.04 68.40
CA ALA F 588 74.39 -9.61 67.53
C ALA F 588 72.98 -9.34 68.08
N LEU F 589 72.82 -9.32 69.42
CA LEU F 589 71.49 -9.08 70.03
C LEU F 589 71.23 -7.59 70.23
N TRP F 590 72.27 -6.79 70.40
CA TRP F 590 72.12 -5.33 70.31
C TRP F 590 71.43 -5.00 68.98
N TRP F 591 72.00 -5.53 67.90
CA TRP F 591 71.49 -5.32 66.54
C TRP F 591 70.04 -5.79 66.42
N ARG F 592 69.70 -6.89 67.08
CA ARG F 592 68.31 -7.36 67.10
C ARG F 592 67.40 -6.35 67.82
N LEU F 593 67.84 -5.85 68.96
CA LEU F 593 67.07 -4.82 69.70
C LEU F 593 66.85 -3.59 68.83
N GLU F 594 67.91 -3.07 68.22
CA GLU F 594 67.80 -1.83 67.42
C GLU F 594 67.00 -2.11 66.15
N ALA F 595 66.90 -3.38 65.75
CA ALA F 595 65.94 -3.80 64.72
C ALA F 595 64.51 -3.69 65.26
N GLN F 596 64.30 -4.09 66.52
CA GLN F 596 62.97 -4.04 67.14
C GLN F 596 62.48 -2.61 67.30
N THR F 597 63.30 -1.76 67.91
CA THR F 597 62.92 -0.37 68.21
C THR F 597 62.72 0.42 66.91
N LEU F 605 52.04 -4.45 75.56
CA LEU F 605 51.52 -3.33 76.39
C LEU F 605 50.03 -3.08 76.08
N TRP F 606 49.58 -3.51 74.90
CA TRP F 606 48.30 -3.10 74.29
C TRP F 606 47.10 -3.34 75.20
N SER F 607 46.78 -4.60 75.47
CA SER F 607 45.72 -4.88 76.44
C SER F 607 46.00 -6.18 77.17
N LEU F 608 46.79 -6.07 78.24
CA LEU F 608 47.13 -7.20 79.09
C LEU F 608 46.14 -7.26 80.23
N PRO F 609 46.00 -8.40 80.88
CA PRO F 609 45.29 -8.42 82.15
C PRO F 609 46.17 -7.83 83.24
N LEU F 610 45.57 -7.50 84.36
CA LEU F 610 46.32 -6.72 85.36
C LEU F 610 47.25 -7.58 86.20
N TYR F 611 46.87 -8.83 86.46
CA TYR F 611 47.73 -9.71 87.26
C TYR F 611 49.03 -9.98 86.52
N LEU F 612 49.01 -9.99 85.20
CA LEU F 612 50.21 -10.27 84.41
C LEU F 612 51.09 -9.02 84.34
N GLU F 613 50.50 -7.87 84.05
CA GLU F 613 51.22 -6.60 84.10
C GLU F 613 51.95 -6.46 85.42
N SER F 614 51.28 -6.71 86.54
CA SER F 614 51.92 -6.50 87.86
C SER F 614 52.98 -7.55 88.13
N TYR F 615 52.82 -8.76 87.60
CA TYR F 615 53.86 -9.79 87.78
C TYR F 615 55.09 -9.35 86.99
N LEU F 616 54.93 -8.87 85.76
CA LEU F 616 56.10 -8.49 84.96
C LEU F 616 56.81 -7.28 85.56
N SER F 617 56.04 -6.25 85.88
CA SER F 617 56.61 -5.07 86.55
C SER F 617 57.33 -5.46 87.85
N TRP F 618 56.87 -6.52 88.49
CA TRP F 618 57.48 -6.96 89.75
C TRP F 618 58.82 -7.64 89.54
N ILE F 619 58.90 -8.59 88.61
CA ILE F 619 60.15 -9.36 88.50
C ILE F 619 61.25 -8.53 87.81
N ARG F 620 60.89 -7.57 86.98
CA ARG F 620 61.89 -6.91 86.12
C ARG F 620 62.84 -6.08 86.97
N PRO F 621 64.09 -5.94 86.54
CA PRO F 621 65.07 -5.17 87.30
C PRO F 621 65.10 -3.71 86.86
N SER F 622 65.39 -2.83 87.82
CA SER F 622 65.39 -1.37 87.57
C SER F 622 66.51 -0.96 86.61
N ASP F 623 67.66 -1.62 86.71
CA ASP F 623 68.82 -1.29 85.87
C ASP F 623 68.76 -2.04 84.55
N ARG F 624 67.71 -1.81 83.75
CA ARG F 624 67.57 -2.51 82.46
C ARG F 624 68.16 -1.66 81.34
N ASP F 625 67.65 -0.45 81.12
CA ASP F 625 68.10 0.34 79.97
C ASP F 625 69.57 0.73 80.14
N ALA F 626 69.99 1.06 81.36
CA ALA F 626 71.41 1.31 81.63
C ALA F 626 72.24 0.15 81.10
N PHE F 627 71.84 -1.08 81.45
CA PHE F 627 72.57 -2.26 80.96
C PHE F 627 72.34 -2.42 79.47
N LEU F 628 71.18 -2.00 78.99
CA LEU F 628 70.85 -2.17 77.57
C LEU F 628 71.62 -1.13 76.76
N GLU F 629 72.10 -0.05 77.40
CA GLU F 629 73.01 0.91 76.73
C GLU F 629 74.48 0.53 76.88
N GLU F 630 74.80 -0.43 77.75
CA GLU F 630 76.18 -0.91 77.91
C GLU F 630 76.68 -1.65 76.68
N CYS G 31 -68.57 -0.08 6.05
CA CYS G 31 -68.59 1.40 5.88
C CYS G 31 -67.29 2.00 6.42
N LEU G 32 -67.25 2.18 7.73
CA LEU G 32 -66.06 2.68 8.43
C LEU G 32 -64.87 1.80 8.11
N ASP G 33 -65.11 0.51 7.94
CA ASP G 33 -64.05 -0.45 7.61
C ASP G 33 -63.50 -0.12 6.22
N LEU G 34 -64.38 0.29 5.32
CA LEU G 34 -63.93 0.63 3.97
C LEU G 34 -63.02 1.84 4.03
N TRP G 35 -63.44 2.86 4.76
CA TRP G 35 -62.66 4.10 4.88
C TRP G 35 -61.31 3.82 5.51
N ARG G 36 -61.33 3.13 6.63
CA ARG G 36 -60.11 2.65 7.26
C ARG G 36 -59.21 1.98 6.23
N GLU G 37 -59.77 1.05 5.47
CA GLU G 37 -58.93 0.23 4.59
C GLU G 37 -58.37 1.06 3.46
N LYS G 38 -59.14 2.04 3.01
CA LYS G 38 -58.65 2.98 1.99
C LYS G 38 -57.48 3.78 2.57
N ASN G 39 -57.66 4.28 3.78
CA ASN G 39 -56.60 4.97 4.49
C ASN G 39 -55.34 4.16 4.45
N ASP G 40 -55.47 2.92 4.88
CA ASP G 40 -54.29 2.07 4.99
C ASP G 40 -53.69 1.89 3.60
N ARG G 41 -54.53 1.63 2.59
CA ARG G 41 -54.03 1.47 1.22
C ARG G 41 -53.18 2.67 0.86
N LEU G 42 -53.66 3.83 1.25
CA LEU G 42 -53.04 5.07 0.79
C LEU G 42 -51.73 5.29 1.52
N VAL G 43 -51.72 5.01 2.80
CA VAL G 43 -50.46 5.05 3.54
C VAL G 43 -49.45 4.16 2.86
N ARG G 44 -49.84 2.93 2.54
CA ARG G 44 -48.87 2.00 1.97
C ARG G 44 -48.38 2.56 0.64
N GLN G 45 -49.29 3.12 -0.15
CA GLN G 45 -48.88 3.70 -1.43
C GLN G 45 -47.86 4.79 -1.20
N ALA G 46 -48.11 5.61 -0.20
CA ALA G 46 -47.19 6.69 0.13
C ALA G 46 -45.82 6.14 0.45
N LYS G 47 -45.78 5.17 1.36
CA LYS G 47 -44.49 4.65 1.80
C LYS G 47 -43.79 3.93 0.67
N VAL G 48 -44.53 3.24 -0.18
CA VAL G 48 -43.90 2.58 -1.34
C VAL G 48 -43.22 3.62 -2.22
N ALA G 49 -43.91 4.72 -2.50
CA ALA G 49 -43.24 5.73 -3.30
C ALA G 49 -42.05 6.31 -2.53
N GLN G 50 -42.19 6.46 -1.23
CA GLN G 50 -41.14 7.06 -0.39
C GLN G 50 -39.84 6.28 -0.43
N ASN G 51 -39.90 4.99 -0.17
CA ASN G 51 -38.68 4.18 -0.05
C ASN G 51 -38.06 3.86 -1.43
N SER G 52 -38.85 3.95 -2.49
CA SER G 52 -38.41 3.61 -3.84
C SER G 52 -38.58 4.83 -4.71
N GLY G 53 -38.55 4.62 -6.01
CA GLY G 53 -39.09 5.64 -6.88
C GLY G 53 -38.06 6.72 -7.16
N LEU G 54 -38.25 7.33 -8.32
CA LEU G 54 -37.44 8.48 -8.74
C LEU G 54 -38.31 9.72 -8.64
N THR G 55 -37.75 10.86 -8.99
CA THR G 55 -38.38 12.17 -8.74
C THR G 55 -39.80 12.25 -9.32
N LEU G 56 -40.02 11.67 -10.50
CA LEU G 56 -41.33 11.74 -11.16
C LEU G 56 -42.29 10.70 -10.61
N ARG G 57 -41.88 9.43 -10.60
CA ARG G 57 -42.84 8.39 -10.19
C ARG G 57 -43.25 8.59 -8.73
N ARG G 58 -42.29 9.00 -7.89
CA ARG G 58 -42.57 9.31 -6.48
C ARG G 58 -43.70 10.34 -6.38
N GLN G 59 -43.54 11.48 -7.03
CA GLN G 59 -44.57 12.54 -6.93
C GLN G 59 -45.88 12.05 -7.54
N GLN G 60 -45.80 11.20 -8.56
CA GLN G 60 -47.02 10.69 -9.21
C GLN G 60 -47.83 9.89 -8.21
N LEU G 61 -47.18 8.92 -7.58
CA LEU G 61 -47.89 8.10 -6.60
C LEU G 61 -48.30 8.96 -5.42
N ALA G 62 -47.47 9.91 -5.07
CA ALA G 62 -47.76 10.74 -3.90
C ALA G 62 -49.01 11.55 -4.14
N GLN G 63 -49.03 12.32 -5.21
CA GLN G 63 -50.16 13.19 -5.48
C GLN G 63 -51.38 12.39 -5.87
N ASP G 64 -51.20 11.12 -6.21
CA ASP G 64 -52.35 10.21 -6.27
C ASP G 64 -52.89 10.03 -4.86
N ALA G 65 -52.06 9.51 -3.98
CA ALA G 65 -52.53 9.21 -2.63
C ALA G 65 -53.15 10.47 -2.02
N LEU G 66 -52.53 11.61 -2.32
CA LEU G 66 -52.96 12.89 -1.80
C LEU G 66 -54.38 13.20 -2.25
N GLU G 67 -54.66 13.00 -3.52
CA GLU G 67 -56.03 13.31 -3.94
C GLU G 67 -56.98 12.28 -3.34
N GLY G 68 -56.54 11.05 -3.17
CA GLY G 68 -57.38 10.08 -2.48
C GLY G 68 -57.73 10.55 -1.09
N LEU G 69 -56.76 11.12 -0.41
CA LEU G 69 -56.97 11.56 0.96
C LEU G 69 -57.85 12.79 1.00
N ARG G 70 -57.71 13.67 0.02
CA ARG G 70 -58.66 14.77 -0.06
C ARG G 70 -60.06 14.23 -0.13
N GLY G 71 -60.27 13.31 -1.07
CA GLY G 71 -61.60 12.75 -1.28
C GLY G 71 -62.09 12.10 -0.01
N LEU G 72 -61.19 11.41 0.69
CA LEU G 72 -61.64 10.68 1.86
C LEU G 72 -61.94 11.63 3.00
N LEU G 73 -61.15 12.68 3.10
CA LEU G 73 -61.45 13.74 4.05
C LEU G 73 -62.86 14.28 3.78
N HIS G 74 -63.11 14.70 2.55
CA HIS G 74 -64.42 15.27 2.20
C HIS G 74 -65.53 14.28 2.49
N SER G 75 -65.31 13.01 2.14
CA SER G 75 -66.28 11.94 2.38
C SER G 75 -66.62 11.85 3.86
N LEU G 76 -65.61 12.03 4.70
CA LEU G 76 -65.84 11.90 6.14
C LEU G 76 -66.47 13.16 6.67
N GLN G 77 -66.15 14.29 6.06
CA GLN G 77 -66.74 15.57 6.45
C GLN G 77 -68.18 15.66 5.97
N GLY G 78 -68.65 14.72 5.16
CA GLY G 78 -70.06 14.67 4.83
C GLY G 78 -70.93 14.10 5.91
N LEU G 79 -70.38 13.54 6.97
CA LEU G 79 -71.22 12.90 7.98
C LEU G 79 -71.27 13.74 9.25
N PRO G 80 -72.36 13.64 10.02
CA PRO G 80 -72.53 14.53 11.18
C PRO G 80 -71.50 14.40 12.31
N ALA G 81 -70.47 13.58 12.15
CA ALA G 81 -69.48 13.27 13.20
C ALA G 81 -70.05 12.63 14.47
N ALA G 82 -70.50 11.39 14.35
CA ALA G 82 -70.73 10.54 15.52
C ALA G 82 -69.41 10.40 16.32
N VAL G 83 -69.56 10.05 17.58
CA VAL G 83 -68.40 9.71 18.43
C VAL G 83 -67.47 8.65 17.83
N PRO G 84 -67.95 7.48 17.38
CA PRO G 84 -67.03 6.45 16.86
C PRO G 84 -66.21 6.79 15.62
N VAL G 85 -66.50 7.86 14.90
CA VAL G 85 -65.75 8.12 13.66
C VAL G 85 -64.49 8.92 13.92
N LEU G 86 -64.53 9.87 14.83
CA LEU G 86 -63.47 10.87 15.00
C LEU G 86 -62.04 10.38 14.93
N PRO G 87 -61.64 9.31 15.62
CA PRO G 87 -60.24 8.86 15.49
C PRO G 87 -59.76 8.62 14.07
N LEU G 88 -60.69 8.35 13.18
CA LEU G 88 -60.31 8.20 11.80
C LEU G 88 -60.23 9.55 11.15
N GLU G 89 -61.17 10.42 11.48
CA GLU G 89 -61.17 11.77 10.89
C GLU G 89 -59.87 12.47 11.23
N LEU G 90 -59.54 12.47 12.50
CA LEU G 90 -58.32 13.15 12.89
C LEU G 90 -57.14 12.49 12.23
N THR G 91 -57.11 11.16 12.21
CA THR G 91 -55.95 10.49 11.63
C THR G 91 -55.76 10.88 10.18
N VAL G 92 -56.83 10.85 9.44
CA VAL G 92 -56.67 11.13 8.02
C VAL G 92 -56.21 12.56 7.82
N THR G 93 -56.79 13.51 8.55
CA THR G 93 -56.44 14.94 8.33
C THR G 93 -54.99 15.15 8.73
N CYS G 94 -54.58 14.44 9.74
CA CYS G 94 -53.18 14.51 10.10
C CYS G 94 -52.33 14.03 8.93
N ASN G 95 -52.68 12.90 8.36
CA ASN G 95 -51.89 12.37 7.26
C ASN G 95 -51.91 13.31 6.08
N PHE G 96 -53.08 13.82 5.79
CA PHE G 96 -53.24 14.80 4.73
C PHE G 96 -52.33 15.98 4.93
N ILE G 97 -52.31 16.50 6.14
CA ILE G 97 -51.50 17.68 6.39
C ILE G 97 -50.06 17.31 6.13
N ILE G 98 -49.66 16.17 6.64
CA ILE G 98 -48.25 15.89 6.61
C ILE G 98 -47.80 15.73 5.19
N LEU G 99 -48.58 15.01 4.44
CA LEU G 99 -48.14 14.69 3.11
C LEU G 99 -48.16 15.96 2.27
N ARG G 100 -49.23 16.75 2.40
CA ARG G 100 -49.36 18.03 1.70
C ARG G 100 -48.10 18.81 1.95
N ALA G 101 -47.79 19.07 3.21
CA ALA G 101 -46.67 19.94 3.57
C ALA G 101 -45.37 19.38 3.03
N SER G 102 -45.18 18.07 3.12
CA SER G 102 -43.93 17.48 2.64
C SER G 102 -43.79 17.64 1.13
N LEU G 103 -44.87 17.50 0.40
CA LEU G 103 -44.77 17.72 -1.04
C LEU G 103 -44.54 19.19 -1.36
N ALA G 104 -45.33 20.08 -0.78
CA ALA G 104 -45.11 21.53 -0.94
C ALA G 104 -43.73 21.97 -0.45
N GLN G 105 -43.08 21.20 0.42
CA GLN G 105 -41.80 21.61 1.04
C GLN G 105 -41.98 22.94 1.81
N GLY G 106 -43.03 23.01 2.60
CA GLY G 106 -43.31 24.20 3.39
C GLY G 106 -44.69 24.13 3.97
N PHE G 107 -45.00 25.07 4.82
CA PHE G 107 -46.35 25.12 5.39
C PHE G 107 -47.18 26.24 4.76
N THR G 108 -48.45 26.30 5.20
CA THR G 108 -49.46 27.25 4.71
C THR G 108 -50.42 27.55 5.87
N GLU G 109 -51.51 28.22 5.58
CA GLU G 109 -52.61 28.45 6.53
C GLU G 109 -53.78 27.50 6.32
N ASP G 110 -53.91 26.91 5.14
CA ASP G 110 -54.98 25.93 4.88
C ASP G 110 -54.92 24.78 5.87
N GLN G 111 -53.72 24.45 6.29
CA GLN G 111 -53.58 23.37 7.26
C GLN G 111 -54.14 23.81 8.60
N ALA G 112 -53.86 25.04 8.99
CA ALA G 112 -54.38 25.54 10.26
C ALA G 112 -55.89 25.61 10.21
N GLN G 113 -56.41 25.90 9.04
CA GLN G 113 -57.87 25.90 8.83
C GLN G 113 -58.43 24.48 8.99
N ASP G 114 -57.72 23.50 8.44
CA ASP G 114 -58.12 22.09 8.56
C ASP G 114 -58.15 21.67 10.02
N ILE G 115 -57.18 22.13 10.78
CA ILE G 115 -57.18 21.89 12.22
C ILE G 115 -58.40 22.54 12.85
N GLN G 116 -58.70 23.77 12.49
CA GLN G 116 -59.84 24.46 13.10
C GLN G 116 -61.09 23.64 12.82
N ARG G 117 -61.15 23.09 11.62
CA ARG G 117 -62.35 22.35 11.19
C ARG G 117 -62.49 21.07 11.98
N SER G 118 -61.40 20.34 12.12
CA SER G 118 -61.43 19.11 12.90
C SER G 118 -61.82 19.38 14.34
N LEU G 119 -61.30 20.45 14.93
CA LEU G 119 -61.68 20.73 16.32
C LEU G 119 -63.11 21.19 16.39
N GLU G 120 -63.57 21.93 15.40
CA GLU G 120 -64.99 22.29 15.34
C GLU G 120 -65.81 21.02 15.39
N ARG G 121 -65.34 20.00 14.68
CA ARG G 121 -66.06 18.73 14.63
C ARG G 121 -66.10 18.13 16.02
N VAL G 122 -64.94 18.09 16.66
CA VAL G 122 -64.86 17.52 18.02
C VAL G 122 -65.83 18.24 18.93
N LEU G 123 -65.97 19.55 18.78
CA LEU G 123 -66.88 20.32 19.65
C LEU G 123 -68.33 20.03 19.31
N GLU G 124 -68.66 19.89 18.03
CA GLU G 124 -70.06 19.66 17.67
C GLU G 124 -70.53 18.34 18.26
N THR G 125 -69.59 17.40 18.47
CA THR G 125 -69.86 16.17 19.22
C THR G 125 -70.34 16.49 20.63
N GLN G 126 -69.77 17.50 21.27
CA GLN G 126 -70.00 17.71 22.71
C GLN G 126 -70.40 19.15 22.99
N GLU G 134 -65.20 28.18 17.70
CA GLU G 134 -65.80 29.43 17.19
C GLU G 134 -64.81 30.58 17.23
N GLN G 135 -64.37 30.88 18.45
CA GLN G 135 -63.67 32.12 18.78
C GLN G 135 -62.32 32.25 18.06
N GLY G 136 -61.36 31.43 18.47
CA GLY G 136 -60.01 31.50 17.94
C GLY G 136 -59.23 30.27 18.35
N LEU G 137 -58.03 30.11 17.78
CA LEU G 137 -57.28 28.86 18.00
C LEU G 137 -57.02 28.64 19.48
N ARG G 138 -56.80 29.72 20.22
CA ARG G 138 -56.46 29.61 21.65
C ARG G 138 -57.63 29.02 22.44
N GLU G 139 -58.82 29.62 22.31
CA GLU G 139 -59.97 29.18 23.12
C GLU G 139 -60.46 27.83 22.60
N LEU G 140 -60.37 27.62 21.29
CA LEU G 140 -60.69 26.32 20.69
C LEU G 140 -59.85 25.26 21.37
N TRP G 141 -58.54 25.41 21.31
CA TRP G 141 -57.66 24.44 21.94
C TRP G 141 -58.02 24.24 23.41
N ASP G 142 -58.26 25.33 24.14
CA ASP G 142 -58.59 25.22 25.57
C ASP G 142 -59.81 24.33 25.75
N SER G 143 -60.86 24.59 24.99
CA SER G 143 -62.12 23.84 25.13
C SER G 143 -61.95 22.40 24.66
N VAL G 144 -61.16 22.21 23.61
CA VAL G 144 -60.88 20.86 23.07
C VAL G 144 -60.19 20.02 24.12
N LEU G 145 -59.18 20.60 24.76
CA LEU G 145 -58.40 19.84 25.74
C LEU G 145 -59.21 19.59 27.00
N ARG G 146 -60.11 20.48 27.38
CA ARG G 146 -61.06 20.15 28.45
C ARG G 146 -62.01 19.04 28.02
N ALA G 147 -62.46 19.07 26.77
CA ALA G 147 -63.34 18.02 26.22
C ALA G 147 -62.61 16.68 26.05
N SER G 148 -61.28 16.70 25.97
CA SER G 148 -60.47 15.48 25.85
C SER G 148 -60.09 14.93 27.21
N CYS G 149 -59.92 15.77 28.22
CA CYS G 149 -59.72 15.25 29.58
C CYS G 149 -61.04 14.70 30.12
N LEU G 150 -62.13 14.85 29.36
CA LEU G 150 -63.29 13.94 29.51
C LEU G 150 -62.96 12.50 29.10
N LEU G 151 -61.82 12.24 28.45
CA LEU G 151 -61.42 10.86 28.06
C LEU G 151 -62.34 10.19 27.04
N PRO G 152 -62.69 10.81 25.91
CA PRO G 152 -62.86 10.03 24.68
C PRO G 152 -61.47 9.69 24.13
N GLU G 153 -61.21 8.41 23.94
CA GLU G 153 -59.83 7.96 23.74
C GLU G 153 -59.48 8.02 22.26
N LEU G 154 -58.92 9.17 21.90
CA LEU G 154 -58.29 9.39 20.60
C LEU G 154 -57.05 10.26 20.78
N LEU G 155 -56.47 10.26 21.97
CA LEU G 155 -55.37 11.15 22.31
C LEU G 155 -54.11 10.79 21.55
N SER G 156 -53.98 9.54 21.07
CA SER G 156 -52.81 9.13 20.28
C SER G 156 -52.81 9.78 18.91
N ALA G 157 -53.97 10.28 18.51
CA ALA G 157 -54.09 11.10 17.30
C ALA G 157 -54.09 12.57 17.68
N LEU G 158 -54.86 12.92 18.70
CA LEU G 158 -54.95 14.32 19.09
C LEU G 158 -53.58 14.90 19.40
N HIS G 159 -52.78 14.20 20.18
CA HIS G 159 -51.47 14.76 20.53
C HIS G 159 -50.63 14.92 19.29
N ARG G 160 -50.82 14.06 18.31
CA ARG G 160 -50.09 14.25 17.06
C ARG G 160 -50.57 15.49 16.34
N LEU G 161 -51.88 15.70 16.36
CA LEU G 161 -52.42 16.88 15.70
C LEU G 161 -51.88 18.14 16.39
N VAL G 162 -51.80 18.11 17.71
CA VAL G 162 -51.20 19.23 18.46
C VAL G 162 -49.75 19.45 18.02
N GLY G 163 -49.02 18.36 17.87
CA GLY G 163 -47.68 18.40 17.30
C GLY G 163 -47.64 19.12 15.98
N LEU G 164 -48.51 18.77 15.05
CA LEU G 164 -48.45 19.41 13.74
C LEU G 164 -48.78 20.87 13.88
N GLN G 165 -49.83 21.15 14.63
CA GLN G 165 -50.26 22.53 14.88
C GLN G 165 -49.06 23.32 15.39
N ALA G 166 -48.42 22.79 16.42
CA ALA G 166 -47.29 23.47 17.02
C ALA G 166 -46.14 23.58 16.03
N ALA G 167 -46.04 22.63 15.11
CA ALA G 167 -45.05 22.72 14.04
C ALA G 167 -45.33 23.91 13.15
N LEU G 168 -46.59 24.16 12.87
CA LEU G 168 -46.96 25.33 12.05
C LEU G 168 -46.56 26.61 12.77
N TRP G 169 -46.94 26.71 14.04
CA TRP G 169 -46.65 27.93 14.81
C TRP G 169 -45.14 28.12 14.98
N LEU G 170 -44.38 27.04 15.05
CA LEU G 170 -42.93 27.17 15.26
C LEU G 170 -42.27 27.50 13.93
N SER G 171 -42.92 27.15 12.84
CA SER G 171 -42.47 27.56 11.52
C SER G 171 -42.81 29.02 11.29
N ALA G 172 -43.84 29.52 11.96
CA ALA G 172 -44.38 30.88 11.79
C ALA G 172 -44.07 31.82 12.96
N ASP G 173 -43.25 31.38 13.92
CA ASP G 173 -42.78 32.23 15.04
C ASP G 173 -43.96 32.83 15.82
N ARG G 174 -44.65 31.96 16.54
CA ARG G 174 -45.68 32.33 17.52
C ARG G 174 -45.31 31.71 18.86
N LEU G 175 -44.12 31.98 19.34
CA LEU G 175 -43.64 31.25 20.52
C LEU G 175 -44.41 31.63 21.77
N GLY G 176 -44.93 32.85 21.85
CA GLY G 176 -45.76 33.23 22.99
C GLY G 176 -47.02 32.39 23.11
N ASP G 177 -47.69 32.17 21.98
CA ASP G 177 -48.91 31.36 21.99
C ASP G 177 -48.54 29.90 22.17
N LEU G 178 -47.41 29.49 21.63
CA LEU G 178 -46.99 28.09 21.68
C LEU G 178 -46.82 27.66 23.12
N ALA G 179 -46.00 28.39 23.86
CA ALA G 179 -45.67 27.95 25.21
C ALA G 179 -46.95 27.94 26.04
N LEU G 180 -47.89 28.82 25.72
CA LEU G 180 -49.15 28.84 26.47
C LEU G 180 -49.99 27.63 26.13
N LEU G 181 -50.04 27.30 24.84
CA LEU G 181 -50.72 26.08 24.42
C LEU G 181 -50.17 24.87 25.17
N LEU G 182 -48.86 24.77 25.24
CA LEU G 182 -48.22 23.62 25.89
C LEU G 182 -48.42 23.66 27.40
N GLU G 183 -48.43 24.86 27.98
CA GLU G 183 -48.79 25.06 29.39
C GLU G 183 -50.17 24.49 29.64
N THR G 184 -51.10 24.76 28.72
CA THR G 184 -52.43 24.19 28.81
C THR G 184 -52.36 22.67 28.69
N LEU G 185 -51.45 22.18 27.84
CA LEU G 185 -51.37 20.74 27.56
C LEU G 185 -50.91 19.97 28.77
N ASN G 186 -49.72 20.29 29.28
CA ASN G 186 -49.31 19.75 30.59
C ASN G 186 -50.16 20.45 31.64
N GLY G 187 -50.03 20.06 32.88
CA GLY G 187 -50.74 20.77 33.95
C GLY G 187 -50.27 22.21 34.05
N SER G 188 -51.22 23.13 34.15
CA SER G 188 -50.94 24.57 34.29
C SER G 188 -50.18 24.91 35.57
N GLN G 189 -50.00 23.96 36.50
CA GLN G 189 -48.96 24.12 37.53
C GLN G 189 -47.61 24.43 36.88
N SER G 190 -47.34 23.88 35.70
CA SER G 190 -46.24 24.32 34.82
C SER G 190 -46.64 25.61 34.09
N GLY G 191 -46.84 26.65 34.89
CA GLY G 191 -47.34 27.95 34.46
C GLY G 191 -46.20 28.95 34.36
N ALA G 192 -45.36 28.97 35.39
CA ALA G 192 -44.18 29.86 35.44
C ALA G 192 -43.03 29.31 34.60
N SER G 193 -43.09 28.04 34.17
CA SER G 193 -42.11 27.50 33.21
C SER G 193 -42.36 28.14 31.85
N LYS G 194 -41.95 29.40 31.71
CA LYS G 194 -42.09 30.18 30.47
C LYS G 194 -41.09 29.76 29.40
N ASP G 195 -40.06 28.99 29.77
CA ASP G 195 -39.16 28.38 28.79
C ASP G 195 -39.96 27.52 27.82
N LEU G 196 -39.49 27.44 26.58
CA LEU G 196 -40.10 26.53 25.62
C LEU G 196 -39.50 25.14 25.72
N LEU G 197 -38.18 25.05 25.70
CA LEU G 197 -37.55 23.77 25.42
C LEU G 197 -37.75 22.79 26.57
N LEU G 198 -37.63 23.26 27.80
CA LEU G 198 -38.11 22.49 28.95
C LEU G 198 -39.56 22.02 28.74
N LEU G 199 -40.41 22.91 28.25
CA LEU G 199 -41.84 22.58 28.14
C LEU G 199 -42.06 21.50 27.09
N LEU G 200 -41.27 21.56 26.01
CA LEU G 200 -41.31 20.55 24.93
C LEU G 200 -40.86 19.19 25.45
N LYS G 201 -39.87 19.17 26.34
CA LYS G 201 -39.40 17.91 26.91
C LYS G 201 -40.47 17.35 27.85
N THR G 202 -40.99 18.20 28.74
CA THR G 202 -42.06 17.79 29.66
C THR G 202 -43.25 17.21 28.91
N TRP G 203 -43.56 17.75 27.73
CA TRP G 203 -44.64 17.24 26.89
C TRP G 203 -44.47 15.76 26.56
N SER G 204 -45.44 14.98 26.98
CA SER G 204 -45.44 13.51 26.98
C SER G 204 -46.66 13.03 26.20
N PRO G 205 -46.52 12.70 24.91
CA PRO G 205 -47.62 12.08 24.15
C PRO G 205 -48.07 10.78 24.79
N PRO G 206 -49.38 10.47 24.70
CA PRO G 206 -50.08 9.82 25.80
C PRO G 206 -49.96 8.30 25.81
N ALA G 207 -49.86 7.69 24.65
CA ALA G 207 -50.13 6.25 24.53
C ALA G 207 -48.95 5.64 23.78
N GLU G 208 -48.93 4.31 23.81
CA GLU G 208 -48.05 3.51 22.95
C GLU G 208 -48.64 3.37 21.53
N GLU G 209 -49.67 4.13 21.18
CA GLU G 209 -50.23 4.12 19.81
C GLU G 209 -50.77 2.74 19.46
N LEU G 210 -51.93 2.41 20.01
CA LEU G 210 -52.49 1.05 19.93
C LEU G 210 -52.86 0.74 18.48
N ASP G 211 -53.41 -0.46 18.26
CA ASP G 211 -53.71 -0.96 16.91
C ASP G 211 -54.80 -0.14 16.24
N ALA G 212 -54.39 0.97 15.67
CA ALA G 212 -55.26 1.97 15.04
C ALA G 212 -54.88 2.11 13.57
N PRO G 213 -55.64 2.88 12.81
CA PRO G 213 -55.24 3.17 11.45
C PRO G 213 -53.85 3.78 11.39
N LEU G 214 -53.18 3.40 10.32
CA LEU G 214 -51.79 3.78 10.02
C LEU G 214 -51.68 5.28 9.86
N THR G 215 -50.45 5.72 9.70
CA THR G 215 -50.08 7.12 9.73
C THR G 215 -48.68 7.27 9.19
N LEU G 216 -48.40 8.42 8.59
CA LEU G 216 -47.08 8.64 8.04
C LEU G 216 -46.09 9.02 9.09
N GLN G 217 -46.55 9.43 10.25
CA GLN G 217 -45.67 9.93 11.28
C GLN G 217 -46.38 9.87 12.62
N ASP G 218 -45.60 9.69 13.67
CA ASP G 218 -46.17 9.52 15.01
C ASP G 218 -45.78 10.63 15.95
N ALA G 219 -46.53 10.72 17.04
CA ALA G 219 -46.36 11.80 18.01
C ALA G 219 -44.93 11.84 18.52
N GLN G 220 -44.34 10.67 18.74
CA GLN G 220 -42.98 10.64 19.29
C GLN G 220 -41.96 11.16 18.28
N GLY G 221 -42.06 10.71 17.02
CA GLY G 221 -41.13 11.17 15.98
C GLY G 221 -41.29 12.65 15.71
N LEU G 222 -42.37 13.24 16.17
CA LEU G 222 -42.52 14.69 16.07
C LEU G 222 -42.03 15.40 17.29
N LYS G 223 -42.19 14.82 18.46
CA LYS G 223 -41.54 15.47 19.58
C LYS G 223 -40.04 15.46 19.33
N ASP G 224 -39.54 14.37 18.76
CA ASP G 224 -38.10 14.25 18.46
C ASP G 224 -37.71 15.24 17.35
N VAL G 225 -38.65 15.63 16.46
CA VAL G 225 -38.30 16.64 15.47
C VAL G 225 -38.36 18.03 16.09
N LEU G 226 -39.33 18.25 16.96
CA LEU G 226 -39.48 19.58 17.59
C LEU G 226 -38.31 19.91 18.50
N LEU G 227 -37.86 18.97 19.31
CA LEU G 227 -36.79 19.35 20.25
C LEU G 227 -35.58 19.84 19.49
N THR G 228 -35.24 19.18 18.39
CA THR G 228 -34.03 19.57 17.65
C THR G 228 -34.27 20.81 16.81
N ALA G 229 -35.45 20.98 16.28
CA ALA G 229 -35.67 22.20 15.52
C ALA G 229 -35.64 23.41 16.45
N PHE G 230 -36.38 23.35 17.55
CA PHE G 230 -36.46 24.53 18.42
C PHE G 230 -35.10 24.81 18.99
N ALA G 231 -34.37 23.79 19.37
CA ALA G 231 -33.08 24.08 20.00
C ALA G 231 -32.09 24.67 18.99
N TYR G 232 -32.10 24.20 17.75
CA TYR G 232 -31.29 24.85 16.73
C TYR G 232 -31.68 26.31 16.58
N ARG G 233 -32.96 26.60 16.31
CA ARG G 233 -33.41 28.00 16.05
C ARG G 233 -33.10 28.93 17.23
N GLN G 234 -33.32 28.45 18.45
CA GLN G 234 -32.98 29.20 19.67
C GLN G 234 -31.48 29.46 19.76
N GLY G 235 -30.67 28.52 19.33
CA GLY G 235 -29.23 28.68 19.46
C GLY G 235 -28.73 29.72 18.47
N LEU G 236 -29.30 29.73 17.27
CA LEU G 236 -28.95 30.79 16.31
C LEU G 236 -29.45 32.16 16.80
N GLN G 237 -30.64 32.25 17.40
CA GLN G 237 -31.09 33.56 17.90
C GLN G 237 -30.18 34.06 19.00
N GLU G 238 -29.83 33.18 19.94
CA GLU G 238 -28.93 33.58 21.03
C GLU G 238 -27.55 33.96 20.51
N LEU G 239 -27.10 33.32 19.44
CA LEU G 239 -25.82 33.69 18.80
C LEU G 239 -25.91 35.10 18.21
N ILE G 240 -26.85 35.32 17.29
CA ILE G 240 -26.92 36.60 16.55
C ILE G 240 -27.14 37.76 17.51
N THR G 241 -27.97 37.57 18.53
CA THR G 241 -28.20 38.60 19.55
C THR G 241 -26.95 38.82 20.41
N GLY G 242 -26.00 37.89 20.41
CA GLY G 242 -24.69 38.18 20.99
C GLY G 242 -24.57 37.77 22.44
N ASN G 243 -24.87 36.51 22.76
CA ASN G 243 -24.65 35.92 24.10
C ASN G 243 -24.05 34.53 23.96
N PRO G 244 -22.91 34.37 23.26
CA PRO G 244 -22.34 33.04 23.06
C PRO G 244 -21.77 32.43 24.33
N ASP G 245 -22.56 32.39 25.39
CA ASP G 245 -22.36 31.43 26.49
C ASP G 245 -23.68 30.69 26.76
N LYS G 246 -24.81 31.35 26.55
CA LYS G 246 -26.11 30.67 26.68
C LYS G 246 -26.34 29.74 25.50
N ALA G 247 -25.69 30.04 24.37
CA ALA G 247 -25.79 29.21 23.16
C ALA G 247 -25.37 27.78 23.45
N LEU G 248 -24.11 27.61 23.87
CA LEU G 248 -23.46 26.29 23.93
C LEU G 248 -24.40 25.23 24.51
N SER G 249 -25.11 25.55 25.60
CA SER G 249 -26.02 24.59 26.24
C SER G 249 -27.03 24.04 25.24
N SER G 250 -27.79 24.92 24.61
CA SER G 250 -28.85 24.50 23.69
C SER G 250 -28.25 23.99 22.37
N LEU G 251 -27.12 24.53 21.94
CA LEU G 251 -26.49 24.00 20.72
C LEU G 251 -25.82 22.66 20.94
N HIS G 252 -25.61 22.25 22.20
CA HIS G 252 -25.27 20.85 22.47
C HIS G 252 -26.53 19.99 22.60
N GLU G 253 -27.60 20.58 23.11
CA GLU G 253 -28.88 19.83 23.21
C GLU G 253 -29.49 19.61 21.83
N ALA G 254 -28.96 20.28 20.82
CA ALA G 254 -29.38 20.03 19.44
C ALA G 254 -28.75 18.78 18.89
N ALA G 255 -27.45 18.63 19.02
CA ALA G 255 -26.76 17.43 18.52
C ALA G 255 -27.15 16.17 19.31
N SER G 256 -27.63 16.32 20.54
CA SER G 256 -27.96 15.22 21.47
C SER G 256 -29.39 14.69 21.24
N GLY G 257 -29.72 14.48 19.99
CA GLY G 257 -31.09 14.25 19.59
C GLY G 257 -31.16 13.88 18.13
N LEU G 258 -32.38 13.85 17.61
CA LEU G 258 -32.60 13.57 16.20
C LEU G 258 -31.93 14.64 15.36
N CYS G 259 -30.69 14.42 14.99
CA CYS G 259 -29.96 15.52 14.41
C CYS G 259 -29.40 15.10 13.04
N PRO G 260 -30.15 15.28 11.97
CA PRO G 260 -29.66 14.96 10.64
C PRO G 260 -28.32 15.56 10.35
N ARG G 261 -27.65 14.95 9.39
CA ARG G 261 -26.24 15.23 9.16
C ARG G 261 -25.94 16.62 8.62
N PRO G 262 -26.80 17.25 7.84
CA PRO G 262 -26.73 18.72 7.75
C PRO G 262 -27.11 19.52 8.99
N VAL G 263 -28.03 19.05 9.82
CA VAL G 263 -28.30 19.80 11.07
C VAL G 263 -27.11 19.69 12.00
N LEU G 264 -26.42 18.57 11.91
CA LEU G 264 -25.23 18.40 12.74
C LEU G 264 -24.14 19.31 12.21
N VAL G 265 -23.94 19.34 10.88
CA VAL G 265 -22.90 20.21 10.30
C VAL G 265 -23.13 21.65 10.75
N GLN G 266 -24.38 22.07 10.77
CA GLN G 266 -24.64 23.46 11.10
C GLN G 266 -24.47 23.69 12.58
N VAL G 267 -24.79 22.71 13.42
CA VAL G 267 -24.52 22.87 14.86
C VAL G 267 -23.02 23.01 15.09
N TYR G 268 -22.19 22.22 14.39
CA TYR G 268 -20.73 22.37 14.56
C TYR G 268 -20.25 23.73 14.09
N THR G 269 -20.70 24.18 12.93
CA THR G 269 -20.28 25.52 12.51
C THR G 269 -20.70 26.52 13.59
N ALA G 270 -21.96 26.46 14.00
CA ALA G 270 -22.52 27.37 15.01
C ALA G 270 -21.69 27.39 16.28
N LEU G 271 -21.11 26.27 16.65
CA LEU G 271 -20.30 26.28 17.86
C LEU G 271 -18.88 26.80 17.57
N GLY G 272 -18.42 26.66 16.34
CA GLY G 272 -17.22 27.41 15.92
C GLY G 272 -17.42 28.90 16.09
N SER G 273 -18.55 29.37 15.63
CA SER G 273 -18.89 30.79 15.76
C SER G 273 -18.94 31.17 17.24
N CYS G 274 -19.62 30.36 18.07
CA CYS G 274 -19.77 30.68 19.49
C CYS G 274 -18.39 30.82 20.11
N HIS G 275 -17.46 29.93 19.76
CA HIS G 275 -16.16 29.96 20.42
C HIS G 275 -15.32 31.15 19.91
N ARG G 276 -15.35 31.40 18.60
CA ARG G 276 -14.67 32.57 18.02
C ARG G 276 -15.07 33.84 18.76
N LYS G 277 -16.37 34.01 19.01
CA LYS G 277 -16.85 35.21 19.71
C LYS G 277 -16.35 35.23 21.15
N MET G 278 -16.17 34.08 21.78
CA MET G 278 -15.65 34.05 23.15
C MET G 278 -14.13 34.22 23.17
N GLY G 279 -13.46 34.03 22.03
CA GLY G 279 -12.00 34.20 21.99
C GLY G 279 -11.29 32.90 22.35
N ASN G 280 -11.68 31.82 21.69
CA ASN G 280 -11.11 30.48 21.91
C ASN G 280 -10.85 29.86 20.54
N PRO G 281 -9.87 30.38 19.79
CA PRO G 281 -9.67 29.92 18.41
C PRO G 281 -9.30 28.45 18.25
N GLN G 282 -8.57 27.87 19.19
CA GLN G 282 -8.16 26.46 19.03
C GLN G 282 -9.38 25.54 19.16
N ARG G 283 -10.31 25.84 20.06
CA ARG G 283 -11.53 25.03 20.16
C ARG G 283 -12.34 25.22 18.90
N ALA G 284 -12.43 26.45 18.45
CA ALA G 284 -13.23 26.70 17.26
C ALA G 284 -12.65 25.94 16.09
N LEU G 285 -11.32 25.87 16.00
CA LEU G 285 -10.70 25.06 14.95
C LEU G 285 -11.10 23.60 15.09
N LEU G 286 -11.21 23.10 16.33
CA LEU G 286 -11.61 21.70 16.54
C LEU G 286 -12.98 21.47 15.91
N TYR G 287 -13.95 22.29 16.29
CA TYR G 287 -15.32 22.09 15.81
C TYR G 287 -15.37 22.28 14.30
N LEU G 288 -14.62 23.21 13.75
CA LEU G 288 -14.67 23.39 12.29
C LEU G 288 -14.05 22.21 11.56
N VAL G 289 -13.03 21.58 12.12
CA VAL G 289 -12.47 20.42 11.41
C VAL G 289 -13.51 19.30 11.46
N ALA G 290 -14.19 19.16 12.60
CA ALA G 290 -15.23 18.13 12.76
C ALA G 290 -16.37 18.39 11.77
N ALA G 291 -16.69 19.65 11.55
CA ALA G 291 -17.74 19.96 10.60
C ALA G 291 -17.30 19.67 9.19
N LEU G 292 -16.03 19.92 8.88
CA LEU G 292 -15.54 19.58 7.55
C LEU G 292 -15.66 18.08 7.34
N LYS G 293 -15.24 17.32 8.35
CA LYS G 293 -15.15 15.86 8.21
C LYS G 293 -16.53 15.26 8.02
N GLU G 294 -17.44 15.54 8.95
CA GLU G 294 -18.76 14.88 8.98
C GLU G 294 -19.64 15.38 7.85
N GLY G 295 -19.32 16.54 7.29
CA GLY G 295 -20.24 17.20 6.38
C GLY G 295 -19.93 16.92 4.92
N SER G 296 -20.95 17.07 4.08
CA SER G 296 -20.77 17.23 2.64
C SER G 296 -21.13 18.65 2.20
N ALA G 297 -21.57 19.52 3.12
CA ALA G 297 -21.88 20.93 2.82
C ALA G 297 -20.99 21.83 3.67
N TRP G 298 -19.77 22.06 3.19
CA TRP G 298 -18.69 22.68 3.95
C TRP G 298 -18.31 24.07 3.41
N GLY G 299 -19.30 24.86 3.06
CA GLY G 299 -19.04 26.27 2.85
C GLY G 299 -18.91 27.03 4.17
N PRO G 300 -20.02 27.12 4.93
CA PRO G 300 -20.05 27.93 6.16
C PRO G 300 -18.87 27.66 7.10
N PRO G 301 -18.44 26.39 7.28
CA PRO G 301 -17.20 26.18 8.02
C PRO G 301 -15.98 26.97 7.50
N LEU G 302 -15.76 26.98 6.19
CA LEU G 302 -14.63 27.74 5.64
C LEU G 302 -14.78 29.23 5.89
N LEU G 303 -16.02 29.71 5.85
CA LEU G 303 -16.30 31.11 6.19
C LEU G 303 -15.90 31.37 7.63
N GLU G 304 -16.38 30.55 8.56
CA GLU G 304 -16.08 30.78 9.97
C GLU G 304 -14.57 30.72 10.21
N ALA G 305 -13.85 29.93 9.42
CA ALA G 305 -12.39 29.92 9.57
C ALA G 305 -11.78 31.23 9.08
N SER G 306 -12.27 31.71 7.95
CA SER G 306 -11.87 33.03 7.46
C SER G 306 -12.05 34.09 8.55
N ARG G 307 -13.29 34.18 9.07
CA ARG G 307 -13.62 35.18 10.11
C ARG G 307 -12.78 34.98 11.36
N LEU G 308 -12.34 33.77 11.65
CA LEU G 308 -11.58 33.57 12.88
C LEU G 308 -10.12 33.97 12.68
N TYR G 309 -9.52 33.61 11.56
CA TYR G 309 -8.15 34.09 11.27
C TYR G 309 -8.10 35.59 11.07
N GLN G 310 -9.19 36.21 10.62
CA GLN G 310 -9.22 37.68 10.56
C GLN G 310 -9.21 38.24 11.98
N GLN G 311 -10.11 37.76 12.82
CA GLN G 311 -10.15 38.14 14.25
C GLN G 311 -8.76 38.00 14.86
N LEU G 312 -8.01 36.96 14.50
CA LEU G 312 -6.66 36.78 15.04
C LEU G 312 -5.67 37.67 14.32
N GLY G 313 -5.57 37.56 12.99
CA GLY G 313 -4.48 38.22 12.27
C GLY G 313 -3.74 37.33 11.30
N ASP G 314 -3.91 36.02 11.39
CA ASP G 314 -3.12 35.10 10.57
C ASP G 314 -3.65 35.17 9.14
N THR G 315 -3.19 36.18 8.40
CA THR G 315 -3.92 36.67 7.22
C THR G 315 -3.72 35.73 6.03
N THR G 316 -2.52 35.19 5.87
CA THR G 316 -2.27 34.20 4.80
C THR G 316 -3.21 33.01 4.96
N ALA G 317 -3.45 32.57 6.20
CA ALA G 317 -4.37 31.46 6.49
C ALA G 317 -5.81 31.84 6.13
N GLU G 318 -6.24 33.00 6.61
CA GLU G 318 -7.55 33.57 6.24
C GLU G 318 -7.73 33.58 4.72
N LEU G 319 -6.68 33.99 4.00
CA LEU G 319 -6.75 34.04 2.53
C LEU G 319 -6.82 32.65 1.94
N GLU G 320 -6.07 31.70 2.50
CA GLU G 320 -6.13 30.33 1.99
C GLU G 320 -7.52 29.73 2.22
N SER G 321 -8.12 30.03 3.37
CA SER G 321 -9.49 29.58 3.66
C SER G 321 -10.47 30.16 2.65
N LEU G 322 -10.35 31.45 2.36
CA LEU G 322 -11.26 32.08 1.40
C LEU G 322 -11.01 31.55 -0.02
N GLU G 323 -9.75 31.31 -0.38
CA GLU G 323 -9.39 30.65 -1.65
C GLU G 323 -10.11 29.32 -1.76
N LEU G 324 -10.05 28.54 -0.68
CA LEU G 324 -10.69 27.23 -0.64
C LEU G 324 -12.20 27.41 -0.85
N LEU G 325 -12.79 28.38 -0.17
CA LEU G 325 -14.23 28.64 -0.23
C LEU G 325 -14.66 28.85 -1.67
N VAL G 326 -13.88 29.63 -2.41
CA VAL G 326 -14.16 29.84 -3.84
C VAL G 326 -14.27 28.50 -4.55
N GLU G 327 -13.31 27.61 -4.32
CA GLU G 327 -13.32 26.28 -4.92
C GLU G 327 -14.56 25.49 -4.45
N ALA G 328 -14.94 25.67 -3.18
CA ALA G 328 -15.97 24.86 -2.51
C ALA G 328 -17.37 25.26 -2.94
N LEU G 329 -17.51 26.44 -3.50
CA LEU G 329 -18.84 26.91 -3.93
C LEU G 329 -19.23 26.40 -5.29
N ASN G 330 -18.33 25.73 -5.99
CA ASN G 330 -18.73 25.09 -7.25
C ASN G 330 -19.59 23.86 -6.94
N VAL G 331 -19.07 22.95 -6.14
CA VAL G 331 -19.72 21.64 -5.87
C VAL G 331 -21.10 21.90 -5.26
N PRO G 332 -22.15 21.11 -5.59
CA PRO G 332 -23.47 21.42 -5.04
C PRO G 332 -23.68 20.82 -3.65
N ALA G 337 -32.28 13.99 -0.85
CA ALA G 337 -33.64 13.71 -1.37
C ALA G 337 -34.68 13.99 -0.28
N PRO G 338 -35.94 14.24 -0.67
CA PRO G 338 -36.95 14.55 0.33
C PRO G 338 -37.66 13.30 0.84
N GLN G 339 -38.55 13.49 1.80
CA GLN G 339 -39.33 12.39 2.35
C GLN G 339 -40.71 12.83 2.77
N PHE G 340 -41.65 11.91 2.59
CA PHE G 340 -43.08 12.14 2.78
C PHE G 340 -43.32 11.92 4.27
N LEU G 341 -42.95 12.95 5.03
CA LEU G 341 -42.77 12.83 6.47
C LEU G 341 -42.27 14.15 7.01
N ILE G 342 -42.77 14.62 8.13
CA ILE G 342 -42.30 15.92 8.65
C ILE G 342 -40.82 15.83 9.04
N GLU G 343 -39.96 16.47 8.26
CA GLU G 343 -38.50 16.45 8.47
C GLU G 343 -38.09 17.54 9.46
N VAL G 344 -36.80 17.78 9.60
CA VAL G 344 -36.35 18.92 10.41
C VAL G 344 -36.11 20.17 9.54
N GLU G 345 -35.82 19.99 8.26
CA GLU G 345 -35.47 21.15 7.39
C GLU G 345 -36.71 21.95 7.01
N LEU G 346 -37.88 21.51 7.46
CA LEU G 346 -39.07 22.33 7.35
C LEU G 346 -39.15 23.29 8.51
N LEU G 347 -38.85 22.83 9.71
CA LEU G 347 -39.08 23.73 10.83
C LEU G 347 -37.91 24.66 11.07
N LEU G 348 -36.86 24.56 10.27
CA LEU G 348 -35.78 25.55 10.29
C LEU G 348 -36.14 26.75 9.42
N PRO G 349 -35.69 27.97 9.77
CA PRO G 349 -35.95 29.11 8.92
C PRO G 349 -34.93 29.14 7.78
N PRO G 350 -35.09 30.07 6.81
CA PRO G 350 -33.96 30.44 5.97
C PRO G 350 -33.05 31.41 6.70
N PRO G 351 -31.73 31.21 6.63
CA PRO G 351 -30.84 31.90 7.56
C PRO G 351 -30.76 33.40 7.22
N ASP G 352 -30.67 34.19 8.28
CA ASP G 352 -30.44 35.65 8.17
C ASP G 352 -29.06 35.97 7.58
N LEU G 353 -28.81 37.25 7.36
CA LEU G 353 -27.51 37.72 6.88
C LEU G 353 -26.46 37.68 7.98
N ALA G 354 -26.82 37.99 9.23
CA ALA G 354 -25.85 38.16 10.32
C ALA G 354 -25.40 36.81 10.86
N SER G 355 -26.09 35.74 10.45
CA SER G 355 -25.84 34.39 10.95
C SER G 355 -24.50 33.90 10.42
N PRO G 356 -23.90 32.91 11.09
CA PRO G 356 -22.71 32.26 10.54
C PRO G 356 -22.99 31.39 9.31
N LEU G 357 -24.26 31.09 9.05
CA LEU G 357 -24.66 30.20 7.95
C LEU G 357 -24.99 30.96 6.68
N HIS G 358 -24.86 32.28 6.64
CA HIS G 358 -25.05 32.93 5.34
C HIS G 358 -23.77 32.75 4.55
N CYS G 359 -23.92 32.21 3.35
CA CYS G 359 -22.86 32.10 2.36
C CYS G 359 -23.45 32.60 1.04
N GLY G 360 -22.70 33.46 0.37
CA GLY G 360 -23.23 34.18 -0.78
C GLY G 360 -23.37 33.30 -2.01
N THR G 361 -23.03 33.87 -3.15
CA THR G 361 -22.88 33.19 -4.44
C THR G 361 -21.46 33.39 -4.94
N GLN G 362 -21.00 32.48 -5.79
CA GLN G 362 -19.61 32.43 -6.30
C GLN G 362 -19.16 33.86 -6.58
N SER G 363 -20.06 34.67 -7.13
CA SER G 363 -19.80 36.10 -7.38
C SER G 363 -19.46 36.85 -6.10
N GLN G 364 -20.36 36.81 -5.11
CA GLN G 364 -20.18 37.57 -3.87
C GLN G 364 -18.87 37.20 -3.21
N THR G 365 -18.66 35.89 -3.05
CA THR G 365 -17.49 35.36 -2.36
C THR G 365 -16.22 35.70 -3.10
N LYS G 366 -16.24 35.66 -4.43
CA LYS G 366 -15.04 35.94 -5.22
C LYS G 366 -14.72 37.42 -5.05
N HIS G 367 -15.75 38.24 -4.94
CA HIS G 367 -15.59 39.67 -4.65
C HIS G 367 -14.99 39.84 -3.27
N ILE G 368 -15.45 39.05 -2.30
CA ILE G 368 -14.94 39.11 -0.92
C ILE G 368 -13.45 38.80 -0.93
N LEU G 369 -13.07 37.78 -1.69
CA LEU G 369 -11.68 37.42 -1.91
C LEU G 369 -10.89 38.59 -2.46
N ALA G 370 -11.37 39.23 -3.52
CA ALA G 370 -10.53 40.22 -4.23
C ALA G 370 -10.43 41.49 -3.40
N SER G 371 -11.54 41.93 -2.81
CA SER G 371 -11.54 43.01 -1.82
C SER G 371 -10.51 42.75 -0.72
N ARG G 372 -10.64 41.60 -0.04
CA ARG G 372 -9.81 41.29 1.14
C ARG G 372 -8.36 41.03 0.73
N CYS G 373 -8.13 40.67 -0.53
CA CYS G 373 -6.76 40.50 -1.04
C CYS G 373 -6.15 41.87 -1.32
N LEU G 374 -6.98 42.83 -1.74
CA LEU G 374 -6.46 44.16 -2.00
C LEU G 374 -6.16 44.85 -0.68
N GLN G 375 -7.09 44.72 0.28
CA GLN G 375 -6.88 45.24 1.65
C GLN G 375 -5.59 44.69 2.24
N THR G 376 -5.31 43.39 2.04
CA THR G 376 -4.15 42.76 2.68
C THR G 376 -2.88 43.23 1.97
N GLY G 377 -3.03 43.60 0.70
CA GLY G 377 -1.93 44.10 -0.12
C GLY G 377 -1.31 42.95 -0.88
N ARG G 378 -2.11 42.33 -1.72
CA ARG G 378 -1.60 41.36 -2.71
C ARG G 378 -2.29 41.72 -4.01
N ALA G 379 -2.12 42.98 -4.40
CA ALA G 379 -2.95 43.65 -5.40
C ALA G 379 -3.01 42.88 -6.71
N GLY G 380 -1.92 42.21 -7.11
CA GLY G 380 -1.90 41.43 -8.34
C GLY G 380 -2.93 40.32 -8.35
N ASP G 381 -2.93 39.52 -7.28
CA ASP G 381 -3.90 38.44 -7.10
C ASP G 381 -5.33 39.00 -7.03
N ALA G 382 -5.51 40.05 -6.23
CA ALA G 382 -6.82 40.67 -6.04
C ALA G 382 -7.38 41.16 -7.38
N ALA G 383 -6.52 41.72 -8.23
CA ALA G 383 -6.96 42.21 -9.54
C ALA G 383 -7.38 41.06 -10.44
N GLU G 384 -6.63 39.96 -10.44
CA GLU G 384 -7.05 38.79 -11.24
C GLU G 384 -8.44 38.33 -10.79
N HIS G 385 -8.64 38.22 -9.48
CA HIS G 385 -9.94 37.81 -8.94
C HIS G 385 -11.00 38.83 -9.32
N TYR G 386 -10.63 40.11 -9.37
CA TYR G 386 -11.57 41.18 -9.71
C TYR G 386 -11.99 41.06 -11.17
N LEU G 387 -11.05 40.82 -12.07
CA LEU G 387 -11.40 40.68 -13.49
C LEU G 387 -12.27 39.45 -13.71
N ASP G 388 -11.92 38.33 -13.09
CA ASP G 388 -12.76 37.13 -13.22
C ASP G 388 -14.12 37.33 -12.58
N LEU G 389 -14.22 38.26 -11.63
CA LEU G 389 -15.53 38.66 -11.07
C LEU G 389 -16.30 39.48 -12.11
N LEU G 390 -15.72 40.58 -12.56
CA LEU G 390 -16.56 41.51 -13.33
C LEU G 390 -16.93 40.82 -14.65
N ALA G 391 -16.02 40.01 -15.18
CA ALA G 391 -16.35 39.12 -16.31
C ALA G 391 -17.51 38.19 -15.96
N LEU G 392 -17.53 37.62 -14.75
CA LEU G 392 -18.58 36.64 -14.40
C LEU G 392 -19.93 37.35 -14.19
N LEU G 393 -19.91 38.66 -14.04
CA LEU G 393 -21.18 39.43 -13.94
C LEU G 393 -21.59 39.96 -15.31
N LEU G 394 -20.62 40.42 -16.11
CA LEU G 394 -20.89 41.18 -17.34
C LEU G 394 -20.85 40.29 -18.57
N ASP G 395 -19.79 39.53 -18.79
CA ASP G 395 -19.68 38.70 -20.00
C ASP G 395 -20.79 37.65 -20.01
N SER G 396 -21.27 37.23 -18.84
CA SER G 396 -22.25 36.15 -18.76
C SER G 396 -23.56 36.70 -19.33
N SER G 397 -23.93 36.26 -20.52
CA SER G 397 -25.29 36.42 -21.06
C SER G 397 -25.85 35.05 -21.39
N GLU G 398 -25.01 34.17 -21.95
CA GLU G 398 -25.44 32.84 -22.40
C GLU G 398 -25.84 31.97 -21.21
N PRO G 399 -24.93 31.62 -20.28
CA PRO G 399 -25.24 30.57 -19.30
C PRO G 399 -26.14 31.13 -18.20
N ARG G 400 -26.38 30.26 -17.22
CA ARG G 400 -27.00 30.63 -15.94
C ARG G 400 -26.32 31.85 -15.32
N PHE G 401 -27.13 32.75 -14.77
CA PHE G 401 -26.67 34.07 -14.29
C PHE G 401 -26.12 33.97 -12.88
N SER G 402 -24.89 34.44 -12.69
CA SER G 402 -24.36 34.60 -11.33
C SER G 402 -24.75 36.02 -10.91
N PRO G 403 -25.59 36.19 -9.87
CA PRO G 403 -26.26 37.47 -9.66
C PRO G 403 -25.34 38.57 -9.17
N PRO G 404 -25.81 39.83 -9.12
CA PRO G 404 -25.09 40.90 -8.45
C PRO G 404 -25.05 40.65 -6.95
N PRO G 405 -24.16 41.31 -6.18
CA PRO G 405 -23.97 40.93 -4.79
C PRO G 405 -25.04 41.59 -3.92
N SER G 406 -25.03 41.26 -2.64
CA SER G 406 -26.15 41.45 -1.70
C SER G 406 -26.62 42.91 -1.66
N PRO G 407 -27.87 43.18 -1.24
CA PRO G 407 -28.35 44.57 -1.13
C PRO G 407 -27.54 45.39 -0.14
N PRO G 408 -27.25 44.90 1.08
CA PRO G 408 -26.28 45.62 1.93
C PRO G 408 -24.88 45.56 1.34
N GLY G 409 -24.61 44.51 0.55
CA GLY G 409 -23.36 44.35 -0.18
C GLY G 409 -23.28 45.51 -1.16
N PRO G 410 -22.08 45.82 -1.67
CA PRO G 410 -21.90 47.09 -2.38
C PRO G 410 -22.63 47.11 -3.73
N CYS G 411 -22.86 48.34 -4.18
CA CYS G 411 -23.52 48.60 -5.47
C CYS G 411 -22.51 48.41 -6.60
N MET G 412 -23.06 48.09 -7.77
CA MET G 412 -22.34 47.87 -9.04
C MET G 412 -21.25 48.93 -9.16
N PRO G 413 -21.55 50.27 -9.16
CA PRO G 413 -20.49 51.25 -9.41
C PRO G 413 -19.33 51.09 -8.42
N GLU G 414 -19.66 50.90 -7.13
CA GLU G 414 -18.64 50.65 -6.09
C GLU G 414 -17.77 49.44 -6.46
N VAL G 415 -18.37 48.42 -7.08
CA VAL G 415 -17.60 47.22 -7.47
C VAL G 415 -16.60 47.59 -8.57
N PHE G 416 -17.03 48.37 -9.58
CA PHE G 416 -16.13 48.84 -10.63
C PHE G 416 -15.01 49.66 -10.00
N LEU G 417 -15.36 50.44 -8.97
CA LEU G 417 -14.40 51.29 -8.27
C LEU G 417 -13.33 50.42 -7.60
N GLU G 418 -13.78 49.46 -6.79
CA GLU G 418 -12.85 48.55 -6.10
C GLU G 418 -11.96 47.85 -7.13
N ALA G 419 -12.56 47.41 -8.24
CA ALA G 419 -11.82 46.73 -9.32
C ALA G 419 -10.71 47.63 -9.85
N ALA G 420 -11.06 48.87 -10.18
CA ALA G 420 -10.09 49.82 -10.75
C ALA G 420 -9.01 50.11 -9.72
N VAL G 421 -9.37 50.23 -8.45
CA VAL G 421 -8.40 50.54 -7.39
C VAL G 421 -7.40 49.39 -7.30
N ALA G 422 -7.90 48.16 -7.21
CA ALA G 422 -7.02 46.98 -7.16
C ALA G 422 -6.12 46.95 -8.38
N LEU G 423 -6.67 47.27 -9.54
CA LEU G 423 -5.91 47.18 -10.79
C LEU G 423 -4.79 48.21 -10.80
N ILE G 424 -5.05 49.40 -10.26
CA ILE G 424 -4.00 50.43 -10.09
C ILE G 424 -2.95 49.92 -9.11
N GLN G 425 -3.39 49.48 -7.94
CA GLN G 425 -2.50 48.98 -6.89
C GLN G 425 -1.63 47.83 -7.41
N ALA G 426 -2.19 47.01 -8.28
CA ALA G 426 -1.45 45.94 -8.97
C ALA G 426 -0.38 46.52 -9.89
N GLY G 427 -0.67 47.65 -10.52
CA GLY G 427 0.21 48.28 -11.50
C GLY G 427 -0.23 47.92 -12.89
N ARG G 428 -1.52 48.10 -13.17
CA ARG G 428 -2.15 47.80 -14.47
C ARG G 428 -2.98 49.01 -14.89
N ALA G 429 -2.33 50.17 -14.95
CA ALA G 429 -3.02 51.46 -15.12
C ALA G 429 -3.80 51.51 -16.42
N GLN G 430 -3.25 50.97 -17.51
CA GLN G 430 -3.97 50.99 -18.79
C GLN G 430 -5.28 50.20 -18.69
N ASP G 431 -5.26 49.06 -18.01
CA ASP G 431 -6.47 48.24 -17.82
C ASP G 431 -7.48 48.96 -16.93
N ALA G 432 -6.99 49.67 -15.90
CA ALA G 432 -7.87 50.47 -15.03
C ALA G 432 -8.52 51.59 -15.83
N LEU G 433 -7.76 52.26 -16.71
CA LEU G 433 -8.33 53.30 -17.58
C LEU G 433 -9.47 52.72 -18.40
N THR G 434 -9.24 51.60 -19.05
CA THR G 434 -10.27 50.97 -19.88
C THR G 434 -11.50 50.66 -19.05
N LEU G 435 -11.31 50.12 -17.84
CA LEU G 435 -12.45 49.77 -16.96
C LEU G 435 -13.25 51.01 -16.58
N CYS G 436 -12.58 52.07 -16.15
CA CYS G 436 -13.31 53.29 -15.72
C CYS G 436 -14.06 53.89 -16.91
N GLU G 437 -13.42 53.96 -18.08
CA GLU G 437 -14.07 54.49 -19.29
C GLU G 437 -15.27 53.65 -19.67
N GLU G 438 -15.15 52.33 -19.58
CA GLU G 438 -16.28 51.43 -19.88
C GLU G 438 -17.43 51.68 -18.91
N LEU G 439 -17.11 51.86 -17.63
CA LEU G 439 -18.16 52.15 -16.62
C LEU G 439 -18.87 53.46 -16.97
N LEU G 440 -18.11 54.50 -17.29
CA LEU G 440 -18.72 55.81 -17.56
C LEU G 440 -19.53 55.79 -18.86
N SER G 441 -19.10 55.02 -19.86
CA SER G 441 -19.91 54.84 -21.08
C SER G 441 -21.21 54.11 -20.77
N ARG G 442 -21.16 53.06 -19.95
CA ARG G 442 -22.38 52.33 -19.56
C ARG G 442 -23.35 53.21 -18.77
N THR G 443 -22.86 54.20 -18.03
CA THR G 443 -23.72 55.03 -17.17
C THR G 443 -23.52 56.52 -17.45
N PRO G 468 -21.88 61.71 -10.80
CA PRO G 468 -22.01 61.91 -9.36
C PRO G 468 -20.69 61.76 -8.58
N LEU G 469 -20.83 61.54 -7.28
CA LEU G 469 -19.70 61.25 -6.38
C LEU G 469 -18.78 60.17 -6.95
N TRP G 470 -19.36 59.08 -7.41
CA TRP G 470 -18.58 57.96 -7.96
C TRP G 470 -17.91 58.36 -9.27
N VAL G 471 -18.47 59.33 -9.99
CA VAL G 471 -17.83 59.84 -11.23
C VAL G 471 -16.61 60.68 -10.87
N SER G 472 -16.77 61.59 -9.90
CA SER G 472 -15.62 62.33 -9.35
C SER G 472 -14.51 61.37 -8.97
N ALA G 473 -14.86 60.32 -8.23
CA ALA G 473 -13.87 59.31 -7.85
C ALA G 473 -13.27 58.65 -9.09
N THR G 474 -14.11 58.37 -10.09
CA THR G 474 -13.63 57.76 -11.36
C THR G 474 -12.51 58.61 -11.95
N HIS G 475 -12.74 59.91 -12.08
CA HIS G 475 -11.69 60.81 -12.60
C HIS G 475 -10.46 60.77 -11.70
N LEU G 476 -10.65 60.73 -10.39
CA LEU G 476 -9.52 60.70 -9.45
C LEU G 476 -8.64 59.49 -9.77
N LEU G 477 -9.24 58.31 -9.74
CA LEU G 477 -8.49 57.07 -9.98
C LEU G 477 -7.90 57.08 -11.39
N GLN G 478 -8.63 57.65 -12.35
CA GLN G 478 -8.14 57.77 -13.74
C GLN G 478 -6.87 58.61 -13.78
N GLY G 479 -6.81 59.66 -12.95
CA GLY G 479 -5.61 60.49 -12.82
C GLY G 479 -4.49 59.65 -12.25
N GLN G 480 -4.78 58.96 -11.15
CA GLN G 480 -3.77 58.15 -10.46
C GLN G 480 -3.23 57.05 -11.37
N ALA G 481 -4.07 56.56 -12.28
CA ALA G 481 -3.61 55.62 -13.32
C ALA G 481 -2.46 56.23 -14.11
N TRP G 482 -2.69 57.40 -14.69
CA TRP G 482 -1.64 58.10 -15.45
C TRP G 482 -0.44 58.44 -14.57
N VAL G 483 -0.67 58.60 -13.27
CA VAL G 483 0.44 58.87 -12.34
C VAL G 483 1.36 57.65 -12.29
N GLN G 484 0.81 56.48 -11.93
CA GLN G 484 1.61 55.27 -11.80
C GLN G 484 2.24 54.84 -13.12
N LEU G 485 1.61 55.16 -14.25
CA LEU G 485 2.21 54.91 -15.57
C LEU G 485 3.26 55.97 -15.91
N GLY G 486 3.01 57.23 -15.57
CA GLY G 486 3.89 58.36 -15.89
C GLY G 486 3.35 59.12 -17.09
N ALA G 487 2.51 60.12 -16.81
CA ALA G 487 2.04 61.09 -17.81
C ALA G 487 1.53 62.34 -17.09
N GLN G 488 2.41 63.33 -16.91
CA GLN G 488 2.12 64.45 -15.99
C GLN G 488 0.91 65.25 -16.48
N LYS G 489 0.91 65.64 -17.75
CA LYS G 489 -0.12 66.55 -18.27
C LYS G 489 -1.51 65.94 -18.15
N VAL G 490 -1.70 64.74 -18.69
CA VAL G 490 -3.04 64.13 -18.72
C VAL G 490 -3.50 63.78 -17.31
N ALA G 491 -2.60 63.35 -16.43
CA ALA G 491 -2.92 63.09 -15.03
C ALA G 491 -3.42 64.36 -14.36
N ILE G 492 -2.65 65.45 -14.47
CA ILE G 492 -3.06 66.74 -13.88
C ILE G 492 -4.41 67.15 -14.44
N SER G 493 -4.61 66.98 -15.76
CA SER G 493 -5.87 67.30 -16.42
C SER G 493 -7.01 66.53 -15.75
N GLU G 494 -6.76 65.26 -15.46
CA GLU G 494 -7.77 64.39 -14.85
C GLU G 494 -8.08 64.85 -13.43
N PHE G 495 -7.06 65.18 -12.65
CA PHE G 495 -7.28 65.68 -11.28
C PHE G 495 -8.05 66.99 -11.31
N SER G 496 -7.68 67.88 -12.23
CA SER G 496 -8.39 69.16 -12.35
C SER G 496 -9.85 68.93 -12.73
N ARG G 497 -10.12 67.97 -13.62
CA ARG G 497 -11.51 67.70 -14.05
C ARG G 497 -12.30 67.10 -12.90
N CYS G 498 -11.68 66.19 -12.14
CA CYS G 498 -12.27 65.66 -10.90
C CYS G 498 -12.66 66.82 -9.99
N LEU G 499 -11.74 67.75 -9.78
CA LEU G 499 -12.00 68.87 -8.86
C LEU G 499 -13.11 69.78 -9.41
N GLU G 500 -13.08 70.06 -10.71
CA GLU G 500 -14.14 70.85 -11.36
C GLU G 500 -15.51 70.22 -11.13
N LEU G 501 -15.62 68.91 -11.31
CA LEU G 501 -16.93 68.24 -11.14
C LEU G 501 -17.27 68.10 -9.67
N LEU G 502 -16.26 68.24 -8.80
CA LEU G 502 -16.45 68.16 -7.35
C LEU G 502 -16.81 69.54 -6.78
N PHE G 503 -16.49 70.61 -7.51
CA PHE G 503 -16.97 71.95 -7.16
C PHE G 503 -17.91 72.49 -8.23
N CYS G 518 -27.17 56.63 -5.54
CA CYS G 518 -26.52 55.51 -4.87
C CYS G 518 -26.96 55.40 -3.41
N GLU G 519 -26.43 54.41 -2.69
CA GLU G 519 -26.52 54.33 -1.23
C GLU G 519 -25.67 55.42 -0.57
N GLN G 520 -25.77 55.51 0.76
CA GLN G 520 -25.08 56.49 1.63
C GLN G 520 -23.57 56.25 1.74
N GLY G 521 -23.02 55.18 1.17
CA GLY G 521 -21.57 54.98 1.17
C GLY G 521 -20.80 56.19 0.65
N CYS G 522 -21.22 56.75 -0.48
CA CYS G 522 -20.57 57.93 -1.08
C CYS G 522 -20.98 59.26 -0.43
N LYS G 523 -22.19 59.37 0.11
CA LYS G 523 -22.72 60.62 0.70
C LYS G 523 -21.85 61.18 1.84
N SER G 524 -21.13 60.32 2.57
CA SER G 524 -20.45 60.72 3.82
C SER G 524 -19.50 61.90 3.61
N ASP G 525 -19.73 62.99 4.34
CA ASP G 525 -18.91 64.21 4.23
C ASP G 525 -17.46 63.95 4.63
N ALA G 526 -17.23 63.01 5.56
CA ALA G 526 -15.86 62.62 5.93
C ALA G 526 -15.15 62.05 4.69
N ALA G 527 -15.84 61.20 3.94
CA ALA G 527 -15.31 60.67 2.67
C ALA G 527 -15.04 61.81 1.70
N LEU G 528 -15.93 62.81 1.64
CA LEU G 528 -15.72 63.96 0.75
C LEU G 528 -14.41 64.66 1.10
N GLN G 529 -14.26 65.05 2.36
CA GLN G 529 -13.06 65.77 2.81
C GLN G 529 -11.80 64.94 2.52
N GLN G 530 -11.84 63.65 2.82
CA GLN G 530 -10.67 62.80 2.62
C GLN G 530 -10.37 62.64 1.13
N LEU G 531 -11.40 62.61 0.30
CA LEU G 531 -11.22 62.49 -1.15
C LEU G 531 -10.55 63.75 -1.68
N ARG G 532 -11.10 64.92 -1.33
CA ARG G 532 -10.50 66.21 -1.69
C ARG G 532 -9.03 66.20 -1.30
N ALA G 533 -8.74 65.80 -0.06
CA ALA G 533 -7.37 65.73 0.44
C ALA G 533 -6.50 64.82 -0.43
N ALA G 534 -6.97 63.61 -0.72
CA ALA G 534 -6.19 62.64 -1.50
C ALA G 534 -5.91 63.19 -2.89
N ALA G 535 -6.93 63.77 -3.53
CA ALA G 535 -6.77 64.45 -4.82
C ALA G 535 -5.66 65.50 -4.73
N LEU G 536 -5.79 66.41 -3.78
CA LEU G 536 -4.82 67.51 -3.65
C LEU G 536 -3.42 66.97 -3.43
N ILE G 537 -3.29 65.93 -2.60
CA ILE G 537 -1.97 65.33 -2.30
C ILE G 537 -1.38 64.76 -3.60
N SER G 538 -2.17 63.97 -4.31
CA SER G 538 -1.72 63.36 -5.56
C SER G 538 -1.23 64.44 -6.51
N ARG G 539 -2.06 65.46 -6.73
CA ARG G 539 -1.70 66.59 -7.61
C ARG G 539 -0.40 67.22 -7.13
N GLY G 540 -0.29 67.49 -5.83
CA GLY G 540 0.93 68.09 -5.27
C GLY G 540 2.15 67.24 -5.56
N LEU G 541 2.00 65.92 -5.51
CA LEU G 541 3.13 65.01 -5.75
C LEU G 541 3.50 64.99 -7.23
N GLU G 542 2.51 65.13 -8.11
CA GLU G 542 2.81 65.31 -9.54
C GLU G 542 3.57 66.60 -9.76
N TRP G 543 3.18 67.65 -9.03
CA TRP G 543 3.89 68.93 -9.12
C TRP G 543 5.35 68.76 -8.67
N VAL G 544 5.57 67.96 -7.62
CA VAL G 544 6.95 67.67 -7.17
C VAL G 544 7.70 66.93 -8.26
N ALA G 545 7.07 65.90 -8.83
CA ALA G 545 7.69 65.11 -9.91
C ALA G 545 8.08 65.99 -11.10
N SER G 546 7.20 66.89 -11.52
CA SER G 546 7.51 67.87 -12.59
C SER G 546 8.59 68.85 -12.13
N GLY G 547 8.58 69.23 -10.86
CA GLY G 547 9.52 70.20 -10.30
C GLY G 547 8.88 71.53 -9.93
N GLN G 548 7.58 71.67 -10.17
CA GLN G 548 6.83 72.89 -9.81
C GLN G 548 6.52 72.85 -8.31
N ASP G 549 7.57 73.00 -7.51
CA ASP G 549 7.47 72.84 -6.04
C ASP G 549 6.52 73.86 -5.44
N THR G 550 6.33 75.02 -6.07
CA THR G 550 5.43 76.06 -5.55
C THR G 550 3.98 75.57 -5.50
N LYS G 551 3.50 75.00 -6.60
CA LYS G 551 2.11 74.51 -6.64
C LYS G 551 1.99 73.25 -5.79
N ALA G 552 3.07 72.48 -5.68
CA ALA G 552 3.13 71.37 -4.73
C ALA G 552 2.86 71.86 -3.31
N LEU G 553 3.61 72.87 -2.86
CA LEU G 553 3.39 73.47 -1.54
C LEU G 553 1.95 73.96 -1.41
N GLN G 554 1.43 74.57 -2.47
CA GLN G 554 0.04 75.05 -2.49
C GLN G 554 -0.90 73.89 -2.20
N ASP G 555 -0.73 72.79 -2.92
CA ASP G 555 -1.63 71.64 -2.76
C ASP G 555 -1.50 71.06 -1.36
N PHE G 556 -0.28 70.84 -0.90
CA PHE G 556 -0.09 70.22 0.42
C PHE G 556 -0.65 71.11 1.52
N LEU G 557 -0.44 72.42 1.41
CA LEU G 557 -1.00 73.36 2.41
C LEU G 557 -2.53 73.30 2.37
N LEU G 558 -3.12 73.27 1.19
CA LEU G 558 -4.59 73.21 1.08
C LEU G 558 -5.11 71.92 1.69
N SER G 559 -4.41 70.80 1.44
CA SER G 559 -4.85 69.51 1.99
C SER G 559 -4.72 69.48 3.50
N VAL G 560 -3.72 70.19 4.05
CA VAL G 560 -3.62 70.35 5.51
C VAL G 560 -4.83 71.13 6.02
N GLN G 561 -5.21 72.17 5.28
CA GLN G 561 -6.37 72.99 5.66
C GLN G 561 -7.66 72.20 5.56
N MET G 562 -7.74 71.23 4.66
CA MET G 562 -8.96 70.43 4.43
C MET G 562 -9.15 69.41 5.56
N CYS G 563 -8.18 68.52 5.75
CA CYS G 563 -8.22 67.52 6.82
C CYS G 563 -7.03 67.76 7.73
N PRO G 564 -7.25 68.29 8.95
CA PRO G 564 -6.16 68.40 9.92
C PRO G 564 -5.68 67.03 10.41
N GLY G 565 -6.56 66.24 11.00
CA GLY G 565 -6.12 65.05 11.74
C GLY G 565 -5.96 63.85 10.84
N ASN G 566 -5.21 64.02 9.76
CA ASN G 566 -4.87 62.91 8.85
C ASN G 566 -3.38 62.59 8.95
N ARG G 567 -2.54 63.62 8.97
CA ARG G 567 -1.09 63.56 9.22
C ARG G 567 -0.30 63.11 7.99
N ASP G 568 -0.97 62.61 6.95
CA ASP G 568 -0.26 62.28 5.70
C ASP G 568 0.02 63.57 4.96
N THR G 569 -1.00 64.42 4.83
CA THR G 569 -0.87 65.77 4.29
C THR G 569 0.26 66.51 5.03
N TYR G 570 0.23 66.45 6.35
CA TYR G 570 1.23 67.12 7.18
C TYR G 570 2.63 66.61 6.85
N PHE G 571 2.79 65.30 6.73
CA PHE G 571 4.11 64.73 6.39
C PHE G 571 4.61 65.29 5.06
N HIS G 572 3.77 65.28 4.02
CA HIS G 572 4.20 65.75 2.69
C HIS G 572 4.54 67.24 2.72
N LEU G 573 3.70 68.04 3.38
CA LEU G 573 3.96 69.47 3.51
C LEU G 573 5.28 69.70 4.24
N LEU G 574 5.44 69.06 5.39
CA LEU G 574 6.66 69.20 6.19
C LEU G 574 7.87 68.73 5.40
N GLN G 575 7.72 67.68 4.59
CA GLN G 575 8.83 67.19 3.78
C GLN G 575 9.26 68.23 2.74
N THR G 576 8.29 68.90 2.13
CA THR G 576 8.63 69.94 1.13
C THR G 576 9.23 71.17 1.82
N LEU G 577 8.70 71.55 2.99
CA LEU G 577 9.28 72.69 3.73
C LEU G 577 10.68 72.33 4.23
N LYS G 578 10.91 71.07 4.59
CA LYS G 578 12.26 70.59 4.95
C LYS G 578 13.17 70.69 3.74
N ARG G 579 12.64 70.41 2.56
CA ARG G 579 13.42 70.54 1.34
C ARG G 579 13.83 72.00 1.15
N LEU G 580 13.00 72.95 1.59
CA LEU G 580 13.18 74.37 1.28
C LEU G 580 13.56 75.15 2.54
N ASP G 581 12.69 75.21 3.55
CA ASP G 581 12.85 76.19 4.64
C ASP G 581 12.45 75.58 5.98
N ARG G 582 13.41 74.95 6.64
CA ARG G 582 13.13 73.95 7.68
C ARG G 582 12.42 74.63 8.85
N ARG G 583 13.16 75.48 9.56
CA ARG G 583 13.08 75.57 11.03
C ARG G 583 11.67 75.93 11.46
N ASP G 584 11.27 77.17 11.19
CA ASP G 584 10.14 77.81 11.87
C ASP G 584 8.87 77.07 11.52
N GLU G 585 8.65 76.88 10.21
CA GLU G 585 7.42 76.26 9.71
C GLU G 585 7.35 74.84 10.23
N ALA G 586 8.48 74.13 10.19
CA ALA G 586 8.53 72.76 10.71
C ALA G 586 8.07 72.71 12.15
N THR G 587 8.77 73.40 13.04
CA THR G 587 8.47 73.29 14.49
C THR G 587 7.06 73.81 14.79
N ALA G 588 6.60 74.82 14.03
CA ALA G 588 5.22 75.30 14.15
C ALA G 588 4.24 74.19 13.81
N LEU G 589 4.52 73.43 12.75
CA LEU G 589 3.63 72.32 12.37
C LEU G 589 3.76 71.16 13.36
N TRP G 590 4.93 70.99 13.96
CA TRP G 590 5.09 70.04 15.07
C TRP G 590 4.12 70.37 16.19
N TRP G 591 4.08 71.64 16.59
CA TRP G 591 3.14 72.08 17.63
C TRP G 591 1.69 71.83 17.21
N ARG G 592 1.38 72.01 15.92
CA ARG G 592 0.02 71.72 15.43
C ARG G 592 -0.29 70.23 15.53
N LEU G 593 0.65 69.40 15.09
CA LEU G 593 0.49 67.93 15.15
C LEU G 593 0.26 67.48 16.59
N GLU G 594 1.03 68.03 17.52
CA GLU G 594 0.94 67.59 18.92
C GLU G 594 -0.32 68.16 19.59
N ALA G 595 -0.84 69.28 19.09
CA ALA G 595 -2.14 69.79 19.57
C ALA G 595 -3.28 68.92 19.07
N GLN G 596 -3.24 68.54 17.79
CA GLN G 596 -4.20 67.57 17.22
C GLN G 596 -4.22 66.30 18.06
N THR G 597 -3.06 65.67 18.24
CA THR G 597 -2.93 64.47 19.08
C THR G 597 -2.57 64.87 20.51
N LEU G 605 -11.94 58.27 11.12
CA LEU G 605 -11.82 57.06 10.27
C LEU G 605 -13.07 56.21 10.45
N TRP G 606 -14.23 56.87 10.45
CA TRP G 606 -15.54 56.25 10.66
C TRP G 606 -16.17 55.70 9.37
N SER G 607 -16.52 56.60 8.45
CA SER G 607 -17.22 56.27 7.20
C SER G 607 -16.35 56.57 5.98
N LEU G 608 -15.19 55.94 5.94
CA LEU G 608 -14.21 55.90 4.84
C LEU G 608 -14.38 54.60 4.05
N PRO G 609 -15.30 54.57 3.07
CA PRO G 609 -15.47 53.39 2.22
C PRO G 609 -14.15 52.84 1.67
N LEU G 610 -14.19 51.57 1.30
CA LEU G 610 -13.00 50.72 1.23
C LEU G 610 -12.10 51.10 0.06
N TYR G 611 -12.69 51.42 -1.10
CA TYR G 611 -11.89 51.90 -2.24
C TYR G 611 -11.06 53.11 -1.80
N LEU G 612 -11.64 53.98 -0.98
CA LEU G 612 -10.95 55.20 -0.52
C LEU G 612 -9.82 54.84 0.44
N GLU G 613 -10.12 54.05 1.47
CA GLU G 613 -9.11 53.60 2.43
C GLU G 613 -7.95 52.92 1.71
N SER G 614 -8.26 52.08 0.73
CA SER G 614 -7.24 51.36 -0.04
C SER G 614 -6.39 52.34 -0.85
N TYR G 615 -7.03 53.33 -1.44
CA TYR G 615 -6.29 54.37 -2.20
C TYR G 615 -5.30 55.09 -1.27
N LEU G 616 -5.79 55.59 -0.14
CA LEU G 616 -4.93 56.37 0.77
C LEU G 616 -3.78 55.50 1.29
N SER G 617 -4.08 54.26 1.69
CA SER G 617 -3.03 53.33 2.14
C SER G 617 -2.05 53.04 1.02
N TRP G 618 -2.52 53.03 -0.22
CA TRP G 618 -1.67 52.81 -1.39
C TRP G 618 -0.65 53.92 -1.57
N ILE G 619 -1.08 55.19 -1.50
CA ILE G 619 -0.08 56.27 -1.61
C ILE G 619 0.47 56.63 -0.22
N ARG G 620 0.14 55.90 0.84
CA ARG G 620 0.71 56.22 2.15
C ARG G 620 2.17 55.75 2.20
N PRO G 621 3.13 56.65 2.47
CA PRO G 621 4.52 56.24 2.63
C PRO G 621 4.77 55.73 4.06
N SER G 622 5.39 54.55 4.14
CA SER G 622 5.67 53.87 5.41
C SER G 622 6.50 54.74 6.37
N ASP G 623 7.38 55.59 5.85
CA ASP G 623 8.28 56.38 6.70
C ASP G 623 7.67 57.74 7.09
N ARG G 624 6.34 57.87 7.12
CA ARG G 624 5.73 59.15 7.50
C ARG G 624 5.95 59.41 8.99
N ASP G 625 5.69 58.42 9.85
CA ASP G 625 5.85 58.60 11.30
C ASP G 625 7.34 58.77 11.66
N ALA G 626 8.22 58.04 11.00
CA ALA G 626 9.66 58.18 11.20
C ALA G 626 10.10 59.62 10.92
N PHE G 627 9.52 60.23 9.88
CA PHE G 627 9.80 61.62 9.54
C PHE G 627 9.18 62.58 10.56
N LEU G 628 7.95 62.34 11.03
CA LEU G 628 7.36 63.24 12.03
C LEU G 628 7.96 63.04 13.43
N GLU G 629 9.01 62.22 13.56
CA GLU G 629 9.90 62.21 14.74
C GLU G 629 11.14 63.09 14.52
N GLU G 630 11.62 63.18 13.28
CA GLU G 630 12.85 63.91 12.93
C GLU G 630 12.76 65.38 13.33
N MET H 20 10.83 -58.17 37.15
CA MET H 20 11.37 -57.86 35.81
C MET H 20 12.90 -57.65 35.91
N ALA H 21 13.56 -57.46 34.78
CA ALA H 21 15.03 -57.27 34.72
C ALA H 21 15.41 -55.85 35.12
N VAL H 22 14.93 -54.86 34.36
CA VAL H 22 15.28 -53.44 34.57
C VAL H 22 14.67 -52.98 35.89
N THR H 23 15.28 -51.96 36.52
CA THR H 23 14.80 -51.33 37.77
C THR H 23 13.82 -50.19 37.43
N GLU H 24 12.71 -50.54 36.76
CA GLU H 24 11.60 -49.63 36.43
C GLU H 24 10.26 -50.22 36.91
N ALA H 25 10.06 -51.53 36.74
CA ALA H 25 8.88 -52.27 37.25
C ALA H 25 9.29 -53.34 38.28
N SER H 26 10.47 -53.98 38.11
CA SER H 26 11.06 -54.90 39.10
C SER H 26 11.22 -54.23 40.47
N LEU H 27 11.66 -52.99 40.52
CA LEU H 27 11.83 -52.37 41.83
C LEU H 27 10.47 -52.11 42.48
N LEU H 28 9.51 -51.63 41.71
CA LEU H 28 8.11 -51.57 42.22
C LEU H 28 7.68 -52.93 42.77
N ARG H 29 7.77 -53.98 41.94
CA ARG H 29 7.22 -55.30 42.23
C ARG H 29 7.93 -55.99 43.40
N GLN H 30 9.21 -55.67 43.66
CA GLN H 30 10.04 -56.43 44.63
C GLN H 30 10.27 -55.66 45.91
N CYS H 31 10.00 -54.38 45.90
CA CYS H 31 9.96 -53.57 47.13
C CYS H 31 8.85 -52.53 47.01
N PRO H 32 7.60 -52.98 47.07
CA PRO H 32 6.48 -52.11 46.84
C PRO H 32 6.50 -51.03 47.86
N LEU H 33 6.92 -51.16 49.09
CA LEU H 33 6.68 -50.01 49.95
C LEU H 33 7.91 -49.16 50.12
N LEU H 34 8.72 -49.11 49.08
CA LEU H 34 9.77 -48.07 48.96
C LEU H 34 9.40 -47.01 47.95
N LEU H 35 9.11 -45.79 48.38
CA LEU H 35 8.61 -44.75 47.50
C LEU H 35 9.78 -43.81 47.26
N PRO H 36 10.17 -43.59 46.01
CA PRO H 36 11.11 -42.53 45.71
C PRO H 36 10.57 -41.16 45.98
N GLN H 37 11.20 -40.41 46.88
CA GLN H 37 10.79 -39.04 47.10
C GLN H 37 11.17 -38.12 45.94
N ASN H 38 12.42 -38.12 45.56
CA ASN H 38 12.87 -37.12 44.61
C ASN H 38 12.52 -37.54 43.19
N ARG H 39 12.34 -36.55 42.32
CA ARG H 39 12.03 -36.78 40.91
C ARG H 39 13.17 -37.56 40.28
N SER H 40 14.36 -37.01 40.34
CA SER H 40 15.54 -37.84 40.11
C SER H 40 15.49 -38.87 41.23
N LYS H 41 15.28 -40.13 40.91
CA LYS H 41 14.99 -41.17 41.92
C LYS H 41 16.28 -41.46 42.67
N THR H 42 16.46 -40.69 43.72
CA THR H 42 17.68 -40.72 44.52
C THR H 42 17.36 -40.95 46.00
N VAL H 43 16.26 -40.44 46.48
CA VAL H 43 15.92 -40.66 47.89
C VAL H 43 14.73 -41.56 47.94
N TYR H 44 14.88 -42.75 48.48
CA TYR H 44 13.73 -43.61 48.74
C TYR H 44 13.43 -43.65 50.23
N GLU H 45 12.16 -43.77 50.54
CA GLU H 45 11.67 -43.74 51.92
C GLU H 45 10.43 -44.59 51.99
N GLY H 46 10.23 -45.23 53.10
CA GLY H 46 9.10 -46.12 53.25
C GLY H 46 9.47 -47.35 54.04
N PHE H 47 9.00 -48.44 53.62
CA PHE H 47 8.99 -49.60 54.49
C PHE H 47 9.62 -50.72 53.69
N ILE H 48 10.15 -51.72 54.39
CA ILE H 48 10.68 -52.90 53.73
C ILE H 48 10.26 -54.11 54.52
N SER H 49 9.88 -55.10 53.75
CA SER H 49 9.00 -56.17 54.22
C SER H 49 9.80 -57.41 54.52
N ALA H 50 9.35 -58.15 55.51
CA ALA H 50 10.03 -59.40 55.80
C ALA H 50 9.20 -60.18 56.79
N GLN H 51 8.69 -61.29 56.34
CA GLN H 51 7.93 -62.21 57.18
C GLN H 51 6.77 -61.49 57.87
N GLY H 52 6.00 -60.79 57.04
CA GLY H 52 4.82 -60.07 57.51
C GLY H 52 5.18 -59.11 58.64
N ARG H 53 6.05 -58.14 58.32
CA ARG H 53 6.55 -57.14 59.27
C ARG H 53 7.30 -56.07 58.53
N ASP H 54 6.87 -54.84 58.73
CA ASP H 54 7.43 -53.78 57.91
C ASP H 54 8.39 -52.95 58.75
N PHE H 55 9.57 -52.72 58.22
CA PHE H 55 10.64 -52.00 58.94
C PHE H 55 10.91 -50.68 58.25
N HIS H 56 11.02 -49.59 59.00
CA HIS H 56 11.35 -48.27 58.41
C HIS H 56 12.73 -48.15 57.84
N LEU H 57 12.91 -47.41 56.79
CA LEU H 57 14.13 -47.38 56.02
C LEU H 57 14.16 -46.18 55.13
N ARG H 58 15.28 -45.53 55.09
CA ARG H 58 15.38 -44.27 54.35
C ARG H 58 16.75 -44.29 53.71
N ILE H 59 16.80 -44.05 52.43
CA ILE H 59 18.05 -44.29 51.71
C ILE H 59 18.41 -43.02 50.99
N VAL H 60 19.70 -42.77 50.79
CA VAL H 60 20.10 -41.58 50.00
C VAL H 60 21.27 -41.94 49.10
N LEU H 61 21.13 -41.65 47.82
CA LEU H 61 22.25 -41.79 46.90
C LEU H 61 22.97 -40.46 46.73
N PRO H 62 24.16 -40.49 46.12
CA PRO H 62 24.82 -39.25 45.69
C PRO H 62 24.09 -38.64 44.50
N GLU H 63 24.72 -37.63 43.90
CA GLU H 63 24.17 -37.01 42.68
C GLU H 63 24.07 -38.04 41.56
N ASP H 64 24.94 -39.04 41.60
CA ASP H 64 25.01 -40.14 40.64
C ASP H 64 24.68 -41.46 41.33
N LEU H 65 24.51 -42.50 40.52
CA LEU H 65 24.08 -43.82 40.95
C LEU H 65 25.33 -44.67 41.22
N GLN H 66 25.91 -44.43 42.39
CA GLN H 66 27.04 -45.19 42.94
C GLN H 66 26.68 -45.42 44.41
N LEU H 67 26.82 -46.64 44.86
CA LEU H 67 26.48 -46.96 46.24
C LEU H 67 27.73 -46.98 47.10
N LYS H 68 28.92 -46.80 46.51
CA LYS H 68 30.20 -46.78 47.26
C LYS H 68 30.04 -45.82 48.43
N ASN H 69 29.31 -44.73 48.21
CA ASN H 69 28.93 -43.81 49.29
C ASN H 69 27.41 -43.65 49.19
N ALA H 70 26.73 -43.94 50.27
CA ALA H 70 25.30 -43.66 50.36
C ALA H 70 24.95 -43.60 51.82
N ARG H 71 23.86 -42.92 52.13
CA ARG H 71 23.29 -42.98 53.48
C ARG H 71 22.24 -44.08 53.54
N LEU H 72 22.13 -44.67 54.71
CA LEU H 72 21.04 -45.61 54.92
C LEU H 72 20.72 -45.47 56.39
N LEU H 73 19.57 -44.90 56.68
CA LEU H 73 19.09 -44.87 58.05
C LEU H 73 17.90 -45.81 58.20
N CYS H 74 17.66 -46.17 59.45
CA CYS H 74 16.69 -47.18 59.86
C CYS H 74 16.08 -46.80 61.18
N SER H 75 14.98 -47.42 61.48
CA SER H 75 14.38 -47.32 62.79
C SER H 75 15.11 -48.22 63.74
N TRP H 76 14.97 -47.91 65.02
CA TRP H 76 15.66 -48.68 66.07
C TRP H 76 15.12 -50.10 66.09
N GLN H 77 13.89 -50.27 65.65
CA GLN H 77 13.44 -51.62 65.38
C GLN H 77 14.43 -52.36 64.49
N LEU H 78 14.73 -51.77 63.36
CA LEU H 78 15.53 -52.42 62.33
C LEU H 78 16.98 -52.54 62.78
N ARG H 79 17.53 -51.57 63.51
CA ARG H 79 18.95 -51.75 63.88
C ARG H 79 19.17 -52.86 64.88
N THR H 80 18.32 -52.98 65.92
CA THR H 80 18.48 -54.08 66.89
C THR H 80 18.40 -55.46 66.21
N ILE H 81 17.67 -55.52 65.13
CA ILE H 81 17.51 -56.78 64.42
C ILE H 81 18.64 -56.94 63.45
N LEU H 82 19.21 -55.89 62.98
CA LEU H 82 20.41 -56.04 62.17
C LEU H 82 21.65 -55.84 63.00
N SER H 83 21.51 -56.02 64.30
CA SER H 83 22.65 -56.10 65.21
C SER H 83 23.60 -57.24 64.85
N GLY H 84 24.89 -56.98 64.93
CA GLY H 84 25.89 -57.97 64.56
C GLY H 84 26.23 -57.98 63.07
N TYR H 85 25.24 -58.09 62.22
CA TYR H 85 25.45 -58.08 60.79
C TYR H 85 25.84 -56.69 60.31
N HIS H 86 26.07 -55.75 61.20
CA HIS H 86 26.37 -54.39 60.78
C HIS H 86 27.52 -54.37 59.77
N ARG H 87 28.58 -55.09 60.06
CA ARG H 87 29.74 -55.08 59.15
C ARG H 87 29.39 -55.66 57.78
N ILE H 88 28.49 -56.65 57.71
CA ILE H 88 28.11 -57.24 56.41
C ILE H 88 27.37 -56.22 55.58
N VAL H 89 26.44 -55.57 56.21
CA VAL H 89 25.62 -54.58 55.52
C VAL H 89 26.53 -53.46 55.06
N GLN H 90 27.39 -53.00 55.95
CA GLN H 90 28.32 -51.92 55.62
C GLN H 90 29.10 -52.36 54.40
N GLN H 91 29.57 -53.60 54.42
CA GLN H 91 30.32 -54.14 53.28
C GLN H 91 29.44 -54.16 52.03
N ARG H 92 28.18 -54.57 52.18
CA ARG H 92 27.30 -54.69 51.00
C ARG H 92 27.05 -53.35 50.37
N MET H 93 26.92 -52.31 51.19
CA MET H 93 26.78 -50.94 50.70
C MET H 93 27.93 -50.67 49.73
N GLN H 94 29.15 -51.04 50.11
CA GLN H 94 30.28 -50.74 49.22
C GLN H 94 30.38 -51.74 48.08
N HIS H 95 30.02 -53.00 48.27
CA HIS H 95 30.25 -54.00 47.22
C HIS H 95 29.15 -54.14 46.18
N SER H 96 27.92 -53.74 46.49
CA SER H 96 26.79 -54.12 45.63
C SER H 96 26.70 -53.16 44.46
N PRO H 97 26.51 -53.68 43.23
CA PRO H 97 26.45 -52.82 42.03
C PRO H 97 25.19 -51.95 41.93
N ASP H 98 24.02 -52.55 42.07
CA ASP H 98 22.74 -51.84 41.87
C ASP H 98 22.03 -51.65 43.20
N LEU H 99 21.07 -50.74 43.25
CA LEU H 99 20.24 -50.66 44.45
C LEU H 99 19.32 -51.88 44.56
N MET H 100 18.70 -52.31 43.46
CA MET H 100 17.75 -53.42 43.54
C MET H 100 18.37 -54.64 44.21
N SER H 101 19.57 -55.02 43.79
CA SER H 101 20.24 -56.20 44.34
C SER H 101 20.62 -55.97 45.78
N PHE H 102 21.02 -54.76 46.12
CA PHE H 102 21.28 -54.46 47.51
C PHE H 102 20.03 -54.69 48.33
N MET H 103 18.86 -54.30 47.84
CA MET H 103 17.61 -54.53 48.63
C MET H 103 17.22 -56.00 48.70
N MET H 104 17.35 -56.72 47.58
CA MET H 104 17.14 -58.18 47.59
C MET H 104 17.98 -58.79 48.69
N GLU H 105 19.26 -58.49 48.70
CA GLU H 105 20.16 -59.01 49.73
C GLU H 105 19.78 -58.56 51.09
N LEU H 106 19.38 -57.33 51.28
CA LEU H 106 19.09 -56.95 52.64
C LEU H 106 17.80 -57.62 53.10
N LYS H 107 16.77 -57.80 52.28
CA LYS H 107 15.63 -58.60 52.74
C LYS H 107 15.96 -60.06 53.12
N MET H 108 16.74 -60.73 52.31
CA MET H 108 17.24 -62.04 52.69
C MET H 108 17.91 -61.96 54.05
N LEU H 109 18.82 -61.03 54.17
CA LEU H 109 19.63 -60.95 55.37
C LEU H 109 18.73 -60.72 56.54
N LEU H 110 17.77 -59.85 56.35
CA LEU H 110 16.86 -59.53 57.43
C LEU H 110 16.11 -60.79 57.83
N GLU H 111 15.68 -61.58 56.85
CA GLU H 111 14.95 -62.84 57.15
C GLU H 111 15.77 -63.75 58.06
N VAL H 112 17.05 -63.81 57.77
CA VAL H 112 17.92 -64.64 58.56
C VAL H 112 18.03 -64.13 59.95
N ALA H 113 18.32 -62.86 60.11
CA ALA H 113 18.41 -62.34 61.46
C ALA H 113 17.12 -62.54 62.25
N LEU H 114 15.95 -62.49 61.62
CA LEU H 114 14.70 -62.76 62.31
C LEU H 114 14.53 -64.23 62.64
N LYS H 115 14.75 -65.11 61.66
CA LYS H 115 14.64 -66.56 61.92
C LYS H 115 15.57 -67.05 63.03
N ASN H 116 16.71 -66.42 63.26
CA ASN H 116 17.56 -66.85 64.36
C ASN H 116 16.94 -66.46 65.69
N ARG H 117 16.62 -65.22 65.87
CA ARG H 117 16.12 -64.76 67.17
C ARG H 117 14.62 -64.84 67.21
N GLN H 118 14.10 -65.94 66.73
CA GLN H 118 12.66 -66.17 66.60
C GLN H 118 12.02 -66.15 67.98
N GLU H 119 12.83 -66.18 69.03
CA GLU H 119 12.33 -66.15 70.41
C GLU H 119 11.60 -64.85 70.68
N LEU H 120 12.20 -63.71 70.29
CA LEU H 120 11.71 -62.38 70.68
C LEU H 120 10.57 -61.93 69.77
N TYR H 121 10.46 -62.49 68.58
CA TYR H 121 9.61 -61.95 67.49
C TYR H 121 8.60 -63.00 67.02
N ALA H 122 7.36 -62.88 67.50
CA ALA H 122 6.25 -63.77 67.15
C ALA H 122 4.96 -63.21 67.74
N LEU H 123 3.84 -63.71 67.21
CA LEU H 123 2.52 -63.53 67.80
C LEU H 123 1.53 -64.61 67.34
N PRO H 124 1.03 -65.48 68.23
CA PRO H 124 0.07 -66.51 67.87
C PRO H 124 -1.30 -65.95 67.57
N PRO H 125 -2.21 -66.72 66.95
CA PRO H 125 -3.60 -66.28 66.73
C PRO H 125 -4.47 -66.78 67.86
N PRO H 126 -4.63 -65.96 68.90
CA PRO H 126 -5.32 -66.41 70.11
C PRO H 126 -6.66 -67.09 69.89
N PRO H 127 -7.55 -66.55 69.06
CA PRO H 127 -8.91 -67.09 69.05
C PRO H 127 -8.97 -68.58 68.86
N GLN H 128 -8.04 -69.10 68.07
CA GLN H 128 -7.94 -70.54 67.86
C GLN H 128 -7.14 -71.12 69.03
N PHE H 129 -5.99 -70.50 69.32
CA PHE H 129 -4.82 -71.17 69.89
C PHE H 129 -5.09 -71.41 71.36
N TYR H 130 -5.03 -70.36 72.15
CA TYR H 130 -4.88 -70.55 73.58
C TYR H 130 -6.07 -71.33 74.07
N SER H 131 -7.24 -71.06 73.51
CA SER H 131 -8.42 -71.77 73.99
C SER H 131 -8.30 -73.23 73.60
N SER H 132 -7.96 -73.53 72.35
CA SER H 132 -7.94 -74.93 71.87
C SER H 132 -6.97 -75.78 72.66
N LEU H 133 -5.84 -75.19 72.99
CA LEU H 133 -4.83 -75.93 73.73
C LEU H 133 -5.34 -76.19 75.11
N ILE H 134 -6.05 -75.25 75.70
CA ILE H 134 -6.57 -75.54 77.04
C ILE H 134 -7.75 -76.52 77.02
N GLU H 135 -8.60 -76.45 76.01
CA GLU H 135 -9.60 -77.51 75.78
C GLU H 135 -8.93 -78.88 75.65
N GLU H 136 -7.83 -78.96 74.87
CA GLU H 136 -7.15 -80.23 74.62
C GLU H 136 -6.48 -80.75 75.88
N ILE H 137 -5.90 -79.88 76.69
CA ILE H 137 -5.32 -80.39 77.93
C ILE H 137 -6.41 -80.84 78.89
N GLY H 138 -7.59 -80.26 78.81
CA GLY H 138 -8.72 -80.81 79.57
C GLY H 138 -9.21 -82.16 79.05
N THR H 139 -9.21 -82.33 77.73
CA THR H 139 -9.54 -83.62 77.09
C THR H 139 -8.55 -84.71 77.52
N LEU H 140 -7.24 -84.39 77.58
CA LEU H 140 -6.28 -85.35 78.14
C LEU H 140 -6.62 -85.63 79.58
N GLY H 141 -6.74 -84.61 80.44
CA GLY H 141 -6.80 -84.80 81.87
C GLY H 141 -5.64 -84.12 82.53
N TRP H 142 -5.95 -83.41 83.58
CA TRP H 142 -4.96 -82.52 84.20
C TRP H 142 -4.05 -83.34 85.10
N ASP H 143 -4.27 -84.63 85.18
CA ASP H 143 -3.33 -85.53 85.86
C ASP H 143 -2.09 -85.60 84.98
N LYS H 144 -2.27 -85.35 83.70
CA LYS H 144 -1.19 -85.59 82.75
C LYS H 144 -0.20 -84.44 82.83
N LEU H 145 -0.66 -83.21 82.64
CA LEU H 145 0.26 -82.12 82.35
C LEU H 145 1.18 -81.87 83.52
N VAL H 146 2.45 -81.65 83.25
CA VAL H 146 3.47 -81.44 84.28
C VAL H 146 4.25 -80.17 84.08
N TYR H 147 4.31 -79.68 82.85
CA TYR H 147 5.08 -78.46 82.62
C TYR H 147 4.59 -77.67 81.42
N ALA H 148 4.63 -76.36 81.50
CA ALA H 148 4.29 -75.49 80.38
C ALA H 148 5.20 -74.27 80.42
N ASP H 149 5.66 -73.88 79.25
CA ASP H 149 6.60 -72.77 79.15
C ASP H 149 5.89 -71.41 79.08
N THR H 150 6.54 -70.32 79.49
CA THR H 150 5.85 -68.98 79.59
C THR H 150 5.42 -68.46 78.22
N CYS H 151 6.18 -68.87 77.20
CA CYS H 151 5.82 -68.65 75.80
C CYS H 151 4.83 -69.71 75.32
N PHE H 152 4.55 -70.71 76.16
CA PHE H 152 3.54 -71.75 75.96
C PHE H 152 3.91 -72.65 74.80
N SER H 153 5.17 -72.57 74.35
CA SER H 153 5.67 -73.24 73.15
C SER H 153 5.99 -74.70 73.49
N THR H 154 6.86 -74.89 74.47
CA THR H 154 7.20 -76.20 75.01
C THR H 154 6.17 -76.59 76.06
N ILE H 155 5.62 -77.82 75.98
CA ILE H 155 4.89 -78.46 77.12
C ILE H 155 5.34 -79.87 77.24
N LYS H 156 5.12 -80.43 78.40
CA LYS H 156 5.65 -81.76 78.67
C LYS H 156 4.62 -82.53 79.41
N LEU H 157 4.45 -83.75 78.97
CA LEU H 157 3.43 -84.57 79.57
C LEU H 157 4.06 -85.83 80.11
N LYS H 158 3.29 -86.51 80.93
CA LYS H 158 3.76 -87.71 81.62
C LYS H 158 2.89 -88.91 81.24
N ALA H 159 3.50 -90.10 81.26
CA ALA H 159 2.76 -91.35 81.24
C ALA H 159 3.43 -92.40 82.12
N GLU H 160 2.67 -93.45 82.37
CA GLU H 160 3.08 -94.56 83.21
C GLU H 160 3.15 -95.85 82.40
N ASP H 161 4.06 -96.72 82.78
CA ASP H 161 4.05 -98.13 82.33
C ASP H 161 3.07 -98.92 83.17
N ALA H 162 2.66 -100.07 82.64
CA ALA H 162 1.96 -101.06 83.47
C ALA H 162 2.87 -101.54 84.60
N SER H 163 4.19 -101.61 84.31
CA SER H 163 5.18 -101.96 85.34
C SER H 163 5.26 -100.85 86.40
N GLY H 164 4.87 -99.63 86.06
CA GLY H 164 4.87 -98.53 87.01
C GLY H 164 6.13 -97.69 86.87
N ARG H 165 6.43 -97.31 85.63
CA ARG H 165 7.58 -96.46 85.29
C ARG H 165 7.05 -95.19 84.63
N GLU H 166 7.62 -94.06 84.99
CA GLU H 166 7.25 -92.76 84.40
C GLU H 166 8.08 -92.48 83.17
N HIS H 167 7.43 -92.05 82.10
CA HIS H 167 8.13 -91.62 80.89
C HIS H 167 7.56 -90.27 80.47
N LEU H 168 8.46 -89.34 80.20
CA LEU H 168 8.06 -87.98 79.86
C LEU H 168 8.12 -87.81 78.37
N ILE H 169 7.39 -86.82 77.88
CA ILE H 169 7.43 -86.42 76.46
C ILE H 169 7.39 -84.90 76.37
N THR H 170 8.37 -84.35 75.66
CA THR H 170 8.40 -82.92 75.39
C THR H 170 7.81 -82.70 74.03
N LEU H 171 6.89 -81.76 73.93
CA LEU H 171 6.49 -81.22 72.63
C LEU H 171 6.95 -79.77 72.56
N LYS H 172 7.30 -79.35 71.37
CA LYS H 172 7.50 -77.92 71.07
C LYS H 172 6.52 -77.54 69.99
N LEU H 173 5.80 -76.44 70.21
CA LEU H 173 4.64 -76.09 69.39
C LEU H 173 4.97 -74.85 68.59
N LYS H 174 4.44 -74.76 67.42
CA LYS H 174 4.68 -73.54 66.64
C LYS H 174 3.59 -72.49 66.89
N ALA H 175 3.71 -71.35 66.22
CA ALA H 175 2.65 -70.35 66.16
C ALA H 175 1.33 -70.99 65.70
N LYS H 176 1.42 -71.88 64.73
CA LYS H 176 0.24 -72.62 64.28
C LYS H 176 0.38 -74.04 64.75
N TYR H 177 -0.27 -74.34 65.85
CA TYR H 177 -0.18 -75.70 66.43
C TYR H 177 -0.93 -76.69 65.56
N PRO H 178 -2.25 -76.52 65.38
CA PRO H 178 -2.98 -77.60 64.74
C PRO H 178 -2.60 -77.76 63.29
N ALA H 179 -2.09 -76.69 62.66
CA ALA H 179 -1.76 -76.72 61.24
C ALA H 179 -0.62 -77.69 60.92
N GLU H 180 0.56 -77.42 61.44
CA GLU H 180 1.77 -78.22 61.16
C GLU H 180 1.98 -79.23 62.30
N SER H 181 2.98 -80.08 62.13
CA SER H 181 3.33 -81.04 63.18
C SER H 181 4.00 -80.30 64.34
N PRO H 182 3.75 -80.67 65.60
CA PRO H 182 4.61 -80.23 66.70
C PRO H 182 5.79 -81.16 66.95
N ASP H 183 6.97 -80.60 67.22
CA ASP H 183 8.21 -81.38 67.36
C ASP H 183 8.17 -82.18 68.67
N TYR H 184 8.19 -83.49 68.58
CA TYR H 184 8.05 -84.37 69.76
C TYR H 184 9.43 -84.91 70.11
N PHE H 185 9.83 -84.76 71.37
CA PHE H 185 11.11 -85.26 71.88
C PHE H 185 10.85 -86.19 73.04
N VAL H 186 11.42 -87.36 72.94
CA VAL H 186 11.20 -88.41 73.94
C VAL H 186 12.53 -89.10 74.18
N ASP H 187 12.68 -89.67 75.38
CA ASP H 187 13.93 -90.29 75.84
C ASP H 187 14.21 -91.65 75.17
N PHE H 188 13.20 -92.52 75.11
CA PHE H 188 13.43 -93.96 74.93
C PHE H 188 14.15 -94.29 73.63
N PRO H 189 14.89 -95.41 73.58
CA PRO H 189 15.95 -95.53 72.62
C PRO H 189 15.48 -95.94 71.24
N VAL H 190 14.33 -96.53 71.03
CA VAL H 190 13.93 -96.73 69.62
C VAL H 190 13.34 -95.41 69.11
N PRO H 191 13.47 -95.10 67.82
CA PRO H 191 12.90 -93.86 67.30
C PRO H 191 11.38 -93.87 67.38
N PHE H 192 10.83 -92.88 68.05
CA PHE H 192 9.38 -92.74 68.24
C PHE H 192 8.75 -92.10 67.02
N CYS H 193 7.70 -92.74 66.51
CA CYS H 193 7.01 -92.32 65.28
C CYS H 193 5.56 -91.96 65.62
N ALA H 194 5.17 -90.72 65.30
CA ALA H 194 3.84 -90.23 65.64
C ALA H 194 3.16 -89.76 64.36
N SER H 195 2.16 -90.52 63.92
CA SER H 195 1.32 -90.15 62.79
C SER H 195 0.45 -88.94 63.12
N TRP H 196 0.92 -87.75 62.76
CA TRP H 196 0.15 -86.51 62.94
C TRP H 196 -0.71 -86.25 61.70
N THR H 197 -1.97 -85.93 61.95
CA THR H 197 -2.90 -85.31 60.99
C THR H 197 -3.24 -83.89 61.42
N PRO H 198 -3.74 -83.03 60.50
CA PRO H 198 -4.41 -81.79 60.91
C PRO H 198 -5.64 -82.00 61.79
N GLN H 199 -6.21 -83.19 61.75
CA GLN H 199 -7.38 -83.54 62.54
C GLN H 199 -6.98 -84.01 63.92
N SER H 200 -5.79 -84.63 64.01
CA SER H 200 -5.22 -85.12 65.27
C SER H 200 -5.05 -84.00 66.27
N SER H 201 -4.77 -84.40 67.49
CA SER H 201 -4.57 -83.45 68.60
C SER H 201 -3.72 -84.14 69.65
N LEU H 202 -3.63 -83.53 70.83
CA LEU H 202 -2.72 -84.05 71.85
C LEU H 202 -3.19 -85.41 72.32
N ILE H 203 -4.48 -85.63 72.38
CA ILE H 203 -4.88 -86.99 72.75
C ILE H 203 -4.35 -88.04 71.77
N SER H 204 -4.31 -87.73 70.48
CA SER H 204 -3.86 -88.70 69.47
C SER H 204 -2.40 -89.10 69.66
N ILE H 205 -1.52 -88.11 69.65
CA ILE H 205 -0.08 -88.38 69.80
C ILE H 205 0.17 -89.02 71.16
N TYR H 206 -0.62 -88.69 72.17
CA TYR H 206 -0.43 -89.27 73.49
C TYR H 206 -0.81 -90.74 73.49
N SER H 207 -1.88 -91.11 72.79
CA SER H 207 -2.25 -92.52 72.67
C SER H 207 -1.13 -93.31 71.91
N GLN H 208 -0.55 -92.72 70.86
CA GLN H 208 0.59 -93.34 70.14
C GLN H 208 1.77 -93.50 71.06
N PHE H 209 1.99 -92.52 71.93
CA PHE H 209 3.09 -92.57 72.90
C PHE H 209 2.86 -93.71 73.87
N LEU H 210 1.65 -93.85 74.40
CA LEU H 210 1.38 -94.98 75.29
C LEU H 210 1.56 -96.31 74.57
N ALA H 211 1.22 -96.37 73.28
CA ALA H 211 1.44 -97.61 72.50
C ALA H 211 2.93 -97.97 72.39
N ALA H 212 3.76 -96.98 72.06
CA ALA H 212 5.21 -97.15 71.97
C ALA H 212 5.77 -97.53 73.34
N ILE H 213 5.20 -97.02 74.42
CA ILE H 213 5.70 -97.36 75.77
C ILE H 213 5.49 -98.85 75.97
N GLU H 214 4.26 -99.30 75.80
CA GLU H 214 3.90 -100.71 76.01
C GLU H 214 4.69 -101.65 75.09
N SER H 215 5.14 -101.17 73.93
CA SER H 215 5.99 -102.01 73.05
C SER H 215 7.33 -102.33 73.70
N LEU H 216 8.01 -101.31 74.19
CA LEU H 216 9.37 -101.46 74.71
C LEU H 216 9.38 -102.05 76.13
N LYS H 217 8.23 -102.37 76.73
CA LYS H 217 8.18 -102.90 78.10
C LYS H 217 9.30 -103.90 78.38
N ALA H 218 9.58 -104.81 77.45
CA ALA H 218 10.51 -105.90 77.73
C ALA H 218 11.93 -105.38 77.92
N PHE H 219 12.37 -104.51 77.03
CA PHE H 219 13.69 -103.88 77.19
C PHE H 219 13.81 -103.27 78.59
N TRP H 220 12.80 -102.49 78.96
CA TRP H 220 12.75 -101.87 80.30
C TRP H 220 12.90 -102.93 81.40
N ASP H 221 12.15 -104.02 81.30
CA ASP H 221 12.18 -105.04 82.34
C ASP H 221 13.62 -105.49 82.50
N VAL H 222 14.29 -105.65 81.38
CA VAL H 222 15.67 -106.15 81.38
C VAL H 222 16.55 -105.18 82.13
N MET H 223 16.51 -103.94 81.71
CA MET H 223 17.43 -102.97 82.30
C MET H 223 17.09 -102.74 83.77
N ASP H 224 15.80 -102.84 84.15
CA ASP H 224 15.39 -102.67 85.55
C ASP H 224 15.91 -103.80 86.42
N GLU H 225 15.78 -105.01 85.91
CA GLU H 225 16.33 -106.14 86.64
C GLU H 225 17.84 -106.00 86.81
N ILE H 226 18.55 -105.55 85.76
CA ILE H 226 20.02 -105.39 85.85
C ILE H 226 20.39 -104.32 86.85
N ASP H 227 19.81 -103.15 86.72
CA ASP H 227 20.21 -102.05 87.60
C ASP H 227 19.85 -102.37 89.06
N GLU H 228 18.87 -103.23 89.28
CA GLU H 228 18.55 -103.66 90.65
C GLU H 228 19.61 -104.64 91.16
N LYS H 229 19.80 -105.78 90.49
CA LYS H 229 20.51 -106.91 91.13
C LYS H 229 21.99 -106.91 90.82
N THR H 230 22.54 -105.81 90.30
CA THR H 230 23.94 -105.76 89.91
C THR H 230 24.48 -104.35 90.10
N TRP H 231 25.79 -104.27 90.30
CA TRP H 231 26.54 -103.01 90.37
C TRP H 231 26.83 -102.50 88.95
N VAL H 232 25.83 -101.89 88.36
CA VAL H 232 25.99 -101.01 87.17
C VAL H 232 26.92 -99.87 87.53
N LEU H 233 27.79 -99.48 86.60
CA LEU H 233 28.96 -98.69 87.00
C LEU H 233 29.02 -97.35 86.27
N GLU H 234 28.92 -97.30 84.93
CA GLU H 234 29.19 -96.06 84.16
C GLU H 234 28.18 -95.84 83.03
N PRO H 235 26.93 -96.21 83.23
CA PRO H 235 25.85 -95.21 83.18
C PRO H 235 25.34 -94.94 84.60
N GLU H 236 26.11 -94.21 85.40
CA GLU H 236 25.62 -93.91 86.74
C GLU H 236 24.36 -93.03 86.70
N LYS H 237 23.35 -93.46 87.46
CA LYS H 237 21.96 -93.01 87.36
C LYS H 237 21.57 -92.99 85.90
N PRO H 238 21.45 -94.15 85.26
CA PRO H 238 21.36 -94.17 83.79
C PRO H 238 20.04 -93.63 83.29
N PRO H 239 20.05 -93.06 82.08
CA PRO H 239 18.82 -92.57 81.49
C PRO H 239 17.99 -93.73 80.97
N ARG H 240 16.86 -93.38 80.38
CA ARG H 240 16.02 -94.37 79.73
C ARG H 240 16.43 -94.59 78.28
N SER H 241 17.29 -93.76 77.75
CA SER H 241 17.81 -93.94 76.39
C SER H 241 18.90 -94.99 76.35
N ALA H 242 19.43 -95.36 77.51
CA ALA H 242 20.73 -95.99 77.55
C ALA H 242 20.62 -97.48 77.34
N THR H 243 21.42 -97.95 76.42
CA THR H 243 21.43 -99.35 76.03
C THR H 243 22.63 -100.06 76.65
N ALA H 244 23.62 -99.27 77.07
CA ALA H 244 24.87 -99.86 77.57
C ALA H 244 24.86 -99.92 79.08
N ARG H 245 25.48 -100.95 79.61
CA ARG H 245 25.63 -101.16 81.05
C ARG H 245 26.97 -101.84 81.27
N ARG H 246 27.95 -101.02 81.62
CA ARG H 246 29.25 -101.51 82.09
C ARG H 246 29.07 -102.13 83.48
N ILE H 247 28.97 -103.45 83.53
CA ILE H 247 28.79 -104.18 84.79
C ILE H 247 30.18 -104.49 85.34
N ALA H 248 30.36 -104.34 86.65
CA ALA H 248 31.59 -104.71 87.34
C ALA H 248 31.44 -106.11 87.94
N LEU H 249 32.55 -106.82 88.02
CA LEU H 249 32.56 -108.20 88.49
C LEU H 249 33.96 -108.48 89.03
N GLY H 250 34.03 -109.32 90.06
CA GLY H 250 35.31 -109.57 90.71
C GLY H 250 35.87 -108.24 91.18
N ASN H 251 37.09 -107.93 90.78
CA ASN H 251 37.72 -106.67 91.18
C ASN H 251 38.61 -106.15 90.06
N ASN H 252 38.41 -104.88 89.71
CA ASN H 252 39.21 -104.16 88.71
C ASN H 252 39.08 -104.80 87.33
N VAL H 253 37.99 -105.53 87.11
CA VAL H 253 37.62 -106.00 85.76
C VAL H 253 36.13 -105.76 85.60
N SER H 254 35.74 -105.45 84.37
CA SER H 254 34.34 -105.20 84.05
C SER H 254 34.01 -105.83 82.70
N ILE H 255 32.73 -106.05 82.52
CA ILE H 255 32.16 -106.49 81.24
C ILE H 255 31.13 -105.43 80.89
N ASN H 256 31.26 -104.82 79.70
CA ASN H 256 30.24 -103.88 79.21
C ASN H 256 29.28 -104.63 78.29
N ILE H 257 28.02 -104.21 78.30
CA ILE H 257 26.93 -105.01 77.74
C ILE H 257 25.96 -104.08 77.07
N GLU H 258 25.84 -104.23 75.77
CA GLU H 258 24.87 -103.48 75.00
C GLU H 258 23.76 -104.40 74.60
N VAL H 259 22.54 -103.92 74.75
CA VAL H 259 21.35 -104.73 74.57
C VAL H 259 20.55 -104.19 73.38
N ASP H 260 19.94 -105.10 72.62
CA ASP H 260 19.09 -104.68 71.50
C ASP H 260 17.66 -104.52 71.97
N PRO H 261 17.02 -103.36 71.74
CA PRO H 261 15.64 -103.14 72.17
C PRO H 261 14.58 -104.07 71.57
N ARG H 262 14.65 -104.34 70.28
CA ARG H 262 13.71 -105.26 69.64
C ARG H 262 13.83 -106.70 70.16
N HIS H 263 15.03 -107.10 70.60
CA HIS H 263 15.36 -108.48 70.98
C HIS H 263 16.17 -108.48 72.27
N PRO H 264 15.62 -107.99 73.39
CA PRO H 264 16.46 -107.77 74.57
C PRO H 264 16.98 -109.06 75.17
N THR H 265 16.05 -109.98 75.32
CA THR H 265 16.31 -111.31 75.85
C THR H 265 17.37 -112.04 75.00
N MET H 266 17.49 -111.70 73.73
CA MET H 266 18.50 -112.27 72.81
C MET H 266 19.88 -111.98 73.34
N LEU H 267 20.87 -112.64 72.78
CA LEU H 267 22.24 -112.50 73.26
C LEU H 267 22.70 -111.07 73.10
N PRO H 268 23.40 -110.54 74.11
CA PRO H 268 23.91 -109.18 74.00
C PRO H 268 25.33 -109.17 73.44
N GLU H 269 25.71 -107.97 73.06
CA GLU H 269 27.11 -107.62 72.87
C GLU H 269 27.80 -107.38 74.20
N CYS H 270 28.85 -108.15 74.44
CA CYS H 270 29.52 -108.11 75.72
C CYS H 270 30.99 -108.25 75.40
N PHE H 271 31.83 -107.47 76.07
CA PHE H 271 33.27 -107.73 76.10
C PHE H 271 33.85 -107.10 77.37
N PHE H 272 35.15 -107.27 77.53
CA PHE H 272 35.78 -107.20 78.85
C PHE H 272 36.83 -106.10 78.87
N LEU H 273 36.80 -105.30 79.94
CA LEU H 273 37.90 -104.38 80.26
C LEU H 273 38.55 -104.83 81.55
N GLY H 274 39.86 -104.65 81.65
CA GLY H 274 40.58 -104.90 82.88
C GLY H 274 41.90 -105.58 82.60
N ALA H 275 42.25 -106.54 83.47
CA ALA H 275 43.57 -107.17 83.48
C ALA H 275 43.65 -108.26 82.41
N ASP H 276 44.64 -108.16 81.54
CA ASP H 276 44.77 -109.10 80.40
C ASP H 276 44.85 -110.54 80.86
N HIS H 277 45.46 -110.79 82.02
CA HIS H 277 45.61 -112.13 82.59
C HIS H 277 44.31 -112.66 83.23
N VAL H 278 43.42 -111.80 83.69
CA VAL H 278 42.18 -112.29 84.33
C VAL H 278 41.11 -112.52 83.29
N VAL H 279 41.08 -111.67 82.25
CA VAL H 279 39.95 -111.65 81.31
C VAL H 279 40.05 -112.83 80.35
N LYS H 280 41.26 -113.24 79.99
CA LYS H 280 41.45 -114.23 78.93
C LYS H 280 40.73 -115.54 79.25
N PRO H 281 40.92 -116.15 80.43
CA PRO H 281 40.15 -117.36 80.75
C PRO H 281 38.64 -117.13 80.73
N LEU H 282 38.21 -115.90 80.99
CA LEU H 282 36.78 -115.57 80.95
C LEU H 282 36.28 -115.58 79.51
N GLY H 283 37.03 -114.95 78.59
CA GLY H 283 36.73 -115.00 77.15
C GLY H 283 36.68 -116.41 76.63
N ILE H 284 37.62 -117.22 77.08
CA ILE H 284 37.66 -118.65 76.71
C ILE H 284 36.37 -119.31 77.19
N LYS H 285 36.02 -119.14 78.45
CA LYS H 285 34.84 -119.82 79.02
C LYS H 285 33.58 -119.37 78.31
N LEU H 286 33.51 -118.08 77.99
CA LEU H 286 32.40 -117.51 77.20
C LEU H 286 32.28 -118.24 75.87
N SER H 287 33.39 -118.25 75.11
CA SER H 287 33.46 -118.95 73.81
C SER H 287 32.86 -120.36 73.95
N ARG H 288 33.22 -121.08 74.99
CA ARG H 288 32.77 -122.46 75.17
C ARG H 288 31.28 -122.53 75.48
N ASN H 289 30.73 -121.53 76.16
CA ASN H 289 29.34 -121.64 76.66
C ASN H 289 28.34 -120.84 75.82
N ILE H 290 28.78 -120.16 74.77
CA ILE H 290 27.90 -119.23 74.06
C ILE H 290 26.73 -119.97 73.42
N HIS H 291 26.92 -121.23 73.10
CA HIS H 291 25.83 -122.04 72.54
C HIS H 291 24.75 -122.28 73.58
N LEU H 292 25.09 -122.10 74.85
CA LEU H 292 24.16 -122.37 75.95
C LEU H 292 23.25 -121.19 76.24
N TRP H 293 23.54 -120.01 75.68
CA TRP H 293 22.63 -118.85 75.73
C TRP H 293 21.19 -119.25 75.39
N ASP H 294 20.23 -118.67 76.09
CA ASP H 294 18.82 -119.00 75.86
C ASP H 294 17.97 -117.77 76.09
N PRO H 295 17.20 -117.30 75.10
CA PRO H 295 16.47 -116.06 75.26
C PRO H 295 15.11 -116.23 75.94
N GLU H 296 14.90 -117.35 76.60
CA GLU H 296 13.68 -117.58 77.39
C GLU H 296 13.89 -117.27 78.87
N ASN H 297 15.12 -117.29 79.35
CA ASN H 297 15.46 -116.93 80.73
C ASN H 297 15.70 -115.42 80.78
N SER H 298 16.30 -114.95 81.87
CA SER H 298 16.71 -113.55 81.97
C SER H 298 18.15 -113.37 81.47
N VAL H 299 18.49 -112.11 81.19
CA VAL H 299 19.89 -111.76 80.82
C VAL H 299 20.85 -112.21 81.91
N LEU H 300 20.56 -111.87 83.16
CA LEU H 300 21.44 -112.27 84.26
C LEU H 300 21.48 -113.80 84.37
N GLN H 301 20.30 -114.44 84.33
CA GLN H 301 20.19 -115.89 84.52
C GLN H 301 20.87 -116.61 83.36
N ASN H 302 21.04 -115.96 82.21
CA ASN H 302 21.80 -116.57 81.11
C ASN H 302 23.29 -116.31 81.28
N LEU H 303 23.66 -115.07 81.57
CA LEU H 303 25.08 -114.71 81.65
C LEU H 303 25.79 -115.48 82.76
N LYS H 304 25.11 -115.67 83.89
CA LYS H 304 25.72 -116.32 85.05
C LYS H 304 26.16 -117.74 84.71
N ASP H 305 25.32 -118.48 83.98
CA ASP H 305 25.67 -119.86 83.60
C ASP H 305 26.48 -119.91 82.32
N VAL H 306 26.49 -118.84 81.53
CA VAL H 306 27.36 -118.79 80.35
C VAL H 306 28.79 -118.52 80.76
N LEU H 307 29.05 -117.43 81.46
CA LEU H 307 30.43 -117.14 81.88
C LEU H 307 30.81 -117.98 83.09
N GLU H 308 29.84 -118.72 83.65
CA GLU H 308 30.03 -119.73 84.71
C GLU H 308 30.63 -119.10 85.97
N ILE H 309 30.12 -117.94 86.37
CA ILE H 309 30.59 -117.23 87.55
C ILE H 309 29.40 -116.50 88.12
N ASP H 310 29.58 -115.98 89.34
CA ASP H 310 28.59 -115.09 89.93
C ASP H 310 29.14 -113.68 89.96
N PHE H 311 28.24 -112.75 90.21
CA PHE H 311 28.47 -111.32 90.29
C PHE H 311 28.60 -110.92 91.74
N PRO H 312 29.22 -109.77 92.02
CA PRO H 312 29.03 -109.12 93.31
C PRO H 312 27.81 -108.19 93.26
N ALA H 313 27.03 -108.19 94.32
CA ALA H 313 25.90 -107.27 94.47
C ALA H 313 26.45 -106.08 95.24
N ARG H 314 27.08 -105.18 94.48
CA ARG H 314 27.58 -103.88 94.94
C ARG H 314 28.73 -104.10 95.92
N ALA H 315 29.81 -104.75 95.46
CA ALA H 315 31.01 -105.03 96.24
C ALA H 315 31.63 -103.76 96.85
N ILE H 316 31.70 -102.68 96.09
CA ILE H 316 31.98 -101.34 96.65
C ILE H 316 30.93 -100.38 96.11
N LEU H 317 30.20 -99.74 97.03
CA LEU H 317 29.18 -98.74 96.72
C LEU H 317 29.71 -97.31 96.80
N GLU H 318 30.67 -97.04 97.68
CA GLU H 318 31.25 -95.72 97.94
C GLU H 318 32.36 -95.33 96.94
N LYS H 319 33.46 -96.07 96.94
CA LYS H 319 34.63 -95.85 96.07
C LYS H 319 34.54 -96.63 94.76
N SER H 320 33.59 -96.26 93.91
CA SER H 320 33.53 -96.79 92.54
C SER H 320 34.82 -96.35 91.82
N ASP H 321 35.04 -96.80 90.58
CA ASP H 321 36.16 -96.27 89.76
C ASP H 321 35.80 -94.84 89.35
N PHE H 322 36.11 -93.88 90.22
CA PHE H 322 36.17 -92.46 89.87
C PHE H 322 37.13 -92.36 88.69
N THR H 323 36.64 -91.96 87.52
CA THR H 323 37.50 -91.92 86.33
C THR H 323 38.68 -90.98 86.54
N MET H 324 39.87 -91.56 86.53
CA MET H 324 41.11 -90.83 86.82
C MET H 324 41.89 -90.69 85.53
N ASP H 325 41.21 -90.36 84.44
CA ASP H 325 41.81 -90.29 83.11
C ASP H 325 41.77 -88.86 82.63
N CYS H 326 42.43 -88.60 81.51
CA CYS H 326 42.80 -87.23 81.15
C CYS H 326 41.57 -86.33 81.01
N GLY H 327 40.38 -86.87 80.74
CA GLY H 327 39.21 -86.03 80.51
C GLY H 327 39.38 -85.14 79.28
N ILE H 328 40.40 -85.41 78.47
CA ILE H 328 40.60 -84.87 77.12
C ILE H 328 40.91 -86.06 76.22
N CYS H 329 41.96 -86.81 76.53
CA CYS H 329 42.37 -87.97 75.75
C CYS H 329 41.78 -89.29 76.27
N TYR H 330 41.22 -89.28 77.48
CA TYR H 330 40.54 -90.44 78.11
C TYR H 330 41.48 -91.63 78.31
N ALA H 331 42.76 -91.38 78.40
CA ALA H 331 43.73 -92.43 78.66
C ALA H 331 44.45 -92.17 79.98
N TYR H 332 44.74 -93.24 80.70
CA TYR H 332 45.82 -93.22 81.70
C TYR H 332 47.10 -93.61 80.95
N GLN H 333 48.24 -93.14 81.46
CA GLN H 333 49.53 -93.42 80.82
C GLN H 333 49.50 -92.84 79.42
N LEU H 334 49.61 -91.52 79.34
CA LEU H 334 49.98 -90.84 78.09
C LEU H 334 51.48 -90.50 78.16
N ASP H 335 52.28 -91.33 77.51
CA ASP H 335 53.71 -91.05 77.27
C ASP H 335 54.48 -90.87 78.58
N GLY H 336 54.34 -91.82 79.49
CA GLY H 336 55.00 -91.71 80.79
C GLY H 336 54.22 -90.82 81.72
N THR H 337 53.60 -89.77 81.20
CA THR H 337 52.90 -88.79 82.01
C THR H 337 51.69 -89.41 82.67
N ILE H 338 51.29 -88.81 83.78
CA ILE H 338 50.17 -89.30 84.59
C ILE H 338 49.14 -88.19 84.57
N PRO H 339 47.86 -88.50 84.76
CA PRO H 339 46.92 -87.45 85.12
C PRO H 339 47.27 -86.80 86.45
N ASP H 340 47.84 -85.60 86.35
CA ASP H 340 48.45 -84.86 87.48
C ASP H 340 47.79 -83.49 87.63
N GLN H 341 47.73 -82.74 86.54
CA GLN H 341 47.11 -81.41 86.51
C GLN H 341 45.63 -81.63 86.74
N VAL H 342 45.07 -80.98 87.73
CA VAL H 342 43.68 -81.26 88.10
C VAL H 342 42.87 -79.97 88.06
N CYS H 343 41.58 -80.11 88.37
CA CYS H 343 40.67 -78.97 88.44
C CYS H 343 40.64 -78.48 89.88
N ASP H 344 40.62 -77.16 90.03
CA ASP H 344 40.44 -76.50 91.33
C ASP H 344 38.96 -76.33 91.61
N ASN H 345 38.25 -77.43 91.74
CA ASN H 345 36.79 -77.38 91.88
C ASN H 345 36.34 -78.65 92.58
N SER H 346 35.40 -78.50 93.51
CA SER H 346 34.87 -79.65 94.26
C SER H 346 33.98 -80.51 93.38
N GLN H 347 33.35 -79.91 92.36
CA GLN H 347 32.30 -80.59 91.60
C GLN H 347 32.89 -81.29 90.37
N CYS H 348 34.07 -80.85 89.96
CA CYS H 348 34.78 -81.42 88.81
C CYS H 348 35.89 -82.33 89.35
N GLY H 349 36.91 -81.74 89.97
CA GLY H 349 38.08 -82.47 90.44
C GLY H 349 38.76 -83.29 89.36
N GLN H 350 38.61 -82.89 88.12
CA GLN H 350 38.97 -83.74 86.98
C GLN H 350 40.46 -83.63 86.70
N PRO H 351 41.22 -84.73 86.76
CA PRO H 351 42.62 -84.67 86.37
C PRO H 351 42.78 -84.46 84.86
N PHE H 352 44.01 -84.12 84.46
CA PHE H 352 44.34 -83.90 83.05
C PHE H 352 45.75 -84.38 82.79
N HIS H 353 46.24 -84.20 81.58
CA HIS H 353 47.69 -84.22 81.34
C HIS H 353 48.24 -82.83 81.01
N GLN H 354 49.53 -82.63 81.26
CA GLN H 354 50.22 -81.42 80.77
C GLN H 354 49.98 -81.22 79.29
N ILE H 355 50.13 -82.27 78.50
CA ILE H 355 50.23 -82.05 77.05
C ILE H 355 48.84 -81.80 76.50
N CYS H 356 47.90 -82.66 76.83
CA CYS H 356 46.52 -82.51 76.37
C CYS H 356 46.00 -81.14 76.82
N LEU H 357 46.18 -80.79 78.09
CA LEU H 357 45.62 -79.55 78.63
C LEU H 357 46.36 -78.33 78.15
N TYR H 358 47.63 -78.45 77.81
CA TYR H 358 48.33 -77.33 77.15
C TYR H 358 47.77 -77.12 75.73
N GLU H 359 47.68 -78.16 74.91
CA GLU H 359 47.17 -77.99 73.53
C GLU H 359 45.73 -77.51 73.54
N TRP H 360 44.97 -77.86 74.56
CA TRP H 360 43.60 -77.34 74.64
C TRP H 360 43.63 -75.88 75.00
N LEU H 361 44.36 -75.47 76.04
CA LEU H 361 44.21 -74.10 76.51
C LEU H 361 44.82 -73.14 75.50
N ARG H 362 45.82 -73.58 74.74
CA ARG H 362 46.46 -72.68 73.78
C ARG H 362 45.48 -72.40 72.67
N GLY H 363 44.44 -73.19 72.57
CA GLY H 363 43.41 -73.01 71.57
C GLY H 363 42.41 -71.95 71.95
N LEU H 364 41.93 -71.97 73.18
CA LEU H 364 40.74 -71.18 73.49
C LEU H 364 41.07 -69.69 73.34
N LEU H 365 40.05 -68.92 73.02
CA LEU H 365 40.22 -67.48 72.78
C LEU H 365 40.38 -66.72 74.10
N THR H 366 39.80 -67.24 75.17
CA THR H 366 39.80 -66.58 76.49
C THR H 366 41.17 -66.59 77.14
N SER H 367 42.00 -67.58 76.83
CA SER H 367 43.23 -67.86 77.57
C SER H 367 44.32 -66.83 77.29
N ARG H 368 45.14 -66.57 78.31
CA ARG H 368 46.27 -65.63 78.25
C ARG H 368 47.45 -66.27 78.96
N GLN H 369 48.65 -66.07 78.40
CA GLN H 369 49.85 -66.78 78.83
C GLN H 369 50.85 -65.80 79.45
N SER H 370 51.16 -66.01 80.72
CA SER H 370 52.34 -65.39 81.34
C SER H 370 53.59 -66.19 80.96
N PHE H 371 54.63 -66.13 81.77
CA PHE H 371 55.96 -66.63 81.37
C PHE H 371 55.95 -68.14 81.17
N ASN H 372 55.61 -68.91 82.19
CA ASN H 372 55.53 -70.37 82.04
C ASN H 372 54.16 -70.85 82.48
N ILE H 373 53.23 -69.92 82.55
CA ILE H 373 51.90 -70.19 83.13
C ILE H 373 50.90 -69.89 82.05
N ILE H 374 49.83 -70.67 82.01
CA ILE H 374 48.64 -70.34 81.23
C ILE H 374 47.45 -70.47 82.14
N PHE H 375 46.73 -69.41 82.14
CA PHE H 375 45.45 -69.45 82.84
C PHE H 375 44.36 -69.65 81.79
N GLY H 376 43.38 -70.50 82.10
CA GLY H 376 42.25 -70.75 81.20
C GLY H 376 41.08 -71.34 81.92
N GLU H 377 40.10 -71.81 81.15
CA GLU H 377 38.87 -72.44 81.71
C GLU H 377 39.04 -73.95 81.69
N CYS H 378 38.66 -74.61 82.78
CA CYS H 378 38.57 -76.08 82.80
C CYS H 378 37.58 -76.47 81.70
N PRO H 379 37.97 -77.40 80.82
CA PRO H 379 37.05 -77.85 79.80
C PRO H 379 35.67 -78.28 80.29
N TYR H 380 35.59 -79.00 81.40
CA TYR H 380 34.31 -79.62 81.83
C TYR H 380 33.41 -78.59 82.50
N CYS H 381 33.96 -77.76 83.39
CA CYS H 381 33.16 -76.90 84.29
C CYS H 381 33.35 -75.42 83.98
N SER H 382 34.32 -75.05 83.13
CA SER H 382 34.61 -73.64 82.74
C SER H 382 34.88 -72.77 83.99
N LYS H 383 35.85 -73.19 84.81
CA LYS H 383 36.35 -72.45 85.99
C LYS H 383 37.83 -72.15 85.77
N PRO H 384 38.38 -71.10 86.41
CA PRO H 384 39.79 -70.77 86.24
C PRO H 384 40.69 -71.92 86.67
N ILE H 385 41.53 -72.37 85.76
CA ILE H 385 42.51 -73.45 85.98
C ILE H 385 43.86 -72.90 85.52
N THR H 386 44.90 -73.27 86.24
CA THR H 386 46.26 -72.79 85.96
C THR H 386 47.16 -73.97 85.58
N LEU H 387 47.94 -73.78 84.53
CA LEU H 387 48.94 -74.77 84.10
C LEU H 387 50.34 -74.16 84.04
N LYS H 388 51.28 -74.68 84.88
CA LYS H 388 52.71 -74.27 84.93
C LYS H 388 53.55 -75.34 84.23
N MET H 389 54.10 -74.99 83.07
CA MET H 389 54.98 -75.88 82.28
C MET H 389 56.33 -76.12 82.99
N MET I 20 -33.52 -33.84 -25.76
CA MET I 20 -32.88 -35.14 -25.40
C MET I 20 -33.14 -36.13 -26.55
N ALA I 21 -32.53 -37.30 -26.52
CA ALA I 21 -32.70 -38.33 -27.57
C ALA I 21 -34.05 -39.02 -27.41
N VAL I 22 -34.27 -39.67 -26.27
CA VAL I 22 -35.49 -40.47 -26.01
C VAL I 22 -36.69 -39.54 -25.83
N THR I 23 -37.88 -40.05 -26.18
CA THR I 23 -39.15 -39.28 -26.09
C THR I 23 -39.77 -39.40 -24.68
N GLU I 24 -38.96 -39.04 -23.69
CA GLU I 24 -39.38 -38.98 -22.28
C GLU I 24 -39.15 -37.55 -21.78
N ALA I 25 -38.02 -36.96 -22.15
CA ALA I 25 -37.63 -35.60 -21.77
C ALA I 25 -37.65 -34.69 -22.99
N SER I 26 -37.20 -35.19 -24.13
CA SER I 26 -37.31 -34.44 -25.39
C SER I 26 -38.74 -33.95 -25.60
N LEU I 27 -39.74 -34.76 -25.25
CA LEU I 27 -41.13 -34.34 -25.47
C LEU I 27 -41.48 -33.17 -24.54
N LEU I 28 -41.07 -33.29 -23.28
CA LEU I 28 -41.19 -32.15 -22.35
C LEU I 28 -40.53 -30.91 -22.93
N ARG I 29 -39.28 -31.03 -23.35
CA ARG I 29 -38.50 -29.85 -23.77
C ARG I 29 -39.07 -29.23 -25.03
N GLN I 30 -39.73 -30.01 -25.87
CA GLN I 30 -40.18 -29.50 -27.18
C GLN I 30 -41.67 -29.17 -27.15
N CYS I 31 -42.40 -29.71 -26.17
CA CYS I 31 -43.79 -29.35 -25.96
C CYS I 31 -44.07 -29.29 -24.47
N PRO I 32 -43.52 -28.30 -23.75
CA PRO I 32 -43.63 -28.29 -22.30
C PRO I 32 -45.06 -28.30 -21.77
N LEU I 33 -45.96 -27.72 -22.52
CA LEU I 33 -47.31 -27.55 -21.99
C LEU I 33 -48.24 -28.66 -22.47
N LEU I 34 -47.71 -29.81 -22.80
CA LEU I 34 -48.58 -30.99 -22.96
C LEU I 34 -48.34 -31.87 -21.76
N LEU I 35 -49.33 -31.94 -20.89
CA LEU I 35 -49.22 -32.74 -19.67
C LEU I 35 -50.06 -33.99 -19.85
N PRO I 36 -49.43 -35.16 -19.69
CA PRO I 36 -50.21 -36.37 -19.64
C PRO I 36 -51.12 -36.40 -18.43
N GLN I 37 -52.41 -36.54 -18.73
CA GLN I 37 -53.43 -36.73 -17.69
C GLN I 37 -53.38 -38.15 -17.14
N ASN I 38 -53.46 -39.16 -17.98
CA ASN I 38 -53.62 -40.55 -17.55
C ASN I 38 -52.31 -41.18 -17.16
N ARG I 39 -52.39 -42.18 -16.27
CA ARG I 39 -51.23 -42.94 -15.79
C ARG I 39 -50.52 -43.62 -16.95
N SER I 40 -51.26 -44.48 -17.64
CA SER I 40 -50.83 -44.96 -18.95
C SER I 40 -50.77 -43.73 -19.85
N LYS I 41 -49.59 -43.38 -20.35
CA LYS I 41 -49.47 -42.11 -21.08
C LYS I 41 -50.25 -42.27 -22.37
N THR I 42 -51.55 -42.07 -22.27
CA THR I 42 -52.51 -42.28 -23.38
C THR I 42 -53.31 -41.00 -23.61
N VAL I 43 -53.62 -40.26 -22.55
CA VAL I 43 -54.31 -38.97 -22.68
C VAL I 43 -53.29 -37.87 -22.39
N TYR I 44 -52.95 -37.11 -23.43
CA TYR I 44 -52.20 -35.87 -23.25
C TYR I 44 -53.18 -34.72 -23.41
N GLU I 45 -52.95 -33.66 -22.62
CA GLU I 45 -53.80 -32.46 -22.67
C GLU I 45 -52.96 -31.22 -22.38
N GLY I 46 -53.36 -30.11 -22.98
CA GLY I 46 -52.75 -28.84 -22.67
C GLY I 46 -52.66 -27.89 -23.85
N PHE I 47 -51.50 -27.27 -23.99
CA PHE I 47 -51.35 -26.10 -24.83
C PHE I 47 -50.23 -26.34 -25.79
N ILE I 48 -50.35 -25.73 -26.94
CA ILE I 48 -49.23 -25.72 -27.85
C ILE I 48 -48.85 -24.30 -28.24
N SER I 49 -47.55 -24.04 -28.29
CA SER I 49 -47.01 -22.69 -28.36
C SER I 49 -46.61 -22.38 -29.80
N ALA I 50 -46.86 -21.15 -30.23
CA ALA I 50 -46.45 -20.70 -31.56
C ALA I 50 -46.54 -19.19 -31.65
N GLN I 51 -45.38 -18.55 -31.71
CA GLN I 51 -45.29 -17.10 -31.88
C GLN I 51 -46.06 -16.38 -30.76
N GLY I 52 -45.72 -16.76 -29.52
CA GLY I 52 -46.28 -16.13 -28.31
C GLY I 52 -47.79 -16.25 -28.20
N ARG I 53 -48.28 -17.48 -28.24
CA ARG I 53 -49.71 -17.78 -28.20
C ARG I 53 -49.91 -19.24 -27.91
N ASP I 54 -50.71 -19.48 -26.89
CA ASP I 54 -50.88 -20.84 -26.36
C ASP I 54 -52.25 -21.29 -26.86
N PHE I 55 -52.28 -22.46 -27.47
CA PHE I 55 -53.52 -22.97 -28.06
C PHE I 55 -53.92 -24.27 -27.42
N HIS I 56 -55.21 -24.37 -27.13
CA HIS I 56 -55.73 -25.57 -26.46
C HIS I 56 -55.73 -26.77 -27.41
N LEU I 57 -55.50 -27.96 -26.86
CA LEU I 57 -55.17 -29.17 -27.61
C LEU I 57 -55.40 -30.39 -26.72
N ARG I 58 -56.01 -31.42 -27.28
CA ARG I 58 -56.23 -32.65 -26.51
C ARG I 58 -56.06 -33.84 -27.42
N ILE I 59 -55.11 -34.71 -27.06
CA ILE I 59 -54.58 -35.74 -27.99
C ILE I 59 -54.74 -37.10 -27.33
N VAL I 60 -55.83 -37.79 -27.67
CA VAL I 60 -56.12 -39.12 -27.10
C VAL I 60 -55.45 -40.13 -28.01
N LEU I 61 -54.64 -41.00 -27.43
CA LEU I 61 -54.06 -42.12 -28.15
C LEU I 61 -54.91 -43.38 -27.96
N PRO I 62 -54.66 -44.43 -28.78
CA PRO I 62 -55.23 -45.74 -28.47
C PRO I 62 -54.53 -46.36 -27.27
N GLU I 63 -54.82 -47.62 -26.97
CA GLU I 63 -54.12 -48.31 -25.87
C GLU I 63 -52.63 -48.41 -26.17
N ASP I 64 -52.27 -48.42 -27.44
CA ASP I 64 -50.86 -48.49 -27.87
C ASP I 64 -50.44 -47.19 -28.53
N LEU I 65 -49.15 -47.08 -28.81
CA LEU I 65 -48.53 -45.87 -29.35
C LEU I 65 -48.54 -45.95 -30.87
N GLN I 66 -49.70 -45.66 -31.44
CA GLN I 66 -49.91 -45.65 -32.88
C GLN I 66 -50.73 -44.42 -33.26
N LEU I 67 -50.28 -43.73 -34.31
CA LEU I 67 -50.98 -42.53 -34.77
C LEU I 67 -51.81 -42.75 -36.03
N LYS I 68 -51.76 -43.94 -36.64
CA LYS I 68 -52.64 -44.21 -37.79
C LYS I 68 -54.08 -43.87 -37.40
N ASN I 69 -54.43 -44.23 -36.18
CA ASN I 69 -55.70 -43.88 -35.54
C ASN I 69 -55.40 -43.28 -34.17
N ALA I 70 -55.89 -42.08 -33.96
CA ALA I 70 -55.84 -41.37 -32.68
C ALA I 70 -56.90 -40.29 -32.71
N ARG I 71 -57.38 -39.91 -31.54
CA ARG I 71 -58.28 -38.75 -31.47
C ARG I 71 -57.43 -37.51 -31.28
N LEU I 72 -57.91 -36.41 -31.87
CA LEU I 72 -57.28 -35.10 -31.69
C LEU I 72 -58.39 -34.06 -31.74
N LEU I 73 -58.78 -33.55 -30.58
CA LEU I 73 -59.77 -32.47 -30.50
C LEU I 73 -59.07 -31.16 -30.18
N CYS I 74 -59.75 -30.08 -30.54
CA CYS I 74 -59.14 -28.76 -30.51
C CYS I 74 -60.12 -27.76 -29.92
N SER I 75 -59.58 -26.58 -29.64
CA SER I 75 -60.40 -25.39 -29.46
C SER I 75 -60.83 -24.89 -30.82
N TRP I 76 -61.96 -24.24 -30.82
CA TRP I 76 -62.47 -23.72 -32.07
C TRP I 76 -61.53 -22.68 -32.65
N GLN I 77 -60.78 -22.04 -31.77
CA GLN I 77 -59.68 -21.15 -32.17
C GLN I 77 -58.73 -21.93 -33.05
N LEU I 78 -58.36 -23.12 -32.59
CA LEU I 78 -57.38 -23.92 -33.32
C LEU I 78 -57.98 -24.42 -34.64
N ARG I 79 -59.27 -24.69 -34.66
CA ARG I 79 -59.90 -25.15 -35.93
C ARG I 79 -59.86 -24.03 -36.95
N THR I 80 -60.25 -22.84 -36.56
CA THR I 80 -60.22 -21.71 -37.49
C THR I 80 -58.81 -21.40 -37.94
N ILE I 81 -57.83 -21.71 -37.13
CA ILE I 81 -56.43 -21.47 -37.53
C ILE I 81 -55.91 -22.63 -38.35
N LEU I 82 -56.45 -23.84 -38.14
CA LEU I 82 -56.10 -25.02 -38.94
C LEU I 82 -57.07 -25.27 -40.08
N SER I 83 -57.84 -24.25 -40.44
CA SER I 83 -58.62 -24.29 -41.68
C SER I 83 -57.70 -24.52 -42.89
N GLY I 84 -58.15 -25.37 -43.79
CA GLY I 84 -57.44 -25.70 -45.02
C GLY I 84 -56.41 -26.80 -44.84
N TYR I 85 -55.53 -26.65 -43.86
CA TYR I 85 -54.48 -27.65 -43.58
C TYR I 85 -55.06 -28.96 -43.02
N HIS I 86 -56.38 -29.09 -42.96
CA HIS I 86 -57.04 -30.27 -42.38
C HIS I 86 -56.50 -31.53 -43.03
N ARG I 87 -56.35 -31.51 -44.34
CA ARG I 87 -55.83 -32.67 -45.07
C ARG I 87 -54.40 -33.02 -44.66
N ILE I 88 -53.53 -32.04 -44.46
CA ILE I 88 -52.11 -32.34 -44.16
C ILE I 88 -51.99 -33.01 -42.80
N VAL I 89 -52.69 -32.50 -41.80
CA VAL I 89 -52.56 -33.07 -40.44
C VAL I 89 -53.11 -34.48 -40.45
N GLN I 90 -54.27 -34.70 -41.07
CA GLN I 90 -54.84 -36.05 -41.16
C GLN I 90 -53.81 -36.94 -41.83
N GLN I 91 -53.22 -36.44 -42.92
CA GLN I 91 -52.17 -37.19 -43.64
C GLN I 91 -50.97 -37.39 -42.71
N ARG I 92 -50.56 -36.33 -42.01
CA ARG I 92 -49.34 -36.41 -41.20
C ARG I 92 -49.51 -37.39 -40.05
N MET I 93 -50.71 -37.45 -39.47
CA MET I 93 -50.98 -38.44 -38.41
C MET I 93 -50.60 -39.82 -38.92
N GLN I 94 -50.98 -40.15 -40.15
CA GLN I 94 -50.71 -41.50 -40.67
C GLN I 94 -49.23 -41.66 -41.04
N HIS I 95 -48.58 -40.63 -41.55
CA HIS I 95 -47.22 -40.82 -42.08
C HIS I 95 -46.16 -40.69 -41.00
N SER I 96 -46.46 -39.96 -39.93
CA SER I 96 -45.45 -39.56 -38.95
C SER I 96 -45.28 -40.68 -37.91
N PRO I 97 -44.03 -41.04 -37.58
CA PRO I 97 -43.81 -42.18 -36.67
C PRO I 97 -44.22 -41.97 -35.22
N ASP I 98 -43.74 -40.91 -34.59
CA ASP I 98 -43.89 -40.72 -33.15
C ASP I 98 -44.79 -39.54 -32.81
N LEU I 99 -45.22 -39.48 -31.55
CA LEU I 99 -46.01 -38.35 -31.09
C LEU I 99 -45.14 -37.11 -30.98
N MET I 100 -43.94 -37.28 -30.44
CA MET I 100 -43.07 -36.12 -30.25
C MET I 100 -42.89 -35.41 -31.58
N SER I 101 -42.55 -36.20 -32.58
CA SER I 101 -42.30 -35.66 -33.92
C SER I 101 -43.61 -35.10 -34.48
N PHE I 102 -44.74 -35.72 -34.16
CA PHE I 102 -46.02 -35.18 -34.63
C PHE I 102 -46.27 -33.81 -34.09
N MET I 103 -45.89 -33.60 -32.83
CA MET I 103 -46.05 -32.28 -32.21
C MET I 103 -45.11 -31.27 -32.84
N MET I 104 -43.85 -31.64 -33.03
CA MET I 104 -42.89 -30.75 -33.68
C MET I 104 -43.40 -30.31 -35.06
N GLU I 105 -43.81 -31.28 -35.86
CA GLU I 105 -44.31 -31.06 -37.22
C GLU I 105 -45.59 -30.22 -37.19
N LEU I 106 -46.47 -30.46 -36.23
CA LEU I 106 -47.75 -29.74 -36.15
C LEU I 106 -47.46 -28.28 -35.82
N LYS I 107 -46.51 -28.07 -34.92
CA LYS I 107 -46.10 -26.71 -34.54
C LYS I 107 -45.57 -25.97 -35.75
N MET I 108 -44.70 -26.61 -36.52
CA MET I 108 -44.16 -25.98 -37.73
C MET I 108 -45.30 -25.54 -38.65
N LEU I 109 -46.26 -26.42 -38.91
CA LEU I 109 -47.36 -26.06 -39.80
C LEU I 109 -48.20 -24.93 -39.21
N LEU I 110 -48.48 -24.97 -37.92
CA LEU I 110 -49.26 -23.87 -37.31
C LEU I 110 -48.50 -22.55 -37.44
N GLU I 111 -47.18 -22.60 -37.30
CA GLU I 111 -46.31 -21.43 -37.52
C GLU I 111 -46.53 -20.91 -38.93
N VAL I 112 -46.47 -21.81 -39.92
CA VAL I 112 -46.64 -21.39 -41.32
C VAL I 112 -48.01 -20.73 -41.47
N ALA I 113 -49.05 -21.35 -40.92
CA ALA I 113 -50.42 -20.87 -41.08
C ALA I 113 -50.58 -19.48 -40.49
N LEU I 114 -50.03 -19.24 -39.30
CA LEU I 114 -50.12 -17.90 -38.70
C LEU I 114 -49.27 -16.90 -39.49
N LYS I 115 -48.11 -17.34 -40.00
CA LYS I 115 -47.24 -16.47 -40.80
C LYS I 115 -47.94 -16.02 -42.07
N ASN I 116 -48.84 -16.83 -42.59
CA ASN I 116 -49.64 -16.40 -43.75
C ASN I 116 -50.76 -15.47 -43.31
N ARG I 117 -51.34 -15.72 -42.14
CA ARG I 117 -52.44 -14.90 -41.61
C ARG I 117 -51.90 -13.79 -40.71
N GLN I 118 -50.90 -13.03 -41.17
CA GLN I 118 -50.42 -11.88 -40.38
C GLN I 118 -51.28 -10.64 -40.64
N GLU I 119 -52.03 -10.60 -41.75
CA GLU I 119 -53.12 -9.62 -41.87
C GLU I 119 -54.19 -9.89 -40.81
N LEU I 120 -54.34 -11.15 -40.39
CA LEU I 120 -55.35 -11.55 -39.39
C LEU I 120 -54.89 -11.25 -37.95
N TYR I 121 -53.74 -11.78 -37.53
CA TYR I 121 -53.27 -11.66 -36.11
C TYR I 121 -52.17 -10.59 -35.96
N ALA I 122 -52.60 -9.32 -35.92
CA ALA I 122 -51.72 -8.15 -35.75
C ALA I 122 -52.29 -7.27 -34.64
N LEU I 123 -51.47 -6.90 -33.64
CA LEU I 123 -51.93 -6.02 -32.52
C LEU I 123 -50.80 -5.09 -32.08
N PRO I 124 -51.11 -3.91 -31.48
CA PRO I 124 -50.11 -2.96 -30.98
C PRO I 124 -50.23 -2.82 -29.45
N PRO I 125 -49.13 -2.88 -28.66
CA PRO I 125 -49.23 -2.75 -27.21
C PRO I 125 -49.63 -1.33 -26.78
N PRO I 126 -50.62 -1.17 -25.86
CA PRO I 126 -51.06 0.16 -25.41
C PRO I 126 -50.05 0.98 -24.60
N PRO I 127 -49.27 0.36 -23.68
CA PRO I 127 -48.32 1.08 -22.84
C PRO I 127 -47.18 1.80 -23.58
N GLN I 128 -46.16 1.04 -23.98
CA GLN I 128 -44.98 1.55 -24.70
C GLN I 128 -45.41 2.49 -25.82
N PHE I 129 -46.41 2.07 -26.58
CA PHE I 129 -46.62 2.55 -27.95
C PHE I 129 -47.24 3.94 -27.90
N TYR I 130 -48.54 4.00 -27.59
CA TYR I 130 -49.38 5.17 -27.90
C TYR I 130 -48.81 6.40 -27.21
N SER I 131 -48.32 6.21 -25.98
CA SER I 131 -47.76 7.30 -25.18
C SER I 131 -46.46 7.78 -25.84
N SER I 132 -45.54 6.87 -26.13
CA SER I 132 -44.23 7.28 -26.66
C SER I 132 -44.44 8.04 -27.96
N LEU I 133 -45.39 7.57 -28.78
CA LEU I 133 -45.67 8.21 -30.06
C LEU I 133 -46.22 9.62 -29.82
N ILE I 134 -47.08 9.79 -28.83
CA ILE I 134 -47.64 11.13 -28.55
C ILE I 134 -46.53 12.05 -28.03
N GLU I 135 -45.68 11.54 -27.16
CA GLU I 135 -44.51 12.30 -26.72
C GLU I 135 -43.70 12.76 -27.93
N GLU I 136 -43.39 11.84 -28.82
CA GLU I 136 -42.49 12.15 -29.93
C GLU I 136 -43.12 13.14 -30.91
N ILE I 137 -44.42 13.01 -31.20
CA ILE I 137 -45.06 13.97 -32.12
C ILE I 137 -45.12 15.37 -31.48
N GLY I 138 -45.27 15.42 -30.17
CA GLY I 138 -45.14 16.69 -29.45
C GLY I 138 -43.73 17.22 -29.57
N THR I 139 -42.75 16.33 -29.45
CA THR I 139 -41.33 16.68 -29.59
C THR I 139 -41.04 17.29 -30.96
N LEU I 140 -41.68 16.78 -31.99
CA LEU I 140 -41.55 17.40 -33.30
C LEU I 140 -42.17 18.80 -33.32
N GLY I 141 -43.44 18.89 -32.94
CA GLY I 141 -44.22 20.10 -33.12
C GLY I 141 -45.44 19.85 -33.97
N TRP I 142 -46.56 20.45 -33.57
CA TRP I 142 -47.86 20.14 -34.19
C TRP I 142 -48.12 20.97 -35.44
N ASP I 143 -47.21 21.88 -35.79
CA ASP I 143 -47.27 22.57 -37.08
C ASP I 143 -46.89 21.58 -38.17
N LYS I 144 -46.16 20.54 -37.78
CA LYS I 144 -45.57 19.61 -38.74
C LYS I 144 -46.62 18.63 -39.21
N LEU I 145 -47.25 17.92 -38.26
CA LEU I 145 -48.13 16.77 -38.57
C LEU I 145 -49.33 17.22 -39.39
N VAL I 146 -49.64 16.45 -40.44
CA VAL I 146 -50.74 16.74 -41.38
C VAL I 146 -51.79 15.64 -41.40
N TYR I 147 -51.38 14.38 -41.17
CA TYR I 147 -52.28 13.23 -41.31
C TYR I 147 -51.87 12.06 -40.44
N ALA I 148 -52.86 11.42 -39.82
CA ALA I 148 -52.68 10.24 -38.97
C ALA I 148 -53.90 9.36 -39.12
N ASP I 149 -53.66 8.06 -39.27
CA ASP I 149 -54.73 7.11 -39.57
C ASP I 149 -55.38 6.64 -38.27
N THR I 150 -56.63 6.21 -38.37
CA THR I 150 -57.43 5.83 -37.19
C THR I 150 -56.88 4.56 -36.51
N CYS I 151 -56.16 3.73 -37.24
CA CYS I 151 -55.42 2.60 -36.65
C CYS I 151 -54.08 3.07 -36.11
N PHE I 152 -53.71 4.32 -36.41
CA PHE I 152 -52.49 4.96 -35.92
C PHE I 152 -51.26 4.30 -36.52
N SER I 153 -51.41 3.56 -37.61
CA SER I 153 -50.28 2.88 -38.27
C SER I 153 -49.55 3.90 -39.13
N THR I 154 -50.29 4.46 -40.08
CA THR I 154 -49.80 5.48 -41.00
C THR I 154 -49.81 6.79 -40.23
N ILE I 155 -48.76 7.59 -40.40
CA ILE I 155 -48.78 9.04 -40.14
C ILE I 155 -48.01 9.73 -41.26
N LYS I 156 -48.27 11.02 -41.44
CA LYS I 156 -47.64 11.82 -42.48
C LYS I 156 -47.21 13.15 -41.86
N LEU I 157 -46.05 13.61 -42.29
CA LEU I 157 -45.45 14.83 -41.77
C LEU I 157 -45.14 15.77 -42.91
N LYS I 158 -44.96 17.04 -42.59
CA LYS I 158 -44.70 18.11 -43.57
C LYS I 158 -43.39 18.80 -43.23
N ALA I 159 -42.71 19.29 -44.26
CA ALA I 159 -41.56 20.17 -44.07
C ALA I 159 -41.51 21.20 -45.17
N GLU I 160 -40.74 22.25 -44.91
CA GLU I 160 -40.64 23.43 -45.78
C GLU I 160 -39.21 23.58 -46.27
N ASP I 161 -39.08 23.93 -47.55
CA ASP I 161 -37.79 24.31 -48.12
C ASP I 161 -37.42 25.70 -47.62
N ALA I 162 -36.15 26.03 -47.76
CA ALA I 162 -35.73 27.43 -47.67
C ALA I 162 -36.35 28.23 -48.82
N SER I 163 -36.57 27.60 -49.98
CA SER I 163 -37.25 28.24 -51.12
C SER I 163 -38.74 28.46 -50.83
N GLY I 164 -39.32 27.72 -49.87
CA GLY I 164 -40.71 27.89 -49.47
C GLY I 164 -41.62 26.99 -50.27
N ARG I 165 -41.28 25.70 -50.27
CA ARG I 165 -42.06 24.62 -50.89
C ARG I 165 -42.42 23.57 -49.84
N GLU I 166 -43.63 23.02 -49.92
CA GLU I 166 -44.10 21.97 -49.00
C GLU I 166 -43.75 20.60 -49.57
N HIS I 167 -43.09 19.77 -48.76
CA HIS I 167 -42.75 18.37 -49.10
C HIS I 167 -43.19 17.48 -47.97
N LEU I 168 -43.94 16.44 -48.31
CA LEU I 168 -44.51 15.52 -47.33
C LEU I 168 -43.60 14.31 -47.18
N ILE I 169 -43.80 13.59 -46.09
CA ILE I 169 -43.14 12.31 -45.85
C ILE I 169 -44.15 11.40 -45.16
N THR I 170 -44.40 10.23 -45.73
CA THR I 170 -45.28 9.24 -45.09
C THR I 170 -44.44 8.33 -44.23
N LEU I 171 -44.87 8.08 -42.99
CA LEU I 171 -44.35 6.95 -42.19
C LEU I 171 -45.47 5.96 -41.89
N LYS I 172 -45.13 4.67 -41.95
CA LYS I 172 -46.02 3.55 -41.55
C LYS I 172 -45.38 2.85 -40.36
N LEU I 173 -46.17 2.68 -39.29
CA LEU I 173 -45.64 2.19 -38.02
C LEU I 173 -46.22 0.82 -37.71
N LYS I 174 -45.39 -0.02 -37.12
CA LYS I 174 -45.79 -1.39 -36.77
C LYS I 174 -46.37 -1.36 -35.37
N ALA I 175 -46.75 -2.52 -34.85
CA ALA I 175 -47.03 -2.69 -33.42
C ALA I 175 -45.84 -2.22 -32.58
N LYS I 176 -44.62 -2.56 -33.02
CA LYS I 176 -43.37 -2.12 -32.39
C LYS I 176 -42.70 -1.09 -33.26
N TYR I 177 -42.92 0.17 -32.93
CA TYR I 177 -42.28 1.29 -33.62
C TYR I 177 -40.79 1.35 -33.27
N PRO I 178 -40.38 1.51 -32.00
CA PRO I 178 -38.97 1.82 -31.72
C PRO I 178 -38.03 0.65 -31.98
N ALA I 179 -38.55 -0.57 -31.99
CA ALA I 179 -37.74 -1.76 -32.26
C ALA I 179 -37.26 -1.76 -33.69
N GLU I 180 -38.19 -1.82 -34.64
CA GLU I 180 -37.89 -1.94 -36.07
C GLU I 180 -37.99 -0.59 -36.75
N SER I 181 -37.61 -0.55 -38.02
CA SER I 181 -37.73 0.65 -38.86
C SER I 181 -39.21 0.90 -39.17
N PRO I 182 -39.68 2.16 -39.16
CA PRO I 182 -40.99 2.47 -39.73
C PRO I 182 -40.91 2.77 -41.23
N ASP I 183 -41.92 2.34 -41.98
CA ASP I 183 -41.85 2.39 -43.44
C ASP I 183 -41.96 3.83 -43.92
N TYR I 184 -40.89 4.33 -44.52
CA TYR I 184 -40.81 5.70 -44.99
C TYR I 184 -41.07 5.71 -46.49
N PHE I 185 -42.03 6.56 -46.88
CA PHE I 185 -42.40 6.83 -48.27
C PHE I 185 -42.25 8.32 -48.53
N VAL I 186 -41.42 8.64 -49.51
CA VAL I 186 -41.12 10.03 -49.83
C VAL I 186 -41.15 10.18 -51.33
N ASP I 187 -41.49 11.38 -51.77
CA ASP I 187 -41.70 11.64 -53.19
C ASP I 187 -40.37 11.73 -53.93
N PHE I 188 -39.41 12.48 -53.39
CA PHE I 188 -38.32 13.06 -54.20
C PHE I 188 -37.52 11.98 -54.91
N PRO I 189 -36.90 12.31 -56.04
CA PRO I 189 -36.52 11.30 -57.02
C PRO I 189 -35.24 10.51 -56.75
N VAL I 190 -34.30 11.03 -55.95
CA VAL I 190 -33.10 10.26 -55.60
C VAL I 190 -33.52 9.27 -54.52
N PRO I 191 -32.92 8.09 -54.44
CA PRO I 191 -33.31 7.13 -53.41
C PRO I 191 -32.97 7.67 -52.03
N PHE I 192 -34.00 7.73 -51.19
CA PHE I 192 -33.87 8.26 -49.84
C PHE I 192 -33.37 7.15 -48.93
N CYS I 193 -32.29 7.44 -48.21
CA CYS I 193 -31.61 6.48 -47.32
C CYS I 193 -31.76 6.98 -45.88
N ALA I 194 -32.39 6.17 -45.02
CA ALA I 194 -32.66 6.54 -43.64
C ALA I 194 -31.95 5.56 -42.72
N SER I 195 -30.89 6.03 -42.07
CA SER I 195 -30.17 5.27 -41.03
C SER I 195 -31.03 5.20 -39.77
N TRP I 196 -31.85 4.15 -39.67
CA TRP I 196 -32.64 3.90 -38.47
C TRP I 196 -31.79 3.14 -37.49
N THR I 197 -31.74 3.62 -36.25
CA THR I 197 -31.27 2.90 -35.06
C THR I 197 -32.45 2.63 -34.15
N PRO I 198 -32.35 1.66 -33.23
CA PRO I 198 -33.31 1.59 -32.12
C PRO I 198 -33.35 2.83 -31.24
N GLN I 199 -32.28 3.62 -31.21
CA GLN I 199 -32.22 4.84 -30.39
C GLN I 199 -32.85 6.01 -31.14
N SER I 200 -32.75 6.01 -32.47
CA SER I 200 -33.32 7.05 -33.33
C SER I 200 -34.84 7.13 -33.15
N SER I 201 -35.43 8.21 -33.67
CA SER I 201 -36.87 8.45 -33.61
C SER I 201 -37.27 9.32 -34.80
N LEU I 202 -38.53 9.73 -34.82
CA LEU I 202 -39.07 10.49 -35.95
C LEU I 202 -38.31 11.79 -36.14
N ILE I 203 -37.86 12.44 -35.07
CA ILE I 203 -37.08 13.69 -35.18
C ILE I 203 -35.76 13.42 -35.91
N SER I 204 -35.14 12.28 -35.63
CA SER I 204 -33.85 11.92 -36.25
C SER I 204 -34.03 11.79 -37.76
N ILE I 205 -34.96 10.95 -38.17
CA ILE I 205 -35.24 10.75 -39.61
C ILE I 205 -35.76 12.05 -40.23
N TYR I 206 -36.48 12.87 -39.45
CA TYR I 206 -36.99 14.16 -39.93
C TYR I 206 -35.82 15.07 -40.29
N SER I 207 -34.82 15.12 -39.41
CA SER I 207 -33.60 15.92 -39.67
C SER I 207 -32.89 15.39 -40.90
N GLN I 208 -32.85 14.07 -41.04
CA GLN I 208 -32.31 13.43 -42.26
C GLN I 208 -33.13 13.81 -43.47
N PHE I 209 -34.45 13.93 -43.30
CA PHE I 209 -35.35 14.28 -44.38
C PHE I 209 -35.13 15.71 -44.82
N LEU I 210 -35.02 16.62 -43.88
CA LEU I 210 -34.69 18.00 -44.24
C LEU I 210 -33.33 18.03 -44.92
N ALA I 211 -32.37 17.24 -44.43
CA ALA I 211 -31.01 17.24 -44.99
C ALA I 211 -31.06 16.84 -46.47
N ALA I 212 -31.78 15.77 -46.76
CA ALA I 212 -31.97 15.35 -48.15
C ALA I 212 -32.68 16.44 -48.95
N ILE I 213 -33.62 17.16 -48.33
CA ILE I 213 -34.35 18.23 -49.03
C ILE I 213 -33.37 19.32 -49.42
N GLU I 214 -32.62 19.82 -48.45
CA GLU I 214 -31.66 20.91 -48.67
C GLU I 214 -30.55 20.50 -49.65
N SER I 215 -30.20 19.22 -49.70
CA SER I 215 -29.23 18.75 -50.70
C SER I 215 -29.83 18.90 -52.09
N LEU I 216 -31.05 18.40 -52.25
CA LEU I 216 -31.73 18.36 -53.53
C LEU I 216 -32.32 19.73 -53.89
N LYS I 217 -32.22 20.71 -52.99
CA LYS I 217 -32.74 22.09 -53.14
C LYS I 217 -32.55 22.64 -54.55
N ALA I 218 -31.39 22.41 -55.14
CA ALA I 218 -31.07 22.97 -56.46
C ALA I 218 -32.00 22.38 -57.52
N PHE I 219 -32.26 21.08 -57.48
CA PHE I 219 -33.15 20.37 -58.42
C PHE I 219 -34.58 20.92 -58.39
N TRP I 220 -35.15 21.06 -57.20
CA TRP I 220 -36.45 21.73 -57.06
C TRP I 220 -36.41 23.08 -57.75
N ASP I 221 -35.41 23.92 -57.44
CA ASP I 221 -35.33 25.31 -57.94
C ASP I 221 -35.29 25.31 -59.46
N VAL I 222 -34.58 24.34 -60.03
CA VAL I 222 -34.48 24.19 -61.49
C VAL I 222 -35.84 23.84 -62.06
N MET I 223 -36.48 22.81 -61.51
CA MET I 223 -37.75 22.33 -62.08
C MET I 223 -38.84 23.38 -61.90
N ASP I 224 -38.79 24.14 -60.81
CA ASP I 224 -39.78 25.23 -60.56
C ASP I 224 -39.58 26.37 -61.56
N GLU I 225 -38.33 26.75 -61.84
CA GLU I 225 -38.08 27.79 -62.84
C GLU I 225 -38.60 27.33 -64.20
N ILE I 226 -38.39 26.06 -64.55
CA ILE I 226 -38.91 25.54 -65.82
C ILE I 226 -40.42 25.57 -65.81
N ASP I 227 -41.07 25.00 -64.79
CA ASP I 227 -42.55 24.95 -64.78
C ASP I 227 -43.17 26.34 -64.71
N GLU I 228 -42.43 27.33 -64.20
CA GLU I 228 -42.92 28.73 -64.17
C GLU I 228 -42.82 29.38 -65.55
N LYS I 229 -41.60 29.49 -66.09
CA LYS I 229 -41.35 30.38 -67.22
C LYS I 229 -41.51 29.67 -68.56
N THR I 230 -41.98 28.43 -68.59
CA THR I 230 -42.08 27.67 -69.83
C THR I 230 -43.42 26.94 -69.86
N TRP I 231 -43.81 26.60 -71.07
CA TRP I 231 -44.96 25.72 -71.34
C TRP I 231 -44.45 24.28 -71.26
N VAL I 232 -44.32 23.79 -70.03
CA VAL I 232 -44.11 22.36 -69.73
C VAL I 232 -45.34 21.58 -70.18
N LEU I 233 -45.13 20.41 -70.76
CA LEU I 233 -46.16 19.81 -71.64
C LEU I 233 -46.63 18.46 -71.11
N GLU I 234 -45.70 17.53 -70.85
CA GLU I 234 -46.09 16.12 -70.62
C GLU I 234 -45.34 15.43 -69.48
N PRO I 235 -44.98 16.17 -68.45
CA PRO I 235 -45.48 15.86 -67.11
C PRO I 235 -46.51 16.90 -66.69
N GLU I 236 -47.73 16.86 -67.24
CA GLU I 236 -48.73 17.83 -66.82
C GLU I 236 -49.11 17.65 -65.35
N LYS I 237 -49.09 18.76 -64.61
CA LYS I 237 -49.08 18.81 -63.14
C LYS I 237 -48.04 17.82 -62.64
N PRO I 238 -46.74 18.09 -62.80
CA PRO I 238 -45.75 17.05 -62.52
C PRO I 238 -45.65 16.79 -61.03
N PRO I 239 -45.34 15.54 -60.62
CA PRO I 239 -45.08 15.25 -59.22
C PRO I 239 -43.71 15.78 -58.84
N ARG I 240 -43.34 15.58 -57.58
CA ARG I 240 -42.01 16.02 -57.14
C ARG I 240 -40.98 14.95 -57.54
N SER I 241 -41.42 13.73 -57.81
CA SER I 241 -40.50 12.65 -58.20
C SER I 241 -39.98 12.88 -59.62
N ALA I 242 -40.68 13.69 -60.41
CA ALA I 242 -40.50 13.64 -61.87
C ALA I 242 -39.26 14.41 -62.27
N THR I 243 -38.42 13.73 -63.03
CA THR I 243 -37.13 14.28 -63.48
C THR I 243 -37.18 14.69 -64.95
N ALA I 244 -38.20 14.24 -65.70
CA ALA I 244 -38.31 14.51 -67.13
C ALA I 244 -39.23 15.70 -67.38
N ARG I 245 -38.89 16.51 -68.39
CA ARG I 245 -39.66 17.69 -68.76
C ARG I 245 -39.60 17.84 -70.27
N ARG I 246 -40.71 17.53 -70.92
CA ARG I 246 -40.96 17.87 -72.33
C ARG I 246 -41.40 19.33 -72.43
N ILE I 247 -40.47 20.23 -72.79
CA ILE I 247 -40.77 21.67 -72.96
C ILE I 247 -41.22 21.88 -74.38
N ALA I 248 -42.25 22.70 -74.56
CA ALA I 248 -42.70 23.11 -75.90
C ALA I 248 -42.05 24.44 -76.23
N LEU I 249 -41.76 24.64 -77.51
CA LEU I 249 -41.05 25.83 -78.01
C LEU I 249 -41.40 26.03 -79.48
N GLY I 250 -41.49 27.30 -79.90
CA GLY I 250 -41.99 27.61 -81.23
C GLY I 250 -43.39 27.03 -81.36
N ASN I 251 -43.63 26.22 -82.38
CA ASN I 251 -44.95 25.63 -82.61
C ASN I 251 -44.80 24.24 -83.23
N ASN I 252 -45.45 23.24 -82.61
CA ASN I 252 -45.51 21.86 -83.10
C ASN I 252 -44.11 21.22 -83.12
N VAL I 253 -43.17 21.75 -82.33
CA VAL I 253 -41.85 21.14 -82.06
C VAL I 253 -41.63 21.22 -80.56
N SER I 254 -40.98 20.20 -80.00
CA SER I 254 -40.71 20.14 -78.56
C SER I 254 -39.30 19.61 -78.29
N ILE I 255 -38.78 19.97 -77.13
CA ILE I 255 -37.51 19.46 -76.61
C ILE I 255 -37.87 18.78 -75.31
N ASN I 256 -37.51 17.51 -75.17
CA ASN I 256 -37.62 16.76 -73.90
C ASN I 256 -36.28 16.71 -73.18
N ILE I 257 -36.33 16.80 -71.86
CA ILE I 257 -35.12 17.10 -71.08
C ILE I 257 -35.16 16.19 -69.87
N GLU I 258 -34.07 15.47 -69.70
CA GLU I 258 -33.83 14.70 -68.50
C GLU I 258 -32.67 15.35 -67.76
N VAL I 259 -32.84 15.48 -66.46
CA VAL I 259 -31.94 16.27 -65.60
C VAL I 259 -31.39 15.38 -64.48
N ASP I 260 -30.10 15.53 -64.18
CA ASP I 260 -29.47 14.75 -63.11
C ASP I 260 -29.69 15.48 -61.79
N PRO I 261 -30.28 14.85 -60.78
CA PRO I 261 -30.49 15.48 -59.48
C PRO I 261 -29.21 15.94 -58.78
N ARG I 262 -28.16 15.12 -58.80
CA ARG I 262 -26.90 15.50 -58.14
C ARG I 262 -26.26 16.70 -58.81
N HIS I 263 -26.45 16.87 -60.13
CA HIS I 263 -25.74 17.91 -60.92
C HIS I 263 -26.73 18.63 -61.83
N PRO I 264 -27.76 19.28 -61.25
CA PRO I 264 -28.87 19.78 -62.06
C PRO I 264 -28.41 20.85 -63.01
N THR I 265 -27.66 21.81 -62.48
CA THR I 265 -27.14 22.91 -63.30
C THR I 265 -26.33 22.34 -64.46
N MET I 266 -25.71 21.16 -64.29
CA MET I 266 -24.96 20.55 -65.40
C MET I 266 -25.92 20.27 -66.57
N LEU I 267 -25.34 20.11 -67.75
CA LEU I 267 -26.14 19.94 -68.96
C LEU I 267 -27.00 18.69 -68.82
N PRO I 268 -28.29 18.76 -69.19
CA PRO I 268 -29.13 17.58 -69.13
C PRO I 268 -29.08 16.89 -70.49
N GLU I 269 -29.50 15.63 -70.53
CA GLU I 269 -29.78 15.01 -71.83
C GLU I 269 -31.04 15.60 -72.45
N CYS I 270 -30.88 16.10 -73.67
CA CYS I 270 -31.92 16.86 -74.38
C CYS I 270 -31.88 16.47 -75.84
N PHE I 271 -33.05 16.37 -76.45
CA PHE I 271 -33.16 16.30 -77.91
C PHE I 271 -34.55 16.77 -78.34
N PHE I 272 -34.75 16.78 -79.65
CA PHE I 272 -35.75 17.61 -80.32
C PHE I 272 -36.69 16.75 -81.14
N LEU I 273 -37.99 16.94 -80.93
CA LEU I 273 -39.02 16.35 -81.78
C LEU I 273 -39.56 17.43 -82.70
N GLY I 274 -40.00 17.01 -83.87
CA GLY I 274 -40.76 17.83 -84.80
C GLY I 274 -40.25 17.65 -86.20
N ALA I 275 -40.28 18.73 -86.96
CA ALA I 275 -40.01 18.68 -88.39
C ALA I 275 -38.50 18.59 -88.62
N ASP I 276 -38.06 17.57 -89.36
CA ASP I 276 -36.63 17.35 -89.61
C ASP I 276 -35.96 18.59 -90.22
N HIS I 277 -36.65 19.33 -91.08
CA HIS I 277 -36.10 20.56 -91.70
C HIS I 277 -36.08 21.70 -90.69
N VAL I 278 -36.94 21.65 -89.68
CA VAL I 278 -37.03 22.68 -88.62
C VAL I 278 -36.10 22.33 -87.47
N VAL I 279 -35.90 21.04 -87.22
CA VAL I 279 -35.16 20.57 -86.03
C VAL I 279 -33.67 20.77 -86.26
N LYS I 280 -33.24 20.64 -87.51
CA LYS I 280 -31.82 20.63 -87.91
C LYS I 280 -31.09 21.88 -87.42
N PRO I 281 -31.55 23.11 -87.72
CA PRO I 281 -30.85 24.29 -87.20
C PRO I 281 -30.81 24.37 -85.68
N LEU I 282 -31.70 23.68 -84.96
CA LEU I 282 -31.63 23.68 -83.48
C LEU I 282 -30.48 22.80 -83.00
N GLY I 283 -30.43 21.56 -83.49
CA GLY I 283 -29.30 20.66 -83.22
C GLY I 283 -27.94 21.20 -83.64
N ILE I 284 -27.86 21.81 -84.83
CA ILE I 284 -26.61 22.41 -85.35
C ILE I 284 -26.17 23.53 -84.41
N LYS I 285 -27.09 24.44 -84.10
CA LYS I 285 -26.78 25.63 -83.29
C LYS I 285 -26.39 25.22 -81.87
N LEU I 286 -27.10 24.23 -81.32
CA LEU I 286 -26.75 23.65 -80.01
C LEU I 286 -25.34 23.12 -80.04
N SER I 287 -25.07 22.17 -80.95
CA SER I 287 -23.76 21.54 -81.14
C SER I 287 -22.62 22.58 -81.22
N ARG I 288 -22.80 23.62 -82.02
CA ARG I 288 -21.72 24.61 -82.23
C ARG I 288 -21.53 25.53 -81.04
N ASN I 289 -22.59 25.80 -80.28
CA ASN I 289 -22.53 26.78 -79.19
C ASN I 289 -22.50 26.13 -77.82
N ILE I 290 -22.51 24.79 -77.78
CA ILE I 290 -22.71 24.08 -76.50
C ILE I 290 -21.56 24.35 -75.55
N HIS I 291 -20.40 24.71 -76.08
CA HIS I 291 -19.26 25.04 -75.21
C HIS I 291 -19.58 26.29 -74.39
N LEU I 292 -20.56 27.08 -74.83
CA LEU I 292 -20.92 28.32 -74.14
C LEU I 292 -21.86 28.05 -72.97
N TRP I 293 -22.36 26.83 -72.87
CA TRP I 293 -23.06 26.32 -71.67
C TRP I 293 -22.20 26.60 -70.46
N ASP I 294 -22.84 27.00 -69.38
CA ASP I 294 -22.12 27.41 -68.17
C ASP I 294 -22.92 26.99 -66.95
N PRO I 295 -22.36 26.21 -66.02
CA PRO I 295 -23.14 25.66 -64.92
C PRO I 295 -23.26 26.54 -63.69
N GLU I 296 -23.00 27.85 -63.82
CA GLU I 296 -23.26 28.80 -62.72
C GLU I 296 -24.65 29.41 -62.86
N ASN I 297 -25.18 29.50 -64.07
CA ASN I 297 -26.50 30.08 -64.32
C ASN I 297 -27.58 29.04 -64.06
N SER I 298 -28.80 29.34 -64.49
CA SER I 298 -29.93 28.41 -64.48
C SER I 298 -29.99 27.64 -65.79
N VAL I 299 -30.77 26.57 -65.79
CA VAL I 299 -31.01 25.78 -67.01
C VAL I 299 -31.61 26.64 -68.12
N LEU I 300 -32.64 27.42 -67.80
CA LEU I 300 -33.30 28.27 -68.82
C LEU I 300 -32.34 29.36 -69.27
N GLN I 301 -31.69 30.01 -68.30
CA GLN I 301 -30.78 31.13 -68.58
C GLN I 301 -29.56 30.67 -69.38
N ASN I 302 -29.23 29.37 -69.30
CA ASN I 302 -28.15 28.80 -70.13
C ASN I 302 -28.70 28.44 -71.50
N LEU I 303 -29.86 27.77 -71.52
CA LEU I 303 -30.45 27.27 -72.77
C LEU I 303 -30.73 28.42 -73.71
N LYS I 304 -31.19 29.54 -73.16
CA LYS I 304 -31.60 30.69 -73.97
C LYS I 304 -30.43 31.25 -74.76
N ASP I 305 -29.25 31.39 -74.14
CA ASP I 305 -28.07 31.90 -74.88
C ASP I 305 -27.32 30.78 -75.59
N VAL I 306 -27.59 29.54 -75.24
CA VAL I 306 -27.01 28.39 -75.96
C VAL I 306 -27.77 28.11 -77.24
N LEU I 307 -29.08 27.93 -77.15
CA LEU I 307 -29.89 27.72 -78.35
C LEU I 307 -30.27 29.03 -79.03
N GLU I 308 -30.00 30.18 -78.39
CA GLU I 308 -30.18 31.53 -78.98
C GLU I 308 -31.61 31.74 -79.46
N ILE I 309 -32.59 31.32 -78.66
CA ILE I 309 -34.01 31.50 -78.97
C ILE I 309 -34.75 31.69 -77.64
N ASP I 310 -35.99 32.15 -77.73
CA ASP I 310 -36.88 32.22 -76.58
C ASP I 310 -37.97 31.15 -76.69
N PHE I 311 -38.67 30.96 -75.59
CA PHE I 311 -39.78 30.04 -75.36
C PHE I 311 -41.08 30.81 -75.43
N PRO I 312 -42.24 30.19 -75.66
CA PRO I 312 -43.50 30.87 -75.37
C PRO I 312 -43.87 30.59 -73.91
N ALA I 313 -44.33 31.64 -73.23
CA ALA I 313 -44.85 31.56 -71.87
C ALA I 313 -46.38 31.51 -71.95
N ARG I 314 -46.94 30.31 -72.13
CA ARG I 314 -48.39 30.11 -72.08
C ARG I 314 -48.99 30.90 -73.24
N ALA I 315 -48.63 30.58 -74.49
CA ALA I 315 -49.19 31.31 -75.64
C ALA I 315 -50.71 31.28 -75.55
N ILE I 316 -51.28 30.09 -75.70
CA ILE I 316 -52.49 29.62 -75.01
C ILE I 316 -52.40 28.10 -75.01
N LEU I 317 -52.12 27.52 -73.84
CA LEU I 317 -51.59 26.14 -73.78
C LEU I 317 -52.69 25.08 -73.88
N GLU I 318 -53.96 25.45 -73.66
CA GLU I 318 -55.07 24.48 -73.75
C GLU I 318 -55.58 24.38 -75.20
N LYS I 319 -55.58 25.50 -75.92
CA LYS I 319 -55.97 25.55 -77.34
C LYS I 319 -55.36 26.79 -77.98
N SER I 320 -54.26 26.64 -78.74
CA SER I 320 -53.58 27.81 -79.30
C SER I 320 -54.19 28.21 -80.63
N ASP I 321 -53.89 27.45 -81.69
CA ASP I 321 -54.80 27.31 -82.84
C ASP I 321 -54.34 26.14 -83.71
N PHE I 322 -54.71 24.92 -83.32
CA PHE I 322 -54.33 23.67 -84.02
C PHE I 322 -55.20 22.55 -83.49
N THR I 323 -55.84 21.78 -84.36
CA THR I 323 -56.42 20.51 -83.91
C THR I 323 -55.25 19.62 -83.52
N MET I 324 -54.87 19.64 -82.24
CA MET I 324 -53.65 18.95 -81.81
C MET I 324 -53.85 17.45 -81.72
N ASP I 325 -55.05 16.95 -82.05
CA ASP I 325 -55.32 15.50 -82.04
C ASP I 325 -54.54 14.81 -83.15
N CYS I 326 -54.57 13.48 -83.11
CA CYS I 326 -53.66 12.62 -83.89
C CYS I 326 -53.88 12.74 -85.39
N GLY I 327 -55.08 13.14 -85.82
CA GLY I 327 -55.41 13.22 -87.24
C GLY I 327 -55.46 11.86 -87.92
N ILE I 328 -55.44 10.78 -87.14
CA ILE I 328 -55.78 9.42 -87.57
C ILE I 328 -56.78 8.95 -86.52
N CYS I 329 -56.38 8.97 -85.26
CA CYS I 329 -57.25 8.58 -84.15
C CYS I 329 -58.04 9.78 -83.62
N TYR I 330 -57.63 11.00 -83.99
CA TYR I 330 -58.32 12.25 -83.64
C TYR I 330 -58.46 12.43 -82.13
N ALA I 331 -57.55 11.81 -81.38
CA ALA I 331 -57.49 11.93 -79.92
C ALA I 331 -56.14 12.52 -79.54
N TYR I 332 -56.06 13.05 -78.32
CA TYR I 332 -54.86 13.30 -77.47
C TYR I 332 -54.87 12.25 -76.37
N GLN I 333 -53.70 11.92 -75.79
CA GLN I 333 -53.59 10.90 -74.73
C GLN I 333 -54.13 9.56 -75.26
N LEU I 334 -53.37 8.92 -76.15
CA LEU I 334 -53.52 7.46 -76.35
C LEU I 334 -52.45 6.75 -75.50
N ASP I 335 -52.87 6.23 -74.33
CA ASP I 335 -52.13 5.27 -73.45
C ASP I 335 -50.81 5.88 -72.95
N GLY I 336 -50.87 7.13 -72.48
CA GLY I 336 -49.69 7.92 -72.08
C GLY I 336 -49.12 8.75 -73.23
N THR I 337 -49.05 8.18 -74.44
CA THR I 337 -48.38 8.78 -75.63
C THR I 337 -49.07 10.08 -76.01
N ILE I 338 -48.27 10.97 -76.57
CA ILE I 338 -48.66 12.34 -76.95
C ILE I 338 -48.55 12.40 -78.47
N PRO I 339 -49.27 13.31 -79.14
CA PRO I 339 -48.90 13.68 -80.50
C PRO I 339 -47.51 14.34 -80.51
N ASP I 340 -46.54 13.66 -81.14
CA ASP I 340 -45.11 14.07 -81.19
C ASP I 340 -44.54 13.93 -82.60
N GLN I 341 -44.78 12.81 -83.26
CA GLN I 341 -44.34 12.60 -84.65
C GLN I 341 -45.18 13.50 -85.54
N VAL I 342 -44.49 14.30 -86.34
CA VAL I 342 -45.10 15.35 -87.21
C VAL I 342 -44.64 15.14 -88.65
N CYS I 343 -45.18 15.94 -89.55
CA CYS I 343 -44.74 15.96 -90.95
C CYS I 343 -43.56 16.92 -91.07
N ASP I 344 -42.65 16.65 -92.01
CA ASP I 344 -41.58 17.58 -92.45
C ASP I 344 -42.10 18.44 -93.61
N ASN I 345 -43.14 19.21 -93.35
CA ASN I 345 -43.88 19.97 -94.38
C ASN I 345 -44.52 21.20 -93.72
N SER I 346 -44.43 22.34 -94.40
CA SER I 346 -45.02 23.61 -93.95
C SER I 346 -46.56 23.56 -94.04
N GLN I 347 -47.10 22.82 -95.03
CA GLN I 347 -48.51 22.88 -95.46
C GLN I 347 -49.37 21.91 -94.64
N CYS I 348 -48.78 20.85 -94.10
CA CYS I 348 -49.48 19.80 -93.31
C CYS I 348 -49.23 20.05 -91.83
N GLY I 349 -47.91 19.89 -91.48
CA GLY I 349 -47.50 19.99 -90.07
C GLY I 349 -48.38 19.17 -89.15
N GLN I 350 -48.94 18.07 -89.65
CA GLN I 350 -49.98 17.38 -88.91
C GLN I 350 -49.30 16.46 -87.90
N PRO I 351 -49.52 16.65 -86.60
CA PRO I 351 -49.02 15.67 -85.63
C PRO I 351 -49.77 14.34 -85.75
N PHE I 352 -49.17 13.31 -85.15
CA PHE I 352 -49.71 11.95 -85.13
C PHE I 352 -49.34 11.30 -83.82
N HIS I 353 -49.74 10.06 -83.63
CA HIS I 353 -49.06 9.25 -82.61
C HIS I 353 -48.13 8.26 -83.27
N GLN I 354 -47.11 7.87 -82.51
CA GLN I 354 -46.19 6.77 -82.88
C GLN I 354 -47.02 5.57 -83.32
N ILE I 355 -48.04 5.22 -82.55
CA ILE I 355 -48.71 3.93 -82.74
C ILE I 355 -49.54 4.00 -84.01
N CYS I 356 -50.39 5.01 -84.10
CA CYS I 356 -51.25 5.23 -85.26
C CYS I 356 -50.42 5.29 -86.54
N LEU I 357 -49.40 6.14 -86.55
CA LEU I 357 -48.63 6.35 -87.78
C LEU I 357 -47.83 5.09 -88.12
N TYR I 358 -47.42 4.34 -87.11
CA TYR I 358 -46.70 3.07 -87.35
C TYR I 358 -47.63 2.07 -88.01
N GLU I 359 -48.78 1.83 -87.38
CA GLU I 359 -49.73 0.86 -87.94
C GLU I 359 -50.10 1.28 -89.35
N TRP I 360 -50.19 2.59 -89.61
CA TRP I 360 -50.56 3.10 -90.93
C TRP I 360 -49.46 2.73 -91.92
N LEU I 361 -48.22 3.10 -91.61
CA LEU I 361 -47.17 2.98 -92.61
C LEU I 361 -46.83 1.50 -92.83
N ARG I 362 -46.97 0.69 -91.78
CA ARG I 362 -46.63 -0.74 -91.88
C ARG I 362 -47.59 -1.46 -92.83
N GLY I 363 -48.76 -0.88 -93.04
CA GLY I 363 -49.72 -1.45 -93.98
C GLY I 363 -49.28 -1.20 -95.41
N LEU I 364 -48.95 0.04 -95.72
CA LEU I 364 -48.90 0.52 -97.10
C LEU I 364 -47.78 -0.20 -97.86
N LEU I 365 -47.97 -0.32 -99.17
CA LEU I 365 -47.05 -1.04 -100.07
C LEU I 365 -45.80 -0.22 -100.32
N THR I 366 -45.91 1.11 -100.29
CA THR I 366 -44.80 2.02 -100.63
C THR I 366 -43.70 1.95 -99.58
N SER I 367 -44.06 1.65 -98.33
CA SER I 367 -43.17 1.78 -97.17
C SER I 367 -42.08 0.70 -97.22
N ARG I 368 -40.87 1.06 -96.79
CA ARG I 368 -39.74 0.13 -96.68
C ARG I 368 -39.10 0.36 -95.32
N GLN I 369 -38.67 -0.72 -94.67
CA GLN I 369 -38.15 -0.65 -93.31
C GLN I 369 -36.66 -0.90 -93.36
N SER I 370 -35.89 0.09 -92.92
CA SER I 370 -34.49 -0.11 -92.51
C SER I 370 -34.49 -0.65 -91.08
N PHE I 371 -33.42 -0.42 -90.34
CA PHE I 371 -33.16 -1.14 -89.07
C PHE I 371 -34.17 -0.75 -87.99
N ASN I 372 -34.27 0.53 -87.64
CA ASN I 372 -35.26 0.96 -86.64
C ASN I 372 -36.10 2.11 -87.19
N ILE I 373 -36.10 2.26 -88.50
CA ILE I 373 -36.69 3.42 -89.19
C ILE I 373 -37.71 2.89 -90.18
N ILE I 374 -38.81 3.61 -90.36
CA ILE I 374 -39.71 3.36 -91.50
C ILE I 374 -39.96 4.69 -92.19
N PHE I 375 -39.73 4.60 -93.52
CA PHE I 375 -40.02 5.76 -94.41
C PHE I 375 -41.37 5.52 -95.09
N GLY I 376 -42.18 6.60 -95.23
CA GLY I 376 -43.45 6.52 -95.95
C GLY I 376 -44.00 7.86 -96.37
N GLU I 377 -45.28 7.85 -96.74
CA GLU I 377 -46.05 9.04 -97.14
C GLU I 377 -46.95 9.47 -96.00
N CYS I 378 -46.86 10.76 -95.65
CA CYS I 378 -47.80 11.36 -94.67
C CYS I 378 -49.19 11.06 -95.19
N PRO I 379 -50.08 10.55 -94.31
CA PRO I 379 -51.48 10.32 -94.70
C PRO I 379 -52.17 11.51 -95.39
N TYR I 380 -51.95 12.73 -94.89
CA TYR I 380 -52.74 13.91 -95.32
C TYR I 380 -52.16 14.43 -96.64
N CYS I 381 -50.84 14.62 -96.73
CA CYS I 381 -50.18 15.37 -97.83
C CYS I 381 -49.38 14.48 -98.78
N SER I 382 -49.14 13.22 -98.41
CA SER I 382 -48.35 12.24 -99.21
C SER I 382 -46.97 12.82 -99.56
N LYS I 383 -46.24 13.21 -98.50
CA LYS I 383 -44.83 13.65 -98.54
C LYS I 383 -43.96 12.75 -97.67
N PRO I 384 -42.64 12.56 -97.98
CA PRO I 384 -41.79 11.60 -97.24
C PRO I 384 -41.62 11.88 -95.74
N ILE I 385 -42.16 10.98 -94.93
CA ILE I 385 -42.19 11.12 -93.45
C ILE I 385 -41.45 9.94 -92.87
N THR I 386 -40.69 10.20 -91.82
CA THR I 386 -39.83 9.19 -91.18
C THR I 386 -40.40 8.92 -89.79
N LEU I 387 -40.39 7.65 -89.43
CA LEU I 387 -40.70 7.18 -88.08
C LEU I 387 -39.56 6.29 -87.57
N LYS I 388 -38.93 6.69 -86.44
CA LYS I 388 -37.91 5.91 -85.71
C LYS I 388 -38.56 5.35 -84.45
N MET I 389 -38.62 4.02 -84.37
CA MET I 389 -39.15 3.32 -83.18
C MET I 389 -38.08 3.42 -82.09
N MET J 32 -92.98 29.61 -14.79
CA MET J 32 -93.48 30.49 -13.72
C MET J 32 -94.95 30.18 -13.41
N SER J 33 -95.38 30.61 -12.24
CA SER J 33 -96.69 30.26 -11.65
C SER J 33 -97.63 31.46 -11.56
N SER J 34 -98.40 31.70 -12.61
CA SER J 34 -99.42 32.76 -12.62
C SER J 34 -100.25 32.65 -13.91
N ASN J 35 -101.34 33.43 -13.95
CA ASN J 35 -102.09 33.71 -15.19
C ASN J 35 -101.19 34.39 -16.21
N GLU J 36 -100.59 35.52 -15.85
CA GLU J 36 -99.72 36.23 -16.81
C GLU J 36 -98.31 35.65 -16.79
N GLN J 37 -98.18 34.35 -16.49
CA GLN J 37 -96.89 33.66 -16.52
C GLN J 37 -97.03 32.30 -17.21
N GLU J 38 -95.87 31.81 -17.66
CA GLU J 38 -95.76 30.68 -18.59
C GLU J 38 -94.76 29.69 -18.01
N ARG J 39 -94.57 28.59 -18.72
CA ARG J 39 -93.58 27.60 -18.31
C ARG J 39 -93.12 26.78 -19.50
N LEU J 40 -91.83 26.45 -19.49
CA LEU J 40 -91.19 25.70 -20.59
C LEU J 40 -91.07 24.22 -20.25
N LEU J 41 -90.73 23.46 -21.28
CA LEU J 41 -90.58 22.00 -21.20
C LEU J 41 -89.81 21.58 -22.45
N CYS J 42 -89.54 20.30 -22.58
CA CYS J 42 -88.86 19.74 -23.76
C CYS J 42 -89.34 18.32 -24.01
N TYR J 43 -89.62 18.02 -25.28
CA TYR J 43 -90.31 16.79 -25.70
C TYR J 43 -89.81 16.45 -27.09
N ASN J 44 -88.98 15.42 -27.18
CA ASN J 44 -88.58 14.83 -28.47
C ASN J 44 -87.87 15.87 -29.34
N GLY J 45 -86.85 16.48 -28.75
CA GLY J 45 -85.98 17.39 -29.49
C GLY J 45 -86.62 18.68 -29.89
N GLU J 46 -87.78 18.98 -29.33
CA GLU J 46 -88.47 20.24 -29.61
C GLU J 46 -88.99 20.80 -28.30
N VAL J 47 -88.81 22.09 -28.11
CA VAL J 47 -89.17 22.76 -26.85
C VAL J 47 -90.66 23.06 -26.86
N LEU J 48 -91.28 22.97 -25.69
CA LEU J 48 -92.70 23.32 -25.54
C LEU J 48 -92.86 24.48 -24.57
N VAL J 49 -93.88 25.28 -24.85
CA VAL J 49 -94.19 26.50 -24.07
C VAL J 49 -95.67 26.45 -23.73
N PHE J 50 -95.98 26.67 -22.46
CA PHE J 50 -97.35 26.64 -21.97
C PHE J 50 -97.65 27.99 -21.35
N GLN J 51 -98.76 28.61 -21.74
CA GLN J 51 -99.10 29.97 -21.31
C GLN J 51 -100.57 30.09 -20.93
N LEU J 52 -100.82 30.72 -19.80
CA LEU J 52 -102.17 31.20 -19.44
C LEU J 52 -102.37 32.56 -20.10
N SER J 53 -103.43 32.71 -20.88
CA SER J 53 -103.70 33.98 -21.56
C SER J 53 -105.16 34.36 -21.29
N LYS J 54 -105.36 35.50 -20.63
CA LYS J 54 -106.71 35.85 -20.12
C LYS J 54 -107.67 36.11 -21.28
N GLY J 55 -108.81 35.42 -21.24
CA GLY J 55 -109.78 35.38 -22.34
C GLY J 55 -110.61 36.64 -22.43
N ASN J 56 -110.08 37.72 -23.02
CA ASN J 56 -110.93 38.88 -23.30
C ASN J 56 -112.18 38.45 -24.05
N PHE J 57 -112.03 38.04 -25.31
CA PHE J 57 -113.16 37.71 -26.19
C PHE J 57 -112.76 36.73 -27.29
N LYS J 64 -114.28 35.74 -21.33
CA LYS J 64 -113.91 34.31 -21.44
C LYS J 64 -112.85 33.93 -20.42
N THR J 65 -112.95 32.72 -19.89
CA THR J 65 -111.91 32.15 -19.02
C THR J 65 -110.58 32.34 -19.73
N PRO J 66 -109.45 32.48 -19.01
CA PRO J 66 -108.17 32.36 -19.69
C PRO J 66 -108.07 31.05 -20.46
N ILE J 67 -107.22 31.07 -21.49
CA ILE J 67 -107.03 29.95 -22.44
C ILE J 67 -105.62 29.43 -22.28
N LEU J 68 -105.51 28.11 -22.16
CA LEU J 68 -104.20 27.47 -22.05
C LEU J 68 -103.64 27.38 -23.46
N HIS J 69 -102.55 28.10 -23.70
CA HIS J 69 -101.97 28.24 -25.03
C HIS J 69 -100.69 27.44 -25.10
N VAL J 70 -100.55 26.70 -26.16
CA VAL J 70 -99.37 25.89 -26.41
C VAL J 70 -98.62 26.53 -27.55
N ARG J 71 -97.31 26.58 -27.42
CA ARG J 71 -96.43 26.94 -28.52
C ARG J 71 -95.33 25.90 -28.54
N ARG J 72 -95.31 25.10 -29.59
CA ARG J 72 -94.22 24.16 -29.80
C ARG J 72 -93.19 24.82 -30.69
N MET J 73 -91.96 24.90 -30.20
CA MET J 73 -90.90 25.61 -30.90
C MET J 73 -89.80 24.60 -31.21
N VAL J 74 -89.17 24.76 -32.37
CA VAL J 74 -88.06 23.89 -32.76
C VAL J 74 -86.87 24.78 -33.01
N PHE J 75 -85.71 24.31 -32.62
CA PHE J 75 -84.45 24.96 -32.96
C PHE J 75 -84.23 24.73 -34.45
N ASP J 76 -83.88 25.78 -35.17
CA ASP J 76 -83.78 25.67 -36.63
C ASP J 76 -82.44 25.03 -37.02
N ARG J 77 -81.35 25.52 -36.41
CA ARG J 77 -79.97 25.04 -36.61
C ARG J 77 -79.35 25.70 -37.85
N GLY J 78 -80.15 26.28 -38.73
CA GLY J 78 -79.58 27.10 -39.80
C GLY J 78 -79.51 28.54 -39.32
N THR J 79 -80.63 29.05 -38.84
CA THR J 79 -80.71 30.44 -38.37
C THR J 79 -80.34 30.56 -36.90
N LYS J 80 -80.21 29.45 -36.19
CA LYS J 80 -79.88 29.41 -34.75
C LYS J 80 -80.84 30.22 -33.90
N VAL J 81 -82.14 30.03 -34.12
CA VAL J 81 -83.19 30.67 -33.32
C VAL J 81 -84.35 29.68 -33.28
N PHE J 82 -85.28 29.93 -32.38
CA PHE J 82 -86.44 29.05 -32.22
C PHE J 82 -87.57 29.52 -33.11
N VAL J 83 -87.97 28.66 -34.04
CA VAL J 83 -89.13 28.94 -34.90
C VAL J 83 -90.31 28.12 -34.40
N GLN J 84 -91.49 28.73 -34.38
CA GLN J 84 -92.72 28.02 -34.02
C GLN J 84 -93.07 27.08 -35.16
N LYS J 85 -93.38 25.83 -34.83
CA LYS J 85 -93.76 24.81 -35.81
C LYS J 85 -95.21 24.41 -35.61
N SER J 86 -95.74 24.59 -34.39
CA SER J 86 -97.16 24.32 -34.16
C SER J 86 -97.67 24.98 -32.88
N THR J 87 -98.99 25.04 -32.75
CA THR J 87 -99.65 25.53 -31.54
C THR J 87 -100.96 24.80 -31.30
N GLY J 88 -101.54 25.07 -30.14
CA GLY J 88 -102.81 24.49 -29.75
C GLY J 88 -103.39 25.23 -28.56
N PHE J 89 -104.63 25.67 -28.70
CA PHE J 89 -105.33 26.35 -27.60
C PHE J 89 -106.21 25.32 -26.90
N PHE J 90 -106.43 25.57 -25.62
CA PHE J 90 -107.46 24.82 -24.88
C PHE J 90 -108.27 25.78 -24.02
N THR J 91 -109.57 25.76 -24.26
CA THR J 91 -110.55 26.67 -23.66
C THR J 91 -110.97 26.10 -22.30
N ILE J 92 -111.17 26.97 -21.32
CA ILE J 92 -111.77 26.49 -20.06
C ILE J 92 -113.18 27.10 -19.95
N LYS J 93 -114.12 26.28 -19.49
CA LYS J 93 -115.52 26.69 -19.31
C LYS J 93 -115.83 27.09 -17.87
N GLU J 94 -115.73 28.39 -17.58
CA GLU J 94 -116.19 29.06 -16.35
C GLU J 94 -115.92 30.56 -16.50
N GLU J 95 -116.28 31.36 -15.50
CA GLU J 95 -115.59 32.65 -15.29
C GLU J 95 -115.20 32.75 -13.82
N ASN J 96 -114.08 32.11 -13.48
CA ASN J 96 -113.45 32.21 -12.15
C ASN J 96 -111.98 32.51 -12.33
N SER J 97 -111.39 33.10 -11.28
CA SER J 97 -110.01 33.56 -11.36
C SER J 97 -109.06 32.44 -10.94
N HIS J 98 -107.78 32.79 -10.75
CA HIS J 98 -106.75 31.93 -10.13
C HIS J 98 -106.54 30.64 -10.93
N LEU J 99 -106.08 30.81 -12.15
CA LEU J 99 -105.50 29.74 -12.98
C LEU J 99 -104.00 29.75 -12.79
N LYS J 100 -103.40 28.57 -12.65
CA LYS J 100 -102.01 28.46 -12.18
C LYS J 100 -101.29 27.29 -12.85
N ILE J 101 -100.17 27.63 -13.50
CA ILE J 101 -99.30 26.71 -14.27
C ILE J 101 -98.21 26.15 -13.37
N MET J 102 -98.37 24.92 -12.92
CA MET J 102 -97.39 24.32 -11.99
C MET J 102 -97.51 22.82 -12.17
N CYS J 103 -96.41 22.10 -11.97
CA CYS J 103 -96.40 20.66 -12.24
C CYS J 103 -96.70 20.33 -13.71
N CYS J 104 -95.64 20.23 -14.48
CA CYS J 104 -95.71 19.81 -15.88
C CYS J 104 -94.43 19.02 -16.13
N ASN J 105 -94.59 17.92 -16.86
CA ASN J 105 -93.47 17.09 -17.30
C ASN J 105 -93.95 16.15 -18.40
N CYS J 106 -93.10 15.16 -18.67
CA CYS J 106 -93.34 14.04 -19.59
C CYS J 106 -93.48 12.79 -18.74
N VAL J 107 -94.56 12.05 -19.01
CA VAL J 107 -95.16 11.02 -18.16
C VAL J 107 -95.22 9.68 -18.87
N SER J 108 -96.13 9.51 -19.83
CA SER J 108 -96.34 8.28 -20.61
C SER J 108 -97.39 7.36 -19.98
N ASP J 109 -98.64 7.73 -20.22
CA ASP J 109 -99.89 6.96 -20.04
C ASP J 109 -99.73 5.43 -20.11
N PHE J 110 -100.26 4.77 -19.09
CA PHE J 110 -100.23 3.32 -18.89
C PHE J 110 -100.99 2.61 -19.99
N ARG J 111 -102.00 3.25 -20.55
CA ARG J 111 -102.86 2.59 -21.54
C ARG J 111 -102.01 2.33 -22.79
N THR J 112 -101.30 3.36 -23.24
CA THR J 112 -100.65 3.28 -24.55
C THR J 112 -99.16 3.02 -24.44
N GLY J 113 -98.54 3.39 -23.31
CA GLY J 113 -97.09 3.32 -23.18
C GLY J 113 -96.38 4.27 -24.12
N ILE J 114 -96.93 5.46 -24.32
CA ILE J 114 -96.38 6.48 -25.21
C ILE J 114 -95.99 7.66 -24.33
N ASN J 115 -94.79 8.19 -24.50
CA ASN J 115 -94.36 9.39 -23.76
C ASN J 115 -95.09 10.61 -24.28
N LEU J 116 -95.94 11.19 -23.45
CA LEU J 116 -96.65 12.42 -23.81
C LEU J 116 -96.51 13.39 -22.66
N PRO J 117 -96.52 14.71 -22.94
CA PRO J 117 -96.35 15.69 -21.86
C PRO J 117 -97.70 15.99 -21.21
N TYR J 118 -97.64 16.42 -19.96
CA TYR J 118 -98.84 16.69 -19.16
C TYR J 118 -98.74 18.08 -18.54
N ILE J 119 -99.88 18.59 -18.08
CA ILE J 119 -99.92 19.81 -17.29
C ILE J 119 -100.88 19.64 -16.13
N VAL J 120 -100.49 20.18 -14.99
CA VAL J 120 -101.38 20.40 -13.84
C VAL J 120 -101.76 21.87 -13.79
N ILE J 121 -103.04 22.13 -13.60
CA ILE J 121 -103.59 23.49 -13.59
C ILE J 121 -104.39 23.69 -12.32
N GLU J 122 -103.94 24.62 -11.48
CA GLU J 122 -104.74 25.00 -10.30
C GLU J 122 -105.84 25.96 -10.75
N LYS J 123 -107.08 25.55 -10.50
CA LYS J 123 -108.28 26.38 -10.64
C LYS J 123 -108.79 26.74 -9.24
N ASN J 124 -108.62 27.99 -8.83
CA ASN J 124 -109.09 28.45 -7.50
C ASN J 124 -110.26 29.40 -7.71
N LYS J 125 -111.46 28.99 -7.32
CA LYS J 125 -112.64 29.87 -7.39
C LYS J 125 -112.73 30.76 -6.15
N LYS J 126 -111.76 30.70 -5.25
CA LYS J 126 -111.72 31.50 -3.99
C LYS J 126 -112.81 31.10 -3.02
N ASN J 127 -113.47 29.96 -3.24
CA ASN J 127 -114.56 29.51 -2.37
C ASN J 127 -114.07 28.44 -1.41
N ASN J 128 -112.75 28.41 -1.16
CA ASN J 128 -112.10 27.30 -0.43
C ASN J 128 -112.43 25.98 -1.11
N VAL J 129 -112.36 25.98 -2.44
CA VAL J 129 -112.56 24.79 -3.29
C VAL J 129 -111.57 24.90 -4.44
N PHE J 130 -110.90 23.81 -4.78
CA PHE J 130 -109.87 23.82 -5.83
C PHE J 130 -109.96 22.57 -6.69
N GLU J 131 -110.13 22.77 -7.98
CA GLU J 131 -110.33 21.66 -8.93
C GLU J 131 -108.99 20.95 -9.14
N TYR J 132 -107.95 21.66 -9.58
CA TYR J 132 -106.67 21.07 -9.98
C TYR J 132 -106.89 20.14 -11.17
N PHE J 133 -107.17 20.71 -12.33
CA PHE J 133 -107.34 19.91 -13.55
C PHE J 133 -105.99 19.35 -14.00
N LEU J 134 -106.00 18.08 -14.42
CA LEU J 134 -104.88 17.46 -15.16
C LEU J 134 -105.22 17.32 -16.63
N LEU J 135 -104.36 17.84 -17.50
CA LEU J 135 -104.55 17.76 -18.95
C LEU J 135 -103.36 17.08 -19.61
N ILE J 136 -103.64 16.34 -20.66
CA ILE J 136 -102.60 15.69 -21.47
C ILE J 136 -102.68 16.25 -22.87
N LEU J 137 -101.52 16.49 -23.48
CA LEU J 137 -101.45 16.92 -24.87
C LEU J 137 -101.09 15.75 -25.77
N HIS J 138 -101.79 15.63 -26.90
CA HIS J 138 -101.49 14.64 -27.94
C HIS J 138 -100.73 15.27 -29.11
N SER J 139 -100.30 14.41 -30.04
CA SER J 139 -99.58 14.84 -31.25
C SER J 139 -100.48 15.66 -32.17
N THR J 140 -101.79 15.58 -31.94
CA THR J 140 -102.79 16.37 -32.68
C THR J 140 -102.97 17.77 -32.10
N ASN J 141 -102.14 18.18 -31.14
CA ASN J 141 -102.28 19.47 -30.45
C ASN J 141 -103.65 19.56 -29.79
N LYS J 142 -104.16 18.44 -29.30
CA LYS J 142 -105.46 18.40 -28.62
C LYS J 142 -105.25 18.02 -27.17
N PHE J 143 -106.03 18.62 -26.30
CA PHE J 143 -105.92 18.36 -24.86
C PHE J 143 -106.87 17.26 -24.45
N GLU J 144 -106.60 16.65 -23.30
CA GLU J 144 -107.45 15.60 -22.76
C GLU J 144 -107.39 15.68 -21.24
N MET J 145 -108.53 15.98 -20.63
CA MET J 145 -108.69 15.83 -19.19
C MET J 145 -108.54 14.37 -18.80
N ARG J 146 -107.81 14.14 -17.71
CA ARG J 146 -107.74 12.80 -17.10
C ARG J 146 -108.19 12.82 -15.65
N LEU J 147 -107.85 13.85 -14.89
CA LEU J 147 -108.19 13.92 -13.47
C LEU J 147 -108.71 15.31 -13.18
N SER J 148 -109.95 15.37 -12.70
CA SER J 148 -110.57 16.62 -12.26
C SER J 148 -110.09 16.98 -10.86
N PHE J 149 -110.20 16.05 -9.92
CA PHE J 149 -109.42 15.98 -8.67
C PHE J 149 -110.01 16.87 -7.56
N LYS J 150 -110.77 17.90 -7.92
CA LYS J 150 -111.83 18.51 -7.09
C LYS J 150 -111.53 18.52 -5.59
N LEU J 151 -110.49 19.21 -5.18
CA LEU J 151 -110.20 19.35 -3.74
C LEU J 151 -110.91 20.56 -3.18
N GLY J 152 -111.02 20.59 -1.86
CA GLY J 152 -111.59 21.73 -1.14
C GLY J 152 -110.45 22.62 -0.68
N TYR J 153 -109.48 22.04 0.00
CA TYR J 153 -108.30 22.78 0.48
C TYR J 153 -107.21 22.88 -0.58
N GLU J 154 -106.18 23.67 -0.27
CA GLU J 154 -105.06 23.94 -1.20
C GLU J 154 -103.84 23.07 -0.89
N MET J 155 -103.24 22.50 -1.93
CA MET J 155 -102.05 21.66 -1.74
C MET J 155 -100.83 22.57 -1.81
N LYS J 156 -99.76 22.22 -1.09
CA LYS J 156 -98.66 23.17 -0.86
C LYS J 156 -97.29 22.50 -0.85
N ASP J 157 -97.05 21.48 -1.68
CA ASP J 157 -95.96 20.55 -1.35
C ASP J 157 -95.50 19.64 -2.49
N GLY J 158 -95.05 18.47 -2.06
CA GLY J 158 -94.25 17.44 -2.72
C GLY J 158 -95.04 16.70 -3.75
N LEU J 159 -95.64 17.47 -4.65
CA LEU J 159 -96.50 16.93 -5.70
C LEU J 159 -95.61 16.51 -6.87
N ARG J 160 -95.79 15.27 -7.29
CA ARG J 160 -95.17 14.71 -8.49
C ARG J 160 -96.17 13.85 -9.25
N VAL J 161 -95.91 13.66 -10.53
CA VAL J 161 -96.77 12.86 -11.41
C VAL J 161 -95.94 11.76 -12.06
N LEU J 162 -96.57 10.61 -12.24
CA LEU J 162 -95.90 9.36 -12.63
C LEU J 162 -96.71 8.65 -13.71
N ASN J 163 -96.03 7.69 -14.34
CA ASN J 163 -96.26 7.23 -15.72
C ASN J 163 -97.71 6.92 -16.04
N GLY J 164 -98.26 5.86 -15.45
CA GLY J 164 -99.69 5.69 -15.49
C GLY J 164 -100.26 6.90 -14.78
N PRO J 165 -101.13 7.67 -15.43
CA PRO J 165 -101.24 9.09 -15.08
C PRO J 165 -101.66 9.28 -13.63
N LEU J 166 -100.67 9.20 -12.76
CA LEU J 166 -100.90 9.12 -11.31
C LEU J 166 -100.30 10.35 -10.67
N ILE J 167 -101.06 10.97 -9.81
CA ILE J 167 -100.57 12.11 -9.03
C ILE J 167 -100.25 11.60 -7.63
N LEU J 168 -99.18 12.15 -7.06
CA LEU J 168 -98.75 11.78 -5.71
C LEU J 168 -98.35 13.06 -5.00
N TRP J 169 -99.13 13.43 -3.99
CA TRP J 169 -98.97 14.69 -3.30
C TRP J 169 -98.92 14.43 -1.81
N ARG J 170 -98.51 15.46 -1.09
CA ARG J 170 -98.19 15.39 0.33
C ARG J 170 -98.62 16.72 0.95
N HIS J 171 -99.33 16.64 2.06
CA HIS J 171 -99.38 17.72 3.06
C HIS J 171 -98.92 17.13 4.38
N VAL J 172 -99.42 17.66 5.47
CA VAL J 172 -98.79 17.74 6.81
C VAL J 172 -98.18 16.42 7.29
N LYS J 173 -97.71 15.60 6.36
CA LYS J 173 -97.55 14.14 6.49
C LYS J 173 -98.90 13.42 6.43
N ALA J 174 -99.69 13.80 5.44
CA ALA J 174 -100.79 12.98 4.93
C ALA J 174 -100.53 12.80 3.44
N PHE J 175 -99.75 11.79 3.08
CA PHE J 175 -99.44 11.47 1.68
C PHE J 175 -100.64 10.83 1.01
N PHE J 176 -101.03 11.40 -0.13
CA PHE J 176 -102.13 10.86 -0.94
C PHE J 176 -101.65 10.67 -2.37
N PHE J 177 -102.39 9.85 -3.10
CA PHE J 177 -102.20 9.72 -4.54
C PHE J 177 -103.53 9.37 -5.20
N ILE J 178 -103.72 9.90 -6.40
CA ILE J 178 -104.92 9.64 -7.23
C ILE J 178 -104.50 9.32 -8.66
N SER J 179 -105.03 8.23 -9.21
CA SER J 179 -104.73 7.81 -10.59
C SER J 179 -105.90 8.20 -11.49
N SER J 180 -105.63 8.39 -12.78
CA SER J 180 -106.66 8.13 -13.79
C SER J 180 -107.04 6.65 -13.84
N GLN J 181 -106.08 5.76 -13.60
CA GLN J 181 -106.32 4.33 -13.78
C GLN J 181 -107.24 3.90 -12.64
N THR J 182 -107.34 4.75 -11.62
CA THR J 182 -108.15 4.55 -10.41
C THR J 182 -109.27 5.60 -10.35
N GLY J 183 -108.92 6.89 -10.33
CA GLY J 183 -109.87 7.98 -10.11
C GLY J 183 -110.23 8.22 -8.66
N LYS J 184 -109.51 7.61 -7.72
CA LYS J 184 -109.89 7.57 -6.30
C LYS J 184 -108.75 8.13 -5.48
N VAL J 185 -109.09 8.92 -4.48
CA VAL J 185 -108.09 9.53 -3.58
C VAL J 185 -107.73 8.48 -2.52
N VAL J 186 -106.62 7.78 -2.73
CA VAL J 186 -106.08 6.82 -1.76
C VAL J 186 -105.17 7.57 -0.79
N SER J 187 -105.20 7.18 0.49
CA SER J 187 -104.22 7.62 1.48
C SER J 187 -103.11 6.59 1.58
N VAL J 188 -101.89 7.06 1.81
CA VAL J 188 -100.76 6.16 2.02
C VAL J 188 -100.83 5.63 3.45
N SER J 189 -100.94 4.31 3.60
CA SER J 189 -101.05 3.67 4.92
C SER J 189 -99.80 3.92 5.76
N GLY J 190 -98.61 3.60 5.22
CA GLY J 190 -97.34 3.85 5.91
C GLY J 190 -97.12 5.32 6.20
N ASN J 191 -96.60 5.59 7.39
CA ASN J 191 -96.34 6.97 7.88
C ASN J 191 -94.90 7.38 7.56
N PHE J 192 -94.70 8.07 6.44
CA PHE J 192 -93.38 8.52 5.98
C PHE J 192 -93.13 9.94 6.42
N SER J 193 -91.85 10.30 6.48
CA SER J 193 -91.41 11.68 6.72
C SER J 193 -91.15 12.39 5.39
N SER J 194 -90.27 11.84 4.56
CA SER J 194 -89.93 12.42 3.26
C SER J 194 -90.01 11.35 2.20
N ILE J 195 -90.22 11.77 0.96
CA ILE J 195 -90.43 10.81 -0.12
C ILE J 195 -89.43 11.05 -1.25
N GLN J 196 -88.15 11.15 -0.90
CA GLN J 196 -87.09 11.64 -1.81
C GLN J 196 -87.15 11.09 -3.22
N TRP J 197 -87.54 9.85 -3.44
CA TRP J 197 -87.72 9.36 -4.81
C TRP J 197 -89.01 8.57 -4.91
N ALA J 198 -89.48 8.41 -6.14
CA ALA J 198 -90.66 7.60 -6.46
C ALA J 198 -90.56 7.18 -7.93
N GLY J 199 -91.33 6.18 -8.31
CA GLY J 199 -91.42 5.77 -9.71
C GLY J 199 -91.52 4.27 -9.83
N GLU J 200 -91.59 3.78 -11.06
CA GLU J 200 -91.81 2.36 -11.31
C GLU J 200 -90.49 1.60 -11.27
N ILE J 201 -90.55 0.36 -10.80
CA ILE J 201 -89.42 -0.58 -10.86
C ILE J 201 -89.90 -1.90 -11.45
N GLU J 202 -89.00 -2.59 -12.13
CA GLU J 202 -89.29 -3.90 -12.72
C GLU J 202 -89.73 -4.89 -11.64
N ASN J 203 -90.85 -5.57 -11.88
CA ASN J 203 -91.36 -6.66 -11.03
C ASN J 203 -92.08 -6.11 -9.80
N LEU J 204 -92.00 -4.80 -9.57
CA LEU J 204 -92.52 -4.20 -8.34
C LEU J 204 -93.65 -3.24 -8.64
N GLY J 205 -93.54 -2.53 -9.75
CA GLY J 205 -94.62 -1.69 -10.23
C GLY J 205 -94.30 -0.31 -9.69
N MET J 206 -95.25 0.31 -9.01
CA MET J 206 -95.05 1.65 -8.44
C MET J 206 -94.37 1.52 -7.09
N VAL J 207 -93.58 2.54 -6.74
CA VAL J 207 -92.59 2.43 -5.67
C VAL J 207 -92.39 3.82 -5.09
N LEU J 208 -92.23 3.89 -3.77
CA LEU J 208 -91.68 5.10 -3.15
C LEU J 208 -90.46 4.74 -2.33
N LEU J 209 -89.36 5.47 -2.54
CA LEU J 209 -88.30 5.63 -1.53
C LEU J 209 -88.77 6.59 -0.44
N GLY J 210 -88.44 6.28 0.81
CA GLY J 210 -88.76 7.14 1.94
C GLY J 210 -88.25 6.57 3.24
N LEU J 211 -88.68 7.14 4.34
CA LEU J 211 -88.38 6.56 5.66
C LEU J 211 -89.62 6.65 6.54
N LYS J 212 -89.51 6.13 7.75
CA LYS J 212 -90.60 6.06 8.72
C LYS J 212 -90.34 7.14 9.77
N GLU J 213 -89.22 7.03 10.48
CA GLU J 213 -88.89 7.87 11.63
C GLU J 213 -87.42 7.63 12.00
N ASP J 229 -75.12 1.07 13.80
CA ASP J 229 -75.25 2.46 13.30
C ASP J 229 -74.49 2.68 12.01
N TYR J 230 -73.46 1.89 11.75
CA TYR J 230 -72.78 1.88 10.44
C TYR J 230 -73.09 0.62 9.66
N ALA J 231 -74.14 -0.08 10.06
CA ALA J 231 -74.50 -1.36 9.46
C ALA J 231 -75.25 -1.09 8.15
N ILE J 232 -74.71 -1.61 7.07
CA ILE J 232 -75.36 -1.47 5.75
C ILE J 232 -76.80 -1.98 5.81
N TRP J 233 -77.00 -3.18 6.34
CA TRP J 233 -78.33 -3.80 6.32
C TRP J 233 -79.40 -3.06 7.14
N ASN J 234 -79.05 -2.16 8.06
CA ASN J 234 -80.10 -1.58 8.94
C ASN J 234 -80.91 -0.51 8.21
N THR J 235 -80.24 0.56 7.79
CA THR J 235 -80.68 1.48 6.72
C THR J 235 -81.74 2.51 7.12
N LYS J 236 -82.65 2.22 8.06
CA LYS J 236 -83.62 3.23 8.58
C LYS J 236 -84.58 3.78 7.53
N PHE J 237 -84.50 3.31 6.29
CA PHE J 237 -85.10 3.97 5.12
C PHE J 237 -85.95 2.95 4.38
N CYS J 238 -87.27 3.06 4.54
CA CYS J 238 -88.25 2.16 3.88
C CYS J 238 -88.44 2.52 2.40
N VAL J 239 -88.18 1.54 1.53
CA VAL J 239 -88.83 1.42 0.21
C VAL J 239 -90.33 1.24 0.42
N TYR J 240 -91.13 1.48 -0.61
CA TYR J 240 -92.57 1.23 -0.50
C TYR J 240 -93.13 0.81 -1.85
N SER J 241 -94.10 -0.09 -1.75
CA SER J 241 -94.96 -0.60 -2.83
C SER J 241 -95.96 0.34 -3.53
N LEU J 242 -96.53 1.38 -2.90
CA LEU J 242 -97.63 2.11 -3.54
C LEU J 242 -98.91 1.28 -3.78
N GLU J 243 -99.99 1.65 -3.07
CA GLU J 243 -101.25 0.90 -2.89
C GLU J 243 -101.08 -0.23 -1.87
N SER J 244 -100.45 0.16 -0.75
CA SER J 244 -100.41 -0.51 0.56
C SER J 244 -99.80 -1.92 0.61
N GLN J 245 -98.84 -2.23 -0.24
CA GLN J 245 -98.24 -3.57 -0.20
C GLN J 245 -97.01 -3.50 0.71
N GLU J 246 -96.24 -4.57 0.73
CA GLU J 246 -95.16 -4.75 1.71
C GLU J 246 -94.08 -3.70 1.45
N VAL J 247 -93.30 -3.38 2.48
CA VAL J 247 -92.15 -2.47 2.34
C VAL J 247 -91.26 -2.94 1.18
N LEU J 248 -91.03 -4.24 1.07
CA LEU J 248 -90.40 -4.88 -0.11
C LEU J 248 -88.87 -4.76 -0.10
N SER J 249 -88.30 -3.78 0.61
CA SER J 249 -86.84 -3.74 0.84
C SER J 249 -86.54 -2.76 1.97
N ASP J 250 -85.68 -3.19 2.90
CA ASP J 250 -85.01 -2.32 3.86
C ASP J 250 -83.57 -2.77 4.03
N ILE J 251 -82.89 -3.13 2.94
CA ILE J 251 -81.68 -3.95 3.06
C ILE J 251 -80.46 -3.19 2.58
N TYR J 252 -80.54 -2.58 1.41
CA TYR J 252 -79.33 -2.04 0.76
C TYR J 252 -79.60 -0.68 0.15
N ILE J 253 -80.20 0.17 0.96
CA ILE J 253 -80.33 1.61 0.72
C ILE J 253 -79.25 2.25 1.57
N ILE J 254 -79.30 3.55 1.74
CA ILE J 254 -78.21 4.32 2.37
C ILE J 254 -78.18 4.02 3.87
N PRO J 255 -76.99 3.93 4.48
CA PRO J 255 -76.90 3.84 5.94
C PRO J 255 -77.66 4.93 6.66
N PRO J 256 -78.03 4.72 7.94
CA PRO J 256 -78.92 5.64 8.65
C PRO J 256 -78.23 6.93 9.08
N ALA J 257 -76.91 6.93 9.11
CA ALA J 257 -76.13 8.14 9.38
C ALA J 257 -76.40 9.19 8.31
N TYR J 258 -76.14 8.81 7.06
CA TYR J 258 -76.50 9.63 5.88
C TYR J 258 -77.96 10.09 5.91
N SER J 259 -78.86 9.28 6.48
CA SER J 259 -80.31 9.52 6.41
C SER J 259 -80.75 10.86 6.96
N SER J 260 -79.89 11.52 7.70
CA SER J 260 -80.22 12.86 8.20
C SER J 260 -79.90 13.96 7.19
N VAL J 261 -78.90 13.77 6.32
CA VAL J 261 -78.36 14.89 5.53
C VAL J 261 -78.97 14.91 4.15
N VAL J 262 -79.24 13.75 3.58
CA VAL J 262 -79.58 13.66 2.13
C VAL J 262 -80.90 14.37 1.88
N THR J 263 -80.97 15.10 0.78
CA THR J 263 -82.18 15.87 0.46
C THR J 263 -82.77 15.47 -0.88
N TYR J 264 -82.04 14.67 -1.66
CA TYR J 264 -82.59 14.20 -2.92
C TYR J 264 -81.92 12.90 -3.34
N VAL J 265 -82.70 12.11 -4.06
CA VAL J 265 -82.31 10.77 -4.48
C VAL J 265 -82.80 10.57 -5.91
N HIS J 266 -82.04 9.81 -6.68
CA HIS J 266 -82.33 9.53 -8.11
C HIS J 266 -81.71 8.21 -8.48
N ILE J 267 -82.54 7.23 -8.77
CA ILE J 267 -82.06 5.85 -8.92
C ILE J 267 -81.52 5.66 -10.32
N CYS J 268 -80.38 4.96 -10.40
CA CYS J 268 -79.65 4.74 -11.65
C CYS J 268 -79.83 3.32 -12.20
N ALA J 269 -79.99 2.29 -11.36
CA ALA J 269 -80.04 0.88 -11.83
C ALA J 269 -80.55 -0.05 -10.72
N THR J 270 -81.36 -1.05 -11.07
CA THR J 270 -81.92 -2.01 -10.10
C THR J 270 -81.79 -3.45 -10.64
N GLU J 271 -80.99 -4.27 -9.95
CA GLU J 271 -80.88 -5.69 -10.26
C GLU J 271 -81.58 -6.52 -9.16
N ILE J 272 -81.97 -7.72 -9.58
CA ILE J 272 -82.57 -8.78 -8.74
C ILE J 272 -81.68 -10.02 -8.88
N ILE J 273 -80.72 -10.16 -7.97
CA ILE J 273 -80.17 -11.47 -7.56
C ILE J 273 -81.06 -12.22 -6.57
N LYS J 274 -82.07 -11.58 -5.97
CA LYS J 274 -83.24 -12.33 -5.45
C LYS J 274 -84.42 -11.46 -5.02
N ASN J 275 -85.26 -12.02 -4.13
CA ASN J 275 -86.34 -11.33 -3.40
C ASN J 275 -85.93 -9.94 -2.90
N GLN J 276 -84.67 -9.78 -2.49
CA GLN J 276 -84.08 -8.47 -2.17
C GLN J 276 -83.93 -7.66 -3.45
N LEU J 277 -83.21 -6.56 -3.39
CA LEU J 277 -82.76 -5.94 -4.62
C LEU J 277 -81.49 -5.15 -4.38
N ARG J 278 -80.84 -4.85 -5.50
CA ARG J 278 -79.54 -4.18 -5.54
C ARG J 278 -79.76 -2.93 -6.38
N ILE J 279 -79.51 -1.77 -5.82
CA ILE J 279 -79.70 -0.51 -6.57
C ILE J 279 -78.38 0.24 -6.57
N SER J 280 -78.01 0.73 -7.75
CA SER J 280 -77.02 1.81 -7.85
C SER J 280 -77.86 3.09 -7.87
N LEU J 281 -77.69 3.89 -6.80
CA LEU J 281 -78.46 5.09 -6.53
C LEU J 281 -77.52 6.26 -6.25
N ILE J 282 -77.83 7.40 -6.87
CA ILE J 282 -77.21 8.68 -6.52
C ILE J 282 -78.09 9.48 -5.57
N ALA J 283 -77.45 10.03 -4.55
CA ALA J 283 -78.05 10.91 -3.55
C ALA J 283 -77.33 12.24 -3.69
N LEU J 284 -77.88 13.26 -3.05
CA LEU J 284 -77.10 14.48 -2.80
C LEU J 284 -77.70 15.23 -1.63
N THR J 285 -76.86 16.06 -1.05
CA THR J 285 -76.78 16.25 0.39
C THR J 285 -76.82 17.72 0.75
N ARG J 286 -77.03 17.95 2.04
CA ARG J 286 -77.05 19.30 2.60
C ARG J 286 -75.65 19.89 2.57
N LYS J 287 -74.65 19.05 2.69
CA LYS J 287 -73.26 19.52 2.68
C LYS J 287 -72.69 19.58 1.27
N ASN J 288 -73.54 19.72 0.25
CA ASN J 288 -73.10 19.98 -1.14
C ASN J 288 -72.26 18.81 -1.61
N GLN J 289 -72.79 17.62 -1.43
CA GLN J 289 -72.12 16.42 -1.89
C GLN J 289 -73.08 15.66 -2.79
N LEU J 290 -72.50 15.04 -3.80
CA LEU J 290 -73.12 14.01 -4.61
C LEU J 290 -72.49 12.65 -4.32
N ILE J 291 -73.29 11.68 -3.93
CA ILE J 291 -72.79 10.39 -3.42
C ILE J 291 -73.41 9.27 -4.23
N SER J 292 -72.59 8.29 -4.60
CA SER J 292 -73.10 7.06 -5.21
C SER J 292 -73.25 6.01 -4.10
N PHE J 293 -74.12 5.04 -4.37
CA PHE J 293 -74.31 3.87 -3.50
C PHE J 293 -74.47 2.63 -4.37
N GLN J 294 -74.04 1.48 -3.84
CA GLN J 294 -74.14 0.18 -4.53
C GLN J 294 -74.29 -0.89 -3.47
N ASN J 295 -75.53 -1.34 -3.28
CA ASN J 295 -75.86 -2.30 -2.24
C ASN J 295 -75.71 -1.56 -0.91
N GLY J 296 -75.94 -0.25 -0.91
CA GLY J 296 -75.74 0.55 0.29
C GLY J 296 -74.31 0.97 0.55
N THR J 297 -73.36 0.65 -0.33
CA THR J 297 -71.92 0.90 -0.10
C THR J 297 -71.51 2.24 -0.71
N PRO J 298 -71.28 3.27 0.11
CA PRO J 298 -70.91 4.56 -0.46
C PRO J 298 -69.56 4.52 -1.17
N LYS J 299 -69.57 4.93 -2.43
CA LYS J 299 -68.37 5.09 -3.25
C LYS J 299 -68.43 6.41 -3.99
N ASN J 300 -67.30 6.96 -4.42
CA ASN J 300 -67.26 8.07 -5.39
C ASN J 300 -68.09 9.25 -4.94
N VAL J 301 -67.62 9.98 -3.96
CA VAL J 301 -68.28 11.21 -3.54
C VAL J 301 -67.63 12.38 -4.26
N CYS J 302 -68.47 13.33 -4.66
CA CYS J 302 -68.02 14.59 -5.27
C CYS J 302 -68.51 15.77 -4.43
N GLN J 303 -67.71 16.83 -4.45
CA GLN J 303 -68.02 18.05 -3.71
C GLN J 303 -68.40 19.14 -4.71
N LEU J 304 -69.64 19.58 -4.62
CA LEU J 304 -70.16 20.55 -5.58
C LEU J 304 -69.58 21.94 -5.32
N PRO J 305 -69.36 22.70 -6.39
CA PRO J 305 -68.98 24.11 -6.26
C PRO J 305 -69.98 24.99 -5.52
N PHE J 306 -71.22 24.99 -5.96
CA PHE J 306 -72.20 25.93 -5.41
C PHE J 306 -72.92 25.28 -4.25
N GLY J 307 -73.89 25.98 -3.70
CA GLY J 307 -74.51 25.59 -2.43
C GLY J 307 -75.99 25.32 -2.60
N ASP J 308 -76.51 24.38 -1.79
CA ASP J 308 -77.94 24.07 -1.67
C ASP J 308 -78.49 23.58 -3.00
N PRO J 309 -78.12 22.36 -3.44
CA PRO J 309 -78.72 21.81 -4.66
C PRO J 309 -80.15 21.31 -4.46
N CYS J 310 -80.89 21.29 -5.57
CA CYS J 310 -82.35 21.08 -5.56
C CYS J 310 -82.69 19.81 -6.32
N ALA J 311 -81.97 19.55 -7.43
CA ALA J 311 -82.29 18.45 -8.34
C ALA J 311 -81.05 18.09 -9.14
N VAL J 312 -81.09 16.88 -9.69
CA VAL J 312 -79.98 16.35 -10.50
C VAL J 312 -80.55 15.45 -11.57
N GLN J 313 -79.93 15.55 -12.74
CA GLN J 313 -80.31 14.73 -13.88
C GLN J 313 -79.06 14.17 -14.55
N LEU J 314 -79.25 13.29 -15.53
CA LEU J 314 -78.18 12.59 -16.24
C LEU J 314 -78.17 12.91 -17.73
N MET J 315 -77.00 13.28 -18.23
CA MET J 315 -76.77 13.53 -19.66
C MET J 315 -75.93 12.47 -20.34
N ASP J 316 -76.44 11.97 -21.46
CA ASP J 316 -75.73 10.96 -22.28
C ASP J 316 -74.63 11.60 -23.12
N SER J 317 -74.99 12.43 -24.10
CA SER J 317 -74.04 13.29 -24.84
C SER J 317 -72.84 12.56 -25.45
N GLY J 318 -73.08 11.67 -26.40
CA GLY J 318 -71.95 11.11 -27.14
C GLY J 318 -71.48 9.76 -26.65
N GLY J 319 -70.29 9.40 -27.10
CA GLY J 319 -69.73 8.06 -26.92
C GLY J 319 -69.00 7.91 -25.60
N GLY J 320 -69.68 7.32 -24.60
CA GLY J 320 -69.09 6.96 -23.29
C GLY J 320 -68.95 8.12 -22.32
N ASN J 321 -69.38 9.31 -22.72
CA ASN J 321 -69.41 10.45 -21.82
C ASN J 321 -70.75 10.45 -21.10
N LEU J 322 -70.75 10.98 -19.91
CA LEU J 322 -71.96 11.00 -19.09
C LEU J 322 -71.84 12.09 -18.05
N PHE J 323 -72.83 12.95 -17.95
CA PHE J 323 -72.77 14.06 -17.00
C PHE J 323 -73.97 13.99 -16.07
N PHE J 324 -73.72 14.27 -14.81
CA PHE J 324 -74.83 14.58 -13.90
C PHE J 324 -74.95 16.10 -13.84
N VAL J 325 -76.10 16.59 -14.25
CA VAL J 325 -76.35 18.04 -14.25
C VAL J 325 -77.13 18.38 -12.99
N VAL J 326 -76.52 19.17 -12.15
CA VAL J 326 -77.10 19.48 -10.85
C VAL J 326 -77.58 20.90 -10.90
N SER J 327 -78.81 21.09 -10.43
CA SER J 327 -79.37 22.41 -10.22
C SER J 327 -79.34 22.78 -8.75
N PHE J 328 -79.49 24.08 -8.49
CA PHE J 328 -79.57 24.58 -7.11
C PHE J 328 -80.72 25.57 -6.98
N ILE J 329 -80.97 26.00 -5.73
CA ILE J 329 -82.02 26.99 -5.42
C ILE J 329 -81.49 28.38 -5.71
N SER J 330 -80.17 28.52 -5.77
CA SER J 330 -79.53 29.80 -6.06
C SER J 330 -79.64 30.20 -7.52
N ASN J 331 -80.49 29.53 -8.31
CA ASN J 331 -80.58 29.77 -9.75
C ASN J 331 -79.20 29.61 -10.36
N ASN J 332 -78.59 28.46 -10.14
CA ASN J 332 -77.34 28.10 -10.82
C ASN J 332 -77.25 26.59 -10.97
N ALA J 333 -76.25 26.15 -11.71
CA ALA J 333 -76.16 24.73 -12.08
C ALA J 333 -74.73 24.40 -12.44
N CYS J 334 -74.39 23.18 -12.07
CA CYS J 334 -73.10 22.56 -12.42
C CYS J 334 -73.36 21.34 -13.28
N ALA J 335 -72.34 20.94 -14.00
CA ALA J 335 -72.31 19.64 -14.66
C ALA J 335 -71.05 18.93 -14.22
N VAL J 336 -71.25 17.82 -13.52
CA VAL J 336 -70.16 16.97 -13.03
C VAL J 336 -70.04 15.76 -13.96
N TRP J 337 -68.81 15.31 -14.14
CA TRP J 337 -68.51 14.08 -14.87
C TRP J 337 -69.13 12.86 -14.22
N LYS J 338 -69.28 11.80 -15.00
CA LYS J 338 -69.30 10.44 -14.47
C LYS J 338 -67.90 9.86 -14.61
N GLU J 339 -67.65 8.73 -13.93
CA GLU J 339 -66.39 7.93 -13.98
C GLU J 339 -65.25 8.61 -13.23
N SER J 340 -65.42 9.87 -12.86
CA SER J 340 -64.47 10.57 -12.01
C SER J 340 -65.23 11.74 -11.41
N PHE J 341 -65.78 11.53 -10.22
CA PHE J 341 -66.71 12.53 -9.65
C PHE J 341 -66.00 13.84 -9.34
N GLN J 342 -66.15 14.77 -10.27
CA GLN J 342 -65.39 16.03 -10.30
C GLN J 342 -66.23 17.01 -11.08
N VAL J 343 -65.73 18.22 -11.28
CA VAL J 343 -66.54 19.26 -11.90
C VAL J 343 -65.97 19.56 -13.28
N ALA J 344 -66.86 19.81 -14.23
CA ALA J 344 -66.47 20.05 -15.63
C ALA J 344 -66.99 21.38 -16.16
N ALA J 345 -68.10 21.88 -15.63
CA ALA J 345 -68.62 23.19 -16.02
C ALA J 345 -69.52 23.75 -14.93
N LYS J 346 -69.50 25.07 -14.80
CA LYS J 346 -70.05 25.78 -13.65
C LYS J 346 -70.78 26.99 -14.18
N TRP J 347 -72.03 27.20 -13.77
CA TRP J 347 -72.77 28.34 -14.30
C TRP J 347 -73.83 28.80 -13.32
N GLU J 348 -74.21 30.05 -13.49
CA GLU J 348 -75.18 30.74 -12.66
C GLU J 348 -75.92 31.61 -13.65
N LYS J 349 -77.22 31.80 -13.41
CA LYS J 349 -78.19 32.66 -14.11
C LYS J 349 -79.43 31.79 -14.10
N LEU J 350 -80.14 31.80 -15.21
CA LEU J 350 -80.81 30.54 -15.57
C LEU J 350 -82.10 30.27 -14.83
N SER J 351 -83.17 30.93 -15.28
CA SER J 351 -84.53 30.66 -14.80
C SER J 351 -84.83 29.17 -14.98
N LEU J 352 -84.45 28.59 -16.13
CA LEU J 352 -84.60 27.13 -16.31
C LEU J 352 -83.49 26.57 -17.19
N VAL J 353 -83.32 25.25 -17.01
CA VAL J 353 -82.37 24.36 -17.70
C VAL J 353 -83.16 23.17 -18.22
N LEU J 354 -82.81 22.70 -19.42
CA LEU J 354 -83.47 21.55 -20.03
C LEU J 354 -82.44 20.71 -20.73
N ILE J 355 -82.68 19.41 -20.75
CA ILE J 355 -81.77 18.44 -21.36
C ILE J 355 -82.52 17.57 -22.36
N ASP J 356 -82.03 17.57 -23.60
CA ASP J 356 -82.60 16.74 -24.67
C ASP J 356 -81.79 16.98 -25.93
N ASP J 357 -82.10 16.23 -26.99
CA ASP J 357 -81.42 16.40 -28.29
C ASP J 357 -82.26 17.27 -29.21
N PHE J 358 -81.98 18.57 -29.24
CA PHE J 358 -82.73 19.50 -30.09
C PHE J 358 -82.06 19.70 -31.45
N ILE J 359 -80.74 19.53 -31.50
CA ILE J 359 -80.02 19.62 -32.77
C ILE J 359 -80.44 18.49 -33.70
N GLY J 360 -80.69 17.31 -33.13
CA GLY J 360 -80.94 16.11 -33.94
C GLY J 360 -79.65 15.57 -34.53
N SER J 361 -78.59 15.50 -33.73
CA SER J 361 -77.29 14.93 -34.15
C SER J 361 -77.06 13.50 -33.72
N GLY J 362 -77.71 13.04 -32.64
CA GLY J 362 -77.52 11.70 -32.10
C GLY J 362 -76.96 11.72 -30.70
N THR J 363 -76.89 12.90 -30.08
CA THR J 363 -76.29 13.11 -28.76
C THR J 363 -77.20 14.07 -28.00
N GLU J 364 -77.35 13.85 -26.72
CA GLU J 364 -78.17 14.77 -25.92
C GLU J 364 -77.40 16.07 -25.73
N GLN J 365 -78.14 17.16 -25.61
CA GLN J 365 -77.50 18.45 -25.28
C GLN J 365 -78.24 19.10 -24.13
N VAL J 366 -77.57 20.04 -23.50
CA VAL J 366 -78.19 20.86 -22.45
C VAL J 366 -78.49 22.24 -23.02
N LEU J 367 -79.69 22.72 -22.75
CA LEU J 367 -80.13 24.07 -23.10
C LEU J 367 -80.31 24.86 -21.81
N LEU J 368 -79.69 26.03 -21.77
CA LEU J 368 -79.74 26.93 -20.62
C LEU J 368 -80.40 28.23 -21.03
N LEU J 369 -81.39 28.65 -20.25
CA LEU J 369 -82.09 29.90 -20.52
C LEU J 369 -81.57 30.91 -19.51
N PHE J 370 -80.98 31.99 -20.02
CA PHE J 370 -80.41 33.05 -19.18
C PHE J 370 -81.50 34.00 -18.72
N LYS J 371 -81.12 34.93 -17.82
CA LYS J 371 -82.07 35.61 -16.94
C LYS J 371 -83.14 36.39 -17.69
N ASP J 372 -84.29 36.56 -17.05
CA ASP J 372 -85.45 37.28 -17.59
C ASP J 372 -85.27 38.81 -17.51
N SER J 373 -84.25 39.30 -16.79
CA SER J 373 -83.96 40.73 -16.74
C SER J 373 -83.55 41.26 -18.13
N LEU J 374 -82.99 40.39 -18.97
CA LEU J 374 -82.55 40.78 -20.32
C LEU J 374 -83.77 41.25 -21.13
N ASN J 375 -84.78 40.39 -21.24
CA ASN J 375 -85.99 40.68 -22.01
C ASN J 375 -87.19 40.04 -21.33
N SER J 376 -88.35 40.63 -21.54
CA SER J 376 -89.64 40.01 -21.18
C SER J 376 -90.15 39.17 -22.36
N ASP J 377 -89.29 38.28 -22.89
CA ASP J 377 -89.64 37.43 -24.05
C ASP J 377 -89.04 36.04 -23.82
N CYS J 378 -89.82 35.02 -24.15
CA CYS J 378 -89.49 33.63 -23.77
C CYS J 378 -88.36 33.09 -24.62
N LEU J 379 -87.56 32.23 -24.00
CA LEU J 379 -86.55 31.39 -24.65
C LEU J 379 -85.61 32.17 -25.57
N THR J 380 -85.51 33.47 -25.36
CA THR J 380 -84.42 34.27 -25.94
C THR J 380 -83.20 34.04 -25.06
N SER J 381 -82.02 34.36 -25.56
CA SER J 381 -80.77 34.23 -24.77
C SER J 381 -80.58 32.77 -24.37
N PHE J 382 -80.52 31.92 -25.38
CA PHE J 382 -80.35 30.48 -25.12
C PHE J 382 -78.87 30.15 -25.04
N LYS J 383 -78.59 28.94 -24.58
CA LYS J 383 -77.24 28.39 -24.63
C LYS J 383 -77.33 26.88 -24.79
N ILE J 384 -76.98 26.41 -25.98
CA ILE J 384 -76.96 24.97 -26.27
C ILE J 384 -75.51 24.51 -26.12
N THR J 385 -75.31 23.43 -25.40
CA THR J 385 -73.96 22.88 -25.37
C THR J 385 -74.01 21.38 -25.13
N ASP J 386 -72.99 20.70 -25.64
CA ASP J 386 -72.72 19.29 -25.36
C ASP J 386 -71.59 19.11 -24.35
N LEU J 387 -70.75 20.14 -24.17
CA LEU J 387 -69.45 20.13 -23.47
C LEU J 387 -68.43 19.29 -24.23
N GLY J 388 -68.72 18.91 -25.47
CA GLY J 388 -67.78 18.29 -26.39
C GLY J 388 -67.53 19.24 -27.53
N LYS J 389 -68.27 19.04 -28.63
CA LYS J 389 -68.14 19.91 -29.81
C LYS J 389 -69.34 20.85 -29.92
N ILE J 390 -70.53 20.33 -29.68
CA ILE J 390 -71.77 21.08 -29.94
C ILE J 390 -71.89 22.17 -28.88
N ASN J 391 -71.92 23.42 -29.34
CA ASN J 391 -72.02 24.55 -28.41
C ASN J 391 -72.59 25.76 -29.16
N TYR J 392 -73.88 26.04 -28.98
CA TYR J 392 -74.50 27.25 -29.53
C TYR J 392 -74.97 28.16 -28.40
N SER J 393 -75.20 29.42 -28.76
CA SER J 393 -75.64 30.47 -27.83
C SER J 393 -76.21 31.63 -28.62
N SER J 394 -76.46 32.77 -27.98
CA SER J 394 -76.98 33.95 -28.67
C SER J 394 -76.25 35.24 -28.29
N GLU J 410 -56.59 21.74 -35.99
CA GLU J 410 -56.65 20.27 -36.02
C GLU J 410 -55.33 19.64 -35.59
N ASN J 411 -54.50 20.42 -34.88
CA ASN J 411 -53.28 19.87 -34.27
C ASN J 411 -53.66 19.02 -33.05
N ARG J 412 -54.70 19.41 -32.33
CA ARG J 412 -55.13 18.69 -31.12
C ARG J 412 -56.45 17.93 -31.38
N TYR J 413 -57.34 18.46 -32.23
CA TYR J 413 -58.61 17.79 -32.56
C TYR J 413 -58.35 16.51 -33.36
N LEU J 414 -57.09 16.26 -33.75
CA LEU J 414 -56.76 15.18 -34.70
C LEU J 414 -56.65 13.84 -33.99
N VAL J 415 -55.76 13.74 -33.01
CA VAL J 415 -55.22 12.45 -32.56
C VAL J 415 -56.15 11.77 -31.56
N VAL J 416 -57.37 12.28 -31.37
CA VAL J 416 -58.34 11.72 -30.41
C VAL J 416 -58.97 10.42 -30.93
N PRO J 417 -59.54 10.36 -32.14
CA PRO J 417 -60.01 9.07 -32.69
C PRO J 417 -58.98 7.94 -32.59
N PRO J 418 -57.70 8.14 -32.94
CA PRO J 418 -56.72 7.07 -32.73
C PRO J 418 -56.60 6.67 -31.26
N LEU J 419 -56.69 7.65 -30.38
CA LEU J 419 -56.65 7.38 -28.95
C LEU J 419 -57.87 6.60 -28.47
N GLU J 420 -59.07 6.93 -28.96
CA GLU J 420 -60.28 6.20 -28.56
C GLU J 420 -60.23 4.75 -29.03
N THR J 421 -59.78 4.54 -30.27
CA THR J 421 -59.64 3.17 -30.79
C THR J 421 -58.59 2.42 -29.96
N GLY J 422 -57.50 3.10 -29.61
CA GLY J 422 -56.49 2.50 -28.74
C GLY J 422 -57.06 2.07 -27.39
N LEU J 423 -57.88 2.91 -26.78
CA LEU J 423 -58.54 2.53 -25.52
C LEU J 423 -59.44 1.30 -25.69
N LYS J 424 -60.28 1.31 -26.70
CA LYS J 424 -61.20 0.17 -26.90
C LYS J 424 -60.42 -1.11 -27.16
N VAL J 425 -59.41 -1.06 -28.03
CA VAL J 425 -58.61 -2.25 -28.39
C VAL J 425 -57.89 -2.76 -27.16
N CYS J 426 -57.32 -1.86 -26.39
CA CYS J 426 -56.62 -2.25 -25.16
C CYS J 426 -57.61 -2.93 -24.22
N PHE J 427 -58.85 -2.45 -24.15
CA PHE J 427 -59.85 -3.09 -23.29
C PHE J 427 -60.19 -4.50 -23.81
N SER J 428 -60.29 -4.66 -25.11
CA SER J 428 -60.58 -5.98 -25.69
C SER J 428 -59.43 -6.94 -25.38
N SER J 429 -58.21 -6.45 -25.45
CA SER J 429 -57.03 -7.27 -25.13
C SER J 429 -57.08 -7.68 -23.66
N PHE J 430 -57.48 -6.77 -22.79
CA PHE J 430 -57.66 -7.06 -21.37
C PHE J 430 -58.64 -8.22 -21.17
N ARG J 431 -59.81 -8.12 -21.79
CA ARG J 431 -60.81 -9.19 -21.65
C ARG J 431 -60.30 -10.52 -22.21
N GLU J 432 -59.53 -10.43 -23.29
CA GLU J 432 -58.90 -11.62 -23.88
C GLU J 432 -57.95 -12.27 -22.89
N LEU J 433 -57.13 -11.47 -22.24
CA LEU J 433 -56.20 -12.07 -21.29
C LEU J 433 -56.95 -12.69 -20.13
N ARG J 434 -58.01 -12.05 -19.65
CA ARG J 434 -58.77 -12.65 -18.54
C ARG J 434 -59.32 -14.01 -18.96
N GLN J 435 -59.81 -14.08 -20.19
CA GLN J 435 -60.29 -15.35 -20.73
C GLN J 435 -59.17 -16.40 -20.74
N HIS J 436 -58.03 -16.05 -21.31
CA HIS J 436 -56.88 -16.97 -21.40
C HIS J 436 -56.50 -17.46 -20.01
N LEU J 437 -56.59 -16.57 -19.04
CA LEU J 437 -56.22 -16.92 -17.68
C LEU J 437 -57.21 -17.93 -17.10
N LEU J 438 -58.51 -17.68 -17.23
CA LEU J 438 -59.47 -18.63 -16.64
C LEU J 438 -59.35 -19.99 -17.34
N LEU J 439 -59.04 -20.01 -18.63
CA LEU J 439 -58.83 -21.27 -19.34
C LEU J 439 -57.68 -22.05 -18.71
N LYS J 440 -56.58 -21.36 -18.49
CA LYS J 440 -55.41 -22.03 -17.93
C LYS J 440 -55.70 -22.53 -16.53
N GLU J 441 -56.44 -21.78 -15.74
CA GLU J 441 -56.83 -22.27 -14.39
C GLU J 441 -57.64 -23.56 -14.48
N LYS J 442 -58.54 -23.63 -15.46
CA LYS J 442 -59.29 -24.87 -15.67
C LYS J 442 -58.37 -26.03 -15.99
N ILE J 443 -57.39 -25.80 -16.86
CA ILE J 443 -56.43 -26.87 -17.26
C ILE J 443 -55.68 -27.36 -16.04
N ILE J 444 -55.27 -26.42 -15.22
CA ILE J 444 -54.50 -26.75 -14.03
C ILE J 444 -55.39 -27.58 -13.11
N SER J 445 -56.63 -27.16 -12.90
CA SER J 445 -57.53 -27.87 -11.99
C SER J 445 -57.73 -29.30 -12.46
N LYS J 446 -57.85 -29.51 -13.77
CA LYS J 446 -58.05 -30.87 -14.26
C LYS J 446 -56.79 -31.69 -14.05
N SER J 447 -55.64 -31.07 -14.25
CA SER J 447 -54.37 -31.77 -14.08
C SER J 447 -54.22 -32.22 -12.64
N TYR J 448 -54.52 -31.30 -11.74
CA TYR J 448 -54.49 -31.56 -10.31
C TYR J 448 -55.35 -32.78 -9.99
N LYS J 449 -56.59 -32.73 -10.44
CA LYS J 449 -57.52 -33.81 -10.11
C LYS J 449 -57.00 -35.11 -10.71
N ALA J 450 -56.33 -35.03 -11.86
CA ALA J 450 -55.77 -36.25 -12.48
C ALA J 450 -54.65 -36.82 -11.63
N LEU J 451 -53.80 -35.96 -11.09
CA LEU J 451 -52.77 -36.44 -10.18
C LEU J 451 -53.41 -37.20 -9.01
N ILE J 452 -54.45 -36.64 -8.40
CA ILE J 452 -55.04 -37.31 -7.22
C ILE J 452 -55.71 -38.61 -7.64
N ASN J 453 -56.33 -38.62 -8.83
CA ASN J 453 -56.91 -39.84 -9.39
C ASN J 453 -55.85 -40.93 -9.58
N LEU J 454 -54.61 -40.59 -9.98
CA LEU J 454 -53.57 -41.62 -10.11
C LEU J 454 -53.37 -42.32 -8.78
N VAL J 455 -53.23 -41.53 -7.73
CA VAL J 455 -52.87 -42.09 -6.41
C VAL J 455 -54.06 -42.83 -5.82
N GLN J 456 -55.16 -42.12 -5.57
CA GLN J 456 -56.37 -42.72 -5.00
C GLN J 456 -56.84 -43.93 -5.83
N GLY J 457 -57.21 -43.68 -7.08
CA GLY J 457 -57.62 -44.75 -8.01
C GLY J 457 -56.42 -45.51 -8.56
N SER J 496 -63.50 -38.76 2.97
CA SER J 496 -64.93 -38.41 3.17
C SER J 496 -65.19 -38.06 4.62
N GLU J 497 -64.98 -39.03 5.51
CA GLU J 497 -65.21 -38.83 6.95
C GLU J 497 -64.04 -38.01 7.50
N GLN J 498 -64.38 -36.96 8.24
CA GLN J 498 -63.42 -36.08 8.92
C GLN J 498 -62.69 -36.81 10.05
N LEU J 499 -61.42 -37.14 9.83
CA LEU J 499 -60.60 -37.85 10.83
C LEU J 499 -60.01 -36.86 11.85
N VAL J 500 -59.90 -35.58 11.51
CA VAL J 500 -59.19 -34.59 12.34
C VAL J 500 -60.08 -33.37 12.51
N GLU J 501 -60.13 -32.83 13.73
CA GLU J 501 -60.96 -31.64 13.96
C GLU J 501 -60.30 -30.43 13.28
N LYS J 502 -59.08 -30.08 13.66
CA LYS J 502 -58.39 -28.85 13.21
C LYS J 502 -56.92 -28.97 13.56
N ILE J 503 -56.24 -27.84 13.55
CA ILE J 503 -54.86 -27.74 14.01
C ILE J 503 -54.83 -26.72 15.13
N TRP J 504 -53.74 -26.71 15.87
CA TRP J 504 -53.42 -25.57 16.72
C TRP J 504 -51.94 -25.63 17.05
N TYR J 505 -51.40 -24.48 17.40
CA TYR J 505 -49.95 -24.41 17.61
C TYR J 505 -49.65 -23.33 18.62
N ARG J 506 -48.64 -23.59 19.45
CA ARG J 506 -48.24 -22.68 20.52
C ARG J 506 -46.73 -22.60 20.53
N VAL J 507 -46.27 -21.67 21.30
CA VAL J 507 -44.85 -21.46 21.49
C VAL J 507 -44.59 -21.53 22.97
N ILE J 508 -43.60 -22.33 23.38
CA ILE J 508 -43.11 -22.04 24.74
C ILE J 508 -41.81 -21.23 24.61
N ASP J 509 -40.73 -21.87 24.21
CA ASP J 509 -39.47 -21.25 24.62
C ASP J 509 -38.70 -21.11 23.36
N ASP J 510 -38.12 -22.20 22.94
CA ASP J 510 -37.46 -22.31 21.65
C ASP J 510 -38.19 -23.40 20.86
N SER J 511 -39.46 -23.57 21.12
CA SER J 511 -40.12 -24.83 20.78
C SER J 511 -41.48 -24.59 20.15
N LEU J 512 -41.66 -25.06 18.94
CA LEU J 512 -42.99 -24.96 18.37
C LEU J 512 -43.75 -26.20 18.69
N VAL J 513 -45.04 -26.05 18.96
CA VAL J 513 -45.84 -27.17 19.42
C VAL J 513 -47.14 -27.19 18.68
N VAL J 514 -47.16 -27.98 17.62
CA VAL J 514 -48.37 -28.19 16.82
C VAL J 514 -49.11 -29.37 17.41
N GLY J 515 -50.41 -29.43 17.19
CA GLY J 515 -51.19 -30.52 17.75
C GLY J 515 -52.57 -30.60 17.15
N VAL J 516 -53.16 -31.78 17.29
CA VAL J 516 -54.43 -32.12 16.63
C VAL J 516 -55.22 -33.11 17.45
N LYS J 517 -56.49 -32.78 17.66
CA LYS J 517 -57.43 -33.66 18.36
C LYS J 517 -58.09 -34.60 17.34
N THR J 518 -58.29 -35.85 17.73
CA THR J 518 -58.81 -36.85 16.80
C THR J 518 -60.34 -36.93 16.86
N THR J 519 -60.86 -37.74 15.94
CA THR J 519 -62.25 -38.22 15.90
C THR J 519 -62.30 -39.73 16.15
N SER J 520 -63.51 -40.27 16.22
CA SER J 520 -63.75 -41.68 16.57
C SER J 520 -63.32 -42.62 15.44
N SER J 521 -63.17 -42.12 14.20
CA SER J 521 -62.86 -42.97 13.04
C SER J 521 -61.45 -43.56 13.16
N LEU J 522 -60.45 -42.69 13.28
CA LEU J 522 -59.06 -43.10 13.45
C LEU J 522 -58.91 -43.83 14.79
N LYS J 523 -58.82 -45.16 14.74
CA LYS J 523 -58.51 -45.98 15.92
C LYS J 523 -57.02 -46.12 16.10
N LEU J 524 -56.55 -45.80 17.30
CA LEU J 524 -55.14 -45.93 17.67
C LEU J 524 -54.76 -47.33 18.10
N SER J 525 -55.70 -48.24 18.28
CA SER J 525 -55.33 -49.62 18.65
C SER J 525 -54.61 -50.29 17.48
N LEU J 526 -55.11 -50.07 16.27
CA LEU J 526 -54.55 -50.70 15.06
C LEU J 526 -53.57 -49.79 14.30
N ASN J 527 -53.51 -48.49 14.59
CA ASN J 527 -52.77 -47.59 13.72
C ASN J 527 -51.72 -46.79 14.46
N ASP J 528 -50.67 -46.44 13.71
CA ASP J 528 -49.52 -45.64 14.14
C ASP J 528 -49.51 -44.33 13.37
N VAL J 529 -50.29 -43.38 13.85
CA VAL J 529 -50.33 -42.04 13.27
C VAL J 529 -49.00 -41.35 13.51
N THR J 530 -48.58 -40.53 12.56
CA THR J 530 -47.43 -39.67 12.82
C THR J 530 -47.71 -38.34 12.17
N LEU J 531 -46.91 -37.34 12.54
CA LEU J 531 -47.18 -35.93 12.23
C LEU J 531 -45.85 -35.27 11.95
N SER J 532 -45.81 -34.47 10.91
CA SER J 532 -44.53 -33.94 10.44
C SER J 532 -44.81 -32.54 9.94
N LEU J 533 -43.75 -31.82 9.64
CA LEU J 533 -43.84 -30.39 9.36
C LEU J 533 -42.99 -30.09 8.17
N LEU J 534 -43.58 -29.48 7.16
CA LEU J 534 -42.81 -29.13 5.96
C LEU J 534 -42.72 -27.62 5.80
N MET J 535 -41.51 -27.13 5.58
CA MET J 535 -41.29 -25.68 5.43
C MET J 535 -41.58 -25.32 3.99
N ASP J 536 -41.75 -24.04 3.69
CA ASP J 536 -41.98 -23.62 2.30
C ASP J 536 -40.67 -23.30 1.61
N GLN J 537 -40.41 -24.06 0.54
CA GLN J 537 -39.13 -24.04 -0.17
C GLN J 537 -38.84 -22.64 -0.72
N ALA J 538 -39.85 -22.02 -1.32
CA ALA J 538 -39.71 -20.67 -1.92
C ALA J 538 -39.18 -19.70 -0.89
N HIS J 539 -39.54 -19.90 0.37
CA HIS J 539 -38.97 -19.10 1.46
C HIS J 539 -37.51 -19.52 1.63
N ASP J 540 -37.28 -20.75 2.07
CA ASP J 540 -35.92 -21.22 2.40
C ASP J 540 -35.22 -21.73 1.14
N SER J 541 -34.39 -20.85 0.55
CA SER J 541 -33.51 -21.21 -0.57
C SER J 541 -32.49 -22.27 -0.12
N ARG J 542 -31.95 -22.10 1.10
CA ARG J 542 -31.01 -23.04 1.72
C ARG J 542 -31.78 -24.22 2.31
N PHE J 543 -31.33 -25.42 1.97
CA PHE J 543 -31.90 -26.66 2.47
C PHE J 543 -31.09 -27.08 3.70
N ARG J 544 -31.77 -27.07 4.84
CA ARG J 544 -31.33 -27.89 5.96
C ARG J 544 -32.45 -28.79 6.41
N LEU J 545 -32.23 -29.55 7.47
CA LEU J 545 -33.20 -30.54 7.96
C LEU J 545 -34.29 -29.88 8.76
N LEU J 546 -35.14 -30.72 9.30
CA LEU J 546 -36.20 -30.32 10.21
C LEU J 546 -36.52 -31.51 11.08
N LYS J 547 -37.03 -31.31 12.28
CA LYS J 547 -37.27 -32.39 13.24
C LYS J 547 -38.65 -32.29 13.80
N CYS J 548 -39.17 -33.34 14.37
CA CYS J 548 -40.42 -33.24 15.11
C CYS J 548 -40.65 -34.47 15.93
N GLN J 549 -40.83 -34.32 17.22
CA GLN J 549 -41.11 -35.46 18.09
C GLN J 549 -42.58 -35.55 18.33
N ASN J 550 -43.10 -36.73 18.11
CA ASN J 550 -44.53 -36.97 18.15
C ASN J 550 -44.84 -37.56 19.51
N ARG J 551 -45.60 -36.81 20.28
CA ARG J 551 -46.13 -37.38 21.50
C ARG J 551 -47.64 -37.47 21.40
N VAL J 552 -48.15 -38.67 21.68
CA VAL J 552 -49.59 -38.92 21.79
C VAL J 552 -50.02 -38.68 23.23
N ILE J 553 -51.22 -38.14 23.41
CA ILE J 553 -51.71 -37.83 24.75
C ILE J 553 -53.14 -38.32 24.89
N LYS J 554 -53.33 -39.34 25.72
CA LYS J 554 -54.66 -39.81 26.12
C LYS J 554 -55.02 -39.21 27.47
N LEU J 555 -56.11 -38.48 27.52
CA LEU J 555 -56.64 -37.96 28.78
C LEU J 555 -58.11 -38.30 28.88
N SER J 556 -58.49 -39.00 29.93
CA SER J 556 -59.88 -39.34 30.20
C SER J 556 -60.60 -38.08 30.70
N THR J 557 -61.80 -37.82 30.20
CA THR J 557 -62.56 -36.62 30.55
C THR J 557 -63.78 -37.05 31.34
N ASN J 558 -63.72 -36.79 32.65
CA ASN J 558 -64.78 -37.11 33.62
C ASN J 558 -65.11 -38.60 33.57
N PRO J 559 -64.13 -39.50 33.77
CA PRO J 559 -64.43 -40.94 33.87
C PRO J 559 -65.21 -41.25 35.15
N PHE J 560 -65.22 -40.28 36.07
CA PHE J 560 -65.78 -40.42 37.42
C PHE J 560 -67.30 -40.34 37.39
N LYS J 596 -68.78 -43.85 25.12
CA LYS J 596 -68.81 -43.87 26.60
C LYS J 596 -68.57 -42.47 27.17
N LYS J 597 -68.09 -42.41 28.41
CA LYS J 597 -67.50 -41.19 28.97
C LYS J 597 -66.34 -40.76 28.07
N GLU J 598 -66.45 -39.58 27.48
CA GLU J 598 -65.51 -39.09 26.46
C GLU J 598 -64.07 -39.15 26.98
N CYS J 599 -63.21 -39.90 26.29
CA CYS J 599 -61.76 -39.78 26.42
C CYS J 599 -61.28 -38.86 25.31
N VAL J 600 -60.01 -38.45 25.38
CA VAL J 600 -59.44 -37.55 24.38
C VAL J 600 -58.04 -38.04 24.03
N GLN J 601 -57.89 -38.51 22.80
CA GLN J 601 -56.60 -38.82 22.19
C GLN J 601 -56.21 -37.64 21.33
N ILE J 602 -55.05 -37.03 21.58
CA ILE J 602 -54.54 -35.99 20.68
C ILE J 602 -53.06 -36.11 20.43
N ILE J 603 -52.71 -35.96 19.16
CA ILE J 603 -51.33 -36.12 18.70
C ILE J 603 -50.71 -34.75 18.66
N THR J 604 -49.41 -34.70 18.79
CA THR J 604 -48.76 -33.41 18.93
C THR J 604 -47.33 -33.57 18.49
N ALA J 605 -46.83 -32.63 17.73
CA ALA J 605 -45.40 -32.57 17.40
C ALA J 605 -44.74 -31.34 18.00
N VAL J 606 -43.41 -31.36 18.03
CA VAL J 606 -42.62 -30.37 18.80
C VAL J 606 -41.29 -30.23 18.07
N THR J 607 -40.64 -29.08 18.22
CA THR J 607 -39.70 -28.63 17.20
C THR J 607 -39.04 -27.37 17.71
N SER J 608 -37.95 -27.00 17.05
CA SER J 608 -37.23 -25.77 17.42
C SER J 608 -37.72 -24.56 16.60
N LEU J 609 -37.90 -23.46 17.31
CA LEU J 609 -38.32 -22.24 16.63
C LEU J 609 -37.20 -21.59 15.92
N SER J 610 -36.14 -21.40 16.61
CA SER J 610 -35.19 -20.39 16.16
C SER J 610 -34.52 -20.68 14.82
N PRO J 611 -34.41 -21.91 14.37
CA PRO J 611 -34.04 -22.12 12.97
C PRO J 611 -35.02 -21.71 11.88
N LEU J 612 -36.31 -21.59 12.21
CA LEU J 612 -37.37 -21.21 11.23
C LEU J 612 -37.59 -19.69 11.07
N LEU J 613 -37.30 -18.97 12.12
CA LEU J 613 -37.62 -17.58 12.21
C LEU J 613 -36.49 -16.84 11.58
N THR J 614 -35.85 -17.41 10.62
CA THR J 614 -34.72 -16.70 10.07
C THR J 614 -35.16 -16.00 8.80
N PHE J 615 -36.46 -15.89 8.57
CA PHE J 615 -36.97 -14.84 7.68
C PHE J 615 -38.07 -14.07 8.33
N SER J 616 -38.11 -14.07 9.64
CA SER J 616 -39.06 -13.27 10.43
C SER J 616 -40.47 -13.84 10.32
N LYS J 617 -40.66 -14.82 9.45
CA LYS J 617 -41.97 -15.30 9.04
C LYS J 617 -41.77 -16.64 8.34
N PHE J 618 -42.61 -17.61 8.64
CA PHE J 618 -42.52 -18.89 7.97
C PHE J 618 -43.89 -19.52 7.85
N CYS J 619 -43.98 -20.40 6.88
CA CYS J 619 -45.19 -21.17 6.65
C CYS J 619 -44.81 -22.65 6.64
N CYS J 620 -45.65 -23.45 7.28
CA CYS J 620 -45.42 -24.89 7.43
C CYS J 620 -46.72 -25.64 7.16
N THR J 621 -46.66 -26.59 6.24
CA THR J 621 -47.75 -27.55 6.05
C THR J 621 -47.62 -28.65 7.06
N VAL J 622 -48.73 -29.29 7.33
CA VAL J 622 -48.82 -30.26 8.42
C VAL J 622 -49.39 -31.54 7.87
N LEU J 623 -48.59 -32.59 7.93
CA LEU J 623 -48.88 -33.81 7.19
C LEU J 623 -49.05 -34.93 8.19
N LEU J 624 -50.19 -35.60 8.09
CA LEU J 624 -50.55 -36.58 9.10
C LEU J 624 -50.69 -37.92 8.42
N GLN J 625 -49.72 -38.79 8.62
CA GLN J 625 -49.75 -40.12 8.01
C GLN J 625 -50.48 -41.08 8.93
N ILE J 626 -51.11 -42.07 8.34
CA ILE J 626 -51.65 -43.19 9.11
C ILE J 626 -51.16 -44.45 8.42
N MET J 627 -50.58 -45.35 9.19
CA MET J 627 -50.17 -46.67 8.68
C MET J 627 -50.74 -47.80 9.54
N GLU J 628 -51.12 -48.90 8.88
CA GLU J 628 -51.65 -50.09 9.54
C GLU J 628 -50.51 -50.98 10.02
N ARG J 629 -50.79 -51.71 11.10
CA ARG J 629 -49.94 -52.76 11.64
C ARG J 629 -50.37 -54.13 11.10
N GLU J 630 -51.66 -54.49 11.27
CA GLU J 630 -52.21 -55.81 10.97
C GLU J 630 -51.75 -56.31 9.60
N SER J 631 -51.79 -55.42 8.62
CA SER J 631 -51.49 -55.74 7.22
C SER J 631 -50.00 -55.53 6.94
N GLY J 632 -49.30 -56.61 6.60
CA GLY J 632 -47.89 -56.62 6.22
C GLY J 632 -47.66 -56.36 4.75
N ASN J 633 -48.65 -55.83 4.04
CA ASN J 633 -48.58 -55.57 2.60
C ASN J 633 -48.17 -54.12 2.29
N CYS J 634 -47.96 -53.29 3.31
CA CYS J 634 -47.89 -51.81 3.22
C CYS J 634 -49.03 -51.25 2.36
N PRO J 635 -50.29 -51.71 2.52
CA PRO J 635 -51.34 -51.32 1.57
C PRO J 635 -51.85 -49.91 1.78
N LYS J 636 -52.06 -49.55 3.06
CA LYS J 636 -52.83 -48.36 3.46
C LYS J 636 -51.87 -47.27 3.97
N ASP J 637 -51.70 -46.24 3.13
CA ASP J 637 -51.03 -45.00 3.53
C ASP J 637 -52.01 -43.87 3.27
N ARG J 638 -52.92 -43.67 4.20
CA ARG J 638 -53.89 -42.57 4.16
C ARG J 638 -53.18 -41.30 4.64
N TYR J 639 -52.41 -40.67 3.77
CA TYR J 639 -51.84 -39.36 4.09
C TYR J 639 -53.02 -38.40 4.27
N VAL J 640 -52.78 -37.34 5.03
CA VAL J 640 -53.72 -36.22 5.14
C VAL J 640 -52.87 -34.96 5.14
N VAL J 641 -53.47 -33.86 4.70
CA VAL J 641 -52.82 -32.54 4.83
C VAL J 641 -53.74 -31.65 5.66
N CYS J 642 -53.34 -31.43 6.89
CA CYS J 642 -54.21 -30.84 7.92
C CYS J 642 -53.84 -29.38 7.99
N GLY J 643 -54.35 -28.56 7.09
CA GLY J 643 -54.19 -27.12 7.20
C GLY J 643 -52.73 -26.66 7.13
N ARG J 644 -52.48 -25.44 7.56
CA ARG J 644 -51.26 -24.73 7.18
C ARG J 644 -51.00 -23.69 8.25
N VAL J 645 -49.78 -23.60 8.77
CA VAL J 645 -49.50 -22.62 9.84
C VAL J 645 -48.55 -21.54 9.32
N PHE J 646 -48.89 -20.28 9.57
CA PHE J 646 -48.06 -19.11 9.28
C PHE J 646 -47.65 -18.47 10.59
N LEU J 647 -46.39 -18.05 10.69
CA LEU J 647 -45.94 -17.38 11.92
C LEU J 647 -44.88 -16.33 11.62
N SER J 648 -45.08 -15.15 12.17
CA SER J 648 -44.22 -13.98 11.94
C SER J 648 -43.77 -13.42 13.28
N LEU J 649 -42.71 -12.65 13.21
CA LEU J 649 -42.12 -12.08 14.42
C LEU J 649 -42.93 -10.93 14.97
N GLU J 650 -43.67 -10.20 14.12
CA GLU J 650 -44.72 -9.31 14.64
C GLU J 650 -45.75 -10.08 15.46
N ASP J 651 -46.17 -11.25 14.99
CA ASP J 651 -47.14 -12.04 15.74
C ASP J 651 -46.62 -12.34 17.12
N LEU J 652 -45.37 -12.74 17.24
CA LEU J 652 -44.87 -13.00 18.59
C LEU J 652 -44.75 -11.74 19.42
N SER J 653 -44.28 -10.65 18.82
CA SER J 653 -44.04 -9.39 19.55
C SER J 653 -45.24 -8.99 20.36
N THR J 654 -46.45 -9.39 19.95
CA THR J 654 -47.68 -8.96 20.61
C THR J 654 -48.33 -10.12 21.35
N GLY J 655 -47.54 -11.05 21.85
CA GLY J 655 -48.14 -12.27 22.38
C GLY J 655 -48.86 -13.05 21.31
N LYS J 656 -50.17 -13.23 21.47
CA LYS J 656 -51.07 -13.76 20.42
C LYS J 656 -51.00 -15.28 20.35
N TYR J 657 -49.85 -15.86 20.62
CA TYR J 657 -49.72 -17.32 20.59
C TYR J 657 -49.04 -17.85 21.82
N LEU J 658 -48.36 -17.01 22.59
CA LEU J 658 -47.44 -17.51 23.61
C LEU J 658 -48.21 -18.02 24.82
N LEU J 659 -47.62 -19.01 25.46
CA LEU J 659 -47.88 -19.35 26.86
C LEU J 659 -46.59 -18.94 27.54
N THR J 660 -46.68 -17.92 28.40
CA THR J 660 -45.55 -17.51 29.23
C THR J 660 -46.05 -17.41 30.66
N PHE J 661 -45.29 -17.99 31.58
CA PHE J 661 -45.76 -18.30 32.92
C PHE J 661 -45.51 -17.05 33.71
N PRO J 662 -45.55 -17.04 35.02
CA PRO J 662 -46.73 -16.52 35.70
C PRO J 662 -47.73 -15.73 34.83
N LYS J 663 -48.95 -15.81 35.34
CA LYS J 663 -50.06 -14.85 35.25
C LYS J 663 -51.08 -15.54 34.35
N LYS J 664 -50.60 -16.29 33.36
CA LYS J 664 -51.50 -17.06 32.49
C LYS J 664 -51.58 -18.49 33.04
N LYS J 665 -51.89 -18.51 34.34
CA LYS J 665 -52.10 -19.68 35.19
C LYS J 665 -53.47 -20.32 34.94
N PRO J 666 -54.61 -19.60 35.10
CA PRO J 666 -55.89 -20.34 35.12
C PRO J 666 -56.17 -20.91 33.72
N ILE J 667 -55.72 -22.14 33.53
CA ILE J 667 -55.75 -22.81 32.22
C ILE J 667 -57.21 -23.08 31.87
N GLU J 668 -57.74 -22.29 30.96
CA GLU J 668 -59.14 -22.40 30.49
C GLU J 668 -59.16 -22.30 28.97
N HIS J 669 -58.08 -22.72 28.33
CA HIS J 669 -58.06 -23.02 26.88
C HIS J 669 -57.22 -24.27 26.71
N MET J 670 -57.87 -25.42 26.68
CA MET J 670 -57.18 -26.70 26.93
C MET J 670 -56.02 -26.93 25.98
N GLU J 671 -55.97 -26.22 24.86
CA GLU J 671 -54.77 -26.24 24.02
C GLU J 671 -53.57 -25.75 24.82
N ASP J 672 -53.79 -25.02 25.91
CA ASP J 672 -52.68 -24.59 26.76
C ASP J 672 -52.16 -25.77 27.56
N LEU J 673 -53.08 -26.51 28.15
CA LEU J 673 -52.73 -27.75 28.86
C LEU J 673 -51.95 -28.69 27.95
N PHE J 674 -52.50 -28.96 26.77
CA PHE J 674 -51.87 -29.88 25.82
C PHE J 674 -50.52 -29.39 25.31
N ALA J 675 -50.32 -28.10 25.13
CA ALA J 675 -49.00 -27.62 24.72
C ALA J 675 -48.01 -27.84 25.86
N LEU J 676 -48.50 -27.84 27.10
CA LEU J 676 -47.64 -28.24 28.22
C LEU J 676 -47.30 -29.70 28.06
N LEU J 677 -48.32 -30.54 28.00
CA LEU J 677 -48.06 -31.97 28.19
C LEU J 677 -47.16 -32.49 27.10
N ALA J 678 -47.19 -31.81 25.96
CA ALA J 678 -46.34 -32.12 24.81
C ALA J 678 -44.93 -31.55 24.94
N ALA J 679 -44.78 -30.30 25.35
CA ALA J 679 -43.43 -29.71 25.35
C ALA J 679 -42.59 -30.18 26.54
N PHE J 680 -43.20 -30.76 27.57
CA PHE J 680 -42.51 -31.08 28.82
C PHE J 680 -41.96 -32.50 28.81
N HIS J 681 -40.73 -32.65 29.28
CA HIS J 681 -40.12 -33.98 29.39
C HIS J 681 -41.10 -34.83 30.21
N LYS J 682 -41.35 -36.06 29.79
CA LYS J 682 -42.26 -36.96 30.52
C LYS J 682 -41.51 -38.11 31.19
N SER J 683 -41.92 -38.49 32.41
CA SER J 683 -41.36 -39.64 33.14
C SER J 683 -42.43 -40.30 33.98
N CYS J 684 -42.62 -41.59 33.76
CA CYS J 684 -43.63 -42.38 34.47
C CYS J 684 -43.01 -43.18 35.62
N PHE J 685 -43.77 -43.32 36.71
CA PHE J 685 -43.34 -44.08 37.89
C PHE J 685 -44.48 -44.84 38.52
N GLN J 686 -44.27 -46.12 38.75
CA GLN J 686 -45.21 -46.96 39.50
C GLN J 686 -44.81 -46.84 40.96
N ILE J 687 -45.80 -46.87 41.84
CA ILE J 687 -45.58 -46.78 43.29
C ILE J 687 -46.33 -47.94 43.92
N THR J 688 -45.71 -48.55 44.93
CA THR J 688 -46.31 -49.69 45.63
C THR J 688 -46.06 -49.52 47.12
N SER J 689 -47.11 -49.66 47.91
CA SER J 689 -46.96 -49.80 49.36
C SER J 689 -47.63 -51.10 49.82
N PRO J 690 -46.85 -52.19 49.96
CA PRO J 690 -47.46 -53.52 50.07
C PRO J 690 -48.24 -53.67 51.37
N GLY J 691 -47.62 -53.28 52.48
CA GLY J 691 -48.16 -53.44 53.82
C GLY J 691 -48.65 -52.13 54.41
N TYR J 692 -49.27 -51.28 53.61
CA TYR J 692 -49.82 -49.98 54.04
C TYR J 692 -50.69 -49.44 52.92
N ALA J 693 -51.94 -49.10 53.24
CA ALA J 693 -52.78 -48.40 52.26
C ALA J 693 -52.14 -47.07 51.91
N LEU J 694 -52.49 -46.48 50.76
CA LEU J 694 -51.71 -45.37 50.20
C LEU J 694 -52.63 -44.21 49.83
N ASN J 695 -52.59 -43.16 50.64
CA ASN J 695 -53.36 -41.94 50.42
C ASN J 695 -52.47 -40.69 50.56
N SER J 696 -51.26 -40.86 51.09
CA SER J 696 -50.37 -39.76 51.48
C SER J 696 -49.86 -39.03 50.24
N MET J 697 -49.93 -39.69 49.10
CA MET J 697 -49.75 -39.02 47.80
C MET J 697 -50.71 -37.84 47.66
N LYS J 698 -51.99 -38.05 47.97
CA LYS J 698 -52.97 -36.96 47.75
C LYS J 698 -52.72 -35.81 48.68
N VAL J 699 -52.03 -36.04 49.80
CA VAL J 699 -51.67 -34.94 50.71
C VAL J 699 -50.40 -34.27 50.20
N TRP J 700 -49.43 -35.05 49.75
CA TRP J 700 -48.18 -34.49 49.23
C TRP J 700 -48.52 -33.59 48.05
N LEU J 701 -49.56 -33.97 47.31
CA LEU J 701 -49.97 -33.20 46.12
C LEU J 701 -50.76 -31.97 46.53
N LEU J 702 -51.74 -32.14 47.43
CA LEU J 702 -52.76 -31.11 47.64
C LEU J 702 -52.33 -30.10 48.69
N GLU J 703 -51.34 -30.42 49.52
CA GLU J 703 -50.91 -29.51 50.59
C GLU J 703 -49.45 -29.12 50.40
N HIS J 704 -48.59 -30.08 50.08
CA HIS J 704 -47.16 -29.76 49.90
C HIS J 704 -46.92 -28.99 48.60
N MET J 705 -47.21 -29.61 47.47
CA MET J 705 -46.93 -28.98 46.16
C MET J 705 -47.91 -27.86 45.82
N LYS J 706 -49.06 -27.80 46.48
CA LYS J 706 -50.07 -26.75 46.19
C LYS J 706 -50.48 -26.83 44.73
N CYS J 707 -51.21 -27.90 44.40
CA CYS J 707 -51.67 -28.15 43.03
C CYS J 707 -52.97 -27.40 42.74
N GLU J 708 -53.19 -27.15 41.46
CA GLU J 708 -54.49 -26.72 40.93
C GLU J 708 -54.99 -27.84 40.02
N ILE J 709 -56.18 -28.34 40.29
CA ILE J 709 -56.78 -29.30 39.36
C ILE J 709 -57.36 -28.53 38.18
N ILE J 710 -57.15 -29.04 36.99
CA ILE J 710 -57.86 -28.57 35.79
C ILE J 710 -59.25 -29.20 35.80
N LYS J 711 -60.28 -28.38 35.77
CA LYS J 711 -61.65 -28.86 35.90
C LYS J 711 -62.01 -29.80 34.76
N GLU J 712 -61.76 -29.37 33.54
CA GLU J 712 -62.09 -30.13 32.31
C GLU J 712 -61.50 -31.54 32.37
N PHE J 713 -60.29 -31.68 32.93
CA PHE J 713 -59.60 -32.98 33.04
C PHE J 713 -59.16 -33.16 34.48
N PRO J 714 -59.95 -33.84 35.32
CA PRO J 714 -59.68 -33.81 36.76
C PRO J 714 -58.62 -34.84 37.18
N GLU J 715 -57.96 -35.48 36.22
CA GLU J 715 -56.83 -36.39 36.46
C GLU J 715 -55.46 -35.72 36.33
N VAL J 716 -55.40 -34.40 36.27
CA VAL J 716 -54.13 -33.68 36.02
C VAL J 716 -54.01 -32.55 37.03
N TYR J 717 -52.81 -32.39 37.58
CA TYR J 717 -52.55 -31.48 38.71
C TYR J 717 -51.37 -30.59 38.36
N PHE J 718 -51.56 -29.28 38.45
CA PHE J 718 -50.54 -28.29 38.09
C PHE J 718 -50.04 -27.60 39.35
N CYS J 719 -48.76 -27.79 39.66
CA CYS J 719 -48.22 -27.34 40.94
C CYS J 719 -47.93 -25.85 40.85
N GLU J 720 -48.47 -25.10 41.80
CA GLU J 720 -48.38 -23.64 41.82
C GLU J 720 -47.42 -23.16 42.90
N ARG J 721 -46.91 -24.07 43.73
CA ARG J 721 -45.90 -23.69 44.71
C ARG J 721 -44.79 -22.89 44.05
N PRO J 722 -44.51 -21.66 44.53
CA PRO J 722 -43.81 -20.69 43.71
C PRO J 722 -42.31 -20.87 43.80
N GLY J 723 -41.87 -21.95 44.44
CA GLY J 723 -40.49 -22.36 44.41
C GLY J 723 -39.98 -22.76 43.02
N SER J 724 -38.76 -23.27 43.04
CA SER J 724 -38.01 -23.86 41.91
C SER J 724 -38.77 -24.83 41.02
N PHE J 725 -39.71 -25.61 41.53
CA PHE J 725 -40.52 -26.44 40.64
C PHE J 725 -41.80 -25.73 40.16
N TYR J 726 -41.69 -24.48 39.76
CA TYR J 726 -42.90 -23.79 39.36
C TYR J 726 -43.28 -24.29 37.97
N GLY J 727 -44.51 -24.74 37.79
CA GLY J 727 -44.93 -25.16 36.45
C GLY J 727 -44.50 -26.57 36.10
N THR J 728 -44.90 -27.53 36.91
CA THR J 728 -44.69 -28.97 36.72
C THR J 728 -46.05 -29.65 36.84
N LEU J 729 -46.28 -30.62 35.97
CA LEU J 729 -47.56 -31.33 36.00
C LEU J 729 -47.40 -32.80 36.36
N PHE J 730 -48.30 -33.26 37.21
CA PHE J 730 -48.45 -34.69 37.53
C PHE J 730 -49.68 -35.29 36.88
N THR J 731 -49.79 -36.60 37.01
CA THR J 731 -51.05 -37.34 37.03
C THR J 731 -50.88 -38.52 37.96
N TRP J 732 -52.01 -39.03 38.44
CA TRP J 732 -52.04 -40.01 39.52
C TRP J 732 -53.24 -40.91 39.33
N LYS J 733 -53.03 -42.10 38.77
CA LYS J 733 -54.05 -43.15 38.74
C LYS J 733 -53.85 -44.08 39.92
N GLN J 734 -54.78 -44.05 40.87
CA GLN J 734 -54.72 -44.87 42.09
C GLN J 734 -55.56 -46.12 41.87
N ARG J 735 -55.03 -47.03 41.07
CA ARG J 735 -55.64 -48.34 40.82
C ARG J 735 -55.22 -49.26 41.97
N THR J 736 -56.20 -49.89 42.65
CA THR J 736 -55.95 -50.85 43.75
C THR J 736 -55.15 -50.23 44.89
N PRO J 737 -55.81 -49.52 45.82
CA PRO J 737 -55.19 -48.39 46.52
C PRO J 737 -53.90 -48.70 47.27
N PHE J 738 -53.44 -49.95 47.32
CA PHE J 738 -52.01 -50.17 47.60
C PHE J 738 -51.20 -49.51 46.51
N GLU J 739 -51.47 -49.85 45.27
CA GLU J 739 -50.54 -49.57 44.16
C GLU J 739 -51.08 -48.33 43.49
N GLY J 740 -50.19 -47.58 42.85
CA GLY J 740 -50.61 -46.41 42.11
C GLY J 740 -49.61 -46.08 41.05
N ILE J 741 -49.96 -45.10 40.23
CA ILE J 741 -49.04 -44.75 39.15
C ILE J 741 -49.10 -43.27 38.85
N LEU J 742 -47.91 -42.67 38.74
CA LEU J 742 -47.70 -41.23 38.83
C LEU J 742 -46.82 -40.81 37.67
N ILE J 743 -47.26 -39.78 36.95
CA ILE J 743 -46.58 -39.35 35.72
C ILE J 743 -46.18 -37.89 35.86
N ILE J 744 -44.93 -37.59 35.49
CA ILE J 744 -44.28 -36.32 35.82
C ILE J 744 -43.84 -35.66 34.54
N TYR J 745 -44.46 -34.53 34.26
CA TYR J 745 -44.15 -33.68 33.11
C TYR J 745 -43.41 -32.46 33.67
N SER J 746 -42.22 -32.18 33.17
CA SER J 746 -41.31 -31.24 33.84
C SER J 746 -40.58 -30.42 32.79
N ARG J 747 -39.91 -29.34 33.19
CA ARG J 747 -39.23 -28.53 32.17
C ARG J 747 -37.76 -28.84 32.02
N ASN J 748 -37.21 -29.70 32.85
CA ASN J 748 -35.90 -30.27 32.56
C ASN J 748 -35.77 -31.52 33.38
N GLN J 749 -34.58 -32.13 33.43
CA GLN J 749 -34.42 -33.25 34.38
C GLN J 749 -33.87 -32.84 35.73
N THR J 750 -33.36 -31.63 35.90
CA THR J 750 -33.00 -31.26 37.25
C THR J 750 -34.24 -31.15 38.11
N VAL J 751 -35.33 -30.68 37.54
CA VAL J 751 -36.53 -30.49 38.35
C VAL J 751 -37.15 -31.83 38.62
N MET J 752 -36.97 -32.76 37.71
CA MET J 752 -37.59 -34.06 37.90
C MET J 752 -36.89 -34.81 39.05
N PHE J 753 -35.59 -34.57 39.23
CA PHE J 753 -34.87 -35.12 40.39
C PHE J 753 -35.22 -34.37 41.66
N GLN J 754 -35.31 -33.04 41.57
CA GLN J 754 -35.77 -32.24 42.70
C GLN J 754 -37.18 -32.64 43.16
N CYS J 755 -37.96 -33.18 42.26
CA CYS J 755 -39.32 -33.57 42.58
C CYS J 755 -39.31 -34.96 43.20
N LEU J 756 -38.65 -35.91 42.54
CA LEU J 756 -38.57 -37.27 43.10
C LEU J 756 -38.01 -37.24 44.53
N HIS J 757 -36.96 -36.45 44.79
CA HIS J 757 -36.38 -36.34 46.13
C HIS J 757 -37.45 -35.94 47.16
N ASN J 758 -38.23 -34.94 46.80
CA ASN J 758 -39.23 -34.39 47.72
C ASN J 758 -40.36 -35.38 47.91
N LEU J 759 -40.64 -36.17 46.87
CA LEU J 759 -41.73 -37.16 46.95
C LEU J 759 -41.29 -38.33 47.83
N ILE J 760 -40.09 -38.84 47.60
CA ILE J 760 -39.54 -39.94 48.42
C ILE J 760 -39.49 -39.51 49.88
N ARG J 761 -39.18 -38.25 50.13
CA ARG J 761 -39.12 -37.74 51.50
C ARG J 761 -40.47 -37.91 52.21
N ILE J 762 -41.58 -37.71 51.52
CA ILE J 762 -42.88 -37.71 52.23
C ILE J 762 -43.36 -39.13 52.49
N LEU J 763 -43.06 -40.06 51.59
CA LEU J 763 -43.74 -41.35 51.57
C LEU J 763 -43.36 -42.15 52.82
N PRO J 764 -44.06 -43.27 53.08
CA PRO J 764 -43.59 -44.21 54.10
C PRO J 764 -42.23 -44.80 53.80
N ILE J 765 -41.75 -45.61 54.73
CA ILE J 765 -40.43 -46.24 54.66
C ILE J 765 -40.50 -47.42 53.70
N ASN J 766 -41.67 -48.05 53.59
CA ASN J 766 -41.85 -49.27 52.79
C ASN J 766 -42.28 -48.97 51.36
N CYS J 767 -42.76 -47.76 51.11
CA CYS J 767 -43.23 -47.33 49.79
C CYS J 767 -42.11 -47.51 48.77
N PHE J 768 -42.25 -48.55 47.95
CA PHE J 768 -41.27 -48.92 46.92
C PHE J 768 -41.67 -48.25 45.61
N LEU J 769 -40.90 -47.25 45.21
CA LEU J 769 -40.96 -46.63 43.87
C LEU J 769 -40.45 -47.58 42.80
N LYS J 770 -40.79 -47.25 41.56
CA LYS J 770 -40.19 -47.92 40.41
C LYS J 770 -40.40 -47.04 39.18
N ASN J 771 -39.38 -46.95 38.34
CA ASN J 771 -39.53 -46.23 37.07
C ASN J 771 -40.24 -47.14 36.09
N LEU J 772 -40.96 -46.56 35.13
CA LEU J 772 -41.56 -47.34 34.06
C LEU J 772 -41.12 -46.79 32.72
N LYS J 773 -40.37 -47.59 31.97
CA LYS J 773 -40.15 -47.28 30.56
C LYS J 773 -41.44 -47.47 29.75
N SER J 774 -41.90 -48.71 29.67
CA SER J 774 -42.78 -49.19 28.58
C SER J 774 -44.00 -49.86 29.19
N GLY J 775 -44.68 -49.17 30.08
CA GLY J 775 -46.02 -49.61 30.49
C GLY J 775 -46.06 -50.21 31.88
N SER J 776 -47.28 -50.38 32.39
CA SER J 776 -47.49 -50.85 33.77
C SER J 776 -47.37 -52.36 33.83
N GLU J 777 -46.81 -52.86 34.93
CA GLU J 777 -46.48 -54.28 35.05
C GLU J 777 -47.74 -55.11 34.87
N ASN J 778 -48.84 -54.70 35.52
CA ASN J 778 -50.11 -55.44 35.40
C ASN J 778 -50.53 -55.52 33.93
N PHE J 779 -50.45 -54.41 33.21
CA PHE J 779 -50.87 -54.39 31.80
C PHE J 779 -49.95 -55.26 30.94
N LEU J 780 -48.64 -55.22 31.19
CA LEU J 780 -47.68 -55.99 30.37
C LEU J 780 -47.81 -57.48 30.68
N ILE J 781 -48.21 -57.82 31.90
CA ILE J 781 -48.50 -59.22 32.24
C ILE J 781 -49.75 -59.67 31.50
N ASP J 782 -50.80 -58.83 31.51
CA ASP J 782 -52.02 -59.16 30.78
C ASP J 782 -51.69 -59.36 29.29
N ASN J 783 -50.81 -58.52 28.75
CA ASN J 783 -50.35 -58.64 27.35
C ASN J 783 -49.65 -59.98 27.15
N MET J 784 -48.69 -60.30 28.01
CA MET J 784 -47.94 -61.58 27.89
C MET J 784 -48.91 -62.76 27.99
N ALA J 785 -49.86 -62.69 28.92
CA ALA J 785 -50.88 -63.73 29.08
C ALA J 785 -51.65 -63.89 27.78
N PHE J 786 -52.18 -62.79 27.24
CA PHE J 786 -52.97 -62.80 26.01
C PHE J 786 -52.17 -63.41 24.86
N THR J 787 -50.92 -62.99 24.71
CA THR J 787 -50.07 -63.48 23.61
C THR J 787 -49.83 -64.99 23.74
N LEU J 788 -49.47 -65.46 24.93
CA LEU J 788 -49.31 -66.90 25.12
C LEU J 788 -50.62 -67.64 24.87
N GLU J 789 -51.74 -67.12 25.38
CA GLU J 789 -53.06 -67.77 25.17
C GLU J 789 -53.36 -67.93 23.68
N LYS J 790 -53.19 -66.88 22.89
CA LYS J 790 -53.44 -66.97 21.44
C LYS J 790 -52.49 -67.96 20.79
N GLU J 791 -51.20 -67.94 21.16
CA GLU J 791 -50.23 -68.89 20.58
C GLU J 791 -50.63 -70.33 20.87
N LEU J 792 -50.92 -70.64 22.13
CA LEU J 792 -51.30 -72.01 22.52
C LEU J 792 -52.62 -72.44 21.89
N VAL J 793 -53.61 -71.55 21.83
CA VAL J 793 -54.87 -71.84 21.13
C VAL J 793 -54.58 -72.17 19.67
N THR J 794 -53.71 -71.39 19.01
CA THR J 794 -53.40 -71.60 17.58
C THR J 794 -52.66 -72.92 17.37
N LEU J 795 -51.83 -73.32 18.34
CA LEU J 795 -51.09 -74.59 18.21
C LEU J 795 -52.01 -75.77 18.49
N SER J 796 -52.93 -75.62 19.45
CA SER J 796 -54.04 -76.58 19.61
C SER J 796 -54.84 -76.69 18.32
N SER J 797 -55.03 -75.58 17.60
CA SER J 797 -55.74 -75.60 16.32
C SER J 797 -54.93 -76.35 15.27
N LEU J 798 -53.60 -76.19 15.25
CA LEU J 798 -52.73 -76.97 14.39
C LEU J 798 -52.94 -78.46 14.66
N SER J 799 -52.80 -78.86 15.91
CA SER J 799 -52.93 -80.28 16.30
C SER J 799 -54.34 -80.81 16.02
N SER J 800 -55.38 -79.98 16.15
CA SER J 800 -56.75 -80.42 15.86
C SER J 800 -56.94 -80.59 14.36
N ALA J 801 -56.30 -79.73 13.56
CA ALA J 801 -56.27 -79.91 12.10
C ALA J 801 -55.59 -81.23 11.75
N ILE J 802 -54.49 -81.55 12.42
CA ILE J 802 -53.84 -82.88 12.24
C ILE J 802 -54.79 -83.99 12.70
N ALA J 803 -55.47 -83.79 13.83
CA ALA J 803 -56.28 -84.85 14.46
C ALA J 803 -57.53 -85.18 13.66
N LYS J 804 -58.12 -84.20 12.97
CA LYS J 804 -59.22 -84.50 12.03
C LYS J 804 -58.65 -85.19 10.78
N HIS J 805 -57.42 -84.84 10.40
CA HIS J 805 -56.69 -85.50 9.30
C HIS J 805 -56.22 -86.91 9.71
N GLU J 806 -56.07 -87.15 11.02
CA GLU J 806 -55.89 -88.52 11.55
C GLU J 806 -57.08 -89.41 11.20
N SER J 807 -58.30 -88.88 11.27
CA SER J 807 -59.49 -89.64 10.83
C SER J 807 -59.44 -89.90 9.33
N ASN J 808 -59.04 -88.89 8.54
CA ASN J 808 -58.94 -89.03 7.07
C ASN J 808 -57.77 -89.95 6.70
N LYS J 854 -48.62 -88.95 6.28
CA LYS J 854 -49.85 -88.95 5.46
C LYS J 854 -50.41 -87.53 5.29
N VAL J 855 -49.94 -86.57 6.09
CA VAL J 855 -50.58 -85.24 6.15
C VAL J 855 -50.10 -84.39 4.97
N SER J 856 -50.98 -83.52 4.50
CA SER J 856 -50.64 -82.43 3.57
C SER J 856 -49.66 -81.46 4.24
N GLY J 857 -48.39 -81.51 3.82
CA GLY J 857 -47.40 -80.49 4.19
C GLY J 857 -47.85 -79.08 3.89
N ALA J 858 -48.67 -78.90 2.85
CA ALA J 858 -49.27 -77.60 2.53
C ALA J 858 -50.07 -77.06 3.73
N LEU J 859 -50.89 -77.91 4.35
CA LEU J 859 -51.66 -77.47 5.54
C LEU J 859 -50.69 -77.11 6.67
N TYR J 860 -49.67 -77.93 6.89
CA TYR J 860 -48.71 -77.69 7.97
C TYR J 860 -48.06 -76.32 7.78
N ARG J 861 -47.63 -76.04 6.56
CA ARG J 861 -47.05 -74.73 6.24
C ARG J 861 -48.06 -73.60 6.49
N GLU J 862 -49.28 -73.75 5.95
CA GLU J 862 -50.33 -72.72 6.11
C GLU J 862 -50.56 -72.40 7.60
N ILE J 863 -50.55 -73.42 8.46
CA ILE J 863 -50.86 -73.19 9.88
C ILE J 863 -49.64 -72.63 10.61
N THR J 864 -48.44 -73.13 10.28
CA THR J 864 -47.19 -72.62 10.87
C THR J 864 -47.01 -71.14 10.57
N LEU J 865 -47.49 -70.66 9.42
CA LEU J 865 -47.44 -69.22 9.13
C LEU J 865 -48.21 -68.43 10.20
N LYS J 866 -49.45 -68.80 10.47
CA LYS J 866 -50.28 -68.06 11.45
C LYS J 866 -49.70 -68.21 12.85
N VAL J 867 -49.16 -69.39 13.15
CA VAL J 867 -48.52 -69.64 14.46
C VAL J 867 -47.33 -68.68 14.61
N ALA J 868 -46.48 -68.58 13.59
CA ALA J 868 -45.35 -67.61 13.58
C ALA J 868 -45.87 -66.19 13.78
N GLU J 869 -46.95 -65.85 13.09
CA GLU J 869 -47.51 -64.48 13.14
C GLU J 869 -47.98 -64.16 14.55
N VAL J 870 -48.37 -65.17 15.32
CA VAL J 870 -48.76 -64.93 16.72
C VAL J 870 -47.53 -64.99 17.62
N GLN J 871 -46.59 -65.87 17.31
CA GLN J 871 -45.35 -66.00 18.08
C GLN J 871 -44.59 -64.68 18.12
N LEU J 872 -44.52 -63.95 17.00
CA LEU J 872 -43.83 -62.64 17.00
C LEU J 872 -44.45 -61.71 18.05
N LYS J 873 -45.75 -61.86 18.30
CA LYS J 873 -46.41 -61.03 19.30
C LYS J 873 -46.07 -61.53 20.70
N SER J 874 -46.03 -62.86 20.87
CA SER J 874 -45.68 -63.40 22.19
C SER J 874 -44.23 -63.04 22.53
N ASP J 875 -43.34 -62.99 21.53
CA ASP J 875 -41.95 -62.60 21.73
C ASP J 875 -41.84 -61.11 22.01
N PHE J 876 -42.72 -60.32 21.42
CA PHE J 876 -42.78 -58.88 21.72
C PHE J 876 -43.20 -58.68 23.18
N ALA J 877 -44.31 -59.27 23.59
CA ALA J 877 -44.76 -59.18 24.98
C ALA J 877 -43.67 -59.68 25.93
N ALA J 878 -43.00 -60.77 25.55
CA ALA J 878 -41.92 -61.37 26.35
C ALA J 878 -40.75 -60.40 26.55
N GLN J 879 -40.34 -59.68 25.51
CA GLN J 879 -39.22 -58.75 25.72
C GLN J 879 -39.65 -57.58 26.60
N LYS J 880 -40.89 -57.13 26.45
CA LYS J 880 -41.41 -56.04 27.28
C LYS J 880 -41.41 -56.47 28.73
N LEU J 881 -41.82 -57.70 28.98
CA LEU J 881 -41.91 -58.20 30.36
C LEU J 881 -40.50 -58.46 30.91
N SER J 882 -39.62 -58.99 30.08
CA SER J 882 -38.33 -59.56 30.52
C SER J 882 -37.23 -58.51 30.61
N ASN J 883 -37.50 -57.26 30.17
CA ASN J 883 -36.56 -56.16 30.45
C ASN J 883 -36.78 -55.63 31.86
N LEU J 884 -38.01 -55.24 32.19
CA LEU J 884 -38.38 -54.86 33.56
C LEU J 884 -38.13 -56.02 34.53
N ALA K 30 -5.23 -54.05 97.82
CA ALA K 30 -4.06 -53.26 97.31
C ALA K 30 -4.46 -52.38 96.09
N PRO K 31 -5.25 -51.31 96.30
CA PRO K 31 -5.66 -50.48 95.17
C PRO K 31 -4.51 -49.51 94.87
N ARG K 32 -4.04 -49.55 93.65
CA ARG K 32 -2.87 -48.75 93.35
C ARG K 32 -3.27 -47.31 93.16
N VAL K 33 -4.50 -47.00 92.81
CA VAL K 33 -4.96 -45.61 92.63
C VAL K 33 -6.15 -45.32 93.52
N ARG K 34 -6.05 -44.34 94.36
CA ARG K 34 -7.23 -43.91 95.08
C ARG K 34 -7.71 -42.57 94.54
N TYR K 35 -9.01 -42.34 94.64
CA TYR K 35 -9.68 -41.09 94.29
C TYR K 35 -10.02 -40.41 95.61
N LEU K 36 -9.68 -39.13 95.65
CA LEU K 36 -9.67 -38.29 96.85
C LEU K 36 -10.78 -37.23 96.84
N ALA K 37 -10.82 -36.39 95.78
CA ALA K 37 -12.00 -35.57 95.50
C ALA K 37 -12.03 -35.11 94.08
N GLY K 38 -13.12 -34.43 93.77
CA GLY K 38 -13.43 -34.14 92.38
C GLY K 38 -13.69 -32.71 92.17
N PHE K 39 -13.45 -32.30 90.96
CA PHE K 39 -13.53 -30.89 90.71
C PHE K 39 -14.19 -30.61 89.42
N CYS K 40 -14.59 -29.38 89.23
CA CYS K 40 -15.39 -28.91 88.09
C CYS K 40 -14.54 -28.93 86.85
N CYS K 41 -14.96 -29.66 85.86
CA CYS K 41 -14.11 -29.85 84.65
C CYS K 41 -14.89 -29.30 83.47
N PRO K 42 -14.29 -28.41 82.63
CA PRO K 42 -14.95 -27.94 81.41
C PRO K 42 -14.99 -29.04 80.35
N LEU K 43 -15.89 -28.96 79.39
CA LEU K 43 -15.94 -29.99 78.32
C LEU K 43 -14.62 -29.97 77.54
N GLY K 44 -14.11 -31.16 77.17
CA GLY K 44 -12.86 -31.27 76.39
C GLY K 44 -11.63 -31.44 77.27
N GLY K 45 -11.82 -31.47 78.61
CA GLY K 45 -10.73 -31.67 79.61
C GLY K 45 -10.19 -30.38 80.21
N LEU K 46 -9.38 -30.50 81.26
CA LEU K 46 -8.69 -29.33 81.88
C LEU K 46 -7.56 -28.80 80.99
N ALA K 47 -7.18 -27.58 81.30
CA ALA K 47 -6.19 -26.86 80.52
C ALA K 47 -4.82 -27.42 80.89
N ALA K 48 -3.92 -27.56 79.91
CA ALA K 48 -2.49 -27.88 80.16
C ALA K 48 -1.70 -26.67 80.65
N GLY K 49 -0.50 -26.92 81.16
CA GLY K 49 0.30 -25.84 81.68
C GLY K 49 -0.16 -25.44 83.09
N LYS K 50 -1.42 -25.04 83.26
CA LYS K 50 -1.69 -24.16 84.38
C LYS K 50 -1.92 -24.87 85.68
N PRO K 51 -2.64 -25.92 85.74
CA PRO K 51 -3.06 -26.39 87.04
C PRO K 51 -1.93 -27.06 87.75
N ARG K 52 -1.92 -27.00 89.06
CA ARG K 52 -0.69 -27.43 89.77
C ARG K 52 -1.09 -28.05 91.10
N VAL K 53 -0.27 -29.06 91.42
CA VAL K 53 -0.38 -29.77 92.68
C VAL K 53 0.96 -29.93 93.37
N LEU K 54 0.95 -29.58 94.67
CA LEU K 54 2.08 -29.58 95.57
C LEU K 54 1.64 -30.29 96.80
N CYS K 55 2.59 -30.88 97.48
CA CYS K 55 2.27 -31.55 98.73
C CYS K 55 3.28 -31.21 99.85
N HIS K 56 2.73 -30.96 101.04
CA HIS K 56 3.47 -30.71 102.28
C HIS K 56 3.43 -32.05 102.94
N GLU K 57 4.28 -32.25 103.94
CA GLU K 57 4.27 -33.46 104.77
C GLU K 57 2.96 -34.28 104.61
N ALA K 58 1.85 -33.77 105.12
CA ALA K 58 0.62 -34.56 105.11
C ALA K 58 -0.52 -33.81 104.46
N GLU K 59 -0.32 -32.54 104.12
CA GLU K 59 -1.29 -31.78 103.34
C GLU K 59 -0.98 -31.87 101.86
N VAL K 60 -1.99 -31.64 101.04
CA VAL K 60 -1.79 -31.49 99.60
C VAL K 60 -2.56 -30.28 99.13
N PHE K 61 -1.84 -29.42 98.41
CA PHE K 61 -2.37 -28.16 97.94
C PHE K 61 -2.60 -28.27 96.45
N LEU K 62 -3.72 -27.71 95.98
CA LEU K 62 -4.13 -27.93 94.63
C LEU K 62 -4.70 -26.67 94.05
N SER K 63 -4.30 -26.40 92.83
CA SER K 63 -5.01 -25.45 91.95
C SER K 63 -5.41 -26.04 90.61
N THR K 64 -6.60 -25.66 90.13
CA THR K 64 -7.17 -26.29 88.95
C THR K 64 -7.36 -25.26 87.87
N GLY K 65 -6.58 -24.23 87.90
CA GLY K 65 -6.66 -23.25 86.81
C GLY K 65 -7.94 -22.46 86.88
N SER K 66 -8.29 -22.14 88.12
CA SER K 66 -9.52 -21.42 88.41
C SER K 66 -9.23 -20.46 89.52
N GLU K 67 -10.30 -19.97 90.04
CA GLU K 67 -10.27 -18.90 91.02
C GLU K 67 -10.07 -19.48 92.40
N LEU K 68 -9.88 -20.80 92.46
CA LEU K 68 -9.87 -21.49 93.72
C LEU K 68 -8.55 -22.19 93.92
N VAL K 69 -8.18 -22.35 95.20
CA VAL K 69 -7.00 -23.13 95.62
C VAL K 69 -7.37 -23.90 96.85
N TYR K 70 -7.12 -25.20 96.82
CA TYR K 70 -7.68 -26.09 97.82
C TYR K 70 -6.59 -26.74 98.66
N VAL K 71 -6.97 -27.13 99.87
CA VAL K 71 -6.08 -27.81 100.79
C VAL K 71 -6.71 -29.06 101.30
N TYR K 72 -6.06 -30.20 101.07
CA TYR K 72 -6.57 -31.54 101.43
C TYR K 72 -5.69 -32.17 102.46
N ASP K 73 -6.31 -32.50 103.58
CA ASP K 73 -5.68 -33.39 104.57
C ASP K 73 -5.68 -34.81 104.01
N GLN K 74 -4.49 -35.40 103.91
CA GLN K 74 -4.30 -36.55 103.04
C GLN K 74 -4.63 -37.84 103.79
N GLU K 75 -4.80 -37.78 105.10
CA GLU K 75 -5.22 -38.96 105.85
C GLU K 75 -6.59 -39.43 105.36
N GLY K 76 -7.62 -38.68 105.71
CA GLY K 76 -8.93 -38.79 105.09
C GLY K 76 -9.07 -37.63 104.15
N GLY K 77 -9.05 -37.88 102.85
CA GLY K 77 -8.89 -36.80 101.89
C GLY K 77 -10.04 -35.82 101.85
N LEU K 78 -10.46 -35.30 103.00
CA LEU K 78 -11.42 -34.20 103.05
C LEU K 78 -10.65 -32.89 102.97
N LEU K 79 -11.30 -31.88 102.41
CA LEU K 79 -10.70 -30.56 102.34
C LEU K 79 -10.86 -29.91 103.70
N THR K 80 -9.73 -29.47 104.23
CA THR K 80 -9.70 -28.53 105.37
C THR K 80 -10.26 -27.19 104.90
N ALA K 81 -9.58 -26.57 103.93
CA ALA K 81 -9.88 -25.18 103.60
C ALA K 81 -9.60 -24.90 102.16
N ALA K 82 -10.43 -24.01 101.64
CA ALA K 82 -10.38 -23.53 100.28
C ALA K 82 -10.16 -22.02 100.28
N PHE K 83 -9.51 -21.53 99.22
CA PHE K 83 -9.18 -20.13 99.16
C PHE K 83 -9.64 -19.62 97.81
N ARG K 84 -10.67 -18.77 97.83
CA ARG K 84 -11.11 -17.99 96.65
C ARG K 84 -10.18 -16.80 96.44
N PHE K 85 -9.46 -16.87 95.42
CA PHE K 85 -8.76 -15.65 94.98
C PHE K 85 -9.62 -15.02 93.91
N PRO K 86 -9.31 -13.77 93.51
CA PRO K 86 -9.77 -13.34 92.18
C PRO K 86 -8.86 -13.88 91.09
N ASP K 87 -9.47 -14.23 89.96
CA ASP K 87 -8.74 -14.41 88.70
C ASP K 87 -7.64 -15.48 88.80
N GLN K 88 -7.98 -16.76 88.64
CA GLN K 88 -7.07 -17.73 88.01
C GLN K 88 -5.67 -17.78 88.59
N VAL K 89 -5.47 -18.59 89.60
CA VAL K 89 -4.12 -18.96 90.07
C VAL K 89 -3.32 -19.76 89.03
N TRP K 90 -2.22 -19.21 88.71
CA TRP K 90 -1.39 -19.63 87.62
C TRP K 90 -0.14 -20.38 88.11
N HIS K 91 0.19 -20.47 89.39
CA HIS K 91 1.44 -21.11 89.85
C HIS K 91 1.47 -21.01 91.35
N LEU K 92 2.01 -21.96 91.99
CA LEU K 92 2.03 -21.87 93.44
C LEU K 92 3.42 -22.21 93.92
N GLU K 93 3.72 -21.84 95.15
CA GLU K 93 4.86 -22.39 95.83
C GLU K 93 4.59 -22.39 97.30
N LEU K 94 5.49 -23.04 97.98
CA LEU K 94 5.33 -23.16 99.42
C LEU K 94 6.68 -23.01 100.12
N LEU K 95 6.65 -22.38 101.28
CA LEU K 95 7.77 -22.41 102.20
C LEU K 95 7.38 -23.15 103.47
N ALA K 96 8.06 -24.25 103.72
CA ALA K 96 7.84 -25.02 104.95
C ALA K 96 8.31 -24.29 106.19
N PRO K 97 9.55 -23.76 106.22
CA PRO K 97 10.02 -23.16 107.47
C PRO K 97 9.19 -21.95 107.90
N ARG K 98 8.91 -21.06 106.96
CA ARG K 98 8.10 -19.87 107.26
C ARG K 98 6.63 -20.26 107.30
N ARG K 99 6.26 -21.43 106.75
CA ARG K 99 4.86 -21.86 106.71
C ARG K 99 4.03 -20.84 105.91
N LEU K 100 4.51 -20.53 104.71
CA LEU K 100 3.78 -19.61 103.82
C LEU K 100 3.50 -20.24 102.50
N LEU K 101 2.55 -19.65 101.77
CA LEU K 101 2.04 -20.16 100.49
C LEU K 101 1.89 -19.00 99.52
N TYR K 102 2.76 -18.99 98.56
CA TYR K 102 2.79 -17.94 97.60
C TYR K 102 2.06 -18.37 96.38
N ALA K 103 1.32 -17.47 95.74
CA ALA K 103 0.50 -17.77 94.57
C ALA K 103 0.54 -16.64 93.59
N LEU K 104 0.32 -16.91 92.35
CA LEU K 104 0.35 -15.85 91.37
C LEU K 104 -1.02 -15.70 90.77
N CYS K 105 -1.76 -14.66 91.10
CA CYS K 105 -2.97 -14.30 90.33
C CYS K 105 -2.58 -13.72 88.99
N ALA K 106 -3.44 -13.86 87.99
CA ALA K 106 -3.00 -13.84 86.59
C ALA K 106 -2.66 -12.39 86.25
N ARG K 107 -3.64 -11.52 86.25
CA ARG K 107 -3.47 -10.14 85.81
C ARG K 107 -3.21 -9.26 87.02
N ARG K 108 -3.56 -9.70 88.24
CA ARG K 108 -3.08 -9.10 89.50
C ARG K 108 -1.71 -9.65 89.89
N GLY K 109 -1.25 -9.47 91.14
CA GLY K 109 0.18 -9.67 91.43
C GLY K 109 0.59 -11.01 92.06
N LEU K 110 0.63 -11.10 93.39
CA LEU K 110 1.32 -12.20 94.05
C LEU K 110 0.88 -12.17 95.49
N TYR K 111 0.14 -13.18 95.88
CA TYR K 111 -0.49 -13.21 97.20
C TYR K 111 0.35 -14.01 98.17
N CYS K 112 0.12 -13.86 99.46
CA CYS K 112 0.76 -14.72 100.47
C CYS K 112 -0.17 -15.18 101.58
N LEU K 113 -0.04 -16.43 101.98
CA LEU K 113 -0.95 -17.04 102.97
C LEU K 113 -0.23 -17.87 104.00
N SER K 114 -0.45 -17.52 105.25
CA SER K 114 -0.05 -18.34 106.39
C SER K 114 -0.94 -19.57 106.43
N LEU K 115 -0.36 -20.75 106.58
CA LEU K 115 -1.18 -21.97 106.56
C LEU K 115 -1.99 -22.20 107.83
N ASP K 116 -1.63 -21.59 108.96
CA ASP K 116 -2.50 -21.72 110.13
C ASP K 116 -3.85 -21.08 109.87
N HIS K 117 -3.78 -19.79 109.54
CA HIS K 117 -4.87 -18.94 109.08
C HIS K 117 -6.03 -18.97 110.08
N PRO K 118 -5.95 -18.20 111.17
CA PRO K 118 -6.78 -18.41 112.35
C PRO K 118 -8.28 -18.36 112.06
N SER K 138 -19.17 -21.70 106.19
CA SER K 138 -18.60 -22.50 105.09
C SER K 138 -17.09 -22.68 105.26
N PRO K 139 -16.53 -23.78 104.72
CA PRO K 139 -15.06 -23.94 104.69
C PRO K 139 -14.34 -23.09 103.63
N VAL K 140 -15.06 -22.28 102.87
CA VAL K 140 -14.40 -21.39 101.90
C VAL K 140 -14.06 -20.06 102.55
N ILE K 141 -12.90 -19.51 102.17
CA ILE K 141 -12.34 -18.29 102.78
C ILE K 141 -11.78 -17.42 101.66
N PRO K 142 -12.37 -16.25 101.43
CA PRO K 142 -11.88 -15.37 100.37
C PRO K 142 -10.75 -14.53 100.89
N VAL K 143 -9.80 -14.27 100.01
CA VAL K 143 -8.60 -13.53 100.39
C VAL K 143 -8.86 -12.05 100.21
N ASP K 144 -8.55 -11.27 101.24
CA ASP K 144 -8.59 -9.79 101.24
C ASP K 144 -7.31 -9.26 100.58
N PRO K 145 -7.37 -8.14 99.87
CA PRO K 145 -6.17 -7.64 99.19
C PRO K 145 -5.07 -7.17 100.14
N ASP K 146 -5.33 -7.19 101.45
CA ASP K 146 -4.26 -7.00 102.44
C ASP K 146 -3.13 -8.01 102.24
N ALA K 147 -3.48 -9.20 101.79
CA ALA K 147 -2.49 -10.26 101.60
C ALA K 147 -1.64 -10.04 100.35
N CYS K 148 -2.06 -9.19 99.44
CA CYS K 148 -1.27 -8.93 98.24
C CYS K 148 0.07 -8.34 98.60
N ILE K 149 1.11 -8.85 97.95
CA ILE K 149 2.46 -8.28 98.05
C ILE K 149 3.04 -8.23 96.67
N LEU K 150 3.77 -7.20 96.40
CA LEU K 150 4.16 -6.80 95.06
C LEU K 150 3.08 -7.09 94.06
N PRO K 151 2.06 -6.25 93.96
CA PRO K 151 1.11 -6.33 92.89
C PRO K 151 1.60 -5.86 91.55
N ASP K 152 2.50 -6.58 90.92
CA ASP K 152 3.12 -6.04 89.70
C ASP K 152 2.18 -6.19 88.52
N ALA K 153 1.20 -7.08 88.61
CA ALA K 153 0.11 -7.15 87.65
C ALA K 153 0.56 -7.38 86.23
N ALA K 154 1.80 -7.68 85.98
CA ALA K 154 2.22 -8.09 84.65
C ALA K 154 3.12 -9.29 84.72
N LEU K 155 3.24 -9.90 85.90
CA LEU K 155 4.25 -10.96 86.20
C LEU K 155 3.68 -12.29 85.76
N CYS K 156 4.47 -13.00 84.97
CA CYS K 156 4.00 -14.20 84.32
C CYS K 156 4.40 -15.42 85.10
N ALA K 157 5.52 -15.39 85.77
CA ALA K 157 5.95 -16.61 86.46
C ALA K 157 6.87 -16.30 87.59
N PHE K 158 6.97 -17.14 88.58
CA PHE K 158 7.91 -16.82 89.62
C PHE K 158 8.29 -18.01 90.43
N THR K 159 9.45 -18.00 91.06
CA THR K 159 9.97 -19.13 91.85
C THR K 159 10.63 -18.65 93.12
N LEU K 160 11.17 -19.51 93.88
CA LEU K 160 11.73 -19.02 95.13
C LEU K 160 13.04 -19.71 95.39
N LEU K 161 13.98 -19.00 95.95
CA LEU K 161 15.14 -19.63 96.57
C LEU K 161 15.16 -19.21 98.02
N ASP K 162 16.20 -19.59 98.73
CA ASP K 162 16.23 -19.50 100.20
C ASP K 162 15.69 -18.17 100.73
N SER K 163 16.38 -17.05 100.42
CA SER K 163 16.10 -15.72 100.98
C SER K 163 15.72 -14.73 99.88
N VAL K 164 15.36 -15.21 98.71
CA VAL K 164 15.27 -14.40 97.50
C VAL K 164 13.93 -14.75 96.84
N LEU K 165 13.33 -13.87 96.01
CA LEU K 165 12.09 -14.22 95.29
C LEU K 165 12.10 -13.92 93.82
N VAL K 166 13.02 -14.47 93.10
CA VAL K 166 13.09 -14.34 91.64
C VAL K 166 11.74 -14.49 91.01
N THR K 167 11.35 -13.50 90.25
CA THR K 167 10.10 -13.36 89.49
C THR K 167 10.45 -13.03 88.04
N LEU K 168 9.45 -12.81 87.25
CA LEU K 168 9.65 -12.75 85.82
C LEU K 168 8.37 -12.18 85.28
N VAL K 169 8.45 -11.03 84.64
CA VAL K 169 7.27 -10.16 84.46
C VAL K 169 7.25 -9.74 82.98
N GLN K 170 6.08 -9.85 82.40
CA GLN K 170 5.94 -9.49 80.99
C GLN K 170 5.79 -7.99 80.96
N GLY K 171 6.74 -7.31 80.32
CA GLY K 171 6.55 -5.91 79.98
C GLY K 171 5.81 -5.77 78.68
N PRO K 172 6.13 -4.73 77.93
CA PRO K 172 6.04 -4.82 76.46
C PRO K 172 7.02 -5.84 75.92
N ALA K 173 7.04 -5.95 74.59
CA ALA K 173 7.52 -7.10 73.82
C ALA K 173 8.64 -7.88 74.55
N ARG K 174 9.62 -7.17 75.09
CA ARG K 174 10.74 -7.83 75.74
C ARG K 174 10.40 -8.09 77.19
N TRP K 175 10.48 -9.35 77.54
CA TRP K 175 10.25 -9.79 78.90
C TRP K 175 11.51 -9.64 79.70
N LYS K 176 11.29 -9.40 80.99
CA LYS K 176 12.34 -8.91 81.87
C LYS K 176 12.25 -9.70 83.13
N MET K 177 13.38 -10.19 83.55
CA MET K 177 13.49 -10.86 84.83
C MET K 177 13.80 -9.86 85.95
N GLN K 178 13.23 -10.11 87.13
CA GLN K 178 13.51 -9.32 88.32
C GLN K 178 13.90 -10.23 89.42
N LEU K 179 14.32 -9.69 90.52
CA LEU K 179 14.97 -10.44 91.62
C LEU K 179 14.76 -9.63 92.89
N PHE K 180 14.24 -10.18 93.92
CA PHE K 180 13.90 -9.34 95.06
C PHE K 180 14.57 -9.93 96.27
N GLU K 181 14.72 -9.15 97.31
CA GLU K 181 14.92 -9.75 98.63
C GLU K 181 13.66 -10.45 99.10
N GLN K 182 13.74 -11.10 100.24
CA GLN K 182 12.52 -11.53 100.94
C GLN K 182 12.89 -11.71 102.42
N PRO K 183 12.34 -10.89 103.34
CA PRO K 183 12.92 -10.74 104.68
C PRO K 183 12.96 -12.03 105.47
N CYS K 184 14.16 -12.53 105.75
CA CYS K 184 14.46 -13.79 106.48
C CYS K 184 13.76 -13.91 107.83
N PRO K 185 13.69 -12.87 108.68
CA PRO K 185 12.98 -13.01 109.95
C PRO K 185 11.47 -12.95 109.73
N GLY K 186 10.72 -13.71 110.53
CA GLY K 186 9.26 -13.66 110.55
C GLY K 186 8.70 -12.30 110.94
N GLU K 187 8.39 -11.50 109.91
CA GLU K 187 7.90 -10.11 109.99
C GLU K 187 6.59 -10.02 109.21
N ASP K 188 6.20 -8.81 108.84
CA ASP K 188 5.22 -8.66 107.74
C ASP K 188 5.81 -9.34 106.50
N PRO K 189 5.15 -10.35 105.91
CA PRO K 189 5.74 -11.03 104.76
C PRO K 189 5.86 -10.04 103.61
N ARG K 190 7.08 -9.57 103.36
CA ARG K 190 7.36 -8.47 102.44
C ARG K 190 8.21 -8.97 101.28
N PRO K 191 8.21 -8.25 100.16
CA PRO K 191 9.26 -8.48 99.17
C PRO K 191 10.54 -7.81 99.65
N GLY K 192 10.48 -6.51 99.93
CA GLY K 192 11.67 -5.69 99.96
C GLY K 192 11.90 -4.98 98.64
N GLY K 193 13.05 -4.32 98.55
CA GLY K 193 13.34 -3.45 97.41
C GLY K 193 14.14 -4.19 96.39
N GLN K 194 13.86 -3.98 95.11
CA GLN K 194 14.41 -4.84 94.05
C GLN K 194 15.91 -4.73 93.92
N ILE K 195 16.59 -5.82 94.16
CA ILE K 195 18.02 -5.90 93.92
C ILE K 195 18.36 -5.73 92.46
N GLY K 196 17.60 -6.32 91.53
CA GLY K 196 18.12 -6.44 90.16
C GLY K 196 17.07 -6.72 89.14
N GLU K 197 17.36 -6.46 87.90
CA GLU K 197 16.47 -6.77 86.79
C GLU K 197 17.34 -7.19 85.68
N VAL K 198 16.74 -7.56 84.59
CA VAL K 198 17.48 -7.80 83.35
C VAL K 198 16.50 -7.64 82.21
N GLU K 199 16.93 -7.79 80.96
CA GLU K 199 16.02 -7.89 79.84
C GLU K 199 16.35 -9.11 79.03
N LEU K 200 15.42 -10.03 78.93
CA LEU K 200 15.60 -11.22 78.09
C LEU K 200 15.42 -10.83 76.64
N SER K 201 16.46 -10.22 76.08
CA SER K 201 16.36 -9.61 74.73
C SER K 201 15.97 -10.63 73.67
N SER K 202 16.31 -11.89 73.89
CA SER K 202 16.01 -12.91 72.88
C SER K 202 14.49 -13.15 72.69
N TYR K 203 13.67 -12.84 73.69
CA TYR K 203 12.24 -13.19 73.68
C TYR K 203 11.37 -12.02 73.23
N THR K 204 10.68 -12.18 72.09
CA THR K 204 9.78 -11.20 71.46
C THR K 204 8.47 -11.82 71.05
N PRO K 205 7.40 -11.77 71.90
CA PRO K 205 6.15 -12.43 71.51
C PRO K 205 5.33 -11.65 70.47
N HIS K 217 -1.04 -17.81 77.45
CA HIS K 217 -1.35 -19.13 76.92
C HIS K 217 -0.38 -20.21 77.40
N PHE K 218 0.92 -20.03 77.11
CA PHE K 218 2.01 -20.83 77.71
C PHE K 218 2.75 -19.97 78.72
N LEU K 219 2.67 -20.27 80.03
CA LEU K 219 3.44 -19.46 80.98
C LEU K 219 4.86 -19.91 80.87
N PRO K 220 5.88 -19.12 81.08
CA PRO K 220 7.23 -19.63 81.16
C PRO K 220 7.42 -20.39 82.48
N VAL K 221 8.60 -21.00 82.56
CA VAL K 221 9.01 -21.82 83.70
C VAL K 221 10.43 -21.46 84.20
N LEU K 222 10.58 -21.56 85.50
CA LEU K 222 11.81 -21.20 86.18
C LEU K 222 12.26 -22.36 87.02
N CYS K 223 13.61 -22.48 87.20
CA CYS K 223 14.21 -23.54 88.02
C CYS K 223 15.50 -23.02 88.58
N SER K 224 15.64 -23.27 89.86
CA SER K 224 16.89 -22.97 90.59
C SER K 224 17.86 -24.13 90.59
N VAL K 225 19.15 -23.89 90.47
CA VAL K 225 20.08 -24.97 90.25
C VAL K 225 21.27 -24.79 91.10
N SER K 226 21.06 -24.47 92.37
CA SER K 226 22.23 -24.14 93.22
C SER K 226 23.27 -25.24 93.15
N PRO K 227 24.55 -25.00 93.43
CA PRO K 227 25.50 -26.11 93.62
C PRO K 227 25.66 -26.61 95.07
N SER K 228 26.30 -27.76 95.17
CA SER K 228 26.63 -28.40 96.43
C SER K 228 27.57 -27.49 97.18
N GLY K 229 27.32 -27.35 98.48
CA GLY K 229 28.18 -26.57 99.38
C GLY K 229 27.44 -25.32 99.78
N SER K 230 26.67 -24.76 98.84
CA SER K 230 25.67 -23.71 99.13
C SER K 230 24.36 -24.38 99.58
N SER K 240 15.20 -24.03 100.25
CA SER K 240 15.46 -23.97 98.79
C SER K 240 14.58 -24.99 98.08
N GLY K 241 13.62 -24.49 97.28
CA GLY K 241 12.68 -25.41 96.64
C GLY K 241 13.23 -26.22 95.44
N GLY K 242 14.46 -25.82 94.97
CA GLY K 242 14.99 -26.26 93.68
C GLY K 242 15.75 -27.60 93.63
N PHE K 243 16.75 -27.60 92.76
CA PHE K 243 17.55 -28.79 92.50
C PHE K 243 19.02 -28.47 92.65
N THR K 244 19.75 -29.29 93.39
CA THR K 244 21.20 -29.06 93.59
C THR K 244 21.99 -29.92 92.66
N LEU K 245 22.75 -29.35 91.78
CA LEU K 245 23.51 -30.21 90.89
C LEU K 245 24.79 -30.62 91.54
N GLU K 246 25.56 -31.47 90.87
CA GLU K 246 26.93 -31.87 91.30
C GLU K 246 27.94 -31.05 90.60
N ASP K 247 29.09 -31.05 91.20
CA ASP K 247 29.98 -29.96 90.87
C ASP K 247 30.53 -30.08 89.46
N ALA K 248 30.82 -31.29 89.01
CA ALA K 248 31.43 -31.43 87.69
C ALA K 248 30.52 -30.91 86.61
N LEU K 249 29.25 -31.32 86.68
CA LEU K 249 28.23 -30.78 85.76
C LEU K 249 28.06 -29.26 85.90
N PHE K 250 27.97 -28.76 87.13
CA PHE K 250 27.75 -27.34 87.42
C PHE K 250 28.79 -26.56 86.71
N GLY K 251 29.99 -27.09 86.76
CA GLY K 251 31.12 -26.48 86.13
C GLY K 251 31.06 -26.61 84.65
N LEU K 252 30.57 -27.69 84.17
CA LEU K 252 30.42 -27.72 82.73
C LEU K 252 29.43 -26.66 82.21
N LEU K 253 28.30 -26.48 82.87
CA LEU K 253 27.28 -25.66 82.26
C LEU K 253 27.43 -24.20 82.55
N PHE K 254 27.70 -23.83 83.79
CA PHE K 254 27.71 -22.39 84.18
C PHE K 254 29.12 -21.77 84.35
N GLY K 255 30.17 -22.56 84.30
CA GLY K 255 31.54 -22.01 84.18
C GLY K 255 32.18 -21.73 85.50
N ALA K 256 33.28 -21.03 85.42
CA ALA K 256 34.14 -20.79 86.58
C ALA K 256 33.57 -19.73 87.49
N ASP K 257 32.98 -18.77 86.86
CA ASP K 257 32.36 -17.72 87.63
C ASP K 257 31.39 -18.30 88.61
N ALA K 258 30.47 -19.08 88.11
CA ALA K 258 29.42 -19.64 88.96
C ALA K 258 30.00 -20.63 89.94
N THR K 259 31.01 -21.37 89.50
CA THR K 259 31.56 -22.36 90.40
C THR K 259 32.11 -21.58 91.57
N LEU K 260 32.92 -20.56 91.30
CA LEU K 260 33.72 -19.89 92.37
C LEU K 260 32.89 -19.06 93.32
N LEU K 261 31.93 -18.31 92.77
CA LEU K 261 31.07 -17.52 93.65
C LEU K 261 30.14 -18.46 94.39
N GLN K 262 30.06 -19.72 93.97
CA GLN K 262 29.13 -20.67 94.52
C GLN K 262 27.72 -20.03 94.50
N SER K 263 27.39 -19.54 93.32
CA SER K 263 26.17 -18.79 93.01
C SER K 263 25.04 -19.69 92.55
N PRO K 264 23.84 -19.64 93.10
CA PRO K 264 22.73 -20.30 92.45
C PRO K 264 22.60 -19.83 91.03
N VAL K 265 22.05 -20.65 90.17
CA VAL K 265 21.76 -20.27 88.80
C VAL K 265 20.29 -20.44 88.51
N VAL K 266 19.69 -19.59 87.64
CA VAL K 266 18.26 -19.67 87.33
C VAL K 266 18.09 -19.94 85.85
N LEU K 267 17.47 -21.08 85.59
CA LEU K 267 17.12 -21.55 84.23
C LEU K 267 15.68 -21.16 83.95
N CYS K 268 15.47 -20.42 82.90
CA CYS K 268 14.14 -20.02 82.51
C CYS K 268 13.97 -20.63 81.17
N GLY K 269 12.98 -21.46 81.14
CA GLY K 269 12.43 -21.87 79.86
C GLY K 269 11.29 -20.96 79.51
N LEU K 270 11.31 -20.50 78.30
CA LEU K 270 10.26 -19.62 77.91
C LEU K 270 9.40 -20.20 76.85
N PRO K 271 8.19 -19.76 76.70
CA PRO K 271 7.33 -20.28 75.66
C PRO K 271 7.84 -20.18 74.24
N ASP K 272 8.81 -19.31 74.07
CA ASP K 272 9.59 -19.26 72.82
C ASP K 272 10.23 -20.61 72.52
N GLY K 273 10.61 -21.32 73.56
CA GLY K 273 11.42 -22.53 73.43
C GLY K 273 12.84 -22.39 73.99
N GLN K 274 13.68 -21.54 73.41
CA GLN K 274 15.02 -21.40 73.98
C GLN K 274 14.99 -21.26 75.49
N LEU K 275 16.04 -21.79 76.13
CA LEU K 275 16.09 -21.92 77.59
C LEU K 275 17.32 -21.26 78.16
N CYS K 276 17.14 -20.12 78.82
CA CYS K 276 18.25 -19.20 79.12
C CYS K 276 18.52 -19.39 80.61
N CYS K 277 19.80 -19.23 81.01
CA CYS K 277 20.19 -19.20 82.44
C CYS K 277 20.77 -17.80 82.79
N VAL K 278 20.65 -17.47 84.06
CA VAL K 278 21.15 -16.22 84.62
C VAL K 278 21.70 -16.52 86.01
N ILE K 279 22.90 -16.01 86.24
CA ILE K 279 23.57 -16.22 87.52
C ILE K 279 23.10 -15.23 88.54
N LEU K 280 22.70 -15.58 89.74
CA LEU K 280 22.16 -14.55 90.64
C LEU K 280 23.19 -13.66 91.24
N LYS K 281 24.24 -14.16 91.78
CA LYS K 281 25.17 -13.23 92.36
C LYS K 281 25.53 -12.19 91.34
N ALA K 282 25.69 -12.54 90.08
CA ALA K 282 26.01 -11.58 89.00
C ALA K 282 24.89 -10.56 88.72
N LEU K 283 23.75 -10.79 89.28
CA LEU K 283 22.59 -9.98 88.97
C LEU K 283 22.28 -9.02 90.09
N VAL K 284 23.11 -8.03 90.19
CA VAL K 284 22.87 -6.92 91.10
C VAL K 284 23.10 -5.65 90.30
N THR K 285 22.09 -4.80 90.34
CA THR K 285 21.96 -3.69 89.41
C THR K 285 21.28 -2.55 90.16
N SER K 286 21.28 -1.41 89.49
CA SER K 286 20.69 -0.20 90.05
C SER K 286 20.44 0.81 88.96
N ARG K 287 19.84 1.92 89.39
CA ARG K 287 19.56 2.96 88.44
C ARG K 287 20.86 3.58 88.02
N SER K 288 21.92 3.48 88.81
CA SER K 288 23.25 3.94 88.38
C SER K 288 24.04 2.82 87.69
N ALA K 289 23.50 1.60 87.73
CA ALA K 289 24.17 0.38 87.31
C ALA K 289 23.17 -0.59 86.69
N PRO K 290 22.73 -0.36 85.46
CA PRO K 290 21.67 -1.20 84.89
C PRO K 290 22.19 -2.54 84.42
N GLY K 291 21.37 -3.57 84.57
CA GLY K 291 21.81 -4.92 84.25
C GLY K 291 21.97 -5.08 82.75
N ASP K 292 23.12 -5.54 82.30
CA ASP K 292 23.40 -5.66 80.86
C ASP K 292 22.96 -7.03 80.40
N PRO K 293 22.00 -7.10 79.48
CA PRO K 293 21.50 -8.40 79.06
C PRO K 293 22.55 -9.23 78.32
N ASN K 294 23.23 -8.65 77.34
CA ASN K 294 24.06 -9.49 76.50
C ASN K 294 25.21 -10.12 77.26
N ALA K 295 25.59 -9.50 78.37
CA ALA K 295 26.57 -10.12 79.29
C ALA K 295 25.98 -11.12 80.27
N LEU K 296 24.82 -10.81 80.84
CA LEU K 296 24.36 -11.38 82.10
C LEU K 296 23.44 -12.57 81.88
N VAL K 297 22.70 -12.62 80.78
CA VAL K 297 21.80 -13.75 80.51
C VAL K 297 22.26 -14.50 79.28
N LYS K 298 22.36 -15.82 79.40
CA LYS K 298 22.92 -16.66 78.34
C LYS K 298 22.04 -17.91 78.21
N ILE K 299 22.24 -18.61 77.12
CA ILE K 299 21.24 -19.46 76.51
C ILE K 299 21.81 -20.84 76.22
N LEU K 300 21.39 -21.84 76.99
CA LEU K 300 21.93 -23.20 76.87
C LEU K 300 21.61 -23.77 75.52
N HIS K 301 20.33 -23.87 75.22
CA HIS K 301 19.88 -24.69 74.09
C HIS K 301 18.58 -24.13 73.53
N HIS K 302 18.45 -24.29 72.22
CA HIS K 302 17.27 -23.80 71.53
C HIS K 302 16.49 -25.00 71.12
N LEU K 303 15.60 -25.44 72.01
CA LEU K 303 14.43 -26.24 71.64
C LEU K 303 13.60 -25.42 70.66
N GLU K 304 13.03 -26.10 69.71
CA GLU K 304 12.22 -25.45 68.71
C GLU K 304 10.87 -25.03 69.33
N GLU K 305 10.44 -25.77 70.35
CA GLU K 305 9.03 -25.84 70.75
C GLU K 305 8.94 -25.34 72.17
N PRO K 306 7.73 -25.03 72.65
CA PRO K 306 7.58 -24.48 73.98
C PRO K 306 8.17 -25.43 75.00
N VAL K 307 8.23 -24.98 76.25
CA VAL K 307 8.93 -25.70 77.32
C VAL K 307 7.95 -25.97 78.43
N ILE K 308 8.03 -27.20 78.94
CA ILE K 308 7.09 -27.71 79.91
C ILE K 308 7.66 -28.03 81.27
N PHE K 309 8.86 -28.51 81.29
CA PHE K 309 9.46 -28.92 82.54
C PHE K 309 10.97 -28.93 82.46
N ILE K 310 11.63 -28.45 83.48
CA ILE K 310 13.06 -28.63 83.57
C ILE K 310 13.32 -29.32 84.89
N GLY K 311 14.21 -30.29 84.90
CA GLY K 311 14.50 -30.97 86.15
C GLY K 311 15.91 -31.46 86.17
N ALA K 312 16.20 -32.26 87.20
CA ALA K 312 17.51 -32.93 87.34
C ALA K 312 17.34 -34.27 88.05
N LEU K 313 18.19 -35.18 87.62
CA LEU K 313 18.08 -36.59 87.95
C LEU K 313 19.36 -37.19 88.48
N LYS K 314 19.23 -38.16 89.38
CA LYS K 314 20.38 -38.97 89.79
C LYS K 314 20.40 -40.22 88.94
N THR K 315 21.01 -40.13 87.79
CA THR K 315 21.49 -41.34 87.12
C THR K 315 22.74 -41.87 87.84
N GLU K 316 23.04 -43.17 87.65
CA GLU K 316 24.08 -43.93 88.40
C GLU K 316 23.84 -43.97 89.91
N PRO K 317 22.64 -44.35 90.42
CA PRO K 317 22.36 -44.36 91.86
C PRO K 317 22.98 -45.60 92.53
N GLN K 318 24.29 -45.69 92.42
CA GLN K 318 24.94 -47.00 92.48
C GLN K 318 25.87 -47.04 93.69
N GLU K 330 17.05 -36.02 101.22
CA GLU K 330 16.50 -35.16 100.14
C GLU K 330 17.59 -34.55 99.26
N ASP K 331 18.66 -34.02 99.87
CA ASP K 331 19.68 -33.31 99.09
C ASP K 331 20.51 -34.32 98.33
N VAL K 332 20.01 -34.66 97.15
CA VAL K 332 20.63 -35.63 96.25
C VAL K 332 21.43 -34.84 95.27
N HIS K 333 22.66 -35.22 95.05
CA HIS K 333 23.49 -34.41 94.17
C HIS K 333 23.25 -34.89 92.76
N CYS K 334 22.31 -34.24 92.13
CA CYS K 334 21.83 -34.68 90.83
C CYS K 334 22.92 -34.59 89.82
N ASP K 335 22.70 -35.22 88.73
CA ASP K 335 23.76 -35.37 87.77
C ASP K 335 23.35 -35.06 86.39
N CYS K 336 22.06 -34.95 86.19
CA CYS K 336 21.46 -35.00 84.87
C CYS K 336 20.56 -33.82 84.76
N LEU K 337 20.53 -33.26 83.57
CA LEU K 337 19.63 -32.15 83.31
C LEU K 337 18.59 -32.56 82.28
N VAL K 338 17.36 -32.30 82.60
CA VAL K 338 16.27 -32.64 81.74
C VAL K 338 15.48 -31.40 81.36
N ALA K 339 15.23 -31.19 80.07
CA ALA K 339 14.23 -30.26 79.53
C ALA K 339 13.21 -31.00 78.69
N PHE K 340 12.04 -30.47 78.44
CA PHE K 340 10.93 -31.23 77.83
C PHE K 340 10.06 -30.33 77.00
N GLY K 341 9.90 -30.69 75.76
CA GLY K 341 9.12 -29.85 74.88
C GLY K 341 7.66 -30.17 75.02
N HIS K 342 6.83 -29.28 74.54
CA HIS K 342 5.40 -29.57 74.41
C HIS K 342 5.20 -30.74 73.50
N HIS K 343 5.83 -30.69 72.33
CA HIS K 343 5.64 -31.70 71.28
C HIS K 343 6.48 -32.92 71.49
N GLY K 344 7.32 -32.92 72.52
CA GLY K 344 7.97 -34.12 73.00
C GLY K 344 9.43 -34.20 72.67
N ARG K 345 10.07 -33.15 72.24
CA ARG K 345 11.52 -33.18 72.32
C ARG K 345 11.96 -33.12 73.77
N MET K 346 12.42 -34.24 74.31
CA MET K 346 13.17 -34.25 75.58
C MET K 346 14.63 -34.00 75.27
N LEU K 347 15.31 -33.43 76.25
CA LEU K 347 16.73 -33.13 76.12
C LEU K 347 17.33 -33.38 77.45
N ALA K 348 18.38 -34.13 77.38
CA ALA K 348 19.13 -34.51 78.55
C ALA K 348 20.60 -34.15 78.35
N ILE K 349 21.21 -33.73 79.46
CA ILE K 349 22.62 -33.38 79.48
C ILE K 349 23.26 -33.97 80.71
N LYS K 350 24.50 -34.43 80.53
CA LYS K 350 25.32 -34.97 81.59
C LYS K 350 26.77 -34.79 81.24
N ALA K 351 27.61 -34.88 82.25
CA ALA K 351 29.04 -34.61 82.13
C ALA K 351 29.75 -35.88 81.82
N SER K 352 30.73 -35.76 80.96
CA SER K 352 31.47 -36.92 80.42
C SER K 352 32.92 -36.97 80.93
N TRP K 353 33.71 -35.91 80.69
CA TRP K 353 35.20 -35.91 80.70
C TRP K 353 35.75 -37.14 79.97
N ASP K 354 35.56 -37.14 78.66
CA ASP K 354 35.82 -38.33 77.85
C ASP K 354 36.75 -37.97 76.70
N GLU K 355 37.65 -38.92 76.41
CA GLU K 355 38.16 -39.19 75.06
C GLU K 355 39.36 -38.32 74.75
N SER K 356 39.54 -37.22 75.48
CA SER K 356 40.70 -36.35 75.25
C SER K 356 41.35 -35.94 76.56
N GLY K 357 40.95 -36.55 77.66
CA GLY K 357 41.20 -35.95 78.96
C GLY K 357 40.65 -34.53 79.01
N LYS K 358 39.37 -34.36 78.70
CA LYS K 358 38.69 -33.06 78.86
C LYS K 358 37.22 -33.30 79.21
N LEU K 359 36.70 -32.39 80.02
CA LEU K 359 35.27 -32.34 80.31
C LEU K 359 34.51 -31.95 79.02
N VAL K 360 33.49 -32.73 78.68
CA VAL K 360 32.62 -32.49 77.52
C VAL K 360 31.18 -32.59 77.96
N PRO K 361 30.26 -31.93 77.26
CA PRO K 361 28.85 -32.15 77.50
C PRO K 361 28.25 -33.24 76.64
N GLU K 362 27.38 -34.00 77.29
CA GLU K 362 26.52 -35.02 76.68
C GLU K 362 25.19 -34.35 76.32
N LEU K 363 24.96 -34.08 75.01
CA LEU K 363 23.62 -33.68 74.53
C LEU K 363 22.90 -34.89 74.06
N ARG K 364 21.62 -34.94 74.37
CA ARG K 364 20.72 -35.88 73.69
C ARG K 364 19.41 -35.16 73.44
N GLU K 365 19.00 -35.08 72.19
CA GLU K 365 17.62 -34.68 71.95
C GLU K 365 16.85 -35.94 71.74
N TYR K 366 16.28 -36.50 72.78
CA TYR K 366 15.30 -37.56 72.51
C TYR K 366 14.03 -36.98 71.91
N CYS K 367 13.17 -37.89 71.46
CA CYS K 367 11.89 -37.53 70.89
C CYS K 367 10.85 -38.55 71.30
N LEU K 368 10.17 -38.19 72.34
CA LEU K 368 9.05 -38.99 72.80
C LEU K 368 7.86 -38.67 71.96
N PRO K 369 6.87 -39.52 72.02
CA PRO K 369 5.67 -39.18 71.37
C PRO K 369 4.88 -38.18 72.17
N GLY K 370 3.98 -37.53 71.41
CA GLY K 370 2.75 -36.96 71.90
C GLY K 370 2.95 -35.48 72.08
N PRO K 371 1.88 -34.76 72.30
CA PRO K 371 1.95 -33.57 73.13
C PRO K 371 2.11 -33.93 74.60
N VAL K 372 3.19 -33.53 75.20
CA VAL K 372 3.39 -33.75 76.61
C VAL K 372 2.67 -32.71 77.39
N LEU K 373 2.17 -33.10 78.51
CA LEU K 373 1.28 -32.25 79.25
C LEU K 373 1.89 -31.87 80.54
N CYS K 374 2.62 -32.67 81.21
CA CYS K 374 3.15 -32.28 82.49
C CYS K 374 4.36 -33.14 82.66
N ALA K 375 5.19 -32.94 83.66
CA ALA K 375 6.31 -33.83 83.96
C ALA K 375 6.74 -33.69 85.40
N ALA K 376 7.51 -34.61 85.88
CA ALA K 376 7.98 -34.62 87.27
C ALA K 376 9.26 -35.45 87.29
N CYS K 377 9.74 -35.86 88.45
CA CYS K 377 11.00 -36.60 88.50
C CYS K 377 10.88 -37.56 89.63
N GLY K 378 11.24 -38.80 89.46
CA GLY K 378 11.15 -39.73 90.58
C GLY K 378 12.48 -40.38 90.89
N GLY K 379 12.55 -41.14 91.97
CA GLY K 379 13.82 -41.67 92.45
C GLY K 379 14.56 -42.37 91.34
N GLY K 380 15.63 -41.78 90.86
CA GLY K 380 16.65 -42.54 90.19
C GLY K 380 16.42 -42.50 88.72
N GLY K 381 16.34 -41.33 88.15
CA GLY K 381 16.42 -41.20 86.71
C GLY K 381 15.16 -41.58 85.96
N ARG K 382 14.11 -41.83 86.69
CA ARG K 382 12.81 -42.07 86.08
C ARG K 382 12.14 -40.72 85.92
N VAL K 383 11.40 -40.45 84.84
CA VAL K 383 10.73 -39.14 84.56
C VAL K 383 9.29 -39.38 84.24
N TYR K 384 8.35 -39.22 85.18
CA TYR K 384 6.96 -39.52 84.88
C TYR K 384 6.38 -38.41 84.05
N HIS K 385 6.03 -38.66 82.77
CA HIS K 385 5.33 -37.68 81.98
C HIS K 385 4.00 -38.19 81.56
N SER K 386 3.16 -37.36 80.98
CA SER K 386 1.73 -37.63 80.72
C SER K 386 1.33 -37.17 79.34
N THR K 387 1.35 -38.01 78.37
CA THR K 387 0.90 -37.65 77.02
C THR K 387 -0.60 -37.42 77.12
N PRO K 388 -1.33 -37.09 76.04
CA PRO K 388 -2.81 -37.03 76.16
C PRO K 388 -3.56 -38.34 76.29
N SER K 389 -2.88 -39.43 76.04
CA SER K 389 -3.46 -40.75 76.06
C SER K 389 -3.38 -41.30 77.48
N ASP K 390 -2.20 -41.27 78.13
CA ASP K 390 -1.91 -42.03 79.38
C ASP K 390 -0.68 -41.51 80.08
N LEU K 391 -0.58 -41.80 81.34
CA LEU K 391 0.62 -41.47 82.14
C LEU K 391 1.74 -42.39 81.84
N CYS K 392 2.73 -41.96 81.14
CA CYS K 392 3.80 -42.84 80.69
C CYS K 392 4.99 -42.71 81.62
N VAL K 393 6.18 -43.29 81.28
CA VAL K 393 7.38 -43.20 82.16
C VAL K 393 8.64 -43.60 81.45
N VAL K 394 9.73 -42.96 81.79
CA VAL K 394 10.95 -43.02 81.00
C VAL K 394 12.02 -43.19 81.96
N ASP K 395 13.01 -43.98 81.62
CA ASP K 395 14.11 -44.17 82.57
C ASP K 395 15.40 -43.78 81.89
N LEU K 396 16.22 -43.04 82.59
CA LEU K 396 17.55 -42.72 82.12
C LEU K 396 18.57 -43.54 82.92
N SER K 397 18.22 -44.02 84.11
CA SER K 397 19.14 -44.64 85.07
C SER K 397 19.74 -45.88 84.44
N ARG K 398 21.04 -46.04 84.63
CA ARG K 398 21.76 -47.23 84.18
C ARG K 398 22.12 -48.13 85.39
N GLN K 407 28.69 -46.46 77.96
CA GLN K 407 28.55 -45.06 77.56
C GLN K 407 27.65 -44.34 78.57
N PRO K 408 27.47 -43.01 78.43
CA PRO K 408 26.42 -42.34 79.18
C PRO K 408 24.99 -42.72 78.80
N GLU K 409 24.10 -41.87 79.30
CA GLU K 409 22.67 -42.12 79.61
C GLU K 409 21.93 -43.21 78.83
N GLU K 410 21.58 -42.97 77.56
CA GLU K 410 20.70 -43.88 76.85
C GLU K 410 20.83 -43.69 75.35
N GLY K 411 20.86 -44.74 74.55
CA GLY K 411 20.91 -44.59 73.11
C GLY K 411 19.56 -44.13 72.58
N PRO K 412 18.44 -44.88 72.78
CA PRO K 412 17.05 -44.38 72.54
C PRO K 412 16.18 -44.25 73.79
N GLY K 413 15.19 -43.38 73.83
CA GLY K 413 14.32 -43.41 75.01
C GLY K 413 13.08 -44.29 74.75
N GLY K 414 12.91 -45.52 75.32
CA GLY K 414 11.72 -46.43 75.11
C GLY K 414 10.79 -46.55 76.32
N LEU K 415 9.49 -46.14 76.25
CA LEU K 415 8.74 -45.51 77.37
C LEU K 415 7.33 -46.01 77.68
N PRO K 416 7.23 -46.91 78.66
CA PRO K 416 6.05 -47.79 78.84
C PRO K 416 5.02 -46.93 79.53
N PRO K 417 3.79 -47.04 79.12
CA PRO K 417 2.71 -46.55 79.96
C PRO K 417 2.55 -47.33 81.22
N MET K 418 1.83 -46.71 82.07
CA MET K 418 1.47 -47.27 83.35
C MET K 418 -0.01 -47.35 83.50
N LEU K 419 -0.73 -47.21 82.41
CA LEU K 419 -2.15 -47.46 82.40
C LEU K 419 -2.90 -46.57 83.38
N CYS K 420 -2.70 -45.26 83.32
CA CYS K 420 -3.51 -44.24 84.01
C CYS K 420 -3.82 -43.21 82.97
N PRO K 421 -4.81 -42.35 83.24
CA PRO K 421 -5.41 -41.59 82.15
C PRO K 421 -4.55 -40.39 81.85
N ALA K 422 -5.01 -39.49 81.01
CA ALA K 422 -4.25 -38.29 80.84
C ALA K 422 -4.41 -37.62 82.20
N SER K 423 -3.51 -37.88 83.09
CA SER K 423 -3.20 -36.96 84.17
C SER K 423 -2.24 -35.96 83.61
N LEU K 424 -2.69 -34.71 83.57
CA LEU K 424 -1.86 -33.46 83.74
C LEU K 424 -1.89 -32.85 85.15
N ASN K 425 -0.80 -32.12 85.46
CA ASN K 425 -0.38 -31.86 86.82
C ASN K 425 -0.03 -33.02 87.71
N ILE K 426 1.19 -33.44 87.58
CA ILE K 426 1.70 -34.62 88.28
C ILE K 426 2.66 -34.16 89.32
N CYS K 427 2.61 -34.71 90.51
CA CYS K 427 3.68 -34.41 91.48
C CYS K 427 4.22 -35.67 92.07
N SER K 428 5.51 -35.70 92.37
CA SER K 428 6.16 -36.95 92.82
C SER K 428 6.91 -36.78 94.13
N VAL K 429 6.29 -37.20 95.23
CA VAL K 429 7.00 -37.35 96.51
C VAL K 429 7.64 -38.74 96.52
N VAL K 430 8.80 -38.86 97.19
CA VAL K 430 9.55 -40.13 97.31
C VAL K 430 9.39 -40.69 98.73
N SER K 431 9.41 -42.03 98.82
CA SER K 431 9.19 -42.77 100.08
C SER K 431 10.54 -43.19 100.68
N THR K 443 7.12 -45.88 94.56
CA THR K 443 7.04 -44.39 94.64
C THR K 443 5.63 -43.85 94.45
N LYS K 444 5.28 -42.85 95.24
CA LYS K 444 3.89 -42.52 95.49
C LYS K 444 3.63 -41.14 94.97
N LEU K 445 3.06 -41.05 93.79
CA LEU K 445 2.87 -39.78 93.16
C LEU K 445 1.44 -39.32 93.19
N LEU K 446 1.21 -37.99 93.06
CA LEU K 446 -0.10 -37.33 93.20
C LEU K 446 -0.38 -36.61 91.94
N ALA K 447 -1.63 -36.70 91.51
CA ALA K 447 -1.98 -36.24 90.15
C ALA K 447 -3.42 -35.67 90.15
N LEU K 448 -3.68 -34.83 89.16
CA LEU K 448 -5.02 -34.48 88.82
C LEU K 448 -5.43 -34.96 87.42
N SER K 449 -6.44 -35.83 87.36
CA SER K 449 -6.93 -36.45 86.13
C SER K 449 -7.61 -35.42 85.34
N ALA K 450 -7.42 -35.45 84.04
CA ALA K 450 -8.01 -34.50 83.14
C ALA K 450 -9.49 -34.58 83.16
N LYS K 451 -10.11 -35.63 83.67
CA LYS K 451 -11.54 -35.55 84.03
C LYS K 451 -11.79 -34.67 85.27
N GLY K 452 -10.74 -34.44 86.03
CA GLY K 452 -10.67 -33.37 87.00
C GLY K 452 -10.61 -33.95 88.36
N ARG K 453 -10.09 -35.14 88.48
CA ARG K 453 -10.23 -35.85 89.72
C ARG K 453 -8.89 -35.73 90.39
N LEU K 454 -8.89 -35.78 91.71
CA LEU K 454 -7.63 -35.82 92.49
C LEU K 454 -7.33 -37.26 92.81
N MET K 455 -6.17 -37.78 92.44
CA MET K 455 -5.92 -39.14 92.80
C MET K 455 -4.49 -39.40 93.07
N THR K 456 -4.26 -40.33 94.00
CA THR K 456 -2.96 -40.63 94.61
C THR K 456 -2.42 -41.95 94.15
N CYS K 457 -1.80 -41.99 93.00
CA CYS K 457 -1.37 -43.25 92.46
C CYS K 457 -0.19 -43.71 93.26
N SER K 458 -0.25 -44.92 93.81
CA SER K 458 0.81 -45.51 94.66
C SER K 458 1.34 -46.69 93.85
N LEU K 459 2.31 -46.45 92.99
CA LEU K 459 2.91 -47.50 92.16
C LEU K 459 3.77 -48.47 92.95
N ASP K 460 4.19 -49.53 92.26
CA ASP K 460 5.07 -50.60 92.79
C ASP K 460 6.02 -51.08 91.70
N MET K 471 -1.71 -70.35 95.47
CA MET K 471 -2.76 -70.78 94.53
C MET K 471 -3.94 -71.45 95.24
N THR K 472 -5.02 -71.66 94.50
CA THR K 472 -6.29 -72.23 95.00
C THR K 472 -6.80 -73.29 94.04
N THR K 473 -8.07 -73.64 94.21
CA THR K 473 -8.84 -74.71 93.58
C THR K 473 -9.66 -74.11 92.42
N GLU K 474 -10.77 -74.75 92.08
CA GLU K 474 -11.76 -74.39 91.05
C GLU K 474 -11.94 -72.87 90.85
N SER K 475 -11.55 -72.08 91.85
CA SER K 475 -11.41 -70.63 91.66
C SER K 475 -10.27 -70.33 90.69
N ALA K 476 -9.26 -71.19 90.66
CA ALA K 476 -8.25 -71.16 89.59
C ALA K 476 -8.94 -71.34 88.23
N GLY K 477 -9.94 -72.21 88.14
CA GLY K 477 -10.71 -72.38 86.90
C GLY K 477 -11.42 -71.11 86.49
N GLN K 478 -12.01 -70.40 87.46
CA GLN K 478 -12.57 -69.08 87.16
C GLN K 478 -11.47 -68.11 86.68
N LYS K 479 -10.30 -68.18 87.26
CA LYS K 479 -9.19 -67.33 86.81
C LYS K 479 -8.88 -67.62 85.35
N ILE K 480 -8.74 -68.90 85.02
CA ILE K 480 -8.53 -69.34 83.63
C ILE K 480 -9.59 -68.72 82.74
N LYS K 481 -10.84 -68.79 83.17
CA LYS K 481 -11.96 -68.29 82.37
C LYS K 481 -11.78 -66.82 82.07
N GLU K 482 -11.46 -66.05 83.10
CA GLU K 482 -11.30 -64.60 82.94
C GLU K 482 -10.18 -64.32 81.95
N LEU K 483 -9.06 -64.99 82.09
CA LEU K 483 -7.96 -64.71 81.17
C LEU K 483 -8.35 -65.06 79.75
N LEU K 484 -9.05 -66.18 79.55
CA LEU K 484 -9.42 -66.57 78.18
C LEU K 484 -10.37 -65.57 77.59
N SER K 485 -11.32 -65.09 78.38
CA SER K 485 -12.26 -64.05 77.90
C SER K 485 -11.49 -62.80 77.50
N GLY K 486 -10.51 -62.43 78.30
CA GLY K 486 -9.67 -61.29 78.02
C GLY K 486 -8.97 -61.40 76.69
N ILE K 487 -8.38 -62.53 76.44
CA ILE K 487 -7.56 -62.59 75.23
C ILE K 487 -8.48 -62.54 74.02
N GLY K 488 -9.64 -63.16 74.13
CA GLY K 488 -10.64 -63.13 73.06
C GLY K 488 -11.11 -61.73 72.81
N ASN K 489 -11.24 -60.92 73.87
CA ASN K 489 -11.69 -59.53 73.68
C ASN K 489 -10.64 -58.80 72.88
N ILE K 490 -9.40 -58.96 73.24
CA ILE K 490 -8.37 -58.09 72.65
C ILE K 490 -8.07 -58.51 71.25
N SER K 491 -8.09 -59.79 71.00
CA SER K 491 -7.70 -60.29 69.69
C SER K 491 -8.52 -59.65 68.57
N GLU K 492 -9.80 -59.41 68.84
CA GLU K 492 -10.71 -58.91 67.81
C GLU K 492 -10.34 -57.50 67.41
N ARG K 493 -9.67 -56.78 68.30
CA ARG K 493 -9.24 -55.45 67.94
C ARG K 493 -7.95 -55.59 67.20
N VAL K 494 -7.11 -56.51 67.60
CA VAL K 494 -5.82 -56.60 66.91
C VAL K 494 -6.13 -56.94 65.49
N SER K 495 -7.10 -57.82 65.33
CA SER K 495 -7.66 -58.15 64.02
C SER K 495 -7.95 -56.87 63.25
N PHE K 496 -8.84 -56.04 63.83
CA PHE K 496 -9.27 -54.82 63.14
C PHE K 496 -8.08 -53.97 62.68
N LEU K 497 -7.09 -53.86 63.52
CA LEU K 497 -5.98 -53.00 63.16
C LEU K 497 -5.18 -53.62 62.06
N LYS K 498 -5.08 -54.93 61.99
CA LYS K 498 -4.32 -55.47 60.85
C LYS K 498 -5.00 -55.04 59.56
N LYS K 499 -6.32 -55.12 59.50
CA LYS K 499 -7.03 -54.79 58.26
C LYS K 499 -6.83 -53.33 57.92
N ALA K 500 -6.83 -52.51 58.93
CA ALA K 500 -6.52 -51.13 58.68
C ALA K 500 -5.15 -51.05 58.01
N VAL K 501 -4.22 -51.82 58.50
CA VAL K 501 -2.87 -51.64 58.00
C VAL K 501 -2.89 -52.06 56.56
N ASP K 502 -3.65 -53.10 56.26
CA ASP K 502 -3.70 -53.60 54.88
C ASP K 502 -4.23 -52.53 53.94
N GLN K 503 -5.19 -51.73 54.39
CA GLN K 503 -5.70 -50.67 53.49
C GLN K 503 -4.61 -49.63 53.28
N ARG K 504 -3.93 -49.20 54.34
CA ARG K 504 -2.95 -48.14 54.13
C ARG K 504 -1.81 -48.66 53.34
N ASN K 505 -1.56 -49.92 53.47
CA ASN K 505 -0.55 -50.51 52.61
C ASN K 505 -0.93 -50.45 51.16
N LYS K 506 -2.17 -50.83 50.88
CA LYS K 506 -2.68 -50.84 49.51
C LYS K 506 -2.46 -49.47 48.90
N ALA K 507 -2.75 -48.48 49.70
CA ALA K 507 -2.55 -47.09 49.30
C ALA K 507 -1.12 -46.86 48.88
N LEU K 508 -0.20 -47.26 49.72
CA LEU K 508 1.15 -46.93 49.38
C LEU K 508 1.53 -47.59 48.08
N THR K 509 1.09 -48.79 47.82
CA THR K 509 1.53 -49.48 46.62
C THR K 509 1.04 -48.70 45.45
N SER K 510 -0.25 -48.32 45.50
CA SER K 510 -0.94 -47.51 44.45
C SER K 510 -0.14 -46.24 44.18
N LEU K 511 0.05 -45.48 45.25
CA LEU K 511 0.78 -44.22 45.20
C LEU K 511 2.09 -44.46 44.52
N ASN K 512 2.72 -45.59 44.86
CA ASN K 512 4.05 -45.89 44.32
C ASN K 512 3.92 -45.93 42.81
N GLU K 513 2.89 -46.59 42.33
CA GLU K 513 2.74 -46.73 40.89
C GLU K 513 2.60 -45.34 40.33
N ALA K 514 1.83 -44.54 41.03
CA ALA K 514 1.65 -43.18 40.56
C ALA K 514 3.00 -42.49 40.44
N MET K 515 3.83 -42.59 41.46
CA MET K 515 5.10 -41.86 41.46
C MET K 515 6.04 -42.36 40.40
N ASN K 516 5.96 -43.63 40.13
CA ASN K 516 6.76 -44.17 39.05
C ASN K 516 6.28 -43.64 37.71
N VAL K 517 4.96 -43.57 37.49
CA VAL K 517 4.44 -43.05 36.21
C VAL K 517 4.83 -41.60 36.07
N SER K 518 4.59 -40.85 37.14
CA SER K 518 4.87 -39.42 37.15
C SER K 518 6.31 -39.23 36.71
N CYS K 519 7.22 -39.87 37.41
CA CYS K 519 8.64 -39.66 37.15
C CYS K 519 8.99 -40.04 35.72
N ALA K 520 8.45 -41.16 35.22
CA ALA K 520 8.68 -41.56 33.83
C ALA K 520 8.18 -40.49 32.87
N LEU K 521 7.04 -39.86 33.12
CA LEU K 521 6.58 -38.89 32.11
C LEU K 521 7.40 -37.60 32.09
N LEU K 522 7.92 -37.17 33.23
CA LEU K 522 8.65 -35.90 33.20
C LEU K 522 10.06 -36.13 32.71
N SER K 523 10.64 -37.27 33.08
CA SER K 523 11.95 -37.67 32.53
C SER K 523 11.87 -37.49 31.01
N SER K 524 13.03 -37.44 30.37
CA SER K 524 13.04 -37.56 28.91
C SER K 524 13.61 -38.94 28.57
N GLY K 525 12.71 -39.86 28.18
CA GLY K 525 13.08 -41.22 27.77
C GLY K 525 13.81 -41.23 26.43
N THR K 526 13.71 -40.08 25.73
CA THR K 526 14.22 -39.78 24.38
C THR K 526 13.18 -40.36 23.40
N GLY K 527 12.18 -41.03 23.96
CA GLY K 527 11.00 -41.55 23.27
C GLY K 527 9.83 -41.50 24.23
N PRO K 528 8.81 -40.69 23.92
CA PRO K 528 7.74 -40.48 24.90
C PRO K 528 6.82 -41.69 25.07
N ARG K 529 7.31 -42.76 25.68
CA ARG K 529 6.47 -43.94 25.53
C ARG K 529 6.11 -44.62 26.83
N PRO K 530 6.01 -43.93 27.97
CA PRO K 530 5.24 -44.54 29.05
C PRO K 530 3.76 -44.64 28.67
N ILE K 531 3.22 -43.48 28.29
CA ILE K 531 1.83 -43.30 27.85
C ILE K 531 1.84 -42.42 26.61
N SER K 532 1.07 -42.78 25.61
CA SER K 532 0.98 -41.93 24.43
C SER K 532 -0.47 -41.68 24.14
N CYS K 533 -0.73 -40.63 23.36
CA CYS K 533 -2.07 -40.29 22.86
C CYS K 533 -1.98 -39.66 21.49
N THR K 534 -2.42 -40.38 20.48
CA THR K 534 -2.55 -39.77 19.16
C THR K 534 -3.94 -39.20 19.04
N THR K 535 -4.08 -38.19 18.21
CA THR K 535 -5.37 -37.72 17.71
C THR K 535 -5.35 -37.81 16.20
N SER K 536 -6.52 -37.85 15.60
CA SER K 536 -6.64 -38.02 14.14
C SER K 536 -8.00 -37.54 13.66
N THR K 537 -7.96 -36.70 12.64
CA THR K 537 -9.13 -35.95 12.15
C THR K 537 -9.79 -36.75 11.05
N THR K 538 -11.11 -36.67 10.99
CA THR K 538 -11.90 -37.48 10.05
C THR K 538 -13.08 -36.66 9.56
N TRP K 539 -14.08 -37.29 8.97
CA TRP K 539 -15.29 -36.57 8.65
C TRP K 539 -16.48 -37.47 8.79
N SER K 540 -17.51 -37.01 9.42
CA SER K 540 -18.71 -37.81 9.57
C SER K 540 -19.87 -37.03 9.01
N ARG K 541 -21.08 -37.51 9.25
CA ARG K 541 -22.30 -36.94 8.67
C ARG K 541 -23.40 -36.92 9.72
N LEU K 542 -24.01 -35.76 9.89
CA LEU K 542 -25.03 -35.58 10.91
C LEU K 542 -26.18 -34.80 10.31
N GLN K 543 -27.20 -35.54 9.94
CA GLN K 543 -28.54 -35.00 9.67
C GLN K 543 -28.55 -34.43 8.27
N THR K 544 -27.63 -33.52 8.03
CA THR K 544 -27.43 -32.96 6.70
C THR K 544 -25.99 -32.54 6.46
N GLN K 545 -25.27 -32.21 7.50
CA GLN K 545 -24.01 -31.48 7.34
C GLN K 545 -22.88 -32.42 7.64
N ASP K 546 -21.79 -32.20 6.93
CA ASP K 546 -20.58 -32.93 7.26
C ASP K 546 -20.04 -32.31 8.54
N VAL K 547 -19.53 -33.14 9.44
CA VAL K 547 -18.95 -32.68 10.70
C VAL K 547 -17.49 -33.07 10.69
N LEU K 548 -16.68 -32.39 11.47
CA LEU K 548 -15.27 -32.76 11.57
C LEU K 548 -14.96 -33.29 12.96
N MET K 549 -14.53 -34.53 13.05
CA MET K 549 -14.31 -35.20 14.33
C MET K 549 -12.86 -35.53 14.51
N ALA K 550 -12.42 -35.37 15.78
CA ALA K 550 -11.09 -35.75 16.27
C ALA K 550 -11.21 -37.00 17.12
N THR K 551 -10.56 -38.08 16.70
CA THR K 551 -10.39 -39.25 17.53
C THR K 551 -9.16 -39.00 18.39
N CYS K 552 -9.33 -39.28 19.67
CA CYS K 552 -8.26 -39.23 20.63
C CYS K 552 -8.05 -40.62 21.22
N VAL K 553 -6.99 -41.27 20.79
CA VAL K 553 -6.63 -42.63 21.18
C VAL K 553 -5.64 -42.52 22.28
N LEU K 554 -5.90 -43.20 23.37
CA LEU K 554 -4.92 -43.33 24.46
C LEU K 554 -4.31 -44.72 24.40
N GLU K 555 -2.98 -44.82 24.29
CA GLU K 555 -2.24 -46.09 24.15
C GLU K 555 -1.27 -46.22 25.29
N ASN K 556 -1.27 -47.37 25.95
CA ASN K 556 -0.30 -47.69 27.01
C ASN K 556 0.81 -48.55 26.40
N SER K 557 2.02 -48.02 26.36
CA SER K 557 3.16 -48.82 25.90
C SER K 557 3.87 -49.47 27.09
N SER K 558 4.23 -48.70 28.10
CA SER K 558 4.97 -49.21 29.27
C SER K 558 4.12 -50.17 30.08
N SER K 559 4.76 -50.85 31.02
CA SER K 559 4.10 -51.82 31.91
C SER K 559 3.09 -51.21 32.87
N PHE K 560 3.34 -49.99 33.35
CA PHE K 560 2.60 -49.37 34.44
C PHE K 560 1.10 -49.35 34.16
N SER K 561 0.32 -49.88 35.10
CA SER K 561 -1.14 -49.87 35.00
C SER K 561 -1.67 -48.59 35.68
N LEU K 562 -2.46 -47.81 34.96
CA LEU K 562 -3.20 -46.69 35.52
C LEU K 562 -4.50 -47.22 36.10
N ASP K 563 -4.43 -47.61 37.36
CA ASP K 563 -5.57 -48.02 38.17
C ASP K 563 -6.28 -46.79 38.66
N GLN K 564 -7.29 -46.96 39.50
CA GLN K 564 -8.15 -45.85 39.91
C GLN K 564 -7.32 -44.70 40.44
N GLY K 565 -7.81 -43.51 40.07
CA GLY K 565 -7.21 -42.26 40.50
C GLY K 565 -6.74 -41.42 39.37
N TRP K 566 -6.59 -42.00 38.18
CA TRP K 566 -6.19 -41.21 37.03
C TRP K 566 -7.41 -40.75 36.23
N THR K 567 -7.34 -39.57 35.55
CA THR K 567 -8.44 -39.06 34.72
C THR K 567 -7.96 -38.15 33.63
N LEU K 568 -8.44 -38.39 32.43
CA LEU K 568 -7.91 -37.72 31.27
C LEU K 568 -8.59 -36.41 31.20
N CYS K 569 -7.91 -35.34 30.82
CA CYS K 569 -8.54 -34.02 30.53
C CYS K 569 -8.02 -33.57 29.20
N ILE K 570 -8.95 -33.45 28.27
CA ILE K 570 -8.62 -32.94 26.92
C ILE K 570 -9.19 -31.59 26.83
N GLN K 571 -8.48 -30.71 26.11
CA GLN K 571 -8.94 -29.33 25.99
C GLN K 571 -8.70 -28.81 24.60
N VAL K 572 -9.78 -28.33 23.98
CA VAL K 572 -9.90 -27.96 22.56
C VAL K 572 -9.97 -26.45 22.38
N LEU K 573 -8.89 -25.81 21.98
CA LEU K 573 -8.90 -24.35 21.97
C LEU K 573 -9.10 -23.99 20.56
N THR K 574 -10.15 -23.22 20.32
CA THR K 574 -10.62 -22.89 18.96
C THR K 574 -9.67 -21.93 18.23
N SER K 575 -8.98 -21.08 18.97
CA SER K 575 -7.89 -20.27 18.41
C SER K 575 -7.16 -19.55 19.51
N SER K 576 -5.92 -19.15 19.24
CA SER K 576 -5.12 -18.44 20.25
C SER K 576 -4.87 -16.99 19.83
N CYS K 577 -5.84 -16.14 20.16
CA CYS K 577 -5.78 -14.67 20.04
C CYS K 577 -7.00 -14.13 20.79
N ALA K 578 -6.78 -13.16 21.66
CA ALA K 578 -7.86 -12.58 22.48
C ALA K 578 -8.21 -11.19 21.97
N LEU K 579 -9.50 -10.96 21.81
CA LEU K 579 -9.98 -9.82 21.02
C LEU K 579 -10.54 -8.72 21.93
N ASP K 580 -11.08 -7.69 21.30
CA ASP K 580 -11.90 -6.68 21.98
C ASP K 580 -13.09 -7.37 22.61
N LEU K 581 -13.73 -8.24 21.84
CA LEU K 581 -14.96 -8.92 22.25
C LEU K 581 -14.64 -10.40 22.37
N ASP K 582 -14.37 -10.81 23.61
CA ASP K 582 -14.58 -12.18 24.11
C ASP K 582 -15.62 -12.95 23.32
N SER K 583 -15.20 -14.04 22.71
CA SER K 583 -16.10 -14.95 22.00
C SER K 583 -16.98 -15.70 22.99
N ALA K 584 -17.93 -16.45 22.46
CA ALA K 584 -18.76 -17.32 23.28
C ALA K 584 -18.05 -18.63 23.65
N CYS K 585 -16.93 -18.98 23.04
CA CYS K 585 -16.20 -20.20 23.43
C CYS K 585 -14.76 -20.02 22.98
N SER K 586 -13.90 -19.72 23.93
CA SER K 586 -12.45 -19.69 23.67
C SER K 586 -11.89 -21.12 23.57
N ALA K 587 -12.54 -22.07 24.24
CA ALA K 587 -12.11 -23.46 24.34
C ALA K 587 -13.20 -24.23 25.05
N ILE K 588 -13.32 -25.47 24.64
CA ILE K 588 -14.11 -26.44 25.39
C ILE K 588 -13.13 -27.41 26.04
N THR K 589 -13.54 -27.95 27.18
CA THR K 589 -12.76 -29.02 27.77
C THR K 589 -13.62 -30.16 28.28
N TYR K 590 -13.10 -31.35 28.00
CA TYR K 590 -13.68 -32.61 28.41
C TYR K 590 -12.76 -33.36 29.35
N THR K 591 -13.40 -34.04 30.27
CA THR K 591 -12.70 -34.94 31.13
C THR K 591 -13.33 -36.29 31.40
N ILE K 592 -12.54 -37.36 31.24
CA ILE K 592 -13.01 -38.75 31.37
C ILE K 592 -12.23 -39.48 32.38
N PRO K 593 -12.89 -40.26 33.22
CA PRO K 593 -12.15 -41.19 34.07
C PRO K 593 -11.51 -42.32 33.28
N VAL K 594 -10.22 -42.51 33.53
CA VAL K 594 -9.40 -43.62 33.04
C VAL K 594 -9.50 -44.65 34.14
N ASP K 595 -9.84 -45.90 33.83
CA ASP K 595 -9.97 -46.92 34.89
C ASP K 595 -9.19 -48.17 34.47
N GLN K 596 -8.18 -48.45 35.30
CA GLN K 596 -7.33 -49.63 35.31
C GLN K 596 -6.51 -49.69 34.04
N LEU K 597 -7.04 -49.29 32.91
CA LEU K 597 -6.33 -49.24 31.63
C LEU K 597 -5.59 -50.52 31.29
N GLY K 598 -4.71 -50.93 32.20
CA GLY K 598 -3.91 -52.14 32.13
C GLY K 598 -2.79 -51.90 31.13
N PRO K 599 -1.88 -52.85 30.96
CA PRO K 599 -0.75 -52.64 30.06
C PRO K 599 -1.04 -53.10 28.63
N GLY K 600 -0.65 -52.28 27.65
CA GLY K 600 -0.90 -52.60 26.24
C GLY K 600 -2.27 -52.21 25.72
N ALA K 601 -3.27 -52.05 26.57
CA ALA K 601 -4.63 -51.70 26.18
C ALA K 601 -4.69 -50.25 25.67
N ARG K 602 -5.86 -49.87 25.24
CA ARG K 602 -6.06 -48.62 24.50
C ARG K 602 -7.51 -48.21 24.75
N ARG K 603 -7.72 -46.91 25.02
CA ARG K 603 -9.07 -46.31 25.00
C ARG K 603 -9.22 -45.19 23.98
N GLU K 604 -10.42 -45.00 23.48
CA GLU K 604 -10.70 -44.08 22.37
C GLU K 604 -11.85 -43.15 22.73
N VAL K 605 -11.69 -41.89 22.40
CA VAL K 605 -12.76 -40.91 22.56
C VAL K 605 -12.82 -40.10 21.27
N THR K 606 -14.03 -39.87 20.78
CA THR K 606 -14.27 -39.00 19.63
C THR K 606 -14.87 -37.69 20.07
N LEU K 607 -14.38 -36.58 19.50
CA LEU K 607 -14.85 -35.23 19.81
C LEU K 607 -15.27 -34.47 18.59
N PRO K 608 -16.43 -33.79 18.59
CA PRO K 608 -16.69 -32.81 17.56
C PRO K 608 -15.82 -31.56 17.71
N LEU K 609 -15.31 -31.09 16.59
CA LEU K 609 -14.58 -29.83 16.50
C LEU K 609 -15.31 -28.88 15.61
N GLY K 610 -16.40 -29.33 14.98
CA GLY K 610 -16.80 -28.92 13.63
C GLY K 610 -18.13 -28.23 13.64
N PRO K 611 -18.39 -27.50 12.55
CA PRO K 611 -19.24 -26.32 12.66
C PRO K 611 -20.67 -26.59 13.13
N GLY K 612 -20.95 -26.12 14.35
CA GLY K 612 -22.28 -26.13 14.93
C GLY K 612 -22.91 -24.77 14.73
N GLU K 613 -22.09 -23.73 14.55
CA GLU K 613 -22.56 -22.40 14.12
C GLU K 613 -21.87 -21.95 12.83
N ASN K 614 -22.64 -21.38 11.91
CA ASN K 614 -22.21 -20.57 10.74
C ASN K 614 -21.54 -21.41 9.66
N GLY K 615 -21.24 -22.68 9.96
CA GLY K 615 -20.44 -23.46 9.03
C GLY K 615 -19.03 -22.94 8.91
N GLY K 616 -18.54 -22.26 9.96
CA GLY K 616 -17.25 -21.57 9.90
C GLY K 616 -16.33 -22.04 10.99
N LEU K 617 -15.21 -22.63 10.57
CA LEU K 617 -14.16 -23.09 11.48
C LEU K 617 -12.86 -22.36 11.23
N ASP K 618 -12.24 -21.75 12.24
CA ASP K 618 -10.96 -21.10 11.90
C ASP K 618 -9.88 -22.05 12.35
N LEU K 619 -8.96 -22.33 11.46
CA LEU K 619 -7.93 -23.32 11.74
C LEU K 619 -6.51 -22.82 11.85
N PRO K 620 -6.03 -22.58 13.03
CA PRO K 620 -5.43 -23.70 13.74
C PRO K 620 -6.38 -24.06 14.88
N VAL K 621 -6.60 -25.34 15.11
CA VAL K 621 -7.32 -25.80 16.31
C VAL K 621 -6.26 -26.51 17.14
N THR K 622 -6.30 -26.36 18.44
CA THR K 622 -5.27 -27.02 19.23
C THR K 622 -5.98 -27.93 20.20
N VAL K 623 -5.69 -29.21 20.10
CA VAL K 623 -6.30 -30.20 20.98
C VAL K 623 -5.17 -30.71 21.88
N SER K 624 -5.37 -30.57 23.18
CA SER K 624 -4.31 -30.78 24.16
C SER K 624 -4.82 -31.78 25.18
N CYS K 625 -4.12 -32.90 25.33
CA CYS K 625 -4.48 -33.85 26.37
C CYS K 625 -3.50 -33.73 27.49
N THR K 626 -4.02 -33.98 28.68
CA THR K 626 -3.19 -34.04 29.87
C THR K 626 -3.85 -35.03 30.80
N LEU K 627 -3.13 -35.41 31.85
CA LEU K 627 -3.64 -36.41 32.80
C LEU K 627 -3.60 -35.85 34.18
N PHE K 628 -4.60 -36.16 34.95
CA PHE K 628 -4.63 -35.60 36.29
C PHE K 628 -4.69 -36.77 37.20
N TYR K 629 -3.90 -36.73 38.27
CA TYR K 629 -3.84 -37.77 39.31
C TYR K 629 -4.34 -37.15 40.59
N SER K 630 -5.26 -37.85 41.22
CA SER K 630 -5.90 -37.33 42.43
C SER K 630 -5.52 -38.19 43.61
N LEU K 631 -4.92 -37.56 44.62
CA LEU K 631 -4.45 -38.26 45.81
C LEU K 631 -5.65 -38.88 46.50
N ARG K 632 -6.73 -38.09 46.66
CA ARG K 632 -7.87 -38.49 47.50
C ARG K 632 -8.41 -39.82 47.00
N GLU K 633 -8.54 -39.98 45.69
CA GLU K 633 -9.42 -41.01 45.14
C GLU K 633 -9.02 -42.40 45.65
N VAL K 634 -7.74 -42.62 45.89
CA VAL K 634 -7.26 -43.94 46.35
C VAL K 634 -7.66 -44.17 47.80
N VAL K 635 -8.00 -43.11 48.53
CA VAL K 635 -8.46 -43.22 49.92
C VAL K 635 -9.86 -42.63 50.05
N GLU K 659 -4.19 -25.51 51.03
CA GLU K 659 -3.82 -26.23 49.80
C GLU K 659 -4.70 -27.46 49.61
N GLN K 660 -5.19 -27.66 48.39
CA GLN K 660 -5.81 -28.95 48.02
C GLN K 660 -5.25 -29.35 46.67
N GLU K 661 -5.00 -30.63 46.45
CA GLU K 661 -3.98 -30.90 45.44
C GLU K 661 -4.40 -31.91 44.38
N GLY K 662 -3.49 -32.09 43.45
CA GLY K 662 -3.45 -33.18 42.50
C GLY K 662 -2.14 -33.05 41.78
N VAL K 663 -1.94 -33.73 40.66
CA VAL K 663 -1.00 -33.21 39.64
C VAL K 663 -1.53 -33.38 38.21
N CYS K 664 -1.19 -32.45 37.32
CA CYS K 664 -1.43 -32.62 35.88
C CYS K 664 -0.17 -33.03 35.21
N LEU K 665 -0.28 -33.73 34.10
CA LEU K 665 0.90 -34.14 33.35
C LEU K 665 0.67 -33.96 31.87
N PRO K 666 1.66 -33.48 31.15
CA PRO K 666 1.46 -33.05 29.78
C PRO K 666 1.78 -34.25 28.91
N LEU K 667 0.74 -34.93 28.49
CA LEU K 667 0.86 -35.84 27.36
C LEU K 667 1.23 -35.15 26.05
N SER K 668 0.37 -34.33 25.48
CA SER K 668 0.64 -33.85 24.11
C SER K 668 -0.34 -32.80 23.61
N ARG K 669 -0.09 -32.37 22.38
CA ARG K 669 -0.70 -31.19 21.77
C ARG K 669 -0.64 -31.35 20.23
N HIS K 670 -1.77 -31.70 19.65
CA HIS K 670 -1.90 -31.83 18.20
C HIS K 670 -2.57 -30.58 17.64
N THR K 671 -1.98 -30.07 16.58
CA THR K 671 -2.59 -28.99 15.78
C THR K 671 -3.25 -29.52 14.50
N VAL K 672 -4.48 -29.11 14.26
CA VAL K 672 -5.20 -29.37 13.00
C VAL K 672 -4.91 -28.17 12.12
N ASP K 673 -4.20 -28.34 11.01
CA ASP K 673 -3.87 -27.20 10.12
C ASP K 673 -4.51 -27.23 8.74
N MET K 674 -5.83 -27.25 8.67
CA MET K 674 -6.54 -27.24 7.38
C MET K 674 -6.26 -28.45 6.49
N LEU K 675 -5.00 -28.88 6.42
CA LEU K 675 -4.59 -29.97 5.52
C LEU K 675 -5.17 -31.29 5.96
N GLN K 676 -5.55 -31.41 7.22
CA GLN K 676 -6.23 -32.59 7.75
C GLN K 676 -7.74 -32.50 7.51
N CYS K 677 -8.25 -31.37 7.04
CA CYS K 677 -9.69 -31.17 6.95
C CYS K 677 -10.19 -31.20 5.52
N LEU K 678 -9.28 -31.45 4.61
CA LEU K 678 -9.61 -31.61 3.19
C LEU K 678 -10.15 -33.04 3.01
N ARG K 679 -10.93 -33.25 1.96
CA ARG K 679 -11.52 -34.59 1.77
C ARG K 679 -11.42 -35.10 0.33
N PHE K 680 -11.26 -34.20 -0.64
CA PHE K 680 -11.29 -34.46 -2.09
C PHE K 680 -12.38 -35.45 -2.50
N PRO K 681 -13.61 -35.03 -2.76
CA PRO K 681 -14.70 -36.01 -2.73
C PRO K 681 -14.69 -36.83 -4.01
N GLY K 682 -14.33 -36.20 -5.13
CA GLY K 682 -14.34 -36.85 -6.45
C GLY K 682 -13.14 -37.76 -6.69
N LEU K 683 -12.03 -37.51 -6.01
CA LEU K 683 -10.84 -38.39 -6.11
C LEU K 683 -11.12 -39.81 -5.59
N ALA K 684 -11.94 -39.97 -4.56
CA ALA K 684 -12.24 -41.28 -3.95
C ALA K 684 -12.59 -42.34 -5.00
N THR K 697 -24.39 -23.75 4.55
CA THR K 697 -25.41 -22.73 4.89
C THR K 697 -24.72 -21.36 4.91
N ARG K 698 -25.49 -20.30 5.11
CA ARG K 698 -24.95 -18.98 5.46
C ARG K 698 -25.69 -18.42 6.65
N ASP K 699 -24.95 -17.89 7.62
CA ASP K 699 -25.40 -17.60 8.99
C ASP K 699 -26.86 -17.19 9.05
N PRO K 700 -27.65 -17.84 9.91
CA PRO K 700 -29.08 -17.53 10.00
C PRO K 700 -29.35 -16.12 10.50
N VAL K 701 -28.54 -15.61 11.43
CA VAL K 701 -28.67 -14.23 11.90
C VAL K 701 -28.30 -13.24 10.79
N ALA K 702 -27.30 -13.53 9.98
CA ALA K 702 -26.96 -12.58 8.93
C ALA K 702 -28.12 -12.42 7.94
N THR K 703 -28.79 -13.50 7.60
CA THR K 703 -29.96 -13.41 6.73
C THR K 703 -31.12 -12.73 7.45
N PHE K 704 -31.30 -13.02 8.72
CA PHE K 704 -32.35 -12.38 9.48
C PHE K 704 -32.23 -10.89 9.48
N LEU K 705 -31.02 -10.36 9.53
CA LEU K 705 -30.92 -8.90 9.61
C LEU K 705 -31.16 -8.26 8.24
N GLU K 706 -30.72 -8.90 7.16
CA GLU K 706 -31.06 -8.40 5.81
C GLU K 706 -32.57 -8.31 5.63
N THR K 707 -33.28 -9.39 5.88
CA THR K 707 -34.72 -9.40 5.56
C THR K 707 -35.49 -8.36 6.36
N CYS K 708 -35.27 -8.25 7.67
CA CYS K 708 -35.92 -7.21 8.47
C CYS K 708 -35.62 -5.80 7.98
N ARG K 709 -34.45 -5.55 7.42
CA ARG K 709 -34.01 -4.18 7.06
C ARG K 709 -34.54 -3.66 5.72
N GLU K 710 -34.83 -4.52 4.74
CA GLU K 710 -35.19 -4.06 3.38
C GLU K 710 -36.16 -2.88 3.41
N LEU K 726 -15.65 -13.48 -10.62
CA LEU K 726 -14.46 -12.92 -9.95
C LEU K 726 -13.37 -13.99 -9.88
N PRO K 727 -12.09 -13.61 -9.68
CA PRO K 727 -10.99 -14.57 -9.80
C PRO K 727 -10.78 -15.36 -8.51
N PRO K 728 -10.10 -16.52 -8.59
CA PRO K 728 -9.71 -17.25 -7.38
C PRO K 728 -8.43 -16.64 -6.80
N SER K 729 -8.47 -16.34 -5.51
CA SER K 729 -7.27 -15.87 -4.79
C SER K 729 -6.30 -17.04 -4.63
N VAL K 730 -5.00 -16.74 -4.76
CA VAL K 730 -3.96 -17.77 -4.97
C VAL K 730 -2.73 -17.43 -4.15
N ALA K 731 -2.06 -18.46 -3.63
CA ALA K 731 -0.84 -18.31 -2.83
C ALA K 731 0.16 -19.36 -3.24
N SER K 732 1.44 -19.08 -3.06
CA SER K 732 2.49 -20.03 -3.43
C SER K 732 3.70 -19.90 -2.51
N ILE K 733 4.56 -20.91 -2.59
CA ILE K 733 5.89 -20.92 -1.93
C ILE K 733 6.86 -21.60 -2.89
N LYS K 734 8.14 -21.31 -2.73
CA LYS K 734 9.22 -22.02 -3.43
C LYS K 734 10.25 -22.55 -2.43
N VAL K 735 10.84 -23.70 -2.76
CA VAL K 735 11.70 -24.46 -1.85
C VAL K 735 12.80 -25.15 -2.63
N SER K 736 14.02 -25.06 -2.09
CA SER K 736 15.21 -25.66 -2.68
C SER K 736 15.07 -27.18 -2.79
N ALA K 737 15.18 -27.68 -4.02
CA ALA K 737 15.09 -29.11 -4.33
C ALA K 737 16.02 -29.97 -3.48
N GLU K 738 17.23 -29.49 -3.17
CA GLU K 738 18.18 -30.36 -2.43
C GLU K 738 17.77 -30.49 -0.97
N LEU K 739 17.23 -29.41 -0.40
CA LEU K 739 16.68 -29.50 0.95
C LEU K 739 15.54 -30.51 0.95
N LEU K 740 14.71 -30.48 -0.09
CA LEU K 740 13.54 -31.36 -0.11
C LEU K 740 13.99 -32.81 -0.32
N ARG K 741 14.97 -33.03 -1.20
CA ARG K 741 15.43 -34.41 -1.44
C ARG K 741 16.00 -35.00 -0.15
N ALA K 742 16.88 -34.27 0.53
CA ALA K 742 17.40 -34.78 1.80
C ALA K 742 16.23 -35.02 2.77
N ALA K 743 15.41 -34.00 2.97
CA ALA K 743 14.32 -34.02 3.95
C ALA K 743 13.09 -34.80 3.47
N LEU K 744 12.97 -35.11 2.18
CA LEU K 744 11.89 -36.04 1.79
C LEU K 744 12.23 -37.49 1.50
N LYS K 745 13.43 -37.86 1.07
CA LYS K 745 13.50 -39.29 0.75
C LYS K 745 13.39 -40.17 2.00
N ASP K 746 14.53 -40.53 2.57
CA ASP K 746 14.76 -41.20 3.87
C ASP K 746 13.73 -42.28 4.23
N GLY K 747 12.48 -42.10 3.78
CA GLY K 747 11.38 -43.02 4.04
C GLY K 747 10.59 -43.37 2.80
N HIS K 748 10.94 -42.75 1.67
CA HIS K 748 10.22 -42.87 0.40
C HIS K 748 11.15 -43.29 -0.73
N SER K 749 10.58 -44.03 -1.69
CA SER K 749 11.36 -44.88 -2.59
C SER K 749 11.89 -44.04 -3.75
N GLY K 750 11.35 -42.84 -3.94
CA GLY K 750 11.93 -41.89 -4.89
C GLY K 750 11.29 -41.73 -6.25
N VAL K 751 9.96 -41.71 -6.33
CA VAL K 751 9.30 -40.71 -7.17
C VAL K 751 10.06 -39.43 -6.83
N PRO K 752 10.43 -38.54 -7.75
CA PRO K 752 11.52 -37.62 -7.41
C PRO K 752 11.13 -36.38 -6.63
N LEU K 753 10.18 -35.56 -7.06
CA LEU K 753 9.88 -34.44 -6.17
C LEU K 753 8.38 -34.15 -6.05
N CYS K 754 7.67 -34.08 -7.17
CA CYS K 754 6.33 -33.50 -7.13
C CYS K 754 5.37 -34.40 -6.34
N CYS K 755 5.41 -35.69 -6.60
CA CYS K 755 4.59 -36.63 -5.80
C CYS K 755 5.08 -36.70 -4.36
N ALA K 756 6.40 -36.63 -4.17
CA ALA K 756 6.99 -36.69 -2.83
C ALA K 756 6.53 -35.53 -1.95
N THR K 757 6.74 -34.31 -2.42
CA THR K 757 6.32 -33.11 -1.69
C THR K 757 4.84 -33.18 -1.34
N LEU K 758 4.03 -33.66 -2.27
CA LEU K 758 2.60 -33.79 -2.02
C LEU K 758 2.32 -34.83 -0.95
N GLN K 759 2.87 -36.04 -1.12
CA GLN K 759 2.77 -37.09 -0.09
C GLN K 759 3.11 -36.50 1.28
N TRP K 760 4.17 -35.71 1.33
CA TRP K 760 4.73 -35.26 2.61
C TRP K 760 3.86 -34.19 3.27
N LEU K 761 3.23 -33.34 2.48
CA LEU K 761 2.32 -32.33 3.06
C LEU K 761 1.02 -32.99 3.53
N LEU K 762 0.46 -33.85 2.71
CA LEU K 762 -0.74 -34.61 3.06
C LEU K 762 -0.44 -35.72 4.06
N ALA K 763 0.79 -35.80 4.55
CA ALA K 763 1.18 -36.91 5.43
C ALA K 763 0.18 -37.11 6.57
N GLU K 764 -0.49 -36.08 7.04
CA GLU K 764 -1.44 -36.27 8.14
C GLU K 764 -2.86 -36.47 7.64
N ASN K 765 -3.10 -36.31 6.34
CA ASN K 765 -4.43 -36.59 5.78
C ASN K 765 -4.66 -38.09 5.61
N ALA K 766 -5.91 -38.51 5.84
CA ALA K 766 -6.28 -39.92 5.74
C ALA K 766 -6.04 -40.46 4.32
N ALA K 767 -6.47 -39.71 3.30
CA ALA K 767 -6.49 -40.18 1.90
C ALA K 767 -5.13 -40.09 1.23
N VAL K 768 -4.08 -39.84 2.02
CA VAL K 768 -2.73 -39.71 1.45
C VAL K 768 -2.33 -41.02 0.75
N ASP K 769 -2.76 -42.15 1.30
CA ASP K 769 -2.42 -43.48 0.75
C ASP K 769 -3.04 -43.68 -0.63
N VAL K 770 -4.22 -43.12 -0.87
CA VAL K 770 -4.81 -43.16 -2.21
C VAL K 770 -3.95 -42.30 -3.13
N VAL K 771 -3.52 -41.13 -2.67
CA VAL K 771 -2.71 -40.24 -3.52
C VAL K 771 -1.33 -40.86 -3.74
N ARG K 772 -0.89 -41.70 -2.82
CA ARG K 772 0.32 -42.50 -3.05
C ARG K 772 0.04 -43.52 -4.16
N ALA K 773 -1.11 -44.19 -4.03
CA ALA K 773 -1.53 -45.28 -4.91
C ALA K 773 -1.50 -44.88 -6.38
N ARG K 774 -2.15 -43.78 -6.76
CA ARG K 774 -2.08 -43.35 -8.17
C ARG K 774 -1.10 -42.21 -8.40
N ALA K 775 -0.58 -41.56 -7.36
CA ALA K 775 0.43 -40.49 -7.55
C ALA K 775 -0.06 -39.33 -8.41
N LEU K 776 -0.22 -38.15 -7.83
CA LEU K 776 -0.90 -37.05 -8.54
C LEU K 776 0.05 -35.90 -8.91
N SER K 777 0.63 -35.22 -7.92
CA SER K 777 1.42 -33.97 -8.08
C SER K 777 0.55 -32.72 -8.26
N SER K 778 -0.77 -32.83 -8.19
CA SER K 778 -1.68 -31.70 -8.40
C SER K 778 -3.10 -32.15 -8.05
N ILE K 779 -3.75 -31.50 -7.08
CA ILE K 779 -4.99 -32.09 -6.53
C ILE K 779 -6.05 -31.08 -6.16
N GLN K 780 -7.20 -31.64 -5.78
CA GLN K 780 -8.48 -30.94 -5.76
C GLN K 780 -9.17 -31.26 -4.45
N GLY K 781 -9.45 -30.24 -3.64
CA GLY K 781 -10.20 -30.41 -2.39
C GLY K 781 -11.27 -29.38 -2.12
N VAL K 782 -11.89 -29.55 -0.96
CA VAL K 782 -13.03 -28.76 -0.48
C VAL K 782 -12.78 -28.49 1.00
N ALA K 783 -12.84 -27.23 1.39
CA ALA K 783 -12.60 -26.81 2.77
C ALA K 783 -13.86 -26.96 3.62
N PRO K 784 -13.79 -26.76 4.94
CA PRO K 784 -14.98 -26.97 5.78
C PRO K 784 -16.11 -25.97 5.58
N ASP K 785 -15.84 -24.79 5.03
CA ASP K 785 -16.94 -23.89 4.63
C ASP K 785 -17.49 -24.26 3.26
N GLY K 786 -16.81 -25.14 2.52
CA GLY K 786 -17.34 -25.66 1.25
C GLY K 786 -16.62 -25.15 0.02
N ALA K 787 -15.82 -24.10 0.18
CA ALA K 787 -15.02 -23.58 -0.93
C ALA K 787 -14.20 -24.67 -1.59
N ASN K 788 -14.08 -24.54 -2.90
CA ASN K 788 -13.16 -25.37 -3.70
C ASN K 788 -11.75 -24.83 -3.57
N VAL K 789 -10.80 -25.73 -3.32
CA VAL K 789 -9.37 -25.38 -3.22
C VAL K 789 -8.57 -26.38 -4.06
N HIS K 790 -7.73 -25.88 -4.96
CA HIS K 790 -6.87 -26.72 -5.80
C HIS K 790 -5.41 -26.40 -5.57
N LEU K 791 -4.63 -27.38 -5.11
CA LEU K 791 -3.23 -27.12 -4.79
C LEU K 791 -2.28 -27.97 -5.64
N ILE K 792 -1.47 -27.25 -6.41
CA ILE K 792 -0.48 -27.82 -7.34
C ILE K 792 0.88 -27.86 -6.66
N VAL K 793 1.77 -28.66 -7.22
CA VAL K 793 3.20 -28.64 -6.84
C VAL K 793 4.04 -28.88 -8.10
N ARG K 794 4.95 -27.95 -8.36
CA ARG K 794 5.51 -27.75 -9.70
C ARG K 794 6.99 -27.40 -9.58
N GLU K 795 7.84 -28.23 -10.16
CA GLU K 795 9.29 -27.94 -10.21
C GLU K 795 9.53 -26.78 -11.18
N VAL K 796 10.33 -25.81 -10.78
CA VAL K 796 10.57 -24.57 -11.54
C VAL K 796 12.06 -24.27 -11.40
N ALA K 797 12.65 -23.60 -12.38
CA ALA K 797 14.09 -23.28 -12.32
C ALA K 797 14.31 -21.79 -12.53
N MET K 798 14.75 -21.11 -11.47
CA MET K 798 14.79 -19.63 -11.42
C MET K 798 16.24 -19.17 -11.41
N THR K 799 16.77 -18.88 -12.60
CA THR K 799 18.21 -18.69 -12.83
C THR K 799 18.80 -17.55 -12.01
N ASP K 800 18.03 -16.50 -11.74
CA ASP K 800 18.61 -15.30 -11.12
C ASP K 800 18.21 -15.21 -9.64
N LEU K 801 18.04 -16.34 -8.98
CA LEU K 801 18.15 -16.38 -7.51
C LEU K 801 19.61 -16.67 -7.14
N CYS K 802 20.16 -17.73 -7.72
CA CYS K 802 21.48 -18.30 -7.46
C CYS K 802 22.43 -17.93 -8.60
N PRO K 803 23.75 -17.96 -8.38
CA PRO K 803 24.67 -17.51 -9.43
C PRO K 803 24.94 -18.55 -10.51
N ALA K 804 24.96 -19.84 -10.17
CA ALA K 804 25.22 -20.90 -11.16
C ALA K 804 23.92 -21.43 -11.76
N GLY K 805 23.08 -22.07 -10.96
CA GLY K 805 21.86 -22.70 -11.45
C GLY K 805 20.95 -22.96 -10.28
N PRO K 806 19.65 -22.70 -10.46
CA PRO K 806 18.84 -22.26 -9.32
C PRO K 806 18.73 -23.29 -8.20
N ILE K 807 17.85 -24.27 -8.34
CA ILE K 807 18.17 -25.67 -8.03
C ILE K 807 17.21 -26.56 -8.81
N GLN K 808 16.38 -25.91 -9.63
CA GLN K 808 15.08 -26.43 -10.05
C GLN K 808 14.19 -26.57 -8.82
N ALA K 809 14.06 -25.46 -8.10
CA ALA K 809 13.25 -25.38 -6.88
C ALA K 809 11.80 -25.71 -7.15
N VAL K 810 11.19 -26.41 -6.20
CA VAL K 810 9.77 -26.73 -6.30
C VAL K 810 8.99 -25.51 -5.86
N GLU K 811 7.76 -25.37 -6.36
CA GLU K 811 6.82 -24.39 -5.81
C GLU K 811 5.54 -25.14 -5.48
N ILE K 812 5.14 -25.05 -4.22
CA ILE K 812 3.77 -25.38 -3.81
C ILE K 812 2.90 -24.18 -4.14
N GLN K 813 1.65 -24.45 -4.48
CA GLN K 813 0.73 -23.40 -4.89
C GLN K 813 -0.66 -23.86 -4.50
N VAL K 814 -1.52 -22.91 -4.16
CA VAL K 814 -2.86 -23.19 -3.64
C VAL K 814 -3.81 -22.11 -4.16
N GLU K 815 -4.70 -22.51 -5.04
CA GLU K 815 -5.76 -21.65 -5.57
C GLU K 815 -6.99 -21.93 -4.72
N SER K 816 -7.92 -20.97 -4.71
CA SER K 816 -9.30 -21.20 -4.30
C SER K 816 -10.09 -19.90 -4.36
N SER K 817 -11.41 -20.04 -4.45
CA SER K 817 -12.37 -18.93 -4.29
C SER K 817 -12.06 -18.11 -3.04
N SER K 818 -12.03 -18.76 -1.88
CA SER K 818 -12.01 -18.03 -0.61
C SER K 818 -10.58 -17.58 -0.36
N LEU K 819 -10.37 -16.27 -0.31
CA LEU K 819 -9.13 -15.75 0.26
C LEU K 819 -8.94 -16.21 1.71
N ALA K 820 -10.01 -16.47 2.44
CA ALA K 820 -9.85 -16.94 3.82
C ALA K 820 -9.18 -18.31 3.82
N ASP K 821 -9.65 -19.16 2.93
CA ASP K 821 -9.12 -20.50 2.90
C ASP K 821 -7.74 -20.47 2.27
N ILE K 822 -7.40 -19.43 1.53
CA ILE K 822 -6.01 -19.30 1.08
C ILE K 822 -5.12 -18.98 2.23
N CYS K 823 -5.57 -18.10 3.09
CA CYS K 823 -4.82 -17.77 4.29
C CYS K 823 -4.58 -19.02 5.13
N ARG K 824 -5.60 -19.83 5.33
CA ARG K 824 -5.47 -21.08 6.07
C ARG K 824 -4.55 -22.10 5.39
N ALA K 825 -4.69 -22.28 4.10
CA ALA K 825 -3.76 -23.17 3.38
C ALA K 825 -2.33 -22.63 3.43
N HIS K 826 -2.17 -21.33 3.33
CA HIS K 826 -0.81 -20.81 3.45
C HIS K 826 -0.32 -21.13 4.84
N HIS K 827 -1.11 -20.78 5.87
CA HIS K 827 -0.67 -21.00 7.24
C HIS K 827 -0.11 -22.39 7.34
N ALA K 828 -0.90 -23.35 6.89
CA ALA K 828 -0.50 -24.76 6.96
C ALA K 828 0.89 -25.01 6.33
N VAL K 829 0.98 -24.72 5.05
CA VAL K 829 2.23 -24.92 4.29
C VAL K 829 3.40 -24.21 4.97
N VAL K 830 3.21 -23.04 5.55
CA VAL K 830 4.37 -22.37 6.18
C VAL K 830 4.68 -23.00 7.53
N GLY K 831 3.67 -23.51 8.24
CA GLY K 831 3.96 -24.33 9.40
C GLY K 831 4.92 -25.44 9.00
N ARG K 832 4.59 -26.11 7.91
CA ARG K 832 5.34 -27.29 7.50
C ARG K 832 6.76 -26.87 7.13
N MET K 833 6.90 -25.80 6.36
CA MET K 833 8.24 -25.42 5.86
C MET K 833 9.08 -24.91 7.02
N GLN K 834 8.44 -24.33 8.04
CA GLN K 834 9.14 -23.96 9.27
C GLN K 834 9.73 -25.20 9.94
N THR K 835 8.92 -26.24 10.08
CA THR K 835 9.37 -27.45 10.76
C THR K 835 10.52 -28.08 9.96
N MET K 836 10.35 -28.21 8.65
CA MET K 836 11.37 -28.90 7.84
C MET K 836 12.65 -28.07 7.76
N VAL K 837 12.60 -26.76 7.93
CA VAL K 837 13.85 -25.98 7.90
C VAL K 837 14.53 -26.04 9.26
N THR K 838 13.77 -26.04 10.35
CA THR K 838 14.34 -26.23 11.70
C THR K 838 15.02 -27.59 11.81
N GLU K 839 14.34 -28.66 11.40
CA GLU K 839 14.92 -30.01 11.43
C GLU K 839 16.16 -30.11 10.56
N GLN K 840 16.30 -29.25 9.56
CA GLN K 840 17.49 -29.26 8.69
C GLN K 840 18.37 -28.02 8.86
N ALA K 841 18.25 -27.32 9.98
CA ALA K 841 19.36 -26.47 10.46
C ALA K 841 20.47 -27.31 11.09
N THR K 842 20.20 -28.56 11.44
CA THR K 842 21.20 -29.42 12.09
C THR K 842 22.28 -29.83 11.08
N GLN K 843 21.89 -30.58 10.05
CA GLN K 843 22.81 -31.00 8.98
C GLN K 843 23.46 -29.79 8.31
N GLY K 844 22.77 -28.64 8.25
CA GLY K 844 23.39 -27.41 7.80
C GLY K 844 23.81 -27.46 6.34
N SER K 845 22.87 -27.76 5.47
CA SER K 845 23.03 -27.56 4.02
C SER K 845 23.25 -26.07 3.74
N SER K 846 24.45 -25.73 3.27
CA SER K 846 25.00 -24.38 3.42
C SER K 846 24.33 -23.36 2.52
N ALA K 847 23.45 -23.80 1.61
CA ALA K 847 22.50 -22.88 0.96
C ALA K 847 23.25 -21.81 0.17
N PRO K 848 23.48 -22.01 -1.13
CA PRO K 848 24.53 -21.25 -1.82
C PRO K 848 24.23 -19.76 -1.89
N ASP K 849 25.20 -19.01 -2.39
CA ASP K 849 25.25 -17.56 -2.21
C ASP K 849 24.56 -16.86 -3.37
N LEU K 850 23.58 -16.03 -3.06
CA LEU K 850 22.66 -15.44 -4.04
C LEU K 850 23.21 -14.13 -4.61
N ARG K 851 22.71 -13.78 -5.79
CA ARG K 851 23.03 -12.53 -6.48
C ARG K 851 22.36 -11.35 -5.79
N VAL K 852 22.70 -10.14 -6.22
CA VAL K 852 22.35 -8.93 -5.45
C VAL K 852 21.21 -8.12 -6.09
N GLN K 853 21.27 -7.89 -7.40
CA GLN K 853 20.24 -7.11 -8.11
C GLN K 853 18.84 -7.64 -7.79
N TYR K 854 18.69 -8.97 -7.76
CA TYR K 854 17.43 -9.59 -7.32
C TYR K 854 17.03 -9.05 -5.95
N LEU K 855 17.90 -9.16 -4.97
CA LEU K 855 17.58 -8.79 -3.58
C LEU K 855 17.20 -7.31 -3.48
N ARG K 856 17.92 -6.44 -4.17
CA ARG K 856 17.60 -5.00 -4.11
C ARG K 856 16.26 -4.73 -4.79
N GLN K 857 15.98 -5.43 -5.88
CA GLN K 857 14.68 -5.34 -6.56
C GLN K 857 13.56 -5.69 -5.59
N ILE K 858 13.75 -6.79 -4.86
CA ILE K 858 12.80 -7.18 -3.82
C ILE K 858 12.68 -6.05 -2.81
N HIS K 859 13.82 -5.49 -2.36
CA HIS K 859 13.79 -4.56 -1.23
C HIS K 859 12.99 -3.32 -1.59
N ALA K 860 13.09 -2.87 -2.84
CA ALA K 860 12.39 -1.66 -3.27
C ALA K 860 10.90 -1.98 -3.43
N ASN K 861 10.61 -3.10 -4.07
CA ASN K 861 9.23 -3.59 -4.18
C ASN K 861 8.58 -3.66 -2.81
N HIS K 862 9.35 -3.99 -1.79
CA HIS K 862 8.83 -4.02 -0.40
C HIS K 862 8.66 -2.63 0.20
N GLU K 863 9.68 -1.78 0.11
CA GLU K 863 9.63 -0.52 0.86
C GLU K 863 8.69 0.49 0.19
N THR K 864 8.12 0.15 -0.97
CA THR K 864 7.00 0.95 -1.47
C THR K 864 5.72 0.53 -0.77
N LEU K 865 5.49 -0.77 -0.69
CA LEU K 865 4.27 -1.23 -0.04
C LEU K 865 4.34 -0.85 1.42
N LEU K 866 5.55 -0.71 1.94
CA LEU K 866 5.72 -0.33 3.34
C LEU K 866 5.29 1.11 3.53
N ARG K 867 5.77 1.99 2.67
CA ARG K 867 5.41 3.39 2.90
C ARG K 867 3.92 3.56 2.65
N GLU K 868 3.36 2.76 1.74
CA GLU K 868 1.92 2.75 1.49
C GLU K 868 1.13 2.38 2.74
N VAL K 869 1.45 1.24 3.33
CA VAL K 869 0.74 0.81 4.54
C VAL K 869 0.97 1.81 5.67
N GLN K 870 2.15 2.38 5.77
CA GLN K 870 2.40 3.33 6.87
C GLN K 870 1.48 4.53 6.73
N THR K 871 1.39 5.09 5.52
CA THR K 871 0.53 6.26 5.33
C THR K 871 -0.92 5.88 5.60
N LEU K 872 -1.25 4.63 5.32
CA LEU K 872 -2.60 4.15 5.62
C LEU K 872 -2.80 4.08 7.12
N ARG K 873 -1.77 3.70 7.85
CA ARG K 873 -1.88 3.65 9.31
C ARG K 873 -2.02 5.06 9.87
N ASP K 874 -1.26 6.01 9.34
CA ASP K 874 -1.42 7.40 9.78
C ASP K 874 -2.84 7.86 9.56
N ARG K 875 -3.41 7.58 8.39
CA ARG K 875 -4.78 8.00 8.12
C ARG K 875 -5.71 7.36 9.13
N LEU K 876 -5.43 6.12 9.51
CA LEU K 876 -6.26 5.47 10.53
C LEU K 876 -6.09 6.15 11.87
N CYS K 877 -4.87 6.57 12.18
CA CYS K 877 -4.58 7.19 13.49
C CYS K 877 -5.40 8.46 13.63
N THR K 878 -5.48 9.21 12.54
CA THR K 878 -6.11 10.53 12.50
C THR K 878 -7.57 10.50 12.04
N GLU K 879 -8.14 9.32 11.81
CA GLU K 879 -9.54 9.22 11.35
C GLU K 879 -9.71 9.95 10.03
N ASP K 880 -8.70 9.79 9.17
CA ASP K 880 -8.65 10.42 7.85
C ASP K 880 -9.59 9.73 6.87
N GLU K 881 -9.38 8.44 6.59
CA GLU K 881 -10.19 7.69 5.62
C GLU K 881 -11.57 7.31 6.20
N ALA K 882 -11.72 7.36 7.53
CA ALA K 882 -12.95 7.04 8.32
C ALA K 882 -13.35 5.57 8.49
N SER K 883 -12.40 4.66 8.75
CA SER K 883 -12.71 3.33 9.32
C SER K 883 -13.69 2.50 8.49
N SER K 884 -14.01 2.92 7.26
CA SER K 884 -15.19 2.37 6.58
C SER K 884 -14.96 0.95 6.06
N CYS K 885 -14.16 0.80 5.01
CA CYS K 885 -14.15 -0.46 4.25
C CYS K 885 -12.97 -0.44 3.31
N ALA K 886 -12.54 0.75 2.93
CA ALA K 886 -11.72 0.91 1.73
C ALA K 886 -10.28 0.57 2.11
N THR K 887 -9.98 0.83 3.36
CA THR K 887 -8.81 0.31 4.06
C THR K 887 -8.80 -1.22 4.03
N ALA K 888 -9.85 -1.84 4.54
CA ALA K 888 -9.88 -3.30 4.56
C ALA K 888 -9.55 -3.86 3.18
N GLN K 889 -10.20 -3.37 2.14
CA GLN K 889 -9.94 -3.93 0.81
C GLN K 889 -8.53 -3.60 0.34
N ARG K 890 -8.03 -2.43 0.71
CA ARG K 890 -6.67 -2.05 0.31
C ARG K 890 -5.64 -2.96 0.97
N LEU K 891 -5.71 -3.09 2.29
CA LEU K 891 -4.78 -3.96 3.00
C LEU K 891 -4.89 -5.38 2.48
N LEU K 892 -6.09 -5.90 2.28
CA LEU K 892 -6.18 -7.26 1.74
C LEU K 892 -5.76 -7.30 0.28
N GLN K 893 -5.33 -6.18 -0.29
CA GLN K 893 -4.72 -6.26 -1.62
C GLN K 893 -3.21 -6.15 -1.55
N VAL K 894 -2.69 -5.39 -0.60
CA VAL K 894 -1.25 -5.44 -0.36
C VAL K 894 -0.89 -6.81 0.22
N TYR K 895 -1.80 -7.44 0.95
CA TYR K 895 -1.61 -8.83 1.34
C TYR K 895 -1.60 -9.74 0.11
N ARG K 896 -2.68 -9.73 -0.67
CA ARG K 896 -2.71 -10.62 -1.85
C ARG K 896 -1.48 -10.42 -2.72
N GLN K 897 -0.96 -9.20 -2.78
CA GLN K 897 0.20 -8.91 -3.63
C GLN K 897 1.39 -9.76 -3.18
N LEU K 898 1.58 -9.91 -1.87
CA LEU K 898 2.82 -10.50 -1.34
C LEU K 898 2.65 -12.00 -1.15
N ARG K 899 1.41 -12.47 -1.04
CA ARG K 899 1.16 -13.89 -0.81
C ARG K 899 1.24 -14.71 -2.07
N HIS K 900 1.65 -14.12 -3.18
CA HIS K 900 1.85 -14.97 -4.37
C HIS K 900 3.18 -15.72 -4.23
N PRO K 901 4.39 -15.17 -4.60
CA PRO K 901 5.59 -15.98 -4.40
C PRO K 901 6.24 -15.64 -3.06
N SER K 902 5.46 -15.81 -1.99
CA SER K 902 5.94 -15.60 -0.62
C SER K 902 7.01 -16.63 -0.26
N LEU K 903 8.15 -16.14 0.24
CA LEU K 903 9.24 -17.02 0.72
C LEU K 903 9.63 -18.02 -0.37
N ILE K 904 10.51 -17.60 -1.28
CA ILE K 904 11.47 -18.54 -1.89
C ILE K 904 12.57 -18.83 -0.85
N LEU K 905 12.88 -20.12 -0.69
CA LEU K 905 13.60 -20.62 0.50
C LEU K 905 14.89 -21.26 0.00
N LEU K 906 16.02 -20.66 0.36
CA LEU K 906 17.31 -21.07 -0.20
C LEU K 906 18.38 -21.11 0.89
N ALA L 30 -81.79 18.60 -43.28
CA ALA L 30 -80.66 18.93 -42.40
C ALA L 30 -80.48 17.91 -41.26
N PRO L 31 -81.51 17.65 -40.41
CA PRO L 31 -81.26 16.82 -39.22
C PRO L 31 -81.18 15.34 -39.59
N ARG L 32 -80.05 14.73 -39.24
CA ARG L 32 -79.82 13.30 -39.50
C ARG L 32 -80.71 12.40 -38.65
N VAL L 33 -81.34 12.90 -37.60
CA VAL L 33 -82.26 12.09 -36.79
C VAL L 33 -83.56 12.85 -36.54
N ARG L 34 -84.65 12.10 -36.49
CA ARG L 34 -85.98 12.63 -36.17
C ARG L 34 -86.64 11.69 -35.18
N TYR L 35 -87.03 12.24 -34.05
CA TYR L 35 -87.77 11.52 -33.00
C TYR L 35 -89.26 11.66 -33.26
N LEU L 36 -89.92 10.58 -33.64
CA LEU L 36 -91.37 10.69 -33.90
C LEU L 36 -92.20 9.93 -32.85
N ALA L 37 -91.58 9.38 -31.82
CA ALA L 37 -92.35 8.74 -30.74
C ALA L 37 -91.45 8.39 -29.58
N GLY L 38 -92.10 8.17 -28.45
CA GLY L 38 -91.40 7.94 -27.20
C GLY L 38 -92.22 7.03 -26.32
N PHE L 39 -91.58 6.03 -25.78
CA PHE L 39 -92.29 4.96 -25.08
C PHE L 39 -91.82 4.84 -23.64
N CYS L 40 -92.68 4.28 -22.80
CA CYS L 40 -92.40 4.01 -21.38
C CYS L 40 -91.28 2.97 -21.25
N CYS L 41 -90.33 3.22 -20.34
CA CYS L 41 -89.21 2.31 -20.09
C CYS L 41 -88.90 2.31 -18.60
N PRO L 42 -88.31 1.24 -18.08
CA PRO L 42 -87.95 1.22 -16.67
C PRO L 42 -86.58 1.82 -16.49
N LEU L 43 -86.11 1.84 -15.26
CA LEU L 43 -84.81 2.42 -14.94
C LEU L 43 -83.69 1.58 -15.55
N GLY L 44 -82.50 2.18 -15.63
CA GLY L 44 -81.45 1.67 -16.52
C GLY L 44 -81.86 1.85 -17.98
N GLY L 45 -82.45 0.82 -18.59
CA GLY L 45 -83.04 1.00 -19.90
C GLY L 45 -83.86 -0.19 -20.30
N LEU L 46 -84.04 -0.34 -21.61
CA LEU L 46 -84.73 -1.50 -22.17
C LEU L 46 -83.78 -2.69 -22.21
N ALA L 47 -84.34 -3.89 -22.04
CA ALA L 47 -83.58 -5.13 -22.17
C ALA L 47 -83.32 -5.40 -23.64
N ALA L 48 -82.06 -5.71 -23.98
CA ALA L 48 -81.65 -5.87 -25.38
C ALA L 48 -82.20 -7.15 -25.97
N GLY L 49 -82.10 -7.24 -27.28
CA GLY L 49 -82.50 -8.42 -28.02
C GLY L 49 -83.97 -8.40 -28.37
N LYS L 50 -84.84 -8.32 -27.37
CA LYS L 50 -86.26 -8.66 -27.55
C LYS L 50 -87.09 -7.62 -28.29
N PRO L 51 -86.94 -6.30 -28.05
CA PRO L 51 -87.68 -5.33 -28.86
C PRO L 51 -87.36 -5.47 -30.33
N ARG L 52 -88.41 -5.37 -31.14
CA ARG L 52 -88.28 -5.55 -32.59
C ARG L 52 -89.00 -4.45 -33.35
N VAL L 53 -88.44 -4.13 -34.51
CA VAL L 53 -88.98 -3.09 -35.39
C VAL L 53 -88.88 -3.59 -36.83
N LEU L 54 -90.01 -3.51 -37.56
CA LEU L 54 -90.11 -3.99 -38.94
C LEU L 54 -90.96 -2.98 -39.69
N CYS L 55 -90.40 -2.40 -40.74
CA CYS L 55 -91.15 -1.44 -41.54
C CYS L 55 -91.75 -2.11 -42.77
N HIS L 56 -93.08 -2.11 -42.83
CA HIS L 56 -93.87 -2.72 -43.91
C HIS L 56 -93.88 -1.64 -44.99
N GLU L 57 -92.76 -1.53 -45.69
CA GLU L 57 -92.61 -0.74 -46.92
C GLU L 57 -92.74 0.74 -46.55
N ALA L 58 -93.86 1.11 -45.94
CA ALA L 58 -94.09 2.46 -45.44
C ALA L 58 -94.35 2.45 -43.93
N GLU L 59 -95.32 1.65 -43.48
CA GLU L 59 -95.72 1.53 -42.06
C GLU L 59 -94.54 1.03 -41.23
N VAL L 60 -94.60 1.23 -39.91
CA VAL L 60 -93.53 0.72 -39.03
C VAL L 60 -94.20 0.02 -37.85
N PHE L 61 -93.85 -1.25 -37.66
CA PHE L 61 -94.34 -2.12 -36.60
C PHE L 61 -93.33 -2.22 -35.48
N LEU L 62 -93.84 -2.14 -34.25
CA LEU L 62 -92.96 -2.06 -33.10
C LEU L 62 -93.45 -2.91 -31.96
N SER L 63 -92.49 -3.54 -31.29
CA SER L 63 -92.66 -4.14 -29.96
C SER L 63 -91.44 -3.81 -29.13
N THR L 64 -91.63 -3.68 -27.82
CA THR L 64 -90.57 -3.25 -26.91
C THR L 64 -90.30 -4.31 -25.87
N GLY L 65 -90.62 -5.56 -26.19
CA GLY L 65 -90.54 -6.64 -25.20
C GLY L 65 -91.54 -6.36 -24.09
N SER L 66 -92.63 -5.67 -24.43
CA SER L 66 -93.74 -5.43 -23.51
C SER L 66 -95.02 -5.97 -24.12
N GLU L 67 -96.14 -5.71 -23.46
CA GLU L 67 -97.42 -6.33 -23.81
C GLU L 67 -98.11 -5.64 -24.99
N LEU L 68 -97.46 -4.66 -25.63
CA LEU L 68 -98.10 -3.89 -26.69
C LEU L 68 -97.35 -4.07 -28.00
N VAL L 69 -98.09 -3.96 -29.11
CA VAL L 69 -97.48 -3.84 -30.43
C VAL L 69 -98.13 -2.66 -31.15
N TYR L 70 -97.30 -1.75 -31.63
CA TYR L 70 -97.78 -0.51 -32.24
C TYR L 70 -97.54 -0.51 -33.74
N VAL L 71 -98.42 0.20 -34.44
CA VAL L 71 -98.21 0.50 -35.86
C VAL L 71 -98.18 2.02 -36.01
N TYR L 72 -97.12 2.51 -36.64
CA TYR L 72 -96.87 3.94 -36.86
C TYR L 72 -96.70 4.23 -38.33
N ASP L 73 -97.57 5.10 -38.84
CA ASP L 73 -97.61 5.44 -40.26
C ASP L 73 -96.54 6.52 -40.46
N GLN L 74 -95.28 6.12 -40.67
CA GLN L 74 -94.11 7.00 -40.91
C GLN L 74 -94.52 8.44 -41.27
N GLU L 75 -95.50 8.57 -42.17
CA GLU L 75 -95.76 9.74 -43.02
C GLU L 75 -96.63 10.63 -42.16
N GLY L 76 -97.22 10.00 -41.14
CA GLY L 76 -97.93 10.60 -40.02
C GLY L 76 -97.38 10.05 -38.72
N GLY L 77 -96.76 10.92 -37.94
CA GLY L 77 -96.24 10.55 -36.62
C GLY L 77 -97.30 10.01 -35.68
N LEU L 78 -98.58 10.18 -36.01
CA LEU L 78 -99.62 9.50 -35.24
C LEU L 78 -99.49 8.00 -35.44
N LEU L 79 -99.91 7.24 -34.44
CA LEU L 79 -100.02 5.78 -34.54
C LEU L 79 -101.22 5.39 -35.38
N THR L 80 -101.12 4.24 -36.03
CA THR L 80 -102.28 3.64 -36.71
C THR L 80 -103.13 2.89 -35.70
N ALA L 81 -102.53 1.91 -35.02
CA ALA L 81 -103.25 1.05 -34.09
C ALA L 81 -102.30 0.50 -33.05
N ALA L 82 -102.83 0.26 -31.87
CA ALA L 82 -102.11 -0.45 -30.81
C ALA L 82 -102.83 -1.75 -30.54
N PHE L 83 -102.04 -2.78 -30.23
CA PHE L 83 -102.59 -4.11 -29.96
C PHE L 83 -102.08 -4.57 -28.62
N ARG L 84 -103.02 -4.78 -27.68
CA ARG L 84 -102.73 -5.42 -26.40
C ARG L 84 -102.67 -6.92 -26.60
N PHE L 85 -101.48 -7.47 -26.48
CA PHE L 85 -101.33 -8.91 -26.28
C PHE L 85 -101.20 -9.18 -24.79
N PRO L 86 -101.79 -10.27 -24.28
CA PRO L 86 -101.38 -10.73 -22.95
C PRO L 86 -100.02 -11.40 -23.09
N ASP L 87 -99.28 -11.45 -21.99
CA ASP L 87 -98.10 -12.30 -21.89
C ASP L 87 -97.02 -11.82 -22.87
N GLN L 88 -96.26 -10.81 -22.44
CA GLN L 88 -95.46 -9.87 -23.27
C GLN L 88 -94.83 -10.50 -24.51
N VAL L 89 -94.86 -9.75 -25.59
CA VAL L 89 -94.38 -10.15 -26.92
C VAL L 89 -92.86 -10.33 -26.89
N TRP L 90 -92.37 -11.33 -27.62
CA TRP L 90 -90.93 -11.59 -27.76
C TRP L 90 -90.42 -11.43 -29.19
N HIS L 91 -91.25 -11.65 -30.20
CA HIS L 91 -90.77 -11.61 -31.58
C HIS L 91 -91.91 -11.39 -32.57
N LEU L 92 -91.60 -10.71 -33.67
CA LEU L 92 -92.57 -10.40 -34.73
C LEU L 92 -92.05 -10.81 -36.09
N GLU L 93 -92.99 -11.10 -36.99
CA GLU L 93 -92.72 -11.33 -38.41
C GLU L 93 -93.89 -10.81 -39.23
N LEU L 94 -93.60 -10.58 -40.50
CA LEU L 94 -94.58 -9.98 -41.41
C LEU L 94 -94.61 -10.79 -42.70
N LEU L 95 -95.78 -10.78 -43.34
CA LEU L 95 -95.95 -11.24 -44.72
C LEU L 95 -96.67 -10.15 -45.51
N ALA L 96 -95.98 -9.56 -46.47
CA ALA L 96 -96.52 -8.50 -47.33
C ALA L 96 -97.54 -9.04 -48.33
N PRO L 97 -97.29 -10.16 -49.04
CA PRO L 97 -98.33 -10.69 -49.93
C PRO L 97 -99.59 -11.08 -49.15
N ARG L 98 -99.42 -11.68 -47.97
CA ARG L 98 -100.56 -12.09 -47.14
C ARG L 98 -101.06 -10.96 -46.24
N ARG L 99 -100.26 -9.93 -46.00
CA ARG L 99 -100.63 -8.84 -45.09
C ARG L 99 -100.92 -9.40 -43.69
N LEU L 100 -99.97 -10.20 -43.18
CA LEU L 100 -100.15 -10.88 -41.89
C LEU L 100 -99.00 -10.56 -40.93
N LEU L 101 -99.33 -10.49 -39.65
CA LEU L 101 -98.35 -10.28 -38.58
C LEU L 101 -98.34 -11.48 -37.66
N TYR L 102 -97.22 -12.20 -37.66
CA TYR L 102 -96.99 -13.31 -36.75
C TYR L 102 -96.30 -12.77 -35.51
N ALA L 103 -96.83 -13.10 -34.35
CA ALA L 103 -96.30 -12.60 -33.08
C ALA L 103 -96.16 -13.74 -32.08
N LEU L 104 -95.08 -13.72 -31.32
CA LEU L 104 -94.84 -14.77 -30.33
C LEU L 104 -95.01 -14.17 -28.94
N CYS L 105 -95.96 -14.70 -28.20
CA CYS L 105 -96.16 -14.36 -26.78
C CYS L 105 -95.30 -15.26 -25.92
N ALA L 106 -95.23 -14.98 -24.63
CA ALA L 106 -94.25 -15.62 -23.75
C ALA L 106 -94.69 -17.06 -23.42
N ARG L 107 -95.77 -17.22 -22.67
CA ARG L 107 -96.26 -18.55 -22.29
C ARG L 107 -97.50 -18.96 -23.10
N ARG L 108 -98.17 -18.01 -23.74
CA ARG L 108 -99.15 -18.33 -24.78
C ARG L 108 -98.42 -18.53 -26.10
N GLY L 109 -99.17 -18.77 -27.17
CA GLY L 109 -98.58 -19.21 -28.43
C GLY L 109 -98.32 -18.09 -29.40
N LEU L 110 -98.41 -18.42 -30.68
CA LEU L 110 -98.25 -17.45 -31.76
C LEU L 110 -99.62 -16.92 -32.13
N TYR L 111 -99.71 -15.60 -32.33
CA TYR L 111 -100.87 -14.95 -32.92
C TYR L 111 -100.52 -14.46 -34.33
N CYS L 112 -101.52 -14.54 -35.20
CA CYS L 112 -101.39 -14.07 -36.59
C CYS L 112 -102.53 -13.09 -36.86
N LEU L 113 -102.24 -11.80 -36.81
CA LEU L 113 -103.23 -10.74 -37.03
C LEU L 113 -103.21 -10.28 -38.48
N SER L 114 -104.41 -9.97 -38.98
CA SER L 114 -104.56 -9.26 -40.26
C SER L 114 -104.26 -7.79 -40.02
N LEU L 115 -103.62 -7.14 -41.00
CA LEU L 115 -103.35 -5.70 -40.89
C LEU L 115 -104.52 -4.84 -41.36
N ASP L 116 -105.54 -5.44 -41.97
CA ASP L 116 -106.79 -4.71 -42.26
C ASP L 116 -107.56 -4.47 -40.97
N HIS L 117 -107.81 -5.54 -40.22
CA HIS L 117 -108.23 -5.49 -38.80
C HIS L 117 -109.47 -4.63 -38.65
N PRO L 118 -110.67 -5.17 -38.90
CA PRO L 118 -111.91 -4.40 -39.00
C PRO L 118 -112.26 -3.68 -37.69
N SER L 138 -110.93 4.47 -28.57
CA SER L 138 -109.47 4.59 -28.49
C SER L 138 -108.80 3.76 -29.60
N PRO L 139 -107.56 4.14 -30.00
CA PRO L 139 -106.82 3.34 -30.99
C PRO L 139 -106.22 2.03 -30.46
N VAL L 140 -106.27 1.81 -29.14
CA VAL L 140 -105.82 0.51 -28.57
C VAL L 140 -106.94 -0.52 -28.70
N ILE L 141 -106.53 -1.73 -29.07
CA ILE L 141 -107.45 -2.86 -29.27
C ILE L 141 -106.85 -4.07 -28.55
N PRO L 142 -107.57 -4.70 -27.61
CA PRO L 142 -107.14 -6.00 -27.09
C PRO L 142 -107.37 -7.12 -28.09
N VAL L 143 -106.32 -7.92 -28.29
CA VAL L 143 -106.37 -9.12 -29.14
C VAL L 143 -107.10 -10.22 -28.39
N ASP L 144 -108.01 -10.89 -29.08
CA ASP L 144 -108.76 -12.03 -28.54
C ASP L 144 -107.99 -13.32 -28.80
N PRO L 145 -108.31 -14.41 -28.08
CA PRO L 145 -107.64 -15.68 -28.32
C PRO L 145 -107.91 -16.32 -29.70
N ASP L 146 -108.86 -15.79 -30.49
CA ASP L 146 -109.20 -16.40 -31.78
C ASP L 146 -108.00 -16.38 -32.73
N ALA L 147 -107.25 -15.28 -32.74
CA ALA L 147 -106.08 -15.17 -33.63
C ALA L 147 -104.91 -16.02 -33.13
N CYS L 148 -105.01 -16.62 -31.94
CA CYS L 148 -103.96 -17.52 -31.44
C CYS L 148 -103.89 -18.76 -32.32
N ILE L 149 -102.67 -19.21 -32.58
CA ILE L 149 -102.44 -20.46 -33.32
C ILE L 149 -101.30 -21.23 -32.66
N LEU L 150 -101.34 -22.55 -32.78
CA LEU L 150 -100.42 -23.50 -32.13
C LEU L 150 -100.01 -23.02 -30.75
N PRO L 151 -100.93 -22.91 -29.77
CA PRO L 151 -100.52 -22.60 -28.41
C PRO L 151 -99.75 -23.76 -27.79
N ASP L 152 -98.51 -23.93 -28.26
CA ASP L 152 -97.58 -24.93 -27.71
C ASP L 152 -97.21 -24.54 -26.28
N ALA L 153 -97.21 -23.25 -25.97
CA ALA L 153 -97.04 -22.68 -24.62
C ALA L 153 -95.62 -22.86 -24.08
N ALA L 154 -94.65 -23.26 -24.91
CA ALA L 154 -93.24 -23.33 -24.53
C ALA L 154 -92.29 -23.00 -25.68
N LEU L 155 -92.78 -22.54 -26.82
CA LEU L 155 -91.90 -22.25 -27.96
C LEU L 155 -91.15 -20.95 -27.70
N CYS L 156 -89.92 -20.86 -28.21
CA CYS L 156 -89.07 -19.69 -27.97
C CYS L 156 -88.81 -18.89 -29.24
N ALA L 157 -88.40 -19.57 -30.31
CA ALA L 157 -88.11 -18.89 -31.57
C ALA L 157 -89.10 -19.34 -32.65
N PHE L 158 -89.09 -18.63 -33.78
CA PHE L 158 -89.77 -19.07 -35.01
C PHE L 158 -89.27 -18.28 -36.22
N THR L 159 -89.26 -18.91 -37.38
CA THR L 159 -88.92 -18.27 -38.65
C THR L 159 -89.88 -18.72 -39.76
N LEU L 160 -89.91 -17.95 -40.85
CA LEU L 160 -90.96 -17.99 -41.87
C LEU L 160 -90.36 -18.04 -43.27
N LEU L 161 -90.88 -18.97 -44.06
CA LEU L 161 -90.59 -19.07 -45.50
C LEU L 161 -91.86 -18.77 -46.29
N ASP L 162 -91.75 -18.86 -47.62
CA ASP L 162 -92.88 -18.56 -48.52
C ASP L 162 -94.06 -19.50 -48.29
N SER L 163 -93.81 -20.77 -47.97
CA SER L 163 -94.88 -21.78 -47.84
C SER L 163 -94.72 -22.65 -46.60
N VAL L 164 -93.66 -22.45 -45.80
CA VAL L 164 -93.31 -23.33 -44.68
C VAL L 164 -93.00 -22.47 -43.46
N LEU L 165 -93.30 -23.01 -42.29
CA LEU L 165 -93.05 -22.39 -40.97
C LEU L 165 -92.07 -23.27 -40.18
N VAL L 166 -91.18 -22.60 -39.46
CA VAL L 166 -90.24 -23.28 -38.55
C VAL L 166 -90.47 -22.67 -37.19
N THR L 167 -90.51 -23.49 -36.15
CA THR L 167 -90.48 -22.95 -34.79
C THR L 167 -89.51 -23.78 -33.95
N LEU L 168 -89.18 -23.27 -32.78
CA LEU L 168 -88.16 -23.90 -31.95
C LEU L 168 -88.62 -23.77 -30.49
N VAL L 169 -88.93 -24.91 -29.89
CA VAL L 169 -89.67 -24.98 -28.63
C VAL L 169 -88.76 -25.57 -27.55
N GLN L 170 -88.91 -25.07 -26.34
CA GLN L 170 -88.10 -25.53 -25.20
C GLN L 170 -88.96 -26.45 -24.35
N GLY L 171 -88.61 -27.73 -24.36
CA GLY L 171 -89.25 -28.68 -23.48
C GLY L 171 -88.40 -28.99 -22.27
N PRO L 172 -88.26 -30.28 -21.94
CA PRO L 172 -87.08 -30.74 -21.21
C PRO L 172 -85.80 -30.50 -22.01
N ALA L 173 -84.69 -30.78 -21.33
CA ALA L 173 -83.36 -30.21 -21.59
C ALA L 173 -83.15 -29.92 -23.07
N ARG L 174 -83.12 -30.97 -23.89
CA ARG L 174 -82.73 -30.85 -25.29
C ARG L 174 -83.81 -30.09 -26.05
N TRP L 175 -83.40 -29.06 -26.77
CA TRP L 175 -84.32 -28.29 -27.62
C TRP L 175 -84.65 -29.12 -28.85
N LYS L 176 -85.83 -28.87 -29.42
CA LYS L 176 -86.31 -29.65 -30.58
C LYS L 176 -86.83 -28.70 -31.65
N MET L 177 -86.37 -28.89 -32.88
CA MET L 177 -86.90 -28.12 -34.01
C MET L 177 -88.06 -28.89 -34.64
N GLN L 178 -89.19 -28.21 -34.79
CA GLN L 178 -90.41 -28.73 -35.44
C GLN L 178 -90.77 -27.83 -36.62
N LEU L 179 -91.38 -28.43 -37.64
CA LEU L 179 -91.60 -27.79 -38.95
C LEU L 179 -93.08 -27.84 -39.30
N PHE L 180 -93.64 -26.70 -39.72
CA PHE L 180 -95.07 -26.58 -40.00
C PHE L 180 -95.27 -26.01 -41.40
N GLU L 181 -96.35 -26.43 -42.04
CA GLU L 181 -96.72 -26.03 -43.40
C GLU L 181 -97.65 -24.82 -43.38
N GLN L 182 -97.28 -23.82 -44.17
CA GLN L 182 -98.04 -22.58 -44.25
C GLN L 182 -99.11 -22.72 -45.32
N PRO L 183 -100.38 -22.37 -45.03
CA PRO L 183 -101.40 -22.35 -46.07
C PRO L 183 -101.25 -21.16 -47.02
N CYS L 184 -100.75 -21.41 -48.23
CA CYS L 184 -100.57 -20.34 -49.22
C CYS L 184 -101.90 -19.74 -49.68
N PRO L 185 -102.97 -20.53 -49.90
CA PRO L 185 -104.28 -19.92 -50.20
C PRO L 185 -104.86 -19.18 -49.00
N GLY L 186 -105.52 -18.06 -49.29
CA GLY L 186 -106.20 -17.27 -48.25
C GLY L 186 -107.29 -18.08 -47.58
N GLU L 187 -107.03 -18.54 -46.35
CA GLU L 187 -107.98 -19.35 -45.60
C GLU L 187 -107.95 -18.92 -44.13
N ASP L 188 -108.55 -19.73 -43.26
CA ASP L 188 -108.35 -19.57 -41.82
C ASP L 188 -106.88 -19.80 -41.51
N PRO L 189 -106.21 -18.89 -40.80
CA PRO L 189 -104.79 -19.08 -40.47
C PRO L 189 -104.60 -20.28 -39.55
N ARG L 190 -104.02 -21.34 -40.10
CA ARG L 190 -103.83 -22.60 -39.38
C ARG L 190 -102.39 -23.04 -39.62
N PRO L 191 -101.79 -23.82 -38.71
CA PRO L 191 -100.41 -24.25 -38.90
C PRO L 191 -100.32 -25.47 -39.82
N GLY L 192 -101.42 -26.20 -39.95
CA GLY L 192 -101.40 -27.44 -40.73
C GLY L 192 -100.72 -28.56 -39.97
N GLY L 193 -100.55 -29.69 -40.65
CA GLY L 193 -99.84 -30.80 -40.05
C GLY L 193 -98.34 -30.59 -40.12
N GLN L 194 -97.65 -30.94 -39.04
CA GLN L 194 -96.20 -30.76 -38.96
C GLN L 194 -95.48 -31.76 -39.87
N ILE L 195 -94.58 -31.24 -40.70
CA ILE L 195 -93.87 -32.06 -41.70
C ILE L 195 -92.93 -33.03 -41.01
N GLY L 196 -91.99 -32.51 -40.21
CA GLY L 196 -90.99 -33.35 -39.57
C GLY L 196 -90.60 -32.77 -38.22
N GLU L 197 -89.75 -33.51 -37.51
CA GLU L 197 -89.23 -33.04 -36.22
C GLU L 197 -87.81 -33.55 -36.04
N VAL L 198 -86.99 -32.69 -35.47
CA VAL L 198 -85.57 -32.95 -35.19
C VAL L 198 -85.32 -32.49 -33.76
N GLU L 199 -84.29 -33.05 -33.14
CA GLU L 199 -83.90 -32.67 -31.78
C GLU L 199 -82.53 -32.00 -31.84
N LEU L 200 -82.34 -30.98 -31.02
CA LEU L 200 -81.03 -30.30 -30.90
C LEU L 200 -80.29 -30.94 -29.73
N SER L 201 -79.80 -32.15 -29.98
CA SER L 201 -79.07 -32.93 -28.97
C SER L 201 -77.77 -32.22 -28.60
N SER L 202 -77.26 -31.38 -29.49
CA SER L 202 -76.05 -30.59 -29.20
C SER L 202 -76.28 -29.64 -28.03
N TYR L 203 -77.48 -29.10 -27.90
CA TYR L 203 -77.75 -28.02 -26.95
C TYR L 203 -78.56 -28.59 -25.78
N THR L 204 -78.06 -28.36 -24.56
CA THR L 204 -78.80 -28.65 -23.33
C THR L 204 -78.66 -27.51 -22.33
N PRO L 205 -79.69 -26.70 -22.12
CA PRO L 205 -79.59 -25.58 -21.19
C PRO L 205 -79.78 -26.09 -19.78
N PRO L 206 -78.88 -25.74 -18.84
CA PRO L 206 -79.13 -26.05 -17.44
C PRO L 206 -80.17 -25.12 -16.80
N ALA L 207 -80.20 -23.85 -17.19
CA ALA L 207 -81.09 -22.84 -16.59
C ALA L 207 -82.55 -23.21 -16.85
N PRO L 216 -86.12 -16.72 -21.62
CA PRO L 216 -84.91 -16.66 -20.80
C PRO L 216 -84.19 -15.34 -20.94
N HIS L 217 -83.00 -15.28 -20.36
CA HIS L 217 -82.16 -14.08 -20.46
C HIS L 217 -81.85 -13.80 -21.93
N PHE L 218 -81.21 -14.74 -22.60
CA PHE L 218 -80.97 -14.70 -24.04
C PHE L 218 -81.87 -15.73 -24.70
N LEU L 219 -82.44 -15.37 -25.84
CA LEU L 219 -83.20 -16.34 -26.63
C LEU L 219 -82.38 -16.71 -27.86
N PRO L 220 -82.63 -17.88 -28.46
CA PRO L 220 -81.88 -18.27 -29.65
C PRO L 220 -82.41 -17.52 -30.88
N VAL L 221 -81.64 -17.62 -31.95
CA VAL L 221 -81.96 -16.89 -33.18
C VAL L 221 -81.99 -17.87 -34.35
N LEU L 222 -83.05 -17.76 -35.14
CA LEU L 222 -83.25 -18.61 -36.32
C LEU L 222 -83.18 -17.75 -37.57
N CYS L 223 -82.18 -18.02 -38.39
CA CYS L 223 -82.08 -17.42 -39.71
C CYS L 223 -82.41 -18.49 -40.75
N SER L 224 -82.94 -18.06 -41.89
CA SER L 224 -83.28 -18.95 -43.01
C SER L 224 -82.45 -18.53 -44.23
N VAL L 225 -81.77 -19.49 -44.84
CA VAL L 225 -80.88 -19.22 -45.97
C VAL L 225 -81.35 -20.03 -47.16
N SER L 226 -81.80 -19.34 -48.20
CA SER L 226 -82.11 -19.99 -49.48
C SER L 226 -80.89 -19.98 -50.39
N PRO L 227 -80.78 -20.97 -51.29
CA PRO L 227 -79.81 -20.89 -52.39
C PRO L 227 -80.39 -20.11 -53.57
N SER L 228 -79.53 -19.52 -54.40
CA SER L 228 -79.96 -18.74 -55.57
C SER L 228 -80.71 -19.62 -56.57
N GLY L 229 -81.94 -19.24 -56.91
CA GLY L 229 -82.77 -19.98 -57.85
C GLY L 229 -84.07 -20.51 -57.28
N SER L 230 -84.08 -20.92 -56.01
CA SER L 230 -85.26 -21.51 -55.34
C SER L 230 -86.48 -20.59 -55.41
N GLY L 242 -85.51 -14.30 -45.10
CA GLY L 242 -84.67 -15.16 -45.94
C GLY L 242 -83.49 -14.44 -46.56
N PHE L 243 -82.47 -15.20 -46.95
CA PHE L 243 -81.24 -14.65 -47.54
C PHE L 243 -80.78 -15.55 -48.69
N THR L 244 -80.62 -14.95 -49.86
CA THR L 244 -80.20 -15.66 -51.07
C THR L 244 -78.67 -15.70 -51.09
N LEU L 245 -78.11 -16.87 -50.85
CA LEU L 245 -76.65 -17.04 -50.84
C LEU L 245 -76.16 -17.43 -52.24
N GLU L 246 -74.88 -17.17 -52.49
CA GLU L 246 -74.21 -17.64 -53.72
C GLU L 246 -74.04 -19.15 -53.68
N ASP L 247 -74.13 -19.77 -54.86
CA ASP L 247 -74.10 -21.23 -54.99
C ASP L 247 -72.78 -21.80 -54.48
N ALA L 248 -71.67 -21.09 -54.68
CA ALA L 248 -70.32 -21.53 -54.30
C ALA L 248 -70.24 -21.79 -52.80
N LEU L 249 -70.49 -20.75 -52.01
CA LEU L 249 -70.38 -20.84 -50.55
C LEU L 249 -71.53 -21.69 -50.01
N PHE L 250 -72.67 -21.70 -50.70
CA PHE L 250 -73.79 -22.57 -50.31
C PHE L 250 -73.33 -24.03 -50.31
N GLY L 251 -72.79 -24.47 -51.45
CA GLY L 251 -72.26 -25.83 -51.54
C GLY L 251 -71.11 -26.07 -50.61
N LEU L 252 -70.23 -25.08 -50.47
CA LEU L 252 -69.06 -25.24 -49.60
C LEU L 252 -69.50 -25.51 -48.16
N LEU L 253 -70.61 -24.94 -47.72
CA LEU L 253 -71.02 -25.09 -46.32
C LEU L 253 -71.91 -26.31 -46.14
N PHE L 254 -72.89 -26.50 -47.00
CA PHE L 254 -73.98 -27.45 -46.72
C PHE L 254 -73.80 -28.76 -47.47
N GLY L 255 -72.71 -28.92 -48.20
CA GLY L 255 -72.44 -30.11 -49.01
C GLY L 255 -73.28 -30.26 -50.27
N ALA L 256 -73.20 -31.46 -50.84
CA ALA L 256 -73.87 -31.74 -52.11
C ALA L 256 -75.34 -32.06 -51.90
N ASP L 257 -75.72 -32.56 -50.74
CA ASP L 257 -77.14 -32.93 -50.52
C ASP L 257 -77.97 -31.67 -50.75
N ALA L 258 -77.58 -30.60 -50.06
CA ALA L 258 -78.28 -29.31 -50.13
C ALA L 258 -78.09 -28.69 -51.51
N THR L 259 -76.86 -28.67 -52.04
CA THR L 259 -76.61 -28.02 -53.34
C THR L 259 -77.40 -28.70 -54.47
N LEU L 260 -77.60 -30.02 -54.39
CA LEU L 260 -78.39 -30.72 -55.42
C LEU L 260 -79.89 -30.48 -55.22
N LEU L 261 -80.36 -30.65 -53.98
CA LEU L 261 -81.80 -30.49 -53.71
C LEU L 261 -82.26 -29.04 -53.96
N GLN L 262 -81.34 -28.06 -53.94
CA GLN L 262 -81.67 -26.63 -53.91
C GLN L 262 -82.53 -26.30 -52.67
N SER L 263 -82.10 -26.85 -51.54
CA SER L 263 -82.84 -26.77 -50.28
C SER L 263 -82.54 -25.44 -49.62
N PRO L 264 -83.52 -24.73 -49.10
CA PRO L 264 -83.21 -23.65 -48.17
C PRO L 264 -82.74 -24.27 -46.86
N VAL L 265 -81.74 -23.65 -46.22
CA VAL L 265 -81.14 -24.14 -44.97
C VAL L 265 -81.56 -23.20 -43.84
N VAL L 266 -81.66 -23.76 -42.64
CA VAL L 266 -82.04 -22.99 -41.44
C VAL L 266 -80.88 -23.08 -40.46
N LEU L 267 -80.34 -21.92 -40.12
CA LEU L 267 -79.32 -21.78 -39.07
C LEU L 267 -79.98 -21.40 -37.75
N CYS L 268 -79.60 -22.12 -36.69
CA CYS L 268 -80.05 -21.81 -35.32
C CYS L 268 -78.84 -21.53 -34.44
N GLY L 269 -78.57 -20.25 -34.20
CA GLY L 269 -77.60 -19.83 -33.18
C GLY L 269 -78.25 -19.92 -31.81
N LEU L 270 -77.59 -20.62 -30.88
CA LEU L 270 -78.22 -20.98 -29.60
C LEU L 270 -77.49 -20.32 -28.45
N PRO L 271 -78.16 -20.12 -27.28
CA PRO L 271 -77.53 -19.46 -26.14
C PRO L 271 -76.22 -20.05 -25.62
N ASP L 272 -76.02 -21.35 -25.78
CA ASP L 272 -74.72 -21.96 -25.44
C ASP L 272 -73.60 -21.31 -26.26
N GLY L 273 -73.88 -21.02 -27.52
CA GLY L 273 -72.95 -20.32 -28.40
C GLY L 273 -72.69 -21.08 -29.69
N GLN L 274 -73.50 -22.08 -29.98
CA GLN L 274 -73.24 -22.90 -31.16
C GLN L 274 -74.29 -22.59 -32.22
N LEU L 275 -73.82 -22.47 -33.46
CA LEU L 275 -74.71 -22.27 -34.62
C LEU L 275 -74.84 -23.58 -35.40
N CYS L 276 -76.08 -24.04 -35.57
CA CYS L 276 -76.37 -25.36 -36.14
C CYS L 276 -77.22 -25.22 -37.42
N CYS L 277 -76.68 -25.74 -38.52
CA CYS L 277 -77.37 -25.75 -39.83
C CYS L 277 -78.23 -27.02 -39.93
N VAL L 278 -79.43 -26.86 -40.45
CA VAL L 278 -80.24 -28.03 -40.85
C VAL L 278 -80.81 -27.80 -42.25
N ILE L 279 -80.85 -28.87 -43.05
CA ILE L 279 -81.40 -28.82 -44.42
C ILE L 279 -82.89 -29.17 -44.35
N LEU L 280 -83.74 -28.31 -44.94
CA LEU L 280 -85.20 -28.48 -44.83
C LEU L 280 -85.74 -29.61 -45.69
N LYS L 281 -85.22 -29.80 -46.90
CA LYS L 281 -85.64 -30.95 -47.72
C LYS L 281 -85.34 -32.28 -47.02
N ALA L 282 -84.21 -32.37 -46.34
CA ALA L 282 -83.88 -33.58 -45.58
C ALA L 282 -84.69 -33.67 -44.30
N LEU L 283 -85.01 -32.51 -43.69
CA LEU L 283 -85.87 -32.43 -42.50
C LEU L 283 -87.32 -32.63 -42.96
N VAL L 284 -87.65 -33.90 -43.24
CA VAL L 284 -89.02 -34.35 -43.48
C VAL L 284 -89.18 -35.71 -42.80
N THR L 285 -89.73 -35.70 -41.59
CA THR L 285 -89.76 -36.91 -40.75
C THR L 285 -91.20 -37.27 -40.39
N LEU L 296 -78.50 -35.74 -37.92
CA LEU L 296 -79.21 -35.14 -39.05
C LEU L 296 -78.85 -33.66 -39.16
N VAL L 297 -79.09 -32.91 -38.09
CA VAL L 297 -78.77 -31.47 -38.00
C VAL L 297 -77.25 -31.34 -37.84
N LYS L 298 -76.64 -30.45 -38.62
CA LYS L 298 -75.18 -30.30 -38.60
C LYS L 298 -74.82 -29.02 -37.86
N ILE L 299 -73.71 -29.08 -37.14
CA ILE L 299 -73.19 -27.95 -36.34
C ILE L 299 -71.92 -27.41 -37.00
N LEU L 300 -71.85 -26.08 -37.16
CA LEU L 300 -70.76 -25.50 -37.98
C LEU L 300 -69.72 -24.89 -37.07
N HIS L 301 -70.11 -23.89 -36.29
CA HIS L 301 -69.11 -23.23 -35.44
C HIS L 301 -69.70 -23.02 -34.05
N HIS L 302 -68.82 -23.04 -33.05
CA HIS L 302 -69.15 -22.98 -31.63
C HIS L 302 -68.49 -21.73 -31.02
N LEU L 303 -69.08 -20.56 -31.28
CA LEU L 303 -68.84 -19.38 -30.45
C LEU L 303 -69.11 -19.69 -28.99
N GLU L 304 -68.29 -19.13 -28.12
CA GLU L 304 -68.39 -19.44 -26.68
C GLU L 304 -69.53 -18.68 -25.99
N GLU L 305 -69.87 -17.50 -26.50
CA GLU L 305 -70.86 -16.62 -25.86
C GLU L 305 -72.16 -16.75 -26.62
N PRO L 306 -73.29 -16.35 -26.01
CA PRO L 306 -74.59 -16.55 -26.65
C PRO L 306 -74.63 -15.80 -27.97
N VAL L 307 -75.56 -16.21 -28.82
CA VAL L 307 -75.67 -15.69 -30.18
C VAL L 307 -76.79 -14.65 -30.22
N ILE L 308 -76.58 -13.62 -31.04
CA ILE L 308 -77.49 -12.48 -31.13
C ILE L 308 -77.93 -12.25 -32.55
N PHE L 309 -76.99 -12.14 -33.48
CA PHE L 309 -77.34 -11.91 -34.89
C PHE L 309 -76.54 -12.89 -35.75
N ILE L 310 -77.20 -13.49 -36.73
CA ILE L 310 -76.52 -14.24 -37.82
C ILE L 310 -77.05 -13.72 -39.14
N GLY L 311 -76.16 -13.54 -40.10
CA GLY L 311 -76.59 -13.12 -41.43
C GLY L 311 -75.53 -13.34 -42.47
N ALA L 312 -75.59 -12.51 -43.50
CA ALA L 312 -74.75 -12.67 -44.68
C ALA L 312 -74.73 -11.36 -45.44
N LEU L 313 -73.66 -11.14 -46.19
CA LEU L 313 -73.50 -9.90 -46.96
C LEU L 313 -73.10 -10.17 -48.39
N LYS L 314 -73.18 -9.10 -49.18
CA LYS L 314 -72.67 -9.09 -50.55
C LYS L 314 -71.44 -8.18 -50.54
N THR L 315 -70.30 -8.78 -50.30
CA THR L 315 -69.00 -8.10 -50.31
C THR L 315 -68.55 -7.89 -51.76
N GLU L 316 -67.63 -6.94 -51.92
CA GLU L 316 -67.13 -6.52 -53.24
C GLU L 316 -68.31 -6.09 -54.11
N PRO L 317 -69.16 -5.10 -53.70
CA PRO L 317 -70.32 -4.69 -54.51
C PRO L 317 -69.89 -3.74 -55.63
N GLN L 318 -69.08 -4.24 -56.55
CA GLN L 318 -68.56 -3.47 -57.68
C GLN L 318 -69.22 -3.92 -58.99
N PRO L 328 -83.47 -1.05 -59.04
CA PRO L 328 -82.83 -1.86 -58.02
C PRO L 328 -83.64 -3.11 -57.65
N ASP L 329 -82.93 -4.13 -57.18
CA ASP L 329 -83.50 -5.42 -56.78
C ASP L 329 -83.30 -5.63 -55.28
N GLU L 330 -84.17 -6.46 -54.70
CA GLU L 330 -84.13 -6.80 -53.26
C GLU L 330 -83.12 -7.92 -53.00
N ASP L 331 -83.33 -9.08 -53.63
CA ASP L 331 -82.50 -10.27 -53.39
C ASP L 331 -81.17 -10.12 -54.12
N VAL L 332 -80.10 -9.83 -53.38
CA VAL L 332 -78.73 -9.71 -53.92
C VAL L 332 -77.97 -10.99 -53.59
N HIS L 333 -77.13 -11.46 -54.52
CA HIS L 333 -76.36 -12.69 -54.33
C HIS L 333 -75.26 -12.44 -53.30
N CYS L 334 -75.52 -12.82 -52.05
CA CYS L 334 -74.64 -12.45 -50.92
C CYS L 334 -73.37 -13.30 -50.93
N ASP L 335 -72.20 -12.65 -50.87
CA ASP L 335 -70.90 -13.34 -50.96
C ASP L 335 -70.39 -13.87 -49.63
N CYS L 336 -70.62 -13.15 -48.53
CA CYS L 336 -69.99 -13.49 -47.25
C CYS L 336 -71.04 -14.07 -46.30
N LEU L 337 -70.57 -14.48 -45.13
CA LEU L 337 -71.43 -14.86 -43.99
C LEU L 337 -70.84 -14.35 -42.68
N VAL L 338 -71.66 -13.72 -41.85
CA VAL L 338 -71.22 -13.10 -40.59
C VAL L 338 -72.12 -13.62 -39.48
N ALA L 339 -71.53 -13.81 -38.29
CA ALA L 339 -72.32 -13.97 -37.07
C ALA L 339 -71.73 -13.14 -35.93
N PHE L 340 -72.53 -12.94 -34.89
CA PHE L 340 -72.16 -12.10 -33.76
C PHE L 340 -72.47 -12.81 -32.47
N GLY L 341 -71.72 -12.43 -31.46
CA GLY L 341 -71.92 -12.86 -30.08
C GLY L 341 -72.54 -11.74 -29.27
N HIS L 342 -72.59 -11.97 -27.97
CA HIS L 342 -73.08 -10.94 -27.05
C HIS L 342 -71.89 -10.17 -26.53
N HIS L 343 -70.97 -10.86 -25.88
CA HIS L 343 -69.77 -10.25 -25.28
C HIS L 343 -68.81 -9.65 -26.31
N GLY L 344 -69.06 -9.88 -27.62
CA GLY L 344 -68.41 -9.10 -28.69
C GLY L 344 -67.67 -9.91 -29.72
N ARG L 345 -67.86 -11.22 -29.76
CA ARG L 345 -67.14 -12.07 -30.71
C ARG L 345 -67.85 -12.04 -32.05
N MET L 346 -67.16 -11.62 -33.10
CA MET L 346 -67.74 -11.72 -34.44
C MET L 346 -67.02 -12.85 -35.17
N LEU L 347 -67.76 -13.57 -36.02
CA LEU L 347 -67.24 -14.66 -36.86
C LEU L 347 -67.55 -14.35 -38.31
N ALA L 348 -66.61 -14.67 -39.21
CA ALA L 348 -66.85 -14.43 -40.63
C ALA L 348 -66.37 -15.60 -41.47
N ILE L 349 -67.15 -15.91 -42.52
CA ILE L 349 -66.89 -17.02 -43.44
C ILE L 349 -66.96 -16.53 -44.87
N LYS L 350 -66.11 -17.10 -45.72
CA LYS L 350 -66.09 -16.84 -47.16
C LYS L 350 -65.56 -18.07 -47.88
N ALA L 351 -65.93 -18.19 -49.16
CA ALA L 351 -65.42 -19.20 -50.08
C ALA L 351 -64.10 -18.74 -50.70
N SER L 352 -63.07 -19.58 -50.62
CA SER L 352 -61.70 -19.23 -51.01
C SER L 352 -61.34 -19.82 -52.36
N TRP L 353 -61.44 -21.15 -52.49
CA TRP L 353 -61.03 -21.92 -53.68
C TRP L 353 -59.63 -21.54 -54.16
N ASP L 354 -58.74 -21.16 -53.24
CA ASP L 354 -57.42 -20.62 -53.61
C ASP L 354 -56.32 -21.56 -53.12
N GLU L 355 -55.22 -21.58 -53.88
CA GLU L 355 -53.93 -22.21 -53.49
C GLU L 355 -53.96 -23.72 -53.70
N SER L 356 -55.15 -24.31 -53.79
CA SER L 356 -55.27 -25.75 -54.04
C SER L 356 -56.23 -26.08 -55.19
N GLY L 357 -57.04 -25.12 -55.64
CA GLY L 357 -58.06 -25.40 -56.65
C GLY L 357 -59.31 -26.08 -56.11
N LYS L 358 -59.52 -26.09 -54.79
CA LYS L 358 -60.77 -26.63 -54.22
C LYS L 358 -61.35 -25.59 -53.29
N LEU L 359 -62.66 -25.67 -53.07
CA LEU L 359 -63.34 -24.67 -52.24
C LEU L 359 -62.97 -24.91 -50.78
N VAL L 360 -62.37 -23.90 -50.15
CA VAL L 360 -61.98 -23.96 -48.72
C VAL L 360 -62.64 -22.80 -47.99
N PRO L 361 -63.21 -23.02 -46.80
CA PRO L 361 -63.78 -21.90 -46.05
C PRO L 361 -62.70 -21.10 -45.30
N GLU L 362 -62.56 -19.84 -45.71
CA GLU L 362 -61.67 -18.86 -45.06
C GLU L 362 -62.47 -18.25 -43.91
N LEU L 363 -62.19 -18.65 -42.67
CA LEU L 363 -62.85 -18.08 -41.49
C LEU L 363 -61.99 -17.00 -40.83
N ARG L 364 -62.64 -15.93 -40.38
CA ARG L 364 -62.09 -15.01 -39.38
C ARG L 364 -62.82 -15.22 -38.05
N GLU L 365 -62.33 -14.51 -37.04
CA GLU L 365 -63.05 -14.18 -35.81
C GLU L 365 -62.49 -12.90 -35.20
N TYR L 366 -63.30 -11.86 -35.25
CA TYR L 366 -62.96 -10.54 -34.72
C TYR L 366 -63.46 -10.45 -33.29
N CYS L 367 -62.94 -9.49 -32.55
CA CYS L 367 -63.37 -9.23 -31.17
C CYS L 367 -63.74 -7.75 -31.03
N LEU L 368 -64.95 -7.43 -31.45
CA LEU L 368 -65.37 -6.03 -31.45
C LEU L 368 -65.89 -5.68 -30.07
N PRO L 369 -65.76 -4.41 -29.67
CA PRO L 369 -65.94 -4.06 -28.28
C PRO L 369 -67.40 -4.12 -27.86
N GLY L 370 -67.56 -4.17 -26.54
CA GLY L 370 -68.81 -3.88 -25.87
C GLY L 370 -69.80 -5.02 -26.00
N PRO L 371 -70.64 -5.20 -24.98
CA PRO L 371 -71.75 -6.15 -25.08
C PRO L 371 -72.74 -5.71 -26.14
N VAL L 372 -72.67 -6.34 -27.30
CA VAL L 372 -73.56 -6.04 -28.42
C VAL L 372 -75.02 -6.25 -27.97
N LEU L 373 -75.85 -5.25 -28.23
CA LEU L 373 -77.30 -5.28 -27.92
C LEU L 373 -78.14 -5.55 -29.14
N CYS L 374 -77.66 -5.15 -30.33
CA CYS L 374 -78.38 -5.40 -31.58
C CYS L 374 -77.44 -5.20 -32.75
N ALA L 375 -77.82 -5.75 -33.90
CA ALA L 375 -77.14 -5.43 -35.16
C ALA L 375 -78.02 -5.75 -36.36
N ALA L 376 -77.59 -5.24 -37.49
CA ALA L 376 -78.24 -5.46 -38.78
C ALA L 376 -77.20 -5.26 -39.88
N CYS L 377 -77.60 -5.56 -41.11
CA CYS L 377 -76.71 -5.58 -42.27
C CYS L 377 -77.04 -4.39 -43.17
N GLY L 378 -76.01 -3.84 -43.81
CA GLY L 378 -76.21 -2.76 -44.77
C GLY L 378 -75.62 -3.14 -46.13
N GLY L 379 -76.28 -2.67 -47.18
CA GLY L 379 -75.88 -3.00 -48.55
C GLY L 379 -74.47 -2.59 -48.86
N GLY L 380 -73.63 -3.56 -49.25
CA GLY L 380 -72.26 -3.27 -49.65
C GLY L 380 -71.26 -3.57 -48.56
N GLY L 381 -71.38 -4.75 -47.95
CA GLY L 381 -70.39 -5.21 -46.99
C GLY L 381 -70.28 -4.26 -45.81
N ARG L 382 -71.41 -3.87 -45.24
CA ARG L 382 -71.45 -2.97 -44.08
C ARG L 382 -72.34 -3.61 -43.00
N VAL L 383 -71.96 -3.40 -41.74
CA VAL L 383 -72.74 -3.93 -40.61
C VAL L 383 -72.93 -2.86 -39.56
N TYR L 384 -74.18 -2.63 -39.16
CA TYR L 384 -74.44 -1.70 -38.06
C TYR L 384 -74.62 -2.52 -36.80
N HIS L 385 -73.77 -2.26 -35.83
CA HIS L 385 -73.87 -2.91 -34.52
C HIS L 385 -73.94 -1.83 -33.46
N SER L 386 -74.33 -2.24 -32.27
CA SER L 386 -74.63 -1.28 -31.21
C SER L 386 -74.05 -1.73 -29.88
N THR L 387 -73.39 -0.80 -29.22
CA THR L 387 -72.91 -0.98 -27.86
C THR L 387 -73.67 0.02 -26.97
N PRO L 388 -73.85 -0.24 -25.66
CA PRO L 388 -74.57 0.70 -24.81
C PRO L 388 -73.95 2.09 -24.75
N SER L 389 -72.77 2.28 -25.35
CA SER L 389 -72.21 3.62 -25.58
C SER L 389 -72.73 4.22 -26.87
N ASP L 390 -72.48 3.55 -27.98
CA ASP L 390 -72.59 4.16 -29.31
C ASP L 390 -73.18 3.13 -30.29
N LEU L 391 -73.64 3.61 -31.44
CA LEU L 391 -73.93 2.73 -32.58
C LEU L 391 -72.75 2.77 -33.55
N CYS L 392 -71.99 1.69 -33.64
CA CYS L 392 -70.80 1.72 -34.48
C CYS L 392 -71.03 0.86 -35.70
N VAL L 393 -70.16 1.04 -36.69
CA VAL L 393 -70.36 0.40 -38.00
C VAL L 393 -69.05 -0.24 -38.42
N VAL L 394 -69.14 -1.25 -39.27
CA VAL L 394 -67.96 -2.01 -39.72
C VAL L 394 -68.09 -2.26 -41.21
N ASP L 395 -67.04 -1.94 -41.95
CA ASP L 395 -67.00 -2.09 -43.41
C ASP L 395 -66.12 -3.28 -43.77
N LEU L 396 -66.75 -4.37 -44.23
CA LEU L 396 -66.06 -5.58 -44.69
C LEU L 396 -65.67 -5.46 -46.17
N SER L 397 -66.25 -4.51 -46.91
CA SER L 397 -66.05 -4.32 -48.35
C SER L 397 -64.61 -3.90 -48.66
N ARG L 398 -64.00 -4.66 -49.56
CA ARG L 398 -62.62 -4.46 -50.00
C ARG L 398 -62.59 -4.04 -51.47
N PRO L 408 -58.46 -12.36 -47.39
CA PRO L 408 -59.33 -11.86 -48.46
C PRO L 408 -60.33 -10.83 -47.96
N GLU L 409 -61.12 -11.19 -46.95
CA GLU L 409 -62.25 -10.35 -46.53
C GLU L 409 -61.71 -9.19 -45.69
N GLU L 410 -61.18 -9.48 -44.50
CA GLU L 410 -60.73 -8.43 -43.57
C GLU L 410 -59.81 -9.08 -42.54
N GLY L 411 -58.62 -8.53 -42.40
CA GLY L 411 -57.70 -9.04 -41.40
C GLY L 411 -58.07 -8.52 -40.02
N PRO L 412 -57.90 -7.20 -39.80
CA PRO L 412 -58.32 -6.57 -38.55
C PRO L 412 -59.71 -5.93 -38.62
N GLY L 413 -60.41 -5.88 -37.51
CA GLY L 413 -61.75 -5.29 -37.50
C GLY L 413 -61.66 -3.80 -37.26
N GLY L 414 -61.55 -3.00 -38.31
CA GLY L 414 -61.58 -1.54 -38.16
C GLY L 414 -63.00 -1.01 -38.15
N LEU L 415 -63.33 -0.11 -37.22
CA LEU L 415 -64.74 0.30 -37.01
C LEU L 415 -64.81 1.73 -36.48
N PRO L 416 -65.49 2.67 -37.17
CA PRO L 416 -65.81 3.96 -36.56
C PRO L 416 -67.18 3.96 -35.91
N PRO L 417 -67.38 4.78 -34.85
CA PRO L 417 -68.72 5.20 -34.46
C PRO L 417 -69.39 6.13 -35.48
N MET L 418 -70.70 6.24 -35.36
CA MET L 418 -71.49 7.24 -36.09
C MET L 418 -71.96 8.34 -35.15
N LEU L 419 -71.48 8.36 -33.91
CA LEU L 419 -71.84 9.37 -32.90
C LEU L 419 -73.35 9.45 -32.66
N CYS L 420 -74.07 8.35 -32.83
CA CYS L 420 -75.45 8.21 -32.35
C CYS L 420 -75.43 7.43 -31.06
N PRO L 421 -76.50 7.51 -30.23
CA PRO L 421 -76.44 6.89 -28.91
C PRO L 421 -76.72 5.40 -28.93
N ALA L 422 -76.84 4.81 -27.75
CA ALA L 422 -77.18 3.39 -27.65
C ALA L 422 -78.57 3.15 -28.20
N SER L 423 -78.61 2.75 -29.46
CA SER L 423 -79.82 2.22 -30.08
C SER L 423 -79.78 0.71 -29.92
N LEU L 424 -80.80 0.15 -29.29
CA LEU L 424 -81.09 -1.28 -29.39
C LEU L 424 -82.10 -1.50 -30.50
N ASN L 425 -82.11 -2.71 -31.07
CA ASN L 425 -83.05 -3.11 -32.13
C ASN L 425 -82.96 -2.13 -33.31
N ILE L 426 -81.85 -2.15 -34.02
CA ILE L 426 -81.73 -1.47 -35.33
C ILE L 426 -82.45 -2.31 -36.38
N CYS L 427 -82.85 -1.66 -37.46
CA CYS L 427 -83.33 -2.33 -38.68
C CYS L 427 -83.17 -1.36 -39.84
N SER L 428 -82.91 -1.88 -41.03
CA SER L 428 -82.57 -1.06 -42.19
C SER L 428 -83.60 -1.24 -43.30
N VAL L 429 -84.03 -0.12 -43.89
CA VAL L 429 -84.71 -0.13 -45.19
C VAL L 429 -83.73 0.51 -46.18
N VAL L 430 -83.45 -0.21 -47.27
CA VAL L 430 -82.42 0.24 -48.21
C VAL L 430 -83.09 1.07 -49.32
N SER L 431 -82.75 2.37 -49.32
CA SER L 431 -83.32 3.39 -50.22
C SER L 431 -82.73 3.28 -51.63
N LEU L 432 -81.44 3.56 -51.78
CA LEU L 432 -80.73 3.57 -53.06
C LEU L 432 -81.45 4.50 -54.05
N SER L 433 -81.67 5.72 -53.59
CA SER L 433 -82.41 6.75 -54.34
C SER L 433 -81.57 8.01 -54.49
N GLY L 441 -80.69 10.97 -50.45
CA GLY L 441 -80.78 9.64 -51.07
C GLY L 441 -79.85 8.63 -50.44
N GLY L 442 -79.63 8.77 -49.13
CA GLY L 442 -78.74 7.88 -48.38
C GLY L 442 -79.53 6.75 -47.76
N THR L 443 -78.85 5.96 -46.93
CA THR L 443 -79.48 4.81 -46.26
C THR L 443 -80.25 5.31 -45.06
N LYS L 444 -81.42 4.74 -44.82
CA LYS L 444 -82.31 5.26 -43.77
C LYS L 444 -82.72 4.10 -42.86
N LEU L 445 -82.28 4.12 -41.61
CA LEU L 445 -82.62 3.04 -40.65
C LEU L 445 -83.64 3.55 -39.65
N LEU L 446 -84.30 2.61 -38.97
CA LEU L 446 -85.22 2.95 -37.89
C LEU L 446 -84.70 2.29 -36.63
N ALA L 447 -84.42 3.10 -35.62
CA ALA L 447 -83.93 2.57 -34.36
C ALA L 447 -84.94 2.85 -33.28
N LEU L 448 -84.77 2.16 -32.16
CA LEU L 448 -85.45 2.48 -30.91
C LEU L 448 -84.40 2.68 -29.83
N SER L 449 -84.22 3.92 -29.36
CA SER L 449 -83.19 4.25 -28.36
C SER L 449 -83.54 3.59 -27.05
N ALA L 450 -82.51 3.23 -26.28
CA ALA L 450 -82.73 2.53 -25.00
C ALA L 450 -83.60 3.36 -24.05
N LYS L 451 -83.67 4.67 -24.21
CA LYS L 451 -84.54 5.50 -23.37
C LYS L 451 -86.02 5.37 -23.76
N GLY L 452 -86.31 4.83 -24.94
CA GLY L 452 -87.68 4.54 -25.35
C GLY L 452 -88.17 5.58 -26.33
N ARG L 453 -87.32 5.97 -27.27
CA ARG L 453 -87.60 6.96 -28.29
C ARG L 453 -87.37 6.32 -29.66
N LEU L 454 -88.46 6.14 -30.40
CA LEU L 454 -88.38 5.85 -31.84
C LEU L 454 -87.64 6.95 -32.57
N MET L 455 -86.67 6.57 -33.38
CA MET L 455 -85.95 7.53 -34.22
C MET L 455 -85.67 6.91 -35.56
N THR L 456 -85.40 7.77 -36.54
CA THR L 456 -85.36 7.38 -37.95
C THR L 456 -84.03 7.78 -38.59
N CYS L 457 -82.94 7.36 -37.98
CA CYS L 457 -81.61 7.83 -38.37
C CYS L 457 -81.41 7.68 -39.88
N SER L 458 -81.34 8.82 -40.56
CA SER L 458 -81.06 8.93 -41.99
C SER L 458 -79.54 9.08 -42.12
N LEU L 459 -78.91 8.15 -42.82
CA LEU L 459 -77.44 8.15 -42.93
C LEU L 459 -77.02 8.76 -44.25
N ASP L 460 -75.84 9.38 -44.22
CA ASP L 460 -75.33 10.12 -45.37
C ASP L 460 -73.85 9.80 -45.61
N GLU L 474 -58.67 24.62 -27.64
CA GLU L 474 -57.75 24.02 -26.65
C GLU L 474 -58.52 22.99 -25.82
N SER L 475 -59.76 22.73 -26.25
CA SER L 475 -60.66 21.74 -25.63
C SER L 475 -60.10 20.33 -25.80
N ALA L 476 -59.63 20.01 -27.00
CA ALA L 476 -58.95 18.74 -27.29
C ALA L 476 -57.59 18.63 -26.58
N GLY L 477 -56.95 19.75 -26.27
CA GLY L 477 -55.68 19.69 -25.55
C GLY L 477 -55.81 19.00 -24.20
N GLN L 478 -56.95 19.17 -23.51
CA GLN L 478 -57.21 18.49 -22.22
C GLN L 478 -57.85 17.11 -22.42
N LYS L 479 -58.67 16.97 -23.45
CA LYS L 479 -59.27 15.68 -23.77
C LYS L 479 -58.20 14.63 -24.06
N ILE L 480 -57.14 15.02 -24.77
CA ILE L 480 -55.99 14.13 -25.02
C ILE L 480 -55.46 13.62 -23.68
N LYS L 481 -55.28 14.51 -22.73
CA LYS L 481 -54.67 14.15 -21.45
C LYS L 481 -55.56 13.18 -20.69
N GLU L 482 -56.88 13.39 -20.77
CA GLU L 482 -57.82 12.55 -20.01
C GLU L 482 -57.84 11.12 -20.56
N LEU L 483 -57.83 10.97 -21.89
CA LEU L 483 -57.69 9.65 -22.51
C LEU L 483 -56.33 9.02 -22.21
N LEU L 484 -55.28 9.82 -22.15
CA LEU L 484 -53.96 9.28 -21.85
C LEU L 484 -53.97 8.67 -20.46
N SER L 485 -54.69 9.29 -19.51
CA SER L 485 -54.83 8.72 -18.16
C SER L 485 -55.52 7.36 -18.21
N GLY L 486 -56.60 7.23 -18.98
CA GLY L 486 -57.25 5.93 -19.16
C GLY L 486 -56.30 4.87 -19.74
N ILE L 487 -55.48 5.25 -20.73
CA ILE L 487 -54.47 4.34 -21.30
C ILE L 487 -53.49 3.90 -20.22
N GLY L 488 -53.00 4.86 -19.45
CA GLY L 488 -52.09 4.56 -18.35
C GLY L 488 -52.70 3.55 -17.40
N ASN L 489 -53.97 3.73 -17.08
CA ASN L 489 -54.66 2.87 -16.10
C ASN L 489 -54.78 1.45 -16.65
N ILE L 490 -55.32 1.31 -17.85
CA ILE L 490 -55.57 -0.01 -18.42
C ILE L 490 -54.26 -0.77 -18.65
N SER L 491 -53.20 -0.11 -19.11
CA SER L 491 -51.95 -0.79 -19.46
C SER L 491 -51.22 -1.41 -18.26
N GLU L 492 -51.31 -0.80 -17.08
CA GLU L 492 -50.78 -1.45 -15.88
C GLU L 492 -51.50 -2.77 -15.61
N ARG L 493 -52.83 -2.77 -15.67
CA ARG L 493 -53.59 -4.01 -15.46
C ARG L 493 -53.19 -5.04 -16.51
N VAL L 494 -52.89 -4.61 -17.72
CA VAL L 494 -52.46 -5.54 -18.79
C VAL L 494 -51.14 -6.19 -18.39
N SER L 495 -50.18 -5.40 -17.94
CA SER L 495 -48.89 -5.96 -17.52
C SER L 495 -49.09 -6.92 -16.36
N PHE L 496 -49.92 -6.53 -15.39
CA PHE L 496 -50.22 -7.36 -14.21
C PHE L 496 -50.75 -8.74 -14.64
N LEU L 497 -51.74 -8.73 -15.53
CA LEU L 497 -52.30 -10.01 -16.00
C LEU L 497 -51.27 -10.80 -16.79
N LYS L 498 -50.37 -10.14 -17.53
CA LYS L 498 -49.33 -10.87 -18.26
C LYS L 498 -48.46 -11.68 -17.31
N LYS L 499 -48.11 -11.09 -16.18
CA LYS L 499 -47.27 -11.77 -15.21
C LYS L 499 -48.03 -12.89 -14.49
N ALA L 500 -49.32 -12.68 -14.19
CA ALA L 500 -50.13 -13.76 -13.60
C ALA L 500 -50.20 -14.96 -14.55
N VAL L 501 -50.38 -14.70 -15.83
CA VAL L 501 -50.38 -15.74 -16.87
C VAL L 501 -49.06 -16.48 -16.86
N ASP L 502 -47.95 -15.74 -16.85
CA ASP L 502 -46.62 -16.36 -16.89
C ASP L 502 -46.42 -17.24 -15.66
N GLN L 503 -46.87 -16.80 -14.50
CA GLN L 503 -46.78 -17.61 -13.27
C GLN L 503 -47.56 -18.90 -13.48
N ARG L 504 -48.76 -18.80 -14.04
CA ARG L 504 -49.57 -20.02 -14.24
C ARG L 504 -48.85 -20.94 -15.22
N ASN L 505 -48.16 -20.37 -16.19
CA ASN L 505 -47.40 -21.17 -17.16
C ASN L 505 -46.29 -21.94 -16.44
N LYS L 506 -45.64 -21.29 -15.50
CA LYS L 506 -44.56 -21.95 -14.76
C LYS L 506 -45.13 -23.09 -13.93
N ALA L 507 -46.24 -22.82 -13.24
CA ALA L 507 -46.95 -23.85 -12.47
C ALA L 507 -47.26 -25.05 -13.36
N LEU L 508 -47.73 -24.77 -14.57
CA LEU L 508 -48.12 -25.88 -15.43
C LEU L 508 -46.90 -26.70 -15.84
N THR L 509 -45.79 -26.08 -16.18
CA THR L 509 -44.58 -26.86 -16.53
C THR L 509 -44.16 -27.74 -15.38
N SER L 510 -44.13 -27.16 -14.19
CA SER L 510 -43.70 -27.93 -13.02
C SER L 510 -44.66 -29.09 -12.78
N LEU L 511 -45.96 -28.85 -12.90
CA LEU L 511 -46.91 -29.94 -12.70
C LEU L 511 -46.71 -31.03 -13.75
N ASN L 512 -46.38 -30.66 -14.97
CA ASN L 512 -46.15 -31.67 -16.02
C ASN L 512 -45.00 -32.57 -15.60
N GLU L 513 -43.94 -31.94 -15.14
CA GLU L 513 -42.79 -32.72 -14.71
C GLU L 513 -43.23 -33.68 -13.60
N ALA L 514 -44.04 -33.17 -12.66
CA ALA L 514 -44.50 -33.97 -11.51
C ALA L 514 -45.33 -35.17 -11.96
N MET L 515 -46.13 -34.97 -12.98
CA MET L 515 -46.96 -36.09 -13.46
C MET L 515 -46.10 -37.12 -14.18
N ASN L 516 -45.15 -36.71 -15.01
CA ASN L 516 -44.30 -37.70 -15.68
C ASN L 516 -43.56 -38.49 -14.63
N VAL L 517 -43.08 -37.79 -13.60
CA VAL L 517 -42.35 -38.45 -12.52
C VAL L 517 -43.25 -39.44 -11.78
N SER L 518 -44.43 -38.97 -11.36
CA SER L 518 -45.39 -39.84 -10.64
C SER L 518 -45.75 -41.07 -11.47
N CYS L 519 -45.97 -40.90 -12.78
CA CYS L 519 -46.22 -42.02 -13.70
C CYS L 519 -45.02 -42.96 -13.72
N ALA L 520 -43.82 -42.41 -13.74
CA ALA L 520 -42.62 -43.23 -13.75
C ALA L 520 -42.60 -44.07 -12.48
N LEU L 521 -42.81 -43.43 -11.34
CA LEU L 521 -42.74 -44.09 -10.04
C LEU L 521 -43.82 -45.15 -9.86
N LEU L 522 -45.09 -44.77 -9.98
CA LEU L 522 -46.18 -45.70 -9.59
C LEU L 522 -46.24 -46.89 -10.53
N SER L 523 -46.27 -46.63 -11.84
CA SER L 523 -46.35 -47.69 -12.86
C SER L 523 -44.97 -48.28 -13.07
N SER L 524 -44.86 -49.14 -14.08
CA SER L 524 -43.61 -49.84 -14.40
C SER L 524 -43.18 -50.66 -13.19
N GLY L 525 -43.96 -51.68 -12.85
CA GLY L 525 -43.68 -52.55 -11.70
C GLY L 525 -42.44 -53.39 -11.96
N THR L 526 -41.30 -52.73 -12.05
CA THR L 526 -40.01 -53.34 -12.42
C THR L 526 -39.04 -53.22 -11.26
N GLY L 527 -37.81 -53.67 -11.49
CA GLY L 527 -36.73 -53.50 -10.52
C GLY L 527 -36.33 -52.05 -10.40
N PRO L 528 -35.75 -51.47 -11.47
CA PRO L 528 -35.23 -50.10 -11.36
C PRO L 528 -36.37 -49.09 -11.52
N ARG L 529 -36.67 -48.41 -10.42
CA ARG L 529 -37.51 -47.22 -10.49
C ARG L 529 -36.66 -46.03 -10.90
N PRO L 530 -37.28 -44.96 -11.39
CA PRO L 530 -36.49 -43.78 -11.73
C PRO L 530 -35.91 -43.13 -10.48
N ILE L 531 -36.71 -43.04 -9.42
CA ILE L 531 -36.30 -42.50 -8.12
C ILE L 531 -36.14 -43.69 -7.18
N SER L 532 -35.17 -43.62 -6.29
CA SER L 532 -35.01 -44.69 -5.29
C SER L 532 -34.54 -44.09 -3.99
N CYS L 533 -34.59 -44.90 -2.93
CA CYS L 533 -34.10 -44.48 -1.62
C CYS L 533 -33.56 -45.70 -0.87
N THR L 534 -32.28 -45.99 -1.09
CA THR L 534 -31.61 -47.09 -0.38
C THR L 534 -31.31 -46.68 1.06
N THR L 535 -31.62 -47.56 2.01
CA THR L 535 -31.28 -47.33 3.41
C THR L 535 -30.28 -48.36 3.87
N SER L 536 -29.16 -47.89 4.40
CA SER L 536 -28.20 -48.74 5.11
C SER L 536 -28.40 -48.58 6.61
N THR L 537 -27.55 -49.26 7.37
CA THR L 537 -27.37 -48.98 8.78
C THR L 537 -25.88 -49.01 9.10
N THR L 538 -25.50 -48.27 10.13
CA THR L 538 -24.07 -48.13 10.52
C THR L 538 -23.91 -47.90 12.04
N TRP L 539 -22.72 -48.20 12.54
CA TRP L 539 -22.32 -47.94 13.93
C TRP L 539 -21.27 -46.85 13.96
N SER L 540 -21.57 -45.79 14.70
CA SER L 540 -20.69 -44.64 14.93
C SER L 540 -20.51 -44.41 16.43
N ARG L 541 -19.44 -43.67 16.73
CA ARG L 541 -19.07 -43.29 18.08
C ARG L 541 -19.53 -41.86 18.31
N LEU L 542 -20.32 -41.65 19.37
CA LEU L 542 -20.65 -40.30 19.84
C LEU L 542 -20.14 -40.00 21.24
N GLN L 543 -19.07 -39.23 21.25
CA GLN L 543 -18.07 -39.01 22.30
C GLN L 543 -17.38 -40.28 22.78
N THR L 544 -18.13 -41.13 23.46
CA THR L 544 -17.74 -42.49 23.86
C THR L 544 -18.77 -43.54 23.51
N GLN L 545 -20.03 -43.16 23.47
CA GLN L 545 -21.13 -44.10 23.18
C GLN L 545 -20.97 -44.71 21.79
N ASP L 546 -21.60 -45.87 21.63
CA ASP L 546 -21.99 -46.36 20.31
C ASP L 546 -23.42 -45.91 20.03
N VAL L 547 -23.70 -45.55 18.79
CA VAL L 547 -25.06 -45.21 18.37
C VAL L 547 -25.36 -45.83 17.04
N LEU L 548 -26.63 -46.06 16.78
CA LEU L 548 -27.06 -46.59 15.49
C LEU L 548 -27.32 -45.44 14.53
N MET L 549 -26.93 -45.59 13.28
CA MET L 549 -27.13 -44.54 12.28
C MET L 549 -27.94 -45.13 11.14
N ALA L 550 -28.76 -44.31 10.48
CA ALA L 550 -29.40 -44.70 9.23
C ALA L 550 -28.93 -43.72 8.17
N THR L 551 -28.03 -44.14 7.29
CA THR L 551 -27.89 -43.50 5.97
C THR L 551 -29.17 -43.77 5.21
N CYS L 552 -29.86 -42.70 4.87
CA CYS L 552 -30.87 -42.72 3.82
C CYS L 552 -30.29 -42.05 2.55
N VAL L 553 -30.23 -42.78 1.43
CA VAL L 553 -29.61 -42.27 0.19
C VAL L 553 -30.68 -42.20 -0.88
N LEU L 554 -31.10 -40.98 -1.21
CA LEU L 554 -32.04 -40.76 -2.31
C LEU L 554 -31.26 -40.62 -3.63
N GLU L 555 -31.65 -41.43 -4.64
CA GLU L 555 -31.04 -41.50 -5.98
C GLU L 555 -32.08 -41.24 -7.07
N ASN L 556 -31.62 -40.57 -8.12
CA ASN L 556 -32.45 -40.23 -9.29
C ASN L 556 -31.81 -40.81 -10.56
N SER L 557 -32.24 -42.02 -10.92
CA SER L 557 -31.70 -42.72 -12.10
C SER L 557 -32.34 -42.20 -13.39
N SER L 558 -33.38 -41.38 -13.30
CA SER L 558 -34.13 -40.87 -14.47
C SER L 558 -33.64 -39.49 -14.83
N SER L 559 -34.30 -38.83 -15.77
CA SER L 559 -33.81 -37.51 -16.19
C SER L 559 -34.54 -36.41 -15.42
N PHE L 560 -35.54 -36.80 -14.65
CA PHE L 560 -36.53 -35.86 -14.10
C PHE L 560 -35.89 -35.05 -12.96
N SER L 561 -35.41 -33.86 -13.24
CA SER L 561 -34.87 -32.96 -12.20
C SER L 561 -36.00 -32.42 -11.31
N LEU L 562 -36.32 -33.10 -10.22
CA LEU L 562 -37.56 -32.78 -9.49
C LEU L 562 -37.56 -31.40 -8.87
N ASP L 563 -38.09 -30.40 -9.56
CA ASP L 563 -37.88 -28.99 -9.18
C ASP L 563 -38.59 -28.74 -7.86
N GLN L 564 -38.83 -27.47 -7.59
CA GLN L 564 -39.33 -26.90 -6.35
C GLN L 564 -40.67 -27.51 -5.97
N GLY L 565 -41.01 -27.46 -4.70
CA GLY L 565 -42.21 -28.10 -4.19
C GLY L 565 -42.19 -29.60 -4.15
N TRP L 566 -41.02 -30.21 -4.22
CA TRP L 566 -40.85 -31.60 -3.78
C TRP L 566 -40.20 -31.54 -2.42
N THR L 567 -40.60 -32.44 -1.55
CA THR L 567 -39.86 -32.63 -0.30
C THR L 567 -39.78 -34.10 0.04
N LEU L 568 -38.98 -34.38 1.05
CA LEU L 568 -38.60 -35.73 1.47
C LEU L 568 -39.00 -35.92 2.92
N CYS L 569 -39.99 -36.77 3.16
CA CYS L 569 -40.56 -36.97 4.49
C CYS L 569 -40.21 -38.39 4.99
N ILE L 570 -39.22 -38.45 5.88
CA ILE L 570 -38.80 -39.64 6.63
C ILE L 570 -39.53 -39.71 7.96
N GLN L 571 -39.96 -40.88 8.36
CA GLN L 571 -40.58 -41.05 9.67
C GLN L 571 -40.20 -42.40 10.23
N VAL L 572 -39.78 -42.41 11.50
CA VAL L 572 -39.06 -43.52 12.14
C VAL L 572 -39.86 -44.00 13.35
N LEU L 573 -40.59 -45.11 13.21
CA LEU L 573 -41.41 -45.61 14.32
C LEU L 573 -40.63 -46.68 15.04
N THR L 574 -40.45 -46.46 16.32
CA THR L 574 -39.65 -47.31 17.20
C THR L 574 -40.29 -48.67 17.44
N SER L 575 -41.52 -48.70 17.91
CA SER L 575 -42.23 -49.97 18.11
C SER L 575 -43.74 -49.82 18.05
N SER L 576 -44.35 -50.60 17.17
CA SER L 576 -45.78 -50.44 16.89
C SER L 576 -46.53 -51.50 17.69
N CYS L 577 -47.09 -51.07 18.82
CA CYS L 577 -48.03 -51.87 19.63
C CYS L 577 -48.76 -50.90 20.53
N ALA L 578 -49.97 -51.27 20.95
CA ALA L 578 -50.79 -50.38 21.77
C ALA L 578 -50.41 -50.62 23.23
N LEU L 579 -49.91 -49.60 23.90
CA LEU L 579 -49.55 -49.72 25.32
C LEU L 579 -50.19 -48.57 26.11
N ASP L 580 -50.57 -48.87 27.34
CA ASP L 580 -51.48 -47.99 28.10
C ASP L 580 -50.82 -46.65 28.36
N LEU L 581 -49.64 -46.67 28.99
CA LEU L 581 -49.03 -45.45 29.54
C LEU L 581 -48.51 -44.42 28.55
N ASP L 582 -48.55 -44.62 27.23
CA ASP L 582 -48.20 -43.46 26.39
C ASP L 582 -46.74 -43.04 26.59
N SER L 583 -45.87 -43.42 25.66
CA SER L 583 -44.45 -43.04 25.75
C SER L 583 -44.14 -41.84 24.86
N ALA L 584 -43.12 -41.09 25.31
CA ALA L 584 -42.66 -39.82 24.77
C ALA L 584 -42.27 -39.85 23.29
N CYS L 585 -41.87 -40.96 22.73
CA CYS L 585 -41.59 -40.81 21.30
C CYS L 585 -42.06 -42.02 20.52
N SER L 586 -43.31 -41.94 20.07
CA SER L 586 -43.85 -42.88 19.09
C SER L 586 -42.92 -42.96 17.88
N ALA L 587 -42.55 -41.77 17.39
CA ALA L 587 -41.80 -41.66 16.14
C ALA L 587 -41.11 -40.32 16.11
N ILE L 588 -40.27 -40.19 15.12
CA ILE L 588 -39.59 -38.95 14.81
C ILE L 588 -39.80 -38.71 13.34
N THR L 589 -39.83 -37.45 12.91
CA THR L 589 -40.01 -37.13 11.49
C THR L 589 -39.00 -36.11 11.01
N TYR L 590 -38.54 -36.27 9.78
CA TYR L 590 -37.70 -35.27 9.12
C TYR L 590 -38.36 -34.85 7.82
N THR L 591 -38.12 -33.60 7.44
CA THR L 591 -38.60 -33.08 6.15
C THR L 591 -37.64 -32.23 5.29
N ILE L 592 -36.55 -32.77 4.82
CA ILE L 592 -35.64 -31.97 3.99
C ILE L 592 -36.28 -31.52 2.71
N PRO L 593 -36.24 -30.23 2.38
CA PRO L 593 -36.61 -29.81 1.02
C PRO L 593 -35.60 -30.31 -0.01
N VAL L 594 -36.09 -30.89 -1.10
CA VAL L 594 -35.24 -31.23 -2.24
C VAL L 594 -35.14 -30.13 -3.28
N ASP L 595 -33.90 -29.83 -3.65
CA ASP L 595 -33.50 -28.62 -4.41
C ASP L 595 -33.29 -28.97 -5.90
N GLN L 596 -34.36 -29.23 -6.63
CA GLN L 596 -34.36 -29.69 -8.05
C GLN L 596 -33.78 -31.09 -8.20
N LEU L 597 -32.95 -31.49 -7.23
CA LEU L 597 -32.26 -32.79 -7.13
C LEU L 597 -31.44 -33.18 -8.35
N GLY L 598 -31.78 -32.71 -9.55
CA GLY L 598 -31.01 -32.97 -10.75
C GLY L 598 -31.02 -34.42 -11.22
N PRO L 599 -30.95 -34.63 -12.53
CA PRO L 599 -30.81 -35.98 -13.10
C PRO L 599 -29.54 -36.68 -12.63
N GLY L 600 -29.62 -37.99 -12.43
CA GLY L 600 -28.46 -38.83 -12.14
C GLY L 600 -27.80 -38.57 -10.80
N ALA L 601 -28.26 -37.57 -10.04
CA ALA L 601 -27.66 -37.15 -8.77
C ALA L 601 -28.20 -38.03 -7.65
N ARG L 602 -27.68 -37.77 -6.44
CA ARG L 602 -28.07 -38.51 -5.24
C ARG L 602 -27.58 -37.73 -4.04
N ARG L 603 -28.39 -37.72 -3.01
CA ARG L 603 -27.91 -37.21 -1.72
C ARG L 603 -28.21 -38.18 -0.61
N GLU L 604 -27.56 -37.94 0.51
CA GLU L 604 -27.35 -38.91 1.57
C GLU L 604 -27.67 -38.16 2.83
N VAL L 605 -28.32 -38.85 3.75
CA VAL L 605 -28.86 -38.22 4.96
C VAL L 605 -28.63 -39.15 6.12
N THR L 606 -27.76 -38.79 7.05
CA THR L 606 -27.50 -39.66 8.19
C THR L 606 -28.36 -39.19 9.35
N LEU L 607 -29.19 -39.99 9.81
CA LEU L 607 -29.95 -39.55 10.96
C LEU L 607 -29.94 -40.67 11.98
N PRO L 608 -29.55 -40.39 13.20
CA PRO L 608 -29.30 -41.45 14.16
C PRO L 608 -30.60 -41.94 14.79
N LEU L 609 -30.55 -43.17 15.30
CA LEU L 609 -31.72 -43.81 15.94
C LEU L 609 -31.48 -44.12 17.41
N GLY L 610 -30.25 -43.88 17.88
CA GLY L 610 -29.64 -44.72 18.89
C GLY L 610 -30.35 -44.68 20.23
N PRO L 611 -29.88 -45.54 21.15
CA PRO L 611 -30.54 -45.69 22.44
C PRO L 611 -30.71 -44.36 23.16
N GLY L 612 -31.70 -43.55 22.81
CA GLY L 612 -31.91 -42.33 23.58
C GLY L 612 -32.74 -42.62 24.81
N GLU L 613 -32.05 -43.17 25.79
CA GLU L 613 -32.36 -43.32 27.22
C GLU L 613 -31.16 -44.16 27.67
N ASN L 614 -31.11 -44.59 28.92
CA ASN L 614 -30.07 -45.57 29.31
C ASN L 614 -30.54 -46.94 28.82
N GLY L 615 -29.85 -47.48 27.82
CA GLY L 615 -30.20 -48.68 27.05
C GLY L 615 -31.61 -48.70 26.48
N GLY L 616 -32.22 -47.52 26.29
CA GLY L 616 -33.66 -47.46 26.06
C GLY L 616 -33.99 -47.76 24.60
N LEU L 617 -33.87 -49.00 24.11
CA LEU L 617 -33.96 -49.22 22.64
C LEU L 617 -34.78 -50.45 22.28
N ASP L 618 -36.07 -50.24 21.97
CA ASP L 618 -36.93 -51.31 21.46
C ASP L 618 -36.75 -51.40 19.94
N LEU L 619 -36.74 -52.61 19.38
CA LEU L 619 -36.09 -52.85 18.08
C LEU L 619 -36.85 -53.84 17.24
N PRO L 620 -38.09 -53.52 16.88
CA PRO L 620 -38.39 -53.25 15.47
C PRO L 620 -38.46 -51.76 15.12
N VAL L 621 -37.33 -51.06 14.96
CA VAL L 621 -37.41 -49.69 14.43
C VAL L 621 -37.37 -49.70 12.92
N THR L 622 -38.32 -48.98 12.35
CA THR L 622 -38.59 -48.95 10.90
C THR L 622 -38.30 -47.54 10.41
N VAL L 623 -37.57 -47.46 9.31
CA VAL L 623 -37.47 -46.18 8.60
C VAL L 623 -38.39 -46.31 7.37
N SER L 624 -39.09 -45.23 7.06
CA SER L 624 -39.94 -45.10 5.86
C SER L 624 -39.52 -43.78 5.20
N CYS L 625 -39.36 -43.80 3.88
CA CYS L 625 -39.16 -42.55 3.12
C CYS L 625 -40.35 -42.27 2.21
N THR L 626 -40.79 -41.02 2.16
CA THR L 626 -41.89 -40.61 1.27
C THR L 626 -41.51 -39.31 0.56
N LEU L 627 -42.14 -39.09 -0.58
CA LEU L 627 -42.06 -37.83 -1.28
C LEU L 627 -43.37 -37.08 -1.06
N PHE L 628 -43.28 -35.77 -1.20
CA PHE L 628 -44.48 -34.96 -1.15
C PHE L 628 -44.36 -33.78 -2.06
N TYR L 629 -45.38 -33.64 -2.88
CA TYR L 629 -45.55 -32.59 -3.90
C TYR L 629 -46.76 -31.73 -3.52
N SER L 630 -46.55 -30.42 -3.53
CA SER L 630 -47.61 -29.45 -3.32
C SER L 630 -47.48 -28.37 -4.38
N LEU L 631 -48.59 -28.08 -5.02
CA LEU L 631 -48.63 -27.04 -6.05
C LEU L 631 -48.73 -25.67 -5.39
N ARG L 632 -49.53 -25.59 -4.30
CA ARG L 632 -49.79 -24.36 -3.53
C ARG L 632 -48.49 -23.59 -3.28
N GLU L 633 -47.37 -24.32 -3.27
CA GLU L 633 -46.04 -23.72 -3.11
C GLU L 633 -45.73 -22.84 -4.29
N VAL L 634 -45.72 -23.40 -5.48
CA VAL L 634 -45.35 -22.62 -6.67
C VAL L 634 -46.47 -21.61 -6.88
N VAL L 635 -47.65 -22.09 -7.26
CA VAL L 635 -48.87 -21.26 -7.37
C VAL L 635 -50.07 -22.18 -7.13
N GLY L 636 -51.10 -21.67 -6.44
CA GLY L 636 -52.33 -22.42 -6.17
C GLY L 636 -53.45 -22.24 -7.18
N GLY L 637 -54.45 -21.40 -6.84
CA GLY L 637 -55.56 -21.13 -7.75
C GLY L 637 -56.30 -19.84 -7.41
N GLN L 660 -53.75 -25.07 -0.16
CA GLN L 660 -54.62 -26.06 -0.83
C GLN L 660 -54.33 -27.47 -0.28
N GLU L 661 -53.65 -28.27 -1.09
CA GLU L 661 -53.72 -29.73 -1.06
C GLU L 661 -52.34 -30.24 -1.46
N GLY L 662 -52.23 -31.51 -1.77
CA GLY L 662 -50.92 -32.07 -2.07
C GLY L 662 -51.02 -33.56 -2.21
N VAL L 663 -49.89 -34.14 -2.57
CA VAL L 663 -49.81 -35.57 -2.87
C VAL L 663 -48.59 -36.15 -2.19
N CYS L 664 -48.79 -37.32 -1.60
CA CYS L 664 -47.80 -38.05 -0.79
C CYS L 664 -47.50 -39.34 -1.54
N LEU L 665 -46.30 -39.48 -2.08
CA LEU L 665 -45.94 -40.75 -2.73
C LEU L 665 -45.04 -41.59 -1.85
N PRO L 666 -45.35 -42.85 -1.62
CA PRO L 666 -44.57 -43.63 -0.67
C PRO L 666 -43.39 -44.29 -1.38
N LEU L 667 -42.19 -44.21 -0.84
CA LEU L 667 -41.07 -44.70 -1.66
C LEU L 667 -40.50 -46.02 -1.11
N SER L 668 -40.03 -45.99 0.14
CA SER L 668 -39.53 -47.22 0.79
C SER L 668 -40.18 -47.39 2.15
N ARG L 669 -40.47 -48.63 2.51
CA ARG L 669 -40.61 -49.04 3.90
C ARG L 669 -39.46 -49.98 4.23
N HIS L 670 -38.42 -49.44 4.87
CA HIS L 670 -37.30 -50.25 5.34
C HIS L 670 -37.50 -50.61 6.82
N THR L 671 -36.99 -51.79 7.19
CA THR L 671 -36.99 -52.17 8.59
C THR L 671 -35.58 -52.55 9.02
N VAL L 672 -35.35 -52.51 10.32
CA VAL L 672 -34.03 -52.68 10.97
C VAL L 672 -34.19 -53.69 12.12
N ASP L 673 -33.43 -54.78 12.06
CA ASP L 673 -33.95 -56.07 12.52
C ASP L 673 -33.52 -56.41 13.94
N MET L 674 -32.25 -56.22 14.28
CA MET L 674 -31.49 -56.92 15.36
C MET L 674 -30.43 -57.80 14.75
N LEU L 675 -30.67 -58.29 13.54
CA LEU L 675 -29.59 -58.91 12.78
C LEU L 675 -28.71 -57.82 12.17
N GLN L 676 -29.24 -56.63 12.06
CA GLN L 676 -28.48 -55.46 11.60
C GLN L 676 -27.74 -54.80 12.76
N CYS L 677 -28.31 -54.86 13.96
CA CYS L 677 -27.74 -54.18 15.11
C CYS L 677 -26.53 -54.93 15.66
N LEU L 678 -26.38 -56.21 15.33
CA LEU L 678 -25.19 -56.96 15.76
C LEU L 678 -23.97 -56.32 15.12
N ARG L 679 -22.84 -56.37 15.81
CA ARG L 679 -21.63 -55.86 15.17
C ARG L 679 -20.45 -56.82 15.26
N PHE L 680 -20.57 -57.92 16.01
CA PHE L 680 -19.51 -58.92 16.26
C PHE L 680 -18.12 -58.34 16.53
N PRO L 681 -17.80 -57.90 17.74
CA PRO L 681 -16.56 -57.14 17.91
C PRO L 681 -15.34 -58.06 17.85
N GLY L 682 -15.48 -59.29 18.35
CA GLY L 682 -14.39 -60.25 18.42
C GLY L 682 -13.99 -60.79 17.06
N LEU L 683 -14.95 -61.19 16.24
CA LEU L 683 -14.69 -61.77 14.91
C LEU L 683 -14.38 -60.67 13.91
N ALA L 684 -14.42 -59.41 14.34
CA ALA L 684 -14.34 -58.27 13.42
C ALA L 684 -13.05 -58.34 12.61
N PRO L 685 -13.02 -57.70 11.43
CA PRO L 685 -11.79 -57.65 10.64
C PRO L 685 -10.59 -57.15 11.44
N PRO L 686 -10.63 -55.95 12.04
CA PRO L 686 -9.38 -55.35 12.53
C PRO L 686 -8.74 -56.13 13.67
N HIS L 687 -9.54 -56.79 14.52
CA HIS L 687 -9.04 -57.44 15.75
C HIS L 687 -8.29 -56.46 16.65
N THR L 688 -8.80 -55.23 16.78
CA THR L 688 -8.09 -54.19 17.53
C THR L 688 -8.69 -54.04 18.93
N ARG L 689 -7.83 -53.66 19.87
CA ARG L 689 -8.20 -53.55 21.29
C ARG L 689 -9.13 -52.35 21.47
N ALA L 690 -10.41 -52.63 21.43
CA ALA L 690 -11.50 -51.73 21.78
C ALA L 690 -11.95 -52.06 23.20
N PRO L 691 -12.25 -51.06 24.04
CA PRO L 691 -12.86 -51.37 25.33
C PRO L 691 -14.25 -51.94 25.10
N SER L 692 -14.65 -52.86 25.98
CA SER L 692 -15.99 -53.46 25.88
C SER L 692 -17.00 -52.42 26.37
N PRO L 693 -18.15 -52.26 25.68
CA PRO L 693 -19.03 -51.12 25.99
C PRO L 693 -19.64 -51.20 27.38
N LEU L 694 -20.25 -52.33 27.75
CA LEU L 694 -20.90 -52.51 29.05
C LEU L 694 -21.86 -51.35 29.29
N GLY L 695 -23.00 -51.41 28.62
CA GLY L 695 -24.03 -50.37 28.65
C GLY L 695 -24.43 -49.97 30.07
N PRO L 696 -25.12 -48.83 30.17
CA PRO L 696 -25.20 -48.09 31.44
C PRO L 696 -25.89 -48.91 32.54
N THR L 697 -25.36 -48.79 33.76
CA THR L 697 -25.78 -49.59 34.92
C THR L 697 -27.19 -49.32 35.47
N ARG L 698 -28.13 -50.09 34.92
CA ARG L 698 -29.56 -50.23 35.29
C ARG L 698 -30.45 -49.00 35.01
N ASP L 699 -30.00 -47.76 35.31
CA ASP L 699 -30.62 -46.50 34.85
C ASP L 699 -30.06 -45.41 35.74
N PRO L 700 -29.82 -44.19 35.27
CA PRO L 700 -29.26 -43.20 36.17
C PRO L 700 -30.37 -42.73 37.10
N VAL L 701 -31.60 -42.98 36.66
CA VAL L 701 -32.79 -42.85 37.50
C VAL L 701 -32.92 -44.03 38.46
N ALA L 702 -32.50 -45.21 38.03
CA ALA L 702 -32.44 -46.36 38.93
C ALA L 702 -31.47 -46.07 40.07
N THR L 703 -30.26 -45.66 39.74
CA THR L 703 -29.28 -45.28 40.76
C THR L 703 -29.94 -44.33 41.74
N PHE L 704 -30.56 -43.28 41.21
CA PHE L 704 -31.29 -42.30 42.03
C PHE L 704 -32.23 -43.01 42.99
N LEU L 705 -32.92 -44.04 42.50
CA LEU L 705 -33.96 -44.69 43.29
C LEU L 705 -33.34 -45.59 44.36
N GLU L 706 -32.22 -46.26 44.06
CA GLU L 706 -31.51 -47.02 45.10
C GLU L 706 -30.98 -46.09 46.19
N THR L 707 -30.30 -45.01 45.82
CA THR L 707 -29.69 -44.12 46.82
C THR L 707 -30.74 -43.43 47.67
N CYS L 708 -31.72 -42.83 47.03
CA CYS L 708 -32.81 -42.10 47.72
C CYS L 708 -33.67 -43.00 48.60
N ARG L 709 -33.72 -44.31 48.33
CA ARG L 709 -34.53 -45.28 49.10
C ARG L 709 -33.67 -46.20 49.99
N GLU L 710 -32.34 -46.09 49.98
CA GLU L 710 -31.53 -46.97 50.85
C GLU L 710 -31.77 -46.63 52.34
N LEU L 726 -26.55 -67.54 36.39
CA LEU L 726 -27.81 -67.74 35.68
C LEU L 726 -27.52 -68.29 34.28
N PRO L 727 -28.33 -69.24 33.78
CA PRO L 727 -28.02 -69.89 32.51
C PRO L 727 -28.13 -68.91 31.37
N PRO L 728 -27.60 -69.23 30.19
CA PRO L 728 -27.85 -68.37 29.03
C PRO L 728 -29.18 -68.74 28.42
N SER L 729 -30.03 -67.76 28.21
CA SER L 729 -31.32 -68.02 27.57
C SER L 729 -31.09 -68.30 26.09
N VAL L 730 -31.74 -69.34 25.60
CA VAL L 730 -31.49 -69.86 24.25
C VAL L 730 -32.84 -69.98 23.55
N ALA L 731 -32.82 -69.89 22.23
CA ALA L 731 -33.99 -70.22 21.42
C ALA L 731 -33.50 -70.71 20.08
N SER L 732 -34.28 -71.59 19.48
CA SER L 732 -33.84 -72.22 18.23
C SER L 732 -35.05 -72.55 17.38
N ILE L 733 -34.77 -72.85 16.12
CA ILE L 733 -35.76 -73.34 15.15
C ILE L 733 -35.05 -74.41 14.32
N LYS L 734 -35.81 -75.37 13.81
CA LYS L 734 -35.31 -76.26 12.77
C LYS L 734 -36.15 -76.04 11.51
N VAL L 735 -35.59 -76.36 10.35
CA VAL L 735 -36.31 -76.22 9.07
C VAL L 735 -35.67 -77.19 8.08
N SER L 736 -36.49 -77.68 7.14
CA SER L 736 -36.07 -78.68 6.16
C SER L 736 -34.98 -78.12 5.26
N ALA L 737 -33.97 -78.95 4.98
CA ALA L 737 -32.90 -78.60 4.04
C ALA L 737 -33.46 -78.37 2.63
N GLU L 738 -34.49 -79.12 2.22
CA GLU L 738 -35.08 -78.98 0.87
C GLU L 738 -35.69 -77.58 0.71
N LEU L 739 -36.50 -77.18 1.68
CA LEU L 739 -37.09 -75.84 1.69
C LEU L 739 -35.98 -74.80 1.63
N LEU L 740 -35.01 -74.91 2.54
CA LEU L 740 -33.96 -73.89 2.65
C LEU L 740 -33.09 -73.86 1.40
N ARG L 741 -32.82 -75.00 0.77
CA ARG L 741 -32.01 -75.02 -0.46
C ARG L 741 -32.71 -74.25 -1.58
N ALA L 742 -33.95 -74.60 -1.89
CA ALA L 742 -34.67 -73.89 -2.97
C ALA L 742 -34.83 -72.43 -2.56
N ALA L 743 -34.88 -72.21 -1.23
CA ALA L 743 -34.98 -70.91 -0.55
C ALA L 743 -33.64 -70.20 -0.41
N LEU L 744 -32.54 -70.94 -0.29
CA LEU L 744 -31.21 -70.35 -0.07
C LEU L 744 -30.57 -69.88 -1.37
N LYS L 745 -29.25 -69.95 -1.45
CA LYS L 745 -28.45 -69.58 -2.64
C LYS L 745 -29.24 -69.44 -3.93
N ASP L 746 -29.11 -70.45 -4.78
CA ASP L 746 -29.04 -70.27 -6.25
C ASP L 746 -27.82 -69.40 -6.63
N GLY L 747 -27.41 -68.52 -5.71
CA GLY L 747 -26.37 -67.49 -5.81
C GLY L 747 -24.90 -67.84 -5.97
N HIS L 748 -24.30 -68.38 -4.91
CA HIS L 748 -22.84 -68.44 -4.72
C HIS L 748 -22.34 -69.88 -4.66
N SER L 749 -21.08 -70.04 -4.26
CA SER L 749 -20.54 -71.38 -3.96
C SER L 749 -21.42 -72.08 -2.94
N GLY L 750 -21.47 -71.56 -1.71
CA GLY L 750 -22.51 -71.99 -0.80
C GLY L 750 -22.26 -73.34 -0.19
N VAL L 751 -21.36 -73.44 0.78
CA VAL L 751 -21.09 -74.76 1.37
C VAL L 751 -22.44 -75.16 1.92
N PRO L 752 -22.85 -76.42 1.76
CA PRO L 752 -24.23 -76.68 1.32
C PRO L 752 -25.33 -75.98 2.11
N LEU L 753 -25.23 -75.91 3.43
CA LEU L 753 -26.35 -75.34 4.21
C LEU L 753 -25.95 -74.43 5.37
N CYS L 754 -25.13 -74.93 6.28
CA CYS L 754 -24.73 -74.23 7.51
C CYS L 754 -24.17 -72.82 7.33
N CYS L 755 -23.27 -72.59 6.35
CA CYS L 755 -22.63 -71.28 6.20
C CYS L 755 -23.50 -70.32 5.39
N ALA L 756 -23.97 -70.75 4.22
CA ALA L 756 -24.86 -69.92 3.39
C ALA L 756 -26.16 -69.58 4.12
N THR L 757 -26.69 -70.49 4.95
CA THR L 757 -27.87 -70.16 5.78
C THR L 757 -27.59 -68.94 6.65
N LEU L 758 -26.45 -68.94 7.34
CA LEU L 758 -26.09 -67.79 8.17
C LEU L 758 -25.81 -66.55 7.32
N GLN L 759 -25.23 -66.73 6.13
CA GLN L 759 -24.98 -65.58 5.23
C GLN L 759 -26.30 -64.93 4.84
N TRP L 760 -27.31 -65.75 4.53
CA TRP L 760 -28.63 -65.26 4.16
C TRP L 760 -29.31 -64.63 5.37
N LEU L 761 -29.17 -65.24 6.55
CA LEU L 761 -29.71 -64.66 7.78
C LEU L 761 -29.10 -63.29 8.07
N LEU L 762 -27.85 -63.06 7.69
CA LEU L 762 -27.17 -61.79 7.96
C LEU L 762 -26.89 -60.99 6.70
N ALA L 763 -27.69 -61.14 5.64
CA ALA L 763 -27.37 -60.50 4.36
C ALA L 763 -27.48 -58.97 4.49
N GLU L 764 -28.25 -58.52 5.47
CA GLU L 764 -28.47 -57.09 5.73
C GLU L 764 -27.45 -56.55 6.73
N ASN L 765 -26.94 -57.39 7.62
CA ASN L 765 -25.91 -56.97 8.57
C ASN L 765 -24.68 -56.48 7.82
N ALA L 766 -23.97 -55.53 8.40
CA ALA L 766 -22.84 -54.93 7.69
C ALA L 766 -21.67 -55.92 7.61
N ALA L 767 -21.49 -56.74 8.64
CA ALA L 767 -20.37 -57.69 8.70
C ALA L 767 -20.80 -59.06 8.19
N VAL L 768 -21.32 -59.12 6.97
CA VAL L 768 -21.68 -60.40 6.35
C VAL L 768 -20.55 -60.84 5.40
N ASP L 769 -19.94 -59.89 4.70
CA ASP L 769 -18.85 -60.19 3.75
C ASP L 769 -17.68 -60.88 4.45
N VAL L 770 -17.41 -60.51 5.70
CA VAL L 770 -16.33 -61.18 6.46
C VAL L 770 -16.67 -62.66 6.61
N VAL L 771 -17.91 -62.97 6.98
CA VAL L 771 -18.28 -64.37 7.20
C VAL L 771 -18.37 -65.05 5.84
N ARG L 772 -18.66 -64.28 4.78
CA ARG L 772 -18.60 -64.83 3.42
C ARG L 772 -17.17 -65.30 3.15
N ALA L 773 -16.20 -64.45 3.46
CA ALA L 773 -14.79 -64.82 3.33
C ALA L 773 -14.47 -65.99 4.25
N ARG L 774 -14.57 -65.76 5.56
CA ARG L 774 -14.02 -66.70 6.54
C ARG L 774 -14.81 -68.02 6.58
N ALA L 775 -16.08 -68.00 6.21
CA ALA L 775 -16.89 -69.23 6.13
C ALA L 775 -16.93 -69.98 7.47
N LEU L 776 -17.45 -69.37 8.54
CA LEU L 776 -17.39 -70.03 9.86
C LEU L 776 -18.70 -70.70 10.27
N SER L 777 -19.82 -70.44 9.59
CA SER L 777 -21.13 -71.05 9.90
C SER L 777 -21.60 -70.84 11.34
N SER L 778 -20.96 -69.96 12.11
CA SER L 778 -21.28 -69.77 13.53
C SER L 778 -20.60 -68.46 13.95
N ILE L 779 -21.21 -67.71 14.85
CA ILE L 779 -20.65 -66.38 15.19
C ILE L 779 -21.02 -65.90 16.59
N GLN L 780 -20.19 -65.00 17.08
CA GLN L 780 -20.34 -64.36 18.39
C GLN L 780 -20.29 -62.85 18.16
N GLY L 781 -21.13 -62.10 18.85
CA GLY L 781 -21.01 -60.65 18.83
C GLY L 781 -21.74 -60.00 19.96
N VAL L 782 -21.68 -58.69 19.99
CA VAL L 782 -22.33 -57.90 21.05
C VAL L 782 -23.60 -57.29 20.47
N ALA L 783 -24.48 -56.88 21.37
CA ALA L 783 -25.83 -56.43 21.11
C ALA L 783 -25.78 -54.97 20.67
N PRO L 784 -26.90 -54.42 20.22
CA PRO L 784 -27.02 -52.96 20.22
C PRO L 784 -27.15 -52.38 21.62
N ASP L 785 -27.72 -53.14 22.58
CA ASP L 785 -27.94 -52.65 23.94
C ASP L 785 -26.82 -53.05 24.90
N GLY L 786 -25.97 -54.02 24.51
CA GLY L 786 -24.72 -54.31 25.21
C GLY L 786 -24.48 -55.77 25.56
N ALA L 787 -25.55 -56.52 25.79
CA ALA L 787 -25.46 -57.98 26.00
C ALA L 787 -24.69 -58.68 24.87
N ASN L 788 -24.17 -59.87 25.17
CA ASN L 788 -23.50 -60.71 24.17
C ASN L 788 -24.54 -61.62 23.53
N VAL L 789 -24.27 -62.06 22.30
CA VAL L 789 -25.13 -63.03 21.60
C VAL L 789 -24.28 -63.88 20.65
N HIS L 790 -24.40 -65.19 20.78
CA HIS L 790 -23.70 -66.15 19.92
C HIS L 790 -24.77 -66.87 19.11
N LEU L 791 -24.63 -66.87 17.79
CA LEU L 791 -25.64 -67.48 16.92
C LEU L 791 -25.01 -68.56 16.06
N ILE L 792 -25.50 -69.78 16.25
CA ILE L 792 -24.99 -70.96 15.55
C ILE L 792 -26.03 -71.39 14.52
N VAL L 793 -25.55 -71.97 13.43
CA VAL L 793 -26.40 -72.72 12.49
C VAL L 793 -25.72 -74.05 12.20
N ARG L 794 -26.49 -75.13 12.19
CA ARG L 794 -25.99 -76.49 11.93
C ARG L 794 -27.10 -77.31 11.31
N GLU L 795 -26.81 -78.56 10.98
CA GLU L 795 -27.81 -79.51 10.45
C GLU L 795 -28.23 -80.47 11.57
N VAL L 796 -29.54 -80.71 11.69
CA VAL L 796 -30.10 -81.67 12.66
C VAL L 796 -31.22 -82.44 11.97
N ALA L 797 -30.92 -83.69 11.62
CA ALA L 797 -31.87 -84.65 11.04
C ALA L 797 -32.72 -85.32 12.12
N MET L 798 -34.02 -85.44 11.88
CA MET L 798 -34.93 -86.11 12.83
C MET L 798 -35.81 -87.06 12.03
N THR L 799 -35.63 -88.35 12.25
CA THR L 799 -36.36 -89.42 11.53
C THR L 799 -37.72 -89.70 12.17
N ASP L 800 -37.84 -89.54 13.49
CA ASP L 800 -39.11 -89.87 14.18
C ASP L 800 -40.18 -88.81 13.92
N LEU L 801 -39.85 -87.74 13.19
CA LEU L 801 -40.87 -86.74 12.82
C LEU L 801 -41.41 -87.00 11.42
N CYS L 802 -40.52 -87.19 10.44
CA CYS L 802 -40.86 -87.48 9.03
C CYS L 802 -40.99 -88.99 8.84
N PRO L 803 -41.74 -89.47 7.82
CA PRO L 803 -41.85 -90.92 7.64
C PRO L 803 -40.62 -91.61 7.04
N ALA L 804 -40.02 -91.04 5.99
CA ALA L 804 -38.89 -91.67 5.28
C ALA L 804 -37.66 -90.78 5.36
N GLY L 805 -37.78 -89.54 4.89
CA GLY L 805 -36.73 -88.56 4.66
C GLY L 805 -36.86 -87.64 5.84
N PRO L 806 -35.89 -87.61 6.76
CA PRO L 806 -35.95 -86.53 7.75
C PRO L 806 -35.74 -85.15 7.17
N ILE L 807 -34.52 -84.67 6.91
CA ILE L 807 -34.09 -84.05 5.64
C ILE L 807 -32.61 -83.75 5.86
N GLN L 808 -32.16 -83.98 7.09
CA GLN L 808 -30.88 -83.47 7.59
C GLN L 808 -31.06 -81.96 7.62
N ALA L 809 -32.19 -81.58 8.25
CA ALA L 809 -32.73 -80.24 8.44
C ALA L 809 -31.76 -79.28 9.12
N VAL L 810 -31.71 -78.06 8.64
CA VAL L 810 -30.82 -77.03 9.22
C VAL L 810 -31.54 -76.42 10.41
N GLU L 811 -30.96 -76.57 11.59
CA GLU L 811 -31.42 -75.86 12.79
C GLU L 811 -30.59 -74.59 12.95
N ILE L 812 -31.21 -73.58 13.55
CA ILE L 812 -30.56 -72.31 13.87
C ILE L 812 -30.79 -72.08 15.35
N GLN L 813 -29.70 -71.90 16.09
CA GLN L 813 -29.79 -71.59 17.52
C GLN L 813 -29.30 -70.16 17.73
N VAL L 814 -29.74 -69.56 18.82
CA VAL L 814 -29.22 -68.28 19.32
C VAL L 814 -29.13 -68.36 20.84
N GLU L 815 -28.02 -67.86 21.37
CA GLU L 815 -27.65 -67.98 22.77
C GLU L 815 -27.22 -66.61 23.26
N SER L 816 -27.64 -66.24 24.46
CA SER L 816 -27.22 -64.96 25.05
C SER L 816 -27.52 -64.95 26.54
N SER L 817 -26.82 -64.05 27.24
CA SER L 817 -27.07 -63.74 28.65
C SER L 817 -28.47 -63.17 28.85
N SER L 818 -28.87 -62.27 27.97
CA SER L 818 -30.13 -61.53 28.14
C SER L 818 -31.28 -62.29 27.47
N LEU L 819 -32.31 -62.60 28.26
CA LEU L 819 -33.53 -63.20 27.69
C LEU L 819 -34.20 -62.23 26.71
N ALA L 820 -34.18 -60.93 27.00
CA ALA L 820 -34.85 -59.92 26.17
C ALA L 820 -34.27 -59.95 24.75
N ASP L 821 -32.95 -60.07 24.66
CA ASP L 821 -32.28 -60.12 23.34
C ASP L 821 -32.61 -61.42 22.64
N ILE L 822 -33.03 -62.44 23.39
CA ILE L 822 -33.52 -63.67 22.77
C ILE L 822 -34.90 -63.42 22.19
N CYS L 823 -35.77 -62.79 22.97
CA CYS L 823 -37.08 -62.38 22.43
C CYS L 823 -36.90 -61.63 21.12
N ARG L 824 -35.92 -60.74 21.06
CA ARG L 824 -35.70 -59.94 19.85
C ARG L 824 -35.16 -60.79 18.70
N ALA L 825 -34.09 -61.54 18.92
CA ALA L 825 -33.47 -62.26 17.80
C ALA L 825 -34.34 -63.45 17.39
N HIS L 826 -35.21 -63.91 18.29
CA HIS L 826 -36.28 -64.83 17.89
C HIS L 826 -37.29 -64.11 17.01
N HIS L 827 -37.83 -62.99 17.47
CA HIS L 827 -38.72 -62.18 16.64
C HIS L 827 -38.14 -62.05 15.23
N ALA L 828 -36.83 -61.76 15.15
CA ALA L 828 -36.19 -61.44 13.87
C ALA L 828 -36.04 -62.69 13.01
N VAL L 829 -35.51 -63.76 13.60
CA VAL L 829 -35.31 -65.00 12.83
C VAL L 829 -36.67 -65.49 12.35
N VAL L 830 -37.65 -65.55 13.24
CA VAL L 830 -38.98 -66.06 12.88
C VAL L 830 -39.55 -65.23 11.75
N GLY L 831 -39.43 -63.90 11.86
CA GLY L 831 -39.93 -63.00 10.81
C GLY L 831 -39.31 -63.35 9.47
N ARG L 832 -38.00 -63.62 9.46
CA ARG L 832 -37.32 -63.94 8.19
C ARG L 832 -37.66 -65.36 7.72
N MET L 833 -38.09 -66.23 8.63
CA MET L 833 -38.49 -67.57 8.19
C MET L 833 -39.91 -67.50 7.63
N GLN L 834 -40.74 -66.64 8.21
CA GLN L 834 -42.03 -66.28 7.60
C GLN L 834 -41.78 -65.80 6.18
N THR L 835 -40.86 -64.84 6.02
CA THR L 835 -40.53 -64.29 4.70
C THR L 835 -40.14 -65.42 3.77
N MET L 836 -39.21 -66.28 4.20
CA MET L 836 -38.69 -67.35 3.36
C MET L 836 -39.83 -68.30 2.96
N VAL L 837 -40.65 -68.73 3.92
CA VAL L 837 -41.70 -69.74 3.64
C VAL L 837 -42.72 -69.16 2.67
N THR L 838 -43.12 -67.91 2.88
CA THR L 838 -44.14 -67.28 2.01
C THR L 838 -43.53 -66.91 0.66
N GLU L 839 -42.21 -66.69 0.61
CA GLU L 839 -41.49 -66.43 -0.65
C GLU L 839 -41.29 -67.72 -1.44
N GLN L 840 -41.01 -68.83 -0.76
CA GLN L 840 -40.76 -70.13 -1.40
C GLN L 840 -42.06 -70.80 -1.84
N ALA L 841 -43.14 -70.60 -1.09
CA ALA L 841 -44.46 -71.09 -1.49
C ALA L 841 -44.91 -70.42 -2.79
N THR L 842 -45.71 -71.16 -3.56
CA THR L 842 -46.05 -70.95 -4.98
C THR L 842 -44.95 -71.53 -5.88
N GLN L 843 -43.82 -71.93 -5.30
CA GLN L 843 -42.78 -72.64 -6.05
C GLN L 843 -42.50 -74.01 -5.42
N GLY L 844 -42.31 -74.04 -4.10
CA GLY L 844 -41.87 -75.25 -3.42
C GLY L 844 -42.98 -76.29 -3.26
N SER L 845 -42.56 -77.53 -3.07
CA SER L 845 -43.45 -78.66 -2.79
C SER L 845 -43.68 -78.77 -1.27
N SER L 846 -44.28 -79.88 -0.84
CA SER L 846 -44.59 -80.13 0.58
C SER L 846 -44.32 -81.59 0.91
N ALA L 847 -43.62 -81.83 2.01
CA ALA L 847 -43.33 -83.18 2.50
C ALA L 847 -44.58 -83.79 3.13
N PRO L 848 -44.71 -85.12 3.11
CA PRO L 848 -45.76 -85.77 3.89
C PRO L 848 -45.32 -85.93 5.34
N ASP L 849 -46.30 -86.05 6.22
CA ASP L 849 -46.04 -86.22 7.67
C ASP L 849 -46.35 -87.64 8.14
N LEU L 850 -46.14 -87.89 9.43
CA LEU L 850 -46.50 -89.16 10.07
C LEU L 850 -47.99 -89.24 10.36
N ARG L 851 -48.59 -88.12 10.78
CA ARG L 851 -49.99 -88.01 11.23
C ARG L 851 -50.12 -88.46 12.69
N VAL L 852 -49.10 -89.11 13.24
CA VAL L 852 -49.33 -89.97 14.42
C VAL L 852 -48.23 -89.79 15.48
N GLN L 853 -48.64 -89.96 16.74
CA GLN L 853 -47.79 -90.10 17.94
C GLN L 853 -47.22 -88.78 18.45
N TYR L 854 -46.61 -87.98 17.58
CA TYR L 854 -45.70 -86.90 18.02
C TYR L 854 -46.36 -85.52 17.93
N LEU L 855 -47.19 -85.30 16.90
CA LEU L 855 -48.12 -84.16 16.86
C LEU L 855 -49.11 -84.23 18.02
N ARG L 856 -49.49 -85.44 18.45
CA ARG L 856 -50.42 -85.59 19.58
C ARG L 856 -49.71 -85.36 20.91
N GLN L 857 -48.48 -85.87 21.05
CA GLN L 857 -47.63 -85.54 22.21
C GLN L 857 -47.43 -84.03 22.31
N ILE L 858 -47.16 -83.37 21.19
CA ILE L 858 -46.98 -81.91 21.14
C ILE L 858 -48.29 -81.22 21.55
N HIS L 859 -49.44 -81.74 21.09
CA HIS L 859 -50.75 -81.22 21.52
C HIS L 859 -50.85 -81.28 23.04
N ALA L 860 -50.48 -82.40 23.63
CA ALA L 860 -50.68 -82.60 25.08
C ALA L 860 -49.78 -81.64 25.87
N ASN L 861 -48.50 -81.58 25.50
CA ASN L 861 -47.53 -80.73 26.21
C ASN L 861 -47.80 -79.25 25.94
N HIS L 862 -48.51 -78.92 24.86
CA HIS L 862 -48.97 -77.54 24.64
C HIS L 862 -50.24 -77.26 25.46
N GLU L 863 -51.16 -78.22 25.51
CA GLU L 863 -52.44 -78.03 26.20
C GLU L 863 -52.23 -77.85 27.70
N THR L 864 -51.33 -78.62 28.30
CA THR L 864 -51.03 -78.43 29.73
C THR L 864 -50.64 -76.97 29.98
N LEU L 865 -49.75 -76.42 29.15
CA LEU L 865 -49.33 -75.02 29.34
C LEU L 865 -50.50 -74.08 29.08
N LEU L 866 -51.32 -74.37 28.07
CA LEU L 866 -52.49 -73.53 27.72
C LEU L 866 -53.44 -73.42 28.93
N ARG L 867 -53.85 -74.57 29.46
CA ARG L 867 -54.79 -74.57 30.60
C ARG L 867 -54.13 -73.90 31.81
N GLU L 868 -52.82 -74.10 32.00
CA GLU L 868 -52.12 -73.47 33.12
C GLU L 868 -52.12 -71.94 32.97
N VAL L 869 -51.84 -71.44 31.77
CA VAL L 869 -51.82 -69.97 31.58
C VAL L 869 -53.24 -69.41 31.73
N GLN L 870 -54.26 -70.14 31.26
CA GLN L 870 -55.65 -69.70 31.45
C GLN L 870 -55.99 -69.61 32.95
N THR L 871 -55.60 -70.62 33.74
CA THR L 871 -55.78 -70.56 35.20
C THR L 871 -55.06 -69.33 35.76
N LEU L 872 -53.87 -69.03 35.25
CA LEU L 872 -53.09 -67.88 35.74
C LEU L 872 -53.81 -66.57 35.38
N ARG L 873 -54.40 -66.52 34.19
CA ARG L 873 -55.23 -65.36 33.77
C ARG L 873 -56.42 -65.21 34.72
N ASP L 874 -57.07 -66.31 35.08
CA ASP L 874 -58.21 -66.26 36.00
C ASP L 874 -57.76 -65.74 37.37
N ARG L 875 -56.59 -66.18 37.84
CA ARG L 875 -56.03 -65.68 39.10
C ARG L 875 -55.72 -64.18 39.02
N LEU L 876 -55.16 -63.72 37.90
CA LEU L 876 -54.85 -62.29 37.74
C LEU L 876 -56.14 -61.46 37.65
N CYS L 877 -57.24 -62.05 37.17
CA CYS L 877 -58.53 -61.34 37.13
C CYS L 877 -59.09 -61.17 38.55
N THR L 878 -58.96 -62.19 39.40
CA THR L 878 -59.54 -62.14 40.76
C THR L 878 -58.80 -61.11 41.63
N GLU L 879 -57.46 -61.09 41.55
CA GLU L 879 -56.60 -60.10 42.25
C GLU L 879 -56.74 -60.28 43.76
N ASP L 880 -56.43 -61.49 44.24
CA ASP L 880 -56.52 -61.82 45.68
C ASP L 880 -55.28 -61.29 46.41
N GLU L 881 -54.12 -61.86 46.11
CA GLU L 881 -52.87 -61.60 46.86
C GLU L 881 -51.66 -62.05 46.02
N ALA L 882 -50.49 -61.50 46.36
CA ALA L 882 -49.24 -61.65 45.60
C ALA L 882 -49.45 -61.18 44.15
N SER L 883 -49.90 -59.92 44.04
CA SER L 883 -50.57 -59.37 42.84
C SER L 883 -49.94 -59.91 41.57
N SER L 884 -48.66 -59.59 41.39
CA SER L 884 -47.90 -60.08 40.24
C SER L 884 -46.40 -60.07 40.52
N CYS L 885 -45.87 -61.18 41.02
CA CYS L 885 -44.40 -61.37 41.03
C CYS L 885 -44.09 -62.74 40.46
N ALA L 886 -44.59 -63.78 41.13
CA ALA L 886 -44.41 -65.16 40.69
C ALA L 886 -45.13 -65.38 39.36
N THR L 887 -46.17 -64.60 39.12
CA THR L 887 -46.95 -64.68 37.87
C THR L 887 -46.07 -64.38 36.65
N ALA L 888 -45.31 -63.29 36.67
CA ALA L 888 -44.43 -62.95 35.54
C ALA L 888 -43.32 -64.00 35.40
N GLN L 889 -42.73 -64.41 36.51
CA GLN L 889 -41.62 -65.38 36.46
C GLN L 889 -42.13 -66.71 35.87
N ARG L 890 -43.37 -67.05 36.18
CA ARG L 890 -43.96 -68.30 35.71
C ARG L 890 -44.36 -68.17 34.25
N LEU L 891 -44.87 -67.00 33.87
CA LEU L 891 -45.27 -66.78 32.46
C LEU L 891 -44.03 -66.90 31.59
N LEU L 892 -42.91 -66.36 32.06
CA LEU L 892 -41.63 -66.47 31.36
C LEU L 892 -41.12 -67.91 31.39
N GLN L 893 -41.42 -68.68 32.45
CA GLN L 893 -41.08 -70.11 32.46
C GLN L 893 -41.88 -70.85 31.39
N VAL L 894 -43.14 -70.48 31.22
CA VAL L 894 -43.97 -71.04 30.14
C VAL L 894 -43.37 -70.67 28.78
N TYR L 895 -42.99 -69.40 28.64
CA TYR L 895 -42.40 -68.90 27.39
C TYR L 895 -41.14 -69.72 27.06
N ARG L 896 -40.23 -69.81 28.03
CA ARG L 896 -38.97 -70.57 27.83
C ARG L 896 -39.27 -71.99 27.40
N GLN L 897 -40.26 -72.62 28.05
CA GLN L 897 -40.62 -74.02 27.77
C GLN L 897 -41.13 -74.14 26.34
N LEU L 898 -41.90 -73.15 25.90
CA LEU L 898 -42.52 -73.16 24.55
C LEU L 898 -41.50 -72.91 23.46
N ARG L 899 -40.52 -72.04 23.72
CA ARG L 899 -39.79 -71.42 22.61
C ARG L 899 -38.76 -72.34 21.99
N HIS L 900 -38.24 -73.31 22.74
CA HIS L 900 -36.97 -73.96 22.36
C HIS L 900 -37.09 -74.80 21.09
N PRO L 901 -38.00 -75.80 20.98
CA PRO L 901 -38.46 -76.22 19.66
C PRO L 901 -39.69 -75.49 19.14
N SER L 902 -39.54 -74.25 18.70
CA SER L 902 -40.68 -73.53 18.11
C SER L 902 -40.64 -73.64 16.59
N LEU L 903 -41.73 -74.16 16.02
CA LEU L 903 -42.04 -74.05 14.58
C LEU L 903 -40.97 -74.70 13.70
N ILE L 904 -40.85 -76.01 13.79
CA ILE L 904 -40.01 -76.78 12.86
C ILE L 904 -40.71 -76.82 11.50
N LEU L 905 -40.20 -76.03 10.55
CA LEU L 905 -40.84 -75.84 9.23
C LEU L 905 -40.28 -76.82 8.21
N LEU L 906 -41.09 -77.79 7.80
CA LEU L 906 -40.66 -78.90 6.94
C LEU L 906 -41.81 -79.27 6.00
N ARG M 19 41.29 -24.92 104.52
CA ARG M 19 40.17 -25.17 105.46
C ARG M 19 40.25 -24.28 106.70
N ARG M 20 41.46 -24.13 107.23
CA ARG M 20 41.70 -23.28 108.39
C ARG M 20 42.32 -21.94 107.96
N ALA M 21 43.47 -21.98 107.29
CA ALA M 21 44.13 -20.75 106.84
C ALA M 21 43.25 -19.99 105.84
N TRP M 22 42.39 -20.67 105.09
CA TRP M 22 41.46 -19.96 104.19
C TRP M 22 40.55 -19.05 104.99
N ALA M 23 39.70 -19.60 105.86
CA ALA M 23 38.84 -18.76 106.71
C ALA M 23 39.67 -17.79 107.54
N GLU M 24 40.92 -18.15 107.86
CA GLU M 24 41.82 -17.23 108.58
C GLU M 24 42.06 -15.97 107.77
N LEU M 25 42.31 -16.10 106.47
CA LEU M 25 42.52 -14.91 105.62
C LEU M 25 41.25 -14.05 105.57
N LEU M 26 40.11 -14.56 106.02
CA LEU M 26 38.82 -13.90 105.77
C LEU M 26 37.94 -13.86 107.01
N ALA M 27 38.48 -13.95 108.22
CA ALA M 27 37.64 -14.03 109.42
C ALA M 27 37.20 -12.64 109.90
N GLY M 28 38.17 -11.81 110.28
CA GLY M 28 37.87 -10.48 110.81
C GLY M 28 37.28 -9.55 109.76
N ARG M 29 37.11 -10.06 108.54
CA ARG M 29 36.67 -9.23 107.41
C ARG M 29 35.19 -8.90 107.56
N VAL M 30 34.61 -8.42 106.48
CA VAL M 30 33.66 -7.30 106.45
C VAL M 30 32.76 -7.25 107.68
N LYS M 31 32.75 -6.09 108.34
CA LYS M 31 31.93 -5.84 109.53
C LYS M 31 30.48 -5.83 109.09
N ARG M 32 29.64 -6.34 109.98
CA ARG M 32 28.34 -6.95 109.64
C ARG M 32 27.52 -5.98 108.77
N GLU M 33 27.07 -4.84 109.31
CA GLU M 33 26.24 -3.93 108.50
C GLU M 33 26.80 -2.51 108.45
N LYS M 34 27.07 -1.90 109.61
CA LYS M 34 27.64 -0.55 109.67
C LYS M 34 26.78 0.48 108.92
N TYR M 35 25.57 0.77 109.41
CA TYR M 35 24.70 1.76 108.77
C TYR M 35 24.90 3.14 109.40
N ASN M 36 24.60 3.27 110.70
CA ASN M 36 24.77 4.50 111.50
C ASN M 36 24.30 5.75 110.76
N PRO M 37 22.98 6.04 110.73
CA PRO M 37 22.48 7.20 109.98
C PRO M 37 23.20 8.52 110.28
N GLU M 38 23.97 8.59 111.36
CA GLU M 38 24.81 9.76 111.64
C GLU M 38 26.18 9.63 110.98
N ARG M 39 26.72 8.40 110.89
CA ARG M 39 28.00 8.20 110.19
C ARG M 39 27.89 8.64 108.73
N ALA M 40 26.69 8.54 108.14
CA ALA M 40 26.48 9.02 106.77
C ALA M 40 26.85 10.50 106.67
N GLN M 41 26.28 11.31 107.55
CA GLN M 41 26.57 12.75 107.54
C GLN M 41 28.02 13.00 107.92
N LYS M 42 28.57 12.17 108.81
CA LYS M 42 29.98 12.33 109.22
C LYS M 42 30.90 12.15 108.03
N LEU M 43 30.67 11.10 107.24
CA LEU M 43 31.45 10.84 106.03
C LEU M 43 31.19 11.92 105.00
N LYS M 44 29.96 12.41 104.91
CA LYS M 44 29.65 13.54 104.02
C LYS M 44 30.52 14.74 104.37
N GLU M 45 30.61 15.07 105.65
CA GLU M 45 31.41 16.21 106.12
C GLU M 45 32.90 15.94 105.86
N SER M 46 33.35 14.71 106.08
CA SER M 46 34.76 14.37 105.82
C SER M 46 35.08 14.55 104.34
N ALA M 47 34.18 14.14 103.46
CA ALA M 47 34.41 14.24 102.03
C ALA M 47 34.40 15.70 101.60
N VAL M 48 33.44 16.46 102.09
CA VAL M 48 33.38 17.89 101.72
C VAL M 48 34.63 18.59 102.27
N ARG M 49 35.14 18.16 103.42
CA ARG M 49 36.35 18.76 103.97
C ARG M 49 37.54 18.46 103.08
N LEU M 50 37.72 17.19 102.72
CA LEU M 50 38.76 16.84 101.75
C LEU M 50 38.68 17.74 100.54
N LEU M 51 37.51 17.81 99.92
CA LEU M 51 37.41 18.55 98.65
C LEU M 51 37.76 20.01 98.87
N ARG M 52 37.20 20.66 99.88
CA ARG M 52 37.54 22.06 100.13
C ARG M 52 39.03 22.23 100.39
N SER M 53 39.69 21.20 100.91
CA SER M 53 41.12 21.30 101.21
C SER M 53 41.94 21.48 99.93
N HIS M 54 41.62 20.76 98.88
CA HIS M 54 42.37 20.86 97.62
C HIS M 54 41.89 21.98 96.73
N GLN M 55 41.05 22.88 97.25
CA GLN M 55 40.51 24.02 96.50
C GLN M 55 41.34 25.27 96.82
N ASP M 56 41.63 26.05 95.79
CA ASP M 56 42.41 27.30 95.92
C ASP M 56 41.87 28.31 94.94
N LEU M 57 41.28 29.40 95.46
CA LEU M 57 40.46 30.31 94.65
C LEU M 57 41.32 31.15 93.71
N ASN M 58 42.61 31.31 94.02
CA ASN M 58 43.48 32.22 93.26
C ASN M 58 43.61 31.75 91.81
N ALA M 59 43.89 30.46 91.61
CA ALA M 59 43.88 29.88 90.26
C ALA M 59 42.45 29.77 89.73
N LEU M 60 41.47 29.71 90.65
CA LEU M 60 40.05 29.61 90.24
C LEU M 60 39.65 30.82 89.42
N LEU M 61 40.01 32.02 89.86
CA LEU M 61 39.55 33.24 89.16
C LEU M 61 40.08 33.28 87.72
N LEU M 62 41.22 32.64 87.46
CA LEU M 62 41.80 32.64 86.10
C LEU M 62 40.96 31.81 85.13
N GLU M 63 40.25 30.80 85.63
CA GLU M 63 39.54 29.85 84.77
C GLU M 63 38.38 30.53 84.03
N SER M 91 28.76 30.71 86.80
CA SER M 91 28.73 32.17 87.00
C SER M 91 28.42 32.51 88.45
N SER M 92 27.13 32.55 88.79
CA SER M 92 26.68 32.73 90.17
C SER M 92 27.28 31.65 91.08
N PHE M 93 27.74 30.57 90.48
CA PHE M 93 28.35 29.46 91.22
C PHE M 93 29.57 29.92 92.01
N ILE M 94 30.44 30.68 91.38
CA ILE M 94 31.62 31.21 92.10
C ILE M 94 31.15 32.20 93.17
N GLY M 95 30.01 32.86 92.94
CA GLY M 95 29.41 33.70 93.99
C GLY M 95 29.06 32.89 95.23
N SER M 96 28.43 31.74 95.04
CA SER M 96 28.16 30.82 96.15
C SER M 96 29.46 30.37 96.82
N ALA M 97 30.48 30.09 96.01
CA ALA M 97 31.80 29.72 96.53
C ALA M 97 32.33 30.80 97.48
N LEU M 98 32.22 32.07 97.07
CA LEU M 98 32.75 33.16 97.90
C LEU M 98 31.86 33.39 99.12
N GLN M 99 30.55 33.13 99.03
CA GLN M 99 29.70 33.18 100.23
C GLN M 99 30.18 32.14 101.24
N ASP M 100 30.51 30.93 100.76
CA ASP M 100 31.09 29.90 101.64
C ASP M 100 32.40 30.39 102.24
N GLN M 101 33.28 30.96 101.42
CA GLN M 101 34.58 31.44 101.89
C GLN M 101 34.40 32.49 103.00
N ALA M 102 33.43 33.39 102.82
CA ALA M 102 33.18 34.44 103.82
C ALA M 102 32.58 33.86 105.09
N SER M 103 31.64 32.92 104.96
CA SER M 103 31.06 32.25 106.14
C SER M 103 32.13 31.47 106.90
N ARG M 104 33.20 31.03 106.22
CA ARG M 104 34.29 30.29 106.89
C ARG M 104 34.97 31.18 107.94
N LEU M 105 35.49 32.33 107.51
CA LEU M 105 36.32 33.17 108.39
C LEU M 105 35.46 34.12 109.23
N GLY M 106 34.30 34.51 108.73
CA GLY M 106 33.46 35.50 109.40
C GLY M 106 33.87 36.92 109.03
N VAL M 107 34.32 37.10 107.79
CA VAL M 107 34.72 38.41 107.26
C VAL M 107 33.60 38.90 106.34
N PRO M 108 33.25 40.19 106.35
CA PRO M 108 32.27 40.70 105.40
C PRO M 108 32.66 40.36 103.96
N VAL M 109 31.67 39.94 103.18
CA VAL M 109 31.88 39.43 101.82
C VAL M 109 32.57 40.49 100.96
N GLY M 110 32.27 41.76 101.23
CA GLY M 110 32.87 42.85 100.47
C GLY M 110 34.39 42.85 100.56
N ILE M 111 34.92 42.71 101.78
CA ILE M 111 36.37 42.78 102.00
C ILE M 111 37.07 41.63 101.28
N LEU M 112 36.61 40.41 101.48
CA LEU M 112 37.24 39.24 100.85
C LEU M 112 37.15 39.34 99.33
N SER M 113 35.99 39.71 98.82
CA SER M 113 35.80 39.87 97.36
C SER M 113 36.79 40.92 96.84
N ALA M 114 36.90 42.05 97.52
CA ALA M 114 37.78 43.14 97.07
C ALA M 114 39.23 42.68 97.05
N GLY M 115 39.68 42.07 98.15
CA GLY M 115 41.05 41.57 98.21
C GLY M 115 41.32 40.54 97.12
N MET M 116 40.36 39.67 96.86
CA MET M 116 40.52 38.63 95.84
C MET M 116 40.63 39.26 94.45
N VAL M 117 39.78 40.23 94.15
CA VAL M 117 39.83 40.88 92.83
C VAL M 117 41.17 41.62 92.67
N ALA M 118 41.62 42.28 93.72
CA ALA M 118 42.93 42.96 93.67
C ALA M 118 44.03 41.95 93.37
N SER M 119 44.06 40.84 94.10
CA SER M 119 45.08 39.80 93.90
C SER M 119 45.01 39.28 92.46
N SER M 120 43.81 39.03 91.97
CA SER M 120 43.64 38.42 90.63
C SER M 120 44.12 39.39 89.54
N VAL M 121 43.72 40.66 89.61
CA VAL M 121 44.16 41.62 88.60
C VAL M 121 45.67 41.80 88.68
N GLY M 122 46.24 41.77 89.89
CA GLY M 122 47.69 41.77 90.04
C GLY M 122 48.31 40.58 89.31
N GLN M 123 47.71 39.41 89.47
CA GLN M 123 48.18 38.20 88.77
C GLN M 123 48.16 38.41 87.26
N ILE M 124 47.09 39.01 86.76
CA ILE M 124 46.92 39.15 85.29
C ILE M 124 48.06 39.99 84.73
N CYS M 125 48.40 41.07 85.40
CA CYS M 125 49.49 41.95 84.94
C CYS M 125 50.82 41.21 84.97
N VAL M 139 44.69 41.55 74.92
CA VAL M 139 43.99 40.60 74.02
C VAL M 139 43.39 39.47 74.86
N GLU M 140 44.11 38.35 74.96
CA GLU M 140 43.72 37.28 75.89
C GLU M 140 43.72 37.81 77.32
N GLN M 141 44.74 38.61 77.67
CA GLN M 141 44.73 39.40 78.90
C GLN M 141 43.40 40.14 79.02
N ARG M 142 43.03 40.87 77.96
CA ARG M 142 41.79 41.66 77.94
C ARG M 142 40.57 40.77 78.12
N LYS M 143 40.58 39.57 77.55
CA LYS M 143 39.44 38.65 77.71
C LYS M 143 39.29 38.24 79.17
N LYS M 144 40.42 37.90 79.81
CA LYS M 144 40.38 37.55 81.24
C LYS M 144 39.93 38.74 82.08
N LEU M 145 40.38 39.94 81.72
CA LEU M 145 39.88 41.16 82.37
C LEU M 145 38.37 41.24 82.23
N SER M 146 37.84 41.05 81.02
CA SER M 146 36.39 41.18 80.79
C SER M 146 35.63 40.18 81.65
N SER M 147 36.10 38.93 81.70
CA SER M 147 35.42 37.91 82.52
C SER M 147 35.45 38.28 83.99
N LEU M 148 36.63 38.60 84.52
CA LEU M 148 36.78 39.02 85.92
C LEU M 148 35.87 40.21 86.22
N LEU M 149 35.78 41.14 85.29
CA LEU M 149 34.99 42.36 85.52
C LEU M 149 33.50 42.05 85.50
N GLU M 150 33.07 41.14 84.62
CA GLU M 150 31.66 40.68 84.65
C GLU M 150 31.36 40.08 86.00
N PHE M 151 32.28 39.27 86.52
CA PHE M 151 32.09 38.68 87.85
C PHE M 151 32.02 39.78 88.90
N ALA M 152 32.84 40.82 88.78
CA ALA M 152 32.82 41.92 89.74
C ALA M 152 31.50 42.69 89.65
N GLN M 153 30.97 42.87 88.44
CA GLN M 153 29.65 43.50 88.28
C GLN M 153 28.58 42.64 88.95
N TYR M 154 28.71 41.32 88.83
CA TYR M 154 27.81 40.42 89.56
C TYR M 154 27.93 40.65 91.06
N LEU M 155 29.17 40.81 91.55
CA LEU M 155 29.40 41.05 92.98
C LEU M 155 28.71 42.34 93.43
N LEU M 156 28.90 43.43 92.69
CA LEU M 156 28.24 44.69 93.09
C LEU M 156 26.73 44.58 92.98
N ALA M 157 26.24 43.89 91.95
CA ALA M 157 24.79 43.72 91.75
C ALA M 157 24.16 43.02 92.94
N HIS M 158 24.80 41.97 93.46
CA HIS M 158 24.28 41.29 94.65
C HIS M 158 24.83 41.90 95.94
N SER M 159 25.32 43.14 95.91
CA SER M 159 25.76 43.88 97.10
C SER M 159 26.81 43.10 97.89
N MET M 160 27.64 42.32 97.21
CA MET M 160 28.63 41.48 97.90
C MET M 160 30.03 41.93 97.52
N PHE M 161 30.24 43.24 97.48
CA PHE M 161 31.54 43.81 97.13
C PHE M 161 31.73 45.17 97.80
N SER M 162 32.89 45.36 98.44
CA SER M 162 33.24 46.62 99.11
C SER M 162 34.14 47.43 98.19
N ARG M 163 33.81 48.71 98.00
CA ARG M 163 34.52 49.54 97.02
C ARG M 163 35.73 50.23 97.65
N LEU M 164 35.55 50.82 98.82
CA LEU M 164 36.61 51.63 99.46
C LEU M 164 37.81 50.76 99.82
N SER M 165 37.58 49.64 100.51
CA SER M 165 38.66 48.69 100.78
C SER M 165 39.27 48.20 99.47
N PHE M 166 38.44 48.00 98.45
CA PHE M 166 38.95 47.54 97.14
C PHE M 166 40.00 48.49 96.60
N CYS M 167 39.62 49.75 96.38
CA CYS M 167 40.58 50.73 95.84
C CYS M 167 41.75 50.92 96.81
N GLN M 168 41.51 50.70 98.10
CA GLN M 168 42.60 50.72 99.09
C GLN M 168 43.66 49.68 98.72
N GLU M 169 43.27 48.42 98.54
CA GLU M 169 44.27 47.39 98.21
C GLU M 169 44.80 47.57 96.79
N LEU M 170 44.01 48.15 95.89
CA LEU M 170 44.53 48.48 94.55
C LEU M 170 45.70 49.45 94.67
N TRP M 171 45.52 50.51 95.45
CA TRP M 171 46.63 51.41 95.79
C TRP M 171 47.75 50.69 96.53
N LYS M 172 47.42 49.65 97.29
CA LYS M 172 48.45 48.87 97.99
C LYS M 172 49.35 48.14 96.99
N ILE M 173 48.80 47.67 95.88
CA ILE M 173 49.62 46.99 94.86
C ILE M 173 50.46 48.02 94.10
N GLN M 174 49.78 48.85 93.31
CA GLN M 174 50.36 50.11 92.77
C GLN M 174 51.52 49.87 91.81
N SER M 175 51.98 48.63 91.64
CA SER M 175 53.21 48.37 90.90
C SER M 175 52.91 47.69 89.56
N SER M 176 52.24 46.55 89.61
CA SER M 176 51.88 45.81 88.39
C SER M 176 50.76 46.50 87.63
N LEU M 177 50.05 47.44 88.27
CA LEU M 177 48.85 48.05 87.70
C LEU M 177 49.16 48.70 86.35
N LEU M 178 48.47 48.24 85.31
CA LEU M 178 48.49 48.91 83.99
C LEU M 178 47.34 49.91 83.89
N LEU M 179 47.56 50.94 83.09
CA LEU M 179 46.58 52.02 82.94
C LEU M 179 45.33 51.53 82.21
N GLU M 180 45.48 50.66 81.20
CA GLU M 180 44.32 50.13 80.49
C GLU M 180 43.41 49.38 81.47
N ALA M 181 44.00 48.69 82.44
CA ALA M 181 43.22 47.94 83.44
C ALA M 181 42.31 48.86 84.24
N VAL M 182 42.89 49.88 84.87
CA VAL M 182 42.09 50.82 85.68
C VAL M 182 41.12 51.59 84.79
N TRP M 183 41.48 51.84 83.53
CA TRP M 183 40.56 52.53 82.62
C TRP M 183 39.33 51.67 82.37
N HIS M 184 39.51 50.39 82.07
CA HIS M 184 38.38 49.46 81.92
C HIS M 184 37.59 49.37 83.22
N LEU M 185 38.29 49.34 84.33
CA LEU M 185 37.66 49.39 85.66
C LEU M 185 36.71 50.58 85.74
N HIS M 186 37.16 51.75 85.29
CA HIS M 186 36.33 52.96 85.27
C HIS M 186 35.14 52.79 84.33
N VAL M 187 35.42 52.51 83.05
CA VAL M 187 34.38 52.56 82.01
C VAL M 187 33.31 51.51 82.29
N GLN M 188 33.65 50.46 83.03
CA GLN M 188 32.65 49.47 83.44
C GLN M 188 32.02 49.82 84.78
N GLY M 189 32.22 51.05 85.28
CA GLY M 189 31.53 51.54 86.48
C GLY M 189 31.87 50.80 87.75
N ILE M 190 32.78 49.82 87.71
CA ILE M 190 33.15 49.08 88.92
C ILE M 190 33.74 50.04 89.93
N VAL M 191 34.87 50.64 89.58
CA VAL M 191 35.49 51.71 90.37
C VAL M 191 35.79 52.85 89.42
N SER M 192 35.14 53.99 89.64
CA SER M 192 35.38 55.17 88.81
C SER M 192 36.79 55.70 89.08
N LEU M 193 37.24 56.55 88.16
CA LEU M 193 38.61 57.06 88.19
C LEU M 193 38.78 58.07 89.33
N GLN M 194 37.67 58.60 89.88
CA GLN M 194 37.76 59.65 90.89
C GLN M 194 38.05 59.06 92.27
N GLU M 195 37.15 58.22 92.78
CA GLU M 195 37.28 57.70 94.15
C GLU M 195 38.58 56.93 94.33
N LEU M 196 39.08 56.31 93.26
CA LEU M 196 40.39 55.63 93.32
C LEU M 196 41.48 56.63 93.69
N LEU M 197 41.70 57.63 92.84
CA LEU M 197 42.74 58.64 93.09
C LEU M 197 42.47 59.44 94.36
N GLU M 198 41.21 59.50 94.81
CA GLU M 198 40.85 60.17 96.06
C GLU M 198 40.84 59.21 97.25
N SER M 199 41.63 58.13 97.18
CA SER M 199 41.72 57.14 98.27
C SER M 199 43.17 56.75 98.58
N HIS M 200 44.13 57.25 97.83
CA HIS M 200 45.55 56.92 98.09
C HIS M 200 46.09 57.84 99.18
N PRO M 201 46.79 57.28 100.18
CA PRO M 201 47.39 58.14 101.21
C PRO M 201 48.47 59.08 100.68
N ASP M 202 49.37 58.58 99.83
CA ASP M 202 50.45 59.39 99.23
C ASP M 202 49.91 60.09 97.99
N MET M 203 49.54 61.36 98.13
CA MET M 203 48.97 62.12 97.02
C MET M 203 50.06 62.46 95.98
N HIS M 204 51.33 62.47 96.39
CA HIS M 204 52.42 62.83 95.47
C HIS M 204 52.91 61.60 94.70
N ALA M 205 52.95 60.44 95.34
CA ALA M 205 53.30 59.20 94.63
C ALA M 205 52.33 58.95 93.49
N VAL M 206 51.04 59.22 93.72
CA VAL M 206 50.03 59.10 92.66
C VAL M 206 50.40 60.03 91.50
N GLY M 207 50.70 61.29 91.81
CA GLY M 207 51.03 62.26 90.76
C GLY M 207 52.21 61.80 89.93
N SER M 208 53.28 61.36 90.59
CA SER M 208 54.48 60.89 89.88
C SER M 208 54.16 59.67 89.02
N TRP M 209 53.41 58.72 89.59
CA TRP M 209 53.05 57.49 88.87
C TRP M 209 52.22 57.81 87.63
N LEU M 210 51.23 58.69 87.77
CA LEU M 210 50.40 59.10 86.62
C LEU M 210 51.27 59.82 85.59
N PHE M 211 52.22 60.63 86.04
CA PHE M 211 53.16 61.29 85.12
C PHE M 211 53.85 60.25 84.24
N ARG M 212 54.48 59.26 84.88
CA ARG M 212 55.20 58.20 84.13
C ARG M 212 54.24 57.48 83.20
N ASN M 213 53.06 57.12 83.70
CA ASN M 213 52.10 56.32 82.91
C ASN M 213 51.63 57.10 81.67
N LEU M 214 51.38 58.39 81.83
CA LEU M 214 50.95 59.22 80.68
C LEU M 214 52.10 59.40 79.70
N CYS M 215 53.34 59.53 80.19
CA CYS M 215 54.50 59.56 79.29
C CYS M 215 54.57 58.28 78.47
N CYS M 216 54.31 57.13 79.09
CA CYS M 216 54.30 55.86 78.34
C CYS M 216 53.12 55.80 77.37
N LEU M 217 51.96 56.35 77.76
CA LEU M 217 50.76 56.33 76.87
C LEU M 217 51.04 57.14 75.61
N CYS M 218 51.55 58.36 75.76
CA CYS M 218 51.82 59.24 74.62
C CYS M 218 52.92 58.66 73.72
N GLU M 219 53.71 57.72 74.22
CA GLU M 219 54.67 57.00 73.34
C GLU M 219 53.98 55.83 72.65
N GLN M 220 53.20 55.05 73.39
CA GLN M 220 52.56 53.84 72.83
C GLN M 220 51.51 54.19 71.79
N MET M 221 50.88 55.36 71.90
CA MET M 221 49.70 55.66 71.07
C MET M 221 50.06 56.05 69.63
N GLU M 222 51.29 55.81 69.18
CA GLU M 222 51.67 56.04 67.77
C GLU M 222 52.23 54.79 67.10
N ALA M 223 52.45 53.71 67.85
CA ALA M 223 53.00 52.48 67.27
C ALA M 223 52.08 51.94 66.18
N SER M 224 50.79 51.85 66.47
CA SER M 224 49.78 51.43 65.49
C SER M 224 48.59 52.39 65.57
N CYS M 225 47.50 52.06 64.88
CA CYS M 225 46.28 52.86 64.91
C CYS M 225 45.21 52.24 65.82
N GLN M 226 45.05 50.91 65.80
CA GLN M 226 43.98 50.26 66.57
C GLN M 226 44.23 50.42 68.08
N HIS M 227 45.46 50.22 68.53
CA HIS M 227 45.82 50.51 69.92
C HIS M 227 45.70 52.01 70.18
N ALA M 228 46.02 52.83 69.18
CA ALA M 228 45.99 54.29 69.32
C ALA M 228 44.57 54.78 69.61
N ASP M 229 43.56 54.12 69.05
CA ASP M 229 42.16 54.52 69.31
C ASP M 229 41.81 54.31 70.78
N VAL M 230 42.12 53.14 71.32
CA VAL M 230 41.84 52.85 72.73
C VAL M 230 42.64 53.82 73.62
N ALA M 231 43.89 54.08 73.23
CA ALA M 231 44.75 54.97 74.02
C ALA M 231 44.20 56.40 74.03
N ARG M 232 43.85 56.94 72.87
CA ARG M 232 43.30 58.31 72.82
C ARG M 232 41.95 58.37 73.52
N ALA M 233 41.17 57.29 73.46
CA ALA M 233 39.87 57.25 74.14
C ALA M 233 40.07 57.36 75.65
N MET M 234 40.93 56.50 76.20
CA MET M 234 41.18 56.52 77.65
C MET M 234 41.81 57.85 78.07
N LEU M 235 42.73 58.37 77.27
CA LEU M 235 43.39 59.65 77.60
C LEU M 235 42.36 60.78 77.62
N SER M 236 41.51 60.83 76.61
CA SER M 236 40.46 61.86 76.55
C SER M 236 39.51 61.75 77.74
N ASP M 237 39.10 60.53 78.08
CA ASP M 237 38.22 60.33 79.25
C ASP M 237 38.91 60.80 80.53
N PHE M 238 40.18 60.46 80.68
CA PHE M 238 41.00 60.92 81.81
C PHE M 238 40.93 62.44 81.92
N VAL M 239 41.36 63.13 80.86
CA VAL M 239 41.46 64.61 80.90
C VAL M 239 40.08 65.22 81.07
N GLN M 240 39.05 64.55 80.57
CA GLN M 240 37.66 65.03 80.72
C GLN M 240 37.29 65.04 82.20
N MET M 241 37.44 63.90 82.88
CA MET M 241 37.14 63.84 84.31
C MET M 241 38.03 64.83 85.08
N PHE M 242 39.27 65.00 84.63
CA PHE M 242 40.20 65.92 85.29
C PHE M 242 39.67 67.34 85.28
N VAL M 243 39.36 67.86 84.09
CA VAL M 243 38.86 69.24 83.97
C VAL M 243 37.48 69.35 84.65
N LEU M 244 36.71 68.25 84.67
CA LEU M 244 35.41 68.26 85.35
C LEU M 244 35.58 68.50 86.85
N ARG M 245 36.60 67.87 87.44
CA ARG M 245 36.87 68.07 88.87
C ARG M 245 37.17 69.54 89.17
N GLY M 246 38.26 70.04 88.60
CA GLY M 246 38.72 71.41 88.86
C GLY M 246 37.76 72.48 88.37
N VAL M 265 44.60 68.18 93.50
CA VAL M 265 45.44 67.01 93.15
C VAL M 265 45.50 66.85 91.65
N THR M 266 44.34 66.80 91.02
CA THR M 266 44.23 66.76 89.55
C THR M 266 45.03 67.90 88.94
N VAL M 267 44.74 69.13 89.38
CA VAL M 267 45.41 70.34 88.84
C VAL M 267 46.92 70.21 89.00
N ASP M 268 47.39 69.54 90.06
CA ASP M 268 48.83 69.32 90.25
C ASP M 268 49.40 68.51 89.09
N VAL M 269 48.70 67.45 88.70
CA VAL M 269 49.17 66.60 87.58
C VAL M 269 49.11 67.39 86.27
N LEU M 270 48.07 68.21 86.10
CA LEU M 270 47.97 69.04 84.89
C LEU M 270 49.16 70.00 84.83
N GLN M 271 49.49 70.63 85.96
CA GLN M 271 50.63 71.55 86.03
C GLN M 271 51.92 70.81 85.68
N ARG M 272 52.10 69.62 86.24
CA ARG M 272 53.33 68.85 85.96
C ARG M 272 53.42 68.54 84.47
N MET M 273 52.30 68.13 83.87
CA MET M 273 52.29 67.79 82.44
C MET M 273 52.64 69.01 81.60
N LEU M 274 51.98 70.15 81.87
CA LEU M 274 52.22 71.34 81.06
C LEU M 274 53.64 71.87 81.29
N ILE M 275 54.19 71.68 82.49
CA ILE M 275 55.58 72.09 82.75
C ILE M 275 56.53 71.21 81.93
N PHE M 276 56.29 69.90 81.94
CA PHE M 276 57.06 68.99 81.10
C PHE M 276 57.01 69.44 79.64
N ALA M 277 55.82 69.81 79.17
CA ALA M 277 55.64 70.24 77.79
C ALA M 277 56.43 71.54 77.51
N LEU M 278 56.23 72.55 78.36
CA LEU M 278 56.90 73.85 78.17
C LEU M 278 58.41 73.69 78.19
N ASP M 279 58.93 72.78 79.01
CA ASP M 279 60.39 72.57 79.08
C ASP M 279 60.87 71.81 77.85
N ALA M 280 60.21 70.70 77.51
CA ALA M 280 60.61 69.90 76.33
C ALA M 280 60.61 70.78 75.08
N LEU M 281 59.68 71.71 74.97
CA LEU M 281 59.66 72.62 73.82
C LEU M 281 60.73 73.70 73.96
N ALA M 282 60.68 74.49 75.03
CA ALA M 282 61.56 75.65 75.19
C ALA M 282 63.02 75.21 75.27
N ALA M 283 63.31 74.14 76.00
CA ALA M 283 64.70 73.71 76.25
C ALA M 283 65.24 72.98 75.01
N GLY M 284 65.28 73.68 73.88
CA GLY M 284 66.09 73.26 72.75
C GLY M 284 65.47 72.19 71.87
N VAL M 285 65.83 70.94 72.14
CA VAL M 285 65.62 69.78 71.24
C VAL M 285 64.18 69.75 70.72
N GLN M 286 64.04 69.51 69.42
CA GLN M 286 62.78 69.03 68.84
C GLN M 286 63.03 67.61 68.32
N GLU M 287 63.93 67.45 67.34
CA GLU M 287 64.55 66.17 66.94
C GLU M 287 63.54 65.02 67.05
N GLU M 288 62.49 65.12 66.23
CA GLU M 288 61.24 64.40 66.47
C GLU M 288 61.45 62.90 66.29
N SER M 289 61.65 62.22 67.41
CA SER M 289 61.57 60.75 67.47
C SER M 289 60.74 60.36 68.67
N SER M 290 60.76 61.18 69.71
CA SER M 290 60.04 60.98 70.97
C SER M 290 60.03 62.29 71.75
N THR M 291 59.20 62.34 72.78
CA THR M 291 59.05 63.52 73.66
C THR M 291 58.46 64.68 72.86
N HIS M 292 58.29 64.48 71.56
CA HIS M 292 57.72 65.52 70.68
C HIS M 292 56.33 65.11 70.24
N LYS M 293 56.17 63.88 69.78
CA LYS M 293 54.82 63.36 69.49
C LYS M 293 54.00 63.28 70.77
N ILE M 294 54.68 63.12 71.91
CA ILE M 294 54.03 63.18 73.23
C ILE M 294 53.27 64.49 73.37
N VAL M 295 53.99 65.61 73.33
CA VAL M 295 53.35 66.92 73.48
C VAL M 295 52.44 67.21 72.29
N ARG M 296 52.71 66.59 71.13
CA ARG M 296 51.82 66.72 69.97
C ARG M 296 50.42 66.23 70.31
N CYS M 297 50.30 64.98 70.71
CA CYS M 297 48.99 64.42 71.07
C CYS M 297 48.45 65.12 72.32
N TRP M 298 49.33 65.56 73.22
CA TRP M 298 48.91 66.33 74.40
C TRP M 298 48.14 67.59 73.97
N PHE M 299 48.71 68.34 73.02
CA PHE M 299 48.04 69.54 72.51
C PHE M 299 46.79 69.16 71.71
N GLY M 300 46.87 68.10 70.92
CA GLY M 300 45.72 67.66 70.12
C GLY M 300 44.51 67.38 70.98
N VAL M 301 44.70 66.66 72.08
CA VAL M 301 43.58 66.43 73.02
C VAL M 301 43.27 67.71 73.78
N PHE M 302 44.27 68.56 73.99
CA PHE M 302 44.03 69.85 74.66
C PHE M 302 43.06 70.72 73.87
N SER M 303 43.12 70.64 72.54
CA SER M 303 42.17 71.35 71.67
C SER M 303 40.77 70.84 71.98
N GLY M 304 39.94 71.70 72.58
CA GLY M 304 38.64 71.25 73.10
C GLY M 304 37.60 71.00 72.03
N HIS M 305 37.97 70.26 70.99
CA HIS M 305 36.99 69.77 70.00
C HIS M 305 36.25 68.56 70.56
N THR M 306 36.97 67.64 71.20
CA THR M 306 36.34 66.55 71.95
C THR M 306 36.01 67.01 73.36
N LEU M 307 36.89 67.82 73.98
CA LEU M 307 36.69 68.25 75.38
C LEU M 307 35.54 69.25 75.46
N GLY M 308 35.69 70.43 74.83
CA GLY M 308 34.67 71.47 74.88
C GLY M 308 33.30 71.00 74.43
N SER M 309 33.23 69.93 73.63
CA SER M 309 31.94 69.37 73.20
C SER M 309 31.25 68.63 74.36
N VAL M 310 32.01 67.92 75.18
CA VAL M 310 31.41 67.05 76.21
C VAL M 310 31.21 67.82 77.51
N ILE M 311 31.99 68.87 77.75
CA ILE M 311 31.95 69.64 79.00
C ILE M 311 31.28 70.99 78.72
N SER M 312 30.42 71.41 79.64
CA SER M 312 29.93 72.80 79.64
C SER M 312 31.09 73.72 79.98
N THR M 313 31.26 74.79 79.22
CA THR M 313 32.46 75.63 79.29
C THR M 313 32.27 76.70 80.36
N ASP M 314 31.79 76.29 81.54
CA ASP M 314 31.70 77.22 82.70
C ASP M 314 33.04 77.24 83.45
N PRO M 315 33.61 76.10 83.88
CA PRO M 315 34.97 76.11 84.42
C PRO M 315 36.04 75.74 83.40
N LEU M 316 35.65 75.26 82.22
CA LEU M 316 36.61 74.98 81.15
C LEU M 316 37.33 76.26 80.76
N LYS M 317 36.62 77.39 80.72
CA LYS M 317 37.25 78.69 80.53
C LYS M 317 38.20 78.99 81.70
N ARG M 318 37.78 78.68 82.93
CA ARG M 318 38.66 78.87 84.09
C ARG M 318 39.94 78.05 83.94
N PHE M 319 39.79 76.77 83.57
CA PHE M 319 40.94 75.88 83.39
C PHE M 319 41.87 76.42 82.29
N PHE M 320 41.30 76.82 81.15
CA PHE M 320 42.10 77.33 80.04
C PHE M 320 42.81 78.61 80.42
N SER M 321 42.13 79.51 81.11
CA SER M 321 42.75 80.78 81.54
C SER M 321 43.90 80.51 82.51
N HIS M 322 43.68 79.62 83.48
CA HIS M 322 44.75 79.22 84.40
C HIS M 322 45.92 78.61 83.63
N THR M 323 45.61 77.83 82.58
CA THR M 323 46.65 77.24 81.74
C THR M 323 47.49 78.33 81.08
N LEU M 324 46.84 79.35 80.51
CA LEU M 324 47.57 80.45 79.87
C LEU M 324 48.41 81.21 80.88
N THR M 325 47.84 81.50 82.05
CA THR M 325 48.60 82.20 83.11
C THR M 325 49.83 81.39 83.50
N GLN M 326 49.68 80.07 83.60
CA GLN M 326 50.82 79.22 84.00
C GLN M 326 51.85 79.16 82.87
N ILE M 327 51.39 79.11 81.61
CA ILE M 327 52.30 79.23 80.45
C ILE M 327 53.13 80.49 80.62
N LEU M 328 52.49 81.58 80.98
CA LEU M 328 53.19 82.88 81.10
C LEU M 328 54.18 82.85 82.27
N THR M 329 53.67 82.69 83.49
CA THR M 329 54.49 82.99 84.69
C THR M 329 55.59 81.93 84.89
N HIS M 330 55.37 80.71 84.42
CA HIS M 330 56.32 79.62 84.68
C HIS M 330 57.66 79.90 84.00
N SER M 331 58.74 79.52 84.67
CA SER M 331 60.12 79.71 84.20
C SER M 331 60.34 81.17 83.80
N PRO M 332 60.28 82.13 84.75
CA PRO M 332 60.54 83.53 84.40
C PRO M 332 62.04 83.78 84.20
N VAL M 333 62.63 82.99 83.31
CA VAL M 333 64.05 83.05 82.96
C VAL M 333 64.16 83.98 81.77
N LEU M 334 65.33 84.58 81.57
CA LEU M 334 65.58 85.54 80.48
C LEU M 334 64.65 86.74 80.69
N LYS M 335 64.73 87.34 81.88
CA LYS M 335 63.99 88.58 82.16
C LYS M 335 64.72 89.82 81.66
N ALA M 336 65.87 89.63 81.00
CA ALA M 336 66.69 90.74 80.50
C ALA M 336 65.86 91.66 79.63
N SER M 337 65.70 92.91 80.07
CA SER M 337 65.04 93.95 79.25
C SER M 337 65.71 94.05 77.90
N ASP M 338 67.04 93.83 77.86
CA ASP M 338 67.80 93.76 76.61
C ASP M 338 67.55 92.39 75.96
N ALA M 339 66.37 92.24 75.37
CA ALA M 339 66.00 91.04 74.61
C ALA M 339 65.44 91.46 73.25
N VAL M 340 65.91 92.60 72.73
CA VAL M 340 65.36 93.15 71.47
C VAL M 340 65.88 92.34 70.28
N GLN M 341 67.14 91.91 70.32
CA GLN M 341 67.65 91.01 69.26
C GLN M 341 66.98 89.66 69.31
N MET M 342 66.44 89.27 70.47
CA MET M 342 65.68 88.03 70.60
C MET M 342 64.29 88.16 70.00
N GLN M 343 63.81 89.39 69.78
CA GLN M 343 62.49 89.61 69.16
C GLN M 343 62.47 89.04 67.75
N ARG M 344 63.48 89.37 66.94
CA ARG M 344 63.57 88.86 65.57
C ARG M 344 63.73 87.34 65.55
N GLU M 345 64.20 86.74 66.65
CA GLU M 345 64.46 85.29 66.71
C GLU M 345 63.23 84.50 67.17
N TRP M 346 62.35 85.11 67.97
CA TRP M 346 61.07 84.49 68.35
C TRP M 346 59.98 84.80 67.34
N SER M 347 60.35 85.11 66.10
CA SER M 347 59.38 85.47 65.06
C SER M 347 58.36 84.35 64.88
N PHE M 348 57.24 84.69 64.24
CA PHE M 348 56.04 83.84 64.26
C PHE M 348 56.35 82.43 63.76
N ALA M 349 56.93 82.28 62.58
CA ALA M 349 57.21 80.97 62.00
C ALA M 349 58.51 80.37 62.50
N ARG M 350 59.47 81.19 62.97
CA ARG M 350 60.66 80.65 63.64
C ARG M 350 60.25 79.96 64.94
N THR M 351 59.21 80.44 65.60
CA THR M 351 58.61 79.74 66.74
C THR M 351 58.05 78.40 66.25
N HIS M 352 58.27 77.35 67.03
CA HIS M 352 57.90 75.99 66.60
C HIS M 352 56.39 75.90 66.41
N PRO M 353 55.93 75.20 65.37
CA PRO M 353 54.51 75.20 65.03
C PRO M 353 53.61 74.62 66.12
N LEU M 354 54.18 73.93 67.11
CA LEU M 354 53.38 73.32 68.17
C LEU M 354 52.80 74.39 69.08
N LEU M 355 53.64 75.31 69.56
CA LEU M 355 53.17 76.44 70.37
C LEU M 355 52.18 77.27 69.57
N THR M 356 52.45 77.46 68.28
CA THR M 356 51.59 78.25 67.42
C THR M 356 50.19 77.62 67.35
N SER M 357 50.14 76.32 67.06
CA SER M 357 48.86 75.60 66.96
C SER M 357 48.14 75.62 68.30
N LEU M 358 48.88 75.43 69.39
CA LEU M 358 48.28 75.49 70.73
C LEU M 358 47.62 76.85 70.94
N TYR M 359 48.33 77.92 70.65
CA TYR M 359 47.80 79.27 70.84
C TYR M 359 46.62 79.52 69.91
N ARG M 360 46.66 78.95 68.70
CA ARG M 360 45.51 79.00 67.80
C ARG M 360 44.28 78.42 68.51
N ARG M 361 44.40 77.19 68.99
CA ARG M 361 43.27 76.53 69.66
C ARG M 361 42.83 77.35 70.87
N LEU M 362 43.77 77.85 71.65
CA LEU M 362 43.45 78.70 72.81
C LEU M 362 42.67 79.94 72.36
N PHE M 363 42.97 80.47 71.19
CA PHE M 363 42.19 81.58 70.62
C PHE M 363 40.80 81.13 70.20
N VAL M 364 40.68 79.91 69.70
CA VAL M 364 39.37 79.38 69.29
C VAL M 364 38.50 79.15 70.53
N MET M 365 39.06 78.48 71.53
CA MET M 365 38.28 78.19 72.75
C MET M 365 38.00 79.45 73.56
N LEU M 366 38.65 80.57 73.24
CA LEU M 366 38.46 81.84 73.96
C LEU M 366 37.99 82.93 72.99
N SER M 367 37.89 84.16 73.50
CA SER M 367 37.40 85.30 72.72
C SER M 367 38.48 86.37 72.65
N ALA M 368 38.43 87.19 71.60
CA ALA M 368 39.48 88.18 71.32
C ALA M 368 39.60 89.21 72.44
N GLU M 369 38.53 89.99 72.66
CA GLU M 369 38.60 91.16 73.54
C GLU M 369 38.81 90.75 75.00
N GLU M 370 38.10 89.72 75.46
CA GLU M 370 38.32 89.21 76.82
C GLU M 370 39.77 88.74 76.98
N LEU M 371 40.32 88.09 75.95
CA LEU M 371 41.72 87.64 76.00
C LEU M 371 42.67 88.82 76.13
N VAL M 372 42.50 89.85 75.31
CA VAL M 372 43.43 91.00 75.34
C VAL M 372 43.31 91.72 76.68
N GLY M 373 42.10 91.80 77.24
CA GLY M 373 41.92 92.39 78.57
C GLY M 373 42.64 91.59 79.65
N HIS M 374 42.46 90.27 79.63
CA HIS M 374 43.16 89.38 80.57
C HIS M 374 44.67 89.52 80.42
N LEU M 375 45.15 89.68 79.18
CA LEU M 375 46.60 89.85 78.93
C LEU M 375 47.11 91.14 79.53
N GLN M 376 46.40 92.26 79.28
CA GLN M 376 46.77 93.54 79.90
C GLN M 376 46.84 93.36 81.42
N GLU M 377 45.83 92.71 82.00
CA GLU M 377 45.78 92.52 83.47
C GLU M 377 47.00 91.73 83.95
N VAL M 378 47.27 90.57 83.35
CA VAL M 378 48.34 89.69 83.85
C VAL M 378 49.70 90.34 83.60
N LEU M 379 49.83 91.11 82.52
CA LEU M 379 51.12 91.76 82.21
C LEU M 379 51.41 92.90 83.18
N GLU M 380 50.38 93.67 83.57
CA GLU M 380 50.59 94.71 84.60
C GLU M 380 50.72 94.05 85.98
N THR M 381 50.24 92.82 86.12
CA THR M 381 50.17 92.16 87.44
C THR M 381 51.55 91.74 87.94
N GLN M 382 52.21 90.83 87.23
CA GLN M 382 53.39 90.14 87.76
C GLN M 382 54.43 89.92 86.65
N GLU M 383 55.46 89.16 86.99
CA GLU M 383 56.64 89.01 86.14
C GLU M 383 56.33 88.15 84.93
N VAL M 384 57.19 88.23 83.92
CA VAL M 384 56.92 87.67 82.60
C VAL M 384 58.16 86.94 82.08
N HIS M 385 57.93 85.76 81.49
CA HIS M 385 58.88 85.10 80.59
C HIS M 385 58.56 85.58 79.18
N TRP M 386 59.52 86.18 78.51
CA TRP M 386 59.24 87.05 77.36
C TRP M 386 59.17 86.29 76.03
N GLN M 387 59.85 85.16 75.88
CA GLN M 387 59.75 84.34 74.67
C GLN M 387 58.29 84.03 74.37
N ARG M 388 57.59 83.49 75.37
CA ARG M 388 56.22 82.99 75.17
C ARG M 388 55.29 84.13 74.84
N VAL M 389 55.35 85.22 75.58
CA VAL M 389 54.42 86.34 75.33
C VAL M 389 54.72 87.00 73.98
N LEU M 390 55.99 87.03 73.57
CA LEU M 390 56.30 87.67 72.28
C LEU M 390 55.79 86.81 71.12
N SER M 391 56.10 85.52 71.12
CA SER M 391 55.52 84.63 70.11
C SER M 391 54.00 84.67 70.17
N PHE M 392 53.45 84.81 71.38
CA PHE M 392 52.00 84.83 71.60
C PHE M 392 51.38 86.07 70.97
N VAL M 393 52.01 87.23 71.12
CA VAL M 393 51.43 88.46 70.55
C VAL M 393 51.63 88.48 69.05
N SER M 394 52.71 87.88 68.54
CA SER M 394 52.87 87.71 67.10
C SER M 394 51.75 86.83 66.55
N ALA M 395 51.30 85.86 67.35
CA ALA M 395 50.12 85.06 66.99
C ALA M 395 48.84 85.89 67.12
N LEU M 396 48.77 86.73 68.15
CA LEU M 396 47.60 87.58 68.41
C LEU M 396 47.30 88.44 67.18
N VAL M 397 48.32 89.17 66.71
CA VAL M 397 48.10 90.21 65.68
C VAL M 397 47.69 89.57 64.36
N VAL M 398 48.14 88.34 64.09
CA VAL M 398 47.87 87.69 62.81
C VAL M 398 46.54 86.93 62.87
N CYS M 399 46.28 86.26 64.00
CA CYS M 399 45.09 85.39 64.10
C CYS M 399 43.83 86.24 64.24
N PHE M 400 43.76 87.06 65.29
CA PHE M 400 42.50 87.73 65.63
C PHE M 400 42.12 88.79 64.60
N PRO M 401 40.81 89.02 64.40
CA PRO M 401 40.36 90.00 63.41
C PRO M 401 40.57 91.42 63.91
N GLU M 402 41.59 92.09 63.37
CA GLU M 402 41.92 93.48 63.69
C GLU M 402 42.03 93.65 65.21
N ALA M 403 43.00 92.99 65.82
CA ALA M 403 43.34 93.22 67.24
C ALA M 403 44.39 94.32 67.38
N GLN M 404 44.89 94.86 66.26
CA GLN M 404 45.91 95.91 66.30
C GLN M 404 45.43 97.13 67.11
N GLN M 405 44.18 97.53 66.94
CA GLN M 405 43.70 98.79 67.51
C GLN M 405 43.59 98.69 69.04
N LEU M 406 42.92 97.67 69.56
CA LEU M 406 42.84 97.49 71.02
C LEU M 406 44.21 97.18 71.60
N LEU M 407 45.05 96.49 70.82
CA LEU M 407 46.46 96.27 71.23
C LEU M 407 47.14 97.60 71.51
N GLU M 408 47.24 98.46 70.50
CA GLU M 408 47.87 99.78 70.68
C GLU M 408 47.10 100.62 71.69
N ASP M 409 45.81 100.34 71.87
CA ASP M 409 44.99 101.06 72.88
C ASP M 409 45.54 100.80 74.27
N TRP M 410 45.56 99.53 74.70
CA TRP M 410 46.11 99.22 76.03
C TRP M 410 47.59 99.56 76.11
N VAL M 411 48.30 99.46 74.98
CA VAL M 411 49.72 99.88 74.92
C VAL M 411 49.83 101.34 75.34
N ALA M 412 49.08 102.22 74.68
CA ALA M 412 49.14 103.66 74.98
C ALA M 412 48.61 103.95 76.38
N ARG M 413 47.64 103.18 76.87
CA ARG M 413 47.17 103.33 78.25
C ARG M 413 48.33 103.09 79.22
N LEU M 414 48.99 101.95 79.09
CA LEU M 414 50.15 101.62 79.95
C LEU M 414 51.25 102.66 79.78
N MET M 415 51.46 103.14 78.54
CA MET M 415 52.51 104.13 78.27
C MET M 415 52.20 105.44 79.01
N ALA M 416 50.96 105.91 78.93
CA ALA M 416 50.55 107.14 79.63
C ALA M 416 50.70 106.96 81.14
N GLN M 417 50.30 105.80 81.66
CA GLN M 417 50.47 105.52 83.10
C GLN M 417 51.95 105.58 83.48
N ALA M 418 52.82 105.01 82.65
CA ALA M 418 54.27 105.02 82.90
C ALA M 418 54.81 106.45 82.85
N PHE M 419 54.34 107.25 81.89
CA PHE M 419 54.79 108.65 81.78
C PHE M 419 54.39 109.45 83.01
N GLU M 420 53.15 109.29 83.47
CA GLU M 420 52.69 109.99 84.68
C GLU M 420 53.49 109.54 85.89
N SER M 421 53.71 108.22 86.03
CA SER M 421 54.45 107.66 87.17
C SER M 421 55.96 107.70 86.96
N CYS M 422 56.43 108.06 85.76
CA CYS M 422 57.86 108.05 85.41
C CYS M 422 58.45 106.65 85.62
N GLN M 423 57.67 105.63 85.27
CA GLN M 423 58.06 104.22 85.41
C GLN M 423 58.56 103.73 84.05
N LEU M 424 59.88 103.68 83.88
CA LEU M 424 60.45 103.24 82.60
C LEU M 424 60.22 101.74 82.40
N ASP M 425 60.16 100.96 83.48
CA ASP M 425 60.07 99.49 83.37
C ASP M 425 58.83 99.08 82.57
N SER M 426 57.65 99.53 82.98
CA SER M 426 56.41 99.23 82.25
C SER M 426 56.49 99.80 80.83
N MET M 427 57.13 100.95 80.67
CA MET M 427 57.28 101.58 79.34
C MET M 427 58.00 100.62 78.38
N VAL M 428 59.03 99.93 78.87
CA VAL M 428 59.79 98.97 78.04
C VAL M 428 58.84 97.91 77.48
N THR M 429 57.84 97.52 78.27
CA THR M 429 56.90 96.47 77.84
C THR M 429 56.18 96.90 76.56
N ALA M 430 55.54 98.07 76.60
CA ALA M 430 54.81 98.57 75.43
C ALA M 430 55.77 98.84 74.27
N PHE M 431 56.99 99.29 74.56
CA PHE M 431 58.01 99.47 73.53
C PHE M 431 58.23 98.17 72.76
N LEU M 432 58.59 97.11 73.49
CA LEU M 432 58.83 95.80 72.86
C LEU M 432 57.57 95.30 72.15
N VAL M 433 56.39 95.56 72.73
CA VAL M 433 55.12 95.10 72.15
C VAL M 433 54.93 95.71 70.76
N VAL M 434 55.08 97.02 70.65
CA VAL M 434 54.86 97.68 69.34
C VAL M 434 56.01 97.29 68.39
N ARG M 435 57.22 97.09 68.91
CA ARG M 435 58.35 96.69 68.07
C ARG M 435 58.08 95.33 67.43
N GLN M 436 57.45 94.41 68.16
CA GLN M 436 57.06 93.13 67.58
C GLN M 436 55.85 93.29 66.67
N ALA M 437 54.86 94.07 67.09
CA ALA M 437 53.64 94.28 66.29
C ALA M 437 53.96 94.82 64.90
N ALA M 438 55.04 95.59 64.79
CA ALA M 438 55.54 96.03 63.47
C ALA M 438 55.89 94.81 62.61
N LEU M 439 56.54 93.81 63.22
CA LEU M 439 56.96 92.60 62.50
C LEU M 439 55.74 91.70 62.24
N LEU M 446 55.83 100.38 58.50
CA LEU M 446 56.49 101.30 59.43
C LEU M 446 55.55 101.69 60.57
N SER M 447 54.80 100.72 61.11
CA SER M 447 53.87 100.96 62.22
C SER M 447 54.62 101.56 63.42
N TYR M 448 55.87 101.13 63.63
CA TYR M 448 56.71 101.72 64.67
C TYR M 448 56.91 103.21 64.39
N ALA M 449 57.22 103.57 63.14
CA ALA M 449 57.40 104.98 62.77
C ALA M 449 56.10 105.75 62.95
N ASP M 450 54.97 105.12 62.61
CA ASP M 450 53.66 105.79 62.76
C ASP M 450 53.38 106.09 64.23
N TRP M 451 53.58 105.11 65.11
CA TRP M 451 53.37 105.34 66.54
C TRP M 451 54.37 106.37 67.07
N PHE M 452 55.60 106.34 66.59
CA PHE M 452 56.64 107.27 67.05
C PHE M 452 56.25 108.70 66.70
N LYS M 453 55.79 108.92 65.47
CA LYS M 453 55.36 110.27 65.05
C LYS M 453 54.06 110.67 65.75
N ALA M 454 53.16 109.71 65.99
CA ALA M 454 51.93 109.99 66.74
C ALA M 454 52.23 110.38 68.18
N SER M 455 53.32 109.89 68.75
CA SER M 455 53.78 110.34 70.07
C SER M 455 54.09 111.84 70.03
N PHE M 456 54.77 112.30 68.98
CA PHE M 456 55.17 113.73 68.87
C PHE M 456 53.96 114.65 68.84
N GLY M 457 52.78 114.14 68.51
CA GLY M 457 51.54 114.91 68.57
C GLY M 457 50.81 114.74 69.89
N SER M 458 50.92 115.73 70.77
CA SER M 458 50.15 115.82 72.03
C SER M 458 50.52 114.71 73.02
N THR M 459 51.51 113.87 72.71
CA THR M 459 51.97 112.83 73.65
C THR M 459 53.44 113.06 74.01
N ARG M 460 54.28 113.29 73.01
CA ARG M 460 55.73 113.49 73.23
C ARG M 460 56.07 114.96 73.48
N GLY M 461 55.35 115.90 72.89
CA GLY M 461 55.53 117.32 73.23
C GLY M 461 55.39 117.56 74.72
N TYR M 462 54.53 116.77 75.37
CA TYR M 462 54.36 116.77 76.83
C TYR M 462 53.96 115.36 77.28
N HIS M 463 54.95 114.57 77.69
CA HIS M 463 54.66 113.23 78.27
C HIS M 463 54.17 113.38 79.70
N GLY M 464 55.00 113.96 80.57
CA GLY M 464 54.61 114.32 81.92
C GLY M 464 54.62 115.83 82.10
N CYS M 465 54.07 116.29 83.23
CA CYS M 465 54.08 117.72 83.56
C CYS M 465 55.52 118.24 83.62
N SER M 466 56.36 117.58 84.41
CA SER M 466 57.79 117.92 84.46
C SER M 466 58.48 117.41 83.21
N LYS M 467 59.21 118.28 82.52
CA LYS M 467 59.94 117.88 81.30
C LYS M 467 61.06 116.89 81.61
N LYS M 468 61.41 116.71 82.89
CA LYS M 468 62.40 115.71 83.31
C LYS M 468 62.02 114.32 82.80
N ALA M 469 60.70 114.04 82.77
CA ALA M 469 60.19 112.77 82.23
C ALA M 469 60.73 112.52 80.82
N LEU M 470 60.73 113.56 79.98
CA LEU M 470 61.33 113.48 78.64
C LEU M 470 62.78 112.98 78.74
N VAL M 471 63.56 113.59 79.63
CA VAL M 471 64.94 113.17 79.91
C VAL M 471 64.99 111.68 80.21
N PHE M 472 64.05 111.18 81.02
CA PHE M 472 64.07 109.77 81.43
C PHE M 472 63.83 108.83 80.25
N LEU M 473 63.23 109.31 79.17
CA LEU M 473 62.96 108.45 78.00
C LEU M 473 64.26 108.20 77.23
N PHE M 474 64.96 109.28 76.86
CA PHE M 474 66.21 109.14 76.09
C PHE M 474 67.28 108.39 76.88
N THR M 475 67.29 108.54 78.20
CA THR M 475 68.17 107.71 79.04
C THR M 475 67.84 106.24 78.84
N PHE M 476 66.55 105.90 78.82
CA PHE M 476 66.14 104.54 78.45
C PHE M 476 66.52 104.25 76.99
N LEU M 477 66.45 105.25 76.11
CA LEU M 477 67.04 105.10 74.77
C LEU M 477 68.55 104.88 74.90
N SER M 478 69.21 105.60 75.80
CA SER M 478 70.61 105.31 76.14
C SER M 478 70.73 103.91 76.76
N GLU M 479 69.66 103.39 77.34
CA GLU M 479 69.62 101.99 77.78
C GLU M 479 69.13 101.05 76.67
N LEU M 480 68.90 101.56 75.46
CA LEU M 480 68.43 100.74 74.33
C LEU M 480 69.43 100.73 73.18
N VAL M 481 69.81 101.90 72.69
CA VAL M 481 70.47 102.03 71.38
C VAL M 481 71.88 101.45 71.40
N PRO M 482 72.68 101.59 72.48
CA PRO M 482 73.91 100.80 72.55
C PRO M 482 73.68 99.32 72.82
N PHE M 483 72.46 98.94 73.21
CA PHE M 483 72.17 97.59 73.70
C PHE M 483 71.31 96.83 72.68
N GLU M 484 71.99 96.17 71.75
CA GLU M 484 71.43 95.17 70.80
C GLU M 484 70.64 95.83 69.67
N SER M 485 70.28 97.11 69.81
CA SER M 485 70.14 98.08 68.71
C SER M 485 69.60 97.50 67.40
N PRO M 486 68.32 97.14 67.29
CA PRO M 486 67.78 96.74 65.99
C PRO M 486 68.02 97.82 64.92
N ARG M 487 68.62 97.43 63.79
CA ARG M 487 69.19 98.37 62.82
C ARG M 487 68.16 99.37 62.29
N TYR M 488 66.90 98.97 62.19
CA TYR M 488 65.86 99.82 61.59
C TYR M 488 65.35 100.88 62.57
N LEU M 489 65.13 100.50 63.82
CA LEU M 489 64.52 101.41 64.81
C LEU M 489 65.52 102.48 65.26
N GLN M 490 66.83 102.25 65.10
CA GLN M 490 67.83 103.29 65.39
C GLN M 490 67.55 104.54 64.53
N VAL M 491 67.29 104.33 63.25
CA VAL M 491 67.04 105.46 62.33
C VAL M 491 65.71 106.13 62.69
N HIS M 492 64.73 105.36 63.16
CA HIS M 492 63.43 105.94 63.57
C HIS M 492 63.58 106.76 64.83
N ILE M 493 64.50 106.39 65.73
CA ILE M 493 64.82 107.24 66.89
C ILE M 493 65.37 108.59 66.40
N LEU M 494 66.11 108.58 65.28
CA LEU M 494 66.68 109.82 64.74
C LEU M 494 65.60 110.67 64.06
N HIS M 495 64.75 110.05 63.24
CA HIS M 495 63.95 110.78 62.24
C HIS M 495 63.07 111.84 62.90
N PRO M 496 62.16 111.50 63.84
CA PRO M 496 61.63 112.52 64.74
C PRO M 496 62.49 112.62 66.00
N PRO M 497 62.96 113.82 66.36
CA PRO M 497 63.87 114.00 67.50
C PRO M 497 63.21 113.76 68.86
N TYR M 503 63.57 121.19 77.69
CA TYR M 503 64.22 122.38 77.11
C TYR M 503 64.95 122.03 75.81
N ARG M 504 65.29 123.06 75.04
CA ARG M 504 66.00 122.86 73.76
C ARG M 504 67.42 122.34 74.01
N SER M 505 68.00 122.69 75.16
CA SER M 505 69.33 122.17 75.54
C SER M 505 69.33 120.65 75.57
N LEU M 506 68.39 120.05 76.30
CA LEU M 506 68.33 118.59 76.45
C LEU M 506 68.00 117.94 75.10
N LEU M 507 67.10 118.53 74.33
CA LEU M 507 66.74 117.99 73.00
C LEU M 507 67.96 117.98 72.09
N THR M 508 68.79 119.03 72.15
CA THR M 508 70.00 119.10 71.33
C THR M 508 71.07 118.13 71.82
N ASP M 509 71.19 117.95 73.14
CA ASP M 509 72.16 116.98 73.68
C ASP M 509 71.78 115.56 73.27
N TYR M 510 70.48 115.25 73.24
CA TYR M 510 70.05 113.87 72.97
C TYR M 510 70.18 113.48 71.51
N ILE M 511 70.09 114.44 70.58
CA ILE M 511 70.36 114.14 69.17
C ILE M 511 71.84 113.78 69.01
N SER M 512 72.73 114.55 69.64
CA SER M 512 74.16 114.25 69.61
C SER M 512 74.43 112.88 70.24
N LEU M 513 73.76 112.56 71.34
CA LEU M 513 73.92 111.24 71.98
C LEU M 513 73.44 110.14 71.05
N ALA M 514 72.30 110.35 70.37
CA ALA M 514 71.79 109.38 69.39
C ALA M 514 72.81 109.18 68.26
N LYS M 515 73.52 110.23 67.88
CA LYS M 515 74.54 110.11 66.83
C LYS M 515 75.80 109.40 67.33
N THR M 516 76.17 109.60 68.60
CA THR M 516 77.25 108.81 69.20
C THR M 516 76.87 107.32 69.15
N ARG M 517 75.65 106.99 69.55
CA ARG M 517 75.16 105.61 69.46
C ARG M 517 75.17 105.14 68.00
N LEU M 518 74.78 106.01 67.07
CA LEU M 518 74.88 105.70 65.63
C LEU M 518 76.28 105.22 65.28
N ALA M 519 77.30 105.95 65.70
CA ALA M 519 78.69 105.56 65.46
C ALA M 519 78.98 104.20 66.10
N ASP M 520 78.60 104.04 67.38
CA ASP M 520 78.89 102.79 68.13
C ASP M 520 78.26 101.58 67.42
N LEU M 521 77.16 101.77 66.70
CA LEU M 521 76.50 100.64 66.02
C LEU M 521 77.02 100.48 64.60
N LYS M 522 77.37 101.57 63.92
CA LYS M 522 77.90 101.48 62.56
C LYS M 522 79.27 100.80 62.56
N VAL M 523 80.05 101.01 63.62
CA VAL M 523 81.32 100.27 63.78
C VAL M 523 81.01 98.80 64.10
N SER M 524 79.84 98.51 64.66
CA SER M 524 79.43 97.15 65.00
C SER M 524 78.71 96.49 63.81
N GLU M 542 72.74 111.97 33.51
CA GLU M 542 71.90 112.96 32.81
C GLU M 542 72.26 113.12 31.32
N PRO M 543 73.56 113.25 30.96
CA PRO M 543 73.92 113.27 29.53
C PRO M 543 73.60 111.96 28.80
N HIS M 544 73.27 110.90 29.53
CA HIS M 544 72.80 109.63 28.95
C HIS M 544 71.29 109.61 28.75
N SER M 545 70.51 109.90 29.80
CA SER M 545 69.05 109.84 29.76
C SER M 545 68.47 110.93 28.85
N GLN M 546 69.03 112.13 28.87
CA GLN M 546 68.53 113.22 28.02
C GLN M 546 68.87 112.96 26.56
N ALA M 547 70.04 112.38 26.28
CA ALA M 547 70.43 112.06 24.90
C ALA M 547 69.45 111.07 24.26
N LEU M 548 68.87 110.18 25.05
CA LEU M 548 67.80 109.29 24.56
C LEU M 548 66.66 110.13 24.00
N GLN M 549 66.12 111.04 24.81
CA GLN M 549 65.00 111.91 24.37
C GLN M 549 65.42 112.75 23.16
N ASP M 550 66.67 113.16 23.10
CA ASP M 550 67.14 113.99 21.97
C ASP M 550 67.12 113.18 20.67
N VAL M 551 67.77 112.03 20.65
CA VAL M 551 67.80 111.19 19.44
C VAL M 551 66.38 110.73 19.10
N GLU M 552 65.53 110.57 20.11
CA GLU M 552 64.12 110.22 19.91
C GLU M 552 63.44 111.26 19.02
N LYS M 553 63.43 112.51 19.47
CA LYS M 553 62.79 113.58 18.69
C LYS M 553 63.50 113.75 17.35
N ALA M 554 64.81 113.51 17.30
CA ALA M 554 65.57 113.62 16.05
C ALA M 554 65.02 112.65 15.00
N ILE M 555 64.92 111.37 15.35
CA ILE M 555 64.39 110.39 14.40
C ILE M 555 62.91 110.67 14.12
N MET M 556 62.16 111.18 15.10
CA MET M 556 60.74 111.49 14.86
C MET M 556 60.58 112.54 13.77
N VAL M 557 61.31 113.64 13.88
CA VAL M 557 61.24 114.70 12.85
C VAL M 557 61.88 114.19 11.55
N PHE M 558 62.87 113.31 11.62
CA PHE M 558 63.43 112.71 10.40
C PHE M 558 62.38 111.88 9.67
N GLU M 559 61.42 111.31 10.40
CA GLU M 559 60.31 110.62 9.75
C GLU M 559 59.30 111.62 9.19
N HIS M 560 58.90 112.59 10.01
CA HIS M 560 57.94 113.62 9.55
C HIS M 560 58.50 114.35 8.33
N THR M 561 59.75 114.80 8.43
CA THR M 561 60.51 115.29 7.27
C THR M 561 61.19 114.11 6.59
N GLY M 562 62.17 114.41 5.75
CA GLY M 562 63.16 113.43 5.31
C GLY M 562 64.55 114.02 5.41
N ASN M 563 65.55 113.14 5.44
CA ASN M 563 66.95 113.55 5.25
C ASN M 563 67.47 114.53 6.29
N ILE M 564 67.66 114.06 7.53
CA ILE M 564 68.57 114.71 8.51
C ILE M 564 68.15 116.14 8.83
N PRO M 565 67.18 116.32 9.73
CA PRO M 565 66.91 117.65 10.28
C PRO M 565 68.19 118.34 10.76
N VAL M 566 68.15 119.66 10.74
CA VAL M 566 69.37 120.47 10.76
C VAL M 566 69.80 120.79 12.20
N THR M 567 68.88 120.71 13.15
CA THR M 567 69.19 121.15 14.52
C THR M 567 70.30 120.29 15.13
N VAL M 568 70.28 118.99 14.89
CA VAL M 568 71.37 118.11 15.37
C VAL M 568 72.65 118.43 14.59
N MET M 569 72.52 118.82 13.32
CA MET M 569 73.69 119.21 12.52
C MET M 569 74.34 120.46 13.08
N GLU M 570 73.58 121.32 13.75
CA GLU M 570 74.18 122.50 14.42
C GLU M 570 75.10 122.05 15.55
N ALA M 571 74.56 121.28 16.50
CA ALA M 571 75.33 120.84 17.68
C ALA M 571 76.45 119.89 17.27
N SER M 572 76.36 119.24 16.10
CA SER M 572 77.40 118.31 15.65
C SER M 572 78.74 119.02 15.49
N ILE M 573 78.79 120.01 14.60
CA ILE M 573 80.07 120.65 14.24
C ILE M 573 80.54 121.58 15.37
N PHE M 574 79.64 122.31 16.01
CA PHE M 574 80.01 123.36 16.95
C PHE M 574 80.10 122.88 18.40
N ARG M 575 79.29 121.91 18.80
CA ARG M 575 79.33 121.37 20.18
C ARG M 575 79.77 119.92 20.13
N ARG M 576 81.08 119.70 20.03
CA ARG M 576 81.64 118.35 19.95
C ARG M 576 81.45 117.55 21.25
N PRO M 577 81.65 118.11 22.46
CA PRO M 577 81.38 117.35 23.68
C PRO M 577 79.95 116.82 23.74
N TYR M 578 78.97 117.69 23.57
CA TYR M 578 77.57 117.25 23.53
C TYR M 578 77.32 116.36 22.32
N TYR M 579 77.99 116.61 21.20
CA TYR M 579 77.83 115.76 20.01
C TYR M 579 78.16 114.31 20.36
N VAL M 580 79.30 114.07 20.99
CA VAL M 580 79.72 112.69 21.31
C VAL M 580 78.89 112.17 22.48
N SER M 581 78.52 113.02 23.44
CA SER M 581 77.71 112.59 24.59
C SER M 581 76.32 112.14 24.14
N HIS M 582 75.79 112.72 23.06
CA HIS M 582 74.47 112.38 22.52
C HIS M 582 74.57 111.30 21.45
N PHE M 583 75.73 111.19 20.79
CA PHE M 583 75.92 110.20 19.73
C PHE M 583 76.03 108.77 20.28
N LEU M 584 76.28 108.60 21.58
CA LEU M 584 76.32 107.25 22.15
C LEU M 584 74.97 106.55 21.99
N PRO M 585 73.86 107.03 22.57
CA PRO M 585 72.57 106.33 22.40
C PRO M 585 72.10 106.25 20.96
N ALA M 586 72.66 107.07 20.06
CA ALA M 586 72.40 106.92 18.62
C ALA M 586 72.87 105.56 18.12
N LEU M 587 73.85 104.94 18.79
CA LEU M 587 74.40 103.65 18.37
C LEU M 587 74.20 102.53 19.39
N LEU M 588 73.82 102.84 20.63
CA LEU M 588 73.61 101.81 21.66
C LEU M 588 72.29 101.09 21.39
N THR M 589 72.32 100.17 20.42
CA THR M 589 71.16 99.34 20.07
C THR M 589 71.62 97.88 20.04
N PRO M 590 71.80 97.25 21.22
CA PRO M 590 72.10 95.82 21.25
C PRO M 590 70.84 95.00 20.98
N ARG M 591 70.36 95.07 19.73
CA ARG M 591 69.12 94.41 19.34
C ARG M 591 69.27 93.91 17.91
N VAL M 592 68.50 92.87 17.58
CA VAL M 592 68.54 92.27 16.24
C VAL M 592 68.03 93.27 15.22
N LEU M 593 68.49 93.14 13.99
CA LEU M 593 68.04 94.02 12.91
C LEU M 593 66.84 93.37 12.21
N PRO M 594 65.83 94.15 11.82
CA PRO M 594 64.76 93.61 10.99
C PRO M 594 65.28 93.34 9.57
N LYS M 595 64.59 92.44 8.88
CA LYS M 595 64.98 92.04 7.53
C LYS M 595 64.94 93.26 6.60
N VAL M 596 63.96 94.13 6.78
CA VAL M 596 63.82 95.36 5.96
C VAL M 596 64.33 96.53 6.78
N PRO M 597 64.83 97.60 6.14
CA PRO M 597 65.24 98.79 6.89
C PRO M 597 64.04 99.47 7.57
N ASP M 598 64.35 100.25 8.60
CA ASP M 598 63.36 100.98 9.39
C ASP M 598 63.92 102.36 9.72
N SER M 599 63.22 103.07 10.60
CA SER M 599 63.55 104.46 10.94
C SER M 599 64.97 104.57 11.50
N ARG M 600 65.30 103.74 12.49
CA ARG M 600 66.61 103.83 13.16
C ARG M 600 67.73 103.68 12.14
N VAL M 601 67.72 102.57 11.40
CA VAL M 601 68.85 102.26 10.50
C VAL M 601 68.86 103.24 9.32
N ALA M 602 67.70 103.68 8.84
CA ALA M 602 67.65 104.68 7.76
C ALA M 602 68.22 106.00 8.25
N PHE M 603 67.89 106.40 9.47
CA PHE M 603 68.51 107.57 10.12
C PHE M 603 70.03 107.41 10.10
N ILE M 604 70.53 106.26 10.54
CA ILE M 604 71.99 106.05 10.66
C ILE M 604 72.63 106.10 9.26
N GLU M 605 71.97 105.55 8.25
CA GLU M 605 72.50 105.61 6.88
C GLU M 605 72.57 107.06 6.39
N SER M 606 71.49 107.81 6.59
CA SER M 606 71.47 109.22 6.19
C SER M 606 72.53 110.01 6.94
N LEU M 607 72.88 109.57 8.16
CA LEU M 607 74.01 110.19 8.88
C LEU M 607 75.34 109.85 8.19
N LYS M 608 75.59 108.56 7.93
CA LYS M 608 76.94 108.11 7.54
C LYS M 608 77.35 108.64 6.17
N ARG M 609 76.40 108.94 5.29
CA ARG M 609 76.75 109.50 3.97
C ARG M 609 77.30 110.91 4.09
N ALA M 610 77.04 111.58 5.22
CA ALA M 610 77.61 112.93 5.48
C ALA M 610 79.08 112.86 5.87
N ASP M 611 79.72 111.68 5.81
CA ASP M 611 81.14 111.46 6.12
C ASP M 611 81.46 111.73 7.59
N LYS M 612 80.44 111.89 8.43
CA LYS M 612 80.62 111.93 9.89
C LYS M 612 80.62 110.50 10.42
N ILE M 613 80.44 110.35 11.73
CA ILE M 613 80.33 109.03 12.37
C ILE M 613 81.62 108.26 12.12
N PRO M 614 82.71 108.55 12.85
CA PRO M 614 83.96 107.80 12.70
C PRO M 614 83.70 106.30 12.70
N PRO M 615 84.35 105.55 11.81
CA PRO M 615 83.99 104.13 11.61
C PRO M 615 84.25 103.24 12.82
N SER M 616 84.98 103.71 13.83
CA SER M 616 85.18 102.95 15.07
C SER M 616 83.83 102.70 15.75
N LEU M 617 83.09 103.76 16.02
CA LEU M 617 81.77 103.64 16.64
C LEU M 617 80.82 102.84 15.75
N TYR M 618 80.97 102.93 14.43
CA TYR M 618 80.16 102.14 13.51
C TYR M 618 80.47 100.65 13.63
N SER M 619 81.76 100.31 13.77
CA SER M 619 82.16 98.91 13.96
C SER M 619 81.61 98.37 15.29
N THR M 620 81.73 99.16 16.36
CA THR M 620 81.14 98.79 17.66
C THR M 620 79.63 98.59 17.50
N TYR M 621 78.98 99.49 16.77
CA TYR M 621 77.54 99.40 16.49
C TYR M 621 77.20 98.05 15.88
N CYS M 622 77.83 97.72 14.75
CA CYS M 622 77.44 96.51 14.00
C CYS M 622 77.78 95.24 14.79
N GLN M 623 78.91 95.23 15.51
CA GLN M 623 79.24 94.04 16.31
C GLN M 623 78.28 93.90 17.49
N ALA M 624 77.82 95.01 18.06
CA ALA M 624 76.84 94.96 19.16
C ALA M 624 75.51 94.42 18.64
N CYS M 625 75.07 94.90 17.47
CA CYS M 625 73.81 94.40 16.88
C CYS M 625 73.97 92.95 16.41
N SER M 626 75.20 92.49 16.18
CA SER M 626 75.45 91.07 15.83
C SER M 626 75.00 90.16 16.97
N ALA M 627 75.32 90.52 18.21
CA ALA M 627 74.91 89.77 19.42
C ALA M 627 75.34 88.31 19.33
N GLU M 648 65.36 72.94 47.78
CA GLU M 648 64.88 72.62 49.14
C GLU M 648 63.95 73.69 49.69
N PRO M 649 64.34 74.98 49.71
CA PRO M 649 63.42 76.02 50.19
C PRO M 649 62.22 76.20 49.26
N LEU M 650 62.39 75.97 47.96
CA LEU M 650 61.27 76.06 47.00
C LEU M 650 60.30 74.89 47.19
N GLY M 651 60.81 73.68 47.35
CA GLY M 651 59.95 72.54 47.70
C GLY M 651 59.27 72.77 49.04
N GLN M 652 60.00 73.37 49.99
CA GLN M 652 59.40 73.78 51.27
C GLN M 652 58.24 74.73 51.03
N LEU M 653 58.40 75.70 50.13
CA LEU M 653 57.31 76.63 49.79
C LEU M 653 56.11 75.87 49.23
N THR M 654 56.35 74.98 48.27
CA THR M 654 55.26 74.21 47.63
C THR M 654 54.41 73.48 48.67
N ALA M 655 55.03 73.04 49.76
CA ALA M 655 54.28 72.42 50.87
C ALA M 655 53.24 73.40 51.43
N ALA M 656 53.68 74.61 51.77
CA ALA M 656 52.77 75.64 52.30
C ALA M 656 51.73 76.04 51.25
N LEU M 657 52.09 75.98 49.96
CA LEU M 657 51.13 76.32 48.90
C LEU M 657 50.02 75.28 48.83
N GLY M 658 50.38 73.99 48.82
CA GLY M 658 49.37 72.94 48.90
C GLY M 658 48.56 73.03 50.19
N GLU M 659 49.20 73.46 51.28
CA GLU M 659 48.51 73.67 52.56
C GLU M 659 47.45 74.75 52.42
N LEU M 660 47.78 75.86 51.73
CA LEU M 660 46.80 76.91 51.50
C LEU M 660 45.69 76.42 50.57
N ARG M 661 46.04 75.61 49.58
CA ARG M 661 45.03 74.95 48.73
C ARG M 661 44.04 74.19 49.60
N ALA M 662 44.55 73.38 50.53
CA ALA M 662 43.68 72.57 51.40
C ALA M 662 42.83 73.46 52.31
N SER M 663 43.43 74.49 52.90
CA SER M 663 42.68 75.39 53.79
C SER M 663 41.63 76.19 53.03
N MET M 664 41.82 76.41 51.73
CA MET M 664 40.85 77.16 50.92
C MET M 664 39.52 76.42 50.79
N THR M 665 39.48 75.13 51.13
CA THR M 665 38.22 74.36 51.09
C THR M 665 37.10 75.10 51.82
N ASP M 666 37.43 75.73 52.94
CA ASP M 666 36.50 76.63 53.65
C ASP M 666 37.23 77.94 53.92
N PRO M 667 37.06 78.97 53.07
CA PRO M 667 37.68 80.26 53.33
C PRO M 667 37.02 81.08 54.45
N SER M 668 36.05 80.50 55.16
CA SER M 668 35.33 81.18 56.24
C SER M 668 35.96 80.89 57.61
N GLN M 669 37.23 80.52 57.65
CA GLN M 669 37.92 80.27 58.93
C GLN M 669 38.52 81.57 59.45
N ARG M 670 39.39 82.19 58.64
CA ARG M 670 40.01 83.51 58.90
C ARG M 670 41.05 83.40 60.01
N ASP M 671 41.15 82.26 60.69
CA ASP M 671 42.19 82.07 61.73
C ASP M 671 43.28 81.15 61.22
N VAL M 672 42.91 79.94 60.80
CA VAL M 672 43.88 79.01 60.21
C VAL M 672 44.50 79.63 58.96
N ILE M 673 43.69 80.31 58.15
CA ILE M 673 44.16 80.90 56.89
C ILE M 673 45.21 81.95 57.18
N SER M 674 44.96 82.83 58.14
CA SER M 674 45.90 83.92 58.46
C SER M 674 47.22 83.35 58.95
N ALA M 675 47.18 82.33 59.80
CA ALA M 675 48.41 81.67 60.26
C ALA M 675 49.15 81.06 59.09
N GLN M 676 48.43 80.41 58.18
CA GLN M 676 49.06 79.84 56.98
C GLN M 676 49.75 80.93 56.17
N VAL M 677 49.09 82.08 56.02
CA VAL M 677 49.68 83.20 55.28
C VAL M 677 50.96 83.67 55.97
N ALA M 678 50.94 83.77 57.30
CA ALA M 678 52.13 84.19 58.04
C ALA M 678 53.28 83.22 57.81
N VAL M 679 53.00 81.92 57.87
CA VAL M 679 54.04 80.89 57.64
C VAL M 679 54.56 81.02 56.22
N ILE M 680 53.68 81.23 55.25
CA ILE M 680 54.10 81.34 53.84
C ILE M 680 54.97 82.58 53.66
N SER M 681 54.64 83.67 54.34
CA SER M 681 55.43 84.90 54.24
C SER M 681 56.84 84.68 54.81
N GLU M 682 56.91 84.07 55.99
CA GLU M 682 58.24 83.78 56.57
C GLU M 682 59.01 82.76 55.74
N ARG M 683 58.31 81.90 55.01
CA ARG M 683 58.98 80.99 54.06
C ARG M 683 59.56 81.78 52.89
N LEU M 684 58.78 82.71 52.33
CA LEU M 684 59.26 83.59 51.26
C LEU M 684 60.48 84.37 51.74
N ARG M 685 60.52 84.73 53.02
CA ARG M 685 61.68 85.43 53.59
C ARG M 685 62.98 84.64 53.34
N ALA M 686 62.89 83.31 53.20
CA ALA M 686 64.10 82.48 53.05
C ALA M 686 64.72 82.66 51.66
N VAL M 687 63.92 82.52 50.61
CA VAL M 687 64.47 82.46 49.24
C VAL M 687 65.07 83.82 48.85
N LEU M 688 64.55 84.93 49.40
CA LEU M 688 65.07 86.26 49.05
C LEU M 688 66.47 86.45 49.62
N GLY M 689 66.66 86.13 50.91
CA GLY M 689 67.99 86.15 51.52
C GLY M 689 68.28 87.42 52.31
N HIS M 690 68.13 87.34 53.63
CA HIS M 690 68.55 88.41 54.56
C HIS M 690 68.52 87.90 56.00
N PRO M 709 68.68 95.31 39.33
CA PRO M 709 68.56 93.85 39.41
C PRO M 709 67.74 93.26 38.26
N ARG M 710 68.39 93.00 37.13
CA ARG M 710 67.72 92.50 35.91
C ARG M 710 68.20 91.09 35.59
N LEU M 711 67.45 90.41 34.72
CA LEU M 711 67.76 89.05 34.25
C LEU M 711 67.90 88.09 35.43
N GLU M 712 67.06 88.25 36.44
CA GLU M 712 67.15 87.41 37.65
C GLU M 712 66.28 86.17 37.46
N PRO M 713 66.86 84.97 37.35
CA PRO M 713 66.04 83.76 37.17
C PRO M 713 65.41 83.27 38.47
N ARG M 714 66.12 83.41 39.60
CA ARG M 714 65.62 82.86 40.88
C ARG M 714 64.40 83.64 41.36
N GLU M 715 64.51 84.95 41.48
CA GLU M 715 63.36 85.79 41.86
C GLU M 715 62.23 85.63 40.85
N HIS M 716 62.58 85.50 39.57
CA HIS M 716 61.58 85.23 38.51
C HIS M 716 60.77 83.97 38.84
N MET M 717 61.46 82.85 39.06
CA MET M 717 60.77 81.59 39.37
C MET M 717 59.96 81.71 40.67
N ALA M 718 60.48 82.43 41.66
CA ALA M 718 59.78 82.61 42.94
C ALA M 718 58.44 83.34 42.72
N VAL M 719 58.48 84.43 41.97
CA VAL M 719 57.24 85.19 41.71
C VAL M 719 56.32 84.38 40.80
N ASP M 720 56.88 83.51 39.93
CA ASP M 720 56.05 82.58 39.16
C ASP M 720 55.27 81.66 40.10
N LEU M 721 55.95 81.08 41.09
CA LEU M 721 55.27 80.24 42.08
C LEU M 721 54.19 81.04 42.81
N LEU M 722 54.51 82.26 43.20
CA LEU M 722 53.55 83.12 43.93
C LEU M 722 52.29 83.35 43.08
N LEU M 723 52.47 83.77 41.82
CA LEU M 723 51.31 84.12 40.98
C LEU M 723 50.51 82.87 40.63
N THR M 724 51.17 81.74 40.41
CA THR M 724 50.46 80.48 40.15
C THR M 724 49.68 80.04 41.38
N SER M 725 50.24 80.26 42.57
CA SER M 725 49.53 80.00 43.83
C SER M 725 48.25 80.83 43.89
N PHE M 726 48.36 82.13 43.61
CA PHE M 726 47.18 83.00 43.61
C PHE M 726 46.18 82.57 42.54
N CYS M 727 46.67 82.10 41.39
CA CYS M 727 45.79 81.67 40.29
C CYS M 727 44.98 80.44 40.71
N GLN M 728 45.63 79.45 41.31
CA GLN M 728 44.90 78.27 41.80
C GLN M 728 43.98 78.67 42.96
N ASN M 729 44.41 79.65 43.76
CA ASN M 729 43.57 80.16 44.87
C ASN M 729 42.27 80.71 44.31
N LEU M 730 42.34 81.52 43.25
CA LEU M 730 41.12 82.07 42.66
C LEU M 730 40.33 81.01 41.89
N MET M 731 41.03 80.02 41.31
CA MET M 731 40.34 78.86 40.72
C MET M 731 39.46 78.19 41.78
N ALA M 732 39.97 78.05 43.00
CA ALA M 732 39.19 77.47 44.10
C ALA M 732 38.06 78.43 44.51
N ALA M 733 38.36 79.73 44.61
CA ALA M 733 37.38 80.71 45.06
C ALA M 733 36.16 80.73 44.13
N SER M 734 36.40 80.81 42.82
CA SER M 734 35.29 80.82 41.85
C SER M 734 34.51 79.52 41.91
N SER M 735 35.17 78.44 42.31
CA SER M 735 34.56 77.09 42.29
C SER M 735 33.43 76.98 43.30
N VAL M 736 33.50 77.70 44.42
CA VAL M 736 32.71 77.33 45.61
C VAL M 736 31.50 78.26 45.76
N ALA M 737 31.70 79.57 45.73
CA ALA M 737 30.65 80.45 46.25
C ALA M 737 30.81 81.88 45.73
N PRO M 738 29.82 82.76 45.96
CA PRO M 738 30.02 84.18 45.69
C PRO M 738 31.17 84.74 46.50
N PRO M 739 32.00 85.62 45.91
CA PRO M 739 33.18 86.13 46.60
C PRO M 739 32.87 87.11 47.73
N GLU M 740 31.62 87.57 47.85
CA GLU M 740 31.25 88.47 48.95
C GLU M 740 31.40 87.80 50.31
N ARG M 741 31.20 86.49 50.37
CA ARG M 741 31.25 85.75 51.64
C ARG M 741 32.45 84.83 51.72
N GLN M 742 33.31 84.81 50.69
CA GLN M 742 34.49 83.94 50.68
C GLN M 742 35.41 84.28 51.85
N GLY M 743 35.92 85.51 51.88
CA GLY M 743 36.78 85.94 52.98
C GLY M 743 37.88 86.88 52.50
N PRO M 744 38.57 87.52 53.45
CA PRO M 744 39.62 88.48 53.11
C PRO M 744 40.94 87.80 52.77
N TRP M 745 40.91 86.48 52.52
CA TRP M 745 42.12 85.71 52.20
C TRP M 745 42.94 86.39 51.10
N ALA M 746 42.28 87.03 50.14
CA ALA M 746 42.98 87.70 49.04
C ALA M 746 43.80 88.88 49.58
N ALA M 747 43.19 89.72 50.42
CA ALA M 747 43.90 90.88 50.97
C ALA M 747 45.06 90.43 51.84
N LEU M 748 44.88 89.36 52.61
CA LEU M 748 45.98 88.81 53.43
C LEU M 748 47.09 88.28 52.52
N PHE M 749 46.74 87.63 51.42
CA PHE M 749 47.73 87.17 50.44
C PHE M 749 48.50 88.36 49.86
N VAL M 750 47.80 89.49 49.66
CA VAL M 750 48.47 90.72 49.22
C VAL M 750 49.43 91.23 50.29
N ARG M 751 49.06 91.10 51.57
CA ARG M 751 49.96 91.49 52.66
C ARG M 751 51.28 90.71 52.63
N THR M 752 51.38 89.67 51.79
CA THR M 752 52.67 89.00 51.56
C THR M 752 53.54 89.81 50.59
N MET M 753 52.92 90.46 49.60
CA MET M 753 53.66 91.16 48.54
C MET M 753 54.07 92.57 48.94
N CYS M 754 54.18 92.86 50.24
CA CYS M 754 54.67 94.17 50.71
C CYS M 754 56.16 94.33 50.40
N GLY M 755 56.76 95.41 50.88
CA GLY M 755 58.11 95.86 50.53
C GLY M 755 59.16 94.79 50.33
N ARG M 756 60.01 94.99 49.32
CA ARG M 756 61.11 94.08 48.92
C ARG M 756 60.56 92.83 48.22
N VAL M 757 59.23 92.69 48.18
CA VAL M 757 58.60 91.68 47.33
C VAL M 757 57.83 92.37 46.20
N LEU M 758 57.11 93.44 46.54
CA LEU M 758 56.29 94.18 45.56
C LEU M 758 57.04 94.47 44.25
N PRO M 759 58.26 95.06 44.25
CA PRO M 759 58.86 95.49 42.99
C PRO M 759 59.08 94.37 41.98
N ALA M 760 59.66 93.25 42.39
CA ALA M 760 59.86 92.11 41.47
C ALA M 760 58.51 91.60 40.95
N VAL M 761 57.50 91.58 41.81
CA VAL M 761 56.15 91.18 41.40
C VAL M 761 55.67 92.08 40.26
N LEU M 762 55.77 93.40 40.45
CA LEU M 762 55.26 94.34 39.44
C LEU M 762 56.07 94.24 38.15
N THR M 763 57.39 94.03 38.24
CA THR M 763 58.19 93.81 37.02
C THR M 763 57.69 92.59 36.28
N ARG M 764 57.40 91.50 36.99
CA ARG M 764 56.89 90.29 36.35
C ARG M 764 55.53 90.55 35.71
N LEU M 765 54.64 91.26 36.42
CA LEU M 765 53.30 91.57 35.87
C LEU M 765 53.44 92.42 34.61
N CYS M 766 54.38 93.37 34.58
CA CYS M 766 54.63 94.17 33.38
C CYS M 766 55.07 93.26 32.24
N GLN M 767 56.04 92.40 32.51
CA GLN M 767 56.54 91.45 31.49
C GLN M 767 55.39 90.61 30.94
N LEU M 768 54.45 90.19 31.80
CA LEU M 768 53.28 89.44 31.34
C LEU M 768 52.40 90.31 30.44
N LEU M 769 51.88 91.40 31.00
CA LEU M 769 50.75 92.12 30.39
C LEU M 769 51.19 92.82 29.10
N ARG M 770 52.42 93.34 29.07
CA ARG M 770 52.86 94.15 27.91
C ARG M 770 52.98 93.29 26.66
N HIS M 771 53.75 92.22 26.73
CA HIS M 771 54.18 91.51 25.51
C HIS M 771 53.33 90.27 25.25
N GLN M 772 53.10 89.45 26.26
CA GLN M 772 52.34 88.19 26.08
C GLN M 772 50.93 88.31 26.65
N GLY M 773 50.31 89.48 26.49
CA GLY M 773 48.94 89.69 26.93
C GLY M 773 47.93 88.77 26.25
N PRO M 774 47.83 88.81 24.91
CA PRO M 774 46.80 88.02 24.22
C PRO M 774 46.90 86.52 24.45
N SER M 775 48.12 85.98 24.50
CA SER M 775 48.32 84.54 24.66
C SER M 775 47.84 84.04 26.04
N LEU M 776 47.51 84.95 26.95
CA LEU M 776 47.14 84.57 28.32
C LEU M 776 45.72 83.98 28.33
N SER M 777 45.55 82.88 29.07
CA SER M 777 44.29 82.13 29.05
C SER M 777 43.27 82.77 30.00
N ALA M 778 42.07 82.18 30.02
CA ALA M 778 40.93 82.77 30.76
C ALA M 778 41.15 82.76 32.28
N PRO M 779 41.45 81.63 32.94
CA PRO M 779 41.64 81.67 34.39
C PRO M 779 42.87 82.50 34.78
N HIS M 780 43.90 82.52 33.94
CA HIS M 780 45.08 83.39 34.18
C HIS M 780 44.63 84.86 34.34
N VAL M 781 43.94 85.40 33.36
CA VAL M 781 43.51 86.80 33.42
C VAL M 781 42.47 86.98 34.52
N LEU M 782 41.65 85.95 34.78
CA LEU M 782 40.65 86.03 35.85
C LEU M 782 41.34 86.23 37.19
N GLY M 783 42.45 85.52 37.42
CA GLY M 783 43.28 85.70 38.61
C GLY M 783 43.94 87.07 38.64
N LEU M 784 44.57 87.44 37.53
CA LEU M 784 45.32 88.71 37.47
C LEU M 784 44.39 89.91 37.70
N ALA M 785 43.13 89.80 37.32
CA ALA M 785 42.18 90.92 37.50
C ALA M 785 41.95 91.17 38.99
N ALA M 786 41.56 90.14 39.73
CA ALA M 786 41.39 90.26 41.19
C ALA M 786 42.70 90.68 41.84
N LEU M 787 43.83 90.18 41.33
CA LEU M 787 45.16 90.61 41.80
C LEU M 787 45.25 92.14 41.74
N ALA M 788 45.08 92.70 40.54
CA ALA M 788 45.18 94.15 40.33
C ALA M 788 44.15 94.90 41.17
N VAL M 789 42.96 94.33 41.34
CA VAL M 789 41.92 94.97 42.17
C VAL M 789 42.43 95.13 43.59
N HIS M 790 42.96 94.06 44.16
CA HIS M 790 43.44 94.11 45.55
C HIS M 790 44.68 94.99 45.67
N LEU M 791 45.49 95.07 44.61
CA LEU M 791 46.60 96.03 44.60
C LEU M 791 46.05 97.46 44.73
N GLY M 792 45.09 97.81 43.89
CA GLY M 792 44.45 99.13 43.97
C GLY M 792 43.74 99.35 45.29
N GLU M 793 43.35 98.28 45.97
CA GLU M 793 42.61 98.41 47.23
C GLU M 793 43.49 99.02 48.33
N SER M 794 44.55 98.33 48.71
CA SER M 794 45.41 98.75 49.83
C SER M 794 46.62 99.51 49.30
N ARG M 795 46.38 100.62 48.61
CA ARG M 795 47.44 101.43 48.02
C ARG M 795 48.11 102.35 49.04
N SER M 796 47.37 102.80 50.06
CA SER M 796 47.87 103.79 51.03
C SER M 796 49.26 103.40 51.55
N ALA M 797 49.45 102.12 51.88
CA ALA M 797 50.75 101.65 52.37
C ALA M 797 51.76 101.47 51.23
N LEU M 798 51.28 101.30 50.00
CA LEU M 798 52.17 101.06 48.86
C LEU M 798 52.83 102.38 48.45
N PRO M 799 54.10 102.34 48.03
CA PRO M 799 54.79 103.55 47.60
C PRO M 799 54.33 103.99 46.22
N GLU M 800 54.74 105.20 45.84
CA GLU M 800 54.50 105.72 44.49
C GLU M 800 55.58 105.19 43.55
N VAL M 801 55.17 104.76 42.37
CA VAL M 801 56.09 104.19 41.37
C VAL M 801 55.79 104.85 40.03
N ASP M 802 56.85 105.25 39.33
CA ASP M 802 56.76 105.81 37.98
C ASP M 802 57.72 105.03 37.08
N VAL M 803 57.43 105.05 35.78
CA VAL M 803 58.15 104.20 34.81
C VAL M 803 59.09 105.06 33.96
N GLY M 804 58.52 105.94 33.14
CA GLY M 804 59.30 106.71 32.18
C GLY M 804 60.01 107.90 32.82
N PRO M 805 59.24 108.90 33.29
CA PRO M 805 59.81 110.06 33.98
C PRO M 805 59.79 109.92 35.51
N PRO M 813 51.18 105.69 41.66
CA PRO M 813 50.19 104.83 42.32
C PRO M 813 49.86 103.58 41.50
N VAL M 814 48.94 102.77 42.02
CA VAL M 814 48.47 101.54 41.34
C VAL M 814 47.80 101.88 40.01
N PRO M 815 46.99 102.96 39.92
CA PRO M 815 46.50 103.38 38.59
C PRO M 815 47.60 103.52 37.54
N ALA M 816 48.72 104.15 37.90
CA ALA M 816 49.85 104.35 36.97
C ALA M 816 50.28 103.00 36.39
N LEU M 817 50.23 101.93 37.18
CA LEU M 817 50.52 100.58 36.67
C LEU M 817 49.61 100.25 35.49
N PHE M 818 48.32 100.50 35.61
CA PHE M 818 47.38 100.18 34.54
C PHE M 818 47.57 101.09 33.33
N ASP M 819 47.80 102.38 33.57
CA ASP M 819 47.97 103.33 32.47
C ASP M 819 49.21 102.96 31.64
N SER M 820 50.33 102.69 32.32
CA SER M 820 51.55 102.23 31.62
C SER M 820 51.33 100.86 31.01
N LEU M 821 50.46 100.05 31.61
CA LEU M 821 50.22 98.67 31.20
C LEU M 821 49.55 98.60 29.83
N LEU M 822 48.44 99.32 29.67
CA LEU M 822 47.52 99.08 28.56
C LEU M 822 48.10 99.62 27.25
N THR M 823 48.00 98.81 26.20
CA THR M 823 48.28 99.18 24.81
C THR M 823 47.07 98.77 23.97
N CYS M 824 46.82 99.52 22.90
CA CYS M 824 45.62 99.29 22.08
C CYS M 824 45.96 99.03 20.61
N ARG M 825 47.19 99.30 20.18
CA ARG M 825 47.51 99.38 18.74
C ARG M 825 47.09 98.11 18.00
N THR M 826 47.17 96.95 18.64
CA THR M 826 46.68 95.71 18.01
C THR M 826 45.29 95.33 18.52
N ARG M 827 44.49 94.75 17.64
CA ARG M 827 43.11 94.37 17.98
C ARG M 827 43.11 93.26 19.04
N ASP M 828 44.09 92.37 19.01
CA ASP M 828 44.22 91.34 20.05
C ASP M 828 44.37 92.01 21.42
N SER M 829 45.14 93.10 21.47
CA SER M 829 45.24 93.89 22.70
C SER M 829 43.88 94.49 23.06
N LEU M 830 43.10 94.89 22.07
CA LEU M 830 41.75 95.39 22.36
C LEU M 830 40.92 94.32 23.06
N PHE M 831 40.88 93.11 22.49
CA PHE M 831 40.14 92.01 23.12
C PHE M 831 40.68 91.74 24.51
N PHE M 832 42.00 91.77 24.66
CA PHE M 832 42.65 91.44 25.94
C PHE M 832 42.28 92.47 27.01
N CYS M 833 42.43 93.75 26.68
CA CYS M 833 42.06 94.81 27.62
C CYS M 833 40.56 94.77 27.91
N LEU M 834 39.76 94.37 26.91
CA LEU M 834 38.31 94.19 27.11
C LEU M 834 38.09 93.18 28.23
N LYS M 835 38.64 91.98 28.05
CA LYS M 835 38.52 90.91 29.05
C LYS M 835 39.02 91.41 30.40
N PHE M 836 40.15 92.11 30.39
CA PHE M 836 40.79 92.55 31.64
C PHE M 836 39.89 93.51 32.40
N CYS M 837 39.44 94.58 31.74
CA CYS M 837 38.59 95.57 32.42
C CYS M 837 37.26 94.92 32.83
N THR M 838 36.74 94.02 31.99
CA THR M 838 35.51 93.30 32.34
C THR M 838 35.68 92.58 33.68
N ALA M 839 36.68 91.72 33.76
CA ALA M 839 36.93 90.94 34.99
C ALA M 839 37.22 91.88 36.15
N ALA M 840 37.97 92.95 35.89
CA ALA M 840 38.37 93.89 36.95
C ALA M 840 37.14 94.56 37.55
N ILE M 841 36.31 95.16 36.71
CA ILE M 841 35.13 95.88 37.20
C ILE M 841 34.17 94.89 37.85
N SER M 842 34.03 93.69 37.30
CA SER M 842 33.13 92.69 37.89
C SER M 842 33.59 92.33 39.30
N TYR M 843 34.88 92.00 39.45
CA TYR M 843 35.39 91.64 40.78
C TYR M 843 35.35 92.83 41.74
N SER M 844 35.51 94.05 41.24
CA SER M 844 35.47 95.24 42.12
C SER M 844 34.05 95.49 42.60
N LEU M 845 33.06 95.40 41.71
CA LEU M 845 31.66 95.61 42.14
C LEU M 845 31.23 94.50 43.08
N CYS M 846 31.61 93.25 42.79
CA CYS M 846 31.30 92.14 43.72
C CYS M 846 32.14 92.27 45.00
N LYS M 847 33.21 93.08 44.97
CA LYS M 847 33.97 93.38 46.19
C LYS M 847 33.22 94.39 47.06
N PHE M 848 32.71 95.45 46.44
CA PHE M 848 32.02 96.54 47.14
C PHE M 848 30.50 96.46 47.00
N SER M 849 29.96 95.29 46.68
CA SER M 849 28.50 95.11 46.65
C SER M 849 27.94 95.00 48.07
N SER M 850 28.75 94.60 49.04
CA SER M 850 28.29 94.52 50.44
C SER M 850 28.22 95.91 51.06
N GLN M 851 29.22 96.75 50.80
CA GLN M 851 29.30 98.09 51.38
C GLN M 851 28.51 99.08 50.52
N SER M 852 27.85 100.02 51.19
CA SER M 852 27.07 101.06 50.51
C SER M 852 27.95 102.19 49.98
N ARG M 853 29.23 102.21 50.34
CA ARG M 853 30.13 103.28 49.91
C ARG M 853 30.41 103.14 48.40
N ASP M 854 30.20 104.22 47.65
CA ASP M 854 30.46 104.25 46.21
C ASP M 854 31.94 104.59 45.99
N THR M 855 32.81 103.70 46.43
CA THR M 855 34.27 103.88 46.31
C THR M 855 34.85 103.09 45.14
N LEU M 856 34.01 102.58 44.24
CA LEU M 856 34.50 101.83 43.07
C LEU M 856 35.43 102.72 42.23
N CYS M 857 35.09 104.01 42.11
CA CYS M 857 35.92 104.94 41.32
C CYS M 857 37.26 105.22 42.01
N SER M 858 37.33 105.05 43.34
CA SER M 858 38.56 105.35 44.08
C SER M 858 39.50 104.13 44.05
N CYS M 859 39.00 102.96 44.48
CA CYS M 859 39.83 101.74 44.48
C CYS M 859 40.24 101.39 43.07
N LEU M 860 39.27 101.19 42.18
CA LEU M 860 39.56 100.96 40.77
C LEU M 860 39.91 102.29 40.10
N SER M 861 40.94 102.26 39.28
CA SER M 861 41.41 103.48 38.61
C SER M 861 40.39 103.93 37.56
N PRO M 862 40.08 105.23 37.48
CA PRO M 862 39.02 105.68 36.59
C PRO M 862 39.35 105.50 35.11
N GLY M 863 40.61 105.69 34.72
CA GLY M 863 41.02 105.50 33.32
C GLY M 863 40.63 104.13 32.79
N LEU M 864 40.60 103.12 33.66
CA LEU M 864 40.15 101.77 33.27
C LEU M 864 38.70 101.83 32.76
N ILE M 865 37.80 102.43 33.54
CA ILE M 865 36.40 102.50 33.14
C ILE M 865 36.25 103.41 31.92
N LYS M 866 37.11 104.41 31.79
CA LYS M 866 37.09 105.26 30.59
C LYS M 866 37.38 104.42 29.35
N LYS M 867 38.49 103.67 29.37
CA LYS M 867 38.86 102.81 28.23
C LYS M 867 37.80 101.74 28.01
N PHE M 868 37.17 101.26 29.08
CA PHE M 868 36.09 100.26 28.95
C PHE M 868 34.90 100.86 28.20
N GLN M 869 34.44 102.03 28.63
CA GLN M 869 33.35 102.73 27.93
C GLN M 869 33.73 102.91 26.46
N PHE M 870 34.97 103.31 26.20
CA PHE M 870 35.44 103.54 24.82
C PHE M 870 35.32 102.26 24.00
N LEU M 871 35.88 101.17 24.50
CA LEU M 871 35.85 99.90 23.77
C LEU M 871 34.42 99.41 23.59
N MET M 872 33.57 99.62 24.59
CA MET M 872 32.17 99.19 24.52
C MET M 872 31.46 99.95 23.39
N PHE M 873 31.66 101.26 23.32
CA PHE M 873 31.04 102.05 22.23
C PHE M 873 31.68 101.69 20.88
N ARG M 874 32.94 101.26 20.90
CA ARG M 874 33.66 101.00 19.65
C ARG M 874 33.20 99.70 19.01
N LEU M 875 33.37 98.58 19.71
CA LEU M 875 33.10 97.27 19.10
C LEU M 875 31.61 96.95 19.14
N PHE M 876 30.97 97.18 20.29
CA PHE M 876 29.56 96.82 20.49
C PHE M 876 28.67 97.96 20.02
N SER M 877 27.91 97.71 18.96
CA SER M 877 27.03 98.75 18.39
C SER M 877 25.87 99.05 19.32
N GLU M 878 25.25 98.01 19.88
CA GLU M 878 23.99 98.17 20.63
C GLU M 878 24.18 99.04 21.87
N ALA M 879 25.38 99.03 22.47
CA ALA M 879 25.65 99.88 23.63
C ALA M 879 25.47 101.36 23.28
N ARG M 880 25.63 101.73 22.01
CA ARG M 880 25.49 103.12 21.57
C ARG M 880 24.05 103.63 21.69
N GLN M 881 23.05 102.75 21.65
CA GLN M 881 21.64 103.18 21.66
C GLN M 881 20.93 102.65 22.90
N PRO M 882 21.15 103.24 24.09
CA PRO M 882 20.49 102.77 25.31
C PRO M 882 19.07 103.31 25.46
N HIS M 897 28.06 90.28 38.27
CA HIS M 897 27.96 88.81 38.18
C HIS M 897 29.24 88.23 37.56
N LEU M 898 29.83 87.25 38.23
CA LEU M 898 31.08 86.63 37.79
C LEU M 898 30.94 85.69 36.58
N PRO M 899 29.93 84.78 36.52
CA PRO M 899 30.02 83.61 35.64
C PRO M 899 30.63 83.87 34.26
N SER M 900 31.74 83.18 33.98
CA SER M 900 32.57 83.45 32.79
C SER M 900 32.08 82.59 31.62
N ALA M 901 30.87 82.90 31.14
CA ALA M 901 30.34 82.27 29.93
C ALA M 901 31.17 82.70 28.72
N ASP M 902 31.20 84.00 28.43
CA ASP M 902 32.02 84.53 27.33
C ASP M 902 32.38 85.98 27.60
N TRP M 903 32.88 86.66 26.57
CA TRP M 903 33.32 88.07 26.69
C TRP M 903 32.17 89.01 26.40
N GLN M 904 31.47 88.80 25.29
CA GLN M 904 30.36 89.68 24.88
C GLN M 904 29.27 89.68 25.94
N ARG M 905 28.86 88.49 26.40
CA ARG M 905 27.81 88.38 27.41
C ARG M 905 28.27 89.05 28.72
N ALA M 906 29.53 88.84 29.12
CA ALA M 906 30.04 89.46 30.34
C ALA M 906 29.98 90.98 30.22
N ALA M 907 30.48 91.52 29.11
CA ALA M 907 30.49 92.98 28.90
C ALA M 907 29.08 93.53 28.97
N LEU M 908 28.14 92.91 28.27
CA LEU M 908 26.77 93.45 28.21
C LEU M 908 26.07 93.30 29.55
N SER M 909 26.28 92.18 30.25
CA SER M 909 25.66 91.97 31.55
C SER M 909 26.17 92.99 32.55
N LEU M 910 27.48 93.29 32.51
CA LEU M 910 28.02 94.38 33.35
C LEU M 910 27.44 95.70 32.91
N TRP M 911 27.20 95.87 31.61
CA TRP M 911 26.66 97.11 31.06
C TRP M 911 25.26 97.39 31.59
N THR M 912 24.42 96.35 31.68
CA THR M 912 23.05 96.54 32.15
C THR M 912 22.99 96.58 33.68
N HIS M 913 24.07 96.19 34.36
CA HIS M 913 24.06 96.12 35.83
C HIS M 913 23.81 97.51 36.42
N ARG M 914 23.03 97.54 37.50
CA ARG M 914 22.54 98.82 38.05
C ARG M 914 23.70 99.61 38.66
N THR M 915 24.41 99.03 39.63
CA THR M 915 25.46 99.75 40.35
C THR M 915 26.49 100.34 39.39
N PHE M 916 26.78 99.63 38.29
CA PHE M 916 27.68 100.18 37.27
C PHE M 916 27.13 101.49 36.72
N ARG M 917 25.83 101.53 36.41
CA ARG M 917 25.23 102.77 35.89
C ARG M 917 25.22 103.85 36.97
N GLU M 918 25.07 103.45 38.23
CA GLU M 918 25.13 104.41 39.35
C GLU M 918 26.51 105.06 39.43
N VAL M 919 27.56 104.30 39.18
CA VAL M 919 28.93 104.84 39.22
C VAL M 919 29.10 105.90 38.13
N LEU M 920 28.52 105.68 36.95
CA LEU M 920 28.73 106.59 35.81
C LEU M 920 28.05 107.95 35.99
N LYS M 921 27.30 108.16 37.07
CA LYS M 921 26.58 109.43 37.28
C LYS M 921 27.45 110.47 37.98
N GLU M 922 28.60 110.11 38.53
CA GLU M 922 29.56 111.07 39.10
C GLU M 922 30.66 111.26 38.07
N GLU M 923 30.82 112.49 37.59
CA GLU M 923 31.52 112.77 36.33
C GLU M 923 33.01 112.99 36.59
N ASP M 924 33.69 111.94 37.04
CA ASP M 924 35.13 111.78 36.83
C ASP M 924 35.38 110.69 35.79
N VAL M 925 34.31 110.07 35.29
CA VAL M 925 34.41 108.87 34.44
C VAL M 925 33.56 108.97 33.18
N HIS M 926 32.89 110.10 32.92
CA HIS M 926 31.87 110.19 31.85
C HIS M 926 32.49 110.20 30.45
N LEU M 927 33.78 109.91 30.31
CA LEU M 927 34.48 109.89 29.02
C LEU M 927 34.28 111.20 28.28
N THR M 928 34.93 112.25 28.76
CA THR M 928 34.88 113.57 28.12
C THR M 928 35.40 113.47 26.69
N TYR M 929 35.11 114.51 25.93
CA TYR M 929 35.48 114.56 24.50
C TYR M 929 36.97 114.28 24.32
N GLN M 930 37.82 115.09 24.95
CA GLN M 930 39.28 114.97 24.81
C GLN M 930 39.76 113.58 25.21
N ASP M 931 39.15 112.99 26.21
CA ASP M 931 39.54 111.62 26.62
C ASP M 931 39.30 110.66 25.46
N TRP M 932 38.10 110.69 24.89
CA TRP M 932 37.78 109.86 23.73
C TRP M 932 38.76 110.12 22.60
N LEU M 933 39.07 111.39 22.36
CA LEU M 933 40.05 111.74 21.32
C LEU M 933 41.36 110.99 21.58
N HIS M 934 41.90 111.09 22.79
CA HIS M 934 43.16 110.41 23.12
C HIS M 934 43.05 108.92 22.85
N LEU M 935 42.01 108.29 23.38
CA LEU M 935 41.87 106.82 23.27
C LEU M 935 41.81 106.39 21.80
N GLU M 936 41.10 107.14 20.96
CA GLU M 936 41.05 106.78 19.53
C GLU M 936 42.34 107.15 18.83
N LEU M 937 43.10 108.11 19.36
CA LEU M 937 44.43 108.40 18.77
C LEU M 937 45.37 107.24 18.99
N GLU M 938 45.24 106.56 20.12
CA GLU M 938 46.20 105.48 20.47
C GLU M 938 46.10 104.32 19.47
N ILE M 939 44.92 104.07 18.94
CA ILE M 939 44.74 102.92 18.04
C ILE M 939 45.34 103.21 16.67
N GLN M 940 45.94 102.18 16.07
CA GLN M 940 46.50 102.19 14.73
C GLN M 940 45.48 101.65 13.72
N PRO M 941 45.65 101.96 12.42
CA PRO M 941 44.79 101.36 11.39
C PRO M 941 45.29 100.01 10.87
N GLU M 942 46.55 99.67 11.09
CA GLU M 942 47.11 98.40 10.57
C GLU M 942 46.36 97.22 11.17
N ALA M 943 46.43 97.06 12.48
CA ALA M 943 45.49 96.17 13.17
C ALA M 943 44.12 96.81 13.14
N ASP M 944 43.09 95.97 13.25
CA ASP M 944 41.74 96.42 12.87
C ASP M 944 40.70 95.57 13.60
N ALA M 945 40.01 96.19 14.56
CA ALA M 945 38.84 95.57 15.20
C ALA M 945 37.55 96.01 14.49
N LEU M 946 37.56 97.21 13.92
CA LEU M 946 36.43 97.74 13.13
C LEU M 946 36.89 97.85 11.67
N SER M 947 36.30 97.06 10.78
CA SER M 947 36.87 96.78 9.45
C SER M 947 37.07 98.05 8.61
N ASP M 948 36.00 98.59 8.03
CA ASP M 948 36.10 99.88 7.33
C ASP M 948 34.92 100.79 7.63
N THR M 949 33.71 100.23 7.60
CA THR M 949 32.49 101.05 7.64
C THR M 949 32.13 101.41 9.09
N GLU M 950 32.08 100.42 9.97
CA GLU M 950 31.76 100.69 11.38
C GLU M 950 32.81 101.62 11.97
N ARG M 951 34.00 101.68 11.37
CA ARG M 951 34.99 102.72 11.70
C ARG M 951 34.33 104.10 11.68
N GLN M 952 33.88 104.53 10.51
CA GLN M 952 33.36 105.90 10.38
C GLN M 952 31.97 106.00 10.98
N ASP M 953 31.23 104.90 11.05
CA ASP M 953 29.94 104.93 11.78
C ASP M 953 30.20 105.29 13.24
N PHE M 954 31.13 104.60 13.89
CA PHE M 954 31.53 104.92 15.25
C PHE M 954 32.07 106.34 15.32
N HIS M 955 32.85 106.74 14.32
CA HIS M 955 33.41 108.10 14.28
C HIS M 955 32.30 109.13 14.37
N GLN M 956 31.43 109.15 13.36
CA GLN M 956 30.33 110.12 13.29
C GLN M 956 29.43 109.97 14.51
N TRP M 957 29.28 108.74 15.01
CA TRP M 957 28.45 108.50 16.19
C TRP M 957 28.98 109.27 17.38
N ALA M 958 30.24 109.04 17.73
CA ALA M 958 30.85 109.75 18.87
C ALA M 958 30.88 111.25 18.60
N ILE M 959 31.09 111.65 17.34
CA ILE M 959 31.20 113.07 17.00
C ILE M 959 29.87 113.78 17.27
N HIS M 960 28.78 113.26 16.71
CA HIS M 960 27.44 113.85 16.87
C HIS M 960 26.75 113.36 18.15
N GLU M 961 27.46 112.57 18.97
CA GLU M 961 27.03 112.26 20.34
C GLU M 961 27.70 113.18 21.36
N HIS M 962 28.90 113.67 21.10
CA HIS M 962 29.58 114.63 21.98
C HIS M 962 29.08 116.06 21.76
N PHE M 963 28.50 116.36 20.61
CA PHE M 963 27.90 117.69 20.36
C PHE M 963 26.79 117.98 21.36
N LEU M 964 25.98 116.97 21.64
CA LEU M 964 24.75 117.16 22.43
C LEU M 964 25.03 117.60 23.86
N PRO M 965 25.85 116.90 24.66
CA PRO M 965 25.96 117.24 26.07
C PRO M 965 26.56 118.62 26.27
N GLU M 966 26.06 119.32 27.27
CA GLU M 966 26.62 120.62 27.67
C GLU M 966 28.07 120.43 28.12
N SER M 967 28.93 121.38 27.77
CA SER M 967 30.35 121.33 28.14
C SER M 967 30.53 121.20 29.65
N SER M 968 29.56 121.65 30.43
CA SER M 968 29.63 121.52 31.91
C SER M 968 29.49 120.06 32.32
N ALA M 969 28.41 119.39 31.88
CA ALA M 969 28.13 118.00 32.27
C ALA M 969 29.25 117.08 31.78
N SER M 970 29.60 117.18 30.51
CA SER M 970 30.69 116.38 29.92
C SER M 970 31.61 117.31 29.14
N GLY M 971 32.88 116.93 29.03
CA GLY M 971 33.86 117.68 28.24
C GLY M 971 33.44 117.86 26.80
N GLY M 972 32.52 117.02 26.32
CA GLY M 972 31.90 117.18 25.01
C GLY M 972 31.34 118.57 24.81
N CYS M 973 31.93 119.31 23.87
CA CYS M 973 31.52 120.69 23.61
C CYS M 973 30.08 120.73 23.10
N ASP M 974 29.50 121.93 23.07
CA ASP M 974 28.11 122.13 22.62
C ASP M 974 28.04 122.10 21.10
N GLY M 975 26.91 122.52 20.53
CA GLY M 975 26.74 122.56 19.08
C GLY M 975 27.81 123.37 18.37
N ASP M 976 28.63 124.12 19.11
CA ASP M 976 29.75 124.85 18.52
C ASP M 976 30.74 123.89 17.88
N LEU M 977 30.76 123.86 16.55
CA LEU M 977 31.74 123.04 15.82
C LEU M 977 33.16 123.60 16.02
N GLN M 978 33.27 124.92 16.24
CA GLN M 978 34.60 125.52 16.46
C GLN M 978 35.28 124.90 17.67
N ALA M 979 34.57 124.77 18.79
CA ALA M 979 35.14 124.14 19.99
C ALA M 979 35.49 122.69 19.72
N ALA M 980 34.70 121.99 18.91
CA ALA M 980 34.99 120.60 18.56
C ALA M 980 36.32 120.51 17.82
N CYS M 981 36.48 121.26 16.74
CA CYS M 981 37.76 121.30 16.00
C CYS M 981 38.89 121.73 16.92
N THR M 982 38.61 122.66 17.83
CA THR M 982 39.62 123.15 18.79
C THR M 982 40.18 121.99 19.61
N ILE M 983 39.31 121.31 20.36
CA ILE M 983 39.76 120.21 21.22
C ILE M 983 40.37 119.10 20.37
N LEU M 984 39.84 118.89 19.16
CA LEU M 984 40.37 117.85 18.27
C LEU M 984 41.83 118.13 17.95
N VAL M 985 42.12 119.32 17.43
CA VAL M 985 43.51 119.64 17.03
C VAL M 985 44.39 119.72 18.27
N ASN M 986 43.82 120.10 19.41
CA ASN M 986 44.59 120.10 20.67
C ASN M 986 45.09 118.70 20.97
N ALA M 987 44.18 117.74 21.07
CA ALA M 987 44.56 116.34 21.34
C ALA M 987 45.51 115.83 20.25
N LEU M 988 45.30 116.25 19.00
CA LEU M 988 46.21 115.86 17.91
C LEU M 988 47.64 116.31 18.22
N MET M 989 47.81 117.58 18.56
CA MET M 989 49.13 118.12 18.94
C MET M 989 49.70 117.33 20.12
N ASP M 990 48.90 117.14 21.16
CA ASP M 990 49.37 116.47 22.38
C ASP M 990 49.93 115.10 22.04
N PHE M 991 49.13 114.28 21.34
CA PHE M 991 49.56 112.92 21.01
C PHE M 991 50.79 112.94 20.10
N HIS M 992 50.70 113.62 18.96
CA HIS M 992 51.79 113.58 17.97
C HIS M 992 53.05 114.27 18.48
N GLN M 993 53.00 114.95 19.62
CA GLN M 993 54.22 115.50 20.22
C GLN M 993 54.59 114.81 21.52
N SER M 994 53.74 113.95 22.06
CA SER M 994 54.03 113.24 23.32
C SER M 994 54.94 112.04 23.04
N SER M 995 55.16 111.23 24.07
CA SER M 995 55.96 110.00 23.97
C SER M 995 55.17 108.82 23.44
N ARG M 996 53.85 108.93 23.38
CA ARG M 996 53.02 107.81 22.92
C ARG M 996 53.32 107.45 21.46
N SER M 997 53.71 108.43 20.65
CA SER M 997 53.96 108.20 19.22
C SER M 997 55.16 107.27 18.98
N TYR M 998 55.98 107.02 20.00
CA TYR M 998 57.21 106.23 19.83
C TYR M 998 56.85 104.75 19.67
N ASP M 999 57.72 104.01 18.99
CA ASP M 999 57.43 102.63 18.55
C ASP M 999 58.47 101.67 19.15
N HIS M 1000 58.24 101.25 20.38
CA HIS M 1000 59.02 100.13 20.93
C HIS M 1000 58.63 98.85 20.19
N SER M 1001 59.63 98.04 19.87
CA SER M 1001 59.44 96.85 19.01
C SER M 1001 59.76 95.58 19.81
N GLU M 1002 60.49 95.74 20.92
CA GLU M 1002 60.90 94.60 21.75
C GLU M 1002 61.00 95.03 23.21
N ASN M 1003 61.54 94.15 24.04
CA ASN M 1003 61.97 94.50 25.41
C ASN M 1003 63.34 95.19 25.34
N SER M 1004 63.41 96.23 24.51
CA SER M 1004 64.64 96.98 24.23
C SER M 1004 64.45 98.47 24.46
N ASP M 1005 63.21 98.95 24.47
CA ASP M 1005 62.87 100.35 24.78
C ASP M 1005 63.53 101.30 23.76
N LEU M 1006 63.62 100.87 22.50
CA LEU M 1006 64.15 101.72 21.43
C LEU M 1006 63.05 102.64 20.90
N VAL M 1007 63.36 103.43 19.90
CA VAL M 1007 62.36 104.29 19.23
C VAL M 1007 61.80 103.54 18.03
N PHE M 1008 62.69 102.99 17.20
CA PHE M 1008 62.33 102.16 16.02
C PHE M 1008 61.19 102.75 15.21
N GLY M 1009 61.04 104.07 15.24
CA GLY M 1009 60.01 104.74 14.45
C GLY M 1009 58.89 105.35 15.27
N GLY M 1010 57.87 105.81 14.56
CA GLY M 1010 56.74 106.49 15.18
C GLY M 1010 55.42 105.97 14.65
N ARG M 1011 54.54 105.56 15.55
CA ARG M 1011 53.22 105.07 15.15
C ARG M 1011 52.39 106.23 14.59
N THR M 1012 51.81 106.01 13.42
CA THR M 1012 50.90 107.01 12.81
C THR M 1012 49.59 107.01 13.60
N GLY M 1013 48.92 105.87 13.67
CA GLY M 1013 47.72 105.73 14.49
C GLY M 1013 46.45 106.12 13.78
N ASN M 1014 46.36 107.36 13.30
CA ASN M 1014 45.09 107.86 12.75
C ASN M 1014 45.37 108.79 11.56
N GLU M 1015 44.81 108.42 10.41
CA GLU M 1015 44.62 109.35 9.30
C GLU M 1015 43.16 109.76 9.20
N ASP M 1016 42.30 109.24 10.07
CA ASP M 1016 40.85 109.38 9.94
C ASP M 1016 40.35 110.64 10.62
N ILE M 1017 40.87 110.96 11.80
CA ILE M 1017 40.37 112.13 12.55
C ILE M 1017 40.66 113.41 11.78
N ILE M 1018 41.77 113.45 11.04
CA ILE M 1018 42.04 114.64 10.21
C ILE M 1018 41.05 114.68 9.04
N SER M 1019 40.65 113.53 8.51
CA SER M 1019 39.57 113.49 7.51
C SER M 1019 38.25 113.95 8.12
N ARG M 1020 38.05 113.72 9.41
CA ARG M 1020 36.87 114.27 10.11
C ARG M 1020 36.96 115.79 10.16
N LEU M 1021 38.11 116.30 10.61
CA LEU M 1021 38.36 117.75 10.63
C LEU M 1021 38.11 118.36 9.25
N GLN M 1022 38.39 117.60 8.19
CA GLN M 1022 38.09 118.04 6.82
C GLN M 1022 36.65 118.52 6.74
N GLU M 1023 35.69 117.65 7.06
CA GLU M 1023 34.28 118.02 6.95
C GLU M 1023 33.91 119.07 8.00
N MET M 1024 34.49 118.99 9.20
CA MET M 1024 34.19 120.00 10.23
C MET M 1024 34.48 121.40 9.71
N VAL M 1025 35.70 121.63 9.24
CA VAL M 1025 36.11 122.98 8.82
C VAL M 1025 35.47 123.32 7.47
N ALA M 1026 35.22 122.32 6.62
CA ALA M 1026 34.52 122.58 5.35
C ALA M 1026 33.11 123.10 5.63
N ASP M 1027 32.43 122.51 6.62
CA ASP M 1027 31.10 122.99 7.03
C ASP M 1027 31.22 124.39 7.62
N LEU M 1028 32.20 124.60 8.50
CA LEU M 1028 32.37 125.93 9.12
C LEU M 1028 32.66 127.01 8.08
N GLU M 1029 33.36 126.66 7.00
CA GLU M 1029 33.65 127.64 5.93
C GLU M 1029 32.35 128.16 5.31
N LEU M 1030 31.49 127.25 4.83
CA LEU M 1030 30.21 127.65 4.26
C LEU M 1030 29.30 128.24 5.33
N GLN M 1031 29.58 127.97 6.61
CA GLN M 1031 28.77 128.55 7.70
C GLN M 1031 29.07 130.04 7.87
N GLN M 1032 30.35 130.40 7.99
CA GLN M 1032 30.74 131.75 8.43
C GLN M 1032 30.28 132.84 7.44
N ASP M 1033 30.42 132.61 6.14
CA ASP M 1033 30.10 133.64 5.14
C ASP M 1033 28.60 133.99 5.15
N SER M 1043 34.72 139.21 7.48
CA SER M 1043 35.97 139.97 7.66
C SER M 1043 36.75 139.49 8.89
N GLN M 1044 36.20 138.54 9.63
CA GLN M 1044 36.83 138.03 10.86
C GLN M 1044 38.06 137.20 10.50
N GLU M 1045 38.83 136.86 11.52
CA GLU M 1045 40.02 136.03 11.38
C GLU M 1045 39.76 134.63 11.94
N HIS M 1046 40.50 133.65 11.42
CA HIS M 1046 40.26 132.24 11.78
C HIS M 1046 40.92 131.92 13.11
N PHE M 1047 40.24 131.10 13.91
CA PHE M 1047 40.70 130.74 15.26
C PHE M 1047 41.85 129.74 15.20
N LEU M 1048 41.99 129.00 14.10
CA LEU M 1048 43.06 127.99 13.97
C LEU M 1048 44.43 128.64 14.17
N PHE M 1049 44.66 129.79 13.56
CA PHE M 1049 45.93 130.49 13.74
C PHE M 1049 46.07 130.98 15.19
N GLU M 1050 44.97 131.32 15.84
CA GLU M 1050 45.01 131.78 17.24
C GLU M 1050 45.49 130.63 18.14
N ILE M 1051 44.85 129.47 18.03
CA ILE M 1051 45.25 128.31 18.86
C ILE M 1051 46.66 127.87 18.47
N PHE M 1052 47.03 128.04 17.20
CA PHE M 1052 48.42 127.84 16.77
C PHE M 1052 49.37 128.69 17.61
N ARG M 1053 49.18 130.00 17.57
CA ARG M 1053 50.04 130.93 18.32
C ARG M 1053 50.04 130.60 19.81
N ARG M 1054 48.91 130.14 20.34
CA ARG M 1054 48.86 129.72 21.74
C ARG M 1054 49.79 128.54 21.99
N ARG M 1055 49.72 127.53 21.13
CA ARG M 1055 50.62 126.37 21.24
C ARG M 1055 52.09 126.82 21.13
N LEU M 1056 52.36 127.79 20.27
CA LEU M 1056 53.75 128.22 20.02
C LEU M 1056 54.29 128.98 21.23
N GLN M 1057 53.51 129.90 21.79
CA GLN M 1057 53.96 130.65 22.98
C GLN M 1057 54.07 129.71 24.18
N ALA M 1058 53.22 128.68 24.24
CA ALA M 1058 53.30 127.70 25.32
C ALA M 1058 54.59 126.90 25.24
N LEU M 1059 55.17 126.78 24.05
CA LEU M 1059 56.38 125.98 23.85
C LEU M 1059 57.58 126.67 24.51
N THR M 1060 58.54 125.85 24.94
CA THR M 1060 59.73 126.32 25.64
C THR M 1060 60.56 127.24 24.74
N SER M 1061 60.82 128.45 25.20
CA SER M 1061 61.62 129.42 24.43
C SER M 1061 63.11 129.13 24.53
N GLY M 1062 63.52 128.03 25.18
CA GLY M 1062 64.92 127.70 25.34
C GLY M 1062 65.65 127.45 24.02
N TRP M 1063 66.95 127.20 24.09
CA TRP M 1063 67.75 127.03 22.87
C TRP M 1063 68.46 125.68 22.78
N SER M 1064 68.02 124.68 23.53
CA SER M 1064 68.53 123.32 23.35
C SER M 1064 68.10 122.81 21.98
N VAL M 1065 68.82 121.81 21.48
CA VAL M 1065 68.41 121.10 20.25
C VAL M 1065 66.96 120.62 20.39
N ALA M 1066 66.59 120.17 21.60
CA ALA M 1066 65.26 119.59 21.85
C ALA M 1066 64.16 120.62 21.62
N ALA M 1067 64.35 121.85 22.08
CA ALA M 1067 63.30 122.88 21.99
C ALA M 1067 62.97 123.20 20.53
N SER M 1068 63.99 123.53 19.73
CA SER M 1068 63.76 123.91 18.33
C SER M 1068 63.34 122.70 17.50
N LEU M 1069 63.84 121.50 17.85
CA LEU M 1069 63.34 120.29 17.17
C LEU M 1069 61.86 120.05 17.48
N GLN M 1070 61.44 120.32 18.71
CA GLN M 1070 60.01 120.24 19.08
C GLN M 1070 59.21 121.25 18.26
N ARG M 1071 59.73 122.46 18.12
CA ARG M 1071 59.08 123.48 17.29
C ARG M 1071 58.91 122.96 15.86
N GLN M 1072 59.99 122.40 15.30
CA GLN M 1072 59.96 121.86 13.93
C GLN M 1072 58.89 120.77 13.83
N ARG M 1073 58.86 119.86 14.81
CA ARG M 1073 57.88 118.76 14.81
C ARG M 1073 56.46 119.31 14.81
N GLU M 1074 56.19 120.29 15.66
CA GLU M 1074 54.82 120.85 15.74
C GLU M 1074 54.46 121.59 14.45
N LEU M 1075 55.43 122.27 13.84
CA LEU M 1075 55.12 123.05 12.62
C LEU M 1075 54.90 122.14 11.43
N LEU M 1076 55.54 120.98 11.41
CA LEU M 1076 55.24 119.99 10.36
C LEU M 1076 53.78 119.56 10.42
N MET M 1077 53.27 119.27 11.61
CA MET M 1077 51.86 118.92 11.80
C MET M 1077 50.95 120.10 11.46
N TYR M 1078 51.34 121.33 11.85
CA TYR M 1078 50.66 122.55 11.37
C TYR M 1078 50.49 122.49 9.85
N LYS M 1079 51.59 122.27 9.15
CA LYS M 1079 51.59 122.25 7.68
C LYS M 1079 50.68 121.12 7.16
N ARG M 1080 50.73 119.96 7.79
CA ARG M 1080 49.87 118.84 7.39
C ARG M 1080 48.39 119.26 7.44
N ILE M 1081 47.98 119.80 8.58
CA ILE M 1081 46.58 120.26 8.76
C ILE M 1081 46.25 121.29 7.67
N LEU M 1082 47.10 122.29 7.51
CA LEU M 1082 46.80 123.38 6.55
C LEU M 1082 46.70 122.83 5.13
N LEU M 1083 47.51 121.84 4.79
CA LEU M 1083 47.44 121.26 3.43
C LEU M 1083 46.14 120.51 3.24
N ARG M 1084 45.80 119.58 4.13
CA ARG M 1084 44.62 118.74 3.89
C ARG M 1084 43.35 119.59 3.92
N LEU M 1085 43.32 120.63 4.76
CA LEU M 1085 42.13 121.49 4.85
C LEU M 1085 42.01 122.33 3.59
N PRO M 1086 40.79 122.80 3.26
CA PRO M 1086 40.59 123.59 2.04
C PRO M 1086 41.44 124.86 2.03
N SER M 1087 41.82 125.28 0.84
CA SER M 1087 42.66 126.47 0.66
C SER M 1087 41.86 127.76 0.83
N SER M 1088 40.57 127.68 1.16
CA SER M 1088 39.76 128.88 1.45
C SER M 1088 39.99 129.38 2.87
N VAL M 1089 40.64 128.61 3.72
CA VAL M 1089 40.86 129.03 5.13
C VAL M 1089 41.96 130.08 5.20
N LEU M 1090 43.00 129.91 4.39
CA LEU M 1090 44.20 130.77 4.47
C LEU M 1090 43.88 132.20 4.04
N CYS M 1091 43.16 132.39 2.94
CA CYS M 1091 42.90 133.73 2.41
C CYS M 1091 41.45 134.17 2.65
N GLY M 1092 40.52 133.23 2.69
CA GLY M 1092 39.10 133.54 2.64
C GLY M 1092 38.56 133.31 1.25
N SER M 1093 37.50 134.03 0.92
CA SER M 1093 36.87 133.95 -0.40
C SER M 1093 36.14 135.25 -0.69
N SER M 1094 36.28 135.75 -1.92
CA SER M 1094 35.49 136.88 -2.42
C SER M 1094 35.71 138.14 -1.58
N PHE M 1095 36.92 138.68 -1.60
CA PHE M 1095 37.23 139.98 -0.98
C PHE M 1095 36.29 141.01 -1.60
N GLN M 1096 35.35 141.52 -0.80
CA GLN M 1096 34.25 142.34 -1.32
C GLN M 1096 34.78 143.61 -1.99
N ALA M 1097 35.42 144.47 -1.22
CA ALA M 1097 35.97 145.74 -1.71
C ALA M 1097 37.45 145.83 -1.36
N GLU M 1098 38.07 146.93 -1.78
CA GLU M 1098 39.52 147.13 -1.56
C GLU M 1098 39.83 147.50 -0.11
N GLN M 1099 38.87 148.07 0.62
CA GLN M 1099 39.11 148.50 2.01
C GLN M 1099 39.04 147.30 2.95
N PRO M 1100 37.94 146.50 2.97
CA PRO M 1100 37.95 145.32 3.85
C PRO M 1100 38.69 144.15 3.20
N ILE M 1101 39.98 144.33 2.98
CA ILE M 1101 40.83 143.37 2.26
C ILE M 1101 41.90 142.88 3.22
N THR M 1102 42.56 141.78 2.86
CA THR M 1102 43.60 141.14 3.68
C THR M 1102 43.00 140.77 5.04
N ALA M 1103 41.95 139.95 5.02
CA ALA M 1103 41.37 139.37 6.22
C ALA M 1103 41.85 137.93 6.31
N ARG M 1104 42.50 137.57 7.42
CA ARG M 1104 43.10 136.25 7.68
C ARG M 1104 44.34 136.05 6.82
N CYS M 1105 44.62 136.95 5.89
CA CYS M 1105 45.85 136.88 5.08
C CYS M 1105 47.00 137.48 5.88
N GLU M 1106 46.75 138.58 6.58
CA GLU M 1106 47.76 139.17 7.49
C GLU M 1106 48.15 138.16 8.56
N GLN M 1107 47.18 137.39 9.06
CA GLN M 1107 47.46 136.35 10.06
C GLN M 1107 48.37 135.29 9.45
N PHE M 1108 48.07 134.85 8.22
CA PHE M 1108 48.90 133.88 7.52
C PHE M 1108 50.33 134.40 7.37
N PHE M 1109 50.46 135.66 6.95
CA PHE M 1109 51.80 136.24 6.72
C PHE M 1109 52.55 136.38 8.03
N HIS M 1110 51.85 136.71 9.11
CA HIS M 1110 52.46 136.74 10.45
C HIS M 1110 52.99 135.35 10.81
N LEU M 1111 52.19 134.32 10.57
CA LEU M 1111 52.62 132.93 10.81
C LEU M 1111 53.88 132.61 9.99
N VAL M 1112 53.89 132.99 8.71
CA VAL M 1112 55.04 132.66 7.84
C VAL M 1112 56.30 133.38 8.32
N ASN M 1113 56.20 134.71 8.48
CA ASN M 1113 57.37 135.50 8.86
C ASN M 1113 57.88 135.12 10.24
N SER M 1114 56.99 134.71 11.14
CA SER M 1114 57.40 134.39 12.52
C SER M 1114 58.15 133.07 12.57
N GLU M 1115 57.56 131.99 12.05
CA GLU M 1115 58.09 130.64 12.32
C GLU M 1115 58.47 129.87 11.06
N MET M 1116 57.60 129.86 10.06
CA MET M 1116 57.68 128.90 8.94
C MET M 1116 59.04 128.97 8.23
N ARG M 1117 59.59 130.17 8.07
CA ARG M 1117 60.90 130.32 7.41
C ARG M 1117 62.00 129.57 8.18
N ASN M 1118 61.89 129.48 9.50
CA ASN M 1118 62.99 128.90 10.30
C ASN M 1118 63.03 127.38 10.16
N PHE M 1119 61.87 126.75 9.95
CA PHE M 1119 61.79 125.28 10.02
C PHE M 1119 61.41 124.66 8.68
N CYS M 1120 60.29 125.06 8.10
CA CYS M 1120 59.77 124.41 6.88
C CYS M 1120 60.23 125.14 5.61
N SER M 1121 61.40 125.78 5.65
CA SER M 1121 62.01 126.37 4.46
C SER M 1121 63.21 125.51 4.04
N HIS M 1122 63.65 125.71 2.80
CA HIS M 1122 64.80 124.98 2.26
C HIS M 1122 65.44 125.84 1.18
N GLY M 1123 66.69 126.23 1.39
CA GLY M 1123 67.38 127.11 0.45
C GLY M 1123 66.75 128.49 0.36
N GLY M 1124 66.24 129.02 1.46
CA GLY M 1124 65.57 130.32 1.46
C GLY M 1124 64.28 130.33 0.68
N ALA M 1125 63.57 129.19 0.63
CA ALA M 1125 62.30 129.07 -0.08
C ALA M 1125 61.40 128.10 0.66
N LEU M 1126 60.09 128.35 0.62
CA LEU M 1126 59.11 127.47 1.28
C LEU M 1126 58.88 126.22 0.43
N THR M 1127 58.05 125.33 0.97
CA THR M 1127 57.79 124.03 0.33
C THR M 1127 56.84 124.20 -0.86
N GLN M 1128 56.89 123.23 -1.76
CA GLN M 1128 56.01 123.21 -2.95
C GLN M 1128 54.54 123.16 -2.52
N ASP M 1129 54.25 122.34 -1.52
CA ASP M 1129 52.85 122.03 -1.16
C ASP M 1129 52.12 123.27 -0.66
N ILE M 1130 52.69 123.97 0.32
CA ILE M 1130 52.03 125.17 0.88
C ILE M 1130 51.94 126.24 -0.19
N THR M 1131 52.96 126.34 -1.05
CA THR M 1131 52.94 127.31 -2.14
C THR M 1131 51.75 127.03 -3.06
N ALA M 1132 51.58 125.78 -3.49
CA ALA M 1132 50.48 125.42 -4.38
C ALA M 1132 49.14 125.66 -3.70
N HIS M 1133 49.00 125.25 -2.44
CA HIS M 1133 47.74 125.42 -1.73
C HIS M 1133 47.39 126.90 -1.58
N PHE M 1134 48.37 127.71 -1.18
CA PHE M 1134 48.16 129.16 -1.02
C PHE M 1134 47.77 129.81 -2.35
N PHE M 1135 48.44 129.41 -3.43
CA PHE M 1135 48.17 130.02 -4.75
C PHE M 1135 46.79 129.62 -5.27
N ARG M 1136 46.41 128.36 -5.08
CA ARG M 1136 45.07 127.90 -5.47
C ARG M 1136 44.01 128.67 -4.67
N GLY M 1137 44.19 128.79 -3.36
CA GLY M 1137 43.24 129.55 -2.53
C GLY M 1137 43.14 131.00 -2.95
N LEU M 1138 44.26 131.63 -3.25
CA LEU M 1138 44.26 133.05 -3.65
C LEU M 1138 43.56 133.23 -5.00
N LEU M 1139 43.93 132.42 -5.99
CA LEU M 1139 43.28 132.51 -7.31
C LEU M 1139 41.78 132.26 -7.18
N ASN M 1140 41.38 131.30 -6.35
CA ASN M 1140 39.96 131.01 -6.10
C ASN M 1140 39.28 132.24 -5.50
N ALA M 1141 39.77 132.70 -4.34
CA ALA M 1141 39.13 133.79 -3.60
C ALA M 1141 39.07 135.07 -4.44
N CYS M 1142 40.01 135.24 -5.38
CA CYS M 1142 40.04 136.48 -6.17
C CYS M 1142 39.18 136.36 -7.42
N LEU M 1143 39.27 135.24 -8.14
CA LEU M 1143 38.43 135.03 -9.33
C LEU M 1143 36.97 134.97 -8.95
N ARG M 1144 36.66 134.45 -7.76
CA ARG M 1144 35.27 134.43 -7.28
C ARG M 1144 34.74 135.85 -7.12
N SER M 1145 35.55 136.74 -6.57
CA SER M 1145 35.15 138.15 -6.40
C SER M 1145 35.25 138.88 -7.73
N ARG M 1146 34.64 140.06 -7.75
CA ARG M 1146 34.66 140.94 -8.92
C ARG M 1146 36.05 141.57 -9.06
N ASP M 1147 36.38 141.98 -10.30
CA ASP M 1147 37.62 142.69 -10.61
C ASP M 1147 38.80 141.82 -10.19
N PRO M 1148 39.04 140.68 -10.86
CA PRO M 1148 40.09 139.77 -10.41
C PRO M 1148 41.51 140.29 -10.63
N SER M 1149 41.85 140.63 -11.87
CA SER M 1149 43.26 140.82 -12.27
C SER M 1149 43.93 141.92 -11.47
N LEU M 1150 43.23 143.04 -11.26
CA LEU M 1150 43.82 144.18 -10.55
C LEU M 1150 44.00 143.85 -9.07
N MET M 1151 43.05 143.13 -8.48
CA MET M 1151 43.18 142.76 -7.07
C MET M 1151 44.29 141.73 -6.87
N VAL M 1152 44.54 140.86 -7.85
CA VAL M 1152 45.71 139.95 -7.78
C VAL M 1152 46.98 140.78 -7.63
N ASP M 1153 47.14 141.79 -8.49
CA ASP M 1153 48.33 142.65 -8.44
C ASP M 1153 48.38 143.42 -7.12
N PHE M 1154 47.23 143.84 -6.61
CA PHE M 1154 47.16 144.52 -5.30
C PHE M 1154 47.70 143.62 -4.19
N ILE M 1155 47.19 142.40 -4.11
CA ILE M 1155 47.64 141.44 -3.08
C ILE M 1155 49.14 141.18 -3.24
N LEU M 1156 49.59 140.89 -4.46
CA LEU M 1156 51.00 140.52 -4.65
C LEU M 1156 51.93 141.71 -4.46
N ALA M 1157 51.43 142.94 -4.61
CA ALA M 1157 52.20 144.13 -4.24
C ALA M 1157 52.33 144.20 -2.72
N LYS M 1158 51.25 143.92 -1.98
CA LYS M 1158 51.36 143.89 -0.51
C LYS M 1158 52.28 142.78 -0.04
N CYS M 1159 52.36 141.68 -0.78
CA CYS M 1159 53.24 140.57 -0.36
C CYS M 1159 54.70 141.02 -0.31
N GLN M 1160 55.13 141.86 -1.25
CA GLN M 1160 56.50 142.40 -1.22
C GLN M 1160 56.74 143.20 0.06
N THR M 1161 55.67 143.65 0.71
CA THR M 1161 55.76 144.48 1.92
C THR M 1161 55.65 143.64 3.19
N LYS M 1162 54.79 142.62 3.20
CA LYS M 1162 54.48 141.85 4.41
C LYS M 1162 55.13 140.48 4.40
N CYS M 1163 54.84 139.65 3.38
CA CYS M 1163 55.34 138.26 3.30
C CYS M 1163 56.06 138.09 1.97
N PRO M 1164 57.37 138.37 1.91
CA PRO M 1164 58.11 138.23 0.65
C PRO M 1164 58.41 136.78 0.27
N LEU M 1165 58.48 135.89 1.26
CA LEU M 1165 58.95 134.51 1.04
C LEU M 1165 58.07 133.80 0.00
N ILE M 1166 56.76 134.03 0.07
CA ILE M 1166 55.82 133.36 -0.85
C ILE M 1166 56.19 133.68 -2.30
N LEU M 1167 56.73 134.87 -2.55
CA LEU M 1167 57.21 135.20 -3.90
C LEU M 1167 58.45 134.37 -4.22
N THR M 1168 59.43 134.35 -3.31
CA THR M 1168 60.68 133.62 -3.55
C THR M 1168 60.40 132.14 -3.82
N SER M 1169 59.59 131.51 -2.97
CA SER M 1169 59.17 130.12 -3.21
C SER M 1169 58.45 130.00 -4.54
N ALA M 1170 57.64 131.00 -4.89
CA ALA M 1170 56.95 131.02 -6.18
C ALA M 1170 57.95 130.94 -7.33
N LEU M 1171 59.14 131.52 -7.14
CA LEU M 1171 60.19 131.43 -8.16
C LEU M 1171 60.65 129.99 -8.33
N VAL M 1172 60.76 129.24 -7.24
CA VAL M 1172 61.25 127.85 -7.31
C VAL M 1172 60.20 126.97 -7.97
N TRP M 1173 58.99 126.97 -7.42
CA TRP M 1173 57.93 126.06 -7.86
C TRP M 1173 57.15 126.62 -9.05
N TRP M 1174 57.69 127.61 -9.77
CA TRP M 1174 56.98 128.22 -10.89
C TRP M 1174 56.62 127.22 -12.00
N PRO M 1175 57.55 126.36 -12.49
CA PRO M 1175 57.17 125.42 -13.55
C PRO M 1175 56.03 124.46 -13.14
N SER M 1176 55.82 124.25 -11.85
CA SER M 1176 54.73 123.39 -11.34
C SER M 1176 53.45 124.20 -11.16
N LEU M 1177 53.56 125.46 -10.78
CA LEU M 1177 52.36 126.27 -10.49
C LEU M 1177 51.75 126.83 -11.77
N GLU M 1178 52.57 127.07 -12.80
CA GLU M 1178 52.07 127.73 -14.01
C GLU M 1178 50.93 126.95 -14.69
N PRO M 1179 51.00 125.62 -14.87
CA PRO M 1179 49.93 124.95 -15.63
C PRO M 1179 48.58 124.99 -14.91
N VAL M 1180 48.56 124.63 -13.63
CA VAL M 1180 47.31 124.54 -12.87
C VAL M 1180 46.67 125.94 -12.74
N LEU M 1181 47.46 126.94 -12.39
CA LEU M 1181 46.92 128.31 -12.25
C LEU M 1181 46.44 128.83 -13.61
N LEU M 1182 47.16 128.48 -14.68
CA LEU M 1182 46.76 128.91 -16.04
C LEU M 1182 45.37 128.40 -16.38
N CYS M 1183 45.15 127.08 -16.26
CA CYS M 1183 43.85 126.50 -16.63
C CYS M 1183 42.76 126.93 -15.65
N ARG M 1184 43.10 127.07 -14.37
CA ARG M 1184 42.11 127.54 -13.37
C ARG M 1184 41.65 128.95 -13.70
N TRP M 1185 42.56 129.82 -14.13
CA TRP M 1185 42.17 131.17 -14.55
C TRP M 1185 41.33 131.10 -15.83
N ARG M 1186 41.81 130.37 -16.83
CA ARG M 1186 41.12 130.30 -18.13
C ARG M 1186 39.69 129.77 -17.95
N ARG M 1187 39.48 128.83 -17.05
CA ARG M 1187 38.14 128.26 -16.82
C ARG M 1187 37.18 129.34 -16.31
N HIS M 1188 37.64 130.14 -15.35
CA HIS M 1188 36.79 131.19 -14.78
C HIS M 1188 36.60 132.33 -15.80
N CYS M 1189 37.70 132.94 -16.23
CA CYS M 1189 37.66 134.07 -17.16
C CYS M 1189 38.72 133.90 -18.24
N GLN M 1190 38.44 134.41 -19.43
CA GLN M 1190 39.38 134.34 -20.57
C GLN M 1190 40.31 135.55 -20.60
N SER M 1191 40.28 136.39 -19.56
CA SER M 1191 41.20 137.53 -19.45
C SER M 1191 42.63 137.02 -19.30
N PRO M 1192 43.63 137.80 -19.73
CA PRO M 1192 45.02 137.39 -19.54
C PRO M 1192 45.42 137.43 -18.06
N LEU M 1193 46.60 136.90 -17.79
CA LEU M 1193 47.09 136.84 -16.40
C LEU M 1193 47.40 138.26 -15.91
N PRO M 1194 47.04 138.58 -14.66
CA PRO M 1194 47.44 139.85 -14.07
C PRO M 1194 48.95 140.06 -14.09
N ARG M 1195 49.35 141.32 -13.96
CA ARG M 1195 50.74 141.73 -14.23
C ARG M 1195 51.72 141.16 -13.20
N GLU M 1196 51.32 141.09 -11.93
CA GLU M 1196 52.28 140.78 -10.85
C GLU M 1196 52.91 139.40 -11.01
N LEU M 1197 52.18 138.44 -11.60
CA LEU M 1197 52.78 137.12 -11.84
C LEU M 1197 53.53 137.11 -13.17
N GLN M 1198 53.13 137.96 -14.13
CA GLN M 1198 53.96 138.17 -15.33
C GLN M 1198 55.32 138.73 -14.92
N LYS M 1199 55.39 139.44 -13.78
CA LYS M 1199 56.67 139.88 -13.24
C LYS M 1199 57.54 138.68 -12.87
N LEU M 1200 56.94 137.67 -12.23
CA LEU M 1200 57.65 136.42 -11.95
C LEU M 1200 58.11 135.78 -13.26
N GLN M 1201 57.24 135.77 -14.27
CA GLN M 1201 57.58 135.17 -15.57
C GLN M 1201 58.80 135.87 -16.18
N GLU M 1202 58.79 137.21 -16.19
CA GLU M 1202 59.90 137.95 -16.81
C GLU M 1202 61.18 137.82 -15.97
N GLY M 1203 61.05 137.67 -14.65
CA GLY M 1203 62.21 137.38 -13.82
C GLY M 1203 62.84 136.04 -14.20
N ARG M 1204 62.02 135.01 -14.38
CA ARG M 1204 62.50 133.71 -14.84
C ARG M 1204 63.17 133.85 -16.21
N GLN M 1205 62.55 134.61 -17.12
CA GLN M 1205 63.09 134.79 -18.47
C GLN M 1205 64.44 135.49 -18.42
N PHE M 1206 64.57 136.54 -17.60
CA PHE M 1206 65.85 137.25 -17.45
C PHE M 1206 66.90 136.32 -16.87
N ALA M 1207 66.54 135.54 -15.86
CA ALA M 1207 67.48 134.58 -15.26
C ALA M 1207 67.96 133.58 -16.31
N SER M 1208 67.06 133.07 -17.15
CA SER M 1208 67.45 132.15 -18.22
C SER M 1208 68.31 132.85 -19.28
N ASP M 1209 68.04 134.13 -19.54
CA ASP M 1209 68.80 134.87 -20.56
C ASP M 1209 70.23 135.11 -20.09
N PHE M 1210 70.42 135.43 -18.80
CA PHE M 1210 71.77 135.64 -18.28
C PHE M 1210 72.56 134.33 -18.34
N LEU M 1211 71.95 133.22 -17.97
CA LEU M 1211 72.57 131.89 -18.05
C LEU M 1211 72.40 131.34 -19.47
N SER M 1212 72.93 132.11 -20.42
CA SER M 1212 72.86 131.82 -21.86
C SER M 1212 73.90 132.69 -22.57
N PRO M 1213 74.28 132.37 -23.81
CA PRO M 1213 75.08 133.30 -24.61
C PRO M 1213 74.36 134.64 -24.73
N GLU M 1214 75.03 135.70 -24.27
CA GLU M 1214 74.38 137.02 -24.07
C GLU M 1214 74.03 137.62 -25.43
N ALA M 1215 72.82 137.36 -25.89
CA ALA M 1215 72.23 138.05 -27.06
C ALA M 1215 71.38 139.23 -26.61
N ALA M 1216 70.62 139.06 -25.53
CA ALA M 1216 69.82 140.13 -24.91
C ALA M 1216 70.19 140.22 -23.43
N SER M 1217 70.12 141.44 -22.89
CA SER M 1217 70.44 141.73 -21.48
C SER M 1217 69.36 142.61 -20.89
N PRO M 1218 68.13 142.10 -20.70
CA PRO M 1218 67.04 142.93 -20.19
C PRO M 1218 67.16 143.14 -18.68
N ALA M 1219 66.77 144.33 -18.24
CA ALA M 1219 66.82 144.69 -16.81
C ALA M 1219 65.45 144.44 -16.17
N PRO M 1220 65.41 143.70 -15.06
CA PRO M 1220 64.14 143.38 -14.41
C PRO M 1220 63.61 144.50 -13.52
N ASN M 1221 62.55 144.17 -12.77
CA ASN M 1221 61.78 145.07 -11.90
C ASN M 1221 61.99 144.58 -10.46
N PRO M 1222 61.37 145.19 -9.40
CA PRO M 1222 62.08 145.37 -8.11
C PRO M 1222 63.08 144.28 -7.76
N ASP M 1223 64.29 144.73 -7.43
CA ASP M 1223 65.50 143.99 -7.75
C ASP M 1223 65.58 142.65 -7.02
N TRP M 1224 65.18 142.62 -5.75
CA TRP M 1224 65.42 141.42 -4.91
C TRP M 1224 64.73 140.19 -5.46
N LEU M 1225 63.54 140.34 -6.04
CA LEU M 1225 62.83 139.21 -6.64
C LEU M 1225 63.71 138.57 -7.71
N SER M 1226 64.12 139.36 -8.70
CA SER M 1226 64.91 138.83 -9.84
C SER M 1226 66.30 138.40 -9.37
N ALA M 1227 66.83 139.00 -8.31
CA ALA M 1227 68.14 138.58 -7.77
C ALA M 1227 68.04 137.18 -7.17
N ALA M 1228 66.99 136.94 -6.37
CA ALA M 1228 66.74 135.60 -5.83
C ALA M 1228 66.49 134.62 -6.97
N ALA M 1229 65.81 135.07 -8.04
CA ALA M 1229 65.56 134.21 -9.21
C ALA M 1229 66.88 133.83 -9.89
N LEU M 1230 67.77 134.81 -10.06
CA LEU M 1230 69.08 134.54 -10.68
C LEU M 1230 69.90 133.61 -9.79
N HIS M 1231 69.77 133.74 -8.47
CA HIS M 1231 70.45 132.83 -7.53
C HIS M 1231 69.91 131.41 -7.68
N PHE M 1232 68.59 131.25 -7.74
CA PHE M 1232 67.98 129.94 -7.99
C PHE M 1232 68.48 129.36 -9.31
N ALA M 1233 68.62 130.19 -10.35
CA ALA M 1233 69.07 129.71 -11.66
C ALA M 1233 70.53 129.24 -11.58
N ILE M 1234 71.39 130.05 -10.97
CA ILE M 1234 72.83 129.71 -10.89
C ILE M 1234 73.04 128.54 -9.95
N GLN M 1235 72.07 128.24 -9.09
CA GLN M 1235 72.20 127.06 -8.20
C GLN M 1235 72.38 125.77 -8.99
N GLN M 1236 71.92 125.71 -10.24
CA GLN M 1236 71.89 124.44 -10.98
C GLN M 1236 72.83 124.46 -12.18
N VAL M 1237 74.05 124.93 -11.99
CA VAL M 1237 75.07 124.93 -13.06
C VAL M 1237 76.28 124.13 -12.58
N ARG M 1238 77.12 123.75 -13.53
CA ARG M 1238 78.37 123.04 -13.23
C ARG M 1238 79.46 124.04 -12.86
N GLU M 1239 80.51 123.53 -12.21
CA GLU M 1239 81.57 124.40 -11.68
C GLU M 1239 82.36 125.07 -12.80
N GLU M 1240 82.65 124.34 -13.87
CA GLU M 1240 83.45 124.88 -14.98
C GLU M 1240 82.72 126.05 -15.66
N ASN M 1241 81.40 125.98 -15.74
CA ASN M 1241 80.62 127.02 -16.43
C ASN M 1241 80.36 128.23 -15.52
N ILE M 1242 80.56 128.08 -14.21
CA ILE M 1242 80.31 129.18 -13.25
C ILE M 1242 81.11 130.40 -13.65
N ARG M 1243 82.42 130.23 -13.89
CA ARG M 1243 83.30 131.38 -14.17
C ARG M 1243 82.95 132.00 -15.52
N LYS M 1244 82.74 131.18 -16.54
CA LYS M 1244 82.41 131.70 -17.88
C LYS M 1244 81.06 132.44 -17.86
N GLN M 1245 80.14 132.03 -17.00
CA GLN M 1245 78.83 132.70 -16.92
C GLN M 1245 78.95 134.01 -16.13
N LEU M 1246 79.62 133.99 -14.98
CA LEU M 1246 79.71 135.16 -14.09
C LEU M 1246 80.76 136.17 -14.55
N LYS M 1247 81.59 135.84 -15.55
CA LYS M 1247 82.52 136.84 -16.11
C LYS M 1247 81.77 137.94 -16.87
N LYS M 1248 80.57 137.64 -17.35
CA LYS M 1248 79.74 138.63 -18.06
C LYS M 1248 78.84 139.41 -17.10
N LEU M 1249 79.12 139.36 -15.80
CA LEU M 1249 78.28 140.01 -14.76
C LEU M 1249 78.76 141.42 -14.45
N ASP M 1250 79.89 141.85 -14.99
CA ASP M 1250 80.39 143.21 -14.71
C ASP M 1250 79.68 144.23 -15.61
N CYS M 1251 78.35 144.13 -15.71
CA CYS M 1251 77.53 145.13 -16.42
C CYS M 1251 76.21 145.32 -15.68
N GLU M 1252 76.23 145.30 -14.35
CA GLU M 1252 74.99 145.28 -13.58
C GLU M 1252 75.05 146.29 -12.44
N ARG M 1253 73.90 146.52 -11.83
CA ARG M 1253 73.74 147.55 -10.80
C ARG M 1253 74.18 147.03 -9.44
N GLU M 1254 74.22 147.92 -8.46
CA GLU M 1254 74.69 147.60 -7.11
C GLU M 1254 73.66 146.74 -6.39
N GLU M 1255 72.38 147.14 -6.41
CA GLU M 1255 71.34 146.43 -5.65
C GLU M 1255 71.27 144.97 -6.08
N LEU M 1256 71.27 144.73 -7.39
CA LEU M 1256 71.26 143.35 -7.93
C LEU M 1256 72.43 142.56 -7.38
N LEU M 1257 73.65 143.12 -7.47
CA LEU M 1257 74.85 142.36 -7.10
C LEU M 1257 74.87 142.08 -5.60
N VAL M 1258 74.45 143.03 -4.77
CA VAL M 1258 74.48 142.83 -3.31
C VAL M 1258 73.41 141.83 -2.90
N PHE M 1259 72.23 141.89 -3.53
CA PHE M 1259 71.18 140.92 -3.21
C PHE M 1259 71.59 139.51 -3.62
N LEU M 1260 72.13 139.35 -4.83
CA LEU M 1260 72.58 138.01 -5.26
C LEU M 1260 73.74 137.54 -4.40
N PHE M 1261 74.59 138.46 -3.92
CA PHE M 1261 75.68 138.10 -3.00
C PHE M 1261 75.11 137.56 -1.70
N PHE M 1262 74.15 138.28 -1.11
CA PHE M 1262 73.52 137.82 0.14
C PHE M 1262 72.89 136.45 -0.06
N PHE M 1263 72.16 136.25 -1.15
CA PHE M 1263 71.48 134.97 -1.37
C PHE M 1263 72.48 133.87 -1.71
N SER M 1264 73.63 134.23 -2.30
CA SER M 1264 74.70 133.24 -2.55
C SER M 1264 75.29 132.78 -1.23
N LEU M 1265 75.55 133.71 -0.30
CA LEU M 1265 76.02 133.33 1.04
C LEU M 1265 74.94 132.51 1.76
N MET M 1266 73.67 132.85 1.56
CA MET M 1266 72.58 132.07 2.16
C MET M 1266 72.62 130.64 1.63
N GLY M 1267 72.74 130.46 0.32
CA GLY M 1267 72.82 129.12 -0.26
C GLY M 1267 74.07 128.38 0.18
N LEU M 1268 75.19 129.09 0.34
CA LEU M 1268 76.44 128.46 0.81
C LEU M 1268 76.27 127.95 2.23
N LEU M 1269 75.78 128.81 3.12
CA LEU M 1269 75.52 128.40 4.51
C LEU M 1269 74.49 127.27 4.56
N SER M 1270 73.51 127.28 3.65
CA SER M 1270 72.54 126.19 3.56
C SER M 1270 73.24 124.88 3.21
N SER M 1271 73.91 124.85 2.06
CA SER M 1271 74.62 123.66 1.58
C SER M 1271 75.61 123.15 2.64
N HIS M 1272 76.22 124.06 3.40
CA HIS M 1272 77.15 123.64 4.46
C HIS M 1272 76.39 123.08 5.66
N LEU M 1273 75.18 123.60 5.91
CA LEU M 1273 74.42 123.21 7.10
C LEU M 1273 73.54 121.99 6.83
N THR M 1274 72.84 121.97 5.70
CA THR M 1274 71.90 120.88 5.41
C THR M 1274 72.66 119.57 5.17
N SER M 1275 71.90 118.52 4.89
CA SER M 1275 72.46 117.21 4.53
C SER M 1275 73.35 117.33 3.30
N ASN M 1276 74.65 117.05 3.46
CA ASN M 1276 75.64 117.16 2.37
C ASN M 1276 75.51 116.02 1.36
N SER M 1277 74.46 115.20 1.45
CA SER M 1277 74.20 114.17 0.42
C SER M 1277 73.95 114.79 -0.95
N THR M 1278 73.48 116.04 -1.00
CA THR M 1278 73.27 116.73 -2.28
C THR M 1278 74.61 117.21 -2.85
N THR M 1279 75.62 117.38 -1.99
CA THR M 1279 76.99 117.77 -2.40
C THR M 1279 76.95 119.10 -3.14
N ASP M 1280 76.60 120.17 -2.42
CA ASP M 1280 76.55 121.52 -3.00
C ASP M 1280 77.52 122.49 -2.32
N LEU M 1281 78.29 122.05 -1.33
CA LEU M 1281 79.20 122.96 -0.61
C LEU M 1281 80.30 123.52 -1.51
N PRO M 1282 81.05 122.72 -2.30
CA PRO M 1282 82.12 123.31 -3.12
C PRO M 1282 81.63 124.29 -4.16
N LYS M 1283 80.53 123.97 -4.85
CA LYS M 1283 79.99 124.88 -5.89
C LYS M 1283 79.50 126.18 -5.25
N ALA M 1284 78.88 126.08 -4.07
CA ALA M 1284 78.39 127.27 -3.36
C ALA M 1284 79.56 128.15 -2.92
N PHE M 1285 80.61 127.53 -2.37
CA PHE M 1285 81.83 128.28 -2.00
C PHE M 1285 82.41 128.95 -3.25
N HIS M 1286 82.43 128.22 -4.36
CA HIS M 1286 82.98 128.76 -5.63
C HIS M 1286 82.18 129.98 -6.09
N VAL M 1287 80.86 129.90 -6.10
CA VAL M 1287 80.03 131.02 -6.60
C VAL M 1287 80.15 132.21 -5.64
N CYS M 1288 80.21 131.96 -4.34
CA CYS M 1288 80.39 133.07 -3.38
C CYS M 1288 81.75 133.73 -3.58
N ALA M 1289 82.80 132.94 -3.80
CA ALA M 1289 84.13 133.49 -4.08
C ALA M 1289 84.11 134.33 -5.34
N ALA M 1290 83.45 133.83 -6.40
CA ALA M 1290 83.36 134.57 -7.66
C ALA M 1290 82.59 135.88 -7.48
N ILE M 1291 81.50 135.85 -6.70
CA ILE M 1291 80.71 137.07 -6.48
C ILE M 1291 81.52 138.09 -5.69
N LEU M 1292 82.25 137.65 -4.67
CA LEU M 1292 83.15 138.57 -3.96
C LEU M 1292 84.24 139.10 -4.90
N GLU M 1293 84.73 138.27 -5.82
CA GLU M 1293 85.76 138.73 -6.76
C GLU M 1293 85.21 139.81 -7.70
N CYS M 1294 83.95 139.68 -8.13
CA CYS M 1294 83.31 140.75 -8.91
C CYS M 1294 83.05 141.98 -8.05
N LEU M 1295 82.73 141.78 -6.78
CA LEU M 1295 82.51 142.90 -5.84
C LEU M 1295 83.81 143.67 -5.57
N GLU M 1296 84.97 143.00 -5.62
CA GLU M 1296 86.25 143.69 -5.39
C GLU M 1296 86.57 144.61 -6.58
N LYS M 1297 86.16 144.23 -7.79
CA LYS M 1297 86.43 145.04 -8.98
C LYS M 1297 85.63 146.35 -8.91
N ARG M 1298 84.33 146.24 -8.69
CA ARG M 1298 83.44 147.41 -8.55
C ARG M 1298 83.18 147.61 -7.07
N LYS M 1299 83.83 148.60 -6.47
CA LYS M 1299 83.85 148.75 -5.00
C LYS M 1299 82.42 148.89 -4.48
N ILE M 1300 82.03 147.97 -3.61
CA ILE M 1300 80.65 147.88 -3.09
C ILE M 1300 80.69 147.61 -1.59
N SER M 1301 79.84 148.31 -0.86
CA SER M 1301 79.70 148.14 0.60
C SER M 1301 78.81 146.93 0.85
N TRP M 1302 79.33 145.74 0.59
CA TRP M 1302 78.64 144.51 1.00
C TRP M 1302 78.63 144.36 2.52
N LEU M 1303 79.45 145.13 3.24
CA LEU M 1303 79.39 145.13 4.70
C LEU M 1303 78.00 145.56 5.18
N ALA M 1304 77.23 146.25 4.34
CA ALA M 1304 75.86 146.68 4.69
C ALA M 1304 74.97 145.47 5.02
N LEU M 1305 75.16 144.35 4.35
CA LEU M 1305 74.36 143.15 4.64
C LEU M 1305 74.87 142.40 5.89
N PHE M 1306 75.74 143.01 6.70
CA PHE M 1306 76.23 142.38 7.93
C PHE M 1306 75.61 142.97 9.20
N GLN M 1307 75.39 144.29 9.26
CA GLN M 1307 74.77 144.90 10.45
C GLN M 1307 73.24 144.95 10.27
N LEU M 1308 72.69 143.79 9.97
CA LEU M 1308 71.26 143.68 9.61
C LEU M 1308 70.42 143.85 10.86
N THR M 1309 69.61 144.91 10.89
CA THR M 1309 68.64 145.16 11.95
C THR M 1309 67.23 144.99 11.37
N GLU M 1310 66.26 144.80 12.25
CA GLU M 1310 64.88 144.50 11.83
C GLU M 1310 64.25 145.64 11.04
N SER M 1311 64.71 146.88 11.21
CA SER M 1311 64.05 148.04 10.58
C SER M 1311 64.97 148.77 9.61
N ASP M 1312 65.78 148.05 8.85
CA ASP M 1312 66.59 148.64 7.78
C ASP M 1312 65.78 148.56 6.49
N LEU M 1313 65.24 149.70 6.05
CA LEU M 1313 64.30 149.75 4.92
C LEU M 1313 64.94 149.29 3.61
N ARG M 1314 66.27 149.41 3.48
CA ARG M 1314 66.94 148.97 2.25
C ARG M 1314 67.03 147.45 2.21
N LEU M 1315 67.59 146.84 3.26
CA LEU M 1315 67.83 145.39 3.28
C LEU M 1315 67.19 144.71 4.49
N GLY M 1316 67.26 145.34 5.65
CA GLY M 1316 66.91 144.68 6.91
C GLY M 1316 65.45 144.28 7.01
N ARG M 1317 64.55 145.07 6.43
CA ARG M 1317 63.12 144.70 6.42
C ARG M 1317 62.93 143.41 5.64
N LEU M 1318 63.60 143.28 4.50
CA LEU M 1318 63.40 142.15 3.58
C LEU M 1318 64.26 140.96 3.99
N LEU M 1319 65.57 141.16 4.10
CA LEU M 1319 66.53 140.06 4.13
C LEU M 1319 66.38 139.19 5.38
N LEU M 1320 65.99 139.76 6.51
CA LEU M 1320 65.76 138.95 7.72
C LEU M 1320 64.47 138.16 7.58
N ARG M 1321 63.43 138.76 7.00
CA ARG M 1321 62.15 138.07 6.83
C ARG M 1321 62.22 136.97 5.77
N VAL M 1322 63.16 137.04 4.84
CA VAL M 1322 63.30 135.96 3.83
C VAL M 1322 64.25 134.89 4.36
N ALA M 1323 65.27 135.30 5.11
CA ALA M 1323 66.30 134.37 5.57
C ALA M 1323 65.81 133.63 6.82
N PRO M 1324 66.22 132.38 7.01
CA PRO M 1324 65.90 131.67 8.25
C PRO M 1324 66.87 132.01 9.39
N ASP M 1325 66.33 132.02 10.60
CA ASP M 1325 67.08 132.45 11.80
C ASP M 1325 68.37 131.66 11.97
N GLN M 1326 68.32 130.34 11.79
CA GLN M 1326 69.50 129.49 11.98
C GLN M 1326 70.63 129.92 11.04
N HIS M 1327 70.30 130.43 9.86
CA HIS M 1327 71.31 130.90 8.90
C HIS M 1327 71.81 132.30 9.24
N THR M 1328 70.93 133.16 9.75
CA THR M 1328 71.35 134.49 10.23
C THR M 1328 72.34 134.34 11.39
N ARG M 1329 72.15 133.30 12.21
CA ARG M 1329 73.01 133.08 13.37
C ARG M 1329 74.44 132.76 12.93
N LEU M 1330 74.59 131.88 11.94
CA LEU M 1330 75.92 131.34 11.59
C LEU M 1330 76.61 132.15 10.50
N LEU M 1331 76.18 133.39 10.24
CA LEU M 1331 76.83 134.26 9.26
C LEU M 1331 78.32 134.45 9.55
N PRO M 1332 78.74 134.70 10.82
CA PRO M 1332 80.18 134.84 11.12
C PRO M 1332 81.08 133.79 10.47
N PHE M 1333 80.64 132.53 10.49
CA PHE M 1333 81.40 131.44 9.87
C PHE M 1333 81.72 131.78 8.41
N ALA M 1334 80.68 131.99 7.60
CA ALA M 1334 80.85 132.25 6.17
C ALA M 1334 81.65 133.53 5.96
N PHE M 1335 81.33 134.58 6.70
CA PHE M 1335 82.01 135.88 6.55
C PHE M 1335 83.52 135.72 6.75
N TYR M 1336 83.92 135.16 7.89
CA TYR M 1336 85.34 135.04 8.23
C TYR M 1336 86.05 134.02 7.34
N SER M 1337 85.35 132.97 6.92
CA SER M 1337 85.97 131.95 6.07
C SER M 1337 86.17 132.48 4.65
N LEU M 1338 85.31 133.40 4.20
CA LEU M 1338 85.37 133.86 2.81
C LEU M 1338 86.24 135.11 2.68
N LEU M 1339 85.92 136.17 3.43
CA LEU M 1339 86.62 137.45 3.26
C LEU M 1339 88.11 137.34 3.61
N SER M 1340 88.48 136.44 4.53
CA SER M 1340 89.89 136.21 4.84
C SER M 1340 90.65 135.71 3.62
N TYR M 1341 89.99 134.95 2.75
CA TYR M 1341 90.62 134.39 1.55
C TYR M 1341 90.82 135.45 0.49
N PHE M 1342 89.74 136.10 0.07
CA PHE M 1342 89.74 137.03 -1.07
C PHE M 1342 89.39 138.42 -0.57
N HIS M 1343 90.31 139.36 -0.76
CA HIS M 1343 90.10 140.77 -0.38
C HIS M 1343 91.18 141.63 -1.02
N GLU M 1344 90.83 142.87 -1.31
CA GLU M 1344 91.78 143.88 -1.79
C GLU M 1344 92.04 144.87 -0.66
N ASP M 1345 93.30 145.04 -0.31
CA ASP M 1345 93.70 145.81 0.87
C ASP M 1345 93.57 147.32 0.62
N ALA M 1346 93.34 148.06 1.71
CA ALA M 1346 93.36 149.53 1.74
C ALA M 1346 92.24 150.15 0.90
N ALA M 1347 91.40 149.32 0.29
CA ALA M 1347 90.27 149.82 -0.53
C ALA M 1347 88.94 149.60 0.18
N ILE M 1348 88.79 148.50 0.90
CA ILE M 1348 87.49 148.14 1.50
C ILE M 1348 87.56 148.12 3.02
N ARG M 1349 88.76 147.99 3.58
CA ARG M 1349 88.93 147.97 5.04
C ARG M 1349 88.72 149.39 5.58
N GLU M 1350 87.45 149.77 5.73
CA GLU M 1350 87.03 151.15 6.03
C GLU M 1350 86.15 151.16 7.27
N GLU M 1351 85.50 152.31 7.50
CA GLU M 1351 84.70 152.61 8.71
C GLU M 1351 83.95 151.40 9.26
N ALA M 1352 83.19 150.69 8.42
CA ALA M 1352 82.36 149.58 8.90
C ALA M 1352 83.20 148.32 9.07
N PHE M 1353 84.28 148.20 8.31
CA PHE M 1353 85.05 146.94 8.23
C PHE M 1353 85.51 146.49 9.61
N LEU M 1354 86.18 147.36 10.36
CA LEU M 1354 86.75 146.95 11.65
C LEU M 1354 85.66 146.72 12.69
N HIS M 1355 84.63 147.58 12.69
CA HIS M 1355 83.51 147.42 13.64
C HIS M 1355 82.86 146.06 13.45
N VAL M 1356 82.48 145.74 12.21
CA VAL M 1356 81.83 144.45 11.93
C VAL M 1356 82.82 143.31 12.18
N ALA M 1357 84.11 143.53 11.93
CA ALA M 1357 85.11 142.47 12.13
C ALA M 1357 85.22 142.11 13.62
N VAL M 1358 85.38 143.11 14.48
CA VAL M 1358 85.52 142.83 15.92
C VAL M 1358 84.22 142.24 16.47
N ASP M 1359 83.08 142.82 16.09
CA ASP M 1359 81.80 142.33 16.60
C ASP M 1359 81.56 140.90 16.11
N MET M 1360 82.02 140.59 14.90
CA MET M 1360 81.85 139.25 14.32
C MET M 1360 82.75 138.23 14.99
N TYR M 1361 83.99 138.62 15.32
CA TYR M 1361 84.87 137.75 16.11
C TYR M 1361 84.23 137.45 17.46
N LEU M 1362 83.66 138.47 18.09
CA LEU M 1362 82.95 138.28 19.37
C LEU M 1362 81.80 137.28 19.20
N LYS M 1363 80.93 137.51 18.21
CA LYS M 1363 79.79 136.61 17.97
C LYS M 1363 80.29 135.18 17.74
N LEU M 1364 81.33 135.01 16.93
CA LEU M 1364 81.78 133.67 16.53
C LEU M 1364 82.38 132.92 17.72
N VAL M 1365 83.23 133.59 18.51
CA VAL M 1365 83.80 132.93 19.69
C VAL M 1365 82.69 132.63 20.70
N GLN M 1366 81.60 133.41 20.68
CA GLN M 1366 80.42 133.06 21.50
C GLN M 1366 79.73 131.82 20.93
N LEU M 1367 79.63 131.71 19.61
CA LEU M 1367 78.94 130.56 18.99
C LEU M 1367 79.68 129.27 19.31
N PHE M 1368 81.01 129.28 19.24
CA PHE M 1368 81.80 128.06 19.45
C PHE M 1368 81.54 127.51 20.86
N VAL M 1369 81.29 128.39 21.82
CA VAL M 1369 80.95 127.98 23.20
C VAL M 1369 79.51 127.46 23.22
N ASN M 1391 88.63 123.04 11.41
CA ASN M 1391 88.15 124.17 10.60
C ASN M 1391 87.77 125.40 11.43
N PRO M 1392 86.90 125.27 12.46
CA PRO M 1392 86.48 126.47 13.20
C PRO M 1392 87.60 127.12 14.02
N VAL M 1393 88.48 126.33 14.62
CA VAL M 1393 89.56 126.90 15.46
C VAL M 1393 90.61 127.56 14.58
N GLU M 1394 90.93 126.96 13.43
CA GLU M 1394 91.81 127.63 12.45
C GLU M 1394 91.16 128.94 12.00
N LEU M 1395 89.84 128.93 11.82
CA LEU M 1395 89.10 130.15 11.51
C LEU M 1395 89.31 131.20 12.61
N ILE M 1396 89.23 130.77 13.88
CA ILE M 1396 89.45 131.69 15.01
C ILE M 1396 90.86 132.30 14.93
N THR M 1397 91.86 131.46 14.68
CA THR M 1397 93.26 131.94 14.65
C THR M 1397 93.46 132.94 13.51
N LYS M 1398 92.98 132.62 12.31
CA LYS M 1398 93.23 133.49 11.16
C LYS M 1398 92.43 134.78 11.28
N ALA M 1399 91.21 134.72 11.82
CA ALA M 1399 90.44 135.94 12.10
C ALA M 1399 91.16 136.80 13.13
N ARG M 1400 91.73 136.17 14.15
CA ARG M 1400 92.46 136.91 15.19
C ARG M 1400 93.66 137.63 14.58
N LEU M 1401 94.49 136.92 13.80
CA LEU M 1401 95.69 137.55 13.23
C LEU M 1401 95.30 138.64 12.22
N PHE M 1402 94.24 138.43 11.46
CA PHE M 1402 93.76 139.46 10.53
C PHE M 1402 93.35 140.72 11.30
N LEU M 1403 92.56 140.56 12.35
CA LEU M 1403 92.13 141.71 13.18
C LEU M 1403 93.34 142.39 13.79
N LEU M 1404 94.36 141.63 14.19
CA LEU M 1404 95.57 142.22 14.78
C LEU M 1404 96.38 143.02 13.76
N GLN M 1405 96.44 142.57 12.50
CA GLN M 1405 97.09 143.38 11.47
C GLN M 1405 96.26 144.62 11.18
N LEU M 1406 94.93 144.53 11.30
CA LEU M 1406 94.06 145.63 10.87
C LEU M 1406 94.07 146.77 11.89
N ILE M 1407 94.25 146.47 13.18
CA ILE M 1407 94.16 147.51 14.23
C ILE M 1407 95.15 148.65 13.98
N PRO M 1408 96.47 148.42 13.79
CA PRO M 1408 97.38 149.55 13.64
C PRO M 1408 97.16 150.37 12.37
N ARG M 1409 96.75 149.75 11.27
CA ARG M 1409 96.55 150.50 10.01
C ARG M 1409 95.28 151.33 10.06
N CYS M 1410 94.45 151.15 11.09
CA CYS M 1410 93.09 151.69 11.09
C CYS M 1410 93.11 153.21 11.23
N PRO M 1411 92.32 153.93 10.43
CA PRO M 1411 92.10 155.35 10.67
C PRO M 1411 91.28 155.58 11.94
N LYS M 1412 91.53 156.70 12.60
CA LYS M 1412 91.02 156.94 13.96
C LYS M 1412 89.49 157.00 13.99
N LYS M 1413 88.85 157.24 12.85
CA LYS M 1413 87.39 157.41 12.81
C LYS M 1413 86.66 156.10 13.13
N SER M 1414 87.21 154.95 12.74
CA SER M 1414 86.52 153.65 12.89
C SER M 1414 86.85 153.03 14.25
N PHE M 1415 86.73 153.83 15.30
CA PHE M 1415 87.02 153.38 16.67
C PHE M 1415 85.90 153.74 17.64
N SER M 1416 85.20 154.84 17.37
CA SER M 1416 84.21 155.45 18.29
C SER M 1416 83.27 154.41 18.90
N HIS M 1417 82.48 153.74 18.07
CA HIS M 1417 81.44 152.83 18.57
C HIS M 1417 82.00 151.48 18.98
N VAL M 1418 83.18 151.12 18.47
CA VAL M 1418 83.79 149.81 18.76
C VAL M 1418 83.93 149.63 20.27
N ALA M 1419 84.31 150.70 20.97
CA ALA M 1419 84.52 150.63 22.43
C ALA M 1419 83.25 150.15 23.14
N GLU M 1420 82.07 150.47 22.61
CA GLU M 1420 80.82 149.99 23.22
C GLU M 1420 80.72 148.47 23.11
N LEU M 1421 81.05 147.91 21.94
CA LEU M 1421 80.97 146.45 21.75
C LEU M 1421 81.81 145.74 22.80
N LEU M 1422 83.09 146.11 22.88
CA LEU M 1422 84.00 145.52 23.88
C LEU M 1422 83.41 145.63 25.28
N ALA M 1423 82.63 146.68 25.54
CA ALA M 1423 82.05 146.89 26.88
C ALA M 1423 81.04 145.80 27.22
N ASP M 1424 80.18 145.42 26.27
CA ASP M 1424 79.05 144.54 26.61
C ASP M 1424 79.50 143.08 26.66
N ARG M 1425 80.04 142.55 25.57
CA ARG M 1425 80.34 141.11 25.46
C ARG M 1425 81.82 140.82 25.32
N GLY M 1426 82.66 141.85 25.21
CA GLY M 1426 84.06 141.65 24.88
C GLY M 1426 84.87 141.05 26.02
N ASP M 1427 86.19 141.21 25.93
CA ASP M 1427 87.14 140.71 26.93
C ASP M 1427 87.12 139.18 26.97
N CYS M 1428 86.65 138.54 25.90
CA CYS M 1428 86.82 137.10 25.69
C CYS M 1428 88.18 136.80 25.06
N ASP M 1429 88.59 137.61 24.09
CA ASP M 1429 89.97 137.67 23.62
C ASP M 1429 90.59 138.94 24.20
N PRO M 1430 91.35 138.85 25.30
CA PRO M 1430 91.79 140.07 26.00
C PRO M 1430 92.85 140.86 25.23
N GLU M 1431 93.67 140.17 24.43
CA GLU M 1431 94.77 140.84 23.73
C GLU M 1431 94.24 141.76 22.64
N VAL M 1432 93.30 141.29 21.85
CA VAL M 1432 92.69 142.15 20.80
C VAL M 1432 91.94 143.29 21.47
N SER M 1433 91.36 143.03 22.65
CA SER M 1433 90.67 144.07 23.43
C SER M 1433 91.65 145.18 23.80
N ALA M 1434 92.80 144.80 24.36
CA ALA M 1434 93.80 145.78 24.78
C ALA M 1434 94.39 146.51 23.58
N ALA M 1435 94.61 145.81 22.46
CA ALA M 1435 95.13 146.44 21.24
C ALA M 1435 94.14 147.49 20.73
N LEU M 1436 92.86 147.13 20.65
CA LEU M 1436 91.82 148.09 20.24
C LEU M 1436 91.78 149.27 21.21
N GLN M 1437 91.83 149.02 22.51
CA GLN M 1437 91.72 150.10 23.50
C GLN M 1437 92.92 151.05 23.37
N SER M 1438 94.13 150.51 23.25
CA SER M 1438 95.33 151.35 23.10
C SER M 1438 95.27 152.16 21.81
N ARG M 1439 94.87 151.51 20.70
CA ARG M 1439 94.75 152.21 19.41
C ARG M 1439 93.63 153.24 19.46
N GLN M 1440 92.66 153.09 20.37
CA GLN M 1440 91.62 154.12 20.56
C GLN M 1440 92.16 155.29 21.38
N GLN M 1441 92.94 155.00 22.41
CA GLN M 1441 93.57 156.09 23.20
C GLN M 1441 94.55 156.86 22.32
N ALA M 1442 95.11 156.21 21.29
CA ALA M 1442 95.96 156.90 20.32
C ALA M 1442 95.16 157.94 19.53
N ALA M 1443 93.85 157.76 19.43
CA ALA M 1443 92.98 158.72 18.74
C ALA M 1443 92.79 159.98 19.60
N UNK N 1 61.06 96.42 28.76
CA UNK N 1 60.96 97.67 27.98
C UNK N 1 60.47 98.79 28.90
N UNK N 2 59.23 98.67 29.36
CA UNK N 2 58.62 99.66 30.26
C UNK N 2 58.91 99.27 31.72
N UNK N 3 60.20 99.23 32.04
CA UNK N 3 60.66 98.90 33.40
C UNK N 3 60.42 100.09 34.32
N UNK N 4 59.71 99.86 35.42
CA UNK N 4 59.37 100.92 36.37
C UNK N 4 60.50 101.14 37.37
N UNK N 5 60.34 102.16 38.20
CA UNK N 5 61.32 102.52 39.24
C UNK N 5 60.55 102.96 40.49
N UNK N 6 60.50 102.09 41.49
CA UNK N 6 59.79 102.39 42.74
C UNK N 6 60.49 103.52 43.48
N UNK N 7 59.70 104.41 44.07
CA UNK N 7 60.19 105.51 44.90
C UNK N 7 59.86 105.25 46.36
N UNK N 8 60.42 106.07 47.25
CA UNK N 8 60.25 105.94 48.71
C UNK N 8 60.56 104.50 49.16
N UNK N 9 61.82 104.10 48.98
CA UNK N 9 62.30 102.74 49.26
C UNK N 9 61.54 101.72 48.41
N GLU N 10 50.26 72.42 29.44
CA GLU N 10 49.89 71.27 30.29
C GLU N 10 48.77 71.65 31.25
N PRO N 11 47.60 71.01 31.13
CA PRO N 11 46.52 71.22 32.10
C PRO N 11 46.80 70.52 33.43
N THR N 12 47.19 71.28 34.45
CA THR N 12 47.41 70.71 35.79
C THR N 12 46.08 70.64 36.53
N GLU N 13 46.08 69.92 37.63
CA GLU N 13 44.87 69.65 38.42
C GLU N 13 44.97 70.35 39.77
N VAL N 14 43.83 70.84 40.25
CA VAL N 14 43.74 71.54 41.54
C VAL N 14 42.82 70.73 42.44
N PHE N 15 43.04 70.80 43.75
CA PHE N 15 42.47 69.85 44.72
C PHE N 15 41.86 70.56 45.92
N THR N 16 40.99 71.52 45.66
CA THR N 16 40.12 72.12 46.69
C THR N 16 38.94 71.16 46.93
N VAL N 17 37.86 71.69 47.52
CA VAL N 17 36.71 70.92 48.02
C VAL N 17 36.33 69.83 47.02
N GLY N 18 36.32 68.58 47.47
CA GLY N 18 36.01 67.44 46.62
C GLY N 18 36.73 67.53 45.29
N PRO N 19 38.07 67.39 45.30
CA PRO N 19 38.91 67.86 44.19
C PRO N 19 38.35 67.55 42.80
N LYS N 20 37.99 68.61 42.08
CA LYS N 20 37.32 68.49 40.77
C LYS N 20 38.33 68.61 39.63
N THR N 21 39.62 68.43 39.91
CA THR N 21 40.68 68.40 38.89
C THR N 21 40.58 69.63 37.98
N PHE N 22 40.71 70.81 38.59
CA PHE N 22 40.55 72.08 37.88
C PHE N 22 41.66 72.20 36.85
N SER N 23 41.30 72.04 35.58
CA SER N 23 42.23 72.17 34.46
C SER N 23 42.90 73.54 34.49
N TRP N 24 44.23 73.57 34.40
CA TRP N 24 44.98 74.82 34.48
C TRP N 24 46.29 74.68 33.73
N THR N 25 46.56 75.59 32.81
CA THR N 25 47.78 75.59 32.01
C THR N 25 48.63 76.80 32.37
N PRO N 26 49.95 76.63 32.51
CA PRO N 26 50.82 77.76 32.80
C PRO N 26 51.16 78.57 31.55
N PHE N 27 51.81 79.70 31.79
CA PHE N 27 52.27 80.59 30.72
C PHE N 27 53.76 80.37 30.52
N PRO N 28 54.26 80.29 29.28
CA PRO N 28 55.71 80.21 29.06
C PRO N 28 56.33 81.59 28.98
N PRO N 29 57.22 81.94 29.91
CA PRO N 29 58.03 83.15 29.75
C PRO N 29 59.34 82.85 29.01
N ASP N 30 60.15 83.88 28.79
CA ASP N 30 61.45 83.73 28.13
C ASP N 30 62.46 84.62 28.84
N LEU N 31 63.62 84.83 28.20
CA LEU N 31 64.67 85.70 28.72
C LEU N 31 64.61 87.07 28.03
N TRP N 32 64.77 88.12 28.82
CA TRP N 32 64.71 89.50 28.31
C TRP N 32 65.96 90.29 28.70
N UNK N 33 62.53 93.76 33.73
CA UNK N 33 62.65 93.08 35.03
C UNK N 33 63.69 93.78 35.92
N UNK N 34 63.63 95.12 35.99
CA UNK N 34 64.57 95.95 36.78
C UNK N 34 63.82 96.56 37.96
N UNK N 35 64.32 96.31 39.17
CA UNK N 35 63.75 96.82 40.42
C UNK N 35 64.59 98.00 40.90
N UNK N 36 64.30 99.19 40.38
CA UNK N 36 64.97 100.42 40.79
C UNK N 36 64.23 101.04 41.97
N UNK N 37 64.94 101.26 43.08
CA UNK N 37 64.40 101.84 44.30
C UNK N 37 65.00 103.24 44.50
N UNK N 38 64.47 103.96 45.49
CA UNK N 38 64.89 105.34 45.79
C UNK N 38 65.55 105.44 47.18
N UNK N 39 64.85 104.97 48.21
CA UNK N 39 65.29 105.09 49.62
C UNK N 39 65.48 103.70 50.25
N MET O 1 -84.51 -16.25 -123.85
CA MET O 1 -83.78 -16.39 -125.12
C MET O 1 -82.56 -17.29 -124.94
N ASP O 2 -82.04 -17.31 -123.71
CA ASP O 2 -80.85 -18.09 -123.30
C ASP O 2 -81.19 -19.54 -122.98
N GLN O 3 -82.31 -19.81 -122.30
CA GLN O 3 -82.59 -21.17 -121.79
C GLN O 3 -82.70 -22.18 -122.93
N LYS O 4 -83.28 -21.77 -124.07
CA LYS O 4 -83.32 -22.66 -125.25
C LYS O 4 -81.90 -22.99 -125.71
N ILE O 5 -80.97 -22.04 -125.61
CA ILE O 5 -79.59 -22.27 -126.05
C ILE O 5 -78.91 -23.22 -125.07
N LEU O 6 -79.20 -23.07 -123.78
CA LEU O 6 -78.72 -24.01 -122.74
C LEU O 6 -79.24 -25.42 -123.03
N SER O 7 -80.54 -25.56 -123.29
CA SER O 7 -81.17 -26.88 -123.50
C SER O 7 -80.66 -27.53 -124.78
N LEU O 8 -80.37 -26.74 -125.82
CA LEU O 8 -79.79 -27.29 -127.06
C LEU O 8 -78.32 -27.62 -126.83
N ALA O 9 -77.66 -26.93 -125.91
CA ALA O 9 -76.26 -27.17 -125.56
C ALA O 9 -76.09 -28.35 -124.59
N ALA O 10 -77.14 -28.72 -123.86
CA ALA O 10 -77.04 -29.71 -122.77
C ALA O 10 -76.61 -31.08 -123.31
N GLU O 11 -77.27 -31.58 -124.35
CA GLU O 11 -77.07 -32.98 -124.77
C GLU O 11 -75.89 -33.12 -125.74
N LYS O 12 -75.86 -32.41 -126.86
CA LYS O 12 -75.00 -32.83 -127.98
C LYS O 12 -74.54 -31.65 -128.84
N THR O 13 -73.52 -31.91 -129.66
CA THR O 13 -72.77 -30.90 -130.42
C THR O 13 -72.96 -30.99 -131.93
N ALA O 14 -72.87 -29.83 -132.58
CA ALA O 14 -72.70 -29.65 -134.03
C ALA O 14 -73.83 -30.31 -134.82
N ASP O 15 -75.00 -30.40 -134.20
CA ASP O 15 -76.17 -31.03 -134.82
C ASP O 15 -77.34 -30.06 -134.76
N LYS O 16 -77.59 -29.53 -133.56
CA LYS O 16 -78.70 -28.63 -133.22
C LYS O 16 -78.21 -27.21 -132.94
N LEU O 17 -77.10 -27.10 -132.22
CA LEU O 17 -76.54 -25.79 -131.84
C LEU O 17 -76.11 -25.01 -133.08
N GLN O 18 -75.49 -25.66 -134.05
CA GLN O 18 -75.17 -24.98 -135.31
C GLN O 18 -76.46 -24.44 -135.96
N GLU O 19 -77.50 -25.26 -136.02
CA GLU O 19 -78.73 -24.88 -136.72
C GLU O 19 -79.47 -23.77 -135.98
N PHE O 20 -79.46 -23.78 -134.64
CA PHE O 20 -79.98 -22.64 -133.87
C PHE O 20 -79.09 -21.42 -134.06
N LEU O 21 -77.77 -21.64 -134.20
CA LEU O 21 -76.82 -20.55 -134.40
C LEU O 21 -77.09 -19.84 -135.72
N GLN O 22 -77.68 -20.53 -136.69
CA GLN O 22 -78.10 -19.85 -137.93
C GLN O 22 -79.54 -19.33 -137.82
N THR O 23 -80.05 -19.08 -136.61
CA THR O 23 -81.36 -18.42 -136.49
C THR O 23 -81.04 -16.99 -136.08
N LEU O 24 -80.48 -16.84 -134.89
CA LEU O 24 -80.14 -15.52 -134.32
C LEU O 24 -78.88 -15.08 -135.06
N ARG O 25 -79.04 -14.28 -136.11
CA ARG O 25 -77.84 -13.91 -136.89
C ARG O 25 -77.15 -12.66 -136.37
N GLU O 26 -77.86 -11.75 -135.71
CA GLU O 26 -77.34 -10.40 -135.50
C GLU O 26 -77.63 -9.91 -134.09
N GLY O 27 -76.91 -8.84 -133.74
CA GLY O 27 -76.76 -8.38 -132.36
C GLY O 27 -76.37 -9.48 -131.39
N ASP O 28 -75.08 -9.82 -131.35
CA ASP O 28 -74.51 -10.43 -130.14
C ASP O 28 -74.31 -9.34 -129.09
N LEU O 29 -74.23 -8.08 -129.51
CA LEU O 29 -73.95 -6.91 -128.65
C LEU O 29 -75.04 -6.72 -127.59
N THR O 30 -76.28 -6.48 -128.05
CA THR O 30 -77.42 -6.30 -127.12
C THR O 30 -77.54 -7.47 -126.17
N ASN O 31 -77.33 -8.69 -126.66
CA ASN O 31 -77.42 -9.90 -125.82
C ASN O 31 -76.45 -9.78 -124.64
N LEU O 32 -75.17 -9.54 -124.93
CA LEU O 32 -74.14 -9.50 -123.86
C LEU O 32 -74.29 -8.24 -123.01
N LEU O 33 -74.82 -7.15 -123.58
CA LEU O 33 -75.01 -5.92 -122.80
C LEU O 33 -76.11 -6.13 -121.75
N GLN O 34 -77.28 -6.66 -122.15
CA GLN O 34 -78.32 -6.96 -121.17
C GLN O 34 -77.85 -8.06 -120.22
N ASN O 35 -76.99 -8.96 -120.72
CA ASN O 35 -76.51 -10.09 -119.91
C ASN O 35 -75.61 -9.57 -118.79
N GLN O 36 -74.67 -8.68 -119.11
CA GLN O 36 -73.80 -8.04 -118.11
C GLN O 36 -74.63 -7.11 -117.22
N ALA O 37 -75.71 -6.55 -117.74
CA ALA O 37 -76.62 -5.75 -116.91
C ALA O 37 -77.25 -6.64 -115.83
N VAL O 38 -77.56 -7.89 -116.18
CA VAL O 38 -78.25 -8.80 -115.26
C VAL O 38 -77.19 -9.64 -114.53
N LYS O 39 -76.39 -10.41 -115.26
CA LYS O 39 -75.50 -11.41 -114.68
C LYS O 39 -74.49 -11.93 -115.70
N GLY O 40 -73.20 -11.87 -115.35
CA GLY O 40 -72.13 -12.26 -116.25
C GLY O 40 -72.01 -13.76 -116.45
N LYS O 41 -72.41 -14.55 -115.45
CA LYS O 41 -72.26 -16.01 -115.55
C LYS O 41 -73.18 -16.57 -116.62
N VAL O 42 -74.34 -15.95 -116.83
CA VAL O 42 -75.22 -16.33 -117.95
C VAL O 42 -74.47 -16.09 -119.25
N ALA O 43 -73.74 -14.97 -119.33
CA ALA O 43 -72.97 -14.63 -120.54
C ALA O 43 -71.86 -15.66 -120.76
N GLY O 44 -71.17 -16.06 -119.70
CA GLY O 44 -70.17 -17.13 -119.81
C GLY O 44 -70.78 -18.43 -120.33
N ALA O 45 -71.96 -18.78 -119.80
CA ALA O 45 -72.67 -19.99 -120.23
C ALA O 45 -72.96 -19.91 -121.72
N LEU O 46 -73.50 -18.77 -122.16
CA LEU O 46 -73.80 -18.54 -123.57
C LEU O 46 -72.54 -18.61 -124.41
N LEU O 47 -71.44 -18.06 -123.90
CA LEU O 47 -70.17 -18.03 -124.65
C LEU O 47 -69.67 -19.47 -124.86
N ARG O 48 -69.70 -20.28 -123.81
CA ARG O 48 -69.33 -21.71 -123.92
C ARG O 48 -70.25 -22.39 -124.94
N ALA O 49 -71.54 -22.13 -124.85
CA ALA O 49 -72.51 -22.77 -125.75
C ALA O 49 -72.17 -22.41 -127.20
N ILE O 50 -71.92 -21.13 -127.47
CA ILE O 50 -71.63 -20.68 -128.84
C ILE O 50 -70.32 -21.31 -129.31
N PHE O 51 -69.28 -21.28 -128.49
CA PHE O 51 -67.94 -21.72 -128.94
C PHE O 51 -67.89 -23.23 -129.14
N LYS O 52 -68.66 -23.99 -128.36
CA LYS O 52 -68.77 -25.43 -128.65
C LYS O 52 -69.68 -25.65 -129.86
N GLY O 53 -70.75 -24.85 -129.97
CA GLY O 53 -71.72 -24.95 -131.06
C GLY O 53 -71.21 -24.39 -132.37
N SER O 54 -70.23 -23.49 -132.34
CA SER O 54 -69.57 -22.94 -133.53
C SER O 54 -68.12 -23.40 -133.58
N PRO O 55 -67.86 -24.67 -133.97
CA PRO O 55 -66.48 -25.12 -134.13
C PRO O 55 -65.80 -24.42 -135.30
N CYS O 56 -64.49 -24.53 -135.34
CA CYS O 56 -63.64 -23.78 -136.29
C CYS O 56 -63.14 -24.67 -137.42
N SER O 57 -63.64 -25.90 -137.52
CA SER O 57 -63.57 -26.68 -138.76
C SER O 57 -64.45 -26.00 -139.82
N GLU O 58 -65.71 -25.74 -139.46
CA GLU O 58 -66.62 -24.94 -140.29
C GLU O 58 -66.27 -23.46 -140.16
N GLU O 59 -66.68 -22.68 -141.16
CA GLU O 59 -66.24 -21.27 -141.33
C GLU O 59 -67.34 -20.27 -140.98
N ALA O 60 -68.60 -20.70 -140.90
CA ALA O 60 -69.71 -19.80 -140.52
C ALA O 60 -69.55 -19.36 -139.06
N GLY O 61 -69.22 -20.30 -138.19
CA GLY O 61 -69.01 -20.00 -136.77
C GLY O 61 -67.91 -18.96 -136.56
N THR O 62 -66.88 -18.99 -137.41
CA THR O 62 -65.70 -18.14 -137.24
C THR O 62 -66.09 -16.66 -137.23
N LEU O 63 -67.06 -16.26 -138.06
CA LEU O 63 -67.39 -14.83 -138.17
C LEU O 63 -68.24 -14.40 -136.96
N ARG O 64 -69.11 -15.29 -136.48
CA ARG O 64 -69.83 -15.03 -135.22
C ARG O 64 -68.83 -14.89 -134.07
N ARG O 65 -67.83 -15.77 -134.04
CA ARG O 65 -66.77 -15.69 -133.03
C ARG O 65 -66.02 -14.38 -133.14
N ARG O 66 -65.69 -13.96 -134.36
CA ARG O 66 -64.99 -12.69 -134.58
C ARG O 66 -65.83 -11.52 -134.05
N LYS O 67 -67.12 -11.49 -134.38
CA LYS O 67 -67.98 -10.36 -133.99
C LYS O 67 -68.16 -10.33 -132.48
N ILE O 68 -68.36 -11.50 -131.87
CA ILE O 68 -68.47 -11.57 -130.41
C ILE O 68 -67.13 -11.21 -129.78
N TYR O 69 -66.00 -11.48 -130.46
CA TYR O 69 -64.68 -11.07 -129.97
C TYR O 69 -64.61 -9.54 -129.88
N THR O 70 -64.97 -8.87 -130.97
CA THR O 70 -64.93 -7.40 -130.99
C THR O 70 -65.87 -6.86 -129.91
N CYS O 71 -67.07 -7.43 -129.81
CA CYS O 71 -68.08 -7.05 -128.81
C CYS O 71 -67.50 -7.17 -127.40
N CYS O 72 -66.99 -8.34 -127.03
CA CYS O 72 -66.56 -8.56 -125.64
C CYS O 72 -65.30 -7.75 -125.34
N ILE O 73 -64.38 -7.63 -126.29
CA ILE O 73 -63.17 -6.79 -126.10
C ILE O 73 -63.58 -5.36 -125.79
N GLN O 74 -64.52 -4.80 -126.55
CA GLN O 74 -64.90 -3.40 -126.27
C GLN O 74 -65.68 -3.33 -124.94
N LEU O 75 -66.57 -4.28 -124.66
CA LEU O 75 -67.44 -4.18 -123.47
C LEU O 75 -66.66 -4.42 -122.17
N VAL O 76 -65.58 -5.22 -122.20
CA VAL O 76 -64.84 -5.52 -120.96
C VAL O 76 -64.18 -4.24 -120.44
N GLU O 77 -63.84 -3.32 -121.34
CA GLU O 77 -63.22 -2.04 -120.97
C GLU O 77 -64.30 -0.98 -120.85
N SER O 78 -65.01 -0.71 -121.94
CA SER O 78 -65.96 0.42 -121.99
C SER O 78 -67.16 0.15 -121.09
N GLY O 79 -67.75 -1.04 -121.22
CA GLY O 79 -68.81 -1.51 -120.33
C GLY O 79 -68.26 -1.84 -118.96
N ASP O 80 -68.65 -1.10 -117.94
CA ASP O 80 -68.14 -1.34 -116.58
C ASP O 80 -68.92 -2.51 -115.96
N LEU O 81 -68.32 -3.69 -116.03
CA LEU O 81 -68.88 -4.94 -115.50
C LEU O 81 -68.44 -5.10 -114.05
N GLN O 82 -68.70 -6.28 -113.49
CA GLN O 82 -68.09 -6.71 -112.23
C GLN O 82 -66.78 -7.45 -112.53
N LYS O 83 -65.87 -7.45 -111.55
CA LYS O 83 -64.50 -7.94 -111.80
C LYS O 83 -64.49 -9.40 -112.22
N GLU O 84 -65.31 -10.23 -111.57
CA GLU O 84 -65.23 -11.70 -111.68
C GLU O 84 -65.68 -12.14 -113.07
N ILE O 85 -66.79 -11.58 -113.53
CA ILE O 85 -67.32 -11.87 -114.87
C ILE O 85 -66.34 -11.37 -115.93
N VAL O 86 -65.71 -10.23 -115.66
CA VAL O 86 -64.63 -9.72 -116.54
C VAL O 86 -63.57 -10.80 -116.69
N SER O 87 -63.12 -11.33 -115.55
CA SER O 87 -62.07 -12.35 -115.52
C SER O 87 -62.53 -13.60 -116.29
N GLU O 88 -63.79 -14.00 -116.11
CA GLU O 88 -64.29 -15.22 -116.77
C GLU O 88 -64.34 -15.00 -118.29
N ILE O 89 -64.79 -13.82 -118.70
CA ILE O 89 -64.83 -13.43 -120.13
C ILE O 89 -63.44 -13.64 -120.69
N ILE O 90 -62.45 -13.00 -120.06
CA ILE O 90 -61.11 -12.98 -120.64
C ILE O 90 -60.52 -14.39 -120.62
N GLY O 91 -60.74 -15.14 -119.55
CA GLY O 91 -60.28 -16.54 -119.49
C GLY O 91 -60.83 -17.35 -120.63
N LEU O 92 -62.12 -17.19 -120.86
CA LEU O 92 -62.79 -17.91 -121.96
C LEU O 92 -62.20 -17.53 -123.31
N LEU O 93 -62.14 -16.24 -123.61
CA LEU O 93 -61.66 -15.80 -124.93
C LEU O 93 -60.24 -16.29 -125.14
N MET O 94 -59.38 -16.08 -124.14
CA MET O 94 -58.01 -16.58 -124.15
C MET O 94 -58.02 -18.07 -124.50
N LEU O 95 -58.89 -18.85 -123.86
CA LEU O 95 -58.89 -20.30 -124.07
C LEU O 95 -59.27 -20.64 -125.50
N GLU O 96 -60.41 -20.14 -125.96
CA GLU O 96 -60.92 -20.52 -127.29
C GLU O 96 -60.22 -19.78 -128.43
N ALA O 97 -59.28 -18.87 -128.14
CA ALA O 97 -58.56 -18.11 -129.16
C ALA O 97 -57.53 -18.97 -129.89
N HIS O 98 -57.44 -20.26 -129.56
CA HIS O 98 -56.50 -21.17 -130.23
C HIS O 98 -57.02 -21.59 -131.60
N HIS O 99 -58.29 -22.00 -131.67
CA HIS O 99 -58.86 -22.64 -132.87
C HIS O 99 -59.18 -21.58 -133.91
N PHE O 100 -58.25 -21.38 -134.85
CA PHE O 100 -58.35 -20.29 -135.83
C PHE O 100 -57.34 -20.53 -136.93
N PRO O 101 -57.53 -19.91 -138.11
CA PRO O 101 -56.42 -19.66 -139.03
C PRO O 101 -55.63 -18.41 -138.67
N GLY O 102 -54.59 -18.15 -139.45
CA GLY O 102 -53.73 -16.99 -139.24
C GLY O 102 -54.45 -15.66 -139.36
N PRO O 103 -55.04 -15.35 -140.53
CA PRO O 103 -55.47 -13.96 -140.79
C PRO O 103 -56.52 -13.43 -139.82
N LEU O 104 -57.36 -14.30 -139.24
CA LEU O 104 -58.35 -13.84 -138.25
C LEU O 104 -57.64 -13.34 -136.99
N LEU O 105 -56.65 -14.10 -136.52
CA LEU O 105 -55.86 -13.66 -135.36
C LEU O 105 -55.01 -12.43 -135.74
N VAL O 106 -54.56 -12.37 -136.99
CA VAL O 106 -53.78 -11.22 -137.47
C VAL O 106 -54.65 -9.95 -137.40
N GLU O 107 -55.90 -10.04 -137.84
CA GLU O 107 -56.79 -8.88 -137.79
C GLU O 107 -57.19 -8.56 -136.35
N LEU O 108 -57.25 -9.57 -135.46
CA LEU O 108 -57.49 -9.28 -134.03
C LEU O 108 -56.32 -8.49 -133.44
N ALA O 109 -55.09 -8.87 -133.76
CA ALA O 109 -53.90 -8.14 -133.29
C ALA O 109 -53.83 -6.74 -133.92
N ASN O 110 -54.24 -6.61 -135.18
CA ASN O 110 -54.30 -5.28 -135.82
C ASN O 110 -55.36 -4.42 -135.13
N GLU O 111 -56.50 -5.01 -134.75
CA GLU O 111 -57.53 -4.31 -133.97
C GLU O 111 -56.95 -3.80 -132.66
N PHE O 112 -56.22 -4.67 -131.97
CA PHE O 112 -55.60 -4.30 -130.69
C PHE O 112 -54.59 -3.17 -130.86
N ILE O 113 -53.70 -3.27 -131.84
CA ILE O 113 -52.70 -2.20 -132.08
C ILE O 113 -53.42 -0.89 -132.38
N SER O 114 -54.36 -0.91 -133.33
CA SER O 114 -55.06 0.31 -133.78
C SER O 114 -55.92 0.88 -132.64
N ALA O 115 -56.41 0.03 -131.74
CA ALA O 115 -57.14 0.51 -130.56
C ALA O 115 -56.16 1.18 -129.60
N VAL O 116 -55.10 0.47 -129.21
CA VAL O 116 -54.24 0.93 -128.11
C VAL O 116 -53.49 2.19 -128.51
N ARG O 117 -53.22 2.35 -129.81
CA ARG O 117 -52.53 3.54 -130.30
C ARG O 117 -53.42 4.77 -130.06
N GLU O 118 -54.57 4.80 -130.73
CA GLU O 118 -55.44 5.99 -130.73
C GLU O 118 -56.65 5.80 -129.81
N GLY O 119 -57.43 4.73 -130.00
CA GLY O 119 -58.60 4.46 -129.14
C GLY O 119 -58.16 4.49 -127.69
N SER O 120 -58.59 5.49 -126.94
CA SER O 120 -58.29 5.45 -125.51
C SER O 120 -58.89 4.20 -124.85
N LEU O 121 -58.06 3.18 -124.71
CA LEU O 121 -58.49 1.92 -124.07
C LEU O 121 -58.66 2.17 -122.58
N VAL O 122 -59.92 2.31 -122.16
CA VAL O 122 -60.25 3.03 -120.92
C VAL O 122 -59.55 2.36 -119.73
N ASN O 123 -59.48 1.03 -119.74
CA ASN O 123 -58.74 0.27 -118.72
C ASN O 123 -57.53 -0.44 -119.32
N GLY O 124 -57.73 -1.29 -120.32
CA GLY O 124 -56.63 -2.05 -120.93
C GLY O 124 -56.50 -3.50 -120.52
N LYS O 125 -57.55 -4.12 -119.98
CA LYS O 125 -57.44 -5.53 -119.61
C LYS O 125 -57.51 -6.44 -120.83
N SER O 126 -58.06 -5.93 -121.94
CA SER O 126 -58.19 -6.69 -123.20
C SER O 126 -56.83 -7.01 -123.82
N LEU O 127 -55.80 -6.22 -123.50
CA LEU O 127 -54.49 -6.42 -124.12
C LEU O 127 -53.87 -7.75 -123.68
N GLU O 128 -54.40 -8.34 -122.63
CA GLU O 128 -54.01 -9.70 -122.20
C GLU O 128 -54.30 -10.74 -123.27
N LEU O 129 -55.27 -10.49 -124.15
CA LEU O 129 -55.50 -11.38 -125.30
C LEU O 129 -54.32 -11.32 -126.27
N LEU O 130 -53.73 -10.14 -126.43
CA LEU O 130 -52.72 -9.89 -127.48
C LEU O 130 -51.61 -10.94 -127.50
N PRO O 131 -50.91 -11.25 -126.39
CA PRO O 131 -49.79 -12.20 -126.48
C PRO O 131 -50.23 -13.57 -126.97
N ILE O 132 -51.36 -14.05 -126.49
CA ILE O 132 -51.80 -15.42 -126.79
C ILE O 132 -52.00 -15.51 -128.30
N ILE O 133 -52.59 -14.47 -128.87
CA ILE O 133 -52.78 -14.41 -130.32
C ILE O 133 -51.41 -14.58 -130.99
N LEU O 134 -50.44 -13.76 -130.58
CA LEU O 134 -49.11 -13.84 -131.21
C LEU O 134 -48.51 -15.21 -130.90
N THR O 135 -48.77 -15.72 -129.70
CA THR O 135 -48.37 -17.09 -129.35
C THR O 135 -48.91 -18.05 -130.38
N ALA O 136 -50.20 -17.95 -130.68
CA ALA O 136 -50.84 -18.83 -131.67
C ALA O 136 -50.16 -18.63 -133.02
N LEU O 137 -49.85 -17.38 -133.36
CA LEU O 137 -49.19 -17.11 -134.64
C LEU O 137 -47.80 -17.74 -134.65
N ALA O 138 -47.14 -17.77 -133.50
CA ALA O 138 -45.83 -18.45 -133.43
C ALA O 138 -45.99 -19.94 -133.73
N THR O 139 -47.09 -20.54 -133.27
CA THR O 139 -47.28 -22.01 -133.37
C THR O 139 -48.18 -22.42 -134.53
N LYS O 140 -48.87 -21.47 -135.19
CA LYS O 140 -49.79 -21.81 -136.30
C LYS O 140 -48.97 -22.07 -137.56
N LYS O 141 -48.72 -23.35 -137.84
CA LYS O 141 -48.00 -23.79 -139.04
C LYS O 141 -48.95 -23.96 -140.23
N GLU O 142 -50.19 -23.50 -140.10
CA GLU O 142 -51.01 -23.15 -141.27
C GLU O 142 -50.42 -21.89 -141.89
N ASN O 143 -49.90 -22.02 -143.10
CA ASN O 143 -49.18 -20.93 -143.77
C ASN O 143 -50.16 -19.81 -144.13
N LEU O 144 -49.71 -18.57 -143.93
CA LEU O 144 -50.45 -17.37 -144.31
C LEU O 144 -49.85 -16.77 -145.58
N ALA O 145 -50.49 -15.71 -146.07
CA ALA O 145 -49.98 -14.97 -147.23
C ALA O 145 -50.26 -13.49 -147.04
N TYR O 146 -49.21 -12.68 -146.98
CA TYR O 146 -49.29 -11.23 -146.76
C TYR O 146 -48.12 -10.51 -147.43
N LEU O 151 -45.75 -16.39 -146.01
CA LEU O 151 -45.02 -15.96 -144.80
C LEU O 151 -45.30 -16.92 -143.66
N SER O 152 -44.41 -17.00 -142.69
CA SER O 152 -44.68 -17.77 -141.46
C SER O 152 -45.47 -16.92 -140.47
N GLY O 153 -46.19 -17.59 -139.58
CA GLY O 153 -46.89 -16.88 -138.51
C GLY O 153 -45.95 -16.07 -137.63
N GLU O 154 -44.77 -16.62 -137.34
CA GLU O 154 -43.73 -15.89 -136.58
C GLU O 154 -43.30 -14.61 -137.31
N GLU O 155 -43.19 -14.62 -138.64
CA GLU O 155 -42.80 -13.39 -139.35
C GLU O 155 -43.92 -12.34 -139.29
N CYS O 156 -45.18 -12.76 -139.37
CA CYS O 156 -46.31 -11.86 -139.10
C CYS O 156 -46.21 -11.29 -137.68
N LYS O 157 -45.82 -12.12 -136.72
CA LYS O 157 -45.63 -11.68 -135.33
C LYS O 157 -44.51 -10.62 -135.27
N LYS O 158 -43.41 -10.86 -135.98
CA LYS O 158 -42.31 -9.89 -136.06
C LYS O 158 -42.85 -8.55 -136.56
N GLN O 159 -43.52 -8.59 -137.70
CA GLN O 159 -44.05 -7.36 -138.32
C GLN O 159 -44.98 -6.65 -137.33
N LEU O 160 -45.93 -7.38 -136.75
CA LEU O 160 -46.98 -6.81 -135.90
C LEU O 160 -46.35 -6.17 -134.66
N ILE O 161 -45.42 -6.85 -134.02
CA ILE O 161 -44.82 -6.31 -132.78
C ILE O 161 -43.96 -5.11 -133.14
N ASN O 162 -43.27 -5.16 -134.30
CA ASN O 162 -42.43 -4.02 -134.73
C ASN O 162 -43.32 -2.81 -134.97
N THR O 163 -44.49 -3.03 -135.58
CA THR O 163 -45.46 -1.94 -135.85
C THR O 163 -46.03 -1.42 -134.53
N LEU O 164 -46.22 -2.31 -133.55
CA LEU O 164 -46.73 -1.93 -132.22
C LEU O 164 -45.72 -1.02 -131.52
N CYS O 165 -44.47 -1.45 -131.45
CA CYS O 165 -43.46 -0.75 -130.64
C CYS O 165 -43.03 0.54 -131.34
N SER O 166 -42.97 0.54 -132.67
CA SER O 166 -42.68 1.77 -133.44
C SER O 166 -43.83 2.76 -133.33
N GLY O 167 -45.08 2.28 -133.36
CA GLY O 167 -46.26 3.10 -133.13
C GLY O 167 -46.29 3.66 -131.73
N ARG O 168 -47.09 4.70 -131.54
CA ARG O 168 -47.13 5.41 -130.25
C ARG O 168 -47.74 4.52 -129.18
N TRP O 169 -47.15 4.55 -127.98
CA TRP O 169 -47.74 4.00 -126.77
C TRP O 169 -48.27 5.16 -125.95
N ASP O 170 -49.46 4.99 -125.38
CA ASP O 170 -49.98 5.97 -124.44
C ASP O 170 -49.13 5.99 -123.18
N GLN O 171 -49.08 7.14 -122.53
CA GLN O 171 -48.21 7.30 -121.35
C GLN O 171 -48.66 6.38 -120.20
N GLN O 172 -49.96 6.21 -120.02
CA GLN O 172 -50.50 5.50 -118.85
C GLN O 172 -50.49 3.98 -119.04
N TYR O 173 -50.33 3.52 -120.27
CA TYR O 173 -50.44 2.09 -120.61
C TYR O 173 -49.17 1.64 -121.32
N VAL O 174 -48.02 1.95 -120.72
CA VAL O 174 -46.74 1.32 -121.07
C VAL O 174 -46.44 0.25 -120.02
N ILE O 175 -46.92 0.44 -118.79
CA ILE O 175 -46.75 -0.59 -117.76
C ILE O 175 -47.44 -1.87 -118.23
N GLN O 176 -48.71 -1.74 -118.61
CA GLN O 176 -49.52 -2.90 -119.00
C GLN O 176 -48.94 -3.52 -120.28
N LEU O 177 -48.62 -2.67 -121.26
CA LEU O 177 -48.05 -3.13 -122.54
C LEU O 177 -46.79 -3.97 -122.30
N THR O 178 -45.97 -3.53 -121.35
CA THR O 178 -44.68 -4.17 -121.05
C THR O 178 -44.92 -5.44 -120.27
N SER O 179 -45.80 -5.38 -119.27
CA SER O 179 -46.13 -6.52 -118.41
C SER O 179 -46.71 -7.64 -119.26
N MET O 180 -47.32 -7.29 -120.36
CA MET O 180 -47.79 -8.32 -121.29
C MET O 180 -46.59 -9.02 -121.89
N PHE O 181 -45.55 -8.29 -122.28
CA PHE O 181 -44.41 -8.90 -122.96
C PHE O 181 -43.52 -9.76 -122.06
N LYS O 182 -43.71 -9.74 -120.72
CA LYS O 182 -43.06 -10.76 -119.85
C LYS O 182 -43.22 -12.19 -120.38
N ASP O 183 -44.29 -12.49 -121.11
CA ASP O 183 -44.62 -13.88 -121.46
C ASP O 183 -44.38 -14.24 -122.91
N VAL O 184 -44.44 -13.27 -123.81
CA VAL O 184 -44.31 -13.60 -125.24
C VAL O 184 -42.91 -14.16 -125.48
N PRO O 185 -42.78 -15.28 -126.21
CA PRO O 185 -41.44 -15.79 -126.55
C PRO O 185 -40.72 -14.88 -127.54
N LEU O 186 -39.87 -14.03 -126.99
CA LEU O 186 -39.14 -13.02 -127.78
C LEU O 186 -37.74 -13.54 -128.09
N THR O 187 -37.27 -13.21 -129.28
CA THR O 187 -35.85 -13.31 -129.63
C THR O 187 -35.11 -12.07 -129.16
N ALA O 188 -33.84 -11.95 -129.57
CA ALA O 188 -33.01 -10.79 -129.18
C ALA O 188 -33.61 -9.51 -129.75
N GLU O 189 -33.90 -9.50 -131.05
CA GLU O 189 -34.22 -8.24 -131.73
C GLU O 189 -35.57 -7.70 -131.23
N GLU O 190 -36.52 -8.61 -131.06
CA GLU O 190 -37.86 -8.27 -130.55
C GLU O 190 -37.73 -7.54 -129.21
N VAL O 191 -37.05 -8.18 -128.26
CA VAL O 191 -36.95 -7.62 -126.91
C VAL O 191 -36.11 -6.34 -126.96
N GLU O 192 -35.15 -6.27 -127.89
CA GLU O 192 -34.36 -5.03 -128.09
C GLU O 192 -35.26 -3.87 -128.49
N PHE O 193 -36.17 -4.09 -129.43
CA PHE O 193 -37.13 -3.05 -129.82
C PHE O 193 -38.02 -2.70 -128.64
N VAL O 194 -38.44 -3.72 -127.89
CA VAL O 194 -39.33 -3.55 -126.72
C VAL O 194 -38.68 -2.57 -125.77
N VAL O 195 -37.45 -2.88 -125.39
CA VAL O 195 -36.78 -2.07 -124.37
C VAL O 195 -36.39 -0.71 -124.95
N GLU O 196 -36.06 -0.66 -126.24
CA GLU O 196 -35.76 0.64 -126.87
C GLU O 196 -36.93 1.59 -126.70
N LYS O 197 -38.13 1.12 -127.04
CA LYS O 197 -39.35 1.93 -126.86
C LYS O 197 -39.58 2.24 -125.39
N ALA O 198 -39.51 1.22 -124.53
CA ALA O 198 -39.85 1.39 -123.11
C ALA O 198 -38.91 2.39 -122.45
N LEU O 199 -37.64 2.38 -122.83
CA LEU O 199 -36.66 3.34 -122.32
C LEU O 199 -36.96 4.72 -122.91
N SER O 200 -37.24 4.76 -124.21
CA SER O 200 -37.66 5.99 -124.88
C SER O 200 -38.75 6.68 -124.05
N MET O 201 -39.65 5.89 -123.46
CA MET O 201 -40.87 6.44 -122.86
C MET O 201 -40.59 7.23 -121.58
N PHE O 202 -39.51 6.91 -120.86
CA PHE O 202 -39.31 7.39 -119.48
C PHE O 202 -39.57 8.89 -119.37
N SER O 203 -39.01 9.61 -120.33
CA SER O 203 -38.97 11.08 -120.29
C SER O 203 -40.38 11.67 -120.32
N LYS O 204 -41.35 10.91 -120.82
CA LYS O 204 -42.72 11.40 -121.09
C LYS O 204 -43.69 10.85 -120.08
N MET O 205 -43.23 10.74 -118.85
CA MET O 205 -43.99 10.09 -117.78
C MET O 205 -43.79 10.90 -116.51
N ASN O 206 -44.77 10.80 -115.62
CA ASN O 206 -44.59 11.23 -114.23
C ASN O 206 -43.41 10.46 -113.62
N LEU O 207 -42.69 11.11 -112.71
CA LEU O 207 -41.62 10.41 -112.01
C LEU O 207 -42.13 9.24 -111.17
N GLN O 208 -43.28 9.37 -110.52
CA GLN O 208 -43.76 8.30 -109.62
C GLN O 208 -44.20 7.06 -110.41
N GLU O 209 -44.29 7.16 -111.74
CA GLU O 209 -44.61 6.01 -112.60
C GLU O 209 -43.37 5.50 -113.32
N ILE O 210 -42.17 5.86 -112.85
CA ILE O 210 -40.94 5.26 -113.38
C ILE O 210 -40.53 4.04 -112.57
N PRO O 211 -40.57 4.03 -111.22
CA PRO O 211 -40.02 2.88 -110.47
C PRO O 211 -40.61 1.55 -110.90
N PRO O 212 -41.94 1.38 -110.94
CA PRO O 212 -42.45 0.06 -111.32
C PRO O 212 -42.12 -0.29 -112.77
N LEU O 213 -42.10 0.70 -113.67
CA LEU O 213 -41.77 0.41 -115.08
C LEU O 213 -40.40 -0.24 -115.16
N VAL O 214 -39.46 0.34 -114.42
CA VAL O 214 -38.08 -0.17 -114.47
C VAL O 214 -38.12 -1.60 -113.96
N TYR O 215 -38.91 -1.82 -112.91
CA TYR O 215 -39.02 -3.14 -112.29
C TYR O 215 -39.37 -4.15 -113.36
N GLN O 216 -40.42 -3.85 -114.12
CA GLN O 216 -40.89 -4.80 -115.13
C GLN O 216 -39.86 -4.92 -116.25
N LEU O 217 -39.18 -3.83 -116.56
CA LEU O 217 -38.11 -3.91 -117.55
C LEU O 217 -37.07 -4.94 -117.16
N LEU O 218 -36.71 -5.00 -115.89
CA LEU O 218 -35.54 -5.80 -115.51
C LEU O 218 -35.92 -7.26 -115.43
N VAL O 219 -37.13 -7.54 -114.95
CA VAL O 219 -37.58 -8.94 -114.95
C VAL O 219 -37.74 -9.36 -116.42
N LEU O 220 -37.93 -8.39 -117.32
CA LEU O 220 -37.92 -8.68 -118.75
C LEU O 220 -36.49 -8.78 -119.28
N SER O 221 -35.60 -7.96 -118.73
CA SER O 221 -34.20 -7.91 -119.21
C SER O 221 -33.56 -9.27 -119.10
N SER O 222 -33.95 -10.01 -118.06
CA SER O 222 -33.46 -11.36 -117.79
C SER O 222 -33.60 -12.28 -119.01
N LYS O 223 -34.44 -11.93 -119.99
CA LYS O 223 -34.48 -12.70 -121.23
C LYS O 223 -33.22 -12.50 -122.06
N GLY O 224 -32.97 -11.26 -122.49
CA GLY O 224 -31.85 -11.03 -123.41
C GLY O 224 -30.94 -9.90 -122.99
N SER O 225 -31.52 -8.77 -122.62
CA SER O 225 -31.01 -7.43 -122.97
C SER O 225 -30.63 -6.66 -121.73
N ARG O 226 -29.49 -6.97 -121.15
CA ARG O 226 -29.15 -6.42 -119.84
C ARG O 226 -28.28 -5.18 -120.03
N LYS O 227 -27.20 -5.33 -120.78
CA LYS O 227 -26.29 -4.21 -121.03
C LYS O 227 -27.08 -2.99 -121.46
N SER O 228 -27.95 -3.18 -122.45
CA SER O 228 -28.76 -2.10 -123.01
C SER O 228 -29.59 -1.44 -121.90
N VAL O 229 -30.29 -2.24 -121.10
CA VAL O 229 -31.21 -1.71 -120.08
C VAL O 229 -30.44 -0.89 -119.06
N LEU O 230 -29.32 -1.41 -118.60
CA LEU O 230 -28.60 -0.71 -117.54
C LEU O 230 -27.95 0.56 -118.08
N GLU O 231 -27.22 0.47 -119.19
CA GLU O 231 -26.67 1.67 -119.85
C GLU O 231 -27.77 2.72 -119.96
N GLY O 232 -28.98 2.30 -120.34
CA GLY O 232 -30.13 3.18 -120.44
C GLY O 232 -30.49 3.88 -119.14
N ILE O 233 -30.65 3.10 -118.07
CA ILE O 233 -31.12 3.68 -116.80
C ILE O 233 -30.04 4.62 -116.26
N ILE O 234 -28.77 4.23 -116.40
CA ILE O 234 -27.63 5.09 -116.09
C ILE O 234 -27.76 6.41 -116.85
N ALA O 235 -27.92 6.33 -118.17
CA ALA O 235 -27.96 7.51 -119.04
C ALA O 235 -29.04 8.48 -118.55
N PHE O 236 -30.26 7.97 -118.37
CA PHE O 236 -31.42 8.81 -118.04
C PHE O 236 -31.21 9.54 -116.72
N PHE O 237 -30.81 8.82 -115.69
CA PHE O 237 -30.68 9.42 -114.36
C PHE O 237 -29.49 10.38 -114.31
N SER O 238 -28.43 10.11 -115.08
CA SER O 238 -27.29 11.04 -115.16
C SER O 238 -27.77 12.37 -115.72
N ALA O 239 -28.55 12.31 -116.79
CA ALA O 239 -29.11 13.52 -117.39
C ALA O 239 -30.00 14.25 -116.37
N LEU O 240 -30.80 13.52 -115.60
CA LEU O 240 -31.66 14.19 -114.58
C LEU O 240 -30.79 14.95 -113.59
N ASP O 241 -29.75 14.28 -113.08
CA ASP O 241 -28.89 14.90 -112.07
C ASP O 241 -28.24 16.16 -112.66
N LYS O 242 -27.75 16.07 -113.90
CA LYS O 242 -27.08 17.23 -114.52
C LYS O 242 -28.08 18.37 -114.66
N GLN O 243 -29.28 18.07 -115.16
CA GLN O 243 -30.33 19.09 -115.26
C GLN O 243 -30.55 19.75 -113.91
N HIS O 244 -30.70 18.96 -112.85
CA HIS O 244 -30.95 19.50 -111.51
C HIS O 244 -29.79 20.39 -111.05
N ASN O 245 -28.55 19.98 -111.32
CA ASN O 245 -27.37 20.76 -110.91
C ASN O 245 -27.28 22.08 -111.71
N GLU O 246 -27.61 22.07 -112.99
CA GLU O 246 -27.53 23.31 -113.80
C GLU O 246 -28.68 24.26 -113.45
N GLU O 247 -29.85 23.72 -113.18
CA GLU O 247 -30.99 24.53 -112.71
C GLU O 247 -30.70 25.12 -111.33
N GLN O 248 -30.04 24.34 -110.46
CA GLN O 248 -29.66 24.83 -109.13
C GLN O 248 -28.55 25.87 -109.22
N SER O 249 -27.75 25.81 -110.28
CA SER O 249 -26.61 26.73 -110.46
C SER O 249 -27.09 28.14 -110.73
N PRO O 260 -37.00 18.11 -108.59
CA PRO O 260 -36.85 18.41 -107.16
C PRO O 260 -36.18 17.26 -106.38
N SER O 261 -35.44 17.61 -105.33
CA SER O 261 -34.51 16.68 -104.63
C SER O 261 -35.30 15.52 -104.00
N GLY O 262 -36.41 15.84 -103.34
CA GLY O 262 -37.25 14.83 -102.65
C GLY O 262 -37.80 13.78 -103.62
N GLU O 263 -38.23 14.22 -104.81
CA GLU O 263 -38.79 13.32 -105.84
C GLU O 263 -37.63 12.59 -106.53
N LEU O 264 -36.72 13.35 -107.15
CA LEU O 264 -35.57 12.78 -107.88
C LEU O 264 -34.83 11.79 -106.97
N ARG O 265 -34.63 12.16 -105.71
CA ARG O 265 -33.89 11.30 -104.78
C ARG O 265 -34.64 10.00 -104.48
N HIS O 266 -35.94 10.08 -104.17
CA HIS O 266 -36.70 8.86 -103.83
C HIS O 266 -36.82 7.97 -105.05
N VAL O 267 -36.70 8.57 -106.22
CA VAL O 267 -36.68 7.77 -107.45
C VAL O 267 -35.35 7.06 -107.51
N GLU O 268 -34.26 7.80 -107.63
CA GLU O 268 -32.95 7.15 -107.79
C GLU O 268 -32.80 6.08 -106.71
N GLY O 269 -33.27 6.39 -105.49
CA GLY O 269 -33.13 5.55 -104.31
C GLY O 269 -34.07 4.35 -104.29
N THR O 270 -34.96 4.24 -105.25
CA THR O 270 -35.77 3.03 -105.36
C THR O 270 -35.54 2.32 -106.67
N ILE O 271 -35.00 3.03 -107.66
CA ILE O 271 -34.41 2.37 -108.85
C ILE O 271 -33.28 1.49 -108.37
N ILE O 272 -32.50 2.01 -107.45
CA ILE O 272 -31.26 1.31 -107.10
C ILE O 272 -31.68 0.06 -106.31
N LEU O 273 -32.65 0.20 -105.39
CA LEU O 273 -33.16 -0.95 -104.63
C LEU O 273 -33.59 -2.03 -105.61
N HIS O 274 -34.33 -1.62 -106.64
CA HIS O 274 -34.92 -2.60 -107.57
C HIS O 274 -33.84 -3.26 -108.41
N ILE O 275 -32.81 -2.51 -108.82
CA ILE O 275 -31.70 -3.12 -109.58
C ILE O 275 -30.92 -4.05 -108.66
N VAL O 276 -30.87 -3.72 -107.38
CA VAL O 276 -30.14 -4.57 -106.43
C VAL O 276 -30.89 -5.89 -106.30
N PHE O 277 -32.19 -5.81 -106.10
CA PHE O 277 -33.02 -7.01 -105.94
C PHE O 277 -32.79 -7.93 -107.11
N ALA O 278 -32.87 -7.37 -108.32
CA ALA O 278 -32.67 -8.16 -109.53
C ALA O 278 -31.28 -8.80 -109.54
N ILE O 279 -30.28 -8.09 -109.07
CA ILE O 279 -28.91 -8.63 -109.15
C ILE O 279 -28.74 -9.74 -108.12
N LYS O 280 -29.44 -9.67 -106.98
CA LYS O 280 -29.48 -10.83 -106.07
C LYS O 280 -30.08 -12.03 -106.79
N LEU O 281 -31.17 -11.80 -107.50
CA LEU O 281 -31.88 -12.88 -108.20
C LEU O 281 -31.10 -13.31 -109.45
N ASP O 282 -30.08 -12.54 -109.84
CA ASP O 282 -29.38 -12.76 -111.10
C ASP O 282 -27.94 -12.29 -110.89
N TYR O 283 -27.05 -13.24 -110.65
CA TYR O 283 -25.62 -12.97 -110.39
C TYR O 283 -24.83 -12.62 -111.64
N GLU O 284 -25.51 -12.32 -112.74
CA GLU O 284 -24.83 -12.04 -114.02
C GLU O 284 -25.15 -10.61 -114.39
N LEU O 285 -26.35 -10.15 -114.03
CA LEU O 285 -26.73 -8.75 -114.23
C LEU O 285 -25.65 -7.86 -113.64
N GLY O 286 -25.22 -8.18 -112.43
CA GLY O 286 -24.18 -7.41 -111.76
C GLY O 286 -22.88 -7.37 -112.54
N ARG O 287 -22.42 -8.51 -113.04
CA ARG O 287 -21.10 -8.56 -113.68
C ARG O 287 -21.11 -7.76 -114.97
N GLU O 288 -22.22 -7.80 -115.70
CA GLU O 288 -22.34 -7.01 -116.93
C GLU O 288 -22.42 -5.52 -116.57
N LEU O 289 -23.17 -5.20 -115.52
CA LEU O 289 -23.19 -3.85 -114.96
C LEU O 289 -21.76 -3.36 -114.76
N VAL O 290 -20.99 -4.11 -114.00
CA VAL O 290 -19.65 -3.66 -113.60
C VAL O 290 -18.75 -3.52 -114.81
N LYS O 291 -18.72 -4.53 -115.67
CA LYS O 291 -17.89 -4.51 -116.89
C LYS O 291 -18.24 -3.28 -117.74
N HIS O 292 -19.53 -2.99 -117.90
CA HIS O 292 -19.99 -1.82 -118.67
C HIS O 292 -19.43 -0.54 -118.04
N LEU O 293 -19.36 -0.53 -116.71
CA LEU O 293 -19.03 0.65 -115.90
C LEU O 293 -17.56 0.66 -115.49
N LYS O 294 -16.82 -0.41 -115.72
CA LYS O 294 -15.41 -0.46 -115.29
C LYS O 294 -14.65 0.66 -115.99
N VAL O 295 -14.09 1.53 -115.16
CA VAL O 295 -13.23 2.66 -115.58
C VAL O 295 -11.90 2.14 -116.10
N GLY O 296 -11.18 1.40 -115.28
CA GLY O 296 -9.91 0.85 -115.71
C GLY O 296 -9.98 -0.10 -116.90
N GLN O 297 -10.27 0.46 -118.07
CA GLN O 297 -10.24 -0.30 -119.33
C GLN O 297 -8.78 -0.37 -119.81
N GLN O 298 -8.08 0.76 -119.79
CA GLN O 298 -6.61 0.75 -119.98
C GLN O 298 -5.92 1.68 -118.97
N GLY O 299 -6.18 2.98 -119.04
CA GLY O 299 -5.91 3.95 -117.97
C GLY O 299 -7.06 4.95 -117.81
N ASP O 300 -8.11 4.79 -118.61
CA ASP O 300 -9.01 5.88 -119.01
C ASP O 300 -10.19 5.99 -118.04
N SER O 301 -10.40 7.19 -117.51
CA SER O 301 -11.64 7.55 -116.81
C SER O 301 -12.80 7.62 -117.80
N ASN O 302 -13.83 6.80 -117.58
CA ASN O 302 -15.03 6.81 -118.41
C ASN O 302 -16.05 7.80 -117.83
N ASN O 303 -16.84 8.38 -118.72
CA ASN O 303 -18.03 9.19 -118.38
C ASN O 303 -19.30 8.35 -118.39
N ASN O 304 -19.19 7.07 -118.02
CA ASN O 304 -20.36 6.31 -117.56
C ASN O 304 -20.60 6.61 -116.08
N LEU O 305 -19.56 7.00 -115.35
CA LEU O 305 -19.63 7.09 -113.87
C LEU O 305 -20.22 8.41 -113.45
N SER O 306 -21.06 8.37 -112.43
CA SER O 306 -21.93 9.49 -112.10
C SER O 306 -22.34 9.34 -110.65
N PRO O 307 -22.78 10.44 -110.03
CA PRO O 307 -23.56 10.36 -108.79
C PRO O 307 -24.55 9.21 -108.69
N PHE O 308 -25.25 8.91 -109.77
CA PHE O 308 -26.15 7.76 -109.74
C PHE O 308 -25.37 6.47 -109.98
N SER O 309 -24.60 6.41 -111.07
CA SER O 309 -23.68 5.29 -111.36
C SER O 309 -22.96 4.82 -110.09
N ILE O 310 -22.61 5.76 -109.20
CA ILE O 310 -21.87 5.42 -107.97
C ILE O 310 -22.84 5.09 -106.85
N ALA O 311 -23.89 5.87 -106.64
CA ALA O 311 -24.89 5.51 -105.64
C ALA O 311 -25.21 4.03 -105.79
N LEU O 312 -25.51 3.60 -107.03
CA LEU O 312 -25.89 2.23 -107.36
C LEU O 312 -24.80 1.29 -106.86
N LEU O 313 -23.53 1.55 -107.22
CA LEU O 313 -22.45 0.65 -106.81
C LEU O 313 -22.38 0.50 -105.30
N LEU O 314 -22.55 1.60 -104.57
CA LEU O 314 -22.35 1.52 -103.11
C LEU O 314 -23.56 0.88 -102.46
N SER O 315 -24.72 0.86 -103.11
CA SER O 315 -25.79 -0.05 -102.65
C SER O 315 -25.49 -1.48 -103.05
N VAL O 316 -24.88 -1.68 -104.21
CA VAL O 316 -24.51 -3.02 -104.67
C VAL O 316 -23.49 -3.65 -103.75
N THR O 317 -22.65 -2.84 -103.13
CA THR O 317 -21.48 -3.34 -102.39
C THR O 317 -21.93 -4.26 -101.24
N ARG O 318 -23.20 -4.19 -100.83
CA ARG O 318 -23.78 -5.05 -99.78
C ARG O 318 -24.24 -6.40 -100.33
N ILE O 319 -24.02 -6.65 -101.61
CA ILE O 319 -24.05 -8.03 -102.15
C ILE O 319 -22.71 -8.66 -101.86
N GLN O 320 -22.78 -9.81 -101.20
CA GLN O 320 -21.57 -10.55 -100.79
C GLN O 320 -20.67 -10.84 -101.98
N ARG O 321 -21.24 -11.30 -103.08
CA ARG O 321 -20.36 -11.74 -104.17
C ARG O 321 -19.57 -10.57 -104.74
N PHE O 322 -20.13 -9.38 -104.72
CA PHE O 322 -19.54 -8.24 -105.45
C PHE O 322 -18.77 -7.29 -104.56
N GLN O 323 -18.88 -7.45 -103.25
CA GLN O 323 -18.44 -6.43 -102.28
C GLN O 323 -17.01 -6.04 -102.61
N ASP O 324 -16.10 -6.97 -102.39
CA ASP O 324 -14.69 -6.89 -102.81
C ASP O 324 -14.58 -6.15 -104.14
N GLN O 325 -15.23 -6.67 -105.18
CA GLN O 325 -14.88 -6.28 -106.56
C GLN O 325 -15.31 -4.84 -106.79
N VAL O 326 -16.50 -4.49 -106.32
CA VAL O 326 -17.01 -3.12 -106.45
C VAL O 326 -16.08 -2.18 -105.68
N LEU O 327 -15.80 -2.51 -104.43
CA LEU O 327 -14.97 -1.61 -103.63
C LEU O 327 -13.64 -1.40 -104.32
N ASP O 328 -13.04 -2.48 -104.81
CA ASP O 328 -11.71 -2.41 -105.42
C ASP O 328 -11.77 -1.58 -106.69
N LEU O 329 -12.84 -1.73 -107.44
CA LEU O 329 -13.06 -0.85 -108.59
C LEU O 329 -13.02 0.60 -108.12
N LEU O 330 -13.88 0.94 -107.15
CA LEU O 330 -14.02 2.32 -106.69
C LEU O 330 -12.66 2.85 -106.26
N LYS O 331 -11.96 2.07 -105.44
CA LYS O 331 -10.66 2.51 -104.92
C LYS O 331 -9.75 2.87 -106.08
N THR O 332 -9.63 1.97 -107.04
CA THR O 332 -8.66 2.16 -108.12
C THR O 332 -9.08 3.36 -108.96
N SER O 333 -10.39 3.49 -109.17
CA SER O 333 -10.94 4.63 -109.91
C SER O 333 -10.57 5.93 -109.20
N VAL O 334 -10.49 5.91 -107.89
CA VAL O 334 -10.30 7.15 -107.13
C VAL O 334 -8.83 7.53 -107.19
N VAL O 335 -7.97 6.53 -107.04
CA VAL O 335 -6.54 6.76 -107.30
C VAL O 335 -6.37 7.37 -108.70
N LYS O 336 -6.96 6.74 -109.70
CA LYS O 336 -6.82 7.22 -111.09
C LYS O 336 -7.26 8.67 -111.18
N SER O 337 -8.43 8.97 -110.61
CA SER O 337 -8.95 10.34 -110.49
C SER O 337 -7.81 11.24 -110.07
N PHE O 338 -7.17 10.92 -108.96
CA PHE O 338 -6.23 11.88 -108.37
C PHE O 338 -4.93 11.96 -109.15
N LYS O 339 -4.49 10.85 -109.71
CA LYS O 339 -3.32 10.88 -110.60
C LYS O 339 -3.60 11.84 -111.74
N ASP O 340 -4.77 11.69 -112.35
CA ASP O 340 -5.19 12.55 -113.46
C ASP O 340 -5.14 14.00 -113.01
N LEU O 341 -5.76 14.29 -111.88
CA LEU O 341 -5.93 15.69 -111.44
C LEU O 341 -4.56 16.29 -111.17
N GLN O 342 -3.67 15.54 -110.52
CA GLN O 342 -2.31 16.05 -110.27
C GLN O 342 -1.63 16.38 -111.58
N LEU O 343 -1.70 15.45 -112.54
CA LEU O 343 -1.00 15.65 -113.82
C LEU O 343 -1.54 16.89 -114.51
N LEU O 344 -2.87 17.00 -114.58
CA LEU O 344 -3.51 18.19 -115.14
C LEU O 344 -2.99 19.46 -114.48
N GLN O 345 -3.05 19.54 -113.15
CA GLN O 345 -2.83 20.82 -112.46
C GLN O 345 -1.38 21.25 -112.59
N GLY O 346 -0.45 20.30 -112.66
CA GLY O 346 0.95 20.65 -112.89
C GLY O 346 1.23 21.10 -114.30
N SER O 347 0.22 21.12 -115.17
CA SER O 347 0.45 21.06 -116.62
C SER O 347 -0.63 21.80 -117.40
N LYS O 348 -0.25 22.91 -118.04
CA LYS O 348 -1.21 23.76 -118.75
C LYS O 348 -1.52 23.18 -120.13
N PHE O 349 -0.55 22.51 -120.75
CA PHE O 349 -0.72 21.88 -122.07
C PHE O 349 -1.96 21.00 -122.05
N LEU O 350 -2.15 20.21 -121.00
CA LEU O 350 -3.34 19.36 -120.82
C LEU O 350 -4.57 20.21 -120.49
N GLN O 351 -4.39 21.30 -119.74
CA GLN O 351 -5.52 22.13 -119.32
C GLN O 351 -6.16 22.82 -120.53
N ASN O 352 -5.34 23.23 -121.49
CA ASN O 352 -5.83 23.79 -122.76
C ASN O 352 -6.72 22.81 -123.50
N LEU O 353 -6.32 21.54 -123.54
CA LEU O 353 -6.93 20.53 -124.43
C LEU O 353 -8.17 19.95 -123.76
N VAL O 354 -8.00 19.39 -122.57
CA VAL O 354 -9.06 18.58 -121.94
C VAL O 354 -10.11 19.52 -121.38
N PRO O 355 -11.39 19.23 -121.56
CA PRO O 355 -12.43 19.89 -120.79
C PRO O 355 -12.48 19.32 -119.38
N HIS O 356 -12.47 20.22 -118.40
CA HIS O 356 -12.52 19.88 -116.97
C HIS O 356 -13.69 18.96 -116.64
N ARG O 357 -13.42 17.67 -116.58
CA ARG O 357 -14.42 16.71 -116.09
C ARG O 357 -14.39 16.67 -114.57
N SER O 358 -15.58 16.64 -113.96
CA SER O 358 -15.72 16.35 -112.52
C SER O 358 -14.89 15.12 -112.15
N TYR O 359 -14.32 15.13 -110.95
CA TYR O 359 -13.49 14.03 -110.47
C TYR O 359 -14.23 13.18 -109.46
N VAL O 360 -13.84 11.92 -109.41
CA VAL O 360 -14.66 10.90 -108.75
C VAL O 360 -14.85 11.29 -107.29
N SER O 361 -13.80 11.79 -106.68
CA SER O 361 -13.83 12.43 -105.35
C SER O 361 -15.10 13.26 -105.21
N THR O 362 -15.23 14.19 -106.14
CA THR O 362 -16.31 15.17 -106.07
C THR O 362 -17.63 14.46 -106.19
N MET O 363 -17.68 13.49 -107.10
CA MET O 363 -18.93 12.79 -107.33
C MET O 363 -19.34 12.12 -106.03
N ILE O 364 -18.41 11.43 -105.39
CA ILE O 364 -18.75 10.70 -104.17
C ILE O 364 -19.26 11.68 -103.12
N LEU O 365 -18.53 12.76 -102.92
CA LEU O 365 -18.98 13.76 -101.95
C LEU O 365 -20.39 14.23 -102.24
N GLU O 366 -20.74 14.31 -103.52
CA GLU O 366 -22.05 14.82 -103.95
C GLU O 366 -23.12 13.77 -103.72
N VAL O 367 -22.78 12.53 -104.02
CA VAL O 367 -23.52 11.36 -103.53
C VAL O 367 -23.88 11.61 -102.08
N VAL O 368 -22.92 12.02 -101.25
CA VAL O 368 -23.18 12.10 -99.81
C VAL O 368 -24.22 13.17 -99.49
N LYS O 369 -24.15 14.32 -100.16
CA LYS O 369 -25.19 15.33 -99.97
C LYS O 369 -26.54 14.78 -100.39
N ASN O 370 -26.63 14.17 -101.57
CA ASN O 370 -27.93 13.66 -101.98
C ASN O 370 -28.33 12.53 -101.04
N SER O 371 -27.32 11.85 -100.52
CA SER O 371 -27.49 10.69 -99.65
C SER O 371 -28.40 11.07 -98.49
N VAL O 372 -28.29 12.31 -98.03
CA VAL O 372 -28.79 12.75 -96.70
C VAL O 372 -30.12 12.06 -96.35
N HIS O 373 -31.03 11.99 -97.31
CA HIS O 373 -32.46 11.92 -96.97
C HIS O 373 -32.80 10.56 -96.37
N SER O 374 -32.61 9.51 -97.18
CA SER O 374 -33.34 8.24 -97.07
C SER O 374 -32.50 7.08 -97.60
N TRP O 375 -31.18 7.21 -97.64
CA TRP O 375 -30.29 6.36 -98.45
C TRP O 375 -29.37 5.48 -97.60
N ASP O 376 -29.84 5.04 -96.44
CA ASP O 376 -29.20 4.00 -95.63
C ASP O 376 -28.44 2.92 -96.39
N HIS O 377 -28.97 2.45 -97.51
CA HIS O 377 -28.29 1.41 -98.27
C HIS O 377 -27.03 1.93 -98.94
N VAL O 378 -26.95 3.22 -99.24
CA VAL O 378 -25.72 3.70 -99.88
C VAL O 378 -24.70 3.99 -98.77
N THR O 379 -25.14 4.69 -97.72
CA THR O 379 -24.26 5.19 -96.64
C THR O 379 -23.52 4.04 -95.99
N GLN O 380 -24.19 2.92 -95.77
CA GLN O 380 -23.54 1.80 -95.11
C GLN O 380 -22.42 1.23 -95.97
N GLY O 381 -22.46 1.49 -97.27
CA GLY O 381 -21.35 1.14 -98.14
C GLY O 381 -20.28 2.21 -98.07
N LEU O 382 -20.74 3.47 -98.02
CA LEU O 382 -19.87 4.64 -97.94
C LEU O 382 -18.87 4.45 -96.83
N VAL O 383 -19.37 4.15 -95.64
CA VAL O 383 -18.50 4.06 -94.46
C VAL O 383 -17.40 3.05 -94.74
N GLU O 384 -17.81 1.88 -95.19
CA GLU O 384 -16.84 0.82 -95.47
C GLU O 384 -15.80 1.36 -96.44
N LEU O 385 -16.28 1.99 -97.50
CA LEU O 385 -15.38 2.53 -98.53
C LEU O 385 -14.32 3.41 -97.88
N GLY O 386 -14.79 4.45 -97.19
CA GLY O 386 -13.91 5.45 -96.63
C GLY O 386 -12.88 4.80 -95.74
N PHE O 387 -13.29 3.84 -94.92
CA PHE O 387 -12.32 3.22 -94.03
C PHE O 387 -11.35 2.37 -94.82
N ILE O 388 -11.75 1.89 -95.99
CA ILE O 388 -10.81 1.18 -96.85
C ILE O 388 -9.79 2.14 -97.39
N LEU O 389 -10.25 3.32 -97.79
CA LEU O 389 -9.33 4.38 -98.21
C LEU O 389 -8.31 4.72 -97.12
N MET O 390 -8.78 4.96 -95.91
CA MET O 390 -7.89 5.37 -94.81
C MET O 390 -6.91 4.25 -94.51
N ASP O 391 -7.43 3.02 -94.34
CA ASP O 391 -6.60 1.87 -93.97
C ASP O 391 -5.48 1.73 -95.00
N SER O 392 -5.80 1.93 -96.27
CA SER O 392 -4.87 1.61 -97.35
C SER O 392 -3.85 2.71 -97.50
N TYR O 393 -4.29 3.95 -97.36
CA TYR O 393 -3.43 5.08 -97.72
C TYR O 393 -3.20 6.02 -96.55
N GLY O 394 -3.33 5.52 -95.33
CA GLY O 394 -2.65 6.11 -94.18
C GLY O 394 -1.16 6.13 -94.47
N PRO O 395 -0.39 7.01 -93.82
CA PRO O 395 1.03 7.07 -94.13
C PRO O 395 1.76 5.83 -93.59
N LYS O 396 2.93 5.57 -94.16
CA LYS O 396 3.83 4.45 -93.81
C LYS O 396 5.30 4.84 -94.02
N LYS O 397 5.58 5.68 -95.02
CA LYS O 397 6.91 5.96 -95.58
C LYS O 397 7.79 6.72 -94.60
N VAL O 398 7.21 7.47 -93.66
CA VAL O 398 7.92 7.86 -92.43
C VAL O 398 7.28 7.11 -91.27
N LEU O 399 8.10 6.41 -90.51
CA LEU O 399 7.65 5.41 -89.54
C LEU O 399 8.43 5.57 -88.23
N PRO O 408 8.59 14.69 -102.42
CA PRO O 408 7.86 13.64 -103.16
C PRO O 408 6.52 14.12 -103.69
N SER O 409 6.09 13.54 -104.81
CA SER O 409 4.80 13.85 -105.47
C SER O 409 3.86 12.64 -105.46
N LEU O 410 4.38 11.48 -105.84
CA LEU O 410 3.54 10.33 -106.26
C LEU O 410 2.87 9.69 -105.05
N SER O 411 3.62 9.42 -103.98
CA SER O 411 3.10 8.75 -102.78
C SER O 411 2.31 9.67 -101.86
N ARG O 412 2.40 10.98 -102.02
CA ARG O 412 1.84 11.89 -101.01
C ARG O 412 0.46 12.32 -101.46
N MET O 413 0.35 12.98 -102.61
CA MET O 413 -0.86 13.76 -102.94
C MET O 413 -2.03 12.81 -103.22
N PRO O 414 -1.89 11.78 -104.07
CA PRO O 414 -3.01 10.87 -104.28
C PRO O 414 -3.15 9.81 -103.18
N ASN O 415 -2.32 9.86 -102.15
CA ASN O 415 -2.55 9.11 -100.92
C ASN O 415 -3.13 10.01 -99.82
N GLN O 416 -2.49 11.13 -99.58
CA GLN O 416 -2.98 12.14 -98.62
C GLN O 416 -4.43 12.42 -98.96
N HIS O 417 -4.72 12.70 -100.22
CA HIS O 417 -6.07 13.09 -100.63
C HIS O 417 -7.01 11.90 -100.58
N ALA O 418 -6.48 10.70 -100.79
CA ALA O 418 -7.31 9.52 -100.60
C ALA O 418 -7.76 9.43 -99.16
N CYS O 419 -6.81 9.33 -98.23
CA CYS O 419 -7.12 9.25 -96.80
C CYS O 419 -8.10 10.37 -96.40
N LYS O 420 -7.80 11.59 -96.80
CA LYS O 420 -8.57 12.74 -96.33
C LYS O 420 -9.89 12.82 -97.08
N LEU O 421 -9.98 12.14 -98.21
CA LEU O 421 -11.28 11.86 -98.79
C LEU O 421 -12.05 10.99 -97.82
N GLY O 422 -11.46 9.87 -97.42
CA GLY O 422 -12.08 8.99 -96.45
C GLY O 422 -12.73 9.86 -95.40
N ALA O 423 -11.88 10.69 -94.83
CA ALA O 423 -12.22 11.50 -93.65
C ALA O 423 -13.34 12.45 -94.00
N ASN O 424 -13.23 13.11 -95.15
CA ASN O 424 -14.24 14.09 -95.51
C ASN O 424 -15.57 13.37 -95.55
N ILE O 425 -15.57 12.20 -96.17
CA ILE O 425 -16.79 11.40 -96.35
C ILE O 425 -17.39 11.23 -94.98
N LEU O 426 -16.60 10.65 -94.11
CA LEU O 426 -17.17 10.07 -92.91
C LEU O 426 -17.64 11.18 -91.98
N LEU O 427 -16.93 12.30 -91.98
CA LEU O 427 -17.43 13.51 -91.30
C LEU O 427 -18.76 13.96 -91.89
N GLU O 428 -18.83 14.12 -93.21
CA GLU O 428 -20.05 14.67 -93.84
C GLU O 428 -21.23 13.78 -93.49
N THR O 429 -21.01 12.48 -93.49
CA THR O 429 -22.05 11.52 -93.15
C THR O 429 -22.42 11.67 -91.69
N PHE O 430 -21.40 11.83 -90.85
CA PHE O 430 -21.62 11.91 -89.40
C PHE O 430 -22.40 13.18 -89.03
N LYS O 431 -22.39 14.20 -89.90
CA LYS O 431 -23.28 15.35 -89.70
C LYS O 431 -24.75 14.96 -89.79
N ILE O 432 -25.12 14.08 -90.72
CA ILE O 432 -26.50 13.99 -91.26
C ILE O 432 -27.15 12.62 -91.09
N HIS O 433 -26.36 11.55 -91.00
CA HIS O 433 -26.90 10.17 -90.91
C HIS O 433 -26.70 9.61 -89.50
N GLU O 434 -27.69 9.84 -88.65
CA GLU O 434 -27.49 9.85 -87.20
C GLU O 434 -27.57 8.43 -86.67
N MET O 435 -27.65 7.45 -87.55
CA MET O 435 -27.77 6.04 -87.17
C MET O 435 -26.52 5.27 -87.51
N ILE O 436 -25.65 5.82 -88.35
CA ILE O 436 -24.30 5.26 -88.58
C ILE O 436 -23.25 5.96 -87.69
N ARG O 437 -23.71 6.65 -86.67
CA ARG O 437 -22.92 7.10 -85.54
C ARG O 437 -22.92 6.03 -84.49
N GLN O 438 -21.78 5.88 -83.84
CA GLN O 438 -21.36 4.74 -83.02
C GLN O 438 -20.78 3.65 -83.91
N GLU O 439 -20.72 3.85 -85.23
CA GLU O 439 -20.08 2.85 -86.11
C GLU O 439 -18.99 3.49 -86.91
N ILE O 440 -19.17 4.75 -87.25
CA ILE O 440 -17.99 5.59 -87.49
C ILE O 440 -17.23 5.57 -86.17
N LEU O 441 -17.82 6.12 -85.12
CA LEU O 441 -17.13 6.33 -83.84
C LEU O 441 -16.38 5.07 -83.42
N GLU O 442 -17.09 3.96 -83.31
CA GLU O 442 -16.48 2.70 -82.87
C GLU O 442 -15.39 2.26 -83.84
N GLN O 443 -15.53 2.58 -85.12
CA GLN O 443 -14.52 2.12 -86.09
C GLN O 443 -13.29 3.00 -85.99
N VAL O 444 -13.49 4.29 -85.80
CA VAL O 444 -12.38 5.20 -85.53
C VAL O 444 -11.61 4.60 -84.37
N LEU O 445 -12.28 4.47 -83.23
CA LEU O 445 -11.61 4.06 -81.99
C LEU O 445 -10.90 2.73 -82.23
N ASN O 446 -11.52 1.89 -83.02
CA ASN O 446 -10.98 0.56 -83.28
C ASN O 446 -9.61 0.69 -83.90
N ARG O 447 -9.42 1.76 -84.67
CA ARG O 447 -8.15 1.96 -85.36
C ARG O 447 -7.25 2.85 -84.52
N VAL O 448 -7.87 3.59 -83.60
CA VAL O 448 -7.09 4.37 -82.61
C VAL O 448 -6.23 3.40 -81.82
N VAL O 449 -6.90 2.54 -81.05
CA VAL O 449 -6.33 2.02 -79.80
C VAL O 449 -5.07 1.18 -80.07
N THR O 450 -5.21 0.13 -80.86
CA THR O 450 -4.38 -1.08 -80.73
C THR O 450 -3.09 -0.99 -81.53
N ARG O 451 -3.11 -0.21 -82.61
CA ARG O 451 -2.10 -0.30 -83.69
C ARG O 451 -0.76 0.28 -83.22
N ALA O 452 -0.75 1.60 -82.99
CA ALA O 452 0.38 2.35 -82.39
C ALA O 452 1.72 2.06 -83.07
N SER O 453 1.70 1.50 -84.28
CA SER O 453 2.91 0.99 -84.97
C SER O 453 2.95 1.54 -86.38
N SER O 454 1.86 1.35 -87.13
CA SER O 454 1.47 2.12 -88.32
C SER O 454 1.20 3.55 -87.86
N PRO O 455 1.62 4.56 -88.62
CA PRO O 455 1.33 5.94 -88.19
C PRO O 455 -0.18 6.19 -88.26
N ILE O 456 -0.73 6.75 -87.18
CA ILE O 456 -2.20 6.88 -87.04
C ILE O 456 -2.65 8.33 -86.88
N SER O 457 -1.78 9.25 -87.26
CA SER O 457 -2.01 10.71 -87.13
C SER O 457 -3.39 11.08 -87.68
N HIS O 458 -3.67 10.66 -88.89
CA HIS O 458 -4.91 11.00 -89.59
C HIS O 458 -6.13 10.63 -88.76
N PHE O 459 -6.09 9.52 -88.04
CA PHE O 459 -7.29 9.06 -87.35
C PHE O 459 -7.67 9.98 -86.21
N LEU O 460 -6.69 10.48 -85.49
CA LEU O 460 -7.05 11.35 -84.38
C LEU O 460 -7.53 12.69 -84.92
N ASP O 461 -6.94 13.12 -86.02
CA ASP O 461 -7.35 14.36 -86.69
C ASP O 461 -8.81 14.27 -87.08
N LEU O 462 -9.11 13.19 -87.77
CA LEU O 462 -10.49 12.85 -88.05
C LEU O 462 -11.31 12.93 -86.78
N LEU O 463 -10.90 12.19 -85.78
CA LEU O 463 -11.72 12.05 -84.59
C LEU O 463 -12.00 13.41 -83.99
N SER O 464 -10.97 14.27 -84.00
CA SER O 464 -11.08 15.63 -83.47
C SER O 464 -12.17 16.39 -84.20
N ASN O 465 -12.13 16.34 -85.53
CA ASN O 465 -13.13 17.05 -86.34
C ASN O 465 -14.51 16.50 -85.99
N ILE O 466 -14.62 15.18 -86.02
CA ILE O 466 -15.88 14.47 -85.75
C ILE O 466 -16.46 15.03 -84.48
N VAL O 467 -15.68 14.93 -83.42
CA VAL O 467 -16.21 15.21 -82.09
C VAL O 467 -16.56 16.67 -81.98
N MET O 468 -15.58 17.55 -82.25
CA MET O 468 -15.80 19.00 -82.16
C MET O 468 -17.16 19.33 -82.79
N TYR O 469 -17.45 18.76 -83.97
CA TYR O 469 -18.64 19.13 -84.76
C TYR O 469 -19.92 18.95 -83.95
N ALA O 470 -20.12 17.78 -83.35
CA ALA O 470 -21.18 17.59 -82.36
C ALA O 470 -20.73 16.57 -81.32
N PRO O 471 -20.29 17.03 -80.16
CA PRO O 471 -20.04 16.11 -79.06
C PRO O 471 -21.31 15.59 -78.40
N LEU O 472 -22.35 16.39 -78.40
CA LEU O 472 -23.67 15.97 -77.89
C LEU O 472 -24.14 14.68 -78.49
N VAL O 473 -23.62 14.31 -79.65
CA VAL O 473 -23.99 13.03 -80.25
C VAL O 473 -23.12 11.90 -79.71
N LEU O 474 -22.20 12.18 -78.83
CA LEU O 474 -21.45 11.10 -78.18
C LEU O 474 -21.92 10.84 -76.75
N GLN O 475 -22.91 11.59 -76.25
CA GLN O 475 -23.58 11.15 -75.03
C GLN O 475 -24.76 10.27 -75.39
N SER O 476 -24.81 9.84 -76.65
CA SER O 476 -25.69 8.80 -77.18
C SER O 476 -24.88 7.56 -77.60
N CYS O 477 -23.56 7.57 -77.38
CA CYS O 477 -22.66 6.50 -77.87
C CYS O 477 -21.45 6.43 -76.93
N SER O 478 -21.70 6.66 -75.63
CA SER O 478 -20.70 7.09 -74.64
C SER O 478 -19.84 5.90 -74.20
N SER O 479 -20.51 4.79 -73.92
CA SER O 479 -19.87 3.53 -73.53
C SER O 479 -18.66 3.25 -74.43
N LYS O 480 -18.76 3.59 -75.72
CA LYS O 480 -17.68 3.30 -76.67
C LYS O 480 -16.40 4.04 -76.35
N VAL O 481 -16.49 5.09 -75.54
CA VAL O 481 -15.31 5.86 -75.12
C VAL O 481 -14.68 5.25 -73.89
N THR O 482 -15.52 4.97 -72.90
CA THR O 482 -15.10 4.47 -71.58
C THR O 482 -14.43 3.12 -71.66
N GLU O 483 -14.62 2.37 -72.72
CA GLU O 483 -13.88 1.12 -72.86
C GLU O 483 -12.54 1.37 -73.52
N ALA O 484 -12.34 2.51 -74.17
CA ALA O 484 -10.97 2.83 -74.61
C ALA O 484 -10.20 3.52 -73.49
N PHE O 485 -10.91 4.00 -72.48
CA PHE O 485 -10.18 4.54 -71.35
C PHE O 485 -9.51 3.42 -70.58
N ASP O 486 -10.05 2.21 -70.68
CA ASP O 486 -9.42 1.12 -69.97
C ASP O 486 -8.13 0.73 -70.68
N TYR O 487 -7.94 1.17 -71.91
CA TYR O 487 -6.69 0.90 -72.60
C TYR O 487 -5.79 2.11 -72.61
N LEU O 488 -6.17 3.16 -71.94
CA LEU O 488 -5.40 4.41 -71.97
C LEU O 488 -4.05 4.26 -71.29
N SER O 489 -3.98 3.34 -70.33
CA SER O 489 -2.71 2.96 -69.70
C SER O 489 -1.71 2.49 -70.73
N PHE O 490 -2.12 1.77 -71.75
CA PHE O 490 -1.18 0.99 -72.58
C PHE O 490 -0.76 1.70 -73.84
N LEU O 491 -0.98 3.00 -73.94
CA LEU O 491 -0.87 3.68 -75.23
C LEU O 491 0.34 4.60 -75.23
N PRO O 492 1.04 4.71 -76.36
CA PRO O 492 2.12 5.68 -76.46
C PRO O 492 1.66 7.13 -76.35
N LEU O 493 2.59 7.97 -75.92
CA LEU O 493 2.27 9.19 -75.14
C LEU O 493 1.62 10.26 -76.02
N GLN O 494 2.23 10.53 -77.17
CA GLN O 494 1.67 11.46 -78.15
C GLN O 494 0.21 11.09 -78.44
N THR O 495 -0.07 9.79 -78.56
CA THR O 495 -1.44 9.29 -78.82
C THR O 495 -2.42 9.80 -77.79
N VAL O 496 -2.03 9.73 -76.52
CA VAL O 496 -2.97 9.83 -75.39
C VAL O 496 -3.34 11.28 -75.16
N GLN O 497 -2.34 12.14 -75.05
CA GLN O 497 -2.59 13.58 -74.89
C GLN O 497 -3.47 14.07 -76.01
N ARG O 498 -3.17 13.66 -77.24
CA ARG O 498 -3.86 14.21 -78.42
C ARG O 498 -5.29 13.68 -78.48
N LEU O 499 -5.47 12.39 -78.19
CA LEU O 499 -6.81 11.86 -78.00
C LEU O 499 -7.55 12.71 -76.97
N LEU O 500 -6.96 12.83 -75.78
CA LEU O 500 -7.70 13.35 -74.62
C LEU O 500 -8.10 14.79 -74.87
N LYS O 501 -7.17 15.57 -75.44
CA LYS O 501 -7.50 16.92 -75.90
C LYS O 501 -8.63 16.87 -76.93
N ALA O 502 -8.57 15.92 -77.85
CA ALA O 502 -9.59 15.84 -78.89
C ALA O 502 -10.97 15.60 -78.27
N VAL O 503 -11.02 14.66 -77.33
CA VAL O 503 -12.28 14.25 -76.70
C VAL O 503 -12.70 15.22 -75.59
N GLN O 504 -11.86 16.19 -75.27
CA GLN O 504 -12.11 17.06 -74.12
C GLN O 504 -13.46 17.76 -74.09
N PRO O 505 -14.09 18.16 -75.21
CA PRO O 505 -15.37 18.86 -75.08
C PRO O 505 -16.44 17.99 -74.46
N LEU O 506 -16.27 16.67 -74.55
CA LEU O 506 -17.08 15.73 -73.75
C LEU O 506 -16.87 16.00 -72.26
N LEU O 507 -15.62 16.06 -71.86
CA LEU O 507 -15.29 16.13 -70.45
C LEU O 507 -15.67 17.49 -69.90
N LYS O 508 -15.81 18.49 -70.78
CA LYS O 508 -16.36 19.78 -70.37
C LYS O 508 -17.80 19.58 -69.89
N VAL O 509 -18.61 18.96 -70.74
CA VAL O 509 -20.04 18.82 -70.42
C VAL O 509 -20.23 17.81 -69.32
N SER O 510 -19.92 16.55 -69.61
CA SER O 510 -20.52 15.40 -68.93
C SER O 510 -19.62 14.99 -67.77
N MET O 511 -20.14 15.10 -66.56
CA MET O 511 -19.34 14.95 -65.35
C MET O 511 -19.14 13.47 -65.02
N SER O 512 -20.10 12.61 -65.36
CA SER O 512 -19.97 11.18 -65.10
C SER O 512 -18.76 10.66 -65.87
N MET O 513 -18.59 11.14 -67.10
CA MET O 513 -17.41 10.76 -67.87
C MET O 513 -16.14 11.13 -67.11
N ARG O 514 -16.07 12.35 -66.58
CA ARG O 514 -14.90 12.79 -65.81
C ARG O 514 -14.64 11.80 -64.67
N ASP O 515 -15.63 11.57 -63.82
CA ASP O 515 -15.40 10.80 -62.58
C ASP O 515 -15.19 9.32 -62.91
N CYS O 516 -15.52 8.90 -64.12
CA CYS O 516 -15.21 7.55 -64.55
C CYS O 516 -13.78 7.52 -65.07
N LEU O 517 -13.33 8.62 -65.66
CA LEU O 517 -11.95 8.72 -66.13
C LEU O 517 -10.97 8.79 -64.96
N ILE O 518 -11.38 9.43 -63.87
CA ILE O 518 -10.46 9.71 -62.74
C ILE O 518 -9.96 8.40 -62.17
N LEU O 519 -10.85 7.43 -62.05
CA LEU O 519 -10.42 6.11 -61.56
C LEU O 519 -9.29 5.59 -62.42
N VAL O 520 -9.43 5.69 -63.72
CA VAL O 520 -8.44 5.12 -64.63
C VAL O 520 -7.13 5.87 -64.49
N LEU O 521 -7.21 7.17 -64.40
CA LEU O 521 -5.98 7.96 -64.27
C LEU O 521 -5.25 7.61 -62.98
N ARG O 522 -5.99 7.64 -61.87
CA ARG O 522 -5.38 7.40 -60.56
C ARG O 522 -4.74 6.03 -60.54
N LYS O 523 -5.39 5.05 -61.12
CA LYS O 523 -4.84 3.69 -61.08
C LYS O 523 -3.63 3.61 -61.99
N ALA O 524 -3.64 4.28 -63.13
CA ALA O 524 -2.51 4.19 -64.07
C ALA O 524 -1.33 4.96 -63.51
N MET O 525 -1.58 5.84 -62.54
CA MET O 525 -0.52 6.57 -61.87
C MET O 525 0.49 5.62 -61.23
N PHE O 526 0.04 4.48 -60.72
CA PHE O 526 0.94 3.55 -59.99
C PHE O 526 1.38 2.40 -60.86
N ALA O 527 0.74 2.21 -62.01
CA ALA O 527 1.05 1.11 -62.92
C ALA O 527 2.53 1.13 -63.25
N ASN O 528 3.03 -0.04 -63.56
CA ASN O 528 4.46 -0.37 -63.45
C ASN O 528 5.20 0.06 -64.71
N GLN O 529 4.48 0.09 -65.82
CA GLN O 529 4.96 0.71 -67.05
C GLN O 529 5.26 2.19 -66.80
N LEU O 530 6.24 2.71 -67.55
CA LEU O 530 6.68 4.10 -67.35
C LEU O 530 5.69 5.04 -68.01
N ASP O 531 5.32 4.73 -69.23
CA ASP O 531 4.45 5.59 -70.05
C ASP O 531 3.15 5.81 -69.30
N ALA O 532 2.79 4.86 -68.43
CA ALA O 532 1.54 4.94 -67.67
C ALA O 532 1.49 6.25 -66.89
N ARG O 533 2.55 6.59 -66.21
CA ARG O 533 2.50 7.79 -65.39
C ARG O 533 2.60 9.01 -66.29
N LYS O 534 3.37 8.91 -67.36
CA LYS O 534 3.55 10.06 -68.24
C LYS O 534 2.18 10.50 -68.74
N SER O 535 1.47 9.56 -69.33
CA SER O 535 0.15 9.85 -69.88
C SER O 535 -0.84 10.18 -68.75
N ALA O 536 -0.73 9.54 -67.59
CA ALA O 536 -1.65 9.82 -66.49
C ALA O 536 -1.51 11.27 -66.02
N VAL O 537 -0.26 11.68 -65.86
CA VAL O 537 0.15 13.07 -65.67
C VAL O 537 -0.50 13.94 -66.73
N ALA O 538 -0.24 13.62 -68.00
CA ALA O 538 -0.78 14.44 -69.10
C ALA O 538 -2.26 14.69 -68.87
N GLY O 539 -3.03 13.61 -68.73
CA GLY O 539 -4.46 13.72 -68.53
C GLY O 539 -4.80 14.56 -67.32
N PHE O 540 -4.05 14.40 -66.24
CA PHE O 540 -4.29 15.21 -65.05
C PHE O 540 -4.17 16.68 -65.38
N LEU O 541 -3.13 17.03 -66.13
CA LEU O 541 -2.90 18.42 -66.53
C LEU O 541 -4.05 18.87 -67.41
N LEU O 542 -4.56 17.98 -68.26
CA LEU O 542 -5.65 18.35 -69.16
C LEU O 542 -6.92 18.59 -68.36
N LEU O 543 -7.12 17.83 -67.29
CA LEU O 543 -8.26 18.08 -66.39
C LEU O 543 -8.13 19.42 -65.68
N LEU O 544 -6.95 19.75 -65.19
CA LEU O 544 -6.82 21.02 -64.45
C LEU O 544 -6.75 22.22 -65.38
N LYS O 545 -6.15 22.05 -66.57
CA LYS O 545 -6.14 23.09 -67.60
C LYS O 545 -7.54 23.55 -67.95
N ASN O 546 -8.39 22.64 -68.39
CA ASN O 546 -9.60 22.99 -69.12
C ASN O 546 -10.79 23.22 -68.21
N PHE O 547 -10.73 22.88 -66.94
CA PHE O 547 -11.93 22.94 -66.10
C PHE O 547 -11.59 23.51 -64.74
N LYS O 548 -12.56 24.21 -64.16
CA LYS O 548 -12.54 24.64 -62.76
C LYS O 548 -13.19 23.57 -61.90
N VAL O 549 -14.46 23.25 -62.19
CA VAL O 549 -15.21 22.21 -61.48
C VAL O 549 -14.84 20.86 -62.09
N LEU O 550 -14.57 19.87 -61.23
CA LEU O 550 -14.11 18.54 -61.68
C LEU O 550 -14.76 17.44 -60.81
N TYR O 575 -23.81 19.66 -56.58
CA TYR O 575 -22.39 19.57 -56.20
C TYR O 575 -21.82 20.96 -55.87
N ASN O 576 -21.23 21.07 -54.69
CA ASN O 576 -20.80 22.37 -54.15
C ASN O 576 -19.47 22.79 -54.78
N SER O 577 -19.26 24.09 -54.90
CA SER O 577 -17.95 24.66 -55.28
C SER O 577 -17.03 24.82 -54.06
N VAL O 578 -17.12 23.93 -53.08
CA VAL O 578 -16.09 23.78 -52.03
C VAL O 578 -15.38 22.46 -52.30
N ALA O 579 -16.12 21.41 -52.64
CA ALA O 579 -15.53 20.12 -53.00
C ALA O 579 -14.78 20.21 -54.33
N ASN O 580 -15.21 21.09 -55.24
CA ASN O 580 -14.41 21.44 -56.44
C ASN O 580 -12.97 21.77 -56.07
N GLU O 581 -12.77 22.77 -55.21
CA GLU O 581 -11.42 23.23 -54.84
C GLU O 581 -10.66 22.09 -54.18
N THR O 582 -11.26 21.40 -53.21
CA THR O 582 -10.58 20.35 -52.44
C THR O 582 -10.20 19.19 -53.37
N PHE O 583 -11.00 18.94 -54.38
CA PHE O 583 -10.75 17.83 -55.31
C PHE O 583 -9.60 18.21 -56.23
N CYS O 584 -9.58 19.47 -56.67
CA CYS O 584 -8.42 20.01 -57.40
C CYS O 584 -7.16 19.88 -56.54
N LEU O 585 -7.26 20.25 -55.26
CA LEU O 585 -6.13 20.17 -54.33
C LEU O 585 -5.67 18.73 -54.17
N GLU O 586 -6.61 17.78 -54.23
CA GLU O 586 -6.27 16.36 -54.10
C GLU O 586 -5.43 15.94 -55.31
N ILE O 587 -5.87 16.36 -56.50
CA ILE O 587 -5.08 16.15 -57.72
C ILE O 587 -3.69 16.72 -57.49
N MET O 588 -3.63 17.98 -57.06
CA MET O 588 -2.36 18.69 -56.93
C MET O 588 -1.48 18.01 -55.89
N ASP O 589 -2.10 17.39 -54.88
CA ASP O 589 -1.35 16.68 -53.83
C ASP O 589 -0.71 15.43 -54.43
N SER O 590 -1.45 14.72 -55.26
CA SER O 590 -0.88 13.57 -55.94
C SER O 590 0.27 14.03 -56.85
N LEU O 591 0.09 15.18 -57.49
CA LEU O 591 1.14 15.78 -58.32
C LEU O 591 2.33 16.19 -57.48
N ARG O 592 2.06 16.63 -56.26
CA ARG O 592 3.12 16.94 -55.30
C ARG O 592 3.97 15.70 -55.08
N ARG O 593 3.34 14.52 -54.99
CA ARG O 593 4.18 13.33 -54.90
C ARG O 593 4.94 13.17 -56.21
N CYS O 594 4.24 13.36 -57.32
CA CYS O 594 4.87 13.25 -58.63
C CYS O 594 6.06 14.19 -58.74
N LEU O 595 6.10 15.27 -57.97
CA LEU O 595 7.24 16.16 -58.07
C LEU O 595 8.51 15.46 -57.62
N SER O 596 8.38 14.34 -56.93
CA SER O 596 9.52 13.48 -56.62
C SER O 596 9.30 12.29 -57.52
N GLN O 597 9.78 12.42 -58.75
CA GLN O 597 9.98 11.28 -59.62
C GLN O 597 11.17 11.54 -60.53
N GLN O 598 11.21 10.86 -61.66
CA GLN O 598 12.26 11.04 -62.68
C GLN O 598 11.98 12.27 -63.53
N ALA O 599 12.91 12.57 -64.44
CA ALA O 599 12.97 13.86 -65.14
C ALA O 599 11.72 14.13 -65.96
N ASP O 600 11.33 13.17 -66.77
CA ASP O 600 10.18 13.33 -67.67
C ASP O 600 8.93 13.83 -66.95
N VAL O 601 8.58 13.22 -65.82
CA VAL O 601 7.33 13.56 -65.11
C VAL O 601 7.40 15.01 -64.67
N ARG O 602 8.49 15.38 -64.02
CA ARG O 602 8.65 16.75 -63.52
C ARG O 602 8.58 17.73 -64.69
N LEU O 603 9.21 17.36 -65.79
CA LEU O 603 9.33 18.23 -66.96
C LEU O 603 7.94 18.55 -67.51
N MET O 604 7.19 17.50 -67.76
CA MET O 604 5.80 17.63 -68.20
C MET O 604 5.01 18.49 -67.21
N LEU O 605 5.14 18.21 -65.91
CA LEU O 605 4.41 18.99 -64.91
C LEU O 605 4.71 20.46 -65.13
N TYR O 606 5.98 20.79 -65.29
CA TYR O 606 6.36 22.20 -65.40
C TYR O 606 5.61 22.82 -66.58
N GLU O 607 5.88 22.33 -67.78
CA GLU O 607 5.25 22.94 -68.97
C GLU O 607 3.74 23.06 -68.76
N GLY O 608 3.13 22.11 -68.06
CA GLY O 608 1.71 22.17 -67.78
C GLY O 608 1.38 23.36 -66.90
N PHE O 609 2.22 23.62 -65.92
CA PHE O 609 1.87 24.55 -64.85
C PHE O 609 1.60 25.94 -65.40
N TYR O 610 2.36 26.37 -66.40
CA TYR O 610 2.07 27.64 -67.04
C TYR O 610 0.62 27.68 -67.52
N ASP O 611 0.21 26.64 -68.26
CA ASP O 611 -1.13 26.66 -68.86
C ASP O 611 -2.19 26.57 -67.77
N VAL O 612 -1.87 25.89 -66.68
CA VAL O 612 -2.83 25.78 -65.57
C VAL O 612 -3.03 27.15 -64.98
N LEU O 613 -1.91 27.86 -64.75
CA LEU O 613 -2.02 29.24 -64.29
C LEU O 613 -2.87 30.04 -65.28
N ARG O 614 -2.51 29.98 -66.56
CA ARG O 614 -3.04 30.94 -67.53
C ARG O 614 -4.53 30.77 -67.73
N ARG O 615 -5.05 29.58 -67.41
CA ARG O 615 -6.49 29.49 -67.13
C ARG O 615 -6.73 29.71 -65.64
N ASN O 616 -6.32 28.75 -64.82
CA ASN O 616 -6.88 28.55 -63.47
C ASN O 616 -6.03 29.34 -62.49
N SER O 617 -6.29 30.65 -62.43
CA SER O 617 -5.65 31.58 -61.47
C SER O 617 -5.95 31.19 -60.02
N GLN O 618 -7.13 30.64 -59.76
CA GLN O 618 -7.54 30.30 -58.39
C GLN O 618 -6.56 29.38 -57.68
N LEU O 619 -5.78 28.57 -58.40
CA LEU O 619 -4.80 27.67 -57.74
C LEU O 619 -3.36 28.17 -57.90
N ALA O 620 -3.18 29.40 -58.38
CA ALA O 620 -1.91 30.12 -58.40
C ALA O 620 -1.03 29.73 -57.21
N ASN O 621 -1.48 30.06 -56.01
CA ASN O 621 -0.62 30.00 -54.81
C ASN O 621 -0.19 28.55 -54.60
N SER O 622 -1.16 27.64 -54.72
CA SER O 622 -0.89 26.22 -54.47
C SER O 622 0.10 25.68 -55.49
N VAL O 623 0.22 26.32 -56.64
CA VAL O 623 1.25 25.96 -57.61
C VAL O 623 2.59 26.54 -57.18
N MET O 624 2.64 27.85 -56.94
CA MET O 624 3.93 28.55 -56.97
C MET O 624 4.79 28.12 -55.79
N GLN O 625 4.21 28.03 -54.59
CA GLN O 625 4.94 27.47 -53.43
C GLN O 625 5.51 26.12 -53.83
N THR O 626 4.65 25.30 -54.43
CA THR O 626 5.01 23.96 -54.88
C THR O 626 6.26 24.03 -55.76
N LEU O 627 6.37 25.02 -56.64
CA LEU O 627 7.60 25.18 -57.44
C LEU O 627 8.75 25.63 -56.55
N LEU O 628 8.55 26.70 -55.78
CA LEU O 628 9.66 27.35 -55.08
C LEU O 628 10.33 26.37 -54.13
N SER O 629 9.53 25.66 -53.35
CA SER O 629 10.03 24.57 -52.50
C SER O 629 11.02 23.73 -53.31
N GLN O 630 10.56 23.19 -54.43
CA GLN O 630 11.39 22.27 -55.19
C GLN O 630 12.60 22.99 -55.76
N LEU O 631 12.43 24.27 -56.09
CA LEU O 631 13.57 25.10 -56.52
C LEU O 631 14.56 25.26 -55.35
N LYS O 632 14.02 25.51 -54.15
CA LYS O 632 14.84 25.89 -53.00
C LYS O 632 15.64 24.70 -52.48
N GLN O 633 15.32 23.51 -52.96
CA GLN O 633 16.20 22.35 -52.75
C GLN O 633 17.55 22.57 -53.41
N PHE O 634 17.58 23.25 -54.54
CA PHE O 634 18.80 23.30 -55.35
C PHE O 634 19.33 24.70 -55.49
N TYR O 635 18.75 25.66 -54.77
CA TYR O 635 19.27 27.02 -54.66
C TYR O 635 19.65 27.27 -53.21
N GLU O 636 20.81 27.90 -53.01
CA GLU O 636 21.31 28.21 -51.66
C GLU O 636 21.09 29.69 -51.38
N PRO O 637 20.31 30.03 -50.34
CA PRO O 637 20.08 31.43 -49.95
C PRO O 637 21.11 31.99 -48.96
N LYS O 638 22.36 32.13 -49.42
CA LYS O 638 23.34 32.99 -48.76
C LYS O 638 24.07 33.73 -49.88
N PRO O 639 24.28 35.05 -49.77
CA PRO O 639 25.21 35.71 -50.69
C PRO O 639 26.65 35.34 -50.37
N ASP O 640 27.53 35.59 -51.35
CA ASP O 640 28.98 35.33 -51.22
C ASP O 640 29.23 33.84 -51.01
N LEU O 641 28.44 33.02 -51.69
CA LEU O 641 28.84 31.66 -52.08
C LEU O 641 28.60 31.54 -53.58
N LEU O 642 29.67 31.38 -54.34
CA LEU O 642 29.68 31.64 -55.78
C LEU O 642 28.96 30.62 -56.65
N PRO O 643 28.96 29.30 -56.35
CA PRO O 643 28.05 28.37 -57.03
C PRO O 643 26.70 28.34 -56.33
N PRO O 644 25.77 29.27 -56.62
CA PRO O 644 24.54 29.34 -55.82
C PRO O 644 23.60 28.17 -56.06
N LEU O 645 24.02 27.17 -56.84
CA LEU O 645 23.20 26.01 -57.16
C LEU O 645 24.06 24.76 -57.06
N LYS O 646 23.45 23.69 -56.57
CA LYS O 646 24.18 22.44 -56.30
C LYS O 646 23.89 21.54 -57.47
N LEU O 647 24.77 21.56 -58.46
CA LEU O 647 24.45 20.97 -59.76
C LEU O 647 24.62 19.47 -59.73
N GLU O 648 25.47 18.97 -58.85
CA GLU O 648 25.61 17.53 -58.62
C GLU O 648 24.32 16.98 -57.99
N ALA O 649 23.75 17.69 -57.01
CA ALA O 649 22.54 17.23 -56.31
C ALA O 649 21.39 17.03 -57.31
N CYS O 650 21.46 17.69 -58.46
CA CYS O 650 20.43 17.58 -59.51
C CYS O 650 20.56 16.26 -60.25
N ILE O 651 21.73 15.64 -60.20
CA ILE O 651 22.11 14.55 -61.11
C ILE O 651 22.33 13.32 -60.24
N LEU O 652 21.62 12.25 -60.55
CA LEU O 652 21.77 10.99 -59.83
C LEU O 652 22.50 9.98 -60.72
N THR O 653 23.39 9.23 -60.09
CA THR O 653 24.29 8.26 -60.73
C THR O 653 24.12 6.93 -60.01
N GLN O 654 23.85 5.87 -60.77
CA GLN O 654 23.60 4.53 -60.21
C GLN O 654 24.47 3.56 -60.99
N GLY O 655 25.73 3.43 -60.55
CA GLY O 655 26.77 2.69 -61.24
C GLY O 655 26.99 3.17 -62.66
N ASP O 656 27.60 4.35 -62.80
CA ASP O 656 28.20 4.85 -64.05
C ASP O 656 27.08 5.23 -65.03
N LYS O 657 25.91 4.63 -64.92
CA LYS O 657 24.70 5.20 -65.53
C LYS O 657 24.33 6.48 -64.79
N ILE O 658 24.34 7.59 -65.51
CA ILE O 658 24.19 8.91 -64.91
C ILE O 658 23.16 9.69 -65.70
N SER O 659 22.14 10.18 -65.00
CA SER O 659 20.94 10.74 -65.62
C SER O 659 20.55 12.02 -64.86
N LEU O 660 19.89 12.93 -65.57
CA LEU O 660 19.34 14.12 -64.92
C LEU O 660 18.03 13.75 -64.24
N GLN O 661 17.81 14.31 -63.05
CA GLN O 661 16.47 14.48 -62.49
C GLN O 661 16.31 15.92 -62.02
N GLU O 662 15.13 16.49 -62.23
CA GLU O 662 14.86 17.91 -61.91
C GLU O 662 15.62 18.79 -62.89
N PRO O 663 15.04 19.11 -64.05
CA PRO O 663 15.63 20.11 -64.95
C PRO O 663 15.47 21.52 -64.40
N LEU O 664 16.58 22.04 -63.89
CA LEU O 664 16.56 23.35 -63.22
C LEU O 664 16.33 24.48 -64.22
N ASP O 665 17.08 24.48 -65.32
CA ASP O 665 16.81 25.35 -66.49
C ASP O 665 15.31 25.51 -66.72
N TYR O 666 14.62 24.42 -66.95
CA TYR O 666 13.24 24.49 -67.44
C TYR O 666 12.38 24.98 -66.29
N LEU O 667 12.73 24.56 -65.09
CA LEU O 667 12.04 25.02 -63.88
C LEU O 667 12.10 26.55 -63.81
N LEU O 668 13.28 27.14 -63.89
CA LEU O 668 13.35 28.60 -63.77
C LEU O 668 12.55 29.25 -64.89
N CYS O 669 12.63 28.72 -66.11
CA CYS O 669 11.89 29.32 -67.22
C CYS O 669 10.42 29.40 -66.87
N CYS O 670 9.87 28.26 -66.44
CA CYS O 670 8.48 28.19 -66.00
C CYS O 670 8.22 29.22 -64.91
N ILE O 671 9.10 29.26 -63.93
CA ILE O 671 8.91 30.16 -62.79
C ILE O 671 8.76 31.59 -63.29
N GLN O 672 9.68 32.02 -64.14
CA GLN O 672 9.74 33.44 -64.48
C GLN O 672 8.56 33.80 -65.37
N HIS O 673 8.14 32.88 -66.22
CA HIS O 673 6.90 33.11 -66.99
C HIS O 673 5.72 33.25 -66.05
N CYS O 674 5.58 32.32 -65.11
CA CYS O 674 4.53 32.41 -64.08
C CYS O 674 4.55 33.75 -63.37
N LEU O 675 5.73 34.20 -62.95
CA LEU O 675 5.80 35.43 -62.15
C LEU O 675 5.49 36.64 -63.04
N ALA O 676 5.93 36.65 -64.29
CA ALA O 676 5.58 37.76 -65.19
C ALA O 676 4.07 37.82 -65.36
N TRP O 677 3.45 36.66 -65.55
CA TRP O 677 1.99 36.57 -65.61
C TRP O 677 1.36 37.07 -64.30
N TYR O 678 1.98 36.73 -63.17
CA TYR O 678 1.45 37.15 -61.85
C TYR O 678 1.48 38.67 -61.71
N LYS O 679 2.55 39.30 -62.19
CA LYS O 679 2.67 40.77 -62.19
C LYS O 679 1.58 41.35 -63.08
N ASN O 680 1.52 40.88 -64.33
CA ASN O 680 0.74 41.56 -65.37
C ASN O 680 -0.75 41.43 -65.08
N THR O 681 -1.14 40.30 -64.50
CA THR O 681 -2.54 39.83 -64.46
C THR O 681 -3.06 39.77 -63.03
N VAL O 682 -2.36 39.09 -62.12
CA VAL O 682 -2.93 38.71 -60.82
C VAL O 682 -3.22 39.95 -59.98
N ILE O 683 -2.27 40.88 -59.91
CA ILE O 683 -2.42 42.06 -59.04
C ILE O 683 -3.48 43.00 -59.59
N PRO O 684 -3.52 43.32 -60.90
CA PRO O 684 -4.74 43.98 -61.38
C PRO O 684 -5.87 43.00 -61.65
N GLU O 696 -0.40 39.19 -51.89
CA GLU O 696 0.36 40.44 -51.94
C GLU O 696 1.83 40.16 -51.58
N ALA O 697 2.08 39.63 -50.39
CA ALA O 697 3.44 39.46 -49.86
C ALA O 697 3.90 38.02 -50.09
N PHE O 698 4.16 37.71 -51.35
CA PHE O 698 4.53 36.35 -51.77
C PHE O 698 5.51 36.41 -52.94
N TYR O 699 5.10 37.07 -54.02
CA TYR O 699 5.91 37.18 -55.25
C TYR O 699 7.27 37.84 -54.95
N GLU O 700 7.33 38.72 -53.96
CA GLU O 700 8.59 39.40 -53.61
C GLU O 700 9.65 38.40 -53.14
N ASP O 701 9.23 37.35 -52.43
CA ASP O 701 10.12 36.23 -52.07
C ASP O 701 10.88 35.77 -53.31
N LEU O 702 10.14 35.39 -54.34
CA LEU O 702 10.72 34.81 -55.55
C LEU O 702 11.56 35.87 -56.26
N ASP O 703 11.07 37.11 -56.26
CA ASP O 703 11.81 38.23 -56.83
C ASP O 703 13.22 38.30 -56.24
N ASP O 704 13.30 38.37 -54.92
CA ASP O 704 14.61 38.60 -54.28
C ASP O 704 15.48 37.35 -54.42
N ILE O 705 14.87 36.17 -54.46
CA ILE O 705 15.63 34.94 -54.75
C ILE O 705 16.31 35.08 -56.11
N LEU O 706 15.52 35.43 -57.11
CA LEU O 706 16.08 35.59 -58.46
C LEU O 706 17.16 36.64 -58.48
N GLU O 707 16.95 37.76 -57.79
CA GLU O 707 17.93 38.86 -57.82
C GLU O 707 19.24 38.41 -57.18
N SER O 708 19.16 37.62 -56.13
CA SER O 708 20.38 37.05 -55.54
C SER O 708 21.05 36.12 -56.56
N ILE O 709 20.26 35.31 -57.26
CA ILE O 709 20.85 34.39 -58.25
C ILE O 709 21.55 35.19 -59.34
N THR O 710 20.89 36.26 -59.81
CA THR O 710 21.48 37.14 -60.84
C THR O 710 22.83 37.63 -60.38
N ASN O 711 22.85 38.31 -59.23
CA ASN O 711 24.05 39.05 -58.79
C ASN O 711 25.19 38.07 -58.56
N ARG O 712 24.90 36.88 -58.05
CA ARG O 712 25.95 35.92 -57.73
C ARG O 712 26.38 35.15 -58.96
N MET O 713 25.45 34.86 -59.87
CA MET O 713 25.79 34.20 -61.13
C MET O 713 26.61 35.11 -62.02
N ILE O 714 26.46 36.43 -61.85
CA ILE O 714 27.34 37.37 -62.57
C ILE O 714 28.79 37.05 -62.20
N LYS O 715 29.07 37.09 -60.90
CA LYS O 715 30.46 36.99 -60.42
C LYS O 715 30.85 35.53 -60.23
N SER O 716 29.95 34.61 -60.52
CA SER O 716 30.31 33.20 -60.69
C SER O 716 31.06 33.01 -62.01
N GLU O 717 32.02 32.08 -62.02
CA GLU O 717 32.68 31.72 -63.28
C GLU O 717 33.36 30.36 -63.14
N LEU O 718 32.62 29.30 -63.45
CA LEU O 718 33.19 28.14 -64.17
C LEU O 718 34.07 27.24 -63.29
N GLU O 719 34.75 27.80 -62.30
CA GLU O 719 35.43 27.00 -61.27
C GLU O 719 34.54 26.83 -60.02
N ASP O 720 33.36 27.42 -60.02
CA ASP O 720 32.32 27.12 -59.02
C ASP O 720 31.67 25.80 -59.37
N PHE O 721 31.57 25.55 -60.67
CA PHE O 721 30.98 24.34 -61.26
C PHE O 721 32.08 23.44 -61.80
N GLU O 722 33.33 23.81 -61.53
CA GLU O 722 34.55 23.06 -61.87
C GLU O 722 34.58 22.64 -63.34
N LEU O 723 34.35 23.62 -64.21
CA LEU O 723 34.10 23.38 -65.64
C LEU O 723 35.35 23.79 -66.44
N ASP O 724 35.61 23.04 -67.50
CA ASP O 724 36.68 23.30 -68.50
C ASP O 724 38.04 22.88 -67.96
N LYS O 725 38.20 22.84 -66.64
CA LYS O 725 39.52 22.76 -66.00
C LYS O 725 39.75 21.37 -65.42
N SER O 726 38.87 20.93 -64.52
CA SER O 726 39.05 19.73 -63.69
C SER O 726 38.50 18.49 -64.39
N ALA O 727 37.36 18.63 -65.06
CA ALA O 727 36.79 17.58 -65.91
C ALA O 727 36.61 18.14 -67.32
N ASP O 728 37.10 17.39 -68.31
CA ASP O 728 37.06 17.77 -69.74
C ASP O 728 35.88 17.09 -70.44
N PHE O 729 34.77 16.94 -69.71
CA PHE O 729 33.44 16.68 -70.28
C PHE O 729 33.42 15.41 -71.15
N SER O 730 34.32 14.48 -70.84
CA SER O 730 34.61 13.38 -71.78
C SER O 730 33.36 12.51 -71.89
N GLN O 731 33.01 12.10 -73.11
CA GLN O 731 32.01 11.03 -73.33
C GLN O 731 32.72 9.68 -73.29
N SER O 732 33.47 9.48 -72.22
CA SER O 732 33.97 8.19 -71.76
C SER O 732 33.50 7.93 -70.34
N THR O 733 33.72 8.92 -69.47
CA THR O 733 33.55 8.82 -68.02
C THR O 733 32.15 9.28 -67.60
N SER O 734 31.82 8.97 -66.36
CA SER O 734 30.60 9.50 -65.71
C SER O 734 30.75 10.98 -65.42
N ILE O 735 31.95 11.42 -65.05
CA ILE O 735 32.15 12.81 -64.58
C ILE O 735 32.06 13.75 -65.77
N GLY O 736 32.61 13.35 -66.92
CA GLY O 736 32.40 14.09 -68.16
C GLY O 736 30.92 14.25 -68.50
N ILE O 737 30.15 13.19 -68.33
CA ILE O 737 28.69 13.28 -68.53
C ILE O 737 28.11 14.28 -67.55
N LYS O 738 28.52 14.19 -66.28
CA LYS O 738 28.07 15.15 -65.25
C LYS O 738 28.35 16.57 -65.71
N ASN O 739 29.56 16.82 -66.19
CA ASN O 739 29.94 18.19 -66.57
C ASN O 739 29.15 18.64 -67.79
N ASN O 740 28.88 17.74 -68.74
CA ASN O 740 28.11 18.12 -69.93
C ASN O 740 26.68 18.50 -69.54
N ILE O 741 26.02 17.63 -68.77
CA ILE O 741 24.65 17.88 -68.26
C ILE O 741 24.63 19.19 -67.47
N SER O 742 25.56 19.34 -66.54
CA SER O 742 25.66 20.55 -65.72
C SER O 742 25.81 21.78 -66.61
N ALA O 743 26.65 21.70 -67.64
CA ALA O 743 26.95 22.85 -68.51
C ALA O 743 25.68 23.25 -69.25
N PHE O 744 24.94 22.28 -69.74
CA PHE O 744 23.68 22.60 -70.43
C PHE O 744 22.67 23.18 -69.44
N LEU O 745 22.60 22.62 -68.23
CA LEU O 745 21.72 23.20 -67.20
C LEU O 745 22.10 24.65 -66.94
N VAL O 746 23.38 24.91 -66.80
CA VAL O 746 23.88 26.27 -66.55
C VAL O 746 23.45 27.16 -67.69
N MET O 747 23.69 26.72 -68.91
CA MET O 747 23.41 27.51 -70.10
C MET O 747 21.95 27.92 -70.10
N GLY O 748 21.07 26.96 -69.81
CA GLY O 748 19.64 27.23 -69.75
C GLY O 748 19.30 28.18 -68.63
N VAL O 749 19.93 28.01 -67.48
CA VAL O 749 19.73 28.95 -66.37
C VAL O 749 20.12 30.36 -66.82
N CYS O 750 21.29 30.47 -67.45
CA CYS O 750 21.81 31.74 -67.96
C CYS O 750 20.73 32.41 -68.81
N GLU O 751 20.19 31.65 -69.74
CA GLU O 751 19.18 32.17 -70.67
C GLU O 751 17.95 32.64 -69.90
N VAL O 752 17.48 31.85 -68.93
CA VAL O 752 16.24 32.18 -68.21
C VAL O 752 16.44 33.48 -67.45
N LEU O 753 17.63 33.65 -66.87
CA LEU O 753 17.84 34.91 -66.13
C LEU O 753 18.04 36.06 -67.12
N ILE O 754 18.51 35.79 -68.33
CA ILE O 754 18.46 36.79 -69.41
C ILE O 754 17.02 37.26 -69.57
N GLU O 755 16.11 36.31 -69.75
CA GLU O 755 14.69 36.66 -69.92
C GLU O 755 14.19 37.43 -68.70
N TYR O 756 14.54 36.98 -67.51
CA TYR O 756 14.05 37.63 -66.28
C TYR O 756 14.54 39.07 -66.23
N ASN O 757 15.84 39.26 -66.42
CA ASN O 757 16.46 40.58 -66.26
C ASN O 757 15.87 41.53 -67.29
N PHE O 758 15.62 41.04 -68.49
CA PHE O 758 14.90 41.83 -69.50
C PHE O 758 13.50 42.17 -68.98
N SER O 759 12.80 41.21 -68.38
CA SER O 759 11.38 41.34 -68.07
C SER O 759 11.14 42.28 -66.89
N ILE O 760 12.15 42.48 -66.04
CA ILE O 760 11.96 43.24 -64.79
C ILE O 760 11.56 44.67 -65.16
N SER O 761 12.48 45.38 -65.81
CA SER O 761 12.48 46.84 -65.87
C SER O 761 12.15 47.30 -67.28
N SER O 762 12.02 48.60 -67.45
CA SER O 762 12.07 49.22 -68.78
C SER O 762 13.51 49.64 -69.06
N PHE O 763 14.29 48.67 -69.50
CA PHE O 763 15.57 48.89 -70.20
C PHE O 763 16.55 49.66 -69.31
N SER O 764 16.80 49.10 -68.14
CA SER O 764 17.86 49.59 -67.25
C SER O 764 19.22 49.23 -67.86
N LYS O 765 20.18 50.13 -67.72
CA LYS O 765 21.53 49.85 -68.23
C LYS O 765 22.19 48.74 -67.43
N ASN O 766 22.10 48.80 -66.10
CA ASN O 766 22.84 47.86 -65.24
C ASN O 766 22.38 46.43 -65.52
N ARG O 767 21.08 46.22 -65.64
CA ARG O 767 20.53 44.88 -65.92
C ARG O 767 20.98 44.40 -67.29
N PHE O 768 21.10 45.30 -68.27
CA PHE O 768 21.61 44.90 -69.58
C PHE O 768 23.09 44.52 -69.50
N GLU O 769 23.86 45.21 -68.66
CA GLU O 769 25.25 44.79 -68.39
C GLU O 769 25.25 43.38 -67.80
N ASP O 770 24.33 43.12 -66.87
CA ASP O 770 24.22 41.79 -66.25
C ASP O 770 23.89 40.76 -67.33
N ILE O 771 22.94 41.08 -68.20
CA ILE O 771 22.54 40.18 -69.31
C ILE O 771 23.74 39.92 -70.21
N LEU O 772 24.50 40.97 -70.54
CA LEU O 772 25.69 40.83 -71.38
C LEU O 772 26.69 39.90 -70.71
N SER O 773 26.87 40.04 -69.40
CA SER O 773 27.82 39.21 -68.65
C SER O 773 27.35 37.76 -68.67
N LEU O 774 26.06 37.55 -68.42
CA LEU O 774 25.44 36.22 -68.49
C LEU O 774 25.68 35.63 -69.88
N PHE O 775 25.43 36.43 -70.91
CA PHE O 775 25.61 35.98 -72.28
C PHE O 775 27.07 35.63 -72.50
N MET O 776 27.98 36.40 -71.93
CA MET O 776 29.41 36.12 -72.12
C MET O 776 29.75 34.77 -71.49
N CYS O 777 29.21 34.49 -70.30
CA CYS O 777 29.32 33.18 -69.65
C CYS O 777 28.77 32.08 -70.56
N TYR O 778 27.54 32.28 -71.01
CA TYR O 778 26.85 31.32 -71.86
C TYR O 778 27.69 31.04 -73.12
N LYS O 779 28.21 32.10 -73.75
CA LYS O 779 28.92 31.99 -75.04
C LYS O 779 30.28 31.32 -74.82
N LYS O 780 30.92 31.60 -73.69
CA LYS O 780 32.15 30.89 -73.29
C LYS O 780 31.84 29.40 -73.21
N LEU O 781 30.78 29.05 -72.47
CA LEU O 781 30.38 27.65 -72.32
C LEU O 781 30.13 27.05 -73.70
N SER O 782 29.51 27.83 -74.58
CA SER O 782 29.17 27.36 -75.93
C SER O 782 30.46 27.03 -76.70
N ASP O 783 31.45 27.91 -76.62
CA ASP O 783 32.70 27.68 -77.36
C ASP O 783 33.52 26.57 -76.72
N ILE O 784 33.32 26.33 -75.42
CA ILE O 784 33.91 25.15 -74.78
C ILE O 784 33.24 23.90 -75.34
N LEU O 785 31.92 23.83 -75.25
CA LEU O 785 31.18 22.66 -75.72
C LEU O 785 31.44 22.42 -77.21
N ASN O 786 31.68 23.48 -77.99
CA ASN O 786 31.97 23.35 -79.43
C ASN O 786 33.30 22.65 -79.63
N GLU O 787 34.30 23.02 -78.83
CA GLU O 787 35.59 22.29 -78.79
C GLU O 787 35.36 20.82 -78.40
N LYS O 788 34.49 20.56 -77.42
CA LYS O 788 34.25 19.20 -76.90
C LYS O 788 33.42 18.36 -77.86
N ALA O 789 32.64 19.00 -78.73
CA ALA O 789 32.01 18.39 -79.90
C ALA O 789 32.89 18.53 -81.14
N GLY O 790 34.09 19.10 -80.98
CA GLY O 790 35.14 19.12 -81.99
C GLY O 790 36.12 17.99 -81.74
N LYS O 791 36.14 17.44 -80.53
CA LYS O 791 36.97 16.26 -80.26
C LYS O 791 36.25 15.05 -80.83
N ALA O 792 35.00 14.86 -80.42
CA ALA O 792 34.12 13.88 -81.06
C ALA O 792 33.35 14.57 -82.18
N LYS O 793 32.49 13.84 -82.86
CA LYS O 793 31.71 14.44 -83.94
C LYS O 793 30.48 15.13 -83.35
N THR O 794 29.80 15.94 -84.15
CA THR O 794 28.54 16.58 -83.73
C THR O 794 27.36 15.64 -83.98
N LYS O 795 27.41 14.48 -83.32
CA LYS O 795 26.37 13.44 -83.43
C LYS O 795 25.29 13.67 -82.38
N MET O 796 25.68 14.25 -81.25
CA MET O 796 24.74 14.72 -80.23
C MET O 796 24.01 15.97 -80.74
N ALA O 797 22.69 15.96 -80.60
CA ALA O 797 21.82 17.13 -80.81
C ALA O 797 21.45 17.75 -79.47
N ASN O 798 22.47 18.02 -78.64
CA ASN O 798 22.30 18.50 -77.26
C ASN O 798 22.82 19.92 -77.07
N LYS O 799 23.73 20.38 -77.92
CA LYS O 799 24.11 21.81 -77.93
C LYS O 799 23.22 22.58 -78.90
N THR O 800 22.69 21.90 -79.91
CA THR O 800 21.58 22.39 -80.74
C THR O 800 20.23 21.98 -80.17
N SER O 801 20.19 21.55 -78.90
CA SER O 801 18.92 21.40 -78.18
C SER O 801 18.25 22.76 -78.06
N ASP O 802 16.95 22.71 -77.78
CA ASP O 802 16.15 23.93 -77.67
C ASP O 802 16.80 24.91 -76.69
N SER O 803 16.71 26.19 -77.03
CA SER O 803 16.60 27.24 -76.03
C SER O 803 15.24 27.14 -75.35
N LEU O 804 15.13 27.76 -74.19
CA LEU O 804 13.88 27.73 -73.40
C LEU O 804 13.11 29.04 -73.52
N LEU O 805 13.69 30.03 -74.17
CA LEU O 805 13.05 31.33 -74.39
C LEU O 805 11.74 31.13 -75.13
N SER O 806 10.69 31.80 -74.68
CA SER O 806 9.43 31.85 -75.42
C SER O 806 9.62 32.52 -76.79
N MET O 807 8.85 32.10 -77.78
CA MET O 807 8.91 32.77 -79.08
C MET O 807 8.39 34.21 -78.92
N LYS O 808 7.39 34.41 -78.05
CA LYS O 808 6.96 35.74 -77.59
C LYS O 808 8.21 36.56 -77.23
N PHE O 809 9.04 35.99 -76.38
CA PHE O 809 10.29 36.65 -75.95
C PHE O 809 11.15 37.01 -77.15
N VAL O 810 11.38 36.07 -78.06
CA VAL O 810 12.42 36.24 -79.10
C VAL O 810 11.98 37.33 -80.05
N SER O 811 10.69 37.33 -80.41
CA SER O 811 10.09 38.42 -81.17
C SER O 811 10.43 39.76 -80.51
N SER O 812 10.08 39.88 -79.22
CA SER O 812 10.44 41.06 -78.40
C SER O 812 11.93 41.39 -78.54
N LEU O 813 12.80 40.39 -78.41
CA LEU O 813 14.24 40.64 -78.34
C LEU O 813 14.70 41.24 -79.65
N LEU O 814 14.23 40.69 -80.75
CA LEU O 814 14.70 41.16 -82.06
C LEU O 814 14.10 42.54 -82.36
N THR O 815 12.85 42.78 -81.96
CA THR O 815 12.24 44.11 -82.11
C THR O 815 13.05 45.14 -81.32
N ALA O 816 13.43 44.79 -80.10
CA ALA O 816 14.20 45.70 -79.24
C ALA O 816 15.56 45.96 -79.86
N LEU O 817 16.19 44.93 -80.42
CA LEU O 817 17.56 45.08 -80.93
C LEU O 817 17.55 45.98 -82.15
N PHE O 818 16.74 45.63 -83.15
CA PHE O 818 16.79 46.28 -84.47
C PHE O 818 15.90 47.51 -84.52
N ARG O 819 14.57 47.33 -84.40
CA ARG O 819 13.62 48.39 -84.75
C ARG O 819 13.60 49.49 -83.70
N ASP O 820 13.59 49.12 -82.42
CA ASP O 820 13.46 50.10 -81.34
C ASP O 820 14.57 51.14 -81.43
N SER O 821 14.19 52.42 -81.50
CA SER O 821 15.11 53.55 -81.36
C SER O 821 14.50 54.60 -80.40
N ILE O 822 14.08 54.15 -79.22
CA ILE O 822 13.56 55.05 -78.16
C ILE O 822 14.67 55.34 -77.15
N GLN O 823 14.95 56.64 -76.97
CA GLN O 823 16.20 57.07 -76.32
C GLN O 823 16.24 56.65 -74.86
N SER O 824 15.07 56.45 -74.25
CA SER O 824 15.00 55.96 -72.86
C SER O 824 15.59 54.56 -72.78
N HIS O 825 15.57 53.84 -73.90
CA HIS O 825 16.07 52.46 -73.99
C HIS O 825 17.36 52.41 -74.80
N GLN O 826 17.61 53.43 -75.62
CA GLN O 826 18.67 53.38 -76.64
C GLN O 826 20.04 53.32 -75.98
N GLU O 827 20.28 54.19 -75.00
CA GLU O 827 21.57 54.27 -74.29
C GLU O 827 21.96 52.89 -73.74
N SER O 828 20.98 52.13 -73.26
CA SER O 828 21.21 50.87 -72.53
C SER O 828 21.22 49.69 -73.49
N LEU O 829 20.43 49.75 -74.56
CA LEU O 829 20.43 48.71 -75.59
C LEU O 829 21.64 48.83 -76.53
N SER O 830 22.22 50.02 -76.66
CA SER O 830 23.37 50.25 -77.56
C SER O 830 24.57 49.39 -77.18
N VAL O 831 24.67 48.95 -75.92
CA VAL O 831 25.72 48.00 -75.54
C VAL O 831 25.42 46.64 -76.13
N LEU O 832 24.15 46.27 -76.24
CA LEU O 832 23.80 44.96 -76.81
C LEU O 832 23.92 45.03 -78.34
N ARG O 833 23.49 46.14 -78.94
CA ARG O 833 23.66 46.38 -80.38
C ARG O 833 25.12 46.24 -80.77
N SER O 834 26.03 46.75 -79.93
CA SER O 834 27.49 46.72 -80.20
C SER O 834 28.03 45.28 -80.35
N SER O 835 27.21 44.25 -80.13
CA SER O 835 27.67 42.84 -80.21
C SER O 835 27.88 42.40 -81.67
N ASN O 836 28.72 41.38 -81.88
CA ASN O 836 28.65 40.45 -83.05
C ASN O 836 28.03 39.12 -82.61
N GLU O 837 28.80 38.28 -81.90
CA GLU O 837 28.36 36.99 -81.33
C GLU O 837 26.93 37.06 -80.78
N PHE O 838 26.58 38.13 -80.06
CA PHE O 838 25.23 38.27 -79.49
C PHE O 838 24.19 38.34 -80.60
N MET O 839 24.45 39.13 -81.65
CA MET O 839 23.45 39.29 -82.71
C MET O 839 23.26 37.98 -83.48
N ARG O 840 24.33 37.24 -83.77
CA ARG O 840 24.16 35.95 -84.46
C ARG O 840 23.47 34.94 -83.55
N TYR O 841 23.75 35.01 -82.24
CA TYR O 841 23.02 34.19 -81.25
C TYR O 841 21.52 34.48 -81.36
N ALA O 842 21.15 35.76 -81.42
CA ALA O 842 19.75 36.16 -81.37
C ALA O 842 19.01 35.56 -82.56
N VAL O 843 19.56 35.71 -83.76
CA VAL O 843 18.90 35.15 -84.95
C VAL O 843 18.94 33.63 -84.96
N ASN O 844 20.01 33.02 -84.44
CA ASN O 844 20.06 31.55 -84.29
C ASN O 844 18.87 31.05 -83.47
N VAL O 845 18.55 31.75 -82.37
CA VAL O 845 17.43 31.37 -81.49
C VAL O 845 16.14 31.34 -82.30
N ALA O 846 15.83 32.44 -82.98
CA ALA O 846 14.62 32.50 -83.80
C ALA O 846 14.61 31.38 -84.83
N LEU O 847 15.75 31.13 -85.48
CA LEU O 847 15.84 30.02 -86.43
C LEU O 847 15.52 28.68 -85.76
N GLN O 848 16.00 28.45 -84.53
CA GLN O 848 15.68 27.19 -83.83
C GLN O 848 14.17 27.06 -83.58
N LYS O 849 13.51 28.15 -83.16
CA LYS O 849 12.05 28.15 -83.02
C LYS O 849 11.41 27.82 -84.37
N VAL O 850 11.89 28.41 -85.45
CA VAL O 850 11.28 28.17 -86.76
C VAL O 850 11.47 26.71 -87.17
N GLN O 851 12.68 26.17 -87.00
CA GLN O 851 12.95 24.78 -87.40
C GLN O 851 12.07 23.83 -86.59
N GLN O 852 11.93 24.12 -85.29
CA GLN O 852 11.01 23.37 -84.42
C GLN O 852 9.59 23.43 -84.97
N LEU O 853 9.15 24.61 -85.39
CA LEU O 853 7.76 24.78 -85.86
C LEU O 853 7.56 24.00 -87.15
N LYS O 854 8.59 23.94 -88.00
CA LYS O 854 8.48 23.16 -89.23
C LYS O 854 8.37 21.68 -88.91
N GLU O 855 9.27 21.17 -88.09
CA GLU O 855 9.43 19.72 -87.92
C GLU O 855 8.26 19.10 -87.15
N THR O 856 7.89 19.66 -86.01
CA THR O 856 6.64 19.30 -85.33
C THR O 856 5.52 20.17 -85.89
N GLY O 857 4.33 20.04 -85.31
CA GLY O 857 3.26 21.00 -85.50
C GLY O 857 3.51 22.34 -84.84
N HIS O 858 4.41 22.38 -83.88
CA HIS O 858 4.50 23.53 -82.97
C HIS O 858 5.91 23.63 -82.38
N VAL O 859 6.18 24.76 -81.72
CA VAL O 859 7.43 25.06 -81.02
C VAL O 859 7.36 24.74 -79.55
N SER O 860 8.51 24.83 -78.89
CA SER O 860 8.79 24.18 -77.60
C SER O 860 8.15 24.94 -76.45
N GLY O 861 8.52 26.21 -76.28
CA GLY O 861 8.35 26.88 -75.01
C GLY O 861 6.88 27.20 -74.74
N PRO O 862 6.65 28.21 -73.90
CA PRO O 862 5.29 28.48 -73.43
C PRO O 862 4.48 29.15 -74.53
N ASP O 863 3.19 28.83 -74.55
CA ASP O 863 2.29 29.20 -75.65
C ASP O 863 2.93 28.86 -77.00
N GLY O 864 3.58 27.69 -77.07
CA GLY O 864 3.90 27.00 -78.32
C GLY O 864 2.89 25.92 -78.64
N GLN O 865 1.67 26.04 -78.13
CA GLN O 865 0.61 25.04 -78.37
C GLN O 865 -0.72 25.65 -78.79
N ASN O 866 -0.92 26.94 -78.59
CA ASN O 866 -2.01 27.66 -79.23
C ASN O 866 -1.50 28.18 -80.58
N PRO O 867 -2.06 27.72 -81.70
CA PRO O 867 -1.52 28.09 -83.01
C PRO O 867 -1.61 29.58 -83.33
N GLU O 868 -2.64 30.29 -82.85
CA GLU O 868 -2.78 31.70 -83.22
C GLU O 868 -1.64 32.52 -82.62
N LYS O 869 -1.20 32.17 -81.42
CA LYS O 869 -0.11 32.91 -80.78
C LYS O 869 1.18 32.65 -81.55
N ILE O 870 1.37 31.41 -81.97
CA ILE O 870 2.55 31.03 -82.78
C ILE O 870 2.51 31.79 -84.09
N PHE O 871 1.33 31.92 -84.67
CA PHE O 871 1.15 32.64 -85.93
C PHE O 871 1.52 34.11 -85.73
N GLN O 872 1.04 34.70 -84.65
CA GLN O 872 1.32 36.12 -84.37
C GLN O 872 2.83 36.32 -84.28
N ASN O 873 3.50 35.42 -83.59
CA ASN O 873 4.95 35.56 -83.43
C ASN O 873 5.64 35.33 -84.76
N LEU O 874 5.07 34.44 -85.58
CA LEU O 874 5.57 34.24 -86.95
C LEU O 874 5.54 35.57 -87.70
N CYS O 875 4.37 36.20 -87.76
CA CYS O 875 4.21 37.45 -88.52
C CYS O 875 5.22 38.49 -88.03
N ASP O 876 5.41 38.59 -86.72
CA ASP O 876 6.26 39.65 -86.15
C ASP O 876 7.73 39.38 -86.45
N LEU O 877 8.16 38.13 -86.28
CA LEU O 877 9.49 37.72 -86.74
C LEU O 877 9.68 38.08 -88.20
N THR O 878 8.69 37.75 -89.03
CA THR O 878 8.77 38.01 -90.47
C THR O 878 9.02 39.50 -90.72
N ARG O 879 8.24 40.36 -90.06
CA ARG O 879 8.41 41.81 -90.22
C ARG O 879 9.82 42.23 -89.83
N VAL O 880 10.32 41.66 -88.73
CA VAL O 880 11.63 42.07 -88.23
C VAL O 880 12.71 41.69 -89.24
N LEU O 881 12.69 40.46 -89.72
CA LEU O 881 13.77 40.01 -90.61
C LEU O 881 13.66 40.70 -91.96
N LEU O 882 12.44 41.00 -92.43
CA LEU O 882 12.29 41.79 -93.65
C LEU O 882 12.95 43.15 -93.45
N TRP O 883 12.61 43.83 -92.35
CA TRP O 883 13.16 45.16 -92.09
C TRP O 883 14.68 45.13 -92.06
N ARG O 884 15.26 44.16 -91.35
CA ARG O 884 16.72 44.09 -91.21
C ARG O 884 17.36 43.79 -92.54
N TYR O 885 16.76 42.94 -93.36
CA TYR O 885 17.33 42.66 -94.68
C TYR O 885 17.27 43.90 -95.57
N THR O 886 16.10 44.53 -95.69
CA THR O 886 15.86 45.57 -96.71
C THR O 886 16.56 46.86 -96.31
N SER O 887 16.39 47.29 -95.05
CA SER O 887 16.92 48.60 -94.61
C SER O 887 18.45 48.53 -94.65
N ILE O 888 19.03 47.69 -93.81
CA ILE O 888 20.48 47.47 -93.79
C ILE O 888 20.76 46.41 -94.85
N PRO O 889 21.57 46.71 -95.88
CA PRO O 889 21.88 45.69 -96.89
C PRO O 889 22.76 44.55 -96.39
N THR O 890 23.21 43.71 -97.32
CA THR O 890 24.19 42.66 -96.99
C THR O 890 25.61 43.17 -97.18
N SER O 891 25.84 44.05 -98.16
CA SER O 891 27.19 44.57 -98.42
C SER O 891 27.55 45.57 -97.33
N VAL O 892 27.44 45.16 -96.07
CA VAL O 892 27.88 45.98 -94.93
C VAL O 892 28.77 45.14 -94.00
N GLU O 893 29.43 44.14 -94.56
CA GLU O 893 30.14 43.14 -93.75
C GLU O 893 31.44 43.81 -93.31
N GLU O 894 31.43 44.35 -92.08
CA GLU O 894 32.61 45.03 -91.51
C GLU O 894 32.96 44.35 -90.20
N SER O 895 32.82 43.03 -90.21
CA SER O 895 33.11 42.12 -89.09
C SER O 895 34.39 41.33 -89.40
N GLY O 896 34.36 40.54 -90.47
CA GLY O 896 35.53 39.76 -90.88
C GLY O 896 35.19 38.81 -92.01
N LYS O 897 36.25 38.33 -92.67
CA LYS O 897 36.10 37.50 -93.88
C LYS O 897 35.68 36.07 -93.56
N LYS O 898 35.71 35.67 -92.29
CA LYS O 898 35.09 34.44 -91.81
C LYS O 898 33.56 34.58 -91.66
N GLU O 899 33.05 35.80 -91.52
CA GLU O 899 31.61 36.04 -91.26
C GLU O 899 30.83 36.28 -92.54
N LYS O 900 31.41 35.97 -93.69
CA LYS O 900 30.76 36.23 -95.00
C LYS O 900 29.79 35.10 -95.34
N GLY O 901 30.03 33.90 -94.81
CA GLY O 901 29.01 32.85 -94.89
C GLY O 901 28.11 32.87 -93.66
N LYS O 902 28.36 33.79 -92.73
CA LYS O 902 27.67 33.83 -91.42
C LYS O 902 27.14 35.24 -91.15
N SER O 903 27.08 36.09 -92.17
CA SER O 903 26.52 37.44 -92.08
C SER O 903 25.10 37.39 -91.54
N ILE O 904 24.73 38.42 -90.78
CA ILE O 904 23.38 38.49 -90.21
C ILE O 904 22.38 38.79 -91.32
N SER O 905 22.78 39.63 -92.27
CA SER O 905 22.00 39.88 -93.49
C SER O 905 21.73 38.59 -94.25
N LEU O 906 22.55 37.55 -94.09
CA LEU O 906 22.24 36.24 -94.66
C LEU O 906 21.25 35.47 -93.78
N LEU O 907 21.48 35.48 -92.48
CA LEU O 907 20.68 34.66 -91.55
C LEU O 907 19.22 35.09 -91.56
N CYS O 908 18.96 36.40 -91.59
CA CYS O 908 17.57 36.91 -91.61
C CYS O 908 16.85 36.44 -92.86
N LEU O 909 17.52 36.44 -94.01
CA LEU O 909 16.87 35.98 -95.25
C LEU O 909 16.63 34.48 -95.19
N GLU O 910 17.57 33.74 -94.60
CA GLU O 910 17.37 32.30 -94.42
C GLU O 910 16.11 32.05 -93.58
N GLY O 911 16.02 32.74 -92.45
CA GLY O 911 14.80 32.71 -91.63
C GLY O 911 13.58 33.03 -92.46
N LEU O 912 13.63 34.13 -93.22
CA LEU O 912 12.51 34.51 -94.10
C LEU O 912 12.05 33.29 -94.91
N GLN O 913 13.00 32.61 -95.54
CA GLN O 913 12.68 31.47 -96.42
C GLN O 913 11.94 30.41 -95.62
N LYS O 914 12.50 30.02 -94.47
CA LYS O 914 11.87 28.94 -93.69
C LYS O 914 10.51 29.39 -93.19
N ILE O 915 10.37 30.64 -92.81
CA ILE O 915 9.07 31.17 -92.36
C ILE O 915 8.06 30.97 -93.47
N PHE O 916 8.38 31.43 -94.69
CA PHE O 916 7.39 31.42 -95.77
C PHE O 916 7.00 29.98 -96.09
N SER O 917 7.97 29.08 -96.17
CA SER O 917 7.65 27.65 -96.38
C SER O 917 6.73 27.14 -95.28
N ALA O 918 7.12 27.36 -94.03
CA ALA O 918 6.38 26.87 -92.85
C ALA O 918 4.96 27.42 -92.85
N VAL O 919 4.77 28.68 -93.24
CA VAL O 919 3.46 29.31 -93.12
C VAL O 919 2.60 28.89 -94.30
N GLN O 920 3.21 28.59 -95.44
CA GLN O 920 2.42 28.04 -96.57
C GLN O 920 1.95 26.64 -96.17
N GLN O 921 2.83 25.90 -95.51
CA GLN O 921 2.57 24.50 -95.20
C GLN O 921 1.47 24.40 -94.13
N PHE O 922 1.61 25.16 -93.05
CA PHE O 922 0.68 25.08 -91.92
C PHE O 922 -0.46 26.07 -92.06
N TYR O 923 -0.17 27.33 -92.36
CA TYR O 923 -1.19 28.39 -92.26
C TYR O 923 -1.55 28.92 -93.64
N GLN O 924 -1.87 28.02 -94.55
CA GLN O 924 -2.34 28.40 -95.88
C GLN O 924 -3.59 29.27 -95.84
N PRO O 925 -4.61 29.01 -94.98
CA PRO O 925 -5.81 29.85 -94.98
C PRO O 925 -5.69 31.14 -94.18
N LYS O 926 -4.50 31.72 -94.05
CA LYS O 926 -4.35 33.01 -93.38
C LYS O 926 -3.30 33.90 -94.03
N ILE O 927 -2.93 33.63 -95.29
CA ILE O 927 -1.76 34.32 -95.89
C ILE O 927 -2.07 35.80 -96.04
N GLN O 928 -3.34 36.16 -96.28
CA GLN O 928 -3.71 37.57 -96.37
C GLN O 928 -3.42 38.24 -95.04
N GLN O 929 -3.94 37.68 -93.94
CA GLN O 929 -3.71 38.33 -92.64
C GLN O 929 -2.25 38.17 -92.23
N PHE O 930 -1.55 37.22 -92.85
CA PHE O 930 -0.09 37.11 -92.70
C PHE O 930 0.59 38.24 -93.47
N LEU O 931 0.11 38.51 -94.68
CA LEU O 931 0.70 39.56 -95.53
C LEU O 931 0.30 40.96 -95.07
N ARG O 932 -0.89 41.15 -94.49
CA ARG O 932 -1.28 42.48 -94.00
C ARG O 932 -0.34 42.99 -92.92
N ALA O 933 0.50 42.11 -92.36
CA ALA O 933 1.60 42.55 -91.50
C ALA O 933 2.68 43.29 -92.29
N LEU O 934 2.91 42.93 -93.54
CA LEU O 934 4.10 43.37 -94.29
C LEU O 934 3.81 44.67 -95.06
N VAL O 949 -7.27 44.48 -101.24
CA VAL O 949 -6.02 44.12 -101.93
C VAL O 949 -5.82 42.60 -101.89
N SER O 950 -5.48 42.02 -103.03
CA SER O 950 -5.29 40.58 -103.11
C SER O 950 -3.82 40.21 -102.87
N VAL O 951 -3.53 38.93 -103.02
CA VAL O 951 -2.16 38.41 -102.90
C VAL O 951 -1.28 38.96 -104.01
N THR O 952 -1.85 39.25 -105.18
CA THR O 952 -1.06 39.56 -106.38
C THR O 952 -0.23 40.83 -106.16
N GLN O 953 -0.85 41.92 -105.72
CA GLN O 953 -0.12 43.20 -105.66
C GLN O 953 0.92 43.16 -104.53
N ARG O 954 0.52 42.61 -103.38
CA ARG O 954 1.43 42.45 -102.23
C ARG O 954 2.67 41.66 -102.66
N THR O 955 2.44 40.47 -103.21
CA THR O 955 3.54 39.58 -103.59
C THR O 955 4.38 40.23 -104.67
N ALA O 956 3.74 40.94 -105.60
CA ALA O 956 4.45 41.59 -106.68
C ALA O 956 5.42 42.63 -106.12
N PHE O 957 4.94 43.42 -105.17
CA PHE O 957 5.77 44.46 -104.55
C PHE O 957 6.91 43.84 -103.75
N GLN O 958 6.62 42.77 -103.01
CA GLN O 958 7.66 42.04 -102.26
C GLN O 958 8.73 41.46 -103.21
N ILE O 959 8.28 40.79 -104.28
CA ILE O 959 9.17 40.21 -105.30
C ILE O 959 10.08 41.27 -105.91
N ARG O 960 9.52 42.41 -106.28
CA ARG O 960 10.33 43.48 -106.88
C ARG O 960 11.51 43.83 -105.98
N GLN O 961 11.26 43.96 -104.69
CA GLN O 961 12.34 44.33 -103.75
C GLN O 961 13.33 43.18 -103.63
N PHE O 962 12.84 41.95 -103.49
CA PHE O 962 13.72 40.78 -103.33
C PHE O 962 14.57 40.59 -104.58
N GLN O 963 13.96 40.74 -105.74
CA GLN O 963 14.66 40.46 -107.00
C GLN O 963 15.60 41.61 -107.32
N ARG O 964 15.26 42.83 -106.92
CA ARG O 964 16.21 43.94 -107.01
C ARG O 964 17.42 43.65 -106.13
N SER O 965 17.18 43.10 -104.94
CA SER O 965 18.26 42.70 -104.03
C SER O 965 19.14 41.66 -104.72
N LEU O 966 18.53 40.66 -105.34
CA LEU O 966 19.29 39.63 -106.08
C LEU O 966 20.05 40.26 -107.24
N LEU O 967 19.43 41.19 -107.95
CA LEU O 967 20.09 41.84 -109.09
C LEU O 967 21.31 42.59 -108.62
N ASN O 968 21.17 43.42 -107.59
CA ASN O 968 22.30 44.23 -107.13
C ASN O 968 23.40 43.32 -106.57
N LEU O 969 23.04 42.20 -105.94
CA LEU O 969 24.07 41.23 -105.51
C LEU O 969 24.81 40.72 -106.74
N LEU O 970 24.06 40.35 -107.77
CA LEU O 970 24.67 39.80 -108.99
C LEU O 970 25.36 40.92 -109.76
N SER O 971 24.65 42.03 -109.96
CA SER O 971 25.13 43.14 -110.80
C SER O 971 26.28 43.87 -110.12
N SER O 972 26.52 43.61 -108.82
CA SER O 972 27.75 44.04 -108.14
C SER O 972 28.97 43.52 -108.91
N GLN O 973 28.86 42.33 -109.50
CA GLN O 973 29.96 41.64 -110.21
C GLN O 973 31.10 41.41 -109.22
N GLU O 974 30.79 40.57 -108.23
CA GLU O 974 31.74 40.11 -107.21
C GLU O 974 32.49 38.89 -107.74
N GLU O 975 33.82 38.91 -107.67
CA GLU O 975 34.65 37.80 -108.15
C GLU O 975 34.73 36.70 -107.10
N ASP O 976 34.72 37.07 -105.82
CA ASP O 976 34.61 36.09 -104.73
C ASP O 976 33.27 35.35 -104.85
N PHE O 977 32.19 36.11 -105.02
CA PHE O 977 30.86 35.57 -105.34
C PHE O 977 30.35 34.64 -104.24
N ASN O 978 29.75 35.25 -103.22
CA ASN O 978 28.93 34.52 -102.25
C ASN O 978 27.76 33.87 -102.97
N SER O 979 27.93 32.62 -103.36
CA SER O 979 26.84 31.87 -104.00
C SER O 979 25.74 31.50 -103.00
N LYS O 980 26.05 31.49 -101.71
CA LYS O 980 25.05 31.12 -100.70
C LYS O 980 23.88 32.11 -100.75
N GLU O 981 24.17 33.40 -100.71
CA GLU O 981 23.11 34.41 -100.71
C GLU O 981 22.32 34.36 -102.02
N ALA O 982 22.98 34.17 -103.15
CA ALA O 982 22.28 34.12 -104.45
C ALA O 982 21.35 32.91 -104.48
N LEU O 983 21.85 31.75 -104.05
CA LEU O 983 21.03 30.52 -104.02
C LEU O 983 19.81 30.75 -103.15
N LEU O 984 20.01 31.35 -101.99
CA LEU O 984 18.89 31.59 -101.06
C LEU O 984 17.92 32.60 -101.66
N LEU O 985 18.40 33.58 -102.42
CA LEU O 985 17.52 34.61 -103.01
C LEU O 985 16.62 33.96 -104.07
N VAL O 986 17.21 33.12 -104.92
CA VAL O 986 16.39 32.45 -105.95
C VAL O 986 15.47 31.43 -105.29
N THR O 987 15.90 30.82 -104.19
CA THR O 987 15.06 29.89 -103.43
C THR O 987 13.83 30.63 -102.91
N VAL O 988 14.03 31.79 -102.30
CA VAL O 988 12.91 32.56 -101.74
C VAL O 988 12.00 33.00 -102.88
N LEU O 989 12.57 33.33 -104.04
CA LEU O 989 11.74 33.79 -105.16
C LEU O 989 10.89 32.63 -105.69
N THR O 990 11.45 31.43 -105.72
CA THR O 990 10.68 30.23 -106.09
C THR O 990 9.55 30.02 -105.08
N SER O 991 9.85 30.18 -103.80
CA SER O 991 8.85 30.00 -102.73
C SER O 991 7.73 31.01 -102.91
N LEU O 992 8.07 32.26 -103.20
CA LEU O 992 7.08 33.35 -103.27
C LEU O 992 6.21 33.20 -104.53
N SER O 993 6.83 32.80 -105.64
CA SER O 993 6.14 32.68 -106.94
C SER O 993 4.99 31.67 -106.92
N LYS O 994 4.84 30.89 -105.86
CA LYS O 994 3.68 29.99 -105.73
C LYS O 994 2.38 30.74 -105.49
N LEU O 995 2.39 32.02 -105.16
CA LEU O 995 1.11 32.70 -104.88
C LEU O 995 0.72 33.69 -105.98
N LEU O 996 1.51 33.80 -107.05
CA LEU O 996 1.11 34.47 -108.29
C LEU O 996 0.32 33.51 -109.18
N GLU O 997 -0.87 33.95 -109.63
CA GLU O 997 -1.69 33.15 -110.54
C GLU O 997 -1.03 33.15 -111.92
N PRO O 998 -1.03 32.01 -112.63
CA PRO O 998 -0.43 31.96 -113.98
C PRO O 998 -1.14 32.82 -115.04
N SER O 999 -2.28 33.42 -114.69
CA SER O 999 -3.02 34.33 -115.57
C SER O 999 -2.72 35.80 -115.25
N SER O 1000 -2.06 36.09 -114.13
CA SER O 1000 -1.81 37.47 -113.71
C SER O 1000 -0.76 38.10 -114.61
N PRO O 1001 -0.84 39.41 -114.85
CA PRO O 1001 0.27 40.09 -115.52
C PRO O 1001 1.57 40.05 -114.71
N GLN O 1002 1.46 39.99 -113.39
CA GLN O 1002 2.65 39.95 -112.53
C GLN O 1002 3.34 38.60 -112.66
N PHE O 1003 2.57 37.54 -112.88
CA PHE O 1003 3.13 36.22 -113.23
C PHE O 1003 4.00 36.33 -114.48
N VAL O 1004 3.49 37.00 -115.50
CA VAL O 1004 4.20 37.10 -116.77
C VAL O 1004 5.41 38.01 -116.59
N GLN O 1005 5.27 39.03 -115.75
CA GLN O 1005 6.41 39.90 -115.41
C GLN O 1005 7.50 39.04 -114.77
N MET O 1006 7.11 38.22 -113.80
CA MET O 1006 8.03 37.26 -113.17
C MET O 1006 8.72 36.43 -114.25
N LEU O 1007 7.95 35.80 -115.13
CA LEU O 1007 8.53 34.86 -116.12
C LEU O 1007 9.49 35.61 -117.04
N SER O 1008 9.11 36.78 -117.52
CA SER O 1008 9.97 37.57 -118.43
C SER O 1008 11.27 37.94 -117.71
N TRP O 1009 11.15 38.39 -116.46
CA TRP O 1009 12.32 38.75 -115.64
C TRP O 1009 13.26 37.56 -115.52
N THR O 1010 12.72 36.41 -115.13
CA THR O 1010 13.50 35.18 -114.93
C THR O 1010 14.20 34.80 -116.24
N SER O 1011 13.49 34.84 -117.35
CA SER O 1011 14.09 34.49 -118.64
C SER O 1011 15.21 35.48 -118.96
N LYS O 1012 15.01 36.74 -118.56
CA LYS O 1012 16.04 37.78 -118.72
C LYS O 1012 17.27 37.41 -117.92
N ILE O 1013 17.09 36.97 -116.68
CA ILE O 1013 18.23 36.55 -115.85
C ILE O 1013 18.92 35.38 -116.52
N CYS O 1014 18.14 34.48 -117.11
CA CYS O 1014 18.68 33.34 -117.86
C CYS O 1014 19.45 33.82 -119.10
N LYS O 1015 19.09 34.97 -119.66
CA LYS O 1015 19.70 35.51 -120.89
C LYS O 1015 20.90 36.44 -120.66
N GLU O 1016 21.16 36.86 -119.42
CA GLU O 1016 22.22 37.88 -119.20
C GLU O 1016 23.39 37.31 -118.43
N ASN O 1017 23.16 36.86 -117.21
CA ASN O 1017 24.19 36.81 -116.16
C ASN O 1017 24.86 35.44 -116.15
N SER O 1018 26.19 35.44 -116.30
CA SER O 1018 26.94 34.18 -116.49
C SER O 1018 27.05 33.40 -115.19
N ARG O 1019 27.81 33.92 -114.21
CA ARG O 1019 27.80 33.41 -112.83
C ARG O 1019 28.15 31.92 -112.75
N GLU O 1020 29.45 31.66 -112.74
CA GLU O 1020 30.02 30.31 -112.91
C GLU O 1020 29.89 29.59 -111.57
N ASP O 1021 28.70 29.07 -111.30
CA ASP O 1021 28.52 28.09 -110.21
C ASP O 1021 27.29 27.24 -110.50
N ALA O 1022 27.52 25.92 -110.51
CA ALA O 1022 26.54 24.92 -110.97
C ALA O 1022 25.19 25.11 -110.26
N LEU O 1023 25.19 25.30 -108.95
CA LEU O 1023 23.93 25.30 -108.19
C LEU O 1023 23.08 26.51 -108.53
N PHE O 1024 23.70 27.65 -108.82
CA PHE O 1024 22.93 28.84 -109.27
C PHE O 1024 22.16 28.49 -110.52
N CYS O 1025 22.85 27.99 -111.54
CA CYS O 1025 22.20 27.61 -112.80
C CYS O 1025 21.11 26.58 -112.54
N LYS O 1026 21.39 25.55 -111.72
CA LYS O 1026 20.40 24.48 -111.48
C LYS O 1026 19.13 25.04 -110.84
N SER O 1027 19.28 25.78 -109.75
CA SER O 1027 18.11 26.35 -109.07
C SER O 1027 17.35 27.30 -110.01
N LEU O 1028 18.08 28.11 -110.78
CA LEU O 1028 17.43 29.10 -111.67
C LEU O 1028 16.66 28.39 -112.78
N MET O 1029 17.28 27.45 -113.49
CA MET O 1029 16.57 26.70 -114.54
C MET O 1029 15.33 26.02 -113.95
N ASN O 1030 15.47 25.40 -112.77
CA ASN O 1030 14.32 24.79 -112.07
C ASN O 1030 13.20 25.83 -111.94
N LEU O 1031 13.55 27.01 -111.45
CA LEU O 1031 12.59 28.13 -111.32
C LEU O 1031 11.97 28.44 -112.68
N LEU O 1032 12.81 28.59 -113.70
CA LEU O 1032 12.35 29.05 -115.03
C LEU O 1032 11.29 28.07 -115.53
N PHE O 1033 11.64 26.79 -115.58
CA PHE O 1033 10.70 25.75 -116.03
C PHE O 1033 9.43 25.77 -115.21
N SER O 1034 9.56 25.81 -113.88
CA SER O 1034 8.37 25.75 -113.00
C SER O 1034 7.42 26.89 -113.34
N LEU O 1035 7.96 28.09 -113.57
CA LEU O 1035 7.12 29.23 -113.93
C LEU O 1035 6.57 29.04 -115.34
N HIS O 1036 7.43 28.62 -116.26
CA HIS O 1036 7.14 28.59 -117.71
C HIS O 1036 5.97 27.66 -118.00
N VAL O 1037 6.02 26.45 -117.46
CA VAL O 1037 5.11 25.36 -117.92
C VAL O 1037 3.67 25.69 -117.55
N SER O 1038 3.45 26.40 -116.45
CA SER O 1038 2.11 26.88 -116.09
C SER O 1038 1.72 28.10 -116.93
N TYR O 1039 2.53 28.49 -117.90
CA TYR O 1039 2.15 29.49 -118.93
C TYR O 1039 2.03 28.84 -120.30
N LYS O 1040 2.98 27.97 -120.66
CA LYS O 1040 2.95 27.27 -121.95
C LYS O 1040 3.93 26.10 -121.91
N SER O 1041 3.82 25.24 -122.91
CA SER O 1041 4.74 24.11 -123.07
C SER O 1041 6.17 24.60 -123.24
N PRO O 1042 7.16 23.93 -122.63
CA PRO O 1042 8.55 24.39 -122.69
C PRO O 1042 9.40 23.81 -123.81
N VAL O 1043 8.81 23.03 -124.71
CA VAL O 1043 9.62 22.20 -125.63
C VAL O 1043 10.45 23.09 -126.57
N ILE O 1044 9.98 24.30 -126.86
CA ILE O 1044 10.81 25.29 -127.59
C ILE O 1044 12.07 25.59 -126.76
N LEU O 1045 11.87 25.89 -125.48
CA LEU O 1045 12.97 26.27 -124.60
C LEU O 1045 13.89 25.07 -124.43
N LEU O 1046 13.31 23.88 -124.28
CA LEU O 1046 14.12 22.66 -124.17
C LEU O 1046 14.98 22.56 -125.42
N ARG O 1047 14.38 22.80 -126.59
CA ARG O 1047 15.12 22.71 -127.84
C ARG O 1047 16.22 23.77 -127.83
N ASP O 1048 15.88 25.00 -127.45
CA ASP O 1048 16.85 26.10 -127.47
C ASP O 1048 17.99 25.81 -126.48
N LEU O 1049 17.65 25.27 -125.32
CA LEU O 1049 18.68 24.90 -124.33
C LEU O 1049 19.55 23.79 -124.92
N SER O 1050 18.92 22.82 -125.60
CA SER O 1050 19.66 21.73 -126.25
C SER O 1050 20.55 22.29 -127.33
N GLN O 1051 20.08 23.31 -128.05
CA GLN O 1051 20.91 24.00 -129.05
C GLN O 1051 22.15 24.57 -128.36
N ASP O 1052 21.97 25.23 -127.21
CA ASP O 1052 23.10 25.75 -126.45
C ASP O 1052 24.06 24.62 -126.12
N ILE O 1053 23.51 23.52 -125.60
CA ILE O 1053 24.32 22.33 -125.25
C ILE O 1053 25.13 21.93 -126.48
N HIS O 1054 24.45 21.85 -127.62
CA HIS O 1054 25.08 21.40 -128.87
C HIS O 1054 26.17 22.38 -129.30
N GLY O 1055 25.95 23.68 -129.08
CA GLY O 1055 26.99 24.68 -129.33
C GLY O 1055 28.30 24.40 -128.60
N HIS O 1056 28.26 24.32 -127.27
CA HIS O 1056 29.49 24.33 -126.47
C HIS O 1056 30.27 23.03 -126.65
N LEU O 1057 29.61 21.89 -126.48
CA LEU O 1057 30.29 20.59 -126.62
C LEU O 1057 30.75 20.36 -128.06
N GLY O 1058 29.87 20.58 -129.03
CA GLY O 1058 30.11 20.09 -130.39
C GLY O 1058 29.51 18.72 -130.64
N ASP O 1059 30.18 17.93 -131.48
CA ASP O 1059 29.57 16.75 -132.11
C ASP O 1059 30.37 15.49 -131.78
N ILE O 1060 29.85 14.36 -132.24
CA ILE O 1060 30.55 13.07 -132.16
C ILE O 1060 31.69 13.05 -133.17
N ASP O 1061 31.50 13.70 -134.31
CA ASP O 1061 32.39 13.54 -135.48
C ASP O 1061 33.55 14.53 -135.41
N GLN O 1062 33.55 15.42 -134.41
CA GLN O 1062 34.54 16.51 -134.23
C GLN O 1062 34.75 17.28 -135.53
N ASP O 1063 33.68 17.40 -136.33
CA ASP O 1063 33.71 18.22 -137.55
C ASP O 1063 32.34 18.86 -137.76
N VAL O 1064 31.68 19.29 -136.68
CA VAL O 1064 30.52 20.18 -136.75
C VAL O 1064 30.82 21.35 -135.84
N GLU O 1065 31.04 22.52 -136.43
CA GLU O 1065 31.28 23.78 -135.70
C GLU O 1065 29.93 24.49 -135.53
N VAL O 1066 29.33 24.32 -134.36
CA VAL O 1066 28.04 24.94 -134.02
C VAL O 1066 28.26 25.69 -132.71
N GLU O 1067 27.87 26.96 -132.68
CA GLU O 1067 27.80 27.72 -131.43
C GLU O 1067 26.58 28.63 -131.48
N LYS O 1068 25.66 28.43 -130.55
CA LYS O 1068 24.44 29.24 -130.45
C LYS O 1068 24.35 29.78 -129.03
N THR O 1069 25.43 30.43 -128.59
CA THR O 1069 25.50 31.07 -127.26
C THR O 1069 24.59 32.30 -127.19
N ASN O 1070 24.23 32.87 -128.35
CA ASN O 1070 23.32 34.04 -128.40
C ASN O 1070 22.03 33.74 -127.63
N HIS O 1071 21.59 32.48 -127.62
CA HIS O 1071 20.25 32.11 -127.15
C HIS O 1071 20.13 32.30 -125.65
N PHE O 1072 20.99 31.64 -124.87
CA PHE O 1072 20.89 31.69 -123.39
C PHE O 1072 22.28 31.77 -122.79
N ALA O 1073 22.54 32.86 -122.07
CA ALA O 1073 23.85 33.19 -121.50
C ALA O 1073 24.29 32.17 -120.45
N ILE O 1074 23.34 31.56 -119.74
CA ILE O 1074 23.66 30.63 -118.65
C ILE O 1074 23.80 29.21 -119.19
N VAL O 1075 24.92 29.01 -119.88
CA VAL O 1075 25.31 27.76 -120.54
C VAL O 1075 26.83 27.85 -120.59
N ASN O 1076 27.52 27.04 -119.79
CA ASN O 1076 28.98 27.03 -119.79
C ASN O 1076 29.51 25.61 -119.95
N LEU O 1077 30.80 25.55 -120.26
CA LEU O 1077 31.58 24.29 -120.34
C LEU O 1077 31.38 23.43 -119.10
N ARG O 1078 31.33 24.04 -117.92
CA ARG O 1078 31.27 23.32 -116.63
C ARG O 1078 29.83 23.17 -116.15
N THR O 1079 28.91 23.93 -116.71
CA THR O 1079 27.51 23.99 -116.27
C THR O 1079 26.67 23.10 -117.18
N ALA O 1080 26.65 23.40 -118.48
CA ALA O 1080 25.65 22.81 -119.37
C ALA O 1080 25.94 21.33 -119.65
N ALA O 1081 27.19 20.89 -119.49
CA ALA O 1081 27.61 19.53 -119.86
C ALA O 1081 27.22 18.51 -118.78
N PRO O 1082 27.58 18.69 -117.49
CA PRO O 1082 27.16 17.72 -116.48
C PRO O 1082 25.69 17.87 -116.10
N THR O 1083 25.18 19.09 -116.15
CA THR O 1083 24.06 19.56 -115.31
C THR O 1083 22.81 19.86 -116.13
N VAL O 1084 22.92 20.71 -117.16
CA VAL O 1084 21.72 21.23 -117.84
C VAL O 1084 21.07 20.12 -118.65
N CYS O 1085 21.87 19.28 -119.29
CA CYS O 1085 21.36 18.12 -120.03
C CYS O 1085 20.35 17.34 -119.19
N LEU O 1086 20.68 17.05 -117.93
CA LEU O 1086 19.82 16.22 -117.08
C LEU O 1086 18.46 16.88 -116.89
N LEU O 1087 18.45 18.18 -116.60
CA LEU O 1087 17.17 18.86 -116.35
C LEU O 1087 16.34 18.94 -117.64
N VAL O 1088 16.96 19.35 -118.74
CA VAL O 1088 16.22 19.53 -120.00
C VAL O 1088 15.67 18.19 -120.47
N LEU O 1089 16.42 17.10 -120.27
CA LEU O 1089 15.91 15.77 -120.65
C LEU O 1089 14.79 15.33 -119.71
N SER O 1090 14.89 15.64 -118.42
CA SER O 1090 13.82 15.26 -117.47
C SER O 1090 12.54 16.00 -117.82
N GLN O 1091 12.64 17.29 -118.14
CA GLN O 1091 11.47 18.06 -118.58
C GLN O 1091 10.89 17.43 -119.86
N ALA O 1092 11.75 17.07 -120.82
CA ALA O 1092 11.28 16.40 -122.04
C ALA O 1092 10.55 15.11 -121.68
N GLU O 1093 11.05 14.37 -120.70
CA GLU O 1093 10.38 13.16 -120.20
C GLU O 1093 8.98 13.52 -119.68
N LYS O 1094 8.85 14.64 -118.96
CA LYS O 1094 7.54 15.08 -118.48
C LYS O 1094 6.61 15.34 -119.66
N VAL O 1095 7.15 16.00 -120.69
CA VAL O 1095 6.36 16.29 -121.91
C VAL O 1095 5.86 14.96 -122.49
N LEU O 1096 6.73 13.96 -122.53
CA LEU O 1096 6.39 12.66 -123.14
C LEU O 1096 5.33 11.97 -122.29
N GLU O 1097 5.40 12.09 -120.97
CA GLU O 1097 4.37 11.52 -120.09
C GLU O 1097 3.02 12.17 -120.38
N GLU O 1098 2.99 13.49 -120.55
CA GLU O 1098 1.72 14.19 -120.78
C GLU O 1098 1.12 13.76 -122.12
N VAL O 1099 1.95 13.72 -123.16
CA VAL O 1099 1.43 13.33 -124.49
C VAL O 1099 1.06 11.85 -124.47
N ASP O 1100 1.75 11.03 -123.66
CA ASP O 1100 1.39 9.63 -123.48
C ASP O 1100 -0.01 9.53 -122.88
N TRP O 1101 -0.29 10.30 -121.84
CA TRP O 1101 -1.65 10.33 -121.27
C TRP O 1101 -2.65 10.68 -122.37
N LEU O 1102 -2.32 11.66 -123.20
CA LEU O 1102 -3.22 12.06 -124.29
C LEU O 1102 -3.44 10.88 -125.23
N ILE O 1103 -2.37 10.19 -125.59
CA ILE O 1103 -2.45 9.08 -126.57
C ILE O 1103 -3.33 7.99 -125.98
N THR O 1104 -3.12 7.71 -124.69
CA THR O 1104 -3.91 6.73 -123.95
C THR O 1104 -5.39 7.10 -124.02
N LYS O 1105 -5.72 8.36 -123.74
CA LYS O 1105 -7.13 8.79 -123.74
C LYS O 1105 -7.73 8.69 -125.13
N LEU O 1106 -6.94 8.96 -126.18
CA LEU O 1106 -7.49 8.88 -127.55
C LEU O 1106 -7.70 7.43 -127.97
N LYS O 1107 -6.80 6.53 -127.57
CA LYS O 1107 -7.02 5.10 -127.84
C LYS O 1107 -8.29 4.62 -127.14
N GLY O 1108 -8.44 4.93 -125.84
CA GLY O 1108 -9.61 4.53 -125.07
C GLY O 1108 -10.91 5.17 -125.53
N GLN O 1109 -10.82 6.36 -126.12
CA GLN O 1109 -12.03 7.10 -126.54
C GLN O 1109 -12.76 6.35 -127.65
N VAL O 1110 -12.01 5.75 -128.57
CA VAL O 1110 -12.62 5.07 -129.74
C VAL O 1110 -12.51 3.56 -129.55
N PRO O 1126 -12.09 17.38 -129.97
CA PRO O 1126 -12.14 16.13 -129.23
C PRO O 1126 -11.46 14.97 -129.96
N ASN O 1127 -11.33 15.07 -131.27
CA ASN O 1127 -10.52 14.12 -132.05
C ASN O 1127 -9.38 14.84 -132.79
N GLN O 1128 -9.72 15.77 -133.67
CA GLN O 1128 -8.73 16.41 -134.54
C GLN O 1128 -7.80 17.37 -133.79
N PRO O 1129 -8.31 18.37 -133.02
CA PRO O 1129 -7.39 19.31 -132.37
C PRO O 1129 -6.50 18.65 -131.33
N VAL O 1130 -6.99 17.58 -130.71
CA VAL O 1130 -6.18 16.82 -129.74
C VAL O 1130 -4.93 16.29 -130.44
N GLU O 1131 -5.11 15.53 -131.50
CA GLU O 1131 -3.99 14.91 -132.22
C GLU O 1131 -3.12 16.00 -132.85
N LYS O 1132 -3.73 17.10 -133.28
CA LYS O 1132 -2.96 18.20 -133.87
C LYS O 1132 -2.00 18.79 -132.84
N ALA O 1133 -2.49 19.07 -131.63
CA ALA O 1133 -1.63 19.59 -130.57
C ALA O 1133 -0.56 18.55 -130.21
N ILE O 1134 -0.96 17.28 -130.17
CA ILE O 1134 -0.04 16.20 -129.81
C ILE O 1134 1.11 16.16 -130.80
N ILE O 1135 0.79 16.15 -132.09
CA ILE O 1135 1.82 16.03 -133.14
C ILE O 1135 2.65 17.30 -133.23
N MET O 1136 2.08 18.46 -132.86
CA MET O 1136 2.86 19.70 -132.77
C MET O 1136 3.95 19.53 -131.73
N GLN O 1137 3.52 19.12 -130.53
CA GLN O 1137 4.45 18.84 -129.43
C GLN O 1137 5.51 17.86 -129.90
N LEU O 1138 5.08 16.76 -130.52
CA LEU O 1138 6.00 15.65 -130.83
C LEU O 1138 6.99 16.07 -131.91
N GLY O 1139 6.56 16.92 -132.85
CA GLY O 1139 7.48 17.48 -133.85
C GLY O 1139 8.55 18.30 -133.18
N THR O 1140 8.17 19.15 -132.24
CA THR O 1140 9.15 20.02 -131.58
C THR O 1140 10.10 19.18 -130.71
N LEU O 1141 9.58 18.17 -130.02
CA LEU O 1141 10.48 17.23 -129.30
C LEU O 1141 11.40 16.50 -130.28
N LEU O 1142 10.93 16.20 -131.49
CA LEU O 1142 11.76 15.48 -132.45
C LEU O 1142 12.92 16.36 -132.91
N THR O 1143 12.65 17.64 -133.15
CA THR O 1143 13.73 18.59 -133.48
C THR O 1143 14.67 18.74 -132.29
N PHE O 1144 14.13 18.78 -131.08
CA PHE O 1144 14.90 18.79 -129.83
C PHE O 1144 15.89 17.63 -129.80
N PHE O 1145 15.40 16.41 -130.00
CA PHE O 1145 16.28 15.23 -130.03
C PHE O 1145 17.27 15.32 -131.17
N HIS O 1146 16.86 15.88 -132.31
CA HIS O 1146 17.80 16.06 -133.41
C HIS O 1146 19.01 16.86 -132.94
N GLU O 1147 18.80 17.88 -132.10
CA GLU O 1147 19.92 18.66 -131.57
C GLU O 1147 20.69 17.87 -130.52
N LEU O 1148 19.99 17.10 -129.67
CA LEU O 1148 20.67 16.40 -128.56
C LEU O 1148 21.55 15.26 -129.05
N VAL O 1149 21.03 14.44 -129.96
CA VAL O 1149 21.74 13.25 -130.46
C VAL O 1149 23.04 13.65 -131.14
N GLN O 1150 23.08 14.83 -131.75
CA GLN O 1150 24.28 15.33 -132.45
C GLN O 1150 25.42 15.64 -131.48
N THR O 1151 25.14 15.86 -130.20
CA THR O 1151 26.18 16.38 -129.29
C THR O 1151 27.08 15.24 -128.82
N ALA O 1152 28.24 15.61 -128.28
CA ALA O 1152 29.16 14.68 -127.60
C ALA O 1152 29.06 14.93 -126.10
N LEU O 1153 28.35 14.05 -125.41
CA LEU O 1153 28.20 14.12 -123.95
C LEU O 1153 29.31 13.36 -123.24
N PRO O 1154 29.62 13.74 -122.00
CA PRO O 1154 30.48 12.92 -121.15
C PRO O 1154 29.80 11.60 -120.78
N SER O 1155 30.63 10.65 -120.34
CA SER O 1155 30.27 9.23 -120.24
C SER O 1155 29.57 8.91 -118.93
N GLY O 1156 29.10 9.94 -118.22
CA GLY O 1156 28.45 9.78 -116.91
C GLY O 1156 26.99 9.39 -117.06
N SER O 1157 26.11 10.09 -116.34
CA SER O 1157 24.66 9.89 -116.45
C SER O 1157 24.12 10.33 -117.80
N CYS O 1158 24.81 11.23 -118.50
CA CYS O 1158 24.27 11.93 -119.67
C CYS O 1158 23.91 10.95 -120.78
N VAL O 1159 24.82 10.04 -121.12
CA VAL O 1159 24.66 9.15 -122.28
C VAL O 1159 23.51 8.16 -122.04
N ASP O 1160 23.49 7.52 -120.87
CA ASP O 1160 22.45 6.52 -120.58
C ASP O 1160 21.07 7.18 -120.49
N THR O 1161 21.00 8.38 -119.92
CA THR O 1161 19.73 9.11 -119.84
C THR O 1161 19.27 9.52 -121.24
N LEU O 1162 20.20 9.96 -122.10
CA LEU O 1162 19.83 10.31 -123.48
C LEU O 1162 19.30 9.07 -124.21
N LEU O 1163 19.94 7.92 -124.03
CA LEU O 1163 19.49 6.70 -124.70
C LEU O 1163 18.12 6.28 -124.16
N LYS O 1164 17.93 6.38 -122.85
CA LYS O 1164 16.65 6.00 -122.22
C LYS O 1164 15.54 6.91 -122.73
N ASP O 1165 15.80 8.20 -122.85
CA ASP O 1165 14.79 9.15 -123.34
C ASP O 1165 14.48 8.87 -124.81
N LEU O 1166 15.48 8.47 -125.60
CA LEU O 1166 15.22 8.12 -127.01
C LEU O 1166 14.40 6.83 -127.08
N CYS O 1167 14.60 5.91 -126.14
CA CYS O 1167 13.74 4.72 -126.00
C CYS O 1167 12.31 5.14 -125.70
N LYS O 1168 12.13 6.13 -124.82
CA LYS O 1168 10.79 6.66 -124.52
C LYS O 1168 10.19 7.30 -125.77
N MET O 1169 11.03 7.95 -126.57
CA MET O 1169 10.56 8.58 -127.83
C MET O 1169 10.05 7.50 -128.78
N TYR O 1170 10.79 6.41 -128.94
CA TYR O 1170 10.35 5.31 -129.81
C TYR O 1170 9.10 4.63 -129.25
N THR O 1171 8.98 4.51 -127.92
CA THR O 1171 7.76 3.94 -127.31
C THR O 1171 6.56 4.84 -127.61
N THR O 1172 6.73 6.15 -127.52
CA THR O 1172 5.64 7.09 -127.84
C THR O 1172 5.25 6.97 -129.31
N LEU O 1173 6.24 6.86 -130.20
CA LEU O 1173 5.96 6.66 -131.64
C LEU O 1173 5.21 5.35 -131.83
N THR O 1174 5.58 4.30 -131.09
CA THR O 1174 4.91 3.01 -131.16
C THR O 1174 3.44 3.13 -130.75
N ALA O 1175 3.17 3.81 -129.63
CA ALA O 1175 1.78 4.02 -129.18
C ALA O 1175 1.01 4.80 -130.23
N LEU O 1176 1.65 5.80 -130.84
CA LEU O 1176 1.02 6.63 -131.88
C LEU O 1176 0.60 5.77 -133.06
N VAL O 1177 1.54 5.01 -133.62
CA VAL O 1177 1.25 4.19 -134.83
C VAL O 1177 0.26 3.09 -134.45
N ARG O 1178 0.25 2.66 -133.19
CA ARG O 1178 -0.76 1.69 -132.73
C ARG O 1178 -2.14 2.32 -132.76
N TYR O 1179 -2.27 3.54 -132.28
CA TYR O 1179 -3.54 4.28 -132.36
C TYR O 1179 -3.96 4.47 -133.81
N TYR O 1180 -3.01 4.73 -134.70
CA TYR O 1180 -3.34 4.86 -136.13
C TYR O 1180 -3.79 3.53 -136.73
N LEU O 1181 -3.19 2.42 -136.29
CA LEU O 1181 -3.68 1.09 -136.71
C LEU O 1181 -5.10 0.87 -136.19
N GLN O 1182 -5.37 1.35 -134.99
CA GLN O 1182 -6.70 1.25 -134.36
C GLN O 1182 -7.73 2.05 -135.14
N VAL O 1183 -7.38 3.26 -135.58
CA VAL O 1183 -8.34 4.28 -136.07
C VAL O 1183 -8.56 4.17 -137.57
N CYS O 1184 -7.58 3.64 -138.33
CA CYS O 1184 -7.50 3.80 -139.79
C CYS O 1184 -8.59 3.04 -140.55
N GLN O 1185 -9.28 2.09 -139.92
CA GLN O 1185 -10.41 1.42 -140.59
C GLN O 1185 -11.66 2.31 -140.56
N SER O 1186 -11.91 3.00 -139.44
CA SER O 1186 -13.13 3.83 -139.31
C SER O 1186 -13.06 5.03 -140.24
N SER O 1187 -12.01 5.84 -140.12
CA SER O 1187 -11.85 7.04 -140.96
C SER O 1187 -11.43 6.67 -142.37
N GLY O 1188 -10.24 6.07 -142.52
CA GLY O 1188 -9.76 5.59 -143.82
C GLY O 1188 -8.80 6.55 -144.48
N GLY O 1189 -7.49 6.34 -144.27
CA GLY O 1189 -6.47 7.31 -144.66
C GLY O 1189 -5.77 7.89 -143.46
N ILE O 1190 -4.64 8.53 -143.71
CA ILE O 1190 -3.81 9.13 -142.65
C ILE O 1190 -3.81 10.63 -142.84
N PRO O 1191 -3.93 11.43 -141.76
CA PRO O 1191 -3.74 12.87 -141.85
C PRO O 1191 -2.30 13.23 -142.25
N LYS O 1192 -2.18 14.29 -143.06
CA LYS O 1192 -0.89 14.64 -143.69
C LYS O 1192 0.16 14.92 -142.62
N ASN O 1193 -0.27 15.49 -141.50
CA ASN O 1193 0.63 15.86 -140.39
C ASN O 1193 1.29 14.61 -139.81
N MET O 1194 0.57 13.51 -139.66
CA MET O 1194 1.18 12.25 -139.19
C MET O 1194 2.24 11.80 -140.19
N GLU O 1195 1.98 12.00 -141.47
CA GLU O 1195 2.94 11.58 -142.51
C GLU O 1195 4.20 12.42 -142.37
N LYS O 1196 4.06 13.71 -142.13
CA LYS O 1196 5.22 14.59 -141.86
C LYS O 1196 5.96 14.15 -140.60
N LEU O 1197 5.23 13.82 -139.52
CA LEU O 1197 5.91 13.40 -138.27
C LEU O 1197 6.74 12.15 -138.53
N VAL O 1198 6.17 11.16 -139.20
CA VAL O 1198 6.86 9.88 -139.40
C VAL O 1198 7.99 10.07 -140.40
N LYS O 1199 7.83 10.96 -141.38
CA LYS O 1199 8.91 11.35 -142.29
C LYS O 1199 10.08 11.93 -141.51
N LEU O 1200 9.81 12.87 -140.60
CA LEU O 1200 10.90 13.51 -139.87
C LEU O 1200 11.59 12.51 -138.94
N SER O 1201 10.82 11.59 -138.37
CA SER O 1201 11.42 10.57 -137.48
C SER O 1201 12.26 9.58 -138.27
N GLY O 1202 11.79 9.15 -139.44
CA GLY O 1202 12.60 8.31 -140.31
C GLY O 1202 13.88 8.98 -140.76
N SER O 1203 13.76 10.19 -141.29
CA SER O 1203 14.87 10.88 -141.96
C SER O 1203 15.88 11.42 -140.96
N HIS O 1204 15.41 12.23 -140.01
CA HIS O 1204 16.30 12.99 -139.11
C HIS O 1204 16.84 12.08 -138.00
N LEU O 1205 15.94 11.45 -137.25
CA LEU O 1205 16.27 10.88 -135.93
C LEU O 1205 17.09 9.60 -136.09
N THR O 1206 16.54 8.59 -136.75
CA THR O 1206 17.08 7.23 -136.64
C THR O 1206 18.53 7.12 -137.12
N PRO O 1207 18.97 7.76 -138.23
CA PRO O 1207 20.38 7.63 -138.60
C PRO O 1207 21.29 8.15 -137.49
N LEU O 1208 20.95 9.30 -136.92
CA LEU O 1208 21.83 9.86 -135.89
C LEU O 1208 21.71 9.04 -134.61
N CYS O 1209 20.56 8.39 -134.41
CA CYS O 1209 20.42 7.39 -133.35
C CYS O 1209 21.47 6.30 -133.52
N TYR O 1210 21.56 5.74 -134.72
CA TYR O 1210 22.54 4.69 -135.00
C TYR O 1210 23.97 5.19 -134.78
N SER O 1211 24.27 6.40 -135.27
CA SER O 1211 25.61 6.98 -135.11
C SER O 1211 25.93 7.13 -133.62
N PHE O 1212 24.94 7.53 -132.81
CA PHE O 1212 25.17 7.74 -131.37
C PHE O 1212 25.34 6.39 -130.66
N ILE O 1213 24.60 5.37 -131.10
CA ILE O 1213 24.81 4.02 -130.55
C ILE O 1213 26.25 3.61 -130.81
N SER O 1214 26.73 3.82 -132.04
CA SER O 1214 28.12 3.47 -132.41
C SER O 1214 29.11 4.28 -131.58
N TYR O 1215 28.82 5.56 -131.35
CA TYR O 1215 29.74 6.44 -130.60
C TYR O 1215 29.81 6.03 -129.13
N VAL O 1216 28.67 5.70 -128.52
CA VAL O 1216 28.65 5.30 -127.11
C VAL O 1216 29.29 3.92 -126.95
N GLN O 1217 29.11 3.04 -127.94
CA GLN O 1217 29.63 1.66 -127.82
C GLN O 1217 31.13 1.62 -128.11
N ASN O 1218 31.61 2.47 -129.03
CA ASN O 1218 33.04 2.44 -129.40
C ASN O 1218 33.89 2.88 -128.21
N LYS O 1219 33.42 3.90 -127.49
CA LYS O 1219 34.18 4.46 -126.37
C LYS O 1219 34.09 3.50 -125.17
N SER O 1220 35.24 3.03 -124.70
CA SER O 1220 35.29 2.10 -123.55
C SER O 1220 36.53 2.35 -122.70
N THR O 1247 24.14 -1.66 -119.38
CA THR O 1247 24.17 -2.88 -120.20
C THR O 1247 22.86 -3.04 -120.96
N LYS O 1248 21.76 -2.85 -120.24
CA LYS O 1248 20.39 -3.08 -120.72
C LYS O 1248 19.84 -1.99 -121.63
N PRO O 1249 20.07 -0.68 -121.40
CA PRO O 1249 19.37 0.34 -122.18
C PRO O 1249 19.60 0.27 -123.69
N ILE O 1250 20.78 -0.13 -124.15
CA ILE O 1250 21.10 -0.11 -125.60
C ILE O 1250 20.39 -1.27 -126.30
N PRO O 1251 20.41 -2.50 -125.72
CA PRO O 1251 19.46 -3.54 -126.16
C PRO O 1251 18.00 -3.11 -126.14
N ASN O 1252 17.58 -2.38 -125.10
CA ASN O 1252 16.21 -1.84 -125.03
C ASN O 1252 15.96 -0.88 -126.19
N LEU O 1253 16.95 -0.06 -126.55
CA LEU O 1253 16.80 0.91 -127.64
C LEU O 1253 16.66 0.18 -128.96
N ILE O 1254 17.49 -0.83 -129.21
CA ILE O 1254 17.41 -1.54 -130.50
C ILE O 1254 16.11 -2.35 -130.55
N PHE O 1255 15.65 -2.86 -129.41
CA PHE O 1255 14.32 -3.49 -129.30
C PHE O 1255 13.23 -2.48 -129.67
N ALA O 1256 13.31 -1.27 -129.14
CA ALA O 1256 12.30 -0.23 -129.40
C ALA O 1256 12.31 0.14 -130.88
N ILE O 1257 13.49 0.28 -131.48
CA ILE O 1257 13.58 0.72 -132.89
C ILE O 1257 13.06 -0.40 -133.81
N GLU O 1258 13.35 -1.67 -133.49
CA GLU O 1258 12.85 -2.76 -134.34
C GLU O 1258 11.34 -2.89 -134.18
N GLN O 1259 10.81 -2.71 -132.96
CA GLN O 1259 9.35 -2.72 -132.77
C GLN O 1259 8.71 -1.58 -133.56
N TYR O 1260 9.33 -0.39 -133.52
CA TYR O 1260 8.85 0.76 -134.27
C TYR O 1260 8.78 0.41 -135.76
N GLU O 1261 9.86 -0.16 -136.31
CA GLU O 1261 9.87 -0.52 -137.73
C GLU O 1261 8.80 -1.56 -138.04
N LYS O 1262 8.63 -2.58 -137.18
CA LYS O 1262 7.64 -3.63 -137.43
C LYS O 1262 6.23 -3.02 -137.47
N PHE O 1263 5.87 -2.28 -136.43
CA PHE O 1263 4.53 -1.67 -136.36
C PHE O 1263 4.34 -0.62 -137.46
N LEU O 1264 5.41 0.06 -137.88
CA LEU O 1264 5.31 0.98 -139.01
C LEU O 1264 5.05 0.20 -140.30
N ILE O 1265 5.63 -0.99 -140.46
CA ILE O 1265 5.31 -1.85 -141.61
C ILE O 1265 3.82 -2.15 -141.59
N HIS O 1266 3.33 -2.61 -140.43
CA HIS O 1266 1.90 -2.90 -140.23
C HIS O 1266 1.05 -1.68 -140.62
N LEU O 1267 1.44 -0.50 -140.14
CA LEU O 1267 0.66 0.72 -140.38
C LEU O 1267 0.69 1.09 -141.86
N SER O 1268 1.88 1.06 -142.48
CA SER O 1268 2.04 1.46 -143.88
C SER O 1268 1.26 0.53 -144.81
N LYS O 1269 1.12 -0.74 -144.45
CA LYS O 1269 0.27 -1.64 -145.23
C LYS O 1269 -1.21 -1.31 -144.97
N LYS O 1270 -1.60 -1.23 -143.69
CA LYS O 1270 -3.01 -1.09 -143.29
C LYS O 1270 -3.48 0.37 -143.27
N SER O 1271 -2.73 1.31 -143.84
CA SER O 1271 -3.11 2.73 -143.93
C SER O 1271 -3.21 3.20 -145.38
N LYS O 1272 -2.79 2.38 -146.34
CA LYS O 1272 -2.72 2.73 -147.77
C LYS O 1272 -1.84 3.97 -147.99
N VAL O 1273 -0.75 4.10 -147.23
CA VAL O 1273 0.25 5.13 -147.47
C VAL O 1273 1.63 4.51 -147.29
N SER O 1274 2.55 4.81 -148.19
CA SER O 1274 3.87 4.16 -148.21
C SER O 1274 4.82 4.95 -147.32
N LEU O 1275 5.02 4.49 -146.08
CA LEU O 1275 5.84 5.20 -145.09
C LEU O 1275 7.26 4.66 -144.99
N MET O 1276 7.59 3.62 -145.77
CA MET O 1276 8.94 3.03 -145.83
C MET O 1276 9.83 3.64 -146.91
N GLN O 1277 9.29 4.43 -147.82
CA GLN O 1277 10.15 5.22 -148.72
C GLN O 1277 10.82 6.36 -147.96
N HIS O 1278 10.17 6.93 -146.93
CA HIS O 1278 10.85 7.89 -146.06
C HIS O 1278 11.88 7.21 -145.16
N MET O 1279 11.63 5.97 -144.72
CA MET O 1279 12.68 5.20 -144.03
C MET O 1279 13.68 4.64 -145.03
N LYS O 1280 14.85 4.28 -144.51
CA LYS O 1280 15.99 3.87 -145.35
C LYS O 1280 16.38 2.43 -145.01
N ASP P 45 1.38 19.54 -17.90
CA ASP P 45 1.61 18.59 -16.78
C ASP P 45 2.02 17.22 -17.33
N SER P 46 1.40 16.78 -18.43
CA SER P 46 1.80 15.53 -19.08
C SER P 46 3.09 15.75 -19.87
N ILE P 47 3.95 14.74 -19.88
CA ILE P 47 5.17 14.76 -20.71
C ILE P 47 4.83 15.21 -22.13
N PHE P 48 3.75 14.67 -22.70
CA PHE P 48 3.41 14.90 -24.10
C PHE P 48 3.17 16.40 -24.34
N VAL P 49 2.20 16.96 -23.61
CA VAL P 49 1.78 18.34 -23.84
C VAL P 49 2.95 19.29 -23.60
N LYS P 50 3.76 19.01 -22.58
CA LYS P 50 4.86 19.92 -22.23
C LYS P 50 5.90 19.90 -23.34
N LEU P 51 6.27 18.70 -23.81
CA LEU P 51 7.25 18.60 -24.89
C LEU P 51 6.72 19.30 -26.14
N LEU P 52 5.42 19.17 -26.41
CA LEU P 52 4.81 19.82 -27.58
C LEU P 52 4.82 21.33 -27.42
N LYS P 53 4.57 21.82 -26.21
CA LYS P 53 4.51 23.26 -25.95
C LYS P 53 5.90 23.85 -26.09
N ILE P 54 6.89 23.22 -25.49
CA ILE P 54 8.26 23.73 -25.60
C ILE P 54 8.67 23.64 -27.07
N SER P 55 8.29 22.57 -27.77
CA SER P 55 8.78 22.34 -29.14
C SER P 55 8.08 23.28 -30.10
N GLY P 56 6.87 23.72 -29.76
CA GLY P 56 6.23 24.86 -30.40
C GLY P 56 4.99 24.52 -31.19
N ILE P 57 4.15 23.63 -30.67
CA ILE P 57 2.83 23.36 -31.25
C ILE P 57 1.78 23.58 -30.17
N ILE P 58 0.70 24.26 -30.56
CA ILE P 58 -0.46 24.48 -29.69
C ILE P 58 -1.42 23.31 -29.82
N LEU P 59 -1.57 22.55 -28.75
CA LEU P 59 -2.57 21.47 -28.67
C LEU P 59 -3.88 22.12 -28.25
N LYS P 60 -4.79 22.29 -29.20
CA LYS P 60 -6.10 22.86 -28.91
C LYS P 60 -7.01 21.73 -28.45
N THR P 61 -8.15 22.09 -27.84
CA THR P 61 -9.09 21.11 -27.29
C THR P 61 -9.36 19.97 -28.27
N GLY P 62 -9.81 20.28 -29.49
CA GLY P 62 -10.24 19.26 -30.44
C GLY P 62 -11.32 19.80 -31.34
N GLU P 63 -11.62 21.08 -31.19
CA GLU P 63 -12.72 21.73 -31.92
C GLU P 63 -12.15 22.47 -33.12
N SER P 64 -11.02 23.14 -32.95
CA SER P 64 -10.40 23.87 -34.06
C SER P 64 -8.96 23.43 -34.30
N GLN P 65 -8.47 23.75 -35.48
CA GLN P 65 -7.22 23.20 -36.01
C GLN P 65 -6.06 23.64 -35.13
N ASN P 66 -5.25 22.68 -34.70
CA ASN P 66 -4.06 22.98 -33.90
C ASN P 66 -3.19 24.03 -34.58
N GLN P 67 -2.85 25.08 -33.84
CA GLN P 67 -2.01 26.17 -34.34
C GLN P 67 -0.56 25.70 -34.36
N LEU P 68 0.26 26.37 -35.16
CA LEU P 68 1.68 26.00 -35.29
C LEU P 68 2.54 27.26 -35.24
N ALA P 69 3.34 27.35 -34.17
CA ALA P 69 4.29 28.47 -33.99
C ALA P 69 5.39 28.39 -35.04
N VAL P 70 5.83 27.18 -35.38
CA VAL P 70 7.10 26.95 -36.08
C VAL P 70 6.88 26.25 -37.42
N ASP P 71 7.95 26.21 -38.21
CA ASP P 71 8.02 25.40 -39.43
C ASP P 71 7.96 23.92 -39.05
N GLN P 72 7.49 23.11 -40.00
CA GLN P 72 7.18 21.70 -39.70
C GLN P 72 8.48 20.95 -39.47
N ILE P 73 9.46 21.18 -40.34
CA ILE P 73 10.75 20.49 -40.24
C ILE P 73 11.42 20.99 -38.97
N ALA P 74 11.32 22.29 -38.72
CA ALA P 74 11.79 22.90 -37.48
C ALA P 74 11.15 22.23 -36.27
N PHE P 75 9.83 22.09 -36.26
CA PHE P 75 9.16 21.39 -35.14
C PHE P 75 9.78 20.01 -34.96
N GLN P 76 9.88 19.25 -36.05
CA GLN P 76 10.33 17.86 -35.96
C GLN P 76 11.71 17.81 -35.33
N LYS P 77 12.64 18.58 -35.89
CA LYS P 77 14.02 18.60 -35.38
C LYS P 77 14.05 19.11 -33.95
N LYS P 78 13.17 20.05 -33.61
CA LYS P 78 13.12 20.61 -32.26
C LYS P 78 12.75 19.53 -31.25
N LEU P 79 11.63 18.84 -31.47
CA LEU P 79 11.22 17.80 -30.51
C LEU P 79 12.22 16.64 -30.55
N PHE P 80 12.80 16.38 -31.71
CA PHE P 80 13.80 15.32 -31.89
C PHE P 80 14.99 15.59 -30.98
N GLN P 81 15.59 16.77 -31.12
CA GLN P 81 16.77 17.13 -30.31
C GLN P 81 16.37 17.26 -28.85
N THR P 82 15.15 17.69 -28.55
CA THR P 82 14.70 17.80 -27.15
C THR P 82 14.73 16.42 -26.49
N LEU P 83 14.11 15.44 -27.13
CA LEU P 83 14.07 14.07 -26.59
C LEU P 83 15.48 13.46 -26.65
N ARG P 84 16.29 13.89 -27.61
CA ARG P 84 17.68 13.43 -27.72
C ARG P 84 18.46 13.83 -26.46
N ARG P 85 18.43 15.12 -26.15
CA ARG P 85 19.25 15.67 -25.07
C ARG P 85 18.70 15.23 -23.71
N HIS P 86 17.41 14.92 -23.65
CA HIS P 86 16.75 14.73 -22.35
C HIS P 86 17.27 13.46 -21.70
N PRO P 87 17.57 13.49 -20.39
CA PRO P 87 17.94 12.28 -19.66
C PRO P 87 16.80 11.27 -19.63
N SER P 88 17.16 10.04 -19.27
CA SER P 88 16.31 8.87 -19.48
C SER P 88 15.99 8.80 -20.98
N TYR P 89 17.05 8.86 -21.78
CA TYR P 89 16.94 9.08 -23.23
C TYR P 89 16.14 7.99 -23.97
N PRO P 90 16.42 6.69 -23.79
CA PRO P 90 15.60 5.68 -24.46
C PRO P 90 14.17 5.52 -23.94
N LYS P 91 13.84 5.94 -22.72
CA LYS P 91 12.52 5.62 -22.15
C LYS P 91 11.48 6.72 -22.38
N ILE P 92 11.92 7.97 -22.55
CA ILE P 92 10.99 9.09 -22.83
C ILE P 92 10.17 8.87 -24.09
N ILE P 93 10.66 8.12 -25.08
CA ILE P 93 9.85 7.86 -26.29
C ILE P 93 8.61 7.04 -25.88
N GLU P 94 8.81 5.96 -25.14
CA GLU P 94 7.71 5.11 -24.68
C GLU P 94 6.75 5.92 -23.79
N GLU P 95 7.31 6.65 -22.83
CA GLU P 95 6.50 7.49 -21.94
C GLU P 95 5.71 8.49 -22.78
N PHE P 96 6.35 9.06 -23.79
CA PHE P 96 5.75 10.06 -24.67
C PHE P 96 4.54 9.47 -25.38
N VAL P 97 4.70 8.29 -25.97
CA VAL P 97 3.59 7.72 -26.77
C VAL P 97 2.50 7.26 -25.85
N SER P 98 2.84 6.83 -24.64
CA SER P 98 1.81 6.43 -23.67
C SER P 98 0.99 7.65 -23.27
N GLY P 99 1.65 8.77 -22.99
CA GLY P 99 0.96 10.04 -22.75
C GLY P 99 0.12 10.44 -23.94
N LEU P 100 0.66 10.26 -25.13
CA LEU P 100 -0.07 10.58 -26.37
C LEU P 100 -1.33 9.74 -26.46
N GLU P 101 -1.20 8.43 -26.31
CA GLU P 101 -2.34 7.52 -26.48
C GLU P 101 -3.38 7.79 -25.40
N SER P 102 -2.94 8.08 -24.18
CA SER P 102 -3.86 8.44 -23.08
C SER P 102 -4.56 9.74 -23.42
N TYR P 103 -3.89 10.62 -24.16
CA TYR P 103 -4.52 11.85 -24.65
C TYR P 103 -5.58 11.54 -25.70
N ILE P 104 -5.28 10.60 -26.60
CA ILE P 104 -6.20 10.34 -27.73
C ILE P 104 -7.18 9.23 -27.38
N GLU P 105 -7.32 8.88 -26.10
CA GLU P 105 -8.45 8.05 -25.64
C GLU P 105 -9.77 8.79 -25.79
N ASP P 106 -9.75 10.11 -25.58
CA ASP P 106 -10.90 10.95 -25.93
C ASP P 106 -10.90 11.17 -27.44
N GLU P 107 -12.08 11.09 -28.04
CA GLU P 107 -12.20 11.07 -29.50
C GLU P 107 -11.81 12.42 -30.10
N ASP P 108 -12.29 13.52 -29.54
CA ASP P 108 -12.34 14.78 -30.32
C ASP P 108 -10.95 15.36 -30.48
N SER P 109 -10.14 15.25 -29.44
CA SER P 109 -8.74 15.69 -29.47
C SER P 109 -7.99 14.96 -30.58
N PHE P 110 -8.19 13.65 -30.66
CA PHE P 110 -7.61 12.85 -31.73
C PHE P 110 -8.15 13.28 -33.09
N ARG P 111 -9.45 13.60 -33.16
CA ARG P 111 -10.05 14.03 -34.43
C ARG P 111 -9.35 15.28 -34.97
N ASN P 112 -9.08 16.23 -34.08
CA ASN P 112 -8.37 17.46 -34.46
C ASN P 112 -6.89 17.17 -34.71
N CYS P 113 -6.32 16.28 -33.92
CA CYS P 113 -4.92 15.84 -34.09
C CYS P 113 -4.70 15.20 -35.46
N LEU P 114 -5.70 14.48 -35.96
CA LEU P 114 -5.63 13.89 -37.29
C LEU P 114 -5.71 14.94 -38.38
N LEU P 115 -6.55 15.95 -38.23
CA LEU P 115 -6.75 16.91 -39.34
C LEU P 115 -5.50 17.75 -39.56
N SER P 116 -5.42 18.33 -40.75
CA SER P 116 -4.36 19.28 -41.12
C SER P 116 -4.39 20.51 -40.21
N CYS P 117 -3.21 21.02 -39.89
CA CYS P 117 -3.05 22.02 -38.84
C CYS P 117 -3.03 23.42 -39.45
N GLU P 118 -3.15 24.41 -38.58
CA GLU P 118 -3.13 25.83 -38.96
C GLU P 118 -1.81 26.50 -38.60
N ARG P 119 -1.15 27.03 -39.62
CA ARG P 119 -0.05 27.97 -39.43
C ARG P 119 -0.62 29.36 -39.16
N LEU P 120 -0.08 30.01 -38.13
CA LEU P 120 -0.50 31.35 -37.68
C LEU P 120 0.07 32.44 -38.61
N GLN P 121 1.31 32.26 -39.07
CA GLN P 121 2.11 33.35 -39.65
C GLN P 121 1.87 33.44 -41.16
N SER P 130 -0.15 29.01 -46.29
CA SER P 130 -1.03 29.37 -45.15
C SER P 130 -1.77 28.14 -44.60
N TYR P 131 -1.60 26.99 -45.24
CA TYR P 131 -2.30 25.74 -44.90
C TYR P 131 -1.29 24.60 -44.90
N SER P 132 -1.23 23.83 -43.82
CA SER P 132 -0.06 22.98 -43.54
C SER P 132 -0.49 21.53 -43.42
N LYS P 133 0.49 20.68 -43.13
CA LYS P 133 0.29 19.28 -42.79
C LYS P 133 -0.29 19.09 -41.39
N SER P 134 -0.70 17.86 -41.11
CA SER P 134 -1.18 17.39 -39.81
C SER P 134 -0.01 17.09 -38.87
N LEU P 135 -0.29 17.16 -37.56
CA LEU P 135 0.74 16.92 -36.53
C LEU P 135 1.12 15.45 -36.45
N ILE P 136 0.15 14.57 -36.67
CA ILE P 136 0.41 13.12 -36.60
C ILE P 136 1.43 12.74 -37.67
N LYS P 137 1.20 13.20 -38.91
CA LYS P 137 2.13 12.97 -40.03
C LYS P 137 3.52 13.45 -39.65
N LEU P 138 3.60 14.67 -39.14
CA LEU P 138 4.90 15.24 -38.75
C LEU P 138 5.56 14.37 -37.69
N LEU P 139 4.79 13.91 -36.72
CA LEU P 139 5.40 13.13 -35.64
C LEU P 139 5.86 11.78 -36.15
N LEU P 140 5.14 11.19 -37.07
CA LEU P 140 5.61 9.94 -37.71
C LEU P 140 6.78 10.19 -38.66
N GLY P 141 6.99 11.43 -39.08
CA GLY P 141 8.22 11.80 -39.79
C GLY P 141 9.48 11.47 -38.99
N ILE P 142 9.38 11.51 -37.65
CA ILE P 142 10.52 11.17 -36.78
C ILE P 142 10.59 9.67 -36.64
N ASP P 143 11.73 9.10 -37.03
CA ASP P 143 11.88 7.65 -37.16
C ASP P 143 11.74 6.96 -35.80
N ILE P 144 12.27 7.56 -34.75
CA ILE P 144 12.33 6.87 -33.45
C ILE P 144 10.92 6.64 -32.94
N LEU P 145 10.04 7.60 -33.16
CA LEU P 145 8.67 7.52 -32.65
C LEU P 145 7.81 6.56 -33.48
N GLN P 146 8.18 6.35 -34.74
CA GLN P 146 7.30 5.80 -35.77
C GLN P 146 6.65 4.49 -35.34
N PRO P 147 7.43 3.45 -34.98
CA PRO P 147 6.81 2.14 -34.75
C PRO P 147 5.85 2.17 -33.57
N ALA P 148 6.14 2.98 -32.56
CA ALA P 148 5.26 3.09 -31.41
C ALA P 148 3.93 3.68 -31.85
N ILE P 149 3.99 4.78 -32.58
CA ILE P 149 2.78 5.44 -33.11
C ILE P 149 1.97 4.45 -33.95
N ILE P 150 2.63 3.73 -34.85
CA ILE P 150 1.94 2.76 -35.74
C ILE P 150 1.19 1.80 -34.84
N LYS P 151 1.92 1.20 -33.90
CA LYS P 151 1.36 0.25 -32.94
C LYS P 151 0.08 0.80 -32.35
N THR P 152 0.17 1.98 -31.74
CA THR P 152 -0.99 2.59 -31.06
C THR P 152 -2.17 2.73 -32.02
N LEU P 153 -1.91 3.36 -33.17
CA LEU P 153 -2.94 3.66 -34.17
C LEU P 153 -3.70 2.40 -34.54
N PHE P 154 -2.97 1.33 -34.84
CA PHE P 154 -3.62 0.12 -35.30
C PHE P 154 -4.34 -0.56 -34.17
N GLU P 155 -3.74 -0.57 -32.99
CA GLU P 155 -4.41 -1.21 -31.86
C GLU P 155 -5.74 -0.55 -31.60
N LYS P 156 -5.82 0.76 -31.77
CA LYS P 156 -7.03 1.46 -31.32
C LYS P 156 -7.99 1.68 -32.48
N LEU P 157 -7.58 1.30 -33.70
CA LEU P 157 -8.42 1.44 -34.89
C LEU P 157 -9.70 0.61 -34.84
N PRO P 158 -9.68 -0.65 -34.37
CA PRO P 158 -10.91 -1.45 -34.34
C PRO P 158 -12.03 -0.97 -33.41
N GLU P 159 -11.79 0.06 -32.60
CA GLU P 159 -12.90 0.73 -31.91
C GLU P 159 -13.94 1.18 -32.91
N TYR P 160 -13.52 1.53 -34.13
CA TYR P 160 -14.30 2.30 -35.10
C TYR P 160 -14.85 1.43 -36.23
N PHE P 161 -15.00 0.13 -35.97
CA PHE P 161 -15.62 -0.76 -36.96
C PHE P 161 -17.05 -0.35 -37.24
N PHE P 162 -17.80 -0.01 -36.20
CA PHE P 162 -19.27 0.08 -36.25
C PHE P 162 -19.77 1.50 -36.16
N GLU P 163 -18.97 2.41 -35.59
CA GLU P 163 -19.31 3.84 -35.58
C GLU P 163 -18.77 4.51 -36.84
N ASN P 164 -19.57 4.46 -37.90
CA ASN P 164 -19.22 5.10 -39.17
C ASN P 164 -20.19 6.27 -39.33
N LYS P 165 -19.68 7.43 -39.75
CA LYS P 165 -20.53 8.62 -39.92
C LYS P 165 -21.24 8.90 -38.61
N ASN P 166 -20.51 9.41 -37.62
CA ASN P 166 -21.06 9.72 -36.29
C ASN P 166 -21.70 11.11 -36.30
N SER P 167 -20.88 12.14 -36.43
CA SER P 167 -21.23 13.53 -36.12
C SER P 167 -21.14 14.32 -37.41
N ASP P 168 -19.92 14.58 -37.87
CA ASP P 168 -19.66 15.52 -38.97
C ASP P 168 -19.47 14.76 -40.29
N GLU P 169 -20.00 13.53 -40.39
CA GLU P 169 -19.86 12.66 -41.57
C GLU P 169 -18.39 12.37 -41.89
N ILE P 170 -17.57 12.22 -40.85
CA ILE P 170 -16.12 12.03 -41.04
C ILE P 170 -15.83 10.58 -40.67
N ASN P 171 -15.40 9.80 -41.65
CA ASN P 171 -15.07 8.38 -41.45
C ASN P 171 -13.71 8.19 -40.80
N ILE P 172 -13.69 8.08 -39.48
CA ILE P 172 -12.44 8.02 -38.69
C ILE P 172 -11.49 6.98 -39.27
N PRO P 173 -11.94 5.74 -39.53
CA PRO P 173 -10.99 4.74 -40.03
C PRO P 173 -10.33 5.12 -41.35
N ARG P 174 -11.11 5.62 -42.31
CA ARG P 174 -10.51 6.06 -43.57
C ARG P 174 -9.44 7.09 -43.27
N LEU P 175 -9.74 8.04 -42.38
CA LEU P 175 -8.79 9.11 -42.08
C LEU P 175 -7.53 8.54 -41.47
N ILE P 176 -7.68 7.60 -40.55
CA ILE P 176 -6.53 7.10 -39.80
C ILE P 176 -5.61 6.33 -40.73
N VAL P 177 -6.18 5.51 -41.60
CA VAL P 177 -5.29 4.80 -42.53
C VAL P 177 -4.68 5.81 -43.52
N SER P 178 -5.40 6.89 -43.81
CA SER P 178 -4.86 7.94 -44.69
C SER P 178 -3.64 8.60 -44.10
N GLN P 179 -3.56 8.59 -42.76
CA GLN P 179 -2.38 9.16 -42.07
C GLN P 179 -1.10 8.45 -42.49
N LEU P 180 -1.21 7.22 -42.95
CA LEU P 180 -0.01 6.40 -43.14
C LEU P 180 0.45 6.52 -44.58
N LYS P 181 -0.39 7.07 -45.44
CA LYS P 181 -0.08 7.21 -46.85
C LYS P 181 1.11 8.16 -47.01
N TRP P 182 1.89 7.92 -48.06
CA TRP P 182 2.87 8.89 -48.60
C TRP P 182 3.95 9.18 -47.57
N LEU P 183 4.38 8.19 -46.80
CA LEU P 183 5.39 8.46 -45.78
C LEU P 183 6.73 8.63 -46.49
N ASP P 184 7.54 9.58 -46.00
CA ASP P 184 8.90 9.79 -46.54
C ASP P 184 9.69 8.49 -46.39
N ARG P 185 9.71 7.98 -45.17
CA ARG P 185 10.64 6.93 -44.76
C ARG P 185 9.85 5.95 -43.92
N VAL P 186 10.07 4.66 -44.18
CA VAL P 186 9.43 3.57 -43.39
C VAL P 186 10.51 2.92 -42.52
N VAL P 187 10.48 3.19 -41.22
CA VAL P 187 11.49 2.63 -40.27
C VAL P 187 11.37 1.10 -40.32
N ASP P 188 10.14 0.60 -40.26
CA ASP P 188 9.89 -0.86 -40.30
C ASP P 188 8.89 -1.18 -41.40
N GLY P 189 9.26 -2.07 -42.33
CA GLY P 189 8.35 -2.55 -43.39
C GLY P 189 7.69 -3.82 -42.90
N LYS P 190 8.51 -4.71 -42.37
CA LYS P 190 8.12 -6.00 -41.74
C LYS P 190 7.05 -5.76 -40.68
N ASP P 191 7.25 -4.83 -39.73
CA ASP P 191 6.22 -4.63 -38.68
C ASP P 191 4.96 -4.03 -39.29
N LEU P 192 5.12 -2.98 -40.08
CA LEU P 192 3.96 -2.37 -40.72
C LEU P 192 3.23 -3.38 -41.60
N THR P 193 3.99 -4.13 -42.40
CA THR P 193 3.42 -5.15 -43.30
C THR P 193 2.59 -6.16 -42.52
N THR P 194 3.20 -6.74 -41.50
CA THR P 194 2.52 -7.78 -40.72
C THR P 194 1.32 -7.20 -39.99
N LYS P 195 1.46 -6.01 -39.45
CA LYS P 195 0.36 -5.40 -38.70
C LYS P 195 -0.82 -5.10 -39.62
N ILE P 196 -0.55 -4.54 -40.79
CA ILE P 196 -1.68 -4.26 -41.69
C ILE P 196 -2.28 -5.57 -42.19
N MET P 197 -1.49 -6.65 -42.25
CA MET P 197 -2.05 -7.92 -42.73
C MET P 197 -2.93 -8.58 -41.69
N GLN P 198 -2.52 -8.54 -40.45
CA GLN P 198 -3.42 -8.93 -39.36
C GLN P 198 -4.68 -8.09 -39.48
N LEU P 199 -4.54 -6.77 -39.58
CA LEU P 199 -5.69 -5.88 -39.60
C LEU P 199 -6.65 -6.26 -40.73
N ILE P 200 -6.14 -6.41 -41.94
CA ILE P 200 -7.00 -6.57 -43.12
C ILE P 200 -7.82 -7.85 -43.01
N SER P 201 -7.21 -8.89 -42.45
CA SER P 201 -7.86 -10.18 -42.36
C SER P 201 -9.18 -10.07 -41.58
N ILE P 202 -9.28 -9.14 -40.64
CA ILE P 202 -10.34 -9.27 -39.63
C ILE P 202 -11.50 -8.35 -39.96
N ALA P 203 -11.23 -7.17 -40.54
CA ALA P 203 -12.20 -6.07 -40.50
C ALA P 203 -13.53 -6.48 -41.16
N PRO P 204 -14.65 -5.83 -40.80
CA PRO P 204 -15.87 -5.91 -41.61
C PRO P 204 -15.74 -5.32 -43.00
N GLU P 205 -16.75 -5.61 -43.80
CA GLU P 205 -16.59 -5.74 -45.26
C GLU P 205 -16.17 -4.41 -45.86
N ASN P 206 -16.94 -3.37 -45.59
CA ASN P 206 -16.66 -2.04 -46.17
C ASN P 206 -15.26 -1.58 -45.76
N LEU P 207 -14.94 -1.64 -44.48
CA LEU P 207 -13.65 -1.10 -44.04
C LEU P 207 -12.50 -1.92 -44.62
N GLN P 208 -12.63 -3.25 -44.58
CA GLN P 208 -11.58 -4.11 -45.17
C GLN P 208 -11.39 -3.76 -46.63
N HIS P 209 -12.50 -3.69 -47.35
CA HIS P 209 -12.50 -3.31 -48.77
C HIS P 209 -11.82 -1.97 -48.94
N ASP P 210 -12.00 -1.07 -48.00
CA ASP P 210 -11.47 0.29 -48.12
C ASP P 210 -9.97 0.29 -47.92
N ILE P 211 -9.51 -0.34 -46.84
CA ILE P 211 -8.08 -0.21 -46.48
C ILE P 211 -7.24 -0.88 -47.56
N ILE P 212 -7.74 -1.97 -48.12
CA ILE P 212 -6.96 -2.73 -49.10
C ILE P 212 -6.68 -1.87 -50.32
N THR P 213 -7.72 -1.28 -50.88
CA THR P 213 -7.50 -0.48 -52.08
C THR P 213 -6.51 0.65 -51.80
N SER P 214 -6.42 1.11 -50.56
CA SER P 214 -5.48 2.19 -50.19
C SER P 214 -4.05 1.70 -50.04
N LEU P 215 -3.75 0.45 -50.39
CA LEU P 215 -2.48 -0.16 -50.01
C LEU P 215 -1.28 0.40 -50.74
N PRO P 216 -1.35 0.70 -52.02
CA PRO P 216 -0.12 0.98 -52.75
C PRO P 216 0.46 2.36 -52.49
N GLU P 217 -0.36 3.34 -52.13
CA GLU P 217 0.19 4.63 -51.69
C GLU P 217 1.02 4.45 -50.42
N ILE P 218 0.57 3.58 -49.51
CA ILE P 218 1.24 3.36 -48.20
C ILE P 218 2.60 2.71 -48.37
N LEU P 219 2.68 1.57 -49.00
CA LEU P 219 3.90 0.76 -48.95
C LEU P 219 4.97 1.27 -49.89
N GLY P 220 6.21 1.19 -49.43
CA GLY P 220 7.41 1.39 -50.24
C GLY P 220 7.67 0.28 -51.24
N ASP P 221 8.75 0.46 -51.99
CA ASP P 221 9.08 -0.38 -53.16
C ASP P 221 9.82 -1.66 -52.79
N SER P 222 9.78 -2.09 -51.54
CA SER P 222 10.65 -3.17 -51.06
C SER P 222 9.80 -4.37 -50.64
N GLN P 223 8.95 -4.15 -49.64
CA GLN P 223 8.17 -5.19 -48.95
C GLN P 223 6.91 -5.55 -49.74
N HIS P 224 7.01 -5.63 -51.07
CA HIS P 224 5.84 -5.92 -51.91
C HIS P 224 5.60 -7.42 -51.98
N ALA P 225 6.63 -8.20 -52.32
CA ALA P 225 6.45 -9.62 -52.66
C ALA P 225 5.69 -10.34 -51.54
N ASP P 226 6.14 -10.18 -50.31
CA ASP P 226 5.49 -10.86 -49.18
C ASP P 226 4.03 -10.44 -49.05
N VAL P 227 3.74 -9.16 -49.29
CA VAL P 227 2.33 -8.74 -49.31
C VAL P 227 1.61 -9.49 -50.43
N GLY P 228 2.16 -9.46 -51.65
CA GLY P 228 1.57 -10.21 -52.76
C GLY P 228 1.30 -11.63 -52.33
N LYS P 229 2.34 -12.28 -51.80
CA LYS P 229 2.24 -13.65 -51.28
C LYS P 229 1.09 -13.71 -50.28
N GLU P 230 1.14 -12.86 -49.26
CA GLU P 230 0.15 -12.89 -48.19
C GLU P 230 -1.24 -12.67 -48.81
N LEU P 231 -1.32 -11.77 -49.77
CA LEU P 231 -2.63 -11.47 -50.39
C LEU P 231 -3.09 -12.68 -51.18
N SER P 232 -2.19 -13.30 -51.94
CA SER P 232 -2.52 -14.55 -52.65
C SER P 232 -3.00 -15.59 -51.65
N ASP P 233 -2.37 -15.60 -50.48
CA ASP P 233 -2.79 -16.49 -49.39
C ASP P 233 -4.22 -16.14 -48.96
N LEU P 234 -4.56 -14.86 -48.94
CA LEU P 234 -5.95 -14.49 -48.63
C LEU P 234 -6.87 -14.89 -49.78
N LEU P 235 -6.35 -14.88 -51.01
CA LEU P 235 -7.17 -15.06 -52.19
C LEU P 235 -7.71 -16.47 -52.29
N ILE P 236 -6.86 -17.45 -52.01
CA ILE P 236 -7.32 -18.84 -51.91
C ILE P 236 -8.27 -18.97 -50.73
N GLU P 237 -8.04 -18.19 -49.69
CA GLU P 237 -8.89 -18.25 -48.49
C GLU P 237 -10.28 -17.76 -48.83
N ASN P 238 -10.38 -16.52 -49.33
CA ASN P 238 -11.69 -15.89 -49.47
C ASN P 238 -11.93 -15.44 -50.91
N THR P 239 -13.10 -15.81 -51.44
CA THR P 239 -13.54 -15.51 -52.81
C THR P 239 -14.23 -14.14 -52.89
N SER P 240 -14.83 -13.69 -51.80
CA SER P 240 -15.56 -12.41 -51.75
C SER P 240 -14.63 -11.31 -52.23
N LEU P 241 -13.38 -11.39 -51.83
CA LEU P 241 -12.40 -10.35 -52.12
C LEU P 241 -11.48 -10.81 -53.21
N THR P 242 -12.04 -11.28 -54.31
CA THR P 242 -11.24 -11.45 -55.53
C THR P 242 -11.02 -10.09 -56.17
N VAL P 243 -12.10 -9.39 -56.53
CA VAL P 243 -11.98 -8.21 -57.40
C VAL P 243 -10.97 -7.27 -56.77
N PRO P 244 -11.12 -6.84 -55.49
CA PRO P 244 -10.34 -5.70 -55.04
C PRO P 244 -8.89 -6.11 -54.91
N ILE P 245 -8.68 -7.35 -54.53
CA ILE P 245 -7.32 -7.86 -54.47
C ILE P 245 -6.70 -7.78 -55.84
N LEU P 246 -7.40 -8.27 -56.85
CA LEU P 246 -6.80 -8.30 -58.19
C LEU P 246 -6.51 -6.88 -58.63
N ASP P 247 -7.41 -5.96 -58.28
CA ASP P 247 -7.22 -4.53 -58.58
C ASP P 247 -5.89 -4.08 -57.99
N VAL P 248 -5.76 -4.28 -56.70
CA VAL P 248 -4.53 -3.87 -56.02
C VAL P 248 -3.32 -4.50 -56.70
N LEU P 249 -3.40 -5.80 -56.96
CA LEU P 249 -2.22 -6.58 -57.34
C LEU P 249 -1.77 -6.23 -58.75
N SER P 250 -2.69 -5.80 -59.59
CA SER P 250 -2.33 -5.28 -60.91
C SER P 250 -1.57 -3.96 -60.75
N SER P 251 -1.83 -3.27 -59.64
CA SER P 251 -1.27 -1.95 -59.33
C SER P 251 0.06 -2.03 -58.59
N LEU P 252 0.30 -3.09 -57.82
CA LEU P 252 1.57 -3.17 -57.08
C LEU P 252 2.69 -3.65 -58.00
N ARG P 253 3.89 -3.79 -57.47
CA ARG P 253 5.05 -4.23 -58.26
C ARG P 253 5.43 -5.65 -57.91
N LEU P 254 5.27 -6.54 -58.88
CA LEU P 254 5.48 -7.98 -58.68
C LEU P 254 6.39 -8.54 -59.77
N ASP P 255 6.92 -9.72 -59.48
CA ASP P 255 7.58 -10.57 -60.46
C ASP P 255 6.55 -11.14 -61.44
N PRO P 256 6.89 -11.17 -62.74
CA PRO P 256 6.04 -11.86 -63.70
C PRO P 256 5.68 -13.28 -63.27
N ASN P 257 6.64 -14.00 -62.70
CA ASN P 257 6.39 -15.39 -62.28
C ASN P 257 5.22 -15.46 -61.31
N PHE P 258 5.15 -14.56 -60.32
CA PHE P 258 4.07 -14.57 -59.33
C PHE P 258 2.73 -14.36 -60.03
N LEU P 259 2.68 -13.43 -60.97
CA LEU P 259 1.45 -13.17 -61.73
C LEU P 259 0.90 -14.46 -62.31
N LEU P 260 1.74 -15.22 -63.02
CA LEU P 260 1.28 -16.43 -63.73
C LEU P 260 0.68 -17.40 -62.74
N LYS P 261 1.32 -17.53 -61.58
CA LYS P 261 0.83 -18.41 -60.52
C LYS P 261 -0.56 -17.92 -60.12
N VAL P 262 -0.72 -16.61 -59.95
CA VAL P 262 -2.01 -16.05 -59.51
C VAL P 262 -3.05 -16.24 -60.61
N ARG P 263 -2.64 -16.16 -61.86
CA ARG P 263 -3.54 -16.45 -62.99
C ARG P 263 -4.15 -17.82 -62.85
N GLN P 264 -3.30 -18.84 -62.69
CA GLN P 264 -3.79 -20.22 -62.56
C GLN P 264 -4.59 -20.35 -61.27
N LEU P 265 -4.15 -19.65 -60.24
CA LEU P 265 -4.80 -19.65 -58.92
C LEU P 265 -6.21 -19.07 -58.99
N VAL P 266 -6.41 -18.04 -59.80
CA VAL P 266 -7.77 -17.50 -59.96
C VAL P 266 -8.57 -18.44 -60.84
N MET P 267 -7.96 -19.00 -61.86
CA MET P 267 -8.73 -19.71 -62.88
C MET P 267 -9.30 -21.01 -62.34
N ASP P 268 -8.56 -21.75 -61.50
CA ASP P 268 -9.21 -22.91 -60.85
C ASP P 268 -10.45 -22.48 -60.07
N LYS P 269 -10.43 -21.32 -59.42
CA LYS P 269 -11.55 -20.86 -58.59
C LYS P 269 -12.56 -20.08 -59.40
N LEU P 270 -12.62 -20.29 -60.71
CA LEU P 270 -13.40 -19.42 -61.60
C LEU P 270 -14.89 -19.70 -61.50
N SER P 271 -15.24 -20.95 -61.27
CA SER P 271 -16.63 -21.37 -61.04
C SER P 271 -17.15 -20.72 -59.77
N SER P 272 -16.29 -20.50 -58.80
CA SER P 272 -16.73 -20.18 -57.45
C SER P 272 -17.17 -18.72 -57.28
N ILE P 273 -16.69 -17.85 -58.15
CA ILE P 273 -17.00 -16.42 -57.96
C ILE P 273 -18.49 -16.22 -58.17
N ARG P 274 -19.13 -15.57 -57.22
CA ARG P 274 -20.48 -14.99 -57.45
C ARG P 274 -20.52 -14.12 -58.71
N LEU P 275 -21.70 -14.10 -59.37
CA LEU P 275 -21.82 -13.76 -60.81
C LEU P 275 -21.24 -12.38 -61.08
N GLU P 276 -21.62 -11.44 -60.24
CA GLU P 276 -21.50 -10.00 -60.49
C GLU P 276 -20.09 -9.68 -60.93
N ASP P 277 -19.13 -10.26 -60.23
CA ASP P 277 -17.71 -9.99 -60.37
C ASP P 277 -17.10 -10.71 -61.57
N LEU P 278 -17.56 -11.91 -61.88
CA LEU P 278 -17.00 -12.73 -62.96
C LEU P 278 -16.51 -11.91 -64.15
N PRO P 279 -17.27 -10.92 -64.66
CA PRO P 279 -16.78 -10.08 -65.74
C PRO P 279 -15.37 -9.53 -65.55
N VAL P 280 -15.20 -8.82 -64.45
CA VAL P 280 -13.99 -8.02 -64.18
C VAL P 280 -12.79 -8.95 -64.05
N ILE P 281 -13.04 -10.16 -63.60
CA ILE P 281 -11.95 -11.11 -63.42
C ILE P 281 -11.40 -11.46 -64.78
N ILE P 282 -12.30 -11.67 -65.73
CA ILE P 282 -11.88 -12.09 -67.07
C ILE P 282 -11.14 -10.95 -67.73
N LYS P 283 -11.62 -9.72 -67.51
CA LYS P 283 -10.85 -8.53 -67.88
C LYS P 283 -9.40 -8.76 -67.49
N PHE P 284 -9.17 -9.06 -66.21
CA PHE P 284 -7.82 -9.31 -65.71
C PHE P 284 -7.19 -10.40 -66.56
N ILE P 285 -7.90 -11.51 -66.73
CA ILE P 285 -7.28 -12.70 -67.33
C ILE P 285 -6.80 -12.34 -68.72
N LEU P 286 -7.53 -11.46 -69.38
CA LEU P 286 -7.36 -11.20 -70.82
C LEU P 286 -6.59 -9.93 -71.10
N HIS P 287 -6.31 -9.12 -70.09
CA HIS P 287 -5.18 -8.21 -70.22
C HIS P 287 -3.91 -9.00 -70.01
N SER P 288 -3.96 -10.02 -69.15
CA SER P 288 -2.77 -10.74 -68.70
C SER P 288 -2.55 -11.93 -69.62
N VAL P 289 -2.47 -11.65 -70.91
CA VAL P 289 -2.05 -12.65 -71.89
C VAL P 289 -0.84 -12.13 -72.66
N THR P 290 0.14 -13.00 -72.82
CA THR P 290 1.24 -12.81 -73.77
C THR P 290 0.80 -13.37 -75.12
N ALA P 291 1.62 -13.21 -76.13
CA ALA P 291 1.36 -13.86 -77.42
C ALA P 291 1.40 -15.38 -77.27
N MET P 292 2.24 -15.89 -76.37
CA MET P 292 2.69 -17.28 -76.45
C MET P 292 1.83 -18.17 -75.55
N ASP P 293 1.43 -17.66 -74.40
CA ASP P 293 0.57 -18.43 -73.48
C ASP P 293 -0.87 -18.49 -73.98
N THR P 294 -1.20 -17.70 -75.00
CA THR P 294 -2.58 -17.50 -75.46
C THR P 294 -3.41 -18.77 -75.37
N LEU P 295 -2.96 -19.83 -76.02
CA LEU P 295 -3.87 -20.94 -76.32
C LEU P 295 -4.11 -21.80 -75.08
N GLU P 296 -3.11 -21.98 -74.22
CA GLU P 296 -3.39 -22.77 -73.00
C GLU P 296 -4.45 -22.04 -72.18
N VAL P 297 -4.22 -20.78 -71.86
CA VAL P 297 -5.13 -20.04 -70.97
C VAL P 297 -6.50 -19.99 -71.61
N ILE P 298 -6.54 -19.77 -72.93
CA ILE P 298 -7.83 -19.68 -73.62
C ILE P 298 -8.53 -21.02 -73.54
N SER P 299 -7.82 -22.10 -73.80
CA SER P 299 -8.42 -23.44 -73.77
C SER P 299 -8.99 -23.69 -72.39
N GLU P 300 -8.20 -23.38 -71.35
CA GLU P 300 -8.64 -23.58 -69.97
C GLU P 300 -9.92 -22.79 -69.73
N LEU P 301 -9.92 -21.54 -70.15
CA LEU P 301 -11.07 -20.66 -69.90
C LEU P 301 -12.29 -21.26 -70.58
N ARG P 302 -12.11 -21.63 -71.84
CA ARG P 302 -13.17 -22.16 -72.70
C ARG P 302 -13.78 -23.40 -72.06
N GLU P 303 -12.92 -24.25 -71.50
CA GLU P 303 -13.33 -25.42 -70.72
C GLU P 303 -14.15 -25.00 -69.51
N LYS P 304 -13.58 -24.14 -68.69
CA LYS P 304 -14.00 -23.94 -67.30
C LYS P 304 -15.32 -23.17 -67.23
N LEU P 305 -15.54 -22.24 -68.14
CA LEU P 305 -16.81 -21.50 -68.15
C LEU P 305 -17.96 -22.36 -68.64
N ASP P 306 -19.17 -21.89 -68.35
CA ASP P 306 -20.38 -22.70 -68.29
C ASP P 306 -21.52 -22.04 -69.06
N LEU P 307 -21.84 -20.80 -68.71
CA LEU P 307 -23.11 -20.13 -69.03
C LEU P 307 -24.33 -20.93 -68.60
N GLN P 308 -24.17 -22.11 -68.00
CA GLN P 308 -25.33 -22.94 -67.71
C GLN P 308 -25.84 -22.64 -66.31
N HIS P 309 -24.88 -22.44 -65.40
CA HIS P 309 -25.16 -22.29 -63.99
C HIS P 309 -25.87 -20.95 -63.78
N CYS P 310 -25.29 -19.91 -64.37
CA CYS P 310 -25.50 -18.50 -64.00
C CYS P 310 -26.98 -18.12 -63.94
N VAL P 311 -27.67 -18.37 -65.02
CA VAL P 311 -29.08 -17.99 -65.14
C VAL P 311 -29.92 -18.80 -64.14
N SER P 337 -33.28 -10.89 -65.98
CA SER P 337 -32.67 -9.58 -65.68
C SER P 337 -31.38 -9.74 -64.89
N SER P 338 -31.42 -10.58 -63.86
CA SER P 338 -30.22 -10.86 -63.04
C SER P 338 -29.13 -11.49 -63.91
N GLY P 339 -29.33 -12.75 -64.29
CA GLY P 339 -28.35 -13.52 -65.05
C GLY P 339 -27.98 -12.80 -66.32
N GLN P 340 -29.00 -12.44 -67.10
CA GLN P 340 -28.80 -12.02 -68.49
C GLN P 340 -27.94 -10.76 -68.55
N SER P 341 -28.24 -9.76 -67.71
CA SER P 341 -27.52 -8.48 -67.74
C SER P 341 -26.02 -8.73 -67.55
N CYS P 342 -25.69 -9.55 -66.57
CA CYS P 342 -24.27 -9.78 -66.24
C CYS P 342 -23.61 -10.53 -67.38
N ILE P 343 -24.31 -11.50 -67.96
CA ILE P 343 -23.78 -12.24 -69.13
C ILE P 343 -23.53 -11.26 -70.26
N ILE P 344 -24.46 -10.36 -70.48
CA ILE P 344 -24.32 -9.40 -71.58
C ILE P 344 -23.04 -8.62 -71.37
N LEU P 345 -22.84 -8.13 -70.16
CA LEU P 345 -21.60 -7.40 -69.81
C LEU P 345 -20.40 -8.27 -70.12
N LEU P 346 -20.45 -9.51 -69.67
CA LEU P 346 -19.39 -10.48 -69.97
C LEU P 346 -19.02 -10.40 -71.44
N PHE P 347 -20.02 -10.60 -72.28
CA PHE P 347 -19.76 -10.74 -73.72
C PHE P 347 -19.24 -9.43 -74.26
N ASP P 348 -19.72 -8.33 -73.70
CA ASP P 348 -19.11 -7.02 -74.01
C ASP P 348 -17.62 -7.14 -73.74
N VAL P 349 -17.26 -7.61 -72.57
CA VAL P 349 -15.85 -7.59 -72.18
C VAL P 349 -15.04 -8.39 -73.17
N ILE P 350 -15.59 -9.49 -73.57
CA ILE P 350 -14.90 -10.32 -74.55
C ILE P 350 -14.78 -9.56 -75.85
N LYS P 351 -15.90 -9.03 -76.30
CA LYS P 351 -15.99 -8.34 -77.57
C LYS P 351 -14.84 -7.33 -77.57
N SER P 352 -14.82 -6.48 -76.55
CA SER P 352 -13.75 -5.50 -76.33
C SER P 352 -12.42 -6.20 -76.52
N ALA P 353 -12.17 -7.22 -75.71
CA ALA P 353 -10.85 -7.84 -75.64
C ALA P 353 -10.39 -8.20 -77.05
N ILE P 354 -11.25 -8.84 -77.80
CA ILE P 354 -10.81 -9.40 -79.08
C ILE P 354 -10.74 -8.29 -80.10
N ARG P 355 -11.57 -7.27 -79.95
CA ARG P 355 -11.48 -6.09 -80.83
C ARG P 355 -10.10 -5.49 -80.72
N TYR P 356 -9.62 -5.37 -79.49
CA TYR P 356 -8.50 -4.49 -79.19
C TYR P 356 -7.18 -5.25 -79.11
N GLU P 357 -7.24 -6.55 -79.36
CA GLU P 357 -6.05 -7.39 -79.43
C GLU P 357 -6.32 -8.57 -80.33
N LYS P 358 -5.60 -8.69 -81.44
CA LYS P 358 -6.03 -9.62 -82.49
C LYS P 358 -5.84 -11.08 -82.13
N THR P 359 -4.78 -11.40 -81.40
CA THR P 359 -4.34 -12.79 -81.33
C THR P 359 -5.36 -13.65 -80.58
N ILE P 360 -6.11 -13.02 -79.66
CA ILE P 360 -7.13 -13.72 -78.88
C ILE P 360 -8.08 -14.42 -79.84
N SER P 361 -8.45 -13.74 -80.92
CA SER P 361 -9.42 -14.27 -81.87
C SER P 361 -8.91 -15.59 -82.45
N GLU P 362 -7.72 -15.58 -83.04
CA GLU P 362 -7.26 -16.75 -83.80
C GLU P 362 -7.03 -17.93 -82.88
N ALA P 363 -6.33 -17.69 -81.78
CA ALA P 363 -6.19 -18.72 -80.74
C ALA P 363 -7.58 -19.26 -80.33
N TRP P 364 -8.54 -18.39 -80.04
CA TRP P 364 -9.80 -18.86 -79.45
C TRP P 364 -10.46 -19.86 -80.37
N ILE P 365 -10.51 -19.58 -81.66
CA ILE P 365 -11.19 -20.50 -82.57
C ILE P 365 -10.43 -21.82 -82.61
N LYS P 366 -9.12 -21.76 -82.62
CA LYS P 366 -8.35 -23.00 -82.55
C LYS P 366 -8.76 -23.81 -81.34
N ALA P 367 -9.12 -23.16 -80.24
CA ALA P 367 -9.47 -23.86 -78.99
C ALA P 367 -10.85 -24.47 -79.03
N ILE P 368 -11.63 -24.16 -80.04
CA ILE P 368 -12.83 -24.94 -80.35
C ILE P 368 -12.55 -25.94 -81.47
N GLU P 369 -11.92 -25.49 -82.55
CA GLU P 369 -11.51 -26.39 -83.65
C GLU P 369 -10.69 -27.59 -83.15
N ASN P 370 -9.70 -27.34 -82.30
CA ASN P 370 -8.83 -28.39 -81.76
C ASN P 370 -9.54 -29.28 -80.77
N THR P 371 -10.58 -28.79 -80.11
CA THR P 371 -11.45 -29.64 -79.29
C THR P 371 -12.63 -30.09 -80.12
N ALA P 372 -12.34 -30.73 -81.25
CA ALA P 372 -13.35 -31.40 -82.06
C ALA P 372 -13.82 -32.69 -81.36
N SER P 373 -12.95 -33.28 -80.55
CA SER P 373 -13.12 -34.65 -80.05
C SER P 373 -14.48 -34.83 -79.36
N VAL P 374 -14.65 -34.14 -78.22
CA VAL P 374 -15.81 -34.36 -77.35
C VAL P 374 -17.07 -33.80 -78.00
N SER P 375 -18.04 -34.69 -78.24
CA SER P 375 -19.41 -34.34 -78.63
C SER P 375 -20.03 -33.31 -77.68
N GLU P 376 -19.79 -33.45 -76.38
CA GLU P 376 -20.29 -32.52 -75.36
C GLU P 376 -19.61 -31.16 -75.51
N HIS P 377 -20.21 -30.31 -76.35
CA HIS P 377 -19.91 -28.88 -76.39
C HIS P 377 -21.11 -28.10 -75.93
N LYS P 378 -20.83 -26.96 -75.36
CA LYS P 378 -21.78 -26.28 -74.48
C LYS P 378 -22.24 -25.00 -75.17
N VAL P 379 -23.35 -24.47 -74.69
CA VAL P 379 -23.95 -23.23 -75.21
C VAL P 379 -22.87 -22.28 -75.71
N PHE P 380 -21.87 -22.01 -74.87
CA PHE P 380 -20.78 -21.07 -75.13
C PHE P 380 -20.23 -21.11 -76.54
N ASP P 381 -19.91 -22.29 -77.04
CA ASP P 381 -19.04 -22.34 -78.23
C ASP P 381 -19.73 -21.76 -79.45
N LEU P 382 -21.02 -22.03 -79.61
CA LEU P 382 -21.73 -21.35 -80.70
C LEU P 382 -21.67 -19.86 -80.49
N VAL P 383 -22.13 -19.40 -79.32
CA VAL P 383 -22.27 -17.96 -79.08
C VAL P 383 -20.97 -17.28 -79.44
N MET P 384 -19.86 -17.89 -79.07
CA MET P 384 -18.58 -17.25 -79.27
C MET P 384 -18.22 -17.25 -80.73
N LEU P 385 -18.53 -18.33 -81.45
CA LEU P 385 -18.23 -18.35 -82.88
C LEU P 385 -19.01 -17.25 -83.58
N PHE P 386 -20.31 -17.19 -83.31
CA PHE P 386 -21.14 -16.09 -83.82
C PHE P 386 -20.46 -14.77 -83.54
N ILE P 387 -20.12 -14.52 -82.29
CA ILE P 387 -19.59 -13.21 -81.92
C ILE P 387 -18.41 -12.91 -82.80
N ILE P 388 -17.52 -13.87 -82.98
CA ILE P 388 -16.28 -13.52 -83.64
C ILE P 388 -16.56 -13.30 -85.11
N TYR P 389 -17.57 -13.98 -85.63
CA TYR P 389 -18.02 -13.73 -87.02
C TYR P 389 -18.54 -12.30 -87.16
N SER P 390 -19.43 -11.91 -86.26
CA SER P 390 -19.94 -10.53 -86.06
C SER P 390 -18.82 -9.49 -86.01
N THR P 391 -17.75 -9.72 -85.26
CA THR P 391 -16.59 -8.81 -85.28
C THR P 391 -15.64 -9.25 -86.36
N ASN P 392 -14.35 -9.17 -86.07
CA ASN P 392 -13.34 -8.88 -87.07
C ASN P 392 -13.39 -9.90 -88.21
N THR P 393 -13.40 -9.38 -89.43
CA THR P 393 -13.95 -10.07 -90.60
C THR P 393 -12.87 -10.79 -91.40
N GLN P 394 -11.64 -10.78 -90.92
CA GLN P 394 -10.55 -11.46 -91.63
C GLN P 394 -10.76 -12.96 -91.48
N THR P 395 -11.50 -13.31 -90.42
CA THR P 395 -11.62 -14.66 -89.89
C THR P 395 -12.81 -15.39 -90.50
N LYS P 396 -13.66 -14.68 -91.23
CA LYS P 396 -14.96 -15.22 -91.61
C LYS P 396 -14.80 -16.53 -92.35
N LYS P 397 -13.97 -16.53 -93.39
CA LYS P 397 -13.69 -17.76 -94.13
C LYS P 397 -13.26 -18.85 -93.17
N TYR P 398 -12.37 -18.53 -92.24
CA TYR P 398 -11.84 -19.52 -91.27
C TYR P 398 -12.98 -20.08 -90.44
N ILE P 399 -13.86 -19.21 -89.96
CA ILE P 399 -15.00 -19.64 -89.15
C ILE P 399 -15.87 -20.58 -89.97
N ASP P 400 -16.05 -20.24 -91.25
CA ASP P 400 -16.99 -20.93 -92.13
C ASP P 400 -16.46 -22.35 -92.28
N ARG P 401 -15.18 -22.47 -92.63
CA ARG P 401 -14.56 -23.80 -92.81
C ARG P 401 -14.72 -24.60 -91.53
N VAL P 402 -14.44 -23.98 -90.39
CA VAL P 402 -14.54 -24.67 -89.10
C VAL P 402 -15.97 -25.14 -88.90
N LEU P 403 -16.93 -24.27 -89.14
CA LEU P 403 -18.32 -24.64 -88.89
C LEU P 403 -18.77 -25.77 -89.83
N ARG P 404 -18.27 -25.81 -91.07
CA ARG P 404 -18.60 -26.94 -91.94
C ARG P 404 -17.99 -28.22 -91.37
N ASN P 405 -16.69 -28.21 -91.10
CA ASN P 405 -16.02 -29.41 -90.58
C ASN P 405 -16.73 -29.92 -89.34
N LYS P 406 -17.19 -29.00 -88.50
CA LYS P 406 -17.97 -29.30 -87.29
C LYS P 406 -19.30 -29.97 -87.65
N ILE P 407 -20.01 -29.43 -88.63
CA ILE P 407 -21.35 -29.96 -88.93
C ILE P 407 -21.22 -31.36 -89.51
N ARG P 408 -20.39 -31.54 -90.54
CA ARG P 408 -20.29 -32.87 -91.14
C ARG P 408 -19.85 -33.86 -90.09
N SER P 409 -19.02 -33.43 -89.15
CA SER P 409 -18.44 -34.32 -88.14
C SER P 409 -19.46 -34.76 -87.10
N GLY P 410 -20.64 -34.14 -87.03
CA GLY P 410 -21.66 -34.63 -86.13
C GLY P 410 -21.51 -34.12 -84.72
N CYS P 411 -20.59 -33.18 -84.52
CA CYS P 411 -20.61 -32.36 -83.31
C CYS P 411 -21.91 -31.57 -83.25
N ILE P 412 -22.10 -30.63 -84.17
CA ILE P 412 -22.91 -29.45 -83.95
C ILE P 412 -24.26 -29.70 -84.62
N GLN P 413 -25.31 -29.44 -83.88
CA GLN P 413 -26.58 -30.11 -84.09
C GLN P 413 -27.67 -29.23 -83.53
N GLU P 414 -28.92 -29.63 -83.76
CA GLU P 414 -30.10 -28.94 -83.21
C GLU P 414 -29.90 -28.59 -81.73
N GLN P 415 -30.05 -29.56 -80.82
CA GLN P 415 -30.32 -29.25 -79.40
C GLN P 415 -29.37 -28.17 -78.88
N LEU P 416 -28.15 -28.14 -79.43
CA LEU P 416 -27.19 -27.07 -79.13
C LEU P 416 -27.74 -25.72 -79.60
N LEU P 417 -28.01 -25.59 -80.89
CA LEU P 417 -28.52 -24.34 -81.48
C LEU P 417 -29.85 -23.97 -80.84
N GLN P 418 -30.70 -24.97 -80.59
CA GLN P 418 -31.97 -24.77 -79.89
C GLN P 418 -31.73 -24.03 -78.58
N SER P 419 -30.91 -24.61 -77.70
CA SER P 419 -30.69 -23.98 -76.39
C SER P 419 -29.99 -22.63 -76.57
N THR P 420 -29.12 -22.55 -77.57
CA THR P 420 -28.41 -21.31 -77.90
C THR P 420 -29.43 -20.18 -78.05
N PHE P 421 -30.34 -20.31 -79.00
CA PHE P 421 -31.24 -19.21 -79.36
C PHE P 421 -32.35 -19.07 -78.33
N SER P 422 -32.58 -20.08 -77.51
CA SER P 422 -33.63 -20.00 -76.48
C SER P 422 -33.13 -19.25 -75.26
N VAL P 423 -31.85 -19.37 -74.92
CA VAL P 423 -31.28 -18.73 -73.73
C VAL P 423 -30.60 -17.41 -74.04
N HIS P 424 -29.72 -17.38 -75.03
CA HIS P 424 -28.86 -16.21 -75.27
C HIS P 424 -29.40 -15.26 -76.37
N TYR P 425 -30.72 -15.24 -76.60
CA TYR P 425 -31.29 -14.34 -77.63
C TYR P 425 -30.80 -12.93 -77.36
N LEU P 426 -30.82 -12.51 -76.10
CA LEU P 426 -30.60 -11.09 -75.79
C LEU P 426 -29.21 -10.68 -76.24
N VAL P 427 -28.28 -11.59 -76.18
CA VAL P 427 -26.98 -11.35 -76.80
C VAL P 427 -27.16 -11.27 -78.27
N LEU P 428 -27.69 -12.33 -78.85
CA LEU P 428 -27.46 -12.55 -80.27
C LEU P 428 -28.21 -11.51 -81.11
N LYS P 429 -29.32 -10.99 -80.62
CA LYS P 429 -30.20 -10.09 -81.40
C LYS P 429 -29.40 -9.01 -82.12
N ASP P 430 -28.48 -8.38 -81.40
CA ASP P 430 -27.50 -7.45 -81.93
C ASP P 430 -26.80 -7.95 -83.18
N MET P 431 -26.64 -9.25 -83.38
CA MET P 431 -25.73 -9.74 -84.41
C MET P 431 -26.48 -10.60 -85.40
N CYS P 432 -27.59 -10.08 -85.90
CA CYS P 432 -28.35 -10.77 -86.95
C CYS P 432 -27.50 -10.83 -88.21
N SER P 433 -27.08 -9.67 -88.75
CA SER P 433 -26.37 -9.60 -90.05
C SER P 433 -25.45 -10.80 -90.22
N SER P 434 -24.56 -11.01 -89.25
CA SER P 434 -23.57 -12.08 -89.28
C SER P 434 -24.26 -13.45 -89.50
N ILE P 435 -25.29 -13.74 -88.71
CA ILE P 435 -26.04 -15.01 -88.82
C ILE P 435 -26.41 -15.29 -90.26
N LEU P 436 -26.87 -14.28 -90.98
CA LEU P 436 -27.41 -14.52 -92.32
C LEU P 436 -26.28 -14.60 -93.33
N SER P 437 -25.25 -13.76 -93.18
CA SER P 437 -24.05 -13.88 -94.02
C SER P 437 -23.45 -15.28 -93.83
N LEU P 438 -23.73 -15.90 -92.69
CA LEU P 438 -23.45 -17.32 -92.53
C LEU P 438 -24.45 -18.14 -93.33
N ALA P 439 -25.72 -17.98 -93.01
CA ALA P 439 -26.75 -18.92 -93.45
C ALA P 439 -26.77 -19.06 -94.97
N GLN P 440 -26.62 -17.94 -95.68
CA GLN P 440 -26.45 -17.97 -97.15
C GLN P 440 -25.29 -18.88 -97.56
N SER P 441 -24.20 -18.86 -96.81
CA SER P 441 -22.99 -19.64 -97.15
C SER P 441 -23.19 -21.12 -96.88
N LEU P 442 -24.01 -21.48 -95.88
CA LEU P 442 -24.32 -22.87 -95.49
C LEU P 442 -25.18 -23.59 -96.52
N LEU P 443 -26.23 -22.97 -97.04
CA LEU P 443 -27.18 -23.66 -97.93
C LEU P 443 -26.56 -23.98 -99.28
N HIS P 444 -25.70 -23.13 -99.81
CA HIS P 444 -25.12 -23.29 -101.15
C HIS P 444 -24.34 -24.59 -101.30
N SER P 445 -23.91 -25.18 -100.21
CA SER P 445 -23.18 -26.45 -100.24
C SER P 445 -24.15 -27.62 -100.26
N LEU P 446 -23.61 -28.84 -100.23
CA LEU P 446 -24.38 -30.09 -100.25
C LEU P 446 -24.67 -30.56 -98.82
N ASP P 447 -24.90 -31.87 -98.66
CA ASP P 447 -24.84 -32.51 -97.34
C ASP P 447 -26.02 -32.01 -96.52
N GLN P 448 -27.16 -32.66 -96.70
CA GLN P 448 -28.46 -32.25 -96.13
C GLN P 448 -28.37 -31.83 -94.66
N SER P 449 -27.45 -32.39 -93.86
CA SER P 449 -27.36 -32.00 -92.44
C SER P 449 -26.89 -30.54 -92.32
N ILE P 450 -25.93 -30.15 -93.15
CA ILE P 450 -25.52 -28.73 -93.27
C ILE P 450 -26.73 -27.87 -93.57
N ILE P 451 -27.46 -28.26 -94.60
CA ILE P 451 -28.51 -27.41 -95.15
C ILE P 451 -29.64 -27.29 -94.13
N SER P 452 -29.92 -28.38 -93.43
CA SER P 452 -30.91 -28.36 -92.35
C SER P 452 -30.46 -27.44 -91.23
N PHE P 453 -29.16 -27.44 -90.92
CA PHE P 453 -28.66 -26.51 -89.91
C PHE P 453 -28.95 -25.07 -90.36
N GLY P 454 -28.66 -24.77 -91.61
CA GLY P 454 -28.98 -23.44 -92.15
C GLY P 454 -30.46 -23.11 -92.03
N SER P 455 -31.31 -24.09 -92.34
CA SER P 455 -32.74 -23.97 -92.10
C SER P 455 -33.00 -23.50 -90.68
N LEU P 456 -32.39 -24.17 -89.68
CA LEU P 456 -32.72 -23.87 -88.28
C LEU P 456 -32.27 -22.45 -87.98
N LEU P 457 -31.15 -22.05 -88.57
CA LEU P 457 -30.69 -20.66 -88.46
C LEU P 457 -31.82 -19.75 -88.91
N TYR P 458 -32.29 -19.92 -90.13
CA TYR P 458 -33.29 -19.00 -90.67
C TYR P 458 -34.52 -18.99 -89.79
N LYS P 459 -34.91 -20.16 -89.32
CA LYS P 459 -36.16 -20.31 -88.56
C LYS P 459 -36.06 -19.50 -87.27
N TYR P 460 -35.04 -19.76 -86.48
CA TYR P 460 -34.99 -19.09 -85.17
C TYR P 460 -34.71 -17.62 -85.36
N ALA P 461 -33.97 -17.30 -86.41
CA ALA P 461 -33.62 -15.92 -86.75
C ALA P 461 -34.93 -15.17 -86.91
N PHE P 462 -35.84 -15.75 -87.68
CA PHE P 462 -37.15 -15.14 -87.90
C PHE P 462 -38.01 -15.24 -86.64
N LYS P 463 -37.78 -16.25 -85.82
CA LYS P 463 -38.65 -16.46 -84.67
C LYS P 463 -38.42 -15.42 -83.57
N PHE P 464 -37.18 -15.15 -83.25
CA PHE P 464 -36.85 -14.54 -81.97
C PHE P 464 -36.40 -13.11 -82.07
N PHE P 465 -35.90 -12.66 -83.21
CA PHE P 465 -35.35 -11.30 -83.34
C PHE P 465 -36.45 -10.24 -83.48
N ASP P 466 -36.13 -9.16 -84.20
CA ASP P 466 -37.09 -8.10 -84.54
C ASP P 466 -37.55 -8.18 -86.00
N THR P 467 -38.29 -7.15 -86.36
CA THR P 467 -38.89 -7.02 -87.67
C THR P 467 -37.83 -6.98 -88.75
N TYR P 468 -36.89 -6.05 -88.63
CA TYR P 468 -35.89 -5.88 -89.67
C TYR P 468 -35.26 -7.22 -90.03
N CYS P 469 -34.90 -7.98 -89.01
CA CYS P 469 -34.32 -9.32 -89.19
C CYS P 469 -35.31 -10.20 -89.94
N GLN P 470 -36.57 -10.18 -89.51
CA GLN P 470 -37.60 -10.98 -90.17
C GLN P 470 -37.63 -10.68 -91.66
N GLN P 471 -37.65 -9.41 -91.99
CA GLN P 471 -37.62 -8.98 -93.39
C GLN P 471 -36.38 -9.53 -94.08
N GLU P 472 -35.23 -9.44 -93.43
CA GLU P 472 -34.03 -9.89 -94.13
C GLU P 472 -34.12 -11.39 -94.36
N VAL P 473 -34.70 -12.08 -93.40
CA VAL P 473 -34.90 -13.52 -93.54
C VAL P 473 -35.67 -13.76 -94.83
N VAL P 474 -36.85 -13.18 -94.92
CA VAL P 474 -37.76 -13.56 -96.01
C VAL P 474 -37.06 -13.23 -97.31
N GLY P 475 -36.48 -12.03 -97.39
CA GLY P 475 -35.76 -11.60 -98.58
C GLY P 475 -34.73 -12.62 -99.01
N ALA P 476 -33.97 -13.10 -98.03
CA ALA P 476 -32.92 -14.08 -98.31
C ALA P 476 -33.55 -15.36 -98.85
N LEU P 477 -34.64 -15.77 -98.25
CA LEU P 477 -35.28 -17.01 -98.69
C LEU P 477 -35.75 -16.88 -100.10
N VAL P 478 -36.37 -15.76 -100.41
CA VAL P 478 -36.78 -15.44 -101.77
C VAL P 478 -35.59 -15.64 -102.69
N THR P 479 -34.46 -15.05 -102.31
CA THR P 479 -33.25 -15.11 -103.13
C THR P 479 -32.88 -16.58 -103.35
N HIS P 480 -32.97 -17.35 -102.27
CA HIS P 480 -32.51 -18.73 -102.30
C HIS P 480 -33.35 -19.49 -103.30
N ILE P 481 -34.67 -19.33 -103.19
CA ILE P 481 -35.62 -20.03 -104.08
C ILE P 481 -35.22 -19.67 -105.50
N CYS P 482 -35.30 -18.40 -105.76
CA CYS P 482 -35.35 -17.95 -107.13
C CYS P 482 -34.05 -18.34 -107.84
N SER P 483 -32.90 -18.01 -107.24
CA SER P 483 -31.62 -18.18 -107.93
C SER P 483 -31.32 -19.66 -107.99
N GLY P 484 -31.15 -20.25 -106.83
CA GLY P 484 -31.60 -21.61 -106.59
C GLY P 484 -30.85 -22.73 -107.29
N ASN P 485 -30.80 -23.88 -106.63
CA ASN P 485 -30.75 -25.19 -107.28
C ASN P 485 -31.52 -26.14 -106.38
N GLU P 486 -31.75 -27.35 -106.89
CA GLU P 486 -32.94 -28.13 -106.51
C GLU P 486 -32.96 -28.34 -105.00
N ALA P 487 -31.94 -28.99 -104.43
CA ALA P 487 -31.85 -29.22 -102.98
C ALA P 487 -32.18 -27.94 -102.22
N GLU P 488 -31.35 -26.93 -102.45
CA GLU P 488 -31.44 -25.62 -101.80
C GLU P 488 -32.90 -25.21 -101.90
N VAL P 489 -33.42 -25.21 -103.13
CA VAL P 489 -34.78 -24.71 -103.40
C VAL P 489 -35.74 -25.39 -102.45
N ASP P 490 -35.67 -26.71 -102.43
CA ASP P 490 -36.69 -27.51 -101.75
C ASP P 490 -36.66 -27.14 -100.28
N THR P 491 -35.46 -27.20 -99.71
CA THR P 491 -35.24 -26.84 -98.31
C THR P 491 -35.86 -25.48 -98.04
N ALA P 492 -35.53 -24.54 -98.89
CA ALA P 492 -36.01 -23.17 -98.72
C ALA P 492 -37.52 -23.15 -98.68
N LEU P 493 -38.13 -23.92 -99.55
CA LEU P 493 -39.60 -23.92 -99.58
C LEU P 493 -40.14 -24.51 -98.29
N ASP P 494 -39.47 -25.52 -97.78
CA ASP P 494 -39.91 -26.17 -96.54
C ASP P 494 -39.85 -25.11 -95.45
N VAL P 495 -38.76 -24.36 -95.46
CA VAL P 495 -38.57 -23.27 -94.52
C VAL P 495 -39.71 -22.28 -94.66
N LEU P 496 -40.05 -21.92 -95.89
CA LEU P 496 -41.13 -20.97 -96.12
C LEU P 496 -42.38 -21.47 -95.39
N LEU P 497 -42.66 -22.75 -95.59
CA LEU P 497 -43.84 -23.37 -94.98
C LEU P 497 -43.73 -23.21 -93.47
N GLU P 498 -42.55 -23.48 -92.93
CA GLU P 498 -42.34 -23.34 -91.50
C GLU P 498 -42.63 -21.90 -91.07
N LEU P 499 -42.15 -20.94 -91.83
CA LEU P 499 -42.28 -19.56 -91.40
C LEU P 499 -43.75 -19.18 -91.34
N VAL P 500 -44.48 -19.57 -92.37
CA VAL P 500 -45.89 -19.17 -92.46
C VAL P 500 -46.70 -19.86 -91.35
N VAL P 501 -46.44 -21.15 -91.11
CA VAL P 501 -47.23 -21.90 -90.11
C VAL P 501 -46.87 -21.42 -88.70
N LEU P 502 -45.59 -21.11 -88.49
CA LEU P 502 -45.12 -20.54 -87.21
C LEU P 502 -45.80 -19.21 -86.94
N ASN P 503 -45.54 -18.22 -87.77
CA ASN P 503 -46.04 -16.85 -87.53
C ASN P 503 -46.54 -16.29 -88.85
N PRO P 504 -47.81 -16.52 -89.19
CA PRO P 504 -48.36 -15.96 -90.42
C PRO P 504 -48.53 -14.45 -90.35
N SER P 505 -48.92 -13.94 -89.19
CA SER P 505 -49.28 -12.52 -89.02
C SER P 505 -48.09 -11.65 -89.42
N ALA P 506 -46.92 -11.99 -88.87
CA ALA P 506 -45.66 -11.31 -89.21
C ALA P 506 -45.33 -11.51 -90.68
N MET P 507 -45.51 -12.72 -91.20
CA MET P 507 -45.16 -13.03 -92.60
C MET P 507 -46.03 -12.23 -93.55
N MET P 508 -47.28 -11.98 -93.17
CA MET P 508 -48.23 -11.27 -94.04
C MET P 508 -47.71 -9.91 -94.50
N MET P 509 -47.11 -9.13 -93.60
CA MET P 509 -46.68 -7.80 -94.05
C MET P 509 -45.44 -7.85 -94.92
N ASN P 510 -44.76 -8.99 -94.99
CA ASN P 510 -43.62 -9.15 -95.89
C ASN P 510 -43.99 -10.07 -97.04
N ALA P 511 -45.27 -10.43 -97.14
CA ALA P 511 -45.83 -11.21 -98.26
C ALA P 511 -45.51 -10.59 -99.61
N VAL P 512 -45.23 -9.30 -99.59
CA VAL P 512 -45.10 -8.51 -100.82
C VAL P 512 -43.90 -9.03 -101.59
N PHE P 513 -42.77 -9.18 -100.91
CA PHE P 513 -41.56 -9.70 -101.56
C PHE P 513 -41.76 -11.16 -101.97
N VAL P 514 -42.55 -11.88 -101.18
CA VAL P 514 -42.84 -13.30 -101.44
C VAL P 514 -43.58 -13.43 -102.76
N LYS P 515 -44.51 -12.52 -103.02
CA LYS P 515 -45.29 -12.53 -104.26
C LYS P 515 -44.40 -12.34 -105.49
N GLY P 516 -43.42 -11.43 -105.44
CA GLY P 516 -42.58 -11.15 -106.61
C GLY P 516 -41.77 -12.32 -107.12
N ILE P 517 -41.73 -13.43 -106.39
CA ILE P 517 -41.15 -14.68 -106.91
C ILE P 517 -41.81 -15.06 -108.24
N LEU P 518 -43.13 -14.90 -108.32
CA LEU P 518 -43.98 -15.44 -109.40
C LEU P 518 -43.51 -14.88 -110.74
N ASP P 519 -42.74 -13.81 -110.68
CA ASP P 519 -42.15 -13.25 -111.89
C ASP P 519 -41.12 -14.25 -112.42
N TYR P 520 -40.69 -15.17 -111.58
CA TYR P 520 -39.69 -16.16 -111.92
C TYR P 520 -40.31 -17.52 -111.64
N LEU P 521 -40.61 -18.26 -112.70
CA LEU P 521 -41.12 -19.64 -112.58
C LEU P 521 -40.41 -20.57 -113.56
N ASP P 522 -39.63 -20.00 -114.48
CA ASP P 522 -38.82 -20.73 -115.48
C ASP P 522 -38.02 -21.87 -114.84
N ASN P 523 -37.67 -21.73 -113.56
CA ASN P 523 -36.67 -22.60 -112.92
C ASN P 523 -37.33 -23.73 -112.13
N ILE P 524 -38.58 -23.54 -111.72
CA ILE P 524 -39.18 -24.34 -110.63
C ILE P 524 -39.87 -25.56 -111.23
N SER P 525 -39.81 -26.69 -110.48
CA SER P 525 -40.41 -28.00 -110.80
C SER P 525 -41.80 -28.13 -110.16
N PRO P 526 -42.71 -28.87 -110.83
CA PRO P 526 -44.13 -28.85 -110.43
C PRO P 526 -44.39 -29.17 -108.96
N GLN P 527 -43.56 -30.01 -108.37
CA GLN P 527 -43.70 -30.33 -106.95
C GLN P 527 -43.46 -29.05 -106.17
N GLN P 528 -42.35 -28.41 -106.49
CA GLN P 528 -41.98 -27.15 -105.87
C GLN P 528 -43.11 -26.15 -106.07
N ILE P 529 -43.67 -26.15 -107.27
CA ILE P 529 -44.76 -25.24 -107.64
C ILE P 529 -45.95 -25.47 -106.71
N ARG P 530 -46.21 -26.74 -106.39
CA ARG P 530 -47.36 -27.10 -105.55
C ARG P 530 -47.21 -26.45 -104.18
N LYS P 531 -46.04 -26.63 -103.60
CA LYS P 531 -45.72 -26.02 -102.30
C LYS P 531 -45.80 -24.51 -102.42
N LEU P 532 -45.29 -23.96 -103.51
CA LEU P 532 -45.20 -22.50 -103.67
C LEU P 532 -46.59 -21.89 -103.66
N PHE P 533 -47.46 -22.40 -104.51
CA PHE P 533 -48.84 -21.91 -104.54
C PHE P 533 -49.54 -22.18 -103.22
N TYR P 534 -49.24 -23.32 -102.58
CA TYR P 534 -49.82 -23.60 -101.26
C TYR P 534 -49.51 -22.44 -100.32
N VAL P 535 -48.22 -22.10 -100.23
CA VAL P 535 -47.74 -21.04 -99.34
C VAL P 535 -48.50 -19.77 -99.67
N LEU P 536 -48.42 -19.36 -100.93
CA LEU P 536 -48.91 -18.05 -101.33
C LEU P 536 -50.39 -17.92 -101.04
N SER P 537 -51.16 -18.93 -101.42
CA SER P 537 -52.60 -18.94 -101.20
C SER P 537 -52.92 -19.01 -99.70
N THR P 538 -52.17 -19.83 -98.96
CA THR P 538 -52.45 -19.98 -97.53
C THR P 538 -52.24 -18.67 -96.82
N LEU P 539 -51.26 -17.92 -97.28
CA LEU P 539 -51.01 -16.57 -96.79
C LEU P 539 -52.13 -15.64 -97.24
N ALA P 540 -52.52 -15.77 -98.50
CA ALA P 540 -53.49 -14.85 -99.13
C ALA P 540 -54.83 -14.83 -98.40
N PHE P 541 -55.39 -15.99 -98.08
CA PHE P 541 -56.74 -16.06 -97.51
C PHE P 541 -56.63 -16.21 -95.99
N SER P 542 -55.84 -15.32 -95.40
CA SER P 542 -56.13 -14.73 -94.10
C SER P 542 -57.22 -13.68 -94.29
N LYS P 543 -58.23 -13.71 -93.41
CA LYS P 543 -59.47 -12.92 -93.53
C LYS P 543 -59.26 -11.41 -93.45
N GLN P 544 -58.23 -10.96 -92.73
CA GLN P 544 -58.04 -9.52 -92.43
C GLN P 544 -57.35 -8.78 -93.57
N ASN P 545 -56.58 -9.48 -94.41
CA ASN P 545 -55.81 -8.88 -95.51
C ASN P 545 -56.44 -9.17 -96.87
N GLU P 546 -57.77 -9.22 -96.91
CA GLU P 546 -58.51 -8.96 -98.15
C GLU P 546 -58.32 -7.53 -98.66
N ALA P 547 -57.98 -6.58 -97.79
CA ALA P 547 -57.48 -5.26 -98.23
C ALA P 547 -56.39 -5.42 -99.30
N SER P 548 -55.44 -6.31 -99.05
CA SER P 548 -54.48 -6.74 -100.07
C SER P 548 -54.93 -8.10 -100.62
N SER P 549 -56.05 -8.08 -101.34
CA SER P 549 -56.41 -9.19 -102.25
C SER P 549 -55.63 -9.08 -103.55
N HIS P 550 -54.68 -8.15 -103.59
CA HIS P 550 -53.81 -7.92 -104.75
C HIS P 550 -53.23 -9.26 -105.23
N ILE P 551 -52.48 -9.92 -104.34
CA ILE P 551 -51.85 -11.23 -104.61
C ILE P 551 -52.87 -12.21 -105.18
N GLN P 552 -54.11 -12.17 -104.70
CA GLN P 552 -55.15 -13.07 -105.19
C GLN P 552 -55.33 -12.83 -106.70
N ASP P 553 -55.43 -11.57 -107.08
CA ASP P 553 -55.69 -11.20 -108.49
C ASP P 553 -54.50 -11.61 -109.34
N ASP P 554 -53.28 -11.35 -108.87
CA ASP P 554 -52.08 -11.65 -109.65
C ASP P 554 -51.96 -13.16 -109.84
N MET P 555 -52.31 -13.93 -108.82
CA MET P 555 -52.25 -15.39 -108.94
C MET P 555 -53.32 -15.86 -109.92
N HIS P 556 -54.51 -15.26 -109.88
CA HIS P 556 -55.55 -15.58 -110.87
C HIS P 556 -55.01 -15.32 -112.27
N LEU P 557 -54.33 -14.18 -112.44
CA LEU P 557 -53.70 -13.78 -113.71
C LEU P 557 -52.73 -14.85 -114.20
N VAL P 558 -51.79 -15.23 -113.36
CA VAL P 558 -50.71 -16.14 -113.80
C VAL P 558 -51.29 -17.53 -114.08
N ILE P 559 -52.26 -17.96 -113.27
CA ILE P 559 -53.03 -19.18 -113.55
C ILE P 559 -53.58 -19.07 -114.96
N ARG P 560 -54.28 -17.98 -115.23
CA ARG P 560 -54.93 -17.77 -116.52
C ARG P 560 -53.93 -17.94 -117.65
N LYS P 561 -52.77 -17.31 -117.51
CA LYS P 561 -51.76 -17.32 -118.59
C LYS P 561 -51.17 -18.71 -118.80
N GLN P 562 -50.87 -19.43 -117.73
CA GLN P 562 -50.31 -20.79 -117.89
C GLN P 562 -51.34 -21.74 -118.50
N LEU P 563 -52.53 -21.83 -117.93
CA LEU P 563 -53.61 -22.67 -118.49
C LEU P 563 -53.81 -22.41 -119.97
N SER P 564 -53.75 -21.14 -120.37
CA SER P 564 -53.92 -20.73 -121.77
C SER P 564 -52.62 -20.97 -122.55
N SER P 565 -52.28 -22.24 -122.72
CA SER P 565 -51.08 -22.62 -123.45
C SER P 565 -51.25 -24.02 -124.04
N THR P 566 -50.81 -24.19 -125.27
CA THR P 566 -50.65 -25.51 -125.89
C THR P 566 -49.67 -26.38 -125.09
N VAL P 567 -48.58 -25.80 -124.59
CA VAL P 567 -47.47 -26.57 -124.01
C VAL P 567 -47.93 -27.22 -122.70
N PHE P 568 -47.97 -28.56 -122.69
CA PHE P 568 -48.32 -29.34 -121.49
C PHE P 568 -47.47 -28.91 -120.29
N LYS P 569 -46.20 -28.58 -120.53
CA LYS P 569 -45.32 -28.13 -119.45
C LYS P 569 -45.95 -26.95 -118.71
N TYR P 570 -46.63 -26.07 -119.43
CA TYR P 570 -47.32 -24.95 -118.79
C TYR P 570 -48.70 -25.41 -118.32
N LYS P 571 -49.36 -26.26 -119.11
CA LYS P 571 -50.73 -26.70 -118.81
C LYS P 571 -50.78 -27.27 -117.40
N LEU P 572 -49.91 -28.24 -117.13
CA LEU P 572 -49.84 -28.87 -115.81
C LEU P 572 -49.67 -27.82 -114.72
N ILE P 573 -48.82 -26.82 -114.96
CA ILE P 573 -48.54 -25.83 -113.92
C ILE P 573 -49.83 -25.10 -113.58
N GLY P 574 -50.49 -24.60 -114.62
CA GLY P 574 -51.73 -23.87 -114.42
C GLY P 574 -52.74 -24.74 -113.70
N ILE P 575 -52.88 -25.99 -114.16
CA ILE P 575 -53.86 -26.93 -113.57
C ILE P 575 -53.59 -27.04 -112.07
N ILE P 576 -52.36 -27.40 -111.74
CA ILE P 576 -52.01 -27.73 -110.35
C ILE P 576 -52.21 -26.50 -109.49
N GLY P 577 -51.65 -25.37 -109.93
CA GLY P 577 -51.82 -24.11 -109.21
C GLY P 577 -53.28 -23.84 -108.94
N ALA P 578 -54.10 -23.94 -109.97
CA ALA P 578 -55.51 -23.56 -109.85
C ALA P 578 -56.18 -24.46 -108.83
N VAL P 579 -56.09 -25.77 -109.04
CA VAL P 579 -56.74 -26.73 -108.13
C VAL P 579 -56.27 -26.49 -106.72
N THR P 580 -54.98 -26.26 -106.55
CA THR P 580 -54.41 -26.16 -105.21
C THR P 580 -54.95 -24.91 -104.54
N MET P 581 -54.93 -23.79 -105.27
CA MET P 581 -55.54 -22.55 -104.78
C MET P 581 -56.95 -22.81 -104.32
N ALA P 582 -57.74 -23.48 -105.16
CA ALA P 582 -59.15 -23.74 -104.89
C ALA P 582 -59.31 -24.49 -103.57
N GLY P 583 -58.50 -25.53 -103.37
CA GLY P 583 -58.54 -26.27 -102.11
C GLY P 583 -58.31 -25.38 -100.91
N ILE P 584 -57.43 -24.40 -101.04
CA ILE P 584 -57.03 -23.57 -99.90
C ILE P 584 -58.16 -22.62 -99.51
N MET P 585 -58.76 -21.93 -100.47
CA MET P 585 -59.80 -20.95 -100.14
C MET P 585 -61.02 -21.62 -99.50
N ALA P 586 -61.29 -22.88 -99.84
CA ALA P 586 -62.37 -23.62 -99.18
C ALA P 586 -61.92 -24.08 -97.80
N ALA P 587 -62.08 -23.23 -96.79
CA ALA P 587 -61.71 -23.53 -95.41
C ALA P 587 -62.59 -24.65 -94.86
N ASP P 604 -71.04 -16.98 -100.37
CA ASP P 604 -70.46 -18.03 -101.22
C ASP P 604 -69.72 -17.46 -102.44
N GLU P 605 -69.09 -16.29 -102.27
CA GLU P 605 -68.21 -15.75 -103.32
C GLU P 605 -67.08 -16.75 -103.58
N GLN P 606 -66.54 -17.33 -102.51
CA GLN P 606 -65.54 -18.41 -102.64
C GLN P 606 -66.06 -19.50 -103.58
N CYS P 607 -67.34 -19.88 -103.43
CA CYS P 607 -67.94 -20.95 -104.25
C CYS P 607 -67.95 -20.50 -105.72
N THR P 608 -68.26 -19.23 -105.97
CA THR P 608 -68.29 -18.70 -107.35
C THR P 608 -66.89 -18.79 -107.95
N GLN P 609 -65.88 -18.40 -107.17
CA GLN P 609 -64.50 -18.44 -107.64
C GLN P 609 -64.14 -19.89 -107.99
N VAL P 610 -64.34 -20.79 -107.04
CA VAL P 610 -63.87 -22.18 -107.22
C VAL P 610 -64.56 -22.78 -108.43
N THR P 611 -65.87 -22.59 -108.54
CA THR P 611 -66.63 -23.15 -109.65
C THR P 611 -66.08 -22.62 -110.97
N SER P 612 -65.93 -21.29 -111.09
CA SER P 612 -65.45 -20.71 -112.35
C SER P 612 -64.07 -21.25 -112.68
N LEU P 613 -63.20 -21.23 -111.68
CA LEU P 613 -61.86 -21.80 -111.82
C LEU P 613 -61.93 -23.21 -112.37
N LEU P 614 -62.61 -24.10 -111.66
CA LEU P 614 -62.53 -25.53 -112.00
C LEU P 614 -63.19 -25.79 -113.33
N GLN P 615 -64.27 -25.06 -113.64
CA GLN P 615 -64.92 -25.24 -114.94
C GLN P 615 -63.96 -24.85 -116.04
N LEU P 616 -63.22 -23.74 -115.85
CA LEU P 616 -62.24 -23.32 -116.85
C LEU P 616 -61.16 -24.38 -116.99
N VAL P 617 -60.69 -24.91 -115.87
CA VAL P 617 -59.63 -25.93 -115.89
C VAL P 617 -60.12 -27.16 -116.63
N HIS P 618 -61.33 -27.60 -116.29
CA HIS P 618 -61.95 -28.76 -116.94
C HIS P 618 -61.98 -28.54 -118.46
N SER P 619 -62.47 -27.38 -118.87
CA SER P 619 -62.60 -27.06 -120.30
C SER P 619 -61.22 -27.11 -120.98
N CYS P 620 -60.20 -26.48 -120.38
CA CYS P 620 -58.84 -26.48 -120.96
C CYS P 620 -58.29 -27.90 -121.06
N SER P 621 -58.48 -28.70 -120.01
CA SER P 621 -57.85 -30.03 -119.95
C SER P 621 -58.59 -31.02 -120.86
N GLU P 622 -59.86 -30.72 -121.17
CA GLU P 622 -60.72 -31.59 -122.02
C GLU P 622 -59.98 -32.01 -123.30
N GLN P 623 -59.16 -31.11 -123.85
CA GLN P 623 -58.40 -31.34 -125.11
C GLN P 623 -57.40 -32.48 -124.89
N SER P 624 -56.70 -32.50 -123.75
CA SER P 624 -55.43 -33.27 -123.60
C SER P 624 -55.63 -34.50 -122.70
N PRO P 625 -55.33 -35.73 -123.18
CA PRO P 625 -55.49 -36.97 -122.38
C PRO P 625 -54.56 -37.06 -121.15
N GLN P 626 -53.28 -36.68 -121.31
CA GLN P 626 -52.30 -36.73 -120.19
C GLN P 626 -52.54 -35.55 -119.24
N ALA P 627 -53.36 -34.59 -119.66
CA ALA P 627 -53.72 -33.41 -118.86
C ALA P 627 -55.03 -33.65 -118.13
N SER P 628 -56.03 -34.20 -118.81
CA SER P 628 -57.31 -34.56 -118.18
C SER P 628 -57.03 -35.53 -117.03
N ALA P 629 -56.17 -36.51 -117.28
CA ALA P 629 -55.80 -37.51 -116.26
C ALA P 629 -55.22 -36.81 -115.04
N LEU P 630 -54.27 -35.91 -115.27
CA LEU P 630 -53.64 -35.16 -114.17
C LEU P 630 -54.69 -34.37 -113.42
N TYR P 631 -55.61 -33.75 -114.14
CA TYR P 631 -56.68 -32.95 -113.51
C TYR P 631 -57.48 -33.84 -112.57
N TYR P 632 -57.95 -34.96 -113.09
CA TYR P 632 -58.82 -35.86 -112.32
C TYR P 632 -58.05 -36.38 -111.11
N ASP P 633 -56.87 -36.94 -111.38
CA ASP P 633 -55.99 -37.59 -110.37
C ASP P 633 -55.59 -36.55 -109.32
N GLU P 634 -55.00 -35.45 -109.75
CA GLU P 634 -54.55 -34.40 -108.79
C GLU P 634 -55.77 -33.88 -108.03
N PHE P 635 -56.88 -33.61 -108.72
CA PHE P 635 -58.10 -33.09 -108.07
C PHE P 635 -58.60 -34.10 -107.02
N ALA P 636 -58.69 -35.38 -107.40
CA ALA P 636 -59.18 -36.46 -106.52
C ALA P 636 -58.37 -36.50 -105.23
N ASN P 637 -57.05 -36.67 -105.35
CA ASN P 637 -56.14 -36.76 -104.17
C ASN P 637 -56.23 -35.46 -103.38
N LEU P 638 -56.21 -34.32 -104.07
CA LEU P 638 -56.28 -33.00 -103.39
C LEU P 638 -57.58 -32.93 -102.59
N ILE P 639 -58.69 -33.32 -103.20
CA ILE P 639 -60.03 -33.27 -102.54
C ILE P 639 -60.03 -34.19 -101.31
N GLN P 640 -59.45 -35.39 -101.42
CA GLN P 640 -59.42 -36.33 -100.26
C GLN P 640 -58.59 -35.71 -99.13
N HIS P 641 -57.47 -35.05 -99.47
CA HIS P 641 -56.53 -34.46 -98.47
C HIS P 641 -57.18 -33.26 -97.76
N GLU P 642 -57.67 -32.27 -98.52
CA GLU P 642 -58.25 -31.04 -97.93
C GLU P 642 -59.47 -31.37 -97.06
N LYS P 643 -60.37 -32.21 -97.57
CA LYS P 643 -61.61 -32.62 -96.84
C LYS P 643 -62.35 -31.36 -96.36
N LEU P 644 -62.54 -30.37 -97.23
CA LEU P 644 -63.21 -29.08 -96.89
C LEU P 644 -64.00 -28.57 -98.10
N ASP P 645 -64.82 -27.53 -97.89
CA ASP P 645 -65.69 -26.95 -98.95
C ASP P 645 -66.55 -28.04 -99.59
N PRO P 646 -67.30 -28.83 -98.79
CA PRO P 646 -68.16 -29.90 -99.32
C PRO P 646 -69.27 -29.35 -100.25
N LYS P 647 -69.81 -28.17 -99.95
CA LYS P 647 -70.84 -27.49 -100.80
C LYS P 647 -70.35 -27.47 -102.25
N ALA P 648 -69.20 -26.82 -102.50
CA ALA P 648 -68.57 -26.79 -103.84
C ALA P 648 -68.38 -28.21 -104.36
N LEU P 649 -68.37 -29.19 -103.46
CA LEU P 649 -68.23 -30.62 -103.81
C LEU P 649 -69.59 -31.24 -104.13
N GLU P 650 -70.62 -30.87 -103.37
CA GLU P 650 -72.01 -31.23 -103.71
C GLU P 650 -72.39 -30.61 -105.05
N TRP P 651 -71.82 -29.44 -105.36
CA TRP P 651 -72.01 -28.82 -106.68
C TRP P 651 -71.42 -29.73 -107.77
N VAL P 652 -70.18 -30.16 -107.61
CA VAL P 652 -69.43 -30.77 -108.74
C VAL P 652 -69.87 -32.22 -108.92
N GLY P 653 -70.12 -32.95 -107.83
CA GLY P 653 -70.49 -34.37 -107.93
C GLY P 653 -71.71 -34.61 -108.82
N HIS P 654 -72.66 -33.68 -108.83
CA HIS P 654 -73.84 -33.76 -109.70
C HIS P 654 -73.44 -33.66 -111.17
N THR P 655 -72.31 -33.02 -111.45
CA THR P 655 -71.76 -32.96 -112.82
C THR P 655 -70.99 -34.24 -113.12
N ILE P 656 -70.22 -34.72 -112.13
CA ILE P 656 -69.23 -35.79 -112.35
C ILE P 656 -69.95 -37.13 -112.53
N CYS P 657 -70.95 -37.42 -111.69
CA CYS P 657 -71.73 -38.67 -111.84
C CYS P 657 -72.35 -38.75 -113.23
N ASN P 658 -72.93 -37.64 -113.71
CA ASN P 658 -73.57 -37.61 -115.03
C ASN P 658 -72.55 -37.75 -116.15
N ASP P 659 -71.44 -37.02 -116.09
CA ASP P 659 -70.43 -37.08 -117.15
C ASP P 659 -69.82 -38.49 -117.21
N PHE P 660 -69.61 -39.13 -116.06
CA PHE P 660 -69.14 -40.53 -116.06
C PHE P 660 -70.17 -41.44 -116.73
N GLN P 661 -71.43 -41.37 -116.27
CA GLN P 661 -72.45 -42.34 -116.71
C GLN P 661 -72.92 -42.08 -118.16
N ASP P 662 -72.56 -40.93 -118.74
CA ASP P 662 -72.78 -40.68 -120.18
C ASP P 662 -71.52 -40.87 -121.04
N ALA P 663 -70.32 -40.71 -120.45
CA ALA P 663 -69.06 -40.72 -121.21
C ALA P 663 -68.65 -42.15 -121.60
N PHE P 664 -68.79 -43.10 -120.68
CA PHE P 664 -68.28 -44.47 -120.87
C PHE P 664 -69.37 -45.53 -120.78
N VAL P 665 -70.37 -45.34 -119.93
CA VAL P 665 -71.39 -46.38 -119.67
C VAL P 665 -72.30 -46.47 -120.88
N VAL P 666 -72.29 -47.63 -121.54
CA VAL P 666 -73.16 -47.91 -122.70
C VAL P 666 -74.00 -49.15 -122.41
N ASP P 667 -75.11 -49.28 -123.12
CA ASP P 667 -75.90 -50.54 -123.13
C ASP P 667 -75.01 -51.73 -123.50
N SER P 668 -75.22 -52.84 -122.81
CA SER P 668 -74.34 -54.02 -122.88
C SER P 668 -74.63 -54.80 -124.17
N CYS P 669 -74.02 -54.35 -125.27
CA CYS P 669 -74.07 -55.07 -126.55
C CYS P 669 -72.73 -55.76 -126.80
N VAL P 670 -72.74 -57.09 -126.84
CA VAL P 670 -71.50 -57.88 -126.79
C VAL P 670 -70.59 -57.53 -127.97
N VAL P 671 -71.17 -57.20 -129.11
CA VAL P 671 -70.42 -56.65 -130.25
C VAL P 671 -70.56 -55.13 -130.24
N PRO P 672 -69.49 -54.37 -130.03
CA PRO P 672 -69.55 -52.94 -130.29
C PRO P 672 -69.28 -52.60 -131.76
N GLU P 673 -69.63 -51.37 -132.14
CA GLU P 673 -69.38 -50.87 -133.49
C GLU P 673 -67.89 -50.55 -133.68
N GLY P 674 -67.36 -50.92 -134.84
CA GLY P 674 -65.94 -50.78 -135.13
C GLY P 674 -65.35 -52.04 -135.71
N ASP P 675 -64.53 -51.89 -136.75
CA ASP P 675 -63.88 -53.00 -137.45
C ASP P 675 -62.56 -53.35 -136.75
N PHE P 676 -62.64 -54.25 -135.78
CA PHE P 676 -61.50 -54.70 -134.98
C PHE P 676 -60.99 -56.00 -135.58
N PRO P 677 -59.66 -56.23 -135.63
CA PRO P 677 -59.15 -57.57 -135.95
C PRO P 677 -59.11 -58.47 -134.72
N PHE P 678 -60.17 -58.41 -133.91
CA PHE P 678 -60.21 -59.00 -132.57
C PHE P 678 -61.67 -59.32 -132.25
N PRO P 679 -61.98 -60.53 -131.75
CA PRO P 679 -63.35 -60.83 -131.32
C PRO P 679 -63.69 -60.09 -130.03
N VAL P 680 -64.38 -58.96 -130.16
CA VAL P 680 -64.68 -58.08 -129.02
C VAL P 680 -65.98 -58.57 -128.39
N LYS P 681 -65.92 -58.89 -127.10
CA LYS P 681 -67.05 -59.39 -126.31
C LYS P 681 -67.18 -58.55 -125.05
N ALA P 682 -68.10 -58.93 -124.18
CA ALA P 682 -68.16 -58.39 -122.82
C ALA P 682 -67.52 -59.39 -121.85
N LEU P 683 -66.19 -59.37 -121.84
CA LEU P 683 -65.35 -60.35 -121.15
C LEU P 683 -65.14 -59.95 -119.70
N TYR P 684 -64.64 -60.91 -118.93
CA TYR P 684 -64.26 -60.72 -117.51
C TYR P 684 -65.39 -60.05 -116.74
N GLY P 685 -66.63 -60.45 -117.05
CA GLY P 685 -67.76 -60.20 -116.17
C GLY P 685 -67.77 -61.09 -114.96
N LEU P 686 -68.40 -60.61 -113.89
CA LEU P 686 -68.60 -61.41 -112.68
C LEU P 686 -69.70 -62.45 -112.86
N GLU P 687 -70.66 -62.18 -113.75
CA GLU P 687 -71.77 -63.08 -114.17
C GLU P 687 -72.83 -63.31 -113.09
N GLU P 688 -72.71 -62.75 -111.88
CA GLU P 688 -73.83 -62.76 -110.92
C GLU P 688 -74.86 -61.71 -111.31
N TYR P 689 -74.40 -60.61 -111.92
CA TYR P 689 -75.29 -59.63 -112.55
C TYR P 689 -75.99 -60.27 -113.76
N ASP P 690 -77.04 -59.61 -114.23
CA ASP P 690 -77.75 -60.05 -115.46
C ASP P 690 -76.88 -59.78 -116.69
N THR P 691 -76.59 -60.82 -117.47
CA THR P 691 -75.75 -60.62 -118.66
C THR P 691 -76.45 -59.70 -119.66
N GLN P 692 -77.76 -59.88 -119.88
CA GLN P 692 -78.54 -58.99 -120.76
C GLN P 692 -78.87 -57.69 -120.02
N ASP P 693 -77.84 -56.89 -119.75
CA ASP P 693 -78.03 -55.69 -118.91
C ASP P 693 -77.79 -54.41 -119.69
N GLY P 694 -77.99 -53.28 -119.00
CA GLY P 694 -77.64 -51.96 -119.52
C GLY P 694 -76.16 -51.68 -119.28
N ILE P 695 -75.80 -51.31 -118.07
CA ILE P 695 -74.45 -50.75 -117.79
C ILE P 695 -73.40 -51.77 -118.19
N ALA P 696 -72.72 -51.52 -119.31
CA ALA P 696 -71.41 -52.07 -119.64
C ALA P 696 -70.47 -50.89 -119.91
N ILE P 697 -69.18 -51.16 -120.03
CA ILE P 697 -68.18 -50.08 -120.19
C ILE P 697 -67.41 -50.32 -121.49
N ASN P 698 -67.51 -49.35 -122.40
CA ASN P 698 -66.86 -49.38 -123.70
C ASN P 698 -65.38 -49.06 -123.53
N LEU P 699 -64.50 -49.97 -123.93
CA LEU P 699 -63.05 -49.75 -123.76
C LEU P 699 -62.31 -49.84 -125.10
N LEU P 700 -62.39 -50.97 -125.79
CA LEU P 700 -61.55 -51.16 -126.99
C LEU P 700 -61.97 -50.24 -128.13
N PRO P 701 -63.27 -50.02 -128.42
CA PRO P 701 -63.62 -49.00 -129.40
C PRO P 701 -63.20 -47.58 -129.02
N LEU P 702 -63.13 -47.26 -127.73
CA LEU P 702 -62.67 -45.92 -127.34
C LEU P 702 -61.16 -45.79 -127.59
N LEU P 703 -60.36 -46.73 -127.08
CA LEU P 703 -58.90 -46.63 -127.25
C LEU P 703 -58.53 -46.76 -128.72
N PHE P 704 -59.25 -47.58 -129.48
CA PHE P 704 -58.97 -47.70 -130.92
C PHE P 704 -59.35 -46.41 -131.65
N SER P 705 -60.49 -45.81 -131.32
CA SER P 705 -60.90 -44.57 -132.01
C SER P 705 -59.94 -43.43 -131.64
N GLN P 706 -59.37 -43.48 -130.44
CA GLN P 706 -58.33 -42.53 -130.05
C GLN P 706 -57.09 -42.75 -130.91
N ASP P 707 -56.76 -44.02 -131.18
CA ASP P 707 -55.61 -44.38 -132.03
C ASP P 707 -56.07 -44.86 -133.41
N SER P 726 -59.80 -39.88 -123.22
CA SER P 726 -61.02 -40.33 -122.54
C SER P 726 -60.84 -41.67 -121.80
N PRO P 727 -60.34 -42.75 -122.47
CA PRO P 727 -60.23 -44.03 -121.78
C PRO P 727 -59.05 -44.05 -120.80
N LEU P 728 -58.04 -43.21 -121.07
CA LEU P 728 -56.90 -43.07 -120.16
C LEU P 728 -57.33 -42.42 -118.84
N CYS P 729 -58.43 -41.66 -118.86
CA CYS P 729 -58.92 -40.96 -117.67
C CYS P 729 -59.86 -41.82 -116.84
N LEU P 730 -60.20 -43.02 -117.32
CA LEU P 730 -61.35 -43.75 -116.78
C LEU P 730 -61.06 -44.13 -115.32
N ALA P 731 -59.89 -44.71 -115.07
CA ALA P 731 -59.46 -45.05 -113.71
C ALA P 731 -59.51 -43.83 -112.80
N PRO P 732 -58.73 -42.76 -113.03
CA PRO P 732 -58.79 -41.61 -112.12
C PRO P 732 -60.18 -40.98 -112.04
N TYR P 733 -60.92 -40.96 -113.15
CA TYR P 733 -62.26 -40.33 -113.14
C TYR P 733 -63.19 -41.12 -112.22
N PHE P 734 -63.13 -42.45 -112.30
CA PHE P 734 -63.90 -43.31 -111.39
C PHE P 734 -63.43 -43.08 -109.95
N ARG P 735 -62.12 -42.92 -109.76
CA ARG P 735 -61.59 -42.62 -108.43
C ARG P 735 -62.25 -41.36 -107.88
N LEU P 736 -62.31 -40.32 -108.72
CA LEU P 736 -62.89 -39.03 -108.33
C LEU P 736 -64.35 -39.21 -107.97
N LEU P 737 -65.08 -39.92 -108.83
CA LEU P 737 -66.51 -40.15 -108.60
C LEU P 737 -66.71 -40.88 -107.27
N ARG P 738 -65.91 -41.93 -107.05
CA ARG P 738 -65.95 -42.70 -105.80
C ARG P 738 -65.75 -41.77 -104.61
N LEU P 739 -64.70 -40.95 -104.64
CA LEU P 739 -64.40 -40.08 -103.49
C LEU P 739 -65.53 -39.08 -103.26
N CYS P 740 -66.05 -38.48 -104.32
CA CYS P 740 -67.09 -37.45 -104.19
C CYS P 740 -68.37 -38.06 -103.61
N VAL P 741 -68.76 -39.25 -104.09
CA VAL P 741 -70.01 -39.87 -103.59
C VAL P 741 -69.79 -40.34 -102.15
N GLU P 742 -68.58 -40.78 -101.81
CA GLU P 742 -68.28 -41.16 -100.42
C GLU P 742 -68.32 -39.93 -99.51
N ARG P 743 -67.91 -38.76 -100.00
CA ARG P 743 -68.00 -37.54 -99.19
C ARG P 743 -69.45 -37.09 -99.07
N GLN P 744 -70.23 -37.27 -100.13
CA GLN P 744 -71.64 -36.84 -100.15
C GLN P 744 -72.48 -37.85 -99.34
N HIS P 745 -72.51 -39.10 -99.81
CA HIS P 745 -73.40 -40.13 -99.26
C HIS P 745 -72.77 -40.88 -98.08
N ASN P 746 -71.58 -40.51 -97.63
CA ASN P 746 -71.00 -41.06 -96.38
C ASN P 746 -70.70 -42.56 -96.53
N GLY P 747 -70.07 -42.94 -97.64
CA GLY P 747 -69.68 -44.32 -97.90
C GLY P 747 -70.80 -45.17 -98.47
N ASN P 748 -71.88 -44.56 -98.95
CA ASN P 748 -73.02 -45.30 -99.51
C ASN P 748 -72.83 -45.45 -101.01
N LEU P 749 -72.61 -46.69 -101.45
CA LEU P 749 -72.27 -46.97 -102.86
C LEU P 749 -73.39 -47.78 -103.51
N GLU P 750 -74.64 -47.51 -103.11
CA GLU P 750 -75.82 -48.20 -103.66
C GLU P 750 -76.06 -47.81 -105.12
N GLU P 751 -75.49 -46.70 -105.56
CA GLU P 751 -75.56 -46.22 -106.95
C GLU P 751 -74.61 -47.01 -107.86
N ILE P 752 -73.46 -47.44 -107.35
CA ILE P 752 -72.30 -47.85 -108.18
C ILE P 752 -72.18 -49.38 -108.24
N ASP P 753 -72.48 -50.10 -107.16
CA ASP P 753 -72.17 -51.54 -107.03
C ASP P 753 -72.50 -52.34 -108.30
N GLY P 754 -73.34 -51.81 -109.19
CA GLY P 754 -73.39 -52.28 -110.58
C GLY P 754 -72.04 -52.24 -111.28
N LEU P 755 -71.13 -51.36 -110.84
CA LEU P 755 -69.84 -51.17 -111.52
C LEU P 755 -68.83 -52.22 -111.07
N LEU P 756 -68.92 -52.67 -109.81
CA LEU P 756 -68.12 -53.81 -109.33
C LEU P 756 -68.54 -55.11 -110.04
N ASP P 757 -69.82 -55.25 -110.35
CA ASP P 757 -70.35 -56.42 -111.06
C ASP P 757 -70.16 -56.35 -112.58
N CYS P 758 -69.89 -55.17 -113.13
CA CYS P 758 -70.03 -54.94 -114.58
C CYS P 758 -69.00 -55.77 -115.36
N PRO P 759 -69.41 -56.42 -116.45
CA PRO P 759 -68.47 -56.93 -117.44
C PRO P 759 -67.84 -55.81 -118.26
N ILE P 760 -66.68 -56.11 -118.85
CA ILE P 760 -65.89 -55.09 -119.58
C ILE P 760 -65.86 -55.45 -121.06
N PHE P 761 -66.18 -54.47 -121.91
CA PHE P 761 -66.14 -54.65 -123.38
C PHE P 761 -64.70 -54.74 -123.84
N LEU P 762 -64.18 -55.96 -123.85
CA LEU P 762 -62.78 -56.23 -124.21
C LEU P 762 -62.70 -57.21 -125.37
N THR P 763 -61.62 -57.07 -126.13
CA THR P 763 -61.13 -58.16 -126.99
C THR P 763 -60.82 -59.38 -126.12
N ASP P 764 -60.58 -60.50 -126.78
CA ASP P 764 -60.01 -61.68 -126.12
C ASP P 764 -58.55 -61.40 -125.81
N LEU P 765 -58.25 -61.07 -124.55
CA LEU P 765 -56.90 -60.67 -124.12
C LEU P 765 -56.06 -61.90 -123.81
N GLU P 766 -56.34 -62.97 -124.54
CA GLU P 766 -55.95 -64.32 -124.15
C GLU P 766 -54.45 -64.47 -124.38
N PRO P 767 -53.75 -65.33 -123.59
CA PRO P 767 -52.45 -65.84 -124.03
C PRO P 767 -52.41 -66.08 -125.53
N GLY P 768 -51.87 -65.12 -126.27
CA GLY P 768 -51.81 -65.16 -127.72
C GLY P 768 -50.55 -65.75 -128.30
N GLU P 769 -50.17 -66.92 -127.80
CA GLU P 769 -49.09 -67.71 -128.41
C GLU P 769 -49.45 -68.02 -129.87
N LYS P 770 -50.74 -68.07 -130.19
CA LYS P 770 -51.20 -68.18 -131.58
C LYS P 770 -50.99 -66.86 -132.33
N LEU P 771 -51.05 -65.72 -131.64
CA LEU P 771 -50.81 -64.42 -132.29
C LEU P 771 -49.34 -64.01 -132.03
N GLU P 772 -48.41 -64.92 -132.32
CA GLU P 772 -46.96 -64.65 -132.12
C GLU P 772 -46.32 -64.23 -133.44
N SER P 773 -45.22 -63.49 -133.36
CA SER P 773 -44.44 -63.00 -134.53
C SER P 773 -45.34 -62.16 -135.48
N MET P 774 -46.24 -61.33 -134.92
CA MET P 774 -46.82 -60.17 -135.65
C MET P 774 -46.77 -58.92 -134.76
N SER P 775 -45.58 -58.34 -134.57
CA SER P 775 -45.41 -57.11 -133.75
C SER P 775 -45.86 -55.90 -134.57
N ALA P 776 -46.87 -55.17 -134.09
CA ALA P 776 -47.43 -53.98 -134.77
C ALA P 776 -48.27 -53.16 -133.78
N LYS P 777 -48.78 -52.00 -134.23
CA LYS P 777 -49.62 -51.09 -133.41
C LYS P 777 -50.67 -51.88 -132.61
N GLU P 778 -50.94 -53.13 -132.99
CA GLU P 778 -51.90 -54.00 -132.27
C GLU P 778 -51.26 -54.62 -131.02
N ARG P 779 -49.96 -54.91 -131.02
CA ARG P 779 -49.32 -55.45 -129.80
C ARG P 779 -49.28 -54.37 -128.71
N SER P 780 -48.99 -53.13 -129.10
CA SER P 780 -49.10 -52.00 -128.15
C SER P 780 -50.55 -51.91 -127.65
N PHE P 781 -51.50 -52.09 -128.56
CA PHE P 781 -52.94 -52.07 -128.21
C PHE P 781 -53.25 -53.11 -127.14
N MET P 782 -52.78 -54.34 -127.34
CA MET P 782 -53.07 -55.41 -126.37
C MET P 782 -52.40 -55.12 -125.04
N CYS P 783 -51.12 -54.72 -125.05
CA CYS P 783 -50.40 -54.50 -123.79
C CYS P 783 -51.03 -53.34 -123.02
N SER P 784 -51.34 -52.25 -123.73
CA SER P 784 -52.04 -51.09 -123.16
C SER P 784 -53.44 -51.46 -122.69
N LEU P 785 -54.14 -52.33 -123.41
CA LEU P 785 -55.51 -52.70 -123.04
C LEU P 785 -55.47 -53.48 -121.71
N ILE P 786 -54.53 -54.40 -121.58
CA ILE P 786 -54.43 -55.18 -120.33
C ILE P 786 -54.00 -54.22 -119.22
N PHE P 787 -53.10 -53.29 -119.55
CA PHE P 787 -52.69 -52.22 -118.64
C PHE P 787 -53.92 -51.48 -118.11
N LEU P 788 -54.78 -51.04 -119.03
CA LEU P 788 -55.93 -50.20 -118.68
C LEU P 788 -56.92 -50.99 -117.84
N THR P 789 -57.21 -52.23 -118.24
CA THR P 789 -58.20 -53.05 -117.50
C THR P 789 -57.66 -53.35 -116.10
N LEU P 790 -56.34 -53.53 -115.98
CA LEU P 790 -55.71 -53.76 -114.66
C LEU P 790 -55.87 -52.51 -113.80
N ASN P 791 -55.56 -51.34 -114.36
CA ASN P 791 -55.75 -50.07 -113.64
C ASN P 791 -57.21 -49.93 -113.19
N TRP P 792 -58.13 -50.24 -114.09
CA TRP P 792 -59.58 -50.21 -113.78
C TRP P 792 -59.88 -51.11 -112.59
N PHE P 793 -59.41 -52.36 -112.63
CA PHE P 793 -59.75 -53.32 -111.56
C PHE P 793 -59.08 -52.92 -110.26
N ARG P 794 -57.86 -52.41 -110.32
CA ARG P 794 -57.17 -51.93 -109.11
C ARG P 794 -57.93 -50.76 -108.51
N GLU P 795 -58.52 -49.90 -109.34
CA GLU P 795 -59.31 -48.78 -108.82
C GLU P 795 -60.62 -49.29 -108.22
N ILE P 796 -61.18 -50.35 -108.78
CA ILE P 796 -62.40 -50.95 -108.20
C ILE P 796 -62.08 -51.50 -106.82
N VAL P 797 -60.99 -52.25 -106.69
CA VAL P 797 -60.65 -52.87 -105.39
C VAL P 797 -60.25 -51.79 -104.40
N ASN P 798 -59.67 -50.70 -104.89
CA ASN P 798 -59.49 -49.48 -104.07
C ASN P 798 -60.84 -48.97 -103.58
N ALA P 799 -61.86 -49.05 -104.44
CA ALA P 799 -63.16 -48.43 -104.15
C ALA P 799 -63.91 -49.23 -103.08
N PHE P 800 -64.06 -50.53 -103.30
CA PHE P 800 -65.03 -51.35 -102.56
C PHE P 800 -64.38 -52.16 -101.44
N CYS P 801 -63.12 -51.91 -101.09
CA CYS P 801 -62.47 -52.68 -100.01
C CYS P 801 -63.00 -52.24 -98.64
N GLN P 802 -63.25 -50.95 -98.46
CA GLN P 802 -63.74 -50.44 -97.16
C GLN P 802 -65.14 -50.94 -96.87
N GLU P 803 -65.94 -51.20 -97.89
CA GLU P 803 -67.33 -51.65 -97.70
C GLU P 803 -67.35 -53.07 -97.15
N THR P 804 -68.25 -53.31 -96.19
CA THR P 804 -68.23 -54.52 -95.35
C THR P 804 -69.29 -55.55 -95.75
N SER P 805 -70.09 -55.29 -96.78
CA SER P 805 -71.10 -56.28 -97.21
C SER P 805 -70.38 -57.50 -97.77
N PRO P 806 -70.71 -58.72 -97.33
CA PRO P 806 -69.95 -59.90 -97.74
C PRO P 806 -70.05 -60.21 -99.23
N GLU P 807 -71.21 -60.00 -99.86
CA GLU P 807 -71.32 -60.19 -101.32
C GLU P 807 -70.31 -59.29 -102.05
N MET P 808 -70.16 -58.04 -101.60
CA MET P 808 -69.21 -57.12 -102.26
C MET P 808 -67.79 -57.60 -102.00
N LYS P 809 -67.48 -58.12 -100.82
CA LYS P 809 -66.14 -58.68 -100.55
C LYS P 809 -65.86 -59.83 -101.52
N GLY P 810 -66.84 -60.73 -101.69
CA GLY P 810 -66.69 -61.84 -102.64
C GLY P 810 -66.47 -61.33 -104.06
N LYS P 811 -67.20 -60.27 -104.42
CA LYS P 811 -67.03 -59.64 -105.74
C LYS P 811 -65.61 -59.10 -105.88
N VAL P 812 -65.10 -58.47 -104.82
CA VAL P 812 -63.73 -57.93 -104.81
C VAL P 812 -62.74 -59.09 -105.00
N LEU P 813 -62.98 -60.22 -104.34
CA LEU P 813 -62.06 -61.36 -104.47
C LEU P 813 -62.10 -61.90 -105.90
N THR P 814 -63.28 -61.95 -106.52
CA THR P 814 -63.38 -62.36 -107.93
C THR P 814 -62.62 -61.37 -108.81
N ARG P 815 -62.69 -60.08 -108.49
CA ARG P 815 -61.88 -59.09 -109.23
C ARG P 815 -60.40 -59.35 -108.99
N LEU P 816 -60.02 -59.75 -107.78
CA LEU P 816 -58.61 -60.00 -107.46
C LEU P 816 -58.07 -61.17 -108.29
N LYS P 817 -58.85 -62.24 -108.41
CA LYS P 817 -58.42 -63.38 -109.24
C LYS P 817 -58.38 -62.96 -110.71
N HIS P 818 -59.35 -62.15 -111.16
CA HIS P 818 -59.30 -61.57 -112.51
C HIS P 818 -58.00 -60.79 -112.70
N ILE P 819 -57.65 -59.99 -111.69
CA ILE P 819 -56.44 -59.14 -111.74
C ILE P 819 -55.21 -60.02 -111.90
N VAL P 820 -55.06 -61.03 -111.05
CA VAL P 820 -53.84 -61.84 -111.06
C VAL P 820 -53.76 -62.62 -112.38
N GLU P 821 -54.89 -63.09 -112.90
CA GLU P 821 -54.92 -63.76 -114.21
C GLU P 821 -54.43 -62.81 -115.29
N LEU P 822 -54.95 -61.57 -115.30
CA LEU P 822 -54.54 -60.62 -116.33
C LEU P 822 -53.11 -60.14 -116.10
N GLN P 823 -52.64 -60.16 -114.86
CA GLN P 823 -51.24 -59.80 -114.56
C GLN P 823 -50.29 -60.84 -115.16
N ILE P 824 -50.57 -62.12 -114.95
CA ILE P 824 -49.69 -63.16 -115.52
C ILE P 824 -49.78 -63.11 -117.05
N ILE P 825 -50.96 -62.83 -117.60
CA ILE P 825 -51.11 -62.70 -119.07
C ILE P 825 -50.31 -61.49 -119.56
N LEU P 826 -50.35 -60.38 -118.84
CA LEU P 826 -49.67 -59.13 -119.26
C LEU P 826 -48.15 -59.28 -119.18
N GLU P 827 -47.64 -59.82 -118.07
CA GLU P 827 -46.18 -59.99 -117.95
C GLU P 827 -45.66 -60.98 -119.00
N LYS P 828 -46.48 -61.97 -119.37
CA LYS P 828 -46.16 -62.84 -120.52
C LYS P 828 -46.11 -62.03 -121.82
N TYR P 829 -47.13 -61.20 -122.08
CA TYR P 829 -47.16 -60.36 -123.29
C TYR P 829 -45.97 -59.39 -123.34
N LEU P 830 -45.52 -58.93 -122.18
CA LEU P 830 -44.33 -58.05 -122.07
C LEU P 830 -43.04 -58.84 -122.19
N ALA P 831 -43.06 -60.13 -121.84
CA ALA P 831 -41.98 -61.09 -122.10
C ALA P 831 -41.90 -61.40 -123.60
N VAL P 832 -43.02 -61.31 -124.31
CA VAL P 832 -43.05 -61.51 -125.76
C VAL P 832 -42.27 -60.39 -126.45
N THR P 833 -42.54 -59.14 -126.13
CA THR P 833 -41.87 -58.01 -126.80
C THR P 833 -41.36 -57.04 -125.73
N PRO P 834 -40.04 -57.02 -125.48
CA PRO P 834 -39.49 -56.27 -124.35
C PRO P 834 -39.28 -54.78 -124.61
N ASP P 835 -39.95 -54.24 -125.63
CA ASP P 835 -39.79 -52.83 -125.99
C ASP P 835 -41.11 -52.08 -126.07
N TYR P 836 -42.24 -52.78 -126.19
CA TYR P 836 -43.56 -52.14 -126.22
C TYR P 836 -43.94 -51.68 -124.82
N VAL P 837 -43.42 -50.51 -124.45
CA VAL P 837 -43.80 -49.89 -123.17
C VAL P 837 -44.88 -48.86 -123.48
N PRO P 838 -46.02 -48.90 -122.78
CA PRO P 838 -46.94 -47.76 -122.78
C PRO P 838 -46.49 -46.71 -121.77
N PRO P 839 -45.92 -45.57 -122.21
CA PRO P 839 -45.53 -44.55 -121.24
C PRO P 839 -46.80 -43.87 -120.73
N LEU P 840 -47.28 -44.37 -119.59
CA LEU P 840 -48.36 -43.77 -118.80
C LEU P 840 -47.94 -43.94 -117.33
N GLY P 841 -47.18 -42.97 -116.84
CA GLY P 841 -46.78 -42.94 -115.44
C GLY P 841 -47.78 -42.24 -114.55
N ASN P 842 -47.49 -42.29 -113.25
CA ASN P 842 -48.26 -41.54 -112.25
C ASN P 842 -47.70 -40.12 -112.14
N PHE P 843 -48.49 -39.24 -111.55
CA PHE P 843 -48.51 -37.82 -111.93
C PHE P 843 -47.81 -36.92 -110.92
N ASP P 844 -47.70 -37.32 -109.65
CA ASP P 844 -47.06 -36.46 -108.63
C ASP P 844 -45.65 -36.09 -109.09
N VAL P 845 -44.84 -37.09 -109.42
CA VAL P 845 -43.42 -36.87 -109.78
C VAL P 845 -43.13 -37.36 -111.21
N GLU P 846 -43.59 -38.55 -111.58
CA GLU P 846 -43.14 -39.23 -112.81
C GLU P 846 -43.52 -38.44 -114.09
N THR P 847 -44.72 -37.86 -114.15
CA THR P 847 -45.15 -37.21 -115.40
C THR P 847 -44.36 -35.94 -115.66
N LEU P 848 -44.06 -35.17 -114.61
CA LEU P 848 -43.21 -33.98 -114.82
C LEU P 848 -41.79 -34.44 -115.13
N ASP P 849 -41.43 -35.63 -114.64
CA ASP P 849 -40.07 -36.19 -114.80
C ASP P 849 -39.83 -36.54 -116.27
N ILE P 850 -40.77 -37.25 -116.88
CA ILE P 850 -40.67 -37.59 -118.32
C ILE P 850 -40.92 -36.35 -119.17
N THR P 851 -42.02 -35.64 -118.95
CA THR P 851 -42.40 -34.52 -119.82
C THR P 851 -41.62 -33.27 -119.42
N LEU P 916 -39.68 -54.46 -117.79
CA LEU P 916 -40.93 -53.83 -118.27
C LEU P 916 -42.07 -54.21 -117.33
N LEU P 917 -42.17 -55.49 -116.97
CA LEU P 917 -43.22 -55.93 -116.04
C LEU P 917 -43.03 -55.30 -114.66
N LEU P 918 -41.78 -55.07 -114.24
CA LEU P 918 -41.52 -54.51 -112.91
C LEU P 918 -41.82 -53.02 -112.86
N HIS P 919 -41.70 -52.31 -113.99
CA HIS P 919 -42.08 -50.88 -114.06
C HIS P 919 -43.58 -50.72 -113.86
N ASN P 920 -44.37 -51.48 -114.62
CA ASN P 920 -45.84 -51.39 -114.59
C ASN P 920 -46.42 -51.80 -113.23
N SER P 921 -45.87 -52.86 -112.61
CA SER P 921 -46.40 -53.41 -111.35
C SER P 921 -46.53 -52.32 -110.28
N HIS P 922 -45.59 -51.37 -110.26
CA HIS P 922 -45.54 -50.30 -109.26
C HIS P 922 -45.95 -48.96 -109.86
N ALA P 923 -45.27 -48.47 -110.89
CA ALA P 923 -45.29 -47.03 -111.25
C ALA P 923 -46.42 -46.75 -112.22
N PHE P 924 -46.63 -47.64 -113.19
CA PHE P 924 -47.62 -47.50 -114.26
C PHE P 924 -49.02 -47.85 -113.77
N PHE P 925 -49.18 -48.97 -113.08
CA PHE P 925 -50.52 -49.35 -112.60
C PHE P 925 -51.01 -48.39 -111.52
N ARG P 926 -52.34 -48.34 -111.39
CA ARG P 926 -52.98 -47.61 -110.29
C ARG P 926 -52.51 -48.18 -108.97
N GLU P 927 -52.11 -47.31 -108.05
CA GLU P 927 -51.54 -47.75 -106.77
C GLU P 927 -52.68 -48.04 -105.81
N LEU P 928 -52.61 -49.19 -105.17
CA LEU P 928 -53.68 -49.64 -104.29
C LEU P 928 -53.64 -48.90 -102.95
N ASP P 929 -54.66 -49.12 -102.14
CA ASP P 929 -54.69 -48.55 -100.79
C ASP P 929 -53.92 -49.48 -99.86
N ILE P 930 -53.98 -49.21 -98.56
CA ILE P 930 -53.45 -50.16 -97.59
C ILE P 930 -54.59 -51.00 -96.99
N GLU P 931 -55.80 -50.42 -96.91
CA GLU P 931 -57.00 -51.14 -96.46
C GLU P 931 -57.36 -52.30 -97.38
N VAL P 932 -56.83 -52.32 -98.59
CA VAL P 932 -56.97 -53.46 -99.51
C VAL P 932 -56.38 -54.73 -98.88
N PHE P 933 -55.39 -54.60 -97.99
CA PHE P 933 -54.84 -55.78 -97.32
C PHE P 933 -55.73 -56.26 -96.17
N SER P 934 -56.89 -55.66 -95.96
CA SER P 934 -57.97 -56.25 -95.15
C SER P 934 -58.59 -57.47 -95.85
N ILE P 935 -58.38 -57.61 -97.16
CA ILE P 935 -58.86 -58.76 -97.93
C ILE P 935 -58.15 -60.05 -97.52
N LEU P 936 -56.86 -59.96 -97.16
CA LEU P 936 -56.10 -61.18 -96.82
C LEU P 936 -56.63 -61.84 -95.55
N HIS P 937 -57.59 -61.21 -94.87
CA HIS P 937 -58.33 -61.83 -93.76
C HIS P 937 -58.93 -63.17 -94.16
N CYS P 938 -59.45 -63.28 -95.38
CA CYS P 938 -60.13 -64.51 -95.81
C CYS P 938 -59.15 -65.68 -95.79
N GLY P 939 -59.65 -66.84 -95.37
CA GLY P 939 -58.81 -68.01 -95.13
C GLY P 939 -58.34 -68.70 -96.39
N LEU P 940 -57.15 -69.30 -96.31
CA LEU P 940 -56.61 -70.08 -97.43
C LEU P 940 -57.45 -71.35 -97.61
N VAL P 941 -57.74 -71.66 -98.88
CA VAL P 941 -58.32 -72.96 -99.27
C VAL P 941 -57.34 -73.64 -100.23
N THR P 942 -56.59 -74.59 -99.70
CA THR P 942 -55.44 -75.16 -100.42
C THR P 942 -55.96 -76.16 -101.44
N LYS P 943 -55.69 -75.90 -102.73
CA LYS P 943 -56.35 -76.65 -103.80
C LYS P 943 -55.72 -78.04 -103.93
N PHE P 944 -54.48 -78.21 -103.47
CA PHE P 944 -53.76 -79.47 -103.65
C PHE P 944 -54.19 -80.47 -102.57
N ILE P 945 -54.09 -80.06 -101.31
CA ILE P 945 -54.19 -80.98 -100.17
C ILE P 945 -55.64 -81.09 -99.70
N LEU P 946 -56.32 -79.95 -99.51
CA LEU P 946 -57.67 -79.88 -98.94
C LEU P 946 -57.69 -80.53 -97.55
N LEU P 960 -60.31 -66.87 -100.45
CA LEU P 960 -58.97 -66.36 -100.78
C LEU P 960 -58.07 -67.51 -101.21
N GLY P 961 -57.78 -67.59 -102.51
CA GLY P 961 -56.88 -68.60 -103.05
C GLY P 961 -55.42 -68.20 -102.97
N PRO P 962 -54.52 -69.10 -103.41
CA PRO P 962 -53.09 -68.80 -103.45
C PRO P 962 -52.74 -67.62 -104.34
N PRO P 963 -53.25 -67.50 -105.59
CA PRO P 963 -52.87 -66.35 -106.41
C PRO P 963 -53.44 -65.01 -105.95
N GLU P 964 -54.64 -65.01 -105.34
CA GLU P 964 -55.22 -63.75 -104.85
C GLU P 964 -54.48 -63.24 -103.61
N LEU P 965 -53.78 -64.13 -102.89
CA LEU P 965 -52.88 -63.70 -101.80
C LEU P 965 -51.48 -63.37 -102.35
N LEU P 966 -51.00 -64.13 -103.33
CA LEU P 966 -49.72 -63.84 -104.00
C LEU P 966 -49.72 -62.40 -104.50
N PHE P 967 -50.81 -62.00 -105.14
CA PHE P 967 -50.93 -60.63 -105.70
C PHE P 967 -50.74 -59.59 -104.59
N LEU P 968 -51.51 -59.72 -103.51
CA LEU P 968 -51.48 -58.73 -102.42
C LEU P 968 -50.09 -58.70 -101.77
N LEU P 969 -49.49 -59.86 -101.53
CA LEU P 969 -48.17 -59.88 -100.87
C LEU P 969 -47.09 -59.30 -101.79
N GLU P 970 -47.12 -59.65 -103.07
CA GLU P 970 -46.14 -59.10 -104.04
C GLU P 970 -46.31 -57.58 -104.13
N ASP P 971 -47.54 -57.09 -104.00
CA ASP P 971 -47.80 -55.65 -104.00
C ASP P 971 -47.24 -55.01 -102.72
N LEU P 972 -47.57 -55.61 -101.57
CA LEU P 972 -47.23 -55.06 -100.25
C LEU P 972 -45.71 -55.00 -100.07
N SER P 973 -44.99 -55.99 -100.61
CA SER P 973 -43.51 -55.96 -100.59
C SER P 973 -42.99 -54.72 -101.30
N GLN P 974 -43.46 -54.50 -102.53
CA GLN P 974 -42.99 -53.35 -103.34
C GLN P 974 -43.41 -52.04 -102.68
N LYS P 975 -44.56 -52.06 -101.98
CA LYS P 975 -45.04 -50.88 -101.26
C LYS P 975 -44.06 -50.52 -100.16
N LEU P 976 -43.81 -51.44 -99.24
CA LEU P 976 -43.02 -51.09 -98.04
C LEU P 976 -41.54 -50.89 -98.42
N GLU P 977 -41.01 -51.65 -99.38
CA GLU P 977 -39.64 -51.39 -99.83
C GLU P 977 -39.56 -49.97 -100.41
N SER P 978 -40.51 -49.56 -101.24
CA SER P 978 -40.46 -48.23 -101.86
C SER P 978 -40.60 -47.14 -100.79
N MET P 979 -41.52 -47.33 -99.86
CA MET P 979 -41.88 -46.25 -98.92
C MET P 979 -40.80 -46.11 -97.85
N LEU P 980 -40.43 -47.22 -97.22
CA LEU P 980 -39.69 -47.19 -95.94
C LEU P 980 -38.20 -47.09 -96.17
N THR P 981 -37.67 -47.74 -97.20
CA THR P 981 -36.23 -47.76 -97.46
C THR P 981 -35.82 -46.54 -98.28
N PHE P 1001 -45.47 -43.31 -106.85
CA PHE P 1001 -45.97 -43.37 -105.46
C PHE P 1001 -46.41 -42.00 -104.96
N SER P 1002 -47.59 -41.58 -105.41
CA SER P 1002 -48.22 -40.34 -104.91
C SER P 1002 -48.97 -40.66 -103.61
N HIS P 1003 -50.05 -41.46 -103.72
CA HIS P 1003 -51.05 -41.60 -102.66
C HIS P 1003 -50.40 -42.05 -101.34
N LEU P 1004 -49.52 -43.05 -101.42
CA LEU P 1004 -48.80 -43.53 -100.22
C LEU P 1004 -47.92 -42.42 -99.66
N GLN P 1005 -47.14 -41.76 -100.51
CA GLN P 1005 -46.05 -40.88 -100.06
C GLN P 1005 -46.55 -39.63 -99.33
N GLN P 1006 -47.84 -39.31 -99.39
CA GLN P 1006 -48.36 -38.20 -98.57
C GLN P 1006 -48.64 -38.66 -97.14
N ARG P 1007 -48.48 -39.94 -96.85
CA ARG P 1007 -48.57 -40.46 -95.48
C ARG P 1007 -47.16 -40.65 -94.94
N SER P 1008 -46.95 -40.34 -93.66
CA SER P 1008 -45.65 -40.60 -93.02
C SER P 1008 -45.36 -42.11 -92.95
N ALA P 1009 -44.06 -42.42 -92.93
CA ALA P 1009 -43.57 -43.79 -92.73
C ALA P 1009 -44.12 -44.40 -91.44
N GLN P 1010 -44.15 -43.61 -90.35
CA GLN P 1010 -44.54 -44.16 -89.04
C GLN P 1010 -45.97 -44.69 -89.06
N GLU P 1011 -46.92 -43.89 -89.54
CA GLU P 1011 -48.32 -44.33 -89.62
C GLU P 1011 -48.47 -45.51 -90.59
N ILE P 1012 -47.67 -45.55 -91.65
CA ILE P 1012 -47.75 -46.64 -92.64
C ILE P 1012 -47.34 -47.96 -91.97
N VAL P 1013 -46.18 -47.97 -91.32
CA VAL P 1013 -45.72 -49.19 -90.64
C VAL P 1013 -46.69 -49.51 -89.51
N HIS P 1014 -47.26 -48.50 -88.85
CA HIS P 1014 -48.22 -48.72 -87.76
C HIS P 1014 -49.41 -49.51 -88.28
N CYS P 1015 -49.97 -49.13 -89.42
CA CYS P 1015 -51.17 -49.80 -89.93
C CYS P 1015 -50.80 -51.13 -90.58
N VAL P 1016 -49.60 -51.26 -91.15
CA VAL P 1016 -49.16 -52.54 -91.72
C VAL P 1016 -48.97 -53.57 -90.60
N PHE P 1017 -48.48 -53.12 -89.44
CA PHE P 1017 -48.34 -53.99 -88.25
C PHE P 1017 -49.67 -54.65 -87.89
N GLN P 1018 -50.78 -53.94 -88.04
CA GLN P 1018 -52.11 -54.53 -87.81
C GLN P 1018 -52.52 -55.41 -88.99
N LEU P 1019 -52.36 -54.95 -90.22
CA LEU P 1019 -52.97 -55.62 -91.37
C LEU P 1019 -52.05 -56.68 -91.99
N LEU P 1020 -50.86 -56.90 -91.43
CA LEU P 1020 -50.06 -58.06 -91.82
C LEU P 1020 -50.08 -59.10 -90.71
N THR P 1021 -49.39 -58.83 -89.60
CA THR P 1021 -48.79 -59.87 -88.74
C THR P 1021 -49.86 -60.80 -88.16
N PRO P 1022 -50.85 -60.31 -87.38
CA PRO P 1022 -51.78 -61.23 -86.72
C PRO P 1022 -52.83 -61.81 -87.67
N MET P 1023 -52.82 -61.40 -88.93
CA MET P 1023 -53.69 -61.95 -89.97
C MET P 1023 -52.90 -62.79 -90.98
N CYS P 1024 -51.63 -62.48 -91.20
CA CYS P 1024 -50.79 -63.27 -92.10
C CYS P 1024 -50.14 -64.43 -91.36
N ASN P 1025 -50.16 -64.42 -90.03
CA ASN P 1025 -49.75 -65.59 -89.24
C ASN P 1025 -50.58 -66.82 -89.61
N HIS P 1026 -51.89 -66.66 -89.75
CA HIS P 1026 -52.77 -67.78 -90.14
C HIS P 1026 -52.36 -68.31 -91.51
N LEU P 1027 -52.07 -67.42 -92.45
CA LEU P 1027 -51.70 -67.82 -93.82
C LEU P 1027 -50.32 -68.47 -93.80
N GLU P 1028 -49.41 -67.92 -93.00
CA GLU P 1028 -48.09 -68.52 -92.75
C GLU P 1028 -48.24 -69.94 -92.19
N ASN P 1029 -49.14 -70.14 -91.22
CA ASN P 1029 -49.31 -71.46 -90.59
C ASN P 1029 -49.91 -72.45 -91.58
N ILE P 1030 -50.90 -72.00 -92.36
CA ILE P 1030 -51.49 -72.86 -93.41
C ILE P 1030 -50.39 -73.22 -94.42
N HIS P 1031 -49.52 -72.26 -94.74
CA HIS P 1031 -48.39 -72.49 -95.66
C HIS P 1031 -47.40 -73.49 -95.07
N ASN P 1032 -47.12 -73.37 -93.77
CA ASN P 1032 -46.28 -74.35 -93.07
C ASN P 1032 -46.89 -75.75 -93.22
N TYR P 1033 -48.20 -75.87 -93.02
CA TYR P 1033 -48.88 -77.18 -93.11
C TYR P 1033 -48.85 -77.70 -94.55
N PHE P 1034 -48.94 -76.81 -95.54
CA PHE P 1034 -48.83 -77.19 -96.96
C PHE P 1034 -47.42 -77.73 -97.25
N GLN P 1035 -46.40 -76.96 -96.88
CA GLN P 1035 -45.02 -77.29 -97.26
C GLN P 1035 -44.46 -78.45 -96.42
N CYS P 1036 -45.00 -78.67 -95.22
CA CYS P 1036 -44.69 -79.89 -94.46
C CYS P 1036 -45.07 -81.13 -95.29
N LEU P 1037 -46.26 -81.13 -95.89
CA LEU P 1037 -46.69 -82.26 -96.73
C LEU P 1037 -45.91 -82.26 -98.05
N ALA P 1038 -45.57 -81.09 -98.59
CA ALA P 1038 -44.72 -81.00 -99.79
C ALA P 1038 -43.33 -81.59 -99.52
N ALA P 1039 -42.84 -81.46 -98.28
CA ALA P 1039 -41.59 -82.11 -97.85
C ALA P 1039 -41.80 -83.60 -97.63
N GLU P 1040 -42.91 -83.98 -97.00
CA GLU P 1040 -43.18 -85.38 -96.63
C GLU P 1040 -43.32 -86.25 -97.89
N ASN P 1041 -44.02 -85.76 -98.91
CA ASN P 1041 -44.23 -86.58 -100.11
C ASN P 1041 -42.91 -86.73 -100.88
N HIS P 1042 -42.20 -85.62 -101.08
CA HIS P 1042 -40.99 -85.61 -101.91
C HIS P 1042 -39.80 -86.14 -101.10
N LYS P 1051 -49.15 -79.79 -110.25
CA LYS P 1051 -48.24 -80.34 -109.23
C LYS P 1051 -47.06 -79.41 -108.99
N VAL P 1052 -46.39 -79.00 -110.07
CA VAL P 1052 -45.22 -78.12 -109.93
C VAL P 1052 -45.68 -76.67 -109.67
N GLN P 1053 -46.76 -76.22 -110.31
CA GLN P 1053 -47.10 -74.80 -110.31
C GLN P 1053 -47.66 -74.38 -108.95
N GLU P 1054 -48.43 -75.24 -108.28
CA GLU P 1054 -49.01 -74.91 -106.97
C GLU P 1054 -47.91 -74.85 -105.91
N TYR P 1055 -46.96 -75.78 -105.95
CA TYR P 1055 -45.78 -75.72 -105.08
C TYR P 1055 -44.92 -74.49 -105.39
N HIS P 1056 -44.70 -74.18 -106.67
CA HIS P 1056 -43.93 -72.98 -107.05
C HIS P 1056 -44.60 -71.69 -106.56
N ILE P 1057 -45.92 -71.60 -106.68
CA ILE P 1057 -46.63 -70.38 -106.24
C ILE P 1057 -46.57 -70.29 -104.72
N MET P 1058 -46.78 -71.40 -104.01
CA MET P 1058 -46.79 -71.30 -102.55
C MET P 1058 -45.38 -71.00 -102.06
N SER P 1059 -44.36 -71.54 -102.73
CA SER P 1059 -42.96 -71.21 -102.42
C SER P 1059 -42.70 -69.72 -102.57
N SER P 1060 -43.15 -69.12 -103.69
CA SER P 1060 -42.99 -67.68 -103.90
C SER P 1060 -43.81 -66.88 -102.89
N CYS P 1061 -44.99 -67.38 -102.51
CA CYS P 1061 -45.79 -66.74 -101.45
C CYS P 1061 -45.02 -66.73 -100.12
N TYR P 1062 -44.36 -67.84 -99.79
CA TYR P 1062 -43.55 -67.93 -98.56
C TYR P 1062 -42.38 -66.94 -98.64
N GLN P 1063 -41.65 -66.96 -99.75
CA GLN P 1063 -40.54 -66.03 -100.00
C GLN P 1063 -41.00 -64.58 -99.79
N ARG P 1064 -42.13 -64.22 -100.38
CA ARG P 1064 -42.65 -62.85 -100.29
C ARG P 1064 -43.06 -62.54 -98.85
N LEU P 1065 -43.70 -63.48 -98.16
CA LEU P 1065 -44.10 -63.30 -96.76
C LEU P 1065 -42.87 -62.98 -95.89
N LEU P 1066 -41.78 -63.73 -96.08
CA LEU P 1066 -40.57 -63.51 -95.28
C LEU P 1066 -39.91 -62.18 -95.66
N GLN P 1067 -39.92 -61.83 -96.95
CA GLN P 1067 -39.36 -60.53 -97.37
C GLN P 1067 -40.18 -59.40 -96.73
N ILE P 1068 -41.50 -59.58 -96.63
CA ILE P 1068 -42.37 -58.59 -95.97
C ILE P 1068 -41.98 -58.47 -94.51
N PHE P 1069 -41.79 -59.59 -93.81
CA PHE P 1069 -41.39 -59.53 -92.40
C PHE P 1069 -40.06 -58.78 -92.28
N HIS P 1070 -39.10 -59.09 -93.16
CA HIS P 1070 -37.78 -58.43 -93.11
C HIS P 1070 -37.94 -56.93 -93.29
N GLY P 1071 -38.64 -56.51 -94.34
CA GLY P 1071 -38.86 -55.09 -94.58
C GLY P 1071 -39.59 -54.43 -93.44
N LEU P 1072 -40.51 -55.16 -92.81
CA LEU P 1072 -41.29 -54.61 -91.68
C LEU P 1072 -40.36 -54.31 -90.50
N PHE P 1073 -39.56 -55.29 -90.09
CA PHE P 1073 -38.80 -55.21 -88.83
C PHE P 1073 -37.47 -54.48 -89.01
N ALA P 1074 -36.94 -54.45 -90.24
CA ALA P 1074 -35.70 -53.72 -90.59
C ALA P 1074 -35.99 -52.25 -90.89
N TRP P 1075 -37.20 -51.79 -90.62
CA TRP P 1075 -37.54 -50.36 -90.60
C TRP P 1075 -36.61 -49.62 -89.64
N SER P 1076 -35.95 -48.58 -90.17
CA SER P 1076 -34.94 -47.79 -89.45
C SER P 1076 -35.59 -46.75 -88.53
N GLY P 1077 -36.92 -46.75 -88.40
CA GLY P 1077 -37.60 -45.91 -87.42
C GLY P 1077 -37.71 -46.57 -86.07
N PHE P 1078 -37.16 -47.78 -85.92
CA PHE P 1078 -37.11 -48.48 -84.62
C PHE P 1078 -35.84 -48.15 -83.85
N SER P 1079 -34.84 -47.54 -84.50
CA SER P 1079 -33.73 -46.91 -83.77
C SER P 1079 -34.22 -45.77 -82.88
N GLN P 1080 -35.30 -45.09 -83.25
CA GLN P 1080 -35.80 -43.98 -82.43
C GLN P 1080 -36.55 -44.57 -81.24
N PRO P 1081 -36.43 -43.98 -80.04
CA PRO P 1081 -36.93 -44.64 -78.83
C PRO P 1081 -38.45 -44.69 -78.69
N GLU P 1082 -39.15 -43.77 -79.34
CA GLU P 1082 -40.62 -43.66 -79.28
C GLU P 1082 -41.32 -44.82 -80.01
N ASN P 1083 -40.69 -45.48 -80.97
CA ASN P 1083 -41.38 -46.43 -81.86
C ASN P 1083 -41.25 -47.88 -81.37
N GLN P 1084 -40.57 -48.13 -80.25
CA GLN P 1084 -40.27 -49.49 -79.76
C GLN P 1084 -41.52 -50.18 -79.20
N ASN P 1085 -42.45 -49.41 -78.65
CA ASN P 1085 -43.75 -49.96 -78.21
C ASN P 1085 -44.49 -50.69 -79.34
N LEU P 1086 -44.44 -50.19 -80.57
CA LEU P 1086 -45.13 -50.88 -81.69
C LEU P 1086 -44.42 -52.20 -82.01
N LEU P 1087 -43.09 -52.18 -82.01
CA LEU P 1087 -42.29 -53.41 -82.14
C LEU P 1087 -42.57 -54.36 -80.96
N TYR P 1088 -42.74 -53.80 -79.77
CA TYR P 1088 -43.02 -54.52 -78.52
C TYR P 1088 -44.37 -55.23 -78.59
N SER P 1089 -45.33 -54.62 -79.28
CA SER P 1089 -46.64 -55.23 -79.55
C SER P 1089 -46.50 -56.35 -80.59
N ALA P 1090 -45.72 -56.08 -81.65
CA ALA P 1090 -45.50 -57.05 -82.73
C ALA P 1090 -44.86 -58.33 -82.19
N LEU P 1091 -43.77 -58.19 -81.44
CA LEU P 1091 -43.13 -59.38 -80.84
C LEU P 1091 -44.01 -60.02 -79.77
N HIS P 1092 -44.86 -59.27 -79.08
CA HIS P 1092 -45.86 -59.89 -78.19
C HIS P 1092 -46.79 -60.80 -78.99
N VAL P 1093 -47.18 -60.36 -80.19
CA VAL P 1093 -48.02 -61.19 -81.07
C VAL P 1093 -47.25 -62.42 -81.54
N LEU P 1094 -46.00 -62.25 -81.93
CA LEU P 1094 -45.22 -63.35 -82.52
C LEU P 1094 -44.84 -64.36 -81.44
N SER P 1095 -44.62 -63.90 -80.21
CA SER P 1095 -44.48 -64.77 -79.03
C SER P 1095 -45.79 -65.50 -78.73
N SER P 1096 -46.93 -64.85 -78.94
CA SER P 1096 -48.24 -65.42 -78.61
C SER P 1096 -48.64 -66.52 -79.61
N ARG P 1097 -47.84 -66.73 -80.65
CA ARG P 1097 -48.02 -67.77 -81.68
C ARG P 1097 -47.53 -69.15 -81.24
N LEU P 1098 -46.84 -69.24 -80.11
CA LEU P 1098 -46.46 -70.51 -79.49
C LEU P 1098 -47.29 -70.79 -78.24
N LYS P 1099 -47.30 -69.85 -77.30
CA LYS P 1099 -48.02 -69.96 -76.02
C LYS P 1099 -48.52 -68.56 -75.67
N GLN P 1100 -49.68 -68.48 -75.04
CA GLN P 1100 -50.17 -67.19 -74.54
C GLN P 1100 -50.05 -67.13 -73.02
N GLY P 1101 -50.26 -65.93 -72.48
CA GLY P 1101 -50.16 -65.69 -71.05
C GLY P 1101 -48.98 -64.83 -70.66
N GLU P 1102 -47.95 -64.73 -71.50
CA GLU P 1102 -46.74 -63.95 -71.17
C GLU P 1102 -46.89 -62.50 -71.64
N HIS P 1103 -47.69 -61.74 -70.90
CA HIS P 1103 -47.99 -60.33 -71.23
C HIS P 1103 -47.06 -59.41 -70.45
N SER P 1104 -46.69 -58.29 -71.06
CA SER P 1104 -45.71 -57.34 -70.50
C SER P 1104 -44.43 -58.08 -70.11
N GLN P 1105 -43.87 -58.79 -71.09
CA GLN P 1105 -42.66 -59.60 -70.94
C GLN P 1105 -41.43 -58.70 -70.95
N PRO P 1106 -40.30 -59.18 -70.40
CA PRO P 1106 -39.01 -58.53 -70.65
C PRO P 1106 -38.61 -58.65 -72.12
N LEU P 1107 -37.74 -57.74 -72.55
CA LEU P 1107 -37.43 -57.61 -73.99
C LEU P 1107 -36.72 -58.86 -74.50
N GLU P 1108 -35.65 -59.28 -73.82
CA GLU P 1108 -34.86 -60.43 -74.30
C GLU P 1108 -35.69 -61.71 -74.27
N GLU P 1109 -36.67 -61.79 -73.36
CA GLU P 1109 -37.59 -62.92 -73.33
C GLU P 1109 -38.46 -62.92 -74.58
N LEU P 1110 -38.97 -61.75 -74.98
CA LEU P 1110 -39.75 -61.65 -76.23
C LEU P 1110 -38.90 -62.04 -77.43
N LEU P 1111 -37.64 -61.59 -77.46
CA LEU P 1111 -36.72 -61.97 -78.55
C LEU P 1111 -36.55 -63.49 -78.59
N SER P 1112 -36.30 -64.10 -77.43
CA SER P 1112 -36.08 -65.55 -77.34
C SER P 1112 -37.30 -66.32 -77.84
N GLN P 1113 -38.49 -65.93 -77.38
CA GLN P 1113 -39.74 -66.59 -77.80
C GLN P 1113 -39.97 -66.39 -79.29
N SER P 1114 -39.77 -65.17 -79.78
CA SER P 1114 -39.99 -64.85 -81.21
C SER P 1114 -39.10 -65.73 -82.09
N VAL P 1115 -37.80 -65.76 -81.78
CA VAL P 1115 -36.84 -66.50 -82.60
C VAL P 1115 -37.06 -68.00 -82.44
N HIS P 1116 -37.50 -68.44 -81.27
CA HIS P 1116 -37.82 -69.86 -81.04
C HIS P 1116 -39.02 -70.26 -81.90
N TYR P 1117 -39.98 -69.37 -82.07
CA TYR P 1117 -41.08 -69.63 -83.03
C TYR P 1117 -40.56 -69.63 -84.47
N LEU P 1118 -39.73 -68.66 -84.81
CA LEU P 1118 -39.44 -68.36 -86.23
C LEU P 1118 -38.45 -69.37 -86.83
N GLN P 1119 -37.46 -69.80 -86.06
CA GLN P 1119 -36.38 -70.68 -86.57
C GLN P 1119 -36.93 -71.95 -87.24
N ASN P 1120 -37.94 -72.58 -86.63
CA ASN P 1120 -38.41 -73.92 -87.04
C ASN P 1120 -39.09 -73.94 -88.40
N PHE P 1121 -39.10 -72.83 -89.15
CA PHE P 1121 -39.60 -72.86 -90.53
C PHE P 1121 -38.53 -73.27 -91.53
N HIS P 1122 -37.25 -73.27 -91.12
CA HIS P 1122 -36.11 -73.61 -91.98
C HIS P 1122 -36.23 -74.98 -92.64
N GLN P 1123 -37.01 -75.90 -92.09
CA GLN P 1123 -37.22 -77.22 -92.72
C GLN P 1123 -38.29 -77.14 -93.81
N SER P 1124 -39.19 -76.18 -93.72
CA SER P 1124 -40.31 -76.03 -94.65
C SER P 1124 -39.94 -75.16 -95.85
N ILE P 1125 -38.78 -74.52 -95.82
CA ILE P 1125 -38.36 -73.60 -96.89
C ILE P 1125 -38.01 -74.41 -98.14
N PRO P 1126 -38.68 -74.19 -99.28
CA PRO P 1126 -38.36 -74.92 -100.51
C PRO P 1126 -37.28 -74.33 -101.42
N SER P 1127 -36.92 -73.06 -101.28
CA SER P 1127 -35.87 -72.45 -102.11
C SER P 1127 -34.97 -71.54 -101.27
N PHE P 1128 -33.99 -70.92 -101.92
CA PHE P 1128 -32.88 -70.26 -101.21
C PHE P 1128 -33.21 -68.82 -100.83
N GLN P 1129 -33.89 -68.06 -101.69
CA GLN P 1129 -34.19 -66.64 -101.39
C GLN P 1129 -34.94 -66.53 -100.07
N CYS P 1130 -35.93 -67.40 -99.86
CA CYS P 1130 -36.70 -67.40 -98.62
C CYS P 1130 -35.80 -67.70 -97.42
N ALA P 1131 -34.87 -68.65 -97.57
CA ALA P 1131 -33.91 -68.94 -96.48
C ALA P 1131 -33.05 -67.72 -96.16
N LEU P 1132 -32.52 -67.04 -97.19
CA LEU P 1132 -31.70 -65.84 -96.95
C LEU P 1132 -32.52 -64.77 -96.23
N TYR P 1133 -33.77 -64.58 -96.64
CA TYR P 1133 -34.62 -63.55 -96.01
C TYR P 1133 -35.00 -63.95 -94.60
N LEU P 1134 -35.22 -65.25 -94.35
CA LEU P 1134 -35.53 -65.71 -93.00
C LEU P 1134 -34.33 -65.47 -92.08
N ILE P 1135 -33.13 -65.82 -92.53
CA ILE P 1135 -31.95 -65.67 -91.65
C ILE P 1135 -31.69 -64.18 -91.38
N ARG P 1136 -31.84 -63.33 -92.40
CA ARG P 1136 -31.60 -61.88 -92.20
C ARG P 1136 -32.69 -61.28 -91.31
N LEU P 1137 -33.94 -61.74 -91.48
CA LEU P 1137 -35.04 -61.35 -90.58
C LEU P 1137 -34.67 -61.69 -89.13
N LEU P 1138 -34.21 -62.92 -88.91
CA LEU P 1138 -33.83 -63.36 -87.56
C LEU P 1138 -32.70 -62.49 -87.04
N MET P 1139 -31.73 -62.15 -87.91
CA MET P 1139 -30.67 -61.22 -87.56
C MET P 1139 -31.26 -59.92 -87.02
N VAL P 1140 -32.13 -59.28 -87.80
CA VAL P 1140 -32.54 -57.90 -87.51
C VAL P 1140 -33.53 -57.88 -86.34
N ILE P 1141 -34.16 -59.02 -86.03
CA ILE P 1141 -34.97 -59.09 -84.80
C ILE P 1141 -34.05 -59.36 -83.60
N LEU P 1142 -32.99 -60.15 -83.80
CA LEU P 1142 -32.03 -60.50 -82.74
C LEU P 1142 -30.92 -59.46 -82.63
N GLU P 1143 -30.90 -58.44 -83.49
CA GLU P 1143 -29.97 -57.32 -83.34
C GLU P 1143 -30.28 -56.49 -82.09
N LYS P 1144 -31.46 -56.68 -81.48
CA LYS P 1144 -31.83 -55.89 -80.29
C LYS P 1144 -31.12 -56.39 -79.03
N SER P 1145 -30.67 -57.64 -79.01
CA SER P 1145 -29.99 -58.19 -77.82
C SER P 1145 -28.58 -57.62 -77.71
N GLN P 1150 -24.05 -64.77 -77.85
CA GLN P 1150 -25.28 -65.44 -77.37
C GLN P 1150 -26.25 -65.65 -78.52
N ASN P 1151 -26.56 -64.57 -79.24
CA ASN P 1151 -27.43 -64.66 -80.43
C ASN P 1151 -26.66 -65.16 -81.65
N LYS P 1152 -25.34 -64.95 -81.68
CA LYS P 1152 -24.49 -65.37 -82.82
C LYS P 1152 -24.75 -66.84 -83.17
N GLU P 1153 -24.95 -67.69 -82.16
CA GLU P 1153 -25.04 -69.15 -82.32
C GLU P 1153 -26.27 -69.57 -83.11
N LYS P 1154 -27.43 -68.96 -82.86
CA LYS P 1154 -28.65 -69.33 -83.58
C LYS P 1154 -28.46 -69.12 -85.09
N ILE P 1155 -28.01 -67.93 -85.48
CA ILE P 1155 -27.86 -67.60 -86.92
C ILE P 1155 -26.85 -68.57 -87.51
N ALA P 1156 -25.72 -68.75 -86.84
CA ALA P 1156 -24.66 -69.64 -87.33
C ALA P 1156 -25.23 -71.03 -87.50
N SER P 1157 -25.97 -71.51 -86.49
CA SER P 1157 -26.59 -72.84 -86.56
C SER P 1157 -27.52 -72.91 -87.76
N LEU P 1158 -28.36 -71.88 -87.94
CA LEU P 1158 -29.39 -71.93 -88.99
C LEU P 1158 -28.79 -71.85 -90.39
N ALA P 1159 -27.79 -71.01 -90.60
CA ALA P 1159 -27.16 -70.88 -91.93
C ALA P 1159 -26.51 -72.20 -92.33
N ARG P 1160 -25.86 -72.88 -91.38
CA ARG P 1160 -25.29 -74.20 -91.66
C ARG P 1160 -26.40 -75.16 -92.08
N GLN P 1161 -27.54 -75.09 -91.40
CA GLN P 1161 -28.69 -75.95 -91.76
C GLN P 1161 -29.08 -75.66 -93.20
N PHE P 1162 -29.10 -74.39 -93.60
CA PHE P 1162 -29.45 -74.05 -94.99
C PHE P 1162 -28.36 -74.49 -95.96
N LEU P 1163 -27.10 -74.44 -95.54
CA LEU P 1163 -26.01 -74.90 -96.43
C LEU P 1163 -25.97 -76.43 -96.51
N CYS P 1164 -26.29 -77.11 -95.41
CA CYS P 1164 -26.35 -78.58 -95.37
C CYS P 1164 -27.57 -79.14 -96.08
N ARG P 1165 -28.61 -78.34 -96.32
CA ARG P 1165 -29.87 -78.87 -96.85
C ARG P 1165 -29.71 -79.32 -98.29
N VAL P 1166 -30.61 -80.21 -98.72
CA VAL P 1166 -30.58 -80.79 -100.07
C VAL P 1166 -30.71 -79.69 -101.12
N TRP P 1167 -31.79 -78.92 -101.07
CA TRP P 1167 -32.12 -77.93 -102.12
C TRP P 1167 -32.26 -78.62 -103.47
N PRO P 1168 -33.46 -79.12 -103.80
CA PRO P 1168 -33.62 -80.03 -104.93
C PRO P 1168 -33.31 -79.33 -106.25
N SER P 1169 -32.46 -79.98 -107.06
CA SER P 1169 -31.75 -79.32 -108.17
C SER P 1169 -32.59 -79.35 -109.45
N GLY P 1170 -33.80 -78.81 -109.35
CA GLY P 1170 -34.42 -78.12 -110.47
C GLY P 1170 -33.56 -76.97 -111.00
N ASP P 1171 -33.67 -76.73 -112.29
CA ASP P 1171 -32.80 -75.75 -112.99
C ASP P 1171 -33.11 -74.33 -112.51
N LYS P 1172 -34.38 -73.94 -112.53
CA LYS P 1172 -34.83 -72.67 -111.94
C LYS P 1172 -34.60 -72.66 -110.42
N GLU P 1173 -34.72 -73.82 -109.77
CA GLU P 1173 -34.48 -73.90 -108.32
C GLU P 1173 -33.01 -73.59 -108.01
N LYS P 1174 -32.09 -74.15 -108.78
CA LYS P 1174 -30.67 -73.84 -108.58
C LYS P 1174 -30.31 -72.46 -109.12
N SER P 1175 -31.11 -71.90 -110.04
CA SER P 1175 -30.92 -70.50 -110.44
C SER P 1175 -31.27 -69.55 -109.30
N ASN P 1176 -32.19 -69.94 -108.41
CA ASN P 1176 -32.46 -69.16 -107.19
C ASN P 1176 -31.34 -69.29 -106.15
N ILE P 1177 -30.37 -70.18 -106.37
CA ILE P 1177 -29.17 -70.30 -105.51
C ILE P 1177 -28.03 -69.67 -106.30
N SER P 1178 -28.32 -68.51 -106.88
CA SER P 1178 -27.39 -67.71 -107.69
C SER P 1178 -26.27 -67.15 -106.80
N ASN P 1179 -25.17 -66.80 -107.45
CA ASN P 1179 -23.86 -66.64 -106.80
C ASN P 1179 -23.89 -65.51 -105.78
N ASP P 1180 -24.54 -64.40 -106.09
CA ASP P 1180 -24.52 -63.24 -105.17
C ASP P 1180 -25.28 -63.57 -103.89
N GLN P 1181 -26.37 -64.32 -103.99
CA GLN P 1181 -27.16 -64.74 -102.82
C GLN P 1181 -26.31 -65.61 -101.89
N LEU P 1182 -25.66 -66.64 -102.45
CA LEU P 1182 -24.73 -67.47 -101.67
C LEU P 1182 -23.64 -66.62 -101.03
N HIS P 1183 -23.07 -65.68 -101.79
CA HIS P 1183 -22.02 -64.79 -101.26
C HIS P 1183 -22.51 -64.05 -100.02
N ALA P 1184 -23.70 -63.45 -100.11
CA ALA P 1184 -24.30 -62.71 -98.99
C ALA P 1184 -24.52 -63.64 -97.79
N LEU P 1185 -25.08 -64.83 -98.03
CA LEU P 1185 -25.35 -65.76 -96.93
C LEU P 1185 -24.05 -66.20 -96.26
N LEU P 1186 -23.02 -66.50 -97.04
CA LEU P 1186 -21.76 -67.01 -96.47
C LEU P 1186 -21.03 -65.90 -95.73
N CYS P 1187 -21.13 -64.66 -96.21
CA CYS P 1187 -20.56 -63.53 -95.47
C CYS P 1187 -21.28 -63.38 -94.12
N ILE P 1188 -22.60 -63.53 -94.13
CA ILE P 1188 -23.38 -63.52 -92.86
C ILE P 1188 -22.87 -64.62 -91.93
N TYR P 1189 -22.78 -65.85 -92.43
CA TYR P 1189 -22.43 -67.01 -91.60
C TYR P 1189 -21.02 -66.82 -91.03
N LEU P 1190 -20.05 -66.55 -91.90
CA LEU P 1190 -18.64 -66.55 -91.48
C LEU P 1190 -18.35 -65.33 -90.59
N GLU P 1191 -19.05 -64.21 -90.80
CA GLU P 1191 -18.87 -63.04 -89.92
C GLU P 1191 -19.51 -63.30 -88.56
N HIS P 1192 -20.70 -63.89 -88.54
CA HIS P 1192 -21.49 -64.02 -87.30
C HIS P 1192 -21.08 -65.24 -86.46
N THR P 1193 -20.26 -66.13 -87.01
CA THR P 1193 -19.79 -67.30 -86.28
C THR P 1193 -18.94 -66.86 -85.07
N GLU P 1194 -18.78 -67.77 -84.11
CA GLU P 1194 -18.00 -67.46 -82.90
C GLU P 1194 -16.53 -67.23 -83.24
N SER P 1195 -15.96 -68.05 -84.13
CA SER P 1195 -14.56 -67.90 -84.55
C SER P 1195 -14.47 -68.06 -86.06
N ILE P 1196 -14.03 -66.99 -86.72
CA ILE P 1196 -13.95 -66.92 -88.20
C ILE P 1196 -12.92 -67.92 -88.72
N LEU P 1197 -11.73 -67.93 -88.12
CA LEU P 1197 -10.65 -68.82 -88.58
C LEU P 1197 -11.06 -70.29 -88.52
N LYS P 1198 -11.71 -70.70 -87.43
CA LYS P 1198 -12.13 -72.11 -87.32
C LYS P 1198 -13.19 -72.43 -88.38
N ALA P 1199 -14.09 -71.49 -88.68
CA ALA P 1199 -15.08 -71.69 -89.76
C ALA P 1199 -14.37 -71.83 -91.12
N ILE P 1200 -13.32 -71.04 -91.35
CA ILE P 1200 -12.56 -71.12 -92.60
C ILE P 1200 -11.85 -72.48 -92.67
N GLU P 1201 -11.35 -72.97 -91.53
CA GLU P 1201 -10.71 -74.30 -91.50
C GLU P 1201 -11.75 -75.39 -91.77
N GLU P 1202 -12.98 -75.19 -91.29
CA GLU P 1202 -14.08 -76.12 -91.61
C GLU P 1202 -14.35 -76.14 -93.11
N ILE P 1203 -14.40 -74.97 -93.74
CA ILE P 1203 -14.73 -74.87 -95.17
C ILE P 1203 -13.57 -75.41 -96.02
N ALA P 1204 -12.33 -75.19 -95.59
CA ALA P 1204 -11.15 -75.72 -96.30
C ALA P 1204 -10.89 -77.16 -95.88
N GLY P 1205 -11.72 -77.71 -94.99
CA GLY P 1205 -11.74 -79.17 -94.76
C GLY P 1205 -12.86 -79.86 -95.51
N VAL P 1206 -13.80 -79.09 -96.06
CA VAL P 1206 -14.89 -79.65 -96.89
C VAL P 1206 -14.79 -79.19 -98.35
N GLY P 1207 -14.08 -78.09 -98.63
CA GLY P 1207 -13.92 -77.58 -99.99
C GLY P 1207 -12.97 -78.37 -100.87
N VAL P 1208 -12.08 -79.18 -100.29
CA VAL P 1208 -11.10 -79.98 -101.05
C VAL P 1208 -11.65 -81.30 -101.61
N PRO P 1209 -12.54 -82.07 -100.91
CA PRO P 1209 -13.18 -83.23 -101.56
C PRO P 1209 -14.22 -82.95 -102.66
N GLU P 1210 -14.32 -81.72 -103.17
CA GLU P 1210 -15.13 -81.48 -104.38
C GLU P 1210 -14.51 -82.13 -105.61
N LEU P 1211 -13.19 -82.22 -105.70
CA LEU P 1211 -12.52 -82.84 -106.86
C LEU P 1211 -12.63 -84.38 -106.85
N ILE P 1212 -12.52 -85.01 -105.68
CA ILE P 1212 -12.26 -86.46 -105.62
C ILE P 1212 -13.50 -87.30 -105.93
N ASN P 1213 -14.68 -86.89 -105.46
CA ASN P 1213 -15.86 -87.77 -105.49
C ASN P 1213 -16.80 -87.41 -106.64
N SER P 1214 -17.37 -86.21 -106.62
CA SER P 1214 -18.39 -85.79 -107.59
C SER P 1214 -17.69 -85.24 -108.83
N PRO P 1215 -17.85 -85.86 -110.02
CA PRO P 1215 -17.27 -85.35 -111.26
C PRO P 1215 -18.03 -84.13 -111.79
N SER P 1220 -23.05 -80.94 -105.15
CA SER P 1220 -22.60 -82.34 -105.29
C SER P 1220 -21.33 -82.58 -104.47
N SER P 1221 -21.49 -82.78 -103.17
CA SER P 1221 -20.35 -83.06 -102.27
C SER P 1221 -20.89 -83.72 -101.00
N THR P 1222 -20.07 -83.74 -99.96
CA THR P 1222 -20.55 -84.09 -98.61
C THR P 1222 -20.96 -82.84 -97.82
N PHE P 1223 -21.26 -81.74 -98.52
CA PHE P 1223 -21.73 -80.49 -97.93
C PHE P 1223 -22.31 -79.71 -99.09
N PRO P 1224 -23.53 -80.06 -99.55
CA PRO P 1224 -24.00 -79.62 -100.87
C PRO P 1224 -24.36 -78.13 -100.97
N THR P 1225 -24.75 -77.74 -102.18
CA THR P 1225 -24.60 -76.38 -102.72
C THR P 1225 -23.11 -76.02 -102.83
N LEU P 1226 -22.25 -77.03 -102.95
CA LEU P 1226 -20.79 -76.84 -103.13
C LEU P 1226 -20.36 -77.58 -104.40
N THR P 1227 -20.38 -76.88 -105.52
CA THR P 1227 -19.86 -77.40 -106.78
C THR P 1227 -18.62 -76.60 -107.19
N ARG P 1228 -18.10 -76.88 -108.37
CA ARG P 1228 -17.05 -76.05 -108.97
C ARG P 1228 -17.60 -74.67 -109.39
N HIS P 1229 -18.84 -74.58 -109.85
CA HIS P 1229 -19.38 -73.25 -110.17
C HIS P 1229 -19.45 -72.35 -108.94
N THR P 1230 -20.07 -72.84 -107.87
CA THR P 1230 -20.27 -72.00 -106.69
C THR P 1230 -19.00 -71.91 -105.87
N PHE P 1231 -18.02 -72.77 -106.15
CA PHE P 1231 -16.71 -72.74 -105.47
C PHE P 1231 -16.03 -71.38 -105.60
N VAL P 1232 -16.20 -70.69 -106.72
CA VAL P 1232 -15.56 -69.38 -106.96
C VAL P 1232 -16.01 -68.39 -105.88
N VAL P 1233 -17.32 -68.33 -105.65
CA VAL P 1233 -17.88 -67.35 -104.69
C VAL P 1233 -17.49 -67.76 -103.27
N PHE P 1234 -17.58 -69.05 -102.95
CA PHE P 1234 -17.14 -69.55 -101.64
C PHE P 1234 -15.69 -69.14 -101.37
N PHE P 1235 -14.82 -69.35 -102.37
CA PHE P 1235 -13.40 -69.00 -102.26
C PHE P 1235 -13.22 -67.51 -102.02
N ARG P 1236 -13.92 -66.68 -102.81
CA ARG P 1236 -13.78 -65.22 -102.71
C ARG P 1236 -14.23 -64.74 -101.34
N VAL P 1237 -15.40 -65.17 -100.88
CA VAL P 1237 -15.93 -64.73 -99.57
C VAL P 1237 -15.01 -65.26 -98.47
N MET P 1238 -14.43 -66.44 -98.69
CA MET P 1238 -13.54 -67.08 -97.71
C MET P 1238 -12.31 -66.19 -97.49
N MET P 1239 -11.61 -65.85 -98.57
CA MET P 1239 -10.40 -65.02 -98.44
C MET P 1239 -10.75 -63.60 -97.99
N ALA P 1240 -11.93 -63.09 -98.36
CA ALA P 1240 -12.37 -61.75 -97.94
C ALA P 1240 -12.55 -61.73 -96.42
N GLU P 1241 -13.26 -62.71 -95.88
CA GLU P 1241 -13.48 -62.79 -94.43
C GLU P 1241 -12.16 -63.12 -93.72
N LEU P 1242 -11.25 -63.85 -94.36
CA LEU P 1242 -9.89 -64.05 -93.81
C LEU P 1242 -9.20 -62.69 -93.63
N GLU P 1243 -9.30 -61.82 -94.63
CA GLU P 1243 -8.72 -60.47 -94.51
C GLU P 1243 -9.42 -59.71 -93.39
N LYS P 1244 -10.75 -59.77 -93.32
CA LYS P 1244 -11.51 -59.01 -92.31
C LYS P 1244 -11.14 -59.47 -90.90
N THR P 1245 -10.98 -60.77 -90.69
CA THR P 1245 -10.56 -61.28 -89.38
C THR P 1245 -9.12 -60.87 -89.07
N VAL P 1246 -8.22 -60.90 -90.06
CA VAL P 1246 -6.79 -60.70 -89.75
C VAL P 1246 -6.47 -59.22 -89.49
N LYS P 1247 -7.19 -58.29 -90.11
CA LYS P 1247 -6.92 -56.86 -89.93
C LYS P 1247 -7.34 -56.36 -88.55
N LYS P 1248 -8.28 -57.04 -87.88
CA LYS P 1248 -8.80 -56.55 -86.59
C LYS P 1248 -7.78 -56.71 -85.46
N ILE P 1249 -6.85 -57.67 -85.57
CA ILE P 1249 -5.93 -57.97 -84.46
C ILE P 1249 -4.93 -56.82 -84.32
N GLU P 1250 -4.80 -56.30 -83.08
CA GLU P 1250 -4.00 -55.14 -82.66
C GLU P 1250 -2.67 -55.60 -82.08
N PRO P 1251 -1.58 -54.88 -82.39
CA PRO P 1251 -0.30 -55.10 -81.71
C PRO P 1251 -0.24 -54.52 -80.30
N GLY P 1252 0.18 -55.36 -79.36
CA GLY P 1252 0.36 -55.00 -77.94
C GLY P 1252 1.60 -54.16 -77.69
N THR P 1253 2.36 -54.52 -76.66
CA THR P 1253 3.65 -53.88 -76.33
C THR P 1253 4.61 -54.95 -75.82
N ALA P 1254 5.89 -54.61 -75.68
CA ALA P 1254 6.90 -55.48 -75.06
C ALA P 1254 6.64 -55.66 -73.56
N ALA P 1255 6.07 -54.67 -72.90
CA ALA P 1255 5.67 -54.74 -71.49
C ALA P 1255 4.52 -55.72 -71.26
N ASP P 1256 3.77 -56.06 -72.30
CA ASP P 1256 2.59 -56.92 -72.16
C ASP P 1256 2.96 -58.33 -71.69
N SER P 1257 2.04 -58.91 -70.93
CA SER P 1257 2.13 -60.24 -70.32
C SER P 1257 2.31 -61.34 -71.36
N GLN P 1258 2.86 -62.47 -70.90
CA GLN P 1258 3.25 -63.58 -71.78
C GLN P 1258 2.02 -64.30 -72.33
N GLN P 1259 0.92 -64.32 -71.57
CA GLN P 1259 -0.29 -65.06 -71.99
C GLN P 1259 -0.84 -64.48 -73.29
N ILE P 1260 -1.07 -63.17 -73.34
CA ILE P 1260 -1.65 -62.53 -74.53
C ILE P 1260 -0.67 -62.61 -75.69
N HIS P 1261 0.63 -62.49 -75.40
CA HIS P 1261 1.68 -62.67 -76.42
C HIS P 1261 1.51 -64.04 -77.08
N GLU P 1262 1.51 -65.09 -76.28
CA GLU P 1262 1.44 -66.47 -76.82
C GLU P 1262 0.13 -66.65 -77.59
N GLU P 1263 -0.98 -66.17 -77.03
CA GLU P 1263 -2.30 -66.40 -77.64
C GLU P 1263 -2.39 -65.67 -78.98
N LYS P 1264 -1.92 -64.43 -79.07
CA LYS P 1264 -2.02 -63.66 -80.32
C LYS P 1264 -1.02 -64.19 -81.34
N LEU P 1265 0.13 -64.69 -80.90
CA LEU P 1265 1.09 -65.28 -81.84
C LEU P 1265 0.54 -66.59 -82.39
N LEU P 1266 -0.16 -67.37 -81.57
CA LEU P 1266 -0.80 -68.61 -82.08
C LEU P 1266 -1.98 -68.25 -82.99
N TYR P 1267 -2.64 -67.12 -82.74
CA TYR P 1267 -3.66 -66.61 -83.67
C TYR P 1267 -3.02 -66.28 -85.02
N TRP P 1268 -1.88 -65.59 -84.99
CA TRP P 1268 -1.11 -65.30 -86.21
C TRP P 1268 -0.69 -66.61 -86.90
N ASN P 1269 -0.35 -67.63 -86.11
CA ASN P 1269 0.10 -68.91 -86.66
C ASN P 1269 -1.05 -69.58 -87.42
N MET P 1270 -2.23 -69.65 -86.79
CA MET P 1270 -3.38 -70.26 -87.49
C MET P 1270 -3.81 -69.38 -88.66
N ALA P 1271 -3.61 -68.06 -88.57
CA ALA P 1271 -3.92 -67.15 -89.68
C ALA P 1271 -3.03 -67.46 -90.88
N VAL P 1272 -1.73 -67.61 -90.66
CA VAL P 1272 -0.78 -67.86 -91.76
C VAL P 1272 -0.99 -69.27 -92.31
N ARG P 1273 -1.35 -70.23 -91.46
CA ARG P 1273 -1.61 -71.59 -91.95
C ARG P 1273 -2.91 -71.61 -92.76
N ASP P 1274 -3.91 -70.83 -92.34
CA ASP P 1274 -5.16 -70.71 -93.11
C ASP P 1274 -4.87 -70.04 -94.45
N PHE P 1275 -4.01 -69.03 -94.46
CA PHE P 1275 -3.59 -68.40 -95.72
C PHE P 1275 -2.89 -69.43 -96.61
N SER P 1276 -2.03 -70.24 -96.03
CA SER P 1276 -1.31 -71.31 -96.76
C SER P 1276 -2.31 -72.27 -97.40
N ILE P 1277 -3.30 -72.74 -96.64
CA ILE P 1277 -4.29 -73.70 -97.15
C ILE P 1277 -5.18 -73.03 -98.19
N LEU P 1278 -5.53 -71.76 -98.00
CA LEU P 1278 -6.33 -71.01 -98.98
C LEU P 1278 -5.57 -70.88 -100.30
N ILE P 1279 -4.27 -70.64 -100.22
CA ILE P 1279 -3.43 -70.48 -101.42
C ILE P 1279 -3.22 -71.83 -102.09
N ASN P 1280 -3.03 -72.89 -101.30
CA ASN P 1280 -2.69 -74.21 -101.85
C ASN P 1280 -3.84 -74.80 -102.68
N LEU P 1281 -5.07 -74.39 -102.43
CA LEU P 1281 -6.21 -74.89 -103.23
C LEU P 1281 -6.28 -74.21 -104.60
N ILE P 1282 -5.47 -73.19 -104.86
CA ILE P 1282 -5.44 -72.52 -106.17
C ILE P 1282 -4.97 -73.46 -107.27
N LYS P 1283 -3.94 -74.25 -107.00
CA LYS P 1283 -3.19 -75.00 -108.04
C LYS P 1283 -4.10 -75.91 -108.87
N VAL P 1284 -5.23 -76.35 -108.31
CA VAL P 1284 -6.11 -77.30 -109.00
C VAL P 1284 -7.16 -76.60 -109.85
N PHE P 1285 -7.59 -75.40 -109.47
CA PHE P 1285 -8.60 -74.64 -110.22
C PHE P 1285 -7.92 -73.60 -111.09
N ASP P 1286 -8.43 -73.46 -112.32
CA ASP P 1286 -8.04 -72.36 -113.22
C ASP P 1286 -9.01 -71.21 -113.03
N SER P 1287 -9.60 -70.70 -114.11
CA SER P 1287 -10.62 -69.65 -114.05
C SER P 1287 -10.00 -68.34 -113.55
N HIS P 1288 -9.57 -67.53 -114.51
CA HIS P 1288 -8.95 -66.19 -114.37
C HIS P 1288 -9.45 -65.41 -113.15
N PRO P 1289 -10.78 -65.22 -112.94
CA PRO P 1289 -11.24 -64.39 -111.82
C PRO P 1289 -10.83 -64.94 -110.46
N VAL P 1290 -10.67 -66.25 -110.34
CA VAL P 1290 -10.23 -66.86 -109.07
C VAL P 1290 -8.81 -66.38 -108.75
N LEU P 1291 -7.90 -66.52 -109.70
CA LEU P 1291 -6.52 -66.06 -109.49
C LEU P 1291 -6.47 -64.54 -109.34
N HIS P 1292 -7.35 -63.82 -110.04
CA HIS P 1292 -7.40 -62.35 -109.89
C HIS P 1292 -7.77 -61.99 -108.45
N VAL P 1293 -8.88 -62.55 -107.97
CA VAL P 1293 -9.37 -62.23 -106.62
C VAL P 1293 -8.35 -62.65 -105.55
N CYS P 1294 -7.68 -63.78 -105.72
CA CYS P 1294 -6.74 -64.23 -104.68
C CYS P 1294 -5.44 -63.42 -104.72
N LEU P 1295 -4.98 -63.00 -105.90
CA LEU P 1295 -3.81 -62.12 -105.97
C LEU P 1295 -4.15 -60.71 -105.48
N LYS P 1296 -5.42 -60.30 -105.58
CA LYS P 1296 -5.87 -59.03 -104.99
C LYS P 1296 -5.84 -59.13 -103.47
N TYR P 1297 -6.55 -60.09 -102.88
CA TYR P 1297 -6.76 -60.08 -101.43
C TYR P 1297 -5.52 -60.63 -100.70
N GLY P 1298 -4.74 -61.48 -101.38
CA GLY P 1298 -3.40 -61.85 -100.93
C GLY P 1298 -2.53 -60.64 -100.63
N ARG P 1299 -2.56 -59.66 -101.53
CA ARG P 1299 -1.76 -58.44 -101.39
C ARG P 1299 -2.16 -57.69 -100.12
N LEU P 1300 -3.46 -57.49 -99.91
CA LEU P 1300 -3.92 -56.76 -98.72
C LEU P 1300 -3.60 -57.57 -97.46
N PHE P 1301 -3.56 -58.91 -97.57
CA PHE P 1301 -3.13 -59.75 -96.43
C PHE P 1301 -1.64 -59.51 -96.15
N VAL P 1302 -0.79 -59.58 -97.17
CA VAL P 1302 0.67 -59.49 -96.93
C VAL P 1302 0.99 -58.08 -96.42
N GLU P 1303 0.23 -57.07 -96.88
CA GLU P 1303 0.37 -55.70 -96.36
C GLU P 1303 -0.02 -55.68 -94.89
N ALA P 1304 -1.11 -56.36 -94.51
CA ALA P 1304 -1.49 -56.51 -93.10
C ALA P 1304 -0.34 -57.14 -92.32
N PHE P 1305 0.30 -58.16 -92.89
CA PHE P 1305 1.42 -58.84 -92.22
C PHE P 1305 2.60 -57.89 -92.02
N LEU P 1306 2.84 -57.01 -92.98
CA LEU P 1306 3.93 -56.03 -92.81
C LEU P 1306 3.57 -55.04 -91.70
N LYS P 1307 2.39 -54.43 -91.78
CA LYS P 1307 1.98 -53.32 -90.91
C LYS P 1307 1.63 -53.75 -89.49
N GLN P 1308 1.11 -54.96 -89.28
CA GLN P 1308 0.36 -55.29 -88.05
C GLN P 1308 0.82 -56.58 -87.35
N CYS P 1309 1.74 -57.35 -87.93
CA CYS P 1309 2.33 -58.50 -87.24
C CYS P 1309 3.74 -58.19 -86.74
N MET P 1310 4.51 -57.43 -87.52
CA MET P 1310 5.94 -57.15 -87.29
C MET P 1310 6.22 -56.35 -86.00
N PRO P 1311 5.36 -55.42 -85.56
CA PRO P 1311 5.51 -54.88 -84.20
C PRO P 1311 5.48 -55.97 -83.12
N LEU P 1312 4.64 -56.98 -83.28
CA LEU P 1312 4.62 -58.12 -82.35
C LEU P 1312 5.90 -58.92 -82.47
N LEU P 1313 6.45 -59.02 -83.68
CA LEU P 1313 7.77 -59.64 -83.86
C LEU P 1313 8.84 -58.83 -83.14
N ASP P 1314 8.72 -57.51 -83.09
CA ASP P 1314 9.72 -56.69 -82.38
C ASP P 1314 9.59 -56.91 -80.87
N PHE P 1315 8.36 -56.97 -80.35
CA PHE P 1315 8.19 -57.01 -78.89
C PHE P 1315 8.47 -58.41 -78.35
N SER P 1316 7.84 -59.44 -78.91
CA SER P 1316 8.06 -60.83 -78.47
C SER P 1316 9.01 -61.50 -79.47
N PHE P 1317 10.29 -61.17 -79.33
CA PHE P 1317 11.40 -61.76 -80.08
C PHE P 1317 12.40 -62.42 -79.15
N ARG P 1318 12.78 -61.72 -78.08
CA ARG P 1318 13.76 -62.21 -77.09
C ARG P 1318 13.24 -63.47 -76.38
N LYS P 1319 11.93 -63.55 -76.12
CA LYS P 1319 11.35 -64.61 -75.28
C LYS P 1319 10.81 -65.76 -76.14
N HIS P 1320 9.95 -65.44 -77.11
CA HIS P 1320 9.24 -66.47 -77.91
C HIS P 1320 9.96 -66.66 -79.24
N ARG P 1321 11.18 -67.20 -79.15
CA ARG P 1321 12.01 -67.42 -80.36
C ARG P 1321 11.49 -68.62 -81.15
N GLU P 1322 11.19 -69.74 -80.49
CA GLU P 1322 10.66 -70.92 -81.21
C GLU P 1322 9.38 -70.54 -81.94
N ASP P 1323 8.53 -69.75 -81.31
CA ASP P 1323 7.23 -69.35 -81.88
C ASP P 1323 7.43 -68.44 -83.11
N VAL P 1324 8.28 -67.43 -82.99
CA VAL P 1324 8.49 -66.50 -84.12
C VAL P 1324 9.21 -67.23 -85.26
N LEU P 1325 10.10 -68.16 -84.94
CA LEU P 1325 10.79 -68.92 -85.98
C LEU P 1325 9.79 -69.83 -86.69
N SER P 1326 8.85 -70.41 -85.94
CA SER P 1326 7.75 -71.19 -86.54
C SER P 1326 6.94 -70.30 -87.48
N LEU P 1327 6.58 -69.10 -87.02
CA LEU P 1327 5.86 -68.13 -87.87
C LEU P 1327 6.64 -67.89 -89.16
N LEU P 1328 7.95 -67.64 -89.07
CA LEU P 1328 8.71 -67.21 -90.26
C LEU P 1328 8.92 -68.37 -91.23
N GLU P 1329 9.16 -69.57 -90.74
CA GLU P 1329 9.31 -70.74 -91.64
C GLU P 1329 7.95 -71.11 -92.24
N THR P 1330 6.86 -70.82 -91.53
CA THR P 1330 5.51 -70.99 -92.07
C THR P 1330 5.24 -69.96 -93.16
N PHE P 1331 5.73 -68.73 -92.98
CA PHE P 1331 5.48 -67.66 -93.95
C PHE P 1331 6.34 -67.82 -95.21
N GLN P 1332 7.53 -68.40 -95.07
CA GLN P 1332 8.42 -68.57 -96.24
C GLN P 1332 7.78 -69.49 -97.29
N LEU P 1333 7.05 -70.52 -96.85
CA LEU P 1333 6.41 -71.45 -97.80
C LEU P 1333 5.33 -70.74 -98.61
N ASP P 1334 4.54 -69.88 -97.97
CA ASP P 1334 3.51 -69.13 -98.72
C ASP P 1334 4.15 -68.00 -99.52
N THR P 1335 5.32 -67.50 -99.09
CA THR P 1335 6.05 -66.50 -99.88
C THR P 1335 6.48 -67.12 -101.20
N ARG P 1336 7.09 -68.29 -101.16
CA ARG P 1336 7.49 -69.01 -102.38
C ARG P 1336 6.27 -69.36 -103.21
N LEU P 1337 5.16 -69.73 -102.56
CA LEU P 1337 3.92 -70.06 -103.29
C LEU P 1337 3.40 -68.84 -104.04
N LEU P 1338 3.41 -67.68 -103.38
CA LEU P 1338 2.95 -66.43 -104.01
C LEU P 1338 3.90 -66.02 -105.13
N HIS P 1339 5.21 -66.26 -104.94
CA HIS P 1339 6.18 -66.11 -106.05
C HIS P 1339 5.73 -66.92 -107.26
N HIS P 1340 5.36 -68.18 -107.04
CA HIS P 1340 4.90 -69.04 -108.15
C HIS P 1340 3.59 -68.51 -108.74
N LEU P 1341 2.69 -67.99 -107.91
CA LEU P 1341 1.40 -67.50 -108.44
C LEU P 1341 1.62 -66.26 -109.30
N CYS P 1342 2.50 -65.36 -108.87
CA CYS P 1342 2.87 -64.18 -109.69
C CYS P 1342 3.55 -64.62 -110.98
N GLY P 1343 4.41 -65.65 -110.91
CA GLY P 1343 4.99 -66.25 -112.10
C GLY P 1343 3.90 -66.77 -113.04
N HIS P 1344 2.90 -67.44 -112.49
CA HIS P 1344 1.74 -67.94 -113.25
C HIS P 1344 1.00 -66.77 -113.89
N SER P 1345 0.92 -65.64 -113.19
CA SER P 1345 0.32 -64.42 -113.75
C SER P 1345 1.12 -63.91 -114.95
N LYS P 1346 2.45 -64.00 -114.87
CA LYS P 1346 3.31 -63.53 -115.96
C LYS P 1346 3.20 -64.46 -117.18
N ILE P 1347 3.28 -65.77 -116.96
CA ILE P 1347 3.48 -66.73 -118.06
C ILE P 1347 2.30 -66.68 -119.04
N HIS P 1348 1.07 -66.56 -118.55
CA HIS P 1348 -0.11 -66.42 -119.43
C HIS P 1348 -0.22 -65.02 -120.02
N GLN P 1349 0.40 -64.01 -119.40
CA GLN P 1349 0.23 -62.59 -119.73
C GLN P 1349 -1.28 -62.23 -119.72
N ASP P 1350 -1.83 -62.24 -118.52
CA ASP P 1350 -3.22 -61.82 -118.27
C ASP P 1350 -3.23 -60.38 -117.76
N THR P 1351 -3.93 -59.50 -118.46
CA THR P 1351 -3.81 -58.06 -118.21
C THR P 1351 -4.46 -57.72 -116.87
N ARG P 1352 -5.57 -58.40 -116.55
CA ARG P 1352 -6.27 -58.21 -115.28
C ARG P 1352 -5.43 -58.73 -114.12
N LEU P 1353 -4.67 -59.79 -114.36
CA LEU P 1353 -3.84 -60.41 -113.30
C LEU P 1353 -2.57 -59.61 -113.07
N THR P 1354 -1.92 -59.16 -114.15
CA THR P 1354 -0.56 -58.59 -114.06
C THR P 1354 -0.59 -57.16 -113.51
N GLN P 1355 -1.78 -56.57 -113.35
CA GLN P 1355 -1.92 -55.30 -112.62
C GLN P 1355 -1.59 -55.47 -111.14
N HIS P 1356 -2.07 -56.54 -110.51
CA HIS P 1356 -1.93 -56.71 -109.05
C HIS P 1356 -0.67 -57.47 -108.66
N VAL P 1357 0.25 -57.72 -109.59
CA VAL P 1357 1.49 -58.46 -109.30
C VAL P 1357 2.52 -57.57 -108.61
N PRO P 1358 2.86 -56.37 -109.12
CA PRO P 1358 4.06 -55.68 -108.63
C PRO P 1358 3.97 -55.19 -107.19
N LEU P 1359 2.79 -54.77 -106.74
CA LEU P 1359 2.61 -54.39 -105.32
C LEU P 1359 2.87 -55.60 -104.42
N LEU P 1360 2.28 -56.74 -104.78
CA LEU P 1360 2.52 -58.00 -104.03
C LEU P 1360 4.01 -58.32 -104.04
N LYS P 1361 4.66 -58.17 -105.19
CA LYS P 1361 6.11 -58.48 -105.32
C LYS P 1361 6.93 -57.59 -104.39
N LYS P 1362 6.68 -56.27 -104.43
CA LYS P 1362 7.49 -55.34 -103.64
C LYS P 1362 7.21 -55.54 -102.15
N THR P 1363 6.00 -55.91 -101.77
CA THR P 1363 5.73 -56.23 -100.36
C THR P 1363 6.49 -57.48 -99.93
N LEU P 1364 6.62 -58.48 -100.82
CA LEU P 1364 7.44 -59.66 -100.48
C LEU P 1364 8.92 -59.28 -100.37
N GLU P 1365 9.42 -58.41 -101.25
CA GLU P 1365 10.83 -57.97 -101.14
C GLU P 1365 11.02 -57.18 -99.85
N LEU P 1366 10.07 -56.31 -99.51
CA LEU P 1366 10.14 -55.55 -98.25
C LEU P 1366 10.12 -56.49 -97.05
N LEU P 1367 9.25 -57.51 -97.07
CA LEU P 1367 9.15 -58.42 -95.90
C LEU P 1367 10.40 -59.28 -95.80
N VAL P 1368 10.99 -59.72 -96.91
CA VAL P 1368 12.19 -60.58 -96.83
C VAL P 1368 13.37 -59.75 -96.35
N CYS P 1369 13.49 -58.50 -96.80
CA CYS P 1369 14.57 -57.62 -96.33
C CYS P 1369 14.36 -57.26 -94.86
N ARG P 1370 13.10 -57.11 -94.43
CA ARG P 1370 12.77 -56.90 -93.02
C ARG P 1370 13.15 -58.13 -92.20
N VAL P 1371 12.90 -59.34 -92.73
CA VAL P 1371 13.29 -60.58 -92.03
C VAL P 1371 14.80 -60.66 -91.87
N LYS P 1372 15.54 -60.28 -92.92
CA LYS P 1372 17.01 -60.21 -92.83
C LYS P 1372 17.42 -59.20 -91.74
N ALA P 1373 16.70 -58.07 -91.67
CA ALA P 1373 17.02 -57.03 -90.68
C ALA P 1373 16.76 -57.58 -89.27
N MET P 1374 15.69 -58.33 -89.10
CA MET P 1374 15.32 -58.91 -87.80
C MET P 1374 16.31 -60.00 -87.38
N LEU P 1375 16.80 -60.82 -88.29
CA LEU P 1375 17.71 -61.93 -87.91
C LEU P 1375 19.02 -61.40 -87.35
N THR P 1376 19.55 -60.30 -87.90
CA THR P 1376 20.78 -59.70 -87.36
C THR P 1376 20.47 -58.97 -86.05
#